data_6M8P
#
_entry.id   6M8P
#
_cell.length_a   125.790
_cell.length_b   548.684
_cell.length_c   589.056
_cell.angle_alpha   90.000
_cell.angle_beta   90.000
_cell.angle_gamma   90.000
#
_symmetry.space_group_name_H-M   'P 2 21 21'
#
loop_
_entity.id
_entity.type
_entity.pdbx_description
1 polymer 'Endoplasmic reticulum aminopeptidase 1'
2 branched beta-D-mannopyranose-(1-4)-2-acetamido-2-deoxy-beta-D-glucopyranose-(1-4)-2-acetamido-2-deoxy-beta-D-glucopyranose
3 non-polymer 'ZINC ION'
4 non-polymer Nalpha-[(2S)-2-{[[(1R)-1-amino-3-phenylpropyl](hydroxy)phosphoryl]methyl}-4-methylpentanoyl]-L-tryptophanamide
5 non-polymer 'SULFATE ION'
6 non-polymer 2-acetamido-2-deoxy-beta-D-glucopyranose
#
_entity_poly.entity_id   1
_entity_poly.type   'polypeptide(L)'
_entity_poly.pdbx_seq_one_letter_code
;QSTEASPKRHHHHHHHHHHSDENLYFQGTPFPWNKIRLPEYVIPVHYDLLIHANLTTLTFWGTTKVEITASQPTSTIILH
SHHLQISRATLRKGAGERLSEEPLQVLEHPRQEQIALLAPEPLLVGLPYTVVIHYAGNLSETFHGFYKSTYRTKEGELRI
LASTQFEPTAARMAFPCFDEPAFKASFSIKIRREPRHLAISNMPLVKSVTVAEGLIEDHFDVTVKMSTYLVAFIISDFES
VSKITKSGVKVSVYAVPDKINQADYALDAAVTLLEFYEDYFSIPYPLPKQDLAAIPDFQSGAMENWGLTTYRESALLFDA
EKSSASSKLGITMTVAHELAHQWFGNLVTMEWWNDLWLNEGFAKFMEFVSVSVTHPELKVGDYFFGKCFDAMEVDALNSS
HPVSTPVENPAQIREMFDDVSYDKGACILNMLREYLSADAFKSGIVQYLQKHSYKNTKNEDLWDSMASIGGGGVDVKTMM
NTWTLQKGFPLITITVRGRNVHMKQEHYMKGSDGAPDTGYLWHVPLTFITSKSDMVHRFLLKTKTDVLILPEEVEWIKFN
VGMNGYYIVHYEDDGWDSLTGLLKGTHTAVSSNDRASLINNAFQLVSIGKLSIEKALDLSLYLKHETEIMPVFQGLNELI
PMYKLMEKRDMNEVETQFKAFLIRLLRDLIDKQTWTDEGSVSERMLRSQLLLLACVHNYQPCVQRAEGYFRKWKESNGNL
SLPVDVTLAVFAVGAQSTEGWDFLYSKYQFSLSSTEKSQIEFALCRTQNKEKLQWLLDESFKGDKIKTQEFPQILTLIGR
NPVGYPLAWQFLRKNWNKLVQKFELGSSSIAHMVMGTTNQFSTRTRLEEVKGFFSSLKENGSQLRCVQQTIETIEENIGW
MDKNFDKIRVWLQSEKLER
;
_entity_poly.pdbx_strand_id   A,B,C,D,E,F,G,H,I,J,K,L,M,N,O,P,Q,R,S,T,U,V
#
loop_
_chem_comp.id
_chem_comp.type
_chem_comp.name
_chem_comp.formula
BMA D-saccharide, beta linking beta-D-mannopyranose 'C6 H12 O6'
NAG D-saccharide, beta linking 2-acetamido-2-deoxy-beta-D-glucopyranose 'C8 H15 N O6'
P52 non-polymer Nalpha-[(2S)-2-{[[(1R)-1-amino-3-phenylpropyl](hydroxy)phosphoryl]methyl}-4-methylpentanoyl]-L-tryptophanamide 'C27 H37 N4 O4 P'
SO4 non-polymer 'SULFATE ION' 'O4 S -2'
ZN non-polymer 'ZINC ION' 'Zn 2'
#
# COMPACT_ATOMS: atom_id res chain seq x y z
N PRO A 30 -143.22 -19.56 -33.85
CA PRO A 30 -142.96 -18.64 -34.97
C PRO A 30 -142.70 -17.20 -34.51
N PHE A 31 -141.44 -16.77 -34.60
CA PHE A 31 -141.04 -15.45 -34.14
C PHE A 31 -141.51 -14.37 -35.11
N PRO A 32 -142.11 -13.28 -34.64
CA PRO A 32 -142.70 -12.30 -35.56
C PRO A 32 -141.73 -11.20 -36.01
N TRP A 33 -140.48 -11.56 -36.28
CA TRP A 33 -139.49 -10.62 -36.78
C TRP A 33 -138.34 -11.40 -37.37
N ASN A 34 -137.81 -10.93 -38.50
CA ASN A 34 -136.80 -11.68 -39.23
C ASN A 34 -135.65 -10.83 -39.75
N LYS A 35 -135.46 -9.62 -39.21
CA LYS A 35 -134.36 -8.76 -39.61
C LYS A 35 -133.46 -8.47 -38.42
N ILE A 36 -132.18 -8.26 -38.70
CA ILE A 36 -131.24 -7.95 -37.62
C ILE A 36 -131.52 -6.56 -37.08
N ARG A 37 -131.88 -5.62 -37.96
CA ARG A 37 -132.25 -4.28 -37.54
C ARG A 37 -133.59 -4.30 -36.83
N LEU A 38 -133.78 -3.33 -35.93
CA LEU A 38 -135.00 -3.24 -35.15
C LEU A 38 -136.13 -2.56 -35.94
N PRO A 39 -137.37 -2.78 -35.54
CA PRO A 39 -138.49 -2.05 -36.16
C PRO A 39 -138.37 -0.55 -35.90
N GLU A 40 -138.70 0.24 -36.92
CA GLU A 40 -138.60 1.69 -36.80
C GLU A 40 -139.81 2.34 -36.16
N TYR A 41 -140.89 1.60 -35.90
CA TYR A 41 -142.13 2.23 -35.46
C TYR A 41 -142.37 2.13 -33.96
N VAL A 42 -141.40 1.64 -33.18
CA VAL A 42 -141.46 1.65 -31.72
C VAL A 42 -140.21 2.35 -31.22
N ILE A 43 -140.37 3.56 -30.68
CA ILE A 43 -139.26 4.42 -30.30
C ILE A 43 -139.24 4.55 -28.78
N PRO A 44 -138.13 4.27 -28.12
CA PRO A 44 -138.03 4.55 -26.68
C PRO A 44 -137.74 6.03 -26.42
N VAL A 45 -138.12 6.48 -25.23
CA VAL A 45 -137.90 7.86 -24.84
C VAL A 45 -137.16 7.96 -23.51
N HIS A 46 -137.34 6.97 -22.62
CA HIS A 46 -136.75 7.05 -21.30
C HIS A 46 -136.62 5.65 -20.72
N TYR A 47 -135.40 5.25 -20.39
CA TYR A 47 -135.14 4.01 -19.66
C TYR A 47 -134.99 4.33 -18.18
N ASP A 48 -135.51 3.43 -17.34
CA ASP A 48 -135.37 3.50 -15.90
C ASP A 48 -134.82 2.15 -15.47
N LEU A 49 -133.54 2.12 -15.14
CA LEU A 49 -132.81 0.88 -14.88
C LEU A 49 -132.58 0.70 -13.40
N LEU A 50 -132.81 -0.51 -12.91
CA LEU A 50 -132.49 -0.90 -11.54
C LEU A 50 -131.65 -2.17 -11.61
N ILE A 51 -130.40 -2.08 -11.19
CA ILE A 51 -129.46 -3.19 -11.26
C ILE A 51 -129.03 -3.53 -9.84
N HIS A 52 -129.11 -4.81 -9.49
CA HIS A 52 -128.57 -5.32 -8.23
C HIS A 52 -127.52 -6.35 -8.62
N ALA A 53 -126.26 -5.96 -8.52
CA ALA A 53 -125.14 -6.83 -8.82
C ALA A 53 -124.62 -7.44 -7.53
N ASN A 54 -124.43 -8.77 -7.57
CA ASN A 54 -123.90 -9.52 -6.39
C ASN A 54 -122.49 -10.01 -6.72
N LEU A 55 -121.49 -9.39 -6.09
CA LEU A 55 -120.08 -9.71 -6.30
C LEU A 55 -119.73 -11.07 -5.69
N THR A 56 -120.34 -11.43 -4.56
CA THR A 56 -120.02 -12.70 -3.92
C THR A 56 -120.47 -13.88 -4.77
N THR A 57 -121.73 -13.86 -5.22
CA THR A 57 -122.27 -14.94 -6.03
C THR A 57 -122.07 -14.68 -7.53
N LEU A 58 -121.49 -13.54 -7.89
CA LEU A 58 -121.27 -13.18 -9.30
C LEU A 58 -122.56 -13.28 -10.09
N THR A 59 -123.61 -12.65 -9.58
CA THR A 59 -124.93 -12.66 -10.19
C THR A 59 -125.44 -11.22 -10.29
N PHE A 60 -126.62 -11.03 -10.89
CA PHE A 60 -127.30 -9.75 -10.79
C PHE A 60 -128.74 -9.88 -11.30
N TRP A 61 -129.65 -9.24 -10.58
CA TRP A 61 -131.06 -9.16 -10.95
CA TRP A 61 -131.04 -9.16 -11.02
C TRP A 61 -131.37 -7.72 -11.37
N GLY A 62 -132.15 -7.56 -12.44
CA GLY A 62 -132.43 -6.24 -12.98
C GLY A 62 -133.89 -6.03 -13.29
N THR A 63 -134.30 -4.77 -13.24
CA THR A 63 -135.63 -4.33 -13.62
C THR A 63 -135.49 -3.14 -14.55
N THR A 64 -136.09 -3.23 -15.73
CA THR A 64 -136.00 -2.20 -16.75
C THR A 64 -137.39 -1.69 -17.08
N LYS A 65 -137.63 -0.39 -16.86
CA LYS A 65 -138.87 0.26 -17.23
C LYS A 65 -138.58 1.22 -18.38
N VAL A 66 -139.06 0.90 -19.58
CA VAL A 66 -138.79 1.70 -20.77
C VAL A 66 -140.10 2.34 -21.22
N GLU A 67 -140.09 3.67 -21.30
CA GLU A 67 -141.21 4.41 -21.86
C GLU A 67 -141.05 4.48 -23.37
N ILE A 68 -142.09 4.07 -24.10
CA ILE A 68 -142.05 3.99 -25.55
C ILE A 68 -143.28 4.65 -26.13
N THR A 69 -143.18 4.99 -27.41
CA THR A 69 -144.31 5.43 -28.21
C THR A 69 -144.28 4.66 -29.53
N ALA A 70 -145.45 4.51 -30.14
CA ALA A 70 -145.57 3.75 -31.37
C ALA A 70 -146.19 4.62 -32.45
N SER A 71 -145.65 4.53 -33.66
CA SER A 71 -146.17 5.28 -34.80
C SER A 71 -147.07 4.46 -35.71
N GLN A 72 -146.89 3.13 -35.72
CA GLN A 72 -147.75 2.22 -36.47
C GLN A 72 -148.48 1.31 -35.49
N PRO A 73 -149.80 1.11 -35.66
CA PRO A 73 -150.52 0.22 -34.74
C PRO A 73 -149.94 -1.18 -34.77
N THR A 74 -149.48 -1.64 -33.61
CA THR A 74 -148.86 -2.95 -33.51
C THR A 74 -149.19 -3.57 -32.16
N SER A 75 -149.14 -4.90 -32.12
CA SER A 75 -149.28 -5.66 -30.88
C SER A 75 -148.01 -6.43 -30.55
N THR A 76 -146.90 -6.09 -31.19
CA THR A 76 -145.62 -6.78 -30.98
C THR A 76 -144.52 -5.74 -30.81
N ILE A 77 -143.75 -5.86 -29.74
CA ILE A 77 -142.66 -4.96 -29.43
C ILE A 77 -141.36 -5.76 -29.51
N ILE A 78 -140.47 -5.36 -30.41
CA ILE A 78 -139.21 -6.05 -30.63
C ILE A 78 -138.10 -5.23 -30.00
N LEU A 79 -137.25 -5.88 -29.22
CA LEU A 79 -136.10 -5.22 -28.62
C LEU A 79 -135.00 -6.25 -28.42
N HIS A 80 -133.84 -5.77 -27.95
CA HIS A 80 -132.68 -6.62 -27.82
C HIS A 80 -132.55 -7.20 -26.41
N SER A 81 -132.05 -8.42 -26.34
CA SER A 81 -131.75 -9.09 -25.08
C SER A 81 -130.83 -10.27 -25.39
N HIS A 82 -129.78 -10.41 -24.60
CA HIS A 82 -128.75 -11.41 -24.88
C HIS A 82 -128.25 -11.99 -23.56
N HIS A 83 -128.33 -13.31 -23.42
CA HIS A 83 -127.84 -14.02 -22.24
C HIS A 83 -128.50 -13.49 -20.95
N LEU A 84 -129.78 -13.13 -21.05
CA LEU A 84 -130.54 -12.62 -19.92
C LEU A 84 -131.79 -13.45 -19.72
N GLN A 85 -132.01 -13.93 -18.49
CA GLN A 85 -133.17 -14.73 -18.14
C GLN A 85 -134.34 -13.79 -17.80
N ILE A 86 -135.31 -13.71 -18.70
CA ILE A 86 -136.50 -12.90 -18.48
C ILE A 86 -137.49 -13.70 -17.64
N SER A 87 -137.98 -13.11 -16.55
CA SER A 87 -138.87 -13.82 -15.64
C SER A 87 -140.25 -13.20 -15.52
N ARG A 88 -140.46 -11.96 -15.98
CA ARG A 88 -141.71 -11.27 -15.76
C ARG A 88 -141.75 -10.05 -16.68
N ALA A 89 -142.91 -9.82 -17.31
CA ALA A 89 -143.04 -8.74 -18.27
C ALA A 89 -144.44 -8.16 -18.20
N THR A 90 -144.52 -6.84 -18.01
CA THR A 90 -145.79 -6.15 -17.93
C THR A 90 -145.79 -4.95 -18.88
N LEU A 91 -146.98 -4.49 -19.23
CA LEU A 91 -147.18 -3.36 -20.13
C LEU A 91 -148.22 -2.43 -19.52
N ARG A 92 -147.77 -1.24 -19.11
CA ARG A 92 -148.65 -0.24 -18.52
C ARG A 92 -149.02 0.80 -19.58
N LYS A 93 -150.26 1.27 -19.52
CA LYS A 93 -150.79 2.25 -20.47
C LYS A 93 -151.02 3.55 -19.72
N GLY A 94 -150.27 4.58 -20.06
CA GLY A 94 -150.36 5.86 -19.39
C GLY A 94 -149.07 6.24 -18.67
N LEU A 99 -152.40 3.45 -15.37
CA LEU A 99 -153.63 2.96 -14.79
C LEU A 99 -153.84 1.49 -15.11
N SER A 100 -153.94 1.17 -16.40
CA SER A 100 -154.16 -0.20 -16.84
C SER A 100 -152.82 -0.87 -17.11
N GLU A 101 -152.64 -2.06 -16.53
CA GLU A 101 -151.43 -2.86 -16.71
C GLU A 101 -151.84 -4.23 -17.24
N GLU A 102 -151.13 -4.68 -18.27
CA GLU A 102 -151.46 -5.93 -18.94
C GLU A 102 -150.22 -6.79 -19.10
N PRO A 103 -150.35 -8.11 -19.00
CA PRO A 103 -149.19 -8.98 -19.16
C PRO A 103 -148.78 -9.10 -20.62
N LEU A 104 -147.49 -9.34 -20.84
CA LEU A 104 -146.93 -9.54 -22.16
C LEU A 104 -146.40 -10.95 -22.28
N GLN A 105 -146.57 -11.55 -23.45
CA GLN A 105 -145.98 -12.86 -23.71
C GLN A 105 -144.60 -12.67 -24.32
N VAL A 106 -143.66 -13.52 -23.91
CA VAL A 106 -142.26 -13.36 -24.27
C VAL A 106 -141.89 -14.43 -25.29
N LEU A 107 -141.36 -14.00 -26.42
CA LEU A 107 -140.74 -14.89 -27.40
C LEU A 107 -139.27 -14.51 -27.53
N GLU A 108 -138.44 -15.52 -27.75
CA GLU A 108 -136.99 -15.36 -27.69
C GLU A 108 -136.38 -15.78 -29.02
N HIS A 109 -135.37 -15.02 -29.47
CA HIS A 109 -134.63 -15.34 -30.69
C HIS A 109 -133.15 -15.16 -30.38
N PRO A 110 -132.45 -16.25 -30.06
CA PRO A 110 -131.02 -16.12 -29.71
C PRO A 110 -130.14 -15.77 -30.89
N ARG A 111 -130.52 -16.16 -32.10
CA ARG A 111 -129.69 -15.89 -33.27
C ARG A 111 -129.63 -14.39 -33.57
N GLN A 112 -130.77 -13.71 -33.48
CA GLN A 112 -130.85 -12.28 -33.69
C GLN A 112 -130.65 -11.49 -32.41
N GLU A 113 -130.42 -12.17 -31.29
CA GLU A 113 -130.24 -11.53 -29.99
C GLU A 113 -131.42 -10.64 -29.65
N GLN A 114 -132.63 -11.14 -29.87
CA GLN A 114 -133.84 -10.33 -29.71
C GLN A 114 -134.87 -11.06 -28.86
N ILE A 115 -135.81 -10.26 -28.34
CA ILE A 115 -137.02 -10.78 -27.73
C ILE A 115 -138.20 -10.00 -28.27
N ALA A 116 -139.33 -10.68 -28.40
CA ALA A 116 -140.59 -10.08 -28.83
C ALA A 116 -141.57 -10.13 -27.67
N LEU A 117 -142.19 -8.99 -27.39
CA LEU A 117 -143.19 -8.88 -26.35
C LEU A 117 -144.55 -8.70 -27.01
N LEU A 118 -145.45 -9.63 -26.75
CA LEU A 118 -146.77 -9.65 -27.36
C LEU A 118 -147.78 -9.11 -26.36
N ALA A 119 -148.57 -8.13 -26.80
CA ALA A 119 -149.59 -7.38 -26.10
C ALA A 119 -150.98 -7.85 -26.52
N PRO A 120 -151.90 -8.00 -25.55
CA PRO A 120 -153.25 -8.46 -25.90
C PRO A 120 -154.00 -7.51 -26.82
N GLU A 121 -153.94 -6.22 -26.55
CA GLU A 121 -154.65 -5.21 -27.32
C GLU A 121 -153.65 -4.36 -28.09
N PRO A 122 -153.90 -4.10 -29.38
CA PRO A 122 -152.91 -3.35 -30.17
C PRO A 122 -152.68 -1.96 -29.62
N LEU A 123 -151.42 -1.52 -29.66
CA LEU A 123 -151.04 -0.21 -29.14
C LEU A 123 -151.67 0.90 -29.97
N LEU A 124 -152.10 1.96 -29.30
CA LEU A 124 -152.70 3.12 -29.96
C LEU A 124 -151.62 4.12 -30.33
N VAL A 125 -151.63 4.57 -31.58
CA VAL A 125 -150.62 5.49 -32.07
C VAL A 125 -150.70 6.81 -31.32
N GLY A 126 -149.53 7.38 -31.01
CA GLY A 126 -149.45 8.65 -30.31
C GLY A 126 -149.57 8.56 -28.80
N LEU A 127 -149.74 7.36 -28.25
CA LEU A 127 -149.87 7.20 -26.81
C LEU A 127 -148.57 6.70 -26.20
N PRO A 128 -148.23 7.17 -25.00
CA PRO A 128 -147.04 6.63 -24.32
C PRO A 128 -147.36 5.39 -23.51
N TYR A 129 -146.56 4.35 -23.67
CA TYR A 129 -146.71 3.11 -22.92
C TYR A 129 -145.41 2.83 -22.17
N THR A 130 -145.50 1.97 -21.16
CA THR A 130 -144.34 1.65 -20.32
C THR A 130 -144.18 0.13 -20.26
N VAL A 131 -143.10 -0.37 -20.85
CA VAL A 131 -142.78 -1.80 -20.78
C VAL A 131 -141.87 -2.02 -19.58
N VAL A 132 -142.25 -2.97 -18.72
CA VAL A 132 -141.50 -3.27 -17.50
C VAL A 132 -141.07 -4.73 -17.55
N ILE A 133 -139.76 -4.96 -17.52
CA ILE A 133 -139.19 -6.29 -17.67
C ILE A 133 -138.33 -6.59 -16.45
N HIS A 134 -138.54 -7.78 -15.86
CA HIS A 134 -137.71 -8.30 -14.78
C HIS A 134 -136.82 -9.41 -15.33
N TYR A 135 -135.54 -9.38 -14.99
CA TYR A 135 -134.60 -10.32 -15.58
C TYR A 135 -133.48 -10.62 -14.59
N ALA A 136 -132.67 -11.63 -14.93
CA ALA A 136 -131.52 -12.02 -14.13
C ALA A 136 -130.39 -12.45 -15.06
N GLY A 137 -129.20 -12.55 -14.49
CA GLY A 137 -128.03 -13.00 -15.23
C GLY A 137 -126.83 -13.00 -14.33
N ASN A 138 -125.65 -13.19 -14.92
CA ASN A 138 -124.39 -13.23 -14.13
C ASN A 138 -123.28 -12.47 -14.88
N LEU A 139 -122.49 -11.69 -14.13
CA LEU A 139 -121.35 -10.94 -14.64
C LEU A 139 -120.55 -11.76 -15.65
N SER A 140 -120.36 -11.19 -16.84
CA SER A 140 -119.56 -11.84 -17.87
C SER A 140 -118.11 -11.99 -17.42
N GLU A 141 -117.53 -13.16 -17.68
CA GLU A 141 -116.13 -13.39 -17.43
C GLU A 141 -115.23 -12.86 -18.55
N THR A 142 -115.81 -12.22 -19.56
CA THR A 142 -115.07 -11.71 -20.70
C THR A 142 -114.67 -10.26 -20.51
N PHE A 143 -114.53 -9.52 -21.62
CA PHE A 143 -114.15 -8.12 -21.60
C PHE A 143 -115.25 -7.18 -22.06
N HIS A 144 -116.47 -7.68 -22.26
CA HIS A 144 -117.58 -6.86 -22.72
C HIS A 144 -118.81 -7.15 -21.89
N GLY A 145 -119.85 -6.34 -22.09
CA GLY A 145 -121.07 -6.45 -21.32
C GLY A 145 -120.95 -5.91 -19.92
N PHE A 146 -121.57 -6.57 -18.95
CA PHE A 146 -121.43 -6.26 -17.53
C PHE A 146 -120.47 -7.30 -16.96
N TYR A 147 -119.18 -6.97 -16.94
CA TYR A 147 -118.17 -7.99 -16.69
C TYR A 147 -117.44 -7.74 -15.38
N LYS A 148 -116.69 -8.76 -14.95
CA LYS A 148 -115.97 -8.77 -13.69
C LYS A 148 -114.51 -8.43 -13.89
N SER A 149 -113.92 -7.74 -12.91
CA SER A 149 -112.50 -7.45 -12.88
C SER A 149 -111.98 -7.73 -11.48
N THR A 150 -110.72 -8.10 -11.40
CA THR A 150 -110.10 -8.40 -10.11
C THR A 150 -108.79 -7.64 -10.00
N TYR A 151 -108.38 -7.38 -8.77
CA TYR A 151 -107.11 -6.68 -8.54
C TYR A 151 -106.45 -7.24 -7.30
N ARG A 152 -105.12 -7.14 -7.27
CA ARG A 152 -104.32 -7.67 -6.18
C ARG A 152 -103.90 -6.54 -5.25
N THR A 153 -104.17 -6.72 -3.96
CA THR A 153 -103.69 -5.78 -2.96
C THR A 153 -102.21 -6.06 -2.66
N LYS A 154 -101.58 -5.11 -1.96
CA LYS A 154 -100.19 -5.28 -1.59
C LYS A 154 -99.97 -6.36 -0.54
N GLU A 155 -101.05 -6.89 0.05
CA GLU A 155 -100.95 -8.01 0.98
C GLU A 155 -101.22 -9.35 0.32
N GLY A 156 -101.36 -9.36 -1.01
CA GLY A 156 -101.62 -10.57 -1.75
C GLY A 156 -103.07 -10.95 -1.89
N GLU A 157 -103.98 -10.26 -1.21
CA GLU A 157 -105.39 -10.60 -1.33
C GLU A 157 -105.93 -10.19 -2.69
N LEU A 158 -106.98 -10.89 -3.13
CA LEU A 158 -107.64 -10.64 -4.40
C LEU A 158 -108.99 -10.00 -4.13
N ARG A 159 -109.27 -8.89 -4.83
CA ARG A 159 -110.52 -8.16 -4.65
C ARG A 159 -111.24 -8.07 -5.98
N ILE A 160 -112.58 -8.01 -5.91
CA ILE A 160 -113.45 -8.13 -7.06
C ILE A 160 -114.23 -6.83 -7.24
N LEU A 161 -114.42 -6.45 -8.51
CA LEU A 161 -115.27 -5.32 -8.86
C LEU A 161 -116.02 -5.67 -10.14
N ALA A 162 -117.07 -4.91 -10.44
CA ALA A 162 -117.86 -5.11 -11.63
C ALA A 162 -117.87 -3.84 -12.46
N SER A 163 -117.52 -3.95 -13.74
CA SER A 163 -117.46 -2.82 -14.64
C SER A 163 -118.30 -3.11 -15.88
N THR A 164 -118.43 -2.10 -16.74
CA THR A 164 -119.25 -2.20 -17.93
C THR A 164 -118.42 -1.88 -19.17
N GLN A 165 -118.85 -2.43 -20.31
CA GLN A 165 -118.29 -2.08 -21.61
C GLN A 165 -119.36 -2.45 -22.64
N PHE A 166 -120.09 -1.44 -23.12
CA PHE A 166 -121.30 -1.67 -23.91
C PHE A 166 -121.11 -1.45 -25.39
N GLU A 167 -120.12 -0.66 -25.81
CA GLU A 167 -119.86 -0.51 -27.24
C GLU A 167 -119.34 -1.82 -27.80
N PRO A 168 -119.89 -2.29 -28.94
CA PRO A 168 -120.98 -1.60 -29.61
C PRO A 168 -122.39 -2.14 -29.28
N THR A 169 -122.52 -3.45 -29.10
CA THR A 169 -123.82 -4.10 -28.92
C THR A 169 -123.85 -4.94 -27.65
N ALA A 170 -123.23 -4.44 -26.58
CA ALA A 170 -123.13 -5.20 -25.35
C ALA A 170 -124.04 -4.71 -24.23
N ALA A 171 -124.72 -3.57 -24.41
CA ALA A 171 -125.66 -3.10 -23.40
C ALA A 171 -126.81 -4.10 -23.22
N ARG A 172 -127.17 -4.83 -24.28
CA ARG A 172 -128.22 -5.83 -24.19
C ARG A 172 -127.86 -6.98 -23.26
N MET A 173 -126.57 -7.19 -22.99
CA MET A 173 -126.15 -8.21 -22.04
C MET A 173 -126.32 -7.79 -20.59
N ALA A 174 -126.72 -6.55 -20.35
CA ALA A 174 -126.91 -6.02 -19.00
C ALA A 174 -128.32 -5.53 -18.76
N PHE A 175 -128.96 -4.95 -19.78
CA PHE A 175 -130.36 -4.57 -19.64
C PHE A 175 -131.05 -4.66 -20.99
N PRO A 176 -132.24 -5.24 -21.07
CA PRO A 176 -132.95 -5.30 -22.35
C PRO A 176 -133.38 -3.90 -22.78
N CYS A 177 -133.15 -3.59 -24.05
CA CYS A 177 -133.35 -2.24 -24.56
C CYS A 177 -133.38 -2.29 -26.07
N PHE A 178 -133.53 -1.11 -26.67
CA PHE A 178 -133.41 -0.94 -28.11
C PHE A 178 -131.95 -0.60 -28.40
N ASP A 179 -131.13 -1.64 -28.44
CA ASP A 179 -129.68 -1.53 -28.44
C ASP A 179 -129.17 -1.16 -29.84
N GLU A 180 -129.50 0.06 -30.24
CA GLU A 180 -128.98 0.65 -31.46
C GLU A 180 -128.64 2.11 -31.21
N PRO A 181 -127.64 2.66 -31.91
CA PRO A 181 -127.24 4.05 -31.65
C PRO A 181 -128.27 5.08 -32.07
N ALA A 182 -129.28 4.69 -32.86
CA ALA A 182 -130.27 5.66 -33.32
C ALA A 182 -131.37 5.90 -32.30
N PHE A 183 -131.68 4.89 -31.47
CA PHE A 183 -132.73 5.03 -30.45
C PHE A 183 -132.13 5.68 -29.21
N LYS A 184 -131.94 6.99 -29.29
CA LYS A 184 -131.44 7.74 -28.15
C LYS A 184 -132.56 7.96 -27.13
N ALA A 185 -132.18 8.05 -25.87
CA ALA A 185 -133.14 8.22 -24.79
C ALA A 185 -132.40 8.68 -23.54
N SER A 186 -133.18 9.05 -22.53
CA SER A 186 -132.65 9.38 -21.21
C SER A 186 -132.61 8.12 -20.36
N PHE A 187 -131.79 8.17 -19.30
CA PHE A 187 -131.56 6.99 -18.46
C PHE A 187 -131.55 7.42 -17.01
N SER A 188 -132.48 6.85 -16.22
CA SER A 188 -132.50 7.03 -14.77
C SER A 188 -131.98 5.74 -14.14
N ILE A 189 -130.80 5.80 -13.53
CA ILE A 189 -130.09 4.61 -13.07
C ILE A 189 -130.15 4.51 -11.55
N LYS A 190 -130.42 3.28 -11.08
CA LYS A 190 -130.39 2.94 -9.67
C LYS A 190 -129.59 1.66 -9.52
N ILE A 191 -128.59 1.69 -8.64
CA ILE A 191 -127.69 0.55 -8.45
C ILE A 191 -127.73 0.14 -6.99
N ARG A 192 -127.81 -1.17 -6.74
CA ARG A 192 -127.83 -1.70 -5.39
C ARG A 192 -126.49 -2.34 -5.06
N ARG A 193 -125.99 -2.08 -3.86
CA ARG A 193 -124.65 -2.51 -3.48
C ARG A 193 -124.61 -2.75 -1.98
N GLU A 194 -123.56 -3.44 -1.54
CA GLU A 194 -123.27 -3.52 -0.12
C GLU A 194 -122.73 -2.16 0.34
N PRO A 195 -122.80 -1.88 1.65
CA PRO A 195 -122.21 -0.63 2.14
C PRO A 195 -120.73 -0.52 1.85
N ARG A 196 -119.99 -1.64 1.90
CA ARG A 196 -118.56 -1.63 1.69
C ARG A 196 -118.15 -1.19 0.28
N HIS A 197 -119.11 -1.02 -0.63
CA HIS A 197 -118.80 -0.72 -2.01
C HIS A 197 -119.04 0.75 -2.34
N LEU A 198 -118.66 1.13 -3.55
CA LEU A 198 -118.79 2.49 -4.05
C LEU A 198 -119.29 2.41 -5.48
N ALA A 199 -120.38 3.11 -5.77
CA ALA A 199 -121.01 3.06 -7.09
C ALA A 199 -120.92 4.42 -7.76
N ILE A 200 -120.46 4.42 -9.01
CA ILE A 200 -120.40 5.62 -9.85
C ILE A 200 -120.98 5.26 -11.21
N SER A 201 -121.53 6.28 -11.88
CA SER A 201 -122.19 6.05 -13.15
C SER A 201 -122.03 7.30 -14.01
N ASN A 202 -122.93 7.45 -15.00
CA ASN A 202 -122.83 8.55 -15.95
C ASN A 202 -123.06 9.89 -15.27
N MET A 203 -124.08 9.97 -14.43
CA MET A 203 -124.48 11.20 -13.76
C MET A 203 -124.00 11.19 -12.32
N PRO A 204 -124.04 12.34 -11.65
CA PRO A 204 -123.71 12.36 -10.22
C PRO A 204 -124.71 11.57 -9.40
N LEU A 205 -124.26 11.17 -8.20
CA LEU A 205 -125.12 10.45 -7.27
C LEU A 205 -126.08 11.43 -6.60
N VAL A 206 -127.38 11.19 -6.76
CA VAL A 206 -128.39 12.09 -6.19
C VAL A 206 -128.74 11.70 -4.77
N LYS A 207 -128.99 10.41 -4.51
CA LYS A 207 -129.27 10.04 -3.13
C LYS A 207 -129.02 8.55 -2.90
N SER A 208 -128.90 8.18 -1.63
CA SER A 208 -128.68 6.81 -1.21
C SER A 208 -129.72 6.42 -0.17
N VAL A 209 -130.44 5.34 -0.43
CA VAL A 209 -131.54 4.88 0.42
C VAL A 209 -131.21 3.47 0.91
N THR A 210 -131.50 3.22 2.20
CA THR A 210 -131.24 1.91 2.79
C THR A 210 -132.42 0.98 2.48
N VAL A 211 -132.49 0.55 1.22
CA VAL A 211 -133.54 -0.38 0.81
C VAL A 211 -133.29 -1.74 1.43
N ALA A 212 -134.39 -2.44 1.77
CA ALA A 212 -134.32 -3.73 2.44
C ALA A 212 -133.47 -3.61 3.70
N GLU A 213 -132.57 -4.58 3.90
CA GLU A 213 -131.67 -4.56 5.05
C GLU A 213 -130.26 -4.91 4.59
N GLY A 214 -129.30 -4.06 4.95
CA GLY A 214 -127.90 -4.38 4.78
C GLY A 214 -127.30 -4.00 3.46
N LEU A 215 -128.10 -3.50 2.51
CA LEU A 215 -127.60 -3.08 1.20
C LEU A 215 -128.22 -1.73 0.82
N ILE A 216 -127.38 -0.81 0.36
CA ILE A 216 -127.81 0.53 -0.01
C ILE A 216 -128.14 0.59 -1.50
N GLU A 217 -129.06 1.48 -1.84
CA GLU A 217 -129.48 1.72 -3.22
C GLU A 217 -129.12 3.16 -3.59
N ASP A 218 -128.35 3.33 -4.66
CA ASP A 218 -127.89 4.62 -5.13
C ASP A 218 -128.73 5.05 -6.31
N HIS A 219 -129.42 6.18 -6.16
CA HIS A 219 -130.20 6.83 -7.22
C HIS A 219 -129.33 7.91 -7.83
N PHE A 220 -129.02 7.76 -9.13
CA PHE A 220 -128.24 8.74 -9.88
C PHE A 220 -129.17 9.69 -10.64
N ASP A 221 -128.61 10.85 -11.00
CA ASP A 221 -129.35 11.82 -11.80
C ASP A 221 -129.66 11.22 -13.18
N VAL A 222 -130.59 11.86 -13.88
CA VAL A 222 -131.02 11.38 -15.19
C VAL A 222 -130.06 11.91 -16.26
N THR A 223 -129.72 11.05 -17.21
CA THR A 223 -128.80 11.43 -18.28
C THR A 223 -129.52 12.26 -19.33
N VAL A 224 -128.76 12.69 -20.34
CA VAL A 224 -129.31 13.46 -21.45
C VAL A 224 -129.67 12.53 -22.61
N LYS A 225 -130.12 13.10 -23.72
CA LYS A 225 -130.37 12.32 -24.93
C LYS A 225 -129.06 11.72 -25.44
N MET A 226 -128.89 10.41 -25.26
CA MET A 226 -127.65 9.75 -25.63
C MET A 226 -127.96 8.34 -26.10
N SER A 227 -127.02 7.77 -26.84
CA SER A 227 -127.18 6.41 -27.32
C SER A 227 -127.03 5.41 -26.17
N THR A 228 -127.45 4.18 -26.43
CA THR A 228 -127.48 3.18 -25.37
C THR A 228 -126.08 2.67 -25.02
N TYR A 229 -125.15 2.69 -25.99
CA TYR A 229 -123.81 2.17 -25.72
C TYR A 229 -123.01 3.03 -24.78
N LEU A 230 -123.51 4.21 -24.41
CA LEU A 230 -122.80 5.10 -23.49
C LEU A 230 -123.17 4.89 -22.03
N VAL A 231 -124.12 4.00 -21.73
CA VAL A 231 -124.46 3.71 -20.35
C VAL A 231 -123.30 2.99 -19.69
N ALA A 232 -123.04 3.31 -18.42
CA ALA A 232 -121.95 2.69 -17.70
C ALA A 232 -122.20 2.81 -16.21
N PHE A 233 -121.65 1.85 -15.46
CA PHE A 233 -121.73 1.87 -14.01
C PHE A 233 -120.66 0.93 -13.46
N ILE A 234 -120.13 1.28 -12.29
CA ILE A 234 -119.01 0.57 -11.68
C ILE A 234 -119.29 0.36 -10.20
N ILE A 235 -119.12 -0.88 -9.74
CA ILE A 235 -119.23 -1.22 -8.33
C ILE A 235 -117.87 -1.70 -7.87
N SER A 236 -117.24 -0.95 -6.96
CA SER A 236 -115.89 -1.29 -6.53
C SER A 236 -115.65 -0.67 -5.16
N ASP A 237 -114.38 -0.44 -4.83
CA ASP A 237 -113.98 0.31 -3.65
C ASP A 237 -112.87 1.29 -4.01
N PHE A 238 -113.03 1.96 -5.14
CA PHE A 238 -112.01 2.86 -5.65
C PHE A 238 -111.80 4.07 -4.74
N GLU A 239 -110.56 4.55 -4.72
CA GLU A 239 -110.25 5.90 -4.26
C GLU A 239 -110.25 6.84 -5.46
N SER A 240 -110.35 8.14 -5.19
CA SER A 240 -110.46 9.10 -6.27
C SER A 240 -109.72 10.39 -5.92
N VAL A 241 -109.33 11.12 -6.96
CA VAL A 241 -108.80 12.47 -6.86
C VAL A 241 -109.62 13.37 -7.77
N SER A 242 -109.97 14.57 -7.29
CA SER A 242 -110.87 15.47 -8.07
C SER A 242 -110.25 16.86 -8.23
N LYS A 243 -110.75 17.58 -9.22
CA LYS A 243 -110.32 18.92 -9.57
C LYS A 243 -111.45 19.58 -10.34
N ILE A 244 -111.47 20.92 -10.32
CA ILE A 244 -112.52 21.70 -10.96
C ILE A 244 -111.95 22.37 -12.21
N THR A 245 -112.76 22.43 -13.26
CA THR A 245 -112.43 23.18 -14.46
C THR A 245 -112.76 24.67 -14.25
N LYS A 246 -112.29 25.49 -15.19
CA LYS A 246 -112.67 26.89 -15.14
C LYS A 246 -114.14 27.10 -15.49
N SER A 247 -114.82 26.08 -16.00
CA SER A 247 -116.25 26.15 -16.31
C SER A 247 -117.12 25.50 -15.24
N GLY A 248 -116.52 24.95 -14.18
CA GLY A 248 -117.27 24.42 -13.06
C GLY A 248 -117.62 22.95 -13.11
N VAL A 249 -117.10 22.20 -14.06
CA VAL A 249 -117.36 20.77 -14.13
C VAL A 249 -116.48 20.04 -13.14
N LYS A 250 -117.04 19.05 -12.46
CA LYS A 250 -116.29 18.30 -11.45
C LYS A 250 -115.57 17.14 -12.13
N VAL A 251 -114.25 17.29 -12.31
CA VAL A 251 -113.43 16.25 -12.94
C VAL A 251 -112.74 15.43 -11.86
N SER A 252 -112.92 14.11 -11.92
CA SER A 252 -112.36 13.19 -10.94
C SER A 252 -111.73 12.00 -11.65
N VAL A 253 -110.77 11.36 -10.97
CA VAL A 253 -110.09 10.18 -11.49
C VAL A 253 -110.11 9.10 -10.42
N TYR A 254 -110.72 7.97 -10.74
CA TYR A 254 -110.85 6.82 -9.85
C TYR A 254 -109.86 5.73 -10.24
N ALA A 255 -109.36 5.04 -9.22
CA ALA A 255 -108.47 3.91 -9.42
C ALA A 255 -108.49 3.03 -8.17
N VAL A 256 -107.86 1.87 -8.27
CA VAL A 256 -107.74 0.94 -7.15
C VAL A 256 -106.95 1.63 -6.04
N PRO A 257 -107.17 1.29 -4.77
CA PRO A 257 -106.57 2.08 -3.68
C PRO A 257 -105.07 2.17 -3.73
N ASP A 258 -104.39 1.12 -4.19
CA ASP A 258 -102.92 1.09 -4.17
C ASP A 258 -102.30 1.87 -5.33
N LYS A 259 -103.09 2.35 -6.29
CA LYS A 259 -102.55 3.04 -7.45
C LYS A 259 -103.11 4.45 -7.62
N ILE A 260 -103.78 5.00 -6.62
CA ILE A 260 -104.42 6.31 -6.80
C ILE A 260 -103.36 7.41 -6.94
N ASN A 261 -102.16 7.20 -6.39
CA ASN A 261 -101.11 8.21 -6.44
C ASN A 261 -100.50 8.40 -7.83
N GLN A 262 -100.95 7.65 -8.83
CA GLN A 262 -100.46 7.79 -10.19
C GLN A 262 -101.44 8.52 -11.11
N ALA A 263 -102.45 9.17 -10.54
CA ALA A 263 -103.52 9.79 -11.30
C ALA A 263 -103.34 11.30 -11.49
N ASP A 264 -102.23 11.86 -11.03
CA ASP A 264 -102.07 13.31 -11.04
C ASP A 264 -101.99 13.85 -12.47
N TYR A 265 -101.10 13.30 -13.29
CA TYR A 265 -100.97 13.78 -14.66
C TYR A 265 -102.26 13.54 -15.44
N ALA A 266 -102.91 12.40 -15.20
CA ALA A 266 -104.19 12.12 -15.84
C ALA A 266 -105.22 13.18 -15.51
N LEU A 267 -105.35 13.52 -14.23
CA LEU A 267 -106.34 14.52 -13.81
C LEU A 267 -106.02 15.89 -14.37
N ASP A 268 -104.76 16.31 -14.30
CA ASP A 268 -104.38 17.64 -14.77
C ASP A 268 -104.60 17.76 -16.28
N ALA A 269 -104.11 16.78 -17.05
CA ALA A 269 -104.33 16.80 -18.49
C ALA A 269 -105.80 16.69 -18.83
N ALA A 270 -106.60 15.99 -18.02
CA ALA A 270 -108.02 15.90 -18.27
C ALA A 270 -108.70 17.26 -18.12
N VAL A 271 -108.38 17.97 -17.05
CA VAL A 271 -108.95 19.31 -16.86
C VAL A 271 -108.53 20.23 -18.01
N THR A 272 -107.24 20.21 -18.35
CA THR A 272 -106.74 21.09 -19.42
C THR A 272 -107.45 20.80 -20.74
N LEU A 273 -107.55 19.51 -21.11
CA LEU A 273 -108.14 19.14 -22.38
C LEU A 273 -109.64 19.38 -22.41
N LEU A 274 -110.34 19.19 -21.28
CA LEU A 274 -111.76 19.48 -21.27
C LEU A 274 -112.02 20.96 -21.46
N GLU A 275 -111.24 21.81 -20.78
CA GLU A 275 -111.38 23.25 -21.00
C GLU A 275 -111.06 23.60 -22.45
N PHE A 276 -110.01 23.00 -23.01
CA PHE A 276 -109.67 23.28 -24.41
C PHE A 276 -110.82 22.90 -25.34
N TYR A 277 -111.41 21.72 -25.14
CA TYR A 277 -112.47 21.27 -26.04
C TYR A 277 -113.70 22.15 -25.92
N GLU A 278 -114.08 22.51 -24.68
CA GLU A 278 -115.17 23.47 -24.50
C GLU A 278 -114.92 24.75 -25.28
N ASP A 279 -113.75 25.35 -25.09
CA ASP A 279 -113.43 26.62 -25.74
C ASP A 279 -113.40 26.47 -27.26
N TYR A 280 -112.80 25.39 -27.76
CA TYR A 280 -112.63 25.20 -29.19
C TYR A 280 -113.97 25.02 -29.88
N PHE A 281 -114.81 24.11 -29.36
CA PHE A 281 -116.09 23.85 -29.99
C PHE A 281 -117.13 24.93 -29.70
N SER A 282 -116.87 25.82 -28.73
CA SER A 282 -117.85 26.82 -28.32
C SER A 282 -119.15 26.16 -27.86
N ILE A 283 -119.03 24.96 -27.30
CA ILE A 283 -120.16 24.17 -26.81
C ILE A 283 -119.79 23.63 -25.44
N PRO A 284 -120.45 24.10 -24.37
CA PRO A 284 -120.07 23.65 -23.02
C PRO A 284 -120.33 22.16 -22.82
N TYR A 285 -119.57 21.60 -21.89
CA TYR A 285 -119.78 20.22 -21.48
C TYR A 285 -121.11 20.13 -20.74
N PRO A 286 -122.08 19.33 -21.22
CA PRO A 286 -123.44 19.41 -20.65
C PRO A 286 -123.58 18.77 -19.28
N LEU A 287 -122.76 17.79 -18.95
CA LEU A 287 -122.92 17.05 -17.71
C LEU A 287 -122.24 17.78 -16.54
N PRO A 288 -122.71 17.53 -15.30
CA PRO A 288 -122.06 18.19 -14.15
C PRO A 288 -120.66 17.68 -13.86
N LYS A 289 -120.41 16.39 -14.06
CA LYS A 289 -119.13 15.80 -13.69
C LYS A 289 -118.55 15.00 -14.85
N GLN A 290 -117.22 14.87 -14.83
CA GLN A 290 -116.47 14.04 -15.75
C GLN A 290 -115.55 13.14 -14.91
N ASP A 291 -115.65 11.83 -15.13
CA ASP A 291 -114.89 10.86 -14.35
C ASP A 291 -114.00 10.04 -15.26
N LEU A 292 -112.81 9.70 -14.77
CA LEU A 292 -111.83 8.89 -15.49
C LEU A 292 -111.44 7.74 -14.57
N ALA A 293 -111.94 6.54 -14.86
CA ALA A 293 -111.73 5.38 -14.00
C ALA A 293 -110.74 4.41 -14.65
N ALA A 294 -109.77 3.95 -13.87
CA ALA A 294 -108.75 3.01 -14.34
C ALA A 294 -109.20 1.59 -13.98
N ILE A 295 -109.66 0.85 -14.98
CA ILE A 295 -110.19 -0.50 -14.79
C ILE A 295 -109.06 -1.53 -14.90
N PRO A 296 -108.93 -2.45 -13.93
CA PRO A 296 -107.84 -3.44 -14.00
C PRO A 296 -107.95 -4.41 -15.17
N ASP A 297 -109.17 -4.78 -15.57
CA ASP A 297 -109.40 -5.68 -16.69
C ASP A 297 -110.13 -4.92 -17.78
N PHE A 298 -109.42 -4.57 -18.86
CA PHE A 298 -110.01 -3.85 -19.96
C PHE A 298 -109.46 -4.34 -21.28
N GLN A 299 -110.33 -4.41 -22.29
CA GLN A 299 -109.98 -4.85 -23.63
C GLN A 299 -109.48 -3.71 -24.50
N SER A 300 -110.28 -2.66 -24.62
CA SER A 300 -109.91 -1.51 -25.42
C SER A 300 -108.81 -0.71 -24.72
N GLY A 301 -108.33 0.33 -25.39
CA GLY A 301 -107.52 1.32 -24.69
C GLY A 301 -108.34 2.13 -23.70
N ALA A 302 -109.54 2.53 -24.09
CA ALA A 302 -110.42 3.33 -23.24
C ALA A 302 -111.84 3.24 -23.78
N MET A 303 -112.75 3.98 -23.15
CA MET A 303 -114.14 4.03 -23.58
C MET A 303 -114.72 5.39 -23.21
N GLU A 304 -115.62 5.89 -24.07
CA GLU A 304 -116.08 7.27 -23.98
C GLU A 304 -117.43 7.41 -23.29
N ASN A 305 -117.72 6.55 -22.31
CA ASN A 305 -119.00 6.61 -21.61
C ASN A 305 -119.23 8.01 -21.06
N TRP A 306 -120.36 8.60 -21.44
CA TRP A 306 -120.64 9.99 -21.13
C TRP A 306 -120.64 10.23 -19.63
N GLY A 307 -119.65 10.99 -19.14
CA GLY A 307 -119.51 11.26 -17.73
C GLY A 307 -118.73 10.24 -16.92
N LEU A 308 -118.31 9.13 -17.53
CA LEU A 308 -117.57 8.09 -16.82
C LEU A 308 -116.69 7.32 -17.82
N THR A 309 -115.64 7.97 -18.29
CA THR A 309 -114.69 7.32 -19.18
C THR A 309 -113.92 6.25 -18.42
N THR A 310 -113.69 5.12 -19.09
CA THR A 310 -112.96 3.99 -18.51
C THR A 310 -111.67 3.79 -19.29
N TYR A 311 -110.64 3.31 -18.59
CA TYR A 311 -109.31 3.21 -19.19
C TYR A 311 -108.63 1.93 -18.77
N ARG A 312 -107.57 1.59 -19.51
CA ARG A 312 -106.58 0.67 -19.00
C ARG A 312 -105.73 1.39 -17.97
N GLU A 313 -105.34 0.67 -16.91
CA GLU A 313 -104.43 1.26 -15.94
C GLU A 313 -103.15 1.74 -16.62
N SER A 314 -102.65 0.95 -17.58
CA SER A 314 -101.50 1.37 -18.36
C SER A 314 -101.79 2.62 -19.17
N ALA A 315 -103.05 2.82 -19.57
CA ALA A 315 -103.42 3.95 -20.42
C ALA A 315 -103.85 5.17 -19.63
N LEU A 316 -103.92 5.08 -18.32
CA LEU A 316 -104.29 6.29 -17.59
C LEU A 316 -103.28 6.68 -16.52
N LEU A 317 -102.67 5.72 -15.84
CA LEU A 317 -101.84 6.04 -14.68
C LEU A 317 -100.39 6.26 -15.07
N PHE A 318 -99.77 7.25 -14.42
CA PHE A 318 -98.42 7.70 -14.75
C PHE A 318 -97.58 7.74 -13.48
N ASP A 319 -96.47 7.00 -13.49
CA ASP A 319 -95.53 6.93 -12.38
C ASP A 319 -94.25 7.63 -12.80
N ALA A 320 -93.93 8.72 -12.10
CA ALA A 320 -92.75 9.52 -12.46
C ALA A 320 -91.47 8.71 -12.35
N GLU A 321 -91.44 7.68 -11.50
CA GLU A 321 -90.22 6.93 -11.26
C GLU A 321 -89.96 5.83 -12.27
N LYS A 322 -91.01 5.28 -12.90
CA LYS A 322 -90.84 4.12 -13.76
C LYS A 322 -91.54 4.20 -15.12
N SER A 323 -92.52 5.08 -15.30
CA SER A 323 -93.23 5.16 -16.57
C SER A 323 -92.37 5.90 -17.60
N SER A 324 -92.51 5.49 -18.85
CA SER A 324 -91.71 6.02 -19.93
C SER A 324 -92.36 7.27 -20.53
N ALA A 325 -91.53 8.06 -21.23
CA ALA A 325 -92.03 9.23 -21.95
C ALA A 325 -93.05 8.82 -23.01
N SER A 326 -92.84 7.65 -23.64
CA SER A 326 -93.85 7.07 -24.52
C SER A 326 -95.17 6.88 -23.77
N SER A 327 -95.10 6.38 -22.53
CA SER A 327 -96.30 6.16 -21.74
C SER A 327 -96.99 7.48 -21.42
N LYS A 328 -96.22 8.53 -21.12
CA LYS A 328 -96.83 9.82 -20.82
C LYS A 328 -97.53 10.39 -22.06
N LEU A 329 -96.86 10.32 -23.22
CA LEU A 329 -97.49 10.75 -24.46
C LEU A 329 -98.75 9.95 -24.74
N GLY A 330 -98.72 8.64 -24.51
CA GLY A 330 -99.89 7.82 -24.76
C GLY A 330 -101.05 8.18 -23.85
N ILE A 331 -100.76 8.43 -22.57
CA ILE A 331 -101.82 8.85 -21.65
C ILE A 331 -102.44 10.16 -22.12
N THR A 332 -101.59 11.12 -22.52
CA THR A 332 -102.11 12.40 -22.99
C THR A 332 -103.01 12.22 -24.20
N MET A 333 -102.54 11.45 -25.19
CA MET A 333 -103.33 11.25 -26.41
C MET A 333 -104.62 10.52 -26.14
N THR A 334 -104.61 9.55 -25.20
CA THR A 334 -105.82 8.79 -24.90
C THR A 334 -106.86 9.66 -24.19
N VAL A 335 -106.42 10.45 -23.21
CA VAL A 335 -107.35 11.35 -22.53
C VAL A 335 -107.94 12.36 -23.52
N ALA A 336 -107.10 12.88 -24.42
CA ALA A 336 -107.60 13.79 -25.45
C ALA A 336 -108.62 13.09 -26.34
N HIS A 337 -108.35 11.82 -26.71
CA HIS A 337 -109.28 11.07 -27.55
C HIS A 337 -110.64 10.94 -26.89
N GLU A 338 -110.67 10.54 -25.62
CA GLU A 338 -111.96 10.32 -24.97
C GLU A 338 -112.70 11.63 -24.73
N LEU A 339 -111.98 12.69 -24.36
CA LEU A 339 -112.65 13.97 -24.19
C LEU A 339 -113.14 14.54 -25.52
N ALA A 340 -112.48 14.19 -26.62
CA ALA A 340 -113.00 14.54 -27.94
C ALA A 340 -114.25 13.73 -28.26
N HIS A 341 -114.25 12.45 -27.87
CA HIS A 341 -115.44 11.62 -28.05
C HIS A 341 -116.64 12.21 -27.31
N GLN A 342 -116.39 12.90 -26.20
CA GLN A 342 -117.48 13.56 -25.46
C GLN A 342 -118.33 14.44 -26.37
N TRP A 343 -117.76 14.97 -27.44
CA TRP A 343 -118.49 15.74 -28.44
C TRP A 343 -118.74 14.95 -29.73
N PHE A 344 -117.70 14.37 -30.32
CA PHE A 344 -117.82 13.60 -31.56
C PHE A 344 -118.13 12.16 -31.18
N GLY A 345 -119.41 11.86 -31.03
CA GLY A 345 -119.83 10.52 -30.67
C GLY A 345 -120.95 10.50 -29.65
N ASN A 346 -120.83 11.36 -28.64
CA ASN A 346 -121.79 11.44 -27.55
C ASN A 346 -122.81 12.55 -27.79
N LEU A 347 -122.35 13.79 -27.96
CA LEU A 347 -123.25 14.88 -28.30
C LEU A 347 -123.89 14.65 -29.66
N VAL A 348 -123.06 14.38 -30.67
CA VAL A 348 -123.50 14.05 -32.02
C VAL A 348 -123.05 12.63 -32.31
N THR A 349 -123.99 11.72 -32.48
CA THR A 349 -123.67 10.31 -32.70
C THR A 349 -123.98 9.92 -34.14
N MET A 350 -123.18 9.01 -34.68
CA MET A 350 -123.53 8.44 -35.98
C MET A 350 -124.85 7.69 -35.85
N GLU A 351 -125.56 7.57 -36.98
CA GLU A 351 -126.85 6.92 -36.92
C GLU A 351 -126.72 5.41 -36.98
N TRP A 352 -125.80 4.90 -37.79
CA TRP A 352 -125.57 3.47 -37.87
C TRP A 352 -124.07 3.21 -37.95
N TRP A 353 -123.68 2.02 -37.52
CA TRP A 353 -122.27 1.68 -37.35
C TRP A 353 -121.49 1.66 -38.67
N ASN A 354 -122.16 1.86 -39.81
CA ASN A 354 -121.42 1.98 -41.07
C ASN A 354 -120.63 3.29 -41.13
N ASP A 355 -121.09 4.32 -40.43
CA ASP A 355 -120.40 5.60 -40.34
C ASP A 355 -119.71 5.78 -38.99
N LEU A 356 -119.21 4.68 -38.41
CA LEU A 356 -118.45 4.74 -37.16
C LEU A 356 -117.23 5.65 -37.29
N TRP A 357 -116.75 5.88 -38.52
CA TRP A 357 -115.60 6.75 -38.68
C TRP A 357 -115.93 8.18 -38.26
N LEU A 358 -117.18 8.62 -38.46
CA LEU A 358 -117.60 9.95 -38.01
C LEU A 358 -117.35 10.16 -36.51
N ASN A 359 -117.29 9.08 -35.73
CA ASN A 359 -116.87 9.16 -34.34
C ASN A 359 -115.37 8.99 -34.23
N GLU A 360 -114.86 7.86 -34.71
CA GLU A 360 -113.51 7.44 -34.36
C GLU A 360 -112.42 8.24 -35.07
N GLY A 361 -112.56 8.48 -36.37
CA GLY A 361 -111.58 9.29 -37.07
C GLY A 361 -111.52 10.71 -36.55
N PHE A 362 -112.69 11.30 -36.28
CA PHE A 362 -112.72 12.65 -35.73
C PHE A 362 -112.08 12.69 -34.35
N ALA A 363 -112.31 11.67 -33.52
CA ALA A 363 -111.68 11.66 -32.20
C ALA A 363 -110.16 11.51 -32.31
N LYS A 364 -109.71 10.59 -33.17
CA LYS A 364 -108.27 10.38 -33.37
C LYS A 364 -107.60 11.64 -33.93
N PHE A 365 -108.32 12.43 -34.72
CA PHE A 365 -107.75 13.66 -35.24
C PHE A 365 -107.78 14.78 -34.20
N MET A 366 -108.86 14.85 -33.41
CA MET A 366 -108.91 15.83 -32.35
C MET A 366 -107.84 15.57 -31.31
N GLU A 367 -107.38 14.32 -31.18
CA GLU A 367 -106.17 14.04 -30.40
C GLU A 367 -105.05 15.01 -30.78
N PHE A 368 -104.69 15.00 -32.06
CA PHE A 368 -103.62 15.86 -32.56
C PHE A 368 -103.98 17.33 -32.40
N VAL A 369 -105.18 17.71 -32.88
CA VAL A 369 -105.58 19.11 -32.85
C VAL A 369 -105.54 19.69 -31.44
N SER A 370 -105.86 18.87 -30.44
CA SER A 370 -105.95 19.31 -29.05
C SER A 370 -104.60 19.26 -28.35
N VAL A 371 -103.86 18.16 -28.48
CA VAL A 371 -102.61 18.01 -27.76
C VAL A 371 -101.56 18.97 -28.30
N SER A 372 -101.53 19.18 -29.63
CA SER A 372 -100.58 20.12 -30.20
C SER A 372 -100.74 21.53 -29.66
N VAL A 373 -101.85 21.82 -29.00
CA VAL A 373 -102.09 23.12 -28.37
C VAL A 373 -101.92 23.05 -26.86
N THR A 374 -102.47 22.02 -26.23
CA THR A 374 -102.49 21.96 -24.77
C THR A 374 -101.15 21.53 -24.20
N HIS A 375 -100.45 20.60 -24.84
CA HIS A 375 -99.15 20.11 -24.38
C HIS A 375 -98.15 20.24 -25.52
N PRO A 376 -97.75 21.46 -25.86
CA PRO A 376 -96.86 21.65 -27.02
C PRO A 376 -95.46 21.11 -26.80
N GLU A 377 -95.05 20.86 -25.55
CA GLU A 377 -93.74 20.27 -25.32
C GLU A 377 -93.67 18.84 -25.86
N LEU A 378 -94.82 18.21 -26.14
CA LEU A 378 -94.82 16.87 -26.71
C LEU A 378 -94.55 16.90 -28.21
N LYS A 379 -95.06 17.92 -28.92
CA LYS A 379 -94.89 18.08 -30.36
C LYS A 379 -95.39 16.83 -31.11
N VAL A 380 -96.69 16.57 -30.96
CA VAL A 380 -97.29 15.37 -31.52
C VAL A 380 -97.33 15.39 -33.05
N GLY A 381 -97.13 16.55 -33.66
CA GLY A 381 -97.00 16.63 -35.11
C GLY A 381 -95.80 15.88 -35.64
N ASP A 382 -94.84 15.58 -34.78
CA ASP A 382 -93.69 14.77 -35.19
C ASP A 382 -94.08 13.32 -35.42
N TYR A 383 -94.94 12.77 -34.56
CA TYR A 383 -95.23 11.34 -34.58
C TYR A 383 -96.60 10.99 -35.15
N PHE A 384 -97.42 11.97 -35.53
CA PHE A 384 -98.79 11.67 -35.94
C PHE A 384 -98.84 10.75 -37.17
N PHE A 385 -98.09 11.08 -38.23
CA PHE A 385 -98.31 10.50 -39.56
C PHE A 385 -97.85 9.05 -39.70
N GLY A 386 -97.20 8.48 -38.69
CA GLY A 386 -97.06 7.03 -38.66
C GLY A 386 -98.40 6.32 -38.77
N LYS A 387 -99.46 6.95 -38.25
CA LYS A 387 -100.81 6.45 -38.45
C LYS A 387 -101.15 6.33 -39.93
N CYS A 388 -100.94 7.41 -40.70
CA CYS A 388 -101.25 7.36 -42.12
C CYS A 388 -100.44 6.29 -42.83
N PHE A 389 -99.15 6.17 -42.50
CA PHE A 389 -98.32 5.18 -43.18
C PHE A 389 -98.80 3.75 -42.86
N ASP A 390 -98.98 3.43 -41.58
CA ASP A 390 -99.43 2.10 -41.20
C ASP A 390 -100.82 1.80 -41.74
N ALA A 391 -101.67 2.83 -41.87
CA ALA A 391 -102.99 2.64 -42.45
C ALA A 391 -102.90 2.35 -43.94
N MET A 392 -102.04 3.07 -44.66
CA MET A 392 -101.84 2.76 -46.08
C MET A 392 -101.33 1.35 -46.27
N GLU A 393 -100.52 0.85 -45.33
CA GLU A 393 -100.01 -0.51 -45.42
C GLU A 393 -101.12 -1.54 -45.63
N VAL A 394 -102.31 -1.30 -45.07
CA VAL A 394 -103.41 -2.24 -45.18
C VAL A 394 -104.43 -1.76 -46.22
N ASP A 395 -104.59 -0.43 -46.36
CA ASP A 395 -105.54 0.10 -47.32
C ASP A 395 -105.09 -0.12 -48.75
N ALA A 396 -103.79 -0.33 -48.97
CA ALA A 396 -103.34 -0.71 -50.30
C ALA A 396 -103.80 -2.10 -50.71
N LEU A 397 -104.43 -2.85 -49.79
CA LEU A 397 -104.86 -4.19 -50.10
C LEU A 397 -106.17 -4.20 -50.86
N ASN A 398 -106.40 -5.32 -51.55
CA ASN A 398 -107.63 -5.55 -52.36
C ASN A 398 -108.80 -5.84 -51.42
N SER A 399 -108.52 -6.43 -50.26
CA SER A 399 -109.57 -6.72 -49.28
C SER A 399 -109.95 -5.49 -48.45
N SER A 400 -109.29 -4.36 -48.64
CA SER A 400 -109.66 -3.15 -47.91
C SER A 400 -111.07 -2.71 -48.32
N HIS A 401 -111.66 -1.89 -47.45
CA HIS A 401 -113.02 -1.38 -47.62
C HIS A 401 -113.00 0.14 -47.59
N PRO A 402 -114.04 0.78 -48.14
CA PRO A 402 -114.14 2.23 -48.02
C PRO A 402 -114.34 2.63 -46.57
N VAL A 403 -114.07 3.91 -46.28
CA VAL A 403 -114.19 4.42 -44.92
C VAL A 403 -115.61 4.21 -44.41
N SER A 404 -116.60 4.35 -45.29
CA SER A 404 -118.01 4.13 -44.96
C SER A 404 -118.51 2.94 -45.78
N THR A 405 -118.85 1.84 -45.10
CA THR A 405 -119.25 0.62 -45.77
C THR A 405 -120.32 -0.06 -44.91
N PRO A 406 -121.30 -0.73 -45.55
CA PRO A 406 -122.41 -1.30 -44.77
C PRO A 406 -121.99 -2.48 -43.92
N VAL A 407 -122.56 -2.55 -42.72
CA VAL A 407 -122.37 -3.66 -41.79
C VAL A 407 -123.70 -3.94 -41.11
N GLU A 408 -123.90 -5.19 -40.70
CA GLU A 408 -125.16 -5.55 -40.06
C GLU A 408 -124.96 -6.26 -38.72
N ASN A 409 -124.31 -7.42 -38.72
CA ASN A 409 -124.22 -8.21 -37.51
C ASN A 409 -123.11 -7.70 -36.59
N PRO A 410 -123.17 -8.06 -35.29
CA PRO A 410 -122.17 -7.55 -34.34
C PRO A 410 -120.73 -7.87 -34.71
N ALA A 411 -120.45 -9.00 -35.36
CA ALA A 411 -119.09 -9.29 -35.77
C ALA A 411 -118.58 -8.24 -36.75
N GLN A 412 -119.40 -7.90 -37.75
CA GLN A 412 -119.04 -6.85 -38.70
C GLN A 412 -118.89 -5.51 -37.99
N ILE A 413 -119.79 -5.22 -37.05
CA ILE A 413 -119.72 -3.95 -36.35
C ILE A 413 -118.41 -3.84 -35.56
N ARG A 414 -118.01 -4.92 -34.88
CA ARG A 414 -116.73 -4.93 -34.19
C ARG A 414 -115.58 -4.80 -35.18
N GLU A 415 -115.69 -5.42 -36.35
CA GLU A 415 -114.63 -5.31 -37.35
C GLU A 415 -114.46 -3.88 -37.83
N MET A 416 -115.53 -3.08 -37.76
CA MET A 416 -115.43 -1.69 -38.21
C MET A 416 -114.41 -0.87 -37.43
N PHE A 417 -114.06 -1.28 -36.21
CA PHE A 417 -113.07 -0.56 -35.40
C PHE A 417 -111.65 -0.96 -35.84
N ASP A 418 -111.31 -0.59 -37.07
CA ASP A 418 -110.02 -0.97 -37.63
C ASP A 418 -109.19 0.27 -37.98
N ASP A 419 -108.03 0.01 -38.58
CA ASP A 419 -107.11 1.09 -38.94
C ASP A 419 -107.74 2.10 -39.89
N VAL A 420 -108.66 1.67 -40.75
CA VAL A 420 -109.29 2.61 -41.66
C VAL A 420 -110.04 3.69 -40.87
N SER A 421 -111.01 3.27 -40.06
CA SER A 421 -111.91 4.21 -39.39
C SER A 421 -111.16 5.17 -38.48
N TYR A 422 -110.06 4.72 -37.88
CA TYR A 422 -109.26 5.60 -37.01
C TYR A 422 -108.23 6.37 -37.84
N ASP A 423 -107.20 5.65 -38.30
CA ASP A 423 -106.05 6.29 -38.94
C ASP A 423 -106.43 6.93 -40.26
N LYS A 424 -107.07 6.19 -41.17
CA LYS A 424 -107.38 6.76 -42.48
C LYS A 424 -108.41 7.88 -42.36
N GLY A 425 -109.37 7.72 -41.46
CA GLY A 425 -110.33 8.80 -41.23
C GLY A 425 -109.64 10.07 -40.75
N ALA A 426 -108.74 9.92 -39.77
CA ALA A 426 -108.01 11.08 -39.27
C ALA A 426 -107.10 11.68 -40.34
N CYS A 427 -106.52 10.85 -41.21
CA CYS A 427 -105.61 11.36 -42.23
C CYS A 427 -106.38 12.10 -43.34
N ILE A 428 -107.55 11.58 -43.74
CA ILE A 428 -108.33 12.32 -44.72
C ILE A 428 -108.93 13.58 -44.11
N LEU A 429 -109.22 13.56 -42.80
CA LEU A 429 -109.67 14.78 -42.13
C LEU A 429 -108.55 15.81 -42.05
N ASN A 430 -107.32 15.36 -41.76
CA ASN A 430 -106.17 16.25 -41.78
C ASN A 430 -105.97 16.85 -43.17
N MET A 431 -106.09 16.02 -44.21
CA MET A 431 -105.98 16.51 -45.58
C MET A 431 -107.06 17.54 -45.90
N LEU A 432 -108.28 17.30 -45.43
CA LEU A 432 -109.38 18.23 -45.68
C LEU A 432 -109.17 19.54 -44.92
N ARG A 433 -108.73 19.47 -43.67
CA ARG A 433 -108.48 20.67 -42.89
C ARG A 433 -107.33 21.48 -43.47
N GLU A 434 -106.34 20.82 -44.06
CA GLU A 434 -105.23 21.55 -44.68
C GLU A 434 -105.59 22.07 -46.06
N TYR A 435 -106.52 21.41 -46.76
CA TYR A 435 -107.00 21.95 -48.03
C TYR A 435 -107.86 23.18 -47.80
N LEU A 436 -108.87 23.07 -46.95
CA LEU A 436 -109.59 24.25 -46.49
C LEU A 436 -108.70 25.05 -45.55
N SER A 437 -109.20 26.18 -45.08
CA SER A 437 -108.52 26.85 -44.01
C SER A 437 -108.78 26.11 -42.70
N ALA A 438 -107.81 26.15 -41.80
CA ALA A 438 -108.05 25.63 -40.46
C ALA A 438 -109.22 26.37 -39.82
N ASP A 439 -109.36 27.66 -40.13
CA ASP A 439 -110.48 28.45 -39.63
C ASP A 439 -111.79 27.95 -40.23
N ALA A 440 -111.78 27.62 -41.53
CA ALA A 440 -112.97 27.10 -42.18
C ALA A 440 -113.36 25.72 -41.62
N PHE A 441 -112.36 24.87 -41.38
CA PHE A 441 -112.64 23.57 -40.78
C PHE A 441 -113.24 23.71 -39.38
N LYS A 442 -112.70 24.61 -38.58
CA LYS A 442 -113.25 24.83 -37.23
C LYS A 442 -114.69 25.34 -37.29
N SER A 443 -114.95 26.33 -38.17
CA SER A 443 -116.31 26.84 -38.30
C SER A 443 -117.26 25.74 -38.75
N GLY A 444 -116.83 24.92 -39.70
CA GLY A 444 -117.66 23.83 -40.18
C GLY A 444 -118.00 22.84 -39.08
N ILE A 445 -117.00 22.42 -38.31
CA ILE A 445 -117.27 21.43 -37.27
C ILE A 445 -118.12 22.03 -36.15
N VAL A 446 -117.96 23.32 -35.86
CA VAL A 446 -118.80 23.94 -34.84
C VAL A 446 -120.26 23.95 -35.28
N GLN A 447 -120.50 24.36 -36.53
CA GLN A 447 -121.85 24.33 -37.06
C GLN A 447 -122.41 22.91 -37.07
N TYR A 448 -121.57 21.93 -37.42
CA TYR A 448 -121.97 20.54 -37.42
C TYR A 448 -122.47 20.11 -36.05
N LEU A 449 -121.65 20.32 -35.03
CA LEU A 449 -122.02 19.88 -33.68
C LEU A 449 -123.26 20.61 -33.18
N GLN A 450 -123.35 21.92 -33.42
CA GLN A 450 -124.52 22.65 -32.90
C GLN A 450 -125.80 22.26 -33.63
N LYS A 451 -125.73 22.02 -34.94
CA LYS A 451 -126.95 21.64 -35.64
C LYS A 451 -127.40 20.24 -35.30
N HIS A 452 -126.45 19.32 -35.03
CA HIS A 452 -126.83 17.92 -34.85
C HIS A 452 -126.62 17.43 -33.41
N SER A 453 -126.54 18.35 -32.44
CA SER A 453 -126.44 17.96 -31.04
C SER A 453 -127.61 17.08 -30.62
N TYR A 454 -127.30 16.08 -29.78
CA TYR A 454 -128.28 15.16 -29.19
C TYR A 454 -129.05 14.37 -30.25
N LYS A 455 -128.46 14.21 -31.43
CA LYS A 455 -129.09 13.45 -32.50
C LYS A 455 -128.03 12.59 -33.19
N ASN A 456 -128.42 12.02 -34.31
CA ASN A 456 -127.60 11.14 -35.12
C ASN A 456 -127.41 11.74 -36.50
N THR A 457 -126.25 11.44 -37.08
CA THR A 457 -125.84 11.98 -38.37
C THR A 457 -125.39 10.86 -39.29
N LYS A 458 -125.55 11.12 -40.59
CA LYS A 458 -125.03 10.25 -41.62
C LYS A 458 -123.76 10.87 -42.20
N ASN A 459 -123.14 10.17 -43.16
CA ASN A 459 -121.90 10.66 -43.74
C ASN A 459 -122.09 11.99 -44.45
N GLU A 460 -123.31 12.26 -44.93
CA GLU A 460 -123.55 13.42 -45.77
C GLU A 460 -123.72 14.71 -44.96
N ASP A 461 -124.13 14.61 -43.69
CA ASP A 461 -124.30 15.80 -42.87
C ASP A 461 -122.97 16.52 -42.67
N LEU A 462 -121.88 15.77 -42.55
CA LEU A 462 -120.57 16.39 -42.42
C LEU A 462 -120.21 17.19 -43.66
N TRP A 463 -120.46 16.63 -44.85
CA TRP A 463 -120.16 17.36 -46.07
C TRP A 463 -121.08 18.56 -46.23
N ASP A 464 -122.33 18.46 -45.75
CA ASP A 464 -123.21 19.62 -45.76
C ASP A 464 -122.66 20.74 -44.88
N SER A 465 -122.21 20.39 -43.67
CA SER A 465 -121.65 21.39 -42.77
C SER A 465 -120.36 21.98 -43.32
N MET A 466 -119.60 21.20 -44.09
CA MET A 466 -118.37 21.72 -44.67
C MET A 466 -118.65 22.62 -45.88
N ALA A 467 -119.65 22.26 -46.69
CA ALA A 467 -120.01 23.07 -47.84
C ALA A 467 -120.71 24.36 -47.42
N SER A 468 -121.31 24.38 -46.23
CA SER A 468 -121.85 25.63 -45.72
C SER A 468 -120.77 26.66 -45.37
N ILE A 469 -119.50 26.25 -45.35
CA ILE A 469 -118.39 27.14 -45.08
C ILE A 469 -117.51 27.34 -46.31
N GLY A 470 -117.34 26.29 -47.11
CA GLY A 470 -116.54 26.41 -48.32
C GLY A 470 -117.29 27.07 -49.46
N GLY A 471 -117.13 28.38 -49.62
CA GLY A 471 -117.89 29.12 -50.60
C GLY A 471 -117.05 29.91 -51.57
N GLY A 472 -115.78 29.57 -51.69
CA GLY A 472 -114.92 30.17 -52.69
C GLY A 472 -114.83 29.28 -53.92
N GLY A 473 -115.89 28.55 -54.21
CA GLY A 473 -115.86 27.56 -55.27
C GLY A 473 -115.37 26.22 -54.75
N VAL A 474 -115.73 25.88 -53.52
CA VAL A 474 -115.21 24.71 -52.83
C VAL A 474 -116.36 23.74 -52.63
N ASP A 475 -116.41 22.70 -53.45
CA ASP A 475 -117.38 21.61 -53.31
C ASP A 475 -116.73 20.50 -52.50
N VAL A 476 -116.84 20.60 -51.16
CA VAL A 476 -116.25 19.59 -50.29
C VAL A 476 -116.90 18.23 -50.51
N LYS A 477 -118.16 18.22 -50.96
CA LYS A 477 -118.95 17.00 -51.00
C LYS A 477 -118.38 15.98 -51.98
N THR A 478 -118.11 16.38 -53.21
CA THR A 478 -117.61 15.44 -54.21
C THR A 478 -116.24 14.90 -53.84
N MET A 479 -115.33 15.78 -53.41
CA MET A 479 -113.98 15.35 -53.01
C MET A 479 -114.05 14.33 -51.87
N MET A 480 -114.77 14.68 -50.81
CA MET A 480 -114.82 13.78 -49.67
C MET A 480 -115.62 12.52 -49.97
N ASN A 481 -116.52 12.56 -50.95
CA ASN A 481 -117.14 11.33 -51.41
C ASN A 481 -116.14 10.43 -52.11
N THR A 482 -115.29 11.01 -52.94
CA THR A 482 -114.21 10.23 -53.56
C THR A 482 -113.28 9.65 -52.51
N TRP A 483 -113.12 10.34 -51.38
CA TRP A 483 -112.20 9.84 -50.36
C TRP A 483 -112.83 8.85 -49.38
N THR A 484 -114.15 8.91 -49.16
CA THR A 484 -114.79 8.07 -48.17
C THR A 484 -115.63 6.93 -48.76
N LEU A 485 -115.95 6.96 -50.05
CA LEU A 485 -116.86 5.98 -50.63
C LEU A 485 -116.18 4.94 -51.50
N GLN A 486 -114.85 4.96 -51.61
CA GLN A 486 -114.12 3.93 -52.33
C GLN A 486 -112.86 3.57 -51.57
N LYS A 487 -112.47 2.30 -51.66
CA LYS A 487 -111.32 1.80 -50.93
C LYS A 487 -110.02 2.33 -51.53
N GLY A 488 -108.93 2.10 -50.82
CA GLY A 488 -107.62 2.42 -51.34
C GLY A 488 -107.30 3.91 -51.30
N PHE A 489 -106.16 4.23 -51.91
CA PHE A 489 -105.63 5.58 -51.98
C PHE A 489 -104.83 5.71 -53.26
N PRO A 490 -104.61 6.93 -53.74
CA PRO A 490 -103.95 7.11 -55.04
C PRO A 490 -102.43 7.23 -55.02
N LEU A 491 -101.85 6.72 -56.10
CA LEU A 491 -100.48 6.99 -56.49
C LEU A 491 -100.45 8.10 -57.53
N ILE A 492 -99.65 9.13 -57.26
CA ILE A 492 -99.50 10.29 -58.13
C ILE A 492 -98.11 10.23 -58.76
N THR A 493 -98.05 10.00 -60.07
CA THR A 493 -96.80 10.01 -60.82
C THR A 493 -96.55 11.41 -61.37
N ILE A 494 -95.32 11.90 -61.20
CA ILE A 494 -94.92 13.26 -61.54
C ILE A 494 -93.80 13.20 -62.59
N THR A 495 -94.05 13.80 -63.76
CA THR A 495 -93.05 13.90 -64.82
C THR A 495 -92.73 15.36 -65.08
N VAL A 496 -91.44 15.68 -65.23
CA VAL A 496 -90.99 17.06 -65.43
C VAL A 496 -90.27 17.17 -66.76
N ARG A 497 -90.72 18.13 -67.58
CA ARG A 497 -90.10 18.46 -68.87
C ARG A 497 -89.76 19.95 -68.83
N GLY A 498 -88.66 20.29 -68.18
CA GLY A 498 -88.25 21.66 -68.00
C GLY A 498 -89.11 22.44 -67.01
N ARG A 499 -90.06 23.22 -67.51
CA ARG A 499 -90.94 24.02 -66.66
C ARG A 499 -92.33 23.44 -66.55
N ASN A 500 -92.58 22.31 -67.21
CA ASN A 500 -93.88 21.65 -67.18
C ASN A 500 -93.87 20.53 -66.16
N VAL A 501 -94.92 20.45 -65.35
CA VAL A 501 -95.06 19.41 -64.34
C VAL A 501 -96.34 18.67 -64.67
N HIS A 502 -96.20 17.43 -65.14
CA HIS A 502 -97.32 16.56 -65.47
C HIS A 502 -97.61 15.67 -64.27
N MET A 503 -98.88 15.58 -63.91
CA MET A 503 -99.34 14.79 -62.77
C MET A 503 -100.37 13.80 -63.25
N LYS A 504 -100.21 12.53 -62.86
CA LYS A 504 -101.19 11.50 -63.18
C LYS A 504 -101.55 10.74 -61.92
N GLN A 505 -102.83 10.45 -61.75
CA GLN A 505 -103.31 9.71 -60.59
C GLN A 505 -103.84 8.35 -61.01
N GLU A 506 -103.57 7.34 -60.18
CA GLU A 506 -104.13 6.02 -60.39
C GLU A 506 -104.31 5.36 -59.02
N HIS A 507 -105.03 4.25 -59.00
CA HIS A 507 -105.26 3.53 -57.76
C HIS A 507 -104.04 2.68 -57.43
N TYR A 508 -103.43 2.97 -56.29
CA TYR A 508 -102.32 2.15 -55.79
C TYR A 508 -102.88 0.86 -55.20
N MET A 509 -102.51 -0.27 -55.78
CA MET A 509 -102.98 -1.56 -55.31
C MET A 509 -101.88 -2.60 -55.41
N LYS A 510 -101.54 -3.23 -54.28
CA LYS A 510 -100.55 -4.29 -54.25
C LYS A 510 -101.10 -5.48 -55.04
N GLY A 511 -100.49 -5.77 -56.18
CA GLY A 511 -100.99 -6.78 -57.10
C GLY A 511 -101.22 -8.15 -56.49
N ASP A 517 -106.05 -1.05 -61.88
CA ASP A 517 -106.79 -1.90 -62.82
C ASP A 517 -108.27 -1.96 -62.47
N THR A 518 -108.73 -0.93 -61.75
CA THR A 518 -110.12 -0.84 -61.32
C THR A 518 -110.87 0.29 -62.01
N GLY A 519 -110.33 1.52 -61.95
CA GLY A 519 -111.01 2.68 -62.49
C GLY A 519 -111.54 3.59 -61.41
N TYR A 520 -110.72 3.83 -60.39
CA TYR A 520 -111.05 4.77 -59.32
C TYR A 520 -110.46 6.14 -59.64
N LEU A 521 -111.13 7.19 -59.15
CA LEU A 521 -110.65 8.55 -59.31
C LEU A 521 -110.93 9.35 -58.04
N TRP A 522 -109.94 10.11 -57.62
CA TRP A 522 -110.02 10.94 -56.43
C TRP A 522 -109.90 12.41 -56.82
N HIS A 523 -110.29 13.29 -55.90
CA HIS A 523 -109.97 14.72 -55.99
C HIS A 523 -108.83 14.96 -55.01
N VAL A 524 -107.60 14.83 -55.49
CA VAL A 524 -106.42 14.85 -54.63
C VAL A 524 -105.93 16.29 -54.53
N PRO A 525 -106.01 16.93 -53.36
CA PRO A 525 -105.43 18.27 -53.22
C PRO A 525 -103.92 18.20 -53.11
N LEU A 526 -103.24 18.25 -54.25
CA LEU A 526 -101.79 18.09 -54.25
C LEU A 526 -101.11 19.35 -53.72
N THR A 527 -99.98 19.13 -53.05
CA THR A 527 -99.13 20.21 -52.58
C THR A 527 -97.69 19.85 -52.89
N PHE A 528 -96.90 20.85 -53.26
CA PHE A 528 -95.52 20.61 -53.65
C PHE A 528 -94.67 21.84 -53.35
N ILE A 529 -93.37 21.60 -53.23
CA ILE A 529 -92.36 22.65 -53.16
C ILE A 529 -91.29 22.32 -54.18
N THR A 530 -90.42 23.29 -54.45
CA THR A 530 -89.36 23.13 -55.42
C THR A 530 -88.01 23.43 -54.77
N SER A 531 -86.94 23.24 -55.55
CA SER A 531 -85.60 23.56 -55.08
C SER A 531 -85.35 25.05 -55.00
N LYS A 532 -86.18 25.85 -55.66
CA LYS A 532 -86.00 27.30 -55.67
C LYS A 532 -86.81 28.02 -54.60
N SER A 533 -87.64 27.30 -53.84
CA SER A 533 -88.57 27.97 -52.94
C SER A 533 -89.05 26.99 -51.88
N ASP A 534 -88.94 27.40 -50.62
CA ASP A 534 -89.58 26.67 -49.52
C ASP A 534 -91.06 26.98 -49.42
N MET A 535 -91.59 27.85 -50.28
CA MET A 535 -92.99 28.20 -50.26
C MET A 535 -93.82 27.10 -50.90
N VAL A 536 -94.96 26.79 -50.29
CA VAL A 536 -95.81 25.69 -50.71
C VAL A 536 -96.78 26.18 -51.78
N HIS A 537 -96.70 25.57 -52.97
CA HIS A 537 -97.66 25.80 -54.04
C HIS A 537 -98.64 24.64 -54.12
N ARG A 538 -99.88 24.95 -54.50
CA ARG A 538 -100.98 23.99 -54.48
C ARG A 538 -101.58 23.81 -55.86
N PHE A 539 -102.30 22.69 -56.03
CA PHE A 539 -103.02 22.38 -57.26
C PHE A 539 -104.02 21.28 -56.97
N LEU A 540 -105.26 21.45 -57.41
CA LEU A 540 -106.33 20.47 -57.15
C LEU A 540 -106.51 19.62 -58.39
N LEU A 541 -106.01 18.39 -58.33
CA LEU A 541 -106.10 17.43 -59.42
C LEU A 541 -107.43 16.70 -59.33
N LYS A 542 -108.38 17.05 -60.21
CA LYS A 542 -109.71 16.45 -60.21
C LYS A 542 -109.92 15.43 -61.33
N THR A 543 -108.98 15.31 -62.25
CA THR A 543 -109.09 14.41 -63.39
C THR A 543 -107.97 13.38 -63.32
N LYS A 544 -107.89 12.53 -64.35
CA LYS A 544 -106.87 11.48 -64.36
C LYS A 544 -105.47 12.08 -64.52
N THR A 545 -105.29 12.94 -65.52
CA THR A 545 -104.01 13.57 -65.76
C THR A 545 -104.20 15.07 -65.89
N ASP A 546 -103.15 15.82 -65.53
CA ASP A 546 -103.16 17.27 -65.69
C ASP A 546 -101.72 17.74 -65.73
N VAL A 547 -101.54 19.06 -65.90
CA VAL A 547 -100.22 19.64 -66.09
C VAL A 547 -100.25 21.09 -65.65
N LEU A 548 -99.18 21.53 -64.98
CA LEU A 548 -99.00 22.94 -64.62
C LEU A 548 -97.65 23.42 -65.16
N ILE A 549 -97.47 24.73 -65.15
CA ILE A 549 -96.31 25.38 -65.75
C ILE A 549 -95.54 26.11 -64.66
N LEU A 550 -94.31 25.68 -64.43
CA LEU A 550 -93.43 26.37 -63.50
C LEU A 550 -92.88 27.64 -64.14
N PRO A 551 -92.48 28.62 -63.33
CA PRO A 551 -91.84 29.82 -63.88
C PRO A 551 -90.37 29.65 -64.16
N GLU A 552 -89.79 28.49 -63.82
CA GLU A 552 -88.36 28.27 -63.87
C GLU A 552 -88.08 26.79 -63.66
N GLU A 553 -87.06 26.28 -64.34
CA GLU A 553 -86.64 24.90 -64.15
C GLU A 553 -86.13 24.71 -62.71
N VAL A 554 -86.35 23.50 -62.18
CA VAL A 554 -86.03 23.20 -60.80
C VAL A 554 -85.14 21.97 -60.73
N GLU A 555 -84.27 21.94 -59.71
CA GLU A 555 -83.42 20.77 -59.48
C GLU A 555 -84.25 19.58 -59.03
N TRP A 556 -85.13 19.79 -58.06
CA TRP A 556 -85.99 18.72 -57.56
C TRP A 556 -87.31 19.34 -57.16
N ILE A 557 -88.31 18.48 -57.05
CA ILE A 557 -89.65 18.89 -56.66
C ILE A 557 -90.18 17.80 -55.74
N LYS A 558 -90.88 18.21 -54.68
CA LYS A 558 -91.35 17.27 -53.68
C LYS A 558 -92.84 17.49 -53.49
N PHE A 559 -93.63 16.48 -53.83
CA PHE A 559 -95.07 16.58 -53.65
C PHE A 559 -95.45 16.01 -52.28
N ASN A 560 -96.70 16.28 -51.89
CA ASN A 560 -97.23 15.86 -50.59
C ASN A 560 -96.34 16.39 -49.47
N VAL A 561 -96.34 17.72 -49.36
CA VAL A 561 -95.45 18.39 -48.42
C VAL A 561 -95.93 18.14 -47.00
N GLY A 562 -95.02 17.64 -46.15
CA GLY A 562 -95.34 17.43 -44.76
C GLY A 562 -96.30 16.29 -44.49
N MET A 563 -96.50 15.40 -45.47
CA MET A 563 -97.40 14.25 -45.32
C MET A 563 -98.80 14.66 -44.87
N ASN A 564 -99.28 15.78 -45.41
CA ASN A 564 -100.62 16.25 -45.12
C ASN A 564 -101.65 15.72 -46.12
N GLY A 565 -101.25 14.84 -47.02
CA GLY A 565 -102.17 14.25 -47.98
C GLY A 565 -102.11 12.75 -47.94
N TYR A 566 -103.30 12.13 -48.12
CA TYR A 566 -103.43 10.67 -48.03
C TYR A 566 -103.25 10.06 -49.41
N TYR A 567 -102.02 10.14 -49.90
CA TYR A 567 -101.64 9.53 -51.17
C TYR A 567 -100.14 9.30 -51.15
N ILE A 568 -99.64 8.61 -52.18
CA ILE A 568 -98.19 8.46 -52.32
C ILE A 568 -97.77 9.01 -53.68
N VAL A 569 -96.49 9.37 -53.77
CA VAL A 569 -95.95 10.10 -54.91
C VAL A 569 -94.77 9.34 -55.49
N HIS A 570 -94.79 9.19 -56.81
CA HIS A 570 -93.70 8.61 -57.59
C HIS A 570 -93.18 9.64 -58.57
N TYR A 571 -91.87 9.63 -58.82
CA TYR A 571 -91.21 10.61 -59.67
C TYR A 571 -90.58 9.90 -60.86
N GLU A 572 -90.92 10.34 -62.06
CA GLU A 572 -90.39 9.71 -63.27
C GLU A 572 -89.00 10.24 -63.60
N ASP A 573 -88.32 9.50 -64.47
CA ASP A 573 -86.99 9.84 -65.00
C ASP A 573 -86.01 9.82 -63.82
N ASP A 574 -85.09 10.77 -63.75
CA ASP A 574 -84.09 10.80 -62.69
C ASP A 574 -84.61 11.48 -61.43
N GLY A 575 -85.92 11.47 -61.20
CA GLY A 575 -86.47 12.14 -60.03
C GLY A 575 -86.02 11.52 -58.72
N TRP A 576 -86.09 10.19 -58.64
CA TRP A 576 -85.65 9.52 -57.42
C TRP A 576 -84.14 9.66 -57.23
N ASP A 577 -83.37 9.68 -58.31
CA ASP A 577 -81.94 9.93 -58.20
C ASP A 577 -81.67 11.33 -57.65
N SER A 578 -82.42 12.32 -58.13
CA SER A 578 -82.26 13.69 -57.64
C SER A 578 -82.61 13.78 -56.16
N LEU A 579 -83.69 13.14 -55.75
CA LEU A 579 -84.06 13.17 -54.33
C LEU A 579 -83.06 12.41 -53.48
N THR A 580 -82.51 11.32 -54.00
CA THR A 580 -81.45 10.60 -53.29
C THR A 580 -80.23 11.48 -53.09
N GLY A 581 -79.84 12.21 -54.13
CA GLY A 581 -78.75 13.15 -53.99
C GLY A 581 -79.05 14.24 -52.97
N LEU A 582 -80.28 14.75 -52.97
CA LEU A 582 -80.67 15.74 -51.97
C LEU A 582 -80.53 15.19 -50.56
N LEU A 583 -81.06 13.99 -50.32
CA LEU A 583 -81.01 13.41 -48.98
C LEU A 583 -79.58 13.13 -48.53
N LYS A 584 -78.76 12.58 -49.43
CA LYS A 584 -77.39 12.26 -49.08
C LYS A 584 -76.51 13.51 -48.95
N GLY A 585 -76.89 14.62 -49.58
CA GLY A 585 -76.12 15.84 -49.47
C GLY A 585 -76.51 16.67 -48.28
N THR A 586 -77.74 17.23 -48.32
CA THR A 586 -78.25 18.08 -47.23
C THR A 586 -79.69 17.66 -46.99
N HIS A 587 -79.87 16.62 -46.17
CA HIS A 587 -81.20 16.12 -45.86
C HIS A 587 -82.08 17.18 -45.20
N THR A 588 -81.46 18.20 -44.59
CA THR A 588 -82.21 19.29 -43.96
C THR A 588 -82.85 20.24 -44.96
N ALA A 589 -82.68 20.02 -46.26
CA ALA A 589 -83.33 20.87 -47.25
C ALA A 589 -84.84 20.67 -47.27
N VAL A 590 -85.31 19.53 -46.78
CA VAL A 590 -86.73 19.25 -46.63
C VAL A 590 -87.01 18.90 -45.18
N SER A 591 -88.29 18.80 -44.85
CA SER A 591 -88.70 18.60 -43.48
C SER A 591 -88.55 17.13 -43.08
N SER A 592 -88.66 16.90 -41.76
CA SER A 592 -88.58 15.54 -41.23
C SER A 592 -89.68 14.66 -41.82
N ASN A 593 -90.92 15.17 -41.82
CA ASN A 593 -92.03 14.43 -42.41
C ASN A 593 -91.82 14.20 -43.90
N ASP A 594 -91.18 15.14 -44.59
CA ASP A 594 -90.90 14.94 -46.02
C ASP A 594 -89.89 13.82 -46.24
N ARG A 595 -88.84 13.77 -45.44
CA ARG A 595 -87.88 12.67 -45.54
C ARG A 595 -88.55 11.33 -45.25
N ALA A 596 -89.37 11.28 -44.20
CA ALA A 596 -90.07 10.04 -43.87
C ALA A 596 -90.99 9.61 -45.00
N SER A 597 -91.73 10.56 -45.58
CA SER A 597 -92.61 10.23 -46.70
C SER A 597 -91.82 9.75 -47.89
N LEU A 598 -90.64 10.33 -48.14
CA LEU A 598 -89.81 9.86 -49.24
C LEU A 598 -89.41 8.40 -49.03
N ILE A 599 -88.96 8.06 -47.83
CA ILE A 599 -88.57 6.67 -47.55
C ILE A 599 -89.75 5.73 -47.76
N ASN A 600 -90.88 6.03 -47.11
CA ASN A 600 -92.05 5.15 -47.18
C ASN A 600 -92.53 4.99 -48.62
N ASN A 601 -92.59 6.09 -49.37
CA ASN A 601 -93.05 6.03 -50.75
C ASN A 601 -92.10 5.21 -51.60
N ALA A 602 -90.79 5.37 -51.40
CA ALA A 602 -89.83 4.58 -52.16
C ALA A 602 -90.05 3.10 -51.94
N PHE A 603 -90.22 2.67 -50.69
CA PHE A 603 -90.35 1.23 -50.46
C PHE A 603 -91.72 0.70 -50.91
N GLN A 604 -92.78 1.48 -50.72
CA GLN A 604 -94.08 1.04 -51.22
C GLN A 604 -94.12 0.99 -52.74
N LEU A 605 -93.34 1.84 -53.41
CA LEU A 605 -93.24 1.77 -54.86
C LEU A 605 -92.40 0.58 -55.30
N VAL A 606 -91.40 0.20 -54.51
CA VAL A 606 -90.71 -1.06 -54.75
C VAL A 606 -91.70 -2.21 -54.70
N SER A 607 -92.68 -2.12 -53.79
CA SER A 607 -93.66 -3.20 -53.66
C SER A 607 -94.51 -3.40 -54.91
N ILE A 608 -94.57 -2.43 -55.82
CA ILE A 608 -95.37 -2.55 -57.04
C ILE A 608 -94.54 -2.41 -58.31
N GLY A 609 -93.23 -2.16 -58.19
CA GLY A 609 -92.35 -2.15 -59.34
C GLY A 609 -92.07 -0.79 -59.94
N LYS A 610 -92.61 0.28 -59.38
CA LYS A 610 -92.27 1.62 -59.87
C LYS A 610 -90.88 2.05 -59.44
N LEU A 611 -90.21 1.27 -58.59
CA LEU A 611 -88.87 1.57 -58.12
C LEU A 611 -88.20 0.26 -57.73
N SER A 612 -86.90 0.16 -58.01
CA SER A 612 -86.18 -1.07 -57.71
C SER A 612 -85.76 -1.11 -56.24
N ILE A 613 -85.71 -2.32 -55.69
CA ILE A 613 -85.31 -2.50 -54.30
C ILE A 613 -83.89 -1.98 -54.09
N GLU A 614 -83.04 -2.11 -55.12
CA GLU A 614 -81.67 -1.61 -55.02
C GLU A 614 -81.66 -0.09 -54.88
N LYS A 615 -82.44 0.62 -55.70
CA LYS A 615 -82.50 2.07 -55.58
C LYS A 615 -83.13 2.51 -54.26
N ALA A 616 -84.12 1.75 -53.77
CA ALA A 616 -84.70 2.06 -52.47
C ALA A 616 -83.65 1.97 -51.37
N LEU A 617 -82.83 0.92 -51.39
CA LEU A 617 -81.79 0.79 -50.36
C LEU A 617 -80.69 1.85 -50.55
N ASP A 618 -80.38 2.21 -51.80
CA ASP A 618 -79.47 3.34 -52.03
C ASP A 618 -79.99 4.60 -51.36
N LEU A 619 -81.31 4.85 -51.48
CA LEU A 619 -81.89 5.98 -50.76
C LEU A 619 -81.78 5.79 -49.25
N SER A 620 -81.96 4.55 -48.78
CA SER A 620 -81.89 4.28 -47.34
C SER A 620 -80.52 4.58 -46.78
N LEU A 621 -79.47 4.46 -47.60
CA LEU A 621 -78.11 4.71 -47.12
C LEU A 621 -77.92 6.08 -46.50
N TYR A 622 -78.82 7.04 -46.78
CA TYR A 622 -78.65 8.38 -46.23
C TYR A 622 -78.88 8.44 -44.72
N LEU A 623 -79.50 7.42 -44.13
CA LEU A 623 -79.76 7.42 -42.70
C LEU A 623 -78.49 7.37 -41.86
N LYS A 624 -77.32 7.17 -42.49
CA LYS A 624 -76.06 7.20 -41.74
C LYS A 624 -75.83 8.55 -41.08
N HIS A 625 -76.42 9.61 -41.64
CA HIS A 625 -76.32 10.95 -41.05
C HIS A 625 -77.68 11.50 -40.63
N GLU A 626 -78.72 10.67 -40.60
CA GLU A 626 -80.02 11.12 -40.17
C GLU A 626 -80.09 11.17 -38.64
N THR A 627 -80.80 12.17 -38.12
CA THR A 627 -80.86 12.39 -36.68
C THR A 627 -82.25 12.62 -36.13
N GLU A 628 -83.29 12.68 -36.96
CA GLU A 628 -84.63 13.03 -36.52
C GLU A 628 -85.48 11.79 -36.27
N ILE A 629 -86.39 11.91 -35.30
CA ILE A 629 -87.11 10.74 -34.79
C ILE A 629 -88.03 10.16 -35.86
N MET A 630 -88.75 11.01 -36.59
CA MET A 630 -89.71 10.52 -37.57
C MET A 630 -89.03 9.80 -38.74
N PRO A 631 -88.03 10.36 -39.41
CA PRO A 631 -87.41 9.60 -40.51
C PRO A 631 -86.68 8.35 -40.04
N VAL A 632 -86.02 8.40 -38.88
CA VAL A 632 -85.33 7.21 -38.36
C VAL A 632 -86.33 6.10 -38.06
N PHE A 633 -87.42 6.45 -37.36
CA PHE A 633 -88.44 5.46 -37.04
C PHE A 633 -89.10 4.92 -38.30
N GLN A 634 -89.29 5.77 -39.31
CA GLN A 634 -89.89 5.29 -40.55
C GLN A 634 -88.95 4.34 -41.30
N GLY A 635 -87.66 4.66 -41.32
CA GLY A 635 -86.70 3.75 -41.91
C GLY A 635 -86.68 2.41 -41.21
N LEU A 636 -86.75 2.42 -39.87
CA LEU A 636 -86.81 1.16 -39.13
C LEU A 636 -88.10 0.40 -39.42
N ASN A 637 -89.24 1.10 -39.46
CA ASN A 637 -90.51 0.45 -39.73
C ASN A 637 -90.58 -0.11 -41.15
N GLU A 638 -89.80 0.45 -42.08
CA GLU A 638 -89.78 -0.06 -43.44
C GLU A 638 -88.71 -1.12 -43.67
N LEU A 639 -87.70 -1.19 -42.81
CA LEU A 639 -86.62 -2.16 -42.97
C LEU A 639 -86.78 -3.42 -42.13
N ILE A 640 -87.36 -3.31 -40.92
CA ILE A 640 -87.47 -4.47 -40.04
C ILE A 640 -88.29 -5.61 -40.64
N PRO A 641 -89.45 -5.38 -41.26
CA PRO A 641 -90.23 -6.51 -41.80
C PRO A 641 -89.47 -7.38 -42.80
N MET A 642 -88.42 -6.87 -43.44
CA MET A 642 -87.66 -7.69 -44.38
C MET A 642 -86.92 -8.81 -43.65
N TYR A 643 -86.11 -8.47 -42.65
CA TYR A 643 -85.44 -9.53 -41.91
C TYR A 643 -86.43 -10.31 -41.04
N LYS A 644 -87.59 -9.73 -40.72
CA LYS A 644 -88.63 -10.53 -40.08
C LYS A 644 -89.15 -11.63 -41.00
N LEU A 645 -89.33 -11.31 -42.29
CA LEU A 645 -89.68 -12.33 -43.27
C LEU A 645 -88.56 -13.35 -43.42
N MET A 646 -87.31 -12.89 -43.40
CA MET A 646 -86.19 -13.81 -43.56
C MET A 646 -86.03 -14.77 -42.39
N GLU A 647 -86.33 -14.32 -41.16
CA GLU A 647 -86.18 -15.20 -40.01
C GLU A 647 -87.07 -16.42 -40.10
N LYS A 648 -88.22 -16.31 -40.79
CA LYS A 648 -89.15 -17.41 -40.90
C LYS A 648 -88.71 -18.46 -41.93
N ARG A 649 -87.56 -18.27 -42.56
CA ARG A 649 -87.06 -19.14 -43.62
C ARG A 649 -85.62 -19.51 -43.33
N ASP A 650 -85.04 -20.30 -44.23
CA ASP A 650 -83.62 -20.67 -44.17
C ASP A 650 -82.82 -19.64 -44.96
N MET A 651 -82.48 -18.55 -44.30
CA MET A 651 -81.81 -17.41 -44.95
C MET A 651 -80.84 -16.76 -43.97
N ASN A 652 -80.05 -17.57 -43.27
CA ASN A 652 -79.23 -17.06 -42.18
C ASN A 652 -78.15 -16.12 -42.67
N GLU A 653 -77.45 -16.47 -43.75
CA GLU A 653 -76.36 -15.63 -44.24
C GLU A 653 -76.87 -14.25 -44.64
N VAL A 654 -77.91 -14.21 -45.48
CA VAL A 654 -78.42 -12.94 -45.98
C VAL A 654 -79.07 -12.14 -44.86
N GLU A 655 -79.76 -12.83 -43.94
CA GLU A 655 -80.38 -12.15 -42.80
C GLU A 655 -79.33 -11.52 -41.89
N THR A 656 -78.24 -12.23 -41.62
CA THR A 656 -77.17 -11.68 -40.80
C THR A 656 -76.50 -10.51 -41.49
N GLN A 657 -76.26 -10.63 -42.80
CA GLN A 657 -75.74 -9.50 -43.55
C GLN A 657 -76.66 -8.29 -43.43
N PHE A 658 -77.98 -8.52 -43.51
CA PHE A 658 -78.94 -7.43 -43.44
C PHE A 658 -78.94 -6.78 -42.06
N LYS A 659 -78.93 -7.59 -41.00
CA LYS A 659 -78.91 -7.03 -39.65
C LYS A 659 -77.63 -6.24 -39.40
N ALA A 660 -76.49 -6.76 -39.86
CA ALA A 660 -75.23 -6.03 -39.71
C ALA A 660 -75.27 -4.71 -40.47
N PHE A 661 -75.82 -4.72 -41.68
CA PHE A 661 -75.96 -3.49 -42.45
C PHE A 661 -76.87 -2.50 -41.73
N LEU A 662 -77.99 -2.97 -41.19
CA LEU A 662 -78.90 -2.09 -40.46
C LEU A 662 -78.22 -1.46 -39.26
N ILE A 663 -77.47 -2.25 -38.49
CA ILE A 663 -76.79 -1.72 -37.31
C ILE A 663 -75.71 -0.72 -37.73
N ARG A 664 -74.95 -1.04 -38.78
CA ARG A 664 -73.92 -0.13 -39.27
C ARG A 664 -74.51 1.16 -39.82
N LEU A 665 -75.76 1.14 -40.27
CA LEU A 665 -76.40 2.35 -40.75
C LEU A 665 -76.60 3.37 -39.63
N LEU A 666 -76.99 2.91 -38.45
CA LEU A 666 -77.28 3.79 -37.32
C LEU A 666 -76.23 3.74 -36.23
N ARG A 667 -75.06 3.13 -36.49
CA ARG A 667 -74.05 2.96 -35.45
C ARG A 667 -73.59 4.31 -34.89
N ASP A 668 -73.42 5.31 -35.74
CA ASP A 668 -73.00 6.62 -35.26
C ASP A 668 -74.01 7.21 -34.30
N LEU A 669 -75.30 7.18 -34.68
CA LEU A 669 -76.34 7.71 -33.80
C LEU A 669 -76.47 6.88 -32.53
N ILE A 670 -76.36 5.55 -32.66
CA ILE A 670 -76.44 4.68 -31.49
C ILE A 670 -75.28 4.97 -30.54
N ASP A 671 -74.08 5.15 -31.07
CA ASP A 671 -72.94 5.49 -30.23
C ASP A 671 -73.11 6.85 -29.56
N LYS A 672 -73.67 7.81 -30.30
CA LYS A 672 -73.88 9.15 -29.73
C LYS A 672 -74.97 9.16 -28.67
N GLN A 673 -75.89 8.20 -28.71
CA GLN A 673 -76.93 8.16 -27.69
C GLN A 673 -76.32 7.93 -26.32
N THR A 674 -76.79 8.69 -25.34
CA THR A 674 -76.37 8.53 -23.95
C THR A 674 -77.27 7.52 -23.24
N TRP A 675 -76.91 7.19 -22.00
CA TRP A 675 -77.69 6.23 -21.23
C TRP A 675 -78.37 6.90 -20.04
N THR A 676 -79.22 7.89 -20.30
CA THR A 676 -79.88 8.66 -19.27
C THR A 676 -81.30 8.98 -19.72
N ASP A 677 -82.05 9.66 -18.85
CA ASP A 677 -83.40 10.11 -19.15
C ASP A 677 -83.44 11.58 -19.56
N GLU A 678 -82.40 12.05 -20.24
CA GLU A 678 -82.30 13.45 -20.62
C GLU A 678 -83.04 13.72 -21.92
N GLY A 679 -83.25 15.01 -22.21
CA GLY A 679 -83.82 15.42 -23.48
C GLY A 679 -85.33 15.50 -23.44
N SER A 680 -85.88 15.96 -24.57
CA SER A 680 -87.32 16.08 -24.72
C SER A 680 -87.96 14.69 -24.83
N VAL A 681 -89.29 14.66 -24.89
CA VAL A 681 -90.00 13.39 -25.04
C VAL A 681 -89.56 12.68 -26.32
N SER A 682 -89.43 13.46 -27.41
CA SER A 682 -88.98 12.91 -28.68
C SER A 682 -87.60 12.27 -28.56
N GLU A 683 -86.65 13.01 -27.97
CA GLU A 683 -85.28 12.49 -27.83
C GLU A 683 -85.26 11.27 -26.92
N ARG A 684 -86.09 11.25 -25.88
CA ARG A 684 -86.11 10.12 -24.95
C ARG A 684 -86.63 8.87 -25.64
N MET A 685 -87.71 8.99 -26.40
CA MET A 685 -88.23 7.83 -27.12
C MET A 685 -87.23 7.34 -28.17
N LEU A 686 -86.58 8.28 -28.87
CA LEU A 686 -85.54 7.91 -29.83
C LEU A 686 -84.40 7.15 -29.16
N ARG A 687 -83.92 7.65 -28.02
CA ARG A 687 -82.84 6.98 -27.30
C ARG A 687 -83.24 5.58 -26.86
N SER A 688 -84.45 5.45 -26.29
CA SER A 688 -84.89 4.15 -25.82
C SER A 688 -84.93 3.14 -26.96
N GLN A 689 -85.53 3.52 -28.09
CA GLN A 689 -85.63 2.58 -29.20
C GLN A 689 -84.27 2.25 -29.78
N LEU A 690 -83.36 3.24 -29.86
CA LEU A 690 -82.05 2.98 -30.43
C LEU A 690 -81.24 2.02 -29.56
N LEU A 691 -81.22 2.27 -28.25
CA LEU A 691 -80.49 1.38 -27.35
C LEU A 691 -81.09 -0.02 -27.38
N LEU A 692 -82.42 -0.13 -27.40
CA LEU A 692 -83.04 -1.45 -27.47
C LEU A 692 -82.66 -2.17 -28.75
N LEU A 693 -82.71 -1.48 -29.90
CA LEU A 693 -82.35 -2.11 -31.16
C LEU A 693 -80.91 -2.61 -31.16
N ALA A 694 -79.99 -1.77 -30.72
CA ALA A 694 -78.58 -2.16 -30.70
C ALA A 694 -78.36 -3.35 -29.76
N CYS A 695 -78.94 -3.31 -28.58
CA CYS A 695 -78.74 -4.41 -27.64
CA CYS A 695 -78.80 -4.40 -27.61
C CYS A 695 -79.42 -5.69 -28.12
N VAL A 696 -80.50 -5.59 -28.90
CA VAL A 696 -81.13 -6.80 -29.41
C VAL A 696 -80.31 -7.40 -30.54
N HIS A 697 -79.77 -6.57 -31.43
CA HIS A 697 -78.95 -7.06 -32.54
C HIS A 697 -77.48 -7.19 -32.17
N ASN A 698 -77.15 -7.13 -30.87
CA ASN A 698 -75.87 -7.59 -30.34
C ASN A 698 -74.74 -6.62 -30.66
N TYR A 699 -75.00 -5.34 -30.44
CA TYR A 699 -73.95 -4.33 -30.46
C TYR A 699 -73.17 -4.44 -29.15
N GLN A 700 -71.93 -4.96 -29.23
CA GLN A 700 -71.22 -5.35 -28.01
C GLN A 700 -71.04 -4.23 -26.99
N PRO A 701 -70.80 -2.97 -27.36
CA PRO A 701 -70.80 -1.91 -26.32
C PRO A 701 -72.12 -1.84 -25.57
N CYS A 702 -73.24 -1.80 -26.29
CA CYS A 702 -74.55 -1.79 -25.66
CA CYS A 702 -74.54 -1.77 -25.63
C CYS A 702 -74.75 -3.01 -24.78
N VAL A 703 -74.37 -4.18 -25.29
CA VAL A 703 -74.56 -5.43 -24.56
C VAL A 703 -73.76 -5.41 -23.26
N GLN A 704 -72.51 -4.95 -23.32
CA GLN A 704 -71.67 -4.91 -22.13
C GLN A 704 -72.24 -3.95 -21.09
N ARG A 705 -72.63 -2.74 -21.52
CA ARG A 705 -73.14 -1.77 -20.56
C ARG A 705 -74.47 -2.20 -19.98
N ALA A 706 -75.33 -2.81 -20.80
CA ALA A 706 -76.62 -3.27 -20.31
C ALA A 706 -76.46 -4.46 -19.37
N GLU A 707 -75.49 -5.33 -19.65
CA GLU A 707 -75.19 -6.43 -18.72
C GLU A 707 -74.69 -5.89 -17.39
N GLY A 708 -73.87 -4.84 -17.42
CA GLY A 708 -73.42 -4.22 -16.17
C GLY A 708 -74.56 -3.62 -15.38
N TYR A 709 -75.44 -2.88 -16.06
CA TYR A 709 -76.59 -2.29 -15.37
C TYR A 709 -77.49 -3.37 -14.79
N PHE A 710 -77.75 -4.44 -15.56
CA PHE A 710 -78.61 -5.50 -15.07
C PHE A 710 -77.97 -6.24 -13.90
N ARG A 711 -76.64 -6.40 -13.91
CA ARG A 711 -75.96 -7.02 -12.79
C ARG A 711 -76.11 -6.18 -11.52
N LYS A 712 -75.83 -4.88 -11.62
CA LYS A 712 -75.99 -4.00 -10.46
C LYS A 712 -77.43 -4.00 -9.96
N TRP A 713 -78.40 -4.00 -10.89
CA TRP A 713 -79.80 -3.96 -10.51
C TRP A 713 -80.23 -5.26 -9.82
N LYS A 714 -79.85 -6.40 -10.39
CA LYS A 714 -80.22 -7.69 -9.80
C LYS A 714 -79.58 -7.88 -8.43
N GLU A 715 -78.32 -7.43 -8.28
CA GLU A 715 -77.69 -7.50 -6.97
C GLU A 715 -78.30 -6.53 -5.99
N SER A 716 -78.88 -5.42 -6.48
CA SER A 716 -79.64 -4.52 -5.62
C SER A 716 -81.04 -5.01 -5.35
N ASN A 717 -81.47 -6.10 -6.00
CA ASN A 717 -82.78 -6.70 -5.77
C ASN A 717 -83.90 -5.77 -6.25
N GLY A 718 -83.71 -5.20 -7.44
CA GLY A 718 -84.65 -4.26 -8.00
C GLY A 718 -84.70 -2.91 -7.32
N ASN A 719 -83.96 -2.74 -6.21
CA ASN A 719 -84.05 -1.49 -5.46
C ASN A 719 -83.32 -0.35 -6.18
N LEU A 720 -82.29 -0.68 -6.96
CA LEU A 720 -81.57 0.35 -7.71
C LEU A 720 -82.49 0.93 -8.77
N SER A 721 -82.59 2.26 -8.79
CA SER A 721 -83.41 2.94 -9.78
C SER A 721 -82.64 3.05 -11.08
N LEU A 722 -83.18 2.46 -12.14
CA LEU A 722 -82.53 2.53 -13.44
C LEU A 722 -83.19 3.61 -14.30
N PRO A 723 -82.44 4.19 -15.23
CA PRO A 723 -83.06 5.14 -16.17
C PRO A 723 -84.17 4.48 -16.97
N VAL A 724 -85.35 5.10 -16.94
CA VAL A 724 -86.54 4.52 -17.55
C VAL A 724 -86.33 4.30 -19.05
N ASP A 725 -85.54 5.16 -19.69
CA ASP A 725 -85.32 5.03 -21.12
C ASP A 725 -84.47 3.80 -21.44
N VAL A 726 -83.41 3.57 -20.67
CA VAL A 726 -82.56 2.39 -20.86
C VAL A 726 -83.12 1.12 -20.23
N THR A 727 -84.21 1.23 -19.48
CA THR A 727 -84.79 0.06 -18.82
C THR A 727 -85.15 -1.03 -19.82
N LEU A 728 -85.72 -0.65 -20.97
CA LEU A 728 -86.09 -1.63 -21.99
C LEU A 728 -84.88 -2.45 -22.42
N ALA A 729 -83.79 -1.77 -22.80
CA ALA A 729 -82.59 -2.48 -23.25
C ALA A 729 -81.99 -3.32 -22.14
N VAL A 730 -81.96 -2.79 -20.92
CA VAL A 730 -81.36 -3.54 -19.81
C VAL A 730 -82.12 -4.82 -19.54
N PHE A 731 -83.46 -4.73 -19.51
CA PHE A 731 -84.27 -5.94 -19.29
C PHE A 731 -84.14 -6.91 -20.46
N ALA A 732 -84.16 -6.40 -21.69
CA ALA A 732 -84.05 -7.27 -22.86
C ALA A 732 -82.73 -8.01 -22.88
N VAL A 733 -81.64 -7.38 -22.42
CA VAL A 733 -80.36 -8.06 -22.37
C VAL A 733 -80.34 -9.08 -21.23
N GLY A 734 -80.79 -8.66 -20.04
CA GLY A 734 -80.73 -9.54 -18.89
C GLY A 734 -81.61 -10.76 -18.99
N ALA A 735 -82.69 -10.66 -19.77
CA ALA A 735 -83.64 -11.77 -19.90
C ALA A 735 -83.15 -12.88 -20.84
N GLN A 736 -81.92 -12.79 -21.34
CA GLN A 736 -81.42 -13.83 -22.23
C GLN A 736 -81.00 -15.08 -21.46
N SER A 737 -80.52 -14.91 -20.24
CA SER A 737 -80.14 -16.02 -19.39
C SER A 737 -81.30 -16.46 -18.51
N THR A 738 -81.29 -17.73 -18.10
CA THR A 738 -82.37 -18.27 -17.29
C THR A 738 -82.47 -17.58 -15.94
N GLU A 739 -81.33 -17.29 -15.31
CA GLU A 739 -81.34 -16.65 -13.99
C GLU A 739 -82.01 -15.29 -14.04
N GLY A 740 -81.55 -14.42 -14.95
CA GLY A 740 -82.15 -13.10 -15.07
C GLY A 740 -83.59 -13.15 -15.51
N TRP A 741 -83.95 -14.11 -16.36
CA TRP A 741 -85.33 -14.30 -16.77
C TRP A 741 -86.23 -14.58 -15.56
N ASP A 742 -85.83 -15.55 -14.74
CA ASP A 742 -86.63 -15.90 -13.57
C ASP A 742 -86.67 -14.76 -12.56
N PHE A 743 -85.57 -14.01 -12.43
CA PHE A 743 -85.55 -12.86 -11.53
C PHE A 743 -86.53 -11.79 -12.00
N LEU A 744 -86.50 -11.47 -13.29
CA LEU A 744 -87.44 -10.51 -13.85
C LEU A 744 -88.87 -10.93 -13.61
N TYR A 745 -89.19 -12.21 -13.86
CA TYR A 745 -90.56 -12.65 -13.61
C TYR A 745 -90.91 -12.56 -12.12
N SER A 746 -89.95 -12.82 -11.24
CA SER A 746 -90.22 -12.70 -9.81
C SER A 746 -90.60 -11.27 -9.46
N LYS A 747 -89.98 -10.29 -10.12
CA LYS A 747 -90.33 -8.90 -9.86
C LYS A 747 -91.65 -8.51 -10.54
N TYR A 748 -92.00 -9.19 -11.63
CA TYR A 748 -93.21 -8.85 -12.38
C TYR A 748 -94.45 -8.90 -11.51
N GLN A 749 -94.59 -9.93 -10.66
CA GLN A 749 -95.83 -10.10 -9.89
C GLN A 749 -96.12 -8.90 -9.00
N PHE A 750 -95.09 -8.39 -8.31
CA PHE A 750 -95.27 -7.36 -7.31
C PHE A 750 -95.07 -5.95 -7.85
N SER A 751 -94.51 -5.78 -9.05
CA SER A 751 -94.39 -4.43 -9.59
C SER A 751 -95.77 -3.80 -9.76
N LEU A 752 -95.82 -2.47 -9.60
CA LEU A 752 -97.06 -1.72 -9.74
C LEU A 752 -96.99 -0.67 -10.84
N SER A 753 -95.86 -0.56 -11.53
CA SER A 753 -95.75 0.35 -12.66
C SER A 753 -96.12 -0.39 -13.93
N SER A 754 -97.05 0.18 -14.70
CA SER A 754 -97.51 -0.49 -15.92
C SER A 754 -96.44 -0.48 -16.99
N THR A 755 -95.65 0.60 -17.07
CA THR A 755 -94.53 0.64 -18.00
C THR A 755 -93.50 -0.41 -17.63
N GLU A 756 -93.20 -0.56 -16.33
CA GLU A 756 -92.28 -1.60 -15.89
C GLU A 756 -92.82 -2.98 -16.24
N LYS A 757 -94.12 -3.19 -16.08
CA LYS A 757 -94.73 -4.47 -16.45
C LYS A 757 -94.57 -4.74 -17.94
N SER A 758 -94.85 -3.74 -18.78
CA SER A 758 -94.74 -3.95 -20.23
C SER A 758 -93.30 -4.21 -20.64
N GLN A 759 -92.33 -3.52 -20.03
CA GLN A 759 -90.93 -3.75 -20.36
C GLN A 759 -90.49 -5.15 -19.91
N ILE A 760 -90.98 -5.60 -18.75
CA ILE A 760 -90.71 -6.96 -18.30
C ILE A 760 -91.30 -7.98 -19.26
N GLU A 761 -92.52 -7.71 -19.74
CA GLU A 761 -93.15 -8.61 -20.72
C GLU A 761 -92.32 -8.71 -21.99
N PHE A 762 -91.86 -7.57 -22.50
CA PHE A 762 -91.05 -7.58 -23.71
C PHE A 762 -89.75 -8.36 -23.49
N ALA A 763 -89.10 -8.14 -22.34
CA ALA A 763 -87.87 -8.86 -22.03
C ALA A 763 -88.12 -10.36 -21.97
N LEU A 764 -89.18 -10.78 -21.28
CA LEU A 764 -89.46 -12.21 -21.14
C LEU A 764 -89.84 -12.84 -22.46
N CYS A 765 -90.51 -12.08 -23.35
CA CYS A 765 -90.83 -12.63 -24.66
C CYS A 765 -89.61 -12.70 -25.55
N ARG A 766 -88.61 -11.86 -25.30
CA ARG A 766 -87.35 -11.91 -26.04
C ARG A 766 -86.49 -13.15 -25.76
N THR A 767 -86.96 -14.16 -25.03
CA THR A 767 -86.10 -15.29 -24.68
C THR A 767 -86.04 -16.32 -25.80
N GLN A 768 -85.09 -17.24 -25.68
CA GLN A 768 -84.95 -18.35 -26.61
C GLN A 768 -85.46 -19.67 -26.07
N ASN A 769 -85.84 -19.73 -24.80
CA ASN A 769 -86.27 -20.98 -24.19
C ASN A 769 -87.72 -21.25 -24.58
N LYS A 770 -87.93 -22.31 -25.37
CA LYS A 770 -89.26 -22.67 -25.81
C LYS A 770 -90.18 -22.97 -24.63
N GLU A 771 -89.64 -23.60 -23.58
CA GLU A 771 -90.46 -23.91 -22.42
C GLU A 771 -90.98 -22.64 -21.76
N LYS A 772 -90.13 -21.63 -21.64
CA LYS A 772 -90.55 -20.37 -21.02
C LYS A 772 -91.50 -19.61 -21.93
N LEU A 773 -91.31 -19.68 -23.25
CA LEU A 773 -92.29 -19.08 -24.16
C LEU A 773 -93.66 -19.73 -23.99
N GLN A 774 -93.69 -21.06 -23.95
CA GLN A 774 -94.95 -21.79 -23.74
C GLN A 774 -95.57 -21.42 -22.40
N TRP A 775 -94.75 -21.25 -21.37
CA TRP A 775 -95.27 -20.88 -20.05
C TRP A 775 -95.88 -19.49 -20.07
N LEU A 776 -95.20 -18.53 -20.68
CA LEU A 776 -95.76 -17.18 -20.83
C LEU A 776 -97.09 -17.24 -21.55
N LEU A 777 -97.16 -17.98 -22.66
CA LEU A 777 -98.40 -18.09 -23.41
C LEU A 777 -99.53 -18.66 -22.55
N ASP A 778 -99.28 -19.82 -21.92
CA ASP A 778 -100.32 -20.48 -21.14
C ASP A 778 -100.79 -19.63 -19.96
N GLU A 779 -99.85 -19.00 -19.24
CA GLU A 779 -100.25 -18.25 -18.06
C GLU A 779 -100.95 -16.94 -18.43
N SER A 780 -100.50 -16.28 -19.49
CA SER A 780 -101.21 -15.08 -19.94
C SER A 780 -102.59 -15.44 -20.50
N PHE A 781 -102.77 -16.66 -21.01
CA PHE A 781 -104.10 -17.11 -21.38
C PHE A 781 -104.95 -17.36 -20.14
N LYS A 782 -104.41 -18.08 -19.16
CA LYS A 782 -105.18 -18.41 -17.95
C LYS A 782 -105.59 -17.14 -17.21
N GLY A 783 -104.73 -16.13 -17.17
CA GLY A 783 -105.09 -14.86 -16.59
C GLY A 783 -104.79 -14.72 -15.11
N ASP A 784 -104.07 -15.67 -14.51
CA ASP A 784 -103.75 -15.61 -13.08
C ASP A 784 -102.39 -14.93 -12.87
N LYS A 785 -101.32 -15.60 -13.29
CA LYS A 785 -99.99 -15.02 -13.12
C LYS A 785 -99.78 -13.81 -14.03
N ILE A 786 -100.39 -13.82 -15.22
CA ILE A 786 -100.37 -12.68 -16.14
C ILE A 786 -101.79 -12.45 -16.62
N LYS A 787 -102.30 -11.23 -16.43
CA LYS A 787 -103.68 -10.94 -16.81
C LYS A 787 -103.90 -11.16 -18.30
N THR A 788 -105.14 -11.54 -18.65
CA THR A 788 -105.47 -11.88 -20.02
C THR A 788 -105.46 -10.68 -20.96
N GLN A 789 -105.63 -9.46 -20.44
CA GLN A 789 -105.63 -8.29 -21.30
C GLN A 789 -104.30 -8.14 -22.05
N GLU A 790 -103.22 -8.67 -21.49
CA GLU A 790 -101.91 -8.61 -22.12
C GLU A 790 -101.69 -9.78 -23.07
N PHE A 791 -102.61 -10.72 -23.16
CA PHE A 791 -102.38 -11.92 -23.98
C PHE A 791 -102.17 -11.59 -25.45
N PRO A 792 -102.98 -10.75 -26.11
CA PRO A 792 -102.75 -10.53 -27.54
C PRO A 792 -101.39 -9.93 -27.85
N GLN A 793 -100.93 -8.96 -27.04
CA GLN A 793 -99.62 -8.37 -27.28
C GLN A 793 -98.50 -9.37 -27.02
N ILE A 794 -98.66 -10.21 -25.99
CA ILE A 794 -97.65 -11.23 -25.71
C ILE A 794 -97.60 -12.24 -26.86
N LEU A 795 -98.78 -12.64 -27.37
CA LEU A 795 -98.83 -13.56 -28.50
C LEU A 795 -98.18 -12.95 -29.73
N THR A 796 -98.39 -11.65 -29.96
CA THR A 796 -97.76 -11.00 -31.11
C THR A 796 -96.24 -10.93 -30.96
N LEU A 797 -95.76 -10.60 -29.76
CA LEU A 797 -94.31 -10.56 -29.54
C LEU A 797 -93.70 -11.95 -29.69
N ILE A 798 -94.40 -12.99 -29.24
CA ILE A 798 -93.86 -14.35 -29.39
C ILE A 798 -93.91 -14.79 -30.85
N GLY A 799 -94.92 -14.35 -31.60
CA GLY A 799 -94.90 -14.56 -33.04
C GLY A 799 -93.79 -13.82 -33.74
N ARG A 800 -93.33 -12.72 -33.14
CA ARG A 800 -92.14 -12.04 -33.65
C ARG A 800 -90.87 -12.80 -33.29
N ASN A 801 -90.85 -13.44 -32.13
CA ASN A 801 -89.68 -14.19 -31.68
C ASN A 801 -89.24 -15.19 -32.75
N PRO A 802 -87.97 -15.21 -33.14
CA PRO A 802 -87.54 -16.09 -34.23
C PRO A 802 -87.66 -17.57 -33.91
N VAL A 803 -87.74 -17.96 -32.64
CA VAL A 803 -87.89 -19.35 -32.25
C VAL A 803 -89.25 -19.65 -31.66
N GLY A 804 -90.15 -18.67 -31.64
CA GLY A 804 -91.45 -18.81 -31.01
C GLY A 804 -92.65 -18.76 -31.94
N TYR A 805 -92.43 -18.37 -33.19
CA TYR A 805 -93.56 -18.22 -34.11
C TYR A 805 -94.35 -19.50 -34.32
N PRO A 806 -93.74 -20.70 -34.37
CA PRO A 806 -94.60 -21.91 -34.43
C PRO A 806 -95.43 -22.08 -33.17
N LEU A 807 -94.87 -21.77 -32.00
CA LEU A 807 -95.65 -21.85 -30.77
C LEU A 807 -96.83 -20.90 -30.81
N ALA A 808 -96.63 -19.68 -31.28
CA ALA A 808 -97.73 -18.70 -31.32
C ALA A 808 -98.81 -19.14 -32.31
N TRP A 809 -98.40 -19.55 -33.51
CA TRP A 809 -99.35 -20.00 -34.52
C TRP A 809 -100.15 -21.21 -34.03
N GLN A 810 -99.45 -22.19 -33.44
CA GLN A 810 -100.10 -23.40 -32.95
C GLN A 810 -101.02 -23.10 -31.77
N PHE A 811 -100.62 -22.21 -30.86
CA PHE A 811 -101.47 -21.88 -29.74
C PHE A 811 -102.75 -21.19 -30.19
N LEU A 812 -102.63 -20.23 -31.11
CA LEU A 812 -103.83 -19.58 -31.64
C LEU A 812 -104.75 -20.60 -32.28
N ARG A 813 -104.20 -21.48 -33.12
CA ARG A 813 -105.02 -22.48 -33.79
C ARG A 813 -105.71 -23.41 -32.78
N LYS A 814 -104.98 -23.88 -31.78
CA LYS A 814 -105.51 -24.90 -30.89
C LYS A 814 -106.44 -24.35 -29.81
N ASN A 815 -106.37 -23.06 -29.50
CA ASN A 815 -107.27 -22.46 -28.53
C ASN A 815 -108.11 -21.35 -29.14
N TRP A 816 -108.34 -21.43 -30.45
CA TRP A 816 -109.17 -20.44 -31.15
C TRP A 816 -110.54 -20.28 -30.48
N ASN A 817 -111.18 -21.37 -30.07
CA ASN A 817 -112.55 -21.30 -29.57
C ASN A 817 -112.65 -20.46 -28.30
N LYS A 818 -111.86 -20.81 -27.28
CA LYS A 818 -111.93 -20.06 -26.02
C LYS A 818 -111.45 -18.62 -26.20
N LEU A 819 -110.46 -18.40 -27.06
CA LEU A 819 -110.00 -17.05 -27.34
C LEU A 819 -111.11 -16.21 -27.98
N VAL A 820 -111.85 -16.80 -28.92
CA VAL A 820 -112.96 -16.08 -29.53
C VAL A 820 -114.05 -15.82 -28.49
N GLN A 821 -114.32 -16.80 -27.62
CA GLN A 821 -115.34 -16.60 -26.59
C GLN A 821 -114.93 -15.51 -25.61
N LYS A 822 -113.63 -15.31 -25.43
CA LYS A 822 -113.14 -14.30 -24.50
C LYS A 822 -113.09 -12.92 -25.12
N PHE A 823 -112.70 -12.83 -26.39
CA PHE A 823 -112.42 -11.54 -27.03
C PHE A 823 -113.45 -11.10 -28.07
N GLU A 824 -114.53 -11.85 -28.27
CA GLU A 824 -115.56 -11.59 -29.29
C GLU A 824 -115.02 -11.81 -30.69
N LEU A 825 -115.90 -12.18 -31.62
CA LEU A 825 -115.50 -12.39 -33.00
C LEU A 825 -115.33 -11.06 -33.72
N GLY A 826 -114.35 -11.00 -34.62
CA GLY A 826 -114.13 -9.80 -35.39
C GLY A 826 -113.56 -8.63 -34.61
N SER A 827 -113.28 -8.82 -33.33
CA SER A 827 -112.71 -7.75 -32.52
C SER A 827 -111.29 -7.43 -32.94
N SER A 828 -110.86 -6.21 -32.61
CA SER A 828 -109.49 -5.83 -32.90
C SER A 828 -108.49 -6.71 -32.17
N SER A 829 -108.88 -7.30 -31.03
CA SER A 829 -108.01 -8.25 -30.35
C SER A 829 -107.78 -9.50 -31.20
N ILE A 830 -108.85 -10.08 -31.74
CA ILE A 830 -108.71 -11.25 -32.61
C ILE A 830 -107.91 -10.89 -33.86
N ALA A 831 -108.18 -9.71 -34.44
CA ALA A 831 -107.43 -9.27 -35.61
C ALA A 831 -105.95 -9.16 -35.30
N HIS A 832 -105.62 -8.51 -34.17
CA HIS A 832 -104.23 -8.40 -33.73
C HIS A 832 -103.57 -9.76 -33.59
N MET A 833 -104.27 -10.70 -32.94
CA MET A 833 -103.70 -12.02 -32.74
C MET A 833 -103.44 -12.72 -34.06
N VAL A 834 -104.44 -12.75 -34.95
CA VAL A 834 -104.30 -13.42 -36.23
C VAL A 834 -103.14 -12.82 -37.02
N MET A 835 -103.10 -11.49 -37.14
CA MET A 835 -102.06 -10.85 -37.95
C MET A 835 -100.69 -11.03 -37.33
N GLY A 836 -100.57 -10.86 -36.00
CA GLY A 836 -99.29 -11.04 -35.35
C GLY A 836 -98.76 -12.45 -35.46
N THR A 837 -99.66 -13.44 -35.59
CA THR A 837 -99.20 -14.82 -35.73
C THR A 837 -98.95 -15.23 -37.17
N THR A 838 -99.56 -14.57 -38.16
CA THR A 838 -99.43 -15.03 -39.53
C THR A 838 -98.81 -14.04 -40.50
N ASN A 839 -98.95 -12.72 -40.28
CA ASN A 839 -98.62 -11.82 -41.40
C ASN A 839 -97.12 -11.71 -41.67
N GLN A 840 -96.26 -12.50 -41.04
CA GLN A 840 -94.84 -12.52 -41.35
C GLN A 840 -94.45 -13.76 -42.13
N PHE A 841 -95.43 -14.55 -42.57
CA PHE A 841 -95.13 -15.73 -43.35
C PHE A 841 -94.88 -15.34 -44.80
N SER A 842 -94.13 -16.17 -45.51
CA SER A 842 -93.64 -15.81 -46.83
C SER A 842 -93.69 -16.94 -47.85
N THR A 843 -94.15 -18.13 -47.48
CA THR A 843 -94.10 -19.29 -48.35
C THR A 843 -95.50 -19.75 -48.72
N ARG A 844 -95.58 -20.45 -49.86
CA ARG A 844 -96.84 -21.01 -50.30
C ARG A 844 -97.36 -22.06 -49.33
N THR A 845 -96.46 -22.78 -48.65
CA THR A 845 -96.89 -23.72 -47.63
C THR A 845 -97.60 -23.00 -46.48
N ARG A 846 -97.02 -21.91 -46.00
CA ARG A 846 -97.66 -21.13 -44.94
C ARG A 846 -98.98 -20.53 -45.43
N LEU A 847 -99.00 -20.04 -46.67
CA LEU A 847 -100.23 -19.50 -47.23
C LEU A 847 -101.34 -20.54 -47.24
N GLU A 848 -101.02 -21.78 -47.63
CA GLU A 848 -102.02 -22.83 -47.65
C GLU A 848 -102.44 -23.23 -46.24
N GLU A 849 -101.51 -23.25 -45.29
CA GLU A 849 -101.87 -23.49 -43.90
C GLU A 849 -102.91 -22.47 -43.42
N VAL A 850 -102.62 -21.19 -43.63
CA VAL A 850 -103.51 -20.14 -43.16
C VAL A 850 -104.88 -20.27 -43.84
N LYS A 851 -104.89 -20.38 -45.18
CA LYS A 851 -106.14 -20.53 -45.90
C LYS A 851 -106.94 -21.72 -45.39
N GLY A 852 -106.31 -22.89 -45.29
CA GLY A 852 -107.02 -24.09 -44.90
C GLY A 852 -107.60 -24.00 -43.50
N PHE A 853 -106.81 -23.52 -42.54
CA PHE A 853 -107.31 -23.41 -41.18
C PHE A 853 -108.49 -22.44 -41.09
N PHE A 854 -108.32 -21.24 -41.63
CA PHE A 854 -109.37 -20.25 -41.49
C PHE A 854 -110.59 -20.59 -42.34
N SER A 855 -110.44 -21.44 -43.35
CA SER A 855 -111.60 -21.93 -44.09
C SER A 855 -112.32 -23.04 -43.34
N SER A 856 -111.56 -23.94 -42.70
CA SER A 856 -112.18 -24.99 -41.90
C SER A 856 -112.87 -24.43 -40.67
N LEU A 857 -112.52 -23.22 -40.24
CA LEU A 857 -113.24 -22.60 -39.13
C LEU A 857 -114.73 -22.46 -39.43
N LYS A 858 -115.10 -22.28 -40.69
CA LYS A 858 -116.50 -22.20 -41.15
C LYS A 858 -117.18 -21.02 -40.45
N GLU A 859 -118.33 -21.21 -39.82
CA GLU A 859 -119.11 -20.10 -39.28
C GLU A 859 -118.48 -19.44 -38.06
N ASN A 860 -117.30 -19.87 -37.63
CA ASN A 860 -116.65 -19.32 -36.44
C ASN A 860 -115.37 -18.56 -36.81
N GLY A 861 -115.41 -17.79 -37.90
CA GLY A 861 -114.29 -16.92 -38.22
C GLY A 861 -113.76 -16.99 -39.64
N SER A 862 -114.37 -17.81 -40.50
CA SER A 862 -113.92 -17.86 -41.88
C SER A 862 -114.22 -16.57 -42.63
N GLN A 863 -115.21 -15.81 -42.18
CA GLN A 863 -115.63 -14.58 -42.86
C GLN A 863 -115.02 -13.33 -42.24
N LEU A 864 -113.83 -13.46 -41.66
CA LEU A 864 -113.18 -12.35 -40.98
C LEU A 864 -112.37 -11.52 -41.97
N ARG A 865 -112.63 -10.21 -41.98
CA ARG A 865 -111.86 -9.31 -42.83
C ARG A 865 -110.38 -9.38 -42.49
N CYS A 866 -110.06 -9.60 -41.22
CA CYS A 866 -108.65 -9.77 -40.85
C CYS A 866 -108.09 -11.05 -41.45
N VAL A 867 -108.90 -12.10 -41.57
CA VAL A 867 -108.45 -13.32 -42.24
C VAL A 867 -108.12 -13.04 -43.70
N GLN A 868 -109.04 -12.35 -44.39
CA GLN A 868 -108.77 -12.00 -45.79
C GLN A 868 -107.53 -11.11 -45.91
N GLN A 869 -107.37 -10.18 -44.98
CA GLN A 869 -106.22 -9.27 -45.03
C GLN A 869 -104.91 -10.01 -44.79
N THR A 870 -104.90 -10.97 -43.86
CA THR A 870 -103.68 -11.75 -43.63
C THR A 870 -103.37 -12.63 -44.84
N ILE A 871 -104.39 -13.19 -45.48
CA ILE A 871 -104.15 -14.00 -46.68
C ILE A 871 -103.53 -13.14 -47.77
N GLU A 872 -104.09 -11.95 -48.01
CA GLU A 872 -103.54 -11.08 -49.04
C GLU A 872 -102.16 -10.55 -48.67
N THR A 873 -101.91 -10.32 -47.38
CA THR A 873 -100.59 -9.90 -46.93
C THR A 873 -99.56 -11.01 -47.17
N ILE A 874 -99.94 -12.25 -46.93
CA ILE A 874 -99.03 -13.37 -47.19
C ILE A 874 -98.77 -13.51 -48.69
N GLU A 875 -99.80 -13.27 -49.50
CA GLU A 875 -99.60 -13.30 -50.95
C GLU A 875 -98.62 -12.23 -51.41
N GLU A 876 -98.81 -11.00 -50.92
CA GLU A 876 -97.89 -9.91 -51.26
C GLU A 876 -96.48 -10.21 -50.75
N ASN A 877 -96.37 -10.83 -49.57
CA ASN A 877 -95.07 -11.21 -49.05
C ASN A 877 -94.40 -12.22 -49.96
N ILE A 878 -95.16 -13.20 -50.45
CA ILE A 878 -94.62 -14.19 -51.38
C ILE A 878 -94.09 -13.50 -52.63
N GLY A 879 -94.90 -12.61 -53.22
CA GLY A 879 -94.45 -11.89 -54.40
C GLY A 879 -93.18 -11.08 -54.15
N TRP A 880 -93.20 -10.27 -53.10
CA TRP A 880 -92.08 -9.40 -52.78
C TRP A 880 -90.82 -10.21 -52.50
N MET A 881 -90.97 -11.37 -51.84
CA MET A 881 -89.83 -12.20 -51.51
C MET A 881 -89.26 -12.87 -52.75
N ASP A 882 -90.13 -13.41 -53.61
CA ASP A 882 -89.66 -14.03 -54.84
C ASP A 882 -88.97 -13.02 -55.74
N LYS A 883 -89.38 -11.76 -55.69
CA LYS A 883 -88.78 -10.77 -56.58
C LYS A 883 -87.51 -10.14 -56.00
N ASN A 884 -87.48 -9.83 -54.71
CA ASN A 884 -86.46 -8.95 -54.16
C ASN A 884 -85.45 -9.62 -53.24
N PHE A 885 -85.63 -10.88 -52.84
CA PHE A 885 -84.72 -11.47 -51.88
C PHE A 885 -83.31 -11.63 -52.45
N ASP A 886 -83.19 -12.33 -53.58
CA ASP A 886 -81.87 -12.52 -54.18
C ASP A 886 -81.27 -11.19 -54.59
N LYS A 887 -82.11 -10.27 -55.05
CA LYS A 887 -81.66 -8.91 -55.32
C LYS A 887 -81.06 -8.28 -54.07
N ILE A 888 -81.70 -8.48 -52.92
CA ILE A 888 -81.19 -7.93 -51.67
C ILE A 888 -79.87 -8.59 -51.28
N ARG A 889 -79.73 -9.89 -51.53
CA ARG A 889 -78.46 -10.55 -51.26
C ARG A 889 -77.35 -9.95 -52.10
N VAL A 890 -77.60 -9.76 -53.39
CA VAL A 890 -76.60 -9.16 -54.27
C VAL A 890 -76.28 -7.74 -53.82
N TRP A 891 -77.31 -6.98 -53.44
CA TRP A 891 -77.09 -5.61 -52.99
C TRP A 891 -76.31 -5.55 -51.69
N LEU A 892 -76.52 -6.52 -50.80
CA LEU A 892 -75.76 -6.54 -49.55
C LEU A 892 -74.30 -6.86 -49.80
N GLN A 893 -74.03 -7.78 -50.73
CA GLN A 893 -72.63 -8.04 -51.09
C GLN A 893 -72.00 -6.80 -51.71
N SER A 894 -72.75 -6.10 -52.57
CA SER A 894 -72.23 -4.87 -53.17
C SER A 894 -72.00 -3.79 -52.12
N GLU A 895 -72.87 -3.71 -51.11
CA GLU A 895 -72.72 -2.71 -50.06
C GLU A 895 -71.58 -3.03 -49.13
N LYS A 896 -71.31 -4.32 -48.87
CA LYS A 896 -70.10 -4.65 -48.12
C LYS A 896 -68.86 -4.30 -48.93
N LEU A 897 -68.93 -4.41 -50.26
CA LEU A 897 -67.83 -3.95 -51.10
C LEU A 897 -67.93 -2.44 -51.35
N GLU A 898 -67.95 -1.68 -50.25
CA GLU A 898 -68.02 -0.23 -50.33
C GLU A 898 -67.06 0.51 -49.40
N ARG A 899 -66.59 -0.13 -48.33
CA ARG A 899 -65.67 0.53 -47.40
C ARG A 899 -64.22 0.19 -47.72
N PRO B 30 -139.62 50.73 21.06
CA PRO B 30 -139.51 50.01 22.33
C PRO B 30 -139.30 48.52 22.12
N PHE B 31 -138.08 48.04 22.40
CA PHE B 31 -137.78 46.64 22.14
C PHE B 31 -138.43 45.76 23.21
N PRO B 32 -139.16 44.71 22.82
CA PRO B 32 -139.92 43.94 23.80
C PRO B 32 -139.18 42.75 24.40
N TRP B 33 -137.88 42.90 24.68
CA TRP B 33 -137.15 41.80 25.28
C TRP B 33 -135.84 42.33 25.85
N ASN B 34 -135.44 41.80 27.01
CA ASN B 34 -134.27 42.32 27.71
C ASN B 34 -133.35 41.23 28.25
N LYS B 35 -133.43 40.00 27.76
CA LYS B 35 -132.57 38.93 28.22
C LYS B 35 -131.73 38.40 27.07
N ILE B 36 -130.53 37.91 27.40
CA ILE B 36 -129.66 37.35 26.37
C ILE B 36 -130.25 36.04 25.86
N ARG B 37 -130.84 35.25 26.74
CA ARG B 37 -131.49 34.03 26.32
C ARG B 37 -132.78 34.35 25.56
N LEU B 38 -133.14 33.45 24.64
CA LEU B 38 -134.31 33.63 23.79
C LEU B 38 -135.59 33.19 24.51
N PRO B 39 -136.74 33.67 24.06
CA PRO B 39 -138.01 33.14 24.57
C PRO B 39 -138.16 31.67 24.22
N GLU B 40 -138.73 30.90 25.15
CA GLU B 40 -138.82 29.46 24.99
C GLU B 40 -140.03 29.00 24.18
N TYR B 41 -140.94 29.90 23.79
CA TYR B 41 -142.20 29.47 23.19
C TYR B 41 -142.21 29.58 21.67
N VAL B 42 -141.07 29.87 21.04
CA VAL B 42 -140.96 29.85 19.59
C VAL B 42 -139.87 28.86 19.23
N ILE B 43 -140.26 27.73 18.66
CA ILE B 43 -139.36 26.62 18.39
C ILE B 43 -139.21 26.47 16.88
N PRO B 44 -138.00 26.47 16.34
CA PRO B 44 -137.81 26.16 14.93
C PRO B 44 -137.83 24.67 14.68
N VAL B 45 -138.16 24.30 13.44
CA VAL B 45 -138.18 22.90 13.05
C VAL B 45 -137.33 22.69 11.81
N HIS B 46 -137.21 23.72 10.97
CA HIS B 46 -136.46 23.57 9.72
C HIS B 46 -136.05 24.93 9.20
N TYR B 47 -134.75 25.13 9.02
CA TYR B 47 -134.22 26.32 8.36
C TYR B 47 -133.96 25.99 6.89
N ASP B 48 -134.23 26.98 6.04
CA ASP B 48 -133.97 26.89 4.60
C ASP B 48 -133.18 28.13 4.24
N LEU B 49 -131.88 27.96 4.02
CA LEU B 49 -130.94 29.05 3.84
C LEU B 49 -130.53 29.17 2.38
N LEU B 50 -130.48 30.41 1.89
CA LEU B 50 -129.98 30.73 0.55
C LEU B 50 -128.93 31.82 0.69
N ILE B 51 -127.69 31.48 0.33
CA ILE B 51 -126.56 32.40 0.45
C ILE B 51 -126.02 32.68 -0.93
N HIS B 52 -125.86 33.97 -1.26
CA HIS B 52 -125.17 34.39 -2.47
C HIS B 52 -124.00 35.25 -2.02
N ALA B 53 -122.81 34.66 -2.07
CA ALA B 53 -121.57 35.30 -1.69
C ALA B 53 -120.89 35.88 -2.93
N ASN B 54 -120.44 37.03 -2.79
CA ASN B 54 -119.70 37.67 -3.91
C ASN B 54 -118.25 37.90 -3.46
N LEU B 55 -117.33 37.12 -4.01
CA LEU B 55 -115.91 37.20 -3.68
C LEU B 55 -115.27 38.46 -4.24
N THR B 56 -115.71 38.91 -5.42
CA THR B 56 -115.12 40.11 -6.02
C THR B 56 -115.44 41.36 -5.20
N THR B 57 -116.71 41.55 -4.86
CA THR B 57 -117.11 42.71 -4.09
C THR B 57 -117.10 42.43 -2.59
N LEU B 58 -116.74 41.25 -2.18
CA LEU B 58 -116.72 40.86 -0.77
C LEU B 58 -118.04 41.19 -0.09
N THR B 59 -119.14 40.73 -0.68
CA THR B 59 -120.49 40.97 -0.19
C THR B 59 -121.23 39.64 -0.12
N PHE B 60 -122.47 39.66 0.40
CA PHE B 60 -123.35 38.51 0.25
C PHE B 60 -124.77 38.89 0.62
N TRP B 61 -125.73 38.45 -0.20
CA TRP B 61 -127.15 38.60 0.05
CA TRP B 61 -127.13 38.60 0.14
C TRP B 61 -127.73 37.23 0.44
N GLY B 62 -128.64 37.21 1.42
CA GLY B 62 -129.18 35.97 1.91
C GLY B 62 -130.68 36.00 2.07
N THR B 63 -131.28 34.82 1.99
CA THR B 63 -132.70 34.60 2.23
C THR B 63 -132.85 33.44 3.19
N THR B 64 -133.54 33.66 4.31
CA THR B 64 -133.70 32.65 5.33
C THR B 64 -135.19 32.41 5.56
N LYS B 65 -135.62 31.17 5.31
CA LYS B 65 -137.00 30.74 5.59
C LYS B 65 -136.96 29.74 6.73
N VAL B 66 -137.46 30.15 7.89
CA VAL B 66 -137.43 29.31 9.09
C VAL B 66 -138.86 28.92 9.43
N GLU B 67 -139.11 27.61 9.48
CA GLU B 67 -140.41 27.11 9.92
C GLU B 67 -140.44 27.03 11.44
N ILE B 68 -141.46 27.62 12.03
CA ILE B 68 -141.56 27.73 13.48
C ILE B 68 -142.95 27.29 13.93
N THR B 69 -143.03 26.94 15.21
CA THR B 69 -144.29 26.71 15.91
C THR B 69 -144.24 27.46 17.22
N ALA B 70 -145.42 27.80 17.73
CA ALA B 70 -145.52 28.58 18.96
C ALA B 70 -146.34 27.81 19.98
N SER B 71 -145.87 27.81 21.22
CA SER B 71 -146.60 27.16 22.32
C SER B 71 -147.39 28.14 23.16
N GLN B 72 -146.98 29.41 23.20
CA GLN B 72 -147.73 30.45 23.87
C GLN B 72 -148.19 31.48 22.84
N PRO B 73 -149.46 31.90 22.87
CA PRO B 73 -149.93 32.87 21.87
C PRO B 73 -149.13 34.16 21.96
N THR B 74 -148.49 34.52 20.85
CA THR B 74 -147.66 35.71 20.80
C THR B 74 -147.75 36.34 19.42
N SER B 75 -147.47 37.65 19.38
CA SER B 75 -147.34 38.37 18.12
C SER B 75 -145.94 38.95 17.95
N THR B 76 -144.98 38.45 18.72
CA THR B 76 -143.60 38.91 18.68
C THR B 76 -142.68 37.72 18.62
N ILE B 77 -141.80 37.71 17.62
CA ILE B 77 -140.86 36.61 17.41
C ILE B 77 -139.45 37.17 17.62
N ILE B 78 -138.73 36.62 18.59
CA ILE B 78 -137.39 37.05 18.92
C ILE B 78 -136.40 36.03 18.38
N LEU B 79 -135.38 36.51 17.67
CA LEU B 79 -134.30 35.67 17.17
C LEU B 79 -133.04 36.51 17.09
N HIS B 80 -131.94 35.86 16.72
CA HIS B 80 -130.63 36.49 16.71
C HIS B 80 -130.29 37.04 15.33
N SER B 81 -129.55 38.14 15.32
CA SER B 81 -129.05 38.75 14.10
C SER B 81 -127.95 39.74 14.47
N HIS B 82 -126.84 39.69 13.75
CA HIS B 82 -125.66 40.48 14.11
C HIS B 82 -124.97 40.92 12.82
N HIS B 83 -124.77 42.23 12.67
CA HIS B 83 -124.08 42.81 11.52
C HIS B 83 -124.74 42.41 10.20
N LEU B 84 -126.07 42.34 10.20
CA LEU B 84 -126.83 42.00 9.01
C LEU B 84 -127.85 43.09 8.72
N GLN B 85 -127.87 43.58 7.48
CA GLN B 85 -128.84 44.59 7.06
C GLN B 85 -130.10 43.88 6.59
N ILE B 86 -131.15 43.94 7.40
CA ILE B 86 -132.43 43.33 7.05
C ILE B 86 -133.20 44.28 6.13
N SER B 87 -133.69 43.75 5.01
CA SER B 87 -134.39 44.57 4.03
C SER B 87 -135.85 44.20 3.84
N ARG B 88 -136.28 43.02 4.31
CA ARG B 88 -137.63 42.53 4.02
C ARG B 88 -137.93 41.35 4.92
N ALA B 89 -139.15 41.31 5.47
CA ALA B 89 -139.55 40.27 6.40
C ALA B 89 -141.03 39.97 6.22
N THR B 90 -141.35 38.70 5.98
CA THR B 90 -142.72 38.26 5.79
C THR B 90 -143.00 37.06 6.68
N LEU B 91 -144.30 36.82 6.92
CA LEU B 91 -144.75 35.73 7.77
C LEU B 91 -145.87 34.98 7.05
N ARG B 92 -145.59 33.74 6.64
CA ARG B 92 -146.56 32.89 5.97
C ARG B 92 -147.16 31.92 6.98
N LYS B 93 -148.44 31.63 6.83
CA LYS B 93 -149.17 30.74 7.74
C LYS B 93 -149.56 29.47 7.00
N GLY B 94 -148.98 28.34 7.39
CA GLY B 94 -149.23 27.10 6.69
C GLY B 94 -147.99 26.53 6.04
N LEU B 99 -150.52 29.89 2.39
CA LEU B 99 -151.60 30.59 1.71
C LEU B 99 -151.59 32.08 2.03
N SER B 100 -151.76 32.41 3.30
CA SER B 100 -151.80 33.79 3.75
C SER B 100 -150.40 34.27 4.12
N GLU B 101 -150.00 35.41 3.57
CA GLU B 101 -148.70 36.02 3.85
C GLU B 101 -148.92 37.42 4.37
N GLU B 102 -148.22 37.77 5.46
CA GLU B 102 -148.37 39.04 6.12
C GLU B 102 -146.99 39.66 6.36
N PRO B 103 -146.87 40.98 6.24
CA PRO B 103 -145.57 41.62 6.52
C PRO B 103 -145.31 41.69 8.02
N LEU B 104 -144.02 41.69 8.35
CA LEU B 104 -143.57 41.79 9.73
C LEU B 104 -142.81 43.08 9.93
N GLN B 105 -142.99 43.70 11.10
CA GLN B 105 -142.22 44.88 11.45
C GLN B 105 -140.96 44.44 12.18
N VAL B 106 -139.85 45.11 11.87
CA VAL B 106 -138.54 44.69 12.35
C VAL B 106 -138.06 45.69 13.39
N LEU B 107 -137.71 45.19 14.57
CA LEU B 107 -137.03 45.98 15.60
C LEU B 107 -135.67 45.37 15.85
N GLU B 108 -134.68 46.22 16.12
CA GLU B 108 -133.29 45.80 16.19
C GLU B 108 -132.72 46.14 17.56
N HIS B 109 -131.92 45.23 18.11
CA HIS B 109 -131.21 45.45 19.37
C HIS B 109 -129.78 44.99 19.18
N PRO B 110 -128.86 45.91 18.86
CA PRO B 110 -127.47 45.49 18.62
C PRO B 110 -126.76 45.05 19.89
N ARG B 111 -127.15 45.56 21.06
CA ARG B 111 -126.47 45.17 22.30
C ARG B 111 -126.71 43.71 22.62
N GLN B 112 -127.96 43.24 22.46
CA GLN B 112 -128.30 41.85 22.67
C GLN B 112 -128.15 41.02 21.42
N GLU B 113 -127.72 41.63 20.30
CA GLU B 113 -127.53 40.92 19.04
C GLU B 113 -128.82 40.23 18.61
N GLN B 114 -129.95 40.94 18.74
CA GLN B 114 -131.26 40.35 18.50
C GLN B 114 -132.09 41.23 17.56
N ILE B 115 -133.11 40.60 16.97
CA ILE B 115 -134.16 41.31 16.26
C ILE B 115 -135.50 40.75 16.69
N ALA B 116 -136.50 41.62 16.72
CA ALA B 116 -137.87 41.26 17.04
C ALA B 116 -138.74 41.46 15.80
N LEU B 117 -139.53 40.45 15.47
CA LEU B 117 -140.44 40.52 14.34
C LEU B 117 -141.87 40.58 14.87
N LEU B 118 -142.56 41.65 14.52
CA LEU B 118 -143.91 41.92 14.99
C LEU B 118 -144.91 41.56 13.89
N ALA B 119 -145.89 40.73 14.24
CA ALA B 119 -146.96 40.17 13.43
C ALA B 119 -148.28 40.85 13.74
N PRO B 120 -149.09 41.15 12.72
CA PRO B 120 -150.37 41.84 12.96
C PRO B 120 -151.33 41.03 13.82
N GLU B 121 -151.49 39.74 13.54
CA GLU B 121 -152.41 38.89 14.28
C GLU B 121 -151.64 37.87 15.11
N PRO B 122 -152.03 37.67 16.38
CA PRO B 122 -151.28 36.76 17.24
C PRO B 122 -151.25 35.34 16.69
N LEU B 123 -150.09 34.71 16.82
CA LEU B 123 -149.89 33.36 16.30
C LEU B 123 -150.75 32.36 17.07
N LEU B 124 -151.30 31.39 16.35
CA LEU B 124 -152.14 30.36 16.95
C LEU B 124 -151.27 29.19 17.39
N VAL B 125 -151.46 28.75 18.63
CA VAL B 125 -150.65 27.67 19.19
C VAL B 125 -150.89 26.39 18.42
N GLY B 126 -149.83 25.62 18.18
CA GLY B 126 -149.91 24.37 17.47
C GLY B 126 -149.93 24.49 15.97
N LEU B 127 -149.85 25.70 15.42
CA LEU B 127 -149.90 25.90 13.98
C LEU B 127 -148.51 26.17 13.43
N PRO B 128 -148.20 25.67 12.24
CA PRO B 128 -146.90 25.97 11.63
C PRO B 128 -146.90 27.28 10.85
N TYR B 129 -145.88 28.11 11.13
CA TYR B 129 -145.68 29.36 10.42
C TYR B 129 -144.29 29.35 9.82
N THR B 130 -144.07 30.20 8.82
CA THR B 130 -142.79 30.29 8.12
C THR B 130 -142.39 31.76 8.07
N VAL B 131 -141.31 32.10 8.77
CA VAL B 131 -140.77 33.45 8.73
C VAL B 131 -139.73 33.51 7.61
N VAL B 132 -139.86 34.51 6.73
CA VAL B 132 -138.99 34.67 5.57
C VAL B 132 -138.30 36.02 5.69
N ILE B 133 -136.97 36.01 5.76
CA ILE B 133 -136.18 37.21 5.99
C ILE B 133 -135.18 37.36 4.85
N HIS B 134 -135.12 38.55 4.26
CA HIS B 134 -134.13 38.91 3.26
C HIS B 134 -133.13 39.86 3.90
N TYR B 135 -131.84 39.61 3.67
CA TYR B 135 -130.80 40.38 4.35
C TYR B 135 -129.58 40.49 3.46
N ALA B 136 -128.65 41.35 3.88
CA ALA B 136 -127.39 41.53 3.19
C ALA B 136 -126.28 41.75 4.21
N GLY B 137 -125.05 41.64 3.73
CA GLY B 137 -123.89 41.86 4.59
C GLY B 137 -122.63 41.67 3.77
N ASN B 138 -121.49 41.70 4.45
CA ASN B 138 -120.23 41.37 3.79
C ASN B 138 -119.42 40.39 4.61
N LEU B 139 -118.58 39.64 3.90
CA LEU B 139 -117.64 38.72 4.51
C LEU B 139 -116.80 39.40 5.58
N SER B 140 -116.83 38.85 6.78
CA SER B 140 -116.01 39.38 7.87
C SER B 140 -114.53 39.23 7.54
N GLU B 141 -113.76 40.28 7.82
CA GLU B 141 -112.32 40.21 7.65
C GLU B 141 -111.63 39.56 8.84
N THR B 142 -112.39 39.05 9.80
CA THR B 142 -111.84 38.43 11.00
C THR B 142 -111.69 36.92 10.82
N PHE B 143 -111.78 36.16 11.92
CA PHE B 143 -111.62 34.72 11.88
C PHE B 143 -112.90 33.96 12.24
N HIS B 144 -114.02 34.65 12.37
CA HIS B 144 -115.28 34.01 12.73
C HIS B 144 -116.39 34.51 11.82
N GLY B 145 -117.56 33.88 11.94
CA GLY B 145 -118.70 34.22 11.11
C GLY B 145 -118.56 33.66 9.71
N PHE B 146 -118.99 34.44 8.72
CA PHE B 146 -118.80 34.11 7.31
C PHE B 146 -117.63 34.97 6.84
N TYR B 147 -116.43 34.44 6.92
CA TYR B 147 -115.23 35.26 6.78
C TYR B 147 -114.45 34.90 5.53
N LYS B 148 -113.49 35.77 5.21
CA LYS B 148 -112.67 35.66 4.02
C LYS B 148 -111.31 35.06 4.37
N SER B 149 -110.77 34.28 3.43
CA SER B 149 -109.43 33.72 3.54
C SER B 149 -108.75 33.90 2.20
N THR B 150 -107.42 34.02 2.23
CA THR B 150 -106.65 34.19 1.02
C THR B 150 -105.49 33.20 1.02
N TYR B 151 -105.03 32.85 -0.19
CA TYR B 151 -103.89 31.97 -0.31
C TYR B 151 -103.05 32.38 -1.53
N ARG B 152 -101.77 32.06 -1.46
CA ARG B 152 -100.81 32.44 -2.50
C ARG B 152 -100.53 31.25 -3.40
N THR B 153 -100.65 31.48 -4.71
CA THR B 153 -100.26 30.46 -5.67
C THR B 153 -98.74 30.46 -5.84
N LYS B 154 -98.23 29.40 -6.48
CA LYS B 154 -96.80 29.32 -6.71
C LYS B 154 -96.29 30.34 -7.70
N GLU B 155 -97.18 31.06 -8.39
CA GLU B 155 -96.80 32.12 -9.30
C GLU B 155 -96.89 33.50 -8.65
N GLY B 156 -97.15 33.56 -7.34
CA GLY B 156 -97.26 34.81 -6.63
C GLY B 156 -98.64 35.44 -6.64
N GLU B 157 -99.58 34.90 -7.40
CA GLU B 157 -100.92 35.47 -7.43
C GLU B 157 -101.64 35.18 -6.12
N LEU B 158 -102.60 36.05 -5.79
CA LEU B 158 -103.39 35.94 -4.57
C LEU B 158 -104.80 35.51 -4.93
N ARG B 159 -105.32 34.48 -4.25
CA ARG B 159 -106.65 33.97 -4.52
C ARG B 159 -107.48 34.02 -3.24
N ILE B 160 -108.79 34.18 -3.42
CA ILE B 160 -109.73 34.46 -2.34
C ILE B 160 -110.72 33.31 -2.21
N LEU B 161 -111.08 32.99 -0.97
CA LEU B 161 -112.13 32.02 -0.67
C LEU B 161 -112.93 32.53 0.52
N ALA B 162 -114.10 31.94 0.71
CA ALA B 162 -114.98 32.29 1.81
C ALA B 162 -115.26 31.06 2.65
N SER B 163 -115.02 31.15 3.95
CA SER B 163 -115.22 30.02 4.85
C SER B 163 -116.13 30.46 5.99
N THR B 164 -116.50 29.49 6.82
CA THR B 164 -117.41 29.72 7.94
C THR B 164 -116.80 29.26 9.25
N GLN B 165 -117.27 29.89 10.33
CA GLN B 165 -116.91 29.47 11.69
C GLN B 165 -118.00 30.02 12.61
N PHE B 166 -118.92 29.16 13.03
CA PHE B 166 -120.12 29.60 13.73
C PHE B 166 -120.10 29.37 15.23
N GLU B 167 -119.30 28.43 15.72
CA GLU B 167 -119.18 28.24 17.15
C GLU B 167 -118.48 29.47 17.75
N PRO B 168 -119.02 30.04 18.84
CA PRO B 168 -120.25 29.59 19.50
C PRO B 168 -121.51 30.38 19.11
N THR B 169 -121.39 31.69 18.90
CA THR B 169 -122.52 32.58 18.65
C THR B 169 -122.32 33.38 17.37
N ALA B 170 -121.74 32.76 16.33
CA ALA B 170 -121.40 33.46 15.10
C ALA B 170 -122.30 33.14 13.93
N ALA B 171 -123.21 32.17 14.07
CA ALA B 171 -124.15 31.87 12.98
C ALA B 171 -125.05 33.06 12.68
N ARG B 172 -125.34 33.88 13.69
CA ARG B 172 -126.17 35.07 13.52
C ARG B 172 -125.51 36.11 12.61
N MET B 173 -124.18 36.06 12.46
CA MET B 173 -123.49 36.96 11.55
C MET B 173 -123.60 36.53 10.09
N ALA B 174 -124.18 35.37 9.82
CA ALA B 174 -124.32 34.88 8.45
C ALA B 174 -125.76 34.62 8.07
N PHE B 175 -126.60 34.14 8.98
CA PHE B 175 -128.02 34.00 8.68
C PHE B 175 -128.82 34.21 9.96
N PRO B 176 -129.90 34.97 9.92
CA PRO B 176 -130.72 35.17 11.13
C PRO B 176 -131.39 33.87 11.53
N CYS B 177 -131.34 33.57 12.82
CA CYS B 177 -131.79 32.28 13.32
C CYS B 177 -131.94 32.38 14.83
N PHE B 178 -132.35 31.27 15.43
CA PHE B 178 -132.37 31.13 16.89
C PHE B 178 -131.04 30.51 17.29
N ASP B 179 -130.02 31.37 17.37
CA ASP B 179 -128.63 30.94 17.48
C ASP B 179 -128.32 30.51 18.91
N GLU B 180 -128.93 29.39 19.29
CA GLU B 180 -128.65 28.72 20.55
C GLU B 180 -128.55 27.22 20.30
N PRO B 181 -127.73 26.51 21.08
CA PRO B 181 -127.54 25.07 20.82
C PRO B 181 -128.77 24.23 21.13
N ALA B 182 -129.75 24.76 21.86
CA ALA B 182 -130.92 23.96 22.23
C ALA B 182 -131.97 23.92 21.15
N PHE B 183 -132.06 24.96 20.32
CA PHE B 183 -133.05 25.01 19.24
C PHE B 183 -132.48 24.26 18.03
N LYS B 184 -132.52 22.94 18.11
CA LYS B 184 -132.05 22.10 17.03
C LYS B 184 -133.08 22.05 15.90
N ALA B 185 -132.58 21.88 14.68
CA ALA B 185 -133.44 21.85 13.50
C ALA B 185 -132.66 21.26 12.33
N SER B 186 -133.37 21.01 11.24
CA SER B 186 -132.79 20.59 9.99
C SER B 186 -132.46 21.82 9.15
N PHE B 187 -131.57 21.64 8.17
CA PHE B 187 -131.08 22.76 7.37
C PHE B 187 -131.03 22.35 5.90
N SER B 188 -131.77 23.07 5.06
CA SER B 188 -131.69 22.94 3.60
C SER B 188 -130.93 24.14 3.06
N ILE B 189 -129.72 23.91 2.56
CA ILE B 189 -128.78 24.96 2.19
C ILE B 189 -128.69 25.07 0.68
N LYS B 190 -128.70 26.29 0.17
CA LYS B 190 -128.48 26.59 -1.24
C LYS B 190 -127.46 27.72 -1.33
N ILE B 191 -126.42 27.50 -2.11
CA ILE B 191 -125.30 28.43 -2.24
C ILE B 191 -125.17 28.82 -3.70
N ARG B 192 -124.98 30.12 -3.96
CA ARG B 192 -124.80 30.64 -5.31
C ARG B 192 -123.36 31.05 -5.52
N ARG B 193 -122.83 30.72 -6.69
CA ARG B 193 -121.42 30.93 -6.98
C ARG B 193 -121.22 31.12 -8.48
N GLU B 194 -120.05 31.63 -8.84
CA GLU B 194 -119.62 31.63 -10.22
C GLU B 194 -119.27 30.22 -10.66
N PRO B 195 -119.24 29.97 -11.98
CA PRO B 195 -118.80 28.64 -12.45
C PRO B 195 -117.40 28.29 -12.01
N ARG B 196 -116.50 29.28 -11.93
CA ARG B 196 -115.11 29.02 -11.57
C ARG B 196 -114.94 28.52 -10.14
N HIS B 197 -116.00 28.51 -9.34
CA HIS B 197 -115.91 28.17 -7.94
C HIS B 197 -116.42 26.76 -7.66
N LEU B 198 -116.22 26.34 -6.42
CA LEU B 198 -116.61 25.04 -5.89
C LEU B 198 -117.18 25.29 -4.51
N ALA B 199 -118.39 24.79 -4.27
CA ALA B 199 -119.10 25.01 -3.02
C ALA B 199 -119.30 23.67 -2.32
N ILE B 200 -118.94 23.63 -1.03
CA ILE B 200 -119.18 22.44 -0.22
C ILE B 200 -119.84 22.86 1.09
N SER B 201 -120.61 21.94 1.66
CA SER B 201 -121.39 22.24 2.87
C SER B 201 -121.49 20.96 3.70
N ASN B 202 -122.48 20.91 4.58
CA ASN B 202 -122.61 19.80 5.52
C ASN B 202 -122.98 18.51 4.81
N MET B 203 -123.95 18.57 3.91
CA MET B 203 -124.50 17.40 3.24
C MET B 203 -123.94 17.30 1.82
N PRO B 204 -124.12 16.16 1.16
CA PRO B 204 -123.68 16.06 -0.24
C PRO B 204 -124.46 17.00 -1.14
N LEU B 205 -123.85 17.33 -2.28
CA LEU B 205 -124.49 18.18 -3.28
C LEU B 205 -125.53 17.38 -4.05
N VAL B 206 -126.77 17.85 -4.01
CA VAL B 206 -127.86 17.13 -4.67
C VAL B 206 -128.00 17.56 -6.13
N LYS B 207 -128.00 18.86 -6.41
CA LYS B 207 -128.09 19.26 -7.82
C LYS B 207 -127.55 20.67 -8.01
N SER B 208 -127.27 21.00 -9.27
CA SER B 208 -126.78 22.32 -9.65
C SER B 208 -127.67 22.88 -10.75
N VAL B 209 -128.21 24.07 -10.54
CA VAL B 209 -129.15 24.70 -11.46
C VAL B 209 -128.57 26.03 -11.93
N THR B 210 -128.70 26.32 -13.23
CA THR B 210 -128.19 27.56 -13.80
C THR B 210 -129.21 28.68 -13.61
N VAL B 211 -129.32 29.15 -12.36
CA VAL B 211 -130.21 30.26 -12.03
C VAL B 211 -129.65 31.55 -12.62
N ALA B 212 -130.56 32.44 -13.04
CA ALA B 212 -130.19 33.70 -13.66
C ALA B 212 -129.27 33.45 -14.84
N GLU B 213 -128.20 34.24 -14.95
CA GLU B 213 -127.21 34.08 -16.00
C GLU B 213 -125.81 34.19 -15.42
N GLY B 214 -124.97 33.19 -15.72
CA GLY B 214 -123.56 33.25 -15.41
C GLY B 214 -123.15 32.77 -14.05
N LEU B 215 -124.10 32.42 -13.19
CA LEU B 215 -123.79 31.90 -11.86
C LEU B 215 -124.67 30.69 -11.56
N ILE B 216 -124.03 29.63 -11.03
CA ILE B 216 -124.71 28.37 -10.72
C ILE B 216 -125.20 28.41 -9.27
N GLU B 217 -126.30 27.70 -9.01
CA GLU B 217 -126.85 27.57 -7.68
C GLU B 217 -126.83 26.10 -7.30
N ASP B 218 -126.20 25.79 -6.17
CA ASP B 218 -126.05 24.41 -5.71
C ASP B 218 -127.05 24.11 -4.61
N HIS B 219 -127.92 23.13 -4.85
CA HIS B 219 -128.86 22.64 -3.86
C HIS B 219 -128.25 21.43 -3.17
N PHE B 220 -128.01 21.56 -1.87
CA PHE B 220 -127.47 20.52 -1.01
C PHE B 220 -128.60 19.78 -0.31
N ASP B 221 -128.30 18.55 0.12
CA ASP B 221 -129.27 17.76 0.86
C ASP B 221 -129.59 18.40 2.21
N VAL B 222 -130.69 17.94 2.83
CA VAL B 222 -131.15 18.45 4.11
C VAL B 222 -130.40 17.75 5.23
N THR B 223 -129.99 18.52 6.23
CA THR B 223 -129.22 17.99 7.35
C THR B 223 -130.15 17.30 8.34
N VAL B 224 -129.56 16.75 9.41
CA VAL B 224 -130.33 16.09 10.45
C VAL B 224 -130.58 17.11 11.57
N LYS B 225 -131.22 16.66 12.64
CA LYS B 225 -131.44 17.51 13.82
C LYS B 225 -130.11 17.88 14.44
N MET B 226 -129.69 19.13 14.29
CA MET B 226 -128.41 19.59 14.80
C MET B 226 -128.52 21.05 15.22
N SER B 227 -127.58 21.48 16.06
CA SER B 227 -127.56 22.85 16.53
C SER B 227 -127.08 23.78 15.42
N THR B 228 -127.28 25.08 15.64
CA THR B 228 -127.02 26.07 14.60
C THR B 228 -125.53 26.30 14.39
N TYR B 229 -124.71 26.14 15.42
CA TYR B 229 -123.29 26.42 15.29
C TYR B 229 -122.56 25.41 14.42
N LEU B 230 -123.22 24.32 14.01
CA LEU B 230 -122.61 23.30 13.18
C LEU B 230 -122.82 23.52 11.70
N VAL B 231 -123.56 24.56 11.30
CA VAL B 231 -123.72 24.88 9.89
C VAL B 231 -122.40 25.38 9.33
N ALA B 232 -122.10 25.00 8.09
CA ALA B 232 -120.85 25.42 7.46
C ALA B 232 -120.99 25.33 5.95
N PHE B 233 -120.24 26.18 5.26
CA PHE B 233 -120.16 26.15 3.81
C PHE B 233 -118.92 26.91 3.37
N ILE B 234 -118.33 26.45 2.27
CA ILE B 234 -117.08 26.99 1.76
C ILE B 234 -117.19 27.15 0.26
N ILE B 235 -116.81 28.34 -0.23
CA ILE B 235 -116.73 28.66 -1.64
C ILE B 235 -115.26 28.90 -1.97
N SER B 236 -114.69 28.05 -2.81
CA SER B 236 -113.26 28.15 -3.11
C SER B 236 -113.00 27.52 -4.47
N ASP B 237 -111.77 27.05 -4.69
CA ASP B 237 -111.41 26.23 -5.84
C ASP B 237 -110.53 25.08 -5.38
N PHE B 238 -110.90 24.46 -4.26
CA PHE B 238 -110.12 23.40 -3.66
C PHE B 238 -110.05 22.17 -4.56
N GLU B 239 -108.93 21.47 -4.48
CA GLU B 239 -108.84 20.10 -4.93
C GLU B 239 -109.10 19.17 -3.75
N SER B 240 -109.43 17.92 -4.06
CA SER B 240 -109.77 16.98 -3.00
C SER B 240 -109.27 15.58 -3.33
N VAL B 241 -109.10 14.78 -2.27
CA VAL B 241 -108.82 13.36 -2.36
C VAL B 241 -109.87 12.66 -1.50
N SER B 242 -110.31 11.52 -2.02
CA SER B 242 -111.42 10.80 -1.33
C SER B 242 -111.06 9.33 -1.11
N LYS B 243 -111.87 8.75 -0.17
CA LYS B 243 -111.70 7.36 0.21
C LYS B 243 -112.99 6.89 0.86
N ILE B 244 -113.22 5.58 0.82
CA ILE B 244 -114.43 4.99 1.35
C ILE B 244 -114.10 4.23 2.64
N THR B 245 -114.98 4.32 3.62
CA THR B 245 -114.86 3.51 4.81
C THR B 245 -115.44 2.11 4.56
N LYS B 246 -115.19 1.20 5.50
CA LYS B 246 -115.81 -0.11 5.40
C LYS B 246 -117.31 -0.07 5.63
N SER B 247 -117.84 1.06 6.12
CA SER B 247 -119.27 1.23 6.32
C SER B 247 -119.94 2.04 5.21
N GLY B 248 -119.20 2.46 4.20
CA GLY B 248 -119.77 3.14 3.06
C GLY B 248 -119.83 4.65 3.12
N VAL B 249 -119.21 5.27 4.11
CA VAL B 249 -119.20 6.73 4.19
C VAL B 249 -118.13 7.27 3.27
N LYS B 250 -118.45 8.34 2.55
CA LYS B 250 -117.53 8.94 1.59
C LYS B 250 -116.69 9.99 2.32
N VAL B 251 -115.43 9.65 2.60
CA VAL B 251 -114.50 10.55 3.29
C VAL B 251 -113.63 11.25 2.26
N SER B 252 -113.58 12.57 2.33
CA SER B 252 -112.78 13.37 1.41
C SER B 252 -111.98 14.42 2.19
N VAL B 253 -110.88 14.86 1.60
CA VAL B 253 -110.03 15.90 2.19
C VAL B 253 -109.77 16.96 1.13
N TYR B 254 -110.20 18.19 1.41
CA TYR B 254 -110.04 19.33 0.53
C TYR B 254 -108.91 20.22 1.03
N ALA B 255 -108.18 20.81 0.08
CA ALA B 255 -107.12 21.76 0.39
C ALA B 255 -106.86 22.61 -0.85
N VAL B 256 -106.03 23.64 -0.67
CA VAL B 256 -105.66 24.52 -1.78
C VAL B 256 -104.94 23.69 -2.83
N PRO B 257 -105.03 24.05 -4.12
CA PRO B 257 -104.50 23.16 -5.17
C PRO B 257 -103.03 22.83 -5.03
N ASP B 258 -102.21 23.77 -4.54
CA ASP B 258 -100.78 23.54 -4.46
C ASP B 258 -100.38 22.69 -3.25
N LYS B 259 -101.31 22.38 -2.35
CA LYS B 259 -101.00 21.61 -1.15
C LYS B 259 -101.81 20.34 -1.01
N ILE B 260 -102.50 19.91 -2.07
CA ILE B 260 -103.35 18.73 -1.98
C ILE B 260 -102.53 17.46 -1.80
N ASN B 261 -101.27 17.47 -2.24
CA ASN B 261 -100.42 16.28 -2.13
C ASN B 261 -99.99 15.96 -0.70
N GLN B 262 -100.40 16.77 0.28
CA GLN B 262 -100.07 16.53 1.68
C GLN B 262 -101.26 15.99 2.49
N ALA B 263 -102.32 15.53 1.82
CA ALA B 263 -103.55 15.11 2.47
C ALA B 263 -103.67 13.60 2.67
N ASP B 264 -102.66 12.83 2.27
CA ASP B 264 -102.78 11.37 2.29
C ASP B 264 -102.90 10.83 3.71
N TYR B 265 -101.98 11.21 4.60
CA TYR B 265 -102.05 10.74 5.97
C TYR B 265 -103.32 11.22 6.66
N ALA B 266 -103.72 12.46 6.38
CA ALA B 266 -104.96 12.98 6.95
C ALA B 266 -106.14 12.11 6.54
N LEU B 267 -106.25 11.80 5.24
CA LEU B 267 -107.37 11.00 4.74
C LEU B 267 -107.35 9.59 5.34
N ASP B 268 -106.19 8.95 5.35
CA ASP B 268 -106.10 7.58 5.84
C ASP B 268 -106.44 7.50 7.32
N ALA B 269 -105.82 8.37 8.13
CA ALA B 269 -106.13 8.37 9.56
C ALA B 269 -107.58 8.77 9.81
N ALA B 270 -108.15 9.62 8.97
CA ALA B 270 -109.56 9.98 9.11
C ALA B 270 -110.46 8.78 8.90
N VAL B 271 -110.22 8.01 7.84
CA VAL B 271 -111.02 6.82 7.59
C VAL B 271 -110.88 5.84 8.75
N THR B 272 -109.65 5.59 9.19
CA THR B 272 -109.42 4.65 10.28
C THR B 272 -110.14 5.08 11.55
N LEU B 273 -110.01 6.36 11.91
CA LEU B 273 -110.61 6.85 13.15
C LEU B 273 -112.13 6.88 13.07
N LEU B 274 -112.69 7.18 11.88
CA LEU B 274 -114.14 7.15 11.74
C LEU B 274 -114.67 5.73 11.91
N GLU B 275 -114.00 4.75 11.30
CA GLU B 275 -114.41 3.36 11.50
C GLU B 275 -114.29 2.95 12.96
N PHE B 276 -113.21 3.36 13.63
CA PHE B 276 -113.04 3.04 15.03
C PHE B 276 -114.16 3.62 15.88
N TYR B 277 -114.52 4.88 15.63
CA TYR B 277 -115.55 5.52 16.43
C TYR B 277 -116.90 4.87 16.20
N GLU B 278 -117.23 4.54 14.94
CA GLU B 278 -118.45 3.79 14.66
C GLU B 278 -118.48 2.49 15.46
N ASP B 279 -117.41 1.71 15.37
CA ASP B 279 -117.35 0.42 16.05
C ASP B 279 -117.45 0.58 17.56
N TYR B 280 -116.73 1.56 18.11
CA TYR B 280 -116.66 1.72 19.56
C TYR B 280 -118.01 2.14 20.12
N PHE B 281 -118.62 3.17 19.54
CA PHE B 281 -119.89 3.69 20.04
C PHE B 281 -121.08 2.82 19.69
N SER B 282 -120.93 1.88 18.74
CA SER B 282 -122.04 1.06 18.25
C SER B 282 -123.15 1.93 17.68
N ILE B 283 -122.77 3.08 17.12
CA ILE B 283 -123.70 4.03 16.53
C ILE B 283 -123.12 4.49 15.19
N PRO B 284 -123.73 4.12 14.06
CA PRO B 284 -123.16 4.49 12.76
C PRO B 284 -123.16 5.99 12.54
N TYR B 285 -122.23 6.43 11.71
CA TYR B 285 -122.15 7.82 11.28
C TYR B 285 -123.36 8.15 10.41
N PRO B 286 -124.21 9.11 10.78
CA PRO B 286 -125.48 9.27 10.08
C PRO B 286 -125.35 9.92 8.70
N LEU B 287 -124.34 10.76 8.47
CA LEU B 287 -124.29 11.48 7.21
C LEU B 287 -123.64 10.62 6.12
N PRO B 288 -123.97 10.88 4.85
CA PRO B 288 -123.35 10.09 3.77
C PRO B 288 -121.86 10.35 3.60
N LYS B 289 -121.42 11.60 3.79
CA LYS B 289 -120.04 11.97 3.54
C LYS B 289 -119.46 12.69 4.74
N GLN B 290 -118.14 12.59 4.86
CA GLN B 290 -117.35 13.30 5.85
C GLN B 290 -116.22 14.01 5.11
N ASP B 291 -116.11 15.32 5.30
CA ASP B 291 -115.14 16.12 4.58
C ASP B 291 -114.20 16.79 5.57
N LEU B 292 -112.94 16.91 5.19
CA LEU B 292 -111.91 17.55 6.00
C LEU B 292 -111.24 18.61 5.14
N ALA B 293 -111.55 19.88 5.38
CA ALA B 293 -111.07 20.97 4.55
C ALA B 293 -109.99 21.76 5.30
N ALA B 294 -108.88 22.03 4.62
CA ALA B 294 -107.76 22.77 5.18
C ALA B 294 -107.91 24.24 4.80
N ILE B 295 -108.29 25.06 5.79
CA ILE B 295 -108.54 26.49 5.55
C ILE B 295 -107.25 27.28 5.75
N PRO B 296 -106.88 28.15 4.80
CA PRO B 296 -105.63 28.91 4.96
C PRO B 296 -105.66 29.88 6.13
N ASP B 297 -106.83 30.46 6.44
CA ASP B 297 -106.98 31.39 7.56
C ASP B 297 -107.94 30.77 8.56
N PHE B 298 -107.40 30.31 9.68
CA PHE B 298 -108.23 29.69 10.71
C PHE B 298 -107.73 30.11 12.08
N GLN B 299 -108.66 30.36 13.00
CA GLN B 299 -108.37 30.78 14.36
C GLN B 299 -108.15 29.60 15.29
N SER B 300 -109.12 28.68 15.34
CA SER B 300 -109.00 27.50 16.18
C SER B 300 -107.99 26.53 15.57
N GLY B 301 -107.75 25.43 16.27
CA GLY B 301 -107.05 24.32 15.62
C GLY B 301 -107.90 23.69 14.54
N ALA B 302 -109.19 23.50 14.82
CA ALA B 302 -110.11 22.88 13.88
C ALA B 302 -111.53 23.22 14.33
N MET B 303 -112.51 22.65 13.61
CA MET B 303 -113.92 22.83 13.95
C MET B 303 -114.68 21.59 13.51
N GLU B 304 -115.71 21.24 14.29
CA GLU B 304 -116.41 19.97 14.17
C GLU B 304 -117.70 20.06 13.38
N ASN B 305 -117.75 20.93 12.37
CA ASN B 305 -118.97 21.08 11.57
C ASN B 305 -119.39 19.72 11.00
N TRP B 306 -120.64 19.33 11.28
CA TRP B 306 -121.13 18.00 10.93
C TRP B 306 -121.06 17.77 9.43
N GLY B 307 -120.20 16.84 9.01
CA GLY B 307 -120.02 16.55 7.60
C GLY B 307 -119.02 17.41 6.87
N LEU B 308 -118.46 18.44 7.52
CA LEU B 308 -117.49 19.32 6.89
C LEU B 308 -116.59 19.90 7.99
N THR B 309 -115.72 19.06 8.54
CA THR B 309 -114.75 19.53 9.51
C THR B 309 -113.72 20.42 8.82
N THR B 310 -113.36 21.50 9.50
CA THR B 310 -112.41 22.47 8.98
C THR B 310 -111.16 22.48 9.86
N TYR B 311 -110.02 22.78 9.25
CA TYR B 311 -108.73 22.65 9.93
C TYR B 311 -107.82 23.81 9.55
N ARG B 312 -106.79 23.99 10.36
CA ARG B 312 -105.62 24.73 9.92
C ARG B 312 -104.79 23.84 8.99
N GLU B 313 -104.19 24.46 7.98
CA GLU B 313 -103.28 23.71 7.12
C GLU B 313 -102.17 23.06 7.94
N SER B 314 -101.65 23.79 8.94
CA SER B 314 -100.66 23.22 9.84
C SER B 314 -101.22 22.05 10.63
N ALA B 315 -102.52 22.06 10.90
CA ALA B 315 -103.14 21.03 11.73
C ALA B 315 -103.70 19.87 10.92
N LEU B 316 -103.64 19.94 9.59
CA LEU B 316 -104.17 18.81 8.81
C LEU B 316 -103.17 18.25 7.80
N LEU B 317 -102.34 19.08 7.20
CA LEU B 317 -101.51 18.65 6.08
C LEU B 317 -100.14 18.15 6.57
N PHE B 318 -99.65 17.09 5.93
CA PHE B 318 -98.44 16.40 6.35
C PHE B 318 -97.50 16.24 5.15
N ASP B 319 -96.28 16.77 5.27
CA ASP B 319 -95.25 16.65 4.25
C ASP B 319 -94.17 15.72 4.78
N ALA B 320 -93.98 14.58 4.11
CA ALA B 320 -93.04 13.57 4.57
C ALA B 320 -91.61 14.09 4.59
N GLU B 321 -91.29 15.07 3.75
CA GLU B 321 -89.92 15.56 3.64
C GLU B 321 -89.58 16.61 4.69
N LYS B 322 -90.57 17.33 5.22
CA LYS B 322 -90.31 18.46 6.11
C LYS B 322 -91.11 18.47 7.40
N SER B 323 -92.22 17.73 7.50
CA SER B 323 -93.01 17.75 8.71
C SER B 323 -92.36 16.92 9.82
N SER B 324 -92.55 17.37 11.05
CA SER B 324 -91.95 16.73 12.21
C SER B 324 -92.85 15.64 12.78
N ALA B 325 -92.24 14.76 13.57
CA ALA B 325 -93.02 13.74 14.27
C ALA B 325 -94.04 14.38 15.19
N SER B 326 -93.68 15.51 15.81
CA SER B 326 -94.65 16.30 16.56
C SER B 326 -95.84 16.68 15.69
N SER B 327 -95.56 17.12 14.45
CA SER B 327 -96.64 17.52 13.54
C SER B 327 -97.52 16.35 13.15
N LYS B 328 -96.93 15.18 12.91
CA LYS B 328 -97.72 14.02 12.55
C LYS B 328 -98.62 13.59 13.71
N LEU B 329 -98.06 13.54 14.92
CA LEU B 329 -98.87 13.22 16.10
C LEU B 329 -99.98 14.24 16.31
N GLY B 330 -99.68 15.53 16.10
CA GLY B 330 -100.70 16.56 16.26
C GLY B 330 -101.83 16.44 15.26
N ILE B 331 -101.50 16.14 14.00
CA ILE B 331 -102.54 15.93 12.99
C ILE B 331 -103.42 14.75 13.39
N THR B 332 -102.79 13.65 13.84
CA THR B 332 -103.57 12.48 14.25
C THR B 332 -104.52 12.82 15.38
N MET B 333 -104.01 13.52 16.41
CA MET B 333 -104.84 13.85 17.56
C MET B 333 -105.97 14.80 17.17
N THR B 334 -105.71 15.74 16.26
CA THR B 334 -106.74 16.70 15.85
C THR B 334 -107.84 16.01 15.06
N VAL B 335 -107.47 15.14 14.11
CA VAL B 335 -108.48 14.41 13.35
C VAL B 335 -109.31 13.54 14.28
N ALA B 336 -108.65 12.89 15.25
CA ALA B 336 -109.39 12.09 16.22
C ALA B 336 -110.35 12.95 17.04
N HIS B 337 -109.90 14.14 17.43
CA HIS B 337 -110.74 15.05 18.19
C HIS B 337 -112.00 15.41 17.42
N GLU B 338 -111.85 15.79 16.15
CA GLU B 338 -113.02 16.22 15.38
C GLU B 338 -113.96 15.05 15.11
N LEU B 339 -113.41 13.88 14.79
CA LEU B 339 -114.28 12.73 14.55
C LEU B 339 -114.96 12.26 15.83
N ALA B 340 -114.33 12.48 16.99
CA ALA B 340 -115.01 12.23 18.26
C ALA B 340 -116.12 13.24 18.50
N HIS B 341 -115.88 14.50 18.13
CA HIS B 341 -116.92 15.53 18.21
C HIS B 341 -118.13 15.15 17.38
N GLN B 342 -117.90 14.42 16.28
CA GLN B 342 -119.01 13.97 15.45
C GLN B 342 -120.09 13.23 16.24
N TRP B 343 -119.72 12.59 17.34
CA TRP B 343 -120.67 11.98 18.26
C TRP B 343 -120.91 12.82 19.51
N PHE B 344 -119.83 13.21 20.21
CA PHE B 344 -119.93 14.03 21.41
C PHE B 344 -119.92 15.49 21.00
N GLY B 345 -121.11 16.03 20.75
CA GLY B 345 -121.24 17.41 20.34
C GLY B 345 -122.28 17.65 19.27
N ASN B 346 -122.28 16.78 18.25
CA ASN B 346 -123.20 16.88 17.13
C ASN B 346 -124.43 16.01 17.33
N LEU B 347 -124.23 14.70 17.52
CA LEU B 347 -125.34 13.80 17.80
C LEU B 347 -126.01 14.15 19.11
N VAL B 348 -125.23 14.24 20.19
CA VAL B 348 -125.72 14.65 21.51
C VAL B 348 -125.04 15.96 21.85
N THR B 349 -125.82 17.03 21.97
CA THR B 349 -125.24 18.33 22.25
C THR B 349 -125.59 18.77 23.67
N MET B 350 -124.66 19.51 24.29
CA MET B 350 -125.00 20.14 25.56
C MET B 350 -126.13 21.12 25.35
N GLU B 351 -126.89 21.39 26.41
CA GLU B 351 -128.03 22.27 26.22
C GLU B 351 -127.65 23.74 26.30
N TRP B 352 -126.72 24.09 27.19
CA TRP B 352 -126.22 25.44 27.29
C TRP B 352 -124.71 25.41 27.47
N TRP B 353 -124.05 26.51 27.07
CA TRP B 353 -122.59 26.58 27.02
C TRP B 353 -121.93 26.47 28.39
N ASN B 354 -122.72 26.42 29.47
CA ASN B 354 -122.16 26.16 30.79
C ASN B 354 -121.63 24.74 30.89
N ASP B 355 -122.21 23.81 30.13
CA ASP B 355 -121.75 22.43 30.06
C ASP B 355 -120.96 22.16 28.79
N LEU B 356 -120.21 23.16 28.31
CA LEU B 356 -119.35 22.99 27.15
C LEU B 356 -118.35 21.86 27.33
N TRP B 357 -118.01 21.52 28.58
CA TRP B 357 -117.09 20.42 28.81
C TRP B 357 -117.66 19.09 28.34
N LEU B 358 -118.98 18.91 28.42
CA LEU B 358 -119.61 17.68 27.91
C LEU B 358 -119.30 17.43 26.45
N ASN B 359 -118.96 18.47 25.69
CA ASN B 359 -118.43 18.29 24.34
C ASN B 359 -116.90 18.20 24.37
N GLU B 360 -116.25 19.24 24.92
CA GLU B 360 -114.83 19.40 24.68
C GLU B 360 -113.96 18.42 25.47
N GLY B 361 -114.26 18.23 26.75
CA GLY B 361 -113.50 17.26 27.53
C GLY B 361 -113.66 15.84 27.02
N PHE B 362 -114.89 15.48 26.65
CA PHE B 362 -115.11 14.15 26.08
C PHE B 362 -114.38 13.98 24.76
N ALA B 363 -114.34 15.01 23.93
CA ALA B 363 -113.60 14.90 22.68
C ALA B 363 -112.10 14.77 22.93
N LYS B 364 -111.57 15.58 23.84
CA LYS B 364 -110.15 15.52 24.17
C LYS B 364 -109.77 14.16 24.77
N PHE B 365 -110.70 13.52 25.49
CA PHE B 365 -110.41 12.20 26.04
C PHE B 365 -110.55 11.10 24.99
N MET B 366 -111.54 11.22 24.10
CA MET B 366 -111.66 10.26 23.03
C MET B 366 -110.46 10.33 22.09
N GLU B 367 -109.80 11.48 22.01
CA GLU B 367 -108.49 11.53 21.35
C GLU B 367 -107.59 10.39 21.81
N PHE B 368 -107.33 10.34 23.12
CA PHE B 368 -106.47 9.28 23.66
C PHE B 368 -107.08 7.91 23.45
N VAL B 369 -108.35 7.75 23.85
CA VAL B 369 -109.00 6.44 23.78
C VAL B 369 -108.95 5.87 22.37
N SER B 370 -109.03 6.72 21.35
CA SER B 370 -109.07 6.27 19.97
C SER B 370 -107.69 6.09 19.37
N VAL B 371 -106.78 7.05 19.57
CA VAL B 371 -105.47 6.97 18.94
C VAL B 371 -104.63 5.86 19.56
N SER B 372 -104.74 5.66 20.88
CA SER B 372 -103.99 4.58 21.52
C SER B 372 -104.33 3.20 20.94
N VAL B 373 -105.42 3.09 20.20
CA VAL B 373 -105.80 1.86 19.53
C VAL B 373 -105.51 1.92 18.04
N THR B 374 -105.85 3.03 17.38
CA THR B 374 -105.73 3.11 15.92
C THR B 374 -104.29 3.31 15.47
N HIS B 375 -103.50 4.07 16.21
CA HIS B 375 -102.10 4.34 15.89
C HIS B 375 -101.25 4.00 17.10
N PRO B 376 -101.11 2.70 17.41
CA PRO B 376 -100.37 2.34 18.63
C PRO B 376 -98.88 2.63 18.56
N GLU B 377 -98.32 2.85 17.36
CA GLU B 377 -96.91 3.23 17.27
C GLU B 377 -96.65 4.60 17.85
N LEU B 378 -97.69 5.43 18.04
CA LEU B 378 -97.51 6.75 18.63
C LEU B 378 -97.36 6.68 20.14
N LYS B 379 -98.09 5.77 20.79
CA LYS B 379 -98.06 5.61 22.25
C LYS B 379 -98.42 6.94 22.95
N VAL B 380 -99.65 7.39 22.69
CA VAL B 380 -100.11 8.68 23.22
C VAL B 380 -100.27 8.66 24.74
N GLY B 381 -100.31 7.48 25.35
CA GLY B 381 -100.30 7.39 26.80
C GLY B 381 -99.03 7.93 27.42
N ASP B 382 -97.96 8.07 26.62
CA ASP B 382 -96.73 8.65 27.13
C ASP B 382 -96.87 10.15 27.34
N TYR B 383 -97.56 10.85 26.43
CA TYR B 383 -97.60 12.30 26.44
C TYR B 383 -98.94 12.88 26.91
N PHE B 384 -99.94 12.05 27.21
CA PHE B 384 -101.26 12.58 27.51
C PHE B 384 -101.28 13.51 28.73
N PHE B 385 -100.68 13.07 29.84
CA PHE B 385 -100.94 13.68 31.16
C PHE B 385 -100.25 15.02 31.37
N GLY B 386 -99.39 15.46 30.45
CA GLY B 386 -98.99 16.86 30.44
C GLY B 386 -100.18 17.80 30.42
N LYS B 387 -101.27 17.38 29.79
CA LYS B 387 -102.52 18.13 29.84
C LYS B 387 -102.98 18.33 31.28
N CYS B 388 -103.04 17.24 32.05
CA CYS B 388 -103.48 17.33 33.44
C CYS B 388 -102.56 18.26 34.24
N PHE B 389 -101.24 18.13 34.03
CA PHE B 389 -100.31 18.96 34.79
C PHE B 389 -100.48 20.44 34.46
N ASP B 390 -100.49 20.79 33.18
CA ASP B 390 -100.65 22.19 32.80
C ASP B 390 -102.01 22.72 33.21
N ALA B 391 -103.04 21.86 33.25
CA ALA B 391 -104.35 22.29 33.72
C ALA B 391 -104.33 22.57 35.22
N MET B 392 -103.63 21.74 35.99
CA MET B 392 -103.48 21.98 37.42
C MET B 392 -102.78 23.31 37.66
N GLU B 393 -101.83 23.66 36.78
CA GLU B 393 -101.11 24.93 36.92
C GLU B 393 -102.06 26.11 37.04
N VAL B 394 -103.21 26.08 36.38
CA VAL B 394 -104.14 27.19 36.41
C VAL B 394 -105.30 26.90 37.36
N ASP B 395 -105.70 25.64 37.47
CA ASP B 395 -106.82 25.30 38.36
C ASP B 395 -106.42 25.45 39.82
N ALA B 396 -105.13 25.44 40.12
CA ALA B 396 -104.68 25.76 41.47
C ALA B 396 -104.90 27.22 41.81
N LEU B 397 -105.35 28.04 40.86
CA LEU B 397 -105.56 29.44 41.14
C LEU B 397 -106.92 29.66 41.79
N ASN B 398 -106.99 30.75 42.54
CA ASN B 398 -108.22 31.12 43.23
C ASN B 398 -109.25 31.68 42.25
N SER B 399 -108.80 32.26 41.14
CA SER B 399 -109.71 32.73 40.10
C SER B 399 -110.20 31.62 39.18
N SER B 400 -109.76 30.37 39.38
CA SER B 400 -110.24 29.27 38.57
C SER B 400 -111.72 29.03 38.83
N HIS B 401 -112.36 28.32 37.90
CA HIS B 401 -113.78 28.05 37.96
C HIS B 401 -114.03 26.54 37.91
N PRO B 402 -115.20 26.09 38.39
CA PRO B 402 -115.55 24.68 38.24
C PRO B 402 -115.71 24.29 36.78
N VAL B 403 -115.67 22.99 36.52
CA VAL B 403 -115.78 22.48 35.15
C VAL B 403 -117.08 22.94 34.51
N SER B 404 -118.15 22.99 35.31
CA SER B 404 -119.46 23.46 34.86
C SER B 404 -119.82 24.72 35.66
N THR B 405 -119.89 25.86 34.98
CA THR B 405 -120.15 27.14 35.63
C THR B 405 -121.01 28.00 34.71
N PRO B 406 -121.89 28.82 35.27
CA PRO B 406 -122.83 29.58 34.43
C PRO B 406 -122.15 30.67 33.61
N VAL B 407 -122.64 30.83 32.38
CA VAL B 407 -122.20 31.88 31.47
C VAL B 407 -123.41 32.37 30.70
N GLU B 408 -123.36 33.65 30.28
CA GLU B 408 -124.50 34.20 29.53
C GLU B 408 -124.06 34.86 28.22
N ASN B 409 -123.21 35.88 28.29
CA ASN B 409 -122.87 36.63 27.09
C ASN B 409 -121.80 35.92 26.26
N PRO B 410 -121.70 36.28 24.97
CA PRO B 410 -120.73 35.59 24.09
C PRO B 410 -119.30 35.65 24.58
N ALA B 411 -118.88 36.73 25.25
CA ALA B 411 -117.51 36.78 25.77
C ALA B 411 -117.27 35.68 26.79
N GLN B 412 -118.21 35.50 27.73
CA GLN B 412 -118.11 34.43 28.71
C GLN B 412 -118.14 33.07 28.02
N ILE B 413 -119.00 32.93 27.01
CA ILE B 413 -119.13 31.67 26.30
C ILE B 413 -117.81 31.32 25.60
N ARG B 414 -117.17 32.31 24.97
CA ARG B 414 -115.85 32.08 24.39
C ARG B 414 -114.82 31.73 25.45
N GLU B 415 -114.90 32.39 26.61
CA GLU B 415 -113.98 32.09 27.70
C GLU B 415 -114.10 30.65 28.17
N MET B 416 -115.28 30.05 28.01
CA MET B 416 -115.47 28.67 28.46
C MET B 416 -114.55 27.67 27.75
N PHE B 417 -114.03 27.99 26.56
CA PHE B 417 -113.12 27.09 25.84
C PHE B 417 -111.70 27.23 26.39
N ASP B 418 -111.51 26.81 27.65
CA ASP B 418 -110.22 26.98 28.29
C ASP B 418 -109.64 25.62 28.70
N ASP B 419 -108.50 25.69 29.40
CA ASP B 419 -107.82 24.48 29.86
C ASP B 419 -108.68 23.65 30.79
N VAL B 420 -109.58 24.27 31.55
CA VAL B 420 -110.46 23.49 32.42
C VAL B 420 -111.31 22.55 31.58
N SER B 421 -112.12 23.12 30.68
CA SER B 421 -113.12 22.33 29.95
C SER B 421 -112.48 21.24 29.10
N TYR B 422 -111.27 21.47 28.58
CA TYR B 422 -110.57 20.47 27.77
C TYR B 422 -109.75 19.53 28.67
N ASP B 423 -108.67 20.06 29.23
CA ASP B 423 -107.71 19.22 29.96
C ASP B 423 -108.31 18.65 31.24
N LYS B 424 -108.89 19.51 32.10
CA LYS B 424 -109.41 19.00 33.36
C LYS B 424 -110.59 18.07 33.14
N GLY B 425 -111.44 18.38 32.16
CA GLY B 425 -112.53 17.48 31.82
C GLY B 425 -112.04 16.13 31.37
N ALA B 426 -111.03 16.11 30.49
CA ALA B 426 -110.49 14.84 30.01
C ALA B 426 -109.81 14.07 31.13
N CYS B 427 -109.16 14.76 32.05
CA CYS B 427 -108.45 14.08 33.13
C CYS B 427 -109.42 13.49 34.15
N ILE B 428 -110.50 14.20 34.47
CA ILE B 428 -111.51 13.64 35.36
C ILE B 428 -112.27 12.50 34.66
N LEU B 429 -112.42 12.59 33.33
CA LEU B 429 -113.04 11.48 32.61
C LEU B 429 -112.16 10.24 32.61
N ASN B 430 -110.85 10.42 32.42
CA ASN B 430 -109.93 9.29 32.55
C ASN B 430 -109.96 8.73 33.96
N MET B 431 -110.00 9.61 34.96
CA MET B 431 -110.06 9.15 36.35
C MET B 431 -111.32 8.32 36.60
N LEU B 432 -112.45 8.76 36.05
CA LEU B 432 -113.68 8.00 36.22
C LEU B 432 -113.63 6.67 35.49
N ARG B 433 -113.06 6.66 34.28
CA ARG B 433 -112.93 5.41 33.53
C ARG B 433 -111.99 4.45 34.24
N GLU B 434 -110.99 4.97 34.95
CA GLU B 434 -110.08 4.13 35.71
C GLU B 434 -110.69 3.64 37.02
N TYR B 435 -111.60 4.43 37.59
CA TYR B 435 -112.28 4.00 38.81
C TYR B 435 -113.30 2.91 38.49
N LEU B 436 -114.19 3.18 37.54
CA LEU B 436 -115.07 2.15 37.01
C LEU B 436 -114.25 1.19 36.13
N SER B 437 -114.93 0.17 35.61
CA SER B 437 -114.30 -0.67 34.60
C SER B 437 -114.25 0.08 33.26
N ALA B 438 -113.23 -0.23 32.46
CA ALA B 438 -113.19 0.29 31.10
C ALA B 438 -114.42 -0.14 30.32
N ASP B 439 -114.86 -1.39 30.54
CA ASP B 439 -116.08 -1.86 29.90
C ASP B 439 -117.30 -1.14 30.47
N ALA B 440 -117.31 -0.89 31.78
CA ALA B 440 -118.43 -0.15 32.38
C ALA B 440 -118.48 1.29 31.87
N PHE B 441 -117.31 1.94 31.75
CA PHE B 441 -117.28 3.29 31.20
C PHE B 441 -117.76 3.33 29.75
N LYS B 442 -117.33 2.36 28.94
CA LYS B 442 -117.81 2.28 27.57
C LYS B 442 -119.31 2.09 27.52
N SER B 443 -119.84 1.18 28.35
CA SER B 443 -121.28 0.95 28.39
C SER B 443 -122.02 2.22 28.77
N GLY B 444 -121.49 2.95 29.75
CA GLY B 444 -122.11 4.21 30.16
C GLY B 444 -122.18 5.21 29.03
N ILE B 445 -121.06 5.43 28.34
CA ILE B 445 -121.05 6.45 27.29
C ILE B 445 -121.90 6.02 26.10
N VAL B 446 -121.94 4.72 25.78
CA VAL B 446 -122.78 4.25 24.68
C VAL B 446 -124.25 4.43 25.01
N GLN B 447 -124.66 4.06 26.23
CA GLN B 447 -126.05 4.28 26.65
C GLN B 447 -126.38 5.77 26.62
N TYR B 448 -125.44 6.62 27.06
CA TYR B 448 -125.64 8.06 27.02
C TYR B 448 -125.94 8.53 25.60
N LEU B 449 -125.07 8.18 24.66
CA LEU B 449 -125.23 8.65 23.28
C LEU B 449 -126.52 8.10 22.66
N GLN B 450 -126.83 6.82 22.90
CA GLN B 450 -128.01 6.24 22.28
C GLN B 450 -129.29 6.85 22.85
N LYS B 451 -129.35 7.09 24.16
CA LYS B 451 -130.57 7.64 24.74
C LYS B 451 -130.74 9.12 24.40
N HIS B 452 -129.64 9.87 24.24
CA HIS B 452 -129.75 11.30 24.02
C HIS B 452 -129.38 11.72 22.59
N SER B 453 -129.38 10.79 21.65
CA SER B 453 -129.12 11.13 20.25
C SER B 453 -130.11 12.16 19.75
N TYR B 454 -129.60 13.11 18.93
CA TYR B 454 -130.41 14.16 18.32
C TYR B 454 -131.09 15.03 19.36
N LYS B 455 -130.50 15.11 20.56
CA LYS B 455 -131.09 15.88 21.65
C LYS B 455 -130.02 16.70 22.35
N ASN B 456 -130.44 17.36 23.43
CA ASN B 456 -129.55 18.17 24.25
C ASN B 456 -129.58 17.64 25.69
N THR B 457 -128.45 17.78 26.37
CA THR B 457 -128.28 17.22 27.70
C THR B 457 -127.70 18.26 28.65
N LYS B 458 -128.01 18.09 29.93
CA LYS B 458 -127.37 18.85 30.99
C LYS B 458 -126.31 17.97 31.65
N ASN B 459 -125.64 18.54 32.65
CA ASN B 459 -124.53 17.83 33.30
C ASN B 459 -124.99 16.56 34.01
N GLU B 460 -126.25 16.51 34.44
CA GLU B 460 -126.71 15.40 35.29
C GLU B 460 -127.02 14.14 34.49
N ASP B 461 -127.34 14.29 33.21
CA ASP B 461 -127.68 13.13 32.39
C ASP B 461 -126.48 12.18 32.27
N LEU B 462 -125.27 12.74 32.20
CA LEU B 462 -124.08 11.90 32.15
C LEU B 462 -123.95 11.04 33.40
N TRP B 463 -124.17 11.65 34.57
CA TRP B 463 -124.05 10.88 35.81
C TRP B 463 -125.17 9.85 35.92
N ASP B 464 -126.37 10.16 35.43
CA ASP B 464 -127.43 9.16 35.40
C ASP B 464 -127.05 7.97 34.51
N SER B 465 -126.52 8.27 33.32
CA SER B 465 -126.12 7.21 32.40
C SER B 465 -124.95 6.40 32.96
N MET B 466 -124.11 7.03 33.77
CA MET B 466 -122.99 6.30 34.37
C MET B 466 -123.46 5.43 35.53
N ALA B 467 -124.41 5.92 36.33
CA ALA B 467 -124.93 5.14 37.44
C ALA B 467 -125.85 4.00 37.00
N SER B 468 -126.46 4.11 35.82
CA SER B 468 -127.21 2.98 35.29
C SER B 468 -126.30 1.81 34.90
N ILE B 469 -124.99 2.01 34.87
CA ILE B 469 -124.04 0.96 34.57
C ILE B 469 -123.20 0.59 35.79
N GLY B 470 -122.85 1.57 36.62
CA GLY B 470 -122.09 1.35 37.83
C GLY B 470 -122.92 0.85 39.00
N GLY B 471 -122.91 -0.47 39.23
CA GLY B 471 -123.76 -1.07 40.23
C GLY B 471 -123.06 -1.91 41.28
N GLY B 472 -121.76 -1.68 41.48
CA GLY B 472 -121.03 -2.38 42.53
C GLY B 472 -120.97 -1.60 43.83
N GLY B 473 -122.02 -0.84 44.10
CA GLY B 473 -122.04 0.07 45.22
C GLY B 473 -121.42 1.41 44.90
N VAL B 474 -121.50 1.85 43.65
CA VAL B 474 -120.84 3.05 43.18
C VAL B 474 -121.90 4.01 42.68
N ASP B 475 -122.19 5.05 43.46
CA ASP B 475 -123.06 6.14 43.00
C ASP B 475 -122.12 7.18 42.42
N VAL B 476 -121.84 7.05 41.13
CA VAL B 476 -120.91 7.91 40.42
C VAL B 476 -121.32 9.38 40.52
N LYS B 477 -122.60 9.62 40.76
CA LYS B 477 -123.16 10.96 40.67
C LYS B 477 -122.57 11.89 41.73
N THR B 478 -122.51 11.43 42.98
CA THR B 478 -121.98 12.27 44.06
C THR B 478 -120.52 12.60 43.85
N MET B 479 -119.70 11.59 43.51
CA MET B 479 -118.28 11.82 43.27
C MET B 479 -118.07 12.81 42.14
N MET B 480 -118.70 12.55 40.99
CA MET B 480 -118.48 13.43 39.87
C MET B 480 -119.10 14.81 40.07
N ASN B 481 -120.09 14.93 40.96
CA ASN B 481 -120.56 16.26 41.35
C ASN B 481 -119.48 17.01 42.12
N THR B 482 -118.81 16.32 43.06
CA THR B 482 -117.69 16.97 43.75
C THR B 482 -116.57 17.32 42.79
N TRP B 483 -116.40 16.55 41.71
CA TRP B 483 -115.32 16.82 40.77
C TRP B 483 -115.66 17.84 39.69
N THR B 484 -116.94 18.02 39.36
CA THR B 484 -117.33 18.95 38.30
C THR B 484 -118.00 20.22 38.80
N LEU B 485 -118.44 20.27 40.06
CA LEU B 485 -119.19 21.40 40.57
C LEU B 485 -118.41 22.29 41.51
N GLN B 486 -117.13 22.00 41.76
CA GLN B 486 -116.29 22.90 42.52
C GLN B 486 -114.92 22.97 41.88
N LYS B 487 -114.32 24.16 41.96
CA LYS B 487 -113.05 24.43 41.31
C LYS B 487 -111.90 23.74 42.05
N GLY B 488 -110.72 23.78 41.44
CA GLY B 488 -109.52 23.31 42.09
C GLY B 488 -109.39 21.79 42.10
N PHE B 489 -108.38 21.34 42.83
CA PHE B 489 -108.04 19.93 42.96
C PHE B 489 -107.43 19.71 44.33
N PRO B 490 -107.48 18.48 44.86
CA PRO B 490 -107.01 18.24 46.22
C PRO B 490 -105.54 17.82 46.32
N LEU B 491 -104.97 18.22 47.45
CA LEU B 491 -103.70 17.70 47.96
C LEU B 491 -103.99 16.60 48.96
N ILE B 492 -103.37 15.44 48.76
CA ILE B 492 -103.52 14.27 49.61
C ILE B 492 -102.20 14.08 50.35
N THR B 493 -102.23 14.29 51.65
CA THR B 493 -101.08 14.07 52.52
C THR B 493 -101.09 12.64 53.05
N ILE B 494 -99.95 11.98 52.96
CA ILE B 494 -99.80 10.56 53.31
C ILE B 494 -98.78 10.45 54.43
N THR B 495 -99.21 9.91 55.57
CA THR B 495 -98.33 9.65 56.71
C THR B 495 -98.31 8.15 56.97
N VAL B 496 -97.12 7.60 57.22
CA VAL B 496 -96.97 6.16 57.45
C VAL B 496 -96.41 5.92 58.85
N ARG B 497 -97.10 5.10 59.62
CA ARG B 497 -96.68 4.71 60.98
C ARG B 497 -96.61 3.19 61.00
N GLY B 498 -95.50 2.66 60.48
CA GLY B 498 -95.34 1.22 60.37
C GLY B 498 -96.23 0.63 59.29
N ARG B 499 -97.36 0.07 59.69
CA ARG B 499 -98.31 -0.51 58.75
C ARG B 499 -99.55 0.34 58.56
N ASN B 500 -99.63 1.49 59.23
CA ASN B 500 -100.76 2.40 59.14
C ASN B 500 -100.44 3.53 58.16
N VAL B 501 -101.38 3.83 57.27
CA VAL B 501 -101.26 4.88 56.28
C VAL B 501 -102.42 5.84 56.50
N HIS B 502 -102.11 7.05 57.00
CA HIS B 502 -103.09 8.10 57.21
C HIS B 502 -103.13 8.97 55.95
N MET B 503 -104.33 9.27 55.49
CA MET B 503 -104.56 10.07 54.30
C MET B 503 -105.41 11.29 54.67
N LYS B 504 -104.98 12.45 54.22
CA LYS B 504 -105.71 13.70 54.43
C LYS B 504 -105.91 14.39 53.10
N GLN B 505 -107.10 14.90 52.85
CA GLN B 505 -107.37 15.65 51.64
C GLN B 505 -107.66 17.09 52.01
N GLU B 506 -107.16 18.01 51.20
CA GLU B 506 -107.44 19.43 51.39
C GLU B 506 -107.43 20.10 50.02
N HIS B 507 -107.95 21.33 49.97
CA HIS B 507 -107.99 22.06 48.72
C HIS B 507 -106.63 22.70 48.49
N TYR B 508 -105.95 22.30 47.41
CA TYR B 508 -104.70 22.91 47.02
C TYR B 508 -104.99 24.24 46.35
N MET B 509 -104.49 25.32 46.94
CA MET B 509 -104.66 26.64 46.35
C MET B 509 -103.42 27.47 46.61
N LYS B 510 -102.82 27.99 45.54
CA LYS B 510 -101.68 28.88 45.69
C LYS B 510 -102.18 30.10 46.44
N GLY B 511 -101.73 30.29 47.68
CA GLY B 511 -102.31 31.27 48.58
C GLY B 511 -102.42 32.69 48.05
N ASP B 517 -108.83 27.19 53.68
CA ASP B 517 -109.75 28.10 54.35
C ASP B 517 -111.07 28.22 53.59
N THR B 518 -111.37 27.21 52.77
CA THR B 518 -112.59 27.20 51.99
C THR B 518 -113.57 26.13 52.44
N GLY B 519 -113.15 24.86 52.44
CA GLY B 519 -114.04 23.78 52.82
C GLY B 519 -114.57 22.95 51.67
N TYR B 520 -113.71 22.59 50.72
CA TYR B 520 -114.10 21.71 49.62
C TYR B 520 -113.79 20.27 49.97
N LEU B 521 -114.58 19.35 49.43
CA LEU B 521 -114.38 17.92 49.63
C LEU B 521 -114.70 17.16 48.35
N TRP B 522 -113.85 16.21 48.01
CA TRP B 522 -113.99 15.36 46.83
C TRP B 522 -114.15 13.90 47.27
N HIS B 523 -114.60 13.07 46.32
CA HIS B 523 -114.53 11.62 46.47
C HIS B 523 -113.34 11.17 45.63
N VAL B 524 -112.18 11.08 46.25
CA VAL B 524 -110.91 10.88 45.56
C VAL B 524 -110.67 9.38 45.44
N PRO B 525 -110.69 8.81 44.24
CA PRO B 525 -110.34 7.39 44.08
C PRO B 525 -108.84 7.18 44.14
N LEU B 526 -108.30 6.94 45.34
CA LEU B 526 -106.86 6.81 45.50
C LEU B 526 -106.36 5.48 44.96
N THR B 527 -105.16 5.50 44.40
CA THR B 527 -104.45 4.31 43.95
C THR B 527 -103.00 4.44 44.40
N PHE B 528 -102.41 3.31 44.79
CA PHE B 528 -101.05 3.34 45.32
C PHE B 528 -100.36 2.01 45.05
N ILE B 529 -99.02 2.06 45.07
CA ILE B 529 -98.17 0.89 45.06
C ILE B 529 -97.15 1.04 46.18
N THR B 530 -96.49 -0.06 46.51
CA THR B 530 -95.51 -0.11 47.59
C THR B 530 -94.19 -0.69 47.07
N SER B 531 -93.20 -0.72 47.96
CA SER B 531 -91.90 -1.31 47.63
C SER B 531 -91.96 -2.83 47.52
N LYS B 532 -93.02 -3.45 48.04
CA LYS B 532 -93.19 -4.90 47.98
C LYS B 532 -93.97 -5.36 46.77
N SER B 533 -94.55 -4.45 46.00
CA SER B 533 -95.51 -4.85 44.98
C SER B 533 -95.73 -3.77 43.93
N ASP B 534 -95.62 -4.14 42.65
CA ASP B 534 -96.07 -3.27 41.56
C ASP B 534 -97.58 -3.32 41.36
N MET B 535 -98.30 -4.13 42.13
CA MET B 535 -99.75 -4.25 41.99
C MET B 535 -100.44 -3.03 42.61
N VAL B 536 -101.47 -2.53 41.92
CA VAL B 536 -102.17 -1.33 42.32
C VAL B 536 -103.29 -1.70 43.29
N HIS B 537 -103.20 -1.21 44.52
CA HIS B 537 -104.30 -1.29 45.48
C HIS B 537 -104.99 0.05 45.55
N ARG B 538 -106.30 0.02 45.77
CA ARG B 538 -107.14 1.21 45.68
C ARG B 538 -107.86 1.45 47.01
N PHE B 539 -108.33 2.68 47.17
CA PHE B 539 -109.08 3.07 48.37
C PHE B 539 -109.80 4.38 48.03
N LEU B 540 -111.08 4.44 48.37
CA LEU B 540 -111.92 5.60 48.02
C LEU B 540 -111.99 6.51 49.23
N LEU B 541 -111.25 7.62 49.17
CA LEU B 541 -111.25 8.60 50.25
C LEU B 541 -112.42 9.55 50.06
N LYS B 542 -113.44 9.38 50.89
CA LYS B 542 -114.67 10.16 50.80
C LYS B 542 -114.76 11.27 51.84
N THR B 543 -113.86 11.29 52.81
CA THR B 543 -113.91 12.24 53.92
C THR B 543 -112.62 13.07 53.94
N LYS B 544 -112.49 13.91 54.97
CA LYS B 544 -111.30 14.74 55.11
C LYS B 544 -110.07 13.91 55.42
N THR B 545 -110.16 13.05 56.43
CA THR B 545 -109.05 12.19 56.82
C THR B 545 -109.55 10.76 56.94
N ASP B 546 -108.66 9.81 56.68
CA ASP B 546 -108.94 8.39 56.84
C ASP B 546 -107.62 7.67 57.01
N VAL B 547 -107.69 6.36 57.18
CA VAL B 547 -106.49 5.56 57.43
C VAL B 547 -106.76 4.14 56.98
N LEU B 548 -105.76 3.52 56.36
CA LEU B 548 -105.79 2.11 56.00
C LEU B 548 -104.57 1.42 56.59
N ILE B 549 -104.60 0.09 56.61
CA ILE B 549 -103.56 -0.69 57.26
C ILE B 549 -102.92 -1.60 56.21
N LEU B 550 -101.62 -1.41 56.00
CA LEU B 550 -100.87 -2.24 55.07
C LEU B 550 -100.67 -3.62 55.67
N PRO B 551 -100.41 -4.64 54.83
CA PRO B 551 -100.16 -5.98 55.37
C PRO B 551 -98.75 -6.18 55.89
N GLU B 552 -97.86 -5.21 55.68
CA GLU B 552 -96.45 -5.33 56.02
C GLU B 552 -95.82 -3.97 55.83
N GLU B 553 -94.84 -3.65 56.68
CA GLU B 553 -94.12 -2.39 56.54
C GLU B 553 -93.42 -2.34 55.19
N VAL B 554 -93.37 -1.14 54.61
CA VAL B 554 -92.83 -0.95 53.27
C VAL B 554 -91.76 0.13 53.31
N GLU B 555 -90.77 0.00 52.43
CA GLU B 555 -89.73 1.01 52.34
C GLU B 555 -90.26 2.32 51.76
N TRP B 556 -91.05 2.24 50.70
CA TRP B 556 -91.63 3.44 50.12
C TRP B 556 -93.04 3.14 49.63
N ILE B 557 -93.81 4.21 49.45
CA ILE B 557 -95.18 4.11 48.97
C ILE B 557 -95.43 5.27 48.01
N LYS B 558 -96.12 4.98 46.91
CA LYS B 558 -96.34 5.94 45.83
C LYS B 558 -97.82 5.95 45.50
N PHE B 559 -98.46 7.10 45.68
CA PHE B 559 -99.87 7.21 45.36
C PHE B 559 -100.09 7.76 43.96
N ASN B 560 -101.33 7.64 43.48
CA ASN B 560 -101.75 8.07 42.15
C ASN B 560 -100.86 7.43 41.08
N VAL B 561 -101.03 6.12 40.95
CA VAL B 561 -100.18 5.34 40.06
C VAL B 561 -100.53 5.69 38.62
N GLY B 562 -99.52 6.07 37.84
CA GLY B 562 -99.73 6.39 36.45
C GLY B 562 -100.47 7.69 36.18
N MET B 563 -100.55 8.57 37.18
CA MET B 563 -101.20 9.88 37.03
C MET B 563 -102.61 9.76 36.45
N ASN B 564 -103.35 8.74 36.90
CA ASN B 564 -104.72 8.53 36.47
C ASN B 564 -105.73 9.24 37.37
N GLY B 565 -105.26 10.02 38.32
CA GLY B 565 -106.15 10.76 39.21
C GLY B 565 -105.80 12.24 39.19
N TYR B 566 -106.85 13.07 39.28
CA TYR B 566 -106.68 14.52 39.19
C TYR B 566 -106.51 15.10 40.59
N TYR B 567 -105.36 14.77 41.18
CA TYR B 567 -104.99 15.27 42.50
C TYR B 567 -103.48 15.23 42.61
N ILE B 568 -102.94 15.81 43.69
CA ILE B 568 -101.51 15.70 43.94
C ILE B 568 -101.29 15.08 45.32
N VAL B 569 -100.08 14.54 45.50
CA VAL B 569 -99.76 13.73 46.67
C VAL B 569 -98.53 14.32 47.35
N HIS B 570 -98.61 14.48 48.67
CA HIS B 570 -97.50 14.90 49.51
C HIS B 570 -97.25 13.82 50.54
N TYR B 571 -95.98 13.61 50.89
CA TYR B 571 -95.58 12.53 51.79
C TYR B 571 -94.95 13.15 53.04
N GLU B 572 -95.46 12.79 54.21
CA GLU B 572 -94.94 13.34 55.44
C GLU B 572 -93.68 12.61 55.88
N ASP B 573 -92.94 13.26 56.78
CA ASP B 573 -91.74 12.68 57.40
C ASP B 573 -90.70 12.42 56.31
N ASP B 574 -89.99 11.29 56.35
CA ASP B 574 -88.95 10.97 55.40
C ASP B 574 -89.49 10.35 54.11
N GLY B 575 -90.75 10.63 53.78
CA GLY B 575 -91.32 10.06 52.56
C GLY B 575 -90.63 10.59 51.30
N TRP B 576 -90.47 11.91 51.22
CA TRP B 576 -89.80 12.48 50.06
C TRP B 576 -88.33 12.10 50.01
N ASP B 577 -87.68 11.97 51.18
CA ASP B 577 -86.30 11.48 51.19
C ASP B 577 -86.21 10.06 50.65
N SER B 578 -87.15 9.20 51.05
CA SER B 578 -87.17 7.83 50.55
C SER B 578 -87.40 7.79 49.04
N LEU B 579 -88.33 8.61 48.54
CA LEU B 579 -88.59 8.61 47.11
C LEU B 579 -87.43 9.21 46.32
N THR B 580 -86.76 10.23 46.86
CA THR B 580 -85.57 10.78 46.21
C THR B 580 -84.47 9.73 46.14
N GLY B 581 -84.27 8.99 47.23
CA GLY B 581 -83.30 7.91 47.21
C GLY B 581 -83.67 6.84 46.19
N LEU B 582 -84.96 6.50 46.12
CA LEU B 582 -85.42 5.52 45.13
C LEU B 582 -85.11 5.97 43.72
N LEU B 583 -85.42 7.23 43.40
CA LEU B 583 -85.18 7.75 42.07
C LEU B 583 -83.69 7.83 41.75
N LYS B 584 -82.88 8.26 42.73
CA LYS B 584 -81.44 8.40 42.53
C LYS B 584 -80.74 7.05 42.46
N GLY B 585 -81.33 5.99 43.02
CA GLY B 585 -80.74 4.68 42.97
C GLY B 585 -81.16 3.92 41.73
N THR B 586 -82.45 3.57 41.65
CA THR B 586 -82.99 2.83 40.51
C THR B 586 -84.33 3.48 40.13
N HIS B 587 -84.25 4.54 39.32
CA HIS B 587 -85.44 5.25 38.89
C HIS B 587 -86.41 4.37 38.13
N THR B 588 -85.95 3.26 37.58
CA THR B 588 -86.78 2.31 36.85
C THR B 588 -87.73 1.52 37.75
N ALA B 589 -87.71 1.74 39.07
CA ALA B 589 -88.60 1.01 39.96
C ALA B 589 -90.06 1.42 39.78
N VAL B 590 -90.32 2.62 39.27
CA VAL B 590 -91.67 3.08 38.94
C VAL B 590 -91.69 3.50 37.49
N SER B 591 -92.88 3.79 36.98
CA SER B 591 -93.05 4.08 35.57
C SER B 591 -92.61 5.51 35.25
N SER B 592 -92.49 5.78 33.95
CA SER B 592 -92.11 7.11 33.48
C SER B 592 -93.11 8.16 33.94
N ASN B 593 -94.41 7.87 33.79
CA ASN B 593 -95.43 8.79 34.26
C ASN B 593 -95.34 9.00 35.76
N ASP B 594 -94.95 7.97 36.51
CA ASP B 594 -94.80 8.12 37.96
C ASP B 594 -93.64 9.04 38.30
N ARG B 595 -92.52 8.90 37.61
CA ARG B 595 -91.40 9.82 37.82
C ARG B 595 -91.79 11.25 37.47
N ALA B 596 -92.51 11.43 36.36
CA ALA B 596 -92.96 12.77 35.99
C ALA B 596 -93.87 13.35 37.06
N SER B 597 -94.80 12.54 37.58
CA SER B 597 -95.69 13.00 38.63
C SER B 597 -94.90 13.35 39.89
N LEU B 598 -93.86 12.58 40.20
CA LEU B 598 -93.02 12.90 41.35
C LEU B 598 -92.37 14.27 41.19
N ILE B 599 -91.78 14.52 40.03
CA ILE B 599 -91.15 15.81 39.77
C ILE B 599 -92.16 16.95 39.92
N ASN B 600 -93.27 16.83 39.20
CA ASN B 600 -94.28 17.90 39.19
C ASN B 600 -94.85 18.13 40.58
N ASN B 601 -95.16 17.06 41.30
CA ASN B 601 -95.74 17.19 42.63
C ASN B 601 -94.75 17.81 43.60
N ALA B 602 -93.47 17.44 43.53
CA ALA B 602 -92.48 18.05 44.41
C ALA B 602 -92.44 19.56 44.18
N PHE B 603 -92.44 20.00 42.92
CA PHE B 603 -92.36 21.43 42.69
C PHE B 603 -93.69 22.14 43.03
N GLN B 604 -94.82 21.48 42.81
CA GLN B 604 -96.09 22.06 43.23
C GLN B 604 -96.18 22.20 44.75
N LEU B 605 -95.51 21.30 45.48
CA LEU B 605 -95.47 21.43 46.94
C LEU B 605 -94.52 22.53 47.37
N VAL B 606 -93.45 22.76 46.60
CA VAL B 606 -92.63 23.94 46.82
C VAL B 606 -93.47 25.20 46.65
N SER B 607 -94.39 25.18 45.69
CA SER B 607 -95.21 26.36 45.41
C SER B 607 -96.10 26.77 46.60
N ILE B 608 -96.35 25.87 47.55
CA ILE B 608 -97.18 26.20 48.70
C ILE B 608 -96.47 26.00 50.03
N GLY B 609 -95.22 25.52 50.03
CA GLY B 609 -94.44 25.46 51.23
C GLY B 609 -94.45 24.12 51.95
N LYS B 610 -95.13 23.10 51.40
CA LYS B 610 -95.10 21.78 51.99
C LYS B 610 -93.77 21.07 51.77
N LEU B 611 -92.90 21.64 50.93
CA LEU B 611 -91.59 21.08 50.65
C LEU B 611 -90.68 22.20 50.19
N SER B 612 -89.42 22.14 50.59
CA SER B 612 -88.46 23.20 50.27
C SER B 612 -87.94 23.05 48.85
N ILE B 613 -87.64 24.21 48.23
CA ILE B 613 -87.09 24.23 46.89
C ILE B 613 -85.77 23.48 46.83
N GLU B 614 -85.01 23.46 47.93
CA GLU B 614 -83.77 22.70 47.96
C GLU B 614 -84.03 21.20 47.82
N LYS B 615 -85.01 20.67 48.56
CA LYS B 615 -85.33 19.25 48.44
C LYS B 615 -85.89 18.94 47.06
N ALA B 616 -86.67 19.86 46.48
CA ALA B 616 -87.18 19.66 45.12
C ALA B 616 -86.05 19.56 44.12
N LEU B 617 -85.07 20.47 44.20
CA LEU B 617 -83.96 20.44 43.25
C LEU B 617 -83.06 19.23 43.47
N ASP B 618 -82.86 18.83 44.73
CA ASP B 618 -82.15 17.59 45.01
C ASP B 618 -82.86 16.40 44.36
N LEU B 619 -84.20 16.39 44.40
CA LEU B 619 -84.94 15.36 43.68
C LEU B 619 -84.71 15.48 42.17
N SER B 620 -84.63 16.72 41.66
CA SER B 620 -84.41 16.93 40.24
C SER B 620 -83.06 16.39 39.79
N LEU B 621 -82.08 16.35 40.71
CA LEU B 621 -80.74 15.87 40.36
C LEU B 621 -80.73 14.47 39.77
N TYR B 622 -81.79 13.68 39.96
CA TYR B 622 -81.83 12.32 39.42
C TYR B 622 -81.92 12.30 37.91
N LEU B 623 -82.30 13.42 37.28
CA LEU B 623 -82.42 13.46 35.83
C LEU B 623 -81.09 13.30 35.12
N LYS B 624 -79.97 13.29 35.85
CA LYS B 624 -78.68 13.01 35.23
C LYS B 624 -78.65 11.62 34.61
N HIS B 625 -79.47 10.70 35.12
CA HIS B 625 -79.56 9.35 34.59
C HIS B 625 -80.95 9.03 34.03
N GLU B 626 -81.81 10.04 33.89
CA GLU B 626 -83.12 9.83 33.29
C GLU B 626 -83.01 9.83 31.77
N THR B 627 -83.83 8.98 31.12
CA THR B 627 -83.76 8.84 29.67
C THR B 627 -85.11 8.84 28.98
N GLU B 628 -86.22 8.92 29.70
CA GLU B 628 -87.55 8.81 29.12
C GLU B 628 -88.16 10.20 28.88
N ILE B 629 -88.99 10.27 27.84
CA ILE B 629 -89.47 11.55 27.33
C ILE B 629 -90.37 12.25 28.35
N MET B 630 -91.26 11.50 29.00
CA MET B 630 -92.22 12.13 29.92
C MET B 630 -91.53 12.76 31.13
N PRO B 631 -90.66 12.06 31.87
CA PRO B 631 -90.01 12.74 33.01
C PRO B 631 -89.08 13.86 32.59
N VAL B 632 -88.34 13.71 31.49
CA VAL B 632 -87.45 14.76 31.03
C VAL B 632 -88.25 16.01 30.65
N PHE B 633 -89.32 15.83 29.88
CA PHE B 633 -90.16 16.96 29.49
C PHE B 633 -90.81 17.60 30.70
N GLN B 634 -91.19 16.80 31.70
CA GLN B 634 -91.81 17.37 32.89
C GLN B 634 -90.79 18.16 33.70
N GLY B 635 -89.56 17.66 33.80
CA GLY B 635 -88.50 18.41 34.45
C GLY B 635 -88.23 19.72 33.74
N LEU B 636 -88.25 19.71 32.41
CA LEU B 636 -88.07 20.95 31.66
C LEU B 636 -89.21 21.92 31.94
N ASN B 637 -90.45 21.43 31.92
CA ASN B 637 -91.61 22.28 32.16
C ASN B 637 -91.62 22.82 33.59
N GLU B 638 -91.00 22.12 34.53
CA GLU B 638 -90.97 22.58 35.92
C GLU B 638 -89.75 23.45 36.25
N LEU B 639 -88.67 23.37 35.46
CA LEU B 639 -87.48 24.16 35.74
C LEU B 639 -87.35 25.42 34.89
N ILE B 640 -87.79 25.37 33.62
CA ILE B 640 -87.61 26.53 32.74
C ILE B 640 -88.31 27.78 33.26
N PRO B 641 -89.55 27.73 33.76
CA PRO B 641 -90.19 28.98 34.24
C PRO B 641 -89.38 29.72 35.30
N MET B 642 -88.50 29.04 36.03
CA MET B 642 -87.69 29.71 37.04
C MET B 642 -86.69 30.68 36.40
N TYR B 643 -85.85 30.19 35.48
CA TYR B 643 -84.95 31.10 34.81
C TYR B 643 -85.70 32.03 33.87
N LYS B 644 -86.93 31.67 33.47
CA LYS B 644 -87.78 32.61 32.75
C LYS B 644 -88.15 33.80 33.63
N LEU B 645 -88.48 33.55 34.90
CA LEU B 645 -88.69 34.65 35.84
C LEU B 645 -87.42 35.45 36.03
N MET B 646 -86.27 34.75 36.08
CA MET B 646 -85.00 35.45 36.30
C MET B 646 -84.63 36.35 35.12
N GLU B 647 -84.96 35.94 33.89
CA GLU B 647 -84.60 36.74 32.72
C GLU B 647 -85.27 38.11 32.75
N LYS B 648 -86.46 38.21 33.35
CA LYS B 648 -87.20 39.46 33.37
C LYS B 648 -86.68 40.45 34.40
N ARG B 649 -85.64 40.09 35.14
CA ARG B 649 -85.11 40.90 36.22
C ARG B 649 -83.60 41.04 36.07
N ASP B 650 -82.99 41.73 37.04
CA ASP B 650 -81.54 41.89 37.11
C ASP B 650 -81.00 40.73 37.93
N MET B 651 -80.78 39.60 37.26
CA MET B 651 -80.36 38.36 37.92
C MET B 651 -79.43 37.59 36.99
N ASN B 652 -78.43 38.26 36.43
CA ASN B 652 -77.59 37.65 35.40
C ASN B 652 -76.76 36.51 35.98
N GLU B 653 -76.13 36.73 37.14
CA GLU B 653 -75.26 35.70 37.73
C GLU B 653 -76.05 34.45 38.08
N VAL B 654 -77.17 34.61 38.80
CA VAL B 654 -77.95 33.46 39.25
C VAL B 654 -78.60 32.76 38.06
N GLU B 655 -79.07 33.54 37.08
CA GLU B 655 -79.67 32.95 35.89
C GLU B 655 -78.64 32.12 35.12
N THR B 656 -77.41 32.63 34.99
CA THR B 656 -76.38 31.87 34.28
C THR B 656 -76.01 30.61 35.06
N GLN B 657 -75.89 30.71 36.38
CA GLN B 657 -75.64 29.52 37.19
C GLN B 657 -76.73 28.49 36.98
N PHE B 658 -77.99 28.94 36.95
CA PHE B 658 -79.11 28.01 36.81
C PHE B 658 -79.11 27.33 35.44
N LYS B 659 -78.87 28.11 34.38
CA LYS B 659 -78.81 27.51 33.03
C LYS B 659 -77.67 26.52 32.92
N ALA B 660 -76.51 26.85 33.50
CA ALA B 660 -75.38 25.93 33.48
C ALA B 660 -75.72 24.63 34.22
N PHE B 661 -76.41 24.75 35.36
CA PHE B 661 -76.85 23.57 36.09
C PHE B 661 -77.79 22.71 35.27
N LEU B 662 -78.76 23.34 34.59
CA LEU B 662 -79.71 22.58 33.78
C LEU B 662 -79.00 21.81 32.66
N ILE B 663 -78.10 22.49 31.94
CA ILE B 663 -77.41 21.82 30.84
C ILE B 663 -76.49 20.73 31.37
N ARG B 664 -75.82 20.97 32.51
CA ARG B 664 -75.01 19.93 33.10
C ARG B 664 -75.87 18.76 33.56
N LEU B 665 -77.14 19.02 33.89
CA LEU B 665 -78.05 17.95 34.29
C LEU B 665 -78.37 17.03 33.12
N LEU B 666 -78.57 17.61 31.92
CA LEU B 666 -78.97 16.80 30.76
C LEU B 666 -77.86 16.58 29.73
N ARG B 667 -76.62 16.90 30.07
CA ARG B 667 -75.51 16.81 29.11
C ARG B 667 -75.29 15.40 28.58
N ASP B 668 -75.41 14.37 29.43
CA ASP B 668 -75.18 13.01 28.97
C ASP B 668 -76.18 12.62 27.87
N LEU B 669 -77.46 12.87 28.11
CA LEU B 669 -78.47 12.52 27.11
C LEU B 669 -78.31 13.37 25.85
N ILE B 670 -77.96 14.65 26.01
CA ILE B 670 -77.77 15.50 24.85
C ILE B 670 -76.62 14.98 23.98
N ASP B 671 -75.51 14.60 24.62
CA ASP B 671 -74.38 14.05 23.88
C ASP B 671 -74.73 12.72 23.22
N LYS B 672 -75.51 11.88 23.91
CA LYS B 672 -75.87 10.59 23.33
C LYS B 672 -76.84 10.73 22.17
N GLN B 673 -77.57 11.85 22.09
CA GLN B 673 -78.48 12.06 20.97
C GLN B 673 -77.72 12.13 19.66
N THR B 674 -78.26 11.46 18.64
CA THR B 674 -77.72 11.52 17.29
C THR B 674 -78.34 12.70 16.54
N TRP B 675 -77.80 12.97 15.35
CA TRP B 675 -78.32 14.07 14.55
C TRP B 675 -79.00 13.56 13.28
N THR B 676 -80.04 12.73 13.46
CA THR B 676 -80.77 12.11 12.37
C THR B 676 -82.24 12.02 12.76
N ASP B 677 -83.06 11.51 11.84
CA ASP B 677 -84.49 11.31 12.09
C ASP B 677 -84.82 9.87 12.44
N GLU B 678 -83.91 9.18 13.13
CA GLU B 678 -84.11 7.77 13.47
C GLU B 678 -84.94 7.62 14.73
N GLY B 679 -85.39 6.39 14.97
CA GLY B 679 -86.10 6.06 16.19
C GLY B 679 -87.59 6.27 16.09
N SER B 680 -88.28 5.91 17.18
CA SER B 680 -89.73 6.05 17.23
C SER B 680 -90.10 7.53 17.35
N VAL B 681 -91.42 7.80 17.32
CA VAL B 681 -91.91 9.17 17.42
C VAL B 681 -91.48 9.82 18.72
N SER B 682 -91.59 9.07 19.83
CA SER B 682 -91.17 9.58 21.13
C SER B 682 -89.70 9.95 21.14
N GLU B 683 -88.85 9.04 20.65
CA GLU B 683 -87.41 9.29 20.62
C GLU B 683 -87.08 10.49 19.75
N ARG B 684 -87.81 10.64 18.63
CA ARG B 684 -87.56 11.76 17.73
C ARG B 684 -87.93 13.08 18.38
N MET B 685 -89.09 13.14 19.05
CA MET B 685 -89.48 14.38 19.71
C MET B 685 -88.50 14.72 20.83
N LEU B 686 -88.06 13.72 21.59
CA LEU B 686 -87.06 13.95 22.63
C LEU B 686 -85.78 14.51 22.02
N ARG B 687 -85.31 13.93 20.92
CA ARG B 687 -84.10 14.42 20.27
C ARG B 687 -84.25 15.86 19.81
N SER B 688 -85.37 16.18 19.17
CA SER B 688 -85.59 17.53 18.66
C SER B 688 -85.54 18.54 19.81
N GLN B 689 -86.28 18.28 20.88
CA GLN B 689 -86.30 19.23 21.98
C GLN B 689 -84.95 19.32 22.68
N LEU B 690 -84.23 18.20 22.80
CA LEU B 690 -82.93 18.22 23.45
C LEU B 690 -81.92 19.03 22.65
N LEU B 691 -81.86 18.80 21.34
CA LEU B 691 -80.94 19.55 20.49
C LEU B 691 -81.29 21.03 20.48
N LEU B 692 -82.59 21.36 20.44
CA LEU B 692 -82.97 22.77 20.49
C LEU B 692 -82.54 23.41 21.81
N LEU B 693 -82.79 22.71 22.92
CA LEU B 693 -82.43 23.26 24.24
C LEU B 693 -80.93 23.48 24.33
N ALA B 694 -80.13 22.47 23.94
CA ALA B 694 -78.68 22.58 24.05
C ALA B 694 -78.15 23.71 23.17
N CYS B 695 -78.57 23.74 21.90
CA CYS B 695 -78.07 24.77 21.01
CA CYS B 695 -78.11 24.77 20.97
C CYS B 695 -78.51 26.16 21.43
N VAL B 696 -79.71 26.30 22.01
CA VAL B 696 -80.16 27.61 22.47
C VAL B 696 -79.36 28.04 23.70
N HIS B 697 -79.09 27.11 24.61
CA HIS B 697 -78.33 27.43 25.81
C HIS B 697 -76.83 27.31 25.60
N ASN B 698 -76.39 27.22 24.34
CA ASN B 698 -75.00 27.46 23.95
C ASN B 698 -74.08 26.31 24.36
N TYR B 699 -74.50 25.08 24.09
CA TYR B 699 -73.62 23.93 24.18
C TYR B 699 -72.70 23.94 22.96
N GLN B 700 -71.43 24.24 23.16
CA GLN B 700 -70.54 24.54 22.04
C GLN B 700 -70.46 23.42 20.99
N PRO B 701 -70.46 22.13 21.35
CA PRO B 701 -70.56 21.10 20.29
C PRO B 701 -71.82 21.22 19.44
N CYS B 702 -72.98 21.36 20.09
CA CYS B 702 -74.23 21.56 19.36
CA CYS B 702 -74.22 21.54 19.34
C CYS B 702 -74.15 22.78 18.47
N VAL B 703 -73.63 23.88 19.01
CA VAL B 703 -73.56 25.13 18.25
C VAL B 703 -72.66 24.96 17.03
N GLN B 704 -71.51 24.30 17.20
CA GLN B 704 -70.60 24.11 16.07
C GLN B 704 -71.24 23.25 14.98
N ARG B 705 -71.85 22.13 15.39
CA ARG B 705 -72.44 21.24 14.39
C ARG B 705 -73.63 21.88 13.69
N ALA B 706 -74.43 22.65 14.44
CA ALA B 706 -75.58 23.33 13.85
C ALA B 706 -75.14 24.44 12.92
N GLU B 707 -74.06 25.15 13.28
CA GLU B 707 -73.50 26.16 12.38
C GLU B 707 -72.98 25.51 11.10
N GLY B 708 -72.35 24.34 11.20
CA GLY B 708 -71.92 23.65 10.00
C GLY B 708 -73.09 23.25 9.11
N TYR B 709 -74.13 22.66 9.72
CA TYR B 709 -75.30 22.27 8.95
C TYR B 709 -75.98 23.47 8.30
N PHE B 710 -76.11 24.57 9.05
CA PHE B 710 -76.73 25.78 8.51
C PHE B 710 -75.88 26.40 7.41
N ARG B 711 -74.55 26.30 7.53
CA ARG B 711 -73.69 26.80 6.48
C ARG B 711 -73.91 26.02 5.20
N LYS B 712 -73.90 24.69 5.29
CA LYS B 712 -74.16 23.87 4.10
C LYS B 712 -75.54 24.16 3.52
N TRP B 713 -76.54 24.35 4.39
CA TRP B 713 -77.90 24.60 3.89
C TRP B 713 -78.00 25.93 3.17
N LYS B 714 -77.45 26.99 3.77
CA LYS B 714 -77.47 28.31 3.14
C LYS B 714 -76.67 28.33 1.84
N GLU B 715 -75.54 27.62 1.82
CA GLU B 715 -74.75 27.54 0.59
C GLU B 715 -75.46 26.74 -0.49
N SER B 716 -76.28 25.76 -0.10
CA SER B 716 -77.10 25.04 -1.05
C SER B 716 -78.39 25.78 -1.42
N ASN B 717 -78.68 26.88 -0.73
CA ASN B 717 -79.85 27.72 -1.03
C ASN B 717 -81.16 26.98 -0.71
N GLY B 718 -81.19 26.35 0.47
CA GLY B 718 -82.33 25.59 0.90
C GLY B 718 -82.56 24.26 0.22
N ASN B 719 -81.77 23.92 -0.80
CA ASN B 719 -82.00 22.67 -1.52
C ASN B 719 -81.53 21.46 -0.71
N LEU B 720 -80.55 21.65 0.17
CA LEU B 720 -80.06 20.55 0.98
C LEU B 720 -81.16 20.05 1.90
N SER B 721 -81.40 18.74 1.87
CA SER B 721 -82.40 18.12 2.74
C SER B 721 -81.80 17.96 4.12
N LEU B 722 -82.36 18.62 5.09
CA LEU B 722 -81.87 18.52 6.44
C LEU B 722 -82.73 17.56 7.26
N PRO B 723 -82.15 16.91 8.27
CA PRO B 723 -82.98 16.12 9.19
C PRO B 723 -83.99 17.02 9.89
N VAL B 724 -85.27 16.63 9.79
CA VAL B 724 -86.36 17.47 10.30
C VAL B 724 -86.21 17.68 11.80
N ASP B 725 -85.70 16.68 12.52
CA ASP B 725 -85.58 16.81 13.97
C ASP B 725 -84.53 17.85 14.35
N VAL B 726 -83.38 17.83 13.67
CA VAL B 726 -82.34 18.82 13.95
C VAL B 726 -82.59 20.15 13.27
N THR B 727 -83.61 20.25 12.42
CA THR B 727 -83.90 21.49 11.71
C THR B 727 -84.18 22.64 12.69
N LEU B 728 -84.91 22.35 13.78
CA LEU B 728 -85.19 23.39 14.77
C LEU B 728 -83.92 23.99 15.34
N ALA B 729 -83.01 23.13 15.80
CA ALA B 729 -81.76 23.63 16.36
C ALA B 729 -80.93 24.36 15.31
N VAL B 730 -80.88 23.82 14.09
CA VAL B 730 -80.07 24.44 13.04
C VAL B 730 -80.58 25.83 12.72
N PHE B 731 -81.90 25.98 12.56
CA PHE B 731 -82.47 27.28 12.26
C PHE B 731 -82.32 28.25 13.44
N ALA B 732 -82.54 27.77 14.66
CA ALA B 732 -82.41 28.64 15.83
C ALA B 732 -81.00 29.15 15.98
N VAL B 733 -80.00 28.33 15.63
CA VAL B 733 -78.62 28.80 15.69
C VAL B 733 -78.33 29.75 14.53
N GLY B 734 -78.74 29.38 13.31
CA GLY B 734 -78.41 30.18 12.14
C GLY B 734 -79.05 31.55 12.13
N ALA B 735 -80.20 31.70 12.80
CA ALA B 735 -80.88 32.98 12.83
C ALA B 735 -80.24 33.98 13.80
N GLN B 736 -79.12 33.62 14.41
CA GLN B 736 -78.46 34.53 15.35
C GLN B 736 -77.71 35.64 14.63
N SER B 737 -77.18 35.37 13.44
CA SER B 737 -76.55 36.41 12.65
C SER B 737 -77.58 37.02 11.71
N THR B 738 -77.35 38.29 11.35
CA THR B 738 -78.29 39.00 10.50
C THR B 738 -78.43 38.33 9.14
N GLU B 739 -77.31 37.84 8.60
CA GLU B 739 -77.30 37.19 7.29
C GLU B 739 -78.25 35.99 7.28
N GLY B 740 -78.08 35.08 8.23
CA GLY B 740 -78.95 33.91 8.30
C GLY B 740 -80.39 34.26 8.61
N TRP B 741 -80.61 35.31 9.40
CA TRP B 741 -81.97 35.77 9.68
C TRP B 741 -82.68 36.16 8.39
N ASP B 742 -82.03 37.01 7.59
CA ASP B 742 -82.64 37.45 6.33
C ASP B 742 -82.81 36.29 5.36
N PHE B 743 -81.86 35.34 5.35
CA PHE B 743 -81.99 34.18 4.47
C PHE B 743 -83.19 33.32 4.86
N LEU B 744 -83.34 33.04 6.16
CA LEU B 744 -84.48 32.27 6.63
C LEU B 744 -85.79 32.95 6.26
N TYR B 745 -85.87 34.27 6.45
CA TYR B 745 -87.12 34.94 6.08
C TYR B 745 -87.35 34.89 4.57
N SER B 746 -86.28 34.96 3.77
CA SER B 746 -86.44 34.88 2.33
C SER B 746 -87.03 33.54 1.91
N LYS B 747 -86.64 32.47 2.62
CA LYS B 747 -87.23 31.17 2.29
C LYS B 747 -88.63 31.01 2.86
N TYR B 748 -88.95 31.74 3.93
CA TYR B 748 -90.26 31.61 4.58
C TYR B 748 -91.40 31.90 3.60
N GLN B 749 -91.27 32.94 2.77
CA GLN B 749 -92.38 33.35 1.91
C GLN B 749 -92.77 32.24 0.95
N PHE B 750 -91.79 31.55 0.36
CA PHE B 750 -92.05 30.57 -0.68
C PHE B 750 -92.18 29.14 -0.18
N SER B 751 -91.78 28.86 1.06
CA SER B 751 -91.99 27.52 1.61
C SER B 751 -93.47 27.18 1.67
N LEU B 752 -93.78 25.88 1.54
CA LEU B 752 -95.16 25.40 1.61
C LEU B 752 -95.38 24.40 2.74
N SER B 753 -94.35 24.08 3.51
CA SER B 753 -94.49 23.17 4.64
C SER B 753 -94.78 23.98 5.90
N SER B 754 -95.84 23.58 6.62
CA SER B 754 -96.22 24.32 7.82
C SER B 754 -95.21 24.11 8.95
N THR B 755 -94.64 22.90 9.04
CA THR B 755 -93.59 22.67 10.03
C THR B 755 -92.37 23.55 9.76
N GLU B 756 -91.96 23.64 8.49
CA GLU B 756 -90.86 24.52 8.12
C GLU B 756 -91.18 25.98 8.42
N LYS B 757 -92.43 26.39 8.14
CA LYS B 757 -92.83 27.76 8.45
C LYS B 757 -92.76 28.04 9.95
N SER B 758 -93.26 27.11 10.76
CA SER B 758 -93.26 27.30 12.21
C SER B 758 -91.83 27.34 12.74
N GLN B 759 -90.95 26.49 12.21
CA GLN B 759 -89.56 26.49 12.66
C GLN B 759 -88.87 27.79 12.25
N ILE B 760 -89.17 28.31 11.05
CA ILE B 760 -88.62 29.60 10.65
C ILE B 760 -89.11 30.70 11.58
N GLU B 761 -90.39 30.68 11.95
CA GLU B 761 -90.92 31.67 12.88
C GLU B 761 -90.20 31.61 14.22
N PHE B 762 -90.03 30.39 14.76
CA PHE B 762 -89.34 30.25 16.04
C PHE B 762 -87.91 30.75 15.96
N ALA B 763 -87.20 30.39 14.88
CA ALA B 763 -85.83 30.83 14.72
C ALA B 763 -85.74 32.35 14.65
N LEU B 764 -86.62 32.98 13.88
CA LEU B 764 -86.58 34.44 13.74
C LEU B 764 -86.98 35.13 15.03
N CYS B 765 -87.88 34.53 15.82
CA CYS B 765 -88.22 35.09 17.12
C CYS B 765 -87.09 34.90 18.13
N ARG B 766 -86.23 33.91 17.92
CA ARG B 766 -85.06 33.70 18.76
C ARG B 766 -83.98 34.77 18.60
N THR B 767 -84.22 35.87 17.89
CA THR B 767 -83.16 36.85 17.64
C THR B 767 -83.02 37.83 18.80
N GLN B 768 -81.92 38.58 18.76
CA GLN B 768 -81.64 39.65 19.71
C GLN B 768 -81.86 41.04 19.14
N ASN B 769 -82.15 41.15 17.84
CA ASN B 769 -82.27 42.45 17.18
C ASN B 769 -83.66 43.02 17.48
N LYS B 770 -83.70 44.12 18.24
CA LYS B 770 -84.98 44.74 18.59
C LYS B 770 -85.73 45.19 17.34
N GLU B 771 -85.02 45.72 16.35
CA GLU B 771 -85.68 46.19 15.14
C GLU B 771 -86.35 45.03 14.41
N LYS B 772 -85.68 43.88 14.36
CA LYS B 772 -86.27 42.71 13.71
C LYS B 772 -87.45 42.16 14.51
N LEU B 773 -87.37 42.22 15.84
CA LEU B 773 -88.51 41.82 16.65
C LEU B 773 -89.72 42.70 16.37
N GLN B 774 -89.51 44.02 16.34
CA GLN B 774 -90.60 44.94 16.01
C GLN B 774 -91.14 44.68 14.61
N TRP B 775 -90.25 44.33 13.67
CA TRP B 775 -90.69 44.05 12.31
C TRP B 775 -91.55 42.79 12.27
N LEU B 776 -91.12 41.72 12.95
CA LEU B 776 -91.94 40.52 13.03
C LEU B 776 -93.31 40.81 13.60
N LEU B 777 -93.36 41.54 14.72
CA LEU B 777 -94.65 41.86 15.33
C LEU B 777 -95.53 42.66 14.36
N ASP B 778 -95.00 43.73 13.78
CA ASP B 778 -95.80 44.57 12.90
C ASP B 778 -96.30 43.81 11.68
N GLU B 779 -95.43 43.01 11.06
CA GLU B 779 -95.81 42.34 9.83
C GLU B 779 -96.79 41.20 10.10
N SER B 780 -96.59 40.45 11.18
CA SER B 780 -97.53 39.40 11.53
C SER B 780 -98.87 39.98 11.97
N PHE B 781 -98.87 41.21 12.50
CA PHE B 781 -100.14 41.89 12.77
C PHE B 781 -100.83 42.27 11.46
N LYS B 782 -100.08 42.88 10.54
CA LYS B 782 -100.67 43.30 9.27
C LYS B 782 -101.23 42.11 8.50
N GLY B 783 -100.55 40.98 8.56
CA GLY B 783 -101.07 39.76 7.96
C GLY B 783 -100.68 39.53 6.51
N ASP B 784 -99.75 40.32 5.98
CA ASP B 784 -99.33 40.17 4.58
C ASP B 784 -98.10 39.25 4.51
N LYS B 785 -96.97 39.74 5.02
CA LYS B 785 -95.74 38.95 4.98
C LYS B 785 -95.82 37.74 5.91
N ILE B 786 -96.50 37.89 7.05
CA ILE B 786 -96.78 36.77 7.95
C ILE B 786 -98.26 36.85 8.32
N LYS B 787 -99.00 35.76 8.08
CA LYS B 787 -100.43 35.77 8.31
C LYS B 787 -100.77 36.08 9.76
N THR B 788 -101.92 36.73 9.95
CA THR B 788 -102.34 37.14 11.28
C THR B 788 -102.72 35.96 12.17
N GLN B 789 -103.10 34.83 11.55
CA GLN B 789 -103.44 33.65 12.34
C GLN B 789 -102.25 33.18 13.18
N GLU B 790 -101.05 33.48 12.73
CA GLU B 790 -99.82 33.13 13.43
C GLU B 790 -99.40 34.18 14.47
N PHE B 791 -100.14 35.29 14.57
CA PHE B 791 -99.70 36.38 15.42
C PHE B 791 -99.61 36.00 16.90
N PRO B 792 -100.59 35.33 17.52
CA PRO B 792 -100.46 35.03 18.95
C PRO B 792 -99.23 34.21 19.29
N GLN B 793 -98.88 33.23 18.46
CA GLN B 793 -97.68 32.44 18.73
C GLN B 793 -96.42 33.29 18.64
N ILE B 794 -96.38 34.19 17.66
CA ILE B 794 -95.22 35.08 17.52
C ILE B 794 -95.14 36.02 18.72
N LEU B 795 -96.28 36.55 19.16
CA LEU B 795 -96.27 37.44 20.32
C LEU B 795 -95.81 36.71 21.57
N THR B 796 -96.26 35.47 21.77
CA THR B 796 -95.83 34.70 22.93
C THR B 796 -94.33 34.38 22.87
N LEU B 797 -93.84 34.00 21.68
CA LEU B 797 -92.41 33.69 21.55
C LEU B 797 -91.55 34.93 21.79
N ILE B 798 -91.99 36.09 21.30
CA ILE B 798 -91.22 37.31 21.51
C ILE B 798 -91.31 37.79 22.95
N GLY B 799 -92.46 37.59 23.60
CA GLY B 799 -92.55 37.85 25.03
C GLY B 799 -91.70 36.91 25.85
N ARG B 800 -91.43 35.72 25.33
CA ARG B 800 -90.48 34.81 25.96
C ARG B 800 -89.05 35.28 25.76
N ASN B 801 -88.76 35.86 24.60
CA ASN B 801 -87.42 36.33 24.28
C ASN B 801 -86.90 37.25 25.38
N PRO B 802 -85.69 37.01 25.90
CA PRO B 802 -85.19 37.84 27.02
C PRO B 802 -85.00 39.30 26.67
N VAL B 803 -84.92 39.65 25.38
CA VAL B 803 -84.77 41.03 24.96
C VAL B 803 -86.02 41.57 24.27
N GLY B 804 -87.08 40.77 24.18
CA GLY B 804 -88.27 41.16 23.45
C GLY B 804 -89.53 41.35 24.27
N TYR B 805 -89.51 40.92 25.53
CA TYR B 805 -90.72 41.00 26.35
C TYR B 805 -91.23 42.42 26.55
N PRO B 806 -90.40 43.47 26.70
CA PRO B 806 -90.99 44.81 26.76
C PRO B 806 -91.69 45.19 25.46
N LEU B 807 -91.10 44.82 24.32
CA LEU B 807 -91.74 45.07 23.03
C LEU B 807 -93.09 44.36 22.93
N ALA B 808 -93.14 43.09 23.38
CA ALA B 808 -94.39 42.34 23.28
C ALA B 808 -95.47 42.93 24.18
N TRP B 809 -95.12 43.21 25.44
CA TRP B 809 -96.07 43.80 26.36
C TRP B 809 -96.58 45.15 25.84
N GLN B 810 -95.66 45.99 25.36
CA GLN B 810 -96.04 47.30 24.82
C GLN B 810 -96.90 47.17 23.57
N PHE B 811 -96.59 46.20 22.70
CA PHE B 811 -97.37 46.02 21.48
C PHE B 811 -98.79 45.60 21.81
N LEU B 812 -98.95 44.65 22.73
CA LEU B 812 -100.29 44.25 23.14
C LEU B 812 -101.06 45.43 23.71
N ARG B 813 -100.40 46.20 24.59
CA ARG B 813 -101.06 47.36 25.18
C ARG B 813 -101.48 48.37 24.11
N LYS B 814 -100.60 48.65 23.15
CA LYS B 814 -100.83 49.72 22.19
C LYS B 814 -101.78 49.32 21.07
N ASN B 815 -101.96 48.01 20.83
CA ASN B 815 -102.86 47.55 19.79
C ASN B 815 -103.97 46.65 20.33
N TRP B 816 -104.31 46.80 21.62
CA TRP B 816 -105.37 45.99 22.22
C TRP B 816 -106.69 46.08 21.45
N ASN B 817 -107.06 47.28 21.01
CA ASN B 817 -108.39 47.49 20.44
C ASN B 817 -108.57 46.68 19.15
N LYS B 818 -107.65 46.82 18.20
CA LYS B 818 -107.76 46.09 16.96
C LYS B 818 -107.63 44.59 17.18
N LEU B 819 -106.79 44.18 18.14
CA LEU B 819 -106.67 42.77 18.47
C LEU B 819 -107.98 42.20 18.99
N VAL B 820 -108.65 42.94 19.88
CA VAL B 820 -109.94 42.49 20.38
C VAL B 820 -110.97 42.45 19.26
N GLN B 821 -110.95 43.46 18.39
CA GLN B 821 -111.91 43.49 17.29
C GLN B 821 -111.68 42.35 16.30
N LYS B 822 -110.43 41.87 16.18
CA LYS B 822 -110.10 40.78 15.27
C LYS B 822 -110.30 39.40 15.88
N PHE B 823 -109.97 39.22 17.17
CA PHE B 823 -109.97 37.90 17.80
C PHE B 823 -111.14 37.71 18.77
N GLU B 824 -111.97 38.74 18.96
CA GLU B 824 -113.11 38.75 19.87
C GLU B 824 -112.67 38.69 21.34
N LEU B 825 -113.50 39.24 22.22
CA LEU B 825 -113.18 39.28 23.64
C LEU B 825 -113.37 37.91 24.28
N GLY B 826 -112.50 37.62 25.25
CA GLY B 826 -112.59 36.38 25.98
C GLY B 826 -112.19 35.14 25.22
N SER B 827 -111.77 35.28 23.96
CA SER B 827 -111.34 34.12 23.19
C SER B 827 -110.02 33.57 23.74
N SER B 828 -109.79 32.29 23.45
CA SER B 828 -108.54 31.65 23.86
C SER B 828 -107.33 32.33 23.23
N SER B 829 -107.51 32.97 22.07
CA SER B 829 -106.42 33.72 21.46
C SER B 829 -106.03 34.92 22.32
N ILE B 830 -107.01 35.70 22.76
CA ILE B 830 -106.73 36.84 23.63
C ILE B 830 -106.11 36.37 24.94
N ALA B 831 -106.66 35.29 25.51
CA ALA B 831 -106.09 34.75 26.74
C ALA B 831 -104.63 34.35 26.54
N HIS B 832 -104.36 33.61 25.46
CA HIS B 832 -103.00 33.20 25.15
C HIS B 832 -102.06 34.39 25.03
N MET B 833 -102.48 35.44 24.31
CA MET B 833 -101.63 36.60 24.13
C MET B 833 -101.33 37.28 25.47
N VAL B 834 -102.37 37.55 26.25
CA VAL B 834 -102.19 38.25 27.52
C VAL B 834 -101.26 37.46 28.43
N MET B 835 -101.54 36.17 28.61
CA MET B 835 -100.73 35.37 29.54
C MET B 835 -99.31 35.20 29.02
N GLY B 836 -99.14 34.94 27.72
CA GLY B 836 -97.81 34.78 27.18
C GLY B 836 -96.96 36.03 27.30
N THR B 837 -97.59 37.21 27.30
CA THR B 837 -96.82 38.44 27.44
C THR B 837 -96.62 38.88 28.88
N THR B 838 -97.48 38.44 29.82
CA THR B 838 -97.39 38.96 31.18
C THR B 838 -97.09 37.92 32.26
N ASN B 839 -97.46 36.65 32.08
CA ASN B 839 -97.44 35.74 33.23
C ASN B 839 -96.03 35.34 33.67
N GLN B 840 -94.97 35.92 33.13
CA GLN B 840 -93.61 35.68 33.58
C GLN B 840 -93.04 36.85 34.36
N PHE B 841 -93.88 37.82 34.72
CA PHE B 841 -93.44 38.96 35.51
C PHE B 841 -93.34 38.56 36.98
N SER B 842 -92.52 39.31 37.73
CA SER B 842 -92.18 38.93 39.08
C SER B 842 -92.15 40.09 40.07
N THR B 843 -92.39 41.33 39.65
CA THR B 843 -92.25 42.49 40.51
C THR B 843 -93.60 43.18 40.70
N ARG B 844 -93.69 43.92 41.81
CA ARG B 844 -94.87 44.74 42.07
C ARG B 844 -95.04 45.81 41.02
N THR B 845 -93.95 46.31 40.44
CA THR B 845 -94.06 47.28 39.37
C THR B 845 -94.80 46.71 38.17
N ARG B 846 -94.40 45.51 37.73
CA ARG B 846 -95.11 44.86 36.63
C ARG B 846 -96.54 44.53 37.02
N LEU B 847 -96.75 44.10 38.28
CA LEU B 847 -98.10 43.83 38.76
C LEU B 847 -98.99 45.06 38.66
N GLU B 848 -98.47 46.22 39.05
CA GLU B 848 -99.26 47.45 38.98
C GLU B 848 -99.49 47.88 37.54
N GLU B 849 -98.50 47.70 36.67
CA GLU B 849 -98.71 47.96 35.26
C GLU B 849 -99.88 47.14 34.72
N VAL B 850 -99.87 45.83 35.00
CA VAL B 850 -100.93 44.95 34.52
C VAL B 850 -102.28 45.38 35.09
N LYS B 851 -102.33 45.59 36.41
CA LYS B 851 -103.58 46.01 37.05
C LYS B 851 -104.13 47.29 36.42
N GLY B 852 -103.29 48.31 36.31
CA GLY B 852 -103.75 49.60 35.80
C GLY B 852 -104.24 49.51 34.38
N PHE B 853 -103.48 48.83 33.52
CA PHE B 853 -103.89 48.72 32.11
C PHE B 853 -105.22 47.98 31.97
N PHE B 854 -105.31 46.78 32.56
CA PHE B 854 -106.52 45.99 32.35
C PHE B 854 -107.72 46.56 33.10
N SER B 855 -107.50 47.39 34.12
CA SER B 855 -108.63 48.07 34.73
C SER B 855 -109.06 49.29 33.91
N SER B 856 -108.10 50.00 33.32
CA SER B 856 -108.41 51.11 32.44
C SER B 856 -109.14 50.67 31.17
N LEU B 857 -109.02 49.39 30.81
CA LEU B 857 -109.79 48.89 29.67
C LEU B 857 -111.29 49.10 29.85
N LYS B 858 -111.78 49.10 31.09
CA LYS B 858 -113.20 49.37 31.42
C LYS B 858 -114.04 48.27 30.77
N GLU B 859 -115.09 48.61 30.02
CA GLU B 859 -116.02 47.62 29.47
C GLU B 859 -115.43 46.78 28.36
N ASN B 860 -114.16 46.98 28.00
CA ASN B 860 -113.52 46.28 26.90
C ASN B 860 -112.42 45.31 27.38
N GLY B 861 -112.67 44.60 28.47
CA GLY B 861 -111.74 43.56 28.87
C GLY B 861 -111.28 43.57 30.31
N SER B 862 -111.81 44.49 31.12
CA SER B 862 -111.43 44.53 32.52
C SER B 862 -111.94 43.32 33.31
N GLN B 863 -113.00 42.68 32.84
CA GLN B 863 -113.63 41.57 33.54
C GLN B 863 -113.17 40.21 32.99
N LEU B 864 -111.95 40.12 32.47
CA LEU B 864 -111.48 38.91 31.83
C LEU B 864 -110.89 37.92 32.83
N ARG B 865 -111.35 36.67 32.74
CA ARG B 865 -110.81 35.61 33.59
C ARG B 865 -109.33 35.43 33.35
N CYS B 866 -108.86 35.65 32.12
CA CYS B 866 -107.42 35.61 31.85
C CYS B 866 -106.70 36.76 32.53
N VAL B 867 -107.35 37.93 32.62
CA VAL B 867 -106.74 39.04 33.35
C VAL B 867 -106.56 38.67 34.82
N GLN B 868 -107.61 38.11 35.44
CA GLN B 868 -107.47 37.66 36.82
C GLN B 868 -106.41 36.58 36.95
N GLN B 869 -106.31 35.68 35.97
CA GLN B 869 -105.32 34.62 36.05
C GLN B 869 -103.90 35.18 35.97
N THR B 870 -103.68 36.17 35.10
CA THR B 870 -102.35 36.78 35.04
C THR B 870 -102.03 37.53 36.33
N ILE B 871 -103.03 38.21 36.91
CA ILE B 871 -102.81 38.92 38.16
C ILE B 871 -102.43 37.95 39.28
N GLU B 872 -103.19 36.85 39.41
CA GLU B 872 -102.90 35.88 40.46
C GLU B 872 -101.59 35.14 40.19
N THR B 873 -101.25 34.90 38.93
CA THR B 873 -99.96 34.29 38.62
C THR B 873 -98.82 35.22 39.02
N ILE B 874 -98.97 36.51 38.76
CA ILE B 874 -97.94 37.47 39.15
C ILE B 874 -97.85 37.57 40.67
N GLU B 875 -98.98 37.50 41.37
CA GLU B 875 -98.96 37.55 42.83
C GLU B 875 -98.23 36.34 43.40
N GLU B 876 -98.58 35.15 42.92
CA GLU B 876 -97.90 33.93 43.36
C GLU B 876 -96.43 33.95 42.99
N ASN B 877 -96.10 34.49 41.81
CA ASN B 877 -94.71 34.61 41.41
C ASN B 877 -93.94 35.57 42.30
N ILE B 878 -94.55 36.70 42.68
CA ILE B 878 -93.89 37.62 43.60
C ILE B 878 -93.58 36.91 44.91
N GLY B 879 -94.57 36.24 45.47
CA GLY B 879 -94.33 35.50 46.71
C GLY B 879 -93.25 34.44 46.56
N TRP B 880 -93.37 33.60 45.52
CA TRP B 880 -92.43 32.50 45.30
C TRP B 880 -91.02 33.01 45.07
N MET B 881 -90.88 34.13 44.34
CA MET B 881 -89.56 34.66 44.04
C MET B 881 -88.94 35.31 45.26
N ASP B 882 -89.73 36.11 45.99
CA ASP B 882 -89.21 36.71 47.21
C ASP B 882 -88.80 35.65 48.23
N LYS B 883 -89.44 34.48 48.21
CA LYS B 883 -89.05 33.46 49.18
C LYS B 883 -87.88 32.61 48.68
N ASN B 884 -87.86 32.24 47.40
CA ASN B 884 -86.99 31.16 46.94
C ASN B 884 -85.81 31.61 46.09
N PHE B 885 -85.74 32.89 45.69
CA PHE B 885 -84.66 33.31 44.81
C PHE B 885 -83.31 33.18 45.53
N ASP B 886 -83.19 33.80 46.71
CA ASP B 886 -81.93 33.73 47.44
C ASP B 886 -81.63 32.29 47.85
N LYS B 887 -82.67 31.50 48.16
CA LYS B 887 -82.50 30.08 48.40
C LYS B 887 -81.90 29.39 47.19
N ILE B 888 -82.39 29.73 45.99
CA ILE B 888 -81.88 29.10 44.77
C ILE B 888 -80.42 29.50 44.54
N ARG B 889 -80.07 30.75 44.83
CA ARG B 889 -78.69 31.20 44.70
C ARG B 889 -77.77 30.40 45.63
N VAL B 890 -78.18 30.25 46.89
CA VAL B 890 -77.37 29.50 47.85
C VAL B 890 -77.24 28.05 47.42
N TRP B 891 -78.35 27.45 46.96
CA TRP B 891 -78.32 26.06 46.55
C TRP B 891 -77.47 25.86 45.30
N LEU B 892 -77.46 26.82 44.38
CA LEU B 892 -76.64 26.69 43.19
C LEU B 892 -75.16 26.79 43.52
N GLN B 893 -74.78 27.70 44.43
CA GLN B 893 -73.39 27.74 44.84
C GLN B 893 -72.98 26.44 45.54
N SER B 894 -73.87 25.92 46.39
CA SER B 894 -73.55 24.68 47.11
C SER B 894 -73.42 23.50 46.16
N GLU B 895 -74.29 23.43 45.14
CA GLU B 895 -74.23 22.31 44.21
C GLU B 895 -73.07 22.42 43.25
N LYS B 896 -72.70 23.64 42.84
CA LYS B 896 -71.49 23.79 42.04
C LYS B 896 -70.24 23.44 42.83
N LEU B 897 -70.24 23.68 44.14
CA LEU B 897 -69.13 23.27 44.99
C LEU B 897 -69.24 21.79 45.38
N GLU B 898 -69.25 20.93 44.37
CA GLU B 898 -69.36 19.49 44.60
C GLU B 898 -68.36 18.63 43.83
N ARG B 899 -67.78 19.13 42.73
CA ARG B 899 -66.82 18.33 41.97
C ARG B 899 -65.38 18.64 42.37
N PRO C 30 -101.55 -99.10 54.22
CA PRO C 30 -100.50 -99.36 55.22
C PRO C 30 -99.23 -99.96 54.61
N PHE C 31 -98.17 -99.17 54.55
CA PHE C 31 -96.93 -99.64 53.94
C PHE C 31 -96.26 -100.64 54.88
N PRO C 32 -95.87 -101.81 54.40
CA PRO C 32 -95.38 -102.86 55.31
C PRO C 32 -93.88 -102.78 55.57
N TRP C 33 -93.34 -101.56 55.66
CA TRP C 33 -91.94 -101.36 55.99
C TRP C 33 -91.76 -99.88 56.34
N ASN C 34 -90.96 -99.61 57.36
CA ASN C 34 -90.83 -98.23 57.83
C ASN C 34 -89.38 -97.85 58.13
N LYS C 35 -88.42 -98.57 57.57
CA LYS C 35 -87.00 -98.28 57.76
C LYS C 35 -86.38 -97.93 56.42
N ILE C 36 -85.37 -97.06 56.46
CA ILE C 36 -84.69 -96.66 55.23
C ILE C 36 -83.86 -97.81 54.68
N ARG C 37 -83.23 -98.58 55.57
CA ARG C 37 -82.47 -99.74 55.13
C ARG C 37 -83.41 -100.82 54.63
N LEU C 38 -82.93 -101.63 53.69
CA LEU C 38 -83.73 -102.69 53.11
C LEU C 38 -83.74 -103.94 53.97
N PRO C 39 -84.73 -104.81 53.81
CA PRO C 39 -84.69 -106.11 54.48
C PRO C 39 -83.52 -106.93 53.98
N GLU C 40 -82.87 -107.64 54.90
CA GLU C 40 -81.67 -108.40 54.56
C GLU C 40 -81.97 -109.77 53.98
N TYR C 41 -83.23 -110.20 53.95
CA TYR C 41 -83.55 -111.58 53.58
C TYR C 41 -84.03 -111.73 52.14
N VAL C 42 -83.97 -110.67 51.34
CA VAL C 42 -84.26 -110.75 49.91
C VAL C 42 -83.03 -110.25 49.18
N ILE C 43 -82.30 -111.16 48.55
CA ILE C 43 -81.00 -110.87 47.95
C ILE C 43 -81.11 -111.04 46.44
N PRO C 44 -80.69 -110.07 45.64
CA PRO C 44 -80.61 -110.28 44.20
C PRO C 44 -79.34 -111.05 43.85
N VAL C 45 -79.38 -111.72 42.70
CA VAL C 45 -78.23 -112.48 42.24
C VAL C 45 -77.88 -112.06 40.81
N HIS C 46 -78.89 -111.60 40.07
CA HIS C 46 -78.66 -111.21 38.68
C HIS C 46 -79.76 -110.25 38.23
N TYR C 47 -79.36 -109.06 37.80
CA TYR C 47 -80.27 -108.11 37.17
C TYR C 47 -80.19 -108.25 35.66
N ASP C 48 -81.34 -108.07 35.02
CA ASP C 48 -81.46 -108.09 33.57
C ASP C 48 -82.16 -106.79 33.21
N LEU C 49 -81.41 -105.83 32.70
CA LEU C 49 -81.90 -104.49 32.46
C LEU C 49 -82.11 -104.28 30.96
N LEU C 50 -83.26 -103.70 30.61
CA LEU C 50 -83.58 -103.31 29.24
C LEU C 50 -84.02 -101.86 29.27
N ILE C 51 -83.23 -100.99 28.64
CA ILE C 51 -83.50 -99.56 28.65
C ILE C 51 -83.74 -99.11 27.22
N HIS C 52 -84.84 -98.40 26.99
CA HIS C 52 -85.11 -97.74 25.72
C HIS C 52 -85.25 -96.26 26.02
N ALA C 53 -84.18 -95.52 25.69
CA ALA C 53 -84.14 -94.08 25.87
C ALA C 53 -84.50 -93.40 24.56
N ASN C 54 -85.26 -92.45 24.69
CA ASN C 54 -85.68 -91.65 23.52
C ASN C 54 -85.15 -90.22 23.69
N LEU C 55 -84.13 -89.87 22.90
CA LEU C 55 -83.49 -88.56 22.94
C LEU C 55 -84.40 -87.47 22.38
N THR C 56 -85.20 -87.79 21.36
CA THR C 56 -86.08 -86.77 20.78
C THR C 56 -87.16 -86.35 21.75
N THR C 57 -87.86 -87.30 22.37
CA THR C 57 -88.91 -87.00 23.32
C THR C 57 -88.39 -86.92 24.75
N LEU C 58 -87.16 -87.14 25.03
CA LEU C 58 -86.54 -87.16 26.34
C LEU C 58 -87.31 -88.06 27.31
N THR C 59 -87.53 -89.30 26.88
CA THR C 59 -88.28 -90.28 27.64
C THR C 59 -87.44 -91.56 27.74
N PHE C 60 -87.93 -92.55 28.47
CA PHE C 60 -87.36 -93.88 28.41
C PHE C 60 -88.27 -94.88 29.10
N TRP C 61 -88.48 -96.02 28.44
CA TRP C 61 -89.21 -97.15 29.00
CA TRP C 61 -89.20 -97.12 29.07
C TRP C 61 -88.22 -98.26 29.35
N GLY C 62 -88.42 -98.89 30.50
CA GLY C 62 -87.49 -99.89 30.98
C GLY C 62 -88.17 -101.16 31.45
N THR C 63 -87.42 -102.26 31.37
CA THR C 63 -87.85 -103.56 31.87
C THR C 63 -86.72 -104.12 32.72
N THR C 64 -87.03 -104.48 33.96
CA THR C 64 -86.04 -104.99 34.90
C THR C 64 -86.48 -106.38 35.36
N LYS C 65 -85.65 -107.37 35.08
CA LYS C 65 -85.87 -108.74 35.55
C LYS C 65 -84.78 -109.05 36.57
N VAL C 66 -85.15 -109.15 37.85
CA VAL C 66 -84.20 -109.37 38.93
C VAL C 66 -84.43 -110.75 39.52
N GLU C 67 -83.39 -111.58 39.49
CA GLU C 67 -83.42 -112.88 40.13
C GLU C 67 -83.09 -112.72 41.61
N ILE C 68 -83.95 -113.26 42.47
CA ILE C 68 -83.82 -113.10 43.91
C ILE C 68 -83.96 -114.45 44.60
N THR C 69 -83.45 -114.51 45.83
CA THR C 69 -83.68 -115.62 46.74
C THR C 69 -84.06 -115.06 48.10
N ALA C 70 -84.78 -115.85 48.87
CA ALA C 70 -85.25 -115.44 50.19
C ALA C 70 -84.76 -116.41 51.25
N SER C 71 -84.31 -115.87 52.38
CA SER C 71 -83.87 -116.68 53.50
C SER C 71 -84.95 -116.81 54.57
N GLN C 72 -85.85 -115.84 54.66
CA GLN C 72 -87.01 -115.88 55.51
C GLN C 72 -88.25 -115.91 54.64
N PRO C 73 -89.21 -116.78 54.92
CA PRO C 73 -90.42 -116.80 54.10
C PRO C 73 -91.11 -115.45 54.17
N THR C 74 -91.39 -114.89 52.99
CA THR C 74 -92.05 -113.59 52.97
C THR C 74 -92.97 -113.53 51.76
N SER C 75 -93.99 -112.68 51.86
CA SER C 75 -94.88 -112.37 50.75
C SER C 75 -94.77 -110.91 50.36
N THR C 76 -93.74 -110.22 50.84
CA THR C 76 -93.53 -108.81 50.56
C THR C 76 -92.07 -108.61 50.16
N ILE C 77 -91.85 -107.99 49.01
CA ILE C 77 -90.51 -107.71 48.49
C ILE C 77 -90.33 -106.21 48.46
N ILE C 78 -89.36 -105.72 49.21
CA ILE C 78 -89.08 -104.29 49.30
C ILE C 78 -87.85 -103.98 48.47
N LEU C 79 -87.94 -102.98 47.61
CA LEU C 79 -86.80 -102.51 46.83
C LEU C 79 -86.98 -101.03 46.57
N HIS C 80 -85.99 -100.44 45.93
CA HIS C 80 -85.94 -98.99 45.73
C HIS C 80 -86.49 -98.59 44.38
N SER C 81 -87.12 -97.42 44.34
CA SER C 81 -87.63 -96.83 43.11
C SER C 81 -87.93 -95.37 43.38
N HIS C 82 -87.51 -94.50 42.46
CA HIS C 82 -87.63 -93.05 42.64
C HIS C 82 -87.94 -92.42 41.30
N HIS C 83 -89.03 -91.66 41.24
CA HIS C 83 -89.44 -90.95 40.03
C HIS C 83 -89.62 -91.89 38.85
N LEU C 84 -90.14 -93.09 39.11
CA LEU C 84 -90.36 -94.10 38.08
C LEU C 84 -91.83 -94.52 38.09
N GLN C 85 -92.47 -94.48 36.93
CA GLN C 85 -93.86 -94.89 36.79
C GLN C 85 -93.89 -96.40 36.54
N ILE C 86 -94.31 -97.15 37.55
CA ILE C 86 -94.44 -98.60 37.42
C ILE C 86 -95.76 -98.91 36.74
N SER C 87 -95.71 -99.75 35.69
CA SER C 87 -96.90 -100.06 34.92
C SER C 87 -97.29 -101.54 34.96
N ARG C 88 -96.41 -102.42 35.40
CA ARG C 88 -96.66 -103.85 35.31
C ARG C 88 -95.63 -104.58 36.15
N ALA C 89 -96.08 -105.57 36.93
CA ALA C 89 -95.18 -106.31 37.81
C ALA C 89 -95.62 -107.76 37.90
N THR C 90 -94.71 -108.67 37.62
CA THR C 90 -94.98 -110.10 37.65
C THR C 90 -93.89 -110.80 38.47
N LEU C 91 -94.24 -112.00 38.95
CA LEU C 91 -93.35 -112.81 39.77
C LEU C 91 -93.33 -114.23 39.22
N ARG C 92 -92.20 -114.64 38.66
CA ARG C 92 -92.03 -115.97 38.11
C ARG C 92 -91.30 -116.86 39.10
N LYS C 93 -91.72 -118.12 39.16
CA LYS C 93 -91.17 -119.10 40.09
C LYS C 93 -90.43 -120.17 39.29
N GLY C 94 -89.11 -120.22 39.45
CA GLY C 94 -88.29 -121.16 38.71
C GLY C 94 -87.29 -120.45 37.81
N LEU C 99 -91.99 -121.44 35.13
CA LEU C 99 -93.24 -122.12 34.81
C LEU C 99 -94.44 -121.31 35.28
N SER C 100 -94.53 -121.10 36.60
CA SER C 100 -95.64 -120.38 37.18
C SER C 100 -95.32 -118.89 37.30
N GLU C 101 -96.23 -118.05 36.81
CA GLU C 101 -96.11 -116.60 36.89
C GLU C 101 -97.33 -116.04 37.58
N GLU C 102 -97.11 -115.13 38.53
CA GLU C 102 -98.20 -114.55 39.31
C GLU C 102 -98.07 -113.03 39.33
N PRO C 103 -99.18 -112.32 39.29
CA PRO C 103 -99.11 -110.85 39.35
C PRO C 103 -98.80 -110.37 40.76
N LEU C 104 -98.15 -109.21 40.82
CA LEU C 104 -97.79 -108.57 42.08
C LEU C 104 -98.55 -107.27 42.25
N GLN C 105 -98.95 -106.97 43.47
CA GLN C 105 -99.56 -105.67 43.75
C GLN C 105 -98.47 -104.70 44.18
N VAL C 106 -98.58 -103.46 43.72
CA VAL C 106 -97.52 -102.46 43.89
C VAL C 106 -97.98 -101.43 44.90
N LEU C 107 -97.17 -101.21 45.94
CA LEU C 107 -97.36 -100.13 46.89
C LEU C 107 -96.14 -99.21 46.81
N GLU C 108 -96.36 -97.91 46.97
CA GLU C 108 -95.34 -96.91 46.75
C GLU C 108 -95.13 -96.08 48.00
N HIS C 109 -93.87 -95.77 48.30
CA HIS C 109 -93.50 -94.89 49.41
C HIS C 109 -92.46 -93.91 48.88
N PRO C 110 -92.90 -92.71 48.46
CA PRO C 110 -91.93 -91.75 47.90
C PRO C 110 -90.99 -91.18 48.96
N ARG C 111 -91.42 -91.13 50.23
CA ARG C 111 -90.56 -90.57 51.26
C ARG C 111 -89.34 -91.45 51.49
N GLN C 112 -89.54 -92.76 51.51
CA GLN C 112 -88.43 -93.70 51.66
C GLN C 112 -87.85 -94.12 50.32
N GLU C 113 -88.37 -93.58 49.20
CA GLU C 113 -87.92 -93.92 47.86
C GLU C 113 -87.99 -95.42 47.61
N GLN C 114 -89.11 -96.03 48.02
CA GLN C 114 -89.25 -97.48 47.97
C GLN C 114 -90.56 -97.87 47.32
N ILE C 115 -90.60 -99.13 46.88
CA ILE C 115 -91.83 -99.79 46.47
C ILE C 115 -91.88 -101.16 47.13
N ALA C 116 -93.09 -101.60 47.43
CA ALA C 116 -93.36 -102.91 48.00
C ALA C 116 -94.14 -103.74 46.99
N LEU C 117 -93.69 -104.95 46.73
CA LEU C 117 -94.35 -105.86 45.82
C LEU C 117 -94.98 -106.98 46.63
N LEU C 118 -96.30 -107.12 46.52
CA LEU C 118 -97.06 -108.10 47.28
C LEU C 118 -97.40 -109.27 46.37
N ALA C 119 -97.06 -110.49 46.82
CA ALA C 119 -97.22 -111.75 46.14
C ALA C 119 -98.37 -112.55 46.74
N PRO C 120 -99.19 -113.20 45.91
CA PRO C 120 -100.33 -113.95 46.46
C PRO C 120 -99.91 -115.08 47.37
N GLU C 121 -98.91 -115.86 46.97
CA GLU C 121 -98.45 -116.95 47.80
C GLU C 121 -97.05 -116.64 48.33
N PRO C 122 -96.81 -116.81 49.63
CA PRO C 122 -95.51 -116.46 50.20
C PRO C 122 -94.37 -117.26 49.59
N LEU C 123 -93.23 -116.59 49.43
CA LEU C 123 -92.06 -117.19 48.81
C LEU C 123 -91.49 -118.33 49.64
N LEU C 124 -91.02 -119.37 48.95
CA LEU C 124 -90.42 -120.53 49.60
C LEU C 124 -88.92 -120.30 49.78
N VAL C 125 -88.42 -120.54 50.99
CA VAL C 125 -87.01 -120.33 51.29
C VAL C 125 -86.16 -121.31 50.48
N GLY C 126 -85.03 -120.81 49.98
CA GLY C 126 -84.11 -121.62 49.19
C GLY C 126 -84.46 -121.76 47.73
N LEU C 127 -85.55 -121.14 47.28
CA LEU C 127 -85.97 -121.21 45.89
C LEU C 127 -85.62 -119.92 45.16
N PRO C 128 -85.23 -120.01 43.89
CA PRO C 128 -84.99 -118.80 43.10
C PRO C 128 -86.25 -118.27 42.46
N TYR C 129 -86.52 -116.97 42.60
CA TYR C 129 -87.66 -116.32 41.98
C TYR C 129 -87.18 -115.19 41.09
N THR C 130 -88.04 -114.74 40.18
CA THR C 130 -87.68 -113.69 39.23
C THR C 130 -88.77 -112.62 39.24
N VAL C 131 -88.43 -111.42 39.72
CA VAL C 131 -89.36 -110.29 39.70
C VAL C 131 -89.15 -109.53 38.40
N VAL C 132 -90.24 -109.28 37.67
CA VAL C 132 -90.18 -108.60 36.39
C VAL C 132 -91.03 -107.33 36.49
N ILE C 133 -90.40 -106.18 36.30
CA ILE C 133 -91.04 -104.89 36.48
C ILE C 133 -90.91 -104.10 35.18
N HIS C 134 -92.03 -103.54 34.71
CA HIS C 134 -92.06 -102.64 33.58
C HIS C 134 -92.31 -101.24 34.10
N TYR C 135 -91.54 -100.27 33.60
CA TYR C 135 -91.61 -98.92 34.13
C TYR C 135 -91.31 -97.92 33.03
N ALA C 136 -91.56 -96.65 33.34
CA ALA C 136 -91.28 -95.55 32.43
C ALA C 136 -90.77 -94.36 33.22
N GLY C 137 -90.19 -93.41 32.49
CA GLY C 137 -89.69 -92.19 33.10
C GLY C 137 -89.10 -91.31 32.03
N ASN C 138 -88.47 -90.21 32.44
CA ASN C 138 -87.74 -89.38 31.51
C ASN C 138 -86.36 -89.02 32.06
N LEU C 139 -85.45 -88.74 31.13
CA LEU C 139 -84.11 -88.29 31.46
C LEU C 139 -84.14 -87.11 32.41
N SER C 140 -83.48 -87.26 33.55
CA SER C 140 -83.39 -86.17 34.52
C SER C 140 -82.63 -84.98 33.92
N GLU C 141 -83.13 -83.78 34.16
CA GLU C 141 -82.43 -82.58 33.72
C GLU C 141 -81.31 -82.16 34.66
N THR C 142 -81.03 -82.95 35.70
CA THR C 142 -80.00 -82.61 36.66
C THR C 142 -78.67 -83.23 36.27
N PHE C 143 -77.82 -83.50 37.25
CA PHE C 143 -76.51 -84.09 37.01
C PHE C 143 -76.40 -85.51 37.56
N HIS C 144 -77.50 -86.10 38.01
CA HIS C 144 -77.48 -87.43 38.60
C HIS C 144 -78.59 -88.27 37.99
N GLY C 145 -78.56 -89.56 38.32
CA GLY C 145 -79.52 -90.50 37.76
C GLY C 145 -79.22 -90.82 36.32
N PHE C 146 -80.27 -90.94 35.51
CA PHE C 146 -80.13 -91.09 34.05
C PHE C 146 -80.44 -89.73 33.44
N TYR C 147 -79.40 -88.93 33.22
CA TYR C 147 -79.60 -87.53 32.89
C TYR C 147 -79.14 -87.22 31.47
N LYS C 148 -79.52 -86.02 31.03
CA LYS C 148 -79.27 -85.53 29.69
C LYS C 148 -78.07 -84.60 29.68
N SER C 149 -77.32 -84.63 28.58
CA SER C 149 -76.20 -83.72 28.35
C SER C 149 -76.29 -83.19 26.93
N THR C 150 -75.78 -81.99 26.72
CA THR C 150 -75.80 -81.37 25.41
C THR C 150 -74.42 -80.85 25.07
N TYR C 151 -74.13 -80.77 23.77
CA TYR C 151 -72.86 -80.23 23.32
C TYR C 151 -73.06 -79.45 22.02
N ARG C 152 -72.16 -78.50 21.79
CA ARG C 152 -72.22 -77.63 20.62
C ARG C 152 -71.24 -78.09 19.56
N THR C 153 -71.73 -78.26 18.33
CA THR C 153 -70.85 -78.54 17.22
C THR C 153 -70.17 -77.25 16.75
N LYS C 154 -69.14 -77.41 15.91
CA LYS C 154 -68.43 -76.25 15.39
C LYS C 154 -69.27 -75.44 14.41
N GLU C 155 -70.44 -75.95 13.99
CA GLU C 155 -71.35 -75.22 13.13
C GLU C 155 -72.46 -74.54 13.91
N GLY C 156 -72.40 -74.56 15.24
CA GLY C 156 -73.41 -73.92 16.07
C GLY C 156 -74.58 -74.81 16.42
N GLU C 157 -74.69 -76.00 15.83
CA GLU C 157 -75.80 -76.88 16.13
C GLU C 157 -75.65 -77.47 17.53
N LEU C 158 -76.79 -77.84 18.11
CA LEU C 158 -76.87 -78.41 19.44
C LEU C 158 -77.20 -79.89 19.33
N ARG C 159 -76.42 -80.74 20.01
CA ARG C 159 -76.61 -82.18 19.99
C ARG C 159 -76.82 -82.70 21.40
N ILE C 160 -77.58 -83.79 21.49
CA ILE C 160 -78.07 -84.33 22.75
C ILE C 160 -77.49 -85.73 22.95
N LEU C 161 -77.15 -86.05 24.20
CA LEU C 161 -76.72 -87.38 24.59
C LEU C 161 -77.30 -87.69 25.95
N ALA C 162 -77.27 -88.97 26.32
CA ALA C 162 -77.79 -89.42 27.61
C ALA C 162 -76.68 -90.13 28.38
N SER C 163 -76.45 -89.71 29.62
CA SER C 163 -75.40 -90.27 30.45
C SER C 163 -76.00 -90.72 31.78
N THR C 164 -75.18 -91.41 32.58
CA THR C 164 -75.60 -91.95 33.85
C THR C 164 -74.67 -91.48 34.97
N GLN C 165 -75.22 -91.41 36.18
CA GLN C 165 -74.41 -91.12 37.37
C GLN C 165 -75.22 -91.66 38.56
N PHE C 166 -74.82 -92.83 39.06
CA PHE C 166 -75.64 -93.56 40.02
C PHE C 166 -75.14 -93.47 41.46
N GLU C 167 -73.86 -93.19 41.67
CA GLU C 167 -73.37 -93.00 43.02
C GLU C 167 -73.98 -91.73 43.60
N PRO C 168 -74.52 -91.76 44.82
CA PRO C 168 -74.59 -92.98 45.63
C PRO C 168 -75.93 -93.73 45.56
N THR C 169 -77.04 -93.00 45.48
CA THR C 169 -78.38 -93.59 45.56
C THR C 169 -79.22 -93.19 44.36
N ALA C 170 -78.62 -93.13 43.17
CA ALA C 170 -79.31 -92.65 41.98
C ALA C 170 -79.65 -93.74 40.97
N ALA C 171 -79.17 -94.97 41.16
CA ALA C 171 -79.53 -96.06 40.24
C ALA C 171 -81.02 -96.33 40.26
N ARG C 172 -81.68 -96.09 41.40
CA ARG C 172 -83.12 -96.28 41.51
C ARG C 172 -83.91 -95.33 40.60
N MET C 173 -83.31 -94.22 40.18
CA MET C 173 -83.97 -93.31 39.24
C MET C 173 -83.92 -93.82 37.81
N ALA C 174 -83.23 -94.92 37.55
CA ALA C 174 -83.13 -95.49 36.21
C ALA C 174 -83.66 -96.90 36.13
N PHE C 175 -83.46 -97.70 37.18
CA PHE C 175 -84.07 -99.04 37.19
C PHE C 175 -84.38 -99.46 38.61
N PRO C 176 -85.55 -100.03 38.86
CA PRO C 176 -85.86 -100.49 40.22
C PRO C 176 -84.97 -101.66 40.62
N CYS C 177 -84.44 -101.59 41.84
CA CYS C 177 -83.43 -102.52 42.27
C CYS C 177 -83.29 -102.45 43.79
N PHE C 178 -82.38 -103.25 44.32
CA PHE C 178 -81.98 -103.18 45.72
C PHE C 178 -80.77 -102.25 45.79
N ASP C 179 -81.05 -100.95 45.77
CA ASP C 179 -80.03 -99.92 45.57
C ASP C 179 -79.26 -99.69 46.87
N GLU C 180 -78.48 -100.71 47.24
CA GLU C 180 -77.54 -100.61 48.33
C GLU C 180 -76.24 -101.29 47.90
N PRO C 181 -75.09 -100.82 48.39
CA PRO C 181 -73.81 -101.39 47.95
C PRO C 181 -73.57 -102.81 48.41
N ALA C 182 -74.33 -103.30 49.39
CA ALA C 182 -74.10 -104.65 49.90
C ALA C 182 -74.78 -105.71 49.04
N PHE C 183 -75.86 -105.36 48.35
CA PHE C 183 -76.57 -106.32 47.50
C PHE C 183 -75.88 -106.34 46.14
N LYS C 184 -74.74 -107.01 46.09
CA LYS C 184 -74.00 -107.15 44.85
C LYS C 184 -74.63 -108.22 43.96
N ALA C 185 -74.49 -108.04 42.66
CA ALA C 185 -75.05 -108.97 41.68
C ALA C 185 -74.42 -108.70 40.32
N SER C 186 -74.70 -109.58 39.38
CA SER C 186 -74.30 -109.41 37.99
C SER C 186 -75.39 -108.67 37.24
N PHE C 187 -75.03 -108.10 36.09
CA PHE C 187 -75.93 -107.25 35.32
C PHE C 187 -75.82 -107.59 33.84
N SER C 188 -76.94 -108.00 33.24
CA SER C 188 -77.03 -108.20 31.80
C SER C 188 -77.80 -107.03 31.21
N ILE C 189 -77.12 -106.20 30.44
CA ILE C 189 -77.64 -104.91 29.99
C ILE C 189 -78.01 -104.99 28.51
N LYS C 190 -79.18 -104.44 28.17
CA LYS C 190 -79.63 -104.29 26.79
C LYS C 190 -80.14 -102.87 26.62
N ILE C 191 -79.62 -102.17 25.61
CA ILE C 191 -79.95 -100.77 25.37
C ILE C 191 -80.51 -100.63 23.96
N ARG C 192 -81.60 -99.87 23.81
CA ARG C 192 -82.22 -99.65 22.51
C ARG C 192 -81.93 -98.22 22.04
N ARG C 193 -81.60 -98.07 20.76
CA ARG C 193 -81.16 -96.79 20.25
C ARG C 193 -81.52 -96.67 18.77
N GLU C 194 -81.46 -95.44 18.26
CA GLU C 194 -81.51 -95.23 16.82
C GLU C 194 -80.20 -95.68 16.19
N PRO C 195 -80.19 -95.96 14.88
CA PRO C 195 -78.93 -96.31 14.21
C PRO C 195 -77.90 -95.20 14.31
N ARG C 196 -78.32 -93.93 14.26
CA ARG C 196 -77.40 -92.81 14.32
C ARG C 196 -76.65 -92.71 15.64
N HIS C 197 -77.02 -93.53 16.63
CA HIS C 197 -76.43 -93.44 17.96
C HIS C 197 -75.42 -94.57 18.19
N LEU C 198 -74.72 -94.45 19.31
CA LEU C 198 -73.69 -95.38 19.75
C LEU C 198 -73.85 -95.56 21.25
N ALA C 199 -73.94 -96.81 21.69
CA ALA C 199 -74.19 -97.14 23.08
C ALA C 199 -72.99 -97.87 23.65
N ILE C 200 -72.54 -97.43 24.83
CA ILE C 200 -71.45 -98.09 25.55
C ILE C 200 -71.88 -98.31 27.00
N SER C 201 -71.32 -99.33 27.61
CA SER C 201 -71.73 -99.72 28.96
C SER C 201 -70.54 -100.32 29.69
N ASN C 202 -70.82 -101.09 30.74
CA ASN C 202 -69.78 -101.64 31.60
C ASN C 202 -68.95 -102.70 30.87
N MET C 203 -69.62 -103.61 30.19
CA MET C 203 -69.03 -104.75 29.51
C MET C 203 -68.93 -104.48 28.02
N PRO C 204 -68.17 -105.30 27.28
CA PRO C 204 -68.14 -105.14 25.82
C PRO C 204 -69.49 -105.45 25.19
N LEU C 205 -69.68 -104.92 23.99
CA LEU C 205 -70.90 -105.16 23.23
C LEU C 205 -70.84 -106.56 22.63
N VAL C 206 -71.80 -107.40 22.98
CA VAL C 206 -71.81 -108.78 22.49
C VAL C 206 -72.52 -108.87 21.14
N LYS C 207 -73.69 -108.26 21.01
CA LYS C 207 -74.33 -108.30 19.69
C LYS C 207 -75.35 -107.18 19.56
N SER C 208 -75.72 -106.89 18.31
CA SER C 208 -76.73 -105.88 18.00
C SER C 208 -77.80 -106.52 17.11
N VAL C 209 -79.05 -106.43 17.54
CA VAL C 209 -80.17 -107.06 16.84
C VAL C 209 -81.14 -105.97 16.41
N THR C 210 -81.67 -106.09 15.18
CA THR C 210 -82.60 -105.10 14.65
C THR C 210 -84.02 -105.40 15.14
N VAL C 211 -84.25 -105.11 16.42
CA VAL C 211 -85.57 -105.31 17.01
C VAL C 211 -86.55 -104.29 16.44
N ALA C 212 -87.81 -104.71 16.29
CA ALA C 212 -88.85 -103.88 15.71
C ALA C 212 -88.42 -103.36 14.35
N GLU C 213 -88.65 -102.07 14.09
CA GLU C 213 -88.23 -101.43 12.86
C GLU C 213 -87.58 -100.09 13.17
N GLY C 214 -86.38 -99.89 12.64
CA GLY C 214 -85.73 -98.60 12.66
C GLY C 214 -84.89 -98.31 13.88
N LEU C 215 -84.88 -99.20 14.87
CA LEU C 215 -84.07 -99.01 16.07
C LEU C 215 -83.36 -100.31 16.43
N ILE C 216 -82.07 -100.20 16.74
CA ILE C 216 -81.22 -101.35 17.06
C ILE C 216 -81.21 -101.57 18.57
N GLU C 217 -81.02 -102.84 18.96
CA GLU C 217 -80.92 -103.24 20.36
C GLU C 217 -79.55 -103.85 20.58
N ASP C 218 -78.80 -103.31 21.54
CA ASP C 218 -77.45 -103.75 21.86
C ASP C 218 -77.49 -104.61 23.12
N HIS C 219 -77.05 -105.87 22.98
CA HIS C 219 -76.88 -106.80 24.09
C HIS C 219 -75.41 -106.74 24.51
N PHE C 220 -75.16 -106.29 25.75
CA PHE C 220 -73.83 -106.24 26.32
C PHE C 220 -73.57 -107.50 27.15
N ASP C 221 -72.30 -107.81 27.34
CA ASP C 221 -71.91 -108.96 28.14
C ASP C 221 -72.35 -108.77 29.59
N VAL C 222 -72.32 -109.86 30.35
CA VAL C 222 -72.75 -109.84 31.74
C VAL C 222 -71.60 -109.38 32.61
N THR C 223 -71.92 -108.53 33.60
CA THR C 223 -70.92 -107.98 34.50
C THR C 223 -70.53 -109.00 35.56
N VAL C 224 -69.60 -108.61 36.43
CA VAL C 224 -69.17 -109.45 37.54
C VAL C 224 -69.96 -109.06 38.78
N LYS C 225 -69.64 -109.68 39.91
CA LYS C 225 -70.26 -109.29 41.18
C LYS C 225 -69.86 -107.86 41.51
N MET C 226 -70.81 -106.92 41.39
CA MET C 226 -70.50 -105.52 41.61
C MET C 226 -71.72 -104.84 42.24
N SER C 227 -71.47 -103.69 42.86
CA SER C 227 -72.53 -102.94 43.49
C SER C 227 -73.40 -102.25 42.43
N THR C 228 -74.58 -101.80 42.86
CA THR C 228 -75.54 -101.23 41.92
C THR C 228 -75.14 -99.85 41.44
N TYR C 229 -74.44 -99.07 42.27
CA TYR C 229 -74.07 -97.71 41.90
C TYR C 229 -73.02 -97.67 40.80
N LEU C 230 -72.46 -98.81 40.43
CA LEU C 230 -71.43 -98.88 39.39
C LEU C 230 -71.99 -99.14 38.00
N VAL C 231 -73.31 -99.33 37.87
CA VAL C 231 -73.91 -99.51 36.56
C VAL C 231 -73.83 -98.20 35.78
N ALA C 232 -73.58 -98.29 34.48
CA ALA C 232 -73.47 -97.09 33.65
C ALA C 232 -73.74 -97.47 32.20
N PHE C 233 -74.25 -96.48 31.45
CA PHE C 233 -74.49 -96.63 30.03
C PHE C 233 -74.61 -95.25 29.41
N ILE C 234 -74.15 -95.15 28.16
CA ILE C 234 -74.09 -93.87 27.45
C ILE C 234 -74.59 -94.08 26.03
N ILE C 235 -75.52 -93.20 25.62
CA ILE C 235 -76.05 -93.15 24.26
C ILE C 235 -75.63 -91.81 23.67
N SER C 236 -74.79 -91.84 22.64
CA SER C 236 -74.28 -90.59 22.07
C SER C 236 -73.85 -90.84 20.63
N ASP C 237 -72.93 -90.02 20.14
CA ASP C 237 -72.26 -90.25 18.86
C ASP C 237 -70.77 -89.98 19.00
N PHE C 238 -70.19 -90.47 20.09
CA PHE C 238 -68.79 -90.21 20.40
C PHE C 238 -67.85 -90.85 19.39
N GLU C 239 -66.72 -90.19 19.16
CA GLU C 239 -65.56 -90.82 18.57
C GLU C 239 -64.66 -91.34 19.68
N SER C 240 -63.78 -92.28 19.33
CA SER C 240 -62.94 -92.91 20.34
C SER C 240 -61.55 -93.19 19.81
N VAL C 241 -60.61 -93.31 20.75
CA VAL C 241 -59.24 -93.76 20.50
C VAL C 241 -58.97 -94.91 21.45
N SER C 242 -58.28 -95.91 20.95
CA SER C 242 -58.04 -97.12 21.78
C SER C 242 -56.55 -97.51 21.78
N LYS C 243 -56.19 -98.34 22.72
CA LYS C 243 -54.84 -98.83 22.89
C LYS C 243 -54.89 -100.07 23.77
N ILE C 244 -53.88 -100.93 23.65
CA ILE C 244 -53.84 -102.18 24.37
C ILE C 244 -52.79 -102.09 25.48
N THR C 245 -53.11 -102.65 26.64
CA THR C 245 -52.12 -102.79 27.70
C THR C 245 -51.25 -104.03 27.44
N LYS C 246 -50.17 -104.13 28.23
CA LYS C 246 -49.36 -105.33 28.12
C LYS C 246 -50.07 -106.56 28.66
N SER C 247 -51.20 -106.40 29.34
CA SER C 247 -51.99 -107.52 29.83
C SER C 247 -53.19 -107.83 28.94
N GLY C 248 -53.37 -107.11 27.84
CA GLY C 248 -54.41 -107.41 26.88
C GLY C 248 -55.74 -106.74 27.09
N VAL C 249 -55.82 -105.79 28.02
CA VAL C 249 -57.08 -105.08 28.26
C VAL C 249 -57.25 -104.00 27.21
N LYS C 250 -58.46 -103.85 26.69
CA LYS C 250 -58.73 -102.88 25.63
C LYS C 250 -59.11 -101.56 26.29
N VAL C 251 -58.18 -100.60 26.31
CA VAL C 251 -58.42 -99.29 26.90
C VAL C 251 -58.79 -98.32 25.79
N SER C 252 -59.92 -97.63 25.96
CA SER C 252 -60.41 -96.68 24.98
C SER C 252 -60.84 -95.39 25.67
N VAL C 253 -60.83 -94.29 24.91
CA VAL C 253 -61.25 -92.99 25.41
C VAL C 253 -62.25 -92.40 24.42
N TYR C 254 -63.47 -92.15 24.90
CA TYR C 254 -64.54 -91.57 24.10
C TYR C 254 -64.71 -90.10 24.42
N ALA C 255 -65.05 -89.31 23.41
CA ALA C 255 -65.34 -87.90 23.58
C ALA C 255 -66.18 -87.43 22.39
N VAL C 256 -66.67 -86.20 22.50
CA VAL C 256 -67.46 -85.59 21.43
C VAL C 256 -66.59 -85.49 20.18
N PRO C 257 -67.16 -85.53 18.97
CA PRO C 257 -66.31 -85.62 17.77
C PRO C 257 -65.32 -84.47 17.63
N ASP C 258 -65.68 -83.26 18.05
CA ASP C 258 -64.81 -82.11 17.86
C ASP C 258 -63.67 -82.02 18.87
N LYS C 259 -63.66 -82.88 19.90
CA LYS C 259 -62.64 -82.83 20.94
C LYS C 259 -61.88 -84.14 21.10
N ILE C 260 -62.03 -85.09 20.15
CA ILE C 260 -61.40 -86.40 20.31
C ILE C 260 -59.89 -86.30 20.19
N ASN C 261 -59.38 -85.29 19.48
CA ASN C 261 -57.94 -85.13 19.29
C ASN C 261 -57.22 -84.67 20.56
N GLN C 262 -57.93 -84.46 21.66
CA GLN C 262 -57.31 -84.08 22.94
C GLN C 262 -57.23 -85.23 23.93
N ALA C 263 -57.44 -86.46 23.49
CA ALA C 263 -57.52 -87.62 24.37
C ALA C 263 -56.22 -88.43 24.44
N ASP C 264 -55.15 -87.96 23.80
CA ASP C 264 -53.94 -88.75 23.69
C ASP C 264 -53.27 -88.95 25.05
N TYR C 265 -53.04 -87.86 25.79
CA TYR C 265 -52.41 -87.99 27.10
C TYR C 265 -53.28 -88.80 28.04
N ALA C 266 -54.60 -88.59 27.98
CA ALA C 266 -55.51 -89.37 28.81
C ALA C 266 -55.36 -90.86 28.55
N LEU C 267 -55.36 -91.25 27.27
CA LEU C 267 -55.25 -92.67 26.93
C LEU C 267 -53.91 -93.25 27.35
N ASP C 268 -52.82 -92.53 27.08
CA ASP C 268 -51.49 -93.04 27.40
C ASP C 268 -51.31 -93.20 28.91
N ALA C 269 -51.65 -92.15 29.66
CA ALA C 269 -51.56 -92.25 31.12
C ALA C 269 -52.50 -93.31 31.67
N ALA C 270 -53.66 -93.51 31.03
CA ALA C 270 -54.57 -94.56 31.49
C ALA C 270 -53.94 -95.94 31.35
N VAL C 271 -53.35 -96.22 30.18
CA VAL C 271 -52.69 -97.50 29.97
C VAL C 271 -51.57 -97.70 30.99
N THR C 272 -50.73 -96.67 31.15
CA THR C 272 -49.60 -96.79 32.08
C THR C 272 -50.08 -97.06 33.51
N LEU C 273 -51.08 -96.29 33.97
CA LEU C 273 -51.55 -96.43 35.34
C LEU C 273 -52.28 -97.74 35.56
N LEU C 274 -53.02 -98.23 34.55
CA LEU C 274 -53.68 -99.52 34.69
C LEU C 274 -52.67 -100.65 34.83
N GLU C 275 -51.62 -100.63 34.00
CA GLU C 275 -50.56 -101.62 34.12
C GLU C 275 -49.89 -101.54 35.49
N PHE C 276 -49.63 -100.31 35.96
CA PHE C 276 -49.02 -100.14 37.27
C PHE C 276 -49.89 -100.73 38.37
N TYR C 277 -51.20 -100.45 38.32
CA TYR C 277 -52.09 -100.93 39.37
C TYR C 277 -52.18 -102.46 39.36
N GLU C 278 -52.30 -103.05 38.17
CA GLU C 278 -52.28 -104.51 38.08
C GLU C 278 -51.03 -105.09 38.73
N ASP C 279 -49.85 -104.57 38.33
CA ASP C 279 -48.60 -105.10 38.86
C ASP C 279 -48.49 -104.90 40.36
N TYR C 280 -48.88 -103.72 40.84
CA TYR C 280 -48.72 -103.39 42.26
C TYR C 280 -49.62 -104.25 43.13
N PHE C 281 -50.90 -104.34 42.79
CA PHE C 281 -51.84 -105.12 43.58
C PHE C 281 -51.72 -106.62 43.37
N SER C 282 -51.01 -107.07 42.33
CA SER C 282 -50.91 -108.49 42.00
C SER C 282 -52.28 -109.10 41.76
N ILE C 283 -53.19 -108.30 41.24
CA ILE C 283 -54.57 -108.72 40.94
C ILE C 283 -54.94 -108.20 39.57
N PRO C 284 -55.13 -109.08 38.57
CA PRO C 284 -55.41 -108.60 37.22
C PRO C 284 -56.74 -107.87 37.13
N TYR C 285 -56.83 -106.98 36.15
CA TYR C 285 -58.09 -106.29 35.86
C TYR C 285 -59.08 -107.29 35.30
N PRO C 286 -60.23 -107.54 35.94
CA PRO C 286 -61.07 -108.67 35.53
C PRO C 286 -61.85 -108.43 34.23
N LEU C 287 -62.18 -107.17 33.89
CA LEU C 287 -63.01 -106.88 32.74
C LEU C 287 -62.19 -106.85 31.46
N PRO C 288 -62.80 -107.12 30.31
CA PRO C 288 -62.03 -107.10 29.05
C PRO C 288 -61.57 -105.71 28.63
N LYS C 289 -62.40 -104.68 28.84
CA LYS C 289 -62.10 -103.35 28.37
C LYS C 289 -62.25 -102.34 29.50
N GLN C 290 -61.55 -101.23 29.34
CA GLN C 290 -61.67 -100.07 30.22
C GLN C 290 -61.89 -98.86 29.34
N ASP C 291 -62.96 -98.10 29.61
CA ASP C 291 -63.33 -96.95 28.80
C ASP C 291 -63.31 -95.70 29.66
N LEU C 292 -62.89 -94.60 29.05
CA LEU C 292 -62.82 -93.29 29.70
C LEU C 292 -63.58 -92.31 28.83
N ALA C 293 -64.77 -91.91 29.26
CA ALA C 293 -65.64 -91.07 28.45
C ALA C 293 -65.66 -89.66 29.03
N ALA C 294 -65.50 -88.67 28.15
CA ALA C 294 -65.52 -87.26 28.53
C ALA C 294 -66.94 -86.75 28.33
N ILE C 295 -67.68 -86.61 29.43
CA ILE C 295 -69.08 -86.20 29.38
C ILE C 295 -69.17 -84.68 29.42
N PRO C 296 -69.93 -84.05 28.51
CA PRO C 296 -70.02 -82.59 28.52
C PRO C 296 -70.67 -82.02 29.76
N ASP C 297 -71.63 -82.73 30.36
CA ASP C 297 -72.32 -82.28 31.56
C ASP C 297 -72.02 -83.25 32.69
N PHE C 298 -71.19 -82.82 33.65
CA PHE C 298 -70.86 -83.68 34.77
C PHE C 298 -70.77 -82.86 36.05
N GLN C 299 -71.24 -83.43 37.16
CA GLN C 299 -71.21 -82.74 38.44
C GLN C 299 -69.90 -82.98 39.18
N SER C 300 -69.53 -84.25 39.37
CA SER C 300 -68.27 -84.58 40.02
C SER C 300 -67.11 -84.30 39.08
N GLY C 301 -65.89 -84.52 39.58
CA GLY C 301 -64.75 -84.55 38.68
C GLY C 301 -64.79 -85.76 37.76
N ALA C 302 -65.14 -86.92 38.30
CA ALA C 302 -65.18 -88.16 37.53
C ALA C 302 -66.04 -89.17 38.29
N MET C 303 -66.11 -90.38 37.75
CA MET C 303 -66.85 -91.47 38.37
C MET C 303 -66.19 -92.78 37.98
N GLU C 304 -66.22 -93.75 38.89
CA GLU C 304 -65.45 -94.98 38.78
C GLU C 304 -66.28 -96.15 38.26
N ASN C 305 -67.25 -95.89 37.38
CA ASN C 305 -68.09 -96.97 36.87
C ASN C 305 -67.24 -98.07 36.27
N TRP C 306 -67.42 -99.30 36.75
CA TRP C 306 -66.57 -100.43 36.39
C TRP C 306 -66.60 -100.68 34.89
N GLY C 307 -65.48 -100.44 34.23
CA GLY C 307 -65.38 -100.61 32.80
C GLY C 307 -65.80 -99.42 31.97
N LEU C 308 -66.32 -98.36 32.60
CA LEU C 308 -66.78 -97.18 31.90
C LEU C 308 -66.68 -95.97 32.83
N THR C 309 -65.45 -95.53 33.11
CA THR C 309 -65.27 -94.33 33.89
C THR C 309 -65.68 -93.10 33.09
N THR C 310 -66.34 -92.16 33.76
CA THR C 310 -66.83 -90.93 33.16
C THR C 310 -66.09 -89.76 33.79
N TYR C 311 -65.90 -88.69 33.00
CA TYR C 311 -65.08 -87.57 33.40
C TYR C 311 -65.73 -86.28 32.94
N ARG C 312 -65.28 -85.17 33.54
CA ARG C 312 -65.47 -83.86 32.95
C ARG C 312 -64.49 -83.70 31.79
N GLU C 313 -64.94 -83.04 30.72
CA GLU C 313 -64.02 -82.75 29.62
C GLU C 313 -62.81 -81.98 30.12
N SER C 314 -63.01 -81.06 31.06
CA SER C 314 -61.91 -80.33 31.66
C SER C 314 -60.98 -81.25 32.45
N ALA C 315 -61.52 -82.34 33.00
CA ALA C 315 -60.75 -83.25 33.83
C ALA C 315 -60.15 -84.41 33.07
N LEU C 316 -60.43 -84.52 31.76
CA LEU C 316 -59.82 -85.61 31.01
C LEU C 316 -59.06 -85.17 29.77
N LEU C 317 -59.53 -84.13 29.08
CA LEU C 317 -58.96 -83.77 27.79
C LEU C 317 -57.84 -82.75 27.94
N PHE C 318 -56.80 -82.92 27.12
CA PHE C 318 -55.58 -82.13 27.22
C PHE C 318 -55.21 -81.54 25.87
N ASP C 319 -55.07 -80.21 25.81
CA ASP C 319 -54.67 -79.50 24.61
C ASP C 319 -53.25 -78.97 24.81
N ALA C 320 -52.31 -79.47 24.00
CA ALA C 320 -50.92 -79.08 24.16
C ALA C 320 -50.69 -77.60 23.95
N GLU C 321 -51.55 -76.94 23.16
CA GLU C 321 -51.36 -75.54 22.81
C GLU C 321 -51.92 -74.59 23.85
N LYS C 322 -52.93 -75.01 24.62
CA LYS C 322 -53.65 -74.12 25.53
C LYS C 322 -53.84 -74.66 26.94
N SER C 323 -53.74 -75.97 27.16
CA SER C 323 -53.94 -76.51 28.50
C SER C 323 -52.73 -76.22 29.38
N SER C 324 -52.99 -76.02 30.66
CA SER C 324 -51.95 -75.67 31.62
C SER C 324 -51.29 -76.91 32.21
N ALA C 325 -50.09 -76.71 32.76
CA ALA C 325 -49.42 -77.79 33.47
C ALA C 325 -50.24 -78.24 34.68
N SER C 326 -50.91 -77.30 35.34
CA SER C 326 -51.88 -77.66 36.37
C SER C 326 -52.94 -78.60 35.81
N SER C 327 -53.45 -78.31 34.61
CA SER C 327 -54.47 -79.16 34.02
C SER C 327 -53.93 -80.54 33.71
N LYS C 328 -52.69 -80.63 33.22
CA LYS C 328 -52.10 -81.93 32.91
C LYS C 328 -51.90 -82.76 34.18
N LEU C 329 -51.37 -82.13 35.24
CA LEU C 329 -51.24 -82.82 36.52
C LEU C 329 -52.60 -83.29 37.03
N GLY C 330 -53.63 -82.44 36.87
CA GLY C 330 -54.96 -82.83 37.31
C GLY C 330 -55.52 -84.01 36.54
N ILE C 331 -55.31 -84.04 35.22
CA ILE C 331 -55.74 -85.18 34.42
C ILE C 331 -55.04 -86.45 34.90
N THR C 332 -53.72 -86.37 35.13
CA THR C 332 -52.99 -87.54 35.60
C THR C 332 -53.56 -88.04 36.93
N MET C 333 -53.76 -87.12 37.89
CA MET C 333 -54.25 -87.51 39.20
C MET C 333 -55.67 -88.07 39.11
N THR C 334 -56.51 -87.53 38.23
CA THR C 334 -57.89 -87.99 38.12
C THR C 334 -57.95 -89.40 37.54
N VAL C 335 -57.19 -89.63 36.46
CA VAL C 335 -57.14 -90.98 35.88
C VAL C 335 -56.60 -91.97 36.91
N ALA C 336 -55.57 -91.57 37.66
CA ALA C 336 -55.04 -92.45 38.69
C ALA C 336 -56.10 -92.74 39.76
N HIS C 337 -56.87 -91.72 40.14
CA HIS C 337 -57.91 -91.90 41.14
C HIS C 337 -58.95 -92.92 40.70
N GLU C 338 -59.44 -92.79 39.46
CA GLU C 338 -60.49 -93.69 39.00
C GLU C 338 -59.95 -95.11 38.77
N LEU C 339 -58.75 -95.22 38.22
CA LEU C 339 -58.18 -96.55 38.02
C LEU C 339 -57.84 -97.22 39.35
N ALA C 340 -57.53 -96.43 40.38
CA ALA C 340 -57.37 -96.99 41.72
C ALA C 340 -58.72 -97.43 42.28
N HIS C 341 -59.77 -96.66 42.01
CA HIS C 341 -61.12 -97.06 42.40
C HIS C 341 -61.51 -98.38 41.78
N GLN C 342 -60.98 -98.69 40.60
CA GLN C 342 -61.25 -99.97 39.97
C GLN C 342 -60.98 -101.15 40.91
N TRP C 343 -60.06 -100.98 41.85
CA TRP C 343 -59.81 -101.97 42.89
C TRP C 343 -60.40 -101.57 44.23
N PHE C 344 -60.11 -100.36 44.70
CA PHE C 344 -60.62 -99.86 45.98
C PHE C 344 -61.97 -99.21 45.71
N GLY C 345 -63.02 -100.02 45.76
CA GLY C 345 -64.36 -99.54 45.52
C GLY C 345 -65.21 -100.48 44.70
N ASN C 346 -64.64 -101.02 43.63
CA ASN C 346 -65.34 -101.92 42.73
C ASN C 346 -65.08 -103.39 43.05
N LEU C 347 -63.81 -103.79 43.06
CA LEU C 347 -63.46 -105.16 43.43
C LEU C 347 -63.84 -105.45 44.88
N VAL C 348 -63.38 -104.60 45.80
CA VAL C 348 -63.73 -104.68 47.21
C VAL C 348 -64.50 -103.41 47.55
N THR C 349 -65.77 -103.57 47.92
CA THR C 349 -66.60 -102.41 48.20
C THR C 349 -66.89 -102.32 49.70
N MET C 350 -67.02 -101.09 50.19
CA MET C 350 -67.50 -100.90 51.55
C MET C 350 -68.92 -101.44 51.66
N GLU C 351 -69.31 -101.83 52.87
CA GLU C 351 -70.63 -102.43 53.01
C GLU C 351 -71.72 -101.39 53.17
N TRP C 352 -71.45 -100.31 53.91
CA TRP C 352 -72.41 -99.22 54.07
C TRP C 352 -71.65 -97.90 53.95
N TRP C 353 -72.39 -96.85 53.55
CA TRP C 353 -71.81 -95.56 53.21
C TRP C 353 -71.16 -94.86 54.39
N ASN C 354 -71.26 -95.44 55.59
CA ASN C 354 -70.56 -94.89 56.73
C ASN C 354 -69.05 -95.09 56.60
N ASP C 355 -68.63 -96.15 55.91
CA ASP C 355 -67.21 -96.42 55.65
C ASP C 355 -66.82 -96.09 54.22
N LEU C 356 -67.44 -95.05 53.64
CA LEU C 356 -67.09 -94.57 52.31
C LEU C 356 -65.61 -94.19 52.19
N TRP C 357 -64.97 -93.89 53.32
CA TRP C 357 -63.55 -93.55 53.29
C TRP C 357 -62.70 -94.72 52.82
N LEU C 358 -63.11 -95.96 53.14
CA LEU C 358 -62.39 -97.13 52.68
C LEU C 358 -62.27 -97.16 51.15
N ASN C 359 -63.17 -96.49 50.44
CA ASN C 359 -63.02 -96.30 49.00
C ASN C 359 -62.28 -95.01 48.70
N GLU C 360 -62.79 -93.88 49.19
CA GLU C 360 -62.35 -92.59 48.68
C GLU C 360 -60.96 -92.20 49.18
N GLY C 361 -60.69 -92.37 50.48
CA GLY C 361 -59.36 -92.07 50.99
C GLY C 361 -58.30 -92.96 50.39
N PHE C 362 -58.61 -94.25 50.23
CA PHE C 362 -57.65 -95.16 49.61
C PHE C 362 -57.39 -94.76 48.17
N ALA C 363 -58.42 -94.35 47.43
CA ALA C 363 -58.21 -93.93 46.05
C ALA C 363 -57.38 -92.65 45.97
N LYS C 364 -57.70 -91.66 46.81
CA LYS C 364 -56.93 -90.42 46.83
C LYS C 364 -55.48 -90.64 47.22
N PHE C 365 -55.21 -91.65 48.06
CA PHE C 365 -53.83 -91.95 48.43
C PHE C 365 -53.13 -92.74 47.34
N MET C 366 -53.85 -93.65 46.69
CA MET C 366 -53.26 -94.38 45.58
C MET C 366 -52.93 -93.46 44.42
N GLU C 367 -53.63 -92.32 44.31
CA GLU C 367 -53.19 -91.26 43.41
C GLU C 367 -51.70 -90.98 43.57
N PHE C 368 -51.30 -90.61 44.79
CA PHE C 368 -49.90 -90.33 45.07
C PHE C 368 -49.04 -91.56 44.84
N VAL C 369 -49.43 -92.69 45.45
CA VAL C 369 -48.63 -93.90 45.39
C VAL C 369 -48.34 -94.31 43.95
N SER C 370 -49.28 -94.08 43.04
CA SER C 370 -49.17 -94.51 41.65
C SER C 370 -48.45 -93.48 40.79
N VAL C 371 -48.83 -92.20 40.90
CA VAL C 371 -48.27 -91.18 40.03
C VAL C 371 -46.81 -90.91 40.38
N SER C 372 -46.47 -90.95 41.67
CA SER C 372 -45.08 -90.74 42.08
C SER C 372 -44.14 -91.76 41.46
N VAL C 373 -44.66 -92.85 40.92
CA VAL C 373 -43.86 -93.86 40.22
C VAL C 373 -44.03 -93.76 38.71
N THR C 374 -45.28 -93.60 38.24
CA THR C 374 -45.54 -93.67 36.81
C THR C 374 -45.14 -92.39 36.08
N HIS C 375 -45.34 -91.23 36.72
CA HIS C 375 -44.99 -89.95 36.13
C HIS C 375 -44.09 -89.19 37.10
N PRO C 376 -42.84 -89.64 37.27
CA PRO C 376 -41.97 -89.02 38.26
C PRO C 376 -41.55 -87.59 37.92
N GLU C 377 -41.69 -87.17 36.66
CA GLU C 377 -41.41 -85.79 36.31
C GLU C 377 -42.40 -84.82 36.95
N LEU C 378 -43.55 -85.31 37.39
CA LEU C 378 -44.52 -84.44 38.06
C LEU C 378 -44.14 -84.18 39.50
N LYS C 379 -43.59 -85.19 40.18
CA LYS C 379 -43.16 -85.07 41.58
C LYS C 379 -44.32 -84.62 42.48
N VAL C 380 -45.35 -85.47 42.54
CA VAL C 380 -46.56 -85.15 43.28
C VAL C 380 -46.34 -85.10 44.79
N GLY C 381 -45.22 -85.63 45.28
CA GLY C 381 -44.88 -85.48 46.68
C GLY C 381 -44.64 -84.04 47.09
N ASP C 382 -44.41 -83.15 46.12
CA ASP C 382 -44.27 -81.74 46.43
C ASP C 382 -45.62 -81.12 46.80
N TYR C 383 -46.68 -81.50 46.09
CA TYR C 383 -47.98 -80.84 46.23
C TYR C 383 -49.02 -81.64 46.99
N PHE C 384 -48.70 -82.86 47.43
CA PHE C 384 -49.72 -83.71 48.03
C PHE C 384 -50.31 -83.11 49.31
N PHE C 385 -49.45 -82.64 50.22
CA PHE C 385 -49.86 -82.39 51.61
C PHE C 385 -50.70 -81.12 51.79
N GLY C 386 -50.87 -80.31 50.75
CA GLY C 386 -51.91 -79.30 50.81
C GLY C 386 -53.27 -79.89 51.13
N LYS C 387 -53.51 -81.13 50.68
CA LYS C 387 -54.72 -81.85 51.06
C LYS C 387 -54.82 -81.98 52.57
N CYS C 388 -53.75 -82.44 53.23
CA CYS C 388 -53.77 -82.60 54.67
C CYS C 388 -54.01 -81.26 55.37
N PHE C 389 -53.35 -80.20 54.90
CA PHE C 389 -53.52 -78.90 55.54
C PHE C 389 -54.96 -78.39 55.41
N ASP C 390 -55.50 -78.41 54.19
CA ASP C 390 -56.87 -77.94 53.98
C ASP C 390 -57.88 -78.82 54.70
N ALA C 391 -57.58 -80.11 54.86
CA ALA C 391 -58.47 -80.99 55.62
C ALA C 391 -58.44 -80.65 57.10
N MET C 392 -57.26 -80.35 57.64
CA MET C 392 -57.16 -79.91 59.03
C MET C 392 -57.93 -78.61 59.25
N GLU C 393 -57.94 -77.74 58.24
CA GLU C 393 -58.68 -76.48 58.34
C GLU C 393 -60.13 -76.69 58.76
N VAL C 394 -60.75 -77.79 58.34
CA VAL C 394 -62.14 -78.05 58.67
C VAL C 394 -62.25 -79.06 59.81
N ASP C 395 -61.31 -80.00 59.88
CA ASP C 395 -61.35 -81.01 60.94
C ASP C 395 -61.06 -80.40 62.31
N ALA C 396 -60.42 -79.24 62.35
CA ALA C 396 -60.25 -78.52 63.60
C ALA C 396 -61.57 -77.96 64.12
N LEU C 397 -62.64 -78.07 63.35
CA LEU C 397 -63.92 -77.52 63.77
C LEU C 397 -64.65 -78.48 64.71
N ASN C 398 -65.52 -77.89 65.53
CA ASN C 398 -66.31 -78.66 66.48
C ASN C 398 -67.42 -79.44 65.79
N SER C 399 -67.93 -78.93 64.66
CA SER C 399 -68.96 -79.64 63.89
C SER C 399 -68.39 -80.74 63.01
N SER C 400 -67.07 -80.95 63.02
CA SER C 400 -66.47 -82.03 62.27
C SER C 400 -66.93 -83.38 62.78
N HIS C 401 -66.76 -84.41 61.95
CA HIS C 401 -67.17 -85.77 62.27
C HIS C 401 -66.00 -86.70 62.14
N PRO C 402 -66.06 -87.87 62.77
CA PRO C 402 -65.01 -88.88 62.58
C PRO C 402 -64.96 -89.39 61.15
N VAL C 403 -63.84 -90.02 60.81
CA VAL C 403 -63.66 -90.54 59.45
C VAL C 403 -64.77 -91.54 59.13
N SER C 404 -65.18 -92.32 60.12
CA SER C 404 -66.26 -93.29 59.98
C SER C 404 -67.37 -92.89 60.94
N THR C 405 -68.53 -92.52 60.39
CA THR C 405 -69.64 -92.03 61.19
C THR C 405 -70.94 -92.48 60.53
N PRO C 406 -71.96 -92.80 61.33
CA PRO C 406 -73.19 -93.36 60.75
C PRO C 406 -73.98 -92.34 59.94
N VAL C 407 -74.55 -92.80 58.83
CA VAL C 407 -75.42 -92.00 57.97
C VAL C 407 -76.54 -92.91 57.48
N GLU C 408 -77.70 -92.30 57.19
CA GLU C 408 -78.83 -93.10 56.75
C GLU C 408 -79.45 -92.57 55.45
N ASN C 409 -79.94 -91.34 55.47
CA ASN C 409 -80.66 -90.82 54.31
C ASN C 409 -79.71 -90.33 53.22
N PRO C 410 -80.21 -90.22 51.98
CA PRO C 410 -79.34 -89.84 50.86
C PRO C 410 -78.64 -88.51 51.06
N ALA C 411 -79.25 -87.54 51.74
CA ALA C 411 -78.57 -86.27 51.97
C ALA C 411 -77.31 -86.48 52.80
N GLN C 412 -77.41 -87.27 53.87
CA GLN C 412 -76.24 -87.58 54.68
C GLN C 412 -75.20 -88.36 53.87
N ILE C 413 -75.67 -89.31 53.04
CA ILE C 413 -74.75 -90.10 52.24
C ILE C 413 -73.97 -89.21 51.27
N ARG C 414 -74.67 -88.25 50.64
CA ARG C 414 -73.99 -87.29 49.77
C ARG C 414 -73.02 -86.43 50.57
N GLU C 415 -73.40 -86.03 51.78
CA GLU C 415 -72.52 -85.22 52.62
C GLU C 415 -71.25 -85.98 52.98
N MET C 416 -71.31 -87.32 52.98
CA MET C 416 -70.13 -88.11 53.32
C MET C 416 -68.94 -87.89 52.38
N PHE C 417 -69.17 -87.42 51.15
CA PHE C 417 -68.11 -87.15 50.19
C PHE C 417 -67.47 -85.78 50.44
N ASP C 418 -66.79 -85.66 51.58
CA ASP C 418 -66.22 -84.38 51.97
C ASP C 418 -64.70 -84.49 52.12
N ASP C 419 -64.08 -83.38 52.57
CA ASP C 419 -62.64 -83.33 52.75
C ASP C 419 -62.14 -84.38 53.73
N VAL C 420 -62.94 -84.74 54.73
CA VAL C 420 -62.50 -85.76 55.68
C VAL C 420 -62.25 -87.07 54.94
N SER C 421 -63.29 -87.59 54.29
CA SER C 421 -63.22 -88.92 53.68
C SER C 421 -62.14 -89.01 52.61
N TYR C 422 -61.86 -87.91 51.90
CA TYR C 422 -60.81 -87.91 50.88
C TYR C 422 -59.45 -87.57 51.50
N ASP C 423 -59.29 -86.30 51.87
CA ASP C 423 -57.99 -85.80 52.31
C ASP C 423 -57.55 -86.43 53.63
N LYS C 424 -58.42 -86.40 54.66
CA LYS C 424 -58.00 -86.93 55.96
C LYS C 424 -57.78 -88.43 55.89
N GLY C 425 -58.62 -89.15 55.13
CA GLY C 425 -58.40 -90.56 54.94
C GLY C 425 -57.07 -90.86 54.28
N ALA C 426 -56.75 -90.13 53.21
CA ALA C 426 -55.48 -90.33 52.52
C ALA C 426 -54.30 -89.93 53.38
N CYS C 427 -54.45 -88.91 54.21
CA CYS C 427 -53.33 -88.47 55.05
C CYS C 427 -53.08 -89.44 56.20
N ILE C 428 -54.14 -89.99 56.80
CA ILE C 428 -53.93 -90.98 57.83
C ILE C 428 -53.42 -92.27 57.21
N LEU C 429 -53.78 -92.56 55.96
CA LEU C 429 -53.20 -93.70 55.26
C LEU C 429 -51.71 -93.48 54.98
N ASN C 430 -51.34 -92.26 54.61
CA ASN C 430 -49.93 -91.92 54.47
C ASN C 430 -49.19 -92.11 55.79
N MET C 431 -49.79 -91.65 56.89
CA MET C 431 -49.19 -91.81 58.20
C MET C 431 -48.99 -93.29 58.54
N LEU C 432 -50.00 -94.12 58.25
CA LEU C 432 -49.89 -95.54 58.54
C LEU C 432 -48.85 -96.22 57.64
N ARG C 433 -48.81 -95.85 56.37
CA ARG C 433 -47.82 -96.42 55.45
C ARG C 433 -46.40 -96.03 55.85
N GLU C 434 -46.23 -94.83 56.41
CA GLU C 434 -44.90 -94.42 56.86
C GLU C 434 -44.56 -95.01 58.22
N TYR C 435 -45.57 -95.32 59.04
CA TYR C 435 -45.31 -95.99 60.31
C TYR C 435 -44.90 -97.44 60.08
N LEU C 436 -45.71 -98.19 59.35
CA LEU C 436 -45.29 -99.51 58.90
C LEU C 436 -44.23 -99.37 57.80
N SER C 437 -43.74 -100.50 57.32
CA SER C 437 -42.91 -100.49 56.13
C SER C 437 -43.80 -100.28 54.91
N ALA C 438 -43.22 -99.64 53.88
CA ALA C 438 -43.94 -99.53 52.60
C ALA C 438 -44.27 -100.92 52.06
N ASP C 439 -43.34 -101.86 52.23
CA ASP C 439 -43.61 -103.24 51.84
C ASP C 439 -44.67 -103.86 52.74
N ALA C 440 -44.64 -103.53 54.03
CA ALA C 440 -45.69 -104.03 54.93
C ALA C 440 -47.05 -103.46 54.55
N PHE C 441 -47.09 -102.17 54.19
CA PHE C 441 -48.34 -101.56 53.73
C PHE C 441 -48.84 -102.23 52.45
N LYS C 442 -47.92 -102.51 51.51
CA LYS C 442 -48.32 -103.22 50.30
C LYS C 442 -48.87 -104.60 50.63
N SER C 443 -48.19 -105.33 51.51
CA SER C 443 -48.67 -106.65 51.91
C SER C 443 -50.06 -106.55 52.50
N GLY C 444 -50.30 -105.55 53.35
CA GLY C 444 -51.61 -105.37 53.94
C GLY C 444 -52.68 -105.14 52.90
N ILE C 445 -52.44 -104.19 51.98
CA ILE C 445 -53.49 -103.86 51.01
C ILE C 445 -53.69 -104.99 50.00
N VAL C 446 -52.63 -105.70 49.62
CA VAL C 446 -52.77 -106.79 48.68
C VAL C 446 -53.56 -107.93 49.32
N GLN C 447 -53.21 -108.31 50.56
CA GLN C 447 -53.96 -109.34 51.24
C GLN C 447 -55.40 -108.91 51.46
N TYR C 448 -55.62 -107.63 51.77
CA TYR C 448 -56.96 -107.09 51.94
C TYR C 448 -57.80 -107.29 50.69
N LEU C 449 -57.30 -106.83 49.54
CA LEU C 449 -58.05 -106.94 48.29
C LEU C 449 -58.26 -108.40 47.91
N GLN C 450 -57.24 -109.23 48.07
CA GLN C 450 -57.35 -110.63 47.68
C GLN C 450 -58.34 -111.38 48.57
N LYS C 451 -58.36 -111.07 49.88
CA LYS C 451 -59.27 -111.73 50.79
C LYS C 451 -60.71 -111.28 50.59
N HIS C 452 -60.92 -110.01 50.20
CA HIS C 452 -62.26 -109.47 50.15
C HIS C 452 -62.74 -109.17 48.72
N SER C 453 -62.10 -109.77 47.71
CA SER C 453 -62.54 -109.59 46.34
C SER C 453 -64.01 -109.96 46.19
N TYR C 454 -64.72 -109.14 45.40
CA TYR C 454 -66.13 -109.37 45.07
C TYR C 454 -67.01 -109.41 46.32
N LYS C 455 -66.59 -108.72 47.38
CA LYS C 455 -67.33 -108.68 48.63
C LYS C 455 -67.35 -107.25 49.16
N ASN C 456 -67.88 -107.12 50.38
CA ASN C 456 -67.98 -105.86 51.10
C ASN C 456 -67.22 -105.97 52.41
N THR C 457 -66.67 -104.84 52.84
CA THR C 457 -65.85 -104.78 54.04
C THR C 457 -66.33 -103.66 54.94
N LYS C 458 -66.11 -103.85 56.24
CA LYS C 458 -66.31 -102.80 57.22
C LYS C 458 -64.96 -102.22 57.61
N ASN C 459 -64.98 -101.26 58.54
CA ASN C 459 -63.76 -100.59 58.95
C ASN C 459 -62.76 -101.54 59.57
N GLU C 460 -63.23 -102.64 60.15
CA GLU C 460 -62.37 -103.52 60.94
C GLU C 460 -61.60 -104.53 60.08
N ASP C 461 -62.12 -104.89 58.90
CA ASP C 461 -61.42 -105.86 58.07
C ASP C 461 -60.09 -105.33 57.59
N LEU C 462 -60.01 -104.02 57.32
CA LEU C 462 -58.75 -103.42 56.90
C LEU C 462 -57.70 -103.55 57.99
N TRP C 463 -58.08 -103.26 59.24
CA TRP C 463 -57.12 -103.39 60.34
C TRP C 463 -56.77 -104.84 60.61
N ASP C 464 -57.69 -105.77 60.39
CA ASP C 464 -57.34 -107.18 60.51
C ASP C 464 -56.28 -107.57 59.48
N SER C 465 -56.48 -107.15 58.23
CA SER C 465 -55.49 -107.46 57.19
C SER C 465 -54.17 -106.75 57.44
N MET C 466 -54.20 -105.59 58.10
CA MET C 466 -52.96 -104.88 58.43
C MET C 466 -52.23 -105.54 59.60
N ALA C 467 -52.98 -106.03 60.58
CA ALA C 467 -52.36 -106.72 61.71
C ALA C 467 -51.86 -108.11 61.33
N SER C 468 -52.41 -108.71 60.27
CA SER C 468 -51.86 -109.95 59.76
C SER C 468 -50.47 -109.76 59.15
N ILE C 469 -50.04 -108.52 58.95
CA ILE C 469 -48.71 -108.21 58.44
C ILE C 469 -47.84 -107.56 59.52
N GLY C 470 -48.44 -106.70 60.34
CA GLY C 470 -47.71 -106.11 61.45
C GLY C 470 -47.65 -107.04 62.63
N GLY C 471 -46.56 -107.82 62.73
CA GLY C 471 -46.47 -108.82 63.77
C GLY C 471 -45.21 -108.69 64.59
N GLY C 472 -44.60 -107.50 64.53
CA GLY C 472 -43.44 -107.20 65.37
C GLY C 472 -43.84 -106.44 66.62
N GLY C 473 -45.05 -106.72 67.12
CA GLY C 473 -45.58 -105.94 68.23
C GLY C 473 -46.33 -104.71 67.76
N VAL C 474 -47.05 -104.83 66.66
CA VAL C 474 -47.72 -103.70 66.02
C VAL C 474 -49.21 -103.92 66.15
N ASP C 475 -49.84 -103.20 67.07
CA ASP C 475 -51.28 -103.24 67.26
C ASP C 475 -51.89 -102.11 66.42
N VAL C 476 -52.12 -102.41 65.14
CA VAL C 476 -52.68 -101.41 64.22
C VAL C 476 -54.08 -101.01 64.65
N LYS C 477 -54.80 -101.92 65.32
CA LYS C 477 -56.23 -101.75 65.54
C LYS C 477 -56.53 -100.57 66.45
N THR C 478 -55.88 -100.51 67.62
CA THR C 478 -56.18 -99.45 68.57
C THR C 478 -55.82 -98.08 68.01
N MET C 479 -54.62 -97.98 67.42
CA MET C 479 -54.17 -96.71 66.83
C MET C 479 -55.12 -96.23 65.75
N MET C 480 -55.39 -97.09 64.76
CA MET C 480 -56.24 -96.66 63.66
C MET C 480 -57.68 -96.49 64.07
N ASN C 481 -58.12 -97.14 65.15
CA ASN C 481 -59.44 -96.84 65.69
C ASN C 481 -59.46 -95.44 66.29
N THR C 482 -58.40 -95.05 67.00
CA THR C 482 -58.32 -93.67 67.47
C THR C 482 -58.29 -92.68 66.31
N TRP C 483 -57.75 -93.09 65.16
CA TRP C 483 -57.67 -92.17 64.04
C TRP C 483 -58.93 -92.11 63.19
N THR C 484 -59.74 -93.19 63.17
CA THR C 484 -60.92 -93.21 62.32
C THR C 484 -62.24 -93.09 63.06
N LEU C 485 -62.25 -93.29 64.38
CA LEU C 485 -63.49 -93.30 65.16
C LEU C 485 -63.72 -92.07 66.02
N GLN C 486 -62.82 -91.08 65.98
CA GLN C 486 -63.07 -89.83 66.68
C GLN C 486 -62.62 -88.69 65.79
N LYS C 487 -63.35 -87.58 65.88
CA LYS C 487 -63.09 -86.45 65.01
C LYS C 487 -61.82 -85.72 65.44
N GLY C 488 -61.41 -84.76 64.60
CA GLY C 488 -60.31 -83.88 64.94
C GLY C 488 -58.94 -84.51 64.79
N PHE C 489 -57.93 -83.76 65.23
CA PHE C 489 -56.54 -84.13 65.14
C PHE C 489 -55.80 -83.51 66.31
N PRO C 490 -54.65 -84.05 66.68
CA PRO C 490 -53.96 -83.55 67.88
C PRO C 490 -52.93 -82.46 67.63
N LEU C 491 -52.83 -81.60 68.64
CA LEU C 491 -51.71 -80.69 68.81
C LEU C 491 -50.73 -81.32 69.79
N ILE C 492 -49.47 -81.41 69.39
CA ILE C 492 -48.40 -82.02 70.17
C ILE C 492 -47.49 -80.92 70.65
N THR C 493 -47.48 -80.71 71.97
CA THR C 493 -46.60 -79.74 72.61
C THR C 493 -45.28 -80.40 72.96
N ILE C 494 -44.18 -79.74 72.59
CA ILE C 494 -42.83 -80.28 72.75
C ILE C 494 -42.04 -79.33 73.63
N THR C 495 -41.55 -79.84 74.76
CA THR C 495 -40.71 -79.07 75.67
C THR C 495 -39.32 -79.68 75.70
N VAL C 496 -38.30 -78.84 75.62
CA VAL C 496 -36.91 -79.31 75.62
C VAL C 496 -36.19 -78.69 76.81
N ARG C 497 -35.60 -79.54 77.64
CA ARG C 497 -34.80 -79.13 78.80
C ARG C 497 -33.43 -79.79 78.64
N GLY C 498 -32.59 -79.19 77.79
CA GLY C 498 -31.30 -79.74 77.46
C GLY C 498 -31.39 -80.97 76.58
N ARG C 499 -31.28 -82.15 77.18
CA ARG C 499 -31.36 -83.42 76.45
C ARG C 499 -32.68 -84.14 76.66
N ASN C 500 -33.60 -83.56 77.42
CA ASN C 500 -34.90 -84.15 77.70
C ASN C 500 -35.95 -83.58 76.76
N VAL C 501 -36.79 -84.44 76.19
CA VAL C 501 -37.85 -84.05 75.27
C VAL C 501 -39.17 -84.52 75.86
N HIS C 502 -39.99 -83.58 76.33
CA HIS C 502 -41.32 -83.85 76.83
C HIS C 502 -42.31 -83.67 75.69
N MET C 503 -43.20 -84.64 75.53
CA MET C 503 -44.23 -84.63 74.51
C MET C 503 -45.60 -84.74 75.17
N LYS C 504 -46.51 -83.84 74.80
CA LYS C 504 -47.88 -83.86 75.30
C LYS C 504 -48.83 -83.76 74.13
N GLN C 505 -49.90 -84.53 74.16
CA GLN C 505 -50.89 -84.47 73.10
C GLN C 505 -52.19 -83.90 73.66
N GLU C 506 -52.87 -83.09 72.85
CA GLU C 506 -54.18 -82.58 73.22
C GLU C 506 -54.99 -82.41 71.94
N HIS C 507 -56.30 -82.23 72.11
CA HIS C 507 -57.18 -82.09 70.95
C HIS C 507 -57.16 -80.65 70.49
N TYR C 508 -56.71 -80.42 69.25
CA TYR C 508 -56.75 -79.09 68.68
C TYR C 508 -58.18 -78.80 68.22
N MET C 509 -58.80 -77.79 68.84
CA MET C 509 -60.16 -77.39 68.49
C MET C 509 -60.25 -75.88 68.60
N LYS C 510 -60.66 -75.24 67.51
CA LYS C 510 -60.83 -73.79 67.51
C LYS C 510 -61.97 -73.45 68.47
N GLY C 511 -61.62 -72.83 69.59
CA GLY C 511 -62.56 -72.59 70.68
C GLY C 511 -63.85 -71.89 70.33
N ASP C 517 -60.72 -79.79 75.92
CA ASP C 517 -61.82 -79.83 76.88
C ASP C 517 -62.78 -80.96 76.56
N THR C 518 -62.31 -81.97 75.83
CA THR C 518 -63.09 -83.12 75.45
C THR C 518 -62.61 -84.41 76.12
N GLY C 519 -61.34 -84.75 75.96
CA GLY C 519 -60.80 -85.99 76.50
C GLY C 519 -60.52 -87.05 75.44
N TYR C 520 -59.90 -86.64 74.35
CA TYR C 520 -59.52 -87.54 73.27
C TYR C 520 -58.08 -88.00 73.43
N LEU C 521 -57.78 -89.19 72.92
CA LEU C 521 -56.42 -89.71 72.92
C LEU C 521 -56.15 -90.47 71.62
N TRP C 522 -55.01 -90.21 71.01
CA TRP C 522 -54.56 -90.89 69.80
C TRP C 522 -53.27 -91.65 70.09
N HIS C 523 -52.93 -92.56 69.18
CA HIS C 523 -51.61 -93.19 69.15
C HIS C 523 -50.85 -92.51 68.01
N VAL C 524 -50.12 -91.46 68.36
CA VAL C 524 -49.49 -90.58 67.37
C VAL C 524 -48.08 -91.11 67.10
N PRO C 525 -47.81 -91.61 65.88
CA PRO C 525 -46.43 -92.02 65.54
C PRO C 525 -45.55 -90.82 65.21
N LEU C 526 -44.90 -90.26 66.22
CA LEU C 526 -44.10 -89.06 66.05
C LEU C 526 -42.80 -89.36 65.32
N THR C 527 -42.34 -88.39 64.54
CA THR C 527 -41.05 -88.43 63.86
C THR C 527 -40.38 -87.08 64.05
N PHE C 528 -39.05 -87.09 64.21
CA PHE C 528 -38.34 -85.84 64.45
C PHE C 528 -36.92 -85.95 63.93
N ILE C 529 -36.33 -84.79 63.66
CA ILE C 529 -34.92 -84.64 63.35
C ILE C 529 -34.37 -83.54 64.25
N THR C 530 -33.05 -83.46 64.32
CA THR C 530 -32.38 -82.46 65.16
C THR C 530 -31.37 -81.70 64.31
N SER C 531 -30.74 -80.69 64.92
CA SER C 531 -29.69 -79.95 64.23
C SER C 531 -28.41 -80.77 64.10
N LYS C 532 -28.28 -81.83 64.88
CA LYS C 532 -27.10 -82.69 64.85
C LYS C 532 -27.27 -83.88 63.94
N SER C 533 -28.45 -84.07 63.35
CA SER C 533 -28.72 -85.30 62.61
C SER C 533 -29.87 -85.07 61.64
N ASP C 534 -29.63 -85.35 60.37
CA ASP C 534 -30.71 -85.43 59.39
C ASP C 534 -31.43 -86.77 59.44
N MET C 535 -30.99 -87.68 60.31
CA MET C 535 -31.61 -88.99 60.43
C MET C 535 -32.92 -88.87 61.21
N VAL C 536 -33.94 -89.57 60.72
CA VAL C 536 -35.27 -89.49 61.30
C VAL C 536 -35.37 -90.51 62.44
N HIS C 537 -35.57 -90.02 63.65
CA HIS C 537 -35.86 -90.87 64.79
C HIS C 537 -37.37 -90.83 65.07
N ARG C 538 -37.91 -91.95 65.51
CA ARG C 538 -39.34 -92.09 65.72
C ARG C 538 -39.64 -92.45 67.16
N PHE C 539 -40.92 -92.24 67.53
CA PHE C 539 -41.43 -92.55 68.85
C PHE C 539 -42.94 -92.59 68.77
N LEU C 540 -43.54 -93.64 69.34
CA LEU C 540 -44.98 -93.85 69.27
C LEU C 540 -45.59 -93.37 70.59
N LEU C 541 -46.24 -92.20 70.52
CA LEU C 541 -46.87 -91.60 71.69
C LEU C 541 -48.26 -92.21 71.87
N LYS C 542 -48.42 -93.05 72.89
CA LYS C 542 -49.68 -93.73 73.14
C LYS C 542 -50.50 -93.09 74.26
N THR C 543 -49.90 -92.17 75.01
CA THR C 543 -50.53 -91.57 76.18
C THR C 543 -50.62 -90.06 76.01
N LYS C 544 -51.08 -89.39 77.08
CA LYS C 544 -51.17 -87.94 77.06
C LYS C 544 -49.79 -87.30 77.07
N THR C 545 -48.93 -87.72 78.00
CA THR C 545 -47.59 -87.17 78.13
C THR C 545 -46.56 -88.29 78.16
N ASP C 546 -45.37 -87.97 77.67
CA ASP C 546 -44.23 -88.88 77.72
C ASP C 546 -42.96 -88.05 77.59
N VAL C 547 -41.81 -88.73 77.66
CA VAL C 547 -40.54 -88.03 77.63
C VAL C 547 -39.47 -89.00 77.14
N LEU C 548 -38.57 -88.50 76.30
CA LEU C 548 -37.40 -89.26 75.85
C LEU C 548 -36.15 -88.43 76.13
N ILE C 549 -34.99 -89.09 76.02
CA ILE C 549 -33.71 -88.49 76.38
C ILE C 549 -32.83 -88.47 75.13
N LEU C 550 -32.46 -87.28 74.69
CA LEU C 550 -31.52 -87.14 73.59
C LEU C 550 -30.10 -87.44 74.06
N PRO C 551 -29.20 -87.81 73.15
CA PRO C 551 -27.80 -88.03 73.52
C PRO C 551 -26.98 -86.76 73.62
N GLU C 552 -27.54 -85.60 73.28
CA GLU C 552 -26.81 -84.35 73.22
C GLU C 552 -27.81 -83.22 73.03
N GLU C 553 -27.49 -82.06 73.64
CA GLU C 553 -28.31 -80.88 73.41
C GLU C 553 -28.28 -80.49 71.94
N VAL C 554 -29.39 -79.93 71.47
CA VAL C 554 -29.54 -79.61 70.06
C VAL C 554 -29.93 -78.15 69.91
N GLU C 555 -29.52 -77.56 68.78
CA GLU C 555 -29.84 -76.16 68.51
C GLU C 555 -31.34 -75.97 68.30
N TRP C 556 -31.93 -76.82 67.46
CA TRP C 556 -33.36 -76.78 67.19
C TRP C 556 -33.83 -78.20 66.93
N ILE C 557 -35.14 -78.41 67.03
CA ILE C 557 -35.73 -79.72 66.78
C ILE C 557 -37.04 -79.52 66.04
N LYS C 558 -37.30 -80.39 65.08
CA LYS C 558 -38.48 -80.28 64.21
C LYS C 558 -39.19 -81.63 64.22
N PHE C 559 -40.42 -81.63 64.71
CA PHE C 559 -41.24 -82.84 64.73
C PHE C 559 -42.08 -82.91 63.46
N ASN C 560 -42.67 -84.08 63.23
CA ASN C 560 -43.49 -84.36 62.05
C ASN C 560 -42.69 -84.09 60.76
N VAL C 561 -41.70 -84.95 60.55
CA VAL C 561 -40.78 -84.75 59.44
C VAL C 561 -41.48 -85.04 58.12
N GLY C 562 -41.42 -84.07 57.20
CA GLY C 562 -42.00 -84.26 55.89
C GLY C 562 -43.51 -84.27 55.83
N MET C 563 -44.19 -83.78 56.87
CA MET C 563 -45.65 -83.71 56.91
C MET C 563 -46.29 -85.08 56.63
N ASN C 564 -45.67 -86.13 57.15
CA ASN C 564 -46.19 -87.48 57.02
C ASN C 564 -47.10 -87.88 58.17
N GLY C 565 -47.40 -86.95 59.06
CA GLY C 565 -48.28 -87.23 60.18
C GLY C 565 -49.43 -86.26 60.24
N TYR C 566 -50.60 -86.77 60.65
CA TYR C 566 -51.83 -85.98 60.68
C TYR C 566 -52.00 -85.35 62.07
N TYR C 567 -51.11 -84.42 62.36
CA TYR C 567 -51.14 -83.66 63.61
C TYR C 567 -50.40 -82.35 63.38
N ILE C 568 -50.47 -81.47 64.37
CA ILE C 568 -49.67 -80.25 64.33
C ILE C 568 -48.80 -80.20 65.59
N VAL C 569 -47.72 -79.44 65.51
CA VAL C 569 -46.68 -79.44 66.52
C VAL C 569 -46.44 -78.01 67.02
N HIS C 570 -46.39 -77.86 68.35
CA HIS C 570 -46.07 -76.60 69.01
C HIS C 570 -44.83 -76.80 69.87
N TYR C 571 -44.00 -75.76 69.95
CA TYR C 571 -42.72 -75.82 70.65
C TYR C 571 -42.72 -74.81 71.79
N GLU C 572 -42.43 -75.28 73.00
CA GLU C 572 -42.41 -74.41 74.17
C GLU C 572 -41.08 -73.68 74.28
N ASP C 573 -41.08 -72.63 75.11
CA ASP C 573 -39.89 -71.82 75.43
C ASP C 573 -39.42 -71.14 74.15
N ASP C 574 -38.11 -71.07 73.91
CA ASP C 574 -37.60 -70.37 72.73
C ASP C 574 -37.60 -71.23 71.46
N GLY C 575 -38.47 -72.24 71.38
CA GLY C 575 -38.48 -73.10 70.20
C GLY C 575 -38.88 -72.38 68.94
N TRP C 576 -39.98 -71.61 69.00
CA TRP C 576 -40.41 -70.88 67.82
C TRP C 576 -39.45 -69.77 67.44
N ASP C 577 -38.82 -69.11 68.43
CA ASP C 577 -37.79 -68.13 68.11
C ASP C 577 -36.61 -68.80 67.40
N SER C 578 -36.21 -69.98 67.89
CA SER C 578 -35.11 -70.70 67.26
C SER C 578 -35.46 -71.12 65.84
N LEU C 579 -36.68 -71.61 65.62
CA LEU C 579 -37.05 -72.05 64.28
C LEU C 579 -37.22 -70.87 63.32
N THR C 580 -37.74 -69.75 63.81
CA THR C 580 -37.82 -68.55 63.00
C THR C 580 -36.43 -68.06 62.61
N GLY C 581 -35.49 -68.09 63.55
CA GLY C 581 -34.12 -67.76 63.23
C GLY C 581 -33.52 -68.70 62.19
N LEU C 582 -33.83 -70.00 62.31
CA LEU C 582 -33.36 -70.96 61.33
C LEU C 582 -33.87 -70.61 59.93
N LEU C 583 -35.17 -70.31 59.82
CA LEU C 583 -35.74 -69.98 58.51
C LEU C 583 -35.17 -68.67 57.98
N LYS C 584 -34.99 -67.66 58.84
CA LYS C 584 -34.47 -66.39 58.37
C LYS C 584 -32.99 -66.48 58.00
N GLY C 585 -32.26 -67.42 58.58
CA GLY C 585 -30.85 -67.58 58.26
C GLY C 585 -30.56 -68.52 57.12
N THR C 586 -30.79 -69.83 57.35
CA THR C 586 -30.51 -70.87 56.35
C THR C 586 -31.70 -71.84 56.36
N HIS C 587 -32.74 -71.48 55.60
CA HIS C 587 -33.94 -72.32 55.50
C HIS C 587 -33.65 -73.70 54.93
N THR C 588 -32.53 -73.88 54.22
CA THR C 588 -32.19 -75.17 53.62
C THR C 588 -31.79 -76.22 54.65
N ALA C 589 -31.77 -75.90 55.95
CA ALA C 589 -31.44 -76.91 56.95
C ALA C 589 -32.54 -77.95 57.10
N VAL C 590 -33.77 -77.61 56.72
CA VAL C 590 -34.88 -78.55 56.73
C VAL C 590 -35.47 -78.62 55.33
N SER C 591 -36.38 -79.56 55.14
CA SER C 591 -36.93 -79.81 53.82
C SER C 591 -38.00 -78.78 53.47
N SER C 592 -38.38 -78.76 52.19
CA SER C 592 -39.42 -77.85 51.71
C SER C 592 -40.75 -78.10 52.42
N ASN C 593 -41.15 -79.37 52.49
CA ASN C 593 -42.38 -79.71 53.21
C ASN C 593 -42.27 -79.37 54.68
N ASP C 594 -41.08 -79.49 55.27
CA ASP C 594 -40.91 -79.10 56.67
C ASP C 594 -41.13 -77.59 56.84
N ARG C 595 -40.58 -76.78 55.94
CA ARG C 595 -40.83 -75.34 56.00
C ARG C 595 -42.32 -75.02 55.85
N ALA C 596 -42.98 -75.70 54.91
CA ALA C 596 -44.42 -75.48 54.72
C ALA C 596 -45.20 -75.84 55.98
N SER C 597 -44.85 -76.97 56.61
CA SER C 597 -45.51 -77.37 57.84
C SER C 597 -45.24 -76.36 58.95
N LEU C 598 -44.03 -75.81 59.00
CA LEU C 598 -43.73 -74.77 59.98
C LEU C 598 -44.65 -73.58 59.80
N ILE C 599 -44.80 -73.11 58.56
CA ILE C 599 -45.67 -71.97 58.30
C ILE C 599 -47.10 -72.27 58.75
N ASN C 600 -47.63 -73.41 58.29
CA ASN C 600 -49.02 -73.77 58.60
C ASN C 600 -49.24 -73.91 60.09
N ASN C 601 -48.32 -74.58 60.79
CA ASN C 601 -48.48 -74.79 62.23
C ASN C 601 -48.39 -73.47 62.99
N ALA C 602 -47.46 -72.60 62.60
CA ALA C 602 -47.31 -71.31 63.26
C ALA C 602 -48.62 -70.51 63.16
N PHE C 603 -49.22 -70.49 61.97
CA PHE C 603 -50.46 -69.71 61.85
C PHE C 603 -51.65 -70.41 62.50
N GLN C 604 -51.70 -71.74 62.46
CA GLN C 604 -52.79 -72.47 63.11
C GLN C 604 -52.75 -72.31 64.64
N LEU C 605 -51.58 -72.10 65.22
CA LEU C 605 -51.52 -71.89 66.67
C LEU C 605 -52.05 -70.54 67.11
N VAL C 606 -51.98 -69.52 66.25
CA VAL C 606 -52.61 -68.23 66.55
C VAL C 606 -54.10 -68.40 66.81
N SER C 607 -54.76 -69.31 66.07
CA SER C 607 -56.20 -69.52 66.23
C SER C 607 -56.58 -70.02 67.62
N ILE C 608 -55.64 -70.57 68.38
CA ILE C 608 -55.93 -71.07 69.72
C ILE C 608 -55.12 -70.37 70.80
N GLY C 609 -54.23 -69.47 70.42
CA GLY C 609 -53.56 -68.61 71.38
C GLY C 609 -52.22 -69.10 71.88
N LYS C 610 -51.73 -70.24 71.40
CA LYS C 610 -50.42 -70.71 71.81
C LYS C 610 -49.28 -69.95 71.15
N LEU C 611 -49.59 -69.07 70.19
CA LEU C 611 -48.57 -68.28 69.51
C LEU C 611 -49.20 -67.00 68.99
N SER C 612 -48.46 -65.90 69.09
CA SER C 612 -48.98 -64.59 68.71
C SER C 612 -48.89 -64.36 67.21
N ILE C 613 -49.85 -63.58 66.69
CA ILE C 613 -49.87 -63.23 65.28
C ILE C 613 -48.60 -62.46 64.90
N GLU C 614 -48.05 -61.68 65.83
CA GLU C 614 -46.80 -60.96 65.55
C GLU C 614 -45.66 -61.93 65.32
N LYS C 615 -45.52 -62.94 66.18
CA LYS C 615 -44.46 -63.93 66.00
C LYS C 615 -44.69 -64.75 64.74
N ALA C 616 -45.95 -65.04 64.41
CA ALA C 616 -46.25 -65.76 63.17
C ALA C 616 -45.81 -64.96 61.95
N LEU C 617 -46.13 -63.67 61.90
CA LEU C 617 -45.73 -62.87 60.75
C LEU C 617 -44.22 -62.64 60.72
N ASP C 618 -43.59 -62.51 61.90
CA ASP C 618 -42.13 -62.46 61.95
C ASP C 618 -41.52 -63.71 61.32
N LEU C 619 -42.13 -64.88 61.59
CA LEU C 619 -41.69 -66.10 60.91
C LEU C 619 -41.95 -66.02 59.42
N SER C 620 -43.09 -65.43 59.02
CA SER C 620 -43.42 -65.34 57.60
C SER C 620 -42.40 -64.49 56.84
N LEU C 621 -41.75 -63.56 57.54
CA LEU C 621 -40.78 -62.68 56.90
C LEU C 621 -39.66 -63.43 56.17
N TYR C 622 -39.44 -64.70 56.48
CA TYR C 622 -38.37 -65.46 55.81
C TYR C 622 -38.68 -65.72 54.35
N LEU C 623 -39.94 -65.59 53.93
CA LEU C 623 -40.32 -65.87 52.55
C LEU C 623 -39.69 -64.90 51.56
N LYS C 624 -39.02 -63.85 52.02
CA LYS C 624 -38.29 -62.96 51.12
C LYS C 624 -37.20 -63.71 50.37
N HIS C 625 -36.70 -64.79 50.94
CA HIS C 625 -35.68 -65.62 50.32
C HIS C 625 -36.16 -67.03 50.03
N GLU C 626 -37.46 -67.30 50.17
CA GLU C 626 -38.01 -68.60 49.84
C GLU C 626 -38.25 -68.72 48.34
N THR C 627 -38.01 -69.91 47.80
CA THR C 627 -38.14 -70.15 46.36
C THR C 627 -38.89 -71.42 46.00
N GLU C 628 -39.32 -72.22 46.97
CA GLU C 628 -39.93 -73.51 46.69
C GLU C 628 -41.44 -73.43 46.68
N ILE C 629 -42.04 -74.25 45.81
CA ILE C 629 -43.46 -74.13 45.49
C ILE C 629 -44.33 -74.44 46.70
N MET C 630 -44.00 -75.50 47.43
CA MET C 630 -44.83 -75.89 48.57
C MET C 630 -44.83 -74.82 49.66
N PRO C 631 -43.67 -74.34 50.16
CA PRO C 631 -43.74 -73.27 51.17
C PRO C 631 -44.33 -71.98 50.66
N VAL C 632 -44.05 -71.59 49.40
CA VAL C 632 -44.61 -70.35 48.87
C VAL C 632 -46.14 -70.44 48.80
N PHE C 633 -46.65 -71.55 48.25
CA PHE C 633 -48.08 -71.74 48.15
C PHE C 633 -48.73 -71.82 49.53
N GLN C 634 -48.04 -72.43 50.50
CA GLN C 634 -48.60 -72.51 51.83
C GLN C 634 -48.65 -71.14 52.50
N GLY C 635 -47.61 -70.34 52.32
CA GLY C 635 -47.65 -68.98 52.82
C GLY C 635 -48.77 -68.16 52.21
N LEU C 636 -49.00 -68.33 50.90
CA LEU C 636 -50.12 -67.63 50.26
C LEU C 636 -51.45 -68.12 50.81
N ASN C 637 -51.63 -69.44 50.95
CA ASN C 637 -52.89 -69.97 51.48
C ASN C 637 -53.13 -69.58 52.92
N GLU C 638 -52.06 -69.29 53.68
CA GLU C 638 -52.23 -68.86 55.07
C GLU C 638 -52.34 -67.35 55.23
N LEU C 639 -51.89 -66.57 54.25
CA LEU C 639 -51.95 -65.12 54.36
C LEU C 639 -53.13 -64.49 53.61
N ILE C 640 -53.53 -65.04 52.46
CA ILE C 640 -54.61 -64.43 51.68
C ILE C 640 -55.93 -64.35 52.45
N PRO C 641 -56.40 -65.38 53.15
CA PRO C 641 -57.69 -65.27 53.85
C PRO C 641 -57.77 -64.12 54.83
N MET C 642 -56.64 -63.61 55.33
CA MET C 642 -56.69 -62.48 56.25
C MET C 642 -57.18 -61.22 55.54
N TYR C 643 -56.53 -60.83 54.45
CA TYR C 643 -57.04 -59.68 53.70
C TYR C 643 -58.36 -59.99 53.03
N LYS C 644 -58.69 -61.27 52.82
CA LYS C 644 -60.04 -61.61 52.36
C LYS C 644 -61.07 -61.26 53.42
N LEU C 645 -60.76 -61.54 54.69
CA LEU C 645 -61.64 -61.11 55.78
C LEU C 645 -61.71 -59.60 55.84
N MET C 646 -60.58 -58.93 55.59
CA MET C 646 -60.55 -57.47 55.65
C MET C 646 -61.39 -56.84 54.53
N GLU C 647 -61.43 -57.48 53.36
CA GLU C 647 -62.17 -56.91 52.24
C GLU C 647 -63.66 -56.80 52.53
N LYS C 648 -64.20 -57.69 53.35
CA LYS C 648 -65.62 -57.72 53.67
C LYS C 648 -66.04 -56.65 54.65
N ARG C 649 -65.11 -55.81 55.12
CA ARG C 649 -65.36 -54.80 56.13
C ARG C 649 -64.84 -53.45 55.66
N ASP C 650 -64.99 -52.44 56.51
CA ASP C 650 -64.45 -51.11 56.23
C ASP C 650 -63.05 -51.04 56.82
N MET C 651 -62.07 -51.51 56.05
CA MET C 651 -60.70 -51.63 56.53
C MET C 651 -59.74 -51.38 55.37
N ASN C 652 -59.97 -50.29 54.63
CA ASN C 652 -59.24 -50.07 53.39
C ASN C 652 -57.76 -49.83 53.65
N GLU C 653 -57.43 -48.98 54.64
CA GLU C 653 -56.04 -48.66 54.92
C GLU C 653 -55.24 -49.89 55.34
N VAL C 654 -55.77 -50.65 56.30
CA VAL C 654 -55.06 -51.82 56.80
C VAL C 654 -54.99 -52.89 55.73
N GLU C 655 -56.07 -53.03 54.95
CA GLU C 655 -56.08 -54.00 53.86
C GLU C 655 -55.03 -53.67 52.81
N THR C 656 -54.89 -52.39 52.46
CA THR C 656 -53.89 -51.99 51.48
C THR C 656 -52.48 -52.20 52.02
N GLN C 657 -52.26 -51.86 53.30
CA GLN C 657 -50.96 -52.12 53.92
C GLN C 657 -50.63 -53.62 53.86
N PHE C 658 -51.62 -54.47 54.16
CA PHE C 658 -51.38 -55.91 54.16
C PHE C 658 -51.07 -56.42 52.75
N LYS C 659 -51.83 -55.96 51.74
CA LYS C 659 -51.55 -56.37 50.38
C LYS C 659 -50.17 -55.93 49.92
N ALA C 660 -49.78 -54.69 50.27
CA ALA C 660 -48.46 -54.19 49.91
C ALA C 660 -47.37 -55.01 50.57
N PHE C 661 -47.56 -55.35 51.85
CA PHE C 661 -46.59 -56.20 52.53
C PHE C 661 -46.48 -57.57 51.87
N LEU C 662 -47.63 -58.17 51.54
CA LEU C 662 -47.62 -59.48 50.89
C LEU C 662 -46.86 -59.44 49.57
N ILE C 663 -47.10 -58.42 48.76
CA ILE C 663 -46.42 -58.32 47.46
C ILE C 663 -44.93 -58.06 47.64
N ARG C 664 -44.57 -57.16 48.57
CA ARG C 664 -43.16 -56.87 48.79
C ARG C 664 -42.42 -58.07 49.36
N LEU C 665 -43.13 -58.99 50.02
CA LEU C 665 -42.48 -60.19 50.55
C LEU C 665 -41.99 -61.10 49.41
N LEU C 666 -42.76 -61.20 48.34
CA LEU C 666 -42.44 -62.08 47.21
C LEU C 666 -41.96 -61.32 45.97
N ARG C 667 -41.66 -60.02 46.11
CA ARG C 667 -41.29 -59.21 44.95
C ARG C 667 -40.05 -59.75 44.23
N ASP C 668 -39.04 -60.20 44.99
CA ASP C 668 -37.83 -60.71 44.35
C ASP C 668 -38.12 -61.91 43.45
N LEU C 669 -38.88 -62.88 43.97
CA LEU C 669 -39.20 -64.06 43.19
C LEU C 669 -40.09 -63.71 42.00
N ILE C 670 -41.04 -62.79 42.20
CA ILE C 670 -41.92 -62.40 41.09
C ILE C 670 -41.10 -61.75 39.98
N ASP C 671 -40.17 -60.87 40.34
CA ASP C 671 -39.32 -60.23 39.35
C ASP C 671 -38.42 -61.24 38.65
N LYS C 672 -37.89 -62.21 39.40
CA LYS C 672 -37.01 -63.21 38.81
C LYS C 672 -37.77 -64.16 37.88
N GLN C 673 -39.08 -64.32 38.07
CA GLN C 673 -39.86 -65.18 37.18
C GLN C 673 -39.84 -64.64 35.76
N THR C 674 -39.67 -65.55 34.79
CA THR C 674 -39.73 -65.20 33.38
C THR C 674 -41.16 -65.27 32.88
N TRP C 675 -41.37 -64.81 31.64
CA TRP C 675 -42.70 -64.83 31.04
C TRP C 675 -42.78 -65.83 29.89
N THR C 676 -42.55 -67.11 30.18
CA THR C 676 -42.54 -68.16 29.18
C THR C 676 -43.12 -69.43 29.80
N ASP C 677 -43.23 -70.48 29.00
CA ASP C 677 -43.72 -71.78 29.44
C ASP C 677 -42.56 -72.74 29.72
N GLU C 678 -41.44 -72.23 30.20
CA GLU C 678 -40.25 -73.04 30.43
C GLU C 678 -40.31 -73.70 31.80
N GLY C 679 -39.43 -74.67 32.00
CA GLY C 679 -39.25 -75.28 33.31
C GLY C 679 -40.14 -76.49 33.55
N SER C 680 -39.93 -77.08 34.72
CA SER C 680 -40.69 -78.25 35.11
C SER C 680 -42.14 -77.86 35.45
N VAL C 681 -42.95 -78.88 35.73
CA VAL C 681 -44.34 -78.63 36.10
C VAL C 681 -44.42 -77.76 37.34
N SER C 682 -43.58 -78.04 38.33
CA SER C 682 -43.54 -77.25 39.55
C SER C 682 -43.23 -75.79 39.25
N GLU C 683 -42.17 -75.55 38.48
CA GLU C 683 -41.81 -74.18 38.15
C GLU C 683 -42.89 -73.48 37.35
N ARG C 684 -43.58 -74.22 36.46
CA ARG C 684 -44.63 -73.60 35.65
C ARG C 684 -45.81 -73.19 36.51
N MET C 685 -46.25 -74.05 37.42
CA MET C 685 -47.35 -73.67 38.30
C MET C 685 -46.97 -72.51 39.19
N LEU C 686 -45.73 -72.52 39.71
CA LEU C 686 -45.27 -71.42 40.53
C LEU C 686 -45.26 -70.10 39.75
N ARG C 687 -44.74 -70.13 38.53
CA ARG C 687 -44.71 -68.92 37.71
C ARG C 687 -46.11 -68.40 37.43
N SER C 688 -47.01 -69.30 37.03
CA SER C 688 -48.37 -68.87 36.69
C SER C 688 -49.04 -68.21 37.90
N GLN C 689 -48.99 -68.87 39.05
CA GLN C 689 -49.66 -68.32 40.23
C GLN C 689 -49.01 -67.01 40.69
N LEU C 690 -47.68 -66.92 40.60
CA LEU C 690 -46.99 -65.70 41.05
C LEU C 690 -47.32 -64.51 40.15
N LEU C 691 -47.28 -64.73 38.83
CA LEU C 691 -47.61 -63.65 37.91
C LEU C 691 -49.07 -63.22 38.08
N LEU C 692 -49.97 -64.19 38.29
CA LEU C 692 -51.36 -63.83 38.51
C LEU C 692 -51.50 -62.99 39.78
N LEU C 693 -50.85 -63.40 40.87
CA LEU C 693 -50.93 -62.66 42.13
C LEU C 693 -50.43 -61.23 41.96
N ALA C 694 -49.26 -61.07 41.33
CA ALA C 694 -48.67 -59.74 41.16
C ALA C 694 -49.58 -58.86 40.31
N CYS C 695 -50.00 -59.36 39.14
CA CYS C 695 -50.84 -58.55 38.27
CA CYS C 695 -50.87 -58.59 38.26
C CYS C 695 -52.16 -58.20 38.95
N VAL C 696 -52.72 -59.12 39.76
CA VAL C 696 -53.98 -58.84 40.44
C VAL C 696 -53.78 -57.75 41.49
N HIS C 697 -52.68 -57.81 42.23
CA HIS C 697 -52.41 -56.81 43.27
C HIS C 697 -51.68 -55.58 42.74
N ASN C 698 -51.62 -55.43 41.42
CA ASN C 698 -51.27 -54.16 40.77
C ASN C 698 -49.77 -53.85 40.87
N TYR C 699 -48.95 -54.87 40.59
CA TYR C 699 -47.52 -54.66 40.39
C TYR C 699 -47.32 -54.09 39.00
N GLN C 700 -46.96 -52.81 38.93
CA GLN C 700 -47.00 -52.09 37.66
C GLN C 700 -46.16 -52.72 36.55
N PRO C 701 -44.98 -53.30 36.80
CA PRO C 701 -44.31 -54.02 35.71
C PRO C 701 -45.16 -55.15 35.12
N CYS C 702 -45.72 -56.00 35.99
CA CYS C 702 -46.60 -57.08 35.53
CA CYS C 702 -46.57 -57.08 35.51
C CYS C 702 -47.80 -56.52 34.79
N VAL C 703 -48.42 -55.47 35.34
CA VAL C 703 -49.61 -54.89 34.71
C VAL C 703 -49.30 -54.39 33.31
N GLN C 704 -48.16 -53.70 33.16
CA GLN C 704 -47.77 -53.16 31.85
C GLN C 704 -47.50 -54.29 30.86
N ARG C 705 -46.76 -55.31 31.28
CA ARG C 705 -46.43 -56.39 30.35
C ARG C 705 -47.66 -57.19 29.97
N ALA C 706 -48.57 -57.41 30.91
CA ALA C 706 -49.79 -58.14 30.61
C ALA C 706 -50.70 -57.32 29.71
N GLU C 707 -50.74 -55.99 29.92
CA GLU C 707 -51.50 -55.15 29.01
C GLU C 707 -50.93 -55.19 27.60
N GLY C 708 -49.61 -55.21 27.46
CA GLY C 708 -49.02 -55.34 26.14
C GLY C 708 -49.36 -56.65 25.46
N TYR C 709 -49.23 -57.76 26.21
CA TYR C 709 -49.58 -59.06 25.65
C TYR C 709 -51.06 -59.13 25.26
N PHE C 710 -51.92 -58.59 26.12
CA PHE C 710 -53.36 -58.62 25.84
C PHE C 710 -53.70 -57.74 24.65
N ARG C 711 -53.01 -56.62 24.48
CA ARG C 711 -53.23 -55.77 23.32
C ARG C 711 -52.85 -56.50 22.04
N LYS C 712 -51.66 -57.11 22.02
CA LYS C 712 -51.26 -57.86 20.83
C LYS C 712 -52.24 -59.00 20.54
N TRP C 713 -52.71 -59.69 21.58
CA TRP C 713 -53.63 -60.81 21.40
C TRP C 713 -54.98 -60.34 20.85
N LYS C 714 -55.54 -59.29 21.46
CA LYS C 714 -56.84 -58.78 21.02
C LYS C 714 -56.78 -58.22 19.61
N GLU C 715 -55.67 -57.55 19.27
CA GLU C 715 -55.51 -57.05 17.90
C GLU C 715 -55.29 -58.19 16.92
N SER C 716 -54.71 -59.29 17.37
CA SER C 716 -54.59 -60.49 16.55
C SER C 716 -55.88 -61.29 16.49
N ASN C 717 -56.90 -60.89 17.27
CA ASN C 717 -58.23 -61.53 17.26
C ASN C 717 -58.16 -62.93 17.84
N GLY C 718 -57.47 -63.06 18.98
CA GLY C 718 -57.28 -64.34 19.64
C GLY C 718 -56.34 -65.29 18.94
N ASN C 719 -55.85 -64.95 17.74
CA ASN C 719 -55.01 -65.85 16.97
C ASN C 719 -53.59 -65.94 17.52
N LEU C 720 -53.11 -64.88 18.16
CA LEU C 720 -51.77 -64.91 18.71
C LEU C 720 -51.68 -65.95 19.81
N SER C 721 -50.68 -66.83 19.71
CA SER C 721 -50.48 -67.88 20.71
C SER C 721 -49.78 -67.29 21.92
N LEU C 722 -50.44 -67.36 23.07
CA LEU C 722 -49.85 -66.84 24.29
C LEU C 722 -49.21 -67.95 25.11
N PRO C 723 -48.18 -67.64 25.89
CA PRO C 723 -47.68 -68.62 26.85
C PRO C 723 -48.79 -68.98 27.84
N VAL C 724 -49.06 -70.29 27.97
CA VAL C 724 -50.19 -70.74 28.78
C VAL C 724 -50.04 -70.29 30.22
N ASP C 725 -48.80 -70.20 30.71
CA ASP C 725 -48.58 -69.83 32.10
C ASP C 725 -48.97 -68.38 32.36
N VAL C 726 -48.57 -67.47 31.45
CA VAL C 726 -48.95 -66.07 31.58
C VAL C 726 -50.34 -65.77 31.08
N THR C 727 -51.01 -66.75 30.48
CA THR C 727 -52.37 -66.54 29.95
C THR C 727 -53.34 -66.11 31.05
N LEU C 728 -53.25 -66.73 32.22
CA LEU C 728 -54.14 -66.35 33.33
C LEU C 728 -53.97 -64.88 33.70
N ALA C 729 -52.73 -64.45 33.92
CA ALA C 729 -52.48 -63.07 34.29
C ALA C 729 -52.89 -62.10 33.19
N VAL C 730 -52.61 -62.46 31.93
CA VAL C 730 -52.95 -61.59 30.81
C VAL C 730 -54.46 -61.40 30.72
N PHE C 731 -55.21 -62.50 30.84
CA PHE C 731 -56.67 -62.40 30.79
C PHE C 731 -57.21 -61.62 31.99
N ALA C 732 -56.67 -61.87 33.18
CA ALA C 732 -57.15 -61.17 34.37
C ALA C 732 -56.90 -59.67 34.26
N VAL C 733 -55.80 -59.27 33.62
CA VAL C 733 -55.54 -57.84 33.44
C VAL C 733 -56.44 -57.28 32.34
N GLY C 734 -56.54 -57.98 31.21
CA GLY C 734 -57.30 -57.46 30.09
C GLY C 734 -58.79 -57.37 30.34
N ALA C 735 -59.32 -58.20 31.23
CA ALA C 735 -60.76 -58.21 31.51
C ALA C 735 -61.20 -57.07 32.43
N GLN C 736 -60.30 -56.16 32.80
CA GLN C 736 -60.67 -55.08 33.70
C GLN C 736 -61.46 -53.99 32.99
N SER C 737 -61.19 -53.76 31.71
CA SER C 737 -61.96 -52.79 30.93
C SER C 737 -63.12 -53.49 30.25
N THR C 738 -64.17 -52.72 29.97
CA THR C 738 -65.37 -53.28 29.34
C THR C 738 -65.04 -53.86 27.97
N GLU C 739 -64.18 -53.17 27.21
CA GLU C 739 -63.80 -53.66 25.88
C GLU C 739 -63.16 -55.05 25.96
N GLY C 740 -62.13 -55.20 26.79
CA GLY C 740 -61.48 -56.49 26.92
C GLY C 740 -62.37 -57.55 27.51
N TRP C 741 -63.24 -57.17 28.45
CA TRP C 741 -64.21 -58.10 29.01
C TRP C 741 -65.11 -58.67 27.92
N ASP C 742 -65.69 -57.79 27.10
CA ASP C 742 -66.58 -58.25 26.04
C ASP C 742 -65.83 -59.07 25.00
N PHE C 743 -64.57 -58.71 24.71
CA PHE C 743 -63.79 -59.50 23.76
C PHE C 743 -63.51 -60.91 24.28
N LEU C 744 -63.11 -61.00 25.55
CA LEU C 744 -62.87 -62.30 26.16
C LEU C 744 -64.12 -63.16 26.12
N TYR C 745 -65.28 -62.57 26.47
CA TYR C 745 -66.49 -63.37 26.41
C TYR C 745 -66.83 -63.77 24.98
N SER C 746 -66.55 -62.91 24.01
CA SER C 746 -66.80 -63.27 22.61
C SER C 746 -65.97 -64.48 22.20
N LYS C 747 -64.75 -64.59 22.72
CA LYS C 747 -63.93 -65.76 22.41
C LYS C 747 -64.36 -66.99 23.21
N TYR C 748 -64.96 -66.79 24.38
CA TYR C 748 -65.35 -67.90 25.25
C TYR C 748 -66.26 -68.90 24.54
N GLN C 749 -67.27 -68.40 23.81
CA GLN C 749 -68.27 -69.30 23.25
C GLN C 749 -67.65 -70.32 22.30
N PHE C 750 -66.72 -69.88 21.45
CA PHE C 750 -66.16 -70.74 20.42
C PHE C 750 -64.87 -71.42 20.83
N SER C 751 -64.26 -71.01 21.93
CA SER C 751 -63.07 -71.72 22.40
C SER C 751 -63.42 -73.18 22.72
N LEU C 752 -62.44 -74.06 22.51
CA LEU C 752 -62.60 -75.49 22.76
C LEU C 752 -61.61 -76.03 23.78
N SER C 753 -60.71 -75.20 24.31
CA SER C 753 -59.79 -75.62 25.35
C SER C 753 -60.42 -75.36 26.71
N SER C 754 -60.42 -76.38 27.57
CA SER C 754 -61.04 -76.25 28.88
C SER C 754 -60.23 -75.32 29.77
N THR C 755 -58.91 -75.36 29.63
CA THR C 755 -58.07 -74.42 30.38
C THR C 755 -58.34 -72.99 29.95
N GLU C 756 -58.45 -72.75 28.63
CA GLU C 756 -58.77 -71.41 28.15
C GLU C 756 -60.15 -70.97 28.65
N LYS C 757 -61.13 -71.87 28.65
CA LYS C 757 -62.45 -71.55 29.16
C LYS C 757 -62.41 -71.15 30.63
N SER C 758 -61.72 -71.94 31.45
CA SER C 758 -61.64 -71.65 32.87
C SER C 758 -60.91 -70.34 33.14
N GLN C 759 -59.84 -70.08 32.38
CA GLN C 759 -59.11 -68.83 32.55
C GLN C 759 -59.96 -67.63 32.14
N ILE C 760 -60.76 -67.77 31.08
CA ILE C 760 -61.67 -66.70 30.71
C ILE C 760 -62.71 -66.48 31.80
N GLU C 761 -63.22 -67.56 32.39
CA GLU C 761 -64.18 -67.42 33.49
C GLU C 761 -63.56 -66.66 34.66
N PHE C 762 -62.34 -67.03 35.05
CA PHE C 762 -61.66 -66.36 36.15
C PHE C 762 -61.43 -64.88 35.83
N ALA C 763 -60.99 -64.59 34.61
CA ALA C 763 -60.75 -63.21 34.21
C ALA C 763 -62.04 -62.39 34.28
N LEU C 764 -63.14 -62.93 33.75
CA LEU C 764 -64.40 -62.20 33.74
C LEU C 764 -64.94 -62.00 35.15
N CYS C 765 -64.70 -62.96 36.05
CA CYS C 765 -65.13 -62.78 37.43
C CYS C 765 -64.25 -61.78 38.17
N ARG C 766 -63.01 -61.58 37.74
CA ARG C 766 -62.12 -60.59 38.33
C ARG C 766 -62.54 -59.11 38.03
N THR C 767 -63.71 -58.83 37.48
CA THR C 767 -64.10 -57.49 37.06
C THR C 767 -64.65 -56.66 38.22
N GLN C 768 -64.85 -55.37 37.94
CA GLN C 768 -65.43 -54.40 38.85
C GLN C 768 -66.90 -54.13 38.56
N ASN C 769 -67.41 -54.64 37.44
CA ASN C 769 -68.75 -54.30 36.97
C ASN C 769 -69.81 -55.12 37.68
N LYS C 770 -70.66 -54.42 38.45
CA LYS C 770 -71.76 -55.08 39.16
C LYS C 770 -72.70 -55.77 38.18
N GLU C 771 -73.01 -55.09 37.07
CA GLU C 771 -73.91 -55.66 36.07
C GLU C 771 -73.31 -56.89 35.41
N LYS C 772 -72.01 -56.85 35.12
CA LYS C 772 -71.37 -57.99 34.47
C LYS C 772 -71.28 -59.18 35.42
N LEU C 773 -71.02 -58.93 36.70
CA LEU C 773 -71.07 -60.02 37.68
C LEU C 773 -72.46 -60.63 37.75
N GLN C 774 -73.49 -59.77 37.83
CA GLN C 774 -74.86 -60.27 37.89
C GLN C 774 -75.21 -61.07 36.63
N TRP C 775 -74.74 -60.60 35.47
CA TRP C 775 -75.00 -61.31 34.21
C TRP C 775 -74.31 -62.65 34.17
N LEU C 776 -73.05 -62.72 34.61
CA LEU C 776 -72.38 -64.01 34.71
C LEU C 776 -73.17 -64.97 35.59
N LEU C 777 -73.62 -64.48 36.75
CA LEU C 777 -74.41 -65.33 37.64
C LEU C 777 -75.67 -65.84 36.96
N ASP C 778 -76.45 -64.93 36.38
CA ASP C 778 -77.73 -65.31 35.79
C ASP C 778 -77.56 -66.27 34.62
N GLU C 779 -76.60 -66.00 33.73
CA GLU C 779 -76.44 -66.84 32.54
C GLU C 779 -75.85 -68.19 32.88
N SER C 780 -74.87 -68.23 33.80
CA SER C 780 -74.32 -69.52 34.20
C SER C 780 -75.35 -70.33 34.99
N PHE C 781 -76.30 -69.67 35.65
CA PHE C 781 -77.40 -70.40 36.25
C PHE C 781 -78.33 -70.97 35.19
N LYS C 782 -78.70 -70.15 34.19
CA LYS C 782 -79.60 -70.61 33.15
C LYS C 782 -78.99 -71.80 32.39
N GLY C 783 -77.68 -71.79 32.20
CA GLY C 783 -77.02 -72.94 31.60
C GLY C 783 -76.89 -72.90 30.10
N ASP C 784 -77.17 -71.76 29.47
CA ASP C 784 -77.06 -71.65 28.00
C ASP C 784 -75.68 -71.16 27.61
N LYS C 785 -75.40 -69.90 27.93
CA LYS C 785 -74.13 -69.28 27.56
C LYS C 785 -72.96 -69.87 28.33
N ILE C 786 -73.17 -70.23 29.59
CA ILE C 786 -72.17 -70.90 30.41
C ILE C 786 -72.84 -72.11 31.05
N LYS C 787 -72.25 -73.29 30.86
CA LYS C 787 -72.87 -74.51 31.36
C LYS C 787 -73.04 -74.44 32.87
N THR C 788 -74.09 -75.09 33.38
CA THR C 788 -74.41 -75.00 34.79
C THR C 788 -73.39 -75.73 35.66
N GLN C 789 -72.67 -76.70 35.10
CA GLN C 789 -71.66 -77.42 35.87
C GLN C 789 -70.59 -76.49 36.39
N GLU C 790 -70.36 -75.36 35.71
CA GLU C 790 -69.37 -74.38 36.13
C GLU C 790 -69.91 -73.35 37.11
N PHE C 791 -71.21 -73.41 37.45
CA PHE C 791 -71.78 -72.38 38.30
C PHE C 791 -71.14 -72.30 39.67
N PRO C 792 -70.90 -73.40 40.41
CA PRO C 792 -70.33 -73.24 41.76
C PRO C 792 -68.99 -72.53 41.77
N GLN C 793 -68.12 -72.80 40.79
CA GLN C 793 -66.83 -72.12 40.72
C GLN C 793 -67.01 -70.63 40.43
N ILE C 794 -67.96 -70.29 39.55
CA ILE C 794 -68.24 -68.88 39.26
C ILE C 794 -68.79 -68.18 40.50
N LEU C 795 -69.71 -68.85 41.21
CA LEU C 795 -70.26 -68.28 42.43
C LEU C 795 -69.17 -68.06 43.47
N THR C 796 -68.25 -69.00 43.60
CA THR C 796 -67.16 -68.86 44.56
C THR C 796 -66.23 -67.71 44.19
N LEU C 797 -65.89 -67.58 42.90
CA LEU C 797 -65.04 -66.47 42.48
C LEU C 797 -65.73 -65.13 42.68
N ILE C 798 -67.04 -65.06 42.42
CA ILE C 798 -67.75 -63.79 42.60
C ILE C 798 -67.91 -63.48 44.09
N GLY C 799 -68.10 -64.49 44.93
CA GLY C 799 -68.10 -64.28 46.37
C GLY C 799 -66.74 -63.87 46.90
N ARG C 800 -65.66 -64.25 46.21
CA ARG C 800 -64.35 -63.76 46.56
C ARG C 800 -64.16 -62.32 46.12
N ASN C 801 -64.74 -61.95 44.97
CA ASN C 801 -64.64 -60.61 44.43
C ASN C 801 -65.10 -59.56 45.45
N PRO C 802 -64.31 -58.52 45.70
CA PRO C 802 -64.69 -57.53 46.73
C PRO C 802 -65.96 -56.76 46.42
N VAL C 803 -66.41 -56.73 45.18
CA VAL C 803 -67.66 -56.05 44.82
C VAL C 803 -68.74 -57.04 44.44
N GLY C 804 -68.48 -58.33 44.53
CA GLY C 804 -69.42 -59.33 44.09
C GLY C 804 -69.98 -60.22 45.18
N TYR C 805 -69.36 -60.21 46.37
CA TYR C 805 -69.81 -61.09 47.43
C TYR C 805 -71.25 -60.82 47.87
N PRO C 806 -71.74 -59.57 47.93
CA PRO C 806 -73.18 -59.40 48.22
C PRO C 806 -74.05 -59.98 47.13
N LEU C 807 -73.63 -59.83 45.87
CA LEU C 807 -74.37 -60.42 44.76
C LEU C 807 -74.43 -61.93 44.87
N ALA C 808 -73.31 -62.56 45.24
CA ALA C 808 -73.28 -64.02 45.37
C ALA C 808 -74.15 -64.49 46.51
N TRP C 809 -74.03 -63.82 47.67
CA TRP C 809 -74.86 -64.18 48.82
C TRP C 809 -76.34 -64.01 48.50
N GLN C 810 -76.71 -62.90 47.86
CA GLN C 810 -78.10 -62.67 47.49
C GLN C 810 -78.59 -63.70 46.47
N PHE C 811 -77.75 -64.06 45.50
CA PHE C 811 -78.16 -65.03 44.50
C PHE C 811 -78.42 -66.39 45.14
N LEU C 812 -77.51 -66.81 46.03
CA LEU C 812 -77.73 -68.07 46.76
C LEU C 812 -79.02 -68.01 47.56
N ARG C 813 -79.24 -66.90 48.28
CA ARG C 813 -80.45 -66.76 49.09
C ARG C 813 -81.71 -66.86 48.24
N LYS C 814 -81.74 -66.14 47.12
CA LYS C 814 -82.97 -66.03 46.34
C LYS C 814 -83.22 -67.20 45.41
N ASN C 815 -82.20 -67.99 45.07
CA ASN C 815 -82.38 -69.16 44.22
C ASN C 815 -81.97 -70.45 44.90
N TRP C 816 -81.98 -70.48 46.24
CA TRP C 816 -81.64 -71.71 46.97
C TRP C 816 -82.49 -72.88 46.53
N ASN C 817 -83.79 -72.64 46.29
CA ASN C 817 -84.70 -73.74 46.00
C ASN C 817 -84.33 -74.45 44.69
N LYS C 818 -84.20 -73.69 43.60
CA LYS C 818 -83.85 -74.32 42.32
C LYS C 818 -82.43 -74.86 42.34
N LEU C 819 -81.50 -74.19 43.03
CA LEU C 819 -80.15 -74.72 43.13
C LEU C 819 -80.14 -76.06 43.84
N VAL C 820 -80.90 -76.18 44.93
CA VAL C 820 -81.01 -77.47 45.63
C VAL C 820 -81.70 -78.49 44.73
N GLN C 821 -82.72 -78.06 44.00
CA GLN C 821 -83.42 -78.98 43.10
C GLN C 821 -82.50 -79.49 42.00
N LYS C 822 -81.50 -78.70 41.62
CA LYS C 822 -80.55 -79.05 40.56
C LYS C 822 -79.40 -79.91 41.08
N PHE C 823 -78.89 -79.62 42.28
CA PHE C 823 -77.67 -80.26 42.77
C PHE C 823 -77.91 -81.26 43.88
N GLU C 824 -79.16 -81.46 44.32
CA GLU C 824 -79.54 -82.32 45.44
C GLU C 824 -79.01 -81.78 46.76
N LEU C 825 -79.70 -82.10 47.85
CA LEU C 825 -79.28 -81.63 49.17
C LEU C 825 -78.07 -82.40 49.67
N GLY C 826 -77.22 -81.70 50.41
CA GLY C 826 -76.04 -82.32 50.99
C GLY C 826 -74.95 -82.64 50.00
N SER C 827 -75.11 -82.29 48.74
CA SER C 827 -74.06 -82.54 47.76
C SER C 827 -72.85 -81.64 48.03
N SER C 828 -71.69 -82.10 47.57
CA SER C 828 -70.47 -81.32 47.69
C SER C 828 -70.58 -80.01 46.92
N SER C 829 -71.40 -79.96 45.87
CA SER C 829 -71.63 -78.71 45.15
C SER C 829 -72.35 -77.69 46.03
N ILE C 830 -73.41 -78.14 46.73
CA ILE C 830 -74.12 -77.26 47.64
C ILE C 830 -73.20 -76.79 48.77
N ALA C 831 -72.39 -77.71 49.31
CA ALA C 831 -71.45 -77.34 50.35
C ALA C 831 -70.48 -76.28 49.85
N HIS C 832 -69.92 -76.49 48.65
CA HIS C 832 -69.01 -75.53 48.05
C HIS C 832 -69.67 -74.16 47.92
N MET C 833 -70.90 -74.12 47.42
CA MET C 833 -71.59 -72.84 47.25
C MET C 833 -71.80 -72.13 48.58
N VAL C 834 -72.32 -72.86 49.57
CA VAL C 834 -72.58 -72.25 50.88
C VAL C 834 -71.30 -71.67 51.46
N MET C 835 -70.22 -72.46 51.45
CA MET C 835 -68.98 -72.00 52.05
C MET C 835 -68.37 -70.85 51.25
N GLY C 836 -68.39 -70.95 49.92
CA GLY C 836 -67.83 -69.89 49.10
C GLY C 836 -68.56 -68.57 49.25
N THR C 837 -69.86 -68.61 49.55
CA THR C 837 -70.58 -67.36 49.73
C THR C 837 -70.55 -66.83 51.15
N THR C 838 -70.31 -67.68 52.16
CA THR C 838 -70.38 -67.20 53.54
C THR C 838 -69.10 -67.32 54.36
N ASN C 839 -68.21 -68.27 54.06
CA ASN C 839 -67.17 -68.56 55.06
C ASN C 839 -66.07 -67.48 55.14
N GLN C 840 -66.18 -66.32 54.48
CA GLN C 840 -65.23 -65.24 54.65
C GLN C 840 -65.80 -64.09 55.47
N PHE C 841 -66.96 -64.29 56.10
CA PHE C 841 -67.60 -63.28 56.91
C PHE C 841 -66.95 -63.20 58.29
N SER C 842 -67.08 -62.03 58.93
CA SER C 842 -66.36 -61.76 60.16
C SER C 842 -67.17 -61.00 61.22
N THR C 843 -68.41 -60.62 60.95
CA THR C 843 -69.18 -59.80 61.87
C THR C 843 -70.41 -60.56 62.39
N ARG C 844 -70.89 -60.12 63.55
CA ARG C 844 -72.10 -60.69 64.13
C ARG C 844 -73.31 -60.45 63.24
N THR C 845 -73.34 -59.34 62.51
CA THR C 845 -74.43 -59.11 61.57
C THR C 845 -74.48 -60.19 60.50
N ARG C 846 -73.32 -60.50 59.89
CA ARG C 846 -73.25 -61.57 58.91
C ARG C 846 -73.58 -62.92 59.52
N LEU C 847 -73.10 -63.17 60.74
CA LEU C 847 -73.42 -64.41 61.43
C LEU C 847 -74.93 -64.57 61.61
N GLU C 848 -75.62 -63.49 61.99
CA GLU C 848 -77.06 -63.56 62.17
C GLU C 848 -77.78 -63.75 60.85
N GLU C 849 -77.30 -63.09 59.79
CA GLU C 849 -77.87 -63.34 58.47
C GLU C 849 -77.80 -64.82 58.09
N VAL C 850 -76.62 -65.41 58.23
CA VAL C 850 -76.43 -66.82 57.87
C VAL C 850 -77.33 -67.73 58.71
N LYS C 851 -77.29 -67.52 60.04
CA LYS C 851 -78.10 -68.33 60.94
C LYS C 851 -79.58 -68.26 60.58
N GLY C 852 -80.10 -67.04 60.43
CA GLY C 852 -81.52 -66.89 60.15
C GLY C 852 -81.92 -67.53 58.83
N PHE C 853 -81.15 -67.30 57.78
CA PHE C 853 -81.50 -67.86 56.48
C PHE C 853 -81.50 -69.39 56.52
N PHE C 854 -80.40 -69.99 56.97
CA PHE C 854 -80.33 -71.44 56.93
C PHE C 854 -81.24 -72.12 57.95
N SER C 855 -81.66 -71.40 58.99
CA SER C 855 -82.67 -71.98 59.88
C SER C 855 -84.07 -71.85 59.30
N SER C 856 -84.37 -70.73 58.64
CA SER C 856 -85.68 -70.58 58.01
C SER C 856 -85.88 -71.56 56.87
N LEU C 857 -84.79 -72.08 56.30
CA LEU C 857 -84.93 -73.12 55.28
C LEU C 857 -85.68 -74.35 55.80
N LYS C 858 -85.56 -74.64 57.09
CA LYS C 858 -86.27 -75.75 57.79
C LYS C 858 -85.86 -77.08 57.16
N GLU C 859 -86.80 -77.94 56.76
CA GLU C 859 -86.50 -79.31 56.34
C GLU C 859 -85.79 -79.39 55.00
N ASN C 860 -85.47 -78.26 54.37
CA ASN C 860 -84.81 -78.25 53.07
C ASN C 860 -83.40 -77.69 53.18
N GLY C 861 -82.67 -78.08 54.23
CA GLY C 861 -81.28 -77.72 54.35
C GLY C 861 -80.80 -77.15 55.67
N SER C 862 -81.67 -77.06 56.67
CA SER C 862 -81.22 -76.55 57.98
C SER C 862 -80.28 -77.49 58.69
N GLN C 863 -80.35 -78.80 58.39
CA GLN C 863 -79.52 -79.81 59.05
C GLN C 863 -78.27 -80.16 58.24
N LEU C 864 -77.75 -79.21 57.47
CA LEU C 864 -76.59 -79.50 56.63
C LEU C 864 -75.31 -79.31 57.42
N ARG C 865 -74.45 -80.33 57.39
CA ARG C 865 -73.16 -80.24 58.06
C ARG C 865 -72.34 -79.08 57.51
N CYS C 866 -72.50 -78.77 56.21
CA CYS C 866 -71.83 -77.59 55.68
C CYS C 866 -72.40 -76.31 56.27
N VAL C 867 -73.71 -76.28 56.58
CA VAL C 867 -74.30 -75.13 57.26
C VAL C 867 -73.67 -74.96 58.64
N GLN C 868 -73.60 -76.05 59.41
CA GLN C 868 -72.95 -75.96 60.72
C GLN C 868 -71.49 -75.54 60.60
N GLN C 869 -70.79 -76.07 59.59
CA GLN C 869 -69.38 -75.73 59.42
C GLN C 869 -69.20 -74.26 59.06
N THR C 870 -70.06 -73.71 58.20
CA THR C 870 -69.96 -72.29 57.87
C THR C 870 -70.29 -71.42 59.08
N ILE C 871 -71.29 -71.82 59.87
CA ILE C 871 -71.63 -71.05 61.07
C ILE C 871 -70.46 -71.03 62.04
N GLU C 872 -69.87 -72.21 62.31
CA GLU C 872 -68.75 -72.27 63.24
C GLU C 872 -67.51 -71.59 62.67
N THR C 873 -67.32 -71.63 61.35
CA THR C 873 -66.21 -70.92 60.73
C THR C 873 -66.38 -69.41 60.88
N ILE C 874 -67.60 -68.92 60.72
CA ILE C 874 -67.85 -67.48 60.89
C ILE C 874 -67.67 -67.09 62.34
N GLU C 875 -68.05 -67.96 63.28
CA GLU C 875 -67.83 -67.66 64.69
C GLU C 875 -66.33 -67.57 65.00
N GLU C 876 -65.56 -68.54 64.50
CA GLU C 876 -64.11 -68.51 64.67
C GLU C 876 -63.50 -67.28 64.00
N ASN C 877 -64.05 -66.88 62.85
CA ASN C 877 -63.57 -65.67 62.18
C ASN C 877 -63.85 -64.44 63.01
N ILE C 878 -65.04 -64.37 63.62
CA ILE C 878 -65.36 -63.25 64.50
C ILE C 878 -64.35 -63.14 65.62
N GLY C 879 -64.11 -64.26 66.31
CA GLY C 879 -63.12 -64.26 67.39
C GLY C 879 -61.74 -63.84 66.91
N TRP C 880 -61.25 -64.48 65.84
CA TRP C 880 -59.91 -64.21 65.34
C TRP C 880 -59.74 -62.77 64.88
N MET C 881 -60.78 -62.20 64.25
CA MET C 881 -60.68 -60.83 63.76
C MET C 881 -60.74 -59.84 64.92
N ASP C 882 -61.65 -60.06 65.86
CA ASP C 882 -61.70 -59.19 67.04
C ASP C 882 -60.40 -59.25 67.83
N LYS C 883 -59.69 -60.38 67.76
CA LYS C 883 -58.44 -60.50 68.51
C LYS C 883 -57.25 -59.88 67.76
N ASN C 884 -57.11 -60.14 66.46
CA ASN C 884 -55.85 -59.90 65.78
C ASN C 884 -55.85 -58.75 64.80
N PHE C 885 -56.99 -58.13 64.50
CA PHE C 885 -57.00 -57.09 63.47
C PHE C 885 -56.14 -55.90 63.87
N ASP C 886 -56.41 -55.32 65.04
CA ASP C 886 -55.62 -54.18 65.48
C ASP C 886 -54.17 -54.57 65.70
N LYS C 887 -53.94 -55.80 66.15
CA LYS C 887 -52.58 -56.33 66.25
C LYS C 887 -51.90 -56.33 64.88
N ILE C 888 -52.63 -56.77 63.84
CA ILE C 888 -52.05 -56.84 62.50
C ILE C 888 -51.79 -55.43 61.97
N ARG C 889 -52.67 -54.49 62.25
CA ARG C 889 -52.44 -53.11 61.84
C ARG C 889 -51.18 -52.53 62.49
N VAL C 890 -51.04 -52.73 63.80
CA VAL C 890 -49.85 -52.24 64.50
C VAL C 890 -48.60 -52.90 63.95
N TRP C 891 -48.67 -54.21 63.68
CA TRP C 891 -47.50 -54.90 63.15
C TRP C 891 -47.17 -54.43 61.75
N LEU C 892 -48.17 -54.08 60.94
CA LEU C 892 -47.89 -53.59 59.59
C LEU C 892 -47.21 -52.23 59.64
N GLN C 893 -47.65 -51.33 60.53
CA GLN C 893 -46.93 -50.08 60.68
C GLN C 893 -45.52 -50.30 61.21
N SER C 894 -45.36 -51.23 62.16
CA SER C 894 -44.03 -51.49 62.70
C SER C 894 -43.10 -52.09 61.65
N GLU C 895 -43.63 -52.97 60.78
CA GLU C 895 -42.80 -53.57 59.75
C GLU C 895 -42.48 -52.58 58.63
N LYS C 896 -43.40 -51.66 58.33
CA LYS C 896 -43.07 -50.56 57.45
C LYS C 896 -42.00 -49.67 58.06
N LEU C 897 -41.97 -49.56 59.38
CA LEU C 897 -40.93 -48.82 60.07
C LEU C 897 -39.65 -49.65 60.17
N GLU C 898 -39.15 -50.05 59.00
CA GLU C 898 -37.92 -50.79 58.85
C GLU C 898 -37.01 -50.26 57.77
N ARG C 899 -37.52 -49.50 56.82
CA ARG C 899 -36.72 -48.91 55.74
C ARG C 899 -36.37 -47.47 56.11
N PRO D 30 -118.45 -92.10 -17.28
CA PRO D 30 -118.67 -91.38 -18.54
C PRO D 30 -118.91 -89.89 -18.32
N PHE D 31 -117.94 -89.06 -18.66
CA PHE D 31 -118.04 -87.63 -18.41
C PHE D 31 -119.01 -86.98 -19.40
N PRO D 32 -119.98 -86.19 -18.93
CA PRO D 32 -121.00 -85.66 -19.84
C PRO D 32 -120.67 -84.30 -20.43
N TRP D 33 -119.41 -84.05 -20.75
CA TRP D 33 -119.03 -82.79 -21.39
C TRP D 33 -117.63 -82.94 -21.96
N ASN D 34 -117.42 -82.37 -23.15
CA ASN D 34 -116.17 -82.57 -23.87
C ASN D 34 -115.66 -81.29 -24.54
N LYS D 35 -116.11 -80.12 -24.09
CA LYS D 35 -115.66 -78.85 -24.64
C LYS D 35 -114.92 -78.08 -23.56
N ILE D 36 -113.94 -77.28 -23.98
CA ILE D 36 -113.16 -76.51 -23.02
C ILE D 36 -114.00 -75.40 -22.40
N ARG D 37 -114.84 -74.76 -23.19
CA ARG D 37 -115.73 -73.74 -22.65
C ARG D 37 -116.82 -74.40 -21.80
N LEU D 38 -117.32 -73.66 -20.82
CA LEU D 38 -118.33 -74.19 -19.94
C LEU D 38 -119.71 -74.11 -20.57
N PRO D 39 -120.65 -74.94 -20.11
CA PRO D 39 -122.04 -74.80 -20.56
C PRO D 39 -122.63 -73.47 -20.13
N GLU D 40 -123.42 -72.87 -21.02
CA GLU D 40 -124.00 -71.56 -20.79
C GLU D 40 -125.31 -71.58 -20.02
N TYR D 41 -125.85 -72.75 -19.67
CA TYR D 41 -127.17 -72.83 -19.06
C TYR D 41 -127.13 -72.95 -17.54
N VAL D 42 -125.95 -72.85 -16.93
CA VAL D 42 -125.80 -72.79 -15.48
C VAL D 42 -125.02 -71.52 -15.17
N ILE D 43 -125.69 -70.53 -14.58
CA ILE D 43 -125.12 -69.21 -14.34
C ILE D 43 -124.99 -69.00 -12.85
N PRO D 44 -123.80 -68.64 -12.34
CA PRO D 44 -123.67 -68.28 -10.94
C PRO D 44 -124.11 -66.84 -10.70
N VAL D 45 -124.51 -66.56 -9.46
CA VAL D 45 -124.94 -65.21 -9.11
C VAL D 45 -124.19 -64.72 -7.88
N HIS D 46 -123.79 -65.64 -7.00
CA HIS D 46 -123.14 -65.24 -5.76
C HIS D 46 -122.33 -66.41 -5.21
N TYR D 47 -121.03 -66.19 -5.03
CA TYR D 47 -120.17 -67.14 -4.35
C TYR D 47 -119.99 -66.73 -2.90
N ASP D 48 -119.94 -67.74 -2.03
CA ASP D 48 -119.66 -67.55 -0.62
C ASP D 48 -118.52 -68.51 -0.30
N LEU D 49 -117.33 -67.97 -0.14
CA LEU D 49 -116.11 -68.75 -0.01
C LEU D 49 -115.63 -68.74 1.43
N LEU D 50 -115.25 -69.92 1.92
CA LEU D 50 -114.65 -70.08 3.25
C LEU D 50 -113.34 -70.83 3.08
N ILE D 51 -112.24 -70.16 3.39
CA ILE D 51 -110.90 -70.72 3.22
C ILE D 51 -110.25 -70.79 4.58
N HIS D 52 -109.71 -71.97 4.93
CA HIS D 52 -108.91 -72.16 6.13
C HIS D 52 -107.54 -72.63 5.67
N ALA D 53 -106.58 -71.72 5.71
CA ALA D 53 -105.21 -71.98 5.32
C ALA D 53 -104.37 -72.32 6.55
N ASN D 54 -103.55 -73.29 6.26
CA ASN D 54 -102.63 -73.68 7.37
C ASN D 54 -101.19 -73.49 6.89
N LEU D 55 -100.52 -72.46 7.41
CA LEU D 55 -99.15 -72.12 7.05
C LEU D 55 -98.15 -73.14 7.60
N THR D 56 -98.42 -73.70 8.79
CA THR D 56 -97.49 -74.67 9.36
C THR D 56 -97.44 -75.95 8.56
N THR D 57 -98.62 -76.52 8.25
CA THR D 57 -98.68 -77.75 7.48
C THR D 57 -98.78 -77.49 5.98
N LEU D 58 -98.82 -76.26 5.58
CA LEU D 58 -98.95 -75.88 4.17
C LEU D 58 -100.13 -76.57 3.51
N THR D 59 -101.30 -76.47 4.16
CA THR D 59 -102.53 -77.10 3.68
C THR D 59 -103.62 -76.03 3.66
N PHE D 60 -104.80 -76.40 3.16
CA PHE D 60 -105.98 -75.56 3.34
C PHE D 60 -107.23 -76.34 2.97
N TRP D 61 -108.26 -76.18 3.79
CA TRP D 61 -109.59 -76.74 3.54
CA TRP D 61 -109.57 -76.74 3.46
C TRP D 61 -110.55 -75.62 3.17
N GLY D 62 -111.42 -75.87 2.20
CA GLY D 62 -112.32 -74.85 1.71
C GLY D 62 -113.74 -75.33 1.59
N THR D 63 -114.66 -74.37 1.70
CA THR D 63 -116.09 -74.58 1.52
C THR D 63 -116.61 -73.51 0.57
N THR D 64 -117.25 -73.93 -0.51
CA THR D 64 -117.75 -73.02 -1.52
C THR D 64 -119.25 -73.20 -1.67
N LYS D 65 -120.01 -72.14 -1.40
CA LYS D 65 -121.45 -72.14 -1.62
C LYS D 65 -121.73 -71.18 -2.77
N VAL D 66 -122.13 -71.73 -3.91
CA VAL D 66 -122.38 -70.93 -5.11
C VAL D 66 -123.87 -70.99 -5.42
N GLU D 67 -124.50 -69.82 -5.46
CA GLU D 67 -125.89 -69.70 -5.88
C GLU D 67 -125.96 -69.60 -7.39
N ILE D 68 -126.78 -70.45 -8.01
CA ILE D 68 -126.87 -70.56 -9.46
C ILE D 68 -128.33 -70.54 -9.89
N THR D 69 -128.52 -70.23 -11.17
CA THR D 69 -129.80 -70.36 -11.86
C THR D 69 -129.57 -71.07 -13.18
N ALA D 70 -130.63 -71.73 -13.68
CA ALA D 70 -130.54 -72.51 -14.90
C ALA D 70 -131.55 -72.00 -15.92
N SER D 71 -131.10 -71.92 -17.18
CA SER D 71 -131.96 -71.53 -18.28
C SER D 71 -132.49 -72.71 -19.08
N GLN D 72 -131.75 -73.83 -19.10
CA GLN D 72 -132.20 -75.07 -19.70
C GLN D 72 -132.32 -76.13 -18.61
N PRO D 73 -133.42 -76.89 -18.56
CA PRO D 73 -133.55 -77.92 -17.52
C PRO D 73 -132.43 -78.94 -17.63
N THR D 74 -131.67 -79.09 -16.55
CA THR D 74 -130.54 -79.99 -16.54
C THR D 74 -130.38 -80.62 -15.15
N SER D 75 -129.72 -81.77 -15.14
CA SER D 75 -129.36 -82.48 -13.87
C SER D 75 -127.84 -82.58 -13.77
N THR D 76 -127.10 -81.87 -14.65
CA THR D 76 -125.65 -81.93 -14.68
C THR D 76 -125.12 -80.51 -14.66
N ILE D 77 -124.24 -80.22 -13.69
CA ILE D 77 -123.65 -78.90 -13.52
C ILE D 77 -122.14 -79.04 -13.73
N ILE D 78 -121.61 -78.33 -14.73
CA ILE D 78 -120.21 -78.38 -15.08
C ILE D 78 -119.54 -77.11 -14.56
N LEU D 79 -118.42 -77.27 -13.86
CA LEU D 79 -117.65 -76.13 -13.38
C LEU D 79 -116.18 -76.54 -13.29
N HIS D 80 -115.33 -75.58 -12.94
CA HIS D 80 -113.89 -75.79 -12.95
C HIS D 80 -113.38 -76.21 -11.58
N SER D 81 -112.35 -77.06 -11.59
CA SER D 81 -111.66 -77.48 -10.38
C SER D 81 -110.35 -78.14 -10.78
N HIS D 82 -109.25 -77.80 -10.12
CA HIS D 82 -107.93 -78.25 -10.51
C HIS D 82 -107.09 -78.50 -9.26
N HIS D 83 -106.56 -79.72 -9.14
CA HIS D 83 -105.71 -80.09 -8.01
C HIS D 83 -106.42 -79.88 -6.68
N LEU D 84 -107.72 -80.15 -6.64
CA LEU D 84 -108.52 -80.00 -5.44
C LEU D 84 -109.21 -81.30 -5.11
N GLN D 85 -109.06 -81.76 -3.87
CA GLN D 85 -109.70 -83.00 -3.42
C GLN D 85 -111.11 -82.66 -2.94
N ILE D 86 -112.11 -83.04 -3.73
CA ILE D 86 -113.51 -82.83 -3.35
C ILE D 86 -113.93 -83.96 -2.43
N SER D 87 -114.52 -83.61 -1.28
CA SER D 87 -114.91 -84.60 -0.29
C SER D 87 -116.41 -84.67 -0.04
N ARG D 88 -117.18 -83.68 -0.48
CA ARG D 88 -118.58 -83.61 -0.15
C ARG D 88 -119.27 -82.58 -1.04
N ALA D 89 -120.45 -82.92 -1.56
CA ALA D 89 -121.16 -82.05 -2.49
C ALA D 89 -122.65 -82.18 -2.25
N THR D 90 -123.31 -81.05 -1.99
CA THR D 90 -124.74 -81.00 -1.75
C THR D 90 -125.39 -79.95 -2.63
N LEU D 91 -126.70 -80.09 -2.81
CA LEU D 91 -127.50 -79.18 -3.64
C LEU D 91 -128.75 -78.78 -2.86
N ARG D 92 -128.84 -77.52 -2.47
CA ARG D 92 -129.98 -76.99 -1.76
C ARG D 92 -130.90 -76.25 -2.74
N LYS D 93 -132.21 -76.39 -2.52
CA LYS D 93 -133.22 -75.79 -3.39
C LYS D 93 -133.95 -74.70 -2.62
N GLY D 94 -133.77 -73.46 -3.04
CA GLY D 94 -134.37 -72.33 -2.35
C GLY D 94 -133.34 -71.38 -1.78
N LEU D 99 -134.61 -75.28 1.77
CA LEU D 99 -135.43 -76.25 2.48
C LEU D 99 -134.97 -77.68 2.18
N SER D 100 -135.04 -78.06 0.91
CA SER D 100 -134.67 -79.39 0.48
C SER D 100 -133.20 -79.43 0.07
N GLU D 101 -132.47 -80.41 0.61
CA GLU D 101 -131.06 -80.61 0.28
C GLU D 101 -130.87 -82.02 -0.25
N GLU D 102 -130.13 -82.14 -1.35
CA GLU D 102 -129.93 -83.42 -2.01
C GLU D 102 -128.44 -83.62 -2.32
N PRO D 103 -127.95 -84.84 -2.20
CA PRO D 103 -126.53 -85.09 -2.52
C PRO D 103 -126.28 -85.07 -4.01
N LEU D 104 -125.05 -84.71 -4.36
CA LEU D 104 -124.61 -84.66 -5.75
C LEU D 104 -123.49 -85.67 -5.96
N GLN D 105 -123.49 -86.32 -7.13
CA GLN D 105 -122.40 -87.20 -7.50
C GLN D 105 -121.34 -86.41 -8.25
N VAL D 106 -120.08 -86.73 -7.98
CA VAL D 106 -118.94 -85.96 -8.48
C VAL D 106 -118.23 -86.78 -9.55
N LEU D 107 -118.06 -86.20 -10.72
CA LEU D 107 -117.22 -86.75 -11.77
C LEU D 107 -116.09 -85.78 -12.04
N GLU D 108 -114.90 -86.30 -12.33
CA GLU D 108 -113.71 -85.47 -12.44
C GLU D 108 -113.10 -85.65 -13.82
N HIS D 109 -112.63 -84.54 -14.40
CA HIS D 109 -111.94 -84.54 -15.69
C HIS D 109 -110.69 -83.68 -15.53
N PRO D 110 -109.54 -84.29 -15.25
CA PRO D 110 -108.33 -83.49 -15.04
C PRO D 110 -107.80 -82.86 -16.31
N ARG D 111 -108.06 -83.46 -17.47
CA ARG D 111 -107.55 -82.89 -18.72
C ARG D 111 -108.22 -81.56 -19.03
N GLN D 112 -109.52 -81.47 -18.83
CA GLN D 112 -110.27 -80.23 -19.03
C GLN D 112 -110.33 -79.37 -17.77
N GLU D 113 -109.71 -79.82 -16.68
CA GLU D 113 -109.73 -79.10 -15.42
C GLU D 113 -111.16 -78.83 -14.95
N GLN D 114 -112.02 -79.85 -15.07
CA GLN D 114 -113.44 -79.68 -14.80
C GLN D 114 -113.93 -80.76 -13.84
N ILE D 115 -115.08 -80.48 -13.23
CA ILE D 115 -115.85 -81.47 -12.49
C ILE D 115 -117.30 -81.35 -12.91
N ALA D 116 -117.99 -82.48 -12.91
CA ALA D 116 -119.41 -82.56 -13.23
C ALA D 116 -120.17 -82.97 -11.98
N LEU D 117 -121.22 -82.23 -11.65
CA LEU D 117 -122.05 -82.52 -10.49
C LEU D 117 -123.39 -83.03 -10.98
N LEU D 118 -123.74 -84.25 -10.57
CA LEU D 118 -124.96 -84.91 -10.99
C LEU D 118 -125.99 -84.84 -9.88
N ALA D 119 -127.19 -84.33 -10.23
CA ALA D 119 -128.35 -84.10 -9.37
C ALA D 119 -129.43 -85.15 -9.62
N PRO D 120 -130.07 -85.66 -8.57
CA PRO D 120 -131.10 -86.69 -8.78
C PRO D 120 -132.29 -86.23 -9.60
N GLU D 121 -132.83 -85.04 -9.31
CA GLU D 121 -133.99 -84.50 -9.99
C GLU D 121 -133.62 -83.28 -10.83
N PRO D 122 -134.15 -83.19 -12.05
CA PRO D 122 -133.75 -82.10 -12.95
C PRO D 122 -134.05 -80.73 -12.37
N LEU D 123 -133.12 -79.80 -12.58
CA LEU D 123 -133.28 -78.44 -12.10
C LEU D 123 -134.41 -77.76 -12.85
N LEU D 124 -135.21 -76.98 -12.14
CA LEU D 124 -136.33 -76.27 -12.75
C LEU D 124 -135.85 -74.90 -13.21
N VAL D 125 -136.19 -74.55 -14.46
CA VAL D 125 -135.75 -73.28 -15.03
C VAL D 125 -136.35 -72.12 -14.24
N GLY D 126 -135.55 -71.08 -14.03
CA GLY D 126 -135.98 -69.90 -13.31
C GLY D 126 -135.91 -70.01 -11.80
N LEU D 127 -135.46 -71.14 -11.26
CA LEU D 127 -135.37 -71.29 -9.81
C LEU D 127 -133.94 -71.12 -9.34
N PRO D 128 -133.74 -70.50 -8.18
CA PRO D 128 -132.39 -70.40 -7.62
C PRO D 128 -132.01 -71.62 -6.80
N TYR D 129 -130.83 -72.18 -7.06
CA TYR D 129 -130.30 -73.31 -6.33
C TYR D 129 -128.94 -72.94 -5.74
N THR D 130 -128.49 -73.71 -4.75
CA THR D 130 -127.22 -73.45 -4.09
C THR D 130 -126.40 -74.73 -4.04
N VAL D 131 -125.29 -74.76 -4.76
CA VAL D 131 -124.37 -75.89 -4.73
C VAL D 131 -123.33 -75.63 -3.64
N VAL D 132 -123.13 -76.62 -2.76
CA VAL D 132 -122.21 -76.51 -1.64
C VAL D 132 -121.15 -77.60 -1.79
N ILE D 133 -119.89 -77.19 -1.90
CA ILE D 133 -118.78 -78.10 -2.17
C ILE D 133 -117.76 -77.95 -1.05
N HIS D 134 -117.34 -79.07 -0.47
CA HIS D 134 -116.26 -79.12 0.50
C HIS D 134 -115.04 -79.75 -0.16
N TYR D 135 -113.88 -79.13 0.02
CA TYR D 135 -112.69 -79.58 -0.69
C TYR D 135 -111.47 -79.29 0.16
N ALA D 136 -110.34 -79.84 -0.27
CA ALA D 136 -109.06 -79.62 0.40
C ALA D 136 -107.95 -79.53 -0.64
N GLY D 137 -106.80 -79.04 -0.19
CA GLY D 137 -105.63 -78.93 -1.06
C GLY D 137 -104.49 -78.36 -0.26
N ASN D 138 -103.38 -78.09 -0.94
CA ASN D 138 -102.27 -77.39 -0.30
C ASN D 138 -101.77 -76.23 -1.16
N LEU D 139 -101.18 -75.26 -0.48
CA LEU D 139 -100.55 -74.11 -1.13
C LEU D 139 -99.60 -74.54 -2.23
N SER D 140 -99.83 -74.03 -3.43
CA SER D 140 -98.95 -74.32 -4.56
C SER D 140 -97.56 -73.75 -4.30
N GLU D 141 -96.53 -74.54 -4.64
CA GLU D 141 -95.16 -74.08 -4.55
C GLU D 141 -94.71 -73.24 -5.74
N THR D 142 -95.62 -72.96 -6.67
CA THR D 142 -95.28 -72.19 -7.87
C THR D 142 -95.55 -70.71 -7.65
N PHE D 143 -95.88 -70.00 -8.73
CA PHE D 143 -96.17 -68.57 -8.69
C PHE D 143 -97.62 -68.25 -9.01
N HIS D 144 -98.49 -69.26 -9.09
CA HIS D 144 -99.89 -69.06 -9.43
C HIS D 144 -100.77 -69.84 -8.47
N GLY D 145 -102.07 -69.61 -8.57
CA GLY D 145 -103.03 -70.26 -7.71
C GLY D 145 -103.05 -69.66 -6.31
N PHE D 146 -103.20 -70.51 -5.30
CA PHE D 146 -103.09 -70.10 -3.90
C PHE D 146 -101.71 -70.58 -3.44
N TYR D 147 -100.72 -69.70 -3.55
CA TYR D 147 -99.33 -70.13 -3.43
C TYR D 147 -98.67 -69.54 -2.19
N LYS D 148 -97.50 -70.09 -1.88
CA LYS D 148 -96.73 -69.74 -0.70
C LYS D 148 -95.60 -68.77 -1.07
N SER D 149 -95.30 -67.86 -0.15
CA SER D 149 -94.16 -66.96 -0.29
C SER D 149 -93.43 -66.92 1.04
N THR D 150 -92.12 -66.67 0.99
CA THR D 150 -91.29 -66.61 2.18
C THR D 150 -90.46 -65.34 2.15
N TYR D 151 -90.09 -64.86 3.33
CA TYR D 151 -89.24 -63.67 3.41
C TYR D 151 -88.27 -63.80 4.58
N ARG D 152 -87.15 -63.10 4.47
CA ARG D 152 -86.09 -63.15 5.46
C ARG D 152 -86.16 -61.93 6.37
N THR D 153 -86.16 -62.18 7.68
CA THR D 153 -86.07 -61.10 8.65
C THR D 153 -84.62 -60.64 8.80
N LYS D 154 -84.44 -59.49 9.44
CA LYS D 154 -83.09 -58.97 9.65
C LYS D 154 -82.29 -59.81 10.64
N GLU D 155 -82.92 -60.76 11.33
CA GLU D 155 -82.24 -61.68 12.22
C GLU D 155 -81.93 -63.02 11.55
N GLY D 156 -82.19 -63.13 10.25
CA GLY D 156 -81.94 -64.35 9.52
C GLY D 156 -83.07 -65.36 9.52
N GLU D 157 -84.11 -65.13 10.31
CA GLU D 157 -85.23 -66.07 10.37
C GLU D 157 -86.05 -66.01 9.08
N LEU D 158 -86.71 -67.12 8.77
CA LEU D 158 -87.55 -67.25 7.59
C LEU D 158 -89.01 -67.26 8.00
N ARG D 159 -89.82 -66.44 7.33
CA ARG D 159 -91.24 -66.34 7.63
C ARG D 159 -92.06 -66.67 6.39
N ILE D 160 -93.27 -67.20 6.63
CA ILE D 160 -94.11 -67.78 5.59
C ILE D 160 -95.39 -66.96 5.50
N LEU D 161 -95.88 -66.77 4.27
CA LEU D 161 -97.17 -66.15 4.02
C LEU D 161 -97.82 -66.85 2.83
N ALA D 162 -99.13 -66.64 2.69
CA ALA D 162 -99.90 -67.23 1.60
C ALA D 162 -100.55 -66.13 0.80
N SER D 163 -100.33 -66.14 -0.51
CA SER D 163 -100.88 -65.15 -1.43
C SER D 163 -101.61 -65.85 -2.55
N THR D 164 -102.28 -65.05 -3.38
CA THR D 164 -103.06 -65.57 -4.49
C THR D 164 -102.62 -64.93 -5.80
N GLN D 165 -102.86 -65.65 -6.89
CA GLN D 165 -102.66 -65.15 -8.24
C GLN D 165 -103.57 -65.98 -9.15
N PHE D 166 -104.70 -65.39 -9.53
CA PHE D 166 -105.76 -66.15 -10.20
C PHE D 166 -105.84 -65.91 -11.70
N GLU D 167 -105.36 -64.79 -12.19
CA GLU D 167 -105.36 -64.58 -13.64
C GLU D 167 -104.37 -65.54 -14.29
N PRO D 168 -104.76 -66.24 -15.37
CA PRO D 168 -106.10 -66.19 -15.94
C PRO D 168 -107.04 -67.32 -15.49
N THR D 169 -106.52 -68.53 -15.29
CA THR D 169 -107.32 -69.71 -15.00
C THR D 169 -106.83 -70.40 -13.73
N ALA D 170 -106.45 -69.63 -12.73
CA ALA D 170 -105.89 -70.19 -11.51
C ALA D 170 -106.82 -70.12 -10.31
N ALA D 171 -107.97 -69.45 -10.43
CA ALA D 171 -108.94 -69.43 -9.34
C ALA D 171 -109.47 -70.83 -9.04
N ARG D 172 -109.54 -71.69 -10.06
CA ARG D 172 -110.00 -73.06 -9.89
C ARG D 172 -109.07 -73.89 -9.02
N MET D 173 -107.80 -73.48 -8.89
CA MET D 173 -106.87 -74.16 -8.01
C MET D 173 -107.05 -73.79 -6.55
N ALA D 174 -107.93 -72.84 -6.24
CA ALA D 174 -108.17 -72.40 -4.88
C ALA D 174 -109.61 -72.58 -4.45
N PHE D 175 -110.57 -72.38 -5.35
CA PHE D 175 -111.95 -72.67 -5.05
C PHE D 175 -112.67 -73.09 -6.33
N PRO D 176 -113.47 -74.15 -6.29
CA PRO D 176 -114.22 -74.57 -7.49
C PRO D 176 -115.27 -73.54 -7.85
N CYS D 177 -115.35 -73.22 -9.13
CA CYS D 177 -116.17 -72.12 -9.59
C CYS D 177 -116.36 -72.24 -11.10
N PHE D 178 -117.10 -71.29 -11.66
CA PHE D 178 -117.22 -71.13 -13.10
C PHE D 178 -116.13 -70.15 -13.52
N ASP D 179 -114.91 -70.68 -13.62
CA ASP D 179 -113.70 -69.86 -13.75
C ASP D 179 -113.55 -69.36 -15.19
N GLU D 180 -114.45 -68.46 -15.57
CA GLU D 180 -114.36 -67.75 -16.83
C GLU D 180 -114.68 -66.28 -16.60
N PRO D 181 -114.10 -65.38 -17.37
CA PRO D 181 -114.33 -63.94 -17.13
C PRO D 181 -115.74 -63.49 -17.42
N ALA D 182 -116.54 -64.29 -18.13
CA ALA D 182 -117.89 -63.89 -18.47
C ALA D 182 -118.88 -64.18 -17.35
N PHE D 183 -118.60 -65.20 -16.52
CA PHE D 183 -119.49 -65.54 -15.41
C PHE D 183 -119.12 -64.67 -14.22
N LYS D 184 -119.56 -63.41 -14.30
CA LYS D 184 -119.33 -62.47 -13.21
C LYS D 184 -120.31 -62.71 -12.08
N ALA D 185 -119.87 -62.41 -10.85
CA ALA D 185 -120.70 -62.62 -9.68
C ALA D 185 -120.10 -61.84 -8.52
N SER D 186 -120.85 -61.80 -7.42
CA SER D 186 -120.37 -61.24 -6.17
C SER D 186 -119.74 -62.34 -5.32
N PHE D 187 -118.90 -61.92 -4.37
CA PHE D 187 -118.12 -62.86 -3.57
C PHE D 187 -118.13 -62.43 -2.11
N SER D 188 -118.62 -63.30 -1.24
CA SER D 188 -118.56 -63.09 0.21
C SER D 188 -117.47 -64.00 0.76
N ILE D 189 -116.38 -63.40 1.23
CA ILE D 189 -115.17 -64.13 1.59
C ILE D 189 -115.04 -64.21 3.11
N LYS D 190 -114.68 -65.39 3.60
CA LYS D 190 -114.37 -65.64 5.00
C LYS D 190 -113.07 -66.43 5.06
N ILE D 191 -112.11 -65.92 5.83
CA ILE D 191 -110.79 -66.52 5.92
C ILE D 191 -110.49 -66.86 7.37
N ARG D 192 -109.92 -68.04 7.61
CA ARG D 192 -109.57 -68.49 8.95
C ARG D 192 -108.06 -68.45 9.12
N ARG D 193 -107.62 -67.97 10.28
CA ARG D 193 -106.19 -67.74 10.52
C ARG D 193 -105.90 -67.89 12.00
N GLU D 194 -104.60 -68.01 12.32
CA GLU D 194 -104.16 -67.88 13.70
C GLU D 194 -104.24 -66.42 14.13
N PRO D 195 -104.28 -66.14 15.44
CA PRO D 195 -104.25 -64.74 15.87
C PRO D 195 -103.00 -64.01 15.40
N ARG D 196 -101.86 -64.71 15.34
CA ARG D 196 -100.61 -64.07 14.95
C ARG D 196 -100.62 -63.55 13.52
N HIS D 197 -101.65 -63.86 12.75
CA HIS D 197 -101.69 -63.51 11.34
C HIS D 197 -102.62 -62.34 11.08
N LEU D 198 -102.58 -61.86 9.84
CA LEU D 198 -103.36 -60.73 9.35
C LEU D 198 -103.86 -61.10 7.97
N ALA D 199 -105.17 -60.97 7.76
CA ALA D 199 -105.81 -61.38 6.51
C ALA D 199 -106.39 -60.15 5.81
N ILE D 200 -106.10 -60.01 4.52
CA ILE D 200 -106.65 -58.94 3.70
C ILE D 200 -107.21 -59.53 2.42
N SER D 201 -108.22 -58.87 1.86
CA SER D 201 -108.87 -59.38 0.67
C SER D 201 -109.39 -58.19 -0.15
N ASN D 202 -110.36 -58.46 -1.02
CA ASN D 202 -110.85 -57.44 -1.95
C ASN D 202 -111.61 -56.34 -1.21
N MET D 203 -112.46 -56.72 -0.28
CA MET D 203 -113.31 -55.78 0.44
C MET D 203 -112.75 -55.50 1.82
N PRO D 204 -113.24 -54.47 2.50
CA PRO D 204 -112.81 -54.23 3.88
C PRO D 204 -113.24 -55.36 4.79
N LEU D 205 -112.54 -55.48 5.92
CA LEU D 205 -112.86 -56.49 6.93
C LEU D 205 -114.08 -56.03 7.71
N VAL D 206 -115.14 -56.84 7.69
CA VAL D 206 -116.37 -56.49 8.38
C VAL D 206 -116.35 -56.94 9.83
N LYS D 207 -115.94 -58.18 10.09
CA LYS D 207 -115.88 -58.58 11.49
C LYS D 207 -114.95 -59.78 11.67
N SER D 208 -114.53 -59.99 12.92
CA SER D 208 -113.67 -61.11 13.28
C SER D 208 -114.34 -61.88 14.41
N VAL D 209 -114.53 -63.18 14.21
CA VAL D 209 -115.22 -64.04 15.16
C VAL D 209 -114.27 -65.14 15.61
N THR D 210 -114.25 -65.44 16.90
CA THR D 210 -113.36 -66.47 17.44
C THR D 210 -114.02 -67.84 17.28
N VAL D 211 -114.04 -68.33 16.04
CA VAL D 211 -114.59 -69.64 15.74
C VAL D 211 -113.69 -70.72 16.31
N ALA D 212 -114.30 -71.82 16.76
CA ALA D 212 -113.60 -72.95 17.38
C ALA D 212 -112.74 -72.43 18.54
N GLU D 213 -111.50 -72.89 18.65
CA GLU D 213 -110.58 -72.44 19.68
C GLU D 213 -109.22 -72.15 19.06
N GLY D 214 -108.69 -70.95 19.32
CA GLY D 214 -107.34 -70.61 18.97
C GLY D 214 -107.15 -70.04 17.59
N LEU D 215 -108.19 -69.99 16.76
CA LEU D 215 -108.10 -69.41 15.42
C LEU D 215 -109.29 -68.52 15.14
N ILE D 216 -109.02 -67.33 14.59
CA ILE D 216 -110.03 -66.33 14.29
C ILE D 216 -110.51 -66.49 12.86
N GLU D 217 -111.77 -66.10 12.61
CA GLU D 217 -112.39 -66.12 11.29
C GLU D 217 -112.75 -64.69 10.91
N ASP D 218 -112.25 -64.24 9.77
CA ASP D 218 -112.46 -62.89 9.26
C ASP D 218 -113.54 -62.93 8.19
N HIS D 219 -114.63 -62.21 8.44
CA HIS D 219 -115.71 -62.02 7.48
C HIS D 219 -115.48 -60.68 6.80
N PHE D 220 -115.25 -60.72 5.48
CA PHE D 220 -115.07 -59.54 4.65
C PHE D 220 -116.39 -59.15 3.99
N ASP D 221 -116.47 -57.89 3.59
CA ASP D 221 -117.66 -57.40 2.89
C ASP D 221 -117.80 -58.09 1.54
N VAL D 222 -118.97 -57.96 0.95
CA VAL D 222 -119.27 -58.59 -0.33
C VAL D 222 -118.79 -57.69 -1.47
N THR D 223 -118.19 -58.30 -2.48
CA THR D 223 -117.65 -57.56 -3.62
C THR D 223 -118.78 -57.19 -4.57
N VAL D 224 -118.41 -56.50 -5.65
CA VAL D 224 -119.37 -56.12 -6.69
C VAL D 224 -119.35 -57.17 -7.79
N LYS D 225 -120.12 -56.94 -8.85
CA LYS D 225 -120.13 -57.82 -10.01
C LYS D 225 -118.76 -57.82 -10.68
N MET D 226 -118.01 -58.90 -10.53
CA MET D 226 -116.66 -58.98 -11.08
C MET D 226 -116.36 -60.40 -11.51
N SER D 227 -115.37 -60.54 -12.38
CA SER D 227 -114.95 -61.85 -12.85
C SER D 227 -114.22 -62.60 -11.74
N THR D 228 -114.05 -63.91 -11.94
CA THR D 228 -113.49 -64.75 -10.89
C THR D 228 -112.00 -64.55 -10.72
N TYR D 229 -111.29 -64.18 -11.79
CA TYR D 229 -109.84 -64.04 -11.70
C TYR D 229 -109.41 -62.85 -10.85
N LEU D 230 -110.35 -62.01 -10.42
CA LEU D 230 -110.03 -60.84 -9.61
C LEU D 230 -110.11 -61.11 -8.11
N VAL D 231 -110.51 -62.31 -7.71
CA VAL D 231 -110.53 -62.65 -6.29
C VAL D 231 -109.10 -62.75 -5.78
N ALA D 232 -108.89 -62.29 -4.54
CA ALA D 232 -107.57 -62.32 -3.94
C ALA D 232 -107.71 -62.29 -2.43
N PHE D 233 -106.73 -62.89 -1.76
CA PHE D 233 -106.66 -62.86 -0.30
C PHE D 233 -105.24 -63.20 0.12
N ILE D 234 -104.82 -62.59 1.24
CA ILE D 234 -103.45 -62.69 1.72
C ILE D 234 -103.49 -62.92 3.23
N ILE D 235 -102.73 -63.93 3.68
CA ILE D 235 -102.52 -64.21 5.10
C ILE D 235 -101.04 -64.00 5.36
N SER D 236 -100.71 -63.01 6.19
CA SER D 236 -99.31 -62.68 6.41
C SER D 236 -99.19 -61.98 7.77
N ASP D 237 -98.14 -61.19 7.93
CA ASP D 237 -97.98 -60.31 9.08
C ASP D 237 -97.47 -58.95 8.61
N PHE D 238 -98.05 -58.45 7.52
CA PHE D 238 -97.61 -57.20 6.92
C PHE D 238 -97.90 -56.02 7.84
N GLU D 239 -97.03 -55.01 7.76
CA GLU D 239 -97.35 -53.67 8.22
C GLU D 239 -97.86 -52.86 7.04
N SER D 240 -98.57 -51.77 7.33
CA SER D 240 -99.18 -50.98 6.28
C SER D 240 -99.14 -49.49 6.60
N VAL D 241 -99.21 -48.68 5.55
CA VAL D 241 -99.37 -47.24 5.63
C VAL D 241 -100.58 -46.86 4.79
N SER D 242 -101.33 -45.94 5.33
CA SER D 242 -102.61 -45.58 4.66
C SER D 242 -102.72 -44.07 4.44
N LYS D 243 -103.63 -43.68 3.49
CA LYS D 243 -103.90 -42.29 3.13
C LYS D 243 -105.28 -42.24 2.48
N ILE D 244 -105.90 -41.07 2.53
CA ILE D 244 -107.25 -40.86 2.01
C ILE D 244 -107.17 -40.05 0.73
N THR D 245 -108.01 -40.40 -0.24
CA THR D 245 -108.15 -39.60 -1.44
C THR D 245 -109.09 -38.42 -1.19
N LYS D 246 -109.14 -37.50 -2.15
CA LYS D 246 -110.10 -36.42 -2.03
C LYS D 246 -111.53 -36.90 -2.20
N SER D 247 -111.72 -38.14 -2.65
CA SER D 247 -113.05 -38.75 -2.77
C SER D 247 -113.37 -39.67 -1.61
N GLY D 248 -112.48 -39.83 -0.64
CA GLY D 248 -112.75 -40.59 0.55
C GLY D 248 -112.39 -42.07 0.50
N VAL D 249 -111.68 -42.50 -0.52
CA VAL D 249 -111.28 -43.90 -0.63
C VAL D 249 -110.07 -44.13 0.26
N LYS D 250 -110.06 -45.25 0.97
CA LYS D 250 -108.96 -45.57 1.90
C LYS D 250 -107.89 -46.32 1.13
N VAL D 251 -106.79 -45.64 0.81
CA VAL D 251 -105.68 -46.24 0.09
C VAL D 251 -104.62 -46.67 1.10
N SER D 252 -104.21 -47.94 1.04
CA SER D 252 -103.23 -48.50 1.96
C SER D 252 -102.18 -49.29 1.17
N VAL D 253 -101.00 -49.40 1.75
CA VAL D 253 -99.90 -50.15 1.14
C VAL D 253 -99.31 -51.09 2.19
N TYR D 254 -99.37 -52.38 1.91
CA TYR D 254 -98.85 -53.42 2.79
C TYR D 254 -97.52 -53.94 2.27
N ALA D 255 -96.62 -54.28 3.20
CA ALA D 255 -95.34 -54.87 2.84
C ALA D 255 -94.80 -55.60 4.07
N VAL D 256 -93.71 -56.33 3.85
CA VAL D 256 -93.03 -57.07 4.92
C VAL D 256 -92.54 -56.06 5.96
N PRO D 257 -92.44 -56.43 7.24
CA PRO D 257 -92.17 -55.43 8.28
C PRO D 257 -90.88 -54.65 8.09
N ASP D 258 -89.84 -55.28 7.55
CA ASP D 258 -88.54 -54.61 7.44
C ASP D 258 -88.45 -53.67 6.24
N LYS D 259 -89.46 -53.66 5.36
CA LYS D 259 -89.41 -52.83 4.16
C LYS D 259 -90.58 -51.87 4.06
N ILE D 260 -91.36 -51.68 5.13
CA ILE D 260 -92.54 -50.83 5.03
C ILE D 260 -92.14 -49.36 4.84
N ASN D 261 -90.95 -48.97 5.29
CA ASN D 261 -90.52 -47.58 5.16
C ASN D 261 -90.22 -47.18 3.72
N GLN D 262 -90.35 -48.10 2.76
CA GLN D 262 -90.14 -47.81 1.35
C GLN D 262 -91.44 -47.66 0.56
N ALA D 263 -92.58 -47.52 1.25
CA ALA D 263 -93.89 -47.49 0.62
C ALA D 263 -94.44 -46.08 0.43
N ASP D 264 -93.67 -45.05 0.79
CA ASP D 264 -94.20 -43.69 0.77
C ASP D 264 -94.50 -43.22 -0.65
N TYR D 265 -93.53 -43.35 -1.55
CA TYR D 265 -93.76 -42.90 -2.93
C TYR D 265 -94.87 -43.72 -3.57
N ALA D 266 -94.91 -45.02 -3.29
CA ALA D 266 -95.97 -45.87 -3.80
C ALA D 266 -97.33 -45.36 -3.35
N LEU D 267 -97.48 -45.08 -2.06
CA LEU D 267 -98.76 -44.62 -1.54
C LEU D 267 -99.16 -43.27 -2.12
N ASP D 268 -98.22 -42.32 -2.18
CA ASP D 268 -98.53 -41.00 -2.69
C ASP D 268 -98.93 -41.06 -4.16
N ALA D 269 -98.15 -41.77 -4.98
CA ALA D 269 -98.49 -41.91 -6.39
C ALA D 269 -99.79 -42.68 -6.59
N ALA D 270 -100.08 -43.65 -5.71
CA ALA D 270 -101.34 -44.37 -5.81
C ALA D 270 -102.52 -43.44 -5.58
N VAL D 271 -102.46 -42.63 -4.53
CA VAL D 271 -103.54 -41.68 -4.27
C VAL D 271 -103.71 -40.73 -5.44
N THR D 272 -102.60 -40.18 -5.94
CA THR D 272 -102.68 -39.22 -7.04
C THR D 272 -103.29 -39.85 -8.28
N LEU D 273 -102.82 -41.05 -8.65
CA LEU D 273 -103.30 -41.70 -9.86
C LEU D 273 -104.74 -42.15 -9.73
N LEU D 274 -105.16 -42.59 -8.54
CA LEU D 274 -106.56 -42.97 -8.36
C LEU D 274 -107.47 -41.76 -8.51
N GLU D 275 -107.10 -40.63 -7.91
CA GLU D 275 -107.89 -39.41 -8.10
C GLU D 275 -107.94 -39.00 -9.56
N PHE D 276 -106.80 -39.08 -10.26
CA PHE D 276 -106.78 -38.72 -11.68
C PHE D 276 -107.71 -39.61 -12.48
N TYR D 277 -107.66 -40.92 -12.23
CA TYR D 277 -108.48 -41.83 -13.01
C TYR D 277 -109.97 -41.59 -12.75
N GLU D 278 -110.33 -41.40 -11.48
CA GLU D 278 -111.72 -41.05 -11.16
C GLU D 278 -112.17 -39.82 -11.93
N ASP D 279 -111.40 -38.73 -11.85
CA ASP D 279 -111.79 -37.49 -12.50
C ASP D 279 -111.85 -37.65 -14.01
N TYR D 280 -110.87 -38.34 -14.60
CA TYR D 280 -110.79 -38.47 -16.04
C TYR D 280 -111.95 -39.29 -16.60
N PHE D 281 -112.20 -40.46 -16.00
CA PHE D 281 -113.28 -41.30 -16.49
C PHE D 281 -114.66 -40.80 -16.06
N SER D 282 -114.74 -39.88 -15.10
CA SER D 282 -116.01 -39.41 -14.55
C SER D 282 -116.82 -40.58 -13.99
N ILE D 283 -116.12 -41.57 -13.46
CA ILE D 283 -116.73 -42.76 -12.87
C ILE D 283 -116.01 -43.01 -11.55
N PRO D 284 -116.67 -42.82 -10.41
CA PRO D 284 -115.97 -42.97 -9.12
C PRO D 284 -115.49 -44.39 -8.90
N TYR D 285 -114.45 -44.50 -8.08
CA TYR D 285 -113.96 -45.81 -7.67
C TYR D 285 -115.00 -46.48 -6.79
N PRO D 286 -115.53 -47.65 -7.17
CA PRO D 286 -116.70 -48.19 -6.46
C PRO D 286 -116.40 -48.76 -5.10
N LEU D 287 -115.18 -49.24 -4.85
CA LEU D 287 -114.88 -49.90 -3.60
C LEU D 287 -114.51 -48.88 -2.52
N PRO D 288 -114.70 -49.23 -1.25
CA PRO D 288 -114.34 -48.30 -0.18
C PRO D 288 -112.83 -48.13 -0.03
N LYS D 289 -112.07 -49.20 -0.23
CA LYS D 289 -110.63 -49.16 -0.01
C LYS D 289 -109.91 -49.71 -1.23
N GLN D 290 -108.67 -49.25 -1.37
CA GLN D 290 -107.72 -49.74 -2.36
C GLN D 290 -106.43 -50.09 -1.65
N ASP D 291 -105.96 -51.31 -1.87
CA ASP D 291 -104.76 -51.81 -1.19
C ASP D 291 -103.69 -52.17 -2.21
N LEU D 292 -102.44 -51.91 -1.84
CA LEU D 292 -101.28 -52.19 -2.67
C LEU D 292 -100.31 -53.02 -1.83
N ALA D 293 -100.21 -54.31 -2.10
CA ALA D 293 -99.41 -55.21 -1.29
C ALA D 293 -98.15 -55.60 -2.06
N ALA D 294 -97.01 -55.54 -1.40
CA ALA D 294 -95.71 -55.92 -1.97
C ALA D 294 -95.44 -57.37 -1.60
N ILE D 295 -95.60 -58.27 -2.56
CA ILE D 295 -95.45 -59.71 -2.32
C ILE D 295 -94.00 -60.13 -2.53
N PRO D 296 -93.39 -60.86 -1.59
CA PRO D 296 -91.97 -61.24 -1.76
C PRO D 296 -91.74 -62.18 -2.94
N ASP D 297 -92.68 -63.08 -3.24
CA ASP D 297 -92.56 -64.00 -4.36
C ASP D 297 -93.69 -63.73 -5.35
N PHE D 298 -93.35 -63.14 -6.50
CA PHE D 298 -94.33 -62.80 -7.51
C PHE D 298 -93.76 -63.08 -8.90
N GLN D 299 -94.61 -63.58 -9.80
CA GLN D 299 -94.20 -63.90 -11.15
C GLN D 299 -94.35 -62.70 -12.08
N SER D 300 -95.55 -62.11 -12.12
CA SER D 300 -95.79 -60.96 -12.96
C SER D 300 -95.10 -59.73 -12.36
N GLY D 301 -95.20 -58.61 -13.06
CA GLY D 301 -94.86 -57.34 -12.42
C GLY D 301 -95.84 -56.98 -11.34
N ALA D 302 -97.13 -57.17 -11.60
CA ALA D 302 -98.19 -56.81 -10.65
C ALA D 302 -99.45 -57.57 -11.06
N MET D 303 -100.54 -57.29 -10.35
CA MET D 303 -101.83 -57.87 -10.65
C MET D 303 -102.93 -56.89 -10.23
N GLU D 304 -104.02 -56.88 -10.99
CA GLU D 304 -105.05 -55.85 -10.87
C GLU D 304 -106.23 -56.30 -10.02
N ASN D 305 -105.99 -57.12 -9.00
CA ASN D 305 -107.07 -57.60 -8.15
C ASN D 305 -107.85 -56.43 -7.57
N TRP D 306 -109.16 -56.44 -7.78
CA TRP D 306 -110.02 -55.32 -7.41
C TRP D 306 -109.98 -55.04 -5.91
N GLY D 307 -109.42 -53.90 -5.52
CA GLY D 307 -109.30 -53.54 -4.13
C GLY D 307 -108.08 -54.09 -3.42
N LEU D 308 -107.27 -54.92 -4.09
CA LEU D 308 -106.08 -55.50 -3.47
C LEU D 308 -105.08 -55.82 -4.59
N THR D 309 -104.49 -54.77 -5.15
CA THR D 309 -103.45 -54.97 -6.14
C THR D 309 -102.19 -55.53 -5.47
N THR D 310 -101.54 -56.47 -6.15
CA THR D 310 -100.32 -57.10 -5.65
C THR D 310 -99.17 -56.74 -6.59
N TYR D 311 -97.97 -56.66 -6.02
CA TYR D 311 -96.82 -56.16 -6.75
C TYR D 311 -95.59 -56.98 -6.39
N ARG D 312 -94.58 -56.87 -7.23
CA ARG D 312 -93.23 -57.23 -6.81
C ARG D 312 -92.69 -56.15 -5.90
N GLU D 313 -91.92 -56.55 -4.88
CA GLU D 313 -91.26 -55.58 -4.04
C GLU D 313 -90.39 -54.65 -4.86
N SER D 314 -89.71 -55.19 -5.88
CA SER D 314 -88.93 -54.38 -6.79
C SER D 314 -89.80 -53.40 -7.58
N ALA D 315 -91.05 -53.76 -7.83
CA ALA D 315 -91.94 -52.94 -8.63
C ALA D 315 -92.80 -52.01 -7.79
N LEU D 316 -92.70 -52.10 -6.49
CA LEU D 316 -93.52 -51.18 -5.70
C LEU D 316 -92.72 -50.33 -4.72
N LEU D 317 -91.65 -50.87 -4.13
CA LEU D 317 -90.97 -50.19 -3.04
C LEU D 317 -89.83 -49.32 -3.55
N PHE D 318 -89.68 -48.15 -2.94
CA PHE D 318 -88.72 -47.14 -3.37
C PHE D 318 -87.89 -46.68 -2.19
N ASP D 319 -86.57 -46.84 -2.31
CA ASP D 319 -85.62 -46.41 -1.28
C ASP D 319 -84.86 -45.21 -1.82
N ALA D 320 -85.02 -44.07 -1.15
CA ALA D 320 -84.41 -42.83 -1.63
C ALA D 320 -82.89 -42.92 -1.68
N GLU D 321 -82.28 -43.78 -0.86
CA GLU D 321 -80.83 -43.86 -0.78
C GLU D 321 -80.22 -44.78 -1.85
N LYS D 322 -80.97 -45.76 -2.36
CA LYS D 322 -80.40 -46.77 -3.24
C LYS D 322 -81.18 -47.03 -4.52
N SER D 323 -82.46 -46.68 -4.58
CA SER D 323 -83.24 -46.95 -5.79
C SER D 323 -82.88 -45.96 -6.90
N SER D 324 -82.95 -46.44 -8.14
CA SER D 324 -82.57 -45.65 -9.29
C SER D 324 -83.76 -44.86 -9.83
N ALA D 325 -83.46 -43.82 -10.62
CA ALA D 325 -84.51 -43.06 -11.26
C ALA D 325 -85.33 -43.95 -12.20
N SER D 326 -84.67 -44.91 -12.86
CA SER D 326 -85.39 -45.92 -13.61
C SER D 326 -86.39 -46.66 -12.73
N SER D 327 -85.97 -47.02 -11.51
CA SER D 327 -86.86 -47.73 -10.60
C SER D 327 -88.04 -46.86 -10.18
N LYS D 328 -87.81 -45.58 -9.94
CA LYS D 328 -88.90 -44.69 -9.57
C LYS D 328 -89.90 -44.54 -10.71
N LEU D 329 -89.40 -44.34 -11.92
CA LEU D 329 -90.27 -44.27 -13.08
C LEU D 329 -91.08 -45.55 -13.24
N GLY D 330 -90.42 -46.70 -13.02
CA GLY D 330 -91.12 -47.98 -13.14
C GLY D 330 -92.21 -48.15 -12.10
N ILE D 331 -91.94 -47.75 -10.85
CA ILE D 331 -92.97 -47.83 -9.81
C ILE D 331 -94.16 -46.97 -10.20
N THR D 332 -93.90 -45.75 -10.66
CA THR D 332 -95.00 -44.87 -11.05
C THR D 332 -95.83 -45.49 -12.16
N MET D 333 -95.16 -46.01 -13.20
CA MET D 333 -95.87 -46.58 -14.33
C MET D 333 -96.65 -47.84 -13.93
N THR D 334 -96.10 -48.65 -13.04
CA THR D 334 -96.79 -49.89 -12.64
C THR D 334 -98.04 -49.57 -11.82
N VAL D 335 -97.92 -48.64 -10.86
CA VAL D 335 -99.09 -48.23 -10.08
C VAL D 335 -100.15 -47.65 -11.01
N ALA D 336 -99.72 -46.83 -11.99
CA ALA D 336 -100.68 -46.27 -12.95
C ALA D 336 -101.35 -47.38 -13.75
N HIS D 337 -100.59 -48.39 -14.16
CA HIS D 337 -101.15 -49.51 -14.92
C HIS D 337 -102.23 -50.23 -14.13
N GLU D 338 -101.95 -50.55 -12.87
CA GLU D 338 -102.93 -51.30 -12.09
C GLU D 338 -104.16 -50.45 -11.77
N LEU D 339 -103.94 -49.17 -11.44
CA LEU D 339 -105.09 -48.32 -11.17
C LEU D 339 -105.92 -48.05 -12.43
N ALA D 340 -105.29 -48.10 -13.60
CA ALA D 340 -106.05 -48.04 -14.85
C ALA D 340 -106.82 -49.33 -15.08
N HIS D 341 -106.23 -50.47 -14.74
CA HIS D 341 -106.93 -51.74 -14.82
C HIS D 341 -108.16 -51.75 -13.92
N GLN D 342 -108.12 -50.98 -12.83
CA GLN D 342 -109.30 -50.86 -11.96
C GLN D 342 -110.56 -50.50 -12.75
N TRP D 343 -110.41 -49.81 -13.88
CA TRP D 343 -111.52 -49.51 -14.79
C TRP D 343 -111.49 -50.39 -16.04
N PHE D 344 -110.36 -50.45 -16.74
CA PHE D 344 -110.23 -51.26 -17.95
C PHE D 344 -109.81 -52.66 -17.53
N GLY D 345 -110.79 -53.50 -17.23
CA GLY D 345 -110.53 -54.87 -16.83
C GLY D 345 -111.42 -55.37 -15.72
N ASN D 346 -111.63 -54.54 -14.69
CA ASN D 346 -112.44 -54.92 -13.54
C ASN D 346 -113.88 -54.41 -13.68
N LEU D 347 -114.04 -53.09 -13.86
CA LEU D 347 -115.36 -52.53 -14.08
C LEU D 347 -115.96 -53.05 -15.38
N VAL D 348 -115.23 -52.91 -16.48
CA VAL D 348 -115.63 -53.43 -17.79
C VAL D 348 -114.62 -54.48 -18.19
N THR D 349 -115.05 -55.74 -18.29
CA THR D 349 -114.13 -56.83 -18.60
C THR D 349 -114.38 -57.37 -20.00
N MET D 350 -113.30 -57.82 -20.64
CA MET D 350 -113.47 -58.55 -21.89
C MET D 350 -114.27 -59.83 -21.61
N GLU D 351 -114.95 -60.32 -22.64
CA GLU D 351 -115.79 -61.50 -22.42
C GLU D 351 -114.98 -62.78 -22.52
N TRP D 352 -114.03 -62.85 -23.45
CA TRP D 352 -113.17 -64.01 -23.59
C TRP D 352 -111.75 -63.54 -23.83
N TRP D 353 -110.79 -64.41 -23.47
CA TRP D 353 -109.38 -64.03 -23.48
C TRP D 353 -108.84 -63.74 -24.88
N ASN D 354 -109.65 -63.92 -25.92
CA ASN D 354 -109.21 -63.51 -27.26
C ASN D 354 -109.11 -62.00 -27.38
N ASP D 355 -109.91 -61.27 -26.61
CA ASP D 355 -109.85 -59.81 -26.57
C ASP D 355 -109.16 -59.30 -25.30
N LEU D 356 -108.17 -60.04 -24.81
CA LEU D 356 -107.39 -59.61 -23.64
C LEU D 356 -106.75 -58.25 -23.86
N TRP D 357 -106.53 -57.85 -25.11
CA TRP D 357 -105.95 -56.54 -25.38
C TRP D 357 -106.86 -55.42 -24.92
N LEU D 358 -108.18 -55.61 -24.98
CA LEU D 358 -109.12 -54.61 -24.47
C LEU D 358 -108.85 -54.25 -23.01
N ASN D 359 -108.21 -55.14 -22.26
CA ASN D 359 -107.72 -54.82 -20.92
C ASN D 359 -106.29 -54.30 -20.98
N GLU D 360 -105.39 -55.10 -21.56
CA GLU D 360 -103.96 -54.88 -21.35
C GLU D 360 -103.44 -53.70 -22.15
N GLY D 361 -103.81 -53.59 -23.43
CA GLY D 361 -103.37 -52.46 -24.21
C GLY D 361 -103.91 -51.15 -23.70
N PHE D 362 -105.19 -51.13 -23.29
CA PHE D 362 -105.77 -49.93 -22.73
C PHE D 362 -105.08 -49.55 -21.42
N ALA D 363 -104.72 -50.52 -20.59
CA ALA D 363 -104.01 -50.20 -19.35
C ALA D 363 -102.62 -49.66 -19.64
N LYS D 364 -101.89 -50.29 -20.56
CA LYS D 364 -100.56 -49.81 -20.92
C LYS D 364 -100.60 -48.42 -21.52
N PHE D 365 -101.69 -48.08 -22.21
CA PHE D 365 -101.82 -46.73 -22.77
C PHE D 365 -102.24 -45.71 -21.71
N MET D 366 -103.13 -46.11 -20.79
CA MET D 366 -103.52 -45.22 -19.70
C MET D 366 -102.35 -44.94 -18.79
N GLU D 367 -101.37 -45.85 -18.74
CA GLU D 367 -100.09 -45.54 -18.11
C GLU D 367 -99.57 -44.18 -18.57
N PHE D 368 -99.37 -44.05 -19.88
CA PHE D 368 -98.86 -42.80 -20.45
C PHE D 368 -99.85 -41.67 -20.22
N VAL D 369 -101.13 -41.90 -20.57
CA VAL D 369 -102.14 -40.84 -20.49
C VAL D 369 -102.23 -40.26 -19.08
N SER D 370 -102.02 -41.08 -18.05
CA SER D 370 -102.16 -40.65 -16.67
C SER D 370 -100.87 -40.05 -16.12
N VAL D 371 -99.74 -40.72 -16.34
CA VAL D 371 -98.49 -40.25 -15.75
C VAL D 371 -98.05 -38.94 -16.39
N SER D 372 -98.25 -38.80 -17.71
CA SER D 372 -97.89 -37.54 -18.37
C SER D 372 -98.62 -36.34 -17.78
N VAL D 373 -99.67 -36.55 -17.00
CA VAL D 373 -100.41 -35.48 -16.33
C VAL D 373 -100.06 -35.41 -14.85
N THR D 374 -100.01 -36.56 -14.17
CA THR D 374 -99.84 -36.57 -12.73
C THR D 374 -98.40 -36.32 -12.31
N HIS D 375 -97.44 -36.87 -13.05
CA HIS D 375 -96.01 -36.72 -12.73
C HIS D 375 -95.30 -36.20 -13.98
N PRO D 376 -95.52 -34.93 -14.34
CA PRO D 376 -94.93 -34.42 -15.58
C PRO D 376 -93.42 -34.26 -15.52
N GLU D 377 -92.81 -34.27 -14.34
CA GLU D 377 -91.35 -34.20 -14.26
C GLU D 377 -90.70 -35.44 -14.84
N LEU D 378 -91.46 -36.53 -14.99
CA LEU D 378 -90.93 -37.76 -15.57
C LEU D 378 -90.85 -37.67 -17.09
N LYS D 379 -91.82 -37.00 -17.72
CA LYS D 379 -91.88 -36.85 -19.18
C LYS D 379 -91.84 -38.21 -19.87
N VAL D 380 -92.88 -39.00 -19.59
CA VAL D 380 -92.96 -40.37 -20.11
C VAL D 380 -93.17 -40.41 -21.63
N GLY D 381 -93.57 -39.29 -22.24
CA GLY D 381 -93.64 -39.21 -23.69
C GLY D 381 -92.30 -39.36 -24.35
N ASP D 382 -91.20 -39.16 -23.61
CA ASP D 382 -89.88 -39.37 -24.17
C ASP D 382 -89.59 -40.86 -24.37
N TYR D 383 -90.01 -41.68 -23.42
CA TYR D 383 -89.63 -43.09 -23.39
C TYR D 383 -90.73 -44.04 -23.83
N PHE D 384 -91.93 -43.55 -24.12
CA PHE D 384 -93.05 -44.46 -24.40
C PHE D 384 -92.79 -45.33 -25.64
N PHE D 385 -92.37 -44.72 -26.76
CA PHE D 385 -92.44 -45.38 -28.06
C PHE D 385 -91.40 -46.47 -28.27
N GLY D 386 -90.46 -46.64 -27.34
CA GLY D 386 -89.68 -47.85 -27.34
C GLY D 386 -90.56 -49.09 -27.31
N LYS D 387 -91.73 -48.98 -26.68
CA LYS D 387 -92.73 -50.05 -26.73
C LYS D 387 -93.13 -50.37 -28.16
N CYS D 388 -93.51 -49.36 -28.94
CA CYS D 388 -93.91 -49.60 -30.32
C CYS D 388 -92.78 -50.23 -31.12
N PHE D 389 -91.56 -49.73 -30.94
CA PHE D 389 -90.43 -50.27 -31.71
C PHE D 389 -90.17 -51.73 -31.36
N ASP D 390 -90.08 -52.04 -30.06
CA ASP D 390 -89.85 -53.43 -29.66
C ASP D 390 -91.00 -54.33 -30.05
N ALA D 391 -92.22 -53.80 -30.10
CA ALA D 391 -93.36 -54.59 -30.56
C ALA D 391 -93.27 -54.89 -32.04
N MET D 392 -92.86 -53.90 -32.84
CA MET D 392 -92.65 -54.13 -34.26
C MET D 392 -91.58 -55.19 -34.49
N GLU D 393 -90.57 -55.22 -33.62
CA GLU D 393 -89.50 -56.21 -33.75
C GLU D 393 -90.04 -57.64 -33.87
N VAL D 394 -91.15 -57.94 -33.18
CA VAL D 394 -91.71 -59.29 -33.21
C VAL D 394 -92.91 -59.37 -34.13
N ASP D 395 -93.69 -58.28 -34.23
CA ASP D 395 -94.87 -58.30 -35.08
C ASP D 395 -94.50 -58.33 -36.56
N ALA D 396 -93.28 -57.92 -36.90
CA ALA D 396 -92.80 -58.08 -38.26
C ALA D 396 -92.59 -59.54 -38.64
N LEU D 397 -92.74 -60.46 -37.69
CA LEU D 397 -92.52 -61.87 -37.97
C LEU D 397 -93.74 -62.49 -38.63
N ASN D 398 -93.48 -63.57 -39.36
CA ASN D 398 -94.54 -64.32 -40.02
C ASN D 398 -95.36 -65.12 -39.03
N SER D 399 -94.76 -65.54 -37.92
CA SER D 399 -95.48 -66.26 -36.87
C SER D 399 -96.28 -65.34 -35.95
N SER D 400 -96.24 -64.03 -36.17
CA SER D 400 -97.04 -63.11 -35.37
C SER D 400 -98.52 -63.36 -35.62
N HIS D 401 -99.34 -62.87 -34.70
CA HIS D 401 -100.78 -63.04 -34.73
C HIS D 401 -101.48 -61.69 -34.67
N PRO D 402 -102.74 -61.61 -35.11
CA PRO D 402 -103.49 -60.35 -34.95
C PRO D 402 -103.70 -60.03 -33.48
N VAL D 403 -104.02 -58.77 -33.22
CA VAL D 403 -104.23 -58.30 -31.85
C VAL D 403 -105.34 -59.09 -31.17
N SER D 404 -106.38 -59.44 -31.93
CA SER D 404 -107.50 -60.24 -31.42
C SER D 404 -107.51 -61.55 -32.19
N THR D 405 -107.24 -62.65 -31.50
CA THR D 405 -107.13 -63.96 -32.11
C THR D 405 -107.68 -65.01 -31.16
N PRO D 406 -108.30 -66.06 -31.67
CA PRO D 406 -108.96 -67.04 -30.79
C PRO D 406 -107.94 -67.86 -30.01
N VAL D 407 -108.30 -68.14 -28.75
CA VAL D 407 -107.52 -69.00 -27.86
C VAL D 407 -108.50 -69.84 -27.06
N GLU D 408 -108.07 -71.04 -26.67
CA GLU D 408 -108.98 -71.92 -25.94
C GLU D 408 -108.36 -72.43 -24.65
N ASN D 409 -107.25 -73.17 -24.75
CA ASN D 409 -106.69 -73.80 -23.57
C ASN D 409 -105.83 -72.80 -22.76
N PRO D 410 -105.58 -73.11 -21.48
CA PRO D 410 -104.84 -72.17 -20.63
C PRO D 410 -103.47 -71.80 -21.15
N ALA D 411 -102.76 -72.70 -21.84
CA ALA D 411 -101.46 -72.34 -22.39
C ALA D 411 -101.57 -71.21 -23.40
N GLN D 412 -102.54 -71.32 -24.32
CA GLN D 412 -102.78 -70.26 -25.29
C GLN D 412 -103.21 -68.97 -24.60
N ILE D 413 -104.06 -69.10 -23.58
CA ILE D 413 -104.53 -67.91 -22.86
C ILE D 413 -103.36 -67.20 -22.20
N ARG D 414 -102.44 -67.94 -21.58
CA ARG D 414 -101.24 -67.33 -21.02
C ARG D 414 -100.38 -66.71 -22.11
N GLU D 415 -100.28 -67.37 -23.26
CA GLU D 415 -99.48 -66.82 -24.36
C GLU D 415 -100.02 -65.49 -24.83
N MET D 416 -101.32 -65.25 -24.64
CA MET D 416 -101.92 -63.99 -25.07
C MET D 416 -101.29 -62.77 -24.39
N PHE D 417 -100.66 -62.94 -23.23
CA PHE D 417 -100.01 -61.83 -22.51
C PHE D 417 -98.63 -61.55 -23.10
N ASP D 418 -98.60 -61.08 -24.34
CA ASP D 418 -97.34 -60.85 -25.03
C ASP D 418 -97.19 -59.38 -25.45
N ASP D 419 -96.10 -59.09 -26.17
CA ASP D 419 -95.83 -57.74 -26.62
C ASP D 419 -96.93 -57.20 -27.53
N VAL D 420 -97.59 -58.05 -28.30
CA VAL D 420 -98.67 -57.55 -29.16
C VAL D 420 -99.76 -56.92 -28.31
N SER D 421 -100.35 -57.71 -27.41
CA SER D 421 -101.52 -57.28 -26.65
C SER D 421 -101.23 -56.05 -25.81
N TYR D 422 -100.00 -55.89 -25.31
CA TYR D 422 -99.63 -54.72 -24.51
C TYR D 422 -99.16 -53.58 -25.42
N ASP D 423 -97.96 -53.75 -26.00
CA ASP D 423 -97.32 -52.67 -26.74
C ASP D 423 -98.07 -52.33 -28.03
N LYS D 424 -98.38 -53.32 -28.87
CA LYS D 424 -99.03 -53.00 -30.13
C LYS D 424 -100.45 -52.47 -29.89
N GLY D 425 -101.14 -53.03 -28.90
CA GLY D 425 -102.45 -52.52 -28.55
C GLY D 425 -102.39 -51.07 -28.12
N ALA D 426 -101.43 -50.74 -27.25
CA ALA D 426 -101.28 -49.36 -26.80
C ALA D 426 -100.86 -48.44 -27.94
N CYS D 427 -100.06 -48.94 -28.89
CA CYS D 427 -99.60 -48.08 -29.97
C CYS D 427 -100.72 -47.83 -30.98
N ILE D 428 -101.54 -48.83 -31.28
CA ILE D 428 -102.68 -48.59 -32.17
C ILE D 428 -103.72 -47.72 -31.48
N LEU D 429 -103.84 -47.84 -30.15
CA LEU D 429 -104.73 -46.94 -29.42
C LEU D 429 -104.21 -45.52 -29.41
N ASN D 430 -102.90 -45.33 -29.26
CA ASN D 430 -102.29 -44.01 -29.37
C ASN D 430 -102.54 -43.43 -30.76
N MET D 431 -102.37 -44.26 -31.80
CA MET D 431 -102.62 -43.80 -33.16
C MET D 431 -104.08 -43.39 -33.34
N LEU D 432 -105.01 -44.16 -32.79
CA LEU D 432 -106.42 -43.84 -32.90
C LEU D 432 -106.76 -42.56 -32.14
N ARG D 433 -106.22 -42.40 -30.93
CA ARG D 433 -106.46 -41.21 -30.14
C ARG D 433 -105.87 -39.97 -30.81
N GLU D 434 -104.74 -40.12 -31.52
CA GLU D 434 -104.15 -38.99 -32.22
C GLU D 434 -104.86 -38.71 -33.55
N TYR D 435 -105.45 -39.73 -34.16
CA TYR D 435 -106.24 -39.50 -35.37
C TYR D 435 -107.53 -38.77 -35.02
N LEU D 436 -108.29 -39.30 -34.06
CA LEU D 436 -109.41 -38.56 -33.50
C LEU D 436 -108.86 -37.44 -32.63
N SER D 437 -109.77 -36.66 -32.06
CA SER D 437 -109.34 -35.72 -31.04
C SER D 437 -109.07 -36.48 -29.73
N ALA D 438 -108.14 -35.95 -28.94
CA ALA D 438 -107.94 -36.48 -27.61
C ALA D 438 -109.24 -36.37 -26.81
N ASP D 439 -109.99 -35.29 -27.04
CA ASP D 439 -111.30 -35.13 -26.42
C ASP D 439 -112.27 -36.17 -26.97
N ALA D 440 -112.19 -36.45 -28.28
CA ALA D 440 -113.06 -37.47 -28.86
C ALA D 440 -112.74 -38.85 -28.31
N PHE D 441 -111.46 -39.19 -28.16
CA PHE D 441 -111.09 -40.46 -27.56
C PHE D 441 -111.57 -40.54 -26.12
N LYS D 442 -111.45 -39.44 -25.37
CA LYS D 442 -111.93 -39.42 -24.00
C LYS D 442 -113.43 -39.66 -23.94
N SER D 443 -114.20 -38.97 -24.79
CA SER D 443 -115.64 -39.19 -24.82
C SER D 443 -115.97 -40.63 -25.19
N GLY D 444 -115.24 -41.19 -26.16
CA GLY D 444 -115.47 -42.57 -26.54
C GLY D 444 -115.26 -43.54 -25.40
N ILE D 445 -114.13 -43.40 -24.70
CA ILE D 445 -113.84 -44.35 -23.63
C ILE D 445 -114.81 -44.16 -22.46
N VAL D 446 -115.23 -42.93 -22.19
CA VAL D 446 -116.19 -42.70 -21.11
C VAL D 446 -117.54 -43.33 -21.44
N GLN D 447 -118.02 -43.12 -22.66
CA GLN D 447 -119.27 -43.74 -23.08
C GLN D 447 -119.18 -45.26 -23.03
N TYR D 448 -118.04 -45.80 -23.49
CA TYR D 448 -117.80 -47.25 -23.44
C TYR D 448 -117.90 -47.78 -22.02
N LEU D 449 -117.13 -47.19 -21.10
CA LEU D 449 -117.09 -47.67 -19.72
C LEU D 449 -118.45 -47.55 -19.05
N GLN D 450 -119.14 -46.42 -19.24
CA GLN D 450 -120.43 -46.26 -18.59
C GLN D 450 -121.48 -47.20 -19.16
N LYS D 451 -121.47 -47.43 -20.49
CA LYS D 451 -122.46 -48.31 -21.07
C LYS D 451 -122.22 -49.77 -20.70
N HIS D 452 -120.96 -50.18 -20.54
CA HIS D 452 -120.64 -51.58 -20.31
C HIS D 452 -120.12 -51.83 -18.90
N SER D 453 -120.38 -50.92 -17.96
CA SER D 453 -119.97 -51.11 -16.58
C SER D 453 -120.54 -52.41 -16.02
N TYR D 454 -119.71 -53.11 -15.25
CA TYR D 454 -120.08 -54.36 -14.57
C TYR D 454 -120.52 -55.43 -15.56
N LYS D 455 -120.02 -55.35 -16.80
CA LYS D 455 -120.38 -56.29 -17.84
C LYS D 455 -119.12 -56.70 -18.60
N ASN D 456 -119.35 -57.45 -19.68
CA ASN D 456 -118.32 -57.96 -20.57
C ASN D 456 -118.53 -57.44 -21.97
N THR D 457 -117.43 -57.24 -22.69
CA THR D 457 -117.45 -56.66 -24.03
C THR D 457 -116.63 -57.50 -24.99
N LYS D 458 -117.01 -57.45 -26.26
CA LYS D 458 -116.21 -57.99 -27.34
C LYS D 458 -115.50 -56.84 -28.03
N ASN D 459 -114.72 -57.16 -29.07
CA ASN D 459 -113.95 -56.14 -29.77
C ASN D 459 -114.83 -55.09 -30.43
N GLU D 460 -116.07 -55.44 -30.77
CA GLU D 460 -116.91 -54.56 -31.58
C GLU D 460 -117.54 -53.44 -30.76
N ASP D 461 -117.74 -53.66 -29.45
CA ASP D 461 -118.37 -52.65 -28.62
C ASP D 461 -117.51 -51.39 -28.54
N LEU D 462 -116.18 -51.58 -28.51
CA LEU D 462 -115.27 -50.43 -28.48
C LEU D 462 -115.39 -49.59 -29.75
N TRP D 463 -115.45 -50.25 -30.91
CA TRP D 463 -115.57 -49.50 -32.16
C TRP D 463 -116.93 -48.83 -32.28
N ASP D 464 -117.99 -49.46 -31.76
CA ASP D 464 -119.29 -48.79 -31.73
C ASP D 464 -119.24 -47.55 -30.84
N SER D 465 -118.63 -47.67 -29.65
CA SER D 465 -118.55 -46.53 -28.75
C SER D 465 -117.70 -45.41 -29.34
N MET D 466 -116.69 -45.75 -30.15
CA MET D 466 -115.87 -44.72 -30.77
C MET D 466 -116.58 -44.08 -31.98
N ALA D 467 -117.30 -44.87 -32.77
CA ALA D 467 -118.01 -44.32 -33.92
C ALA D 467 -119.25 -43.53 -33.51
N SER D 468 -119.82 -43.80 -32.34
CA SER D 468 -120.91 -42.97 -31.84
C SER D 468 -120.44 -41.57 -31.46
N ILE D 469 -119.12 -41.35 -31.41
CA ILE D 469 -118.56 -40.04 -31.10
C ILE D 469 -117.89 -39.43 -32.32
N GLY D 470 -117.26 -40.25 -33.16
CA GLY D 470 -116.66 -39.78 -34.39
C GLY D 470 -117.69 -39.61 -35.48
N GLY D 471 -118.17 -38.37 -35.67
CA GLY D 471 -119.25 -38.13 -36.58
C GLY D 471 -118.95 -37.09 -37.65
N GLY D 472 -117.67 -36.84 -37.89
CA GLY D 472 -117.27 -35.97 -38.98
C GLY D 472 -116.92 -36.73 -40.24
N GLY D 473 -117.57 -37.87 -40.45
CA GLY D 473 -117.21 -38.74 -41.54
C GLY D 473 -116.11 -39.73 -41.22
N VAL D 474 -116.05 -40.23 -39.99
CA VAL D 474 -114.96 -41.05 -39.50
C VAL D 474 -115.51 -42.43 -39.19
N ASP D 475 -115.17 -43.40 -40.05
CA ASP D 475 -115.56 -44.80 -39.84
C ASP D 475 -114.45 -45.47 -39.05
N VAL D 476 -114.53 -45.35 -37.72
CA VAL D 476 -113.53 -45.94 -36.84
C VAL D 476 -113.55 -47.46 -36.93
N LYS D 477 -114.71 -48.03 -37.25
CA LYS D 477 -114.90 -49.48 -37.15
C LYS D 477 -114.04 -50.22 -38.16
N THR D 478 -114.12 -49.83 -39.44
CA THR D 478 -113.36 -50.52 -40.48
C THR D 478 -111.86 -50.35 -40.27
N MET D 479 -111.43 -49.13 -39.95
CA MET D 479 -110.02 -48.85 -39.73
C MET D 479 -109.46 -49.70 -38.59
N MET D 480 -110.10 -49.65 -37.42
CA MET D 480 -109.58 -50.39 -36.30
C MET D 480 -109.76 -51.89 -36.45
N ASN D 481 -110.72 -52.34 -37.26
CA ASN D 481 -110.77 -53.76 -37.58
C ASN D 481 -109.59 -54.18 -38.45
N THR D 482 -109.21 -53.35 -39.43
CA THR D 482 -108.01 -53.63 -40.20
C THR D 482 -106.77 -53.63 -39.30
N TRP D 483 -106.80 -52.87 -38.22
CA TRP D 483 -105.64 -52.84 -37.34
C TRP D 483 -105.61 -53.96 -36.30
N THR D 484 -106.76 -54.49 -35.90
CA THR D 484 -106.77 -55.51 -34.85
C THR D 484 -107.03 -56.93 -35.33
N LEU D 485 -107.53 -57.11 -36.56
CA LEU D 485 -107.92 -58.44 -37.02
C LEU D 485 -106.95 -59.05 -38.03
N GLN D 486 -105.85 -58.38 -38.35
CA GLN D 486 -104.81 -58.96 -39.19
C GLN D 486 -103.45 -58.64 -38.60
N LYS D 487 -102.53 -59.59 -38.76
CA LYS D 487 -101.21 -59.49 -38.16
C LYS D 487 -100.36 -58.46 -38.90
N GLY D 488 -99.20 -58.14 -38.31
CA GLY D 488 -98.20 -57.29 -38.93
C GLY D 488 -98.56 -55.81 -38.92
N PHE D 489 -97.72 -55.05 -39.61
CA PHE D 489 -97.86 -53.61 -39.72
C PHE D 489 -97.32 -53.18 -41.08
N PRO D 490 -97.74 -52.02 -41.58
CA PRO D 490 -97.33 -51.62 -42.94
C PRO D 490 -96.06 -50.80 -43.05
N LEU D 491 -95.40 -51.01 -44.18
CA LEU D 491 -94.36 -50.14 -44.70
C LEU D 491 -94.97 -49.18 -45.71
N ILE D 492 -94.71 -47.89 -45.52
CA ILE D 492 -95.21 -46.84 -46.40
C ILE D 492 -94.03 -46.31 -47.19
N THR D 493 -94.05 -46.56 -48.50
CA THR D 493 -93.04 -46.05 -49.40
C THR D 493 -93.49 -44.70 -49.94
N ILE D 494 -92.59 -43.71 -49.87
CA ILE D 494 -92.88 -42.32 -50.22
C ILE D 494 -91.97 -41.90 -51.35
N THR D 495 -92.55 -41.52 -52.48
CA THR D 495 -91.79 -41.02 -53.63
C THR D 495 -92.19 -39.58 -53.90
N VAL D 496 -91.18 -38.73 -54.14
CA VAL D 496 -91.41 -37.31 -54.36
C VAL D 496 -90.95 -36.93 -55.76
N ARG D 497 -91.84 -36.33 -56.55
CA ARG D 497 -91.57 -35.82 -57.89
C ARG D 497 -91.96 -34.35 -57.91
N GLY D 498 -91.08 -33.51 -57.38
CA GLY D 498 -91.36 -32.10 -57.26
C GLY D 498 -92.42 -31.78 -56.23
N ARG D 499 -93.66 -31.57 -56.66
CA ARG D 499 -94.75 -31.27 -55.74
C ARG D 499 -95.71 -32.43 -55.54
N ASN D 500 -95.50 -33.56 -56.20
CA ASN D 500 -96.37 -34.72 -56.04
C ASN D 500 -95.71 -35.69 -55.06
N VAL D 501 -96.51 -36.18 -54.11
CA VAL D 501 -96.04 -37.10 -53.09
C VAL D 501 -96.87 -38.37 -53.24
N HIS D 502 -96.23 -39.43 -53.70
CA HIS D 502 -96.86 -40.73 -53.87
C HIS D 502 -96.61 -41.57 -52.62
N MET D 503 -97.67 -42.19 -52.11
CA MET D 503 -97.62 -43.02 -50.92
C MET D 503 -98.13 -44.40 -51.26
N LYS D 504 -97.38 -45.43 -50.86
CA LYS D 504 -97.76 -46.82 -51.07
C LYS D 504 -97.65 -47.58 -49.76
N GLN D 505 -98.63 -48.44 -49.48
CA GLN D 505 -98.61 -49.26 -48.28
C GLN D 505 -98.45 -50.72 -48.66
N GLU D 506 -97.67 -51.45 -47.85
CA GLU D 506 -97.54 -52.89 -48.01
C GLU D 506 -97.26 -53.51 -46.66
N HIS D 507 -97.38 -54.83 -46.58
CA HIS D 507 -97.15 -55.53 -45.32
C HIS D 507 -95.66 -55.74 -45.09
N TYR D 508 -95.14 -55.18 -44.01
CA TYR D 508 -93.74 -55.39 -43.63
C TYR D 508 -93.60 -56.75 -42.97
N MET D 509 -92.83 -57.63 -43.59
CA MET D 509 -92.56 -58.96 -43.07
C MET D 509 -91.11 -59.30 -43.42
N LYS D 510 -90.32 -59.68 -42.42
CA LYS D 510 -88.92 -59.99 -42.66
C LYS D 510 -88.75 -61.17 -43.61
N GLY D 511 -88.27 -60.89 -44.81
CA GLY D 511 -88.18 -61.87 -45.88
C GLY D 511 -87.41 -63.14 -45.53
N ASP D 517 -96.17 -60.63 -49.71
CA ASP D 517 -96.65 -61.81 -50.41
C ASP D 517 -97.97 -62.30 -49.83
N THR D 518 -98.70 -61.41 -49.15
CA THR D 518 -99.97 -61.76 -48.54
C THR D 518 -101.15 -61.06 -49.19
N GLY D 519 -101.16 -59.74 -49.24
CA GLY D 519 -102.29 -59.00 -49.76
C GLY D 519 -103.10 -58.36 -48.66
N TYR D 520 -102.43 -57.76 -47.69
CA TYR D 520 -103.06 -57.06 -46.57
C TYR D 520 -103.19 -55.57 -46.90
N LEU D 521 -104.20 -54.94 -46.30
CA LEU D 521 -104.42 -53.50 -46.46
C LEU D 521 -104.90 -52.90 -45.15
N TRP D 522 -104.32 -51.75 -44.79
CA TRP D 522 -104.67 -51.01 -43.60
C TRP D 522 -105.25 -49.66 -43.99
N HIS D 523 -105.90 -49.01 -43.03
CA HIS D 523 -106.31 -47.62 -43.13
C HIS D 523 -105.31 -46.81 -42.29
N VAL D 524 -104.27 -46.32 -42.95
CA VAL D 524 -103.10 -45.76 -42.27
C VAL D 524 -103.35 -44.27 -42.06
N PRO D 525 -103.51 -43.79 -40.82
CA PRO D 525 -103.60 -42.35 -40.59
C PRO D 525 -102.22 -41.70 -40.65
N LEU D 526 -101.81 -41.29 -41.85
CA LEU D 526 -100.48 -40.74 -42.04
C LEU D 526 -100.37 -39.33 -41.47
N THR D 527 -99.17 -39.00 -40.99
CA THR D 527 -98.83 -37.65 -40.56
C THR D 527 -97.46 -37.32 -41.13
N PHE D 528 -97.28 -36.08 -41.59
CA PHE D 528 -96.02 -35.70 -42.19
C PHE D 528 -95.77 -34.22 -42.01
N ILE D 529 -94.49 -33.84 -42.07
CA ILE D 529 -94.06 -32.46 -42.10
C ILE D 529 -93.06 -32.29 -43.24
N THR D 530 -92.77 -31.04 -43.56
CA THR D 530 -91.85 -30.68 -44.63
C THR D 530 -90.80 -29.73 -44.08
N SER D 531 -89.85 -29.36 -44.94
CA SER D 531 -88.83 -28.37 -44.55
C SER D 531 -89.41 -26.96 -44.44
N LYS D 532 -90.61 -26.72 -44.97
CA LYS D 532 -91.21 -25.41 -44.92
C LYS D 532 -92.10 -25.20 -43.70
N SER D 533 -92.34 -26.24 -42.91
CA SER D 533 -93.32 -26.15 -41.84
C SER D 533 -93.12 -27.27 -40.83
N ASP D 534 -92.98 -26.91 -39.56
CA ASP D 534 -93.08 -27.91 -38.50
C ASP D 534 -94.53 -28.23 -38.17
N MET D 535 -95.48 -27.62 -38.88
CA MET D 535 -96.89 -27.91 -38.67
C MET D 535 -97.24 -29.26 -39.26
N VAL D 536 -98.04 -30.02 -38.54
CA VAL D 536 -98.34 -31.41 -38.90
C VAL D 536 -99.51 -31.44 -39.88
N HIS D 537 -99.26 -31.96 -41.08
CA HIS D 537 -100.30 -32.26 -42.05
C HIS D 537 -100.61 -33.75 -42.02
N ARG D 538 -101.87 -34.10 -42.25
CA ARG D 538 -102.36 -35.46 -42.13
C ARG D 538 -102.94 -35.94 -43.45
N PHE D 539 -103.07 -37.27 -43.57
CA PHE D 539 -103.66 -37.88 -44.75
C PHE D 539 -104.04 -39.31 -44.40
N LEU D 540 -105.27 -39.71 -44.75
CA LEU D 540 -105.77 -41.04 -44.43
C LEU D 540 -105.66 -41.89 -45.70
N LEU D 541 -104.67 -42.78 -45.72
CA LEU D 541 -104.45 -43.68 -46.85
C LEU D 541 -105.31 -44.92 -46.66
N LYS D 542 -106.38 -45.01 -47.44
CA LYS D 542 -107.35 -46.10 -47.34
C LYS D 542 -107.17 -47.17 -48.43
N THR D 543 -106.30 -46.92 -49.40
CA THR D 543 -106.10 -47.80 -50.54
C THR D 543 -104.66 -48.29 -50.54
N LYS D 544 -104.29 -49.03 -51.61
CA LYS D 544 -102.92 -49.51 -51.73
C LYS D 544 -101.96 -48.35 -51.97
N THR D 545 -102.24 -47.53 -52.98
CA THR D 545 -101.42 -46.39 -53.33
C THR D 545 -102.30 -45.16 -53.49
N ASP D 546 -101.71 -44.00 -53.25
CA ASP D 546 -102.39 -42.73 -53.45
C ASP D 546 -101.32 -41.66 -53.66
N VAL D 547 -101.78 -40.44 -53.88
CA VAL D 547 -100.88 -39.33 -54.19
C VAL D 547 -101.55 -38.04 -53.77
N LEU D 548 -100.76 -37.14 -53.19
CA LEU D 548 -101.23 -35.81 -52.84
C LEU D 548 -100.30 -34.77 -53.45
N ILE D 549 -100.76 -33.52 -53.46
CA ILE D 549 -100.06 -32.43 -54.13
C ILE D 549 -99.69 -31.38 -53.08
N LEU D 550 -98.40 -31.17 -52.90
CA LEU D 550 -97.93 -30.12 -52.00
C LEU D 550 -98.11 -28.76 -52.64
N PRO D 551 -98.17 -27.68 -51.83
CA PRO D 551 -98.27 -26.34 -52.42
C PRO D 551 -96.93 -25.77 -52.87
N GLU D 552 -95.83 -26.47 -52.62
CA GLU D 552 -94.50 -25.95 -52.91
C GLU D 552 -93.50 -27.07 -52.74
N GLU D 553 -92.47 -27.09 -53.60
CA GLU D 553 -91.41 -28.08 -53.45
C GLU D 553 -90.68 -27.87 -52.13
N VAL D 554 -90.22 -28.98 -51.54
CA VAL D 554 -89.62 -28.96 -50.23
C VAL D 554 -88.25 -29.61 -50.27
N GLU D 555 -87.37 -29.17 -49.36
CA GLU D 555 -86.03 -29.73 -49.27
C GLU D 555 -86.06 -31.17 -48.80
N TRP D 556 -86.84 -31.45 -47.75
CA TRP D 556 -86.97 -32.81 -47.22
C TRP D 556 -88.38 -32.99 -46.71
N ILE D 557 -88.78 -34.26 -46.53
CA ILE D 557 -90.10 -34.60 -46.03
C ILE D 557 -89.98 -35.78 -45.06
N LYS D 558 -90.74 -35.71 -43.97
CA LYS D 558 -90.67 -36.69 -42.88
C LYS D 558 -92.07 -37.16 -42.55
N PHE D 559 -92.34 -38.45 -42.73
CA PHE D 559 -93.62 -39.05 -42.39
C PHE D 559 -93.61 -39.67 -41.00
N ASN D 560 -94.81 -39.97 -40.51
CA ASN D 560 -95.04 -40.54 -39.18
C ASN D 560 -94.41 -39.66 -38.11
N VAL D 561 -95.00 -38.47 -37.98
CA VAL D 561 -94.44 -37.44 -37.10
C VAL D 561 -94.64 -37.85 -35.65
N GLY D 562 -93.54 -37.85 -34.90
CA GLY D 562 -93.60 -38.18 -33.49
C GLY D 562 -93.89 -39.63 -33.18
N MET D 563 -93.74 -40.52 -34.17
CA MET D 563 -93.95 -41.96 -34.00
C MET D 563 -95.32 -42.25 -33.38
N ASN D 564 -96.34 -41.50 -33.80
CA ASN D 564 -97.70 -41.72 -33.34
C ASN D 564 -98.48 -42.67 -34.23
N GLY D 565 -97.84 -43.28 -35.21
CA GLY D 565 -98.49 -44.23 -36.09
C GLY D 565 -97.75 -45.55 -36.09
N TYR D 566 -98.51 -46.64 -36.14
CA TYR D 566 -97.94 -47.99 -36.05
C TYR D 566 -97.62 -48.50 -37.46
N TYR D 567 -96.62 -47.87 -38.06
CA TYR D 567 -96.12 -48.25 -39.37
C TYR D 567 -94.69 -47.77 -39.47
N ILE D 568 -94.00 -48.17 -40.55
CA ILE D 568 -92.67 -47.65 -40.80
C ILE D 568 -92.67 -46.98 -42.18
N VAL D 569 -91.70 -46.10 -42.38
CA VAL D 569 -91.67 -45.23 -43.55
C VAL D 569 -90.35 -45.42 -44.28
N HIS D 570 -90.43 -45.62 -45.58
CA HIS D 570 -89.27 -45.70 -46.46
C HIS D 570 -89.38 -44.60 -47.51
N TYR D 571 -88.24 -44.02 -47.89
CA TYR D 571 -88.21 -42.89 -48.80
C TYR D 571 -87.43 -43.26 -50.05
N GLU D 572 -88.07 -43.08 -51.21
CA GLU D 572 -87.47 -43.42 -52.48
C GLU D 572 -86.56 -42.29 -52.97
N ASP D 573 -85.74 -42.62 -53.96
CA ASP D 573 -84.83 -41.66 -54.62
C ASP D 573 -83.84 -41.18 -53.56
N ASP D 574 -83.50 -39.88 -53.55
CA ASP D 574 -82.56 -39.32 -52.60
C ASP D 574 -83.22 -38.93 -51.29
N GLY D 575 -84.34 -39.54 -50.92
CA GLY D 575 -85.00 -39.19 -49.67
C GLY D 575 -84.16 -39.53 -48.45
N TRP D 576 -83.63 -40.76 -48.42
CA TRP D 576 -82.80 -41.15 -47.30
C TRP D 576 -81.48 -40.37 -47.28
N ASP D 577 -80.94 -40.05 -48.46
CA ASP D 577 -79.75 -39.20 -48.51
C ASP D 577 -80.04 -37.82 -47.94
N SER D 578 -81.21 -37.25 -48.28
CA SER D 578 -81.59 -35.95 -47.74
C SER D 578 -81.78 -36.00 -46.24
N LEU D 579 -82.40 -37.06 -45.73
CA LEU D 579 -82.61 -37.16 -44.29
C LEU D 579 -81.28 -37.36 -43.56
N THR D 580 -80.36 -38.12 -44.16
CA THR D 580 -79.02 -38.26 -43.59
C THR D 580 -78.32 -36.91 -43.53
N GLY D 581 -78.45 -36.11 -44.60
CA GLY D 581 -77.89 -34.77 -44.58
C GLY D 581 -78.50 -33.89 -43.50
N LEU D 582 -79.82 -33.97 -43.34
CA LEU D 582 -80.49 -33.20 -42.30
C LEU D 582 -79.97 -33.58 -40.91
N LEU D 583 -79.89 -34.89 -40.64
CA LEU D 583 -79.44 -35.35 -39.33
C LEU D 583 -77.99 -34.99 -39.08
N LYS D 584 -77.12 -35.16 -40.08
CA LYS D 584 -75.71 -34.83 -39.90
C LYS D 584 -75.47 -33.33 -39.83
N GLY D 585 -76.37 -32.51 -40.37
CA GLY D 585 -76.17 -31.08 -40.30
C GLY D 585 -76.75 -30.50 -39.03
N THR D 586 -78.08 -30.49 -38.92
CA THR D 586 -78.77 -29.92 -37.75
C THR D 586 -79.91 -30.88 -37.37
N HIS D 587 -79.58 -31.89 -36.57
CA HIS D 587 -80.56 -32.88 -36.15
C HIS D 587 -81.72 -32.28 -35.38
N THR D 588 -81.54 -31.11 -34.78
CA THR D 588 -82.61 -30.48 -34.01
C THR D 588 -83.72 -29.90 -34.88
N ALA D 589 -83.61 -30.02 -36.20
CA ALA D 589 -84.68 -29.56 -37.08
C ALA D 589 -85.92 -30.43 -36.96
N VAL D 590 -85.77 -31.67 -36.51
CA VAL D 590 -86.87 -32.57 -36.25
C VAL D 590 -86.79 -33.02 -34.79
N SER D 591 -87.83 -33.71 -34.35
CA SER D 591 -87.93 -34.04 -32.93
C SER D 591 -87.02 -35.21 -32.57
N SER D 592 -86.82 -35.41 -31.27
CA SER D 592 -86.02 -36.51 -30.77
C SER D 592 -86.62 -37.85 -31.17
N ASN D 593 -87.93 -38.01 -30.96
CA ASN D 593 -88.60 -39.24 -31.37
C ASN D 593 -88.53 -39.41 -32.88
N ASP D 594 -88.52 -38.31 -33.64
CA ASP D 594 -88.40 -38.42 -35.08
C ASP D 594 -87.02 -38.97 -35.48
N ARG D 595 -85.95 -38.48 -34.83
CA ARG D 595 -84.62 -39.02 -35.10
C ARG D 595 -84.55 -40.51 -34.74
N ALA D 596 -85.12 -40.88 -33.59
CA ALA D 596 -85.14 -42.28 -33.18
C ALA D 596 -85.89 -43.13 -34.21
N SER D 597 -87.03 -42.61 -34.70
CA SER D 597 -87.81 -43.33 -35.71
C SER D 597 -87.02 -43.49 -37.00
N LEU D 598 -86.24 -42.47 -37.38
CA LEU D 598 -85.42 -42.59 -38.57
C LEU D 598 -84.39 -43.72 -38.40
N ILE D 599 -83.72 -43.76 -37.25
CA ILE D 599 -82.75 -44.82 -37.00
C ILE D 599 -83.42 -46.20 -37.11
N ASN D 600 -84.52 -46.37 -36.37
CA ASN D 600 -85.20 -47.67 -36.33
C ASN D 600 -85.68 -48.08 -37.71
N ASN D 601 -86.27 -47.16 -38.46
CA ASN D 601 -86.77 -47.49 -39.80
C ASN D 601 -85.63 -47.83 -40.74
N ALA D 602 -84.52 -47.10 -40.67
CA ALA D 602 -83.38 -47.40 -41.55
C ALA D 602 -82.91 -48.83 -41.33
N PHE D 603 -82.76 -49.24 -40.06
CA PHE D 603 -82.26 -50.59 -39.84
C PHE D 603 -83.31 -51.65 -40.15
N GLN D 604 -84.59 -51.34 -39.90
CA GLN D 604 -85.65 -52.27 -40.28
C GLN D 604 -85.75 -52.44 -41.78
N LEU D 605 -85.41 -51.41 -42.54
CA LEU D 605 -85.39 -51.51 -44.00
C LEU D 605 -84.16 -52.27 -44.48
N VAL D 606 -83.05 -52.15 -43.76
CA VAL D 606 -81.92 -53.04 -44.06
C VAL D 606 -82.34 -54.49 -43.90
N SER D 607 -83.19 -54.76 -42.90
CA SER D 607 -83.62 -56.14 -42.65
C SER D 607 -84.41 -56.74 -43.81
N ILE D 608 -84.95 -55.92 -44.73
CA ILE D 608 -85.73 -56.43 -45.84
C ILE D 608 -85.17 -56.03 -47.20
N GLY D 609 -84.08 -55.26 -47.24
CA GLY D 609 -83.39 -54.96 -48.49
C GLY D 609 -83.78 -53.66 -49.14
N LYS D 610 -84.67 -52.88 -48.53
CA LYS D 610 -85.03 -51.57 -49.07
C LYS D 610 -83.95 -50.52 -48.85
N LEU D 611 -82.91 -50.84 -48.08
CA LEU D 611 -81.84 -49.89 -47.80
C LEU D 611 -80.58 -50.67 -47.46
N SER D 612 -79.44 -50.15 -47.90
CA SER D 612 -78.18 -50.84 -47.69
C SER D 612 -77.67 -50.61 -46.26
N ILE D 613 -77.04 -51.64 -45.70
CA ILE D 613 -76.48 -51.54 -44.36
C ILE D 613 -75.42 -50.44 -44.29
N GLU D 614 -74.69 -50.23 -45.38
CA GLU D 614 -73.69 -49.16 -45.41
C GLU D 614 -74.35 -47.79 -45.26
N LYS D 615 -75.43 -47.54 -46.00
CA LYS D 615 -76.11 -46.26 -45.84
C LYS D 615 -76.76 -46.13 -44.47
N ALA D 616 -77.27 -47.23 -43.92
CA ALA D 616 -77.80 -47.19 -42.55
C ALA D 616 -76.72 -46.78 -41.56
N LEU D 617 -75.53 -47.35 -41.67
CA LEU D 617 -74.45 -47.00 -40.75
C LEU D 617 -73.95 -45.57 -40.98
N ASP D 618 -73.93 -45.13 -42.23
CA ASP D 618 -73.62 -43.73 -42.52
C ASP D 618 -74.61 -42.80 -41.82
N LEU D 619 -75.89 -43.15 -41.83
CA LEU D 619 -76.88 -42.38 -41.08
C LEU D 619 -76.61 -42.46 -39.58
N SER D 620 -76.21 -43.64 -39.10
CA SER D 620 -75.94 -43.82 -37.68
C SER D 620 -74.79 -42.93 -37.21
N LEU D 621 -73.87 -42.61 -38.12
CA LEU D 621 -72.70 -41.80 -37.77
C LEU D 621 -73.08 -40.45 -37.15
N TYR D 622 -74.32 -39.98 -37.32
CA TYR D 622 -74.70 -38.67 -36.77
C TYR D 622 -74.76 -38.65 -35.25
N LEU D 623 -74.82 -39.83 -34.60
CA LEU D 623 -74.91 -39.88 -33.14
C LEU D 623 -73.69 -39.30 -32.43
N LYS D 624 -72.62 -38.97 -33.18
CA LYS D 624 -71.47 -38.32 -32.57
C LYS D 624 -71.85 -36.98 -31.92
N HIS D 625 -72.90 -36.34 -32.40
CA HIS D 625 -73.39 -35.09 -31.83
C HIS D 625 -74.78 -35.22 -31.23
N GLU D 626 -75.30 -36.44 -31.10
CA GLU D 626 -76.61 -36.65 -30.50
C GLU D 626 -76.48 -36.61 -28.98
N THR D 627 -77.51 -36.03 -28.33
CA THR D 627 -77.49 -35.88 -26.89
C THR D 627 -78.81 -36.27 -26.22
N GLU D 628 -79.82 -36.66 -26.99
CA GLU D 628 -81.14 -36.91 -26.42
C GLU D 628 -81.34 -38.39 -26.17
N ILE D 629 -82.08 -38.68 -25.10
CA ILE D 629 -82.16 -40.04 -24.55
C ILE D 629 -82.85 -40.98 -25.53
N MET D 630 -83.95 -40.54 -26.14
CA MET D 630 -84.68 -41.43 -27.04
C MET D 630 -83.86 -41.80 -28.27
N PRO D 631 -83.27 -40.86 -29.02
CA PRO D 631 -82.45 -41.28 -30.16
C PRO D 631 -81.21 -42.05 -29.75
N VAL D 632 -80.55 -41.68 -28.65
CA VAL D 632 -79.36 -42.42 -28.23
C VAL D 632 -79.72 -43.86 -27.88
N PHE D 633 -80.77 -44.05 -27.09
CA PHE D 633 -81.21 -45.39 -26.72
C PHE D 633 -81.68 -46.19 -27.93
N GLN D 634 -82.31 -45.53 -28.90
CA GLN D 634 -82.76 -46.24 -30.09
C GLN D 634 -81.57 -46.69 -30.93
N GLY D 635 -80.56 -45.84 -31.07
CA GLY D 635 -79.35 -46.25 -31.76
C GLY D 635 -78.66 -47.41 -31.09
N LEU D 636 -78.60 -47.39 -29.75
CA LEU D 636 -78.02 -48.52 -29.03
C LEU D 636 -78.85 -49.79 -29.22
N ASN D 637 -80.18 -49.67 -29.15
CA ASN D 637 -81.04 -50.84 -29.31
C ASN D 637 -80.95 -51.41 -30.72
N GLU D 638 -80.60 -50.58 -31.70
CA GLU D 638 -80.47 -51.07 -33.06
C GLU D 638 -79.06 -51.54 -33.39
N LEU D 639 -78.04 -51.12 -32.63
CA LEU D 639 -76.67 -51.52 -32.92
C LEU D 639 -76.17 -52.67 -32.05
N ILE D 640 -76.60 -52.76 -30.79
CA ILE D 640 -76.09 -53.82 -29.91
C ILE D 640 -76.36 -55.22 -30.44
N PRO D 641 -77.56 -55.57 -30.92
CA PRO D 641 -77.78 -56.93 -31.42
C PRO D 641 -76.82 -57.37 -32.50
N MET D 642 -76.20 -56.44 -33.23
CA MET D 642 -75.25 -56.83 -34.26
C MET D 642 -73.99 -57.45 -33.65
N TYR D 643 -73.33 -56.74 -32.74
CA TYR D 643 -72.17 -57.35 -32.10
C TYR D 643 -72.56 -58.48 -31.18
N LYS D 644 -73.81 -58.51 -30.70
CA LYS D 644 -74.29 -59.68 -29.96
C LYS D 644 -74.35 -60.91 -30.88
N LEU D 645 -74.81 -60.73 -32.11
CA LEU D 645 -74.77 -61.81 -33.09
C LEU D 645 -73.34 -62.23 -33.38
N MET D 646 -72.43 -61.25 -33.45
CA MET D 646 -71.03 -61.56 -33.75
C MET D 646 -70.38 -62.34 -32.63
N GLU D 647 -70.75 -62.06 -31.38
CA GLU D 647 -70.13 -62.74 -30.24
C GLU D 647 -70.42 -64.24 -30.24
N LYS D 648 -71.56 -64.67 -30.78
CA LYS D 648 -71.91 -66.07 -30.76
C LYS D 648 -71.16 -66.89 -31.80
N ARG D 649 -70.28 -66.26 -32.58
CA ARG D 649 -69.55 -66.90 -33.66
C ARG D 649 -68.06 -66.61 -33.52
N ASP D 650 -67.29 -67.11 -34.48
CA ASP D 650 -65.85 -66.85 -34.55
C ASP D 650 -65.63 -65.60 -35.39
N MET D 651 -65.74 -64.43 -34.75
CA MET D 651 -65.70 -63.15 -35.44
C MET D 651 -65.06 -62.09 -34.56
N ASN D 652 -63.91 -62.41 -33.95
CA ASN D 652 -63.33 -61.51 -32.96
C ASN D 652 -62.85 -60.21 -33.58
N GLU D 653 -62.19 -60.27 -34.74
CA GLU D 653 -61.65 -59.05 -35.35
C GLU D 653 -62.78 -58.06 -35.66
N VAL D 654 -63.82 -58.53 -36.35
CA VAL D 654 -64.91 -57.64 -36.74
C VAL D 654 -65.69 -57.19 -35.51
N GLU D 655 -65.87 -58.07 -34.53
CA GLU D 655 -66.56 -57.70 -33.30
C GLU D 655 -65.82 -56.60 -32.55
N THR D 656 -64.49 -56.71 -32.47
CA THR D 656 -63.71 -55.67 -31.80
C THR D 656 -63.76 -54.36 -32.56
N GLN D 657 -63.65 -54.42 -33.90
CA GLN D 657 -63.78 -53.21 -34.70
C GLN D 657 -65.14 -52.55 -34.47
N PHE D 658 -66.21 -53.36 -34.40
CA PHE D 658 -67.54 -52.82 -34.21
C PHE D 658 -67.70 -52.19 -32.83
N LYS D 659 -67.21 -52.85 -31.78
CA LYS D 659 -67.31 -52.28 -30.44
C LYS D 659 -66.52 -50.98 -30.35
N ALA D 660 -65.33 -50.93 -30.96
CA ALA D 660 -64.55 -49.70 -30.95
C ALA D 660 -65.28 -48.58 -31.68
N PHE D 661 -65.92 -48.90 -32.81
CA PHE D 661 -66.71 -47.91 -33.54
C PHE D 661 -67.87 -47.40 -32.69
N LEU D 662 -68.57 -48.32 -32.03
CA LEU D 662 -69.70 -47.92 -31.19
C LEU D 662 -69.27 -46.99 -30.07
N ILE D 663 -68.17 -47.33 -29.39
CA ILE D 663 -67.70 -46.48 -28.28
C ILE D 663 -67.22 -45.12 -28.80
N ARG D 664 -66.49 -45.12 -29.92
CA ARG D 664 -66.02 -43.85 -30.49
C ARG D 664 -67.17 -42.98 -30.96
N LEU D 665 -68.32 -43.58 -31.28
CA LEU D 665 -69.47 -42.80 -31.69
C LEU D 665 -70.00 -41.93 -30.55
N LEU D 666 -70.03 -42.48 -29.34
CA LEU D 666 -70.59 -41.78 -28.18
C LEU D 666 -69.53 -41.29 -27.20
N ARG D 667 -68.25 -41.32 -27.58
CA ARG D 667 -67.18 -40.93 -26.66
C ARG D 667 -67.36 -39.50 -26.15
N ASP D 668 -67.79 -38.58 -27.01
CA ASP D 668 -67.98 -37.19 -26.57
C ASP D 668 -69.03 -37.09 -25.46
N LEU D 669 -70.18 -37.73 -25.66
CA LEU D 669 -71.23 -37.69 -24.64
C LEU D 669 -70.80 -38.41 -23.37
N ILE D 670 -70.10 -39.53 -23.52
CA ILE D 670 -69.63 -40.28 -22.35
C ILE D 670 -68.67 -39.43 -21.53
N ASP D 671 -67.74 -38.74 -22.20
CA ASP D 671 -66.81 -37.86 -21.50
C ASP D 671 -67.55 -36.70 -20.85
N LYS D 672 -68.56 -36.14 -21.51
CA LYS D 672 -69.31 -35.04 -20.92
C LYS D 672 -70.14 -35.48 -19.73
N GLN D 673 -70.48 -36.77 -19.65
CA GLN D 673 -71.23 -37.27 -18.50
C GLN D 673 -70.45 -37.11 -17.21
N THR D 674 -71.13 -36.62 -16.18
CA THR D 674 -70.55 -36.51 -14.85
C THR D 674 -70.77 -37.80 -14.07
N TRP D 675 -70.17 -37.87 -12.89
CA TRP D 675 -70.29 -39.06 -12.05
C TRP D 675 -71.10 -38.73 -10.80
N THR D 676 -72.34 -38.29 -10.99
CA THR D 676 -73.22 -37.87 -9.89
C THR D 676 -74.64 -38.28 -10.22
N ASP D 677 -75.55 -38.03 -9.28
CA ASP D 677 -76.98 -38.28 -9.47
C ASP D 677 -77.75 -37.01 -9.80
N GLU D 678 -77.12 -36.08 -10.53
CA GLU D 678 -77.73 -34.79 -10.82
C GLU D 678 -78.63 -34.89 -12.05
N GLY D 679 -79.45 -33.86 -12.23
CA GLY D 679 -80.26 -33.75 -13.41
C GLY D 679 -81.62 -34.38 -13.27
N SER D 680 -82.42 -34.25 -14.32
CA SER D 680 -83.76 -34.82 -14.35
C SER D 680 -83.68 -36.34 -14.46
N VAL D 681 -84.85 -36.98 -14.40
CA VAL D 681 -84.92 -38.44 -14.52
C VAL D 681 -84.33 -38.91 -15.83
N SER D 682 -84.66 -38.19 -16.93
CA SER D 682 -84.12 -38.53 -18.23
C SER D 682 -82.60 -38.48 -18.24
N GLU D 683 -82.05 -37.38 -17.72
CA GLU D 683 -80.60 -37.22 -17.69
C GLU D 683 -79.95 -38.30 -16.82
N ARG D 684 -80.61 -38.68 -15.72
CA ARG D 684 -80.05 -39.69 -14.83
C ARG D 684 -80.02 -41.06 -15.51
N MET D 685 -81.10 -41.44 -16.19
CA MET D 685 -81.09 -42.73 -16.89
C MET D 685 -80.06 -42.73 -18.01
N LEU D 686 -79.96 -41.61 -18.74
CA LEU D 686 -78.96 -41.52 -19.80
C LEU D 686 -77.55 -41.68 -19.24
N ARG D 687 -77.25 -40.99 -18.15
CA ARG D 687 -75.92 -41.10 -17.54
C ARG D 687 -75.64 -42.53 -17.10
N SER D 688 -76.59 -43.16 -16.41
CA SER D 688 -76.38 -44.52 -15.92
C SER D 688 -76.08 -45.47 -17.07
N GLN D 689 -76.91 -45.45 -18.12
CA GLN D 689 -76.70 -46.39 -19.22
C GLN D 689 -75.41 -46.09 -19.97
N LEU D 690 -75.08 -44.81 -20.15
CA LEU D 690 -73.87 -44.47 -20.89
C LEU D 690 -72.61 -44.89 -20.14
N LEU D 691 -72.55 -44.59 -18.84
CA LEU D 691 -71.39 -44.99 -18.04
C LEU D 691 -71.28 -46.51 -17.98
N LEU D 692 -72.41 -47.21 -17.86
CA LEU D 692 -72.36 -48.67 -17.85
C LEU D 692 -71.82 -49.21 -19.18
N LEU D 693 -72.28 -48.66 -20.30
CA LEU D 693 -71.82 -49.11 -21.60
C LEU D 693 -70.32 -48.89 -21.76
N ALA D 694 -69.84 -47.69 -21.41
CA ALA D 694 -68.42 -47.39 -21.56
C ALA D 694 -67.58 -48.30 -20.66
N CYS D 695 -67.96 -48.43 -19.40
CA CYS D 695 -67.18 -49.26 -18.49
CA CYS D 695 -67.22 -49.26 -18.46
C CYS D 695 -67.23 -50.73 -18.87
N VAL D 696 -68.29 -51.17 -19.57
CA VAL D 696 -68.35 -52.56 -20.00
C VAL D 696 -67.46 -52.77 -21.22
N HIS D 697 -67.45 -51.81 -22.15
CA HIS D 697 -66.63 -51.92 -23.35
C HIS D 697 -65.21 -51.40 -23.13
N ASN D 698 -64.83 -51.16 -21.87
CA ASN D 698 -63.43 -50.99 -21.48
C ASN D 698 -62.87 -49.64 -21.92
N TYR D 699 -63.65 -48.59 -21.67
CA TYR D 699 -63.16 -47.22 -21.81
C TYR D 699 -62.27 -46.93 -20.61
N GLN D 700 -60.96 -46.84 -20.85
CA GLN D 700 -60.00 -46.82 -19.74
C GLN D 700 -60.23 -45.73 -18.72
N PRO D 701 -60.62 -44.50 -19.07
CA PRO D 701 -60.98 -43.53 -18.02
C PRO D 701 -62.12 -44.01 -17.13
N CYS D 702 -63.21 -44.49 -17.74
CA CYS D 702 -64.34 -45.01 -16.96
CA CYS D 702 -64.32 -44.98 -16.93
C CYS D 702 -63.91 -46.17 -16.09
N VAL D 703 -63.13 -47.10 -16.66
CA VAL D 703 -62.70 -48.28 -15.92
C VAL D 703 -61.87 -47.87 -14.71
N GLN D 704 -60.96 -46.91 -14.90
CA GLN D 704 -60.12 -46.46 -13.78
C GLN D 704 -60.97 -45.81 -12.69
N ARG D 705 -61.89 -44.91 -13.08
CA ARG D 705 -62.69 -44.22 -12.07
C ARG D 705 -63.62 -45.18 -11.34
N ALA D 706 -64.19 -46.14 -12.06
CA ALA D 706 -65.07 -47.12 -11.43
C ALA D 706 -64.30 -48.06 -10.53
N GLU D 707 -63.07 -48.41 -10.92
CA GLU D 707 -62.21 -49.21 -10.05
C GLU D 707 -61.89 -48.46 -8.76
N GLY D 708 -61.64 -47.15 -8.86
CA GLY D 708 -61.42 -46.36 -7.67
C GLY D 708 -62.63 -46.34 -6.76
N TYR D 709 -63.81 -46.10 -7.34
CA TYR D 709 -65.04 -46.09 -6.54
C TYR D 709 -65.30 -47.44 -5.89
N PHE D 710 -65.13 -48.54 -6.63
CA PHE D 710 -65.35 -49.86 -6.04
C PHE D 710 -64.33 -50.18 -4.97
N ARG D 711 -63.09 -49.73 -5.14
CA ARG D 711 -62.07 -49.94 -4.11
C ARG D 711 -62.46 -49.21 -2.84
N LYS D 712 -62.84 -47.94 -2.93
CA LYS D 712 -63.29 -47.20 -1.75
C LYS D 712 -64.51 -47.86 -1.11
N TRP D 713 -65.45 -48.34 -1.92
CA TRP D 713 -66.67 -48.93 -1.39
C TRP D 713 -66.37 -50.24 -0.65
N LYS D 714 -65.57 -51.11 -1.26
CA LYS D 714 -65.23 -52.37 -0.64
C LYS D 714 -64.39 -52.16 0.62
N GLU D 715 -63.48 -51.18 0.60
CA GLU D 715 -62.70 -50.89 1.80
C GLU D 715 -63.58 -50.30 2.90
N SER D 716 -64.65 -49.59 2.53
CA SER D 716 -65.63 -49.14 3.52
C SER D 716 -66.60 -50.24 3.92
N ASN D 717 -66.54 -51.39 3.25
CA ASN D 717 -67.40 -52.55 3.55
C ASN D 717 -68.85 -52.25 3.21
N GLY D 718 -69.06 -51.66 2.03
CA GLY D 718 -70.39 -51.30 1.59
C GLY D 718 -71.00 -50.11 2.30
N ASN D 719 -70.32 -49.57 3.31
CA ASN D 719 -70.92 -48.50 4.09
C ASN D 719 -70.90 -47.17 3.33
N LEU D 720 -69.94 -47.00 2.43
CA LEU D 720 -69.86 -45.79 1.63
C LEU D 720 -71.06 -45.70 0.69
N SER D 721 -71.73 -44.56 0.70
CA SER D 721 -72.86 -44.32 -0.19
C SER D 721 -72.35 -43.88 -1.55
N LEU D 722 -72.64 -44.67 -2.59
CA LEU D 722 -72.23 -44.34 -3.94
C LEU D 722 -73.38 -43.71 -4.71
N PRO D 723 -73.08 -42.89 -5.71
CA PRO D 723 -74.14 -42.38 -6.58
C PRO D 723 -74.87 -43.53 -7.29
N VAL D 724 -76.19 -43.54 -7.14
CA VAL D 724 -77.01 -44.64 -7.64
C VAL D 724 -76.85 -44.81 -9.15
N ASP D 725 -76.64 -43.70 -9.87
CA ASP D 725 -76.53 -43.79 -11.31
C ASP D 725 -75.26 -44.51 -11.73
N VAL D 726 -74.13 -44.19 -11.09
CA VAL D 726 -72.87 -44.86 -11.40
C VAL D 726 -72.72 -46.20 -10.70
N THR D 727 -73.65 -46.56 -9.81
CA THR D 727 -73.55 -47.82 -9.08
C THR D 727 -73.53 -49.02 -10.01
N LEU D 728 -74.35 -48.99 -11.08
CA LEU D 728 -74.37 -50.10 -12.03
C LEU D 728 -73.00 -50.34 -12.63
N ALA D 729 -72.38 -49.30 -13.16
CA ALA D 729 -71.06 -49.43 -13.77
C ALA D 729 -70.01 -49.83 -12.74
N VAL D 730 -70.09 -49.28 -11.52
CA VAL D 730 -69.10 -49.59 -10.50
C VAL D 730 -69.16 -51.06 -10.13
N PHE D 731 -70.37 -51.59 -9.93
CA PHE D 731 -70.51 -53.01 -9.61
C PHE D 731 -70.06 -53.89 -10.77
N ALA D 732 -70.47 -53.53 -12.00
CA ALA D 732 -70.08 -54.33 -13.15
C ALA D 732 -68.58 -54.36 -13.36
N VAL D 733 -67.88 -53.27 -13.05
CA VAL D 733 -66.43 -53.25 -13.16
C VAL D 733 -65.79 -54.05 -12.03
N GLY D 734 -66.26 -53.82 -10.79
CA GLY D 734 -65.64 -54.49 -9.66
C GLY D 734 -65.84 -55.99 -9.65
N ALA D 735 -66.90 -56.48 -10.29
CA ALA D 735 -67.18 -57.91 -10.31
C ALA D 735 -66.29 -58.69 -11.28
N GLN D 736 -65.29 -58.06 -11.90
CA GLN D 736 -64.44 -58.79 -12.83
C GLN D 736 -63.42 -59.66 -12.11
N SER D 737 -62.96 -59.25 -10.93
CA SER D 737 -62.06 -60.06 -10.14
C SER D 737 -62.86 -60.94 -9.17
N THR D 738 -62.27 -62.08 -8.80
CA THR D 738 -62.95 -63.00 -7.90
C THR D 738 -63.21 -62.37 -6.53
N GLU D 739 -62.26 -61.56 -6.04
CA GLU D 739 -62.41 -60.92 -4.74
C GLU D 739 -63.64 -60.03 -4.71
N GLY D 740 -63.74 -59.10 -5.67
CA GLY D 740 -64.90 -58.21 -5.71
C GLY D 740 -66.19 -58.94 -6.00
N TRP D 741 -66.13 -60.00 -6.81
CA TRP D 741 -67.31 -60.82 -7.07
C TRP D 741 -67.87 -61.42 -5.79
N ASP D 742 -67.00 -62.06 -5.00
CA ASP D 742 -67.44 -62.68 -3.75
C ASP D 742 -67.91 -61.62 -2.77
N PHE D 743 -67.28 -60.45 -2.76
CA PHE D 743 -67.72 -59.37 -1.88
C PHE D 743 -69.13 -58.90 -2.24
N LEU D 744 -69.38 -58.69 -3.54
CA LEU D 744 -70.71 -58.30 -3.99
C LEU D 744 -71.75 -59.33 -3.60
N TYR D 745 -71.45 -60.62 -3.81
CA TYR D 745 -72.44 -61.62 -3.43
C TYR D 745 -72.67 -61.63 -1.91
N SER D 746 -71.61 -61.39 -1.13
CA SER D 746 -71.77 -61.34 0.32
C SER D 746 -72.69 -60.20 0.73
N LYS D 747 -72.61 -59.07 0.04
CA LYS D 747 -73.51 -57.95 0.35
C LYS D 747 -74.92 -58.17 -0.16
N TYR D 748 -75.05 -58.98 -1.23
CA TYR D 748 -76.36 -59.21 -1.85
C TYR D 748 -77.38 -59.75 -0.85
N GLN D 749 -76.96 -60.73 -0.03
CA GLN D 749 -77.91 -61.41 0.86
C GLN D 749 -78.55 -60.45 1.86
N PHE D 750 -77.76 -59.55 2.44
CA PHE D 750 -78.25 -58.67 3.48
C PHE D 750 -78.77 -57.34 2.98
N SER D 751 -78.51 -56.99 1.72
CA SER D 751 -79.11 -55.77 1.18
C SER D 751 -80.63 -55.88 1.17
N LEU D 752 -81.30 -54.74 1.32
CA LEU D 752 -82.76 -54.68 1.30
C LEU D 752 -83.32 -53.80 0.20
N SER D 753 -82.46 -53.19 -0.62
CA SER D 753 -82.92 -52.38 -1.73
C SER D 753 -83.02 -53.25 -2.98
N SER D 754 -84.18 -53.19 -3.64
CA SER D 754 -84.39 -54.02 -4.82
C SER D 754 -83.53 -53.54 -5.99
N THR D 755 -83.33 -52.24 -6.11
CA THR D 755 -82.43 -51.72 -7.14
C THR D 755 -81.00 -52.20 -6.91
N GLU D 756 -80.54 -52.15 -5.65
CA GLU D 756 -79.21 -52.65 -5.33
C GLU D 756 -79.11 -54.14 -5.63
N LYS D 757 -80.16 -54.91 -5.30
CA LYS D 757 -80.16 -56.33 -5.60
C LYS D 757 -80.05 -56.59 -7.10
N SER D 758 -80.84 -55.86 -7.90
CA SER D 758 -80.79 -56.06 -9.35
C SER D 758 -79.44 -55.66 -9.93
N GLN D 759 -78.84 -54.58 -9.42
CA GLN D 759 -77.53 -54.16 -9.90
C GLN D 759 -76.46 -55.19 -9.53
N ILE D 760 -76.55 -55.76 -8.33
CA ILE D 760 -75.63 -56.83 -7.95
C ILE D 760 -75.82 -58.04 -8.85
N GLU D 761 -77.07 -58.37 -9.17
CA GLU D 761 -77.32 -59.49 -10.07
C GLU D 761 -76.67 -59.28 -11.42
N PHE D 762 -76.85 -58.09 -12.01
CA PHE D 762 -76.23 -57.81 -13.31
C PHE D 762 -74.72 -57.87 -13.22
N ALA D 763 -74.13 -57.29 -12.16
CA ALA D 763 -72.69 -57.33 -11.99
C ALA D 763 -72.18 -58.76 -11.92
N LEU D 764 -72.86 -59.61 -11.14
CA LEU D 764 -72.43 -61.00 -11.00
C LEU D 764 -72.63 -61.78 -12.29
N CYS D 765 -73.66 -61.46 -13.07
CA CYS D 765 -73.85 -62.12 -14.35
C CYS D 765 -72.84 -61.68 -15.38
N ARG D 766 -72.28 -60.48 -15.23
CA ARG D 766 -71.20 -59.97 -16.10
C ARG D 766 -69.84 -60.70 -15.89
N THR D 767 -69.76 -61.81 -15.15
CA THR D 767 -68.47 -62.42 -14.83
C THR D 767 -67.99 -63.32 -15.97
N GLN D 768 -66.72 -63.72 -15.86
CA GLN D 768 -66.08 -64.61 -16.83
C GLN D 768 -65.93 -66.05 -16.35
N ASN D 769 -66.19 -66.32 -15.07
CA ASN D 769 -65.95 -67.64 -14.50
C ASN D 769 -67.13 -68.57 -14.82
N LYS D 770 -66.87 -69.63 -15.58
CA LYS D 770 -67.92 -70.58 -15.88
C LYS D 770 -68.49 -71.19 -14.60
N GLU D 771 -67.63 -71.46 -13.62
CA GLU D 771 -68.12 -72.03 -12.37
C GLU D 771 -69.07 -71.08 -11.66
N LYS D 772 -68.75 -69.79 -11.67
CA LYS D 772 -69.62 -68.81 -11.01
C LYS D 772 -70.92 -68.59 -11.78
N LEU D 773 -70.86 -68.61 -13.12
CA LEU D 773 -72.09 -68.53 -13.91
C LEU D 773 -73.00 -69.72 -13.64
N GLN D 774 -72.43 -70.93 -13.66
CA GLN D 774 -73.20 -72.13 -13.36
C GLN D 774 -73.76 -72.07 -11.95
N TRP D 775 -72.99 -71.52 -11.01
CA TRP D 775 -73.45 -71.42 -9.64
C TRP D 775 -74.62 -70.44 -9.52
N LEU D 776 -74.53 -69.28 -10.18
CA LEU D 776 -75.65 -68.35 -10.21
C LEU D 776 -76.90 -69.00 -10.77
N LEU D 777 -76.76 -69.71 -11.90
CA LEU D 777 -77.91 -70.37 -12.50
C LEU D 777 -78.52 -71.38 -11.54
N ASP D 778 -77.68 -72.25 -10.96
CA ASP D 778 -78.15 -73.31 -10.08
C ASP D 778 -78.85 -72.73 -8.86
N GLU D 779 -78.26 -71.70 -8.25
CA GLU D 779 -78.81 -71.18 -6.99
C GLU D 779 -80.07 -70.37 -7.23
N SER D 780 -80.12 -69.60 -8.32
CA SER D 780 -81.35 -68.88 -8.64
C SER D 780 -82.46 -69.84 -9.04
N PHE D 781 -82.10 -71.02 -9.56
CA PHE D 781 -83.11 -72.04 -9.81
C PHE D 781 -83.62 -72.63 -8.49
N LYS D 782 -82.70 -73.01 -7.59
CA LYS D 782 -83.10 -73.60 -6.33
C LYS D 782 -83.97 -72.65 -5.51
N GLY D 783 -83.65 -71.36 -5.52
CA GLY D 783 -84.47 -70.37 -4.87
C GLY D 783 -84.10 -70.06 -3.43
N ASP D 784 -82.96 -70.56 -2.95
CA ASP D 784 -82.52 -70.29 -1.57
C ASP D 784 -81.63 -69.05 -1.54
N LYS D 785 -80.43 -69.17 -2.11
CA LYS D 785 -79.49 -68.06 -2.11
C LYS D 785 -79.97 -66.92 -3.00
N ILE D 786 -80.65 -67.23 -4.10
CA ILE D 786 -81.32 -66.25 -4.94
C ILE D 786 -82.73 -66.77 -5.23
N LYS D 787 -83.74 -65.94 -4.93
CA LYS D 787 -85.12 -66.37 -5.08
C LYS D 787 -85.42 -66.76 -6.53
N THR D 788 -86.36 -67.70 -6.68
CA THR D 788 -86.67 -68.23 -8.01
C THR D 788 -87.35 -67.20 -8.91
N GLN D 789 -88.01 -66.19 -8.32
CA GLN D 789 -88.68 -65.17 -9.13
C GLN D 789 -87.69 -64.40 -10.00
N GLU D 790 -86.44 -64.33 -9.57
CA GLU D 790 -85.41 -63.60 -10.30
C GLU D 790 -84.73 -64.45 -11.37
N PHE D 791 -85.08 -65.73 -11.48
CA PHE D 791 -84.37 -66.63 -12.38
C PHE D 791 -84.44 -66.24 -13.85
N PRO D 792 -85.61 -65.91 -14.44
CA PRO D 792 -85.63 -65.68 -15.89
C PRO D 792 -84.72 -64.54 -16.36
N GLN D 793 -84.68 -63.43 -15.61
CA GLN D 793 -83.79 -62.35 -16.00
C GLN D 793 -82.33 -62.76 -15.87
N ILE D 794 -82.00 -63.54 -14.84
CA ILE D 794 -80.63 -64.04 -14.69
C ILE D 794 -80.26 -64.95 -15.85
N LEU D 795 -81.20 -65.80 -16.26
CA LEU D 795 -80.95 -66.66 -17.42
C LEU D 795 -80.75 -65.83 -18.68
N THR D 796 -81.51 -64.75 -18.84
CA THR D 796 -81.35 -63.89 -20.00
C THR D 796 -79.99 -63.18 -19.98
N LEU D 797 -79.58 -62.68 -18.83
CA LEU D 797 -78.28 -62.02 -18.72
C LEU D 797 -77.13 -62.99 -18.96
N ILE D 798 -77.25 -64.22 -18.48
CA ILE D 798 -76.18 -65.19 -18.69
C ILE D 798 -76.16 -65.67 -20.14
N GLY D 799 -77.33 -65.78 -20.79
CA GLY D 799 -77.35 -66.04 -22.22
C GLY D 799 -76.79 -64.89 -23.03
N ARG D 800 -76.85 -63.66 -22.48
CA ARG D 800 -76.18 -62.53 -23.10
C ARG D 800 -74.67 -62.60 -22.90
N ASN D 801 -74.24 -63.10 -21.75
CA ASN D 801 -72.83 -63.19 -21.42
C ASN D 801 -72.08 -63.93 -22.53
N PRO D 802 -70.97 -63.39 -23.04
CA PRO D 802 -70.29 -64.02 -24.19
C PRO D 802 -69.72 -65.40 -23.91
N VAL D 803 -69.51 -65.77 -22.65
CA VAL D 803 -68.98 -67.08 -22.31
C VAL D 803 -70.02 -67.96 -21.64
N GLY D 804 -71.26 -67.48 -21.53
CA GLY D 804 -72.29 -68.20 -20.80
C GLY D 804 -73.44 -68.73 -21.64
N TYR D 805 -73.54 -68.31 -22.90
CA TYR D 805 -74.68 -68.72 -23.72
C TYR D 805 -74.79 -70.22 -23.92
N PRO D 806 -73.70 -71.00 -24.08
CA PRO D 806 -73.89 -72.46 -24.12
C PRO D 806 -74.41 -73.00 -22.80
N LEU D 807 -73.93 -72.45 -21.68
CA LEU D 807 -74.42 -72.86 -20.38
C LEU D 807 -75.91 -72.58 -20.23
N ALA D 808 -76.36 -71.40 -20.68
CA ALA D 808 -77.76 -71.04 -20.55
C ALA D 808 -78.64 -71.93 -21.43
N TRP D 809 -78.24 -72.12 -22.68
CA TRP D 809 -78.99 -72.99 -23.58
C TRP D 809 -79.07 -74.41 -23.03
N GLN D 810 -77.95 -74.94 -22.52
CA GLN D 810 -77.93 -76.27 -21.94
C GLN D 810 -78.79 -76.36 -20.68
N PHE D 811 -78.75 -75.34 -19.83
CA PHE D 811 -79.53 -75.37 -18.61
C PHE D 811 -81.02 -75.37 -18.91
N LEU D 812 -81.45 -74.53 -19.86
CA LEU D 812 -82.85 -74.55 -20.28
C LEU D 812 -83.23 -75.92 -20.82
N ARG D 813 -82.39 -76.48 -21.68
CA ARG D 813 -82.66 -77.79 -22.26
C ARG D 813 -82.79 -78.87 -21.20
N LYS D 814 -81.85 -78.91 -20.25
CA LYS D 814 -81.78 -80.01 -19.30
C LYS D 814 -82.74 -79.84 -18.12
N ASN D 815 -83.22 -78.63 -17.84
CA ASN D 815 -84.16 -78.43 -16.75
C ASN D 815 -85.49 -77.86 -17.25
N TRP D 816 -85.81 -78.09 -18.52
CA TRP D 816 -87.08 -77.63 -19.08
C TRP D 816 -88.28 -78.09 -18.27
N ASN D 817 -88.27 -79.35 -17.81
CA ASN D 817 -89.46 -79.94 -17.19
C ASN D 817 -89.81 -79.21 -15.89
N LYS D 818 -88.85 -79.10 -14.97
CA LYS D 818 -89.11 -78.43 -13.70
C LYS D 818 -89.42 -76.95 -13.92
N LEU D 819 -88.76 -76.33 -14.90
CA LEU D 819 -89.05 -74.94 -15.22
C LEU D 819 -90.48 -74.76 -15.69
N VAL D 820 -90.97 -75.67 -16.54
CA VAL D 820 -92.35 -75.60 -16.98
C VAL D 820 -93.30 -75.82 -15.81
N GLN D 821 -93.00 -76.80 -14.96
CA GLN D 821 -93.89 -77.06 -13.82
C GLN D 821 -93.91 -75.88 -12.84
N LYS D 822 -92.84 -75.09 -12.79
CA LYS D 822 -92.74 -73.95 -11.90
C LYS D 822 -93.35 -72.67 -12.50
N PHE D 823 -93.16 -72.43 -13.80
CA PHE D 823 -93.51 -71.16 -14.43
C PHE D 823 -94.72 -71.25 -15.35
N GLU D 824 -95.33 -72.42 -15.51
CA GLU D 824 -96.48 -72.66 -16.40
C GLU D 824 -96.11 -72.54 -17.87
N LEU D 825 -96.82 -73.27 -18.72
CA LEU D 825 -96.56 -73.24 -20.15
C LEU D 825 -97.14 -71.98 -20.80
N GLY D 826 -96.43 -71.48 -21.81
CA GLY D 826 -96.90 -70.33 -22.55
C GLY D 826 -96.85 -69.01 -21.81
N SER D 827 -96.38 -69.01 -20.56
CA SER D 827 -96.25 -67.77 -19.81
C SER D 827 -95.15 -66.89 -20.40
N SER D 828 -95.25 -65.60 -20.10
CA SER D 828 -94.19 -64.69 -20.52
C SER D 828 -92.85 -65.07 -19.92
N SER D 829 -92.87 -65.78 -18.78
CA SER D 829 -91.61 -66.27 -18.21
C SER D 829 -90.95 -67.29 -19.13
N ILE D 830 -91.71 -68.28 -19.59
CA ILE D 830 -91.16 -69.27 -20.51
C ILE D 830 -90.72 -68.62 -21.81
N ALA D 831 -91.55 -67.71 -22.35
CA ALA D 831 -91.18 -67.00 -23.58
C ALA D 831 -89.88 -66.22 -23.40
N HIS D 832 -89.78 -65.48 -22.30
CA HIS D 832 -88.58 -64.72 -21.98
C HIS D 832 -87.35 -65.62 -21.95
N MET D 833 -87.46 -66.76 -21.26
CA MET D 833 -86.33 -67.67 -21.15
C MET D 833 -85.92 -68.21 -22.51
N VAL D 834 -86.89 -68.75 -23.27
CA VAL D 834 -86.60 -69.34 -24.57
C VAL D 834 -85.94 -68.33 -25.49
N MET D 835 -86.55 -67.15 -25.62
CA MET D 835 -86.02 -66.17 -26.56
C MET D 835 -84.67 -65.64 -26.09
N GLY D 836 -84.53 -65.34 -24.81
CA GLY D 836 -83.26 -64.83 -24.31
C GLY D 836 -82.12 -65.82 -24.45
N THR D 837 -82.42 -67.12 -24.41
CA THR D 837 -81.37 -68.11 -24.55
C THR D 837 -81.08 -68.50 -25.99
N THR D 838 -82.01 -68.31 -26.93
CA THR D 838 -81.75 -68.78 -28.29
C THR D 838 -81.75 -67.68 -29.35
N ASN D 839 -82.49 -66.60 -29.18
CA ASN D 839 -82.78 -65.70 -30.30
C ASN D 839 -81.59 -64.83 -30.72
N GLN D 840 -80.39 -65.04 -30.18
CA GLN D 840 -79.20 -64.34 -30.66
C GLN D 840 -78.28 -65.24 -31.47
N PHE D 841 -78.74 -66.44 -31.81
CA PHE D 841 -77.97 -67.38 -32.61
C PHE D 841 -78.08 -67.00 -34.09
N SER D 842 -77.10 -67.46 -34.88
CA SER D 842 -76.99 -67.00 -36.26
C SER D 842 -76.64 -68.09 -37.26
N THR D 843 -76.45 -69.34 -36.84
CA THR D 843 -75.97 -70.39 -37.74
C THR D 843 -77.03 -71.47 -37.95
N ARG D 844 -76.90 -72.18 -39.06
CA ARG D 844 -77.79 -73.31 -39.33
C ARG D 844 -77.65 -74.40 -38.28
N THR D 845 -76.45 -74.56 -37.72
CA THR D 845 -76.25 -75.54 -36.65
C THR D 845 -77.08 -75.18 -35.42
N ARG D 846 -77.01 -73.92 -34.99
CA ARG D 846 -77.82 -73.48 -33.86
C ARG D 846 -79.31 -73.56 -34.18
N LEU D 847 -79.69 -73.19 -35.40
CA LEU D 847 -81.09 -73.29 -35.80
C LEU D 847 -81.58 -74.72 -35.68
N GLU D 848 -80.76 -75.69 -36.10
CA GLU D 848 -81.15 -77.08 -36.02
C GLU D 848 -81.21 -77.55 -34.57
N GLU D 849 -80.29 -77.08 -33.73
CA GLU D 849 -80.37 -77.38 -32.30
C GLU D 849 -81.71 -76.93 -31.72
N VAL D 850 -82.08 -75.68 -31.97
CA VAL D 850 -83.31 -75.13 -31.43
C VAL D 850 -84.52 -75.91 -31.95
N LYS D 851 -84.58 -76.09 -33.28
CA LYS D 851 -85.68 -76.84 -33.89
C LYS D 851 -85.81 -78.22 -33.28
N GLY D 852 -84.69 -78.97 -33.23
CA GLY D 852 -84.75 -80.34 -32.76
C GLY D 852 -85.22 -80.43 -31.32
N PHE D 853 -84.66 -79.58 -30.44
CA PHE D 853 -85.06 -79.63 -29.04
C PHE D 853 -86.54 -79.30 -28.87
N PHE D 854 -86.98 -78.18 -29.42
CA PHE D 854 -88.36 -77.77 -29.17
C PHE D 854 -89.37 -78.64 -29.90
N SER D 855 -88.95 -79.37 -30.94
CA SER D 855 -89.84 -80.35 -31.55
C SER D 855 -89.87 -81.64 -30.74
N SER D 856 -88.72 -82.05 -30.19
CA SER D 856 -88.66 -83.23 -29.34
C SER D 856 -89.44 -83.03 -28.05
N LEU D 857 -89.70 -81.79 -27.65
CA LEU D 857 -90.55 -81.56 -26.48
C LEU D 857 -91.93 -82.20 -26.64
N LYS D 858 -92.43 -82.31 -27.86
CA LYS D 858 -93.69 -83.00 -28.17
C LYS D 858 -94.84 -82.29 -27.44
N GLU D 859 -95.66 -82.99 -26.67
CA GLU D 859 -96.86 -82.39 -26.08
C GLU D 859 -96.56 -81.41 -24.96
N ASN D 860 -95.29 -81.16 -24.62
CA ASN D 860 -94.91 -80.27 -23.53
C ASN D 860 -94.19 -79.02 -24.03
N GLY D 861 -94.66 -78.43 -25.13
CA GLY D 861 -94.11 -77.16 -25.54
C GLY D 861 -93.72 -77.06 -27.00
N SER D 862 -93.96 -78.10 -27.79
CA SER D 862 -93.66 -78.03 -29.22
C SER D 862 -94.56 -77.04 -29.94
N GLN D 863 -95.75 -76.77 -29.40
CA GLN D 863 -96.71 -75.86 -30.01
C GLN D 863 -96.62 -74.46 -29.44
N LEU D 864 -95.43 -74.04 -29.00
CA LEU D 864 -95.26 -72.74 -28.37
C LEU D 864 -95.04 -71.65 -29.41
N ARG D 865 -95.87 -70.60 -29.30
CA ARG D 865 -95.74 -69.47 -30.20
C ARG D 865 -94.37 -68.83 -30.08
N CYS D 866 -93.79 -68.85 -28.87
CA CYS D 866 -92.42 -68.37 -28.69
C CYS D 866 -91.41 -69.26 -29.39
N VAL D 867 -91.67 -70.57 -29.43
CA VAL D 867 -90.78 -71.47 -30.16
C VAL D 867 -90.77 -71.12 -31.64
N GLN D 868 -91.95 -70.98 -32.24
CA GLN D 868 -92.02 -70.60 -33.64
C GLN D 868 -91.37 -69.23 -33.87
N GLN D 869 -91.57 -68.30 -32.94
CA GLN D 869 -91.00 -66.97 -33.09
C GLN D 869 -89.48 -67.01 -33.02
N THR D 870 -88.91 -67.82 -32.13
CA THR D 870 -87.47 -67.96 -32.08
C THR D 870 -86.93 -68.61 -33.35
N ILE D 871 -87.66 -69.58 -33.90
CA ILE D 871 -87.22 -70.21 -35.15
C ILE D 871 -87.15 -69.17 -36.26
N GLU D 872 -88.19 -68.35 -36.41
CA GLU D 872 -88.17 -67.35 -37.47
C GLU D 872 -87.14 -66.25 -37.19
N THR D 873 -86.92 -65.92 -35.92
CA THR D 873 -85.89 -64.95 -35.57
C THR D 873 -84.51 -65.45 -35.97
N ILE D 874 -84.24 -66.75 -35.73
CA ILE D 874 -82.95 -67.31 -36.11
C ILE D 874 -82.82 -67.37 -37.63
N GLU D 875 -83.91 -67.64 -38.34
CA GLU D 875 -83.85 -67.64 -39.81
C GLU D 875 -83.52 -66.26 -40.34
N GLU D 876 -84.19 -65.22 -39.85
CA GLU D 876 -83.85 -63.86 -40.26
C GLU D 876 -82.43 -63.50 -39.85
N ASN D 877 -81.96 -63.99 -38.70
CA ASN D 877 -80.58 -63.75 -38.31
C ASN D 877 -79.60 -64.39 -39.28
N ILE D 878 -79.90 -65.61 -39.72
CA ILE D 878 -79.06 -66.28 -40.72
C ILE D 878 -78.99 -65.44 -41.99
N GLY D 879 -80.16 -65.04 -42.51
CA GLY D 879 -80.18 -64.23 -43.72
C GLY D 879 -79.40 -62.93 -43.56
N TRP D 880 -79.72 -62.18 -42.49
CA TRP D 880 -79.10 -60.88 -42.26
C TRP D 880 -77.59 -61.01 -42.10
N MET D 881 -77.13 -62.08 -41.43
CA MET D 881 -75.69 -62.24 -41.20
C MET D 881 -74.98 -62.66 -42.47
N ASP D 882 -75.55 -63.61 -43.22
CA ASP D 882 -74.93 -64.01 -44.48
C ASP D 882 -74.86 -62.87 -45.46
N LYS D 883 -75.82 -61.93 -45.41
CA LYS D 883 -75.77 -60.82 -46.34
C LYS D 883 -74.91 -59.66 -45.86
N ASN D 884 -74.95 -59.33 -44.56
CA ASN D 884 -74.47 -58.05 -44.08
C ASN D 884 -73.17 -58.11 -43.29
N PHE D 885 -72.68 -59.29 -42.94
CA PHE D 885 -71.50 -59.34 -42.06
C PHE D 885 -70.27 -58.80 -42.77
N ASP D 886 -69.94 -59.33 -43.94
CA ASP D 886 -68.75 -58.88 -44.67
C ASP D 886 -68.88 -57.43 -45.10
N LYS D 887 -70.09 -57.00 -45.46
CA LYS D 887 -70.31 -55.58 -45.74
C LYS D 887 -69.96 -54.73 -44.52
N ILE D 888 -70.35 -55.19 -43.33
CA ILE D 888 -70.06 -54.43 -42.12
C ILE D 888 -68.55 -54.42 -41.84
N ARG D 889 -67.87 -55.53 -42.10
CA ARG D 889 -66.42 -55.57 -41.92
C ARG D 889 -65.71 -54.57 -42.83
N VAL D 890 -66.06 -54.59 -44.12
CA VAL D 890 -65.46 -53.65 -45.07
C VAL D 890 -65.79 -52.21 -44.68
N TRP D 891 -67.04 -51.98 -44.25
CA TRP D 891 -67.46 -50.63 -43.86
C TRP D 891 -66.70 -50.15 -42.62
N LEU D 892 -66.39 -51.06 -41.70
CA LEU D 892 -65.62 -50.68 -40.52
C LEU D 892 -64.19 -50.34 -40.89
N GLN D 893 -63.59 -51.08 -41.83
CA GLN D 893 -62.26 -50.70 -42.30
C GLN D 893 -62.29 -49.33 -42.97
N SER D 894 -63.33 -49.06 -43.76
CA SER D 894 -63.45 -47.76 -44.41
C SER D 894 -63.63 -46.64 -43.39
N GLU D 895 -64.38 -46.92 -42.31
CA GLU D 895 -64.58 -45.90 -41.29
C GLU D 895 -63.32 -45.69 -40.46
N LYS D 896 -62.53 -46.74 -40.25
CA LYS D 896 -61.23 -46.53 -39.63
C LYS D 896 -60.34 -45.65 -40.49
N LEU D 897 -60.46 -45.77 -41.82
CA LEU D 897 -59.76 -44.87 -42.73
C LEU D 897 -60.55 -43.57 -42.92
N GLU D 898 -60.82 -42.89 -41.80
CA GLU D 898 -61.55 -41.62 -41.82
C GLU D 898 -60.94 -40.52 -40.97
N ARG D 899 -60.12 -40.84 -39.98
CA ARG D 899 -59.51 -39.81 -39.14
C ARG D 899 -58.13 -39.44 -39.64
N PRO E 30 -52.58 -143.56 -6.23
CA PRO E 30 -53.40 -143.04 -7.33
C PRO E 30 -54.42 -142.00 -6.86
N PHE E 31 -54.18 -140.75 -7.21
CA PHE E 31 -55.06 -139.67 -6.75
C PHE E 31 -56.38 -139.75 -7.52
N PRO E 32 -57.53 -139.71 -6.84
CA PRO E 32 -58.80 -139.92 -7.54
C PRO E 32 -59.41 -138.64 -8.09
N TRP E 33 -58.58 -137.76 -8.62
CA TRP E 33 -59.04 -136.53 -9.25
C TRP E 33 -57.89 -135.94 -10.06
N ASN E 34 -58.22 -135.42 -11.25
CA ASN E 34 -57.18 -134.94 -12.15
C ASN E 34 -57.55 -133.61 -12.83
N LYS E 35 -58.48 -132.85 -12.26
CA LYS E 35 -58.86 -131.56 -12.82
C LYS E 35 -58.53 -130.46 -11.81
N ILE E 36 -58.20 -129.28 -12.33
CA ILE E 36 -57.87 -128.16 -11.45
C ILE E 36 -59.11 -127.68 -10.72
N ARG E 37 -60.25 -127.68 -11.40
CA ARG E 37 -61.50 -127.29 -10.76
C ARG E 37 -61.93 -128.38 -9.78
N LEU E 38 -62.65 -127.97 -8.74
CA LEU E 38 -63.11 -128.91 -7.73
C LEU E 38 -64.37 -129.63 -8.19
N PRO E 39 -64.69 -130.78 -7.57
CA PRO E 39 -65.96 -131.43 -7.88
C PRO E 39 -67.14 -130.56 -7.50
N GLU E 40 -68.16 -130.57 -8.35
CA GLU E 40 -69.32 -129.70 -8.18
C GLU E 40 -70.35 -130.27 -7.22
N TYR E 41 -70.19 -131.51 -6.79
CA TYR E 41 -71.21 -132.21 -6.02
C TYR E 41 -70.90 -132.28 -4.52
N VAL E 42 -69.85 -131.61 -4.05
CA VAL E 42 -69.57 -131.48 -2.63
C VAL E 42 -69.52 -129.99 -2.32
N ILE E 43 -70.54 -129.49 -1.64
CA ILE E 43 -70.74 -128.06 -1.42
C ILE E 43 -70.56 -127.76 0.07
N PRO E 44 -69.71 -126.80 0.44
CA PRO E 44 -69.64 -126.38 1.84
C PRO E 44 -70.76 -125.41 2.16
N VAL E 45 -71.13 -125.35 3.45
CA VAL E 45 -72.19 -124.45 3.89
C VAL E 45 -71.71 -123.59 5.06
N HIS E 46 -70.76 -124.11 5.83
CA HIS E 46 -70.29 -123.39 7.02
C HIS E 46 -68.90 -123.87 7.37
N TYR E 47 -67.93 -122.95 7.35
CA TYR E 47 -66.58 -123.21 7.82
C TYR E 47 -66.47 -122.74 9.26
N ASP E 48 -65.73 -123.51 10.06
CA ASP E 48 -65.46 -123.17 11.45
C ASP E 48 -63.94 -123.28 11.59
N LEU E 49 -63.27 -122.13 11.65
CA LEU E 49 -61.83 -122.07 11.61
C LEU E 49 -61.30 -121.76 13.01
N LEU E 50 -60.28 -122.50 13.43
CA LEU E 50 -59.60 -122.28 14.69
C LEU E 50 -58.11 -122.18 14.40
N ILE E 51 -57.54 -121.00 14.64
CA ILE E 51 -56.14 -120.74 14.34
C ILE E 51 -55.44 -120.43 15.65
N HIS E 52 -54.31 -121.09 15.90
CA HIS E 52 -53.41 -120.77 17.01
C HIS E 52 -52.08 -120.43 16.36
N ALA E 53 -51.80 -119.14 16.27
CA ALA E 53 -50.57 -118.63 15.68
C ALA E 53 -49.54 -118.33 16.76
N ASN E 54 -48.31 -118.69 16.39
CA ASN E 54 -47.21 -118.46 17.36
C ASN E 54 -46.19 -117.52 16.71
N LEU E 55 -46.15 -116.27 17.18
CA LEU E 55 -45.25 -115.25 16.67
C LEU E 55 -43.80 -115.52 17.06
N THR E 56 -43.58 -116.08 18.26
CA THR E 56 -42.20 -116.34 18.69
C THR E 56 -41.55 -117.43 17.84
N THR E 57 -42.23 -118.55 17.66
CA THR E 57 -41.71 -119.65 16.87
C THR E 57 -42.10 -119.56 15.41
N LEU E 58 -42.85 -118.56 15.02
CA LEU E 58 -43.33 -118.39 13.65
C LEU E 58 -44.01 -119.65 13.15
N THR E 59 -44.96 -120.16 13.93
CA THR E 59 -45.68 -121.38 13.62
C THR E 59 -47.18 -121.11 13.73
N PHE E 60 -48.00 -122.10 13.37
CA PHE E 60 -49.40 -122.05 13.71
C PHE E 60 -50.04 -123.42 13.49
N TRP E 61 -50.85 -123.84 14.45
CA TRP E 61 -51.69 -125.02 14.35
CA TRP E 61 -51.67 -125.02 14.25
C TRP E 61 -53.12 -124.60 14.09
N GLY E 62 -53.89 -125.47 13.44
CA GLY E 62 -55.25 -125.11 13.08
C GLY E 62 -56.18 -126.30 13.07
N THR E 63 -57.47 -126.01 13.31
CA THR E 63 -58.54 -126.99 13.23
C THR E 63 -59.66 -126.38 12.39
N THR E 64 -60.05 -127.08 11.32
CA THR E 64 -61.08 -126.60 10.41
C THR E 64 -62.21 -127.62 10.38
N LYS E 65 -63.41 -127.18 10.76
CA LYS E 65 -64.62 -127.99 10.69
C LYS E 65 -65.52 -127.40 9.62
N VAL E 66 -65.67 -128.11 8.51
CA VAL E 66 -66.45 -127.64 7.38
C VAL E 66 -67.69 -128.51 7.23
N GLU E 67 -68.86 -127.88 7.29
CA GLU E 67 -70.11 -128.57 7.06
C GLU E 67 -70.39 -128.61 5.57
N ILE E 68 -70.66 -129.81 5.05
CA ILE E 68 -70.85 -130.04 3.62
C ILE E 68 -72.09 -130.88 3.39
N THR E 69 -72.60 -130.79 2.16
CA THR E 69 -73.64 -131.66 1.64
C THR E 69 -73.22 -132.16 0.28
N ALA E 70 -73.75 -133.31 -0.12
CA ALA E 70 -73.38 -133.94 -1.39
C ALA E 70 -74.62 -134.14 -2.24
N SER E 71 -74.50 -133.85 -3.54
CA SER E 71 -75.58 -134.05 -4.48
C SER E 71 -75.45 -135.34 -5.27
N GLN E 72 -74.24 -135.85 -5.46
CA GLN E 72 -73.99 -137.13 -6.09
C GLN E 72 -73.36 -138.08 -5.08
N PRO E 73 -73.84 -139.32 -4.98
CA PRO E 73 -73.25 -140.26 -4.01
C PRO E 73 -71.77 -140.48 -4.30
N THR E 74 -70.94 -140.16 -3.32
CA THR E 74 -69.50 -140.28 -3.46
C THR E 74 -68.87 -140.66 -2.14
N SER E 75 -67.69 -141.27 -2.23
CA SER E 75 -66.87 -141.60 -1.06
C SER E 75 -65.54 -140.84 -1.08
N THR E 76 -65.45 -139.79 -1.90
CA THR E 76 -64.22 -139.02 -2.03
C THR E 76 -64.55 -137.53 -1.97
N ILE E 77 -63.87 -136.81 -1.08
CA ILE E 77 -64.06 -135.37 -0.91
C ILE E 77 -62.76 -134.68 -1.32
N ILE E 78 -62.84 -133.83 -2.34
CA ILE E 78 -61.68 -133.12 -2.87
C ILE E 78 -61.78 -131.67 -2.41
N LEU E 79 -60.68 -131.15 -1.86
CA LEU E 79 -60.60 -129.74 -1.48
C LEU E 79 -59.16 -129.29 -1.58
N HIS E 80 -58.93 -128.00 -1.34
CA HIS E 80 -57.64 -127.38 -1.54
C HIS E 80 -56.83 -127.33 -0.24
N SER E 81 -55.52 -127.46 -0.39
CA SER E 81 -54.56 -127.34 0.71
C SER E 81 -53.17 -127.16 0.11
N HIS E 82 -52.41 -126.23 0.65
CA HIS E 82 -51.11 -125.89 0.08
C HIS E 82 -50.14 -125.58 1.23
N HIS E 83 -49.03 -126.31 1.27
CA HIS E 83 -47.98 -126.11 2.28
C HIS E 83 -48.54 -126.25 3.70
N LEU E 84 -49.46 -127.18 3.89
CA LEU E 84 -50.08 -127.43 5.19
C LEU E 84 -49.89 -128.89 5.55
N GLN E 85 -49.36 -129.15 6.75
CA GLN E 85 -49.16 -130.51 7.23
C GLN E 85 -50.44 -131.00 7.88
N ILE E 86 -51.15 -131.91 7.21
CA ILE E 86 -52.36 -132.50 7.76
C ILE E 86 -51.97 -133.62 8.71
N SER E 87 -52.52 -133.60 9.93
CA SER E 87 -52.16 -134.57 10.95
C SER E 87 -53.31 -135.47 11.39
N ARG E 88 -54.55 -135.11 11.06
CA ARG E 88 -55.71 -135.83 11.57
C ARG E 88 -56.94 -135.40 10.79
N ALA E 89 -57.77 -136.38 10.42
CA ALA E 89 -58.95 -136.08 9.61
C ALA E 89 -60.09 -137.02 10.01
N THR E 90 -61.23 -136.44 10.36
CA THR E 90 -62.42 -137.20 10.75
C THR E 90 -63.63 -136.70 9.97
N LEU E 91 -64.65 -137.55 9.90
CA LEU E 91 -65.88 -137.24 9.18
C LEU E 91 -67.08 -137.60 10.06
N ARG E 92 -67.80 -136.58 10.50
CA ARG E 92 -69.00 -136.75 11.33
C ARG E 92 -70.24 -136.64 10.47
N LYS E 93 -71.25 -137.43 10.79
CA LYS E 93 -72.50 -137.47 10.04
C LYS E 93 -73.62 -136.94 10.91
N GLY E 94 -74.20 -135.79 10.56
CA GLY E 94 -75.24 -135.20 11.38
C GLY E 94 -74.88 -133.85 11.96
N LEU E 99 -73.35 -137.75 15.53
CA LEU E 99 -73.41 -138.98 16.32
C LEU E 99 -72.27 -139.92 15.94
N SER E 100 -72.25 -140.34 14.69
CA SER E 100 -71.23 -141.27 14.19
C SER E 100 -70.06 -140.49 13.62
N GLU E 101 -68.85 -140.84 14.05
CA GLU E 101 -67.63 -140.23 13.56
C GLU E 101 -66.72 -141.30 12.99
N GLU E 102 -66.17 -141.04 11.81
CA GLU E 102 -65.35 -142.01 11.10
C GLU E 102 -64.06 -141.37 10.62
N PRO E 103 -62.95 -142.10 10.63
CA PRO E 103 -61.70 -141.55 10.13
C PRO E 103 -61.67 -141.49 8.61
N LEU E 104 -60.91 -140.54 8.10
CA LEU E 104 -60.73 -140.36 6.67
C LEU E 104 -59.28 -140.62 6.30
N GLN E 105 -59.07 -141.21 5.12
CA GLN E 105 -57.72 -141.38 4.60
C GLN E 105 -57.37 -140.18 3.74
N VAL E 106 -56.12 -139.73 3.85
CA VAL E 106 -55.67 -138.48 3.24
C VAL E 106 -54.74 -138.80 2.08
N LEU E 107 -55.05 -138.24 0.91
CA LEU E 107 -54.18 -138.25 -0.24
C LEU E 107 -53.82 -136.82 -0.62
N GLU E 108 -52.60 -136.61 -1.09
CA GLU E 108 -52.06 -135.28 -1.31
C GLU E 108 -51.66 -135.13 -2.77
N HIS E 109 -51.95 -133.96 -3.36
CA HIS E 109 -51.52 -133.64 -4.72
C HIS E 109 -50.96 -132.21 -4.69
N PRO E 110 -49.64 -132.07 -4.56
CA PRO E 110 -49.06 -130.72 -4.51
C PRO E 110 -49.12 -129.97 -5.82
N ARG E 111 -49.13 -130.68 -6.95
CA ARG E 111 -49.17 -130.01 -8.24
C ARG E 111 -50.50 -129.30 -8.44
N GLN E 112 -51.60 -129.93 -8.06
CA GLN E 112 -52.91 -129.32 -8.12
C GLN E 112 -53.29 -128.60 -6.85
N GLU E 113 -52.41 -128.58 -5.85
CA GLU E 113 -52.65 -127.92 -4.56
C GLU E 113 -53.93 -128.45 -3.92
N GLN E 114 -54.10 -129.77 -3.93
CA GLN E 114 -55.33 -130.38 -3.47
C GLN E 114 -55.03 -131.52 -2.48
N ILE E 115 -56.07 -131.86 -1.71
CA ILE E 115 -56.07 -133.07 -0.90
C ILE E 115 -57.39 -133.79 -1.13
N ALA E 116 -57.32 -135.12 -1.08
CA ALA E 116 -58.47 -136.00 -1.22
C ALA E 116 -58.73 -136.71 0.09
N LEU E 117 -59.97 -136.68 0.56
CA LEU E 117 -60.36 -137.36 1.78
C LEU E 117 -61.25 -138.53 1.41
N LEU E 118 -60.82 -139.73 1.79
CA LEU E 118 -61.53 -140.97 1.48
C LEU E 118 -62.29 -141.43 2.71
N ALA E 119 -63.59 -141.68 2.53
CA ALA E 119 -64.58 -142.07 3.52
C ALA E 119 -64.93 -143.55 3.36
N PRO E 120 -65.07 -144.28 4.48
CA PRO E 120 -65.37 -145.72 4.36
C PRO E 120 -66.70 -146.02 3.69
N GLU E 121 -67.76 -145.31 4.07
CA GLU E 121 -69.08 -145.55 3.50
C GLU E 121 -69.51 -144.36 2.64
N PRO E 122 -70.09 -144.63 1.47
CA PRO E 122 -70.44 -143.53 0.55
C PRO E 122 -71.42 -142.55 1.18
N LEU E 123 -71.18 -141.27 0.93
CA LEU E 123 -72.03 -140.21 1.49
C LEU E 123 -73.43 -140.30 0.92
N LEU E 124 -74.43 -140.04 1.76
CA LEU E 124 -75.82 -140.07 1.35
C LEU E 124 -76.24 -138.69 0.87
N VAL E 125 -76.86 -138.64 -0.31
CA VAL E 125 -77.27 -137.36 -0.90
C VAL E 125 -78.31 -136.69 -0.01
N GLY E 126 -78.19 -135.37 0.15
CA GLY E 126 -79.11 -134.61 0.94
C GLY E 126 -78.85 -134.61 2.44
N LEU E 127 -77.81 -135.30 2.89
CA LEU E 127 -77.52 -135.37 4.32
C LEU E 127 -76.36 -134.44 4.67
N PRO E 128 -76.39 -133.81 5.85
CA PRO E 128 -75.26 -132.97 6.26
C PRO E 128 -74.14 -133.74 6.93
N TYR E 129 -72.91 -133.50 6.48
CA TYR E 129 -71.72 -134.09 7.06
C TYR E 129 -70.78 -132.97 7.47
N THR E 130 -69.85 -133.29 8.37
CA THR E 130 -68.89 -132.31 8.89
C THR E 130 -67.50 -132.93 8.79
N VAL E 131 -66.66 -132.36 7.94
CA VAL E 131 -65.26 -132.79 7.82
C VAL E 131 -64.44 -131.98 8.81
N VAL E 132 -63.64 -132.67 9.63
CA VAL E 132 -62.83 -132.03 10.66
C VAL E 132 -61.38 -132.36 10.36
N ILE E 133 -60.58 -131.33 10.11
CA ILE E 133 -59.18 -131.49 9.72
C ILE E 133 -58.31 -130.74 10.71
N HIS E 134 -57.27 -131.41 11.22
CA HIS E 134 -56.25 -130.80 12.06
C HIS E 134 -54.97 -130.67 11.24
N TYR E 135 -54.34 -129.50 11.32
CA TYR E 135 -53.18 -129.23 10.47
C TYR E 135 -52.22 -128.29 11.17
N ALA E 136 -51.04 -128.16 10.58
CA ALA E 136 -50.02 -127.26 11.09
C ALA E 136 -49.28 -126.61 9.93
N GLY E 137 -48.53 -125.56 10.26
CA GLY E 137 -47.74 -124.87 9.26
C GLY E 137 -47.00 -123.71 9.92
N ASN E 138 -46.34 -122.90 9.10
CA ASN E 138 -45.75 -121.67 9.60
C ASN E 138 -46.11 -120.48 8.72
N LEU E 139 -46.08 -119.31 9.35
CA LEU E 139 -46.28 -118.04 8.67
C LEU E 139 -45.39 -117.92 7.44
N SER E 140 -46.02 -117.65 6.29
CA SER E 140 -45.26 -117.44 5.07
C SER E 140 -44.38 -116.21 5.19
N GLU E 141 -43.14 -116.31 4.70
CA GLU E 141 -42.24 -115.18 4.66
C GLU E 141 -42.49 -114.27 3.47
N THR E 142 -43.51 -114.55 2.67
CA THR E 142 -43.81 -113.78 1.47
C THR E 142 -44.82 -112.68 1.74
N PHE E 143 -45.59 -112.31 0.72
CA PHE E 143 -46.62 -111.28 0.83
C PHE E 143 -48.02 -111.83 0.69
N HIS E 144 -48.18 -113.15 0.68
CA HIS E 144 -49.49 -113.78 0.51
C HIS E 144 -49.65 -114.89 1.53
N GLY E 145 -50.88 -115.43 1.59
CA GLY E 145 -51.21 -116.46 2.55
C GLY E 145 -51.39 -115.93 3.95
N PHE E 146 -50.94 -116.68 4.94
CA PHE E 146 -50.89 -116.25 6.33
C PHE E 146 -49.44 -115.87 6.61
N TYR E 147 -49.13 -114.59 6.41
CA TYR E 147 -47.73 -114.18 6.36
C TYR E 147 -47.38 -113.26 7.52
N LYS E 148 -46.08 -113.04 7.67
CA LYS E 148 -45.50 -112.26 8.76
C LYS E 148 -45.18 -110.85 8.28
N SER E 149 -45.31 -109.88 9.19
CA SER E 149 -44.93 -108.50 8.94
C SER E 149 -44.16 -107.99 10.15
N THR E 150 -43.25 -107.05 9.91
CA THR E 150 -42.44 -106.46 10.97
C THR E 150 -42.50 -104.95 10.89
N TYR E 151 -42.28 -104.30 12.03
CA TYR E 151 -42.25 -102.85 12.05
C TYR E 151 -41.23 -102.39 13.10
N ARG E 152 -40.68 -101.20 12.90
CA ARG E 152 -39.65 -100.63 13.77
C ARG E 152 -40.27 -99.59 14.70
N THR E 153 -40.03 -99.75 16.00
CA THR E 153 -40.44 -98.73 16.95
C THR E 153 -39.44 -97.56 16.94
N LYS E 154 -39.86 -96.47 17.59
CA LYS E 154 -39.00 -95.28 17.67
C LYS E 154 -37.78 -95.50 18.54
N GLU E 155 -37.69 -96.61 19.27
CA GLU E 155 -36.52 -96.94 20.05
C GLU E 155 -35.60 -97.91 19.33
N GLY E 156 -35.87 -98.22 18.07
CA GLY E 156 -35.06 -99.12 17.28
C GLY E 156 -35.44 -100.59 17.38
N GLU E 157 -36.34 -100.95 18.28
CA GLU E 157 -36.74 -102.35 18.43
C GLU E 157 -37.59 -102.79 17.24
N LEU E 158 -37.56 -104.10 16.98
CA LEU E 158 -38.31 -104.73 15.89
C LEU E 158 -39.47 -105.52 16.49
N ARG E 159 -40.67 -105.31 15.95
CA ARG E 159 -41.87 -105.98 16.42
C ARG E 159 -42.51 -106.75 15.29
N ILE E 160 -43.18 -107.84 15.64
CA ILE E 160 -43.70 -108.83 14.70
C ILE E 160 -45.22 -108.88 14.80
N LEU E 161 -45.87 -109.04 13.65
CA LEU E 161 -47.30 -109.28 13.59
C LEU E 161 -47.59 -110.27 12.48
N ALA E 162 -48.80 -110.83 12.49
CA ALA E 162 -49.22 -111.80 11.50
C ALA E 162 -50.46 -111.28 10.78
N SER E 163 -50.40 -111.24 9.46
CA SER E 163 -51.48 -110.74 8.64
C SER E 163 -51.85 -111.77 7.59
N THR E 164 -52.92 -111.49 6.86
CA THR E 164 -53.44 -112.39 5.84
C THR E 164 -53.56 -111.68 4.50
N GLN E 165 -53.50 -112.49 3.43
CA GLN E 165 -53.75 -112.01 2.08
C GLN E 165 -54.14 -113.24 1.26
N PHE E 166 -55.44 -113.42 1.04
CA PHE E 166 -55.95 -114.67 0.49
C PHE E 166 -56.34 -114.60 -0.98
N GLU E 167 -56.65 -113.41 -1.50
CA GLU E 167 -56.94 -113.29 -2.91
C GLU E 167 -55.67 -113.56 -3.72
N PRO E 168 -55.73 -114.42 -4.74
CA PRO E 168 -56.93 -115.15 -5.12
C PRO E 168 -57.01 -116.59 -4.58
N THR E 169 -55.88 -117.28 -4.50
CA THR E 169 -55.85 -118.71 -4.16
C THR E 169 -54.92 -118.96 -2.98
N ALA E 170 -54.92 -118.06 -2.00
CA ALA E 170 -54.00 -118.19 -0.88
C ALA E 170 -54.66 -118.60 0.44
N ALA E 171 -56.00 -118.67 0.48
CA ALA E 171 -56.67 -119.13 1.69
C ALA E 171 -56.31 -120.57 2.02
N ARG E 172 -56.03 -121.38 1.00
CA ARG E 172 -55.62 -122.77 1.20
C ARG E 172 -54.29 -122.88 1.92
N MET E 173 -53.46 -121.83 1.91
CA MET E 173 -52.21 -121.83 2.65
C MET E 173 -52.41 -121.60 4.14
N ALA E 174 -53.62 -121.29 4.57
CA ALA E 174 -53.91 -121.01 5.97
C ALA E 174 -54.94 -121.93 6.55
N PHE E 175 -55.94 -122.34 5.77
CA PHE E 175 -56.90 -123.32 6.24
C PHE E 175 -57.40 -124.15 5.06
N PRO E 176 -57.49 -125.48 5.21
CA PRO E 176 -58.00 -126.29 4.11
C PRO E 176 -59.47 -126.00 3.87
N CYS E 177 -59.83 -125.83 2.60
CA CYS E 177 -61.15 -125.35 2.25
C CYS E 177 -61.39 -125.62 0.77
N PHE E 178 -62.57 -125.24 0.31
CA PHE E 178 -62.91 -125.23 -1.11
C PHE E 178 -62.60 -123.83 -1.64
N ASP E 179 -61.31 -123.61 -1.93
CA ASP E 179 -60.78 -122.29 -2.21
C ASP E 179 -61.13 -121.87 -3.64
N GLU E 180 -62.43 -121.64 -3.85
CA GLU E 180 -62.93 -121.10 -5.10
C GLU E 180 -64.01 -120.08 -4.79
N PRO E 181 -64.16 -119.05 -5.63
CA PRO E 181 -65.14 -117.99 -5.33
C PRO E 181 -66.59 -118.43 -5.41
N ALA E 182 -66.88 -119.59 -6.01
CA ALA E 182 -68.26 -120.01 -6.18
C ALA E 182 -68.81 -120.72 -4.95
N PHE E 183 -67.94 -121.38 -4.17
CA PHE E 183 -68.40 -122.12 -2.98
C PHE E 183 -68.46 -121.15 -1.80
N LYS E 184 -69.51 -120.33 -1.80
CA LYS E 184 -69.72 -119.39 -0.71
C LYS E 184 -70.28 -120.09 0.51
N ALA E 185 -69.95 -119.56 1.68
CA ALA E 185 -70.37 -120.13 2.95
C ALA E 185 -70.15 -119.10 4.06
N SER E 186 -70.65 -119.42 5.24
CA SER E 186 -70.41 -118.62 6.43
C SER E 186 -69.15 -119.11 7.13
N PHE E 187 -68.58 -118.26 7.97
CA PHE E 187 -67.30 -118.54 8.62
C PHE E 187 -67.37 -118.13 10.09
N SER E 188 -67.15 -119.10 10.98
CA SER E 188 -67.02 -118.85 12.41
C SER E 188 -65.55 -118.95 12.79
N ILE E 189 -64.95 -117.82 13.17
CA ILE E 189 -63.51 -117.71 13.36
C ILE E 189 -63.17 -117.65 14.84
N LYS E 190 -62.15 -118.40 15.23
CA LYS E 190 -61.58 -118.39 16.57
C LYS E 190 -60.07 -118.26 16.46
N ILE E 191 -59.49 -117.28 17.14
CA ILE E 191 -58.07 -117.00 17.06
C ILE E 191 -57.46 -117.08 18.46
N ARG E 192 -56.32 -117.73 18.57
CA ARG E 192 -55.62 -117.86 19.84
C ARG E 192 -54.39 -116.96 19.85
N ARG E 193 -54.16 -116.28 20.96
CA ARG E 193 -53.11 -115.28 21.04
C ARG E 193 -52.60 -115.17 22.46
N GLU E 194 -51.43 -114.54 22.60
CA GLU E 194 -50.97 -114.13 23.92
C GLU E 194 -51.79 -112.95 24.39
N PRO E 195 -51.83 -112.70 25.70
CA PRO E 195 -52.53 -111.49 26.18
C PRO E 195 -51.97 -110.21 25.59
N ARG E 196 -50.65 -110.15 25.39
CA ARG E 196 -50.00 -108.94 24.88
C ARG E 196 -50.45 -108.59 23.47
N HIS E 197 -51.21 -109.46 22.82
CA HIS E 197 -51.61 -109.27 21.44
C HIS E 197 -53.07 -108.81 21.34
N LEU E 198 -53.44 -108.46 20.11
CA LEU E 198 -54.77 -107.98 19.76
C LEU E 198 -55.14 -108.61 18.44
N ALA E 199 -56.30 -109.25 18.38
CA ALA E 199 -56.75 -109.99 17.21
C ALA E 199 -58.00 -109.32 16.63
N ILE E 200 -57.98 -109.09 15.32
CA ILE E 200 -59.14 -108.58 14.62
C ILE E 200 -59.38 -109.43 13.38
N SER E 201 -60.64 -109.49 12.95
CA SER E 201 -61.01 -110.34 11.83
C SER E 201 -62.18 -109.67 11.10
N ASN E 202 -62.93 -110.47 10.34
CA ASN E 202 -64.00 -109.93 9.51
C ASN E 202 -65.14 -109.37 10.36
N MET E 203 -65.55 -110.11 11.38
CA MET E 203 -66.68 -109.76 12.21
C MET E 203 -66.22 -109.19 13.54
N PRO E 204 -67.13 -108.58 14.31
CA PRO E 204 -66.74 -108.10 15.65
C PRO E 204 -66.38 -109.25 16.57
N LEU E 205 -65.61 -108.91 17.60
CA LEU E 205 -65.20 -109.87 18.61
C LEU E 205 -66.38 -110.12 19.55
N VAL E 206 -66.81 -111.37 19.64
CA VAL E 206 -67.95 -111.72 20.49
C VAL E 206 -67.51 -112.02 21.90
N LYS E 207 -66.47 -112.83 22.08
CA LYS E 207 -66.02 -113.08 23.44
C LYS E 207 -64.57 -113.54 23.46
N SER E 208 -63.96 -113.44 24.65
CA SER E 208 -62.59 -113.86 24.88
C SER E 208 -62.56 -114.81 26.08
N VAL E 209 -62.00 -115.99 25.87
CA VAL E 209 -61.97 -117.06 26.88
C VAL E 209 -60.52 -117.41 27.19
N THR E 210 -60.22 -117.62 28.47
CA THR E 210 -58.86 -117.96 28.88
C THR E 210 -58.67 -119.48 28.75
N VAL E 211 -58.57 -119.93 27.50
CA VAL E 211 -58.34 -121.35 27.24
C VAL E 211 -56.93 -121.73 27.65
N ALA E 212 -56.77 -122.96 28.14
CA ALA E 212 -55.49 -123.45 28.63
C ALA E 212 -54.94 -122.51 29.70
N GLU E 213 -53.65 -122.20 29.62
CA GLU E 213 -53.02 -121.28 30.54
C GLU E 213 -52.15 -120.30 29.79
N GLY E 214 -52.38 -119.01 30.04
CA GLY E 214 -51.50 -117.96 29.55
C GLY E 214 -51.81 -117.43 28.17
N LEU E 215 -52.77 -118.01 27.47
CA LEU E 215 -53.15 -117.54 26.14
C LEU E 215 -54.67 -117.45 26.03
N ILE E 216 -55.15 -116.33 25.47
CA ILE E 216 -56.57 -116.06 25.32
C ILE E 216 -57.03 -116.53 23.94
N GLU E 217 -58.31 -116.91 23.87
CA GLU E 217 -58.97 -117.32 22.62
C GLU E 217 -60.10 -116.35 22.33
N ASP E 218 -60.08 -115.77 21.13
CA ASP E 218 -61.07 -114.80 20.70
C ASP E 218 -62.05 -115.49 19.76
N HIS E 219 -63.33 -115.51 20.16
CA HIS E 219 -64.42 -115.99 19.33
C HIS E 219 -65.06 -114.78 18.65
N PHE E 220 -65.01 -114.75 17.32
CA PHE E 220 -65.63 -113.71 16.53
C PHE E 220 -67.02 -114.14 16.07
N ASP E 221 -67.85 -113.15 15.75
CA ASP E 221 -69.18 -113.43 15.25
C ASP E 221 -69.10 -114.13 13.89
N VAL E 222 -70.22 -114.71 13.47
CA VAL E 222 -70.25 -115.47 12.22
C VAL E 222 -70.48 -114.53 11.05
N THR E 223 -69.76 -114.78 9.96
CA THR E 223 -69.84 -113.96 8.76
C THR E 223 -71.08 -114.31 7.95
N VAL E 224 -71.28 -113.59 6.85
CA VAL E 224 -72.38 -113.83 5.94
C VAL E 224 -71.91 -114.74 4.82
N LYS E 225 -72.79 -115.00 3.84
CA LYS E 225 -72.42 -115.76 2.66
C LYS E 225 -71.37 -115.03 1.84
N MET E 226 -70.13 -115.52 1.87
CA MET E 226 -69.04 -114.86 1.17
C MET E 226 -68.06 -115.89 0.65
N SER E 227 -67.25 -115.47 -0.32
CA SER E 227 -66.25 -116.36 -0.87
C SER E 227 -65.09 -116.51 0.12
N THR E 228 -64.24 -117.50 -0.14
CA THR E 228 -63.19 -117.83 0.81
C THR E 228 -62.07 -116.80 0.81
N TYR E 229 -61.82 -116.14 -0.33
CA TYR E 229 -60.70 -115.21 -0.41
C TYR E 229 -60.91 -113.95 0.42
N LEU E 230 -62.10 -113.73 0.97
CA LEU E 230 -62.38 -112.54 1.76
C LEU E 230 -62.12 -112.74 3.25
N VAL E 231 -61.73 -113.94 3.67
CA VAL E 231 -61.40 -114.18 5.07
C VAL E 231 -60.10 -113.44 5.41
N ALA E 232 -60.05 -112.89 6.63
CA ALA E 232 -58.87 -112.16 7.07
C ALA E 232 -58.84 -112.15 8.58
N PHE E 233 -57.61 -112.07 9.12
CA PHE E 233 -57.41 -111.94 10.55
C PHE E 233 -56.00 -111.40 10.78
N ILE E 234 -55.86 -110.62 11.84
CA ILE E 234 -54.61 -109.93 12.15
C ILE E 234 -54.34 -110.07 13.64
N ILE E 235 -53.12 -110.47 13.98
CA ILE E 235 -52.62 -110.54 15.35
C ILE E 235 -51.49 -109.53 15.46
N SER E 236 -51.67 -108.51 16.28
CA SER E 236 -50.67 -107.45 16.36
C SER E 236 -50.79 -106.75 17.71
N ASP E 237 -50.35 -105.50 17.77
CA ASP E 237 -50.58 -104.62 18.91
C ASP E 237 -50.97 -103.23 18.42
N PHE E 238 -51.85 -103.19 17.40
CA PHE E 238 -52.25 -101.93 16.80
C PHE E 238 -53.03 -101.07 17.77
N GLU E 239 -52.87 -99.77 17.64
CA GLU E 239 -53.83 -98.80 18.16
C GLU E 239 -54.82 -98.45 17.06
N SER E 240 -55.98 -97.92 17.47
CA SER E 240 -57.03 -97.64 16.52
C SER E 240 -57.78 -96.37 16.89
N VAL E 241 -58.41 -95.80 15.87
CA VAL E 241 -59.34 -94.68 16.01
C VAL E 241 -60.65 -95.09 15.34
N SER E 242 -61.76 -94.75 15.97
CA SER E 242 -63.10 -95.18 15.48
C SER E 242 -64.04 -93.99 15.32
N LYS E 243 -65.10 -94.25 14.56
CA LYS E 243 -66.13 -93.25 14.28
C LYS E 243 -67.36 -94.00 13.80
N ILE E 244 -68.51 -93.36 13.95
CA ILE E 244 -69.80 -93.98 13.60
C ILE E 244 -70.34 -93.33 12.34
N THR E 245 -70.94 -94.13 11.47
CA THR E 245 -71.66 -93.62 10.32
C THR E 245 -73.06 -93.17 10.74
N LYS E 246 -73.74 -92.48 9.81
CA LYS E 246 -75.13 -92.11 10.08
C LYS E 246 -76.06 -93.32 10.09
N SER E 247 -75.60 -94.47 9.61
CA SER E 247 -76.38 -95.69 9.63
C SER E 247 -75.99 -96.62 10.77
N GLY E 248 -75.04 -96.23 11.61
CA GLY E 248 -74.69 -97.00 12.79
C GLY E 248 -73.58 -98.00 12.62
N VAL E 249 -72.87 -97.98 11.50
CA VAL E 249 -71.75 -98.90 11.30
C VAL E 249 -70.54 -98.39 12.06
N LYS E 250 -69.84 -99.30 12.73
CA LYS E 250 -68.67 -98.90 13.51
C LYS E 250 -67.45 -98.97 12.60
N VAL E 251 -66.97 -97.80 12.18
CA VAL E 251 -65.80 -97.70 11.30
C VAL E 251 -64.57 -97.40 12.16
N SER E 252 -63.53 -98.22 12.01
CA SER E 252 -62.30 -98.05 12.78
C SER E 252 -61.11 -98.16 11.85
N VAL E 253 -59.99 -97.53 12.24
CA VAL E 253 -58.75 -97.58 11.47
C VAL E 253 -57.62 -97.96 12.42
N TYR E 254 -56.98 -99.08 12.14
CA TYR E 254 -55.88 -99.62 12.93
C TYR E 254 -54.55 -99.34 12.25
N ALA E 255 -53.53 -99.10 13.05
CA ALA E 255 -52.18 -98.90 12.55
C ALA E 255 -51.20 -99.17 13.68
N VAL E 256 -49.91 -99.20 13.33
CA VAL E 256 -48.85 -99.43 14.29
C VAL E 256 -48.86 -98.28 15.30
N PRO E 257 -48.42 -98.50 16.55
CA PRO E 257 -48.62 -97.48 17.59
C PRO E 257 -48.02 -96.12 17.25
N ASP E 258 -46.88 -96.09 16.56
CA ASP E 258 -46.21 -94.83 16.27
C ASP E 258 -46.81 -94.07 15.09
N LYS E 259 -47.77 -94.66 14.38
CA LYS E 259 -48.34 -94.04 13.19
C LYS E 259 -49.86 -93.86 13.27
N ILE E 260 -50.46 -94.05 14.44
CA ILE E 260 -51.92 -93.97 14.53
C ILE E 260 -52.42 -92.55 14.30
N ASN E 261 -51.61 -91.55 14.59
CA ASN E 261 -52.02 -90.16 14.44
C ASN E 261 -52.14 -89.71 12.98
N GLN E 262 -51.85 -90.58 12.02
CA GLN E 262 -51.97 -90.25 10.60
C GLN E 262 -53.20 -90.87 9.96
N ALA E 263 -54.14 -91.38 10.76
CA ALA E 263 -55.30 -92.10 10.26
C ALA E 263 -56.57 -91.26 10.24
N ASP E 264 -56.46 -89.96 10.56
CA ASP E 264 -57.65 -89.14 10.70
C ASP E 264 -58.36 -88.95 9.35
N TYR E 265 -57.63 -88.53 8.34
CA TYR E 265 -58.23 -88.34 7.01
C TYR E 265 -58.76 -89.65 6.47
N ALA E 266 -58.03 -90.74 6.71
CA ALA E 266 -58.49 -92.05 6.27
C ALA E 266 -59.84 -92.37 6.91
N LEU E 267 -59.96 -92.19 8.22
CA LEU E 267 -61.22 -92.51 8.90
C LEU E 267 -62.35 -91.62 8.42
N ASP E 268 -62.10 -90.32 8.28
CA ASP E 268 -63.14 -89.38 7.87
C ASP E 268 -63.65 -89.71 6.47
N ALA E 269 -62.72 -89.84 5.51
CA ALA E 269 -63.10 -90.19 4.15
C ALA E 269 -63.75 -91.57 4.08
N ALA E 270 -63.34 -92.50 4.96
CA ALA E 270 -63.96 -93.81 4.97
C ALA E 270 -65.43 -93.72 5.38
N VAL E 271 -65.71 -92.98 6.45
CA VAL E 271 -67.09 -92.80 6.89
C VAL E 271 -67.91 -92.15 5.78
N THR E 272 -67.39 -91.07 5.19
CA THR E 272 -68.12 -90.36 4.15
C THR E 272 -68.41 -91.26 2.95
N LEU E 273 -67.40 -91.99 2.49
CA LEU E 273 -67.57 -92.83 1.30
C LEU E 273 -68.47 -94.01 1.59
N LEU E 274 -68.42 -94.58 2.80
CA LEU E 274 -69.32 -95.67 3.14
C LEU E 274 -70.78 -95.19 3.15
N GLU E 275 -71.02 -94.02 3.72
CA GLU E 275 -72.37 -93.47 3.68
C GLU E 275 -72.83 -93.22 2.25
N PHE E 276 -71.93 -92.68 1.41
CA PHE E 276 -72.28 -92.45 0.01
C PHE E 276 -72.64 -93.74 -0.69
N TYR E 277 -71.85 -94.79 -0.47
CA TYR E 277 -72.10 -96.07 -1.15
C TYR E 277 -73.42 -96.68 -0.71
N GLU E 278 -73.70 -96.65 0.60
CA GLU E 278 -74.99 -97.10 1.09
C GLU E 278 -76.13 -96.37 0.38
N ASP E 279 -76.08 -95.03 0.38
CA ASP E 279 -77.16 -94.27 -0.24
C ASP E 279 -77.26 -94.53 -1.73
N TYR E 280 -76.13 -94.59 -2.43
CA TYR E 280 -76.12 -94.73 -3.88
C TYR E 280 -76.69 -96.08 -4.30
N PHE E 281 -76.20 -97.17 -3.71
CA PHE E 281 -76.69 -98.48 -4.08
C PHE E 281 -78.05 -98.79 -3.48
N SER E 282 -78.52 -98.00 -2.51
CA SER E 282 -79.77 -98.28 -1.80
C SER E 282 -79.74 -99.67 -1.17
N ILE E 283 -78.56 -100.07 -0.73
CA ILE E 283 -78.33 -101.37 -0.11
C ILE E 283 -77.44 -101.13 1.12
N PRO E 284 -77.97 -101.33 2.33
CA PRO E 284 -77.17 -101.03 3.52
C PRO E 284 -75.96 -101.94 3.64
N TYR E 285 -74.94 -101.43 4.33
CA TYR E 285 -73.77 -102.24 4.63
C TYR E 285 -74.17 -103.34 5.61
N PRO E 286 -74.04 -104.62 5.26
CA PRO E 286 -74.65 -105.67 6.08
C PRO E 286 -73.92 -105.93 7.39
N LEU E 287 -72.63 -105.69 7.45
CA LEU E 287 -71.88 -106.04 8.63
C LEU E 287 -71.97 -104.93 9.68
N PRO E 288 -71.82 -105.27 10.96
CA PRO E 288 -71.88 -104.21 11.99
C PRO E 288 -70.71 -103.25 11.95
N LYS E 289 -69.51 -103.74 11.62
CA LYS E 289 -68.32 -102.91 11.71
C LYS E 289 -67.55 -102.98 10.40
N GLN E 290 -66.79 -101.91 10.14
CA GLN E 290 -65.86 -101.82 9.04
C GLN E 290 -64.52 -101.38 9.59
N ASP E 291 -63.46 -102.12 9.29
CA ASP E 291 -62.14 -101.85 9.81
C ASP E 291 -61.17 -101.61 8.65
N LEU E 292 -60.24 -100.67 8.86
CA LEU E 292 -59.23 -100.32 7.86
C LEU E 292 -57.87 -100.40 8.55
N ALA E 293 -57.10 -101.44 8.25
CA ALA E 293 -55.83 -101.70 8.91
C ALA E 293 -54.67 -101.36 7.99
N ALA E 294 -53.67 -100.65 8.53
CA ALA E 294 -52.47 -100.28 7.80
C ALA E 294 -51.40 -101.33 8.09
N ILE E 295 -51.15 -102.20 7.11
CA ILE E 295 -50.21 -103.31 7.27
C ILE E 295 -48.81 -102.85 6.89
N PRO E 296 -47.80 -103.09 7.73
CA PRO E 296 -46.44 -102.63 7.39
C PRO E 296 -45.83 -103.32 6.17
N ASP E 297 -46.15 -104.59 5.95
CA ASP E 297 -45.66 -105.34 4.80
C ASP E 297 -46.85 -105.75 3.95
N PHE E 298 -47.01 -105.11 2.79
CA PHE E 298 -48.13 -105.42 1.91
C PHE E 298 -47.67 -105.36 0.46
N GLN E 299 -48.19 -106.29 -0.35
CA GLN E 299 -47.87 -106.39 -1.76
C GLN E 299 -48.78 -105.52 -2.60
N SER E 300 -50.09 -105.70 -2.47
CA SER E 300 -51.04 -104.90 -3.24
C SER E 300 -51.07 -103.47 -2.68
N GLY E 301 -51.85 -102.62 -3.33
CA GLY E 301 -52.20 -101.35 -2.71
C GLY E 301 -53.11 -101.55 -1.51
N ALA E 302 -54.10 -102.42 -1.63
CA ALA E 302 -55.05 -102.68 -0.56
C ALA E 302 -55.73 -104.02 -0.83
N MET E 303 -56.68 -104.36 0.02
CA MET E 303 -57.47 -105.59 -0.12
C MET E 303 -58.85 -105.36 0.49
N GLU E 304 -59.86 -105.99 -0.11
CA GLU E 304 -61.25 -105.72 0.20
C GLU E 304 -61.87 -106.73 1.16
N ASN E 305 -61.07 -107.26 2.09
CA ASN E 305 -61.60 -108.24 3.03
C ASN E 305 -62.81 -107.69 3.75
N TRP E 306 -63.92 -108.43 3.67
CA TRP E 306 -65.21 -107.97 4.18
C TRP E 306 -65.14 -107.68 5.67
N GLY E 307 -65.28 -106.41 6.05
CA GLY E 307 -65.20 -105.99 7.44
C GLY E 307 -63.81 -105.72 7.95
N LEU E 308 -62.77 -105.99 7.14
CA LEU E 308 -61.38 -105.78 7.57
C LEU E 308 -60.51 -105.52 6.33
N THR E 309 -60.68 -104.34 5.71
CA THR E 309 -59.83 -103.97 4.60
C THR E 309 -58.41 -103.69 5.09
N THR E 310 -57.43 -104.13 4.32
CA THR E 310 -56.02 -103.97 4.64
C THR E 310 -55.37 -103.07 3.59
N TYR E 311 -54.36 -102.31 4.01
CA TYR E 311 -53.77 -101.29 3.16
C TYR E 311 -52.27 -101.24 3.33
N ARG E 312 -51.60 -100.61 2.38
CA ARG E 312 -50.26 -100.12 2.62
C ARG E 312 -50.33 -98.88 3.50
N GLU E 313 -49.35 -98.76 4.40
CA GLU E 313 -49.26 -97.56 5.22
C GLU E 313 -49.18 -96.32 4.34
N SER E 314 -48.43 -96.41 3.24
CA SER E 314 -48.36 -95.31 2.29
C SER E 314 -49.71 -95.02 1.65
N ALA E 315 -50.55 -96.04 1.51
CA ALA E 315 -51.83 -95.89 0.81
C ALA E 315 -52.98 -95.56 1.75
N LEU E 316 -52.75 -95.53 3.06
CA LEU E 316 -53.81 -95.19 3.99
C LEU E 316 -53.49 -94.03 4.92
N LEU E 317 -52.25 -93.89 5.37
CA LEU E 317 -51.94 -92.90 6.40
C LEU E 317 -51.52 -91.58 5.76
N PHE E 318 -51.97 -90.48 6.36
CA PHE E 318 -51.78 -89.14 5.81
C PHE E 318 -51.18 -88.24 6.89
N ASP E 319 -50.02 -87.66 6.60
CA ASP E 319 -49.34 -86.75 7.51
C ASP E 319 -49.43 -85.35 6.92
N ALA E 320 -50.09 -84.44 7.65
CA ALA E 320 -50.32 -83.09 7.13
C ALA E 320 -49.01 -82.35 6.89
N GLU E 321 -47.94 -82.71 7.59
CA GLU E 321 -46.68 -81.98 7.49
C GLU E 321 -45.81 -82.43 6.34
N LYS E 322 -45.93 -83.68 5.89
CA LYS E 322 -45.00 -84.23 4.91
C LYS E 322 -45.65 -84.95 3.74
N SER E 323 -46.90 -85.39 3.85
CA SER E 323 -47.53 -86.11 2.75
C SER E 323 -47.90 -85.16 1.63
N SER E 324 -47.82 -85.66 0.39
CA SER E 324 -48.09 -84.85 -0.78
C SER E 324 -49.57 -84.90 -1.15
N ALA E 325 -49.98 -83.89 -1.95
CA ALA E 325 -51.35 -83.86 -2.44
C ALA E 325 -51.66 -85.08 -3.30
N SER E 326 -50.68 -85.55 -4.07
CA SER E 326 -50.82 -86.82 -4.76
C SER E 326 -51.14 -87.94 -3.77
N SER E 327 -50.43 -87.97 -2.63
CA SER E 327 -50.67 -89.01 -1.64
C SER E 327 -52.07 -88.91 -1.06
N LYS E 328 -52.56 -87.70 -0.81
CA LYS E 328 -53.90 -87.54 -0.26
C LYS E 328 -54.96 -87.99 -1.26
N LEU E 329 -54.81 -87.60 -2.53
CA LEU E 329 -55.72 -88.07 -3.56
C LEU E 329 -55.69 -89.58 -3.68
N GLY E 330 -54.50 -90.18 -3.60
CA GLY E 330 -54.39 -91.63 -3.68
C GLY E 330 -55.07 -92.33 -2.53
N ILE E 331 -54.91 -91.80 -1.32
CA ILE E 331 -55.60 -92.37 -0.16
C ILE E 331 -57.11 -92.33 -0.36
N THR E 332 -57.63 -91.19 -0.81
CA THR E 332 -59.07 -91.08 -1.03
C THR E 332 -59.55 -92.09 -2.06
N MET E 333 -58.84 -92.19 -3.19
CA MET E 333 -59.25 -93.11 -4.25
C MET E 333 -59.15 -94.55 -3.80
N THR E 334 -58.15 -94.89 -2.98
CA THR E 334 -57.98 -96.26 -2.52
C THR E 334 -59.09 -96.67 -1.56
N VAL E 335 -59.41 -95.79 -0.61
CA VAL E 335 -60.51 -96.07 0.31
C VAL E 335 -61.82 -96.24 -0.46
N ALA E 336 -62.05 -95.37 -1.46
CA ALA E 336 -63.24 -95.49 -2.28
C ALA E 336 -63.26 -96.82 -3.03
N HIS E 337 -62.11 -97.23 -3.56
CA HIS E 337 -62.02 -98.50 -4.28
C HIS E 337 -62.41 -99.67 -3.38
N GLU E 338 -61.86 -99.71 -2.17
CA GLU E 338 -62.14 -100.86 -1.29
C GLU E 338 -63.58 -100.84 -0.80
N LEU E 339 -64.10 -99.66 -0.46
CA LEU E 339 -65.50 -99.60 -0.02
C LEU E 339 -66.46 -99.91 -1.16
N ALA E 340 -66.06 -99.63 -2.40
CA ALA E 340 -66.86 -100.06 -3.55
C ALA E 340 -66.79 -101.57 -3.73
N HIS E 341 -65.61 -102.15 -3.48
CA HIS E 341 -65.48 -103.60 -3.50
C HIS E 341 -66.40 -104.26 -2.48
N GLN E 342 -66.67 -103.57 -1.38
CA GLN E 342 -67.60 -104.10 -0.38
C GLN E 342 -68.93 -104.50 -1.00
N TRP E 343 -69.34 -103.87 -2.10
CA TRP E 343 -70.53 -104.26 -2.85
C TRP E 343 -70.20 -105.03 -4.13
N PHE E 344 -69.34 -104.47 -4.97
CA PHE E 344 -68.92 -105.12 -6.22
C PHE E 344 -67.72 -106.00 -5.90
N GLY E 345 -68.01 -107.25 -5.51
CA GLY E 345 -66.96 -108.19 -5.18
C GLY E 345 -67.29 -109.04 -3.98
N ASN E 346 -67.82 -108.42 -2.93
CA ASN E 346 -68.17 -109.12 -1.70
C ASN E 346 -69.65 -109.49 -1.69
N LEU E 347 -70.53 -108.49 -1.81
CA LEU E 347 -71.96 -108.76 -1.86
C LEU E 347 -72.33 -109.58 -3.10
N VAL E 348 -71.91 -109.12 -4.27
CA VAL E 348 -72.12 -109.83 -5.53
C VAL E 348 -70.74 -110.19 -6.05
N THR E 349 -70.44 -111.50 -6.12
CA THR E 349 -69.11 -111.93 -6.55
C THR E 349 -69.18 -112.59 -7.91
N MET E 350 -68.13 -112.41 -8.71
CA MET E 350 -68.00 -113.16 -9.94
C MET E 350 -67.91 -114.65 -9.63
N GLU E 351 -68.30 -115.48 -10.60
CA GLU E 351 -68.31 -116.91 -10.32
C GLU E 351 -66.93 -117.53 -10.52
N TRP E 352 -66.19 -117.10 -11.54
CA TRP E 352 -64.85 -117.58 -11.79
C TRP E 352 -63.96 -116.42 -12.19
N TRP E 353 -62.65 -116.59 -11.97
CA TRP E 353 -61.68 -115.52 -12.14
C TRP E 353 -61.54 -115.05 -13.59
N ASN E 354 -62.22 -115.68 -14.54
CA ASN E 354 -62.20 -115.18 -15.92
C ASN E 354 -62.95 -113.85 -16.04
N ASP E 355 -63.94 -113.64 -15.19
CA ASP E 355 -64.71 -112.40 -15.14
C ASP E 355 -64.31 -111.53 -13.95
N LEU E 356 -63.03 -111.56 -13.57
CA LEU E 356 -62.52 -110.72 -12.50
C LEU E 356 -62.78 -109.23 -12.75
N TRP E 357 -63.00 -108.86 -14.01
CA TRP E 357 -63.29 -107.46 -14.30
C TRP E 357 -64.59 -107.02 -13.66
N LEU E 358 -65.58 -107.93 -13.55
CA LEU E 358 -66.84 -107.61 -12.90
C LEU E 358 -66.65 -107.10 -11.48
N ASN E 359 -65.54 -107.44 -10.83
CA ASN E 359 -65.18 -106.83 -9.55
C ASN E 359 -64.29 -105.61 -9.77
N GLU E 360 -63.16 -105.80 -10.46
CA GLU E 360 -62.11 -104.80 -10.42
C GLU E 360 -62.42 -103.57 -11.25
N GLY E 361 -62.92 -103.74 -12.48
CA GLY E 361 -63.28 -102.58 -13.28
C GLY E 361 -64.41 -101.79 -12.64
N PHE E 362 -65.41 -102.48 -12.10
CA PHE E 362 -66.49 -101.78 -11.42
C PHE E 362 -65.99 -101.02 -10.20
N ALA E 363 -65.06 -101.60 -9.45
CA ALA E 363 -64.52 -100.89 -8.30
C ALA E 363 -63.70 -99.67 -8.72
N LYS E 364 -62.84 -99.82 -9.73
CA LYS E 364 -62.04 -98.70 -10.21
C LYS E 364 -62.93 -97.60 -10.77
N PHE E 365 -64.08 -97.95 -11.33
CA PHE E 365 -65.01 -96.93 -11.83
C PHE E 365 -65.79 -96.29 -10.69
N MET E 366 -66.18 -97.08 -9.69
CA MET E 366 -66.86 -96.52 -8.54
C MET E 366 -65.96 -95.57 -7.77
N GLU E 367 -64.65 -95.76 -7.85
CA GLU E 367 -63.72 -94.74 -7.37
C GLU E 367 -64.12 -93.36 -7.87
N PHE E 368 -64.18 -93.21 -9.19
CA PHE E 368 -64.54 -91.93 -9.81
C PHE E 368 -65.96 -91.53 -9.41
N VAL E 369 -66.91 -92.46 -9.58
CA VAL E 369 -68.32 -92.15 -9.35
C VAL E 369 -68.54 -91.63 -7.93
N SER E 370 -67.78 -92.15 -6.96
CA SER E 370 -67.96 -91.79 -5.56
C SER E 370 -67.16 -90.55 -5.17
N VAL E 371 -65.88 -90.48 -5.56
CA VAL E 371 -65.04 -89.37 -5.12
C VAL E 371 -65.46 -88.08 -5.78
N SER E 372 -65.87 -88.12 -7.06
CA SER E 372 -66.31 -86.91 -7.74
C SER E 372 -67.51 -86.26 -7.04
N VAL E 373 -68.18 -86.97 -6.15
CA VAL E 373 -69.28 -86.42 -5.37
C VAL E 373 -68.86 -86.14 -3.93
N THR E 374 -68.14 -87.06 -3.29
CA THR E 374 -67.84 -86.93 -1.87
C THR E 374 -66.75 -85.91 -1.60
N HIS E 375 -65.74 -85.83 -2.46
CA HIS E 375 -64.62 -84.90 -2.31
C HIS E 375 -64.49 -84.10 -3.60
N PRO E 376 -65.42 -83.19 -3.88
CA PRO E 376 -65.40 -82.48 -5.17
C PRO E 376 -64.24 -81.52 -5.32
N GLU E 377 -63.57 -81.13 -4.23
CA GLU E 377 -62.40 -80.28 -4.35
C GLU E 377 -61.24 -80.99 -5.03
N LEU E 378 -61.28 -82.32 -5.12
CA LEU E 378 -60.22 -83.06 -5.79
C LEU E 378 -60.36 -83.00 -7.31
N LYS E 379 -61.60 -83.02 -7.81
CA LYS E 379 -61.88 -82.99 -9.25
C LYS E 379 -61.17 -84.13 -9.98
N VAL E 380 -61.55 -85.36 -9.59
CA VAL E 380 -60.92 -86.56 -10.13
C VAL E 380 -61.25 -86.78 -11.61
N GLY E 381 -62.28 -86.09 -12.12
CA GLY E 381 -62.56 -86.11 -13.54
C GLY E 381 -61.45 -85.51 -14.37
N ASP E 382 -60.56 -84.74 -13.75
CA ASP E 382 -59.41 -84.20 -14.48
C ASP E 382 -58.39 -85.29 -14.78
N TYR E 383 -58.16 -86.20 -13.84
CA TYR E 383 -57.07 -87.16 -13.93
C TYR E 383 -57.52 -88.58 -14.26
N PHE E 384 -58.83 -88.84 -14.37
CA PHE E 384 -59.29 -90.22 -14.53
C PHE E 384 -58.74 -90.87 -15.80
N PHE E 385 -58.82 -90.18 -16.95
CA PHE E 385 -58.65 -90.82 -18.26
C PHE E 385 -57.19 -91.18 -18.59
N GLY E 386 -56.22 -90.77 -17.78
CA GLY E 386 -54.90 -91.35 -17.90
C GLY E 386 -54.92 -92.86 -17.79
N LYS E 387 -55.85 -93.39 -17.00
CA LYS E 387 -56.06 -94.83 -16.95
C LYS E 387 -56.39 -95.39 -18.33
N CYS E 388 -57.37 -94.79 -19.01
CA CYS E 388 -57.75 -95.26 -20.34
C CYS E 388 -56.58 -95.18 -21.30
N PHE E 389 -55.82 -94.10 -21.26
CA PHE E 389 -54.69 -93.95 -22.19
C PHE E 389 -53.62 -95.02 -21.94
N ASP E 390 -53.20 -95.17 -20.68
CA ASP E 390 -52.17 -96.16 -20.36
C ASP E 390 -52.67 -97.58 -20.63
N ALA E 391 -53.97 -97.82 -20.48
CA ALA E 391 -54.52 -99.13 -20.80
C ALA E 391 -54.49 -99.39 -22.30
N MET E 392 -54.83 -98.38 -23.12
CA MET E 392 -54.71 -98.53 -24.56
C MET E 392 -53.27 -98.80 -24.98
N GLU E 393 -52.31 -98.20 -24.27
CA GLU E 393 -50.90 -98.43 -24.60
C GLU E 393 -50.56 -99.90 -24.69
N VAL E 394 -51.20 -100.75 -23.89
CA VAL E 394 -50.90 -102.18 -23.89
C VAL E 394 -51.97 -102.96 -24.64
N ASP E 395 -53.23 -102.48 -24.59
CA ASP E 395 -54.30 -103.19 -25.28
C ASP E 395 -54.16 -103.09 -26.79
N ALA E 396 -53.41 -102.09 -27.28
CA ALA E 396 -53.09 -102.04 -28.70
C ALA E 396 -52.17 -103.16 -29.13
N LEU E 397 -51.68 -103.97 -28.20
CA LEU E 397 -50.76 -105.04 -28.54
C LEU E 397 -51.52 -106.25 -29.05
N ASN E 398 -50.81 -107.04 -29.86
CA ASN E 398 -51.35 -108.27 -30.40
C ASN E 398 -51.46 -109.35 -29.32
N SER E 399 -50.58 -109.29 -28.31
CA SER E 399 -50.61 -110.22 -27.19
C SER E 399 -51.66 -109.86 -26.15
N SER E 400 -52.40 -108.76 -26.33
CA SER E 400 -53.46 -108.41 -25.40
C SER E 400 -54.57 -109.44 -25.45
N HIS E 401 -55.39 -109.45 -24.40
CA HIS E 401 -56.48 -110.40 -24.26
C HIS E 401 -57.80 -109.67 -24.08
N PRO E 402 -58.92 -110.32 -24.36
CA PRO E 402 -60.22 -109.71 -24.08
C PRO E 402 -60.43 -109.49 -22.60
N VAL E 403 -61.38 -108.61 -22.29
CA VAL E 403 -61.68 -108.27 -20.89
C VAL E 403 -62.09 -109.52 -20.13
N SER E 404 -62.81 -110.43 -20.79
CA SER E 404 -63.22 -111.70 -20.20
C SER E 404 -62.57 -112.82 -20.99
N THR E 405 -61.66 -113.55 -20.36
CA THR E 405 -60.89 -114.60 -21.03
C THR E 405 -60.64 -115.73 -20.06
N PRO E 406 -60.61 -116.98 -20.52
CA PRO E 406 -60.50 -118.11 -19.60
C PRO E 406 -59.13 -118.20 -18.95
N VAL E 407 -59.13 -118.59 -17.67
CA VAL E 407 -57.92 -118.85 -16.90
C VAL E 407 -58.18 -120.05 -16.01
N GLU E 408 -57.13 -120.80 -15.68
CA GLU E 408 -57.31 -121.98 -14.84
C GLU E 408 -56.37 -122.00 -13.64
N ASN E 409 -55.05 -122.00 -13.88
CA ASN E 409 -54.09 -122.15 -12.80
C ASN E 409 -53.86 -120.81 -12.09
N PRO E 410 -53.33 -120.87 -10.85
CA PRO E 410 -53.13 -119.64 -10.07
C PRO E 410 -52.26 -118.60 -10.76
N ALA E 411 -51.27 -119.01 -11.56
CA ALA E 411 -50.46 -118.02 -12.27
C ALA E 411 -51.31 -117.20 -13.23
N GLN E 412 -52.15 -117.87 -14.01
CA GLN E 412 -53.06 -117.17 -14.91
C GLN E 412 -54.04 -116.30 -14.13
N ILE E 413 -54.54 -116.82 -13.01
CA ILE E 413 -55.49 -116.06 -12.20
C ILE E 413 -54.84 -114.77 -11.68
N ARG E 414 -53.60 -114.84 -11.22
CA ARG E 414 -52.88 -113.65 -10.81
C ARG E 414 -52.65 -112.71 -11.98
N GLU E 415 -52.35 -113.27 -13.16
CA GLU E 415 -52.13 -112.44 -14.34
C GLU E 415 -53.39 -111.65 -14.70
N MET E 416 -54.56 -112.16 -14.32
CA MET E 416 -55.81 -111.46 -14.64
C MET E 416 -55.91 -110.06 -14.02
N PHE E 417 -55.18 -109.78 -12.93
CA PHE E 417 -55.22 -108.47 -12.28
C PHE E 417 -54.33 -107.46 -12.99
N ASP E 418 -54.71 -107.12 -14.22
CA ASP E 418 -53.86 -106.22 -15.02
C ASP E 418 -54.62 -104.95 -15.43
N ASP E 419 -53.91 -104.15 -16.25
CA ASP E 419 -54.47 -102.89 -16.74
C ASP E 419 -55.76 -103.11 -17.50
N VAL E 420 -55.89 -104.24 -18.19
CA VAL E 420 -57.15 -104.51 -18.90
C VAL E 420 -58.29 -104.55 -17.90
N SER E 421 -58.23 -105.49 -16.96
CA SER E 421 -59.33 -105.73 -16.03
C SER E 421 -59.64 -104.51 -15.17
N TYR E 422 -58.63 -103.69 -14.85
CA TYR E 422 -58.89 -102.48 -14.05
C TYR E 422 -59.27 -101.31 -14.96
N ASP E 423 -58.29 -100.77 -15.68
CA ASP E 423 -58.48 -99.54 -16.44
C ASP E 423 -59.45 -99.73 -17.60
N LYS E 424 -59.24 -100.76 -18.43
CA LYS E 424 -60.12 -100.92 -19.60
C LYS E 424 -61.54 -101.25 -19.18
N GLY E 425 -61.70 -102.06 -18.13
CA GLY E 425 -63.02 -102.34 -17.61
C GLY E 425 -63.72 -101.09 -17.13
N ALA E 426 -63.01 -100.26 -16.35
CA ALA E 426 -63.61 -99.02 -15.87
C ALA E 426 -63.91 -98.05 -17.00
N CYS E 427 -63.07 -98.02 -18.03
CA CYS E 427 -63.28 -97.09 -19.13
C CYS E 427 -64.46 -97.52 -20.01
N ILE E 428 -64.60 -98.82 -20.26
CA ILE E 428 -65.77 -99.27 -21.02
C ILE E 428 -67.04 -99.13 -20.17
N LEU E 429 -66.94 -99.25 -18.85
CA LEU E 429 -68.10 -99.00 -18.01
C LEU E 429 -68.48 -97.52 -18.03
N ASN E 430 -67.49 -96.63 -18.01
CA ASN E 430 -67.76 -95.22 -18.19
C ASN E 430 -68.42 -94.95 -19.54
N MET E 431 -67.93 -95.62 -20.59
CA MET E 431 -68.54 -95.48 -21.92
C MET E 431 -69.99 -95.94 -21.91
N LEU E 432 -70.28 -97.05 -21.25
CA LEU E 432 -71.65 -97.55 -21.20
C LEU E 432 -72.55 -96.62 -20.40
N ARG E 433 -72.06 -96.13 -19.25
CA ARG E 433 -72.84 -95.20 -18.44
C ARG E 433 -73.08 -93.89 -19.15
N GLU E 434 -72.12 -93.44 -19.97
CA GLU E 434 -72.31 -92.20 -20.71
C GLU E 434 -73.17 -92.41 -21.96
N TYR E 435 -73.18 -93.62 -22.50
CA TYR E 435 -74.08 -93.92 -23.61
C TYR E 435 -75.52 -93.96 -23.14
N LEU E 436 -75.80 -94.75 -22.11
CA LEU E 436 -77.08 -94.68 -21.44
C LEU E 436 -77.15 -93.40 -20.60
N SER E 437 -78.29 -93.19 -19.93
CA SER E 437 -78.36 -92.13 -18.94
C SER E 437 -77.60 -92.55 -17.68
N ALA E 438 -77.06 -91.57 -16.97
CA ALA E 438 -76.41 -91.85 -15.69
C ALA E 438 -77.40 -92.51 -14.72
N ASP E 439 -78.64 -92.05 -14.70
CA ASP E 439 -79.65 -92.68 -13.86
C ASP E 439 -80.01 -94.08 -14.35
N ALA E 440 -80.02 -94.28 -15.67
CA ALA E 440 -80.28 -95.62 -16.21
C ALA E 440 -79.17 -96.58 -15.81
N PHE E 441 -77.91 -96.13 -15.88
CA PHE E 441 -76.80 -96.96 -15.43
C PHE E 441 -76.90 -97.27 -13.94
N LYS E 442 -77.28 -96.27 -13.13
CA LYS E 442 -77.45 -96.53 -11.71
C LYS E 442 -78.55 -97.56 -11.47
N SER E 443 -79.68 -97.43 -12.17
CA SER E 443 -80.76 -98.40 -12.03
C SER E 443 -80.29 -99.79 -12.41
N GLY E 444 -79.51 -99.90 -13.48
CA GLY E 444 -78.98 -101.20 -13.88
C GLY E 444 -78.10 -101.82 -12.81
N ILE E 445 -77.15 -101.04 -12.28
CA ILE E 445 -76.23 -101.62 -11.31
C ILE E 445 -76.95 -101.93 -10.00
N VAL E 446 -77.95 -101.12 -9.62
CA VAL E 446 -78.70 -101.39 -8.42
C VAL E 446 -79.51 -102.67 -8.55
N GLN E 447 -80.19 -102.84 -9.69
CA GLN E 447 -80.95 -104.06 -9.93
C GLN E 447 -80.03 -105.28 -9.92
N TYR E 448 -78.85 -105.16 -10.54
CA TYR E 448 -77.87 -106.25 -10.54
C TYR E 448 -77.47 -106.64 -9.11
N LEU E 449 -77.05 -105.65 -8.32
CA LEU E 449 -76.60 -105.92 -6.96
C LEU E 449 -77.72 -106.51 -6.12
N GLN E 450 -78.94 -105.98 -6.26
CA GLN E 450 -80.07 -106.45 -5.47
C GLN E 450 -80.46 -107.87 -5.83
N LYS E 451 -80.43 -108.19 -7.12
CA LYS E 451 -80.83 -109.52 -7.55
C LYS E 451 -79.79 -110.56 -7.18
N HIS E 452 -78.51 -110.19 -7.19
CA HIS E 452 -77.46 -111.19 -6.98
C HIS E 452 -76.73 -111.01 -5.66
N SER E 453 -77.33 -110.30 -4.70
CA SER E 453 -76.73 -110.18 -3.38
C SER E 453 -76.48 -111.57 -2.80
N TYR E 454 -75.31 -111.72 -2.16
CA TYR E 454 -74.92 -112.97 -1.52
C TYR E 454 -74.85 -114.10 -2.53
N LYS E 455 -74.60 -113.77 -3.79
CA LYS E 455 -74.58 -114.76 -4.86
C LYS E 455 -73.39 -114.50 -5.78
N ASN E 456 -73.32 -115.30 -6.84
CA ASN E 456 -72.28 -115.21 -7.85
C ASN E 456 -72.92 -114.99 -9.21
N THR E 457 -72.18 -114.27 -10.06
CA THR E 457 -72.65 -113.88 -11.37
C THR E 457 -71.61 -114.20 -12.43
N LYS E 458 -72.09 -114.40 -13.65
CA LYS E 458 -71.24 -114.49 -14.81
C LYS E 458 -71.31 -113.16 -15.56
N ASN E 459 -70.59 -113.08 -16.68
CA ASN E 459 -70.54 -111.85 -17.46
C ASN E 459 -71.91 -111.45 -18.00
N GLU E 460 -72.81 -112.42 -18.18
CA GLU E 460 -74.08 -112.19 -18.87
C GLU E 460 -75.16 -111.57 -17.99
N ASP E 461 -75.11 -111.81 -16.67
CA ASP E 461 -76.12 -111.27 -15.78
C ASP E 461 -76.08 -109.75 -15.76
N LEU E 462 -74.88 -109.18 -15.88
CA LEU E 462 -74.77 -107.72 -15.91
C LEU E 462 -75.49 -107.15 -17.14
N TRP E 463 -75.32 -107.78 -18.31
CA TRP E 463 -75.99 -107.27 -19.50
C TRP E 463 -77.50 -107.48 -19.41
N ASP E 464 -77.96 -108.57 -18.80
CA ASP E 464 -79.39 -108.72 -18.59
C ASP E 464 -79.94 -107.61 -17.70
N SER E 465 -79.24 -107.33 -16.61
CA SER E 465 -79.68 -106.26 -15.70
C SER E 465 -79.62 -104.89 -16.36
N MET E 466 -78.68 -104.70 -17.31
CA MET E 466 -78.60 -103.43 -18.01
C MET E 466 -79.67 -103.28 -19.07
N ALA E 467 -79.99 -104.36 -19.77
CA ALA E 467 -81.04 -104.31 -20.79
C ALA E 467 -82.43 -104.23 -20.16
N SER E 468 -82.59 -104.69 -18.92
CA SER E 468 -83.85 -104.49 -18.23
C SER E 468 -84.11 -103.03 -17.89
N ILE E 469 -83.12 -102.15 -18.04
CA ILE E 469 -83.26 -100.73 -17.78
C ILE E 469 -83.18 -99.92 -19.06
N GLY E 470 -82.32 -100.33 -19.99
CA GLY E 470 -82.21 -99.66 -21.28
C GLY E 470 -83.30 -100.11 -22.22
N GLY E 471 -84.39 -99.34 -22.29
CA GLY E 471 -85.56 -99.78 -23.03
C GLY E 471 -86.04 -98.84 -24.13
N GLY E 472 -85.17 -97.97 -24.61
CA GLY E 472 -85.53 -97.12 -25.73
C GLY E 472 -85.09 -97.69 -27.07
N GLY E 473 -85.07 -99.01 -27.18
CA GLY E 473 -84.54 -99.65 -28.37
C GLY E 473 -83.04 -99.86 -28.27
N VAL E 474 -82.57 -100.18 -27.07
CA VAL E 474 -81.15 -100.25 -26.76
C VAL E 474 -80.81 -101.71 -26.44
N ASP E 475 -80.13 -102.37 -27.38
CA ASP E 475 -79.65 -103.74 -27.18
C ASP E 475 -78.25 -103.63 -26.58
N VAL E 476 -78.20 -103.48 -25.26
CA VAL E 476 -76.93 -103.31 -24.55
C VAL E 476 -76.05 -104.54 -24.67
N LYS E 477 -76.66 -105.72 -24.81
CA LYS E 477 -75.93 -106.97 -24.68
C LYS E 477 -74.94 -107.16 -25.82
N THR E 478 -75.38 -106.95 -27.07
CA THR E 478 -74.48 -107.16 -28.22
C THR E 478 -73.31 -106.19 -28.18
N MET E 479 -73.58 -104.91 -27.89
CA MET E 479 -72.52 -103.90 -27.80
C MET E 479 -71.50 -104.27 -26.73
N MET E 480 -71.97 -104.55 -25.51
CA MET E 480 -71.03 -104.83 -24.45
C MET E 480 -70.35 -106.18 -24.63
N ASN E 481 -70.95 -107.11 -25.39
CA ASN E 481 -70.23 -108.32 -25.76
C ASN E 481 -69.09 -108.00 -26.73
N THR E 482 -69.34 -107.12 -27.70
CA THR E 482 -68.24 -106.69 -28.57
C THR E 482 -67.15 -105.98 -27.79
N TRP E 483 -67.51 -105.32 -26.69
CA TRP E 483 -66.50 -104.60 -25.92
C TRP E 483 -65.78 -105.48 -24.89
N THR E 484 -66.40 -106.56 -24.41
CA THR E 484 -65.78 -107.38 -23.38
C THR E 484 -65.26 -108.73 -23.85
N LEU E 485 -65.66 -109.21 -25.02
CA LEU E 485 -65.28 -110.55 -25.47
C LEU E 485 -64.24 -110.55 -26.59
N GLN E 486 -63.75 -109.39 -27.00
CA GLN E 486 -62.65 -109.35 -27.95
C GLN E 486 -61.66 -108.27 -27.52
N LYS E 487 -60.38 -108.54 -27.80
CA LYS E 487 -59.29 -107.70 -27.36
C LYS E 487 -59.24 -106.40 -28.16
N GLY E 488 -58.38 -105.49 -27.72
CA GLY E 488 -58.09 -104.27 -28.46
C GLY E 488 -59.19 -103.22 -28.37
N PHE E 489 -59.00 -102.18 -29.17
CA PHE E 489 -59.90 -101.04 -29.23
C PHE E 489 -59.87 -100.51 -30.66
N PRO E 490 -60.92 -99.78 -31.08
CA PRO E 490 -60.99 -99.35 -32.47
C PRO E 490 -60.38 -97.98 -32.76
N LEU E 491 -59.86 -97.89 -33.98
CA LEU E 491 -59.53 -96.63 -34.62
C LEU E 491 -60.68 -96.23 -35.53
N ILE E 492 -61.17 -95.00 -35.35
CA ILE E 492 -62.28 -94.44 -36.12
C ILE E 492 -61.72 -93.37 -37.02
N THR E 493 -61.74 -93.61 -38.33
CA THR E 493 -61.29 -92.65 -39.32
C THR E 493 -62.47 -91.77 -39.73
N ILE E 494 -62.26 -90.47 -39.71
CA ILE E 494 -63.30 -89.46 -39.96
C ILE E 494 -62.88 -88.64 -41.16
N THR E 495 -63.71 -88.66 -42.20
CA THR E 495 -63.49 -87.88 -43.41
C THR E 495 -64.62 -86.87 -43.57
N VAL E 496 -64.27 -85.64 -43.94
CA VAL E 496 -65.25 -84.56 -44.08
C VAL E 496 -65.26 -84.10 -45.54
N ARG E 497 -66.45 -84.14 -46.15
CA ARG E 497 -66.68 -83.68 -47.54
C ARG E 497 -67.78 -82.64 -47.48
N GLY E 498 -67.42 -81.42 -47.09
CA GLY E 498 -68.39 -80.37 -46.94
C GLY E 498 -69.32 -80.59 -45.76
N ARG E 499 -70.51 -81.12 -46.01
CA ARG E 499 -71.48 -81.40 -44.95
C ARG E 499 -71.63 -82.88 -44.66
N ASN E 500 -70.90 -83.75 -45.34
CA ASN E 500 -70.94 -85.19 -45.10
C ASN E 500 -69.76 -85.60 -44.22
N VAL E 501 -70.05 -86.42 -43.22
CA VAL E 501 -69.05 -86.92 -42.28
C VAL E 501 -69.06 -88.43 -42.38
N HIS E 502 -67.99 -88.99 -42.95
CA HIS E 502 -67.82 -90.43 -43.08
C HIS E 502 -67.01 -90.98 -41.92
N MET E 503 -67.48 -92.09 -41.37
CA MET E 503 -66.84 -92.77 -40.25
C MET E 503 -66.54 -94.20 -40.67
N LYS E 504 -65.30 -94.63 -40.47
CA LYS E 504 -64.91 -96.01 -40.74
C LYS E 504 -64.19 -96.54 -39.51
N GLN E 505 -64.50 -97.77 -39.12
CA GLN E 505 -63.87 -98.36 -37.95
C GLN E 505 -62.96 -99.51 -38.35
N GLU E 506 -61.83 -99.62 -37.65
CA GLU E 506 -60.93 -100.75 -37.84
C GLU E 506 -60.23 -101.02 -36.51
N HIS E 507 -59.56 -102.17 -36.42
CA HIS E 507 -58.87 -102.54 -35.20
C HIS E 507 -57.52 -101.84 -35.14
N TYR E 508 -57.31 -101.02 -34.12
CA TYR E 508 -56.01 -100.41 -33.91
C TYR E 508 -55.07 -101.46 -33.33
N MET E 509 -54.02 -101.80 -34.07
CA MET E 509 -53.02 -102.76 -33.64
C MET E 509 -51.67 -102.27 -34.14
N LYS E 510 -50.72 -102.12 -33.22
CA LYS E 510 -49.39 -101.67 -33.60
C LYS E 510 -48.76 -102.71 -34.53
N GLY E 511 -48.62 -102.34 -35.80
CA GLY E 511 -48.18 -103.25 -36.84
C GLY E 511 -46.88 -103.99 -36.62
N ASP E 517 -55.95 -106.40 -39.66
CA ASP E 517 -55.81 -107.67 -40.36
C ASP E 517 -56.53 -108.80 -39.62
N THR E 518 -57.49 -108.43 -38.79
CA THR E 518 -58.26 -109.41 -38.02
C THR E 518 -59.72 -109.48 -38.48
N GLY E 519 -60.44 -108.37 -38.48
CA GLY E 519 -61.84 -108.38 -38.83
C GLY E 519 -62.75 -108.22 -37.63
N TYR E 520 -62.39 -107.30 -36.74
CA TYR E 520 -63.21 -106.99 -35.57
C TYR E 520 -64.15 -105.84 -35.87
N LEU E 521 -65.30 -105.85 -35.18
CA LEU E 521 -66.27 -104.78 -35.30
C LEU E 521 -66.88 -104.53 -33.92
N TRP E 522 -66.98 -103.27 -33.54
CA TRP E 522 -67.59 -102.86 -32.28
C TRP E 522 -68.85 -102.05 -32.55
N HIS E 523 -69.62 -101.86 -31.48
CA HIS E 523 -70.73 -100.92 -31.45
C HIS E 523 -70.20 -99.70 -30.71
N VAL E 524 -69.65 -98.75 -31.47
CA VAL E 524 -68.90 -97.62 -30.91
C VAL E 524 -69.89 -96.49 -30.66
N PRO E 525 -70.17 -96.12 -29.42
CA PRO E 525 -71.04 -94.95 -29.18
C PRO E 525 -70.27 -93.66 -29.41
N LEU E 526 -70.30 -93.17 -30.65
CA LEU E 526 -69.53 -91.98 -31.02
C LEU E 526 -70.18 -90.72 -30.44
N THR E 527 -69.32 -89.76 -30.10
CA THR E 527 -69.74 -88.45 -29.67
C THR E 527 -68.87 -87.42 -30.39
N PHE E 528 -69.47 -86.31 -30.79
CA PHE E 528 -68.71 -85.31 -31.52
C PHE E 528 -69.30 -83.93 -31.28
N ILE E 529 -68.43 -82.93 -31.48
CA ILE E 529 -68.81 -81.53 -31.50
C ILE E 529 -68.19 -80.92 -32.76
N THR E 530 -68.64 -79.72 -33.10
CA THR E 530 -68.18 -79.03 -34.29
C THR E 530 -67.66 -77.64 -33.89
N SER E 531 -67.13 -76.92 -34.89
CA SER E 531 -66.69 -75.55 -34.65
C SER E 531 -67.85 -74.59 -34.46
N LYS E 532 -69.05 -74.98 -34.86
CA LYS E 532 -70.24 -74.16 -34.72
C LYS E 532 -71.02 -74.43 -33.45
N SER E 533 -70.63 -75.43 -32.66
CA SER E 533 -71.47 -75.84 -31.54
C SER E 533 -70.65 -76.58 -30.49
N ASP E 534 -70.76 -76.13 -29.24
CA ASP E 534 -70.25 -76.89 -28.11
C ASP E 534 -71.20 -78.00 -27.68
N MET E 535 -72.35 -78.13 -28.35
CA MET E 535 -73.32 -79.16 -28.02
C MET E 535 -72.87 -80.52 -28.54
N VAL E 536 -73.05 -81.55 -27.72
CA VAL E 536 -72.58 -82.89 -28.04
C VAL E 536 -73.65 -83.61 -28.84
N HIS E 537 -73.33 -83.97 -30.09
CA HIS E 537 -74.16 -84.85 -30.89
C HIS E 537 -73.56 -86.25 -30.86
N ARG E 538 -74.42 -87.26 -30.87
CA ARG E 538 -74.00 -88.64 -30.72
C ARG E 538 -74.40 -89.45 -31.95
N PHE E 539 -73.77 -90.62 -32.09
CA PHE E 539 -74.03 -91.50 -33.21
C PHE E 539 -73.54 -92.89 -32.88
N LEU E 540 -74.38 -93.89 -33.12
CA LEU E 540 -74.05 -95.28 -32.80
C LEU E 540 -73.61 -95.98 -34.09
N LEU E 541 -72.31 -96.18 -34.23
CA LEU E 541 -71.75 -96.90 -35.38
C LEU E 541 -71.76 -98.38 -35.05
N LYS E 542 -72.67 -99.12 -35.68
CA LYS E 542 -72.84 -100.54 -35.42
C LYS E 542 -72.21 -101.41 -36.48
N THR E 543 -71.79 -100.81 -37.60
CA THR E 543 -71.24 -101.51 -38.74
C THR E 543 -69.82 -101.02 -39.01
N LYS E 544 -69.25 -101.47 -40.13
CA LYS E 544 -67.89 -101.09 -40.49
C LYS E 544 -67.80 -99.61 -40.86
N THR E 545 -68.64 -99.15 -41.79
CA THR E 545 -68.62 -97.76 -42.23
C THR E 545 -70.02 -97.17 -42.20
N ASP E 546 -70.08 -95.86 -42.01
CA ASP E 546 -71.34 -95.12 -42.08
C ASP E 546 -71.01 -93.66 -42.35
N VAL E 547 -72.06 -92.85 -42.48
CA VAL E 547 -71.91 -91.43 -42.81
C VAL E 547 -73.15 -90.69 -42.32
N LEU E 548 -72.94 -89.48 -41.80
CA LEU E 548 -74.03 -88.60 -41.42
C LEU E 548 -73.86 -87.26 -42.13
N ILE E 549 -74.93 -86.45 -42.08
CA ILE E 549 -74.99 -85.18 -42.81
C ILE E 549 -75.17 -84.04 -41.80
N LEU E 550 -74.19 -83.14 -41.76
CA LEU E 550 -74.23 -81.95 -40.93
C LEU E 550 -75.17 -80.90 -41.55
N PRO E 551 -75.64 -79.94 -40.75
CA PRO E 551 -76.50 -78.88 -41.32
C PRO E 551 -75.73 -77.77 -42.02
N GLU E 552 -74.40 -77.79 -41.97
CA GLU E 552 -73.57 -76.72 -42.48
C GLU E 552 -72.12 -77.16 -42.45
N GLU E 553 -71.32 -76.68 -43.40
CA GLU E 553 -69.89 -76.97 -43.36
C GLU E 553 -69.29 -76.43 -42.07
N VAL E 554 -68.26 -77.13 -41.58
CA VAL E 554 -67.66 -76.81 -40.30
C VAL E 554 -66.17 -76.57 -40.49
N GLU E 555 -65.61 -75.68 -39.67
CA GLU E 555 -64.18 -75.40 -39.74
C GLU E 555 -63.36 -76.58 -39.24
N TRP E 556 -63.73 -77.14 -38.09
CA TRP E 556 -63.07 -78.30 -37.54
C TRP E 556 -64.10 -79.16 -36.83
N ILE E 557 -63.76 -80.42 -36.63
CA ILE E 557 -64.65 -81.38 -35.97
C ILE E 557 -63.80 -82.26 -35.05
N LYS E 558 -64.34 -82.55 -33.87
CA LYS E 558 -63.64 -83.32 -32.85
C LYS E 558 -64.54 -84.44 -32.38
N PHE E 559 -64.12 -85.69 -32.61
CA PHE E 559 -64.88 -86.83 -32.14
C PHE E 559 -64.35 -87.29 -30.77
N ASN E 560 -65.13 -88.18 -30.15
CA ASN E 560 -64.81 -88.73 -28.82
C ASN E 560 -64.64 -87.58 -27.82
N VAL E 561 -65.77 -86.94 -27.55
CA VAL E 561 -65.78 -85.74 -26.72
C VAL E 561 -65.50 -86.10 -25.27
N GLY E 562 -64.49 -85.46 -24.69
CA GLY E 562 -64.17 -85.66 -23.29
C GLY E 562 -63.56 -87.01 -22.98
N MET E 563 -63.09 -87.74 -23.99
CA MET E 563 -62.47 -89.05 -23.80
C MET E 563 -63.38 -90.00 -23.02
N ASN E 564 -64.68 -89.94 -23.31
CA ASN E 564 -65.63 -90.84 -22.67
C ASN E 564 -65.84 -92.12 -23.48
N GLY E 565 -65.06 -92.31 -24.53
CA GLY E 565 -65.15 -93.51 -25.33
C GLY E 565 -63.81 -94.19 -25.45
N TYR E 566 -63.83 -95.52 -25.44
CA TYR E 566 -62.60 -96.31 -25.45
C TYR E 566 -62.21 -96.63 -26.89
N TYR E 567 -61.83 -95.57 -27.61
CA TYR E 567 -61.38 -95.68 -28.98
C TYR E 567 -60.49 -94.49 -29.27
N ILE E 568 -59.84 -94.51 -30.44
CA ILE E 568 -59.08 -93.35 -30.88
C ILE E 568 -59.61 -92.90 -32.24
N VAL E 569 -59.36 -91.64 -32.55
CA VAL E 569 -59.96 -90.97 -33.70
C VAL E 569 -58.86 -90.42 -34.58
N HIS E 570 -58.96 -90.69 -35.88
CA HIS E 570 -58.06 -90.18 -36.89
C HIS E 570 -58.86 -89.33 -37.86
N TYR E 571 -58.26 -88.24 -38.34
CA TYR E 571 -58.93 -87.28 -39.19
C TYR E 571 -58.23 -87.22 -40.54
N GLU E 572 -58.98 -87.43 -41.62
CA GLU E 572 -58.43 -87.44 -42.95
C GLU E 572 -58.29 -86.02 -43.48
N ASP E 573 -57.49 -85.88 -44.54
CA ASP E 573 -57.34 -84.61 -45.26
C ASP E 573 -56.75 -83.57 -44.31
N ASP E 574 -57.26 -82.35 -44.34
CA ASP E 574 -56.73 -81.30 -43.48
C ASP E 574 -57.33 -81.31 -42.07
N GLY E 575 -57.82 -82.45 -41.58
CA GLY E 575 -58.41 -82.49 -40.26
C GLY E 575 -57.39 -82.23 -39.15
N TRP E 576 -56.26 -82.93 -39.18
CA TRP E 576 -55.24 -82.71 -38.16
C TRP E 576 -54.61 -81.34 -38.28
N ASP E 577 -54.43 -80.83 -39.50
CA ASP E 577 -53.94 -79.46 -39.65
C ASP E 577 -54.93 -78.45 -39.07
N SER E 578 -56.23 -78.65 -39.31
CA SER E 578 -57.23 -77.75 -38.75
C SER E 578 -57.23 -77.80 -37.22
N LEU E 579 -57.13 -79.00 -36.65
CA LEU E 579 -57.12 -79.12 -35.19
C LEU E 579 -55.82 -78.56 -34.60
N THR E 580 -54.71 -78.75 -35.30
CA THR E 580 -53.44 -78.15 -34.88
C THR E 580 -53.54 -76.63 -34.89
N GLY E 581 -54.16 -76.07 -35.93
CA GLY E 581 -54.39 -74.63 -35.94
C GLY E 581 -55.27 -74.19 -34.78
N LEU E 582 -56.29 -74.99 -34.47
CA LEU E 582 -57.15 -74.68 -33.31
C LEU E 582 -56.33 -74.61 -32.03
N LEU E 583 -55.49 -75.62 -31.80
CA LEU E 583 -54.68 -75.68 -30.58
C LEU E 583 -53.67 -74.54 -30.54
N LYS E 584 -53.02 -74.27 -31.67
CA LYS E 584 -51.99 -73.22 -31.73
C LYS E 584 -52.58 -71.82 -31.65
N GLY E 585 -53.83 -71.63 -32.04
CA GLY E 585 -54.46 -70.34 -31.96
C GLY E 585 -55.14 -70.11 -30.63
N THR E 586 -56.25 -70.84 -30.39
CA THR E 586 -57.01 -70.72 -29.15
C THR E 586 -57.39 -72.13 -28.68
N HIS E 587 -56.44 -72.76 -27.97
CA HIS E 587 -56.65 -74.11 -27.45
C HIS E 587 -57.83 -74.19 -26.50
N THR E 588 -58.24 -73.06 -25.92
CA THR E 588 -59.38 -73.03 -25.01
C THR E 588 -60.72 -73.24 -25.70
N ALA E 589 -60.74 -73.42 -27.02
CA ALA E 589 -62.00 -73.68 -27.72
C ALA E 589 -62.54 -75.07 -27.42
N VAL E 590 -61.69 -75.99 -26.99
CA VAL E 590 -62.10 -77.34 -26.58
C VAL E 590 -61.63 -77.57 -25.15
N SER E 591 -62.09 -78.69 -24.58
CA SER E 591 -61.81 -78.95 -23.18
C SER E 591 -60.39 -79.49 -22.99
N SER E 592 -59.97 -79.50 -21.72
CA SER E 592 -58.64 -80.01 -21.37
C SER E 592 -58.51 -81.48 -21.74
N ASN E 593 -59.51 -82.29 -21.38
CA ASN E 593 -59.47 -83.70 -21.76
C ASN E 593 -59.47 -83.87 -23.27
N ASP E 594 -60.15 -82.97 -24.00
CA ASP E 594 -60.15 -83.05 -25.46
C ASP E 594 -58.76 -82.78 -26.03
N ARG E 595 -58.08 -81.76 -25.50
CA ARG E 595 -56.71 -81.49 -25.95
C ARG E 595 -55.77 -82.66 -25.62
N ALA E 596 -55.90 -83.23 -24.42
CA ALA E 596 -55.08 -84.38 -24.05
C ALA E 596 -55.34 -85.55 -24.99
N SER E 597 -56.61 -85.80 -25.30
CA SER E 597 -56.94 -86.88 -26.23
C SER E 597 -56.37 -86.61 -27.60
N LEU E 598 -56.38 -85.35 -28.04
CA LEU E 598 -55.80 -85.00 -29.33
C LEU E 598 -54.31 -85.35 -29.36
N ILE E 599 -53.58 -84.97 -28.31
CA ILE E 599 -52.14 -85.26 -28.24
C ILE E 599 -51.91 -86.78 -28.28
N ASN E 600 -52.57 -87.51 -27.39
CA ASN E 600 -52.35 -88.94 -27.28
C ASN E 600 -52.70 -89.65 -28.58
N ASN E 601 -53.83 -89.28 -29.19
CA ASN E 601 -54.27 -89.90 -30.43
C ASN E 601 -53.30 -89.60 -31.57
N ALA E 602 -52.78 -88.37 -31.63
CA ALA E 602 -51.82 -88.04 -32.66
C ALA E 602 -50.59 -88.94 -32.57
N PHE E 603 -50.07 -89.15 -31.36
CA PHE E 603 -48.88 -89.98 -31.28
C PHE E 603 -49.19 -91.47 -31.49
N GLN E 604 -50.36 -91.93 -31.05
CA GLN E 604 -50.75 -93.30 -31.34
C GLN E 604 -50.94 -93.53 -32.84
N LEU E 605 -51.35 -92.50 -33.57
CA LEU E 605 -51.42 -92.60 -35.02
C LEU E 605 -50.05 -92.56 -35.67
N VAL E 606 -49.11 -91.82 -35.06
CA VAL E 606 -47.72 -91.91 -35.51
C VAL E 606 -47.23 -93.35 -35.41
N SER E 607 -47.68 -94.06 -34.38
CA SER E 607 -47.22 -95.45 -34.19
C SER E 607 -47.61 -96.36 -35.35
N ILE E 608 -48.59 -96.00 -36.18
CA ILE E 608 -49.01 -96.83 -37.30
C ILE E 608 -48.91 -96.12 -38.64
N GLY E 609 -48.51 -94.86 -38.67
CA GLY E 609 -48.23 -94.18 -39.92
C GLY E 609 -49.37 -93.36 -40.50
N LYS E 610 -50.52 -93.29 -39.83
CA LYS E 610 -51.59 -92.43 -40.31
C LYS E 610 -51.30 -90.96 -40.10
N LEU E 611 -50.22 -90.63 -39.40
CA LEU E 611 -49.78 -89.26 -39.19
C LEU E 611 -48.28 -89.32 -38.95
N SER E 612 -47.57 -88.34 -39.50
CA SER E 612 -46.11 -88.35 -39.42
C SER E 612 -45.64 -87.81 -38.07
N ILE E 613 -44.51 -88.33 -37.62
CA ILE E 613 -43.93 -87.87 -36.37
C ILE E 613 -43.63 -86.37 -36.44
N GLU E 614 -43.30 -85.87 -37.63
CA GLU E 614 -43.06 -84.44 -37.78
C GLU E 614 -44.33 -83.64 -37.47
N LYS E 615 -45.45 -84.05 -38.04
CA LYS E 615 -46.71 -83.37 -37.78
C LYS E 615 -47.16 -83.55 -36.33
N ALA E 616 -46.90 -84.70 -35.73
CA ALA E 616 -47.25 -84.90 -34.33
C ALA E 616 -46.48 -83.93 -33.44
N LEU E 617 -45.17 -83.79 -33.65
CA LEU E 617 -44.39 -82.86 -32.83
C LEU E 617 -44.77 -81.42 -33.14
N ASP E 618 -45.08 -81.12 -34.40
CA ASP E 618 -45.60 -79.80 -34.75
C ASP E 618 -46.87 -79.49 -33.96
N LEU E 619 -47.76 -80.48 -33.83
CA LEU E 619 -48.95 -80.30 -32.98
C LEU E 619 -48.55 -80.12 -31.53
N SER E 620 -47.55 -80.88 -31.07
CA SER E 620 -47.11 -80.79 -29.68
C SER E 620 -46.59 -79.40 -29.34
N LEU E 621 -46.10 -78.68 -30.35
CA LEU E 621 -45.55 -77.34 -30.13
C LEU E 621 -46.53 -76.39 -29.45
N TYR E 622 -47.83 -76.68 -29.45
CA TYR E 622 -48.81 -75.80 -28.83
C TYR E 622 -48.68 -75.76 -27.31
N LEU E 623 -47.99 -76.73 -26.71
CA LEU E 623 -47.86 -76.76 -25.25
C LEU E 623 -47.08 -75.57 -24.69
N LYS E 624 -46.48 -74.74 -25.55
CA LYS E 624 -45.82 -73.53 -25.08
C LYS E 624 -46.76 -72.59 -24.34
N HIS E 625 -48.06 -72.66 -24.64
CA HIS E 625 -49.06 -71.82 -23.97
C HIS E 625 -50.06 -72.62 -23.17
N GLU E 626 -49.83 -73.92 -22.97
CA GLU E 626 -50.73 -74.77 -22.22
C GLU E 626 -50.51 -74.58 -20.72
N THR E 627 -51.60 -74.66 -19.95
CA THR E 627 -51.55 -74.45 -18.51
C THR E 627 -52.29 -75.50 -17.69
N GLU E 628 -52.95 -76.45 -18.34
CA GLU E 628 -53.82 -77.40 -17.64
C GLU E 628 -53.10 -78.71 -17.38
N ILE E 629 -53.46 -79.35 -16.27
CA ILE E 629 -52.69 -80.50 -15.78
C ILE E 629 -52.82 -81.69 -16.72
N MET E 630 -54.03 -81.96 -17.22
CA MET E 630 -54.22 -83.14 -18.05
C MET E 630 -53.47 -83.07 -19.37
N PRO E 631 -53.58 -82.00 -20.18
CA PRO E 631 -52.82 -81.99 -21.44
C PRO E 631 -51.31 -81.94 -21.23
N VAL E 632 -50.83 -81.21 -20.22
CA VAL E 632 -49.39 -81.17 -19.96
C VAL E 632 -48.88 -82.55 -19.56
N PHE E 633 -49.59 -83.20 -18.65
CA PHE E 633 -49.19 -84.54 -18.22
C PHE E 633 -49.25 -85.54 -19.36
N GLN E 634 -50.25 -85.40 -20.24
CA GLN E 634 -50.34 -86.33 -21.36
C GLN E 634 -49.21 -86.10 -22.36
N GLY E 635 -48.87 -84.85 -22.61
CA GLY E 635 -47.73 -84.56 -23.46
C GLY E 635 -46.44 -85.10 -22.89
N LEU E 636 -46.25 -84.97 -21.56
CA LEU E 636 -45.07 -85.55 -20.94
C LEU E 636 -45.06 -87.07 -21.03
N ASN E 637 -46.20 -87.71 -20.76
CA ASN E 637 -46.27 -89.17 -20.86
C ASN E 637 -46.05 -89.67 -22.28
N GLU E 638 -46.35 -88.84 -23.28
CA GLU E 638 -46.14 -89.26 -24.66
C GLU E 638 -44.77 -88.88 -25.19
N LEU E 639 -44.08 -87.91 -24.58
CA LEU E 639 -42.77 -87.47 -25.05
C LEU E 639 -41.61 -88.07 -24.28
N ILE E 640 -41.75 -88.29 -22.97
CA ILE E 640 -40.63 -88.82 -22.17
C ILE E 640 -40.14 -90.17 -22.67
N PRO E 641 -41.01 -91.15 -22.97
CA PRO E 641 -40.50 -92.45 -23.44
C PRO E 641 -39.63 -92.38 -24.67
N MET E 642 -39.74 -91.32 -25.49
CA MET E 642 -38.87 -91.22 -26.66
C MET E 642 -37.42 -91.02 -26.26
N TYR E 643 -37.13 -89.99 -25.45
CA TYR E 643 -35.76 -89.84 -25.01
C TYR E 643 -35.35 -90.94 -24.04
N LYS E 644 -36.32 -91.62 -23.39
CA LYS E 644 -35.98 -92.81 -22.62
C LYS E 644 -35.47 -93.92 -23.52
N LEU E 645 -36.09 -94.10 -24.69
CA LEU E 645 -35.59 -95.05 -25.68
C LEU E 645 -34.21 -94.62 -26.17
N MET E 646 -34.01 -93.32 -26.37
CA MET E 646 -32.71 -92.84 -26.85
C MET E 646 -31.60 -93.05 -25.82
N GLU E 647 -31.91 -92.95 -24.53
CA GLU E 647 -30.88 -93.06 -23.50
C GLU E 647 -30.18 -94.41 -23.52
N LYS E 648 -30.89 -95.46 -23.94
CA LYS E 648 -30.32 -96.81 -23.94
C LYS E 648 -29.35 -97.05 -25.10
N ARG E 649 -29.11 -96.05 -25.94
CA ARG E 649 -28.29 -96.19 -27.14
C ARG E 649 -27.25 -95.08 -27.19
N ASP E 650 -26.45 -95.09 -28.26
CA ASP E 650 -25.46 -94.06 -28.52
C ASP E 650 -26.10 -92.97 -29.38
N MET E 651 -26.79 -92.06 -28.70
CA MET E 651 -27.56 -91.03 -29.38
C MET E 651 -27.54 -89.75 -28.53
N ASN E 652 -26.35 -89.37 -28.04
CA ASN E 652 -26.27 -88.29 -27.06
C ASN E 652 -26.67 -86.94 -27.65
N GLU E 653 -26.20 -86.62 -28.85
CA GLU E 653 -26.51 -85.32 -29.44
C GLU E 653 -28.01 -85.13 -29.63
N VAL E 654 -28.66 -86.11 -30.26
CA VAL E 654 -30.09 -86.00 -30.53
C VAL E 654 -30.88 -86.06 -29.23
N GLU E 655 -30.43 -86.87 -28.27
CA GLU E 655 -31.11 -86.95 -26.98
C GLU E 655 -31.06 -85.61 -26.25
N THR E 656 -29.90 -84.95 -26.26
CA THR E 656 -29.76 -83.65 -25.61
C THR E 656 -30.60 -82.59 -26.32
N GLN E 657 -30.58 -82.59 -27.66
CA GLN E 657 -31.44 -81.65 -28.39
C GLN E 657 -32.90 -81.88 -28.04
N PHE E 658 -33.32 -83.14 -27.92
CA PHE E 658 -34.70 -83.46 -27.59
C PHE E 658 -35.07 -82.98 -26.20
N LYS E 659 -34.20 -83.24 -25.21
CA LYS E 659 -34.47 -82.78 -23.86
C LYS E 659 -34.52 -81.26 -23.78
N ALA E 660 -33.61 -80.58 -24.48
CA ALA E 660 -33.62 -79.12 -24.49
C ALA E 660 -34.90 -78.59 -25.12
N PHE E 661 -35.34 -79.20 -26.22
CA PHE E 661 -36.60 -78.81 -26.85
C PHE E 661 -37.77 -79.02 -25.89
N LEU E 662 -37.80 -80.16 -25.20
CA LEU E 662 -38.87 -80.43 -24.24
C LEU E 662 -38.91 -79.39 -23.14
N ILE E 663 -37.74 -79.04 -22.59
CA ILE E 663 -37.69 -78.05 -21.52
C ILE E 663 -38.09 -76.66 -22.02
N ARG E 664 -37.62 -76.29 -23.22
CA ARG E 664 -37.98 -75.00 -23.78
C ARG E 664 -39.47 -74.92 -24.08
N LEU E 665 -40.12 -76.07 -24.29
CA LEU E 665 -41.56 -76.08 -24.54
C LEU E 665 -42.33 -75.64 -23.30
N LEU E 666 -41.91 -76.07 -22.11
CA LEU E 666 -42.62 -75.78 -20.87
C LEU E 666 -41.90 -74.75 -20.00
N ARG E 667 -40.89 -74.07 -20.55
CA ARG E 667 -40.11 -73.12 -19.75
C ARG E 667 -40.98 -71.99 -19.19
N ASP E 668 -41.95 -71.51 -19.97
CA ASP E 668 -42.81 -70.43 -19.48
C ASP E 668 -43.59 -70.86 -18.25
N LEU E 669 -44.21 -72.04 -18.31
CA LEU E 669 -45.00 -72.53 -17.18
C LEU E 669 -44.11 -72.84 -15.99
N ILE E 670 -42.93 -73.41 -16.24
CA ILE E 670 -42.02 -73.72 -15.14
C ILE E 670 -41.57 -72.46 -14.43
N ASP E 671 -41.25 -71.40 -15.21
CA ASP E 671 -40.86 -70.14 -14.61
C ASP E 671 -42.02 -69.52 -13.83
N LYS E 672 -43.24 -69.64 -14.35
CA LYS E 672 -44.39 -69.09 -13.64
C LYS E 672 -44.70 -69.87 -12.36
N GLN E 673 -44.27 -71.13 -12.28
CA GLN E 673 -44.50 -71.91 -11.07
C GLN E 673 -43.79 -71.31 -9.87
N THR E 674 -44.50 -71.25 -8.74
CA THR E 674 -43.95 -70.80 -7.48
C THR E 674 -43.33 -71.97 -6.72
N TRP E 675 -42.64 -71.65 -5.61
CA TRP E 675 -42.01 -72.69 -4.80
C TRP E 675 -42.67 -72.81 -3.43
N THR E 676 -43.98 -73.09 -3.41
CA THR E 676 -44.75 -73.18 -2.18
C THR E 676 -45.79 -74.27 -2.32
N ASP E 677 -46.56 -74.50 -1.26
CA ASP E 677 -47.67 -75.46 -1.26
C ASP E 677 -49.01 -74.78 -1.46
N GLU E 678 -49.06 -73.72 -2.27
CA GLU E 678 -50.29 -72.97 -2.50
C GLU E 678 -51.11 -73.63 -3.60
N GLY E 679 -52.37 -73.21 -3.70
CA GLY E 679 -53.22 -73.63 -4.80
C GLY E 679 -53.99 -74.89 -4.51
N SER E 680 -54.82 -75.26 -5.50
CA SER E 680 -55.65 -76.45 -5.40
C SER E 680 -54.78 -77.71 -5.53
N VAL E 681 -55.44 -78.87 -5.36
CA VAL E 681 -54.74 -80.15 -5.45
C VAL E 681 -54.12 -80.32 -6.83
N SER E 682 -54.89 -80.01 -7.88
CA SER E 682 -54.40 -80.12 -9.25
C SER E 682 -53.19 -79.22 -9.47
N GLU E 683 -53.28 -77.96 -9.04
CA GLU E 683 -52.19 -77.01 -9.24
C GLU E 683 -50.94 -77.47 -8.48
N ARG E 684 -51.12 -78.03 -7.28
CA ARG E 684 -49.98 -78.50 -6.50
C ARG E 684 -49.29 -79.68 -7.17
N MET E 685 -50.06 -80.64 -7.68
CA MET E 685 -49.44 -81.78 -8.36
C MET E 685 -48.71 -81.32 -9.62
N LEU E 686 -49.31 -80.39 -10.37
CA LEU E 686 -48.65 -79.83 -11.54
C LEU E 686 -47.34 -79.15 -11.15
N ARG E 687 -47.35 -78.35 -10.09
CA ARG E 687 -46.14 -77.66 -9.65
C ARG E 687 -45.05 -78.67 -9.28
N SER E 688 -45.41 -79.70 -8.51
CA SER E 688 -44.42 -80.68 -8.09
C SER E 688 -43.76 -81.32 -9.30
N GLN E 689 -44.58 -81.80 -10.25
CA GLN E 689 -44.00 -82.46 -11.42
C GLN E 689 -43.19 -81.50 -12.28
N LEU E 690 -43.64 -80.25 -12.41
CA LEU E 690 -42.90 -79.29 -13.25
C LEU E 690 -41.55 -78.96 -12.66
N LEU E 691 -41.50 -78.67 -11.35
CA LEU E 691 -40.22 -78.37 -10.72
C LEU E 691 -39.28 -79.58 -10.75
N LEU E 692 -39.84 -80.78 -10.53
CA LEU E 692 -39.01 -81.99 -10.59
C LEU E 692 -38.43 -82.17 -12.00
N LEU E 693 -39.26 -82.02 -13.03
CA LEU E 693 -38.79 -82.18 -14.40
C LEU E 693 -37.71 -81.18 -14.73
N ALA E 694 -37.93 -79.90 -14.41
CA ALA E 694 -36.94 -78.87 -14.73
C ALA E 694 -35.62 -79.13 -14.02
N CYS E 695 -35.69 -79.44 -12.72
CA CYS E 695 -34.45 -79.68 -11.98
CA CYS E 695 -34.47 -79.71 -11.94
C CYS E 695 -33.74 -80.93 -12.48
N VAL E 696 -34.48 -81.97 -12.89
CA VAL E 696 -33.85 -83.17 -13.41
C VAL E 696 -33.17 -82.89 -14.74
N HIS E 697 -33.81 -82.11 -15.60
CA HIS E 697 -33.22 -81.77 -16.89
C HIS E 697 -32.31 -80.54 -16.81
N ASN E 698 -31.97 -80.10 -15.60
CA ASN E 698 -30.86 -79.18 -15.35
C ASN E 698 -31.19 -77.75 -15.79
N TYR E 699 -32.38 -77.29 -15.41
CA TYR E 699 -32.73 -75.88 -15.54
C TYR E 699 -32.03 -75.12 -14.42
N GLN E 700 -31.01 -74.33 -14.76
CA GLN E 700 -30.13 -73.76 -13.75
C GLN E 700 -30.83 -72.93 -12.68
N PRO E 701 -31.87 -72.13 -12.97
CA PRO E 701 -32.59 -71.48 -11.86
C PRO E 701 -33.16 -72.48 -10.86
N CYS E 702 -33.86 -73.50 -11.36
CA CYS E 702 -34.39 -74.55 -10.49
CA CYS E 702 -34.39 -74.53 -10.47
C CYS E 702 -33.27 -75.22 -9.70
N VAL E 703 -32.17 -75.53 -10.38
CA VAL E 703 -31.06 -76.23 -9.73
C VAL E 703 -30.48 -75.37 -8.61
N GLN E 704 -30.27 -74.08 -8.86
CA GLN E 704 -29.71 -73.20 -7.85
C GLN E 704 -30.64 -73.08 -6.65
N ARG E 705 -31.94 -72.87 -6.90
CA ARG E 705 -32.87 -72.70 -5.79
C ARG E 705 -33.02 -73.99 -4.99
N ALA E 706 -33.04 -75.13 -5.68
CA ALA E 706 -33.15 -76.41 -4.97
C ALA E 706 -31.88 -76.71 -4.18
N GLU E 707 -30.72 -76.34 -4.73
CA GLU E 707 -29.47 -76.49 -3.98
C GLU E 707 -29.48 -75.62 -2.74
N GLY E 708 -29.99 -74.40 -2.84
CA GLY E 708 -30.09 -73.55 -1.67
C GLY E 708 -31.01 -74.13 -0.61
N TYR E 709 -32.19 -74.60 -1.02
CA TYR E 709 -33.12 -75.20 -0.08
C TYR E 709 -32.53 -76.44 0.57
N PHE E 710 -31.86 -77.29 -0.22
CA PHE E 710 -31.24 -78.50 0.32
C PHE E 710 -30.09 -78.15 1.25
N ARG E 711 -29.34 -77.10 0.95
CA ARG E 711 -28.26 -76.66 1.83
C ARG E 711 -28.81 -76.22 3.18
N LYS E 712 -29.85 -75.38 3.16
CA LYS E 712 -30.47 -74.94 4.41
C LYS E 712 -31.03 -76.13 5.19
N TRP E 713 -31.65 -77.08 4.50
CA TRP E 713 -32.24 -78.24 5.18
C TRP E 713 -31.17 -79.12 5.79
N LYS E 714 -30.11 -79.43 5.03
CA LYS E 714 -29.04 -80.28 5.54
C LYS E 714 -28.32 -79.61 6.70
N GLU E 715 -28.13 -78.29 6.64
CA GLU E 715 -27.51 -77.57 7.75
C GLU E 715 -28.44 -77.53 8.95
N SER E 716 -29.75 -77.55 8.72
CA SER E 716 -30.72 -77.65 9.80
C SER E 716 -30.89 -79.08 10.32
N ASN E 717 -30.25 -80.07 9.68
CA ASN E 717 -30.27 -81.46 10.11
C ASN E 717 -31.67 -82.08 9.94
N GLY E 718 -32.26 -81.83 8.78
CA GLY E 718 -33.59 -82.32 8.48
C GLY E 718 -34.71 -81.65 9.23
N ASN E 719 -34.40 -80.74 10.15
CA ASN E 719 -35.42 -80.12 10.99
C ASN E 719 -36.21 -79.05 10.24
N LEU E 720 -35.60 -78.41 9.24
CA LEU E 720 -36.27 -77.36 8.49
C LEU E 720 -37.45 -77.94 7.70
N SER E 721 -38.61 -77.30 7.83
CA SER E 721 -39.80 -77.71 7.10
C SER E 721 -39.73 -77.16 5.68
N LEU E 722 -39.72 -78.06 4.70
CA LEU E 722 -39.69 -77.72 3.28
C LEU E 722 -41.09 -77.80 2.68
N PRO E 723 -41.35 -77.04 1.63
CA PRO E 723 -42.61 -77.22 0.89
C PRO E 723 -42.71 -78.63 0.34
N VAL E 724 -43.82 -79.31 0.65
CA VAL E 724 -43.97 -80.71 0.29
C VAL E 724 -43.90 -80.87 -1.23
N ASP E 725 -44.38 -79.88 -1.98
CA ASP E 725 -44.38 -79.99 -3.43
C ASP E 725 -42.97 -79.93 -3.99
N VAL E 726 -42.15 -79.00 -3.48
CA VAL E 726 -40.77 -78.88 -3.95
C VAL E 726 -39.84 -79.86 -3.28
N THR E 727 -40.32 -80.64 -2.32
CA THR E 727 -39.45 -81.61 -1.64
C THR E 727 -38.87 -82.62 -2.62
N LEU E 728 -39.67 -83.07 -3.59
CA LEU E 728 -39.19 -84.01 -4.58
C LEU E 728 -38.00 -83.44 -5.36
N ALA E 729 -38.15 -82.22 -5.88
CA ALA E 729 -37.07 -81.61 -6.64
C ALA E 729 -35.86 -81.35 -5.76
N VAL E 730 -36.07 -80.90 -4.52
CA VAL E 730 -34.96 -80.60 -3.63
C VAL E 730 -34.16 -81.86 -3.33
N PHE E 731 -34.85 -82.96 -3.03
CA PHE E 731 -34.16 -84.22 -2.75
C PHE E 731 -33.45 -84.75 -3.99
N ALA E 732 -34.12 -84.67 -5.15
CA ALA E 732 -33.52 -85.17 -6.39
C ALA E 732 -32.26 -84.39 -6.75
N VAL E 733 -32.24 -83.09 -6.45
CA VAL E 733 -31.04 -82.29 -6.71
C VAL E 733 -29.96 -82.62 -5.70
N GLY E 734 -30.33 -82.68 -4.41
CA GLY E 734 -29.34 -82.90 -3.38
C GLY E 734 -28.69 -84.27 -3.44
N ALA E 735 -29.39 -85.25 -4.00
CA ALA E 735 -28.85 -86.61 -4.07
C ALA E 735 -27.81 -86.78 -5.19
N GLN E 736 -27.44 -85.71 -5.90
CA GLN E 736 -26.45 -85.83 -6.95
C GLN E 736 -25.03 -85.97 -6.40
N SER E 737 -24.76 -85.34 -5.26
CA SER E 737 -23.46 -85.45 -4.61
C SER E 737 -23.49 -86.58 -3.57
N THR E 738 -22.30 -87.13 -3.30
CA THR E 738 -22.22 -88.24 -2.34
C THR E 738 -22.66 -87.81 -0.95
N GLU E 739 -22.29 -86.58 -0.54
CA GLU E 739 -22.66 -86.08 0.78
C GLU E 739 -24.17 -86.03 0.96
N GLY E 740 -24.88 -85.39 0.03
CA GLY E 740 -26.32 -85.31 0.13
C GLY E 740 -26.99 -86.67 0.02
N TRP E 741 -26.44 -87.56 -0.80
CA TRP E 741 -26.98 -88.92 -0.89
C TRP E 741 -26.91 -89.62 0.47
N ASP E 742 -25.74 -89.59 1.11
CA ASP E 742 -25.61 -90.26 2.40
C ASP E 742 -26.48 -89.59 3.46
N PHE E 743 -26.62 -88.26 3.40
CA PHE E 743 -27.48 -87.56 4.35
C PHE E 743 -28.94 -87.99 4.19
N LEU E 744 -29.41 -88.04 2.94
CA LEU E 744 -30.77 -88.48 2.67
C LEU E 744 -31.00 -89.89 3.17
N TYR E 745 -30.06 -90.81 2.92
CA TYR E 745 -30.26 -92.17 3.39
C TYR E 745 -30.25 -92.24 4.92
N SER E 746 -29.40 -91.41 5.56
CA SER E 746 -29.38 -91.41 7.02
C SER E 746 -30.71 -90.95 7.59
N LYS E 747 -31.38 -90.01 6.92
CA LYS E 747 -32.70 -89.60 7.40
C LYS E 747 -33.80 -90.60 7.03
N TYR E 748 -33.59 -91.37 5.96
CA TYR E 748 -34.59 -92.34 5.50
C TYR E 748 -34.97 -93.33 6.59
N GLN E 749 -33.98 -93.86 7.31
CA GLN E 749 -34.25 -94.92 8.29
C GLN E 749 -35.23 -94.47 9.36
N PHE E 750 -35.07 -93.24 9.85
CA PHE E 750 -35.85 -92.75 10.98
C PHE E 750 -37.10 -91.98 10.56
N SER E 751 -37.22 -91.58 9.30
CA SER E 751 -38.44 -90.91 8.87
C SER E 751 -39.65 -91.85 9.00
N LEU E 752 -40.82 -91.25 9.26
CA LEU E 752 -42.06 -92.00 9.39
C LEU E 752 -43.14 -91.58 8.41
N SER E 753 -42.89 -90.60 7.55
CA SER E 753 -43.85 -90.22 6.53
C SER E 753 -43.59 -91.03 5.27
N SER E 754 -44.64 -91.67 4.75
CA SER E 754 -44.47 -92.52 3.58
C SER E 754 -44.18 -91.71 2.33
N THR E 755 -44.76 -90.51 2.21
CA THR E 755 -44.44 -89.64 1.08
C THR E 755 -42.97 -89.23 1.13
N GLU E 756 -42.48 -88.89 2.32
CA GLU E 756 -41.06 -88.57 2.48
C GLU E 756 -40.18 -89.75 2.12
N LYS E 757 -40.58 -90.96 2.55
CA LYS E 757 -39.81 -92.16 2.22
C LYS E 757 -39.75 -92.38 0.72
N SER E 758 -40.90 -92.26 0.04
CA SER E 758 -40.93 -92.47 -1.41
C SER E 758 -40.11 -91.40 -2.14
N GLN E 759 -40.18 -90.15 -1.68
CA GLN E 759 -39.40 -89.09 -2.31
C GLN E 759 -37.90 -89.32 -2.11
N ILE E 760 -37.51 -89.79 -0.92
CA ILE E 760 -36.12 -90.13 -0.68
C ILE E 760 -35.67 -91.26 -1.58
N GLU E 761 -36.52 -92.27 -1.77
CA GLU E 761 -36.19 -93.38 -2.66
C GLU E 761 -35.98 -92.90 -4.09
N PHE E 762 -36.88 -92.03 -4.58
CA PHE E 762 -36.73 -91.51 -5.94
C PHE E 762 -35.44 -90.72 -6.08
N ALA E 763 -35.13 -89.87 -5.09
CA ALA E 763 -33.90 -89.10 -5.14
C ALA E 763 -32.68 -90.00 -5.13
N LEU E 764 -32.67 -91.02 -4.26
CA LEU E 764 -31.51 -91.89 -4.15
C LEU E 764 -31.33 -92.76 -5.40
N CYS E 765 -32.44 -93.14 -6.04
CA CYS E 765 -32.34 -93.89 -7.29
C CYS E 765 -31.89 -93.01 -8.45
N ARG E 766 -32.14 -91.70 -8.36
CA ARG E 766 -31.66 -90.74 -9.35
C ARG E 766 -30.11 -90.53 -9.31
N THR E 767 -29.31 -91.33 -8.60
CA THR E 767 -27.89 -91.07 -8.43
C THR E 767 -27.09 -91.56 -9.64
N GLN E 768 -25.81 -91.18 -9.67
CA GLN E 768 -24.91 -91.55 -10.75
C GLN E 768 -23.95 -92.68 -10.38
N ASN E 769 -23.86 -93.05 -9.11
CA ASN E 769 -22.90 -94.03 -8.64
C ASN E 769 -23.40 -95.45 -8.87
N LYS E 770 -22.69 -96.22 -9.70
CA LYS E 770 -23.09 -97.61 -9.93
C LYS E 770 -23.10 -98.40 -8.62
N GLU E 771 -22.11 -98.16 -7.76
CA GLU E 771 -22.07 -98.89 -6.50
C GLU E 771 -23.25 -98.53 -5.60
N LYS E 772 -23.64 -97.25 -5.59
CA LYS E 772 -24.79 -96.85 -4.77
C LYS E 772 -26.09 -97.42 -5.31
N LEU E 773 -26.24 -97.46 -6.63
CA LEU E 773 -27.40 -98.12 -7.23
C LEU E 773 -27.44 -99.60 -6.88
N GLN E 774 -26.29 -100.28 -7.00
CA GLN E 774 -26.20 -101.69 -6.64
C GLN E 774 -26.55 -101.90 -5.17
N TRP E 775 -26.12 -100.98 -4.30
CA TRP E 775 -26.42 -101.10 -2.88
C TRP E 775 -27.91 -100.93 -2.61
N LEU E 776 -28.54 -99.94 -3.25
CA LEU E 776 -29.98 -99.79 -3.13
C LEU E 776 -30.69 -101.06 -3.56
N LEU E 777 -30.31 -101.61 -4.72
CA LEU E 777 -30.95 -102.83 -5.21
C LEU E 777 -30.79 -103.97 -4.22
N ASP E 778 -29.56 -104.23 -3.79
CA ASP E 778 -29.29 -105.36 -2.89
C ASP E 778 -30.02 -105.21 -1.57
N GLU E 779 -30.01 -104.02 -0.99
CA GLU E 779 -30.61 -103.85 0.34
C GLU E 779 -32.13 -103.88 0.27
N SER E 780 -32.72 -103.29 -0.77
CA SER E 780 -34.16 -103.38 -0.92
C SER E 780 -34.60 -104.80 -1.23
N PHE E 781 -33.73 -105.60 -1.86
CA PHE E 781 -34.03 -107.02 -2.02
C PHE E 781 -33.95 -107.76 -0.69
N LYS E 782 -32.88 -107.52 0.08
CA LYS E 782 -32.72 -108.21 1.35
C LYS E 782 -33.88 -107.90 2.30
N GLY E 783 -34.37 -106.66 2.28
CA GLY E 783 -35.56 -106.31 3.03
C GLY E 783 -35.32 -105.83 4.45
N ASP E 784 -34.07 -105.59 4.83
CA ASP E 784 -33.76 -105.12 6.19
C ASP E 784 -33.69 -103.60 6.21
N LYS E 785 -32.68 -103.04 5.56
CA LYS E 785 -32.50 -101.60 5.55
C LYS E 785 -33.61 -100.90 4.76
N ILE E 786 -34.09 -101.53 3.69
CA ILE E 786 -35.23 -101.04 2.91
C ILE E 786 -36.19 -102.21 2.70
N LYS E 787 -37.46 -102.01 3.07
CA LYS E 787 -38.45 -103.07 3.01
C LYS E 787 -38.58 -103.60 1.58
N THR E 788 -38.90 -104.88 1.46
CA THR E 788 -39.02 -105.53 0.16
C THR E 788 -40.22 -105.04 -0.62
N GLN E 789 -41.25 -104.52 0.08
CA GLN E 789 -42.44 -104.04 -0.63
C GLN E 789 -42.10 -102.89 -1.58
N GLU E 790 -41.03 -102.16 -1.31
CA GLU E 790 -40.60 -101.08 -2.18
C GLU E 790 -39.68 -101.53 -3.30
N PHE E 791 -39.33 -102.82 -3.33
CA PHE E 791 -38.34 -103.30 -4.30
C PHE E 791 -38.77 -103.13 -5.75
N PRO E 792 -39.97 -103.54 -6.18
CA PRO E 792 -40.29 -103.44 -7.61
C PRO E 792 -40.24 -102.00 -8.12
N GLN E 793 -40.72 -101.05 -7.33
CA GLN E 793 -40.67 -99.65 -7.73
C GLN E 793 -39.23 -99.15 -7.84
N ILE E 794 -38.37 -99.58 -6.91
CA ILE E 794 -36.95 -99.21 -6.97
C ILE E 794 -36.30 -99.82 -8.20
N LEU E 795 -36.62 -101.07 -8.51
CA LEU E 795 -36.07 -101.70 -9.71
C LEU E 795 -36.51 -100.96 -10.96
N THR E 796 -37.78 -100.52 -11.01
CA THR E 796 -38.25 -99.78 -12.16
C THR E 796 -37.55 -98.43 -12.29
N LEU E 797 -37.37 -97.73 -11.17
CA LEU E 797 -36.68 -96.43 -11.21
C LEU E 797 -35.23 -96.59 -11.63
N ILE E 798 -34.56 -97.63 -11.17
CA ILE E 798 -33.15 -97.84 -11.53
C ILE E 798 -33.03 -98.30 -12.97
N GLY E 799 -33.98 -99.11 -13.46
CA GLY E 799 -34.00 -99.43 -14.88
C GLY E 799 -34.30 -98.24 -15.75
N ARG E 800 -34.99 -97.24 -15.19
CA ARG E 800 -35.17 -95.97 -15.90
C ARG E 800 -33.90 -95.14 -15.89
N ASN E 801 -33.13 -95.22 -14.80
CA ASN E 801 -31.88 -94.48 -14.67
C ASN E 801 -30.95 -94.76 -15.85
N PRO E 802 -30.43 -93.72 -16.51
CA PRO E 802 -29.62 -93.96 -17.72
C PRO E 802 -28.32 -94.70 -17.48
N VAL E 803 -27.82 -94.76 -16.25
CA VAL E 803 -26.60 -95.49 -15.93
C VAL E 803 -26.88 -96.72 -15.08
N GLY E 804 -28.14 -97.02 -14.78
CA GLY E 804 -28.50 -98.11 -13.90
C GLY E 804 -29.24 -99.24 -14.57
N TYR E 805 -29.71 -99.02 -15.81
CA TYR E 805 -30.52 -100.05 -16.48
C TYR E 805 -29.78 -101.36 -16.70
N PRO E 806 -28.48 -101.41 -16.99
CA PRO E 806 -27.82 -102.72 -17.04
C PRO E 806 -27.81 -103.41 -15.69
N LEU E 807 -27.61 -102.64 -14.61
CA LEU E 807 -27.67 -103.21 -13.27
C LEU E 807 -29.04 -103.80 -12.99
N ALA E 808 -30.10 -103.09 -13.36
CA ALA E 808 -31.45 -103.58 -13.09
C ALA E 808 -31.77 -104.83 -13.90
N TRP E 809 -31.46 -104.80 -15.20
CA TRP E 809 -31.71 -105.96 -16.05
C TRP E 809 -30.92 -107.17 -15.57
N GLN E 810 -29.64 -106.99 -15.26
CA GLN E 810 -28.82 -108.09 -14.78
C GLN E 810 -29.29 -108.61 -13.43
N PHE E 811 -29.75 -107.70 -12.55
CA PHE E 811 -30.25 -108.12 -11.24
C PHE E 811 -31.48 -108.99 -11.38
N LEU E 812 -32.42 -108.57 -12.23
CA LEU E 812 -33.60 -109.39 -12.49
C LEU E 812 -33.19 -110.75 -13.05
N ARG E 813 -32.26 -110.75 -14.01
CA ARG E 813 -31.80 -111.98 -14.63
C ARG E 813 -31.20 -112.94 -13.59
N LYS E 814 -30.35 -112.43 -12.71
CA LYS E 814 -29.61 -113.28 -11.80
C LYS E 814 -30.41 -113.67 -10.56
N ASN E 815 -31.47 -112.93 -10.21
CA ASN E 815 -32.26 -113.23 -9.03
C ASN E 815 -33.72 -113.53 -9.36
N TRP E 816 -34.00 -113.99 -10.58
CA TRP E 816 -35.36 -114.33 -10.96
C TRP E 816 -36.01 -115.33 -10.00
N ASN E 817 -35.26 -116.34 -9.55
CA ASN E 817 -35.84 -117.42 -8.75
C ASN E 817 -36.38 -116.93 -7.41
N LYS E 818 -35.56 -116.23 -6.63
CA LYS E 818 -36.01 -115.74 -5.33
C LYS E 818 -37.12 -114.72 -5.49
N LEU E 819 -37.06 -113.91 -6.54
CA LEU E 819 -38.14 -112.97 -6.82
C LEU E 819 -39.45 -113.70 -7.07
N VAL E 820 -39.41 -114.79 -7.83
CA VAL E 820 -40.61 -115.58 -8.07
C VAL E 820 -41.11 -116.20 -6.77
N GLN E 821 -40.18 -116.70 -5.95
CA GLN E 821 -40.56 -117.32 -4.69
C GLN E 821 -41.20 -116.34 -3.73
N LYS E 822 -40.80 -115.07 -3.81
CA LYS E 822 -41.34 -114.03 -2.92
C LYS E 822 -42.64 -113.40 -3.46
N PHE E 823 -42.73 -113.17 -4.76
CA PHE E 823 -43.83 -112.39 -5.33
C PHE E 823 -44.84 -113.22 -6.11
N GLU E 824 -44.62 -114.54 -6.22
CA GLU E 824 -45.47 -115.45 -6.99
C GLU E 824 -45.40 -115.15 -8.49
N LEU E 825 -45.61 -116.17 -9.32
CA LEU E 825 -45.55 -116.01 -10.75
C LEU E 825 -46.81 -115.33 -11.29
N GLY E 826 -46.62 -114.52 -12.34
CA GLY E 826 -47.72 -113.84 -12.99
C GLY E 826 -48.32 -112.69 -12.22
N SER E 827 -47.79 -112.37 -11.04
CA SER E 827 -48.29 -111.25 -10.27
C SER E 827 -47.94 -109.93 -10.94
N SER E 828 -48.72 -108.90 -10.61
CA SER E 828 -48.43 -107.57 -11.14
C SER E 828 -47.06 -107.07 -10.70
N SER E 829 -46.53 -107.56 -9.58
CA SER E 829 -45.17 -107.20 -9.18
C SER E 829 -44.15 -107.75 -10.17
N ILE E 830 -44.27 -109.03 -10.52
CA ILE E 830 -43.36 -109.63 -11.49
C ILE E 830 -43.52 -108.95 -12.85
N ALA E 831 -44.76 -108.70 -13.27
CA ALA E 831 -44.99 -108.02 -14.54
C ALA E 831 -44.36 -106.63 -14.54
N HIS E 832 -44.59 -105.86 -13.47
CA HIS E 832 -44.01 -104.53 -13.33
C HIS E 832 -42.49 -104.59 -13.42
N MET E 833 -41.87 -105.56 -12.74
CA MET E 833 -40.41 -105.67 -12.79
C MET E 833 -39.92 -105.95 -14.21
N VAL E 834 -40.53 -106.94 -14.87
CA VAL E 834 -40.11 -107.30 -16.22
C VAL E 834 -40.23 -106.11 -17.15
N MET E 835 -41.37 -105.43 -17.12
CA MET E 835 -41.59 -104.31 -18.04
C MET E 835 -40.67 -103.14 -17.70
N GLY E 836 -40.52 -102.81 -16.42
CA GLY E 836 -39.68 -101.70 -16.05
C GLY E 836 -38.21 -101.91 -16.38
N THR E 837 -37.76 -103.17 -16.38
CA THR E 837 -36.37 -103.42 -16.74
C THR E 837 -36.15 -103.64 -18.23
N THR E 838 -37.18 -104.04 -18.98
CA THR E 838 -36.96 -104.40 -20.39
C THR E 838 -37.74 -103.57 -21.40
N ASN E 839 -38.92 -103.05 -21.07
CA ASN E 839 -39.82 -102.52 -22.10
C ASN E 839 -39.36 -101.17 -22.65
N GLN E 840 -38.17 -100.69 -22.28
CA GLN E 840 -37.61 -99.47 -22.85
C GLN E 840 -36.48 -99.77 -23.82
N PHE E 841 -36.30 -101.03 -24.20
CA PHE E 841 -35.24 -101.43 -25.13
C PHE E 841 -35.67 -101.15 -26.57
N SER E 842 -34.67 -101.03 -27.44
CA SER E 842 -34.90 -100.59 -28.81
C SER E 842 -34.12 -101.35 -29.87
N THR E 843 -33.28 -102.32 -29.49
CA THR E 843 -32.42 -103.00 -30.45
C THR E 843 -32.78 -104.47 -30.57
N ARG E 844 -32.42 -105.04 -31.71
CA ARG E 844 -32.59 -106.47 -31.94
C ARG E 844 -31.72 -107.28 -30.98
N THR E 845 -30.58 -106.74 -30.59
CA THR E 845 -29.73 -107.40 -29.60
C THR E 845 -30.44 -107.50 -28.25
N ARG E 846 -31.05 -106.40 -27.80
CA ARG E 846 -31.80 -106.44 -26.55
C ARG E 846 -32.99 -107.38 -26.64
N LEU E 847 -33.67 -107.38 -27.80
CA LEU E 847 -34.78 -108.30 -27.99
C LEU E 847 -34.32 -109.75 -27.86
N GLU E 848 -33.16 -110.06 -28.43
CA GLU E 848 -32.66 -111.43 -28.35
C GLU E 848 -32.25 -111.78 -26.92
N GLU E 849 -31.66 -110.83 -26.20
CA GLU E 849 -31.40 -111.07 -24.78
C GLU E 849 -32.66 -111.45 -24.03
N VAL E 850 -33.71 -110.64 -24.19
CA VAL E 850 -34.96 -110.85 -23.47
C VAL E 850 -35.56 -112.21 -23.83
N LYS E 851 -35.68 -112.48 -25.13
CA LYS E 851 -36.24 -113.75 -25.58
C LYS E 851 -35.44 -114.93 -25.03
N GLY E 852 -34.11 -114.88 -25.15
CA GLY E 852 -33.30 -116.00 -24.70
C GLY E 852 -33.43 -116.27 -23.23
N PHE E 853 -33.38 -115.21 -22.41
CA PHE E 853 -33.51 -115.41 -20.97
C PHE E 853 -34.87 -115.99 -20.62
N PHE E 854 -35.94 -115.37 -21.10
CA PHE E 854 -37.26 -115.83 -20.70
C PHE E 854 -37.60 -117.19 -21.31
N SER E 855 -36.93 -117.60 -22.38
CA SER E 855 -37.11 -118.97 -22.88
C SER E 855 -36.31 -119.97 -22.06
N SER E 856 -35.09 -119.58 -21.63
CA SER E 856 -34.31 -120.46 -20.78
C SER E 856 -34.97 -120.66 -19.42
N LEU E 857 -35.84 -119.73 -19.03
CA LEU E 857 -36.63 -119.96 -17.81
C LEU E 857 -37.48 -121.22 -17.91
N LYS E 858 -37.92 -121.57 -19.13
CA LYS E 858 -38.70 -122.79 -19.41
C LYS E 858 -39.99 -122.74 -18.59
N GLU E 859 -40.32 -123.76 -17.82
CA GLU E 859 -41.60 -123.83 -17.12
C GLU E 859 -41.71 -122.84 -15.97
N ASN E 860 -40.72 -121.98 -15.75
CA ASN E 860 -40.70 -121.04 -14.65
C ASN E 860 -40.83 -119.60 -15.11
N GLY E 861 -41.71 -119.35 -16.09
CA GLY E 861 -42.01 -117.98 -16.45
C GLY E 861 -41.94 -117.66 -17.93
N SER E 862 -41.67 -118.66 -18.77
CA SER E 862 -41.62 -118.41 -20.21
C SER E 862 -42.99 -118.07 -20.78
N GLN E 863 -44.06 -118.52 -20.14
CA GLN E 863 -45.42 -118.32 -20.62
C GLN E 863 -46.10 -117.11 -19.98
N LEU E 864 -45.32 -116.10 -19.60
CA LEU E 864 -45.87 -114.93 -18.93
C LEU E 864 -46.36 -113.92 -19.95
N ARG E 865 -47.62 -113.50 -19.79
CA ARG E 865 -48.19 -112.50 -20.68
C ARG E 865 -47.40 -111.19 -20.62
N CYS E 866 -46.84 -110.86 -19.45
CA CYS E 866 -45.96 -109.70 -19.37
C CYS E 866 -44.69 -109.90 -20.17
N VAL E 867 -44.17 -111.13 -20.22
CA VAL E 867 -43.02 -111.43 -21.06
C VAL E 867 -43.37 -111.18 -22.53
N GLN E 868 -44.51 -111.71 -22.97
CA GLN E 868 -44.94 -111.48 -24.35
C GLN E 868 -45.13 -109.99 -24.63
N GLN E 869 -45.68 -109.25 -23.66
CA GLN E 869 -45.92 -107.82 -23.85
C GLN E 869 -44.61 -107.06 -23.99
N THR E 870 -43.60 -107.40 -23.18
CA THR E 870 -42.30 -106.75 -23.31
C THR E 870 -41.65 -107.11 -24.64
N ILE E 871 -41.80 -108.36 -25.08
CA ILE E 871 -41.23 -108.77 -26.36
C ILE E 871 -41.82 -107.95 -27.49
N GLU E 872 -43.16 -107.85 -27.52
CA GLU E 872 -43.83 -107.10 -28.58
C GLU E 872 -43.56 -105.61 -28.47
N THR E 873 -43.40 -105.09 -27.24
CA THR E 873 -43.05 -103.68 -27.08
C THR E 873 -41.67 -103.40 -27.65
N ILE E 874 -40.72 -104.31 -27.42
CA ILE E 874 -39.38 -104.12 -27.98
C ILE E 874 -39.40 -104.21 -29.50
N GLU E 875 -40.21 -105.13 -30.05
CA GLU E 875 -40.31 -105.22 -31.51
C GLU E 875 -40.90 -103.94 -32.11
N GLU E 876 -41.99 -103.45 -31.53
CA GLU E 876 -42.58 -102.20 -32.01
C GLU E 876 -41.61 -101.04 -31.84
N ASN E 877 -40.82 -101.05 -30.75
CA ASN E 877 -39.79 -100.03 -30.57
C ASN E 877 -38.74 -100.12 -31.66
N ILE E 878 -38.34 -101.33 -32.03
CA ILE E 878 -37.37 -101.49 -33.12
C ILE E 878 -37.90 -100.84 -34.39
N GLY E 879 -39.13 -101.18 -34.77
CA GLY E 879 -39.72 -100.58 -35.96
C GLY E 879 -39.82 -99.06 -35.86
N TRP E 880 -40.40 -98.58 -34.75
CA TRP E 880 -40.64 -97.16 -34.55
C TRP E 880 -39.33 -96.37 -34.55
N MET E 881 -38.29 -96.92 -33.94
CA MET E 881 -37.01 -96.23 -33.83
C MET E 881 -36.29 -96.22 -35.17
N ASP E 882 -36.27 -97.36 -35.87
CA ASP E 882 -35.64 -97.39 -37.18
C ASP E 882 -36.33 -96.46 -38.17
N LYS E 883 -37.64 -96.26 -38.01
CA LYS E 883 -38.32 -95.37 -38.95
C LYS E 883 -38.23 -93.89 -38.54
N ASN E 884 -38.36 -93.58 -37.25
CA ASN E 884 -38.63 -92.21 -36.82
C ASN E 884 -37.46 -91.50 -36.16
N PHE E 885 -36.37 -92.21 -35.80
CA PHE E 885 -35.30 -91.54 -35.09
C PHE E 885 -34.61 -90.50 -35.96
N ASP E 886 -34.21 -90.88 -37.17
CA ASP E 886 -33.55 -89.94 -38.07
C ASP E 886 -34.48 -88.79 -38.42
N LYS E 887 -35.78 -89.08 -38.54
CA LYS E 887 -36.77 -88.03 -38.70
C LYS E 887 -36.75 -87.06 -37.52
N ILE E 888 -36.65 -87.59 -36.30
CA ILE E 888 -36.64 -86.73 -35.12
C ILE E 888 -35.37 -85.88 -35.10
N ARG E 889 -34.24 -86.44 -35.51
CA ARG E 889 -33.00 -85.67 -35.59
C ARG E 889 -33.14 -84.50 -36.56
N VAL E 890 -33.66 -84.79 -37.76
CA VAL E 890 -33.85 -83.74 -38.76
C VAL E 890 -34.83 -82.69 -38.26
N TRP E 891 -35.93 -83.13 -37.64
CA TRP E 891 -36.94 -82.19 -37.15
C TRP E 891 -36.42 -81.34 -36.01
N LEU E 892 -35.59 -81.90 -35.13
CA LEU E 892 -35.05 -81.11 -34.03
C LEU E 892 -34.08 -80.06 -34.55
N GLN E 893 -33.24 -80.42 -35.52
CA GLN E 893 -32.35 -79.43 -36.11
C GLN E 893 -33.16 -78.33 -36.82
N SER E 894 -34.20 -78.73 -37.54
CA SER E 894 -35.04 -77.75 -38.24
C SER E 894 -35.78 -76.85 -37.26
N GLU E 895 -36.23 -77.40 -36.13
CA GLU E 895 -36.95 -76.59 -35.15
C GLU E 895 -36.01 -75.66 -34.40
N LYS E 896 -34.76 -76.08 -34.17
CA LYS E 896 -33.77 -75.14 -33.65
C LYS E 896 -33.51 -74.02 -34.63
N LEU E 897 -33.64 -74.29 -35.93
CA LEU E 897 -33.54 -73.26 -36.96
C LEU E 897 -34.86 -72.48 -37.06
N GLU E 898 -35.23 -71.82 -35.96
CA GLU E 898 -36.47 -71.04 -35.91
C GLU E 898 -36.34 -69.65 -35.34
N ARG E 899 -35.30 -69.35 -34.57
CA ARG E 899 -35.15 -68.02 -33.99
C ARG E 899 -34.24 -67.15 -34.86
N PRO F 30 -141.43 -26.10 37.17
CA PRO F 30 -140.91 -26.73 38.39
C PRO F 30 -140.09 -27.97 38.09
N PHE F 31 -138.77 -27.89 38.28
CA PHE F 31 -137.91 -29.03 37.95
C PHE F 31 -138.04 -30.10 39.02
N PRO F 32 -138.27 -31.37 38.62
CA PRO F 32 -138.53 -32.41 39.61
C PRO F 32 -137.29 -33.15 40.11
N TRP F 33 -136.19 -32.45 40.35
CA TRP F 33 -134.98 -33.08 40.87
C TRP F 33 -134.06 -32.01 41.42
N ASN F 34 -133.39 -32.32 42.55
CA ASN F 34 -132.59 -31.34 43.26
C ASN F 34 -131.25 -31.88 43.73
N LYS F 35 -130.75 -32.97 43.14
CA LYS F 35 -129.47 -33.54 43.50
C LYS F 35 -128.55 -33.52 42.28
N ILE F 36 -127.24 -33.40 42.53
CA ILE F 36 -126.28 -33.42 41.44
C ILE F 36 -126.19 -34.82 40.85
N ARG F 37 -126.27 -35.84 41.69
CA ARG F 37 -126.30 -37.21 41.22
C ARG F 37 -127.63 -37.54 40.55
N LEU F 38 -127.58 -38.49 39.63
CA LEU F 38 -128.76 -38.92 38.89
C LEU F 38 -129.58 -39.89 39.71
N PRO F 39 -130.86 -40.06 39.36
CA PRO F 39 -131.66 -41.11 40.02
C PRO F 39 -131.08 -42.48 39.74
N GLU F 40 -131.08 -43.33 40.76
CA GLU F 40 -130.47 -44.65 40.66
C GLU F 40 -131.39 -45.70 40.06
N TYR F 41 -132.65 -45.36 39.79
CA TYR F 41 -133.64 -46.35 39.36
C TYR F 41 -133.92 -46.35 37.86
N VAL F 42 -133.16 -45.58 37.08
CA VAL F 42 -133.24 -45.60 35.62
C VAL F 42 -131.85 -45.90 35.08
N ILE F 43 -131.67 -47.09 34.54
CA ILE F 43 -130.36 -47.59 34.11
C ILE F 43 -130.38 -47.73 32.59
N PRO F 44 -129.43 -47.14 31.87
CA PRO F 44 -129.31 -47.41 30.44
C PRO F 44 -128.61 -48.74 30.20
N VAL F 45 -128.87 -49.31 29.02
CA VAL F 45 -128.26 -50.59 28.65
C VAL F 45 -127.55 -50.46 27.31
N HIS F 46 -128.01 -49.55 26.46
CA HIS F 46 -127.43 -49.42 25.12
C HIS F 46 -127.70 -48.02 24.58
N TYR F 47 -126.64 -47.30 24.25
CA TYR F 47 -126.74 -46.01 23.56
C TYR F 47 -126.57 -46.24 22.06
N ASP F 48 -127.34 -45.49 21.27
CA ASP F 48 -127.28 -45.52 19.82
C ASP F 48 -127.12 -44.07 19.37
N LEU F 49 -125.92 -43.69 18.97
CA LEU F 49 -125.58 -42.31 18.68
C LEU F 49 -125.47 -42.10 17.17
N LEU F 50 -126.06 -41.01 16.69
CA LEU F 50 -125.93 -40.58 15.30
C LEU F 50 -125.51 -39.12 15.33
N ILE F 51 -124.29 -38.85 14.88
CA ILE F 51 -123.71 -37.52 14.93
C ILE F 51 -123.43 -37.04 13.51
N HIS F 52 -123.88 -35.84 13.18
CA HIS F 52 -123.55 -35.17 11.93
C HIS F 52 -122.84 -33.87 12.30
N ALA F 53 -121.53 -33.86 12.13
CA ALA F 53 -120.70 -32.70 12.40
C ALA F 53 -120.45 -31.93 11.10
N ASN F 54 -120.60 -30.66 11.20
CA ASN F 54 -120.35 -29.79 10.02
C ASN F 54 -119.14 -28.91 10.32
N LEU F 55 -118.02 -29.20 9.67
CA LEU F 55 -116.76 -28.48 9.86
C LEU F 55 -116.83 -27.08 9.25
N THR F 56 -117.54 -26.91 8.13
CA THR F 56 -117.62 -25.61 7.49
C THR F 56 -118.39 -24.62 8.35
N THR F 57 -119.58 -25.00 8.82
CA THR F 57 -120.39 -24.14 9.66
C THR F 57 -120.10 -24.32 11.15
N LEU F 58 -119.19 -25.23 11.51
CA LEU F 58 -118.86 -25.54 12.90
C LEU F 58 -120.12 -25.81 13.71
N THR F 59 -120.94 -26.73 13.21
CA THR F 59 -122.21 -27.11 13.84
C THR F 59 -122.24 -28.62 13.97
N PHE F 60 -123.29 -29.16 14.59
CA PHE F 60 -123.56 -30.59 14.53
C PHE F 60 -124.95 -30.89 15.05
N TRP F 61 -125.66 -31.75 14.35
CA TRP F 61 -126.96 -32.26 14.74
CA TRP F 61 -126.94 -32.24 14.82
C TRP F 61 -126.84 -33.71 15.18
N GLY F 62 -127.56 -34.11 16.22
CA GLY F 62 -127.41 -35.45 16.74
C GLY F 62 -128.75 -36.08 17.09
N THR F 63 -128.77 -37.41 17.03
CA THR F 63 -129.90 -38.23 17.43
C THR F 63 -129.40 -39.33 18.34
N THR F 64 -129.97 -39.42 19.53
CA THR F 64 -129.55 -40.40 20.53
C THR F 64 -130.74 -41.27 20.91
N LYS F 65 -130.61 -42.58 20.68
CA LYS F 65 -131.60 -43.57 21.09
C LYS F 65 -130.99 -44.41 22.20
N VAL F 66 -131.50 -44.26 23.42
CA VAL F 66 -130.97 -44.95 24.59
C VAL F 66 -132.02 -45.93 25.09
N GLU F 67 -131.64 -47.21 25.15
CA GLU F 67 -132.49 -48.24 25.74
C GLU F 67 -132.29 -48.25 27.25
N ILE F 68 -133.41 -48.17 27.99
CA ILE F 68 -133.41 -48.06 29.43
C ILE F 68 -134.38 -49.05 30.04
N THR F 69 -134.18 -49.32 31.32
CA THR F 69 -135.12 -50.06 32.15
C THR F 69 -135.29 -49.33 33.46
N ALA F 70 -136.44 -49.52 34.11
CA ALA F 70 -136.77 -48.84 35.34
C ALA F 70 -137.05 -49.86 36.45
N SER F 71 -136.53 -49.58 37.64
CA SER F 71 -136.75 -50.44 38.80
C SER F 71 -137.83 -49.91 39.74
N GLN F 72 -138.05 -48.60 39.77
CA GLN F 72 -139.13 -47.99 40.52
C GLN F 72 -140.09 -47.33 39.56
N PRO F 73 -141.41 -47.52 39.72
CA PRO F 73 -142.37 -46.88 38.80
C PRO F 73 -142.23 -45.37 38.84
N THR F 74 -141.95 -44.79 37.68
CA THR F 74 -141.75 -43.35 37.57
C THR F 74 -142.28 -42.87 36.22
N SER F 75 -142.61 -41.58 36.18
CA SER F 75 -143.00 -40.91 34.95
C SER F 75 -142.04 -39.80 34.57
N THR F 76 -140.85 -39.77 35.19
CA THR F 76 -139.85 -38.74 34.92
C THR F 76 -138.48 -39.41 34.76
N ILE F 77 -137.80 -39.08 33.67
CA ILE F 77 -136.48 -39.63 33.37
C ILE F 77 -135.48 -38.48 33.42
N ILE F 78 -134.51 -38.57 34.32
CA ILE F 78 -133.50 -37.54 34.51
C ILE F 78 -132.20 -38.02 33.89
N LEU F 79 -131.59 -37.15 33.07
CA LEU F 79 -130.29 -37.45 32.48
C LEU F 79 -129.56 -36.14 32.23
N HIS F 80 -128.32 -36.25 31.75
CA HIS F 80 -127.44 -35.10 31.59
C HIS F 80 -127.51 -34.53 30.17
N SER F 81 -127.37 -33.21 30.10
CA SER F 81 -127.28 -32.47 28.85
C SER F 81 -126.75 -31.07 29.14
N HIS F 82 -125.79 -30.61 28.34
CA HIS F 82 -125.11 -29.34 28.60
C HIS F 82 -124.81 -28.67 27.29
N HIS F 83 -125.28 -27.42 27.14
CA HIS F 83 -125.05 -26.62 25.93
C HIS F 83 -125.55 -27.34 24.68
N LEU F 84 -126.68 -28.03 24.82
CA LEU F 84 -127.30 -28.75 23.71
C LEU F 84 -128.74 -28.30 23.55
N GLN F 85 -129.11 -27.92 22.32
CA GLN F 85 -130.47 -27.48 22.01
C GLN F 85 -131.32 -28.70 21.68
N ILE F 86 -132.21 -29.08 22.59
CA ILE F 86 -133.12 -30.20 22.37
C ILE F 86 -134.31 -29.72 21.55
N SER F 87 -134.62 -30.43 20.46
CA SER F 87 -135.71 -30.03 19.58
C SER F 87 -136.85 -31.03 19.49
N ARG F 88 -136.67 -32.26 19.95
CA ARG F 88 -137.65 -33.32 19.75
C ARG F 88 -137.31 -34.48 20.66
N ALA F 89 -138.34 -35.06 21.31
CA ALA F 89 -138.13 -36.13 22.27
C ALA F 89 -139.30 -37.10 22.23
N THR F 90 -139.00 -38.38 22.03
CA THR F 90 -140.02 -39.42 21.99
C THR F 90 -139.62 -40.56 22.92
N LEU F 91 -140.63 -41.35 23.29
CA LEU F 91 -140.46 -42.50 24.19
C LEU F 91 -141.18 -43.69 23.57
N ARG F 92 -140.41 -44.68 23.13
CA ARG F 92 -140.96 -45.89 22.54
C ARG F 92 -140.99 -47.02 23.57
N LYS F 93 -142.04 -47.83 23.51
CA LYS F 93 -142.26 -48.94 24.43
C LYS F 93 -142.11 -50.24 23.64
N GLY F 94 -141.08 -51.02 23.96
CA GLY F 94 -140.82 -52.26 23.24
C GLY F 94 -139.49 -52.24 22.51
N LEU F 99 -143.45 -50.51 19.37
CA LEU F 99 -144.80 -50.44 18.80
C LEU F 99 -145.46 -49.11 19.13
N SER F 100 -145.65 -48.84 20.41
CA SER F 100 -146.30 -47.62 20.87
C SER F 100 -145.23 -46.55 21.11
N GLU F 101 -145.45 -45.37 20.55
CA GLU F 101 -144.54 -44.25 20.71
C GLU F 101 -145.30 -43.06 21.29
N GLU F 102 -144.72 -42.41 22.29
CA GLU F 102 -145.35 -41.31 22.98
C GLU F 102 -144.40 -40.13 23.10
N PRO F 103 -144.89 -38.91 22.98
CA PRO F 103 -144.02 -37.75 23.13
C PRO F 103 -143.68 -37.49 24.59
N LEU F 104 -142.51 -36.89 24.80
CA LEU F 104 -142.03 -36.53 26.13
C LEU F 104 -141.93 -35.02 26.25
N GLN F 105 -142.25 -34.51 27.44
CA GLN F 105 -142.07 -33.09 27.72
C GLN F 105 -140.69 -32.87 28.31
N VAL F 106 -140.04 -31.78 27.90
CA VAL F 106 -138.64 -31.51 28.24
C VAL F 106 -138.57 -30.36 29.22
N LEU F 107 -137.91 -30.59 30.36
CA LEU F 107 -137.56 -29.55 31.31
C LEU F 107 -136.04 -29.47 31.41
N GLU F 108 -135.53 -28.26 31.60
CA GLU F 108 -134.10 -28.01 31.54
C GLU F 108 -133.62 -27.43 32.87
N HIS F 109 -132.44 -27.86 33.31
CA HIS F 109 -131.80 -27.34 34.51
C HIS F 109 -130.33 -27.09 34.19
N PRO F 110 -129.97 -25.85 33.82
CA PRO F 110 -128.57 -25.59 33.46
C PRO F 110 -127.62 -25.63 34.63
N ARG F 111 -128.09 -25.35 35.85
CA ARG F 111 -127.20 -25.36 37.01
C ARG F 111 -126.73 -26.77 37.31
N GLN F 112 -127.62 -27.75 37.24
CA GLN F 112 -127.26 -29.14 37.46
C GLN F 112 -126.87 -29.85 36.18
N GLU F 113 -126.86 -29.14 35.04
CA GLU F 113 -126.51 -29.71 33.74
C GLU F 113 -127.39 -30.92 33.42
N GLN F 114 -128.69 -30.79 33.67
CA GLN F 114 -129.60 -31.92 33.54
C GLN F 114 -130.82 -31.54 32.71
N ILE F 115 -131.50 -32.56 32.21
CA ILE F 115 -132.81 -32.41 31.61
C ILE F 115 -133.73 -33.49 32.18
N ALA F 116 -135.01 -33.15 32.28
CA ALA F 116 -136.03 -34.06 32.76
C ALA F 116 -137.00 -34.35 31.62
N LEU F 117 -137.26 -35.62 31.38
CA LEU F 117 -138.20 -36.04 30.35
C LEU F 117 -139.43 -36.62 31.03
N LEU F 118 -140.59 -36.01 30.77
CA LEU F 118 -141.85 -36.38 31.39
C LEU F 118 -142.67 -37.18 30.39
N ALA F 119 -143.13 -38.36 30.82
CA ALA F 119 -143.90 -39.38 30.13
C ALA F 119 -145.36 -39.36 30.57
N PRO F 120 -146.28 -39.50 29.61
CA PRO F 120 -147.71 -39.46 29.96
C PRO F 120 -148.13 -40.57 30.90
N GLU F 121 -147.72 -41.79 30.64
CA GLU F 121 -148.08 -42.93 31.48
C GLU F 121 -146.84 -43.46 32.20
N PRO F 122 -146.96 -43.77 33.49
CA PRO F 122 -145.79 -44.20 34.27
C PRO F 122 -145.17 -45.47 33.69
N LEU F 123 -143.84 -45.51 33.69
CA LEU F 123 -143.10 -46.63 33.15
C LEU F 123 -143.34 -47.88 33.99
N LEU F 124 -143.44 -49.03 33.32
CA LEU F 124 -143.66 -50.30 33.98
C LEU F 124 -142.33 -50.94 34.35
N VAL F 125 -142.21 -51.38 35.60
CA VAL F 125 -140.96 -51.97 36.07
C VAL F 125 -140.68 -53.27 35.33
N GLY F 126 -139.40 -53.49 35.00
CA GLY F 126 -138.98 -54.69 34.31
C GLY F 126 -139.17 -54.67 32.82
N LEU F 127 -139.67 -53.57 32.25
CA LEU F 127 -139.91 -53.44 30.82
C LEU F 127 -138.83 -52.58 30.17
N PRO F 128 -138.42 -52.92 28.94
CA PRO F 128 -137.46 -52.07 28.23
C PRO F 128 -138.12 -50.94 27.47
N TYR F 129 -137.60 -49.72 27.63
CA TYR F 129 -138.09 -48.56 26.90
C TYR F 129 -136.94 -47.93 26.13
N THR F 130 -137.28 -47.09 25.15
CA THR F 130 -136.27 -46.45 24.31
C THR F 130 -136.55 -44.96 24.25
N VAL F 131 -135.67 -44.15 24.81
CA VAL F 131 -135.76 -42.70 24.74
C VAL F 131 -135.01 -42.23 23.50
N VAL F 132 -135.67 -41.43 22.67
CA VAL F 132 -135.09 -40.93 21.43
C VAL F 132 -135.10 -39.41 21.49
N ILE F 133 -133.91 -38.81 21.43
CA ILE F 133 -133.75 -37.37 21.57
C ILE F 133 -133.04 -36.83 20.34
N HIS F 134 -133.60 -35.76 19.76
CA HIS F 134 -132.97 -35.02 18.68
C HIS F 134 -132.46 -33.69 19.22
N TYR F 135 -131.23 -33.35 18.87
CA TYR F 135 -130.61 -32.17 19.45
C TYR F 135 -129.64 -31.56 18.44
N ALA F 136 -129.17 -30.36 18.78
CA ALA F 136 -128.21 -29.65 17.96
C ALA F 136 -127.23 -28.92 18.87
N GLY F 137 -126.13 -28.48 18.25
CA GLY F 137 -125.12 -27.73 18.98
C GLY F 137 -124.00 -27.36 18.04
N ASN F 138 -122.94 -26.79 18.58
CA ASN F 138 -121.74 -26.54 17.78
C ASN F 138 -120.50 -27.01 18.51
N LEU F 139 -119.49 -27.33 17.70
CA LEU F 139 -118.17 -27.70 18.19
C LEU F 139 -117.64 -26.68 19.19
N SER F 140 -117.27 -27.17 20.37
CA SER F 140 -116.70 -26.30 21.39
C SER F 140 -115.37 -25.71 20.92
N GLU F 141 -115.18 -24.41 21.18
CA GLU F 141 -113.90 -23.76 20.89
C GLU F 141 -112.86 -24.01 21.99
N THR F 142 -113.18 -24.83 22.98
CA THR F 142 -112.28 -25.10 24.09
C THR F 142 -111.46 -26.36 23.82
N PHE F 143 -111.08 -27.05 24.90
CA PHE F 143 -110.30 -28.28 24.81
C PHE F 143 -111.07 -29.50 25.28
N HIS F 144 -112.37 -29.36 25.55
CA HIS F 144 -113.18 -30.44 26.07
C HIS F 144 -114.49 -30.54 25.30
N GLY F 145 -115.24 -31.60 25.56
CA GLY F 145 -116.49 -31.85 24.86
C GLY F 145 -116.25 -32.34 23.46
N PHE F 146 -117.07 -31.89 22.51
CA PHE F 146 -116.85 -32.15 21.09
C PHE F 146 -116.26 -30.85 20.53
N TYR F 147 -114.93 -30.77 20.51
CA TYR F 147 -114.25 -29.51 20.28
C TYR F 147 -113.50 -29.53 18.95
N LYS F 148 -113.07 -28.35 18.53
CA LYS F 148 -112.42 -28.14 17.25
C LYS F 148 -110.91 -28.07 17.41
N SER F 149 -110.19 -28.59 16.41
CA SER F 149 -108.74 -28.49 16.35
C SER F 149 -108.34 -28.07 14.94
N THR F 150 -107.24 -27.35 14.84
CA THR F 150 -106.73 -26.86 13.55
C THR F 150 -105.25 -27.18 13.43
N TYR F 151 -104.79 -27.29 12.19
CA TYR F 151 -103.37 -27.54 11.93
C TYR F 151 -102.95 -26.80 10.67
N ARG F 152 -101.66 -26.51 10.59
CA ARG F 152 -101.08 -25.77 9.47
C ARG F 152 -100.38 -26.74 8.53
N THR F 153 -100.71 -26.64 7.24
CA THR F 153 -100.00 -27.40 6.22
C THR F 153 -98.68 -26.73 5.88
N LYS F 154 -97.83 -27.46 5.17
CA LYS F 154 -96.53 -26.92 4.76
C LYS F 154 -96.66 -25.82 3.72
N GLU F 155 -97.85 -25.60 3.17
CA GLU F 155 -98.10 -24.52 2.24
C GLU F 155 -98.72 -23.30 2.93
N GLY F 156 -98.82 -23.32 4.26
CA GLY F 156 -99.39 -22.22 5.00
C GLY F 156 -100.89 -22.25 5.18
N GLU F 157 -101.58 -23.17 4.51
CA GLU F 157 -103.03 -23.26 4.62
C GLU F 157 -103.43 -23.81 5.99
N LEU F 158 -104.64 -23.45 6.41
CA LEU F 158 -105.20 -23.88 7.68
C LEU F 158 -106.29 -24.90 7.42
N ARG F 159 -106.22 -26.04 8.13
CA ARG F 159 -107.18 -27.11 7.98
C ARG F 159 -107.84 -27.41 9.32
N ILE F 160 -109.08 -27.89 9.26
CA ILE F 160 -109.93 -28.02 10.43
C ILE F 160 -110.27 -29.49 10.63
N LEU F 161 -110.32 -29.92 11.89
CA LEU F 161 -110.77 -31.26 12.25
C LEU F 161 -111.58 -31.17 13.53
N ALA F 162 -112.34 -32.23 13.82
CA ALA F 162 -113.17 -32.30 15.01
C ALA F 162 -112.78 -33.53 15.82
N SER F 163 -112.46 -33.31 17.10
CA SER F 163 -112.04 -34.37 18.01
C SER F 163 -112.89 -34.32 19.27
N THR F 164 -112.72 -35.30 20.14
CA THR F 164 -113.49 -35.43 21.37
C THR F 164 -112.60 -35.51 22.60
N GLN F 165 -113.16 -35.11 23.74
CA GLN F 165 -112.52 -35.26 25.04
C GLN F 165 -113.65 -35.23 26.07
N PHE F 166 -114.02 -36.41 26.58
CA PHE F 166 -115.23 -36.53 27.40
C PHE F 166 -114.96 -36.69 28.89
N GLU F 167 -113.80 -37.19 29.28
CA GLU F 167 -113.48 -37.29 30.71
C GLU F 167 -113.33 -35.89 31.29
N PRO F 168 -113.97 -35.59 32.44
CA PRO F 168 -114.82 -36.53 33.15
C PRO F 168 -116.31 -36.39 32.86
N THR F 169 -116.81 -35.17 32.68
CA THR F 169 -118.23 -34.89 32.53
C THR F 169 -118.51 -34.09 31.26
N ALA F 170 -117.79 -34.39 30.17
CA ALA F 170 -117.91 -33.64 28.94
C ALA F 170 -118.66 -34.37 27.84
N ALA F 171 -119.00 -35.65 28.03
CA ALA F 171 -119.80 -36.38 27.06
C ALA F 171 -121.19 -35.76 26.90
N ARG F 172 -121.71 -35.15 27.98
CA ARG F 172 -123.01 -34.51 27.95
C ARG F 172 -123.05 -33.31 27.00
N MET F 173 -121.89 -32.73 26.67
CA MET F 173 -121.81 -31.64 25.71
C MET F 173 -121.90 -32.12 24.27
N ALA F 174 -121.90 -33.44 24.05
CA ALA F 174 -121.95 -34.00 22.71
C ALA F 174 -123.16 -34.89 22.49
N PHE F 175 -123.58 -35.64 23.52
CA PHE F 175 -124.81 -36.40 23.39
C PHE F 175 -125.49 -36.51 24.75
N PRO F 176 -126.81 -36.31 24.82
CA PRO F 176 -127.50 -36.45 26.11
C PRO F 176 -127.47 -37.89 26.56
N CYS F 177 -127.15 -38.10 27.84
CA CYS F 177 -126.88 -39.43 28.33
C CYS F 177 -126.92 -39.42 29.85
N PHE F 178 -126.69 -40.59 30.44
CA PHE F 178 -126.49 -40.75 31.88
C PHE F 178 -124.99 -40.68 32.12
N ASP F 179 -124.49 -39.44 32.14
CA ASP F 179 -123.05 -39.18 32.11
C ASP F 179 -122.44 -39.38 33.51
N GLU F 180 -122.43 -40.64 33.93
CA GLU F 180 -121.77 -41.04 35.16
C GLU F 180 -121.00 -42.33 34.89
N PRO F 181 -119.87 -42.54 35.58
CA PRO F 181 -119.07 -43.74 35.32
C PRO F 181 -119.74 -45.04 35.73
N ALA F 182 -120.79 -44.97 36.54
CA ALA F 182 -121.44 -46.19 36.99
C ALA F 182 -122.45 -46.71 35.97
N PHE F 183 -123.04 -45.83 35.16
CA PHE F 183 -124.03 -46.22 34.16
C PHE F 183 -123.31 -46.66 32.89
N LYS F 184 -122.74 -47.86 32.95
CA LYS F 184 -122.07 -48.43 31.79
C LYS F 184 -123.08 -48.98 30.80
N ALA F 185 -122.69 -48.98 29.53
CA ALA F 185 -123.58 -49.45 28.46
C ALA F 185 -122.74 -49.70 27.22
N SER F 186 -123.39 -50.30 26.23
CA SER F 186 -122.80 -50.48 24.91
C SER F 186 -123.14 -49.26 24.05
N PHE F 187 -122.37 -49.06 22.99
CA PHE F 187 -122.51 -47.86 22.17
C PHE F 187 -122.43 -48.24 20.70
N SER F 188 -123.50 -47.96 19.96
CA SER F 188 -123.50 -48.09 18.50
C SER F 188 -123.41 -46.71 17.90
N ILE F 189 -122.28 -46.39 17.27
CA ILE F 189 -121.96 -45.04 16.82
C ILE F 189 -122.08 -44.96 15.31
N LYS F 190 -122.69 -43.88 14.83
CA LYS F 190 -122.78 -43.56 13.41
C LYS F 190 -122.38 -42.10 13.23
N ILE F 191 -121.43 -41.86 12.33
CA ILE F 191 -120.89 -40.53 12.09
C ILE F 191 -121.11 -40.17 10.63
N ARG F 192 -121.54 -38.94 10.38
CA ARG F 192 -121.76 -38.45 9.02
C ARG F 192 -120.67 -37.44 8.68
N ARG F 193 -120.16 -37.54 7.45
CA ARG F 193 -119.03 -36.73 7.03
C ARG F 193 -119.10 -36.50 5.53
N GLU F 194 -118.32 -35.53 5.07
CA GLU F 194 -118.09 -35.36 3.65
C GLU F 194 -117.16 -36.46 3.15
N PRO F 195 -117.15 -36.72 1.84
CA PRO F 195 -116.20 -37.71 1.31
C PRO F 195 -114.76 -37.34 1.60
N ARG F 196 -114.43 -36.06 1.58
CA ARG F 196 -113.05 -35.62 1.79
C ARG F 196 -112.54 -35.93 3.19
N HIS F 197 -113.40 -36.40 4.09
CA HIS F 197 -113.03 -36.62 5.48
C HIS F 197 -112.85 -38.10 5.80
N LEU F 198 -112.35 -38.34 7.00
CA LEU F 198 -112.09 -39.66 7.55
C LEU F 198 -112.55 -39.67 9.00
N ALA F 199 -113.37 -40.66 9.35
CA ALA F 199 -113.96 -40.77 10.68
C ALA F 199 -113.43 -42.02 11.37
N ILE F 200 -112.95 -41.87 12.59
CA ILE F 200 -112.53 -43.00 13.40
C ILE F 200 -113.13 -42.89 14.80
N SER F 201 -113.34 -44.03 15.44
CA SER F 201 -113.99 -44.05 16.74
C SER F 201 -113.44 -45.23 17.54
N ASN F 202 -114.21 -45.67 18.54
CA ASN F 202 -113.76 -46.72 19.46
C ASN F 202 -113.62 -48.07 18.75
N MET F 203 -114.60 -48.42 17.94
CA MET F 203 -114.65 -49.72 17.28
C MET F 203 -114.20 -49.60 15.83
N PRO F 204 -113.93 -50.72 15.16
CA PRO F 204 -113.64 -50.67 13.73
C PRO F 204 -114.85 -50.21 12.93
N LEU F 205 -114.56 -49.69 11.73
CA LEU F 205 -115.62 -49.25 10.83
C LEU F 205 -116.26 -50.47 10.18
N VAL F 206 -117.57 -50.63 10.37
CA VAL F 206 -118.28 -51.79 9.83
C VAL F 206 -118.76 -51.54 8.41
N LYS F 207 -119.37 -50.37 8.14
CA LYS F 207 -119.79 -50.11 6.77
C LYS F 207 -119.97 -48.61 6.54
N SER F 208 -120.00 -48.24 5.26
CA SER F 208 -120.20 -46.86 4.85
C SER F 208 -121.34 -46.80 3.84
N VAL F 209 -122.34 -45.96 4.13
CA VAL F 209 -123.54 -45.85 3.30
C VAL F 209 -123.65 -44.41 2.80
N THR F 210 -124.02 -44.24 1.53
CA THR F 210 -124.18 -42.91 0.94
C THR F 210 -125.57 -42.36 1.26
N VAL F 211 -125.75 -41.97 2.53
CA VAL F 211 -127.01 -41.37 2.96
C VAL F 211 -127.16 -39.99 2.34
N ALA F 212 -128.42 -39.63 2.05
CA ALA F 212 -128.76 -38.36 1.40
C ALA F 212 -127.95 -38.22 0.12
N GLU F 213 -127.36 -37.05 -0.13
CA GLU F 213 -126.53 -36.83 -1.30
C GLU F 213 -125.28 -36.06 -0.88
N GLY F 214 -124.12 -36.59 -1.27
CA GLY F 214 -122.86 -35.88 -1.11
C GLY F 214 -122.16 -36.07 0.21
N LEU F 215 -122.76 -36.78 1.16
CA LEU F 215 -122.14 -37.04 2.45
C LEU F 215 -122.32 -38.50 2.83
N ILE F 216 -121.24 -39.14 3.29
CA ILE F 216 -121.23 -40.54 3.65
C ILE F 216 -121.53 -40.69 5.14
N GLU F 217 -122.13 -41.82 5.51
CA GLU F 217 -122.45 -42.18 6.88
C GLU F 217 -121.67 -43.45 7.24
N ASP F 218 -120.88 -43.37 8.31
CA ASP F 218 -120.05 -44.50 8.74
C ASP F 218 -120.71 -45.19 9.93
N HIS F 219 -121.04 -46.47 9.76
CA HIS F 219 -121.55 -47.30 10.84
C HIS F 219 -120.39 -48.07 11.43
N PHE F 220 -120.11 -47.81 12.71
CA PHE F 220 -119.07 -48.46 13.49
C PHE F 220 -119.67 -49.62 14.28
N ASP F 221 -118.82 -50.57 14.64
CA ASP F 221 -119.27 -51.70 15.44
C ASP F 221 -119.70 -51.22 16.83
N VAL F 222 -120.40 -52.09 17.54
CA VAL F 222 -120.92 -51.77 18.86
C VAL F 222 -119.81 -52.02 19.88
N THR F 223 -119.69 -51.11 20.84
CA THR F 223 -118.67 -51.22 21.87
C THR F 223 -119.10 -52.23 22.92
N VAL F 224 -118.23 -52.46 23.91
CA VAL F 224 -118.55 -53.35 25.02
C VAL F 224 -119.11 -52.53 26.17
N LYS F 225 -119.37 -53.17 27.30
CA LYS F 225 -119.81 -52.46 28.49
C LYS F 225 -118.74 -51.50 28.98
N MET F 226 -118.97 -50.20 28.80
CA MET F 226 -117.99 -49.19 29.18
C MET F 226 -118.70 -47.94 29.66
N SER F 227 -117.96 -47.12 30.38
CA SER F 227 -118.50 -45.88 30.90
C SER F 227 -118.66 -44.86 29.77
N THR F 228 -119.41 -43.80 30.05
CA THR F 228 -119.73 -42.84 29.01
C THR F 228 -118.54 -41.97 28.64
N TYR F 229 -117.62 -41.73 29.58
CA TYR F 229 -116.49 -40.86 29.31
C TYR F 229 -115.48 -41.48 28.35
N LEU F 230 -115.63 -42.77 28.00
CA LEU F 230 -114.70 -43.43 27.11
C LEU F 230 -115.10 -43.36 25.64
N VAL F 231 -116.29 -42.81 25.34
CA VAL F 231 -116.70 -42.65 23.95
C VAL F 231 -115.85 -41.57 23.28
N ALA F 232 -115.50 -41.79 22.02
CA ALA F 232 -114.68 -40.83 21.29
C ALA F 232 -114.90 -41.02 19.80
N PHE F 233 -114.70 -39.93 19.05
CA PHE F 233 -114.78 -39.98 17.60
C PHE F 233 -114.06 -38.76 17.04
N ILE F 234 -113.45 -38.97 15.87
CA ILE F 234 -112.59 -37.97 15.24
C ILE F 234 -112.93 -37.90 13.75
N ILE F 235 -113.15 -36.68 13.26
CA ILE F 235 -113.35 -36.39 11.85
C ILE F 235 -112.19 -35.51 11.39
N SER F 236 -111.37 -36.02 10.47
CA SER F 236 -110.19 -35.30 10.04
C SER F 236 -109.80 -35.79 8.65
N ASP F 237 -108.51 -35.64 8.29
CA ASP F 237 -107.93 -36.25 7.10
C ASP F 237 -106.58 -36.85 7.44
N PHE F 238 -106.50 -37.53 8.58
CA PHE F 238 -105.24 -38.08 9.06
C PHE F 238 -104.71 -39.17 8.13
N GLU F 239 -103.39 -39.26 8.05
CA GLU F 239 -102.74 -40.47 7.57
C GLU F 239 -102.42 -41.36 8.76
N SER F 240 -102.19 -42.64 8.49
CA SER F 240 -101.96 -43.59 9.57
C SER F 240 -100.93 -44.63 9.18
N VAL F 241 -100.31 -45.22 10.20
CA VAL F 241 -99.43 -46.38 10.08
C VAL F 241 -99.96 -47.46 11.02
N SER F 242 -99.93 -48.71 10.53
CA SER F 242 -100.50 -49.83 11.32
C SER F 242 -99.50 -50.98 11.47
N LYS F 243 -99.78 -51.80 12.48
CA LYS F 243 -98.97 -52.96 12.80
C LYS F 243 -99.83 -53.94 13.59
N ILE F 244 -99.43 -55.21 13.56
CA ILE F 244 -100.18 -56.28 14.21
C ILE F 244 -99.44 -56.73 15.46
N THR F 245 -100.18 -57.02 16.52
CA THR F 245 -99.60 -57.64 17.70
C THR F 245 -99.45 -59.14 17.48
N LYS F 246 -98.74 -59.80 18.40
CA LYS F 246 -98.69 -61.26 18.35
C LYS F 246 -100.03 -61.89 18.70
N SER F 247 -100.98 -61.12 19.21
CA SER F 247 -102.31 -61.61 19.53
C SER F 247 -103.35 -61.26 18.48
N GLY F 248 -102.96 -60.57 17.41
CA GLY F 248 -103.87 -60.28 16.32
C GLY F 248 -104.63 -58.99 16.40
N VAL F 249 -104.32 -58.12 17.35
CA VAL F 249 -104.99 -56.84 17.48
C VAL F 249 -104.40 -55.87 16.47
N LYS F 250 -105.26 -55.09 15.82
CA LYS F 250 -104.80 -54.13 14.80
C LYS F 250 -104.46 -52.81 15.49
N VAL F 251 -103.17 -52.55 15.67
CA VAL F 251 -102.69 -51.33 16.30
C VAL F 251 -102.30 -50.35 15.20
N SER F 252 -102.86 -49.14 15.27
CA SER F 252 -102.60 -48.10 14.28
C SER F 252 -102.30 -46.78 14.99
N VAL F 253 -101.58 -45.91 14.31
CA VAL F 253 -101.25 -44.58 14.82
C VAL F 253 -101.59 -43.56 13.74
N TYR F 254 -102.51 -42.64 14.06
CA TYR F 254 -102.97 -41.59 13.17
C TYR F 254 -102.33 -40.26 13.55
N ALA F 255 -102.05 -39.44 12.55
CA ALA F 255 -101.52 -38.10 12.76
C ALA F 255 -101.81 -37.27 11.52
N VAL F 256 -101.54 -35.97 11.63
CA VAL F 256 -101.72 -35.05 10.50
C VAL F 256 -100.78 -35.49 9.38
N PRO F 257 -101.13 -35.24 8.11
CA PRO F 257 -100.33 -35.82 7.02
C PRO F 257 -98.87 -35.42 7.02
N ASP F 258 -98.54 -34.20 7.46
CA ASP F 258 -97.17 -33.73 7.40
C ASP F 258 -96.30 -34.26 8.54
N LYS F 259 -96.88 -34.95 9.52
CA LYS F 259 -96.13 -35.44 10.67
C LYS F 259 -96.26 -36.94 10.86
N ILE F 260 -96.80 -37.67 9.87
CA ILE F 260 -97.03 -39.10 10.04
C ILE F 260 -95.71 -39.86 10.13
N ASN F 261 -94.63 -39.33 9.56
CA ASN F 261 -93.33 -40.00 9.57
C ASN F 261 -92.67 -40.00 10.93
N GLN F 262 -93.28 -39.41 11.96
CA GLN F 262 -92.73 -39.40 13.30
C GLN F 262 -93.42 -40.38 14.24
N ALA F 263 -94.23 -41.30 13.71
CA ALA F 263 -95.05 -42.20 14.51
C ALA F 263 -94.45 -43.59 14.66
N ASP F 264 -93.24 -43.82 14.15
CA ASP F 264 -92.70 -45.18 14.14
C ASP F 264 -92.44 -45.68 15.55
N TYR F 265 -91.71 -44.89 16.35
CA TYR F 265 -91.43 -45.31 17.72
C TYR F 265 -92.71 -45.45 18.53
N ALA F 266 -93.66 -44.55 18.31
CA ALA F 266 -94.95 -44.64 19.00
C ALA F 266 -95.63 -45.96 18.69
N LEU F 267 -95.70 -46.33 17.40
CA LEU F 267 -96.38 -47.56 17.02
C LEU F 267 -95.66 -48.79 17.58
N ASP F 268 -94.33 -48.81 17.47
CA ASP F 268 -93.57 -49.97 17.92
C ASP F 268 -93.71 -50.16 19.43
N ALA F 269 -93.53 -49.07 20.19
CA ALA F 269 -93.70 -49.15 21.64
C ALA F 269 -95.13 -49.49 22.02
N ALA F 270 -96.10 -49.03 21.24
CA ALA F 270 -97.49 -49.38 21.52
C ALA F 270 -97.73 -50.88 21.39
N VAL F 271 -97.24 -51.47 20.29
CA VAL F 271 -97.39 -52.91 20.11
C VAL F 271 -96.70 -53.67 21.25
N THR F 272 -95.47 -53.27 21.57
CA THR F 272 -94.71 -53.96 22.62
C THR F 272 -95.44 -53.88 23.96
N LEU F 273 -95.91 -52.69 24.33
CA LEU F 273 -96.55 -52.51 25.62
C LEU F 273 -97.91 -53.20 25.68
N LEU F 274 -98.65 -53.21 24.57
CA LEU F 274 -99.92 -53.92 24.55
C LEU F 274 -99.71 -55.42 24.75
N GLU F 275 -98.73 -55.99 24.05
CA GLU F 275 -98.42 -57.40 24.25
C GLU F 275 -98.00 -57.67 25.70
N PHE F 276 -97.16 -56.80 26.26
CA PHE F 276 -96.73 -56.98 27.65
C PHE F 276 -97.93 -56.95 28.60
N TYR F 277 -98.83 -55.99 28.40
CA TYR F 277 -99.96 -55.86 29.32
C TYR F 277 -100.89 -57.06 29.22
N GLU F 278 -101.17 -57.53 28.00
CA GLU F 278 -101.95 -58.75 27.84
C GLU F 278 -101.31 -59.89 28.61
N ASP F 279 -100.02 -60.14 28.37
CA ASP F 279 -99.35 -61.26 29.03
C ASP F 279 -99.33 -61.10 30.55
N TYR F 280 -99.06 -59.89 31.03
CA TYR F 280 -98.91 -59.66 32.47
C TYR F 280 -100.24 -59.86 33.19
N PHE F 281 -101.31 -59.23 32.69
CA PHE F 281 -102.60 -59.35 33.35
C PHE F 281 -103.29 -60.67 33.07
N SER F 282 -102.82 -61.45 32.09
CA SER F 282 -103.47 -62.70 31.68
C SER F 282 -104.92 -62.45 31.26
N ILE F 283 -105.19 -61.27 30.72
CA ILE F 283 -106.51 -60.88 30.25
C ILE F 283 -106.35 -60.23 28.88
N PRO F 284 -106.84 -60.85 27.82
CA PRO F 284 -106.61 -60.31 26.47
C PRO F 284 -107.29 -58.96 26.27
N TYR F 285 -106.74 -58.19 25.35
CA TYR F 285 -107.34 -56.93 24.93
C TYR F 285 -108.64 -57.25 24.18
N PRO F 286 -109.79 -56.78 24.66
CA PRO F 286 -111.07 -57.25 24.12
C PRO F 286 -111.43 -56.72 22.74
N LEU F 287 -110.95 -55.54 22.40
CA LEU F 287 -111.35 -54.90 21.16
C LEU F 287 -110.50 -55.39 19.98
N PRO F 288 -111.04 -55.32 18.77
CA PRO F 288 -110.26 -55.76 17.60
C PRO F 288 -109.08 -54.86 17.29
N LYS F 289 -109.23 -53.55 17.48
CA LYS F 289 -108.21 -52.60 17.10
C LYS F 289 -107.90 -51.65 18.26
N GLN F 290 -106.69 -51.12 18.23
CA GLN F 290 -106.22 -50.09 19.16
C GLN F 290 -105.61 -48.98 18.32
N ASP F 291 -106.07 -47.74 18.52
CA ASP F 291 -105.64 -46.61 17.73
C ASP F 291 -105.02 -45.56 18.62
N LEU F 292 -103.99 -44.89 18.11
CA LEU F 292 -103.28 -43.82 18.81
C LEU F 292 -103.26 -42.60 17.89
N ALA F 293 -104.07 -41.60 18.18
CA ALA F 293 -104.23 -40.44 17.31
C ALA F 293 -103.57 -39.22 17.95
N ALA F 294 -102.80 -38.49 17.14
CA ALA F 294 -102.11 -37.28 17.60
C ALA F 294 -102.97 -36.07 17.28
N ILE F 295 -103.58 -35.49 18.31
CA ILE F 295 -104.50 -34.36 18.15
C ILE F 295 -103.71 -33.06 18.23
N PRO F 296 -103.89 -32.14 17.26
CA PRO F 296 -103.12 -30.88 17.30
C PRO F 296 -103.48 -29.98 18.48
N ASP F 297 -104.74 -29.99 18.92
CA ASP F 297 -105.17 -29.18 20.06
C ASP F 297 -105.62 -30.13 21.16
N PHE F 298 -104.82 -30.25 22.22
CA PHE F 298 -105.15 -31.14 23.32
C PHE F 298 -104.76 -30.49 24.64
N GLN F 299 -105.61 -30.69 25.65
CA GLN F 299 -105.39 -30.12 26.98
C GLN F 299 -104.55 -31.04 27.86
N SER F 300 -104.97 -32.28 28.01
CA SER F 300 -104.22 -33.24 28.82
C SER F 300 -102.96 -33.67 28.08
N GLY F 301 -102.16 -34.51 28.74
CA GLY F 301 -101.11 -35.21 28.01
C GLY F 301 -101.68 -36.23 27.03
N ALA F 302 -102.71 -36.96 27.44
CA ALA F 302 -103.31 -37.99 26.61
C ALA F 302 -104.70 -38.30 27.17
N MET F 303 -105.35 -39.28 26.55
CA MET F 303 -106.66 -39.76 26.99
C MET F 303 -106.79 -41.22 26.63
N GLU F 304 -107.49 -41.97 27.49
CA GLU F 304 -107.53 -43.43 27.43
C GLU F 304 -108.78 -43.97 26.75
N ASN F 305 -109.33 -43.26 25.77
CA ASN F 305 -110.54 -43.73 25.09
C ASN F 305 -110.36 -45.13 24.55
N TRP F 306 -111.26 -46.02 24.94
CA TRP F 306 -111.14 -47.44 24.63
C TRP F 306 -111.12 -47.66 23.12
N GLY F 307 -109.98 -48.11 22.59
CA GLY F 307 -109.82 -48.34 21.17
C GLY F 307 -109.41 -47.12 20.36
N LEU F 308 -109.33 -45.94 20.97
CA LEU F 308 -108.95 -44.72 20.28
C LEU F 308 -108.31 -43.75 21.28
N THR F 309 -107.11 -44.08 21.71
CA THR F 309 -106.36 -43.17 22.58
C THR F 309 -105.93 -41.95 21.80
N THR F 310 -106.01 -40.78 22.45
CA THR F 310 -105.63 -39.51 21.85
C THR F 310 -104.46 -38.94 22.62
N TYR F 311 -103.60 -38.19 21.93
CA TYR F 311 -102.36 -37.72 22.52
C TYR F 311 -102.08 -36.29 22.06
N ARG F 312 -101.18 -35.64 22.80
CA ARG F 312 -100.51 -34.48 22.26
C ARG F 312 -99.48 -34.93 21.23
N GLU F 313 -99.33 -34.15 20.16
CA GLU F 313 -98.28 -34.44 19.19
C GLU F 313 -96.92 -34.48 19.86
N SER F 314 -96.68 -33.57 20.81
CA SER F 314 -95.45 -33.57 21.58
C SER F 314 -95.31 -34.85 22.39
N ALA F 315 -96.42 -35.44 22.82
CA ALA F 315 -96.37 -36.61 23.68
C ALA F 315 -96.45 -37.91 22.90
N LEU F 316 -96.62 -37.87 21.59
CA LEU F 316 -96.67 -39.14 20.87
C LEU F 316 -95.65 -39.25 19.74
N LEU F 317 -95.36 -38.13 19.05
CA LEU F 317 -94.54 -38.17 17.85
C LEU F 317 -93.07 -37.96 18.19
N PHE F 318 -92.20 -38.70 17.50
CA PHE F 318 -90.77 -38.72 17.79
C PHE F 318 -89.98 -38.50 16.51
N ASP F 319 -89.16 -37.46 16.49
CA ASP F 319 -88.29 -37.13 15.36
C ASP F 319 -86.85 -37.42 15.78
N ALA F 320 -86.21 -38.38 15.10
CA ALA F 320 -84.87 -38.79 15.48
C ALA F 320 -83.85 -37.66 15.33
N GLU F 321 -84.12 -36.70 14.45
CA GLU F 321 -83.15 -35.64 14.20
C GLU F 321 -83.24 -34.50 15.20
N LYS F 322 -84.41 -34.29 15.82
CA LYS F 322 -84.62 -33.13 16.67
C LYS F 322 -85.22 -33.43 18.03
N SER F 323 -85.86 -34.57 18.22
CA SER F 323 -86.47 -34.87 19.51
C SER F 323 -85.41 -35.28 20.53
N SER F 324 -85.65 -34.92 21.78
CA SER F 324 -84.71 -35.15 22.87
C SER F 324 -84.95 -36.52 23.52
N ALA F 325 -83.93 -36.98 24.24
CA ALA F 325 -84.06 -38.22 25.01
C ALA F 325 -85.15 -38.10 26.06
N SER F 326 -85.30 -36.91 26.64
CA SER F 326 -86.44 -36.64 27.51
C SER F 326 -87.76 -36.90 26.77
N SER F 327 -87.86 -36.43 25.53
CA SER F 327 -89.08 -36.63 24.76
C SER F 327 -89.32 -38.11 24.46
N LYS F 328 -88.26 -38.85 24.16
CA LYS F 328 -88.42 -40.28 23.87
C LYS F 328 -88.91 -41.03 25.11
N LEU F 329 -88.28 -40.76 26.26
CA LEU F 329 -88.74 -41.36 27.51
C LEU F 329 -90.18 -40.97 27.82
N GLY F 330 -90.54 -39.71 27.57
CA GLY F 330 -91.91 -39.28 27.84
C GLY F 330 -92.92 -39.97 26.95
N ILE F 331 -92.59 -40.14 25.67
CA ILE F 331 -93.47 -40.85 24.74
C ILE F 331 -93.68 -42.29 25.20
N THR F 332 -92.59 -42.96 25.58
CA THR F 332 -92.70 -44.34 26.04
C THR F 332 -93.61 -44.44 27.26
N MET F 333 -93.37 -43.56 28.26
CA MET F 333 -94.16 -43.61 29.49
C MET F 333 -95.62 -43.25 29.23
N THR F 334 -95.89 -42.34 28.30
CA THR F 334 -97.27 -41.96 28.00
C THR F 334 -98.03 -43.10 27.34
N VAL F 335 -97.40 -43.74 26.34
CA VAL F 335 -98.04 -44.89 25.71
C VAL F 335 -98.28 -45.99 26.73
N ALA F 336 -97.31 -46.24 27.61
CA ALA F 336 -97.49 -47.24 28.66
C ALA F 336 -98.65 -46.89 29.58
N HIS F 337 -98.77 -45.60 29.94
CA HIS F 337 -99.86 -45.17 30.81
C HIS F 337 -101.21 -45.43 30.19
N GLU F 338 -101.38 -45.06 28.92
CA GLU F 338 -102.70 -45.22 28.29
C GLU F 338 -103.02 -46.70 28.06
N LEU F 339 -102.03 -47.49 27.64
CA LEU F 339 -102.29 -48.91 27.46
C LEU F 339 -102.56 -49.61 28.78
N ALA F 340 -102.00 -49.11 29.88
CA ALA F 340 -102.37 -49.61 31.20
C ALA F 340 -103.79 -49.19 31.56
N HIS F 341 -104.18 -47.97 31.19
CA HIS F 341 -105.56 -47.53 31.41
C HIS F 341 -106.54 -48.43 30.67
N GLN F 342 -106.11 -49.01 29.56
CA GLN F 342 -106.98 -49.95 28.84
C GLN F 342 -107.52 -51.05 29.75
N TRP F 343 -106.79 -51.39 30.82
CA TRP F 343 -107.25 -52.33 31.84
C TRP F 343 -107.71 -51.65 33.12
N PHE F 344 -106.88 -50.78 33.69
CA PHE F 344 -107.23 -50.06 34.92
C PHE F 344 -107.96 -48.78 34.53
N GLY F 345 -109.27 -48.88 34.40
CA GLY F 345 -110.08 -47.74 34.05
C GLY F 345 -111.20 -48.04 33.07
N ASN F 346 -110.89 -48.81 32.04
CA ASN F 346 -111.86 -49.15 31.00
C ASN F 346 -112.52 -50.50 31.27
N LEU F 347 -111.71 -51.55 31.40
CA LEU F 347 -112.23 -52.86 31.76
C LEU F 347 -112.86 -52.82 33.15
N VAL F 348 -112.11 -52.34 34.14
CA VAL F 348 -112.59 -52.15 35.50
C VAL F 348 -112.56 -50.65 35.79
N THR F 349 -113.73 -50.05 35.99
CA THR F 349 -113.79 -48.61 36.22
C THR F 349 -114.17 -48.34 37.67
N MET F 350 -113.65 -47.24 38.21
CA MET F 350 -114.11 -46.79 39.52
C MET F 350 -115.59 -46.43 39.43
N GLU F 351 -116.27 -46.50 40.56
CA GLU F 351 -117.72 -46.26 40.54
C GLU F 351 -118.03 -44.78 40.60
N TRP F 352 -117.29 -44.02 41.41
CA TRP F 352 -117.49 -42.58 41.49
C TRP F 352 -116.11 -41.92 41.53
N TRP F 353 -116.08 -40.65 41.10
CA TRP F 353 -114.83 -39.93 40.90
C TRP F 353 -114.06 -39.71 42.20
N ASN F 354 -114.63 -40.11 43.34
CA ASN F 354 -113.88 -40.03 44.59
C ASN F 354 -112.75 -41.05 44.62
N ASP F 355 -112.90 -42.17 43.91
CA ASP F 355 -111.86 -43.19 43.80
C ASP F 355 -111.17 -43.14 42.44
N LEU F 356 -111.03 -41.94 41.87
CA LEU F 356 -110.31 -41.76 40.62
C LEU F 356 -108.89 -42.29 40.70
N TRP F 357 -108.32 -42.38 41.91
CA TRP F 357 -106.97 -42.92 42.04
C TRP F 357 -106.93 -44.38 41.63
N LEU F 358 -108.01 -45.14 41.84
CA LEU F 358 -108.06 -46.53 41.41
C LEU F 358 -107.79 -46.68 39.93
N ASN F 359 -108.02 -45.64 39.13
CA ASN F 359 -107.59 -45.59 37.74
C ASN F 359 -106.20 -44.97 37.63
N GLU F 360 -106.05 -43.75 38.13
CA GLU F 360 -104.88 -42.94 37.76
C GLU F 360 -103.60 -43.39 38.46
N GLY F 361 -103.64 -43.67 39.76
CA GLY F 361 -102.45 -44.14 40.42
C GLY F 361 -102.00 -45.49 39.90
N PHE F 362 -102.96 -46.39 39.65
CA PHE F 362 -102.60 -47.68 39.09
C PHE F 362 -102.00 -47.54 37.70
N ALA F 363 -102.54 -46.64 36.88
CA ALA F 363 -101.95 -46.44 35.55
C ALA F 363 -100.55 -45.84 35.63
N LYS F 364 -100.38 -44.81 36.47
CA LYS F 364 -99.07 -44.19 36.64
C LYS F 364 -98.05 -45.17 37.18
N PHE F 365 -98.48 -46.14 37.99
CA PHE F 365 -97.56 -47.15 38.51
C PHE F 365 -97.27 -48.22 37.47
N MET F 366 -98.28 -48.61 36.69
CA MET F 366 -98.06 -49.57 35.62
C MET F 366 -97.14 -49.01 34.56
N GLU F 367 -97.07 -47.68 34.42
CA GLU F 367 -96.01 -47.07 33.62
C GLU F 367 -94.65 -47.67 33.98
N PHE F 368 -94.27 -47.54 35.25
CA PHE F 368 -92.99 -48.07 35.71
C PHE F 368 -92.94 -49.59 35.54
N VAL F 369 -93.97 -50.28 36.04
CA VAL F 369 -93.97 -51.75 36.03
C VAL F 369 -93.78 -52.29 34.62
N SER F 370 -94.31 -51.61 33.61
CA SER F 370 -94.27 -52.07 32.23
C SER F 370 -92.99 -51.65 31.51
N VAL F 371 -92.60 -50.38 31.64
CA VAL F 371 -91.45 -49.89 30.89
C VAL F 371 -90.17 -50.49 31.44
N SER F 372 -90.08 -50.69 32.75
CA SER F 372 -88.89 -51.31 33.33
C SER F 372 -88.63 -52.71 32.78
N VAL F 373 -89.60 -53.31 32.11
CA VAL F 373 -89.44 -54.60 31.47
C VAL F 373 -89.31 -54.48 29.96
N THR F 374 -90.17 -53.66 29.34
CA THR F 374 -90.23 -53.60 27.89
C THR F 374 -89.09 -52.78 27.29
N HIS F 375 -88.70 -51.69 27.94
CA HIS F 375 -87.62 -50.82 27.48
C HIS F 375 -86.61 -50.65 28.59
N PRO F 376 -85.84 -51.70 28.90
CA PRO F 376 -84.90 -51.61 30.04
C PRO F 376 -83.73 -50.68 29.79
N GLU F 377 -83.46 -50.32 28.54
CA GLU F 377 -82.41 -49.34 28.26
C GLU F 377 -82.75 -47.96 28.79
N LEU F 378 -84.02 -47.70 29.10
CA LEU F 378 -84.42 -46.42 29.67
C LEU F 378 -84.10 -46.36 31.16
N LYS F 379 -84.26 -47.48 31.87
CA LYS F 379 -84.00 -47.56 33.31
C LYS F 379 -84.82 -46.53 34.09
N VAL F 380 -86.14 -46.67 33.99
CA VAL F 380 -87.07 -45.72 34.60
C VAL F 380 -87.06 -45.76 36.11
N GLY F 381 -86.49 -46.82 36.70
CA GLY F 381 -86.29 -46.87 38.14
C GLY F 381 -85.37 -45.78 38.65
N ASP F 382 -84.58 -45.19 37.76
CA ASP F 382 -83.71 -44.07 38.15
C ASP F 382 -84.52 -42.81 38.41
N TYR F 383 -85.53 -42.55 37.57
CA TYR F 383 -86.25 -41.28 37.60
C TYR F 383 -87.64 -41.37 38.21
N PHE F 384 -88.09 -42.55 38.62
CA PHE F 384 -89.49 -42.68 39.07
C PHE F 384 -89.78 -41.82 40.31
N PHE F 385 -88.93 -41.89 41.34
CA PHE F 385 -89.29 -41.42 42.68
C PHE F 385 -89.30 -39.90 42.83
N GLY F 386 -88.85 -39.16 41.82
CA GLY F 386 -89.15 -37.74 41.79
C GLY F 386 -90.63 -37.46 41.91
N LYS F 387 -91.45 -38.38 41.40
CA LYS F 387 -92.91 -38.30 41.59
C LYS F 387 -93.25 -38.29 43.07
N CYS F 388 -92.72 -39.24 43.84
CA CYS F 388 -93.01 -39.29 45.27
C CYS F 388 -92.56 -38.02 45.96
N PHE F 389 -91.37 -37.54 45.63
CA PHE F 389 -90.85 -36.33 46.29
C PHE F 389 -91.73 -35.12 46.00
N ASP F 390 -92.03 -34.88 44.71
CA ASP F 390 -92.86 -33.74 44.35
C ASP F 390 -94.27 -33.88 44.91
N ALA F 391 -94.77 -35.10 45.05
CA ALA F 391 -96.08 -35.30 45.66
C ALA F 391 -96.06 -34.98 47.14
N MET F 392 -94.99 -35.39 47.85
CA MET F 392 -94.85 -35.02 49.26
C MET F 392 -94.80 -33.51 49.43
N GLU F 393 -94.19 -32.82 48.47
CA GLU F 393 -94.10 -31.37 48.53
C GLU F 393 -95.45 -30.71 48.76
N VAL F 394 -96.54 -31.29 48.22
CA VAL F 394 -97.86 -30.70 48.36
C VAL F 394 -98.69 -31.45 49.41
N ASP F 395 -98.47 -32.76 49.54
CA ASP F 395 -99.22 -33.54 50.52
C ASP F 395 -98.82 -33.20 51.95
N ALA F 396 -97.64 -32.63 52.14
CA ALA F 396 -97.25 -32.14 53.45
C ALA F 396 -98.08 -30.94 53.88
N LEU F 397 -98.93 -30.41 52.99
CA LEU F 397 -99.72 -29.25 53.32
C LEU F 397 -100.96 -29.65 54.10
N ASN F 398 -101.46 -28.67 54.87
CA ASN F 398 -102.66 -28.86 55.68
C ASN F 398 -103.90 -28.87 54.81
N SER F 399 -103.89 -28.17 53.68
CA SER F 399 -105.01 -28.18 52.75
C SER F 399 -105.03 -29.41 51.86
N SER F 400 -104.06 -30.31 51.99
CA SER F 400 -104.06 -31.55 51.23
C SER F 400 -105.26 -32.42 51.62
N HIS F 401 -105.59 -33.37 50.75
CA HIS F 401 -106.73 -34.25 50.93
C HIS F 401 -106.28 -35.71 50.90
N PRO F 402 -107.08 -36.62 51.47
CA PRO F 402 -106.77 -38.04 51.34
C PRO F 402 -106.86 -38.51 49.89
N VAL F 403 -106.24 -39.66 49.65
CA VAL F 403 -106.23 -40.24 48.30
C VAL F 403 -107.65 -40.49 47.81
N SER F 404 -108.53 -40.90 48.72
CA SER F 404 -109.94 -41.13 48.42
C SER F 404 -110.76 -40.13 49.24
N THR F 405 -111.42 -39.20 48.55
CA THR F 405 -112.16 -38.14 49.22
C THR F 405 -113.40 -37.80 48.40
N PRO F 406 -114.50 -37.45 49.05
CA PRO F 406 -115.76 -37.22 48.31
C PRO F 406 -115.71 -35.96 47.45
N VAL F 407 -116.31 -36.07 46.27
CA VAL F 407 -116.47 -34.94 45.34
C VAL F 407 -117.84 -35.03 44.71
N GLU F 408 -118.39 -33.88 44.33
CA GLU F 408 -119.72 -33.88 43.72
C GLU F 408 -119.77 -33.15 42.39
N ASN F 409 -119.46 -31.85 42.38
CA ASN F 409 -119.63 -31.07 41.17
C ASN F 409 -118.44 -31.25 40.21
N PRO F 410 -118.65 -30.92 38.92
CA PRO F 410 -117.58 -31.14 37.94
C PRO F 410 -116.28 -30.45 38.27
N ALA F 411 -116.31 -29.27 38.90
CA ALA F 411 -115.07 -28.60 39.28
C ALA F 411 -114.27 -29.45 40.26
N GLN F 412 -114.94 -29.99 41.29
CA GLN F 412 -114.26 -30.89 42.22
C GLN F 412 -113.75 -32.13 41.51
N ILE F 413 -114.55 -32.67 40.58
CA ILE F 413 -114.14 -33.87 39.86
C ILE F 413 -112.87 -33.61 39.05
N ARG F 414 -112.81 -32.47 38.37
CA ARG F 414 -111.60 -32.10 37.64
C ARG F 414 -110.43 -31.89 38.59
N GLU F 415 -110.69 -31.30 39.76
CA GLU F 415 -109.64 -31.08 40.74
C GLU F 415 -109.03 -32.39 41.22
N MET F 416 -109.82 -33.48 41.17
CA MET F 416 -109.30 -34.77 41.62
C MET F 416 -108.11 -35.25 40.80
N PHE F 417 -107.93 -34.76 39.57
CA PHE F 417 -106.78 -35.16 38.75
C PHE F 417 -105.55 -34.36 39.16
N ASP F 418 -105.08 -34.60 40.39
CA ASP F 418 -103.96 -33.84 40.94
C ASP F 418 -102.80 -34.77 41.30
N ASP F 419 -101.75 -34.17 41.89
CA ASP F 419 -100.55 -34.94 42.25
C ASP F 419 -100.85 -36.06 43.22
N VAL F 420 -101.84 -35.91 44.10
CA VAL F 420 -102.17 -36.98 45.02
C VAL F 420 -102.58 -38.23 44.24
N SER F 421 -103.64 -38.10 43.44
CA SER F 421 -104.25 -39.26 42.77
C SER F 421 -103.27 -39.95 41.83
N TYR F 422 -102.33 -39.22 41.23
CA TYR F 422 -101.33 -39.82 40.34
C TYR F 422 -100.12 -40.28 41.14
N ASP F 423 -99.31 -39.32 41.61
CA ASP F 423 -98.03 -39.64 42.23
C ASP F 423 -98.19 -40.35 43.55
N LYS F 424 -99.02 -39.82 44.47
CA LYS F 424 -99.11 -40.46 45.77
C LYS F 424 -99.74 -41.84 45.65
N GLY F 425 -100.73 -41.99 44.76
CA GLY F 425 -101.29 -43.31 44.53
C GLY F 425 -100.26 -44.29 44.00
N ALA F 426 -99.45 -43.86 43.03
CA ALA F 426 -98.42 -44.73 42.48
C ALA F 426 -97.36 -45.07 43.52
N CYS F 427 -97.03 -44.12 44.39
CA CYS F 427 -95.99 -44.37 45.38
C CYS F 427 -96.47 -45.31 46.47
N ILE F 428 -97.73 -45.17 46.91
CA ILE F 428 -98.27 -46.11 47.88
C ILE F 428 -98.47 -47.47 47.24
N LEU F 429 -98.75 -47.52 45.92
CA LEU F 429 -98.82 -48.81 45.24
C LEU F 429 -97.45 -49.47 45.14
N ASN F 430 -96.40 -48.70 44.86
CA ASN F 430 -95.05 -49.24 44.89
C ASN F 430 -94.70 -49.77 46.27
N MET F 431 -95.06 -49.00 47.32
CA MET F 431 -94.82 -49.43 48.69
C MET F 431 -95.55 -50.72 49.02
N LEU F 432 -96.81 -50.84 48.58
CA LEU F 432 -97.58 -52.06 48.83
C LEU F 432 -97.01 -53.25 48.07
N ARG F 433 -96.60 -53.03 46.81
CA ARG F 433 -96.00 -54.08 46.01
C ARG F 433 -94.68 -54.53 46.61
N GLU F 434 -93.94 -53.62 47.23
CA GLU F 434 -92.68 -53.99 47.86
C GLU F 434 -92.89 -54.65 49.22
N TYR F 435 -94.00 -54.32 49.90
CA TYR F 435 -94.31 -54.99 51.16
C TYR F 435 -94.75 -56.43 50.89
N LEU F 436 -95.72 -56.62 50.01
CA LEU F 436 -96.05 -57.94 49.54
C LEU F 436 -94.96 -58.44 48.59
N SER F 437 -95.12 -59.66 48.10
CA SER F 437 -94.28 -60.13 47.01
C SER F 437 -94.73 -59.49 45.70
N ALA F 438 -93.77 -59.26 44.79
CA ALA F 438 -94.14 -58.81 43.46
C ALA F 438 -95.07 -59.80 42.77
N ASP F 439 -94.81 -61.09 42.98
CA ASP F 439 -95.71 -62.12 42.44
C ASP F 439 -97.06 -62.10 43.16
N ALA F 440 -97.05 -61.88 44.47
CA ALA F 440 -98.30 -61.78 45.21
C ALA F 440 -99.09 -60.54 44.78
N PHE F 441 -98.41 -59.42 44.57
CA PHE F 441 -99.06 -58.21 44.07
C PHE F 441 -99.65 -58.44 42.69
N LYS F 442 -98.92 -59.15 41.82
CA LYS F 442 -99.43 -59.49 40.50
C LYS F 442 -100.68 -60.37 40.61
N SER F 443 -100.64 -61.38 41.47
CA SER F 443 -101.80 -62.24 41.67
C SER F 443 -103.00 -61.43 42.16
N GLY F 444 -102.75 -60.50 43.09
CA GLY F 444 -103.83 -59.66 43.59
C GLY F 444 -104.46 -58.84 42.48
N ILE F 445 -103.65 -58.18 41.67
CA ILE F 445 -104.21 -57.33 40.63
C ILE F 445 -104.91 -58.16 39.54
N VAL F 446 -104.40 -59.36 39.25
CA VAL F 446 -105.06 -60.21 38.26
C VAL F 446 -106.42 -60.66 38.76
N GLN F 447 -106.49 -61.12 40.02
CA GLN F 447 -107.77 -61.51 40.60
C GLN F 447 -108.72 -60.32 40.64
N TYR F 448 -108.21 -59.14 40.96
CA TYR F 448 -109.01 -57.92 40.97
C TYR F 448 -109.66 -57.68 39.61
N LEU F 449 -108.85 -57.65 38.56
CA LEU F 449 -109.37 -57.35 37.23
C LEU F 449 -110.35 -58.42 36.76
N GLN F 450 -110.04 -59.70 37.00
CA GLN F 450 -110.93 -60.76 36.55
C GLN F 450 -112.27 -60.74 37.29
N LYS F 451 -112.24 -60.48 38.61
CA LYS F 451 -113.48 -60.46 39.36
C LYS F 451 -114.33 -59.24 39.02
N HIS F 452 -113.70 -58.11 38.69
CA HIS F 452 -114.44 -56.86 38.50
C HIS F 452 -114.49 -56.40 37.03
N SER F 453 -114.24 -57.29 36.08
CA SER F 453 -114.35 -56.95 34.67
C SER F 453 -115.74 -56.40 34.32
N TYR F 454 -115.74 -55.37 33.47
CA TYR F 454 -116.96 -54.76 32.94
C TYR F 454 -117.86 -54.20 34.03
N LYS F 455 -117.27 -53.81 35.16
CA LYS F 455 -118.05 -53.24 36.25
C LYS F 455 -117.31 -52.04 36.82
N ASN F 456 -117.86 -51.52 37.91
CA ASN F 456 -117.29 -50.42 38.65
C ASN F 456 -117.01 -50.88 40.07
N THR F 457 -115.96 -50.32 40.65
CA THR F 457 -115.45 -50.73 41.95
C THR F 457 -115.22 -49.53 42.84
N LYS F 458 -115.29 -49.77 44.15
CA LYS F 458 -114.90 -48.78 45.13
C LYS F 458 -113.51 -49.13 45.66
N ASN F 459 -113.03 -48.31 46.60
CA ASN F 459 -111.68 -48.48 47.15
C ASN F 459 -111.54 -49.81 47.88
N GLU F 460 -112.62 -50.37 48.39
CA GLU F 460 -112.51 -51.53 49.26
C GLU F 460 -112.32 -52.83 48.48
N ASP F 461 -112.80 -52.88 47.24
CA ASP F 461 -112.62 -54.08 46.43
C ASP F 461 -111.15 -54.37 46.17
N LEU F 462 -110.33 -53.33 46.02
CA LEU F 462 -108.90 -53.53 45.81
C LEU F 462 -108.27 -54.18 47.02
N TRP F 463 -108.60 -53.70 48.22
CA TRP F 463 -108.03 -54.29 49.43
C TRP F 463 -108.55 -55.71 49.65
N ASP F 464 -109.81 -55.98 49.28
CA ASP F 464 -110.31 -57.35 49.36
C ASP F 464 -109.53 -58.27 48.42
N SER F 465 -109.30 -57.84 47.19
CA SER F 465 -108.55 -58.65 46.23
C SER F 465 -107.11 -58.83 46.67
N MET F 466 -106.55 -57.86 47.39
CA MET F 466 -105.18 -57.99 47.88
C MET F 466 -105.11 -58.91 49.10
N ALA F 467 -106.12 -58.86 49.97
CA ALA F 467 -106.16 -59.72 51.14
C ALA F 467 -106.47 -61.16 50.78
N SER F 468 -107.10 -61.40 49.63
CA SER F 468 -107.28 -62.76 49.19
C SER F 468 -105.97 -63.45 48.82
N ILE F 469 -104.88 -62.70 48.68
CA ILE F 469 -103.57 -63.27 48.41
C ILE F 469 -102.61 -63.10 49.58
N GLY F 470 -102.70 -61.99 50.30
CA GLY F 470 -101.85 -61.81 51.45
C GLY F 470 -102.40 -62.52 52.68
N GLY F 471 -101.96 -63.76 52.91
CA GLY F 471 -102.52 -64.58 53.96
C GLY F 471 -101.50 -65.17 54.92
N GLY F 472 -100.31 -64.60 54.98
CA GLY F 472 -99.30 -65.04 55.92
C GLY F 472 -99.29 -64.20 57.18
N GLY F 473 -100.46 -63.73 57.60
CA GLY F 473 -100.55 -62.78 58.68
C GLY F 473 -100.45 -61.35 58.22
N VAL F 474 -100.96 -61.05 57.02
CA VAL F 474 -100.82 -59.75 56.38
C VAL F 474 -102.21 -59.16 56.25
N ASP F 475 -102.53 -58.17 57.08
CA ASP F 475 -103.81 -57.47 57.00
C ASP F 475 -103.63 -56.27 56.08
N VAL F 476 -103.82 -56.50 54.78
CA VAL F 476 -103.64 -55.44 53.79
C VAL F 476 -104.68 -54.34 53.98
N LYS F 477 -105.87 -54.70 54.48
CA LYS F 477 -107.00 -53.78 54.51
C LYS F 477 -106.74 -52.61 55.46
N THR F 478 -106.33 -52.91 56.70
CA THR F 478 -106.12 -51.85 57.68
C THR F 478 -104.99 -50.91 57.26
N MET F 479 -103.88 -51.49 56.80
CA MET F 479 -102.74 -50.69 56.37
C MET F 479 -103.12 -49.76 55.22
N MET F 480 -103.73 -50.31 54.16
CA MET F 480 -104.04 -49.48 53.02
C MET F 480 -105.19 -48.52 53.30
N ASN F 481 -106.04 -48.81 54.29
CA ASN F 481 -107.01 -47.82 54.72
C ASN F 481 -106.33 -46.65 55.41
N THR F 482 -105.33 -46.93 56.26
CA THR F 482 -104.56 -45.84 56.85
C THR F 482 -103.82 -45.05 55.80
N TRP F 483 -103.43 -45.68 54.69
CA TRP F 483 -102.68 -44.94 53.68
C TRP F 483 -103.56 -44.18 52.70
N THR F 484 -104.80 -44.61 52.46
CA THR F 484 -105.66 -43.95 51.48
C THR F 484 -106.78 -43.11 52.07
N LEU F 485 -107.10 -43.25 53.35
CA LEU F 485 -108.24 -42.57 53.95
C LEU F 485 -107.85 -41.39 54.84
N GLN F 486 -106.56 -41.06 54.94
CA GLN F 486 -106.14 -39.88 55.66
C GLN F 486 -105.02 -39.19 54.89
N LYS F 487 -105.01 -37.86 54.97
CA LYS F 487 -104.07 -37.05 54.21
C LYS F 487 -102.66 -37.15 54.81
N GLY F 488 -101.70 -36.58 54.10
CA GLY F 488 -100.35 -36.44 54.60
C GLY F 488 -99.54 -37.72 54.56
N PHE F 489 -98.35 -37.63 55.16
CA PHE F 489 -97.41 -38.75 55.20
C PHE F 489 -96.63 -38.67 56.50
N PRO F 490 -96.04 -39.77 56.94
CA PRO F 490 -95.35 -39.77 58.23
C PRO F 490 -93.86 -39.45 58.18
N LEU F 491 -93.42 -38.80 59.25
CA LEU F 491 -92.02 -38.68 59.61
C LEU F 491 -91.69 -39.75 60.63
N ILE F 492 -90.64 -40.53 60.36
CA ILE F 492 -90.18 -41.61 61.22
C ILE F 492 -88.85 -41.17 61.81
N THR F 493 -88.84 -40.93 63.12
CA THR F 493 -87.64 -40.57 63.86
C THR F 493 -86.95 -41.83 64.36
N ILE F 494 -85.64 -41.89 64.15
CA ILE F 494 -84.82 -43.07 64.42
C ILE F 494 -83.78 -42.69 65.46
N THR F 495 -83.80 -43.38 66.60
CA THR F 495 -82.81 -43.19 67.66
C THR F 495 -82.00 -44.47 67.82
N VAL F 496 -80.68 -44.32 67.95
CA VAL F 496 -79.79 -45.48 68.07
C VAL F 496 -79.06 -45.40 69.40
N ARG F 497 -79.18 -46.47 70.20
CA ARG F 497 -78.48 -46.60 71.48
C ARG F 497 -77.70 -47.91 71.43
N GLY F 498 -76.55 -47.87 70.75
CA GLY F 498 -75.75 -49.06 70.56
C GLY F 498 -76.37 -50.04 69.59
N ARG F 499 -77.04 -51.06 70.13
CA ARG F 499 -77.73 -52.06 69.34
C ARG F 499 -79.24 -51.86 69.36
N ASN F 500 -79.72 -50.83 70.05
CA ASN F 500 -81.15 -50.55 70.14
C ASN F 500 -81.53 -49.51 69.10
N VAL F 501 -82.61 -49.78 68.36
CA VAL F 501 -83.11 -48.88 67.34
C VAL F 501 -84.54 -48.54 67.69
N HIS F 502 -84.77 -47.31 68.12
CA HIS F 502 -86.09 -46.80 68.44
C HIS F 502 -86.67 -46.08 67.24
N MET F 503 -87.93 -46.36 66.95
CA MET F 503 -88.66 -45.76 65.84
C MET F 503 -89.91 -45.08 66.38
N LYS F 504 -90.11 -43.84 65.97
CA LYS F 504 -91.27 -43.04 66.37
C LYS F 504 -91.91 -42.47 65.12
N GLN F 505 -93.23 -42.53 65.02
CA GLN F 505 -93.92 -42.00 63.85
C GLN F 505 -94.79 -40.82 64.23
N GLU F 506 -94.83 -39.83 63.35
CA GLU F 506 -95.73 -38.70 63.54
C GLU F 506 -96.12 -38.16 62.17
N HIS F 507 -97.15 -37.31 62.15
CA HIS F 507 -97.64 -36.75 60.90
C HIS F 507 -96.77 -35.57 60.48
N TYR F 508 -96.14 -35.65 59.30
CA TYR F 508 -95.39 -34.52 58.81
C TYR F 508 -96.35 -33.49 58.25
N MET F 509 -96.38 -32.31 58.87
CA MET F 509 -97.20 -31.19 58.44
C MET F 509 -96.43 -29.92 58.73
N LYS F 510 -96.27 -29.07 57.71
CA LYS F 510 -95.53 -27.83 57.88
C LYS F 510 -96.22 -26.97 58.94
N GLY F 511 -95.57 -26.82 60.09
CA GLY F 511 -96.16 -26.18 61.26
C GLY F 511 -96.74 -24.81 61.05
N ASP F 517 -101.18 -31.71 65.99
CA ASP F 517 -102.45 -31.50 66.70
C ASP F 517 -103.59 -32.25 66.03
N THR F 518 -103.25 -33.29 65.27
CA THR F 518 -104.26 -34.08 64.57
C THR F 518 -104.39 -35.50 65.14
N GLY F 519 -103.32 -36.29 65.14
CA GLY F 519 -103.43 -37.65 65.67
C GLY F 519 -103.51 -38.74 64.62
N TYR F 520 -102.64 -38.70 63.61
CA TYR F 520 -102.63 -39.74 62.59
C TYR F 520 -101.66 -40.87 62.93
N LEU F 521 -101.98 -42.07 62.47
CA LEU F 521 -101.14 -43.26 62.63
C LEU F 521 -101.24 -44.11 61.38
N TRP F 522 -100.10 -44.58 60.88
CA TRP F 522 -100.04 -45.46 59.71
C TRP F 522 -99.43 -46.80 60.08
N HIS F 523 -99.60 -47.75 59.16
CA HIS F 523 -98.89 -49.03 59.19
C HIS F 523 -97.74 -48.91 58.18
N VAL F 524 -96.59 -48.45 58.66
CA VAL F 524 -95.48 -48.08 57.79
C VAL F 524 -94.59 -49.31 57.59
N PRO F 525 -94.49 -49.85 56.38
CA PRO F 525 -93.54 -50.95 56.15
C PRO F 525 -92.11 -50.44 56.04
N LEU F 526 -91.42 -50.35 57.17
CA LEU F 526 -90.08 -49.80 57.18
C LEU F 526 -89.08 -50.78 56.56
N THR F 527 -88.09 -50.22 55.89
CA THR F 527 -86.96 -50.97 55.36
C THR F 527 -85.71 -50.19 55.67
N PHE F 528 -84.63 -50.90 56.03
CA PHE F 528 -83.41 -50.23 56.42
C PHE F 528 -82.22 -51.11 56.10
N ILE F 529 -81.06 -50.48 55.98
CA ILE F 529 -79.77 -51.16 55.87
C ILE F 529 -78.83 -50.56 56.91
N THR F 530 -77.71 -51.24 57.12
CA THR F 530 -76.73 -50.83 58.11
C THR F 530 -75.36 -50.72 57.44
N SER F 531 -74.37 -50.26 58.22
CA SER F 531 -73.01 -50.17 57.73
C SER F 531 -72.33 -51.53 57.63
N LYS F 532 -72.87 -52.55 58.29
CA LYS F 532 -72.26 -53.87 58.25
C LYS F 532 -72.85 -54.76 57.17
N SER F 533 -73.92 -54.32 56.51
CA SER F 533 -74.65 -55.19 55.60
C SER F 533 -75.51 -54.34 54.67
N ASP F 534 -75.37 -54.56 53.36
CA ASP F 534 -76.29 -53.99 52.39
C ASP F 534 -77.59 -54.78 52.27
N MET F 535 -77.75 -55.86 53.04
CA MET F 535 -78.97 -56.65 52.98
C MET F 535 -80.10 -55.91 53.69
N VAL F 536 -81.28 -55.92 53.08
CA VAL F 536 -82.41 -55.13 53.56
C VAL F 536 -83.18 -55.92 54.61
N HIS F 537 -83.25 -55.37 55.82
CA HIS F 537 -84.12 -55.88 56.87
C HIS F 537 -85.35 -55.00 56.96
N ARG F 538 -86.48 -55.61 57.32
CA ARG F 538 -87.76 -54.94 57.31
C ARG F 538 -88.38 -54.90 58.70
N PHE F 539 -89.35 -54.00 58.87
CA PHE F 539 -90.12 -53.92 60.10
C PHE F 539 -91.36 -53.11 59.82
N LEU F 540 -92.53 -53.62 60.24
CA LEU F 540 -93.81 -52.97 60.00
C LEU F 540 -94.21 -52.25 61.29
N LEU F 541 -94.07 -50.92 61.28
CA LEU F 541 -94.40 -50.11 62.44
C LEU F 541 -95.90 -49.83 62.44
N LYS F 542 -96.63 -50.49 63.33
CA LYS F 542 -98.08 -50.34 63.41
C LYS F 542 -98.52 -49.45 64.57
N THR F 543 -97.60 -49.04 65.43
CA THR F 543 -97.93 -48.24 66.60
C THR F 543 -97.20 -46.91 66.55
N LYS F 544 -97.35 -46.13 67.61
CA LYS F 544 -96.70 -44.83 67.69
C LYS F 544 -95.18 -44.98 67.82
N THR F 545 -94.74 -45.83 68.76
CA THR F 545 -93.32 -46.05 69.01
C THR F 545 -93.04 -47.54 69.04
N ASP F 546 -91.80 -47.90 68.69
CA ASP F 546 -91.33 -49.27 68.79
C ASP F 546 -89.81 -49.26 68.87
N VAL F 547 -89.23 -50.46 69.05
CA VAL F 547 -87.79 -50.60 69.22
C VAL F 547 -87.41 -52.02 68.83
N LEU F 548 -86.30 -52.14 68.11
CA LEU F 548 -85.71 -53.43 67.75
C LEU F 548 -84.26 -53.45 68.18
N ILE F 549 -83.66 -54.64 68.14
CA ILE F 549 -82.31 -54.85 68.64
C ILE F 549 -81.45 -55.34 67.48
N LEU F 550 -80.42 -54.57 67.14
CA LEU F 550 -79.44 -54.99 66.15
C LEU F 550 -78.54 -56.05 66.76
N PRO F 551 -77.91 -56.89 65.93
CA PRO F 551 -76.95 -57.87 66.46
C PRO F 551 -75.57 -57.30 66.75
N GLU F 552 -75.33 -56.04 66.41
CA GLU F 552 -74.02 -55.42 66.50
C GLU F 552 -74.19 -53.92 66.27
N GLU F 553 -73.37 -53.13 66.97
CA GLU F 553 -73.40 -51.68 66.77
C GLU F 553 -73.02 -51.34 65.33
N VAL F 554 -73.62 -50.27 64.83
CA VAL F 554 -73.41 -49.83 63.45
C VAL F 554 -72.97 -48.38 63.48
N GLU F 555 -72.12 -48.02 62.52
CA GLU F 555 -71.66 -46.64 62.43
C GLU F 555 -72.78 -45.73 61.95
N TRP F 556 -73.52 -46.14 60.93
CA TRP F 556 -74.64 -45.37 60.42
C TRP F 556 -75.73 -46.34 60.01
N ILE F 557 -76.96 -45.82 59.92
CA ILE F 557 -78.12 -46.61 59.54
C ILE F 557 -79.00 -45.77 58.64
N LYS F 558 -79.57 -46.39 57.61
CA LYS F 558 -80.35 -45.71 56.59
C LYS F 558 -81.69 -46.42 56.44
N PHE F 559 -82.77 -45.72 56.78
CA PHE F 559 -84.11 -46.28 56.64
C PHE F 559 -84.71 -45.90 55.29
N ASN F 560 -85.82 -46.57 54.95
CA ASN F 560 -86.52 -46.37 53.69
C ASN F 560 -85.56 -46.61 52.51
N VAL F 561 -85.17 -47.88 52.37
CA VAL F 561 -84.16 -48.25 51.39
C VAL F 561 -84.73 -48.15 49.98
N GLY F 562 -84.04 -47.43 49.12
CA GLY F 562 -84.45 -47.31 47.73
C GLY F 562 -85.69 -46.47 47.49
N MET F 563 -86.09 -45.66 48.47
CA MET F 563 -87.25 -44.77 48.34
C MET F 563 -88.49 -45.55 47.92
N ASN F 564 -88.66 -46.75 48.47
CA ASN F 564 -89.81 -47.58 48.21
C ASN F 564 -90.94 -47.37 49.21
N GLY F 565 -90.79 -46.41 50.11
CA GLY F 565 -91.82 -46.12 51.09
C GLY F 565 -92.22 -44.66 51.06
N TYR F 566 -93.50 -44.41 51.27
CA TYR F 566 -94.06 -43.05 51.20
C TYR F 566 -94.02 -42.41 52.58
N TYR F 567 -92.80 -42.16 53.05
CA TYR F 567 -92.57 -41.49 54.31
C TYR F 567 -91.19 -40.85 54.26
N ILE F 568 -90.88 -40.03 55.26
CA ILE F 568 -89.51 -39.52 55.37
C ILE F 568 -88.96 -39.88 56.74
N VAL F 569 -87.64 -39.89 56.84
CA VAL F 569 -86.93 -40.42 58.01
C VAL F 569 -86.01 -39.34 58.55
N HIS F 570 -86.06 -39.13 59.86
CA HIS F 570 -85.17 -38.23 60.58
C HIS F 570 -84.38 -39.04 61.59
N TYR F 571 -83.13 -38.64 61.82
CA TYR F 571 -82.21 -39.38 62.67
C TYR F 571 -81.79 -38.51 63.84
N GLU F 572 -81.94 -39.03 65.07
CA GLU F 572 -81.58 -38.27 66.25
C GLU F 572 -80.08 -38.37 66.51
N ASP F 573 -79.59 -37.44 67.33
CA ASP F 573 -78.19 -37.39 67.79
C ASP F 573 -77.29 -37.19 66.56
N ASP F 574 -76.15 -37.88 66.50
CA ASP F 574 -75.18 -37.75 65.42
C ASP F 574 -75.53 -38.58 64.20
N GLY F 575 -76.80 -38.92 64.00
CA GLY F 575 -77.17 -39.70 62.83
C GLY F 575 -76.94 -38.94 61.55
N TRP F 576 -77.40 -37.68 61.50
CA TRP F 576 -77.17 -36.88 60.31
C TRP F 576 -75.70 -36.54 60.13
N ASP F 577 -74.95 -36.35 61.23
CA ASP F 577 -73.51 -36.15 61.11
C ASP F 577 -72.83 -37.36 60.50
N SER F 578 -73.22 -38.56 60.93
CA SER F 578 -72.66 -39.78 60.38
C SER F 578 -73.01 -39.94 58.90
N LEU F 579 -74.26 -39.64 58.53
CA LEU F 579 -74.66 -39.79 57.13
C LEU F 579 -74.01 -38.73 56.24
N THR F 580 -73.86 -37.50 56.75
CA THR F 580 -73.14 -36.47 56.00
C THR F 580 -71.68 -36.85 55.81
N GLY F 581 -71.04 -37.38 56.86
CA GLY F 581 -69.69 -37.87 56.70
C GLY F 581 -69.58 -38.98 55.69
N LEU F 582 -70.55 -39.89 55.70
CA LEU F 582 -70.58 -40.97 54.70
C LEU F 582 -70.65 -40.39 53.30
N LEU F 583 -71.55 -39.43 53.08
CA LEU F 583 -71.73 -38.87 51.75
C LEU F 583 -70.49 -38.12 51.29
N LYS F 584 -69.87 -37.34 52.20
CA LYS F 584 -68.67 -36.59 51.84
C LYS F 584 -67.44 -37.49 51.68
N GLY F 585 -67.44 -38.67 52.29
CA GLY F 585 -66.32 -39.58 52.15
C GLY F 585 -66.44 -40.50 50.96
N THR F 586 -67.40 -41.44 51.01
CA THR F 586 -67.61 -42.42 49.93
C THR F 586 -69.12 -42.54 49.71
N HIS F 587 -69.67 -41.63 48.89
CA HIS F 587 -71.10 -41.63 48.60
C HIS F 587 -71.56 -42.92 47.94
N THR F 588 -70.64 -43.69 47.35
CA THR F 588 -70.99 -44.95 46.71
C THR F 588 -71.37 -46.04 47.70
N ALA F 589 -71.37 -45.77 49.01
CA ALA F 589 -71.78 -46.79 49.97
C ALA F 589 -73.28 -47.07 49.93
N VAL F 590 -74.08 -46.11 49.46
CA VAL F 590 -75.51 -46.30 49.28
C VAL F 590 -75.88 -45.95 47.84
N SER F 591 -77.12 -46.25 47.48
CA SER F 591 -77.57 -46.12 46.11
C SER F 591 -77.89 -44.65 45.76
N SER F 592 -78.07 -44.41 44.47
CA SER F 592 -78.41 -43.08 43.99
C SER F 592 -79.73 -42.60 44.59
N ASN F 593 -80.74 -43.46 44.58
CA ASN F 593 -82.02 -43.11 45.20
C ASN F 593 -81.86 -42.83 46.67
N ASP F 594 -80.96 -43.55 47.35
CA ASP F 594 -80.74 -43.30 48.78
C ASP F 594 -80.10 -41.93 49.01
N ARG F 595 -79.10 -41.56 48.19
CA ARG F 595 -78.51 -40.22 48.33
C ARG F 595 -79.55 -39.13 48.06
N ALA F 596 -80.36 -39.32 47.01
CA ALA F 596 -81.40 -38.35 46.70
C ALA F 596 -82.41 -38.23 47.84
N SER F 597 -82.81 -39.38 48.41
CA SER F 597 -83.74 -39.37 49.53
C SER F 597 -83.15 -38.69 50.73
N LEU F 598 -81.84 -38.88 50.99
CA LEU F 598 -81.19 -38.20 52.09
C LEU F 598 -81.24 -36.69 51.91
N ILE F 599 -80.91 -36.21 50.70
CA ILE F 599 -80.96 -34.78 50.42
C ILE F 599 -82.37 -34.24 50.64
N ASN F 600 -83.36 -34.88 50.00
CA ASN F 600 -84.74 -34.39 50.08
C ASN F 600 -85.26 -34.42 51.51
N ASN F 601 -84.97 -35.50 52.24
CA ASN F 601 -85.44 -35.63 53.61
C ASN F 601 -84.78 -34.58 54.51
N ALA F 602 -83.49 -34.32 54.32
CA ALA F 602 -82.82 -33.29 55.10
C ALA F 602 -83.49 -31.93 54.89
N PHE F 603 -83.79 -31.59 53.65
CA PHE F 603 -84.39 -30.27 53.43
C PHE F 603 -85.85 -30.23 53.88
N GLN F 604 -86.60 -31.33 53.75
CA GLN F 604 -87.94 -31.36 54.31
C GLN F 604 -87.93 -31.26 55.82
N LEU F 605 -86.86 -31.74 56.46
CA LEU F 605 -86.73 -31.57 57.91
C LEU F 605 -86.35 -30.15 58.26
N VAL F 606 -85.59 -29.48 57.40
CA VAL F 606 -85.36 -28.04 57.56
C VAL F 606 -86.69 -27.31 57.53
N SER F 607 -87.61 -27.76 56.67
CA SER F 607 -88.91 -27.10 56.55
C SER F 607 -89.72 -27.14 57.83
N ILE F 608 -89.40 -28.03 58.76
CA ILE F 608 -90.14 -28.15 60.01
C ILE F 608 -89.28 -27.95 61.24
N GLY F 609 -87.97 -27.75 61.09
CA GLY F 609 -87.10 -27.39 62.18
C GLY F 609 -86.40 -28.52 62.87
N LYS F 610 -86.61 -29.77 62.43
CA LYS F 610 -85.88 -30.91 62.99
C LYS F 610 -84.44 -30.96 62.52
N LEU F 611 -84.04 -30.09 61.60
CA LEU F 611 -82.68 -30.04 61.09
C LEU F 611 -82.40 -28.61 60.63
N SER F 612 -81.18 -28.14 60.87
CA SER F 612 -80.84 -26.77 60.53
C SER F 612 -80.49 -26.66 59.04
N ILE F 613 -80.84 -25.51 58.46
CA ILE F 613 -80.53 -25.25 57.06
C ILE F 613 -79.03 -25.28 56.84
N GLU F 614 -78.25 -24.89 57.85
CA GLU F 614 -76.80 -24.95 57.75
C GLU F 614 -76.32 -26.39 57.59
N LYS F 615 -76.84 -27.30 58.42
CA LYS F 615 -76.46 -28.71 58.30
C LYS F 615 -76.97 -29.30 56.99
N ALA F 616 -78.14 -28.88 56.52
CA ALA F 616 -78.63 -29.35 55.23
C ALA F 616 -77.68 -28.97 54.10
N LEU F 617 -77.23 -27.72 54.08
CA LEU F 617 -76.27 -27.32 53.04
C LEU F 617 -74.91 -27.97 53.24
N ASP F 618 -74.52 -28.20 54.50
CA ASP F 618 -73.31 -28.97 54.76
C ASP F 618 -73.39 -30.35 54.10
N LEU F 619 -74.55 -31.00 54.20
CA LEU F 619 -74.76 -32.25 53.50
C LEU F 619 -74.72 -32.04 51.98
N SER F 620 -75.32 -30.95 51.51
CA SER F 620 -75.38 -30.67 50.07
C SER F 620 -73.98 -30.51 49.48
N LEU F 621 -73.02 -30.07 50.29
CA LEU F 621 -71.66 -29.85 49.79
C LEU F 621 -71.05 -31.09 49.15
N TYR F 622 -71.59 -32.29 49.42
CA TYR F 622 -71.04 -33.51 48.85
C TYR F 622 -71.27 -33.61 47.34
N LEU F 623 -72.17 -32.80 46.79
CA LEU F 623 -72.46 -32.84 45.36
C LEU F 623 -71.26 -32.42 44.52
N LYS F 624 -70.18 -31.92 45.13
CA LYS F 624 -68.97 -31.62 44.38
C LYS F 624 -68.39 -32.87 43.74
N HIS F 625 -68.67 -34.03 44.30
CA HIS F 625 -68.21 -35.30 43.75
C HIS F 625 -69.37 -36.20 43.32
N GLU F 626 -70.59 -35.67 43.30
CA GLU F 626 -71.74 -36.45 42.86
C GLU F 626 -71.79 -36.48 41.34
N THR F 627 -72.21 -37.62 40.78
CA THR F 627 -72.24 -37.79 39.34
C THR F 627 -73.52 -38.44 38.81
N GLU F 628 -74.44 -38.83 39.68
CA GLU F 628 -75.60 -39.60 39.25
C GLU F 628 -76.82 -38.69 39.05
N ILE F 629 -77.65 -39.09 38.09
CA ILE F 629 -78.71 -38.22 37.60
C ILE F 629 -79.75 -37.95 38.69
N MET F 630 -80.18 -38.99 39.40
CA MET F 630 -81.23 -38.79 40.41
C MET F 630 -80.75 -37.89 41.55
N PRO F 631 -79.60 -38.13 42.18
CA PRO F 631 -79.18 -37.21 43.24
C PRO F 631 -78.86 -35.82 42.75
N VAL F 632 -78.27 -35.68 41.55
CA VAL F 632 -77.98 -34.33 41.04
C VAL F 632 -79.27 -33.56 40.82
N PHE F 633 -80.25 -34.21 40.16
CA PHE F 633 -81.52 -33.55 39.91
C PHE F 633 -82.26 -33.25 41.21
N GLN F 634 -82.12 -34.11 42.21
CA GLN F 634 -82.79 -33.85 43.48
C GLN F 634 -82.16 -32.67 44.20
N GLY F 635 -80.83 -32.57 44.17
CA GLY F 635 -80.18 -31.41 44.74
C GLY F 635 -80.58 -30.12 44.04
N LEU F 636 -80.68 -30.15 42.72
CA LEU F 636 -81.14 -28.97 42.00
C LEU F 636 -82.60 -28.64 42.34
N ASN F 637 -83.46 -29.66 42.39
CA ASN F 637 -84.87 -29.42 42.70
C ASN F 637 -85.07 -28.90 44.11
N GLU F 638 -84.15 -29.22 45.02
CA GLU F 638 -84.27 -28.73 46.39
C GLU F 638 -83.55 -27.40 46.63
N LEU F 639 -82.60 -27.04 45.77
CA LEU F 639 -81.88 -25.78 45.96
C LEU F 639 -82.41 -24.63 45.11
N ILE F 640 -82.88 -24.92 43.88
CA ILE F 640 -83.34 -23.85 43.00
C ILE F 640 -84.49 -23.05 43.58
N PRO F 641 -85.54 -23.66 44.17
CA PRO F 641 -86.65 -22.84 44.71
C PRO F 641 -86.20 -21.81 45.74
N MET F 642 -85.06 -21.99 46.38
CA MET F 642 -84.58 -21.00 47.34
C MET F 642 -84.20 -19.69 46.64
N TYR F 643 -83.31 -19.75 45.65
CA TYR F 643 -82.99 -18.54 44.92
C TYR F 643 -84.17 -18.07 44.06
N LYS F 644 -85.11 -18.97 43.75
CA LYS F 644 -86.34 -18.53 43.11
C LYS F 644 -87.16 -17.64 44.05
N LEU F 645 -87.21 -18.00 45.32
CA LEU F 645 -87.84 -17.15 46.32
C LEU F 645 -87.07 -15.83 46.44
N MET F 646 -85.74 -15.90 46.38
CA MET F 646 -84.93 -14.69 46.53
C MET F 646 -85.11 -13.73 45.35
N GLU F 647 -85.32 -14.25 44.14
CA GLU F 647 -85.45 -13.38 42.98
C GLU F 647 -86.65 -12.43 43.09
N LYS F 648 -87.70 -12.86 43.79
CA LYS F 648 -88.92 -12.06 43.90
C LYS F 648 -88.77 -10.88 44.85
N ARG F 649 -87.60 -10.69 45.46
CA ARG F 649 -87.38 -9.68 46.48
C ARG F 649 -86.13 -8.87 46.14
N ASP F 650 -85.80 -7.94 47.03
CA ASP F 650 -84.58 -7.15 46.92
C ASP F 650 -83.48 -7.90 47.67
N MET F 651 -82.85 -8.85 46.98
CA MET F 651 -81.87 -9.73 47.58
C MET F 651 -80.78 -10.07 46.57
N ASN F 652 -80.26 -9.06 45.88
CA ASN F 652 -79.34 -9.30 44.78
C ASN F 652 -78.02 -9.90 45.26
N GLU F 653 -77.46 -9.37 46.35
CA GLU F 653 -76.18 -9.85 46.85
C GLU F 653 -76.27 -11.31 47.26
N VAL F 654 -77.27 -11.65 48.09
CA VAL F 654 -77.39 -13.02 48.59
C VAL F 654 -77.76 -13.97 47.46
N GLU F 655 -78.61 -13.52 46.52
CA GLU F 655 -78.98 -14.35 45.40
C GLU F 655 -77.78 -14.68 44.51
N THR F 656 -76.94 -13.67 44.24
CA THR F 656 -75.75 -13.91 43.43
C THR F 656 -74.76 -14.81 44.15
N GLN F 657 -74.56 -14.60 45.46
CA GLN F 657 -73.71 -15.50 46.24
C GLN F 657 -74.22 -16.94 46.16
N PHE F 658 -75.53 -17.12 46.26
CA PHE F 658 -76.13 -18.45 46.23
C PHE F 658 -75.93 -19.11 44.87
N LYS F 659 -76.16 -18.35 43.79
CA LYS F 659 -75.98 -18.89 42.45
C LYS F 659 -74.51 -19.25 42.20
N ALA F 660 -73.58 -18.42 42.68
CA ALA F 660 -72.17 -18.73 42.52
C ALA F 660 -71.81 -20.01 43.25
N PHE F 661 -72.32 -20.17 44.48
CA PHE F 661 -72.09 -21.42 45.20
C PHE F 661 -72.67 -22.62 44.47
N LEU F 662 -73.90 -22.47 43.96
CA LEU F 662 -74.55 -23.57 43.25
C LEU F 662 -73.75 -23.99 42.03
N ILE F 663 -73.27 -23.02 41.24
CA ILE F 663 -72.48 -23.36 40.06
C ILE F 663 -71.14 -23.98 40.45
N ARG F 664 -70.49 -23.45 41.48
CA ARG F 664 -69.21 -24.02 41.90
C ARG F 664 -69.38 -25.44 42.44
N LEU F 665 -70.56 -25.77 42.95
CA LEU F 665 -70.81 -27.11 43.47
C LEU F 665 -70.76 -28.15 42.36
N LEU F 666 -71.32 -27.82 41.19
CA LEU F 666 -71.41 -28.75 40.08
C LEU F 666 -70.45 -28.42 38.94
N ARG F 667 -69.50 -27.51 39.18
CA ARG F 667 -68.58 -27.08 38.12
C ARG F 667 -67.76 -28.23 37.55
N ASP F 668 -67.30 -29.16 38.40
CA ASP F 668 -66.51 -30.27 37.92
C ASP F 668 -67.30 -31.13 36.94
N LEU F 669 -68.54 -31.48 37.29
CA LEU F 669 -69.36 -32.29 36.42
C LEU F 669 -69.71 -31.53 35.14
N ILE F 670 -69.97 -30.23 35.26
CA ILE F 670 -70.30 -29.43 34.08
C ILE F 670 -69.12 -29.41 33.12
N ASP F 671 -67.90 -29.24 33.64
CA ASP F 671 -66.72 -29.25 32.79
C ASP F 671 -66.50 -30.61 32.17
N LYS F 672 -66.75 -31.68 32.92
CA LYS F 672 -66.55 -33.02 32.37
C LYS F 672 -67.59 -33.37 31.31
N GLN F 673 -68.76 -32.73 31.34
CA GLN F 673 -69.77 -32.99 30.32
C GLN F 673 -69.27 -32.58 28.93
N THR F 674 -69.52 -33.44 27.94
CA THR F 674 -69.18 -33.18 26.55
C THR F 674 -70.33 -32.47 25.85
N TRP F 675 -70.07 -32.04 24.61
CA TRP F 675 -71.09 -31.33 23.84
C TRP F 675 -71.56 -32.15 22.64
N THR F 676 -72.10 -33.35 22.88
CA THR F 676 -72.56 -34.24 21.83
C THR F 676 -73.80 -34.98 22.31
N ASP F 677 -74.35 -35.82 21.43
CA ASP F 677 -75.51 -36.64 21.75
C ASP F 677 -75.12 -38.08 22.12
N GLU F 678 -73.98 -38.26 22.77
CA GLU F 678 -73.49 -39.59 23.13
C GLU F 678 -74.10 -40.03 24.46
N GLY F 679 -73.96 -41.33 24.74
CA GLY F 679 -74.35 -41.86 26.03
C GLY F 679 -75.79 -42.35 26.08
N SER F 680 -76.14 -42.91 27.24
CA SER F 680 -77.47 -43.45 27.49
C SER F 680 -78.48 -42.32 27.63
N VAL F 681 -79.76 -42.71 27.78
CA VAL F 681 -80.83 -41.71 27.97
C VAL F 681 -80.56 -40.89 29.22
N SER F 682 -80.19 -41.57 30.31
CA SER F 682 -79.87 -40.91 31.58
C SER F 682 -78.72 -39.92 31.40
N GLU F 683 -77.63 -40.38 30.78
CA GLU F 683 -76.45 -39.54 30.60
C GLU F 683 -76.77 -38.33 29.73
N ARG F 684 -77.61 -38.53 28.70
CA ARG F 684 -77.96 -37.43 27.81
C ARG F 684 -78.81 -36.39 28.51
N MET F 685 -79.80 -36.83 29.29
CA MET F 685 -80.62 -35.88 30.02
C MET F 685 -79.80 -35.12 31.06
N LEU F 686 -78.89 -35.82 31.74
CA LEU F 686 -78.01 -35.15 32.68
C LEU F 686 -77.17 -34.09 31.98
N ARG F 687 -76.60 -34.42 30.83
CA ARG F 687 -75.81 -33.46 30.07
C ARG F 687 -76.65 -32.24 29.69
N SER F 688 -77.84 -32.48 29.16
CA SER F 688 -78.70 -31.39 28.70
C SER F 688 -79.02 -30.43 29.84
N GLN F 689 -79.48 -30.97 30.98
CA GLN F 689 -79.84 -30.11 32.10
C GLN F 689 -78.62 -29.39 32.67
N LEU F 690 -77.47 -30.06 32.72
CA LEU F 690 -76.28 -29.42 33.28
C LEU F 690 -75.81 -28.27 32.41
N LEU F 691 -75.75 -28.49 31.09
CA LEU F 691 -75.34 -27.42 30.18
C LEU F 691 -76.32 -26.27 30.21
N LEU F 692 -77.63 -26.57 30.28
CA LEU F 692 -78.62 -25.50 30.37
C LEU F 692 -78.42 -24.68 31.64
N LEU F 693 -78.23 -25.34 32.78
CA LEU F 693 -78.03 -24.64 34.04
C LEU F 693 -76.80 -23.74 33.99
N ALA F 694 -75.68 -24.28 33.52
CA ALA F 694 -74.45 -23.49 33.47
C ALA F 694 -74.58 -22.28 32.55
N CYS F 695 -75.10 -22.51 31.34
CA CYS F 695 -75.23 -21.41 30.39
CA CYS F 695 -75.28 -21.43 30.37
C CYS F 695 -76.23 -20.37 30.89
N VAL F 696 -77.29 -20.79 31.60
CA VAL F 696 -78.25 -19.82 32.11
C VAL F 696 -77.61 -18.99 33.23
N HIS F 697 -76.84 -19.62 34.11
CA HIS F 697 -76.20 -18.90 35.20
C HIS F 697 -74.85 -18.32 34.82
N ASN F 698 -74.54 -18.27 33.53
CA ASN F 698 -73.46 -17.42 32.97
C ASN F 698 -72.08 -18.01 33.28
N TYR F 699 -71.94 -19.31 33.08
CA TYR F 699 -70.63 -19.94 33.10
C TYR F 699 -69.95 -19.64 31.77
N GLN F 700 -68.94 -18.78 31.80
CA GLN F 700 -68.39 -18.21 30.58
C GLN F 700 -67.91 -19.23 29.56
N PRO F 701 -67.30 -20.37 29.93
CA PRO F 701 -67.00 -21.38 28.90
C PRO F 701 -68.23 -21.84 28.14
N CYS F 702 -69.29 -22.23 28.88
CA CYS F 702 -70.54 -22.63 28.23
CA CYS F 702 -70.51 -22.64 28.22
C CYS F 702 -71.11 -21.50 27.39
N VAL F 703 -71.08 -20.28 27.93
CA VAL F 703 -71.64 -19.13 27.21
C VAL F 703 -70.93 -18.94 25.88
N GLN F 704 -69.59 -19.02 25.90
CA GLN F 704 -68.82 -18.83 24.68
C GLN F 704 -69.10 -19.94 23.67
N ARG F 705 -69.10 -21.20 24.13
CA ARG F 705 -69.31 -22.30 23.18
C ARG F 705 -70.72 -22.29 22.61
N ALA F 706 -71.72 -21.95 23.43
CA ALA F 706 -73.09 -21.88 22.95
C ALA F 706 -73.27 -20.70 22.01
N GLU F 707 -72.58 -19.58 22.28
CA GLU F 707 -72.60 -18.45 21.35
C GLU F 707 -72.01 -18.85 20.01
N GLY F 708 -70.92 -19.62 20.02
CA GLY F 708 -70.34 -20.10 18.77
C GLY F 708 -71.30 -21.00 18.00
N TYR F 709 -71.90 -21.97 18.70
CA TYR F 709 -72.85 -22.86 18.04
C TYR F 709 -74.05 -22.10 17.47
N PHE F 710 -74.58 -21.15 18.24
CA PHE F 710 -75.73 -20.37 17.76
C PHE F 710 -75.33 -19.48 16.60
N ARG F 711 -74.10 -18.95 16.60
CA ARG F 711 -73.65 -18.14 15.48
C ARG F 711 -73.58 -18.98 14.22
N LYS F 712 -72.95 -20.16 14.30
CA LYS F 712 -72.88 -21.04 13.13
C LYS F 712 -74.27 -21.42 12.64
N TRP F 713 -75.18 -21.72 13.58
CA TRP F 713 -76.53 -22.13 13.21
C TRP F 713 -77.31 -21.00 12.55
N LYS F 714 -77.27 -19.81 13.15
CA LYS F 714 -78.00 -18.67 12.59
C LYS F 714 -77.45 -18.26 11.23
N GLU F 715 -76.12 -18.31 11.07
CA GLU F 715 -75.55 -18.00 9.77
C GLU F 715 -75.87 -19.09 8.74
N SER F 716 -76.05 -20.33 9.18
CA SER F 716 -76.53 -21.38 8.29
C SER F 716 -78.04 -21.32 8.07
N ASN F 717 -78.74 -20.45 8.79
CA ASN F 717 -80.18 -20.23 8.62
C ASN F 717 -80.98 -21.45 9.05
N GLY F 718 -80.64 -21.98 10.23
CA GLY F 718 -81.29 -23.16 10.76
C GLY F 718 -80.94 -24.46 10.08
N ASN F 719 -80.15 -24.43 9.01
CA ASN F 719 -79.84 -25.64 8.26
C ASN F 719 -78.83 -26.53 8.98
N LEU F 720 -77.97 -25.94 9.81
CA LEU F 720 -76.98 -26.69 10.54
C LEU F 720 -77.62 -27.64 11.55
N SER F 721 -77.21 -28.90 11.52
CA SER F 721 -77.70 -29.89 12.46
C SER F 721 -76.94 -29.76 13.77
N LEU F 722 -77.67 -29.43 14.86
CA LEU F 722 -77.09 -29.27 16.18
C LEU F 722 -77.33 -30.51 17.05
N PRO F 723 -76.45 -30.77 18.02
CA PRO F 723 -76.73 -31.81 19.00
C PRO F 723 -77.99 -31.50 19.81
N VAL F 724 -78.92 -32.44 19.82
CA VAL F 724 -80.22 -32.23 20.45
C VAL F 724 -80.07 -31.91 21.93
N ASP F 725 -79.06 -32.50 22.58
CA ASP F 725 -78.89 -32.27 24.01
C ASP F 725 -78.43 -30.85 24.30
N VAL F 726 -77.48 -30.34 23.53
CA VAL F 726 -77.00 -28.97 23.72
C VAL F 726 -77.90 -27.93 23.08
N THR F 727 -78.93 -28.36 22.34
CA THR F 727 -79.83 -27.41 21.69
C THR F 727 -80.51 -26.49 22.70
N LEU F 728 -80.91 -27.03 23.85
CA LEU F 728 -81.55 -26.20 24.87
C LEU F 728 -80.64 -25.04 25.29
N ALA F 729 -79.39 -25.36 25.66
CA ALA F 729 -78.46 -24.33 26.08
C ALA F 729 -78.16 -23.35 24.96
N VAL F 730 -78.00 -23.86 23.73
CA VAL F 730 -77.65 -22.99 22.61
C VAL F 730 -78.77 -22.00 22.36
N PHE F 731 -80.02 -22.47 22.34
CA PHE F 731 -81.15 -21.57 22.14
C PHE F 731 -81.30 -20.60 23.29
N ALA F 732 -81.15 -21.07 24.53
CA ALA F 732 -81.30 -20.18 25.68
C ALA F 732 -80.25 -19.08 25.66
N VAL F 733 -79.05 -19.37 25.18
CA VAL F 733 -78.02 -18.34 25.08
C VAL F 733 -78.32 -17.40 23.90
N GLY F 734 -78.67 -17.97 22.75
CA GLY F 734 -78.87 -17.15 21.57
C GLY F 734 -80.06 -16.23 21.66
N ALA F 735 -81.07 -16.60 22.44
CA ALA F 735 -82.27 -15.78 22.58
C ALA F 735 -82.07 -14.58 23.50
N GLN F 736 -80.86 -14.34 23.99
CA GLN F 736 -80.62 -13.21 24.87
C GLN F 736 -80.56 -11.88 24.11
N SER F 737 -80.09 -11.91 22.87
CA SER F 737 -80.09 -10.72 22.04
C SER F 737 -81.38 -10.65 21.23
N THR F 738 -81.76 -9.42 20.87
CA THR F 738 -83.00 -9.23 20.11
C THR F 738 -82.91 -9.93 18.76
N GLU F 739 -81.75 -9.88 18.12
CA GLU F 739 -81.56 -10.51 16.82
C GLU F 739 -81.84 -12.01 16.89
N GLY F 740 -81.16 -12.70 17.81
CA GLY F 740 -81.38 -14.13 17.96
C GLY F 740 -82.77 -14.48 18.42
N TRP F 741 -83.37 -13.63 19.25
CA TRP F 741 -84.75 -13.84 19.68
C TRP F 741 -85.71 -13.86 18.49
N ASP F 742 -85.61 -12.84 17.63
CA ASP F 742 -86.48 -12.79 16.46
C ASP F 742 -86.18 -13.93 15.50
N PHE F 743 -84.91 -14.33 15.38
CA PHE F 743 -84.55 -15.45 14.51
C PHE F 743 -85.18 -16.76 15.01
N LEU F 744 -85.07 -17.02 16.31
CA LEU F 744 -85.67 -18.22 16.88
C LEU F 744 -87.18 -18.24 16.67
N TYR F 745 -87.85 -17.11 16.92
CA TYR F 745 -89.30 -17.10 16.69
C TYR F 745 -89.64 -17.29 15.22
N SER F 746 -88.82 -16.73 14.32
CA SER F 746 -89.06 -16.91 12.89
C SER F 746 -88.97 -18.38 12.49
N LYS F 747 -88.05 -19.13 13.12
CA LYS F 747 -87.95 -20.55 12.81
C LYS F 747 -89.07 -21.35 13.47
N TYR F 748 -89.60 -20.85 14.60
CA TYR F 748 -90.65 -21.55 15.33
C TYR F 748 -91.86 -21.85 14.45
N GLN F 749 -92.27 -20.87 13.65
CA GLN F 749 -93.51 -21.01 12.88
C GLN F 749 -93.46 -22.20 11.92
N PHE F 750 -92.34 -22.38 11.22
CA PHE F 750 -92.25 -23.41 10.20
C PHE F 750 -91.64 -24.72 10.71
N SER F 751 -91.02 -24.73 11.89
CA SER F 751 -90.52 -25.99 12.42
C SER F 751 -91.68 -26.97 12.66
N LEU F 752 -91.37 -28.27 12.53
CA LEU F 752 -92.36 -29.31 12.73
C LEU F 752 -92.01 -30.28 13.86
N SER F 753 -90.87 -30.12 14.52
CA SER F 753 -90.50 -30.97 15.65
C SER F 753 -90.99 -30.35 16.95
N SER F 754 -91.70 -31.15 17.76
CA SER F 754 -92.25 -30.63 19.00
C SER F 754 -91.17 -30.35 20.04
N THR F 755 -90.11 -31.17 20.08
CA THR F 755 -89.00 -30.88 20.98
C THR F 755 -88.32 -29.56 20.62
N GLU F 756 -88.11 -29.33 19.31
CA GLU F 756 -87.56 -28.06 18.88
C GLU F 756 -88.48 -26.91 19.25
N LYS F 757 -89.79 -27.11 19.09
CA LYS F 757 -90.75 -26.07 19.46
C LYS F 757 -90.67 -25.74 20.95
N SER F 758 -90.62 -26.77 21.80
CA SER F 758 -90.57 -26.55 23.24
C SER F 758 -89.27 -25.85 23.64
N GLN F 759 -88.16 -26.24 23.03
CA GLN F 759 -86.89 -25.60 23.34
C GLN F 759 -86.88 -24.14 22.89
N ILE F 760 -87.48 -23.86 21.73
CA ILE F 760 -87.60 -22.47 21.28
C ILE F 760 -88.47 -21.67 22.23
N GLU F 761 -89.56 -22.26 22.72
CA GLU F 761 -90.43 -21.57 23.67
C GLU F 761 -89.67 -21.22 24.94
N PHE F 762 -88.92 -22.18 25.48
CA PHE F 762 -88.13 -21.91 26.68
C PHE F 762 -87.10 -20.82 26.43
N ALA F 763 -86.42 -20.88 25.28
CA ALA F 763 -85.43 -19.85 24.94
C ALA F 763 -86.07 -18.47 24.89
N LEU F 764 -87.23 -18.36 24.24
CA LEU F 764 -87.89 -17.06 24.10
C LEU F 764 -88.40 -16.55 25.45
N CYS F 765 -88.83 -17.45 26.34
CA CYS F 765 -89.22 -17.02 27.67
C CYS F 765 -88.03 -16.61 28.51
N ARG F 766 -86.84 -17.12 28.20
CA ARG F 766 -85.62 -16.72 28.90
C ARG F 766 -85.18 -15.25 28.60
N THR F 767 -85.97 -14.42 27.92
CA THR F 767 -85.52 -13.09 27.54
C THR F 767 -85.72 -12.09 28.68
N GLN F 768 -85.12 -10.91 28.51
CA GLN F 768 -85.25 -9.82 29.46
C GLN F 768 -86.21 -8.73 29.00
N ASN F 769 -86.71 -8.81 27.77
CA ASN F 769 -87.56 -7.76 27.22
C ASN F 769 -88.98 -7.96 27.76
N LYS F 770 -89.42 -7.02 28.60
CA LYS F 770 -90.77 -7.11 29.16
C LYS F 770 -91.82 -7.06 28.06
N GLU F 771 -91.59 -6.24 27.04
CA GLU F 771 -92.54 -6.14 25.94
C GLU F 771 -92.60 -7.46 25.16
N LYS F 772 -91.45 -8.12 24.98
CA LYS F 772 -91.46 -9.40 24.28
C LYS F 772 -92.13 -10.48 25.11
N LEU F 773 -91.93 -10.46 26.43
CA LEU F 773 -92.65 -11.38 27.30
C LEU F 773 -94.16 -11.17 27.20
N GLN F 774 -94.59 -9.90 27.23
CA GLN F 774 -96.01 -9.59 27.07
C GLN F 774 -96.52 -10.06 25.71
N TRP F 775 -95.69 -9.95 24.68
CA TRP F 775 -96.10 -10.40 23.34
C TRP F 775 -96.27 -11.92 23.31
N LEU F 776 -95.33 -12.65 23.92
CA LEU F 776 -95.46 -14.09 24.04
C LEU F 776 -96.76 -14.45 24.75
N LEU F 777 -97.04 -13.78 25.87
CA LEU F 777 -98.28 -14.04 26.60
C LEU F 777 -99.50 -13.80 25.72
N ASP F 778 -99.57 -12.62 25.10
CA ASP F 778 -100.73 -12.25 24.31
C ASP F 778 -100.96 -13.21 23.15
N GLU F 779 -99.89 -13.56 22.44
CA GLU F 779 -100.06 -14.38 21.24
C GLU F 779 -100.36 -15.83 21.60
N SER F 780 -99.72 -16.36 22.65
CA SER F 780 -100.05 -17.72 23.07
C SER F 780 -101.46 -17.80 23.64
N PHE F 781 -101.97 -16.69 24.18
CA PHE F 781 -103.38 -16.65 24.57
C PHE F 781 -104.29 -16.63 23.34
N LYS F 782 -103.99 -15.76 22.37
CA LYS F 782 -104.83 -15.65 21.18
C LYS F 782 -104.87 -16.97 20.42
N GLY F 783 -103.76 -17.69 20.37
CA GLY F 783 -103.74 -19.04 19.82
C GLY F 783 -103.44 -19.17 18.35
N ASP F 784 -103.00 -18.10 17.68
CA ASP F 784 -102.65 -18.17 16.26
C ASP F 784 -101.17 -18.46 16.08
N LYS F 785 -100.33 -17.49 16.45
CA LYS F 785 -98.89 -17.64 16.28
C LYS F 785 -98.32 -18.70 17.21
N ILE F 786 -98.87 -18.82 18.41
CA ILE F 786 -98.51 -19.87 19.36
C ILE F 786 -99.82 -20.49 19.87
N LYS F 787 -99.96 -21.80 19.72
CA LYS F 787 -101.21 -22.45 20.09
C LYS F 787 -101.52 -22.27 21.57
N THR F 788 -102.82 -22.22 21.88
CA THR F 788 -103.27 -21.99 23.24
C THR F 788 -102.99 -23.18 24.16
N GLN F 789 -102.85 -24.38 23.60
CA GLN F 789 -102.53 -25.54 24.43
C GLN F 789 -101.20 -25.38 25.14
N GLU F 790 -100.30 -24.56 24.59
CA GLU F 790 -98.99 -24.30 25.15
C GLU F 790 -99.01 -23.17 26.18
N PHE F 791 -100.16 -22.52 26.38
CA PHE F 791 -100.20 -21.31 27.19
C PHE F 791 -99.82 -21.51 28.66
N PRO F 792 -100.34 -22.51 29.39
CA PRO F 792 -100.01 -22.58 30.83
C PRO F 792 -98.53 -22.74 31.12
N GLN F 793 -97.81 -23.55 30.34
CA GLN F 793 -96.38 -23.70 30.58
C GLN F 793 -95.65 -22.40 30.27
N ILE F 794 -96.07 -21.68 29.22
CA ILE F 794 -95.44 -20.39 28.92
C ILE F 794 -95.70 -19.40 30.05
N LEU F 795 -96.91 -19.40 30.59
CA LEU F 795 -97.22 -18.52 31.72
C LEU F 795 -96.35 -18.86 32.93
N THR F 796 -96.16 -20.16 33.19
CA THR F 796 -95.32 -20.57 34.31
C THR F 796 -93.87 -20.18 34.07
N LEU F 797 -93.37 -20.35 32.84
CA LEU F 797 -91.99 -19.98 32.53
C LEU F 797 -91.78 -18.48 32.69
N ILE F 798 -92.77 -17.67 32.28
CA ILE F 798 -92.64 -16.23 32.41
C ILE F 798 -92.75 -15.80 33.87
N GLY F 799 -93.59 -16.49 34.65
CA GLY F 799 -93.60 -16.25 36.08
C GLY F 799 -92.32 -16.67 36.78
N ARG F 800 -91.60 -17.63 36.18
CA ARG F 800 -90.28 -17.99 36.69
C ARG F 800 -89.24 -16.94 36.32
N ASN F 801 -89.38 -16.35 35.14
CA ASN F 801 -88.44 -15.33 34.67
C ASN F 801 -88.31 -14.21 35.71
N PRO F 802 -87.08 -13.83 36.08
CA PRO F 802 -86.92 -12.84 37.16
C PRO F 802 -87.51 -11.47 36.85
N VAL F 803 -87.75 -11.14 35.58
CA VAL F 803 -88.33 -9.87 35.19
C VAL F 803 -89.74 -10.01 34.64
N GLY F 804 -90.31 -11.21 34.66
CA GLY F 804 -91.60 -11.44 34.04
C GLY F 804 -92.72 -11.80 35.00
N TYR F 805 -92.39 -12.10 36.26
CA TYR F 805 -93.43 -12.55 37.18
C TYR F 805 -94.53 -11.52 37.42
N PRO F 806 -94.28 -10.20 37.48
CA PRO F 806 -95.42 -9.27 37.57
C PRO F 806 -96.29 -9.32 36.34
N LEU F 807 -95.68 -9.45 35.16
CA LEU F 807 -96.45 -9.58 33.93
C LEU F 807 -97.33 -10.82 33.96
N ALA F 808 -96.79 -11.95 34.41
CA ALA F 808 -97.56 -13.19 34.45
C ALA F 808 -98.70 -13.11 35.46
N TRP F 809 -98.41 -12.60 36.66
CA TRP F 809 -99.43 -12.46 37.69
C TRP F 809 -100.54 -11.53 37.21
N GLN F 810 -100.18 -10.40 36.60
CA GLN F 810 -101.17 -9.46 36.09
C GLN F 810 -101.98 -10.07 34.95
N PHE F 811 -101.34 -10.84 34.07
CA PHE F 811 -102.07 -11.43 32.96
C PHE F 811 -103.09 -12.43 33.47
N LEU F 812 -102.69 -13.29 34.42
CA LEU F 812 -103.65 -14.23 34.99
C LEU F 812 -104.80 -13.50 35.66
N ARG F 813 -104.49 -12.47 36.45
CA ARG F 813 -105.54 -11.74 37.14
C ARG F 813 -106.52 -11.10 36.16
N LYS F 814 -105.99 -10.43 35.13
CA LYS F 814 -106.83 -9.64 34.24
C LYS F 814 -107.53 -10.47 33.18
N ASN F 815 -107.06 -11.68 32.90
CA ASN F 815 -107.71 -12.55 31.92
C ASN F 815 -108.18 -13.85 32.54
N TRP F 816 -108.41 -13.86 33.85
CA TRP F 816 -108.91 -15.04 34.55
C TRP F 816 -110.19 -15.59 33.92
N ASN F 817 -111.11 -14.70 33.56
CA ASN F 817 -112.44 -15.12 33.12
C ASN F 817 -112.37 -15.92 31.83
N LYS F 818 -111.72 -15.36 30.79
CA LYS F 818 -111.62 -16.08 29.53
C LYS F 818 -110.78 -17.35 29.68
N LEU F 819 -109.76 -17.32 30.54
CA LEU F 819 -109.00 -18.52 30.83
C LEU F 819 -109.88 -19.60 31.43
N VAL F 820 -110.79 -19.21 32.34
CA VAL F 820 -111.71 -20.18 32.90
C VAL F 820 -112.63 -20.74 31.81
N GLN F 821 -113.12 -19.87 30.92
CA GLN F 821 -113.98 -20.37 29.84
C GLN F 821 -113.22 -21.31 28.90
N LYS F 822 -111.91 -21.12 28.76
CA LYS F 822 -111.14 -21.95 27.84
C LYS F 822 -110.71 -23.26 28.48
N PHE F 823 -110.33 -23.25 29.76
CA PHE F 823 -109.71 -24.40 30.41
C PHE F 823 -110.59 -25.10 31.43
N GLU F 824 -111.81 -24.61 31.68
CA GLU F 824 -112.71 -25.14 32.71
C GLU F 824 -112.15 -24.90 34.11
N LEU F 825 -113.03 -24.78 35.09
CA LEU F 825 -112.59 -24.55 36.46
C LEU F 825 -112.05 -25.82 37.10
N GLY F 826 -111.05 -25.65 37.96
CA GLY F 826 -110.46 -26.76 38.69
C GLY F 826 -109.61 -27.69 37.86
N SER F 827 -109.41 -27.41 36.58
CA SER F 827 -108.54 -28.25 35.77
C SER F 827 -107.09 -28.10 36.22
N SER F 828 -106.31 -29.14 35.92
CA SER F 828 -104.89 -29.08 36.24
C SER F 828 -104.19 -27.95 35.51
N SER F 829 -104.71 -27.52 34.36
CA SER F 829 -104.15 -26.36 33.68
C SER F 829 -104.35 -25.09 34.51
N ILE F 830 -105.57 -24.88 35.03
CA ILE F 830 -105.84 -23.73 35.87
C ILE F 830 -104.99 -23.77 37.14
N ALA F 831 -104.91 -24.96 37.76
CA ALA F 831 -104.08 -25.11 38.96
C ALA F 831 -102.62 -24.78 38.67
N HIS F 832 -102.08 -25.34 37.57
CA HIS F 832 -100.71 -25.08 37.17
C HIS F 832 -100.48 -23.58 36.98
N MET F 833 -101.40 -22.90 36.31
CA MET F 833 -101.23 -21.46 36.09
C MET F 833 -101.19 -20.71 37.42
N VAL F 834 -102.15 -21.00 38.31
CA VAL F 834 -102.21 -20.31 39.59
C VAL F 834 -100.90 -20.52 40.36
N MET F 835 -100.47 -21.77 40.48
CA MET F 835 -99.29 -22.06 41.28
C MET F 835 -98.02 -21.50 40.62
N GLY F 836 -97.87 -21.68 39.30
CA GLY F 836 -96.68 -21.18 38.63
C GLY F 836 -96.55 -19.67 38.68
N THR F 837 -97.68 -18.96 38.75
CA THR F 837 -97.61 -17.52 38.85
C THR F 837 -97.53 -17.00 40.28
N THR F 838 -97.97 -17.77 41.27
CA THR F 838 -98.01 -17.25 42.63
C THR F 838 -97.18 -18.01 43.65
N ASN F 839 -96.96 -19.32 43.49
CA ASN F 839 -96.45 -20.12 44.60
C ASN F 839 -94.96 -19.91 44.87
N GLN F 840 -94.33 -18.93 44.23
CA GLN F 840 -92.95 -18.58 44.51
C GLN F 840 -92.84 -17.29 45.31
N PHE F 841 -93.96 -16.77 45.81
CA PHE F 841 -93.98 -15.55 46.59
C PHE F 841 -93.55 -15.81 48.02
N SER F 842 -93.09 -14.74 48.68
CA SER F 842 -92.45 -14.88 49.99
C SER F 842 -92.84 -13.82 51.01
N THR F 843 -93.69 -12.85 50.66
CA THR F 843 -94.01 -11.74 51.55
C THR F 843 -95.49 -11.74 51.90
N ARG F 844 -95.77 -11.09 53.03
CA ARG F 844 -97.15 -10.89 53.46
C ARG F 844 -97.93 -10.04 52.46
N THR F 845 -97.25 -9.13 51.78
CA THR F 845 -97.92 -8.34 50.73
C THR F 845 -98.43 -9.23 49.62
N ARG F 846 -97.58 -10.13 49.12
CA ARG F 846 -98.00 -11.05 48.08
C ARG F 846 -99.09 -12.00 48.57
N LEU F 847 -98.95 -12.48 49.82
CA LEU F 847 -99.97 -13.34 50.39
C LEU F 847 -101.32 -12.64 50.43
N GLU F 848 -101.34 -11.37 50.84
CA GLU F 848 -102.60 -10.65 50.94
C GLU F 848 -103.18 -10.33 49.57
N GLU F 849 -102.33 -10.02 48.59
CA GLU F 849 -102.81 -9.86 47.22
C GLU F 849 -103.52 -11.12 46.74
N VAL F 850 -102.86 -12.27 46.90
CA VAL F 850 -103.43 -13.54 46.45
C VAL F 850 -104.74 -13.81 47.16
N LYS F 851 -104.75 -13.68 48.49
CA LYS F 851 -105.96 -13.90 49.27
C LYS F 851 -107.10 -13.01 48.77
N GLY F 852 -106.85 -11.71 48.65
CA GLY F 852 -107.90 -10.79 48.27
C GLY F 852 -108.46 -11.07 46.89
N PHE F 853 -107.58 -11.29 45.92
CA PHE F 853 -108.03 -11.56 44.56
C PHE F 853 -108.87 -12.84 44.49
N PHE F 854 -108.34 -13.94 45.03
CA PHE F 854 -109.05 -15.21 44.92
C PHE F 854 -110.29 -15.24 45.79
N SER F 855 -110.41 -14.36 46.79
CA SER F 855 -111.67 -14.26 47.51
C SER F 855 -112.68 -13.42 46.73
N SER F 856 -112.22 -12.35 46.08
CA SER F 856 -113.10 -11.54 45.26
C SER F 856 -113.63 -12.30 44.06
N LEU F 857 -112.94 -13.36 43.64
CA LEU F 857 -113.51 -14.20 42.58
C LEU F 857 -114.86 -14.80 43.00
N LYS F 858 -115.05 -15.05 44.29
CA LYS F 858 -116.32 -15.51 44.88
C LYS F 858 -116.69 -16.85 44.25
N GLU F 859 -117.91 -17.01 43.70
CA GLU F 859 -118.37 -18.31 43.24
C GLU F 859 -117.67 -18.78 41.97
N ASN F 860 -116.71 -18.03 41.45
CA ASN F 860 -116.01 -18.39 40.23
C ASN F 860 -114.54 -18.71 40.49
N GLY F 861 -114.26 -19.44 41.57
CA GLY F 861 -112.91 -19.92 41.79
C GLY F 861 -112.34 -19.70 43.18
N SER F 862 -113.13 -19.12 44.09
CA SER F 862 -112.64 -18.94 45.46
C SER F 862 -112.50 -20.27 46.19
N GLN F 863 -113.20 -21.32 45.76
CA GLN F 863 -113.19 -22.62 46.41
C GLN F 863 -112.19 -23.59 45.79
N LEU F 864 -111.11 -23.08 45.22
CA LEU F 864 -110.15 -23.93 44.54
C LEU F 864 -109.11 -24.46 45.53
N ARG F 865 -108.95 -25.79 45.53
CA ARG F 865 -107.95 -26.42 46.38
C ARG F 865 -106.56 -25.93 46.02
N CYS F 866 -106.31 -25.67 44.74
CA CYS F 866 -105.04 -25.10 44.31
C CYS F 866 -104.85 -23.68 44.83
N VAL F 867 -105.93 -22.90 44.91
CA VAL F 867 -105.84 -21.58 45.52
C VAL F 867 -105.42 -21.69 46.97
N GLN F 868 -106.09 -22.57 47.72
CA GLN F 868 -105.72 -22.78 49.12
C GLN F 868 -104.28 -23.28 49.23
N GLN F 869 -103.84 -24.13 48.30
CA GLN F 869 -102.47 -24.65 48.33
C GLN F 869 -101.45 -23.55 48.08
N THR F 870 -101.73 -22.64 47.14
CA THR F 870 -100.82 -21.52 46.93
C THR F 870 -100.78 -20.62 48.16
N ILE F 871 -101.94 -20.43 48.81
CA ILE F 871 -101.98 -19.62 50.03
C ILE F 871 -101.10 -20.24 51.12
N GLU F 872 -101.27 -21.53 51.37
CA GLU F 872 -100.50 -22.20 52.42
C GLU F 872 -99.03 -22.31 52.04
N THR F 873 -98.73 -22.49 50.75
CA THR F 873 -97.34 -22.52 50.30
C THR F 873 -96.68 -21.17 50.53
N ILE F 874 -97.40 -20.08 50.26
CA ILE F 874 -96.84 -18.76 50.51
C ILE F 874 -96.65 -18.51 51.99
N GLU F 875 -97.57 -19.01 52.83
CA GLU F 875 -97.41 -18.86 54.27
C GLU F 875 -96.16 -19.59 54.76
N GLU F 876 -95.99 -20.85 54.33
CA GLU F 876 -94.79 -21.59 54.70
C GLU F 876 -93.55 -20.92 54.15
N ASN F 877 -93.64 -20.35 52.94
CA ASN F 877 -92.51 -19.61 52.39
C ASN F 877 -92.17 -18.40 53.24
N ILE F 878 -93.19 -17.68 53.73
CA ILE F 878 -92.95 -16.54 54.61
C ILE F 878 -92.20 -17.01 55.86
N GLY F 879 -92.68 -18.06 56.50
CA GLY F 879 -92.00 -18.57 57.69
C GLY F 879 -90.58 -19.00 57.40
N TRP F 880 -90.41 -19.83 56.36
CA TRP F 880 -89.10 -20.38 56.02
C TRP F 880 -88.11 -19.29 55.65
N MET F 881 -88.59 -18.25 54.96
CA MET F 881 -87.71 -17.15 54.55
C MET F 881 -87.33 -16.28 55.74
N ASP F 882 -88.31 -15.95 56.60
CA ASP F 882 -88.01 -15.18 57.79
C ASP F 882 -87.05 -15.92 58.71
N LYS F 883 -87.08 -17.25 58.69
CA LYS F 883 -86.20 -18.02 59.55
C LYS F 883 -84.82 -18.22 58.95
N ASN F 884 -84.73 -18.53 57.65
CA ASN F 884 -83.53 -19.08 57.08
C ASN F 884 -82.76 -18.15 56.13
N PHE F 885 -83.32 -17.00 55.76
CA PHE F 885 -82.65 -16.16 54.76
C PHE F 885 -81.33 -15.62 55.29
N ASP F 886 -81.37 -14.95 56.44
CA ASP F 886 -80.14 -14.40 57.02
C ASP F 886 -79.16 -15.50 57.38
N LYS F 887 -79.66 -16.64 57.85
CA LYS F 887 -78.82 -17.81 58.07
C LYS F 887 -78.14 -18.24 56.78
N ILE F 888 -78.86 -18.24 55.67
CA ILE F 888 -78.27 -18.65 54.39
C ILE F 888 -77.18 -17.66 53.97
N ARG F 889 -77.42 -16.36 54.21
CA ARG F 889 -76.40 -15.36 53.90
C ARG F 889 -75.14 -15.59 54.71
N VAL F 890 -75.29 -15.80 56.02
CA VAL F 890 -74.14 -16.05 56.89
C VAL F 890 -73.40 -17.32 56.47
N TRP F 891 -74.15 -18.37 56.13
CA TRP F 891 -73.51 -19.61 55.72
C TRP F 891 -72.78 -19.46 54.39
N LEU F 892 -73.30 -18.62 53.49
CA LEU F 892 -72.58 -18.36 52.25
C LEU F 892 -71.30 -17.58 52.50
N GLN F 893 -71.36 -16.65 53.46
CA GLN F 893 -70.16 -15.93 53.86
C GLN F 893 -69.12 -16.90 54.41
N SER F 894 -69.56 -17.87 55.20
CA SER F 894 -68.63 -18.86 55.75
C SER F 894 -68.08 -19.78 54.65
N GLU F 895 -68.91 -20.12 53.67
CA GLU F 895 -68.48 -21.04 52.62
C GLU F 895 -67.53 -20.39 51.63
N LYS F 896 -67.66 -19.10 51.38
CA LYS F 896 -66.68 -18.45 50.50
C LYS F 896 -65.27 -18.50 51.08
N LEU F 897 -65.14 -18.46 52.42
CA LEU F 897 -63.85 -18.62 53.08
C LEU F 897 -63.51 -20.11 53.23
N GLU F 898 -63.41 -20.79 52.09
CA GLU F 898 -63.08 -22.21 52.08
C GLU F 898 -62.00 -22.59 51.09
N ARG F 899 -61.74 -21.79 50.07
CA ARG F 899 -60.70 -22.10 49.09
C ARG F 899 -59.39 -21.42 49.44
N PRO G 30 -126.92 62.92 -50.20
CA PRO G 30 -126.08 63.41 -51.30
C PRO G 30 -125.00 64.37 -50.83
N PHE G 31 -123.75 63.93 -50.85
CA PHE G 31 -122.65 64.77 -50.37
C PHE G 31 -122.35 65.85 -51.39
N PRO G 32 -122.27 67.13 -50.97
CA PRO G 32 -122.11 68.21 -51.95
C PRO G 32 -120.65 68.53 -52.24
N TRP G 33 -119.81 67.51 -52.36
CA TRP G 33 -118.40 67.67 -52.68
C TRP G 33 -117.86 66.32 -53.11
N ASN G 34 -116.99 66.33 -54.13
CA ASN G 34 -116.54 65.07 -54.73
C ASN G 34 -115.04 65.04 -55.02
N LYS G 35 -114.26 65.91 -54.38
CA LYS G 35 -112.82 65.95 -54.58
C LYS G 35 -112.10 65.67 -53.28
N ILE G 36 -110.92 65.05 -53.39
CA ILE G 36 -110.12 64.76 -52.20
C ILE G 36 -109.57 66.06 -51.61
N ARG G 37 -109.19 67.00 -52.46
CA ARG G 37 -108.76 68.30 -51.99
C ARG G 37 -109.94 69.07 -51.42
N LEU G 38 -109.66 69.97 -50.48
CA LEU G 38 -110.72 70.75 -49.88
C LEU G 38 -111.11 71.93 -50.76
N PRO G 39 -112.31 72.47 -50.58
CA PRO G 39 -112.67 73.70 -51.26
C PRO G 39 -111.79 74.85 -50.79
N GLU G 40 -111.37 75.68 -51.73
CA GLU G 40 -110.45 76.77 -51.43
C GLU G 40 -111.14 78.04 -50.96
N TYR G 41 -112.48 78.09 -50.97
CA TYR G 41 -113.19 79.31 -50.65
C TYR G 41 -113.74 79.33 -49.22
N VAL G 42 -113.36 78.35 -48.40
CA VAL G 42 -113.68 78.34 -46.97
C VAL G 42 -112.35 78.25 -46.23
N ILE G 43 -111.95 79.34 -45.60
CA ILE G 43 -110.61 79.50 -45.01
C ILE G 43 -110.74 79.59 -43.50
N PRO G 44 -110.03 78.77 -42.74
CA PRO G 44 -109.96 78.97 -41.29
C PRO G 44 -108.94 80.05 -40.93
N VAL G 45 -109.13 80.66 -39.76
CA VAL G 45 -108.21 81.69 -39.32
C VAL G 45 -107.70 81.41 -37.90
N HIS G 46 -108.49 80.72 -37.08
CA HIS G 46 -108.08 80.46 -35.70
C HIS G 46 -108.83 79.27 -35.14
N TYR G 47 -108.09 78.27 -34.68
CA TYR G 47 -108.66 77.13 -33.98
C TYR G 47 -108.59 77.33 -32.48
N ASP G 48 -109.63 76.87 -31.79
CA ASP G 48 -109.70 76.86 -30.33
C ASP G 48 -110.08 75.43 -29.96
N LEU G 49 -109.09 74.67 -29.48
CA LEU G 49 -109.27 73.25 -29.21
C LEU G 49 -109.35 73.03 -27.71
N LEU G 50 -110.31 72.22 -27.28
CA LEU G 50 -110.43 71.81 -25.90
C LEU G 50 -110.53 70.29 -25.92
N ILE G 51 -109.50 69.62 -25.38
CA ILE G 51 -109.40 68.16 -25.42
C ILE G 51 -109.41 67.65 -23.99
N HIS G 52 -110.26 66.66 -23.72
CA HIS G 52 -110.27 65.99 -22.42
C HIS G 52 -109.98 64.52 -22.71
N ALA G 53 -108.74 64.11 -22.42
CA ALA G 53 -108.29 62.75 -22.64
C ALA G 53 -108.40 61.94 -21.34
N ASN G 54 -108.78 60.72 -21.52
CA ASN G 54 -108.94 59.82 -20.33
C ASN G 54 -108.02 58.62 -20.53
N LEU G 55 -106.93 58.57 -19.75
CA LEU G 55 -105.95 57.50 -19.82
C LEU G 55 -106.49 56.20 -19.24
N THR G 56 -107.34 56.28 -18.21
CA THR G 56 -107.87 55.06 -17.61
C THR G 56 -108.81 54.33 -18.57
N THR G 57 -109.76 55.05 -19.16
CA THR G 57 -110.71 54.46 -20.09
C THR G 57 -110.23 54.53 -21.53
N LEU G 58 -109.14 55.10 -21.80
CA LEU G 58 -108.59 55.26 -23.15
C LEU G 58 -109.61 55.91 -24.08
N THR G 59 -110.16 57.04 -23.64
CA THR G 59 -111.16 57.78 -24.39
C THR G 59 -110.73 59.24 -24.48
N PHE G 60 -111.50 60.06 -25.21
CA PHE G 60 -111.33 61.50 -25.14
C PHE G 60 -112.51 62.21 -25.81
N TRP G 61 -112.99 63.27 -25.18
CA TRP G 61 -114.02 64.14 -25.73
CA TRP G 61 -114.00 64.12 -25.78
C TRP G 61 -113.40 65.49 -26.09
N GLY G 62 -113.82 66.04 -27.22
CA GLY G 62 -113.24 67.28 -27.70
C GLY G 62 -114.27 68.28 -28.16
N THR G 63 -113.88 69.56 -28.07
CA THR G 63 -114.67 70.67 -28.58
C THR G 63 -113.75 71.55 -29.41
N THR G 64 -114.13 71.79 -30.66
CA THR G 64 -113.33 72.56 -31.60
C THR G 64 -114.14 73.76 -32.07
N LYS G 65 -113.64 74.97 -31.80
CA LYS G 65 -114.24 76.20 -32.29
C LYS G 65 -113.29 76.80 -33.32
N VAL G 66 -113.70 76.78 -34.59
CA VAL G 66 -112.85 77.25 -35.68
C VAL G 66 -113.48 78.51 -36.27
N GLU G 67 -112.73 79.61 -36.26
CA GLU G 67 -113.16 80.84 -36.90
C GLU G 67 -112.81 80.78 -38.38
N ILE G 68 -113.81 81.04 -39.23
CA ILE G 68 -113.66 80.91 -40.67
C ILE G 68 -114.20 82.16 -41.35
N THR G 69 -113.75 82.35 -42.59
CA THR G 69 -114.28 83.35 -43.50
C THR G 69 -114.51 82.70 -44.86
N ALA G 70 -115.44 83.26 -45.62
CA ALA G 70 -115.80 82.73 -46.93
C ALA G 70 -115.62 83.81 -47.98
N SER G 71 -115.04 83.43 -49.12
CA SER G 71 -114.86 84.33 -50.25
C SER G 71 -115.96 84.17 -51.30
N GLN G 72 -116.55 82.99 -51.38
CA GLN G 72 -117.70 82.71 -52.21
C GLN G 72 -118.86 82.37 -51.30
N PRO G 73 -120.05 82.92 -51.55
CA PRO G 73 -121.20 82.59 -50.70
C PRO G 73 -121.46 81.09 -50.75
N THR G 74 -121.58 80.49 -49.58
CA THR G 74 -121.87 79.06 -49.52
C THR G 74 -122.74 78.77 -48.31
N SER G 75 -123.48 77.66 -48.40
CA SER G 75 -124.23 77.15 -47.27
C SER G 75 -123.72 75.78 -46.87
N THR G 76 -122.53 75.39 -47.35
CA THR G 76 -121.92 74.10 -47.06
C THR G 76 -120.45 74.32 -46.71
N ILE G 77 -120.03 73.78 -45.57
CA ILE G 77 -118.66 73.89 -45.08
C ILE G 77 -118.06 72.50 -45.07
N ILE G 78 -116.99 72.31 -45.85
CA ILE G 78 -116.33 71.02 -45.96
C ILE G 78 -115.03 71.06 -45.15
N LEU G 79 -114.83 70.05 -44.31
CA LEU G 79 -113.60 69.93 -43.54
C LEU G 79 -113.34 68.45 -43.28
N HIS G 80 -112.21 68.15 -42.65
CA HIS G 80 -111.76 66.79 -42.46
C HIS G 80 -112.17 66.25 -41.10
N SER G 81 -112.45 64.95 -41.06
CA SER G 81 -112.76 64.24 -39.81
C SER G 81 -112.63 62.76 -40.09
N HIS G 82 -111.96 62.04 -39.20
CA HIS G 82 -111.66 60.63 -39.40
C HIS G 82 -111.72 59.91 -38.06
N HIS G 83 -112.56 58.88 -37.97
CA HIS G 83 -112.72 58.06 -36.77
C HIS G 83 -113.13 58.91 -35.56
N LEU G 84 -113.97 59.92 -35.79
CA LEU G 84 -114.45 60.81 -34.75
C LEU G 84 -115.97 60.79 -34.74
N GLN G 85 -116.56 60.55 -33.56
CA GLN G 85 -118.02 60.56 -33.41
C GLN G 85 -118.46 61.99 -33.14
N ILE G 86 -119.07 62.62 -34.14
CA ILE G 86 -119.60 63.98 -33.99
C ILE G 86 -120.97 63.90 -33.32
N SER G 87 -121.16 64.69 -32.27
CA SER G 87 -122.40 64.65 -31.50
C SER G 87 -123.19 65.95 -31.53
N ARG G 88 -122.60 67.06 -31.96
CA ARG G 88 -123.23 68.36 -31.87
C ARG G 88 -122.46 69.35 -32.73
N ALA G 89 -123.18 70.17 -33.48
CA ALA G 89 -122.55 71.12 -34.39
C ALA G 89 -123.37 72.38 -34.48
N THR G 90 -122.74 73.52 -34.20
CA THR G 90 -123.40 74.82 -34.26
C THR G 90 -122.56 75.79 -35.08
N LEU G 91 -123.23 76.85 -35.55
CA LEU G 91 -122.60 77.88 -36.38
C LEU G 91 -123.01 79.23 -35.83
N ARG G 92 -122.04 79.96 -35.28
CA ARG G 92 -122.28 81.29 -34.74
C ARG G 92 -121.86 82.35 -35.74
N LYS G 93 -122.63 83.43 -35.81
CA LYS G 93 -122.39 84.53 -36.74
C LYS G 93 -121.99 85.76 -35.93
N GLY G 94 -120.75 86.18 -36.09
CA GLY G 94 -120.22 87.30 -35.33
C GLY G 94 -119.08 86.88 -34.42
N LEU G 99 -123.53 86.52 -31.79
CA LEU G 99 -124.89 86.86 -31.38
C LEU G 99 -125.87 85.77 -31.78
N SER G 100 -126.00 85.54 -33.08
CA SER G 100 -126.92 84.55 -33.62
C SER G 100 -126.20 83.21 -33.76
N GLU G 101 -126.81 82.16 -33.23
CA GLU G 101 -126.27 80.81 -33.33
C GLU G 101 -127.31 79.91 -33.97
N GLU G 102 -126.88 79.11 -34.94
CA GLU G 102 -127.77 78.25 -35.70
C GLU G 102 -127.23 76.84 -35.77
N PRO G 103 -128.09 75.83 -35.76
CA PRO G 103 -127.62 74.45 -35.86
C PRO G 103 -127.19 74.10 -37.27
N LEU G 104 -126.25 73.17 -37.36
CA LEU G 104 -125.75 72.66 -38.63
C LEU G 104 -126.10 71.19 -38.77
N GLN G 105 -126.42 70.78 -39.99
CA GLN G 105 -126.63 69.36 -40.26
C GLN G 105 -125.32 68.73 -40.71
N VAL G 106 -125.07 67.51 -40.24
CA VAL G 106 -123.79 66.85 -40.42
C VAL G 106 -123.96 65.72 -41.43
N LEU G 107 -123.13 65.73 -42.48
CA LEU G 107 -123.02 64.63 -43.42
C LEU G 107 -121.61 64.06 -43.35
N GLU G 108 -121.49 62.75 -43.52
CA GLU G 108 -120.24 62.05 -43.30
C GLU G 108 -119.81 61.34 -44.57
N HIS G 109 -118.52 61.38 -44.87
CA HIS G 109 -117.93 60.67 -46.01
C HIS G 109 -116.65 59.99 -45.53
N PRO G 110 -116.72 58.70 -45.17
CA PRO G 110 -115.53 58.03 -44.66
C PRO G 110 -114.48 57.75 -45.72
N ARG G 111 -114.88 57.62 -46.99
CA ARG G 111 -113.89 57.35 -48.05
C ARG G 111 -112.98 58.54 -48.26
N GLN G 112 -113.55 59.74 -48.26
CA GLN G 112 -112.77 60.96 -48.40
C GLN G 112 -112.33 61.53 -47.06
N GLU G 113 -112.68 60.86 -45.95
CA GLU G 113 -112.33 61.31 -44.61
C GLU G 113 -112.81 62.73 -44.35
N GLN G 114 -114.05 63.02 -44.76
CA GLN G 114 -114.58 64.37 -44.68
C GLN G 114 -115.95 64.39 -44.01
N ILE G 115 -116.33 65.58 -43.56
CA ILE G 115 -117.69 65.84 -43.12
C ILE G 115 -118.13 67.16 -43.76
N ALA G 116 -119.42 67.23 -44.06
CA ALA G 116 -120.04 68.43 -44.61
C ALA G 116 -121.00 69.00 -43.59
N LEU G 117 -120.89 70.30 -43.34
CA LEU G 117 -121.77 71.00 -42.41
C LEU G 117 -122.70 71.87 -43.23
N LEU G 118 -124.00 71.63 -43.09
CA LEU G 118 -125.03 72.34 -43.84
C LEU G 118 -125.66 73.38 -42.94
N ALA G 119 -125.68 74.63 -43.42
CA ALA G 119 -126.20 75.78 -42.70
C ALA G 119 -127.55 76.18 -43.26
N PRO G 120 -128.51 76.53 -42.40
CA PRO G 120 -129.83 76.92 -42.92
C PRO G 120 -129.77 78.15 -43.81
N GLU G 121 -129.01 79.16 -43.40
CA GLU G 121 -128.90 80.35 -44.22
C GLU G 121 -127.48 80.47 -44.77
N PRO G 122 -127.33 80.74 -46.06
CA PRO G 122 -126.00 80.78 -46.69
C PRO G 122 -125.11 81.87 -46.09
N LEU G 123 -123.83 81.54 -45.97
CA LEU G 123 -122.84 82.43 -45.37
C LEU G 123 -122.64 83.69 -46.21
N LEU G 124 -122.45 84.81 -45.53
CA LEU G 124 -122.22 86.11 -46.16
C LEU G 124 -120.73 86.31 -46.41
N VAL G 125 -120.38 86.71 -47.63
CA VAL G 125 -118.97 86.89 -47.97
C VAL G 125 -118.37 88.02 -47.16
N GLY G 126 -117.13 87.83 -46.71
CA GLY G 126 -116.43 88.85 -45.94
C GLY G 126 -116.77 88.89 -44.48
N LEU G 127 -117.66 88.01 -44.00
CA LEU G 127 -118.05 88.00 -42.60
C LEU G 127 -117.35 86.88 -41.86
N PRO G 128 -116.97 87.09 -40.60
CA PRO G 128 -116.39 86.01 -39.82
C PRO G 128 -117.45 85.14 -39.15
N TYR G 129 -117.33 83.82 -39.28
CA TYR G 129 -118.24 82.89 -38.65
C TYR G 129 -117.44 81.94 -37.77
N THR G 130 -118.11 81.29 -36.83
CA THR G 130 -117.44 80.38 -35.91
C THR G 130 -118.18 79.06 -35.89
N VAL G 131 -117.52 78.00 -36.39
CA VAL G 131 -118.08 76.66 -36.35
C VAL G 131 -117.66 75.98 -35.05
N VAL G 132 -118.62 75.43 -34.32
CA VAL G 132 -118.36 74.78 -33.04
C VAL G 132 -118.80 73.33 -33.15
N ILE G 133 -117.85 72.41 -32.95
CA ILE G 133 -118.08 70.98 -33.13
C ILE G 133 -117.75 70.26 -31.84
N HIS G 134 -118.66 69.41 -31.38
CA HIS G 134 -118.44 68.52 -30.24
C HIS G 134 -118.28 67.10 -30.75
N TYR G 135 -117.26 66.39 -30.26
CA TYR G 135 -116.97 65.07 -30.78
C TYR G 135 -116.35 64.21 -29.69
N ALA G 136 -116.23 62.91 -29.99
CA ALA G 136 -115.61 61.96 -29.09
C ALA G 136 -114.82 60.94 -29.89
N GLY G 137 -113.97 60.21 -29.19
CA GLY G 137 -113.17 59.17 -29.80
C GLY G 137 -112.30 58.52 -28.75
N ASN G 138 -111.40 57.64 -29.20
CA ASN G 138 -110.40 57.09 -28.29
C ASN G 138 -109.00 57.16 -28.89
N LEU G 139 -108.02 57.18 -27.99
CA LEU G 139 -106.62 57.12 -28.34
C LEU G 139 -106.32 55.97 -29.28
N SER G 140 -105.72 56.28 -30.42
CA SER G 140 -105.35 55.25 -31.37
C SER G 140 -104.30 54.31 -30.78
N GLU G 141 -104.47 53.02 -31.01
CA GLU G 141 -103.47 52.05 -30.59
C GLU G 141 -102.30 51.95 -31.55
N THR G 142 -102.28 52.76 -32.60
CA THR G 142 -101.21 52.71 -33.60
C THR G 142 -100.10 53.69 -33.27
N PHE G 143 -99.42 54.20 -34.29
CA PHE G 143 -98.31 55.14 -34.11
C PHE G 143 -98.62 56.53 -34.65
N HIS G 144 -99.87 56.79 -35.04
CA HIS G 144 -100.26 58.08 -35.60
C HIS G 144 -101.54 58.56 -34.95
N GLY G 145 -101.90 59.81 -35.24
CA GLY G 145 -103.06 60.43 -34.65
C GLY G 145 -102.82 60.85 -33.22
N PHE G 146 -103.84 60.68 -32.37
CA PHE G 146 -103.72 60.88 -30.93
C PHE G 146 -103.61 59.49 -30.32
N TYR G 147 -102.38 59.03 -30.12
CA TYR G 147 -102.16 57.62 -29.83
C TYR G 147 -101.60 57.43 -28.42
N LYS G 148 -101.61 56.17 -27.99
CA LYS G 148 -101.19 55.77 -26.66
C LYS G 148 -99.76 55.23 -26.68
N SER G 149 -99.04 55.49 -25.60
CA SER G 149 -97.71 54.95 -25.40
C SER G 149 -97.61 54.44 -23.97
N THR G 150 -96.78 53.41 -23.76
CA THR G 150 -96.60 52.83 -22.44
C THR G 150 -95.11 52.72 -22.14
N TYR G 151 -94.78 52.72 -20.85
CA TYR G 151 -93.40 52.56 -20.44
C TYR G 151 -93.34 51.75 -19.15
N ARG G 152 -92.21 51.08 -18.95
CA ARG G 152 -92.00 50.21 -17.81
C ARG G 152 -91.16 50.91 -16.75
N THR G 153 -91.64 50.91 -15.51
CA THR G 153 -90.85 51.42 -14.40
C THR G 153 -89.83 50.37 -13.96
N LYS G 154 -88.87 50.82 -13.15
CA LYS G 154 -87.86 49.90 -12.64
C LYS G 154 -88.41 48.91 -11.64
N GLU G 155 -89.66 49.09 -11.20
CA GLU G 155 -90.32 48.15 -10.31
C GLU G 155 -91.23 47.18 -11.06
N GLY G 156 -91.21 47.21 -12.39
CA GLY G 156 -92.03 46.33 -13.21
C GLY G 156 -93.42 46.84 -13.54
N GLU G 157 -93.85 47.96 -12.95
CA GLU G 157 -95.17 48.48 -13.23
C GLU G 157 -95.22 49.08 -14.63
N LEU G 158 -96.42 49.10 -15.21
CA LEU G 158 -96.66 49.65 -16.54
C LEU G 158 -97.40 50.97 -16.42
N ARG G 159 -96.90 52.00 -17.09
CA ARG G 159 -97.48 53.33 -17.04
C ARG G 159 -97.87 53.79 -18.44
N ILE G 160 -98.90 54.63 -18.50
CA ILE G 160 -99.56 55.02 -19.75
C ILE G 160 -99.41 56.52 -19.96
N LEU G 161 -99.21 56.92 -21.21
CA LEU G 161 -99.21 58.31 -21.62
C LEU G 161 -99.89 58.43 -22.99
N ALA G 162 -100.26 59.65 -23.35
CA ALA G 162 -100.90 59.92 -24.63
C ALA G 162 -100.07 60.94 -25.40
N SER G 163 -99.73 60.60 -26.64
CA SER G 163 -98.90 61.48 -27.46
C SER G 163 -99.60 61.72 -28.80
N THR G 164 -99.01 62.60 -29.60
CA THR G 164 -99.58 62.97 -30.89
C THR G 164 -98.58 62.74 -32.02
N GLN G 165 -99.12 62.52 -33.22
CA GLN G 165 -98.30 62.44 -34.43
C GLN G 165 -99.26 62.74 -35.59
N PHE G 166 -99.22 63.97 -36.10
CA PHE G 166 -100.23 64.45 -37.03
C PHE G 166 -99.75 64.51 -38.47
N GLU G 167 -98.45 64.61 -38.71
CA GLU G 167 -97.96 64.59 -40.09
C GLU G 167 -98.21 63.22 -40.69
N PRO G 168 -98.77 63.13 -41.91
CA PRO G 168 -99.20 64.30 -42.69
C PRO G 168 -100.69 64.64 -42.59
N THR G 169 -101.55 63.63 -42.47
CA THR G 169 -103.00 63.81 -42.50
C THR G 169 -103.66 63.19 -41.27
N ALA G 170 -103.02 63.29 -40.09
CA ALA G 170 -103.52 62.64 -38.90
C ALA G 170 -104.15 63.58 -37.87
N ALA G 171 -104.06 64.90 -38.08
CA ALA G 171 -104.72 65.83 -37.17
C ALA G 171 -106.23 65.64 -37.15
N ARG G 172 -106.80 65.20 -38.28
CA ARG G 172 -108.24 64.96 -38.38
C ARG G 172 -108.70 63.84 -37.47
N MET G 173 -107.80 62.95 -37.06
CA MET G 173 -108.14 61.87 -36.14
C MET G 173 -108.25 62.33 -34.69
N ALA G 174 -107.87 63.57 -34.40
CA ALA G 174 -107.91 64.12 -33.04
C ALA G 174 -108.79 65.35 -32.93
N PHE G 175 -108.81 66.20 -33.95
CA PHE G 175 -109.74 67.32 -33.95
C PHE G 175 -110.14 67.62 -35.39
N PRO G 176 -111.43 67.82 -35.65
CA PRO G 176 -111.86 68.15 -37.02
C PRO G 176 -111.36 69.52 -37.43
N CYS G 177 -110.86 69.61 -38.65
CA CYS G 177 -110.17 70.81 -39.10
C CYS G 177 -110.06 70.78 -40.61
N PHE G 178 -109.45 71.85 -41.17
CA PHE G 178 -109.11 71.87 -42.59
C PHE G 178 -107.69 71.33 -42.68
N ASP G 179 -107.59 69.99 -42.66
CA ASP G 179 -106.33 69.28 -42.46
C ASP G 179 -105.53 69.27 -43.76
N GLU G 180 -105.07 70.45 -44.16
CA GLU G 180 -104.16 70.61 -45.28
C GLU G 180 -103.10 71.63 -44.91
N PRO G 181 -101.87 71.50 -45.45
CA PRO G 181 -100.80 72.42 -45.06
C PRO G 181 -101.02 73.84 -45.54
N ALA G 182 -101.95 74.08 -46.46
CA ALA G 182 -102.15 75.43 -46.98
C ALA G 182 -103.05 76.26 -46.08
N PHE G 183 -103.96 75.64 -45.33
CA PHE G 183 -104.86 76.36 -44.44
C PHE G 183 -104.17 76.60 -43.11
N LYS G 184 -103.27 77.58 -43.11
CA LYS G 184 -102.57 77.94 -41.88
C LYS G 184 -103.46 78.78 -40.98
N ALA G 185 -103.23 78.66 -39.68
CA ALA G 185 -104.03 79.37 -38.68
C ALA G 185 -103.30 79.35 -37.35
N SER G 186 -103.83 80.11 -36.40
CA SER G 186 -103.37 80.09 -35.02
C SER G 186 -104.16 79.05 -34.24
N PHE G 187 -103.59 78.61 -33.11
CA PHE G 187 -104.18 77.54 -32.31
C PHE G 187 -104.11 77.89 -30.83
N SER G 188 -105.28 77.96 -30.20
CA SER G 188 -105.39 78.12 -28.75
C SER G 188 -105.81 76.78 -28.15
N ILE G 189 -104.90 76.16 -27.39
CA ILE G 189 -105.07 74.79 -26.92
C ILE G 189 -105.41 74.79 -25.43
N LYS G 190 -106.38 73.96 -25.07
CA LYS G 190 -106.75 73.70 -23.68
C LYS G 190 -106.88 72.20 -23.50
N ILE G 191 -106.18 71.65 -22.51
CA ILE G 191 -106.13 70.21 -22.28
C ILE G 191 -106.58 69.91 -20.85
N ARG G 192 -107.40 68.89 -20.69
CA ARG G 192 -107.87 68.47 -19.38
C ARG G 192 -107.18 67.19 -18.94
N ARG G 193 -106.79 67.15 -17.67
CA ARG G 193 -105.99 66.05 -17.17
C ARG G 193 -106.29 65.86 -15.69
N GLU G 194 -105.89 64.70 -15.16
CA GLU G 194 -105.87 64.50 -13.73
C GLU G 194 -104.72 65.30 -13.12
N PRO G 195 -104.78 65.57 -11.81
CA PRO G 195 -103.64 66.24 -11.17
C PRO G 195 -102.35 65.46 -11.31
N ARG G 196 -102.42 64.13 -11.28
CA ARG G 196 -101.23 63.29 -11.36
C ARG G 196 -100.49 63.42 -12.69
N HIS G 197 -101.06 64.12 -13.66
CA HIS G 197 -100.50 64.21 -15.00
C HIS G 197 -99.85 65.56 -15.23
N LEU G 198 -99.15 65.65 -16.36
CA LEU G 198 -98.43 66.82 -16.81
C LEU G 198 -98.69 66.97 -18.30
N ALA G 199 -99.13 68.16 -18.71
CA ALA G 199 -99.51 68.41 -20.09
C ALA G 199 -98.57 69.45 -20.70
N ILE G 200 -98.04 69.15 -21.88
CA ILE G 200 -97.21 70.08 -22.62
C ILE G 200 -97.70 70.13 -24.06
N SER G 201 -97.48 71.27 -24.71
CA SER G 201 -97.97 71.47 -26.07
C SER G 201 -96.99 72.39 -26.80
N ASN G 202 -97.47 73.02 -27.87
CA ASN G 202 -96.59 73.84 -28.71
C ASN G 202 -96.12 75.08 -27.96
N MET G 203 -97.03 75.75 -27.28
CA MET G 203 -96.75 77.00 -26.59
C MET G 203 -96.58 76.78 -25.10
N PRO G 204 -96.04 77.75 -24.37
CA PRO G 204 -95.95 77.62 -22.92
C PRO G 204 -97.33 77.55 -22.26
N LEU G 205 -97.34 77.00 -21.05
CA LEU G 205 -98.56 76.92 -20.26
C LEU G 205 -98.88 78.28 -19.67
N VAL G 206 -100.06 78.81 -19.99
CA VAL G 206 -100.46 80.13 -19.50
C VAL G 206 -101.13 80.02 -18.14
N LYS G 207 -102.07 79.09 -17.99
CA LYS G 207 -102.69 78.96 -16.66
C LYS G 207 -103.33 77.58 -16.50
N SER G 208 -103.60 77.23 -15.25
CA SER G 208 -104.25 75.97 -14.89
C SER G 208 -105.46 76.28 -14.01
N VAL G 209 -106.63 75.81 -14.41
CA VAL G 209 -107.89 76.09 -13.72
C VAL G 209 -108.49 74.76 -13.27
N THR G 210 -109.02 74.73 -12.05
CA THR G 210 -109.63 73.50 -11.51
C THR G 210 -111.09 73.42 -11.98
N VAL G 211 -111.25 73.09 -13.27
CA VAL G 211 -112.58 72.93 -13.83
C VAL G 211 -113.23 71.67 -13.27
N ALA G 212 -114.56 71.73 -13.11
CA ALA G 212 -115.32 70.63 -12.52
C ALA G 212 -114.72 70.27 -11.16
N GLU G 213 -114.57 68.97 -10.90
CA GLU G 213 -113.96 68.48 -9.67
C GLU G 213 -112.97 67.38 -9.98
N GLY G 214 -111.75 67.52 -9.45
CA GLY G 214 -110.76 66.48 -9.48
C GLY G 214 -109.88 66.45 -10.71
N LEU G 215 -110.14 67.30 -11.70
CA LEU G 215 -109.34 67.36 -12.92
C LEU G 215 -109.03 68.81 -13.28
N ILE G 216 -107.75 69.07 -13.61
CA ILE G 216 -107.28 70.41 -13.96
C ILE G 216 -107.35 70.61 -15.47
N GLU G 217 -107.53 71.87 -15.87
CA GLU G 217 -107.55 72.28 -17.27
C GLU G 217 -106.40 73.25 -17.50
N ASP G 218 -105.55 72.94 -18.48
CA ASP G 218 -104.39 73.74 -18.82
C ASP G 218 -104.70 74.56 -20.06
N HIS G 219 -104.63 75.88 -19.92
CA HIS G 219 -104.75 76.84 -21.02
C HIS G 219 -103.34 77.22 -21.46
N PHE G 220 -103.02 76.89 -22.71
CA PHE G 220 -101.73 77.23 -23.34
C PHE G 220 -101.87 78.50 -24.16
N ASP G 221 -100.73 79.15 -24.40
CA ASP G 221 -100.69 80.35 -25.22
C ASP G 221 -101.08 80.02 -26.66
N VAL G 222 -101.37 81.07 -27.43
CA VAL G 222 -101.80 80.92 -28.82
C VAL G 222 -100.57 80.79 -29.70
N THR G 223 -100.64 79.87 -30.67
CA THR G 223 -99.54 79.62 -31.58
C THR G 223 -99.52 80.70 -32.66
N VAL G 224 -98.53 80.61 -33.55
CA VAL G 224 -98.41 81.54 -34.67
C VAL G 224 -99.09 80.93 -35.88
N LYS G 225 -99.00 81.61 -37.03
CA LYS G 225 -99.53 81.05 -38.27
C LYS G 225 -98.75 79.78 -38.65
N MET G 226 -99.39 78.62 -38.49
CA MET G 226 -98.72 77.36 -38.76
C MET G 226 -99.73 76.37 -39.30
N SER G 227 -99.22 75.32 -39.93
CA SER G 227 -100.07 74.30 -40.50
C SER G 227 -100.63 73.41 -39.40
N THR G 228 -101.66 72.63 -39.75
CA THR G 228 -102.37 71.83 -38.75
C THR G 228 -101.57 70.61 -38.33
N TYR G 229 -100.72 70.08 -39.21
CA TYR G 229 -99.96 68.88 -38.84
C TYR G 229 -98.90 69.14 -37.79
N LEU G 230 -98.66 70.41 -37.44
CA LEU G 230 -97.66 70.75 -36.43
C LEU G 230 -98.25 70.86 -35.03
N VAL G 231 -99.55 70.69 -34.87
CA VAL G 231 -100.16 70.70 -33.55
C VAL G 231 -99.71 69.47 -32.78
N ALA G 232 -99.46 69.64 -31.48
CA ALA G 232 -99.01 68.53 -30.66
C ALA G 232 -99.33 68.81 -29.20
N PHE G 233 -99.54 67.74 -28.44
CA PHE G 233 -99.76 67.83 -27.01
C PHE G 233 -99.48 66.47 -26.40
N ILE G 234 -98.99 66.48 -25.17
CA ILE G 234 -98.55 65.28 -24.47
C ILE G 234 -99.08 65.33 -23.05
N ILE G 235 -99.71 64.24 -22.63
CA ILE G 235 -100.20 64.04 -21.26
C ILE G 235 -99.40 62.88 -20.70
N SER G 236 -98.58 63.14 -19.68
CA SER G 236 -97.72 62.09 -19.15
C SER G 236 -97.34 62.45 -17.71
N ASP G 237 -96.20 61.92 -17.25
CA ASP G 237 -95.60 62.34 -15.98
C ASP G 237 -94.09 62.48 -16.17
N PHE G 238 -93.69 63.12 -17.28
CA PHE G 238 -92.29 63.24 -17.62
C PHE G 238 -91.53 64.11 -16.62
N GLU G 239 -90.26 63.79 -16.43
CA GLU G 239 -89.32 64.73 -15.84
C GLU G 239 -88.63 65.49 -16.98
N SER G 240 -88.06 66.65 -16.64
CA SER G 240 -87.45 67.48 -17.67
C SER G 240 -86.21 68.19 -17.12
N VAL G 241 -85.33 68.56 -18.04
CA VAL G 241 -84.18 69.41 -17.78
C VAL G 241 -84.21 70.57 -18.76
N SER G 242 -83.84 71.72 -18.34
CA SER G 242 -83.96 72.95 -19.16
C SER G 242 -82.65 73.74 -19.19
N LYS G 243 -82.59 74.64 -20.10
CA LYS G 243 -81.43 75.50 -20.32
C LYS G 243 -81.87 76.67 -21.18
N ILE G 244 -81.13 77.77 -21.09
CA ILE G 244 -81.46 79.01 -21.80
C ILE G 244 -80.44 79.21 -22.93
N THR G 245 -80.91 79.67 -24.07
CA THR G 245 -80.04 80.07 -25.16
C THR G 245 -79.53 81.50 -24.92
N LYS G 246 -78.56 81.91 -25.73
CA LYS G 246 -78.11 83.29 -25.65
C LYS G 246 -79.16 84.27 -26.16
N SER G 247 -80.22 83.78 -26.81
CA SER G 247 -81.31 84.62 -27.29
C SER G 247 -82.54 84.59 -26.38
N GLY G 248 -82.49 83.84 -25.28
CA GLY G 248 -83.56 83.86 -24.30
C GLY G 248 -84.65 82.82 -24.48
N VAL G 249 -84.49 81.88 -25.40
CA VAL G 249 -85.48 80.84 -25.60
C VAL G 249 -85.31 79.77 -24.54
N LYS G 250 -86.43 79.29 -23.99
CA LYS G 250 -86.38 78.27 -22.94
C LYS G 250 -86.37 76.90 -23.59
N VAL G 251 -85.20 76.26 -23.61
CA VAL G 251 -85.03 74.93 -24.20
C VAL G 251 -85.10 73.88 -23.10
N SER G 252 -85.97 72.89 -23.29
CA SER G 252 -86.16 71.81 -22.32
C SER G 252 -86.20 70.47 -23.04
N VAL G 253 -85.87 69.42 -22.29
CA VAL G 253 -85.91 68.05 -22.79
C VAL G 253 -86.68 67.20 -21.79
N TYR G 254 -87.78 66.62 -22.25
CA TYR G 254 -88.64 65.76 -21.43
C TYR G 254 -88.38 64.30 -21.75
N ALA G 255 -88.47 63.46 -20.72
CA ALA G 255 -88.35 62.02 -20.86
C ALA G 255 -88.99 61.37 -19.64
N VAL G 256 -89.12 60.04 -19.72
CA VAL G 256 -89.68 59.25 -18.63
C VAL G 256 -88.80 59.41 -17.39
N PRO G 257 -89.35 59.28 -16.18
CA PRO G 257 -88.56 59.61 -14.98
C PRO G 257 -87.27 58.80 -14.84
N ASP G 258 -87.27 57.55 -15.27
CA ASP G 258 -86.10 56.70 -15.10
C ASP G 258 -85.03 56.92 -16.17
N LYS G 259 -85.29 57.73 -17.19
CA LYS G 259 -84.34 57.95 -18.27
C LYS G 259 -83.97 59.42 -18.45
N ILE G 260 -84.32 60.28 -17.49
CA ILE G 260 -84.05 61.71 -17.66
C ILE G 260 -82.56 62.01 -17.59
N ASN G 261 -81.78 61.15 -16.92
CA ASN G 261 -80.35 61.37 -16.78
C ASN G 261 -79.57 61.16 -18.07
N GLN G 262 -80.23 60.78 -19.17
CA GLN G 262 -79.57 60.60 -20.46
C GLN G 262 -79.84 61.75 -21.43
N ALA G 263 -80.38 62.87 -20.95
CA ALA G 263 -80.80 63.97 -21.80
C ALA G 263 -79.79 65.11 -21.87
N ASP G 264 -78.61 64.97 -21.25
CA ASP G 264 -77.67 66.08 -21.15
C ASP G 264 -77.12 66.46 -22.52
N TYR G 265 -76.60 65.48 -23.26
CA TYR G 265 -76.06 65.77 -24.58
C TYR G 265 -77.14 66.30 -25.52
N ALA G 266 -78.34 65.73 -25.42
CA ALA G 266 -79.46 66.20 -26.23
C ALA G 266 -79.74 67.67 -25.96
N LEU G 267 -79.84 68.04 -24.68
CA LEU G 267 -80.15 69.42 -24.34
C LEU G 267 -79.04 70.38 -24.78
N ASP G 268 -77.78 70.02 -24.53
CA ASP G 268 -76.66 70.88 -24.89
C ASP G 268 -76.59 71.08 -26.41
N ALA G 269 -76.65 69.98 -27.16
CA ALA G 269 -76.60 70.08 -28.62
C ALA G 269 -77.81 70.81 -29.18
N ALA G 270 -78.97 70.68 -28.53
CA ALA G 270 -80.16 71.41 -28.97
C ALA G 270 -79.96 72.91 -28.83
N VAL G 271 -79.45 73.34 -27.68
CA VAL G 271 -79.18 74.77 -27.48
C VAL G 271 -78.18 75.27 -28.51
N THR G 272 -77.09 74.51 -28.71
CA THR G 272 -76.05 74.91 -29.65
C THR G 272 -76.61 75.05 -31.06
N LEU G 273 -77.37 74.04 -31.52
CA LEU G 273 -77.88 74.04 -32.88
C LEU G 273 -78.95 75.11 -33.07
N LEU G 274 -79.77 75.36 -32.06
CA LEU G 274 -80.78 76.42 -32.18
C LEU G 274 -80.11 77.79 -32.32
N GLU G 275 -79.08 78.05 -31.50
CA GLU G 275 -78.33 79.30 -31.63
C GLU G 275 -77.69 79.41 -33.01
N PHE G 276 -77.09 78.31 -33.49
CA PHE G 276 -76.47 78.34 -34.81
C PHE G 276 -77.49 78.67 -35.89
N TYR G 277 -78.66 78.03 -35.84
CA TYR G 277 -79.67 78.25 -36.87
C TYR G 277 -80.20 79.68 -36.84
N GLU G 278 -80.46 80.21 -35.64
CA GLU G 278 -80.85 81.61 -35.53
C GLU G 278 -79.80 82.51 -36.20
N ASP G 279 -78.53 82.34 -35.83
CA ASP G 279 -77.48 83.20 -36.39
C ASP G 279 -77.35 83.03 -37.89
N TYR G 280 -77.41 81.79 -38.38
CA TYR G 280 -77.19 81.52 -39.79
C TYR G 280 -78.31 82.09 -40.65
N PHE G 281 -79.57 81.80 -40.28
CA PHE G 281 -80.68 82.29 -41.08
C PHE G 281 -80.98 83.77 -40.84
N SER G 282 -80.41 84.37 -39.79
CA SER G 282 -80.70 85.76 -39.45
C SER G 282 -82.19 85.97 -39.20
N ILE G 283 -82.85 84.92 -38.68
CA ILE G 283 -84.28 84.95 -38.38
C ILE G 283 -84.47 84.34 -37.00
N PRO G 284 -84.87 85.11 -36.00
CA PRO G 284 -84.98 84.58 -34.64
C PRO G 284 -86.06 83.51 -34.53
N TYR G 285 -85.87 82.64 -33.55
CA TYR G 285 -86.87 81.63 -33.22
C TYR G 285 -88.09 82.31 -32.63
N PRO G 286 -89.28 82.20 -33.25
CA PRO G 286 -90.42 83.04 -32.85
C PRO G 286 -91.05 82.64 -31.53
N LEU G 287 -90.97 81.36 -31.18
CA LEU G 287 -91.68 80.90 -30.01
C LEU G 287 -90.85 81.12 -28.75
N PRO G 288 -91.50 81.25 -27.58
CA PRO G 288 -90.73 81.46 -26.34
C PRO G 288 -89.93 80.24 -25.91
N LYS G 289 -90.45 79.03 -26.11
CA LYS G 289 -89.80 77.84 -25.62
C LYS G 289 -89.68 76.81 -26.73
N GLN G 290 -88.68 75.94 -26.60
CA GLN G 290 -88.46 74.80 -27.46
C GLN G 290 -88.31 73.56 -26.60
N ASP G 291 -89.11 72.54 -26.87
CA ASP G 291 -89.12 71.33 -26.07
C ASP G 291 -88.78 70.13 -26.95
N LEU G 292 -88.05 69.19 -26.36
CA LEU G 292 -87.65 67.96 -27.04
C LEU G 292 -88.08 66.79 -26.15
N ALA G 293 -89.12 66.08 -26.54
CA ALA G 293 -89.69 65.02 -25.72
C ALA G 293 -89.34 63.66 -26.30
N ALA G 294 -88.90 62.75 -25.43
CA ALA G 294 -88.53 61.39 -25.82
C ALA G 294 -89.73 60.49 -25.59
N ILE G 295 -90.39 60.10 -26.68
CA ILE G 295 -91.62 59.29 -26.62
C ILE G 295 -91.25 57.82 -26.63
N PRO G 296 -91.79 57.01 -25.71
CA PRO G 296 -91.45 55.58 -25.70
C PRO G 296 -91.93 54.83 -26.93
N ASP G 297 -93.06 55.21 -27.50
CA ASP G 297 -93.62 54.57 -28.69
C ASP G 297 -93.65 55.59 -29.81
N PHE G 298 -92.76 55.44 -30.78
CA PHE G 298 -92.68 56.39 -31.90
C PHE G 298 -92.37 55.65 -33.18
N GLN G 299 -93.01 56.08 -34.27
CA GLN G 299 -92.82 55.47 -35.59
C GLN G 299 -91.66 56.09 -36.34
N SER G 300 -91.68 57.42 -36.51
CA SER G 300 -90.59 58.10 -37.21
C SER G 300 -89.35 58.12 -36.32
N GLY G 301 -88.27 58.68 -36.85
CA GLY G 301 -87.15 59.03 -36.00
C GLY G 301 -87.50 60.17 -35.06
N ALA G 302 -88.19 61.17 -35.56
CA ALA G 302 -88.58 62.34 -34.77
C ALA G 302 -89.73 63.04 -35.48
N MET G 303 -90.14 64.17 -34.92
CA MET G 303 -91.19 64.99 -35.51
C MET G 303 -90.93 66.44 -35.13
N GLU G 304 -91.26 67.35 -36.05
CA GLU G 304 -90.86 68.75 -35.97
C GLU G 304 -91.97 69.66 -35.44
N ASN G 305 -92.82 69.15 -34.54
CA ASN G 305 -93.91 69.96 -34.01
C ASN G 305 -93.36 71.25 -33.42
N TRP G 306 -93.89 72.39 -33.89
CA TRP G 306 -93.36 73.70 -33.54
C TRP G 306 -93.42 73.92 -32.03
N GLY G 307 -92.26 74.00 -31.39
CA GLY G 307 -92.18 74.17 -29.96
C GLY G 307 -92.24 72.91 -29.14
N LEU G 308 -92.46 71.76 -29.78
CA LEU G 308 -92.56 70.48 -29.08
C LEU G 308 -92.13 69.36 -30.04
N THR G 309 -90.83 69.31 -30.32
CA THR G 309 -90.31 68.21 -31.13
C THR G 309 -90.38 66.92 -30.33
N THR G 310 -90.75 65.84 -31.00
CA THR G 310 -90.85 64.52 -30.39
C THR G 310 -89.83 63.59 -31.04
N TYR G 311 -89.34 62.63 -30.27
CA TYR G 311 -88.24 61.78 -30.71
C TYR G 311 -88.47 60.35 -30.25
N ARG G 312 -87.73 59.44 -30.87
CA ARG G 312 -87.52 58.14 -30.28
C ARG G 312 -86.53 58.27 -29.14
N GLU G 313 -86.75 57.49 -28.08
CA GLU G 313 -85.80 57.47 -26.98
C GLU G 313 -84.40 57.11 -27.48
N SER G 314 -84.34 56.16 -28.43
CA SER G 314 -83.07 55.79 -29.04
C SER G 314 -82.45 56.94 -29.81
N ALA G 315 -83.28 57.83 -30.36
CA ALA G 315 -82.80 58.92 -31.20
C ALA G 315 -82.55 60.21 -30.42
N LEU G 316 -82.85 60.24 -29.12
CA LEU G 316 -82.61 61.43 -28.34
C LEU G 316 -81.75 61.23 -27.10
N LEU G 317 -81.83 60.07 -26.43
CA LEU G 317 -81.18 59.88 -25.15
C LEU G 317 -79.78 59.28 -25.35
N PHE G 318 -78.83 59.75 -24.55
CA PHE G 318 -77.43 59.35 -24.68
C PHE G 318 -76.88 58.92 -23.32
N ASP G 319 -76.39 57.69 -23.25
CA ASP G 319 -75.78 57.14 -22.04
C ASP G 319 -74.28 56.98 -22.30
N ALA G 320 -73.46 57.70 -21.53
CA ALA G 320 -72.02 57.66 -21.75
C ALA G 320 -71.43 56.27 -21.56
N GLU G 321 -72.08 55.42 -20.75
CA GLU G 321 -71.52 54.12 -20.42
C GLU G 321 -71.83 53.05 -21.44
N LYS G 322 -72.92 53.18 -22.20
CA LYS G 322 -73.38 52.11 -23.08
C LYS G 322 -73.71 52.56 -24.50
N SER G 323 -73.96 53.83 -24.75
CA SER G 323 -74.31 54.29 -26.09
C SER G 323 -73.07 54.33 -26.97
N SER G 324 -73.27 54.06 -28.26
CA SER G 324 -72.18 54.02 -29.22
C SER G 324 -71.94 55.39 -29.85
N ALA G 325 -70.74 55.55 -30.42
CA ALA G 325 -70.43 56.78 -31.15
C ALA G 325 -71.37 56.97 -32.33
N SER G 326 -71.77 55.87 -32.98
CA SER G 326 -72.81 55.95 -34.00
C SER G 326 -74.07 56.57 -33.43
N SER G 327 -74.47 56.14 -32.23
CA SER G 327 -75.68 56.69 -31.60
C SER G 327 -75.52 58.16 -31.29
N LYS G 328 -74.34 58.58 -30.82
CA LYS G 328 -74.12 59.99 -30.50
C LYS G 328 -74.20 60.85 -31.77
N LEU G 329 -73.56 60.40 -32.84
CA LEU G 329 -73.65 61.10 -34.11
C LEU G 329 -75.10 61.17 -34.59
N GLY G 330 -75.85 60.08 -34.43
CA GLY G 330 -77.24 60.08 -34.85
C GLY G 330 -78.09 61.06 -34.07
N ILE G 331 -77.88 61.12 -32.75
CA ILE G 331 -78.59 62.09 -31.92
C ILE G 331 -78.31 63.50 -32.39
N THR G 332 -77.03 63.82 -32.63
CA THR G 332 -76.69 65.15 -33.10
C THR G 332 -77.38 65.47 -34.42
N MET G 333 -77.31 64.54 -35.38
CA MET G 333 -77.89 64.78 -36.69
C MET G 333 -79.41 64.92 -36.61
N THR G 334 -80.06 64.15 -35.73
CA THR G 334 -81.52 64.20 -35.61
C THR G 334 -81.96 65.53 -34.99
N VAL G 335 -81.30 65.95 -33.93
CA VAL G 335 -81.63 67.24 -33.32
C VAL G 335 -81.42 68.37 -34.33
N ALA G 336 -80.34 68.30 -35.11
CA ALA G 336 -80.11 69.30 -36.15
C ALA G 336 -81.22 69.27 -37.18
N HIS G 337 -81.67 68.07 -37.55
CA HIS G 337 -82.75 67.94 -38.53
C HIS G 337 -84.01 68.64 -38.04
N GLU G 338 -84.41 68.38 -36.80
CA GLU G 338 -85.66 68.96 -36.31
C GLU G 338 -85.54 70.47 -36.11
N LEU G 339 -84.40 70.94 -35.59
CA LEU G 339 -84.24 72.37 -35.43
C LEU G 339 -84.14 73.09 -36.77
N ALA G 340 -83.65 72.41 -37.81
CA ALA G 340 -83.70 72.98 -39.15
C ALA G 340 -85.13 73.02 -39.67
N HIS G 341 -85.90 71.98 -39.36
CA HIS G 341 -87.31 71.97 -39.73
C HIS G 341 -88.06 73.14 -39.11
N GLN G 342 -87.60 73.58 -37.93
CA GLN G 342 -88.22 74.75 -37.29
C GLN G 342 -88.29 75.95 -38.23
N TRP G 343 -87.37 76.05 -39.19
CA TRP G 343 -87.41 77.08 -40.22
C TRP G 343 -87.91 76.56 -41.56
N PHE G 344 -87.31 75.48 -42.06
CA PHE G 344 -87.72 74.88 -43.33
C PHE G 344 -88.82 73.88 -43.02
N GLY G 345 -90.06 74.37 -43.01
CA GLY G 345 -91.19 73.52 -42.71
C GLY G 345 -92.26 74.17 -41.87
N ASN G 346 -91.83 74.88 -40.82
CA ASN G 346 -92.76 75.53 -39.89
C ASN G 346 -93.01 76.99 -40.25
N LEU G 347 -91.94 77.80 -40.31
CA LEU G 347 -92.07 79.18 -40.78
C LEU G 347 -92.50 79.22 -42.24
N VAL G 348 -91.76 78.52 -43.08
CA VAL G 348 -92.06 78.39 -44.51
C VAL G 348 -92.39 76.93 -44.76
N THR G 349 -93.65 76.67 -45.11
CA THR G 349 -94.15 75.33 -45.35
C THR G 349 -94.45 75.18 -46.84
N MET G 350 -94.26 73.97 -47.35
CA MET G 350 -94.72 73.70 -48.71
C MET G 350 -96.23 73.86 -48.77
N GLU G 351 -96.74 74.14 -49.97
CA GLU G 351 -98.18 74.35 -50.09
C GLU G 351 -98.94 73.04 -50.22
N TRP G 352 -98.38 72.08 -50.95
CA TRP G 352 -99.00 70.77 -51.08
C TRP G 352 -97.92 69.71 -50.99
N TRP G 353 -98.33 68.50 -50.59
CA TRP G 353 -97.41 67.41 -50.28
C TRP G 353 -96.61 66.92 -51.48
N ASN G 354 -96.88 67.46 -52.68
CA ASN G 354 -96.04 67.11 -53.83
C ASN G 354 -94.66 67.73 -53.70
N ASP G 355 -94.55 68.86 -53.01
CA ASP G 355 -93.27 69.52 -52.75
C ASP G 355 -92.77 69.30 -51.32
N LEU G 356 -93.04 68.12 -50.77
CA LEU G 356 -92.54 67.76 -49.45
C LEU G 356 -91.01 67.84 -49.38
N TRP G 357 -90.33 67.74 -50.52
CA TRP G 357 -88.88 67.83 -50.51
C TRP G 357 -88.41 69.22 -50.06
N LEU G 358 -89.16 70.28 -50.40
CA LEU G 358 -88.81 71.62 -49.96
C LEU G 358 -88.66 71.71 -48.45
N ASN G 359 -89.30 70.81 -47.71
CA ASN G 359 -89.07 70.68 -46.27
C ASN G 359 -87.96 69.68 -45.99
N GLU G 360 -88.13 68.44 -46.47
CA GLU G 360 -87.31 67.34 -45.97
C GLU G 360 -85.89 67.37 -46.52
N GLY G 361 -85.71 67.60 -47.83
CA GLY G 361 -84.36 67.67 -48.36
C GLY G 361 -83.58 68.83 -47.78
N PHE G 362 -84.23 69.98 -47.62
CA PHE G 362 -83.56 71.12 -46.99
C PHE G 362 -83.19 70.82 -45.55
N ALA G 363 -84.05 70.14 -44.81
CA ALA G 363 -83.71 69.79 -43.42
C ALA G 363 -82.55 68.79 -43.38
N LYS G 364 -82.60 67.77 -44.23
CA LYS G 364 -81.53 66.78 -44.27
C LYS G 364 -80.20 67.40 -44.67
N PHE G 365 -80.24 68.46 -45.50
CA PHE G 365 -79.01 69.15 -45.88
C PHE G 365 -78.54 70.10 -44.78
N MET G 366 -79.47 70.77 -44.11
CA MET G 366 -79.09 71.63 -43.00
C MET G 366 -78.49 70.82 -41.85
N GLU G 367 -78.86 69.54 -41.75
CA GLU G 367 -78.13 68.63 -40.86
C GLU G 367 -76.63 68.78 -41.06
N PHE G 368 -76.17 68.54 -42.28
CA PHE G 368 -74.75 68.65 -42.59
C PHE G 368 -74.24 70.08 -42.40
N VAL G 369 -74.95 71.04 -43.00
CA VAL G 369 -74.49 72.44 -42.98
C VAL G 369 -74.29 72.93 -41.55
N SER G 370 -75.13 72.47 -40.63
CA SER G 370 -75.10 72.93 -39.24
C SER G 370 -74.12 72.13 -38.39
N VAL G 371 -74.15 70.80 -38.49
CA VAL G 371 -73.32 69.98 -37.63
C VAL G 371 -71.84 70.12 -38.00
N SER G 372 -71.53 70.22 -39.29
CA SER G 372 -70.14 70.42 -39.69
C SER G 372 -69.53 71.68 -39.11
N VAL G 373 -70.34 72.58 -38.57
CA VAL G 373 -69.87 73.79 -37.91
C VAL G 373 -69.96 73.68 -36.38
N THR G 374 -71.09 73.18 -35.88
CA THR G 374 -71.33 73.19 -34.43
C THR G 374 -70.56 72.07 -33.74
N HIS G 375 -70.45 70.90 -34.36
CA HIS G 375 -69.75 69.75 -33.79
C HIS G 375 -68.71 69.28 -34.80
N PRO G 376 -67.65 70.06 -35.01
CA PRO G 376 -66.67 69.69 -36.04
C PRO G 376 -65.85 68.45 -35.70
N GLU G 377 -65.82 68.04 -34.42
CA GLU G 377 -65.14 66.80 -34.08
C GLU G 377 -65.82 65.58 -34.67
N LEU G 378 -67.08 65.72 -35.13
CA LEU G 378 -67.78 64.60 -35.77
C LEU G 378 -67.34 64.42 -37.21
N LYS G 379 -67.08 65.51 -37.92
CA LYS G 379 -66.67 65.49 -39.33
C LYS G 379 -67.69 64.73 -40.19
N VAL G 380 -68.92 65.28 -40.22
CA VAL G 380 -70.02 64.64 -40.93
C VAL G 380 -69.83 64.64 -42.44
N GLY G 381 -68.92 65.46 -42.95
CA GLY G 381 -68.57 65.41 -44.37
C GLY G 381 -67.96 64.10 -44.80
N ASP G 382 -67.46 63.31 -43.84
CA ASP G 382 -66.94 61.99 -44.17
C ASP G 382 -68.06 61.02 -44.52
N TYR G 383 -69.17 61.08 -43.79
CA TYR G 383 -70.23 60.08 -43.93
C TYR G 383 -71.47 60.58 -44.67
N PHE G 384 -71.51 61.85 -45.08
CA PHE G 384 -72.75 62.38 -45.65
C PHE G 384 -73.19 61.66 -46.92
N PHE G 385 -72.27 61.46 -47.87
CA PHE G 385 -72.62 61.12 -49.25
C PHE G 385 -73.06 59.66 -49.44
N GLY G 386 -72.95 58.83 -48.40
CA GLY G 386 -73.65 57.56 -48.44
C GLY G 386 -75.13 57.71 -48.72
N LYS G 387 -75.71 58.84 -48.28
CA LYS G 387 -77.08 59.18 -48.64
C LYS G 387 -77.25 59.24 -50.15
N CYS G 388 -76.39 60.00 -50.83
CA CYS G 388 -76.49 60.11 -52.28
C CYS G 388 -76.34 58.76 -52.94
N PHE G 389 -75.40 57.94 -52.48
CA PHE G 389 -75.18 56.64 -53.10
C PHE G 389 -76.39 55.73 -52.95
N ASP G 390 -76.89 55.58 -51.71
CA ASP G 390 -78.06 54.74 -51.50
C ASP G 390 -79.30 55.30 -52.19
N ALA G 391 -79.37 56.62 -52.34
CA ALA G 391 -80.48 57.21 -53.09
C ALA G 391 -80.39 56.87 -54.57
N MET G 392 -79.18 56.90 -55.14
CA MET G 392 -78.99 56.48 -56.52
C MET G 392 -79.40 55.02 -56.70
N GLU G 393 -79.15 54.20 -55.69
CA GLU G 393 -79.51 52.79 -55.76
C GLU G 393 -80.97 52.59 -56.17
N VAL G 394 -81.86 53.49 -55.75
CA VAL G 394 -83.29 53.34 -56.07
C VAL G 394 -83.68 54.29 -57.19
N ASP G 395 -83.05 55.47 -57.27
CA ASP G 395 -83.41 56.43 -58.30
C ASP G 395 -82.97 55.95 -59.68
N ALA G 396 -82.01 55.03 -59.75
CA ALA G 396 -81.68 54.41 -61.02
C ALA G 396 -82.80 53.51 -61.53
N LEU G 397 -83.84 53.29 -60.73
CA LEU G 397 -84.91 52.42 -61.15
C LEU G 397 -85.90 53.16 -62.05
N ASN G 398 -86.59 52.37 -62.87
CA ASN G 398 -87.59 52.89 -63.78
C ASN G 398 -88.86 53.30 -63.04
N SER G 399 -89.15 52.65 -61.91
CA SER G 399 -90.30 53.01 -61.08
C SER G 399 -90.05 54.22 -60.19
N SER G 400 -88.86 54.81 -60.24
CA SER G 400 -88.57 56.02 -59.47
C SER G 400 -89.44 57.18 -59.97
N HIS G 401 -89.55 58.20 -59.14
CA HIS G 401 -90.34 59.37 -59.45
C HIS G 401 -89.47 60.62 -59.34
N PRO G 402 -89.88 61.71 -59.98
CA PRO G 402 -89.16 62.98 -59.81
C PRO G 402 -89.28 63.48 -58.38
N VAL G 403 -88.38 64.41 -58.03
CA VAL G 403 -88.36 64.95 -56.67
C VAL G 403 -89.69 65.60 -56.34
N SER G 404 -90.31 66.25 -57.31
CA SER G 404 -91.64 66.86 -57.16
C SER G 404 -92.60 66.17 -58.10
N THR G 405 -93.58 65.45 -57.55
CA THR G 405 -94.52 64.67 -58.33
C THR G 405 -95.88 64.71 -57.64
N PRO G 406 -96.97 64.71 -58.39
CA PRO G 406 -98.29 64.89 -57.79
C PRO G 406 -98.72 63.71 -56.92
N VAL G 407 -99.38 64.01 -55.81
CA VAL G 407 -99.96 63.02 -54.91
C VAL G 407 -101.29 63.57 -54.41
N GLU G 408 -102.22 62.66 -54.10
CA GLU G 408 -103.53 63.11 -53.64
C GLU G 408 -103.95 62.44 -52.33
N ASN G 409 -104.06 61.11 -52.33
CA ASN G 409 -104.57 60.43 -51.16
C ASN G 409 -103.48 60.25 -50.10
N PRO G 410 -103.90 59.99 -48.84
CA PRO G 410 -102.93 59.88 -47.75
C PRO G 410 -101.87 58.81 -47.97
N ALA G 411 -102.20 57.69 -48.64
CA ALA G 411 -101.20 56.67 -48.91
C ALA G 411 -100.08 57.22 -49.78
N GLN G 412 -100.44 57.93 -50.85
CA GLN G 412 -99.44 58.56 -51.70
C GLN G 412 -98.63 59.59 -50.93
N ILE G 413 -99.31 60.37 -50.08
CA ILE G 413 -98.62 61.40 -49.31
C ILE G 413 -97.60 60.77 -48.36
N ARG G 414 -97.98 59.68 -47.70
CA ARG G 414 -97.03 58.95 -46.85
C ARG G 414 -95.89 58.38 -47.67
N GLU G 415 -96.19 57.89 -48.88
CA GLU G 415 -95.14 57.35 -49.74
C GLU G 415 -94.13 58.42 -50.12
N MET G 416 -94.55 59.68 -50.14
CA MET G 416 -93.63 60.76 -50.50
C MET G 416 -92.45 60.89 -49.55
N PHE G 417 -92.55 60.39 -48.32
CA PHE G 417 -91.44 60.44 -47.36
C PHE G 417 -90.46 59.30 -47.65
N ASP G 418 -89.80 59.38 -48.81
CA ASP G 418 -88.91 58.32 -49.23
C ASP G 418 -87.47 58.83 -49.40
N ASP G 419 -86.61 57.93 -49.91
CA ASP G 419 -85.20 58.26 -50.11
C ASP G 419 -85.02 59.44 -51.07
N VAL G 420 -85.91 59.59 -52.04
CA VAL G 420 -85.80 60.70 -52.99
C VAL G 420 -85.89 62.02 -52.24
N SER G 421 -87.02 62.26 -51.57
CA SER G 421 -87.29 63.55 -50.96
C SER G 421 -86.25 63.94 -49.93
N TYR G 422 -85.65 62.97 -49.25
CA TYR G 422 -84.62 63.25 -48.25
C TYR G 422 -83.25 63.30 -48.92
N ASP G 423 -82.73 62.14 -49.31
CA ASP G 423 -81.36 62.03 -49.79
C ASP G 423 -81.16 62.77 -51.11
N LYS G 424 -82.01 62.48 -52.11
CA LYS G 424 -81.80 63.09 -53.42
C LYS G 424 -82.00 64.60 -53.38
N GLY G 425 -82.99 65.05 -52.61
CA GLY G 425 -83.17 66.49 -52.43
C GLY G 425 -81.95 67.14 -51.80
N ALA G 426 -81.42 66.53 -50.73
CA ALA G 426 -80.24 67.08 -50.09
C ALA G 426 -79.02 67.03 -51.01
N CYS G 427 -78.92 66.00 -51.84
CA CYS G 427 -77.75 65.89 -52.72
C CYS G 427 -77.79 66.90 -53.86
N ILE G 428 -78.98 67.13 -54.44
CA ILE G 428 -79.06 68.16 -55.47
C ILE G 428 -78.92 69.55 -54.84
N LEU G 429 -79.35 69.73 -53.59
CA LEU G 429 -79.11 70.99 -52.91
C LEU G 429 -77.64 71.21 -52.64
N ASN G 430 -76.91 70.16 -52.24
CA ASN G 430 -75.46 70.25 -52.12
C ASN G 430 -74.81 70.59 -53.44
N MET G 431 -75.25 69.94 -54.52
CA MET G 431 -74.71 70.23 -55.84
C MET G 431 -74.94 71.69 -56.23
N LEU G 432 -76.14 72.21 -55.96
CA LEU G 432 -76.44 73.60 -56.28
C LEU G 432 -75.63 74.56 -55.43
N ARG G 433 -75.50 74.27 -54.12
CA ARG G 433 -74.72 75.14 -53.25
C ARG G 433 -73.24 75.14 -53.62
N GLU G 434 -72.73 74.00 -54.12
CA GLU G 434 -71.34 73.94 -54.55
C GLU G 434 -71.15 74.57 -55.93
N TYR G 435 -72.22 74.57 -56.75
CA TYR G 435 -72.17 75.24 -58.05
C TYR G 435 -72.16 76.75 -57.88
N LEU G 436 -73.12 77.29 -57.15
CA LEU G 436 -73.08 78.69 -56.74
C LEU G 436 -72.01 78.86 -55.65
N SER G 437 -71.84 80.10 -55.19
CA SER G 437 -71.04 80.31 -54.00
C SER G 437 -71.83 79.88 -52.77
N ALA G 438 -71.10 79.42 -51.74
CA ALA G 438 -71.75 79.13 -50.48
C ALA G 438 -72.43 80.37 -49.91
N ASP G 439 -71.79 81.53 -50.09
CA ASP G 439 -72.40 82.79 -49.65
C ASP G 439 -73.64 83.11 -50.48
N ALA G 440 -73.59 82.82 -51.79
CA ALA G 440 -74.76 83.04 -52.63
C ALA G 440 -75.91 82.12 -52.23
N PHE G 441 -75.61 80.86 -51.91
CA PHE G 441 -76.65 79.95 -51.43
C PHE G 441 -77.24 80.43 -50.11
N LYS G 442 -76.40 80.92 -49.19
CA LYS G 442 -76.92 81.46 -47.93
C LYS G 442 -77.83 82.64 -48.19
N SER G 443 -77.41 83.56 -49.05
CA SER G 443 -78.24 84.72 -49.38
C SER G 443 -79.56 84.27 -49.99
N GLY G 444 -79.53 83.28 -50.87
CA GLY G 444 -80.76 82.78 -51.47
C GLY G 444 -81.72 82.22 -50.44
N ILE G 445 -81.22 81.37 -49.54
CA ILE G 445 -82.12 80.75 -48.57
C ILE G 445 -82.63 81.78 -47.56
N VAL G 446 -81.80 82.77 -47.20
CA VAL G 446 -82.25 83.80 -46.27
C VAL G 446 -83.34 84.66 -46.91
N GLN G 447 -83.13 85.09 -48.15
CA GLN G 447 -84.16 85.86 -48.85
C GLN G 447 -85.44 85.05 -49.01
N TYR G 448 -85.31 83.76 -49.33
CA TYR G 448 -86.47 82.88 -49.44
C TYR G 448 -87.26 82.84 -48.13
N LEU G 449 -86.58 82.54 -47.02
CA LEU G 449 -87.25 82.40 -45.73
C LEU G 449 -87.88 83.71 -45.29
N GLN G 450 -87.18 84.83 -45.46
CA GLN G 450 -87.72 86.11 -45.03
C GLN G 450 -88.92 86.53 -45.88
N LYS G 451 -88.86 86.29 -47.19
CA LYS G 451 -89.98 86.68 -48.03
C LYS G 451 -91.21 85.81 -47.79
N HIS G 452 -91.00 84.52 -47.46
CA HIS G 452 -92.12 83.59 -47.33
C HIS G 452 -92.36 83.14 -45.90
N SER G 453 -91.87 83.89 -44.91
CA SER G 453 -92.12 83.54 -43.51
C SER G 453 -93.61 83.40 -43.22
N TYR G 454 -93.95 82.40 -42.40
CA TYR G 454 -95.32 82.14 -41.97
C TYR G 454 -96.22 81.87 -43.17
N LYS G 455 -95.64 81.33 -44.24
CA LYS G 455 -96.41 81.12 -45.46
C LYS G 455 -96.10 79.75 -46.04
N ASN G 456 -96.65 79.54 -47.25
CA ASN G 456 -96.47 78.33 -48.04
C ASN G 456 -95.83 78.68 -49.37
N THR G 457 -95.03 77.76 -49.89
CA THR G 457 -94.27 77.97 -51.11
C THR G 457 -94.42 76.78 -52.05
N LYS G 458 -94.29 77.04 -53.35
CA LYS G 458 -94.21 76.01 -54.35
C LYS G 458 -92.76 75.86 -54.83
N ASN G 459 -92.56 74.94 -55.78
CA ASN G 459 -91.22 74.62 -56.26
C ASN G 459 -90.54 75.82 -56.92
N GLU G 460 -91.33 76.74 -57.50
CA GLU G 460 -90.77 77.82 -58.30
C GLU G 460 -90.25 78.98 -57.46
N ASP G 461 -90.82 79.18 -56.26
CA ASP G 461 -90.41 80.31 -55.42
C ASP G 461 -88.96 80.17 -54.99
N LEU G 462 -88.51 78.93 -54.73
CA LEU G 462 -87.12 78.70 -54.36
C LEU G 462 -86.19 79.08 -55.51
N TRP G 463 -86.53 78.69 -56.73
CA TRP G 463 -85.67 79.02 -57.87
C TRP G 463 -85.68 80.51 -58.16
N ASP G 464 -86.81 81.18 -57.96
CA ASP G 464 -86.82 82.63 -58.11
C ASP G 464 -85.89 83.29 -57.09
N SER G 465 -86.00 82.86 -55.82
CA SER G 465 -85.16 83.44 -54.78
C SER G 465 -83.68 83.11 -55.01
N MET G 466 -83.39 81.98 -55.62
CA MET G 466 -82.00 81.62 -55.89
C MET G 466 -81.44 82.36 -57.10
N ALA G 467 -82.25 82.57 -58.14
CA ALA G 467 -81.79 83.30 -59.30
C ALA G 467 -81.67 84.80 -59.04
N SER G 468 -82.42 85.32 -58.06
CA SER G 468 -82.23 86.70 -57.66
C SER G 468 -80.89 86.93 -56.98
N ILE G 469 -80.17 85.87 -56.62
CA ILE G 469 -78.86 85.97 -56.02
C ILE G 469 -77.77 85.48 -56.98
N GLY G 470 -78.06 84.45 -57.76
CA GLY G 470 -77.14 83.98 -58.78
C GLY G 470 -77.26 84.84 -60.01
N GLY G 471 -76.38 85.83 -60.12
CA GLY G 471 -76.50 86.82 -61.19
C GLY G 471 -75.27 86.93 -62.04
N GLY G 472 -74.43 85.89 -62.04
CA GLY G 472 -73.28 85.84 -62.92
C GLY G 472 -73.59 85.09 -64.20
N GLY G 473 -74.85 85.19 -64.65
CA GLY G 473 -75.30 84.41 -65.78
C GLY G 473 -75.84 83.04 -65.39
N VAL G 474 -76.48 82.93 -64.24
CA VAL G 474 -76.89 81.64 -63.68
C VAL G 474 -78.42 81.61 -63.64
N ASP G 475 -79.02 80.86 -64.56
CA ASP G 475 -80.45 80.61 -64.56
C ASP G 475 -80.69 79.34 -63.76
N VAL G 476 -80.85 79.51 -62.44
CA VAL G 476 -81.04 78.36 -61.56
C VAL G 476 -82.31 77.59 -61.92
N LYS G 477 -83.29 78.28 -62.52
CA LYS G 477 -84.61 77.68 -62.71
C LYS G 477 -84.55 76.48 -63.65
N THR G 478 -83.96 76.66 -64.83
CA THR G 478 -83.95 75.57 -65.81
C THR G 478 -83.18 74.36 -65.30
N MET G 479 -81.99 74.60 -64.75
CA MET G 479 -81.17 73.50 -64.23
C MET G 479 -81.90 72.76 -63.11
N MET G 480 -82.38 73.49 -62.11
CA MET G 480 -83.03 72.80 -61.00
C MET G 480 -84.36 72.20 -61.40
N ASN G 481 -85.01 72.70 -62.45
CA ASN G 481 -86.17 72.01 -62.98
C ASN G 481 -85.78 70.69 -63.63
N THR G 482 -84.66 70.66 -64.37
CA THR G 482 -84.18 69.40 -64.88
C THR G 482 -83.82 68.44 -63.75
N TRP G 483 -83.42 68.97 -62.60
CA TRP G 483 -83.04 68.07 -61.50
C TRP G 483 -84.21 67.64 -60.62
N THR G 484 -85.29 68.42 -60.54
CA THR G 484 -86.40 68.09 -59.66
C THR G 484 -87.67 67.64 -60.39
N LEU G 485 -87.79 67.88 -61.69
CA LEU G 485 -89.01 67.61 -62.44
C LEU G 485 -88.92 66.41 -63.35
N GLN G 486 -87.79 65.70 -63.37
CA GLN G 486 -87.69 64.45 -64.10
C GLN G 486 -86.92 63.46 -63.24
N LYS G 487 -87.32 62.19 -63.32
CA LYS G 487 -86.73 61.17 -62.46
C LYS G 487 -85.32 60.83 -62.91
N GLY G 488 -84.63 60.04 -62.08
CA GLY G 488 -83.34 59.52 -62.43
C GLY G 488 -82.22 60.53 -62.31
N PHE G 489 -81.04 60.10 -62.76
CA PHE G 489 -79.83 60.89 -62.70
C PHE G 489 -78.95 60.50 -63.88
N PRO G 490 -78.02 61.35 -64.27
CA PRO G 490 -77.23 61.07 -65.49
C PRO G 490 -75.95 60.29 -65.28
N LEU G 491 -75.63 59.51 -66.31
CA LEU G 491 -74.32 58.93 -66.53
C LEU G 491 -73.54 59.83 -67.48
N ILE G 492 -72.34 60.22 -67.07
CA ILE G 492 -71.46 61.09 -67.84
C ILE G 492 -70.27 60.26 -68.32
N THR G 493 -70.19 60.06 -69.64
CA THR G 493 -69.07 59.36 -70.26
C THR G 493 -68.01 60.38 -70.66
N ILE G 494 -66.76 60.08 -70.31
CA ILE G 494 -65.63 61.00 -70.51
C ILE G 494 -64.61 60.31 -71.41
N THR G 495 -64.33 60.93 -72.55
CA THR G 495 -63.31 60.44 -73.49
C THR G 495 -62.19 61.47 -73.60
N VAL G 496 -60.95 61.01 -73.55
CA VAL G 496 -59.79 61.90 -73.61
C VAL G 496 -58.93 61.55 -74.82
N ARG G 497 -58.63 62.56 -75.64
CA ARG G 497 -57.76 62.41 -76.81
C ARG G 497 -56.64 63.42 -76.60
N GLY G 498 -55.67 63.06 -75.75
CA GLY G 498 -54.59 63.96 -75.41
C GLY G 498 -55.03 65.11 -74.53
N ARG G 499 -55.28 66.26 -75.13
CA ARG G 499 -55.71 67.46 -74.42
C ARG G 499 -57.19 67.77 -74.59
N ASN G 500 -57.90 66.96 -75.37
CA ASN G 500 -59.33 67.15 -75.59
C ASN G 500 -60.13 66.20 -74.71
N VAL G 501 -61.16 66.73 -74.05
CA VAL G 501 -62.01 65.96 -73.15
C VAL G 501 -63.44 66.09 -73.65
N HIS G 502 -63.98 64.98 -74.16
CA HIS G 502 -65.37 64.90 -74.62
C HIS G 502 -66.24 64.38 -73.50
N MET G 503 -67.39 65.02 -73.30
CA MET G 503 -68.35 64.66 -72.26
C MET G 503 -69.69 64.35 -72.92
N LYS G 504 -70.28 63.22 -72.55
CA LYS G 504 -71.58 62.81 -73.05
C LYS G 504 -72.47 62.44 -71.87
N GLN G 505 -73.72 62.89 -71.87
CA GLN G 505 -74.65 62.60 -70.80
C GLN G 505 -75.81 61.75 -71.30
N GLU G 506 -76.26 60.82 -70.46
CA GLU G 506 -77.45 60.05 -70.78
C GLU G 506 -78.16 59.68 -69.48
N HIS G 507 -79.39 59.18 -69.61
CA HIS G 507 -80.16 58.79 -68.44
C HIS G 507 -79.70 57.41 -67.97
N TYR G 508 -79.17 57.35 -66.75
CA TYR G 508 -78.77 56.09 -66.16
C TYR G 508 -80.01 55.35 -65.64
N MET G 509 -80.26 54.17 -66.19
CA MET G 509 -81.38 53.33 -65.77
C MET G 509 -80.93 51.89 -65.80
N LYS G 510 -81.10 51.18 -64.68
CA LYS G 510 -80.70 49.78 -64.61
C LYS G 510 -81.50 48.97 -65.61
N GLY G 511 -80.82 48.47 -66.65
CA GLY G 511 -81.47 47.80 -67.76
C GLY G 511 -82.39 46.65 -67.38
N ASP G 517 -83.14 55.26 -73.47
CA ASP G 517 -84.18 55.11 -74.48
C ASP G 517 -85.36 56.02 -74.16
N THR G 518 -85.11 57.07 -73.38
CA THR G 518 -86.14 58.02 -72.98
C THR G 518 -85.94 59.38 -73.61
N GLY G 519 -84.79 60.02 -73.41
CA GLY G 519 -84.56 61.36 -73.92
C GLY G 519 -84.57 62.43 -72.85
N TYR G 520 -83.88 62.18 -71.74
CA TYR G 520 -83.74 63.16 -70.68
C TYR G 520 -82.47 63.98 -70.90
N LEU G 521 -82.49 65.22 -70.41
CA LEU G 521 -81.32 66.08 -70.46
C LEU G 521 -81.28 66.92 -69.18
N TRP G 522 -80.09 66.99 -68.58
CA TRP G 522 -79.87 67.77 -67.37
C TRP G 522 -78.87 68.88 -67.66
N HIS G 523 -78.81 69.84 -66.74
CA HIS G 523 -77.74 70.83 -66.70
C HIS G 523 -76.82 70.35 -65.58
N VAL G 524 -75.82 69.56 -65.95
CA VAL G 524 -75.00 68.83 -64.98
C VAL G 524 -73.82 69.73 -64.62
N PRO G 525 -73.73 70.21 -63.38
CA PRO G 525 -72.55 70.99 -62.97
C PRO G 525 -71.34 70.11 -62.74
N LEU G 526 -70.56 69.88 -63.79
CA LEU G 526 -69.43 68.98 -63.69
C LEU G 526 -68.30 69.61 -62.89
N THR G 527 -67.58 68.77 -62.15
CA THR G 527 -66.37 69.15 -61.44
C THR G 527 -65.35 68.07 -61.69
N PHE G 528 -64.09 68.45 -61.87
CA PHE G 528 -63.07 67.45 -62.18
C PHE G 528 -61.71 67.93 -61.69
N ILE G 529 -60.82 66.95 -61.49
CA ILE G 529 -59.41 67.20 -61.22
C ILE G 529 -58.59 66.31 -62.16
N THR G 530 -57.30 66.63 -62.27
CA THR G 530 -56.37 65.90 -63.13
C THR G 530 -55.15 65.48 -62.33
N SER G 531 -54.24 64.78 -63.00
CA SER G 531 -52.98 64.37 -62.38
C SER G 531 -52.02 65.53 -62.20
N LYS G 532 -52.25 66.65 -62.88
CA LYS G 532 -51.39 67.82 -62.78
C LYS G 532 -51.84 68.82 -61.72
N SER G 533 -53.00 68.63 -61.11
CA SER G 533 -53.56 69.68 -60.27
C SER G 533 -54.60 69.12 -59.32
N ASP G 534 -54.44 69.42 -58.04
CA ASP G 534 -55.52 69.20 -57.06
C ASP G 534 -56.56 70.30 -57.11
N MET G 535 -56.37 71.30 -57.98
CA MET G 535 -57.31 72.41 -58.08
C MET G 535 -58.56 71.97 -58.85
N VAL G 536 -59.71 72.43 -58.35
CA VAL G 536 -61.00 72.02 -58.92
C VAL G 536 -61.34 72.95 -60.07
N HIS G 537 -61.45 72.39 -61.27
CA HIS G 537 -61.96 73.10 -62.42
C HIS G 537 -63.40 72.67 -62.66
N ARG G 538 -64.22 73.61 -63.12
CA ARG G 538 -65.65 73.36 -63.28
C ARG G 538 -66.07 73.58 -64.73
N PHE G 539 -67.23 72.99 -65.08
CA PHE G 539 -67.78 73.09 -66.42
C PHE G 539 -69.24 72.68 -66.37
N LEU G 540 -70.09 73.46 -67.02
CA LEU G 540 -71.53 73.22 -67.02
C LEU G 540 -71.93 72.55 -68.34
N LEU G 541 -72.23 71.25 -68.27
CA LEU G 541 -72.67 70.49 -69.43
C LEU G 541 -74.18 70.67 -69.58
N LYS G 542 -74.59 71.44 -70.58
CA LYS G 542 -76.00 71.77 -70.77
C LYS G 542 -76.66 70.96 -71.88
N THR G 543 -75.89 70.24 -72.69
CA THR G 543 -76.40 69.51 -73.84
C THR G 543 -76.07 68.02 -73.70
N LYS G 544 -76.37 67.26 -74.75
CA LYS G 544 -76.07 65.83 -74.73
C LYS G 544 -74.57 65.58 -74.74
N THR G 545 -73.87 66.18 -75.69
CA THR G 545 -72.42 66.03 -75.81
C THR G 545 -71.77 67.39 -75.93
N ASP G 546 -70.53 67.46 -75.44
CA ASP G 546 -69.71 68.67 -75.57
C ASP G 546 -68.25 68.28 -75.42
N VAL G 547 -67.37 69.28 -75.50
CA VAL G 547 -65.94 69.04 -75.49
C VAL G 547 -65.23 70.27 -74.94
N LEU G 548 -64.22 70.05 -74.11
CA LEU G 548 -63.36 71.11 -73.61
C LEU G 548 -61.91 70.71 -73.88
N ILE G 549 -61.00 71.68 -73.72
CA ILE G 549 -59.59 71.49 -74.07
C ILE G 549 -58.75 71.69 -72.83
N LEU G 550 -58.02 70.65 -72.43
CA LEU G 550 -57.09 70.74 -71.32
C LEU G 550 -55.85 71.52 -71.76
N PRO G 551 -55.11 72.12 -70.82
CA PRO G 551 -53.88 72.82 -71.18
C PRO G 551 -52.68 71.92 -71.37
N GLU G 552 -52.78 70.63 -71.08
CA GLU G 552 -51.65 69.70 -71.13
C GLU G 552 -52.20 68.30 -70.94
N GLU G 553 -51.57 67.32 -71.61
CA GLU G 553 -51.99 65.93 -71.45
C GLU G 553 -51.82 65.47 -70.00
N VAL G 554 -52.75 64.60 -69.57
CA VAL G 554 -52.79 64.11 -68.20
C VAL G 554 -52.85 62.59 -68.24
N GLU G 555 -52.26 61.95 -67.21
CA GLU G 555 -52.35 60.50 -67.10
C GLU G 555 -53.76 60.06 -66.75
N TRP G 556 -54.41 60.76 -65.81
CA TRP G 556 -55.76 60.41 -65.40
C TRP G 556 -56.56 61.67 -65.12
N ILE G 557 -57.87 61.53 -65.14
CA ILE G 557 -58.78 62.62 -64.86
C ILE G 557 -59.94 62.06 -64.05
N LYS G 558 -60.39 62.82 -63.05
CA LYS G 558 -61.42 62.37 -62.12
C LYS G 558 -62.50 63.43 -62.07
N PHE G 559 -63.70 63.07 -62.51
CA PHE G 559 -64.84 63.97 -62.48
C PHE G 559 -65.64 63.77 -61.20
N ASN G 560 -66.55 64.73 -60.93
CA ASN G 560 -67.39 64.73 -59.74
C ASN G 560 -66.54 64.65 -58.48
N VAL G 561 -65.78 65.73 -58.25
CA VAL G 561 -64.80 65.77 -57.18
C VAL G 561 -65.51 65.88 -55.84
N GLY G 562 -65.17 64.99 -54.91
CA GLY G 562 -65.75 65.03 -53.59
C GLY G 562 -67.22 64.64 -53.55
N MET G 563 -67.70 63.99 -54.60
CA MET G 563 -69.10 63.53 -54.70
C MET G 563 -70.07 64.68 -54.43
N ASN G 564 -69.74 65.85 -54.96
CA ASN G 564 -70.61 67.01 -54.83
C ASN G 564 -71.59 67.13 -55.98
N GLY G 565 -71.65 66.13 -56.85
CA GLY G 565 -72.59 66.12 -57.95
C GLY G 565 -73.42 64.86 -57.95
N TYR G 566 -74.70 65.01 -58.29
CA TYR G 566 -75.65 63.91 -58.25
C TYR G 566 -75.72 63.21 -59.61
N TYR G 567 -74.62 62.55 -59.96
CA TYR G 567 -74.52 61.79 -61.19
C TYR G 567 -73.43 60.74 -61.03
N ILE G 568 -73.30 59.86 -62.02
CA ILE G 568 -72.19 58.92 -62.01
C ILE G 568 -71.37 59.11 -63.28
N VAL G 569 -70.11 58.69 -63.20
CA VAL G 569 -69.11 59.01 -64.22
C VAL G 569 -68.48 57.72 -64.74
N HIS G 570 -68.39 57.60 -66.06
CA HIS G 570 -67.72 56.50 -66.74
C HIS G 570 -66.58 57.06 -67.58
N TYR G 571 -65.48 56.32 -67.66
CA TYR G 571 -64.28 56.76 -68.37
C TYR G 571 -63.98 55.81 -69.51
N GLU G 572 -63.82 56.35 -70.72
CA GLU G 572 -63.54 55.52 -71.87
C GLU G 572 -62.05 55.19 -71.95
N ASP G 573 -61.76 54.18 -72.77
CA ASP G 573 -60.40 53.71 -73.07
C ASP G 573 -59.80 53.16 -71.77
N ASP G 574 -58.52 53.43 -71.49
CA ASP G 574 -57.83 52.94 -70.31
C ASP G 574 -58.07 53.81 -69.09
N GLY G 575 -59.21 54.50 -69.05
CA GLY G 575 -59.48 55.38 -67.91
C GLY G 575 -59.65 54.63 -66.61
N TRP G 576 -60.48 53.58 -66.60
CA TRP G 576 -60.67 52.80 -65.39
C TRP G 576 -59.42 52.03 -65.01
N ASP G 577 -58.68 51.52 -66.00
CA ASP G 577 -57.41 50.86 -65.69
C ASP G 577 -56.41 51.83 -65.07
N SER G 578 -56.34 53.05 -65.61
CA SER G 578 -55.45 54.07 -65.06
C SER G 578 -55.85 54.43 -63.64
N LEU G 579 -57.16 54.55 -63.37
CA LEU G 579 -57.60 54.87 -62.02
C LEU G 579 -57.34 53.71 -61.07
N THR G 580 -57.48 52.48 -61.55
CA THR G 580 -57.12 51.32 -60.74
C THR G 580 -55.64 51.33 -60.40
N GLY G 581 -54.79 51.67 -61.39
CA GLY G 581 -53.36 51.80 -61.11
C GLY G 581 -53.08 52.89 -60.10
N LEU G 582 -53.79 54.02 -60.21
CA LEU G 582 -53.62 55.10 -59.24
C LEU G 582 -53.98 54.64 -57.84
N LEU G 583 -55.11 53.96 -57.70
CA LEU G 583 -55.55 53.50 -56.38
C LEU G 583 -54.59 52.47 -55.81
N LYS G 584 -54.15 51.52 -56.64
CA LYS G 584 -53.26 50.47 -56.16
C LYS G 584 -51.85 50.97 -55.88
N GLY G 585 -51.45 52.08 -56.50
CA GLY G 585 -50.13 52.62 -56.25
C GLY G 585 -50.14 53.59 -55.07
N THR G 586 -50.78 54.75 -55.27
CA THR G 586 -50.85 55.77 -54.22
C THR G 586 -52.28 56.32 -54.21
N HIS G 587 -53.16 55.61 -53.49
CA HIS G 587 -54.56 56.00 -53.38
C HIS G 587 -54.73 57.39 -52.77
N THR G 588 -53.72 57.89 -52.05
CA THR G 588 -53.78 59.21 -51.44
C THR G 588 -53.71 60.35 -52.46
N ALA G 589 -53.60 60.05 -53.75
CA ALA G 589 -53.61 61.11 -54.75
C ALA G 589 -54.98 61.75 -54.89
N VAL G 590 -56.04 61.04 -54.50
CA VAL G 590 -57.39 61.58 -54.48
C VAL G 590 -57.95 61.42 -53.08
N SER G 591 -59.10 62.05 -52.84
CA SER G 591 -59.68 62.08 -51.51
C SER G 591 -60.40 60.77 -51.19
N SER G 592 -60.74 60.61 -49.90
CA SER G 592 -61.49 59.43 -49.46
C SER G 592 -62.84 59.35 -50.16
N ASN G 593 -63.54 60.48 -50.22
CA ASN G 593 -64.83 60.52 -50.92
C ASN G 593 -64.67 60.18 -52.38
N ASP G 594 -63.55 60.58 -52.99
CA ASP G 594 -63.30 60.27 -54.39
C ASP G 594 -63.08 58.78 -54.59
N ARG G 595 -62.30 58.13 -53.71
CA ARG G 595 -62.12 56.69 -53.81
C ARG G 595 -63.45 55.95 -53.65
N ALA G 596 -64.26 56.37 -52.68
CA ALA G 596 -65.57 55.76 -52.48
C ALA G 596 -66.44 55.91 -53.72
N SER G 597 -66.44 57.11 -54.31
CA SER G 597 -67.22 57.34 -55.52
C SER G 597 -66.72 56.47 -56.66
N LEU G 598 -65.41 56.28 -56.76
CA LEU G 598 -64.86 55.40 -57.79
C LEU G 598 -65.39 53.97 -57.63
N ILE G 599 -65.37 53.46 -56.40
CA ILE G 599 -65.87 52.11 -56.16
C ILE G 599 -67.35 52.01 -56.55
N ASN G 600 -68.17 52.94 -56.03
CA ASN G 600 -69.60 52.89 -56.30
C ASN G 600 -69.89 52.99 -57.79
N ASN G 601 -69.21 53.91 -58.48
CA ASN G 601 -69.44 54.08 -59.91
C ASN G 601 -69.03 52.85 -60.69
N ALA G 602 -67.90 52.23 -60.32
CA ALA G 602 -67.47 51.02 -61.00
C ALA G 602 -68.53 49.92 -60.90
N PHE G 603 -69.08 49.71 -59.70
CA PHE G 603 -70.06 48.63 -59.58
C PHE G 603 -71.39 49.00 -60.23
N GLN G 604 -71.80 50.26 -60.16
CA GLN G 604 -73.01 50.66 -60.86
C GLN G 604 -72.86 50.54 -62.38
N LEU G 605 -71.64 50.72 -62.89
CA LEU G 605 -71.41 50.52 -64.32
C LEU G 605 -71.39 49.04 -64.67
N VAL G 606 -70.93 48.20 -63.75
CA VAL G 606 -71.10 46.77 -63.95
C VAL G 606 -72.58 46.42 -64.09
N SER G 607 -73.43 47.11 -63.31
CA SER G 607 -74.86 46.83 -63.37
C SER G 607 -75.49 47.13 -64.72
N ILE G 608 -74.84 47.92 -65.59
CA ILE G 608 -75.39 48.24 -66.90
C ILE G 608 -74.50 47.82 -68.05
N GLY G 609 -73.32 47.25 -67.76
CA GLY G 609 -72.49 46.66 -68.79
C GLY G 609 -71.42 47.55 -69.36
N LYS G 610 -71.30 48.79 -68.89
CA LYS G 610 -70.23 49.67 -69.34
C LYS G 610 -68.90 49.32 -68.70
N LEU G 611 -68.89 48.38 -67.75
CA LEU G 611 -67.69 47.93 -67.07
C LEU G 611 -67.90 46.49 -66.60
N SER G 612 -66.87 45.68 -66.70
CA SER G 612 -66.97 44.27 -66.35
C SER G 612 -66.81 44.05 -64.84
N ILE G 613 -67.52 43.04 -64.33
CA ILE G 613 -67.42 42.70 -62.92
C ILE G 613 -65.99 42.32 -62.55
N GLU G 614 -65.24 41.74 -63.50
CA GLU G 614 -63.85 41.40 -63.24
C GLU G 614 -63.02 42.66 -63.00
N LYS G 615 -63.18 43.67 -63.84
CA LYS G 615 -62.45 44.92 -63.64
C LYS G 615 -62.91 45.63 -62.37
N ALA G 616 -64.20 45.54 -62.04
CA ALA G 616 -64.68 46.13 -60.78
C ALA G 616 -63.99 45.50 -59.58
N LEU G 617 -63.91 44.17 -59.56
CA LEU G 617 -63.26 43.50 -58.43
C LEU G 617 -61.76 43.76 -58.42
N ASP G 618 -61.14 43.84 -59.60
CA ASP G 618 -59.74 44.24 -59.68
C ASP G 618 -59.52 45.62 -59.06
N LEU G 619 -60.43 46.56 -59.32
CA LEU G 619 -60.35 47.85 -58.66
C LEU G 619 -60.54 47.71 -57.15
N SER G 620 -61.46 46.84 -56.73
CA SER G 620 -61.71 46.64 -55.31
C SER G 620 -60.49 46.10 -54.58
N LEU G 621 -59.63 45.37 -55.28
CA LEU G 621 -58.44 44.78 -54.66
C LEU G 621 -57.54 45.80 -53.97
N TYR G 622 -57.67 47.09 -54.30
CA TYR G 622 -56.82 48.11 -53.67
C TYR G 622 -57.13 48.30 -52.20
N LEU G 623 -58.28 47.83 -51.73
CA LEU G 623 -58.65 48.00 -50.32
C LEU G 623 -57.73 47.27 -49.37
N LYS G 624 -56.81 46.44 -49.87
CA LYS G 624 -55.82 45.80 -49.01
C LYS G 624 -54.94 46.82 -48.30
N HIS G 625 -54.79 48.02 -48.88
CA HIS G 625 -54.01 49.09 -48.28
C HIS G 625 -54.87 50.30 -47.93
N GLU G 626 -56.20 50.15 -48.00
CA GLU G 626 -57.11 51.24 -47.66
C GLU G 626 -57.30 51.33 -46.15
N THR G 627 -57.44 52.56 -45.67
CA THR G 627 -57.60 52.80 -44.24
C THR G 627 -58.71 53.80 -43.89
N GLU G 628 -59.39 54.38 -44.87
CA GLU G 628 -60.34 55.44 -44.60
C GLU G 628 -61.77 54.91 -44.53
N ILE G 629 -62.55 55.54 -43.65
CA ILE G 629 -63.87 55.01 -43.27
C ILE G 629 -64.83 55.05 -44.44
N MET G 630 -64.87 56.17 -45.18
CA MET G 630 -65.83 56.28 -46.28
C MET G 630 -65.54 55.26 -47.39
N PRO G 631 -64.31 55.14 -47.91
CA PRO G 631 -64.09 54.12 -48.94
C PRO G 631 -64.26 52.70 -48.43
N VAL G 632 -63.84 52.40 -47.19
CA VAL G 632 -64.02 51.04 -46.69
C VAL G 632 -65.51 50.70 -46.59
N PHE G 633 -66.31 51.62 -46.01
CA PHE G 633 -67.74 51.37 -45.88
C PHE G 633 -68.41 51.28 -47.24
N GLN G 634 -67.95 52.07 -48.21
CA GLN G 634 -68.55 51.99 -49.54
C GLN G 634 -68.21 50.67 -50.22
N GLY G 635 -66.98 50.20 -50.06
CA GLY G 635 -66.63 48.89 -50.58
C GLY G 635 -67.45 47.79 -49.96
N LEU G 636 -67.69 47.88 -48.64
CA LEU G 636 -68.55 46.90 -47.99
C LEU G 636 -69.98 46.98 -48.50
N ASN G 637 -70.51 48.19 -48.66
CA ASN G 637 -71.88 48.34 -49.14
C ASN G 637 -72.02 47.85 -50.57
N GLU G 638 -70.93 47.85 -51.35
CA GLU G 638 -71.00 47.36 -52.72
C GLU G 638 -70.69 45.89 -52.87
N LEU G 639 -70.01 45.27 -51.89
CA LEU G 639 -69.67 43.85 -51.98
C LEU G 639 -70.63 42.96 -51.20
N ILE G 640 -71.15 43.41 -50.06
CA ILE G 640 -72.01 42.57 -49.23
C ILE G 640 -73.28 42.11 -49.96
N PRO G 641 -74.02 42.98 -50.67
CA PRO G 641 -75.24 42.51 -51.34
C PRO G 641 -75.02 41.36 -52.30
N MET G 642 -73.81 41.17 -52.82
CA MET G 642 -73.57 40.06 -53.72
C MET G 642 -73.69 38.72 -53.00
N TYR G 643 -72.95 38.53 -51.90
CA TYR G 643 -73.10 37.29 -51.15
C TYR G 643 -74.45 37.23 -50.45
N LYS G 644 -75.11 38.37 -50.23
CA LYS G 644 -76.50 38.33 -49.79
C LYS G 644 -77.41 37.70 -50.83
N LEU G 645 -77.20 38.04 -52.10
CA LEU G 645 -77.92 37.37 -53.18
C LEU G 645 -77.56 35.89 -53.22
N MET G 646 -76.29 35.57 -52.98
CA MET G 646 -75.85 34.18 -53.05
C MET G 646 -76.45 33.34 -51.94
N GLU G 647 -76.66 33.92 -50.75
CA GLU G 647 -77.21 33.17 -49.62
C GLU G 647 -78.62 32.65 -49.91
N LYS G 648 -79.38 33.36 -50.74
CA LYS G 648 -80.75 32.98 -51.04
C LYS G 648 -80.86 31.81 -52.01
N ARG G 649 -79.74 31.27 -52.47
CA ARG G 649 -79.71 30.23 -53.49
C ARG G 649 -78.80 29.08 -53.01
N ASP G 650 -78.66 28.08 -53.88
CA ASP G 650 -77.75 26.96 -53.66
C ASP G 650 -76.40 27.31 -54.27
N MET G 651 -75.59 28.02 -53.49
CA MET G 651 -74.31 28.54 -53.97
C MET G 651 -73.29 28.55 -52.84
N ASN G 652 -73.19 27.43 -52.11
CA ASN G 652 -72.38 27.41 -50.90
C ASN G 652 -70.90 27.59 -51.22
N GLU G 653 -70.39 26.87 -52.23
CA GLU G 653 -68.97 26.94 -52.55
C GLU G 653 -68.57 28.36 -52.98
N VAL G 654 -69.33 28.94 -53.92
CA VAL G 654 -68.98 30.26 -54.44
C VAL G 654 -69.17 31.32 -53.37
N GLU G 655 -70.21 31.18 -52.54
CA GLU G 655 -70.43 32.13 -51.46
C GLU G 655 -69.30 32.08 -50.44
N THR G 656 -68.83 30.87 -50.10
CA THR G 656 -67.72 30.75 -49.16
C THR G 656 -66.44 31.32 -49.74
N GLN G 657 -66.18 31.06 -51.03
CA GLN G 657 -65.02 31.67 -51.68
C GLN G 657 -65.10 33.19 -51.61
N PHE G 658 -66.29 33.75 -51.86
CA PHE G 658 -66.46 35.20 -51.84
C PHE G 658 -66.25 35.76 -50.44
N LYS G 659 -66.82 35.11 -49.42
CA LYS G 659 -66.64 35.58 -48.05
C LYS G 659 -65.17 35.52 -47.63
N ALA G 660 -64.48 34.43 -48.02
CA ALA G 660 -63.06 34.32 -47.70
C ALA G 660 -62.26 35.43 -48.37
N PHE G 661 -62.57 35.72 -49.63
CA PHE G 661 -61.90 36.83 -50.31
C PHE G 661 -62.18 38.15 -49.62
N LEU G 662 -63.44 38.38 -49.22
CA LEU G 662 -63.81 39.62 -48.56
C LEU G 662 -63.03 39.81 -47.26
N ILE G 663 -62.94 38.74 -46.46
CA ILE G 663 -62.20 38.84 -45.20
C ILE G 663 -60.72 39.03 -45.45
N ARG G 664 -60.15 38.32 -46.43
CA ARG G 664 -58.74 38.48 -46.74
C ARG G 664 -58.43 39.87 -47.28
N LEU G 665 -59.43 40.54 -47.88
CA LEU G 665 -59.22 41.88 -48.39
C LEU G 665 -58.98 42.88 -47.25
N LEU G 666 -59.71 42.73 -46.14
CA LEU G 666 -59.62 43.65 -45.00
C LEU G 666 -58.90 43.06 -43.80
N ARG G 667 -58.24 41.91 -43.96
CA ARG G 667 -57.60 41.25 -42.82
C ARG G 667 -56.53 42.12 -42.16
N ASP G 668 -55.75 42.86 -42.95
CA ASP G 668 -54.72 43.70 -42.36
C ASP G 668 -55.33 44.74 -41.42
N LEU G 669 -56.36 45.43 -41.89
CA LEU G 669 -57.00 46.46 -41.06
C LEU G 669 -57.69 45.83 -39.85
N ILE G 670 -58.33 44.66 -40.05
CA ILE G 670 -59.00 44.01 -38.93
C ILE G 670 -57.99 43.63 -37.85
N ASP G 671 -56.82 43.11 -38.26
CA ASP G 671 -55.79 42.77 -37.30
C ASP G 671 -55.25 44.02 -36.61
N LYS G 672 -55.09 45.12 -37.34
CA LYS G 672 -54.57 46.34 -36.73
C LYS G 672 -55.57 47.00 -35.78
N GLN G 673 -56.86 46.73 -35.93
CA GLN G 673 -57.86 47.33 -35.05
C GLN G 673 -57.65 46.88 -33.59
N THR G 674 -57.77 47.84 -32.68
CA THR G 674 -57.71 47.55 -31.25
C THR G 674 -59.10 47.20 -30.73
N TRP G 675 -59.15 46.74 -29.47
CA TRP G 675 -60.41 46.37 -28.85
C TRP G 675 -60.79 47.30 -27.70
N THR G 676 -60.91 48.60 -27.97
CA THR G 676 -61.22 49.60 -26.96
C THR G 676 -62.09 50.69 -27.59
N ASP G 677 -62.48 51.66 -26.77
CA ASP G 677 -63.27 52.81 -27.23
C ASP G 677 -62.41 54.04 -27.47
N GLU G 678 -61.17 53.86 -27.92
CA GLU G 678 -60.28 54.98 -28.17
C GLU G 678 -60.53 55.56 -29.56
N GLY G 679 -59.97 56.74 -29.79
CA GLY G 679 -60.00 57.35 -31.10
C GLY G 679 -61.21 58.24 -31.33
N SER G 680 -61.22 58.87 -32.51
CA SER G 680 -62.29 59.77 -32.89
C SER G 680 -63.57 58.99 -33.20
N VAL G 681 -64.64 59.73 -33.48
CA VAL G 681 -65.92 59.10 -33.81
C VAL G 681 -65.79 58.22 -35.05
N SER G 682 -65.10 58.75 -36.07
CA SER G 682 -64.89 58.00 -37.30
C SER G 682 -64.14 56.70 -37.04
N GLU G 683 -63.03 56.79 -36.29
CA GLU G 683 -62.23 55.61 -36.01
C GLU G 683 -63.01 54.59 -35.17
N ARG G 684 -63.84 55.08 -34.25
CA ARG G 684 -64.62 54.17 -33.41
C ARG G 684 -65.66 53.42 -34.23
N MET G 685 -66.39 54.12 -35.10
CA MET G 685 -67.38 53.44 -35.93
C MET G 685 -66.69 52.45 -36.88
N LEU G 686 -65.54 52.83 -37.44
CA LEU G 686 -64.79 51.91 -38.28
C LEU G 686 -64.42 50.65 -37.51
N ARG G 687 -63.91 50.81 -36.29
CA ARG G 687 -63.53 49.66 -35.47
C ARG G 687 -64.73 48.76 -35.19
N SER G 688 -65.85 49.36 -34.79
CA SER G 688 -67.02 48.55 -34.45
C SER G 688 -67.46 47.72 -35.64
N GLN G 689 -67.61 48.36 -36.80
CA GLN G 689 -68.08 47.62 -37.97
C GLN G 689 -67.06 46.57 -38.42
N LEU G 690 -65.77 46.87 -38.33
CA LEU G 690 -64.76 45.91 -38.77
C LEU G 690 -64.76 44.67 -37.86
N LEU G 691 -64.76 44.89 -36.55
CA LEU G 691 -64.77 43.77 -35.62
C LEU G 691 -66.03 42.93 -35.77
N LEU G 692 -67.19 43.58 -35.96
CA LEU G 692 -68.41 42.83 -36.17
C LEU G 692 -68.35 41.99 -37.44
N LEU G 693 -67.84 42.58 -38.53
CA LEU G 693 -67.74 41.85 -39.80
C LEU G 693 -66.85 40.62 -39.65
N ALA G 694 -65.67 40.79 -39.04
CA ALA G 694 -64.75 39.66 -38.89
C ALA G 694 -65.37 38.57 -38.02
N CYS G 695 -65.95 38.96 -36.88
CA CYS G 695 -66.50 37.96 -35.99
CA CYS G 695 -66.54 37.99 -35.97
C CYS G 695 -67.70 37.25 -36.61
N VAL G 696 -68.47 37.92 -37.47
CA VAL G 696 -69.59 37.26 -38.13
C VAL G 696 -69.08 36.30 -39.19
N HIS G 697 -68.06 36.69 -39.93
CA HIS G 697 -67.51 35.82 -40.96
C HIS G 697 -66.47 34.85 -40.43
N ASN G 698 -66.38 34.70 -39.10
CA ASN G 698 -65.67 33.59 -38.47
C ASN G 698 -64.17 33.74 -38.58
N TYR G 699 -63.67 34.95 -38.32
CA TYR G 699 -62.23 35.17 -38.16
C TYR G 699 -61.84 34.65 -36.78
N GLN G 700 -61.14 33.52 -36.73
CA GLN G 700 -60.94 32.81 -35.48
C GLN G 700 -60.29 33.64 -34.38
N PRO G 701 -59.32 34.54 -34.64
CA PRO G 701 -58.85 35.41 -33.56
C PRO G 701 -59.95 36.26 -32.94
N CYS G 702 -60.74 36.95 -33.75
CA CYS G 702 -61.87 37.74 -33.24
CA CYS G 702 -61.83 37.74 -33.20
C CYS G 702 -62.86 36.87 -32.51
N VAL G 703 -63.14 35.68 -33.06
CA VAL G 703 -64.12 34.79 -32.44
C VAL G 703 -63.64 34.38 -31.05
N GLN G 704 -62.36 34.02 -30.92
CA GLN G 704 -61.83 33.60 -29.63
C GLN G 704 -61.84 34.75 -28.62
N ARG G 705 -61.39 35.94 -29.05
CA ARG G 705 -61.34 37.06 -28.10
C ARG G 705 -62.75 37.51 -27.69
N ALA G 706 -63.69 37.50 -28.63
CA ALA G 706 -65.06 37.89 -28.31
C ALA G 706 -65.73 36.85 -27.41
N GLU G 707 -65.43 35.57 -27.62
CA GLU G 707 -65.93 34.54 -26.72
C GLU G 707 -65.37 34.71 -25.32
N GLY G 708 -64.09 35.08 -25.20
CA GLY G 708 -63.53 35.35 -23.89
C GLY G 708 -64.21 36.52 -23.19
N TYR G 709 -64.38 37.63 -23.93
CA TYR G 709 -65.05 38.79 -23.36
C TYR G 709 -66.48 38.46 -22.94
N PHE G 710 -67.21 37.72 -23.79
CA PHE G 710 -68.59 37.35 -23.46
C PHE G 710 -68.65 36.40 -22.28
N ARG G 711 -67.66 35.51 -22.15
CA ARG G 711 -67.61 34.62 -20.99
C ARG G 711 -67.44 35.42 -19.72
N LYS G 712 -66.47 36.34 -19.71
CA LYS G 712 -66.28 37.18 -18.53
C LYS G 712 -67.53 38.01 -18.22
N TRP G 713 -68.19 38.53 -19.25
CA TRP G 713 -69.38 39.35 -19.03
C TRP G 713 -70.52 38.53 -18.44
N LYS G 714 -70.79 37.36 -19.04
CA LYS G 714 -71.87 36.51 -18.55
C LYS G 714 -71.59 36.00 -17.14
N GLU G 715 -70.34 35.68 -16.83
CA GLU G 715 -70.01 35.27 -15.48
C GLU G 715 -70.10 36.44 -14.50
N SER G 716 -69.89 37.66 -14.99
CA SER G 716 -70.10 38.85 -14.17
C SER G 716 -71.56 39.25 -14.08
N ASN G 717 -72.44 38.60 -14.85
CA ASN G 717 -73.89 38.83 -14.79
C ASN G 717 -74.23 40.24 -15.30
N GLY G 718 -73.64 40.62 -16.43
CA GLY G 718 -73.85 41.91 -17.04
C GLY G 718 -73.21 43.09 -16.34
N ASN G 719 -72.63 42.90 -15.16
CA ASN G 719 -72.05 44.02 -14.42
C ASN G 719 -70.72 44.48 -15.00
N LEU G 720 -70.00 43.59 -15.67
CA LEU G 720 -68.71 43.96 -16.25
C LEU G 720 -68.91 45.00 -17.34
N SER G 721 -68.13 46.08 -17.25
CA SER G 721 -68.19 47.14 -18.25
C SER G 721 -67.34 46.75 -19.46
N LEU G 722 -68.00 46.62 -20.62
CA LEU G 722 -67.35 46.28 -21.88
C LEU G 722 -67.15 47.53 -22.73
N PRO G 723 -66.14 47.53 -23.60
CA PRO G 723 -66.03 48.61 -24.59
C PRO G 723 -67.24 48.63 -25.50
N VAL G 724 -67.87 49.81 -25.60
CA VAL G 724 -69.12 49.95 -26.34
C VAL G 724 -68.94 49.55 -27.81
N ASP G 725 -67.77 49.81 -28.37
CA ASP G 725 -67.53 49.50 -29.78
C ASP G 725 -67.47 47.99 -30.00
N VAL G 726 -66.77 47.26 -29.13
CA VAL G 726 -66.69 45.81 -29.26
C VAL G 726 -67.92 45.11 -28.71
N THR G 727 -68.85 45.84 -28.10
CA THR G 727 -70.06 45.23 -27.57
C THR G 727 -70.86 44.54 -28.67
N LEU G 728 -70.94 45.15 -29.86
CA LEU G 728 -71.67 44.56 -30.96
C LEU G 728 -71.11 43.18 -31.31
N ALA G 729 -69.80 43.11 -31.54
CA ALA G 729 -69.17 41.85 -31.91
C ALA G 729 -69.29 40.83 -30.78
N VAL G 730 -69.10 41.27 -29.53
CA VAL G 730 -69.15 40.34 -28.41
C VAL G 730 -70.54 39.74 -28.27
N PHE G 731 -71.58 40.57 -28.36
CA PHE G 731 -72.95 40.05 -28.26
C PHE G 731 -73.28 39.15 -29.44
N ALA G 732 -72.89 39.55 -30.66
CA ALA G 732 -73.18 38.73 -31.83
C ALA G 732 -72.49 37.38 -31.75
N VAL G 733 -71.30 37.32 -31.15
CA VAL G 733 -70.62 36.05 -30.97
C VAL G 733 -71.28 35.22 -29.87
N GLY G 734 -71.58 35.86 -28.73
CA GLY G 734 -72.13 35.13 -27.60
C GLY G 734 -73.52 34.59 -27.84
N ALA G 735 -74.29 35.24 -28.71
CA ALA G 735 -75.66 34.82 -28.98
C ALA G 735 -75.75 33.61 -29.91
N GLN G 736 -74.63 32.99 -30.27
CA GLN G 736 -74.68 31.84 -31.17
C GLN G 736 -75.12 30.58 -30.45
N SER G 737 -74.81 30.45 -29.17
CA SER G 737 -75.27 29.31 -28.37
C SER G 737 -76.58 29.66 -27.68
N THR G 738 -77.36 28.62 -27.37
CA THR G 738 -78.64 28.83 -26.70
C THR G 738 -78.46 29.48 -25.34
N GLU G 739 -77.40 29.09 -24.62
CA GLU G 739 -77.14 29.66 -23.30
C GLU G 739 -76.95 31.17 -23.37
N GLY G 740 -76.04 31.63 -24.22
CA GLY G 740 -75.82 33.05 -24.37
C GLY G 740 -77.01 33.79 -24.95
N TRP G 741 -77.76 33.13 -25.84
CA TRP G 741 -78.98 33.73 -26.38
C TRP G 741 -79.98 34.04 -25.26
N ASP G 742 -80.25 33.04 -24.42
CA ASP G 742 -81.20 33.25 -23.32
C ASP G 742 -80.67 34.27 -22.32
N PHE G 743 -79.36 34.28 -22.06
CA PHE G 743 -78.81 35.27 -21.12
C PHE G 743 -78.96 36.69 -21.67
N LEU G 744 -78.63 36.89 -22.94
CA LEU G 744 -78.79 38.20 -23.57
C LEU G 744 -80.25 38.64 -23.51
N TYR G 745 -81.18 37.73 -23.80
CA TYR G 745 -82.57 38.14 -23.74
C TYR G 745 -82.99 38.46 -22.30
N SER G 746 -82.45 37.74 -21.33
CA SER G 746 -82.76 38.04 -19.93
C SER G 746 -82.31 39.44 -19.55
N LYS G 747 -81.16 39.88 -20.07
CA LYS G 747 -80.72 41.25 -19.80
C LYS G 747 -81.49 42.29 -20.61
N TYR G 748 -82.01 41.91 -21.79
CA TYR G 748 -82.71 42.85 -22.64
C TYR G 748 -83.87 43.52 -21.91
N GLN G 749 -84.66 42.73 -21.18
CA GLN G 749 -85.88 43.25 -20.56
C GLN G 749 -85.58 44.40 -19.60
N PHE G 750 -84.52 44.26 -18.81
CA PHE G 750 -84.20 45.21 -17.76
C PHE G 750 -83.22 46.29 -18.20
N SER G 751 -82.57 46.14 -19.35
CA SER G 751 -81.66 47.17 -19.84
C SER G 751 -82.40 48.49 -20.08
N LEU G 752 -81.67 49.60 -19.91
CA LEU G 752 -82.21 50.94 -20.12
C LEU G 752 -81.45 51.73 -21.18
N SER G 753 -80.39 51.17 -21.75
CA SER G 753 -79.66 51.83 -22.83
C SER G 753 -80.23 51.41 -24.18
N SER G 754 -80.55 52.39 -25.01
CA SER G 754 -81.15 52.09 -26.32
C SER G 754 -80.12 51.46 -27.24
N THR G 755 -78.86 51.89 -27.17
CA THR G 755 -77.81 51.25 -27.95
C THR G 755 -77.61 49.80 -27.53
N GLU G 756 -77.60 49.55 -26.21
CA GLU G 756 -77.52 48.19 -25.72
C GLU G 756 -78.69 47.35 -26.20
N LYS G 757 -79.90 47.94 -26.18
CA LYS G 757 -81.08 47.23 -26.67
C LYS G 757 -80.94 46.87 -28.14
N SER G 758 -80.48 47.82 -28.96
CA SER G 758 -80.33 47.57 -30.39
C SER G 758 -79.28 46.51 -30.66
N GLN G 759 -78.17 46.54 -29.90
CA GLN G 759 -77.13 45.54 -30.08
C GLN G 759 -77.61 44.15 -29.67
N ILE G 760 -78.39 44.07 -28.58
CA ILE G 760 -78.96 42.78 -28.19
C ILE G 760 -79.93 42.28 -29.25
N GLU G 761 -80.73 43.18 -29.81
CA GLU G 761 -81.66 42.78 -30.87
C GLU G 761 -80.91 42.20 -32.07
N PHE G 762 -79.86 42.90 -32.51
CA PHE G 762 -79.07 42.42 -33.64
C PHE G 762 -78.43 41.07 -33.33
N ALA G 763 -77.88 40.91 -32.13
CA ALA G 763 -77.27 39.65 -31.74
C ALA G 763 -78.29 38.52 -31.77
N LEU G 764 -79.49 38.76 -31.21
CA LEU G 764 -80.51 37.72 -31.18
C LEU G 764 -81.03 37.38 -32.57
N CYS G 765 -81.08 38.37 -33.47
CA CYS G 765 -81.48 38.06 -34.84
C CYS G 765 -80.38 37.32 -35.60
N ARG G 766 -79.13 37.48 -35.19
CA ARG G 766 -78.02 36.72 -35.79
C ARG G 766 -78.04 35.20 -35.48
N THR G 767 -79.08 34.61 -34.90
CA THR G 767 -79.04 33.21 -34.51
C THR G 767 -79.33 32.29 -35.70
N GLN G 768 -79.11 30.99 -35.47
CA GLN G 768 -79.38 29.96 -36.45
C GLN G 768 -80.66 29.20 -36.16
N ASN G 769 -81.28 29.43 -35.01
CA ASN G 769 -82.46 28.70 -34.58
C ASN G 769 -83.72 29.27 -35.22
N LYS G 770 -84.38 28.47 -36.07
CA LYS G 770 -85.62 28.92 -36.68
C LYS G 770 -86.67 29.23 -35.62
N GLU G 771 -86.72 28.42 -34.57
CA GLU G 771 -87.72 28.63 -33.52
C GLU G 771 -87.49 29.95 -32.80
N LYS G 772 -86.24 30.29 -32.50
CA LYS G 772 -85.96 31.55 -31.82
C LYS G 772 -86.17 32.74 -32.75
N LEU G 773 -85.85 32.58 -34.04
CA LEU G 773 -86.17 33.64 -34.99
C LEU G 773 -87.67 33.90 -35.04
N GLN G 774 -88.45 32.82 -35.13
CA GLN G 774 -89.91 32.96 -35.14
C GLN G 774 -90.42 33.58 -33.84
N TRP G 775 -89.80 33.23 -32.71
CA TRP G 775 -90.21 33.81 -31.43
C TRP G 775 -89.93 35.31 -31.38
N LEU G 776 -88.75 35.72 -31.84
CA LEU G 776 -88.45 37.15 -31.96
C LEU G 776 -89.49 37.85 -32.81
N LEU G 777 -89.80 37.26 -33.97
CA LEU G 777 -90.80 37.86 -34.86
C LEU G 777 -92.14 38.02 -34.15
N ASP G 778 -92.63 36.93 -33.56
CA ASP G 778 -93.94 36.93 -32.92
C ASP G 778 -94.01 37.93 -31.77
N GLU G 779 -92.97 37.97 -30.93
CA GLU G 779 -93.05 38.82 -29.74
C GLU G 779 -92.88 40.29 -30.11
N SER G 780 -92.00 40.61 -31.06
CA SER G 780 -91.90 41.99 -31.51
C SER G 780 -93.16 42.42 -32.24
N PHE G 781 -93.89 41.46 -32.83
CA PHE G 781 -95.20 41.77 -33.40
C PHE G 781 -96.21 42.07 -32.30
N LYS G 782 -96.29 41.21 -31.28
CA LYS G 782 -97.25 41.42 -30.20
C LYS G 782 -97.01 42.74 -29.50
N GLY G 783 -95.74 43.12 -29.33
CA GLY G 783 -95.40 44.42 -28.79
C GLY G 783 -95.23 44.50 -27.29
N ASP G 784 -95.22 43.37 -26.59
CA ASP G 784 -95.03 43.36 -25.14
C ASP G 784 -93.55 43.16 -24.80
N LYS G 785 -93.03 41.96 -25.08
CA LYS G 785 -91.64 41.66 -24.75
C LYS G 785 -90.68 42.48 -25.60
N ILE G 786 -91.05 42.74 -26.85
CA ILE G 786 -90.31 43.66 -27.73
C ILE G 786 -91.32 44.60 -28.35
N LYS G 787 -91.11 45.91 -28.17
CA LYS G 787 -92.07 46.90 -28.64
C LYS G 787 -92.23 46.81 -30.16
N THR G 788 -93.43 47.15 -30.64
CA THR G 788 -93.73 47.03 -32.07
C THR G 788 -92.95 48.03 -32.90
N GLN G 789 -92.50 49.15 -32.31
CA GLN G 789 -91.74 50.13 -33.07
C GLN G 789 -90.44 49.54 -33.60
N GLU G 790 -89.91 48.51 -32.94
CA GLU G 790 -88.70 47.83 -33.38
C GLU G 790 -88.99 46.69 -34.34
N PHE G 791 -90.26 46.39 -34.61
CA PHE G 791 -90.58 45.23 -35.45
C PHE G 791 -90.03 45.33 -36.87
N PRO G 792 -90.15 46.45 -37.59
CA PRO G 792 -89.65 46.45 -38.97
C PRO G 792 -88.16 46.16 -39.07
N GLN G 793 -87.36 46.71 -38.16
CA GLN G 793 -85.92 46.42 -38.19
C GLN G 793 -85.66 44.95 -37.90
N ILE G 794 -86.40 44.36 -36.97
CA ILE G 794 -86.22 42.93 -36.67
C ILE G 794 -86.61 42.10 -37.88
N LEU G 795 -87.71 42.46 -38.56
CA LEU G 795 -88.11 41.73 -39.75
C LEU G 795 -87.05 41.83 -40.84
N THR G 796 -86.46 43.01 -41.02
CA THR G 796 -85.41 43.18 -42.02
C THR G 796 -84.15 42.38 -41.65
N LEU G 797 -83.78 42.40 -40.37
CA LEU G 797 -82.61 41.65 -39.92
C LEU G 797 -82.81 40.15 -40.09
N ILE G 798 -84.02 39.66 -39.82
CA ILE G 798 -84.28 38.22 -39.98
C ILE G 798 -84.36 37.87 -41.46
N GLY G 799 -84.88 38.77 -42.29
CA GLY G 799 -84.80 38.55 -43.73
C GLY G 799 -83.39 38.57 -44.27
N ARG G 800 -82.49 39.27 -43.58
CA ARG G 800 -81.08 39.21 -43.91
C ARG G 800 -80.44 37.91 -43.43
N ASN G 801 -80.90 37.39 -42.30
CA ASN G 801 -80.37 36.15 -41.74
C ASN G 801 -80.43 35.04 -42.79
N PRO G 802 -79.32 34.33 -43.05
CA PRO G 802 -79.31 33.32 -44.12
C PRO G 802 -80.26 32.16 -43.89
N VAL G 803 -80.69 31.92 -42.65
CA VAL G 803 -81.62 30.83 -42.35
C VAL G 803 -83.00 31.34 -41.96
N GLY G 804 -83.22 32.66 -42.00
CA GLY G 804 -84.47 33.23 -41.53
C GLY G 804 -85.32 33.90 -42.58
N TYR G 805 -84.77 34.13 -43.78
CA TYR G 805 -85.53 34.88 -44.79
C TYR G 805 -86.85 34.22 -45.19
N PRO G 806 -86.98 32.89 -45.27
CA PRO G 806 -88.32 32.34 -45.53
C PRO G 806 -89.28 32.64 -44.40
N LEU G 807 -88.80 32.57 -43.16
CA LEU G 807 -89.65 32.91 -42.02
C LEU G 807 -90.11 34.36 -42.09
N ALA G 808 -89.20 35.28 -42.43
CA ALA G 808 -89.57 36.70 -42.50
C ALA G 808 -90.56 36.96 -43.62
N TRP G 809 -90.29 36.40 -44.81
CA TRP G 809 -91.20 36.57 -45.94
C TRP G 809 -92.58 35.99 -45.63
N GLN G 810 -92.61 34.80 -45.00
CA GLN G 810 -93.88 34.18 -44.62
C GLN G 810 -94.61 35.01 -43.57
N PHE G 811 -93.89 35.57 -42.61
CA PHE G 811 -94.53 36.37 -41.58
C PHE G 811 -95.16 37.61 -42.19
N LEU G 812 -94.43 38.30 -43.06
CA LEU G 812 -95.00 39.46 -43.74
C LEU G 812 -96.23 39.08 -44.54
N ARG G 813 -96.15 37.99 -45.32
CA ARG G 813 -97.29 37.56 -46.13
C ARG G 813 -98.51 37.26 -45.28
N LYS G 814 -98.33 36.50 -44.20
CA LYS G 814 -99.46 36.00 -43.43
C LYS G 814 -100.01 37.03 -42.45
N ASN G 815 -99.25 38.07 -42.11
CA ASN G 815 -99.76 39.10 -41.20
C ASN G 815 -99.75 40.48 -41.86
N TRP G 816 -99.79 40.53 -43.19
CA TRP G 816 -99.83 41.80 -43.91
C TRP G 816 -100.98 42.69 -43.43
N ASN G 817 -102.16 42.10 -43.22
CA ASN G 817 -103.35 42.89 -42.92
C ASN G 817 -103.21 43.64 -41.61
N LYS G 818 -102.87 42.92 -40.53
CA LYS G 818 -102.70 43.58 -39.24
C LYS G 818 -101.50 44.54 -39.26
N LEU G 819 -100.46 44.20 -40.01
CA LEU G 819 -99.33 45.13 -40.16
C LEU G 819 -99.79 46.41 -40.82
N VAL G 820 -100.64 46.31 -41.85
CA VAL G 820 -101.18 47.51 -42.48
C VAL G 820 -102.05 48.28 -41.50
N GLN G 821 -102.85 47.57 -40.71
CA GLN G 821 -103.71 48.23 -39.74
C GLN G 821 -102.89 48.96 -38.67
N LYS G 822 -101.68 48.47 -38.37
CA LYS G 822 -100.81 49.08 -37.36
C LYS G 822 -99.94 50.20 -37.90
N PHE G 823 -99.38 50.05 -39.10
CA PHE G 823 -98.38 50.98 -39.63
C PHE G 823 -98.89 51.84 -40.78
N GLU G 824 -100.14 51.66 -41.21
CA GLU G 824 -100.76 52.38 -42.33
C GLU G 824 -100.12 52.02 -43.67
N LEU G 825 -100.90 52.14 -44.74
CA LEU G 825 -100.43 51.83 -46.07
C LEU G 825 -99.51 52.90 -46.61
N GLY G 826 -98.51 52.48 -47.38
CA GLY G 826 -97.57 53.39 -48.01
C GLY G 826 -96.60 54.06 -47.06
N SER G 827 -96.65 53.76 -45.76
CA SER G 827 -95.70 54.33 -44.83
C SER G 827 -94.30 53.74 -45.07
N SER G 828 -93.29 54.51 -44.64
CA SER G 828 -91.92 54.04 -44.78
C SER G 828 -91.67 52.76 -43.99
N SER G 829 -92.45 52.50 -42.94
CA SER G 829 -92.33 51.23 -42.22
C SER G 829 -92.75 50.06 -43.13
N ILE G 830 -93.87 50.20 -43.82
CA ILE G 830 -94.32 49.16 -44.75
C ILE G 830 -93.31 48.98 -45.87
N ALA G 831 -92.81 50.09 -46.43
CA ALA G 831 -91.80 49.99 -47.48
C ALA G 831 -90.56 49.26 -46.99
N HIS G 832 -90.07 49.65 -45.80
CA HIS G 832 -88.91 49.01 -45.20
C HIS G 832 -89.11 47.52 -45.05
N MET G 833 -90.28 47.12 -44.52
CA MET G 833 -90.55 45.70 -44.33
C MET G 833 -90.57 44.93 -45.64
N VAL G 834 -91.32 45.44 -46.63
CA VAL G 834 -91.42 44.77 -47.92
C VAL G 834 -90.04 44.58 -48.53
N MET G 835 -89.26 45.65 -48.60
CA MET G 835 -87.95 45.56 -49.23
C MET G 835 -87.00 44.67 -48.45
N GLY G 836 -86.98 44.80 -47.12
CA GLY G 836 -86.11 43.97 -46.32
C GLY G 836 -86.42 42.50 -46.41
N THR G 837 -87.68 42.14 -46.67
CA THR G 837 -88.01 40.72 -46.78
C THR G 837 -87.87 40.18 -48.20
N THR G 838 -87.96 41.02 -49.23
CA THR G 838 -87.95 40.45 -50.58
C THR G 838 -86.82 40.93 -51.48
N ASN G 839 -86.29 42.15 -51.29
CA ASN G 839 -85.46 42.71 -52.38
C ASN G 839 -84.09 42.07 -52.51
N GLN G 840 -83.80 40.98 -51.82
CA GLN G 840 -82.56 40.24 -52.01
C GLN G 840 -82.77 38.97 -52.80
N PHE G 841 -83.96 38.78 -53.37
CA PHE G 841 -84.25 37.60 -54.17
C PHE G 841 -83.66 37.75 -55.58
N SER G 842 -83.42 36.61 -56.21
CA SER G 842 -82.70 36.60 -57.48
C SER G 842 -83.28 35.63 -58.50
N THR G 843 -84.35 34.91 -58.18
CA THR G 843 -84.88 33.88 -59.06
C THR G 843 -86.27 34.27 -59.55
N ARG G 844 -86.63 33.73 -60.72
CA ARG G 844 -87.96 33.96 -61.27
C ARG G 844 -89.04 33.39 -60.38
N THR G 845 -88.75 32.29 -59.66
CA THR G 845 -89.73 31.74 -58.74
C THR G 845 -90.07 32.74 -57.64
N ARG G 846 -89.05 33.33 -57.02
CA ARG G 846 -89.29 34.36 -56.00
C ARG G 846 -89.96 35.59 -56.59
N LEU G 847 -89.56 35.97 -57.81
CA LEU G 847 -90.21 37.10 -58.47
C LEU G 847 -91.70 36.85 -58.65
N GLU G 848 -92.06 35.63 -59.05
CA GLU G 848 -93.47 35.31 -59.25
C GLU G 848 -94.21 35.27 -57.93
N GLU G 849 -93.57 34.77 -56.88
CA GLU G 849 -94.15 34.81 -55.54
C GLU G 849 -94.50 36.24 -55.13
N VAL G 850 -93.52 37.15 -55.25
CA VAL G 850 -93.72 38.54 -54.86
C VAL G 850 -94.85 39.17 -55.67
N LYS G 851 -94.80 39.03 -57.00
CA LYS G 851 -95.84 39.58 -57.85
C LYS G 851 -97.21 39.06 -57.44
N GLY G 852 -97.34 37.74 -57.29
CA GLY G 852 -98.64 37.15 -57.01
C GLY G 852 -99.21 37.62 -55.68
N PHE G 853 -98.39 37.62 -54.63
CA PHE G 853 -98.89 38.06 -53.32
C PHE G 853 -99.33 39.52 -53.36
N PHE G 854 -98.46 40.41 -53.83
CA PHE G 854 -98.80 41.82 -53.76
C PHE G 854 -99.91 42.20 -54.74
N SER G 855 -100.14 41.38 -55.78
CA SER G 855 -101.30 41.62 -56.63
C SER G 855 -102.57 41.07 -56.00
N SER G 856 -102.49 39.92 -55.32
CA SER G 856 -103.67 39.39 -54.63
C SER G 856 -104.12 40.31 -53.50
N LEU G 857 -103.22 41.17 -53.00
CA LEU G 857 -103.64 42.18 -52.04
C LEU G 857 -104.71 43.11 -52.61
N LYS G 858 -104.68 43.36 -53.92
CA LYS G 858 -105.69 44.17 -54.63
C LYS G 858 -105.67 45.59 -54.04
N GLU G 859 -106.81 46.14 -53.62
CA GLU G 859 -106.86 47.53 -53.19
C GLU G 859 -106.14 47.79 -51.87
N ASN G 860 -105.52 46.78 -51.27
CA ASN G 860 -104.84 46.91 -49.98
C ASN G 860 -103.33 46.75 -50.13
N GLY G 861 -102.75 47.34 -51.18
CA GLY G 861 -101.30 47.39 -51.30
C GLY G 861 -100.73 46.97 -52.64
N SER G 862 -101.59 46.63 -53.60
CA SER G 862 -101.10 46.30 -54.93
C SER G 862 -100.54 47.51 -55.65
N GLN G 863 -100.98 48.71 -55.26
CA GLN G 863 -100.55 49.96 -55.89
C GLN G 863 -99.39 50.62 -55.16
N LEU G 864 -98.56 49.82 -54.50
CA LEU G 864 -97.46 50.37 -53.70
C LEU G 864 -96.21 50.59 -54.54
N ARG G 865 -95.69 51.81 -54.46
CA ARG G 865 -94.44 52.15 -55.14
C ARG G 865 -93.31 51.25 -54.68
N CYS G 866 -93.32 50.87 -53.40
CA CYS G 866 -92.33 49.94 -52.89
C CYS G 866 -92.51 48.55 -53.47
N VAL G 867 -93.75 48.14 -53.74
CA VAL G 867 -93.98 46.85 -54.38
C VAL G 867 -93.37 46.86 -55.78
N GLN G 868 -93.64 47.91 -56.56
CA GLN G 868 -93.04 48.00 -57.89
C GLN G 868 -91.52 48.07 -57.81
N GLN G 869 -90.99 48.78 -56.81
CA GLN G 869 -89.53 48.90 -56.67
C GLN G 869 -88.90 47.56 -56.33
N THR G 870 -89.53 46.79 -55.44
CA THR G 870 -88.98 45.48 -55.12
C THR G 870 -89.05 44.55 -56.33
N ILE G 871 -90.13 44.64 -57.12
CA ILE G 871 -90.24 43.83 -58.33
C ILE G 871 -89.13 44.19 -59.32
N GLU G 872 -88.91 45.49 -59.54
CA GLU G 872 -87.85 45.88 -60.47
C GLU G 872 -86.47 45.55 -59.91
N THR G 873 -86.29 45.63 -58.60
CA THR G 873 -85.03 45.22 -57.99
C THR G 873 -84.78 43.73 -58.18
N ILE G 874 -85.83 42.92 -58.06
CA ILE G 874 -85.69 41.48 -58.28
C ILE G 874 -85.37 41.20 -59.74
N GLU G 875 -85.97 41.96 -60.65
CA GLU G 875 -85.67 41.79 -62.07
C GLU G 875 -84.21 42.16 -62.38
N GLU G 876 -83.75 43.29 -61.83
CA GLU G 876 -82.36 43.69 -61.99
C GLU G 876 -81.42 42.67 -61.37
N ASN G 877 -81.81 42.09 -60.23
CA ASN G 877 -81.01 41.04 -59.61
C ASN G 877 -80.96 39.80 -60.49
N ILE G 878 -82.09 39.43 -61.10
CA ILE G 878 -82.10 38.29 -62.01
C ILE G 878 -81.10 38.51 -63.15
N GLY G 879 -81.18 39.68 -63.79
CA GLY G 879 -80.24 39.98 -64.86
C GLY G 879 -78.80 39.96 -64.39
N TRP G 880 -78.51 40.69 -63.31
CA TRP G 880 -77.15 40.81 -62.79
C TRP G 880 -76.58 39.46 -62.37
N MET G 881 -77.41 38.61 -61.77
CA MET G 881 -76.94 37.30 -61.32
C MET G 881 -76.73 36.37 -62.50
N ASP G 882 -77.66 36.36 -63.46
CA ASP G 882 -77.48 35.52 -64.63
C ASP G 882 -76.24 35.93 -65.42
N LYS G 883 -75.87 37.21 -65.39
CA LYS G 883 -74.69 37.65 -66.14
C LYS G 883 -73.39 37.50 -65.37
N ASN G 884 -73.37 37.83 -64.08
CA ASN G 884 -72.13 38.07 -63.37
C ASN G 884 -71.75 37.00 -62.36
N PHE G 885 -72.63 36.03 -62.09
CA PHE G 885 -72.33 35.03 -61.07
C PHE G 885 -71.16 34.15 -61.48
N ASP G 886 -71.27 33.53 -62.67
CA ASP G 886 -70.20 32.65 -63.15
C ASP G 886 -68.91 33.42 -63.40
N LYS G 887 -69.03 34.67 -63.84
CA LYS G 887 -67.86 35.53 -63.94
C LYS G 887 -67.18 35.68 -62.59
N ILE G 888 -67.97 35.87 -61.53
CA ILE G 888 -67.41 36.00 -60.20
C ILE G 888 -66.76 34.69 -59.76
N ARG G 889 -67.35 33.55 -60.13
CA ARG G 889 -66.72 32.27 -59.79
C ARG G 889 -65.35 32.13 -60.44
N VAL G 890 -65.26 32.44 -61.73
CA VAL G 890 -63.98 32.35 -62.44
C VAL G 890 -62.99 33.33 -61.84
N TRP G 891 -63.45 34.54 -61.52
CA TRP G 891 -62.56 35.54 -60.95
C TRP G 891 -62.07 35.14 -59.57
N LEU G 892 -62.91 34.47 -58.78
CA LEU G 892 -62.49 34.00 -57.46
C LEU G 892 -61.47 32.88 -57.57
N GLN G 893 -61.65 31.97 -58.54
CA GLN G 893 -60.61 30.96 -58.73
C GLN G 893 -59.29 31.60 -59.15
N SER G 894 -59.36 32.60 -60.03
CA SER G 894 -58.14 33.27 -60.47
C SER G 894 -57.48 34.04 -59.33
N GLU G 895 -58.28 34.66 -58.46
CA GLU G 895 -57.71 35.42 -57.35
C GLU G 895 -57.15 34.51 -56.27
N LYS G 896 -57.77 33.35 -56.05
CA LYS G 896 -57.15 32.36 -55.18
C LYS G 896 -55.84 31.87 -55.77
N LEU G 897 -55.74 31.82 -57.11
CA LEU G 897 -54.48 31.52 -57.77
C LEU G 897 -53.60 32.77 -57.86
N GLU G 898 -53.32 33.34 -56.69
CA GLU G 898 -52.46 34.52 -56.58
C GLU G 898 -51.43 34.43 -55.48
N ARG G 899 -51.64 33.60 -54.46
CA ARG G 899 -50.69 33.47 -53.37
C ARG G 899 -49.76 32.28 -53.61
N PRO H 30 -91.30 118.97 8.05
CA PRO H 30 -91.88 118.38 9.27
C PRO H 30 -92.58 117.04 8.99
N PHE H 31 -91.97 115.94 9.43
CA PHE H 31 -92.53 114.63 9.16
C PHE H 31 -93.74 114.39 10.06
N PRO H 32 -94.88 113.98 9.51
CA PRO H 32 -96.10 113.90 10.31
C PRO H 32 -96.32 112.55 10.98
N TRP H 33 -95.26 111.93 11.51
CA TRP H 33 -95.41 110.64 12.17
C TRP H 33 -94.16 110.38 13.00
N ASN H 34 -94.36 109.77 14.18
CA ASN H 34 -93.29 109.61 15.14
C ASN H 34 -93.25 108.22 15.76
N LYS H 35 -93.85 107.22 15.11
CA LYS H 35 -93.85 105.86 15.61
C LYS H 35 -93.14 104.94 14.62
N ILE H 36 -92.50 103.90 15.16
CA ILE H 36 -91.83 102.92 14.29
C ILE H 36 -92.87 102.10 13.53
N ARG H 37 -93.97 101.76 14.19
CA ARG H 37 -95.06 101.05 13.56
C ARG H 37 -95.78 101.97 12.57
N LEU H 38 -96.38 101.38 11.55
CA LEU H 38 -97.10 102.15 10.56
C LEU H 38 -98.49 102.49 11.06
N PRO H 39 -99.13 103.51 10.48
CA PRO H 39 -100.53 103.78 10.82
C PRO H 39 -101.41 102.59 10.45
N GLU H 40 -102.38 102.31 11.30
CA GLU H 40 -103.23 101.13 11.13
C GLU H 40 -104.40 101.37 10.18
N TYR H 41 -104.61 102.60 9.73
CA TYR H 41 -105.79 102.95 8.95
C TYR H 41 -105.54 103.04 7.45
N VAL H 42 -104.35 102.64 6.98
CA VAL H 42 -104.05 102.56 5.56
C VAL H 42 -103.65 101.12 5.27
N ILE H 43 -104.52 100.39 4.59
CA ILE H 43 -104.36 98.95 4.36
C ILE H 43 -104.14 98.72 2.88
N PRO H 44 -103.07 98.02 2.48
CA PRO H 44 -102.92 97.63 1.08
C PRO H 44 -103.76 96.39 0.78
N VAL H 45 -104.11 96.26 -0.51
CA VAL H 45 -104.90 95.11 -0.95
C VAL H 45 -104.22 94.41 -2.13
N HIS H 46 -103.48 95.17 -2.95
CA HIS H 46 -102.85 94.59 -4.14
C HIS H 46 -101.69 95.46 -4.59
N TYR H 47 -100.51 94.87 -4.68
CA TYR H 47 -99.34 95.52 -5.25
C TYR H 47 -99.19 95.11 -6.72
N ASP H 48 -98.74 96.05 -7.54
CA ASP H 48 -98.44 95.83 -8.93
C ASP H 48 -97.02 96.38 -9.12
N LEU H 49 -96.05 95.49 -9.22
CA LEU H 49 -94.63 95.83 -9.21
C LEU H 49 -94.05 95.69 -10.61
N LEU H 50 -93.25 96.68 -11.01
CA LEU H 50 -92.49 96.66 -12.25
C LEU H 50 -91.06 96.97 -11.91
N ILE H 51 -90.17 96.00 -12.09
CA ILE H 51 -88.76 96.15 -11.75
C ILE H 51 -87.95 95.99 -13.03
N HIS H 52 -87.05 96.94 -13.30
CA HIS H 52 -86.11 96.84 -14.40
C HIS H 52 -84.72 96.90 -13.79
N ALA H 53 -84.07 95.74 -13.71
CA ALA H 53 -82.73 95.60 -13.15
C ALA H 53 -81.69 95.62 -14.27
N ASN H 54 -80.63 96.40 -13.93
CA ASN H 54 -79.53 96.49 -14.92
C ASN H 54 -78.27 95.89 -14.29
N LEU H 55 -77.87 94.70 -14.76
CA LEU H 55 -76.72 93.97 -14.27
C LEU H 55 -75.40 94.64 -14.70
N THR H 56 -75.37 95.24 -15.89
CA THR H 56 -74.14 95.87 -16.35
C THR H 56 -73.81 97.11 -15.51
N THR H 57 -74.78 98.00 -15.32
CA THR H 57 -74.56 99.20 -14.53
C THR H 57 -74.89 99.00 -13.06
N LEU H 58 -75.34 97.77 -12.69
CA LEU H 58 -75.71 97.46 -11.31
C LEU H 58 -76.70 98.50 -10.77
N THR H 59 -77.76 98.73 -11.53
CA THR H 59 -78.79 99.70 -11.18
C THR H 59 -80.16 99.04 -11.30
N PHE H 60 -81.22 99.76 -10.95
CA PHE H 60 -82.57 99.33 -11.28
C PHE H 60 -83.56 100.46 -11.06
N TRP H 61 -84.54 100.56 -11.96
CA TRP H 61 -85.64 101.50 -11.86
CA TRP H 61 -85.63 101.49 -11.79
C TRP H 61 -86.94 100.73 -11.62
N GLY H 62 -87.79 101.24 -10.74
CA GLY H 62 -89.00 100.53 -10.38
C GLY H 62 -90.23 101.42 -10.37
N THR H 63 -91.38 100.79 -10.59
CA THR H 63 -92.68 101.42 -10.50
C THR H 63 -93.58 100.54 -9.65
N THR H 64 -94.15 101.11 -8.59
CA THR H 64 -94.99 100.37 -7.65
C THR H 64 -96.35 101.02 -7.61
N LYS H 65 -97.38 100.26 -7.97
CA LYS H 65 -98.77 100.71 -7.88
C LYS H 65 -99.46 99.88 -6.79
N VAL H 66 -99.79 100.53 -5.68
CA VAL H 66 -100.39 99.86 -4.54
C VAL H 66 -101.83 100.33 -4.38
N GLU H 67 -102.76 99.38 -4.42
CA GLU H 67 -104.16 99.68 -4.15
C GLU H 67 -104.40 99.66 -2.65
N ILE H 68 -105.01 100.72 -2.13
CA ILE H 68 -105.21 100.89 -0.71
C ILE H 68 -106.66 101.32 -0.45
N THR H 69 -107.08 101.10 0.80
CA THR H 69 -108.31 101.63 1.33
C THR H 69 -108.02 102.24 2.70
N ALA H 70 -108.83 103.21 3.10
CA ALA H 70 -108.63 103.93 4.35
C ALA H 70 -109.87 103.81 5.22
N SER H 71 -109.63 103.58 6.52
CA SER H 71 -110.72 103.48 7.49
C SER H 71 -110.94 104.77 8.27
N GLN H 72 -109.91 105.59 8.42
CA GLN H 72 -110.03 106.90 9.05
C GLN H 72 -109.72 107.98 8.02
N PRO H 73 -110.52 109.04 7.92
CA PRO H 73 -110.23 110.09 6.94
C PRO H 73 -108.87 110.72 7.20
N THR H 74 -107.99 110.63 6.21
CA THR H 74 -106.64 111.16 6.35
C THR H 74 -106.17 111.72 5.01
N SER H 75 -105.21 112.64 5.10
CA SER H 75 -104.53 113.19 3.93
C SER H 75 -103.04 112.84 3.93
N THR H 76 -102.65 111.88 4.76
CA THR H 76 -101.26 111.46 4.88
C THR H 76 -101.19 109.94 4.82
N ILE H 77 -100.36 109.42 3.90
CA ILE H 77 -100.17 107.99 3.73
C ILE H 77 -98.72 107.67 4.07
N ILE H 78 -98.52 106.84 5.09
CA ILE H 78 -97.19 106.47 5.56
C ILE H 78 -96.89 105.05 5.11
N LEU H 79 -95.71 104.85 4.54
CA LEU H 79 -95.25 103.53 4.15
C LEU H 79 -93.73 103.50 4.25
N HIS H 80 -93.15 102.32 4.01
CA HIS H 80 -91.73 102.11 4.19
C HIS H 80 -90.97 102.31 2.88
N SER H 81 -89.75 102.81 3.02
CA SER H 81 -88.84 102.98 1.89
C SER H 81 -87.44 103.20 2.45
N HIS H 82 -86.45 102.52 1.88
CA HIS H 82 -85.09 102.54 2.42
C HIS H 82 -84.12 102.50 1.26
N HIS H 83 -83.23 103.50 1.20
CA HIS H 83 -82.19 103.58 0.16
C HIS H 83 -82.79 103.57 -1.24
N LEU H 84 -83.93 104.24 -1.41
CA LEU H 84 -84.60 104.33 -2.71
C LEU H 84 -84.81 105.80 -3.06
N GLN H 85 -84.39 106.18 -4.27
CA GLN H 85 -84.57 107.54 -4.76
C GLN H 85 -85.95 107.65 -5.41
N ILE H 86 -86.87 108.32 -4.72
CA ILE H 86 -88.22 108.54 -5.25
C ILE H 86 -88.19 109.75 -6.19
N SER H 87 -88.72 109.58 -7.40
CA SER H 87 -88.69 110.64 -8.40
C SER H 87 -90.07 111.15 -8.80
N ARG H 88 -91.14 110.44 -8.48
CA ARG H 88 -92.47 110.78 -8.98
C ARG H 88 -93.50 110.00 -8.19
N ALA H 89 -94.58 110.68 -7.80
CA ALA H 89 -95.61 110.06 -6.97
C ALA H 89 -96.97 110.63 -7.33
N THR H 90 -97.92 109.74 -7.65
CA THR H 90 -99.28 110.13 -8.00
C THR H 90 -100.27 109.32 -7.20
N LEU H 91 -101.49 109.86 -7.10
CA LEU H 91 -102.58 109.22 -6.36
C LEU H 91 -103.82 109.24 -7.24
N ARG H 92 -104.26 108.06 -7.68
CA ARG H 92 -105.46 107.92 -8.49
C ARG H 92 -106.63 107.50 -7.63
N LYS H 93 -107.82 108.02 -7.95
CA LYS H 93 -109.03 107.77 -7.19
C LYS H 93 -109.97 106.95 -8.07
N GLY H 94 -110.21 105.70 -7.68
CA GLY H 94 -111.05 104.81 -8.46
C GLY H 94 -110.28 103.60 -8.97
N LEU H 99 -110.05 107.55 -12.50
CA LEU H 99 -110.42 108.70 -13.32
C LEU H 99 -109.58 109.92 -12.96
N SER H 100 -109.70 110.37 -11.72
CA SER H 100 -108.98 111.56 -11.26
C SER H 100 -107.63 111.16 -10.66
N GLU H 101 -106.58 111.85 -11.09
CA GLU H 101 -105.23 111.62 -10.61
C GLU H 101 -104.67 112.92 -10.04
N GLU H 102 -104.06 112.83 -8.86
CA GLU H 102 -103.56 114.00 -8.16
C GLU H 102 -102.13 113.75 -7.70
N PRO H 103 -101.28 114.78 -7.73
CA PRO H 103 -99.89 114.60 -7.28
C PRO H 103 -99.82 114.54 -5.76
N LEU H 104 -98.79 113.83 -5.29
CA LEU H 104 -98.52 113.69 -3.86
C LEU H 104 -97.19 114.35 -3.53
N GLN H 105 -97.12 114.97 -2.36
CA GLN H 105 -95.85 115.52 -1.89
C GLN H 105 -95.13 114.47 -1.07
N VAL H 106 -93.81 114.40 -1.22
CA VAL H 106 -92.99 113.34 -0.65
C VAL H 106 -92.18 113.92 0.50
N LEU H 107 -92.30 113.29 1.68
CA LEU H 107 -91.46 113.57 2.82
C LEU H 107 -90.69 112.30 3.18
N GLU H 108 -89.46 112.46 3.64
CA GLU H 108 -88.56 111.33 3.86
C GLU H 108 -88.13 111.30 5.32
N HIS H 109 -88.05 110.10 5.90
CA HIS H 109 -87.54 109.91 7.25
C HIS H 109 -86.58 108.73 7.23
N PRO H 110 -85.27 108.97 7.10
CA PRO H 110 -84.31 107.87 7.02
C PRO H 110 -84.15 107.13 8.34
N ARG H 111 -84.36 107.79 9.47
CA ARG H 111 -84.19 107.11 10.76
C ARG H 111 -85.26 106.05 10.97
N GLN H 112 -86.51 106.35 10.61
CA GLN H 112 -87.58 105.39 10.70
C GLN H 112 -87.75 104.57 9.43
N GLU H 113 -86.92 104.81 8.43
CA GLU H 113 -86.98 104.10 7.15
C GLU H 113 -88.37 104.23 6.52
N GLN H 114 -88.91 105.45 6.54
CA GLN H 114 -90.28 105.68 6.09
C GLN H 114 -90.34 106.85 5.12
N ILE H 115 -91.43 106.91 4.37
CA ILE H 115 -91.78 108.08 3.57
C ILE H 115 -93.25 108.41 3.81
N ALA H 116 -93.57 109.70 3.75
CA ALA H 116 -94.91 110.21 3.90
C ALA H 116 -95.39 110.82 2.59
N LEU H 117 -96.58 110.42 2.16
CA LEU H 117 -97.18 110.96 0.95
C LEU H 117 -98.36 111.84 1.34
N LEU H 118 -98.30 113.11 0.94
CA LEU H 118 -99.31 114.09 1.27
C LEU H 118 -100.20 114.31 0.06
N ALA H 119 -101.52 114.18 0.27
CA ALA H 119 -102.60 114.29 -0.70
C ALA H 119 -103.35 115.60 -0.54
N PRO H 120 -103.70 116.25 -1.65
CA PRO H 120 -104.40 117.55 -1.53
C PRO H 120 -105.75 117.45 -0.85
N GLU H 121 -106.56 116.45 -1.20
CA GLU H 121 -107.88 116.30 -0.61
C GLU H 121 -107.95 115.05 0.26
N PRO H 122 -108.56 115.15 1.44
CA PRO H 122 -108.57 114.01 2.37
C PRO H 122 -109.26 112.80 1.75
N LEU H 123 -108.68 111.63 2.00
CA LEU H 123 -109.22 110.39 1.45
C LEU H 123 -110.58 110.07 2.06
N LEU H 124 -111.48 109.55 1.24
CA LEU H 124 -112.81 109.18 1.69
C LEU H 124 -112.80 107.74 2.19
N VAL H 125 -113.36 107.52 3.38
CA VAL H 125 -113.36 106.18 3.96
C VAL H 125 -114.17 105.23 3.10
N GLY H 126 -113.67 104.00 2.95
CA GLY H 126 -114.34 102.99 2.17
C GLY H 126 -114.10 103.04 0.68
N LEU H 127 -113.30 104.00 0.20
CA LEU H 127 -113.05 104.07 -1.23
C LEU H 127 -111.69 103.50 -1.57
N PRO H 128 -111.57 102.82 -2.71
CA PRO H 128 -110.26 102.30 -3.14
C PRO H 128 -109.48 103.37 -3.89
N TYR H 129 -108.22 103.56 -3.50
CA TYR H 129 -107.31 104.48 -4.14
C TYR H 129 -106.07 103.71 -4.59
N THR H 130 -105.31 104.31 -5.53
CA THR H 130 -104.12 103.67 -6.08
C THR H 130 -102.94 104.65 -6.00
N VAL H 131 -101.95 104.33 -5.18
CA VAL H 131 -100.74 105.12 -5.08
C VAL H 131 -99.72 104.58 -6.09
N VAL H 132 -99.16 105.46 -6.90
CA VAL H 132 -98.20 105.09 -7.94
C VAL H 132 -96.89 105.81 -7.66
N ILE H 133 -95.83 105.04 -7.43
CA ILE H 133 -94.54 105.57 -7.05
C ILE H 133 -93.49 105.12 -8.06
N HIS H 134 -92.70 106.06 -8.57
CA HIS H 134 -91.55 105.78 -9.42
C HIS H 134 -90.28 106.03 -8.62
N TYR H 135 -89.35 105.08 -8.70
CA TYR H 135 -88.16 105.15 -7.86
C TYR H 135 -87.00 104.49 -8.59
N ALA H 136 -85.82 104.68 -8.02
CA ALA H 136 -84.60 104.09 -8.54
C ALA H 136 -83.70 103.67 -7.38
N GLY H 137 -82.71 102.86 -7.72
CA GLY H 137 -81.73 102.41 -6.75
C GLY H 137 -80.71 101.52 -7.43
N ASN H 138 -79.83 100.93 -6.64
CA ASN H 138 -78.91 99.94 -7.17
C ASN H 138 -78.88 98.70 -6.29
N LEU H 139 -78.52 97.59 -6.93
CA LEU H 139 -78.33 96.31 -6.27
C LEU H 139 -77.40 96.44 -5.07
N SER H 140 -77.90 96.01 -3.91
CA SER H 140 -77.09 96.04 -2.70
C SER H 140 -75.88 95.11 -2.85
N GLU H 141 -74.72 95.60 -2.39
CA GLU H 141 -73.53 94.76 -2.35
C GLU H 141 -73.50 93.85 -1.13
N THR H 142 -74.56 93.86 -0.32
CA THR H 142 -74.64 93.08 0.90
C THR H 142 -75.32 91.73 0.64
N PHE H 143 -75.96 91.18 1.67
CA PHE H 143 -76.64 89.90 1.56
C PHE H 143 -78.15 90.01 1.73
N HIS H 144 -78.69 91.22 1.77
CA HIS H 144 -80.12 91.44 1.96
C HIS H 144 -80.62 92.47 0.95
N GLY H 145 -81.93 92.62 0.90
CA GLY H 145 -82.56 93.51 -0.06
C GLY H 145 -82.59 92.92 -1.45
N PHE H 146 -82.37 93.76 -2.46
CA PHE H 146 -82.22 93.32 -3.84
C PHE H 146 -80.72 93.36 -4.15
N TYR H 147 -80.05 92.23 -3.95
CA TYR H 147 -78.59 92.21 -3.90
C TYR H 147 -78.02 91.44 -5.08
N LYS H 148 -76.71 91.59 -5.24
CA LYS H 148 -75.96 91.01 -6.35
C LYS H 148 -75.23 89.75 -5.90
N SER H 149 -75.13 88.79 -6.81
CA SER H 149 -74.36 87.57 -6.59
C SER H 149 -73.52 87.31 -7.83
N THR H 150 -72.37 86.67 -7.64
CA THR H 150 -71.47 86.36 -8.74
C THR H 150 -71.07 84.90 -8.65
N TYR H 151 -70.71 84.33 -9.80
CA TYR H 151 -70.24 82.96 -9.84
C TYR H 151 -69.16 82.81 -10.90
N ARG H 152 -68.30 81.82 -10.69
CA ARG H 152 -67.17 81.57 -11.58
C ARG H 152 -67.50 80.42 -12.51
N THR H 153 -67.29 80.63 -13.81
CA THR H 153 -67.43 79.56 -14.78
C THR H 153 -66.19 78.68 -14.77
N LYS H 154 -66.29 77.52 -15.42
CA LYS H 154 -65.16 76.62 -15.50
C LYS H 154 -64.04 77.16 -16.37
N GLU H 155 -64.28 78.25 -17.10
CA GLU H 155 -63.25 78.90 -17.89
C GLU H 155 -62.63 80.09 -17.18
N GLY H 156 -62.97 80.31 -15.91
CA GLY H 156 -62.43 81.41 -15.14
C GLY H 156 -63.20 82.71 -15.27
N GLU H 157 -64.18 82.79 -16.16
CA GLU H 157 -64.95 84.02 -16.31
C GLU H 157 -65.86 84.22 -15.10
N LEU H 158 -66.19 85.48 -14.84
CA LEU H 158 -67.06 85.86 -13.73
C LEU H 158 -68.40 86.30 -14.30
N ARG H 159 -69.49 85.75 -13.75
CA ARG H 159 -70.84 86.06 -14.21
C ARG H 159 -71.66 86.61 -13.05
N ILE H 160 -72.63 87.46 -13.40
CA ILE H 160 -73.38 88.27 -12.45
C ILE H 160 -74.85 87.87 -12.49
N LEU H 161 -75.49 87.85 -11.33
CA LEU H 161 -76.93 87.66 -11.21
C LEU H 161 -77.44 88.54 -10.08
N ALA H 162 -78.76 88.73 -10.06
CA ALA H 162 -79.42 89.55 -9.05
C ALA H 162 -80.46 88.71 -8.31
N SER H 163 -80.38 88.68 -6.99
CA SER H 163 -81.29 87.89 -6.17
C SER H 163 -81.92 88.79 -5.11
N THR H 164 -82.86 88.21 -4.37
CA THR H 164 -83.59 88.93 -3.33
C THR H 164 -83.47 88.23 -1.99
N GLN H 165 -83.61 89.02 -0.92
CA GLN H 165 -83.70 88.48 0.44
C GLN H 165 -84.38 89.56 1.28
N PHE H 166 -85.68 89.38 1.55
CA PHE H 166 -86.48 90.44 2.13
C PHE H 166 -86.78 90.26 3.62
N GLU H 167 -86.73 89.05 4.15
CA GLU H 167 -86.94 88.87 5.58
C GLU H 167 -85.78 89.49 6.34
N PRO H 168 -86.04 90.31 7.39
CA PRO H 168 -87.40 90.66 7.81
C PRO H 168 -87.91 92.00 7.28
N THR H 169 -87.03 93.00 7.16
CA THR H 169 -87.42 94.36 6.81
C THR H 169 -86.63 94.87 5.60
N ALA H 170 -86.39 94.01 4.62
CA ALA H 170 -85.58 94.37 3.46
C ALA H 170 -86.37 94.58 2.18
N ALA H 171 -87.68 94.27 2.17
CA ALA H 171 -88.49 94.53 0.99
C ALA H 171 -88.55 96.00 0.65
N ARG H 172 -88.47 96.87 1.66
CA ARG H 172 -88.47 98.31 1.45
C ARG H 172 -87.24 98.79 0.69
N MET H 173 -86.16 98.00 0.70
CA MET H 173 -84.96 98.33 -0.07
C MET H 173 -85.09 98.03 -1.55
N ALA H 174 -86.18 97.40 -1.97
CA ALA H 174 -86.40 97.05 -3.37
C ALA H 174 -87.68 97.65 -3.93
N PHE H 175 -88.74 97.74 -3.12
CA PHE H 175 -89.94 98.43 -3.56
C PHE H 175 -90.63 99.06 -2.36
N PRO H 176 -91.06 100.32 -2.46
CA PRO H 176 -91.77 100.93 -1.33
C PRO H 176 -93.12 100.27 -1.11
N CYS H 177 -93.42 100.00 0.15
CA CYS H 177 -94.59 99.20 0.49
C CYS H 177 -94.89 99.38 1.97
N PHE H 178 -95.93 98.69 2.42
CA PHE H 178 -96.26 98.60 3.85
C PHE H 178 -95.55 97.35 4.37
N ASP H 179 -94.26 97.52 4.65
CA ASP H 179 -93.34 96.41 4.91
C ASP H 179 -93.52 95.90 6.34
N GLU H 180 -94.68 95.29 6.59
CA GLU H 180 -94.95 94.58 7.84
C GLU H 180 -95.67 93.28 7.53
N PRO H 181 -95.48 92.26 8.37
CA PRO H 181 -96.13 90.97 8.09
C PRO H 181 -97.64 91.00 8.23
N ALA H 182 -98.20 92.05 8.82
CA ALA H 182 -99.65 92.13 9.02
C ALA H 182 -100.38 92.66 7.80
N PHE H 183 -99.72 93.50 6.99
CA PHE H 183 -100.33 94.05 5.78
C PHE H 183 -100.14 93.05 4.64
N LYS H 184 -100.94 92.00 4.65
CA LYS H 184 -100.90 91.01 3.59
C LYS H 184 -101.62 91.54 2.36
N ALA H 185 -101.18 91.08 1.19
CA ALA H 185 -101.76 91.53 -0.06
C ALA H 185 -101.35 90.58 -1.18
N SER H 186 -101.95 90.78 -2.34
CA SER H 186 -101.57 90.08 -3.56
C SER H 186 -100.51 90.88 -4.31
N PHE H 187 -99.77 90.20 -5.18
CA PHE H 187 -98.65 90.81 -5.88
C PHE H 187 -98.65 90.39 -7.34
N SER H 188 -98.74 91.37 -8.24
CA SER H 188 -98.59 91.15 -9.67
C SER H 188 -97.22 91.68 -10.08
N ILE H 189 -96.31 90.77 -10.45
CA ILE H 189 -94.91 91.11 -10.66
C ILE H 189 -94.59 91.13 -12.15
N LYS H 190 -93.82 92.14 -12.56
CA LYS H 190 -93.29 92.26 -13.91
C LYS H 190 -91.82 92.61 -13.82
N ILE H 191 -90.98 91.84 -14.50
CA ILE H 191 -89.54 92.00 -14.44
C ILE H 191 -89.00 92.22 -15.85
N ARG H 192 -88.10 93.19 -16.00
CA ARG H 192 -87.49 93.50 -17.29
C ARG H 192 -86.05 93.02 -17.30
N ARG H 193 -85.64 92.41 -18.42
CA ARG H 193 -84.33 91.78 -18.51
C ARG H 193 -83.85 91.82 -19.95
N GLU H 194 -82.56 91.54 -20.12
CA GLU H 194 -82.00 91.29 -21.43
C GLU H 194 -82.47 89.92 -21.92
N PRO H 195 -82.40 89.68 -23.24
CA PRO H 195 -82.73 88.33 -23.72
C PRO H 195 -81.85 87.25 -23.13
N ARG H 196 -80.57 87.56 -22.91
CA ARG H 196 -79.62 86.58 -22.39
C ARG H 196 -79.96 86.11 -20.97
N HIS H 197 -80.93 86.72 -20.32
CA HIS H 197 -81.24 86.40 -18.93
C HIS H 197 -82.49 85.55 -18.82
N LEU H 198 -82.73 85.09 -17.60
CA LEU H 198 -83.86 84.26 -17.23
C LEU H 198 -84.37 84.77 -15.90
N ALA H 199 -85.67 85.04 -15.83
CA ALA H 199 -86.30 85.64 -14.66
C ALA H 199 -87.30 84.66 -14.06
N ILE H 200 -87.20 84.46 -12.75
CA ILE H 200 -88.16 83.64 -12.02
C ILE H 200 -88.62 84.40 -10.79
N SER H 201 -89.83 84.08 -10.33
CA SER H 201 -90.41 84.81 -9.21
C SER H 201 -91.31 83.85 -8.45
N ASN H 202 -92.24 84.40 -7.66
CA ASN H 202 -93.10 83.58 -6.80
C ASN H 202 -94.05 82.72 -7.63
N MET H 203 -94.67 83.31 -8.64
CA MET H 203 -95.68 82.67 -9.46
C MET H 203 -95.07 82.20 -10.77
N PRO H 204 -95.78 81.35 -11.52
CA PRO H 204 -95.31 80.97 -12.85
C PRO H 204 -95.30 82.17 -13.79
N LEU H 205 -94.49 82.04 -14.84
CA LEU H 205 -94.40 83.07 -15.86
C LEU H 205 -95.62 83.00 -16.76
N VAL H 206 -96.37 84.09 -16.83
CA VAL H 206 -97.58 84.13 -17.65
C VAL H 206 -97.27 84.53 -19.08
N LYS H 207 -96.48 85.58 -19.28
CA LYS H 207 -96.14 85.93 -20.66
C LYS H 207 -94.89 86.79 -20.73
N SER H 208 -94.31 86.85 -21.93
CA SER H 208 -93.11 87.65 -22.18
C SER H 208 -93.38 88.57 -23.36
N VAL H 209 -93.16 89.87 -23.16
CA VAL H 209 -93.45 90.89 -24.16
C VAL H 209 -92.16 91.64 -24.48
N THR H 210 -91.92 91.91 -25.75
CA THR H 210 -90.72 92.64 -26.16
C THR H 210 -90.96 94.15 -26.04
N VAL H 211 -90.98 94.62 -24.79
CA VAL H 211 -91.17 96.04 -24.52
C VAL H 211 -89.92 96.80 -24.96
N ALA H 212 -90.13 98.04 -25.42
CA ALA H 212 -89.06 98.88 -25.96
C ALA H 212 -88.32 98.12 -27.05
N GLU H 213 -86.99 98.18 -27.03
CA GLU H 213 -86.16 97.46 -27.98
C GLU H 213 -85.01 96.77 -27.26
N GLY H 214 -84.87 95.47 -27.51
CA GLY H 214 -83.72 94.72 -27.05
C GLY H 214 -83.83 94.13 -25.67
N LEU H 215 -84.92 94.40 -24.94
CA LEU H 215 -85.12 93.86 -23.60
C LEU H 215 -86.55 93.33 -23.47
N ILE H 216 -86.68 92.13 -22.90
CA ILE H 216 -87.97 91.47 -22.72
C ILE H 216 -88.51 91.78 -21.33
N GLU H 217 -89.84 91.81 -21.21
CA GLU H 217 -90.54 92.03 -19.96
C GLU H 217 -91.38 90.80 -19.66
N ASP H 218 -91.18 90.20 -18.49
CA ASP H 218 -91.87 89.00 -18.07
C ASP H 218 -92.98 89.38 -17.08
N HIS H 219 -94.22 89.06 -17.46
CA HIS H 219 -95.39 89.21 -16.61
C HIS H 219 -95.67 87.89 -15.93
N PHE H 220 -95.59 87.89 -14.59
CA PHE H 220 -95.87 86.72 -13.77
C PHE H 220 -97.30 86.76 -13.26
N ASP H 221 -97.83 85.59 -12.90
CA ASP H 221 -99.16 85.49 -12.33
C ASP H 221 -99.21 86.22 -10.99
N VAL H 222 -100.44 86.46 -10.52
CA VAL H 222 -100.65 87.18 -9.28
C VAL H 222 -100.54 86.21 -8.12
N THR H 223 -99.88 86.65 -7.05
CA THR H 223 -99.68 85.80 -5.87
C THR H 223 -100.96 85.78 -5.05
N VAL H 224 -100.93 85.02 -3.95
CA VAL H 224 -102.07 84.94 -3.03
C VAL H 224 -101.87 85.93 -1.89
N LYS H 225 -102.79 85.93 -0.93
CA LYS H 225 -102.64 86.77 0.25
C LYS H 225 -101.41 86.36 1.05
N MET H 226 -100.37 87.17 1.00
CA MET H 226 -99.11 86.86 1.68
C MET H 226 -98.46 88.15 2.15
N SER H 227 -97.55 88.01 3.10
CA SER H 227 -96.83 89.15 3.64
C SER H 227 -95.80 89.65 2.62
N THR H 228 -95.27 90.84 2.89
CA THR H 228 -94.37 91.48 1.93
C THR H 228 -93.00 90.82 1.90
N TYR H 229 -92.55 90.24 3.02
CA TYR H 229 -91.23 89.64 3.06
C TYR H 229 -91.12 88.37 2.22
N LEU H 230 -92.22 87.86 1.68
CA LEU H 230 -92.20 86.65 0.88
C LEU H 230 -92.05 86.92 -0.61
N VAL H 231 -92.01 88.19 -1.02
CA VAL H 231 -91.78 88.51 -2.43
C VAL H 231 -90.34 88.16 -2.79
N ALA H 232 -90.14 87.63 -3.99
CA ALA H 232 -88.81 87.25 -4.44
C ALA H 232 -88.78 87.22 -5.96
N PHE H 233 -87.60 87.47 -6.51
CA PHE H 233 -87.38 87.39 -7.95
C PHE H 233 -85.89 87.25 -8.20
N ILE H 234 -85.55 86.54 -9.27
CA ILE H 234 -84.17 86.20 -9.61
C ILE H 234 -83.98 86.43 -11.11
N ILE H 235 -82.92 87.16 -11.45
CA ILE H 235 -82.48 87.37 -12.83
C ILE H 235 -81.10 86.72 -12.94
N SER H 236 -81.00 85.69 -13.77
CA SER H 236 -79.73 84.97 -13.86
C SER H 236 -79.67 84.27 -15.22
N ASP H 237 -78.89 83.20 -15.29
CA ASP H 237 -78.87 82.30 -16.44
C ASP H 237 -78.84 80.85 -15.94
N PHE H 238 -79.64 80.57 -14.93
CA PHE H 238 -79.66 79.25 -14.30
C PHE H 238 -80.17 78.18 -15.26
N GLU H 239 -79.64 76.98 -15.10
CA GLU H 239 -80.28 75.78 -15.61
C GLU H 239 -81.14 75.17 -14.51
N SER H 240 -82.09 74.32 -14.90
CA SER H 240 -83.03 73.77 -13.94
C SER H 240 -83.37 72.33 -14.28
N VAL H 241 -83.81 71.60 -13.25
CA VAL H 241 -84.39 70.27 -13.36
C VAL H 241 -85.75 70.30 -12.68
N SER H 242 -86.71 69.64 -13.32
CA SER H 242 -88.10 69.67 -12.79
C SER H 242 -88.67 68.26 -12.62
N LYS H 243 -89.73 68.22 -11.81
CA LYS H 243 -90.42 66.99 -11.47
C LYS H 243 -91.82 67.34 -10.99
N ILE H 244 -92.74 66.39 -11.11
CA ILE H 244 -94.13 66.59 -10.74
C ILE H 244 -94.44 65.79 -9.48
N THR H 245 -95.24 66.38 -8.59
CA THR H 245 -95.76 65.67 -7.43
C THR H 245 -96.97 64.84 -7.81
N LYS H 246 -97.41 63.99 -6.88
CA LYS H 246 -98.64 63.24 -7.12
C LYS H 246 -99.87 64.14 -7.09
N SER H 247 -99.74 65.38 -6.65
CA SER H 247 -100.83 66.34 -6.65
C SER H 247 -100.76 67.33 -7.80
N GLY H 248 -99.75 67.23 -8.67
CA GLY H 248 -99.67 68.04 -9.87
C GLY H 248 -98.91 69.34 -9.75
N VAL H 249 -98.21 69.59 -8.65
CA VAL H 249 -97.45 70.82 -8.51
C VAL H 249 -96.12 70.66 -9.24
N LYS H 250 -95.70 71.72 -9.94
CA LYS H 250 -94.46 71.67 -10.72
C LYS H 250 -93.29 72.07 -9.83
N VAL H 251 -92.50 71.09 -9.40
CA VAL H 251 -91.35 71.32 -8.54
C VAL H 251 -90.09 71.35 -9.40
N SER H 252 -89.32 72.42 -9.26
CA SER H 252 -88.10 72.61 -10.03
C SER H 252 -86.96 73.05 -9.12
N VAL H 253 -85.73 72.79 -9.56
CA VAL H 253 -84.53 73.18 -8.83
C VAL H 253 -83.59 73.89 -9.80
N TYR H 254 -83.30 75.16 -9.53
CA TYR H 254 -82.43 75.97 -10.35
C TYR H 254 -81.05 76.11 -9.70
N ALA H 255 -80.02 76.15 -10.54
CA ALA H 255 -78.65 76.37 -10.08
C ALA H 255 -77.82 76.87 -11.25
N VAL H 256 -76.60 77.28 -10.94
CA VAL H 256 -75.64 77.77 -11.93
C VAL H 256 -75.34 76.64 -12.92
N PRO H 257 -75.01 76.95 -14.18
CA PRO H 257 -74.91 75.89 -15.19
C PRO H 257 -73.92 74.79 -14.85
N ASP H 258 -72.81 75.12 -14.18
CA ASP H 258 -71.78 74.13 -13.90
C ASP H 258 -72.12 73.24 -12.71
N LYS H 259 -73.19 73.54 -11.98
CA LYS H 259 -73.55 72.78 -10.79
C LYS H 259 -74.96 72.20 -10.84
N ILE H 260 -75.62 72.20 -12.02
CA ILE H 260 -76.99 71.72 -12.07
C ILE H 260 -77.06 70.21 -11.83
N ASN H 261 -75.98 69.48 -12.12
CA ASN H 261 -75.96 68.03 -11.95
C ASN H 261 -75.94 67.58 -10.49
N GLN H 262 -75.93 68.50 -9.52
CA GLN H 262 -75.97 68.15 -8.11
C GLN H 262 -77.34 68.38 -7.47
N ALA H 263 -78.37 68.59 -8.27
CA ALA H 263 -79.70 68.95 -7.77
C ALA H 263 -80.65 67.76 -7.68
N ASP H 264 -80.19 66.54 -7.98
CA ASP H 264 -81.09 65.40 -8.08
C ASP H 264 -81.70 65.04 -6.74
N TYR H 265 -80.86 64.86 -5.71
CA TYR H 265 -81.38 64.52 -4.39
C TYR H 265 -82.26 65.64 -3.84
N ALA H 266 -81.86 66.89 -4.09
CA ALA H 266 -82.68 68.03 -3.67
C ALA H 266 -84.08 67.95 -4.28
N LEU H 267 -84.15 67.71 -5.59
CA LEU H 267 -85.45 67.65 -6.27
C LEU H 267 -86.29 66.49 -5.74
N ASP H 268 -85.67 65.31 -5.62
CA ASP H 268 -86.41 64.13 -5.16
C ASP H 268 -86.94 64.32 -3.74
N ALA H 269 -86.07 64.74 -2.82
CA ALA H 269 -86.51 64.95 -1.44
C ALA H 269 -87.52 66.07 -1.35
N ALA H 270 -87.41 67.09 -2.21
CA ALA H 270 -88.39 68.17 -2.20
C ALA H 270 -89.78 67.67 -2.59
N VAL H 271 -89.85 66.87 -3.66
CA VAL H 271 -91.14 66.32 -4.07
C VAL H 271 -91.71 65.44 -2.96
N THR H 272 -90.88 64.56 -2.39
CA THR H 272 -91.34 63.67 -1.34
C THR H 272 -91.87 64.45 -0.14
N LEU H 273 -91.12 65.45 0.31
CA LEU H 273 -91.51 66.21 1.49
C LEU H 273 -92.72 67.09 1.23
N LEU H 274 -92.86 67.63 0.02
CA LEU H 274 -94.05 68.41 -0.30
C LEU H 274 -95.30 67.54 -0.28
N GLU H 275 -95.22 66.34 -0.88
CA GLU H 275 -96.35 65.42 -0.80
C GLU H 275 -96.66 65.06 0.65
N PHE H 276 -95.63 64.79 1.44
CA PHE H 276 -95.84 64.46 2.85
C PHE H 276 -96.55 65.59 3.59
N TYR H 277 -96.11 66.83 3.37
CA TYR H 277 -96.71 67.96 4.07
C TYR H 277 -98.15 68.17 3.66
N GLU H 278 -98.43 68.07 2.35
CA GLU H 278 -99.81 68.14 1.89
C GLU H 278 -100.68 67.10 2.60
N ASP H 279 -100.24 65.84 2.58
CA ASP H 279 -101.03 64.77 3.19
C ASP H 279 -101.20 64.98 4.69
N TYR H 280 -100.13 65.38 5.37
CA TYR H 280 -100.15 65.51 6.83
C TYR H 280 -101.08 66.63 7.26
N PHE H 281 -100.93 67.83 6.67
CA PHE H 281 -101.74 68.96 7.05
C PHE H 281 -103.16 68.93 6.49
N SER H 282 -103.42 68.06 5.50
CA SER H 282 -104.73 68.03 4.82
C SER H 282 -105.05 69.39 4.21
N ILE H 283 -104.02 70.10 3.76
CA ILE H 283 -104.16 71.41 3.12
C ILE H 283 -103.28 71.40 1.88
N PRO H 284 -103.86 71.42 0.68
CA PRO H 284 -103.05 71.34 -0.53
C PRO H 284 -102.16 72.56 -0.68
N TYR H 285 -101.06 72.36 -1.41
CA TYR H 285 -100.16 73.46 -1.74
C TYR H 285 -100.87 74.39 -2.71
N PRO H 286 -101.08 75.66 -2.36
CA PRO H 286 -101.96 76.52 -3.18
C PRO H 286 -101.34 76.96 -4.49
N LEU H 287 -100.02 77.06 -4.57
CA LEU H 287 -99.42 77.60 -5.78
C LEU H 287 -99.22 76.52 -6.84
N PRO H 288 -99.18 76.90 -8.12
CA PRO H 288 -98.98 75.89 -9.18
C PRO H 288 -97.59 75.27 -9.16
N LYS H 289 -96.57 76.05 -8.83
CA LYS H 289 -95.20 75.58 -8.92
C LYS H 289 -94.46 75.87 -7.62
N GLN H 290 -93.44 75.06 -7.37
CA GLN H 290 -92.51 75.23 -6.26
C GLN H 290 -91.10 75.18 -6.84
N ASP H 291 -90.30 76.20 -6.53
CA ASP H 291 -88.96 76.35 -7.06
C ASP H 291 -87.95 76.38 -5.92
N LEU H 292 -86.79 75.78 -6.17
CA LEU H 292 -85.69 75.73 -5.21
C LEU H 292 -84.44 76.22 -5.92
N ALA H 293 -84.00 77.44 -5.62
CA ALA H 293 -82.88 78.04 -6.33
C ALA H 293 -81.64 78.07 -5.43
N ALA H 294 -80.50 77.66 -5.99
CA ALA H 294 -79.23 77.65 -5.27
C ALA H 294 -78.47 78.93 -5.60
N ILE H 295 -78.44 79.86 -4.65
CA ILE H 295 -77.83 81.18 -4.83
C ILE H 295 -76.36 81.12 -4.44
N PRO H 296 -75.45 81.62 -5.30
CA PRO H 296 -74.02 81.57 -4.96
C PRO H 296 -73.64 82.42 -3.77
N ASP H 297 -74.30 83.55 -3.54
CA ASP H 297 -74.04 84.43 -2.41
C ASP H 297 -75.29 84.48 -1.55
N PHE H 298 -75.26 83.82 -0.39
CA PHE H 298 -76.40 83.79 0.51
C PHE H 298 -75.93 83.88 1.96
N GLN H 299 -76.70 84.61 2.78
CA GLN H 299 -76.38 84.81 4.19
C GLN H 299 -76.97 83.70 5.07
N SER H 300 -78.27 83.49 4.98
CA SER H 300 -78.94 82.47 5.78
C SER H 300 -78.62 81.08 5.24
N GLY H 301 -79.14 80.06 5.92
CA GLY H 301 -79.14 78.73 5.34
C GLY H 301 -80.05 78.64 4.13
N ALA H 302 -81.24 79.23 4.23
CA ALA H 302 -82.24 79.20 3.17
C ALA H 302 -83.25 80.32 3.43
N MET H 303 -84.28 80.38 2.58
CA MET H 303 -85.37 81.34 2.74
C MET H 303 -86.63 80.72 2.16
N GLU H 304 -87.76 81.03 2.80
CA GLU H 304 -89.03 80.36 2.54
C GLU H 304 -89.94 81.13 1.60
N ASN H 305 -89.38 81.85 0.63
CA ASN H 305 -90.18 82.63 -0.29
C ASN H 305 -91.22 81.74 -0.97
N TRP H 306 -92.48 82.13 -0.87
CA TRP H 306 -93.59 81.31 -1.35
C TRP H 306 -93.48 81.02 -2.84
N GLY H 307 -93.23 79.76 -3.18
CA GLY H 307 -93.06 79.35 -4.56
C GLY H 307 -91.67 79.50 -5.12
N LEU H 308 -90.74 80.08 -4.38
CA LEU H 308 -89.37 80.28 -4.84
C LEU H 308 -88.43 80.32 -3.63
N THR H 309 -88.22 79.15 -3.03
CA THR H 309 -87.27 79.04 -1.93
C THR H 309 -85.86 79.20 -2.44
N THR H 310 -85.03 79.90 -1.67
CA THR H 310 -83.63 80.14 -2.00
C THR H 310 -82.75 79.43 -0.98
N TYR H 311 -81.57 79.01 -1.43
CA TYR H 311 -80.69 78.18 -0.62
C TYR H 311 -79.24 78.60 -0.81
N ARG H 312 -78.41 78.16 0.14
CA ARG H 312 -76.98 78.10 -0.11
C ARG H 312 -76.69 76.90 -1.00
N GLU H 313 -75.72 77.07 -1.90
CA GLU H 313 -75.27 75.95 -2.72
C GLU H 313 -74.83 74.79 -1.84
N SER H 314 -74.14 75.08 -0.74
CA SER H 314 -73.74 74.04 0.20
C SER H 314 -74.94 73.38 0.85
N ALA H 315 -76.03 74.12 1.02
CA ALA H 315 -77.21 73.60 1.72
C ALA H 315 -78.23 72.96 0.79
N LEU H 316 -78.02 72.99 -0.52
CA LEU H 316 -78.95 72.37 -1.46
C LEU H 316 -78.31 71.35 -2.40
N LEU H 317 -77.08 71.56 -2.86
CA LEU H 317 -76.51 70.71 -3.89
C LEU H 317 -75.75 69.55 -3.28
N PHE H 318 -75.88 68.38 -3.90
CA PHE H 318 -75.33 67.13 -3.36
C PHE H 318 -74.51 66.43 -4.44
N ASP H 319 -73.23 66.18 -4.15
CA ASP H 319 -72.34 65.46 -5.05
C ASP H 319 -72.03 64.10 -4.44
N ALA H 320 -72.41 63.04 -5.14
CA ALA H 320 -72.23 61.69 -4.62
C ALA H 320 -70.74 61.37 -4.41
N GLU H 321 -69.86 62.03 -5.16
CA GLU H 321 -68.44 61.71 -5.10
C GLU H 321 -67.70 62.44 -3.99
N LYS H 322 -68.19 63.59 -3.54
CA LYS H 322 -67.45 64.43 -2.60
C LYS H 322 -68.25 64.91 -1.39
N SER H 323 -69.58 64.94 -1.46
CA SER H 323 -70.36 65.42 -0.33
C SER H 323 -70.43 64.37 0.77
N SER H 324 -70.49 64.85 2.02
CA SER H 324 -70.51 63.98 3.19
C SER H 324 -71.94 63.60 3.57
N ALA H 325 -72.04 62.52 4.36
CA ALA H 325 -73.34 62.12 4.88
C ALA H 325 -73.96 63.21 5.74
N SER H 326 -73.12 63.94 6.48
CA SER H 326 -73.58 65.14 7.17
C SER H 326 -74.24 66.12 6.21
N SER H 327 -73.60 66.34 5.05
CA SER H 327 -74.15 67.27 4.06
C SER H 327 -75.48 66.77 3.51
N LYS H 328 -75.60 65.45 3.27
CA LYS H 328 -76.85 64.92 2.75
C LYS H 328 -77.97 65.09 3.77
N LEU H 329 -77.70 64.76 5.03
CA LEU H 329 -78.67 64.97 6.10
C LEU H 329 -79.06 66.45 6.20
N GLY H 330 -78.08 67.33 6.06
CA GLY H 330 -78.38 68.75 6.15
C GLY H 330 -79.26 69.23 5.01
N ILE H 331 -79.00 68.76 3.79
CA ILE H 331 -79.86 69.10 2.66
C ILE H 331 -81.29 68.64 2.92
N THR H 332 -81.44 67.39 3.40
CA THR H 332 -82.77 66.87 3.67
C THR H 332 -83.49 67.72 4.71
N MET H 333 -82.81 68.03 5.81
CA MET H 333 -83.44 68.80 6.88
C MET H 333 -83.77 70.22 6.43
N THR H 334 -82.92 70.83 5.60
CA THR H 334 -83.17 72.20 5.15
C THR H 334 -84.36 72.26 4.21
N VAL H 335 -84.44 71.33 3.25
CA VAL H 335 -85.59 71.27 2.35
C VAL H 335 -86.86 71.04 3.15
N ALA H 336 -86.80 70.15 4.15
CA ALA H 336 -87.97 69.92 4.99
C ALA H 336 -88.36 71.19 5.74
N HIS H 337 -87.37 71.95 6.24
CA HIS H 337 -87.65 73.19 6.95
C HIS H 337 -88.38 74.18 6.07
N GLU H 338 -87.89 74.38 4.85
CA GLU H 338 -88.52 75.39 3.98
C GLU H 338 -89.91 74.94 3.52
N LEU H 339 -90.07 73.65 3.20
CA LEU H 339 -91.38 73.18 2.79
C LEU H 339 -92.36 73.21 3.95
N ALA H 340 -91.88 73.07 5.19
CA ALA H 340 -92.73 73.27 6.34
C ALA H 340 -93.11 74.74 6.50
N HIS H 341 -92.17 75.65 6.24
CA HIS H 341 -92.47 77.07 6.27
C HIS H 341 -93.55 77.42 5.26
N GLN H 342 -93.63 76.67 4.16
CA GLN H 342 -94.69 76.92 3.17
C GLN H 342 -96.08 76.94 3.79
N TRP H 343 -96.26 76.24 4.91
CA TRP H 343 -97.50 76.29 5.69
C TRP H 343 -97.36 77.14 6.94
N PHE H 344 -96.35 76.86 7.76
CA PHE H 344 -96.10 77.62 9.00
C PHE H 344 -95.21 78.80 8.67
N GLY H 345 -95.84 79.91 8.30
CA GLY H 345 -95.10 81.10 7.96
C GLY H 345 -95.69 81.87 6.79
N ASN H 346 -96.09 81.16 5.73
CA ASN H 346 -96.63 81.77 4.53
C ASN H 346 -98.15 81.78 4.56
N LEU H 347 -98.77 80.60 4.67
CA LEU H 347 -100.23 80.51 4.78
C LEU H 347 -100.72 81.16 6.07
N VAL H 348 -100.16 80.75 7.19
CA VAL H 348 -100.45 81.32 8.50
C VAL H 348 -99.18 82.00 8.97
N THR H 349 -99.22 83.32 9.06
CA THR H 349 -98.05 84.11 9.45
C THR H 349 -98.30 84.71 10.83
N MET H 350 -97.23 84.87 11.60
CA MET H 350 -97.34 85.62 12.83
C MET H 350 -97.72 87.06 12.50
N GLU H 351 -98.35 87.74 13.46
CA GLU H 351 -98.80 89.10 13.17
C GLU H 351 -97.68 90.11 13.36
N TRP H 352 -96.85 89.92 14.38
CA TRP H 352 -95.70 90.78 14.62
C TRP H 352 -94.51 89.91 14.99
N TRP H 353 -93.31 90.43 14.73
CA TRP H 353 -92.06 89.69 14.84
C TRP H 353 -91.75 89.26 16.27
N ASN H 354 -92.57 89.67 17.24
CA ASN H 354 -92.38 89.18 18.60
C ASN H 354 -92.72 87.71 18.71
N ASP H 355 -93.63 87.22 17.85
CA ASP H 355 -94.00 85.82 17.80
C ASP H 355 -93.39 85.10 16.59
N LEU H 356 -92.16 85.50 16.22
CA LEU H 356 -91.43 84.84 15.14
C LEU H 356 -91.25 83.35 15.39
N TRP H 357 -91.32 82.92 16.65
CA TRP H 357 -91.18 81.51 16.95
C TRP H 357 -92.34 80.71 16.35
N LEU H 358 -93.54 81.30 16.26
CA LEU H 358 -94.67 80.64 15.62
C LEU H 358 -94.36 80.20 14.18
N ASN H 359 -93.41 80.85 13.53
CA ASN H 359 -92.90 80.38 12.24
C ASN H 359 -91.71 79.44 12.45
N GLU H 360 -90.68 79.94 13.13
CA GLU H 360 -89.38 79.28 13.08
C GLU H 360 -89.33 78.00 13.91
N GLY H 361 -89.85 78.02 15.14
CA GLY H 361 -89.86 76.81 15.95
C GLY H 361 -90.71 75.72 15.34
N PHE H 362 -91.88 76.09 14.81
CA PHE H 362 -92.73 75.11 14.15
C PHE H 362 -92.04 74.52 12.92
N ALA H 363 -91.34 75.35 12.14
CA ALA H 363 -90.63 74.80 10.98
C ALA H 363 -89.49 73.87 11.41
N LYS H 364 -88.71 74.29 12.42
CA LYS H 364 -87.62 73.46 12.92
C LYS H 364 -88.12 72.13 13.49
N PHE H 365 -89.32 72.11 14.06
CA PHE H 365 -89.89 70.87 14.57
C PHE H 365 -90.47 70.01 13.45
N MET H 366 -91.11 70.65 12.47
CA MET H 366 -91.63 69.89 11.34
C MET H 366 -90.51 69.26 10.55
N GLU H 367 -89.29 69.83 10.59
CA GLU H 367 -88.12 69.13 10.09
C GLU H 367 -88.08 67.69 10.59
N PHE H 368 -88.05 67.54 11.91
CA PHE H 368 -87.99 66.21 12.53
C PHE H 368 -89.24 65.40 12.19
N VAL H 369 -90.42 65.99 12.41
CA VAL H 369 -91.68 65.26 12.22
C VAL H 369 -91.78 64.72 10.78
N SER H 370 -91.26 65.46 9.81
CA SER H 370 -91.38 65.08 8.40
C SER H 370 -90.28 64.13 7.97
N VAL H 371 -89.03 64.42 8.32
CA VAL H 371 -87.93 63.59 7.85
C VAL H 371 -87.95 62.21 8.50
N SER H 372 -88.32 62.14 9.78
CA SER H 372 -88.40 60.83 10.44
C SER H 372 -89.37 59.89 9.75
N VAL H 373 -90.24 60.41 8.88
CA VAL H 373 -91.15 59.57 8.12
C VAL H 373 -90.70 59.42 6.66
N THR H 374 -90.27 60.52 6.04
CA THR H 374 -89.96 60.48 4.61
C THR H 374 -88.62 59.82 4.33
N HIS H 375 -87.62 60.04 5.18
CA HIS H 375 -86.30 59.45 5.03
C HIS H 375 -85.92 58.75 6.33
N PRO H 376 -86.57 57.62 6.62
CA PRO H 376 -86.32 56.95 7.91
C PRO H 376 -84.93 56.34 8.03
N GLU H 377 -84.22 56.14 6.92
CA GLU H 377 -82.86 55.63 7.01
C GLU H 377 -81.91 56.63 7.67
N LEU H 378 -82.32 57.90 7.76
CA LEU H 378 -81.49 58.91 8.43
C LEU H 378 -81.60 58.81 9.94
N LYS H 379 -82.80 58.49 10.45
CA LYS H 379 -83.06 58.40 11.89
C LYS H 379 -82.70 59.70 12.61
N VAL H 380 -83.41 60.76 12.24
CA VAL H 380 -83.11 62.10 12.77
C VAL H 380 -83.42 62.22 14.25
N GLY H 381 -84.20 61.29 14.81
CA GLY H 381 -84.41 61.26 16.25
C GLY H 381 -83.15 61.01 17.04
N ASP H 382 -82.10 60.50 16.38
CA ASP H 382 -80.83 60.31 17.05
C ASP H 382 -80.14 61.64 17.31
N TYR H 383 -80.21 62.57 16.35
CA TYR H 383 -79.44 63.80 16.42
C TYR H 383 -80.27 65.03 16.76
N PHE H 384 -81.59 64.91 16.92
CA PHE H 384 -82.42 66.12 17.09
C PHE H 384 -82.05 66.90 18.35
N PHE H 385 -81.94 66.23 19.50
CA PHE H 385 -81.96 66.91 20.80
C PHE H 385 -80.66 67.64 21.14
N GLY H 386 -79.62 67.52 20.32
CA GLY H 386 -78.51 68.44 20.44
C GLY H 386 -78.97 69.88 20.35
N LYS H 387 -80.03 70.13 19.58
CA LYS H 387 -80.66 71.44 19.55
C LYS H 387 -81.11 71.88 20.94
N CYS H 388 -81.86 71.01 21.63
CA CYS H 388 -82.32 71.35 22.97
C CYS H 388 -81.16 71.63 23.91
N PHE H 389 -80.13 70.79 23.86
CA PHE H 389 -78.98 70.99 24.75
C PHE H 389 -78.27 72.31 24.49
N ASP H 390 -77.94 72.58 23.22
CA ASP H 390 -77.25 73.81 22.89
C ASP H 390 -78.11 75.04 23.17
N ALA H 391 -79.44 74.89 23.05
CA ALA H 391 -80.34 75.99 23.39
C ALA H 391 -80.35 76.24 24.89
N MET H 392 -80.36 75.18 25.70
CA MET H 392 -80.28 75.33 27.15
C MET H 392 -78.99 76.02 27.55
N GLU H 393 -77.90 75.73 26.83
CA GLU H 393 -76.61 76.36 27.13
C GLU H 393 -76.70 77.87 27.20
N VAL H 394 -77.56 78.49 26.39
CA VAL H 394 -77.68 79.95 26.37
C VAL H 394 -78.91 80.41 27.14
N ASP H 395 -79.98 79.59 27.13
CA ASP H 395 -81.19 79.96 27.85
C ASP H 395 -80.99 79.92 29.35
N ALA H 396 -79.97 79.19 29.82
CA ALA H 396 -79.61 79.25 31.23
C ALA H 396 -79.02 80.60 31.61
N LEU H 397 -78.79 81.49 30.66
CA LEU H 397 -78.20 82.78 30.98
C LEU H 397 -79.25 83.76 31.47
N ASN H 398 -78.77 84.73 32.24
CA ASN H 398 -79.63 85.77 32.78
C ASN H 398 -80.05 86.77 31.70
N SER H 399 -79.22 86.93 30.67
CA SER H 399 -79.57 87.80 29.54
C SER H 399 -80.51 87.12 28.55
N SER H 400 -80.90 85.87 28.79
CA SER H 400 -81.85 85.20 27.93
C SER H 400 -83.21 85.90 27.99
N HIS H 401 -84.03 85.65 26.97
CA HIS H 401 -85.34 86.25 26.83
C HIS H 401 -86.40 85.17 26.69
N PRO H 402 -87.66 85.50 26.97
CA PRO H 402 -88.74 84.53 26.72
C PRO H 402 -88.88 84.24 25.24
N VAL H 403 -89.55 83.12 24.94
CA VAL H 403 -89.74 82.73 23.55
C VAL H 403 -90.46 83.82 22.77
N SER H 404 -91.43 84.48 23.40
CA SER H 404 -92.16 85.58 22.80
C SER H 404 -91.89 86.83 23.64
N THR H 405 -91.21 87.81 23.05
CA THR H 405 -90.82 89.02 23.74
C THR H 405 -90.89 90.17 22.76
N PRO H 406 -91.27 91.37 23.21
CA PRO H 406 -91.50 92.49 22.28
C PRO H 406 -90.22 92.98 21.63
N VAL H 407 -90.33 93.34 20.35
CA VAL H 407 -89.25 93.93 19.56
C VAL H 407 -89.85 95.01 18.68
N GLU H 408 -89.03 96.02 18.34
CA GLU H 408 -89.53 97.11 17.53
C GLU H 408 -88.67 97.39 16.30
N ASN H 409 -87.40 97.74 16.50
CA ASN H 409 -86.56 98.14 15.38
C ASN H 409 -85.98 96.93 14.64
N PRO H 410 -85.51 97.12 13.41
CA PRO H 410 -85.00 95.99 12.62
C PRO H 410 -83.87 95.24 13.28
N ALA H 411 -83.01 95.91 14.04
CA ALA H 411 -81.93 95.19 14.73
C ALA H 411 -82.48 94.17 15.72
N GLN H 412 -83.47 94.59 16.52
CA GLN H 412 -84.13 93.67 17.45
C GLN H 412 -84.84 92.55 16.69
N ILE H 413 -85.48 92.89 15.58
CA ILE H 413 -86.20 91.88 14.80
C ILE H 413 -85.23 90.83 14.27
N ARG H 414 -84.07 91.27 13.77
CA ARG H 414 -83.04 90.33 13.33
C ARG H 414 -82.53 89.48 14.49
N GLU H 415 -82.37 90.11 15.67
CA GLU H 415 -81.90 89.36 16.83
C GLU H 415 -82.88 88.27 17.23
N MET H 416 -84.15 88.45 16.90
CA MET H 416 -85.15 87.43 17.25
C MET H 416 -84.86 86.07 16.62
N PHE H 417 -84.09 86.03 15.53
CA PHE H 417 -83.72 84.77 14.87
C PHE H 417 -82.54 84.11 15.58
N ASP H 418 -82.77 83.68 16.81
CA ASP H 418 -81.71 83.09 17.62
C ASP H 418 -82.07 81.66 18.02
N ASP H 419 -81.20 81.05 18.84
CA ASP H 419 -81.40 79.68 19.28
C ASP H 419 -82.71 79.51 20.05
N VAL H 420 -83.18 80.54 20.75
CA VAL H 420 -84.45 80.42 21.47
C VAL H 420 -85.57 80.10 20.50
N SER H 421 -85.82 81.01 19.55
CA SER H 421 -86.97 80.89 18.66
C SER H 421 -86.94 79.62 17.83
N TYR H 422 -85.74 79.13 17.48
CA TYR H 422 -85.64 77.88 16.70
C TYR H 422 -85.63 76.66 17.62
N ASP H 423 -84.51 76.46 18.31
CA ASP H 423 -84.32 75.23 19.08
C ASP H 423 -85.27 75.16 20.27
N LYS H 424 -85.35 76.22 21.09
CA LYS H 424 -86.20 76.14 22.27
C LYS H 424 -87.67 76.04 21.87
N GLY H 425 -88.06 76.74 20.82
CA GLY H 425 -89.43 76.60 20.32
C GLY H 425 -89.72 75.19 19.87
N ALA H 426 -88.81 74.59 19.11
CA ALA H 426 -89.02 73.21 18.66
C ALA H 426 -89.02 72.23 19.82
N CYS H 427 -88.21 72.48 20.85
CA CYS H 427 -88.15 71.55 21.97
C CYS H 427 -89.39 71.65 22.85
N ILE H 428 -89.90 72.86 23.06
CA ILE H 428 -91.16 72.97 23.82
C ILE H 428 -92.31 72.42 22.98
N LEU H 429 -92.24 72.53 21.65
CA LEU H 429 -93.25 71.91 20.81
C LEU H 429 -93.19 70.39 20.88
N ASN H 430 -91.98 69.83 20.89
CA ASN H 430 -91.83 68.39 21.08
C ASN H 430 -92.39 67.97 22.43
N MET H 431 -92.12 68.74 23.48
CA MET H 431 -92.65 68.43 24.79
C MET H 431 -94.18 68.44 24.78
N LEU H 432 -94.77 69.42 24.09
CA LEU H 432 -96.23 69.48 24.00
C LEU H 432 -96.80 68.32 23.19
N ARG H 433 -96.16 67.99 22.07
CA ARG H 433 -96.64 66.87 21.23
C ARG H 433 -96.52 65.55 21.95
N GLU H 434 -95.49 65.39 22.80
CA GLU H 434 -95.32 64.16 23.55
C GLU H 434 -96.25 64.11 24.76
N TYR H 435 -96.60 65.28 25.32
CA TYR H 435 -97.56 65.31 26.42
C TYR H 435 -98.97 65.02 25.95
N LEU H 436 -99.44 65.75 24.94
CA LEU H 436 -100.70 65.39 24.30
C LEU H 436 -100.50 64.11 23.48
N SER H 437 -101.58 63.65 22.86
CA SER H 437 -101.43 62.59 21.88
C SER H 437 -100.82 63.15 20.61
N ALA H 438 -100.04 62.33 19.91
CA ALA H 438 -99.55 62.72 18.60
C ALA H 438 -100.72 63.02 17.67
N ASP H 439 -101.80 62.23 17.80
CA ASP H 439 -103.01 62.47 17.02
C ASP H 439 -103.68 63.77 17.47
N ALA H 440 -103.69 64.04 18.77
CA ALA H 440 -104.25 65.29 19.26
C ALA H 440 -103.43 66.48 18.79
N PHE H 441 -102.10 66.36 18.79
CA PHE H 441 -101.24 67.42 18.27
C PHE H 441 -101.48 67.67 16.79
N LYS H 442 -101.63 66.60 16.00
CA LYS H 442 -101.93 66.80 14.59
C LYS H 442 -103.27 67.49 14.40
N SER H 443 -104.29 67.07 15.14
CA SER H 443 -105.59 67.71 15.05
C SER H 443 -105.50 69.19 15.40
N GLY H 444 -104.73 69.50 16.45
CA GLY H 444 -104.56 70.90 16.84
C GLY H 444 -103.91 71.73 15.74
N ILE H 445 -102.81 71.23 15.17
CA ILE H 445 -102.14 72.05 14.16
C ILE H 445 -102.98 72.15 12.89
N VAL H 446 -103.73 71.10 12.55
CA VAL H 446 -104.58 71.15 11.37
C VAL H 446 -105.70 72.17 11.55
N GLN H 447 -106.37 72.13 12.71
CA GLN H 447 -107.42 73.11 12.99
C GLN H 447 -106.85 74.53 12.98
N TYR H 448 -105.67 74.72 13.56
CA TYR H 448 -105.01 76.02 13.57
C TYR H 448 -104.77 76.53 12.15
N LEU H 449 -104.10 75.72 11.33
CA LEU H 449 -103.76 76.14 9.98
C LEU H 449 -105.01 76.39 9.14
N GLN H 450 -106.03 75.53 9.27
CA GLN H 450 -107.22 75.70 8.47
C GLN H 450 -107.99 76.95 8.88
N LYS H 451 -108.07 77.24 10.18
CA LYS H 451 -108.80 78.42 10.61
C LYS H 451 -108.05 79.70 10.27
N HIS H 452 -106.72 79.68 10.28
CA HIS H 452 -105.96 80.91 10.10
C HIS H 452 -105.20 80.95 8.77
N SER H 453 -105.60 80.11 7.81
CA SER H 453 -104.98 80.12 6.49
C SER H 453 -105.05 81.50 5.85
N TYR H 454 -103.97 81.88 5.17
CA TYR H 454 -103.87 83.14 4.45
C TYR H 454 -104.06 84.32 5.41
N LYS H 455 -103.73 84.11 6.68
CA LYS H 455 -103.98 85.15 7.68
C LYS H 455 -102.80 85.25 8.65
N ASN H 456 -103.01 86.05 9.69
CA ASN H 456 -102.04 86.30 10.74
C ASN H 456 -102.58 85.87 12.09
N THR H 457 -101.67 85.42 12.95
CA THR H 457 -102.01 84.88 14.27
C THR H 457 -101.11 85.49 15.33
N LYS H 458 -101.64 85.51 16.55
CA LYS H 458 -100.87 85.85 17.73
C LYS H 458 -100.52 84.55 18.47
N ASN H 459 -99.80 84.69 19.58
CA ASN H 459 -99.38 83.51 20.33
C ASN H 459 -100.57 82.75 20.90
N GLU H 460 -101.70 83.44 21.13
CA GLU H 460 -102.83 82.86 21.84
C GLU H 460 -103.72 82.01 20.94
N ASP H 461 -103.75 82.30 19.64
CA ASP H 461 -104.60 81.52 18.73
C ASP H 461 -104.14 80.07 18.67
N LEU H 462 -102.82 79.83 18.75
CA LEU H 462 -102.32 78.47 18.77
C LEU H 462 -102.82 77.71 19.99
N TRP H 463 -102.79 78.36 21.16
CA TRP H 463 -103.26 77.68 22.37
C TRP H 463 -104.76 77.44 22.30
N ASP H 464 -105.52 78.37 21.71
CA ASP H 464 -106.94 78.14 21.51
C ASP H 464 -107.19 76.94 20.60
N SER H 465 -106.45 76.86 19.50
CA SER H 465 -106.60 75.75 18.57
C SER H 465 -106.17 74.42 19.19
N MET H 466 -105.20 74.46 20.11
CA MET H 466 -104.78 73.24 20.81
C MET H 466 -105.78 72.82 21.87
N ALA H 467 -106.38 73.79 22.57
CA ALA H 467 -107.40 73.47 23.56
C ALA H 467 -108.68 73.01 22.90
N SER H 468 -108.90 73.37 21.63
CA SER H 468 -110.03 72.83 20.89
C SER H 468 -109.90 71.33 20.63
N ILE H 469 -108.73 70.75 20.86
CA ILE H 469 -108.51 69.32 20.70
C ILE H 469 -108.24 68.64 22.04
N GLY H 470 -107.52 69.31 22.94
CA GLY H 470 -107.27 68.77 24.26
C GLY H 470 -108.46 68.97 25.18
N GLY H 471 -109.31 67.95 25.29
CA GLY H 471 -110.54 68.08 26.04
C GLY H 471 -110.73 67.03 27.12
N GLY H 472 -109.63 66.40 27.53
CA GLY H 472 -109.67 65.47 28.64
C GLY H 472 -109.29 66.15 29.94
N GLY H 473 -109.60 67.44 30.07
CA GLY H 473 -109.13 68.21 31.21
C GLY H 473 -107.77 68.81 30.93
N VAL H 474 -107.54 69.24 29.70
CA VAL H 474 -106.23 69.67 29.23
C VAL H 474 -106.31 71.17 28.95
N ASP H 475 -105.77 71.97 29.87
CA ASP H 475 -105.66 73.41 29.68
C ASP H 475 -104.27 73.72 29.15
N VAL H 476 -104.13 73.68 27.82
CA VAL H 476 -102.84 73.91 27.17
C VAL H 476 -102.36 75.34 27.40
N LYS H 477 -103.30 76.27 27.63
CA LYS H 477 -102.97 77.70 27.64
C LYS H 477 -102.02 78.07 28.77
N THR H 478 -102.34 77.67 29.99
CA THR H 478 -101.50 78.05 31.12
C THR H 478 -100.11 77.44 31.00
N MET H 479 -100.03 76.16 30.64
CA MET H 479 -98.73 75.49 30.50
C MET H 479 -97.87 76.20 29.46
N MET H 480 -98.41 76.40 28.26
CA MET H 480 -97.60 77.00 27.22
C MET H 480 -97.34 78.49 27.47
N ASN H 481 -98.17 79.16 28.25
CA ASN H 481 -97.83 80.52 28.66
C ASN H 481 -96.63 80.50 29.62
N THR H 482 -96.60 79.55 30.56
CA THR H 482 -95.43 79.41 31.41
C THR H 482 -94.19 79.06 30.63
N TRP H 483 -94.34 78.34 29.51
CA TRP H 483 -93.16 77.95 28.74
C TRP H 483 -92.71 78.97 27.72
N THR H 484 -93.61 79.82 27.21
CA THR H 484 -93.24 80.79 26.18
C THR H 484 -93.14 82.22 26.67
N LEU H 485 -93.67 82.53 27.85
CA LEU H 485 -93.74 83.90 28.33
C LEU H 485 -92.77 84.21 29.46
N GLN H 486 -91.91 83.26 29.85
CA GLN H 486 -90.85 83.54 30.80
C GLN H 486 -89.57 82.86 30.34
N LYS H 487 -88.45 83.51 30.58
CA LYS H 487 -87.16 83.02 30.14
C LYS H 487 -86.72 81.82 30.98
N GLY H 488 -85.64 81.19 30.53
CA GLY H 488 -85.03 80.12 31.29
C GLY H 488 -85.80 78.82 31.21
N PHE H 489 -85.34 77.86 32.00
CA PHE H 489 -85.93 76.52 32.05
C PHE H 489 -85.71 75.96 33.44
N PRO H 490 -86.49 74.96 33.85
CA PRO H 490 -86.41 74.47 35.23
C PRO H 490 -85.41 73.34 35.48
N LEU H 491 -84.89 73.40 36.71
CA LEU H 491 -84.18 72.30 37.34
C LEU H 491 -85.14 71.53 38.24
N ILE H 492 -85.20 70.21 38.06
CA ILE H 492 -86.06 69.33 38.82
C ILE H 492 -85.17 68.48 39.72
N THR H 493 -85.27 68.72 41.03
CA THR H 493 -84.55 67.92 42.01
C THR H 493 -85.43 66.76 42.46
N ILE H 494 -84.86 65.55 42.47
CA ILE H 494 -85.59 64.32 42.75
C ILE H 494 -84.97 63.66 43.97
N THR H 495 -85.77 63.49 45.02
CA THR H 495 -85.34 62.79 46.23
C THR H 495 -86.20 61.54 46.43
N VAL H 496 -85.56 60.42 46.76
CA VAL H 496 -86.25 59.14 46.94
C VAL H 496 -86.04 58.66 48.37
N ARG H 497 -87.15 58.35 49.05
CA ARG H 497 -87.16 57.81 50.41
C ARG H 497 -87.93 56.50 50.34
N GLY H 498 -87.26 55.46 49.87
CA GLY H 498 -87.88 54.16 49.66
C GLY H 498 -88.83 54.11 48.49
N ARG H 499 -90.13 54.23 48.77
CA ARG H 499 -91.17 54.20 47.75
C ARG H 499 -91.73 55.58 47.44
N ASN H 500 -91.25 56.61 48.11
CA ASN H 500 -91.71 57.98 47.90
C ASN H 500 -90.74 58.71 46.98
N VAL H 501 -91.26 59.44 46.01
CA VAL H 501 -90.46 60.21 45.07
C VAL H 501 -90.92 61.66 45.20
N HIS H 502 -90.05 62.50 45.77
CA HIS H 502 -90.29 63.92 45.91
C HIS H 502 -89.67 64.64 44.72
N MET H 503 -90.44 65.55 44.13
CA MET H 503 -90.01 66.35 42.99
C MET H 503 -90.12 67.81 43.36
N LYS H 504 -89.06 68.57 43.11
CA LYS H 504 -89.05 70.00 43.38
C LYS H 504 -88.56 70.72 42.13
N GLN H 505 -89.22 71.80 41.78
CA GLN H 505 -88.83 72.58 40.61
C GLN H 505 -88.31 73.94 41.02
N GLU H 506 -87.29 74.41 40.31
CA GLU H 506 -86.77 75.76 40.53
C GLU H 506 -86.20 76.26 39.21
N HIS H 507 -85.90 77.55 39.16
CA HIS H 507 -85.36 78.16 37.95
C HIS H 507 -83.87 77.88 37.88
N TYR H 508 -83.45 77.17 36.82
CA TYR H 508 -82.03 76.93 36.58
C TYR H 508 -81.40 78.18 35.97
N MET H 509 -80.43 78.75 36.69
CA MET H 509 -79.69 79.91 36.22
C MET H 509 -78.25 79.77 36.66
N LYS H 510 -77.32 79.82 35.71
CA LYS H 510 -75.90 79.74 36.03
C LYS H 510 -75.50 80.94 36.87
N GLY H 511 -75.20 80.69 38.14
CA GLY H 511 -74.95 81.75 39.11
C GLY H 511 -73.88 82.75 38.71
N ASP H 517 -83.73 82.55 42.95
CA ASP H 517 -83.95 83.82 43.64
C ASP H 517 -84.82 84.75 42.83
N THR H 518 -85.62 84.17 41.92
CA THR H 518 -86.50 84.94 41.05
C THR H 518 -87.97 84.72 41.38
N GLY H 519 -88.44 83.47 41.36
CA GLY H 519 -89.85 83.20 41.58
C GLY H 519 -90.61 82.78 40.33
N TYR H 520 -90.02 81.89 39.54
CA TYR H 520 -90.67 81.34 38.35
C TYR H 520 -91.39 80.03 38.67
N LEU H 521 -92.43 79.74 37.89
CA LEU H 521 -93.15 78.48 38.01
C LEU H 521 -93.57 78.01 36.62
N TRP H 522 -93.32 76.74 36.32
CA TRP H 522 -93.67 76.11 35.05
C TRP H 522 -94.68 74.99 35.28
N HIS H 523 -95.31 74.56 34.18
CA HIS H 523 -96.08 73.32 34.15
C HIS H 523 -95.23 72.27 33.43
N VAL H 524 -94.44 71.54 34.21
CA VAL H 524 -93.46 70.61 33.68
C VAL H 524 -94.09 69.22 33.58
N PRO H 525 -94.31 68.68 32.40
CA PRO H 525 -94.80 67.30 32.30
C PRO H 525 -93.68 66.29 32.52
N LEU H 526 -93.47 65.87 33.77
CA LEU H 526 -92.37 64.97 34.07
C LEU H 526 -92.66 63.57 33.56
N THR H 527 -91.60 62.88 33.14
CA THR H 527 -91.65 61.48 32.73
C THR H 527 -90.47 60.76 33.37
N PHE H 528 -90.68 59.51 33.78
CA PHE H 528 -89.64 58.79 34.49
C PHE H 528 -89.76 57.30 34.21
N ILE H 529 -88.63 56.60 34.38
CA ILE H 529 -88.58 55.15 34.32
C ILE H 529 -87.82 54.66 35.55
N THR H 530 -87.92 53.35 35.80
CA THR H 530 -87.29 52.71 36.95
C THR H 530 -86.47 51.53 36.47
N SER H 531 -85.77 50.90 37.42
CA SER H 531 -85.02 49.69 37.14
C SER H 531 -85.92 48.47 36.96
N LYS H 532 -87.18 48.57 37.34
CA LYS H 532 -88.11 47.46 37.25
C LYS H 532 -88.91 47.45 35.96
N SER H 533 -88.80 48.50 35.14
CA SER H 533 -89.70 48.67 34.01
C SER H 533 -89.12 49.67 33.02
N ASP H 534 -89.06 49.28 31.74
CA ASP H 534 -88.80 50.24 30.68
C ASP H 534 -90.03 51.05 30.31
N MET H 535 -91.16 50.80 30.97
CA MET H 535 -92.40 51.50 30.68
C MET H 535 -92.38 52.91 31.29
N VAL H 536 -92.87 53.88 30.53
CA VAL H 536 -92.82 55.28 30.90
C VAL H 536 -94.06 55.64 31.72
N HIS H 537 -93.86 56.06 32.96
CA HIS H 537 -94.91 56.64 33.77
C HIS H 537 -94.77 58.16 33.78
N ARG H 538 -95.90 58.85 33.84
CA ARG H 538 -95.94 60.29 33.67
C ARG H 538 -96.51 60.98 34.90
N PHE H 539 -96.23 62.28 35.01
CA PHE H 539 -96.73 63.09 36.12
C PHE H 539 -96.56 64.56 35.76
N LEU H 540 -97.62 65.35 35.98
CA LEU H 540 -97.63 66.77 35.63
C LEU H 540 -97.37 67.59 36.87
N LEU H 541 -96.14 68.13 36.97
CA LEU H 541 -95.75 68.96 38.11
C LEU H 541 -96.19 70.39 37.85
N LYS H 542 -97.24 70.83 38.56
CA LYS H 542 -97.82 72.16 38.38
C LYS H 542 -97.44 73.15 39.48
N THR H 543 -96.84 72.67 40.58
CA THR H 543 -96.50 73.50 41.73
C THR H 543 -94.99 73.44 41.96
N LYS H 544 -94.56 74.05 43.08
CA LYS H 544 -93.14 74.06 43.41
C LYS H 544 -92.66 72.66 43.77
N THR H 545 -93.37 71.98 44.67
CA THR H 545 -93.00 70.64 45.11
C THR H 545 -94.19 69.72 45.02
N ASP H 546 -93.91 68.43 44.83
CA ASP H 546 -94.93 67.40 44.83
C ASP H 546 -94.26 66.07 45.16
N VAL H 547 -95.08 65.02 45.26
CA VAL H 547 -94.58 63.72 45.66
C VAL H 547 -95.52 62.66 45.12
N LEU H 548 -94.93 61.57 44.62
CA LEU H 548 -95.71 60.41 44.18
C LEU H 548 -95.17 59.17 44.88
N ILE H 549 -95.95 58.09 44.82
CA ILE H 549 -95.66 56.86 45.55
C ILE H 549 -95.49 55.72 44.55
N LEU H 550 -94.30 55.15 44.50
CA LEU H 550 -94.02 54.00 43.69
C LEU H 550 -94.61 52.75 44.33
N PRO H 551 -94.85 51.69 43.56
CA PRO H 551 -95.32 50.43 44.15
C PRO H 551 -94.21 49.59 44.76
N GLU H 552 -92.96 50.01 44.60
CA GLU H 552 -91.81 49.19 44.99
C GLU H 552 -90.56 50.06 44.92
N GLU H 553 -89.63 49.82 45.85
CA GLU H 553 -88.34 50.49 45.78
C GLU H 553 -87.60 50.10 44.51
N VAL H 554 -86.84 51.05 43.98
CA VAL H 554 -86.10 50.86 42.73
C VAL H 554 -84.65 51.23 42.98
N GLU H 555 -83.75 50.56 42.26
CA GLU H 555 -82.34 50.87 42.39
C GLU H 555 -82.01 52.26 41.87
N TRP H 556 -82.55 52.61 40.70
CA TRP H 556 -82.34 53.93 40.14
C TRP H 556 -83.62 54.39 39.45
N ILE H 557 -83.72 55.69 39.25
CA ILE H 557 -84.87 56.30 38.60
C ILE H 557 -84.34 57.42 37.71
N LYS H 558 -84.91 57.54 36.52
CA LYS H 558 -84.43 58.48 35.50
C LYS H 558 -85.60 59.31 35.01
N PHE H 559 -85.54 60.62 35.25
CA PHE H 559 -86.60 61.49 34.80
C PHE H 559 -86.24 62.07 33.43
N ASN H 560 -87.25 62.67 32.79
CA ASN H 560 -87.12 63.24 31.45
C ASN H 560 -86.62 62.16 30.47
N VAL H 561 -87.50 61.18 30.27
CA VAL H 561 -87.14 60.00 29.49
C VAL H 561 -87.02 60.39 28.02
N GLY H 562 -85.87 60.06 27.41
CA GLY H 562 -85.68 60.32 26.00
C GLY H 562 -85.51 61.78 25.63
N MET H 563 -85.23 62.64 26.60
CA MET H 563 -85.01 64.07 26.36
C MET H 563 -86.16 64.71 25.60
N ASN H 564 -87.38 64.32 25.95
CA ASN H 564 -88.56 64.93 25.35
C ASN H 564 -89.07 66.11 26.15
N GLY H 565 -88.36 66.51 27.19
CA GLY H 565 -88.76 67.64 28.03
C GLY H 565 -87.64 68.67 28.11
N TYR H 566 -88.03 69.94 28.13
CA TYR H 566 -87.09 71.06 28.12
C TYR H 566 -86.78 71.49 29.56
N TYR H 567 -86.09 70.61 30.26
CA TYR H 567 -85.66 70.89 31.64
C TYR H 567 -84.46 70.00 31.94
N ILE H 568 -83.83 70.23 33.09
CA ILE H 568 -82.76 69.34 33.52
C ILE H 568 -83.11 68.77 34.88
N VAL H 569 -82.51 67.62 35.20
CA VAL H 569 -82.88 66.82 36.35
C VAL H 569 -81.64 66.54 37.20
N HIS H 570 -81.77 66.76 38.51
CA HIS H 570 -80.75 66.48 39.49
C HIS H 570 -81.30 65.47 40.49
N TYR H 571 -80.44 64.56 40.97
CA TYR H 571 -80.86 63.49 41.85
C TYR H 571 -80.14 63.61 43.19
N GLU H 572 -80.91 63.64 44.27
CA GLU H 572 -80.36 63.75 45.62
C GLU H 572 -79.95 62.37 46.12
N ASP H 573 -79.18 62.38 47.21
CA ASP H 573 -78.69 61.18 47.93
C ASP H 573 -77.76 60.45 46.95
N ASP H 574 -77.81 59.11 46.89
CA ASP H 574 -76.99 58.27 46.02
C ASP H 574 -77.60 58.12 44.63
N GLY H 575 -78.41 59.07 44.18
CA GLY H 575 -79.02 58.93 42.86
C GLY H 575 -78.01 59.00 41.73
N TRP H 576 -77.13 60.01 41.77
CA TRP H 576 -76.11 60.13 40.74
C TRP H 576 -75.10 59.00 40.82
N ASP H 577 -74.76 58.53 42.04
CA ASP H 577 -73.90 57.36 42.17
C ASP H 577 -74.56 56.11 41.57
N SER H 578 -75.86 55.93 41.81
CA SER H 578 -76.56 54.78 41.24
C SER H 578 -76.58 54.84 39.73
N LEU H 579 -76.84 56.02 39.17
CA LEU H 579 -76.86 56.14 37.71
C LEU H 579 -75.46 55.98 37.12
N THR H 580 -74.44 56.48 37.81
CA THR H 580 -73.06 56.27 37.37
C THR H 580 -72.69 54.80 37.38
N GLY H 581 -73.09 54.07 38.43
CA GLY H 581 -72.86 52.64 38.47
C GLY H 581 -73.57 51.91 37.36
N LEU H 582 -74.81 52.32 37.06
CA LEU H 582 -75.54 51.72 35.94
C LEU H 582 -74.79 51.95 34.63
N LEU H 583 -74.34 53.18 34.39
CA LEU H 583 -73.65 53.50 33.15
C LEU H 583 -72.34 52.74 33.03
N LYS H 584 -71.57 52.66 34.13
CA LYS H 584 -70.28 51.96 34.09
C LYS H 584 -70.44 50.45 34.03
N GLY H 585 -71.57 49.90 34.48
CA GLY H 585 -71.77 48.47 34.41
C GLY H 585 -72.39 48.04 33.10
N THR H 586 -73.67 48.39 32.89
CA THR H 586 -74.39 48.02 31.67
C THR H 586 -75.19 49.25 31.22
N HIS H 587 -74.53 50.15 30.48
CA HIS H 587 -75.17 51.36 29.98
C HIS H 587 -76.33 51.04 29.05
N THR H 588 -76.42 49.82 28.53
CA THR H 588 -77.52 49.44 27.64
C THR H 588 -78.86 49.33 28.36
N ALA H 589 -78.90 49.55 29.69
CA ALA H 589 -80.17 49.52 30.40
C ALA H 589 -81.05 50.72 30.06
N VAL H 590 -80.46 51.82 29.58
CA VAL H 590 -81.21 52.99 29.16
C VAL H 590 -80.84 53.32 27.71
N SER H 591 -81.59 54.25 27.14
CA SER H 591 -81.43 54.60 25.73
C SER H 591 -80.25 55.56 25.52
N SER H 592 -79.88 55.72 24.26
CA SER H 592 -78.80 56.63 23.90
C SER H 592 -79.11 58.06 24.34
N ASN H 593 -80.34 58.52 24.05
CA ASN H 593 -80.74 59.86 24.47
C ASN H 593 -80.74 59.99 25.99
N ASP H 594 -81.08 58.93 26.71
CA ASP H 594 -81.06 58.99 28.17
C ASP H 594 -79.63 59.14 28.69
N ARG H 595 -78.70 58.37 28.14
CA ARG H 595 -77.30 58.50 28.55
C ARG H 595 -76.76 59.90 28.24
N ALA H 596 -77.09 60.41 27.05
CA ALA H 596 -76.65 61.75 26.67
C ALA H 596 -77.21 62.80 27.61
N SER H 597 -78.49 62.68 27.97
CA SER H 597 -79.09 63.62 28.91
C SER H 597 -78.42 63.52 30.27
N LEU H 598 -78.06 62.31 30.70
CA LEU H 598 -77.36 62.17 31.97
C LEU H 598 -76.04 62.92 31.96
N ILE H 599 -75.24 62.71 30.91
CA ILE H 599 -73.95 63.40 30.81
C ILE H 599 -74.15 64.92 30.82
N ASN H 600 -75.03 65.41 29.94
CA ASN H 600 -75.25 66.84 29.81
C ASN H 600 -75.75 67.44 31.12
N ASN H 601 -76.67 66.76 31.79
CA ASN H 601 -77.22 67.28 33.04
C ASN H 601 -76.17 67.32 34.14
N ALA H 602 -75.33 66.28 34.24
CA ALA H 602 -74.28 66.28 35.24
C ALA H 602 -73.33 67.46 35.05
N PHE H 603 -72.92 67.70 33.80
CA PHE H 603 -71.98 68.79 33.59
C PHE H 603 -72.64 70.16 33.76
N GLN H 604 -73.91 70.29 33.39
CA GLN H 604 -74.61 71.55 33.65
C GLN H 604 -74.81 71.80 35.13
N LEU H 605 -74.93 70.73 35.94
CA LEU H 605 -75.05 70.88 37.38
C LEU H 605 -73.72 71.27 38.01
N VAL H 606 -72.61 70.85 37.40
CA VAL H 606 -71.30 71.32 37.86
C VAL H 606 -71.24 72.84 37.86
N SER H 607 -71.85 73.50 36.88
CA SER H 607 -71.78 74.95 36.76
C SER H 607 -72.45 75.68 37.92
N ILE H 608 -73.34 75.03 38.67
CA ILE H 608 -74.03 75.68 39.77
C ILE H 608 -73.79 75.00 41.12
N GLY H 609 -73.03 73.91 41.14
CA GLY H 609 -72.62 73.31 42.40
C GLY H 609 -73.49 72.17 42.89
N LYS H 610 -74.52 71.79 42.14
CA LYS H 610 -75.31 70.63 42.54
C LYS H 610 -74.58 69.31 42.31
N LEU H 611 -73.42 69.34 41.65
CA LEU H 611 -72.63 68.14 41.42
C LEU H 611 -71.17 68.55 41.22
N SER H 612 -70.26 67.75 41.76
CA SER H 612 -68.84 68.06 41.69
C SER H 612 -68.26 67.66 40.34
N ILE H 613 -67.28 68.43 39.87
CA ILE H 613 -66.62 68.14 38.60
C ILE H 613 -65.93 66.78 38.66
N GLU H 614 -65.44 66.38 39.85
CA GLU H 614 -64.83 65.07 39.98
C GLU H 614 -65.85 63.96 39.74
N LYS H 615 -67.04 64.07 40.32
CA LYS H 615 -68.08 63.08 40.06
C LYS H 615 -68.53 63.12 38.61
N ALA H 616 -68.56 64.31 38.02
CA ALA H 616 -68.88 64.41 36.59
C ALA H 616 -67.87 63.61 35.76
N LEU H 617 -66.59 63.73 36.07
CA LEU H 617 -65.57 62.98 35.33
C LEU H 617 -65.67 61.49 35.61
N ASP H 618 -66.01 61.11 36.85
CA ASP H 618 -66.29 59.70 37.13
C ASP H 618 -67.41 59.18 36.22
N LEU H 619 -68.47 59.98 36.04
CA LEU H 619 -69.53 59.59 35.13
C LEU H 619 -69.01 59.51 33.69
N SER H 620 -68.15 60.44 33.31
CA SER H 620 -67.60 60.45 31.95
C SER H 620 -66.77 59.21 31.67
N LEU H 621 -66.15 58.63 32.70
CA LEU H 621 -65.30 57.46 32.51
C LEU H 621 -66.01 56.29 31.84
N TYR H 622 -67.35 56.25 31.87
CA TYR H 622 -68.06 55.14 31.25
C TYR H 622 -67.96 55.17 29.72
N LEU H 623 -67.59 56.30 29.14
CA LEU H 623 -67.49 56.41 27.68
C LEU H 623 -66.39 55.54 27.09
N LYS H 624 -65.54 54.93 27.92
CA LYS H 624 -64.55 53.99 27.41
C LYS H 624 -65.20 52.82 26.70
N HIS H 625 -66.45 52.50 27.07
CA HIS H 625 -67.20 51.42 26.46
C HIS H 625 -68.44 51.92 25.73
N GLU H 626 -68.56 53.24 25.54
CA GLU H 626 -69.68 53.81 24.82
C GLU H 626 -69.43 53.70 23.31
N THR H 627 -70.52 53.48 22.56
CA THR H 627 -70.41 53.28 21.12
C THR H 627 -71.41 54.07 20.29
N GLU H 628 -72.33 54.80 20.90
CA GLU H 628 -73.41 55.46 20.18
C GLU H 628 -73.13 56.92 19.89
N ILE H 629 -73.65 57.37 18.73
CA ILE H 629 -73.28 58.67 18.17
C ILE H 629 -73.74 59.80 19.09
N MET H 630 -74.99 59.73 19.57
CA MET H 630 -75.50 60.84 20.38
C MET H 630 -74.74 60.96 21.70
N PRO H 631 -74.55 59.91 22.50
CA PRO H 631 -73.78 60.09 23.74
C PRO H 631 -72.34 60.46 23.50
N VAL H 632 -71.69 59.89 22.47
CA VAL H 632 -70.30 60.24 22.21
C VAL H 632 -70.19 61.72 21.84
N PHE H 633 -71.05 62.19 20.94
CA PHE H 633 -71.03 63.59 20.53
C PHE H 633 -71.36 64.51 21.69
N GLN H 634 -72.25 64.09 22.58
CA GLN H 634 -72.58 64.92 23.73
C GLN H 634 -71.41 64.99 24.71
N GLY H 635 -70.72 63.87 24.91
CA GLY H 635 -69.53 63.89 25.73
C GLY H 635 -68.46 64.82 25.17
N LEU H 636 -68.28 64.79 23.85
CA LEU H 636 -67.33 65.71 23.22
C LEU H 636 -67.78 67.16 23.39
N ASN H 637 -69.07 67.43 23.16
CA ASN H 637 -69.56 68.80 23.28
C ASN H 637 -69.47 69.31 24.70
N GLU H 638 -69.48 68.41 25.70
CA GLU H 638 -69.37 68.85 27.08
C GLU H 638 -67.94 68.87 27.61
N LEU H 639 -67.01 68.15 26.97
CA LEU H 639 -65.62 68.12 27.44
C LEU H 639 -64.69 69.06 26.67
N ILE H 640 -64.92 69.22 25.36
CA ILE H 640 -64.03 70.07 24.56
C ILE H 640 -63.96 71.50 25.07
N PRO H 641 -65.08 72.18 25.41
CA PRO H 641 -64.96 73.57 25.88
C PRO H 641 -64.04 73.75 27.08
N MET H 642 -63.80 72.71 27.87
CA MET H 642 -62.89 72.85 29.00
C MET H 642 -61.46 73.08 28.53
N TYR H 643 -60.94 72.19 27.68
CA TYR H 643 -59.59 72.43 27.17
C TYR H 643 -59.57 73.62 26.21
N LYS H 644 -60.70 73.99 25.63
CA LYS H 644 -60.76 75.24 24.87
C LYS H 644 -60.55 76.45 25.77
N LEU H 645 -61.15 76.44 26.95
CA LEU H 645 -60.88 77.49 27.93
C LEU H 645 -59.42 77.46 28.37
N MET H 646 -58.86 76.27 28.54
CA MET H 646 -57.48 76.16 28.98
C MET H 646 -56.49 76.65 27.93
N GLU H 647 -56.78 76.45 26.64
CA GLU H 647 -55.86 76.85 25.59
C GLU H 647 -55.63 78.37 25.58
N LYS H 648 -56.63 79.14 26.02
CA LYS H 648 -56.52 80.60 26.03
C LYS H 648 -55.66 81.12 27.17
N ARG H 649 -55.09 80.23 27.99
CA ARG H 649 -54.34 80.61 29.18
C ARG H 649 -53.00 79.91 29.19
N ASP H 650 -52.24 80.15 30.27
CA ASP H 650 -50.96 79.47 30.50
C ASP H 650 -51.25 78.20 31.30
N MET H 651 -51.62 77.15 30.58
CA MET H 651 -52.06 75.90 31.20
C MET H 651 -51.66 74.71 30.32
N ASN H 652 -50.41 74.69 29.87
CA ASN H 652 -49.97 73.69 28.89
C ASN H 652 -49.99 72.29 29.48
N GLU H 653 -49.44 72.12 30.69
CA GLU H 653 -49.37 70.80 31.30
C GLU H 653 -50.77 70.22 31.52
N VAL H 654 -51.65 71.01 32.12
CA VAL H 654 -52.99 70.53 32.43
C VAL H 654 -53.77 70.27 31.15
N GLU H 655 -53.60 71.12 30.15
CA GLU H 655 -54.26 70.92 28.86
C GLU H 655 -53.79 69.64 28.20
N THR H 656 -52.48 69.36 28.26
CA THR H 656 -51.96 68.13 27.65
C THR H 656 -52.48 66.90 28.38
N GLN H 657 -52.49 66.94 29.71
CA GLN H 657 -53.08 65.84 30.48
C GLN H 657 -54.54 65.63 30.09
N PHE H 658 -55.29 66.73 29.93
CA PHE H 658 -56.71 66.61 29.60
C PHE H 658 -56.92 66.01 28.21
N LYS H 659 -56.16 66.48 27.21
CA LYS H 659 -56.28 65.93 25.87
C LYS H 659 -55.90 64.46 25.82
N ALA H 660 -54.82 64.09 26.53
CA ALA H 660 -54.42 62.69 26.59
C ALA H 660 -55.51 61.84 27.23
N PHE H 661 -56.13 62.36 28.30
CA PHE H 661 -57.23 61.65 28.94
C PHE H 661 -58.42 61.47 27.99
N LEU H 662 -58.78 62.52 27.26
CA LEU H 662 -59.90 62.43 26.32
C LEU H 662 -59.65 61.39 25.23
N ILE H 663 -58.45 61.42 24.64
CA ILE H 663 -58.12 60.48 23.58
C ILE H 663 -58.06 59.06 24.13
N ARG H 664 -57.49 58.88 25.33
CA ARG H 664 -57.48 57.56 25.94
C ARG H 664 -58.89 57.10 26.29
N LEU H 665 -59.80 58.04 26.53
CA LEU H 665 -61.18 57.70 26.81
C LEU H 665 -61.87 57.11 25.59
N LEU H 666 -61.59 57.66 24.41
CA LEU H 666 -62.25 57.21 23.19
C LEU H 666 -61.37 56.35 22.28
N ARG H 667 -60.21 55.91 22.78
CA ARG H 667 -59.24 55.19 21.97
C ARG H 667 -59.77 53.87 21.41
N ASP H 668 -60.53 53.11 22.20
CA ASP H 668 -61.02 51.83 21.70
C ASP H 668 -61.92 52.02 20.47
N LEU H 669 -62.87 52.95 20.56
CA LEU H 669 -63.75 53.19 19.42
C LEU H 669 -62.97 53.77 18.25
N ILE H 670 -61.99 54.65 18.52
CA ILE H 670 -61.21 55.22 17.43
C ILE H 670 -60.44 54.13 16.69
N ASP H 671 -59.85 53.20 17.43
CA ASP H 671 -59.14 52.09 16.80
C ASP H 671 -60.10 51.18 16.03
N LYS H 672 -61.29 50.94 16.58
CA LYS H 672 -62.23 50.06 15.89
C LYS H 672 -62.79 50.69 14.62
N GLN H 673 -62.79 52.02 14.52
CA GLN H 673 -63.26 52.67 13.31
C GLN H 673 -62.40 52.32 12.10
N THR H 674 -63.05 52.04 10.97
CA THR H 674 -62.39 51.78 9.70
C THR H 674 -62.18 53.09 8.94
N TRP H 675 -61.45 53.01 7.83
CA TRP H 675 -61.16 54.18 7.01
C TRP H 675 -61.87 54.12 5.66
N THR H 676 -63.20 54.02 5.67
CA THR H 676 -63.99 53.89 4.45
C THR H 676 -65.30 54.66 4.63
N ASP H 677 -66.12 54.66 3.58
CA ASP H 677 -67.44 55.29 3.60
C ASP H 677 -68.55 54.28 3.84
N GLU H 678 -68.30 53.26 4.65
CA GLU H 678 -69.25 52.20 4.91
C GLU H 678 -70.21 52.59 6.04
N GLY H 679 -71.29 51.84 6.17
CA GLY H 679 -72.21 52.00 7.28
C GLY H 679 -73.31 53.01 6.98
N SER H 680 -74.21 53.13 7.95
CA SER H 680 -75.33 54.06 7.85
C SER H 680 -74.82 55.50 7.97
N VAL H 681 -75.75 56.44 7.80
CA VAL H 681 -75.41 57.86 7.92
C VAL H 681 -74.86 58.15 9.31
N SER H 682 -75.49 57.60 10.34
CA SER H 682 -75.04 57.79 11.72
C SER H 682 -73.62 57.28 11.90
N GLU H 683 -73.35 56.05 11.48
CA GLU H 683 -72.01 55.49 11.63
C GLU H 683 -70.98 56.27 10.83
N ARG H 684 -71.36 56.77 9.65
CA ARG H 684 -70.42 57.53 8.83
C ARG H 684 -70.05 58.84 9.51
N MET H 685 -71.04 59.56 10.06
CA MET H 685 -70.74 60.80 10.76
C MET H 685 -69.89 60.54 12.00
N LEU H 686 -70.19 59.46 12.73
CA LEU H 686 -69.39 59.09 13.89
C LEU H 686 -67.94 58.82 13.50
N ARG H 687 -67.73 58.06 12.42
CA ARG H 687 -66.38 57.78 11.96
C ARG H 687 -65.64 59.07 11.58
N SER H 688 -66.31 59.94 10.83
CA SER H 688 -65.66 61.17 10.39
C SER H 688 -65.21 62.00 11.59
N GLN H 689 -66.12 62.22 12.55
CA GLN H 689 -65.77 63.05 13.69
C GLN H 689 -64.70 62.41 14.55
N LEU H 690 -64.74 61.07 14.73
CA LEU H 690 -63.75 60.41 15.57
C LEU H 690 -62.36 60.46 14.94
N LEU H 691 -62.27 60.16 13.64
CA LEU H 691 -60.97 60.22 12.98
C LEU H 691 -60.42 61.65 12.97
N LEU H 692 -61.29 62.64 12.77
CA LEU H 692 -60.83 64.03 12.82
C LEU H 692 -60.29 64.36 14.21
N LEU H 693 -61.01 63.97 15.26
CA LEU H 693 -60.57 64.24 16.62
C LEU H 693 -59.21 63.61 16.90
N ALA H 694 -59.06 62.33 16.55
CA ALA H 694 -57.80 61.63 16.81
C ALA H 694 -56.64 62.26 16.05
N CYS H 695 -56.81 62.46 14.74
CA CYS H 695 -55.72 63.02 13.95
CA CYS H 695 -55.75 63.04 13.93
C CYS H 695 -55.39 64.45 14.39
N VAL H 696 -56.37 65.20 14.90
CA VAL H 696 -56.09 66.55 15.37
C VAL H 696 -55.31 66.51 16.67
N HIS H 697 -55.69 65.61 17.59
CA HIS H 697 -54.99 65.50 18.85
C HIS H 697 -53.79 64.58 18.79
N ASN H 698 -53.34 64.22 17.58
CA ASN H 698 -52.02 63.62 17.37
C ASN H 698 -51.98 62.18 17.83
N TYR H 699 -53.00 61.41 17.45
CA TYR H 699 -52.97 59.96 17.61
C TYR H 699 -52.07 59.42 16.51
N GLN H 700 -50.87 58.96 16.88
CA GLN H 700 -49.85 58.67 15.88
C GLN H 700 -50.26 57.66 14.81
N PRO H 701 -51.01 56.59 15.11
CA PRO H 701 -51.52 55.75 14.01
C PRO H 701 -52.37 56.51 13.01
N CYS H 702 -53.34 57.29 13.50
CA CYS H 702 -54.16 58.12 12.61
CA CYS H 702 -54.16 58.09 12.60
C CYS H 702 -53.31 59.07 11.81
N VAL H 703 -52.33 59.72 12.46
CA VAL H 703 -51.49 60.69 11.77
C VAL H 703 -50.70 60.02 10.66
N GLN H 704 -50.15 58.83 10.91
CA GLN H 704 -49.37 58.13 9.90
C GLN H 704 -50.26 57.73 8.72
N ARG H 705 -51.43 57.15 8.99
CA ARG H 705 -52.28 56.71 7.89
C ARG H 705 -52.82 57.89 7.09
N ALA H 706 -53.15 58.99 7.78
CA ALA H 706 -53.65 60.17 7.08
C ALA H 706 -52.55 60.83 6.26
N GLU H 707 -51.32 60.82 6.75
CA GLU H 707 -50.20 61.32 5.96
C GLU H 707 -49.99 60.44 4.72
N GLY H 708 -50.15 59.13 4.85
CA GLY H 708 -50.04 58.27 3.69
C GLY H 708 -51.10 58.57 2.64
N TYR H 709 -52.36 58.70 3.09
CA TYR H 709 -53.44 59.03 2.15
C TYR H 709 -53.22 60.38 1.51
N PHE H 710 -52.79 61.38 2.29
CA PHE H 710 -52.58 62.72 1.75
C PHE H 710 -51.40 62.74 0.78
N ARG H 711 -50.36 61.94 1.05
CA ARG H 711 -49.24 61.83 0.12
C ARG H 711 -49.68 61.24 -1.20
N LYS H 712 -50.41 60.12 -1.15
CA LYS H 712 -50.92 59.52 -2.38
C LYS H 712 -51.80 60.50 -3.15
N TRP H 713 -52.64 61.25 -2.43
CA TRP H 713 -53.54 62.19 -3.08
C TRP H 713 -52.78 63.34 -3.73
N LYS H 714 -51.83 63.93 -3.01
CA LYS H 714 -51.07 65.06 -3.55
C LYS H 714 -50.21 64.61 -4.74
N GLU H 715 -49.66 63.39 -4.68
CA GLU H 715 -48.92 62.87 -5.82
C GLU H 715 -49.84 62.58 -6.99
N SER H 716 -51.10 62.26 -6.72
CA SER H 716 -52.09 62.11 -7.79
C SER H 716 -52.63 63.44 -8.27
N ASN H 717 -52.28 64.55 -7.61
CA ASN H 717 -52.69 65.90 -8.02
C ASN H 717 -54.20 66.08 -7.82
N GLY H 718 -54.70 65.64 -6.66
CA GLY H 718 -56.12 65.70 -6.37
C GLY H 718 -56.98 64.71 -7.10
N ASN H 719 -56.41 63.94 -8.03
CA ASN H 719 -57.20 63.03 -8.85
C ASN H 719 -57.63 61.77 -8.10
N LEU H 720 -56.86 61.35 -7.10
CA LEU H 720 -57.19 60.16 -6.34
C LEU H 720 -58.47 60.37 -5.54
N SER H 721 -59.40 59.43 -5.67
CA SER H 721 -60.67 59.49 -4.93
C SER H 721 -60.44 58.99 -3.51
N LEU H 722 -60.67 59.86 -2.52
CA LEU H 722 -60.52 59.56 -1.11
C LEU H 722 -61.88 59.28 -0.48
N PRO H 723 -61.91 58.48 0.58
CA PRO H 723 -63.15 58.32 1.35
C PRO H 723 -63.59 59.65 1.93
N VAL H 724 -64.84 60.03 1.64
CA VAL H 724 -65.34 61.34 2.05
C VAL H 724 -65.30 61.49 3.56
N ASP H 725 -65.50 60.39 4.29
CA ASP H 725 -65.51 60.45 5.75
C ASP H 725 -64.13 60.76 6.31
N VAL H 726 -63.09 60.10 5.76
CA VAL H 726 -61.72 60.37 6.21
C VAL H 726 -61.13 61.60 5.54
N THR H 727 -61.83 62.21 4.59
CA THR H 727 -61.32 63.40 3.90
C THR H 727 -61.03 64.53 4.88
N LEU H 728 -61.91 64.73 5.87
CA LEU H 728 -61.68 65.78 6.86
C LEU H 728 -60.36 65.59 7.58
N ALA H 729 -60.13 64.38 8.12
CA ALA H 729 -58.90 64.11 8.84
C ALA H 729 -57.69 64.21 7.92
N VAL H 730 -57.79 63.70 6.70
CA VAL H 730 -56.67 63.72 5.78
C VAL H 730 -56.28 65.16 5.44
N PHE H 731 -57.26 65.99 5.15
CA PHE H 731 -56.96 67.39 4.83
C PHE H 731 -56.40 68.12 6.06
N ALA H 732 -56.99 67.88 7.23
CA ALA H 732 -56.51 68.54 8.44
C ALA H 732 -55.08 68.15 8.77
N VAL H 733 -54.69 66.90 8.48
CA VAL H 733 -53.32 66.48 8.70
C VAL H 733 -52.40 67.08 7.65
N GLY H 734 -52.80 67.01 6.37
CA GLY H 734 -51.94 67.49 5.31
C GLY H 734 -51.71 68.98 5.33
N ALA H 735 -52.64 69.75 5.90
CA ALA H 735 -52.50 71.20 5.94
C ALA H 735 -51.53 71.68 7.02
N GLN H 736 -50.85 70.76 7.71
CA GLN H 736 -49.93 71.19 8.77
C GLN H 736 -48.62 71.72 8.20
N SER H 737 -48.18 71.21 7.06
CA SER H 737 -46.98 71.72 6.41
C SER H 737 -47.34 72.80 5.40
N THR H 738 -46.40 73.71 5.15
CA THR H 738 -46.64 74.80 4.22
C THR H 738 -46.92 74.28 2.81
N GLU H 739 -46.21 73.24 2.39
CA GLU H 739 -46.41 72.67 1.06
C GLU H 739 -47.84 72.18 0.88
N GLY H 740 -48.32 71.34 1.80
CA GLY H 740 -49.68 70.84 1.70
C GLY H 740 -50.72 71.93 1.88
N TRP H 741 -50.43 72.94 2.70
CA TRP H 741 -51.34 74.08 2.85
C TRP H 741 -51.54 74.79 1.52
N ASP H 742 -50.44 75.13 0.84
CA ASP H 742 -50.53 75.81 -0.44
C ASP H 742 -51.19 74.93 -1.50
N PHE H 743 -50.93 73.62 -1.46
CA PHE H 743 -51.56 72.71 -2.42
C PHE H 743 -53.07 72.65 -2.23
N LEU H 744 -53.51 72.49 -0.98
CA LEU H 744 -54.94 72.49 -0.69
C LEU H 744 -55.59 73.79 -1.14
N TYR H 745 -54.96 74.93 -0.87
CA TYR H 745 -55.56 76.19 -1.32
C TYR H 745 -55.60 76.26 -2.84
N SER H 746 -54.59 75.72 -3.52
CA SER H 746 -54.60 75.73 -4.97
C SER H 746 -55.76 74.90 -5.52
N LYS H 747 -56.10 73.80 -4.86
CA LYS H 747 -57.24 73.01 -5.30
C LYS H 747 -58.58 73.63 -4.90
N TYR H 748 -58.58 74.42 -3.83
CA TYR H 748 -59.81 75.04 -3.33
C TYR H 748 -60.49 75.89 -4.40
N GLN H 749 -59.70 76.69 -5.13
CA GLN H 749 -60.27 77.64 -6.08
C GLN H 749 -61.10 76.93 -7.14
N PHE H 750 -60.61 75.81 -7.65
CA PHE H 750 -61.23 75.12 -8.77
C PHE H 750 -62.19 74.03 -8.34
N SER H 751 -62.19 73.61 -7.08
CA SER H 751 -63.17 72.64 -6.63
C SER H 751 -64.58 73.20 -6.78
N LEU H 752 -65.54 72.31 -7.05
CA LEU H 752 -66.93 72.68 -7.21
C LEU H 752 -67.85 71.99 -6.21
N SER H 753 -67.31 71.14 -5.34
CA SER H 753 -68.10 70.51 -4.30
C SER H 753 -68.04 71.36 -3.04
N SER H 754 -69.22 71.67 -2.49
CA SER H 754 -69.29 72.54 -1.32
C SER H 754 -68.73 71.84 -0.08
N THR H 755 -68.95 70.53 0.04
CA THR H 755 -68.36 69.79 1.15
C THR H 755 -66.84 69.79 1.07
N GLU H 756 -66.29 69.59 -0.13
CA GLU H 756 -64.84 69.68 -0.31
C GLU H 756 -64.34 71.07 0.05
N LYS H 757 -65.08 72.10 -0.36
CA LYS H 757 -64.68 73.47 -0.01
C LYS H 757 -64.67 73.67 1.51
N SER H 758 -65.70 73.20 2.20
CA SER H 758 -65.77 73.37 3.65
C SER H 758 -64.66 72.60 4.37
N GLN H 759 -64.36 71.39 3.90
CA GLN H 759 -63.30 70.60 4.52
C GLN H 759 -61.93 71.24 4.28
N ILE H 760 -61.71 71.79 3.09
CA ILE H 760 -60.46 72.51 2.83
C ILE H 760 -60.37 73.75 3.71
N GLU H 761 -61.50 74.45 3.89
CA GLU H 761 -61.49 75.62 4.77
C GLU H 761 -61.08 75.23 6.19
N PHE H 762 -61.66 74.15 6.72
CA PHE H 762 -61.30 73.70 8.06
C PHE H 762 -59.83 73.31 8.13
N ALA H 763 -59.33 72.61 7.10
CA ALA H 763 -57.92 72.22 7.08
C ALA H 763 -57.01 73.45 7.11
N LEU H 764 -57.33 74.45 6.30
CA LEU H 764 -56.50 75.66 6.26
C LEU H 764 -56.59 76.45 7.56
N CYS H 765 -57.76 76.42 8.22
CA CYS H 765 -57.88 77.10 9.51
C CYS H 765 -57.12 76.35 10.61
N ARG H 766 -56.94 75.05 10.45
CA ARG H 766 -56.17 74.26 11.42
C ARG H 766 -54.66 74.55 11.41
N THR H 767 -54.14 75.56 10.71
CA THR H 767 -52.70 75.74 10.64
C THR H 767 -52.19 76.51 11.85
N GLN H 768 -50.86 76.51 12.01
CA GLN H 768 -50.18 77.25 13.05
C GLN H 768 -49.51 78.51 12.53
N ASN H 769 -49.51 78.73 11.21
CA ASN H 769 -48.80 79.85 10.60
C ASN H 769 -49.65 81.10 10.74
N LYS H 770 -49.15 82.07 11.52
CA LYS H 770 -49.87 83.31 11.75
C LYS H 770 -50.12 84.08 10.47
N GLU H 771 -49.14 84.12 9.56
CA GLU H 771 -49.34 84.86 8.33
C GLU H 771 -50.45 84.24 7.48
N LYS H 772 -50.50 82.91 7.42
CA LYS H 772 -51.55 82.26 6.63
C LYS H 772 -52.91 82.39 7.30
N LEU H 773 -52.98 82.36 8.64
CA LEU H 773 -54.25 82.63 9.30
C LEU H 773 -54.73 84.05 8.99
N GLN H 774 -53.83 85.03 9.11
CA GLN H 774 -54.17 86.41 8.77
C GLN H 774 -54.59 86.53 7.31
N TRP H 775 -53.94 85.77 6.44
CA TRP H 775 -54.26 85.80 5.01
C TRP H 775 -55.64 85.23 4.76
N LEU H 776 -55.97 84.11 5.39
CA LEU H 776 -57.32 83.56 5.29
C LEU H 776 -58.35 84.57 5.73
N LEU H 777 -58.11 85.21 6.88
CA LEU H 777 -59.05 86.23 7.36
C LEU H 777 -59.21 87.36 6.35
N ASP H 778 -58.10 87.90 5.85
CA ASP H 778 -58.15 89.03 4.93
C ASP H 778 -58.88 88.67 3.66
N GLU H 779 -58.58 87.50 3.10
CA GLU H 779 -59.16 87.14 1.80
C GLU H 779 -60.63 86.75 1.93
N SER H 780 -61.01 86.04 3.00
CA SER H 780 -62.41 85.73 3.21
C SER H 780 -63.21 87.00 3.51
N PHE H 781 -62.57 88.02 4.07
CA PHE H 781 -63.23 89.31 4.21
C PHE H 781 -63.40 89.99 2.85
N LYS H 782 -62.32 90.05 2.06
CA LYS H 782 -62.39 90.73 0.77
C LYS H 782 -63.43 90.09 -0.14
N GLY H 783 -63.53 88.76 -0.11
CA GLY H 783 -64.58 88.09 -0.86
C GLY H 783 -64.22 87.68 -2.26
N ASP H 784 -62.96 87.80 -2.66
CA ASP H 784 -62.55 87.41 -4.02
C ASP H 784 -62.06 85.96 -4.04
N LYS H 785 -60.92 85.70 -3.39
CA LYS H 785 -60.37 84.36 -3.39
C LYS H 785 -61.22 83.41 -2.55
N ILE H 786 -61.82 83.91 -1.47
CA ILE H 786 -62.78 83.14 -0.68
C ILE H 786 -63.99 84.03 -0.46
N LYS H 787 -65.17 83.55 -0.86
CA LYS H 787 -66.36 84.37 -0.81
C LYS H 787 -66.69 84.79 0.63
N THR H 788 -67.31 85.96 0.76
CA THR H 788 -67.58 86.55 2.06
C THR H 788 -68.65 85.78 2.84
N GLN H 789 -69.52 85.02 2.15
CA GLN H 789 -70.55 84.28 2.85
C GLN H 789 -69.96 83.28 3.83
N GLU H 790 -68.73 82.82 3.59
CA GLU H 790 -68.04 81.89 4.48
C GLU H 790 -67.26 82.59 5.59
N PHE H 791 -67.24 83.93 5.60
CA PHE H 791 -66.37 84.63 6.56
C PHE H 791 -66.72 84.35 8.01
N PRO H 792 -67.99 84.37 8.45
CA PRO H 792 -68.24 84.17 9.89
C PRO H 792 -67.76 82.82 10.41
N GLN H 793 -67.95 81.73 9.66
CA GLN H 793 -67.46 80.45 10.12
C GLN H 793 -65.94 80.39 10.13
N ILE H 794 -65.29 81.02 9.15
CA ILE H 794 -63.83 81.05 9.15
C ILE H 794 -63.31 81.83 10.35
N LEU H 795 -63.97 82.94 10.67
CA LEU H 795 -63.60 83.70 11.86
C LEU H 795 -63.79 82.87 13.11
N THR H 796 -64.86 82.08 13.17
CA THR H 796 -65.11 81.22 14.33
C THR H 796 -64.04 80.14 14.46
N LEU H 797 -63.67 79.52 13.33
CA LEU H 797 -62.64 78.49 13.36
C LEU H 797 -61.29 79.07 13.79
N ILE H 798 -60.98 80.28 13.33
CA ILE H 798 -59.71 80.89 13.72
C ILE H 798 -59.75 81.34 15.18
N GLY H 799 -60.91 81.77 15.68
CA GLY H 799 -61.05 82.05 17.10
C GLY H 799 -60.93 80.80 17.94
N ARG H 800 -61.27 79.64 17.37
CA ARG H 800 -61.01 78.38 18.05
C ARG H 800 -59.53 77.99 18.00
N ASN H 801 -58.86 78.33 16.89
CA ASN H 801 -57.45 78.00 16.71
C ASN H 801 -56.62 78.50 17.90
N PRO H 802 -55.79 77.65 18.51
CA PRO H 802 -55.06 78.07 19.71
C PRO H 802 -54.05 79.19 19.49
N VAL H 803 -53.59 79.43 18.26
CA VAL H 803 -52.63 80.50 17.99
C VAL H 803 -53.25 81.63 17.18
N GLY H 804 -54.53 81.56 16.86
CA GLY H 804 -55.16 82.54 16.00
C GLY H 804 -56.22 83.38 16.68
N TYR H 805 -56.64 83.00 17.89
CA TYR H 805 -57.73 83.72 18.54
C TYR H 805 -57.42 85.20 18.80
N PRO H 806 -56.19 85.62 19.12
CA PRO H 806 -55.94 87.07 19.19
C PRO H 806 -56.12 87.75 17.85
N LEU H 807 -55.71 87.08 16.77
CA LEU H 807 -55.93 87.62 15.44
C LEU H 807 -57.42 87.77 15.15
N ALA H 808 -58.23 86.78 15.53
CA ALA H 808 -59.65 86.86 15.27
C ALA H 808 -60.31 87.98 16.06
N TRP H 809 -59.97 88.06 17.36
CA TRP H 809 -60.53 89.11 18.21
C TRP H 809 -60.13 90.50 17.70
N GLN H 810 -58.87 90.68 17.35
CA GLN H 810 -58.40 91.97 16.84
C GLN H 810 -59.03 92.29 15.49
N PHE H 811 -59.20 91.29 14.62
CA PHE H 811 -59.82 91.54 13.32
C PHE H 811 -61.26 92.00 13.49
N LEU H 812 -62.01 91.32 14.35
CA LEU H 812 -63.38 91.76 14.62
C LEU H 812 -63.39 93.19 15.15
N ARG H 813 -62.51 93.48 16.11
CA ARG H 813 -62.46 94.81 16.70
C ARG H 813 -62.15 95.88 15.65
N LYS H 814 -61.14 95.63 14.81
CA LYS H 814 -60.66 96.65 13.89
C LYS H 814 -61.51 96.79 12.63
N ASN H 815 -62.29 95.78 12.28
CA ASN H 815 -63.14 95.87 11.09
C ASN H 815 -64.62 95.70 11.42
N TRP H 816 -65.01 96.02 12.67
CA TRP H 816 -66.41 95.94 13.08
C TRP H 816 -67.33 96.74 12.17
N ASN H 817 -66.93 97.94 11.76
CA ASN H 817 -67.82 98.83 11.02
C ASN H 817 -68.26 98.22 9.70
N LYS H 818 -67.29 97.80 8.89
CA LYS H 818 -67.63 97.19 7.60
C LYS H 818 -68.37 95.86 7.78
N LEU H 819 -68.04 95.12 8.84
CA LEU H 819 -68.75 93.88 9.12
C LEU H 819 -70.22 94.15 9.42
N VAL H 820 -70.50 95.18 10.21
CA VAL H 820 -71.89 95.54 10.49
C VAL H 820 -72.58 96.03 9.22
N GLN H 821 -71.89 96.83 8.41
CA GLN H 821 -72.51 97.32 7.18
C GLN H 821 -72.80 96.17 6.22
N LYS H 822 -72.03 95.10 6.28
CA LYS H 822 -72.23 93.97 5.37
C LYS H 822 -73.27 92.99 5.88
N PHE H 823 -73.28 92.71 7.18
CA PHE H 823 -74.11 91.64 7.74
C PHE H 823 -75.30 92.14 8.55
N GLU H 824 -75.48 93.46 8.66
CA GLU H 824 -76.54 94.11 9.44
C GLU H 824 -76.35 93.91 10.94
N LEU H 825 -76.85 94.86 11.74
CA LEU H 825 -76.72 94.79 13.19
C LEU H 825 -77.67 93.76 13.77
N GLY H 826 -77.23 93.06 14.81
CA GLY H 826 -78.06 92.10 15.49
C GLY H 826 -78.38 90.84 14.71
N SER H 827 -77.84 90.69 13.51
CA SER H 827 -78.10 89.49 12.75
C SER H 827 -77.42 88.29 13.42
N SER H 828 -77.94 87.10 13.11
CA SER H 828 -77.34 85.88 13.64
C SER H 828 -75.89 85.72 13.19
N SER H 829 -75.54 86.29 12.04
CA SER H 829 -74.14 86.28 11.59
C SER H 829 -73.26 87.10 12.52
N ILE H 830 -73.72 88.32 12.88
CA ILE H 830 -72.96 89.15 13.80
C ILE H 830 -72.84 88.47 15.16
N ALA H 831 -73.94 87.87 15.64
CA ALA H 831 -73.90 87.14 16.90
C ALA H 831 -72.91 86.00 16.84
N HIS H 832 -72.95 85.24 15.75
CA HIS H 832 -72.01 84.14 15.53
C HIS H 832 -70.57 84.62 15.62
N MET H 833 -70.27 85.73 14.94
CA MET H 833 -68.91 86.26 14.95
C MET H 833 -68.48 86.69 16.35
N VAL H 834 -69.32 87.48 17.02
CA VAL H 834 -68.97 87.98 18.35
C VAL H 834 -68.71 86.81 19.30
N MET H 835 -69.61 85.84 19.33
CA MET H 835 -69.46 84.72 20.26
C MET H 835 -68.26 83.85 19.89
N GLY H 836 -68.06 83.59 18.59
CA GLY H 836 -66.93 82.80 18.17
C GLY H 836 -65.61 83.46 18.49
N THR H 837 -65.58 84.79 18.56
CA THR H 837 -64.35 85.48 18.91
C THR H 837 -64.15 85.66 20.41
N THR H 838 -65.22 85.63 21.21
CA THR H 838 -65.06 85.93 22.63
C THR H 838 -65.48 84.83 23.59
N ASN H 839 -66.44 83.97 23.24
CA ASN H 839 -67.05 83.18 24.32
C ASN H 839 -66.16 82.07 24.87
N GLN H 840 -64.89 81.95 24.49
CA GLN H 840 -63.98 81.00 25.10
C GLN H 840 -62.98 81.68 26.02
N PHE H 841 -63.16 82.96 26.31
CA PHE H 841 -62.29 83.69 27.20
C PHE H 841 -62.64 83.36 28.66
N SER H 842 -61.65 83.52 29.54
CA SER H 842 -61.83 83.07 30.91
C SER H 842 -61.26 84.00 31.98
N THR H 843 -60.66 85.12 31.61
CA THR H 843 -59.99 85.99 32.56
C THR H 843 -60.68 87.35 32.65
N ARG H 844 -60.47 88.01 33.79
CA ARG H 844 -61.02 89.35 33.97
C ARG H 844 -60.44 90.35 32.98
N THR H 845 -59.19 90.15 32.57
CA THR H 845 -58.60 91.02 31.55
C THR H 845 -59.36 90.94 30.24
N ARG H 846 -59.64 89.70 29.79
CA ARG H 846 -60.42 89.51 28.57
C ARG H 846 -61.83 90.05 28.72
N LEU H 847 -62.45 89.82 29.90
CA LEU H 847 -63.79 90.36 30.13
C LEU H 847 -63.82 91.87 30.03
N GLU H 848 -62.81 92.54 30.60
CA GLU H 848 -62.77 93.99 30.55
C GLU H 848 -62.51 94.50 29.14
N GLU H 849 -61.66 93.79 28.39
CA GLU H 849 -61.49 94.12 26.97
C GLU H 849 -62.82 94.07 26.23
N VAL H 850 -63.56 92.97 26.41
CA VAL H 850 -64.84 92.81 25.72
C VAL H 850 -65.80 93.94 26.09
N LYS H 851 -65.95 94.17 27.39
CA LYS H 851 -66.82 95.24 27.87
C LYS H 851 -66.43 96.58 27.25
N GLY H 852 -65.15 96.93 27.32
CA GLY H 852 -64.72 98.23 26.84
C GLY H 852 -64.96 98.41 25.36
N PHE H 853 -64.59 97.41 24.55
CA PHE H 853 -64.80 97.54 23.11
C PHE H 853 -66.28 97.67 22.76
N PHE H 854 -67.10 96.73 23.26
CA PHE H 854 -68.50 96.74 22.86
C PHE H 854 -69.27 97.91 23.46
N SER H 855 -68.75 98.54 24.54
CA SER H 855 -69.35 99.76 25.03
C SER H 855 -68.90 100.97 24.21
N SER H 856 -67.62 100.99 23.80
CA SER H 856 -67.13 102.07 22.96
C SER H 856 -67.79 102.05 21.59
N LEU H 857 -68.37 100.91 21.20
CA LEU H 857 -69.18 100.89 19.98
C LEU H 857 -70.31 101.90 20.06
N LYS H 858 -70.79 102.18 21.27
CA LYS H 858 -71.82 103.20 21.55
C LYS H 858 -73.10 102.79 20.82
N GLU H 859 -73.72 103.68 20.03
CA GLU H 859 -75.02 103.39 19.42
C GLU H 859 -74.94 102.36 18.29
N ASN H 860 -73.78 101.80 18.01
CA ASN H 860 -73.60 100.87 16.91
C ASN H 860 -73.30 99.45 17.38
N GLY H 861 -74.01 98.98 18.40
CA GLY H 861 -73.89 97.59 18.80
C GLY H 861 -73.70 97.33 20.27
N SER H 862 -73.69 98.37 21.11
CA SER H 862 -73.59 98.15 22.54
C SER H 862 -74.83 97.49 23.11
N GLN H 863 -75.97 97.63 22.42
CA GLN H 863 -77.25 97.08 22.86
C GLN H 863 -77.53 95.72 22.26
N LEU H 864 -76.49 94.94 21.96
CA LEU H 864 -76.65 93.64 21.34
C LEU H 864 -76.86 92.56 22.40
N ARG H 865 -77.95 91.81 22.25
CA ARG H 865 -78.22 90.70 23.14
C ARG H 865 -77.09 89.67 23.07
N CYS H 866 -76.48 89.51 21.90
CA CYS H 866 -75.32 88.64 21.80
C CYS H 866 -74.14 89.18 22.59
N VAL H 867 -73.98 90.50 22.64
CA VAL H 867 -72.92 91.09 23.48
C VAL H 867 -73.17 90.75 24.94
N GLN H 868 -74.40 90.94 25.41
CA GLN H 868 -74.72 90.57 26.79
C GLN H 868 -74.50 89.08 27.02
N GLN H 869 -74.85 88.24 26.04
CA GLN H 869 -74.67 86.81 26.20
C GLN H 869 -73.20 86.43 26.30
N THR H 870 -72.35 87.05 25.49
CA THR H 870 -70.92 86.78 25.58
C THR H 870 -70.35 87.26 26.91
N ILE H 871 -70.81 88.42 27.39
CA ILE H 871 -70.33 88.93 28.67
C ILE H 871 -70.70 87.98 29.81
N GLU H 872 -71.96 87.54 29.84
CA GLU H 872 -72.36 86.63 30.91
C GLU H 872 -71.72 85.25 30.76
N THR H 873 -71.49 84.81 29.53
CA THR H 873 -70.79 83.54 29.33
C THR H 873 -69.36 83.62 29.85
N ILE H 874 -68.70 84.75 29.61
CA ILE H 874 -67.33 84.93 30.10
C ILE H 874 -67.31 85.04 31.62
N GLU H 875 -68.33 85.68 32.21
CA GLU H 875 -68.41 85.74 33.67
C GLU H 875 -68.58 84.35 34.27
N GLU H 876 -69.50 83.55 33.71
CA GLU H 876 -69.67 82.18 34.17
C GLU H 876 -68.39 81.37 33.95
N ASN H 877 -67.67 81.64 32.85
CA ASN H 877 -66.40 80.97 32.62
C ASN H 877 -65.36 81.34 33.68
N ILE H 878 -65.31 82.63 34.05
CA ILE H 878 -64.40 83.06 35.11
C ILE H 878 -64.70 82.31 36.40
N GLY H 879 -65.97 82.29 36.80
CA GLY H 879 -66.35 81.56 38.01
C GLY H 879 -66.00 80.08 37.91
N TRP H 880 -66.40 79.44 36.82
CA TRP H 880 -66.20 78.01 36.64
C TRP H 880 -64.72 77.65 36.63
N MET H 881 -63.89 78.50 36.02
CA MET H 881 -62.46 78.22 35.94
C MET H 881 -61.79 78.43 37.29
N ASP H 882 -62.13 79.51 37.99
CA ASP H 882 -61.56 79.73 39.31
C ASP H 882 -61.96 78.62 40.28
N LYS H 883 -63.14 78.05 40.10
CA LYS H 883 -63.59 77.03 41.05
C LYS H 883 -63.10 75.63 40.69
N ASN H 884 -63.05 75.28 39.39
CA ASN H 884 -62.89 73.89 38.98
C ASN H 884 -61.53 73.54 38.39
N PHE H 885 -60.66 74.52 38.15
CA PHE H 885 -59.40 74.24 37.45
C PHE H 885 -58.49 73.33 38.28
N ASP H 886 -58.16 73.76 39.50
CA ASP H 886 -57.28 72.95 40.34
C ASP H 886 -57.92 71.61 40.68
N LYS H 887 -59.25 71.57 40.83
CA LYS H 887 -59.94 70.31 41.00
C LYS H 887 -59.70 69.39 39.80
N ILE H 888 -59.75 69.94 38.58
CA ILE H 888 -59.51 69.14 37.39
C ILE H 888 -58.08 68.64 37.35
N ARG H 889 -57.12 69.49 37.77
CA ARG H 889 -55.73 69.06 37.82
C ARG H 889 -55.55 67.89 38.78
N VAL H 890 -56.12 68.02 39.98
CA VAL H 890 -56.01 66.96 40.98
C VAL H 890 -56.67 65.68 40.47
N TRP H 891 -57.84 65.81 39.83
CA TRP H 891 -58.50 64.62 39.31
C TRP H 891 -57.72 63.97 38.18
N LEU H 892 -57.04 64.75 37.34
CA LEU H 892 -56.25 64.16 36.27
C LEU H 892 -55.05 63.41 36.84
N GLN H 893 -54.38 63.98 37.84
CA GLN H 893 -53.28 63.27 38.47
C GLN H 893 -53.76 62.02 39.19
N SER H 894 -54.92 62.08 39.85
CA SER H 894 -55.46 60.91 40.52
C SER H 894 -55.87 59.83 39.53
N GLU H 895 -56.42 60.23 38.38
CA GLU H 895 -56.87 59.28 37.36
C GLU H 895 -55.68 58.65 36.64
N LYS H 896 -54.54 59.34 36.58
CA LYS H 896 -53.34 58.73 36.00
C LYS H 896 -52.95 57.43 36.71
N LEU H 897 -53.25 57.32 38.01
CA LEU H 897 -53.02 56.09 38.76
C LEU H 897 -54.17 55.10 38.56
N GLU H 898 -54.39 54.70 37.31
CA GLU H 898 -55.45 53.75 37.01
C GLU H 898 -55.04 52.63 36.08
N ARG H 899 -54.00 52.80 35.26
CA ARG H 899 -53.58 51.75 34.34
C ARG H 899 -52.44 50.92 34.93
N PRO I 30 -13.95 148.84 5.49
CA PRO I 30 -15.09 148.61 6.38
C PRO I 30 -16.29 147.99 5.67
N PHE I 31 -16.55 146.72 5.95
CA PHE I 31 -17.64 146.00 5.29
C PHE I 31 -18.97 146.49 5.86
N PRO I 32 -19.96 146.82 5.02
CA PRO I 32 -21.18 147.46 5.54
C PRO I 32 -22.25 146.45 5.97
N TRP I 33 -21.82 145.36 6.58
CA TRP I 33 -22.71 144.33 7.11
C TRP I 33 -21.90 143.44 8.03
N ASN I 34 -22.48 143.05 9.16
CA ASN I 34 -21.73 142.30 10.16
C ASN I 34 -22.52 141.14 10.74
N LYS I 35 -23.56 140.66 10.05
CA LYS I 35 -24.36 139.53 10.51
C LYS I 35 -24.23 138.38 9.52
N ILE I 36 -24.30 137.16 10.06
CA ILE I 36 -24.18 135.98 9.21
C ILE I 36 -25.43 135.79 8.36
N ARG I 37 -26.59 136.07 8.92
CA ARG I 37 -27.82 135.97 8.15
C ARG I 37 -27.89 137.10 7.12
N LEU I 38 -28.62 136.84 6.05
CA LEU I 38 -28.74 137.81 4.96
C LEU I 38 -29.78 138.88 5.30
N PRO I 39 -29.72 140.03 4.65
CA PRO I 39 -30.76 141.04 4.84
C PRO I 39 -32.12 140.53 4.40
N GLU I 40 -33.14 140.89 5.17
CA GLU I 40 -34.50 140.41 4.94
C GLU I 40 -35.28 141.24 3.93
N TYR I 41 -34.74 142.38 3.51
CA TYR I 41 -35.48 143.31 2.67
C TYR I 41 -35.05 143.26 1.20
N VAL I 42 -34.19 142.31 0.83
CA VAL I 42 -33.83 142.08 -0.56
C VAL I 42 -34.16 140.62 -0.86
N ILE I 43 -35.19 140.40 -1.65
CA ILE I 43 -35.73 139.07 -1.93
C ILE I 43 -35.44 138.75 -3.39
N PRO I 44 -34.82 137.62 -3.69
CA PRO I 44 -34.66 137.24 -5.10
C PRO I 44 -35.96 136.66 -5.64
N VAL I 45 -36.14 136.79 -6.95
CA VAL I 45 -37.33 136.25 -7.57
C VAL I 45 -36.92 135.36 -8.74
N HIS I 46 -35.77 135.63 -9.36
CA HIS I 46 -35.42 134.77 -10.50
C HIS I 46 -33.93 134.77 -10.76
N TYR I 47 -33.30 133.60 -10.69
CA TYR I 47 -31.91 133.45 -11.07
C TYR I 47 -31.81 132.94 -12.50
N ASP I 48 -30.82 133.47 -13.23
CA ASP I 48 -30.50 133.03 -14.58
C ASP I 48 -29.00 132.78 -14.61
N LEU I 49 -28.63 131.50 -14.62
CA LEU I 49 -27.24 131.10 -14.50
C LEU I 49 -26.72 130.61 -15.85
N LEU I 50 -25.51 131.04 -16.19
CA LEU I 50 -24.80 130.56 -17.38
C LEU I 50 -23.44 130.10 -16.90
N ILE I 51 -23.18 128.79 -17.01
CA ILE I 51 -21.95 128.18 -16.51
C ILE I 51 -21.21 127.59 -17.69
N HIS I 52 -19.92 127.89 -17.79
CA HIS I 52 -19.02 127.29 -18.77
C HIS I 52 -17.95 126.58 -17.98
N ALA I 53 -18.06 125.26 -17.90
CA ALA I 53 -17.11 124.41 -17.19
C ALA I 53 -16.09 123.86 -18.19
N ASN I 54 -14.84 123.96 -17.78
CA ASN I 54 -13.75 123.43 -18.65
C ASN I 54 -13.09 122.26 -17.92
N LEU I 55 -13.35 121.04 -18.40
CA LEU I 55 -12.82 119.81 -17.82
C LEU I 55 -11.32 119.67 -18.08
N THR I 56 -10.83 120.13 -19.22
CA THR I 56 -9.41 120.00 -19.53
C THR I 56 -8.57 120.88 -18.61
N THR I 57 -8.93 122.15 -18.47
CA THR I 57 -8.20 123.07 -17.61
C THR I 57 -8.74 123.10 -16.19
N LEU I 58 -9.77 122.35 -15.92
CA LEU I 58 -10.39 122.32 -14.60
C LEU I 58 -10.73 123.73 -14.12
N THR I 59 -11.43 124.47 -14.97
CA THR I 59 -11.81 125.85 -14.70
C THR I 59 -13.30 126.00 -14.97
N PHE I 60 -13.85 127.19 -14.69
CA PHE I 60 -15.19 127.52 -15.17
C PHE I 60 -15.44 129.00 -14.99
N TRP I 61 -16.10 129.60 -15.98
CA TRP I 61 -16.56 130.99 -15.93
CA TRP I 61 -16.55 130.98 -15.85
C TRP I 61 -18.07 131.02 -15.85
N GLY I 62 -18.61 131.96 -15.09
CA GLY I 62 -20.05 132.01 -14.88
C GLY I 62 -20.60 133.42 -14.97
N THR I 63 -21.87 133.49 -15.34
CA THR I 63 -22.65 134.72 -15.38
C THR I 63 -23.96 134.49 -14.66
N THR I 64 -24.25 135.32 -13.67
CA THR I 64 -25.46 135.19 -12.86
C THR I 64 -26.27 136.46 -12.98
N LYS I 65 -27.50 136.34 -13.50
CA LYS I 65 -28.44 137.44 -13.55
C LYS I 65 -29.56 137.13 -12.58
N VAL I 66 -29.63 137.89 -11.49
CA VAL I 66 -30.62 137.65 -10.45
C VAL I 66 -31.58 138.83 -10.41
N GLU I 67 -32.86 138.53 -10.64
CA GLU I 67 -33.93 139.50 -10.50
C GLU I 67 -34.37 139.51 -9.04
N ILE I 68 -34.35 140.71 -8.44
CA ILE I 68 -34.58 140.96 -7.03
C ILE I 68 -35.57 142.12 -6.89
N THR I 69 -36.17 142.20 -5.71
CA THR I 69 -36.98 143.33 -5.28
C THR I 69 -36.57 143.74 -3.88
N ALA I 70 -36.81 145.01 -3.54
CA ALA I 70 -36.44 145.55 -2.25
C ALA I 70 -37.67 146.11 -1.55
N SER I 71 -37.78 145.84 -0.25
CA SER I 71 -38.87 146.36 0.57
C SER I 71 -38.47 147.58 1.38
N GLN I 72 -37.19 147.72 1.70
CA GLN I 72 -36.64 148.90 2.33
C GLN I 72 -35.69 149.58 1.36
N PRO I 73 -35.77 150.88 1.15
CA PRO I 73 -34.84 151.53 0.23
C PRO I 73 -33.41 151.32 0.70
N THR I 74 -32.58 150.79 -0.19
CA THR I 74 -31.19 150.54 0.17
C THR I 74 -30.31 150.75 -1.05
N SER I 75 -29.04 151.05 -0.79
CA SER I 75 -28.02 151.14 -1.83
C SER I 75 -26.94 150.09 -1.65
N THR I 76 -27.22 149.07 -0.83
CA THR I 76 -26.27 148.00 -0.56
C THR I 76 -27.00 146.67 -0.68
N ILE I 77 -26.45 145.78 -1.50
CA ILE I 77 -27.03 144.46 -1.73
C ILE I 77 -26.04 143.42 -1.20
N ILE I 78 -26.47 142.64 -0.21
CA ILE I 78 -25.63 141.63 0.42
C ILE I 78 -26.08 140.27 -0.10
N LEU I 79 -25.11 139.46 -0.53
CA LEU I 79 -25.36 138.10 -0.95
C LEU I 79 -24.11 137.28 -0.69
N HIS I 80 -24.19 135.98 -0.95
CA HIS I 80 -23.12 135.06 -0.63
C HIS I 80 -22.22 134.83 -1.84
N SER I 81 -20.93 134.63 -1.55
CA SER I 81 -19.94 134.29 -2.57
C SER I 81 -18.71 133.75 -1.86
N HIS I 82 -18.17 132.64 -2.37
CA HIS I 82 -17.08 131.94 -1.70
C HIS I 82 -16.15 131.35 -2.75
N HIS I 83 -14.87 131.70 -2.68
CA HIS I 83 -13.85 131.19 -3.59
C HIS I 83 -14.21 131.44 -5.05
N LEU I 84 -14.81 132.60 -5.31
CA LEU I 84 -15.20 133.00 -6.66
C LEU I 84 -14.56 134.34 -6.99
N GLN I 85 -13.89 134.42 -8.12
CA GLN I 85 -13.26 135.66 -8.57
C GLN I 85 -14.29 136.49 -9.33
N ILE I 86 -14.75 137.58 -8.70
CA ILE I 86 -15.70 138.48 -9.33
C ILE I 86 -14.94 139.44 -10.24
N SER I 87 -15.38 139.54 -11.50
CA SER I 87 -14.69 140.38 -12.47
C SER I 87 -15.52 141.53 -13.00
N ARG I 88 -16.83 141.53 -12.81
CA ARG I 88 -17.71 142.52 -13.42
C ARG I 88 -19.08 142.44 -12.75
N ALA I 89 -19.65 143.61 -12.45
CA ALA I 89 -20.93 143.65 -11.76
C ALA I 89 -21.72 144.86 -12.23
N THR I 90 -22.95 144.60 -12.69
CA THR I 90 -23.84 145.65 -13.17
C THR I 90 -25.21 145.51 -12.52
N LEU I 91 -25.96 146.60 -12.55
CA LEU I 91 -27.29 146.66 -11.95
C LEU I 91 -28.22 147.32 -12.97
N ARG I 92 -29.16 146.55 -13.50
CA ARG I 92 -30.13 147.05 -14.46
C ARG I 92 -31.45 147.35 -13.77
N LYS I 93 -32.10 148.42 -14.20
CA LYS I 93 -33.35 148.89 -13.62
C LYS I 93 -34.46 148.70 -14.65
N GLY I 94 -35.41 147.82 -14.33
CA GLY I 94 -36.49 147.50 -15.25
C GLY I 94 -36.46 146.05 -15.69
N LEU I 99 -33.66 149.22 -19.07
CA LEU I 99 -33.27 150.40 -19.83
C LEU I 99 -31.96 150.99 -19.31
N SER I 100 -31.99 151.43 -18.04
CA SER I 100 -30.83 152.04 -17.42
C SER I 100 -29.99 150.99 -16.71
N GLU I 101 -28.69 150.97 -16.99
CA GLU I 101 -27.75 150.05 -16.37
C GLU I 101 -26.64 150.84 -15.70
N GLU I 102 -26.31 150.45 -14.46
CA GLU I 102 -25.33 151.16 -13.65
C GLU I 102 -24.31 150.20 -13.07
N PRO I 103 -23.05 150.60 -12.97
CA PRO I 103 -22.04 149.73 -12.37
C PRO I 103 -22.17 149.67 -10.86
N LEU I 104 -21.75 148.53 -10.30
CA LEU I 104 -21.77 148.31 -8.86
C LEU I 104 -20.34 148.16 -8.36
N GLN I 105 -20.08 148.69 -7.17
CA GLN I 105 -18.79 148.48 -6.52
C GLN I 105 -18.86 147.24 -5.64
N VAL I 106 -17.79 146.46 -5.66
CA VAL I 106 -17.76 145.15 -5.00
C VAL I 106 -16.88 145.23 -3.77
N LEU I 107 -17.43 144.82 -2.62
CA LEU I 107 -16.68 144.64 -1.40
C LEU I 107 -16.76 143.17 -1.00
N GLU I 108 -15.69 142.63 -0.44
CA GLU I 108 -15.58 141.20 -0.20
C GLU I 108 -15.36 140.95 1.28
N HIS I 109 -16.01 139.91 1.81
CA HIS I 109 -15.83 139.48 3.19
C HIS I 109 -15.67 137.97 3.20
N PRO I 110 -14.43 137.47 3.21
CA PRO I 110 -14.23 136.02 3.17
C PRO I 110 -14.64 135.31 4.46
N ARG I 111 -14.59 135.99 5.60
CA ARG I 111 -14.96 135.35 6.86
C ARG I 111 -16.43 135.01 6.90
N GLN I 112 -17.28 135.92 6.44
CA GLN I 112 -18.72 135.70 6.37
C GLN I 112 -19.14 135.09 5.03
N GLU I 113 -18.20 134.82 4.14
CA GLU I 113 -18.49 134.25 2.82
C GLU I 113 -19.49 135.11 2.05
N GLN I 114 -19.29 136.43 2.09
CA GLN I 114 -20.24 137.37 1.52
C GLN I 114 -19.55 138.38 0.62
N ILE I 115 -20.35 139.00 -0.24
CA ILE I 115 -19.95 140.18 -1.00
C ILE I 115 -21.05 141.22 -0.89
N ALA I 116 -20.63 142.48 -0.91
CA ALA I 116 -21.53 143.62 -0.86
C ALA I 116 -21.44 144.38 -2.17
N LEU I 117 -22.60 144.66 -2.76
CA LEU I 117 -22.69 145.40 -4.02
C LEU I 117 -23.25 146.78 -3.74
N LEU I 118 -22.47 147.81 -4.05
CA LEU I 118 -22.85 149.19 -3.81
C LEU I 118 -23.32 149.83 -5.10
N ALA I 119 -24.52 150.43 -5.06
CA ALA I 119 -25.20 151.06 -6.18
C ALA I 119 -25.14 152.58 -6.04
N PRO I 120 -24.91 153.30 -7.15
CA PRO I 120 -24.82 154.76 -7.04
C PRO I 120 -26.11 155.39 -6.54
N GLU I 121 -27.25 154.96 -7.05
CA GLU I 121 -28.51 155.51 -6.60
C GLU I 121 -29.28 154.42 -5.84
N PRO I 122 -29.77 154.72 -4.63
CA PRO I 122 -30.45 153.71 -3.83
C PRO I 122 -31.72 153.18 -4.50
N LEU I 123 -31.95 151.89 -4.30
CA LEU I 123 -33.05 151.18 -4.93
C LEU I 123 -34.41 151.70 -4.45
N LEU I 124 -35.36 151.77 -5.37
CA LEU I 124 -36.71 152.22 -5.09
C LEU I 124 -37.57 151.02 -4.67
N VAL I 125 -38.32 151.19 -3.57
CA VAL I 125 -39.13 150.10 -3.06
C VAL I 125 -40.22 149.73 -4.07
N GLY I 126 -40.47 148.43 -4.20
CA GLY I 126 -41.48 147.92 -5.09
C GLY I 126 -41.05 147.80 -6.54
N LEU I 127 -39.81 148.15 -6.87
CA LEU I 127 -39.38 148.08 -8.25
C LEU I 127 -38.51 146.84 -8.47
N PRO I 128 -38.61 146.20 -9.63
CA PRO I 128 -37.74 145.05 -9.92
C PRO I 128 -36.39 145.46 -10.46
N TYR I 129 -35.30 144.92 -9.91
CA TYR I 129 -33.97 145.20 -10.39
C TYR I 129 -33.28 143.89 -10.76
N THR I 130 -32.23 144.00 -11.58
CA THR I 130 -31.50 142.82 -12.04
C THR I 130 -30.01 143.03 -11.78
N VAL I 131 -29.45 142.24 -10.88
CA VAL I 131 -28.02 142.26 -10.61
C VAL I 131 -27.35 141.24 -11.52
N VAL I 132 -26.32 141.66 -12.24
CA VAL I 132 -25.62 140.80 -13.19
C VAL I 132 -24.15 140.72 -12.76
N ILE I 133 -23.70 139.52 -12.45
CA ILE I 133 -22.37 139.28 -11.92
C ILE I 133 -21.63 138.32 -12.84
N HIS I 134 -20.41 138.69 -13.22
CA HIS I 134 -19.51 137.83 -13.98
C HIS I 134 -18.40 137.35 -13.05
N TYR I 135 -18.10 136.06 -13.08
CA TYR I 135 -17.17 135.50 -12.13
C TYR I 135 -16.44 134.32 -12.76
N ALA I 136 -15.41 133.85 -12.07
CA ALA I 136 -14.63 132.70 -12.50
C ALA I 136 -14.23 131.88 -11.28
N GLY I 137 -13.78 130.66 -11.54
CA GLY I 137 -13.30 129.78 -10.48
C GLY I 137 -12.84 128.49 -11.10
N ASN I 138 -12.51 127.51 -10.25
CA ASN I 138 -12.21 126.18 -10.74
C ASN I 138 -12.95 125.13 -9.93
N LEU I 139 -13.18 123.99 -10.58
CA LEU I 139 -13.78 122.83 -9.96
C LEU I 139 -13.08 122.47 -8.66
N SER I 140 -13.84 122.41 -7.57
CA SER I 140 -13.29 122.04 -6.28
C SER I 140 -12.79 120.60 -6.32
N GLU I 141 -11.62 120.36 -5.71
CA GLU I 141 -11.08 119.01 -5.59
C GLU I 141 -11.68 118.25 -4.42
N THR I 142 -12.65 118.83 -3.72
CA THR I 142 -13.27 118.19 -2.56
C THR I 142 -14.52 117.42 -2.95
N PHE I 143 -15.47 117.31 -2.02
CA PHE I 143 -16.72 116.60 -2.24
C PHE I 143 -17.94 117.53 -2.23
N HIS I 144 -17.73 118.84 -2.21
CA HIS I 144 -18.82 119.79 -2.15
C HIS I 144 -18.60 120.89 -3.17
N GLY I 145 -19.62 121.73 -3.33
CA GLY I 145 -19.56 122.80 -4.32
C GLY I 145 -19.74 122.29 -5.73
N PHE I 146 -19.00 122.87 -6.67
CA PHE I 146 -18.94 122.40 -8.05
C PHE I 146 -17.63 121.62 -8.18
N TYR I 147 -17.71 120.31 -7.98
CA TYR I 147 -16.50 119.52 -7.79
C TYR I 147 -16.30 118.54 -8.95
N LYS I 148 -15.10 117.97 -8.97
CA LYS I 148 -14.65 117.06 -10.01
C LYS I 148 -14.76 115.61 -9.55
N SER I 149 -15.07 114.72 -10.49
CA SER I 149 -15.10 113.28 -10.24
C SER I 149 -14.40 112.58 -11.38
N THR I 150 -13.80 111.44 -11.08
CA THR I 150 -13.08 110.66 -12.08
C THR I 150 -13.55 109.22 -12.04
N TYR I 151 -13.42 108.53 -13.18
CA TYR I 151 -13.77 107.12 -13.23
C TYR I 151 -12.82 106.40 -14.16
N ARG I 152 -12.66 105.10 -13.93
CA ARG I 152 -11.75 104.27 -14.69
C ARG I 152 -12.54 103.45 -15.71
N THR I 153 -12.11 103.51 -16.97
CA THR I 153 -12.69 102.64 -17.98
C THR I 153 -12.09 101.24 -17.87
N LYS I 154 -12.71 100.29 -18.56
CA LYS I 154 -12.22 98.91 -18.55
C LYS I 154 -10.90 98.76 -19.30
N GLU I 155 -10.45 99.77 -20.02
CA GLU I 155 -9.16 99.76 -20.68
C GLU I 155 -8.07 100.47 -19.87
N GLY I 156 -8.38 100.87 -18.63
CA GLY I 156 -7.42 101.54 -17.78
C GLY I 156 -7.37 103.04 -17.91
N GLU I 157 -8.07 103.62 -18.89
CA GLU I 157 -8.05 105.06 -19.07
C GLU I 157 -8.84 105.75 -17.96
N LEU I 158 -8.48 106.99 -17.69
CA LEU I 158 -9.11 107.80 -16.66
C LEU I 158 -9.95 108.89 -17.32
N ARG I 159 -11.21 109.02 -16.90
CA ARG I 159 -12.11 110.00 -17.47
C ARG I 159 -12.64 110.92 -16.37
N ILE I 160 -12.94 112.15 -16.76
CA ILE I 160 -13.27 113.23 -15.84
C ILE I 160 -14.70 113.69 -16.09
N LEU I 161 -15.42 114.02 -15.02
CA LEU I 161 -16.74 114.62 -15.09
C LEU I 161 -16.85 115.66 -13.98
N ALA I 162 -17.86 116.51 -14.10
CA ALA I 162 -18.12 117.57 -13.13
C ALA I 162 -19.51 117.41 -12.53
N SER I 163 -19.58 117.39 -11.19
CA SER I 163 -20.84 117.23 -10.49
C SER I 163 -20.98 118.35 -9.47
N THR I 164 -22.15 118.41 -8.84
CA THR I 164 -22.47 119.43 -7.86
C THR I 164 -22.91 118.79 -6.55
N GLN I 165 -22.73 119.55 -5.47
CA GLN I 165 -23.25 119.17 -4.16
C GLN I 165 -23.35 120.47 -3.36
N PHE I 166 -24.58 120.99 -3.26
CA PHE I 166 -24.79 122.33 -2.73
C PHE I 166 -25.34 122.36 -1.31
N GLU I 167 -25.99 121.30 -0.86
CA GLU I 167 -26.44 121.27 0.53
C GLU I 167 -25.23 121.19 1.45
N PRO I 168 -25.16 122.02 2.50
CA PRO I 168 -26.17 123.05 2.78
C PRO I 168 -25.83 124.45 2.27
N THR I 169 -24.56 124.85 2.31
CA THR I 169 -24.14 126.20 2.00
C THR I 169 -23.05 126.22 0.93
N ALA I 170 -23.17 125.35 -0.07
CA ALA I 170 -22.14 125.22 -1.09
C ALA I 170 -22.53 125.81 -2.45
N ALA I 171 -23.77 126.25 -2.62
CA ALA I 171 -24.17 126.87 -3.87
C ALA I 171 -23.39 128.15 -4.13
N ARG I 172 -22.97 128.85 -3.06
CA ARG I 172 -22.18 130.06 -3.19
C ARG I 172 -20.80 129.79 -3.81
N MET I 173 -20.31 128.56 -3.73
CA MET I 173 -19.03 128.19 -4.35
C MET I 173 -19.15 127.97 -5.85
N ALA I 174 -20.36 128.00 -6.40
CA ALA I 174 -20.58 127.80 -7.84
C ALA I 174 -21.25 128.99 -8.50
N PHE I 175 -22.18 129.65 -7.81
CA PHE I 175 -22.77 130.86 -8.37
C PHE I 175 -23.16 131.78 -7.21
N PRO I 176 -22.85 133.08 -7.31
CA PRO I 176 -23.24 134.01 -6.24
C PRO I 176 -24.75 134.15 -6.18
N CYS I 177 -25.29 134.11 -4.97
CA CYS I 177 -26.73 134.05 -4.78
C CYS I 177 -27.04 134.40 -3.34
N PHE I 178 -28.34 134.38 -3.02
CA PHE I 178 -28.82 134.50 -1.66
C PHE I 178 -28.96 133.08 -1.10
N ASP I 179 -27.81 132.53 -0.68
CA ASP I 179 -27.68 131.11 -0.36
C ASP I 179 -28.25 130.80 1.03
N GLU I 180 -29.57 130.92 1.12
CA GLU I 180 -30.32 130.48 2.29
C GLU I 180 -31.58 129.76 1.83
N PRO I 181 -32.06 128.80 2.61
CA PRO I 181 -33.25 128.03 2.19
C PRO I 181 -34.53 128.86 2.16
N ALA I 182 -34.53 130.05 2.77
CA ALA I 182 -35.74 130.87 2.81
C ALA I 182 -35.91 131.70 1.55
N PHE I 183 -34.81 132.06 0.88
CA PHE I 183 -34.86 132.85 -0.36
C PHE I 183 -35.06 131.90 -1.54
N LYS I 184 -36.29 131.42 -1.67
CA LYS I 184 -36.66 130.57 -2.79
C LYS I 184 -36.85 131.40 -4.05
N ALA I 185 -36.58 130.79 -5.20
CA ALA I 185 -36.70 131.46 -6.47
C ALA I 185 -36.70 130.43 -7.59
N SER I 186 -36.98 130.89 -8.79
CA SER I 186 -36.88 130.06 -9.98
C SER I 186 -35.48 130.17 -10.57
N PHE I 187 -35.11 129.17 -11.38
CA PHE I 187 -33.75 129.07 -11.90
C PHE I 187 -33.81 128.70 -13.38
N SER I 188 -33.25 129.56 -14.24
CA SER I 188 -33.08 129.26 -15.65
C SER I 188 -31.59 128.97 -15.87
N ILE I 189 -31.27 127.71 -16.18
CA ILE I 189 -29.90 127.22 -16.21
C ILE I 189 -29.47 127.04 -17.65
N LYS I 190 -28.26 127.49 -17.96
CA LYS I 190 -27.62 127.28 -19.26
C LYS I 190 -26.20 126.81 -19.00
N ILE I 191 -25.83 125.68 -19.60
CA ILE I 191 -24.54 125.04 -19.39
C ILE I 191 -23.84 124.91 -20.73
N ARG I 192 -22.55 125.22 -20.75
CA ARG I 192 -21.73 125.13 -21.95
C ARG I 192 -20.78 123.94 -21.83
N ARG I 193 -20.64 123.20 -22.92
CA ARG I 193 -19.87 121.96 -22.91
C ARG I 193 -19.30 121.73 -24.29
N GLU I 194 -18.33 120.82 -24.36
CA GLU I 194 -17.88 120.30 -25.64
C GLU I 194 -18.95 119.36 -26.22
N PRO I 195 -18.93 119.13 -27.53
CA PRO I 195 -19.87 118.16 -28.10
C PRO I 195 -19.72 116.77 -27.50
N ARG I 196 -18.50 116.36 -27.15
CA ARG I 196 -18.27 115.03 -26.59
C ARG I 196 -18.94 114.83 -25.25
N HIS I 197 -19.52 115.87 -24.66
CA HIS I 197 -20.09 115.78 -23.32
C HIS I 197 -21.61 115.72 -23.37
N LEU I 198 -22.18 115.48 -22.20
CA LEU I 198 -23.61 115.39 -21.97
C LEU I 198 -23.91 116.12 -20.68
N ALA I 199 -24.86 117.06 -20.74
CA ALA I 199 -25.20 117.91 -19.61
C ALA I 199 -26.63 117.62 -19.18
N ILE I 200 -26.81 117.42 -17.88
CA ILE I 200 -28.13 117.23 -17.29
C ILE I 200 -28.27 118.15 -16.09
N SER I 201 -29.50 118.54 -15.78
CA SER I 201 -29.75 119.49 -14.71
C SER I 201 -31.10 119.16 -14.08
N ASN I 202 -31.68 120.12 -13.37
CA ASN I 202 -32.92 119.87 -12.64
C ASN I 202 -34.09 119.65 -13.59
N MET I 203 -34.20 120.48 -14.62
CA MET I 203 -35.29 120.46 -15.58
C MET I 203 -34.87 119.80 -16.87
N PRO I 204 -35.81 119.47 -17.75
CA PRO I 204 -35.45 118.90 -19.05
C PRO I 204 -34.68 119.88 -19.91
N LEU I 205 -33.94 119.33 -20.87
CA LEU I 205 -33.20 120.14 -21.84
C LEU I 205 -34.17 120.70 -22.87
N VAL I 206 -34.22 122.02 -22.97
CA VAL I 206 -35.16 122.67 -23.89
C VAL I 206 -34.55 122.82 -25.27
N LYS I 207 -33.31 123.29 -25.37
CA LYS I 207 -32.68 123.40 -26.69
C LYS I 207 -31.17 123.43 -26.56
N SER I 208 -30.50 123.15 -27.67
CA SER I 208 -29.04 123.19 -27.75
C SER I 208 -28.64 124.09 -28.91
N VAL I 209 -27.82 125.10 -28.62
CA VAL I 209 -27.41 126.10 -29.60
C VAL I 209 -25.89 126.06 -29.71
N THR I 210 -25.39 126.15 -30.95
CA THR I 210 -23.95 126.12 -31.19
C THR I 210 -23.35 127.52 -31.01
N VAL I 211 -23.24 127.93 -29.74
CA VAL I 211 -22.64 129.22 -29.42
C VAL I 211 -21.15 129.17 -29.70
N ALA I 212 -20.60 130.30 -30.14
CA ALA I 212 -19.19 130.40 -30.52
C ALA I 212 -18.85 129.33 -31.55
N GLU I 213 -17.72 128.66 -31.37
CA GLU I 213 -17.30 127.59 -32.26
C GLU I 213 -16.80 126.41 -31.43
N GLY I 214 -17.34 125.22 -31.72
CA GLY I 214 -16.83 123.99 -31.19
C GLY I 214 -17.39 123.58 -29.85
N LEU I 215 -18.24 124.39 -29.23
CA LEU I 215 -18.85 124.05 -27.95
C LEU I 215 -20.34 124.40 -28.00
N ILE I 216 -21.17 123.48 -27.53
CA ILE I 216 -22.62 123.63 -27.53
C ILE I 216 -23.08 124.21 -26.20
N GLU I 217 -24.19 124.95 -26.24
CA GLU I 217 -24.82 125.53 -25.06
C GLU I 217 -26.20 124.94 -24.90
N ASP I 218 -26.47 124.38 -23.72
CA ASP I 218 -27.75 123.73 -23.43
C ASP I 218 -28.62 124.65 -22.59
N HIS I 219 -29.78 125.01 -23.13
CA HIS I 219 -30.79 125.78 -22.42
C HIS I 219 -31.80 124.81 -21.84
N PHE I 220 -31.89 124.78 -20.51
CA PHE I 220 -32.82 123.95 -19.76
C PHE I 220 -34.07 124.74 -19.39
N ASP I 221 -35.14 123.99 -19.11
CA ASP I 221 -36.38 124.62 -18.67
C ASP I 221 -36.17 125.30 -17.32
N VAL I 222 -37.13 126.16 -16.96
CA VAL I 222 -37.06 126.92 -15.72
C VAL I 222 -37.64 126.07 -14.59
N THR I 223 -36.99 126.12 -13.43
CA THR I 223 -37.43 125.34 -12.29
C THR I 223 -38.63 126.04 -11.62
N VAL I 224 -39.14 125.41 -10.56
CA VAL I 224 -40.24 125.98 -9.78
C VAL I 224 -39.66 126.74 -8.61
N LYS I 225 -40.53 127.24 -7.73
CA LYS I 225 -40.09 127.88 -6.50
C LYS I 225 -39.38 126.87 -5.61
N MET I 226 -38.06 127.00 -5.50
CA MET I 226 -37.28 126.05 -4.72
C MET I 226 -36.11 126.78 -4.08
N SER I 227 -35.56 126.15 -3.04
CA SER I 227 -34.43 126.71 -2.35
C SER I 227 -33.17 126.58 -3.20
N THR I 228 -32.13 127.32 -2.82
CA THR I 228 -30.92 127.41 -3.64
C THR I 228 -30.08 126.14 -3.57
N TYR I 229 -30.10 125.42 -2.44
CA TYR I 229 -29.28 124.23 -2.28
C TYR I 229 -29.74 123.07 -3.16
N LEU I 230 -30.88 123.19 -3.83
CA LEU I 230 -31.41 122.13 -4.67
C LEU I 230 -30.96 122.23 -6.12
N VAL I 231 -30.23 123.28 -6.50
CA VAL I 231 -29.73 123.39 -7.86
C VAL I 231 -28.65 122.33 -8.09
N ALA I 232 -28.62 121.76 -9.29
CA ALA I 232 -27.65 120.73 -9.62
C ALA I 232 -27.47 120.68 -11.13
N PHE I 233 -26.28 120.27 -11.55
CA PHE I 233 -25.97 120.08 -12.96
C PHE I 233 -24.76 119.17 -13.07
N ILE I 234 -24.73 118.36 -14.14
CA ILE I 234 -23.71 117.34 -14.33
C ILE I 234 -23.27 117.38 -15.78
N ILE I 235 -21.95 117.43 -15.99
CA ILE I 235 -21.30 117.33 -17.30
C ILE I 235 -20.47 116.06 -17.30
N SER I 236 -20.84 115.11 -18.16
CA SER I 236 -20.16 113.82 -18.17
C SER I 236 -20.34 113.17 -19.54
N ASP I 237 -20.25 111.85 -19.59
CA ASP I 237 -20.61 111.07 -20.77
C ASP I 237 -21.42 109.86 -20.37
N PHE I 238 -22.36 110.06 -19.45
CA PHE I 238 -23.15 108.96 -18.90
C PHE I 238 -24.06 108.35 -19.97
N GLU I 239 -24.29 107.05 -19.81
CA GLU I 239 -25.41 106.38 -20.44
C GLU I 239 -26.58 106.36 -19.46
N SER I 240 -27.78 106.16 -19.99
CA SER I 240 -28.96 106.22 -19.14
C SER I 240 -29.98 105.18 -19.58
N VAL I 241 -30.85 104.81 -18.63
CA VAL I 241 -32.02 103.98 -18.87
C VAL I 241 -33.22 104.73 -18.33
N SER I 242 -34.31 104.64 -19.05
CA SER I 242 -35.51 105.43 -18.68
C SER I 242 -36.76 104.55 -18.63
N LYS I 243 -37.78 105.08 -17.96
CA LYS I 243 -39.06 104.41 -17.78
C LYS I 243 -40.09 105.47 -17.43
N ILE I 244 -41.35 105.16 -17.70
CA ILE I 244 -42.46 106.08 -17.47
C ILE I 244 -43.26 105.62 -16.27
N THR I 245 -43.70 106.57 -15.45
CA THR I 245 -44.62 106.29 -14.37
C THR I 245 -46.05 106.22 -14.90
N LYS I 246 -46.97 105.75 -14.05
CA LYS I 246 -48.37 105.76 -14.42
C LYS I 246 -48.94 107.17 -14.49
N SER I 247 -48.22 108.17 -13.97
CA SER I 247 -48.65 109.56 -14.04
C SER I 247 -47.92 110.35 -15.13
N GLY I 248 -47.04 109.71 -15.90
CA GLY I 248 -46.40 110.36 -17.03
C GLY I 248 -45.07 111.03 -16.76
N VAL I 249 -44.48 110.84 -15.60
CA VAL I 249 -43.18 111.42 -15.30
C VAL I 249 -42.10 110.59 -15.95
N LYS I 250 -41.11 111.26 -16.56
CA LYS I 250 -40.02 110.55 -17.22
C LYS I 250 -38.91 110.30 -16.20
N VAL I 251 -38.80 109.06 -15.73
CA VAL I 251 -37.80 108.66 -14.77
C VAL I 251 -36.63 108.02 -15.50
N SER I 252 -35.43 108.51 -15.24
CA SER I 252 -34.22 108.01 -15.88
C SER I 252 -33.15 107.78 -14.82
N VAL I 253 -32.21 106.89 -15.13
CA VAL I 253 -31.08 106.59 -14.25
C VAL I 253 -29.81 106.68 -15.07
N TYR I 254 -28.92 107.59 -14.69
CA TYR I 254 -27.66 107.82 -15.37
C TYR I 254 -26.52 107.19 -14.57
N ALA I 255 -25.53 106.66 -15.28
CA ALA I 255 -24.33 106.11 -14.66
C ALA I 255 -23.23 106.07 -15.70
N VAL I 256 -22.02 105.73 -15.23
CA VAL I 256 -20.86 105.61 -16.11
C VAL I 256 -21.13 104.51 -17.13
N PRO I 257 -20.55 104.58 -18.34
CA PRO I 257 -20.94 103.61 -19.39
C PRO I 257 -20.71 102.16 -19.01
N ASP I 258 -19.67 101.86 -18.22
CA ASP I 258 -19.34 100.49 -17.89
C ASP I 258 -20.21 99.90 -16.78
N LYS I 259 -21.05 100.71 -16.13
CA LYS I 259 -21.86 100.24 -15.01
C LYS I 259 -23.35 100.49 -15.22
N ILE I 260 -23.78 100.85 -16.44
CA ILE I 260 -25.18 101.18 -16.66
C ILE I 260 -26.07 99.94 -16.52
N ASN I 261 -25.51 98.75 -16.76
CA ASN I 261 -26.29 97.52 -16.68
C ASN I 261 -26.69 97.14 -15.26
N GLN I 262 -26.29 97.92 -14.25
CA GLN I 262 -26.65 97.64 -12.87
C GLN I 262 -27.74 98.59 -12.35
N ALA I 263 -28.41 99.33 -13.23
CA ALA I 263 -29.37 100.35 -12.84
C ALA I 263 -30.82 99.88 -12.90
N ASP I 264 -31.06 98.61 -13.21
CA ASP I 264 -32.42 98.13 -13.46
C ASP I 264 -33.26 98.18 -12.18
N TYR I 265 -32.76 97.59 -11.09
CA TYR I 265 -33.50 97.61 -9.84
C TYR I 265 -33.70 99.03 -9.34
N ALA I 266 -32.67 99.88 -9.50
CA ALA I 266 -32.80 101.27 -9.10
C ALA I 266 -33.94 101.95 -9.84
N LEU I 267 -33.99 101.79 -11.17
CA LEU I 267 -35.03 102.42 -11.96
C LEU I 267 -36.41 101.89 -11.61
N ASP I 268 -36.55 100.57 -11.47
CA ASP I 268 -37.84 99.97 -11.17
C ASP I 268 -38.36 100.44 -9.81
N ALA I 269 -37.51 100.35 -8.77
CA ALA I 269 -37.91 100.79 -7.45
C ALA I 269 -38.18 102.29 -7.43
N ALA I 270 -37.45 103.07 -8.24
CA ALA I 270 -37.71 104.50 -8.31
C ALA I 270 -39.09 104.79 -8.86
N VAL I 271 -39.46 104.14 -9.97
CA VAL I 271 -40.79 104.33 -10.53
C VAL I 271 -41.85 103.93 -9.51
N THR I 272 -41.67 102.76 -8.89
CA THR I 272 -42.67 102.27 -7.92
C THR I 272 -42.84 103.25 -6.76
N LEU I 273 -41.72 103.71 -6.19
CA LEU I 273 -41.79 104.59 -5.02
C LEU I 273 -42.32 105.96 -5.38
N LEU I 274 -42.00 106.47 -6.56
CA LEU I 274 -42.54 107.76 -6.98
C LEU I 274 -44.05 107.68 -7.14
N GLU I 275 -44.54 106.61 -7.78
CA GLU I 275 -45.99 106.45 -7.87
C GLU I 275 -46.63 106.33 -6.50
N PHE I 276 -45.99 105.57 -5.61
CA PHE I 276 -46.53 105.42 -4.24
C PHE I 276 -46.61 106.76 -3.54
N TYR I 277 -45.55 107.57 -3.64
CA TYR I 277 -45.53 108.85 -2.94
C TYR I 277 -46.57 109.80 -3.50
N GLU I 278 -46.71 109.85 -4.84
CA GLU I 278 -47.77 110.63 -5.44
C GLU I 278 -49.13 110.22 -4.87
N ASP I 279 -49.43 108.92 -4.89
CA ASP I 279 -50.73 108.45 -4.42
C ASP I 279 -50.94 108.75 -2.94
N TYR I 280 -49.90 108.54 -2.12
CA TYR I 280 -50.04 108.71 -0.68
C TYR I 280 -50.26 110.17 -0.31
N PHE I 281 -49.42 111.06 -0.83
CA PHE I 281 -49.53 112.47 -0.48
C PHE I 281 -50.67 113.18 -1.20
N SER I 282 -51.25 112.58 -2.23
CA SER I 282 -52.29 113.21 -3.04
C SER I 282 -51.79 114.54 -3.62
N ILE I 283 -50.50 114.60 -3.91
CA ILE I 283 -49.85 115.78 -4.48
C ILE I 283 -48.97 115.30 -5.63
N PRO I 284 -49.31 115.60 -6.88
CA PRO I 284 -48.52 115.07 -8.00
C PRO I 284 -47.10 115.62 -8.00
N TYR I 285 -46.21 114.85 -8.60
CA TYR I 285 -44.83 115.27 -8.79
C TYR I 285 -44.79 116.44 -9.78
N PRO I 286 -44.31 117.62 -9.39
CA PRO I 286 -44.50 118.79 -10.26
C PRO I 286 -43.61 118.81 -11.49
N LEU I 287 -42.43 118.20 -11.43
CA LEU I 287 -41.52 118.31 -12.54
C LEU I 287 -41.83 117.27 -13.61
N PRO I 288 -41.47 117.53 -14.87
CA PRO I 288 -41.74 116.54 -15.93
C PRO I 288 -40.88 115.28 -15.81
N LYS I 289 -39.63 115.43 -15.39
CA LYS I 289 -38.72 114.29 -15.34
C LYS I 289 -38.09 114.19 -13.96
N GLN I 290 -37.68 112.96 -13.64
CA GLN I 290 -36.91 112.65 -12.44
C GLN I 290 -35.71 111.83 -12.85
N ASP I 291 -34.53 112.26 -12.43
CA ASP I 291 -33.28 111.61 -12.81
C ASP I 291 -32.56 111.12 -11.56
N LEU I 292 -31.89 109.96 -11.69
CA LEU I 292 -31.12 109.36 -10.62
C LEU I 292 -29.73 109.07 -11.17
N ALA I 293 -28.75 109.87 -10.78
CA ALA I 293 -27.40 109.77 -11.34
C ALA I 293 -26.45 109.17 -10.32
N ALA I 294 -25.64 108.22 -10.77
CA ALA I 294 -24.65 107.55 -9.93
C ALA I 294 -23.31 108.25 -10.10
N ILE I 295 -22.91 109.02 -9.11
CA ILE I 295 -21.68 109.82 -9.15
C ILE I 295 -20.51 108.99 -8.62
N PRO I 296 -19.39 108.92 -9.35
CA PRO I 296 -18.26 108.11 -8.86
C PRO I 296 -17.64 108.65 -7.58
N ASP I 297 -17.63 109.97 -7.39
CA ASP I 297 -17.08 110.59 -6.19
C ASP I 297 -18.21 111.30 -5.45
N PHE I 298 -18.64 110.73 -4.33
CA PHE I 298 -19.72 111.32 -3.55
C PHE I 298 -19.43 111.17 -2.07
N GLN I 299 -19.76 112.21 -1.30
CA GLN I 299 -19.53 112.23 0.15
C GLN I 299 -20.71 111.62 0.90
N SER I 300 -21.91 112.15 0.68
CA SER I 300 -23.10 111.64 1.33
C SER I 300 -23.48 110.28 0.74
N GLY I 301 -24.54 109.68 1.30
CA GLY I 301 -25.17 108.57 0.61
C GLY I 301 -25.84 109.01 -0.68
N ALA I 302 -26.53 110.14 -0.66
CA ALA I 302 -27.25 110.65 -1.81
C ALA I 302 -27.55 112.13 -1.59
N MET I 303 -28.28 112.71 -2.53
CA MET I 303 -28.71 114.11 -2.44
C MET I 303 -30.03 114.26 -3.18
N GLU I 304 -30.89 115.14 -2.66
CA GLU I 304 -32.29 115.22 -3.09
C GLU I 304 -32.54 116.35 -4.09
N ASN I 305 -31.57 116.66 -4.95
CA ASN I 305 -31.73 117.72 -5.92
C ASN I 305 -32.99 117.50 -6.76
N TRP I 306 -33.87 118.50 -6.78
CA TRP I 306 -35.16 118.39 -7.42
C TRP I 306 -35.04 118.07 -8.90
N GLY I 307 -35.48 116.86 -9.28
CA GLY I 307 -35.40 116.41 -10.65
C GLY I 307 -34.08 115.78 -11.05
N LEU I 308 -33.08 115.77 -10.16
CA LEU I 308 -31.78 115.19 -10.48
C LEU I 308 -31.12 114.73 -9.17
N THR I 309 -31.65 113.67 -8.58
CA THR I 309 -31.05 113.10 -7.40
C THR I 309 -29.70 112.44 -7.75
N THR I 310 -28.74 112.60 -6.87
CA THR I 310 -27.41 112.04 -7.05
C THR I 310 -27.15 110.99 -5.97
N TYR I 311 -26.35 109.99 -6.31
CA TYR I 311 -26.15 108.84 -5.43
C TYR I 311 -24.69 108.42 -5.47
N ARG I 312 -24.30 107.65 -4.47
CA ARG I 312 -23.10 106.83 -4.60
C ARG I 312 -23.39 105.65 -5.50
N GLU I 313 -22.39 105.27 -6.31
CA GLU I 313 -22.54 104.07 -7.12
C GLU I 313 -22.88 102.87 -6.24
N SER I 314 -22.27 102.78 -5.06
CA SER I 314 -22.59 101.73 -4.10
C SER I 314 -24.02 101.84 -3.62
N ALA I 315 -24.58 103.05 -3.56
CA ALA I 315 -25.90 103.27 -3.03
C ALA I 315 -26.99 103.25 -4.10
N LEU I 316 -26.63 103.10 -5.37
CA LEU I 316 -27.66 103.06 -6.40
C LEU I 316 -27.59 101.82 -7.27
N LEU I 317 -26.40 101.31 -7.57
CA LEU I 317 -26.24 100.26 -8.55
C LEU I 317 -26.30 98.88 -7.90
N PHE I 318 -26.96 97.94 -8.58
CA PHE I 318 -27.22 96.61 -8.05
C PHE I 318 -26.77 95.56 -9.06
N ASP I 319 -25.87 94.69 -8.65
CA ASP I 319 -25.37 93.59 -9.48
C ASP I 319 -25.92 92.30 -8.92
N ALA I 320 -26.74 91.61 -9.71
CA ALA I 320 -27.39 90.38 -9.23
C ALA I 320 -26.38 89.30 -8.88
N GLU I 321 -25.20 89.32 -9.49
CA GLU I 321 -24.21 88.27 -9.29
C GLU I 321 -23.35 88.47 -8.07
N LYS I 322 -23.15 89.72 -7.63
CA LYS I 322 -22.20 90.01 -6.56
C LYS I 322 -22.73 90.90 -5.45
N SER I 323 -23.79 91.67 -5.67
CA SER I 323 -24.30 92.54 -4.62
C SER I 323 -25.07 91.73 -3.58
N SER I 324 -24.99 92.19 -2.34
CA SER I 324 -25.60 91.50 -1.21
C SER I 324 -27.04 91.97 -0.99
N ALA I 325 -27.79 91.14 -0.27
CA ALA I 325 -29.16 91.51 0.11
C ALA I 325 -29.16 92.78 0.95
N SER I 326 -28.14 92.95 1.80
CA SER I 326 -27.94 94.22 2.50
C SER I 326 -27.87 95.37 1.51
N SER I 327 -27.10 95.19 0.43
CA SER I 327 -26.96 96.25 -0.57
C SER I 327 -28.28 96.54 -1.26
N LYS I 328 -29.06 95.49 -1.56
CA LYS I 328 -30.35 95.69 -2.23
C LYS I 328 -31.32 96.46 -1.33
N LEU I 329 -31.39 96.05 -0.05
CA LEU I 329 -32.22 96.78 0.91
C LEU I 329 -31.77 98.22 1.05
N GLY I 330 -30.46 98.46 1.08
CA GLY I 330 -29.96 99.82 1.18
C GLY I 330 -30.31 100.67 -0.02
N ILE I 331 -30.21 100.09 -1.21
CA ILE I 331 -30.59 100.82 -2.42
C ILE I 331 -32.07 101.20 -2.37
N THR I 332 -32.92 100.25 -1.98
CA THR I 332 -34.35 100.55 -1.89
C THR I 332 -34.62 101.67 -0.89
N MET I 333 -34.01 101.58 0.29
CA MET I 333 -34.25 102.60 1.31
C MET I 333 -33.72 103.96 0.88
N THR I 334 -32.58 103.98 0.16
CA THR I 334 -32.02 105.26 -0.27
C THR I 334 -32.89 105.92 -1.33
N VAL I 335 -33.35 105.14 -2.31
CA VAL I 335 -34.26 105.69 -3.32
C VAL I 335 -35.53 106.20 -2.67
N ALA I 336 -36.06 105.45 -1.70
CA ALA I 336 -37.26 105.91 -0.98
C ALA I 336 -36.98 107.20 -0.23
N HIS I 337 -35.80 107.30 0.39
CA HIS I 337 -35.44 108.51 1.13
C HIS I 337 -35.42 109.73 0.22
N GLU I 338 -34.78 109.62 -0.94
CA GLU I 338 -34.67 110.77 -1.82
C GLU I 338 -36.01 111.13 -2.46
N LEU I 339 -36.80 110.12 -2.85
CA LEU I 339 -38.10 110.41 -3.42
C LEU I 339 -39.06 110.97 -2.38
N ALA I 340 -38.87 110.63 -1.10
CA ALA I 340 -39.62 111.27 -0.04
C ALA I 340 -39.16 112.71 0.16
N HIS I 341 -37.86 112.95 0.03
CA HIS I 341 -37.34 114.31 0.11
C HIS I 341 -37.94 115.17 -0.99
N GLN I 342 -38.29 114.57 -2.13
CA GLN I 342 -38.94 115.32 -3.20
C GLN I 342 -40.16 116.09 -2.71
N TRP I 343 -40.81 115.62 -1.65
CA TRP I 343 -41.92 116.32 -1.00
C TRP I 343 -41.49 116.99 0.30
N PHE I 344 -40.87 116.24 1.21
CA PHE I 344 -40.42 116.77 2.50
C PHE I 344 -39.02 117.32 2.30
N GLY I 345 -38.94 118.59 1.91
CA GLY I 345 -37.67 119.22 1.69
C GLY I 345 -37.63 120.16 0.50
N ASN I 346 -38.22 119.73 -0.62
CA ASN I 346 -38.22 120.51 -1.85
C ASN I 346 -39.49 121.33 -2.02
N LEU I 347 -40.64 120.67 -2.03
CA LEU I 347 -41.93 121.38 -2.08
C LEU I 347 -42.13 122.21 -0.82
N VAL I 348 -41.98 121.58 0.34
CA VAL I 348 -42.06 122.24 1.63
C VAL I 348 -40.68 122.14 2.25
N THR I 349 -40.01 123.27 2.40
CA THR I 349 -38.66 123.32 2.93
C THR I 349 -38.68 123.97 4.31
N MET I 350 -37.78 123.52 5.18
CA MET I 350 -37.61 124.23 6.44
C MET I 350 -37.14 125.66 6.14
N GLU I 351 -37.42 126.57 7.08
CA GLU I 351 -37.04 127.95 6.82
C GLU I 351 -35.59 128.20 7.19
N TRP I 352 -35.12 127.60 8.27
CA TRP I 352 -33.73 127.72 8.68
C TRP I 352 -33.22 126.36 9.13
N TRP I 353 -31.90 126.18 9.03
CA TRP I 353 -31.28 124.89 9.27
C TRP I 353 -31.41 124.40 10.71
N ASN I 354 -31.97 125.21 11.61
CA ASN I 354 -32.24 124.73 12.96
C ASN I 354 -33.35 123.69 12.97
N ASP I 355 -34.26 123.75 11.99
CA ASP I 355 -35.33 122.77 11.82
C ASP I 355 -35.06 121.82 10.67
N LEU I 356 -33.79 121.48 10.43
CA LEU I 356 -33.41 120.51 9.43
C LEU I 356 -34.07 119.15 9.63
N TRP I 357 -34.48 118.86 10.86
CA TRP I 357 -35.15 117.59 11.12
C TRP I 357 -36.48 117.52 10.38
N LEU I 358 -37.17 118.66 10.20
CA LEU I 358 -38.41 118.68 9.45
C LEU I 358 -38.24 118.13 8.03
N ASN I 359 -37.02 118.16 7.49
CA ASN I 359 -36.70 117.48 6.24
C ASN I 359 -36.22 116.06 6.50
N GLU I 360 -35.15 115.93 7.30
CA GLU I 360 -34.41 114.67 7.33
C GLU I 360 -35.13 113.58 8.10
N GLY I 361 -35.69 113.90 9.27
CA GLY I 361 -36.44 112.90 10.01
C GLY I 361 -37.66 112.42 9.27
N PHE I 362 -38.38 113.36 8.63
CA PHE I 362 -39.55 112.97 7.84
C PHE I 362 -39.15 112.09 6.66
N ALA I 363 -38.03 112.40 6.00
CA ALA I 363 -37.59 111.56 4.89
C ALA I 363 -37.19 110.16 5.38
N LYS I 364 -36.43 110.11 6.47
CA LYS I 364 -36.02 108.81 7.04
C LYS I 364 -37.21 107.99 7.49
N PHE I 365 -38.28 108.64 7.94
CA PHE I 365 -39.48 107.90 8.34
C PHE I 365 -40.30 107.47 7.13
N MET I 366 -40.37 108.33 6.11
CA MET I 366 -41.06 107.94 4.89
C MET I 366 -40.36 106.78 4.21
N GLU I 367 -39.05 106.63 4.43
CA GLU I 367 -38.37 105.39 4.03
C GLU I 367 -39.18 104.17 4.47
N PHE I 368 -39.40 104.05 5.78
CA PHE I 368 -40.14 102.92 6.34
C PHE I 368 -41.57 102.90 5.82
N VAL I 369 -42.26 104.05 5.92
CA VAL I 369 -43.68 104.12 5.55
C VAL I 369 -43.90 103.68 4.11
N SER I 370 -42.94 103.97 3.23
CA SER I 370 -43.08 103.70 1.80
C SER I 370 -42.61 102.28 1.45
N VAL I 371 -41.45 101.87 1.96
CA VAL I 371 -40.91 100.56 1.56
C VAL I 371 -41.75 99.44 2.16
N SER I 372 -42.25 99.61 3.40
CA SER I 372 -43.09 98.58 4.00
C SER I 372 -44.34 98.29 3.19
N VAL I 373 -44.69 99.16 2.23
CA VAL I 373 -45.82 98.93 1.36
C VAL I 373 -45.38 98.52 -0.05
N THR I 374 -44.37 99.20 -0.59
CA THR I 374 -43.99 98.96 -1.98
C THR I 374 -43.18 97.67 -2.15
N HIS I 375 -42.31 97.36 -1.18
CA HIS I 375 -41.48 96.17 -1.23
C HIS I 375 -41.68 95.38 0.06
N PRO I 376 -42.84 94.75 0.22
CA PRO I 376 -43.14 94.06 1.49
C PRO I 376 -42.30 92.82 1.72
N GLU I 377 -41.67 92.27 0.67
CA GLU I 377 -40.78 91.13 0.86
C GLU I 377 -39.54 91.50 1.65
N LEU I 378 -39.23 92.78 1.77
CA LEU I 378 -38.08 93.21 2.56
C LEU I 378 -38.40 93.21 4.05
N LYS I 379 -39.63 93.58 4.41
CA LYS I 379 -40.07 93.64 5.81
C LYS I 379 -39.16 94.54 6.64
N VAL I 380 -39.14 95.82 6.26
CA VAL I 380 -38.26 96.79 6.91
C VAL I 380 -38.65 97.08 8.35
N GLY I 381 -39.86 96.69 8.76
CA GLY I 381 -40.26 96.80 10.15
C GLY I 381 -39.42 95.94 11.07
N ASP I 382 -38.73 94.93 10.52
CA ASP I 382 -37.84 94.13 11.34
C ASP I 382 -36.58 94.90 11.72
N TYR I 383 -36.03 95.69 10.80
CA TYR I 383 -34.74 96.31 10.98
C TYR I 383 -34.79 97.81 11.28
N PHE I 384 -35.99 98.42 11.29
CA PHE I 384 -36.05 99.87 11.42
C PHE I 384 -35.47 100.38 12.74
N PHE I 385 -35.87 99.78 13.87
CA PHE I 385 -35.67 100.37 15.19
C PHE I 385 -34.24 100.31 15.70
N GLY I 386 -33.33 99.62 15.00
CA GLY I 386 -31.92 99.82 15.26
C GLY I 386 -31.53 101.27 15.17
N LYS I 387 -32.21 102.04 14.32
CA LYS I 387 -32.03 103.48 14.26
C LYS I 387 -32.32 104.13 15.61
N CYS I 388 -33.48 103.82 16.20
CA CYS I 388 -33.84 104.39 17.49
C CYS I 388 -32.83 104.01 18.56
N PHE I 389 -32.39 102.74 18.57
CA PHE I 389 -31.44 102.31 19.60
C PHE I 389 -30.10 103.04 19.46
N ASP I 390 -29.55 103.06 18.25
CA ASP I 390 -28.27 103.74 18.05
C ASP I 390 -28.40 105.25 18.30
N ALA I 391 -29.57 105.83 18.05
CA ALA I 391 -29.78 107.24 18.35
C ALA I 391 -29.81 107.49 19.84
N MET I 392 -30.47 106.60 20.60
CA MET I 392 -30.46 106.72 22.06
C MET I 392 -29.05 106.61 22.61
N GLU I 393 -28.21 105.79 21.97
CA GLU I 393 -26.83 105.64 22.43
C GLU I 393 -26.12 106.98 22.57
N VAL I 394 -26.44 107.95 21.72
CA VAL I 394 -25.79 109.25 21.77
C VAL I 394 -26.68 110.29 22.45
N ASP I 395 -28.00 110.15 22.28
CA ASP I 395 -28.92 111.11 22.88
C ASP I 395 -28.94 110.99 24.39
N ALA I 396 -28.52 109.85 24.94
CA ALA I 396 -28.36 109.72 26.37
C ALA I 396 -27.21 110.56 26.91
N LEU I 397 -26.44 111.20 26.03
CA LEU I 397 -25.31 111.99 26.47
C LEU I 397 -25.74 113.37 26.92
N ASN I 398 -24.91 113.95 27.79
CA ASN I 398 -25.13 115.29 28.31
C ASN I 398 -24.81 116.35 27.25
N SER I 399 -23.88 116.05 26.34
CA SER I 399 -23.54 116.94 25.24
C SER I 399 -24.54 116.90 24.08
N SER I 400 -25.57 116.06 24.17
CA SER I 400 -26.59 115.99 23.14
C SER I 400 -27.37 117.31 23.08
N HIS I 401 -28.07 117.50 21.97
CA HIS I 401 -28.84 118.70 21.70
C HIS I 401 -30.29 118.33 21.41
N PRO I 402 -31.22 119.26 21.57
CA PRO I 402 -32.61 119.00 21.17
C PRO I 402 -32.72 118.84 19.66
N VAL I 403 -33.84 118.24 19.24
CA VAL I 403 -34.07 117.98 17.82
C VAL I 403 -34.05 119.28 17.03
N SER I 404 -34.59 120.35 17.59
CA SER I 404 -34.59 121.67 16.98
C SER I 404 -33.79 122.60 17.88
N THR I 405 -32.64 123.06 17.38
CA THR I 405 -31.74 123.89 18.17
C THR I 405 -31.06 124.88 17.23
N PRO I 406 -30.78 126.09 17.70
CA PRO I 406 -30.25 127.12 16.80
C PRO I 406 -28.82 126.83 16.34
N VAL I 407 -28.56 127.16 15.07
CA VAL I 407 -27.24 127.07 14.46
C VAL I 407 -27.06 128.28 13.57
N GLU I 408 -25.80 128.71 13.38
CA GLU I 408 -25.56 129.89 12.57
C GLU I 408 -24.53 129.65 11.48
N ASN I 409 -23.30 129.30 11.84
CA ASN I 409 -22.24 129.19 10.87
C ASN I 409 -22.29 127.85 10.13
N PRO I 410 -21.65 127.77 8.96
CA PRO I 410 -21.72 126.53 8.16
C PRO I 410 -21.24 125.29 8.91
N ALA I 411 -20.26 125.40 9.81
CA ALA I 411 -19.84 124.23 10.56
C ALA I 411 -20.98 123.68 11.41
N GLN I 412 -21.69 124.56 12.11
CA GLN I 412 -22.85 124.15 12.90
C GLN I 412 -23.95 123.57 12.01
N ILE I 413 -24.17 124.19 10.84
CA ILE I 413 -25.20 123.72 9.94
C ILE I 413 -24.89 122.31 9.46
N ARG I 414 -23.62 122.05 9.10
CA ARG I 414 -23.22 120.71 8.71
C ARG I 414 -23.36 119.73 9.88
N GLU I 415 -23.03 120.18 11.09
CA GLU I 415 -23.15 119.34 12.27
C GLU I 415 -24.60 118.92 12.52
N MET I 416 -25.56 119.73 12.08
CA MET I 416 -26.96 119.39 12.29
C MET I 416 -27.37 118.08 11.63
N PHE I 417 -26.64 117.62 10.62
CA PHE I 417 -26.94 116.35 9.93
C PHE I 417 -26.38 115.17 10.73
N ASP I 418 -26.96 114.94 11.92
CA ASP I 418 -26.48 113.90 12.81
C ASP I 418 -27.56 112.85 13.07
N ASP I 419 -27.24 111.90 13.95
CA ASP I 419 -28.18 110.84 14.31
C ASP I 419 -29.46 111.39 14.93
N VAL I 420 -29.38 112.52 15.64
CA VAL I 420 -30.60 113.08 16.24
C VAL I 420 -31.61 113.42 15.15
N SER I 421 -31.25 114.31 14.24
CA SER I 421 -32.18 114.83 13.25
C SER I 421 -32.75 113.74 12.36
N TYR I 422 -31.97 112.68 12.09
CA TYR I 422 -32.45 111.57 11.26
C TYR I 422 -33.18 110.54 12.12
N ASP I 423 -32.42 109.78 12.91
CA ASP I 423 -32.98 108.67 13.65
C ASP I 423 -33.97 109.11 14.72
N LYS I 424 -33.57 110.06 15.58
CA LYS I 424 -34.47 110.46 16.65
C LYS I 424 -35.71 111.16 16.10
N GLY I 425 -35.53 111.97 15.04
CA GLY I 425 -36.67 112.59 14.39
C GLY I 425 -37.64 111.56 13.83
N ALA I 426 -37.11 110.54 13.14
CA ALA I 426 -37.96 109.50 12.59
C ALA I 426 -38.63 108.69 13.69
N CYS I 427 -37.94 108.47 14.80
CA CYS I 427 -38.52 107.68 15.88
C CYS I 427 -39.62 108.45 16.61
N ILE I 428 -39.42 109.75 16.83
CA ILE I 428 -40.48 110.54 17.45
C ILE I 428 -41.64 110.72 16.48
N LEU I 429 -41.37 110.77 15.18
CA LEU I 429 -42.48 110.82 14.21
C LEU I 429 -43.24 109.49 14.19
N ASN I 430 -42.53 108.37 14.29
CA ASN I 430 -43.18 107.07 14.41
C ASN I 430 -44.05 107.02 15.67
N MET I 431 -43.50 107.51 16.80
CA MET I 431 -44.27 107.56 18.04
C MET I 431 -45.51 108.42 17.90
N LEU I 432 -45.39 109.57 17.21
CA LEU I 432 -46.55 110.44 17.03
C LEU I 432 -47.60 109.79 16.12
N ARG I 433 -47.16 109.14 15.05
CA ARG I 433 -48.08 108.43 14.17
C ARG I 433 -48.75 107.27 14.87
N GLU I 434 -48.05 106.63 15.82
CA GLU I 434 -48.64 105.54 16.57
C GLU I 434 -49.57 106.04 17.66
N TYR I 435 -49.31 107.25 18.17
CA TYR I 435 -50.19 107.86 19.16
C TYR I 435 -51.50 108.29 18.52
N LEU I 436 -51.42 109.09 17.45
CA LEU I 436 -52.59 109.38 16.65
C LEU I 436 -52.97 108.14 15.83
N SER I 437 -54.04 108.25 15.06
CA SER I 437 -54.33 107.20 14.08
C SER I 437 -53.38 107.34 12.90
N ALA I 438 -53.07 106.21 12.27
CA ALA I 438 -52.30 106.26 11.03
C ALA I 438 -53.02 107.10 9.99
N ASP I 439 -54.35 106.97 9.92
CA ASP I 439 -55.12 107.80 9.01
C ASP I 439 -55.12 109.26 9.45
N ALA I 440 -55.18 109.51 10.77
CA ALA I 440 -55.12 110.88 11.26
C ALA I 440 -53.75 111.50 10.97
N PHE I 441 -52.68 110.73 11.17
CA PHE I 441 -51.35 111.22 10.83
C PHE I 441 -51.23 111.51 9.34
N LYS I 442 -51.78 110.63 8.49
CA LYS I 442 -51.76 110.86 7.05
C LYS I 442 -52.51 112.15 6.68
N SER I 443 -53.70 112.33 7.26
CA SER I 443 -54.46 113.55 7.00
C SER I 443 -53.68 114.78 7.45
N GLY I 444 -53.04 114.70 8.61
CA GLY I 444 -52.24 115.82 9.09
C GLY I 444 -51.12 116.18 8.15
N ILE I 445 -50.35 115.17 7.69
CA ILE I 445 -49.22 115.49 6.82
C ILE I 445 -49.70 115.98 5.47
N VAL I 446 -50.83 115.47 4.98
CA VAL I 446 -51.35 115.93 3.69
C VAL I 446 -51.79 117.40 3.79
N GLN I 447 -52.50 117.74 4.87
CA GLN I 447 -52.89 119.14 5.07
C GLN I 447 -51.66 120.04 5.20
N TYR I 448 -50.64 119.57 5.92
CA TYR I 448 -49.39 120.31 6.06
C TYR I 448 -48.76 120.60 4.70
N LEU I 449 -48.55 119.55 3.90
CA LEU I 449 -47.90 119.71 2.61
C LEU I 449 -48.72 120.58 1.67
N GLN I 450 -50.04 120.40 1.66
CA GLN I 450 -50.86 121.20 0.74
C GLN I 450 -50.88 122.67 1.14
N LYS I 451 -50.95 122.97 2.43
CA LYS I 451 -50.98 124.38 2.83
C LYS I 451 -49.62 125.03 2.65
N HIS I 452 -48.53 124.28 2.81
CA HIS I 452 -47.19 124.86 2.78
C HIS I 452 -46.41 124.47 1.53
N SER I 453 -47.10 124.02 0.49
CA SER I 453 -46.45 123.66 -0.77
C SER I 453 -45.66 124.85 -1.33
N TYR I 454 -44.48 124.56 -1.87
CA TYR I 454 -43.62 125.57 -2.49
C TYR I 454 -43.26 126.66 -1.49
N LYS I 455 -43.20 126.29 -0.22
CA LYS I 455 -42.97 127.30 0.82
C LYS I 455 -41.94 126.83 1.82
N ASN I 456 -41.80 127.63 2.88
CA ASN I 456 -40.90 127.36 4.00
C ASN I 456 -41.72 127.29 5.29
N THR I 457 -41.28 126.44 6.20
CA THR I 457 -41.99 126.18 7.45
C THR I 457 -41.05 126.20 8.64
N LYS I 458 -41.61 126.52 9.81
CA LYS I 458 -40.92 126.38 11.07
C LYS I 458 -41.43 125.12 11.78
N ASN I 459 -40.88 124.88 12.97
CA ASN I 459 -41.25 123.69 13.74
C ASN I 459 -42.73 123.70 14.14
N GLU I 460 -43.32 124.88 14.26
CA GLU I 460 -44.66 125.01 14.83
C GLU I 460 -45.77 124.72 13.81
N ASP I 461 -45.50 124.93 12.52
CA ASP I 461 -46.52 124.71 11.51
C ASP I 461 -46.92 123.23 11.43
N LEU I 462 -45.96 122.33 11.63
CA LEU I 462 -46.27 120.91 11.63
C LEU I 462 -47.23 120.55 12.75
N TRP I 463 -46.98 121.07 13.95
CA TRP I 463 -47.89 120.79 15.07
C TRP I 463 -49.25 121.44 14.86
N ASP I 464 -49.29 122.60 14.20
CA ASP I 464 -50.58 123.20 13.86
C ASP I 464 -51.36 122.29 12.93
N SER I 465 -50.69 121.78 11.89
CA SER I 465 -51.35 120.89 10.95
C SER I 465 -51.75 119.56 11.60
N MET I 466 -51.01 119.12 12.62
CA MET I 466 -51.37 117.89 13.31
C MET I 466 -52.54 118.07 14.25
N ALA I 467 -52.58 119.21 14.96
CA ALA I 467 -53.68 119.49 15.88
C ALA I 467 -54.97 119.87 15.16
N SER I 468 -54.89 120.40 13.94
CA SER I 468 -56.12 120.64 13.17
C SER I 468 -56.80 119.34 12.74
N ILE I 469 -56.12 118.20 12.88
CA ILE I 469 -56.70 116.91 12.56
C ILE I 469 -56.94 116.06 13.81
N GLY I 470 -56.08 116.15 14.81
CA GLY I 470 -56.27 115.43 16.06
C GLY I 470 -57.27 116.13 16.95
N GLY I 471 -58.52 115.68 16.92
CA GLY I 471 -59.59 116.38 17.60
C GLY I 471 -60.35 115.57 18.63
N GLY I 472 -59.75 114.50 19.13
CA GLY I 472 -60.35 113.74 20.21
C GLY I 472 -59.84 114.16 21.57
N GLY I 473 -59.50 115.43 21.72
CA GLY I 473 -58.86 115.91 22.93
C GLY I 473 -57.36 115.78 22.92
N VAL I 474 -56.72 115.93 21.75
CA VAL I 474 -55.30 115.65 21.56
C VAL I 474 -54.59 116.96 21.23
N ASP I 475 -53.84 117.50 22.18
CA ASP I 475 -53.00 118.67 21.93
C ASP I 475 -51.61 118.18 21.53
N VAL I 476 -51.44 117.94 20.23
CA VAL I 476 -50.17 117.43 19.71
C VAL I 476 -49.05 118.41 19.94
N LYS I 477 -49.37 119.70 20.02
CA LYS I 477 -48.37 120.75 20.02
C LYS I 477 -47.48 120.70 21.27
N THR I 478 -48.10 120.64 22.44
CA THR I 478 -47.33 120.64 23.69
C THR I 478 -46.46 119.39 23.79
N MET I 479 -47.04 118.22 23.48
CA MET I 479 -46.30 116.96 23.53
C MET I 479 -45.09 116.99 22.61
N MET I 480 -45.30 117.34 21.34
CA MET I 480 -44.18 117.32 20.42
C MET I 480 -43.18 118.44 20.70
N ASN I 481 -43.60 119.51 21.37
CA ASN I 481 -42.64 120.50 21.84
C ASN I 481 -41.77 119.91 22.94
N THR I 482 -42.36 119.15 23.86
CA THR I 482 -41.56 118.47 24.88
C THR I 482 -40.61 117.47 24.23
N TRP I 483 -40.97 116.91 23.09
CA TRP I 483 -40.09 115.93 22.45
C TRP I 483 -39.03 116.55 21.55
N THR I 484 -39.25 117.72 20.97
CA THR I 484 -38.30 118.29 20.04
C THR I 484 -37.50 119.46 20.59
N LEU I 485 -37.90 120.06 21.69
CA LEU I 485 -37.25 121.27 22.19
C LEU I 485 -36.37 121.01 23.42
N GLN I 486 -36.23 119.76 23.85
CA GLN I 486 -35.30 119.42 24.91
C GLN I 486 -34.61 118.10 24.55
N LYS I 487 -33.34 118.01 24.94
CA LYS I 487 -32.50 116.87 24.61
C LYS I 487 -32.90 115.64 25.42
N GLY I 488 -32.30 114.50 25.07
CA GLY I 488 -32.45 113.29 25.84
C GLY I 488 -33.78 112.59 25.65
N PHE I 489 -33.99 111.58 26.48
CA PHE I 489 -35.20 110.75 26.44
C PHE I 489 -35.47 110.25 27.85
N PRO I 490 -36.71 109.82 28.12
CA PRO I 490 -37.05 109.41 29.48
C PRO I 490 -36.85 107.93 29.79
N LEU I 491 -36.53 107.71 31.06
CA LEU I 491 -36.58 106.42 31.72
C LEU I 491 -37.91 106.32 32.46
N ILE I 492 -38.63 105.23 32.19
CA ILE I 492 -39.94 104.97 32.80
C ILE I 492 -39.76 103.81 33.77
N THR I 493 -39.85 104.10 35.06
CA THR I 493 -39.79 103.09 36.09
C THR I 493 -41.20 102.59 36.38
N ILE I 494 -41.38 101.28 36.40
CA ILE I 494 -42.68 100.64 36.55
C ILE I 494 -42.66 99.79 37.80
N THR I 495 -43.55 100.09 38.74
CA THR I 495 -43.73 99.29 39.94
C THR I 495 -45.13 98.69 39.94
N VAL I 496 -45.22 97.40 40.24
CA VAL I 496 -46.50 96.69 40.24
C VAL I 496 -46.78 96.20 41.66
N ARG I 497 -47.94 96.58 42.19
CA ARG I 497 -48.39 96.20 43.52
C ARG I 497 -49.74 95.51 43.37
N GLY I 498 -49.70 94.24 42.98
CA GLY I 498 -50.92 93.51 42.73
C GLY I 498 -51.63 93.98 41.49
N ARG I 499 -52.65 94.84 41.67
CA ARG I 499 -53.42 95.38 40.57
C ARG I 499 -53.12 96.84 40.27
N ASN I 500 -52.21 97.46 41.02
CA ASN I 500 -51.82 98.86 40.80
C ASN I 500 -50.52 98.90 40.01
N VAL I 501 -50.46 99.77 39.00
CA VAL I 501 -49.30 99.93 38.15
C VAL I 501 -48.87 101.39 38.28
N HIS I 502 -47.75 101.63 38.96
CA HIS I 502 -47.18 102.96 39.10
C HIS I 502 -46.13 103.19 38.03
N MET I 503 -46.20 104.36 37.40
CA MET I 503 -45.28 104.77 36.35
C MET I 503 -44.61 106.08 36.77
N LYS I 504 -43.29 106.12 36.70
CA LYS I 504 -42.53 107.32 37.03
C LYS I 504 -41.55 107.61 35.90
N GLN I 505 -41.44 108.88 35.52
CA GLN I 505 -40.55 109.28 34.44
C GLN I 505 -39.41 110.15 34.96
N GLU I 506 -38.23 109.97 34.36
CA GLU I 506 -37.09 110.82 34.65
C GLU I 506 -36.23 110.92 33.39
N HIS I 507 -35.30 111.87 33.40
CA HIS I 507 -34.42 112.06 32.25
C HIS I 507 -33.27 111.05 32.31
N TYR I 508 -33.19 110.17 31.32
CA TYR I 508 -32.07 109.24 31.24
C TYR I 508 -30.85 109.97 30.70
N MET I 509 -29.81 110.06 31.52
CA MET I 509 -28.55 110.69 31.15
C MET I 509 -27.44 109.90 31.82
N LYS I 510 -26.47 109.44 31.02
CA LYS I 510 -25.36 108.67 31.58
C LYS I 510 -24.55 109.52 32.54
N GLY I 511 -24.66 109.20 33.83
CA GLY I 511 -24.06 109.99 34.89
C GLY I 511 -22.56 110.22 34.77
N ASP I 517 -30.84 114.96 37.51
CA ASP I 517 -30.51 116.15 38.29
C ASP I 517 -30.80 117.42 37.48
N THR I 518 -31.69 117.30 36.50
CA THR I 518 -32.04 118.43 35.65
C THR I 518 -33.48 118.90 35.87
N GLY I 519 -34.47 118.02 35.70
CA GLY I 519 -35.85 118.44 35.81
C GLY I 519 -36.59 118.54 34.50
N TYR I 520 -36.45 117.53 33.64
CA TYR I 520 -37.17 117.47 32.38
C TYR I 520 -38.46 116.67 32.57
N LEU I 521 -39.46 117.01 31.74
CA LEU I 521 -40.72 116.29 31.72
C LEU I 521 -41.21 116.16 30.30
N TRP I 522 -41.66 114.96 29.93
CA TRP I 522 -42.19 114.68 28.61
C TRP I 522 -43.66 114.28 28.72
N HIS I 523 -44.34 114.31 27.58
CA HIS I 523 -45.66 113.70 27.44
C HIS I 523 -45.43 112.38 26.70
N VAL I 524 -45.20 111.31 27.47
CA VAL I 524 -44.77 110.03 26.92
C VAL I 524 -46.02 109.22 26.61
N PRO I 525 -46.31 108.94 25.33
CA PRO I 525 -47.45 108.07 25.01
C PRO I 525 -47.10 106.62 25.31
N LEU I 526 -47.35 106.20 26.55
CA LEU I 526 -46.96 104.86 26.96
C LEU I 526 -47.88 103.82 26.33
N THR I 527 -47.31 102.66 26.03
CA THR I 527 -48.05 101.52 25.55
C THR I 527 -47.55 100.30 26.30
N PHE I 528 -48.47 99.38 26.64
CA PHE I 528 -48.07 98.22 27.41
C PHE I 528 -48.99 97.05 27.08
N ILE I 529 -48.48 95.86 27.36
CA ILE I 529 -49.23 94.62 27.30
C ILE I 529 -49.01 93.88 28.61
N THR I 530 -49.82 92.85 28.83
CA THR I 530 -49.74 92.06 30.05
C THR I 530 -49.55 90.60 29.66
N SER I 531 -49.38 89.75 30.68
CA SER I 531 -49.26 88.32 30.43
C SER I 531 -50.59 87.69 30.04
N LYS I 532 -51.70 88.38 30.29
CA LYS I 532 -53.02 87.86 29.99
C LYS I 532 -53.56 88.28 28.64
N SER I 533 -52.86 89.15 27.91
CA SER I 533 -53.42 89.73 26.70
C SER I 533 -52.32 90.31 25.82
N ASP I 534 -52.31 89.90 24.55
CA ASP I 534 -51.50 90.56 23.55
C ASP I 534 -52.11 91.87 23.07
N MET I 535 -53.28 92.24 23.59
CA MET I 535 -53.94 93.47 23.19
C MET I 535 -53.23 94.67 23.81
N VAL I 536 -53.06 95.71 23.00
CA VAL I 536 -52.28 96.87 23.40
C VAL I 536 -53.16 97.84 24.18
N HIS I 537 -52.81 98.08 25.44
CA HIS I 537 -53.41 99.12 26.24
C HIS I 537 -52.47 100.31 26.28
N ARG I 538 -53.05 101.51 26.29
CA ARG I 538 -52.29 102.75 26.16
C ARG I 538 -52.51 103.65 27.36
N PHE I 539 -51.60 104.61 27.53
CA PHE I 539 -51.69 105.57 28.64
C PHE I 539 -50.78 106.74 28.32
N LEU I 540 -51.31 107.96 28.49
CA LEU I 540 -50.57 109.18 28.18
C LEU I 540 -50.02 109.74 29.50
N LEU I 541 -48.71 109.58 29.70
CA LEU I 541 -48.05 110.05 30.91
C LEU I 541 -47.67 111.52 30.76
N LYS I 542 -48.41 112.39 31.45
CA LYS I 542 -48.19 113.83 31.38
C LYS I 542 -47.50 114.39 32.62
N THR I 543 -47.36 113.61 33.68
CA THR I 543 -46.82 114.08 34.95
C THR I 543 -45.57 113.29 35.32
N LYS I 544 -45.03 113.59 36.51
CA LYS I 544 -43.86 112.87 37.00
C LYS I 544 -44.21 111.43 37.33
N THR I 545 -45.25 111.24 38.14
CA THR I 545 -45.70 109.92 38.55
C THR I 545 -47.19 109.81 38.29
N ASP I 546 -47.63 108.59 38.02
CA ASP I 546 -49.05 108.33 37.85
C ASP I 546 -49.28 106.85 38.11
N VAL I 547 -50.54 106.42 38.03
CA VAL I 547 -50.90 105.06 38.39
C VAL I 547 -52.17 104.67 37.66
N LEU I 548 -52.20 103.43 37.18
CA LEU I 548 -53.40 102.84 36.59
C LEU I 548 -53.71 101.54 37.31
N ILE I 549 -54.92 101.02 37.08
CA ILE I 549 -55.41 99.85 37.79
C ILE I 549 -55.71 98.75 36.79
N LEU I 550 -55.00 97.63 36.91
CA LEU I 550 -55.28 96.47 36.09
C LEU I 550 -56.54 95.77 36.60
N PRO I 551 -57.21 95.00 35.73
CA PRO I 551 -58.37 94.22 36.19
C PRO I 551 -58.01 92.90 36.86
N GLU I 552 -56.72 92.57 36.91
CA GLU I 552 -56.27 91.27 37.36
C GLU I 552 -54.75 91.32 37.55
N GLU I 553 -54.25 90.62 38.56
CA GLU I 553 -52.80 90.51 38.73
C GLU I 553 -52.20 89.78 37.54
N VAL I 554 -50.98 90.16 37.18
CA VAL I 554 -50.30 89.64 36.01
C VAL I 554 -48.94 89.08 36.41
N GLU I 555 -48.50 88.07 35.66
CA GLU I 555 -47.18 87.49 35.89
C GLU I 555 -46.08 88.47 35.52
N TRP I 556 -46.22 89.10 34.35
CA TRP I 556 -45.26 90.10 33.89
C TRP I 556 -46.00 91.16 33.10
N ILE I 557 -45.35 92.30 32.94
CA ILE I 557 -45.90 93.42 32.17
C ILE I 557 -44.76 94.03 31.37
N LYS I 558 -45.05 94.40 30.13
CA LYS I 558 -44.04 94.89 29.20
C LYS I 558 -44.51 96.21 28.59
N PHE I 559 -43.77 97.27 28.84
CA PHE I 559 -44.06 98.58 28.28
C PHE I 559 -43.26 98.77 26.98
N ASN I 560 -43.63 99.82 26.24
CA ASN I 560 -43.01 100.15 24.95
C ASN I 560 -43.11 98.96 23.99
N VAL I 561 -44.35 98.67 23.60
CA VAL I 561 -44.64 97.52 22.77
C VAL I 561 -44.15 97.77 21.36
N GLY I 562 -43.31 96.87 20.85
CA GLY I 562 -42.84 97.00 19.49
C GLY I 562 -41.88 98.14 19.24
N MET I 563 -41.28 98.69 20.29
CA MET I 563 -40.32 99.80 20.17
C MET I 563 -40.89 100.97 19.37
N ASN I 564 -42.17 101.27 19.60
CA ASN I 564 -42.82 102.40 18.96
C ASN I 564 -42.75 103.67 19.80
N GLY I 565 -42.05 103.63 20.92
CA GLY I 565 -41.90 104.80 21.77
C GLY I 565 -40.44 105.11 22.02
N TYR I 566 -40.12 106.40 22.05
CA TYR I 566 -38.74 106.87 22.21
C TYR I 566 -38.42 107.09 23.68
N TYR I 567 -38.36 105.97 24.41
CA TYR I 567 -38.01 105.98 25.82
C TYR I 567 -37.48 104.59 26.18
N ILE I 568 -36.96 104.46 27.40
CA ILE I 568 -36.57 103.14 27.88
C ILE I 568 -37.35 102.86 29.16
N VAL I 569 -37.47 101.57 29.47
CA VAL I 569 -38.35 101.10 30.55
C VAL I 569 -37.53 100.27 31.52
N HIS I 570 -37.67 100.57 32.81
CA HIS I 570 -37.07 99.81 33.90
C HIS I 570 -38.18 99.27 34.78
N TYR I 571 -37.99 98.06 35.30
CA TYR I 571 -39.02 97.37 36.08
C TYR I 571 -38.52 97.12 37.49
N GLU I 572 -39.29 97.57 38.48
CA GLU I 572 -38.90 97.43 39.87
C GLU I 572 -39.24 96.04 40.41
N ASP I 573 -38.66 95.73 41.57
CA ASP I 573 -38.89 94.48 42.31
C ASP I 573 -38.40 93.32 41.45
N ASP I 574 -39.12 92.20 41.43
CA ASP I 574 -38.73 91.02 40.65
C ASP I 574 -39.20 91.10 39.20
N GLY I 575 -39.41 92.31 38.67
CA GLY I 575 -39.88 92.43 37.30
C GLY I 575 -38.87 91.94 36.27
N TRP I 576 -37.62 92.35 36.41
CA TRP I 576 -36.59 91.90 35.47
C TRP I 576 -36.32 90.40 35.61
N ASP I 577 -36.41 89.86 36.83
CA ASP I 577 -36.30 88.41 37.01
C ASP I 577 -37.46 87.69 36.32
N SER I 578 -38.66 88.24 36.43
CA SER I 578 -39.83 87.64 35.78
C SER I 578 -39.66 87.65 34.26
N LEU I 579 -39.16 88.77 33.71
CA LEU I 579 -38.96 88.83 32.27
C LEU I 579 -37.84 87.91 31.83
N THR I 580 -36.81 87.75 32.66
CA THR I 580 -35.75 86.79 32.37
C THR I 580 -36.30 85.37 32.33
N GLY I 581 -37.18 85.03 33.27
CA GLY I 581 -37.82 83.73 33.23
C GLY I 581 -38.67 83.54 31.97
N LEU I 582 -39.39 84.59 31.58
CA LEU I 582 -40.18 84.53 30.35
C LEU I 582 -39.29 84.25 29.15
N LEU I 583 -38.20 84.99 29.02
CA LEU I 583 -37.30 84.83 27.88
C LEU I 583 -36.63 83.47 27.87
N LYS I 584 -36.16 83.00 29.04
CA LYS I 584 -35.51 81.70 29.10
C LYS I 584 -36.48 80.54 28.90
N GLY I 585 -37.77 80.75 29.17
CA GLY I 585 -38.74 79.69 28.98
C GLY I 585 -39.31 79.68 27.58
N THR I 586 -40.11 80.69 27.23
CA THR I 586 -40.75 80.77 25.91
C THR I 586 -40.64 82.22 25.41
N HIS I 587 -39.49 82.53 24.81
CA HIS I 587 -39.26 83.88 24.32
C HIS I 587 -40.26 84.32 23.26
N THR I 588 -40.91 83.37 22.57
CA THR I 588 -41.91 83.73 21.56
C THR I 588 -43.20 84.27 22.14
N ALA I 589 -43.32 84.36 23.47
CA ALA I 589 -44.51 84.96 24.08
C ALA I 589 -44.59 86.46 23.82
N VAL I 590 -43.46 87.09 23.49
CA VAL I 590 -43.42 88.49 23.13
C VAL I 590 -42.83 88.58 21.73
N SER I 591 -42.89 89.77 21.15
CA SER I 591 -42.47 89.92 19.77
C SER I 591 -40.94 89.99 19.68
N SER I 592 -40.45 89.84 18.45
CA SER I 592 -39.01 89.93 18.20
C SER I 592 -38.49 91.32 18.59
N ASN I 593 -39.21 92.35 18.13
CA ASN I 593 -38.83 93.72 18.48
C ASN I 593 -38.91 93.96 19.98
N ASP I 594 -39.87 93.32 20.65
CA ASP I 594 -39.99 93.45 22.10
C ASP I 594 -38.79 92.81 22.81
N ARG I 595 -38.36 91.63 22.36
CA ARG I 595 -37.17 91.01 22.93
C ARG I 595 -35.93 91.88 22.72
N ALA I 596 -35.79 92.44 21.52
CA ALA I 596 -34.66 93.32 21.24
C ALA I 596 -34.67 94.53 22.16
N SER I 597 -35.86 95.13 22.37
CA SER I 597 -35.98 96.27 23.26
C SER I 597 -35.64 95.88 24.69
N LEU I 598 -36.04 94.68 25.12
CA LEU I 598 -35.70 94.21 26.46
C LEU I 598 -34.19 94.11 26.63
N ILE I 599 -33.50 93.50 25.66
CA ILE I 599 -32.04 93.39 25.75
C ILE I 599 -31.41 94.78 25.84
N ASN I 600 -31.77 95.66 24.90
CA ASN I 600 -31.18 96.99 24.86
C ASN I 600 -31.43 97.76 26.15
N ASN I 601 -32.66 97.67 26.66
CA ASN I 601 -33.00 98.38 27.89
C ASN I 601 -32.22 97.82 29.08
N ALA I 602 -32.08 96.50 29.15
CA ALA I 602 -31.32 95.90 30.24
C ALA I 602 -29.89 96.42 30.26
N PHE I 603 -29.23 96.47 29.09
CA PHE I 603 -27.85 96.93 29.11
C PHE I 603 -27.74 98.44 29.32
N GLN I 604 -28.68 99.23 28.79
CA GLN I 604 -28.66 100.66 29.07
C GLN I 604 -28.92 100.96 30.55
N LEU I 605 -29.69 100.10 31.23
CA LEU I 605 -29.89 100.27 32.66
C LEU I 605 -28.67 99.85 33.45
N VAL I 606 -27.94 98.83 32.96
CA VAL I 606 -26.64 98.52 33.54
C VAL I 606 -25.72 99.73 33.44
N SER I 607 -25.84 100.48 32.33
CA SER I 607 -24.97 101.63 32.13
C SER I 607 -25.18 102.73 33.18
N ILE I 608 -26.29 102.73 33.91
CA ILE I 608 -26.55 103.74 34.93
C ILE I 608 -26.77 103.17 36.32
N GLY I 609 -26.74 101.84 36.47
CA GLY I 609 -26.77 101.24 37.79
C GLY I 609 -28.12 100.79 38.28
N LYS I 610 -29.18 100.93 37.47
CA LYS I 610 -30.48 100.40 37.87
C LYS I 610 -30.55 98.89 37.74
N LEU I 611 -29.52 98.27 37.16
CA LEU I 611 -29.46 96.83 36.99
C LEU I 611 -28.00 96.40 36.87
N SER I 612 -27.68 95.25 37.45
CA SER I 612 -26.30 94.77 37.45
C SER I 612 -25.95 94.09 36.13
N ILE I 613 -24.68 94.24 35.74
CA ILE I 613 -24.18 93.60 34.52
C ILE I 613 -24.30 92.08 34.61
N GLU I 614 -24.21 91.53 35.83
CA GLU I 614 -24.35 90.08 36.00
C GLU I 614 -25.75 89.62 35.61
N LYS I 615 -26.78 90.31 36.11
CA LYS I 615 -28.14 89.95 35.74
C LYS I 615 -28.42 90.25 34.27
N ALA I 616 -27.81 91.30 33.73
CA ALA I 616 -27.97 91.57 32.30
C ALA I 616 -27.46 90.41 31.46
N LEU I 617 -26.28 89.89 31.81
CA LEU I 617 -25.74 88.74 31.08
C LEU I 617 -26.56 87.48 31.32
N ASP I 618 -27.11 87.33 32.53
CA ASP I 618 -28.04 86.23 32.79
C ASP I 618 -29.22 86.29 31.83
N LEU I 619 -29.76 87.49 31.60
CA LEU I 619 -30.83 87.64 30.61
C LEU I 619 -30.32 87.35 29.20
N SER I 620 -29.10 87.79 28.89
CA SER I 620 -28.55 87.58 27.55
C SER I 620 -28.40 86.10 27.25
N LEU I 621 -28.21 85.27 28.29
CA LEU I 621 -28.04 83.84 28.09
C LEU I 621 -29.19 83.20 27.30
N TYR I 622 -30.35 83.85 27.22
CA TYR I 622 -31.47 83.27 26.49
C TYR I 622 -31.24 83.22 24.99
N LEU I 623 -30.27 83.98 24.47
CA LEU I 623 -30.00 83.97 23.03
C LEU I 623 -29.48 82.63 22.53
N LYS I 624 -29.19 81.68 23.42
CA LYS I 624 -28.79 80.35 22.99
C LYS I 624 -29.88 79.68 22.16
N HIS I 625 -31.14 80.08 22.35
CA HIS I 625 -32.25 79.55 21.59
C HIS I 625 -32.94 80.60 20.73
N GLU I 626 -32.33 81.79 20.60
CA GLU I 626 -32.90 82.84 19.77
C GLU I 626 -32.58 82.59 18.30
N THR I 627 -33.53 82.94 17.43
CA THR I 627 -33.39 82.70 16.00
C THR I 627 -33.75 83.90 15.13
N GLU I 628 -34.19 85.01 15.72
CA GLU I 628 -34.69 86.13 14.95
C GLU I 628 -33.62 87.23 14.80
N ILE I 629 -33.67 87.89 13.64
CA ILE I 629 -32.59 88.79 13.24
C ILE I 629 -32.51 89.99 14.15
N MET I 630 -33.64 90.59 14.51
CA MET I 630 -33.60 91.79 15.34
C MET I 630 -33.03 91.51 16.72
N PRO I 631 -33.51 90.52 17.49
CA PRO I 631 -32.89 90.26 18.78
C PRO I 631 -31.45 89.78 18.69
N VAL I 632 -31.12 88.94 17.69
CA VAL I 632 -29.74 88.47 17.55
C VAL I 632 -28.80 89.66 17.30
N PHE I 633 -29.16 90.51 16.34
CA PHE I 633 -28.34 91.68 16.02
C PHE I 633 -28.29 92.64 17.19
N GLN I 634 -29.37 92.77 17.96
CA GLN I 634 -29.35 93.68 19.10
C GLN I 634 -28.43 93.15 20.20
N GLY I 635 -28.46 91.84 20.44
CA GLY I 635 -27.52 91.25 21.39
C GLY I 635 -26.09 91.46 20.96
N LEU I 636 -25.82 91.31 19.65
CA LEU I 636 -24.48 91.56 19.15
C LEU I 636 -24.08 93.04 19.33
N ASN I 637 -24.99 93.95 19.00
CA ASN I 637 -24.68 95.38 19.12
C ASN I 637 -24.48 95.80 20.56
N GLU I 638 -25.07 95.07 21.52
CA GLU I 638 -24.88 95.41 22.92
C GLU I 638 -23.71 94.67 23.56
N LEU I 639 -23.25 93.57 22.98
CA LEU I 639 -22.16 92.80 23.54
C LEU I 639 -20.80 93.08 22.90
N ILE I 640 -20.75 93.34 21.59
CA ILE I 640 -19.46 93.55 20.91
C ILE I 640 -18.68 94.72 21.48
N PRO I 641 -19.27 95.90 21.75
CA PRO I 641 -18.48 97.01 22.30
C PRO I 641 -17.75 96.66 23.59
N MET I 642 -18.19 95.66 24.35
CA MET I 642 -17.49 95.29 25.58
C MET I 642 -16.12 94.69 25.28
N TYR I 643 -16.07 93.64 24.46
CA TYR I 643 -14.75 93.11 24.11
C TYR I 643 -13.99 94.07 23.21
N LYS I 644 -14.68 95.00 22.54
CA LYS I 644 -13.97 96.06 21.83
C LYS I 644 -13.23 96.97 22.81
N LEU I 645 -13.87 97.30 23.93
CA LEU I 645 -13.19 98.05 24.98
C LEU I 645 -12.03 97.24 25.56
N MET I 646 -12.23 95.92 25.70
CA MET I 646 -11.19 95.08 26.27
C MET I 646 -9.98 94.98 25.35
N GLU I 647 -10.18 94.99 24.04
CA GLU I 647 -9.07 94.87 23.10
C GLU I 647 -8.10 96.04 23.22
N LYS I 648 -8.58 97.21 23.62
CA LYS I 648 -7.74 98.40 23.71
C LYS I 648 -6.84 98.40 24.95
N ARG I 649 -6.90 97.37 25.77
CA ARG I 649 -6.14 97.31 27.02
C ARG I 649 -5.41 95.98 27.12
N ASP I 650 -4.71 95.80 28.24
CA ASP I 650 -4.03 94.54 28.56
C ASP I 650 -5.02 93.66 29.32
N MET I 651 -5.84 92.93 28.57
CA MET I 651 -6.91 92.15 29.16
C MET I 651 -7.14 90.89 28.34
N ASN I 652 -6.07 90.18 27.99
CA ASN I 652 -6.19 89.08 27.05
C ASN I 652 -7.02 87.93 27.62
N GLU I 653 -6.79 87.56 28.88
CA GLU I 653 -7.52 86.43 29.46
C GLU I 653 -9.02 86.67 29.46
N VAL I 654 -9.44 87.83 29.97
CA VAL I 654 -10.86 88.14 30.06
C VAL I 654 -11.45 88.33 28.67
N GLU I 655 -10.69 88.95 27.76
CA GLU I 655 -11.18 89.15 26.40
C GLU I 655 -11.41 87.82 25.69
N THR I 656 -10.48 86.88 25.85
CA THR I 656 -10.65 85.56 25.23
C THR I 656 -11.81 84.80 25.86
N GLN I 657 -11.94 84.87 27.19
CA GLN I 657 -13.11 84.26 27.85
C GLN I 657 -14.40 84.83 27.29
N PHE I 658 -14.45 86.15 27.11
CA PHE I 658 -15.67 86.78 26.60
C PHE I 658 -15.97 86.37 25.17
N LYS I 659 -14.95 86.33 24.31
CA LYS I 659 -15.19 85.92 22.93
C LYS I 659 -15.65 84.47 22.87
N ALA I 660 -15.07 83.60 23.68
CA ALA I 660 -15.50 82.20 23.71
C ALA I 660 -16.94 82.09 24.18
N PHE I 661 -17.31 82.85 25.21
CA PHE I 661 -18.69 82.85 25.69
C PHE I 661 -19.65 83.33 24.61
N LEU I 662 -19.29 84.41 23.92
CA LEU I 662 -20.15 84.94 22.86
C LEU I 662 -20.35 83.91 21.75
N ILE I 663 -19.28 83.24 21.34
CA ILE I 663 -19.42 82.24 20.27
C ILE I 663 -20.25 81.06 20.75
N ARG I 664 -20.05 80.62 22.01
CA ARG I 664 -20.85 79.52 22.54
C ARG I 664 -22.32 79.89 22.65
N LEU I 665 -22.63 81.18 22.79
CA LEU I 665 -24.03 81.59 22.90
C LEU I 665 -24.78 81.34 21.60
N LEU I 666 -24.15 81.64 20.45
CA LEU I 666 -24.80 81.50 19.16
C LEU I 666 -24.29 80.32 18.35
N ARG I 667 -23.53 79.41 18.97
CA ARG I 667 -22.95 78.29 18.24
C ARG I 667 -24.01 77.43 17.56
N ASP I 668 -25.13 77.19 18.23
CA ASP I 668 -26.19 76.38 17.64
C ASP I 668 -26.72 77.02 16.36
N LEU I 669 -27.02 78.32 16.42
CA LEU I 669 -27.54 79.02 15.25
C LEU I 669 -26.50 79.08 14.13
N ILE I 670 -25.24 79.30 14.49
CA ILE I 670 -24.18 79.36 13.47
C ILE I 670 -24.03 78.01 12.79
N ASP I 671 -24.05 76.92 13.56
CA ASP I 671 -23.96 75.59 12.97
C ASP I 671 -25.18 75.29 12.09
N LYS I 672 -26.37 75.72 12.51
CA LYS I 672 -27.55 75.49 11.69
C LYS I 672 -27.53 76.33 10.42
N GLN I 673 -26.79 77.44 10.40
CA GLN I 673 -26.70 78.25 9.20
C GLN I 673 -26.07 77.46 8.06
N THR I 674 -26.67 77.57 6.88
CA THR I 674 -26.15 76.95 5.67
C THR I 674 -25.17 77.90 4.98
N TRP I 675 -24.50 77.38 3.94
CA TRP I 675 -23.55 78.18 3.17
C TRP I 675 -24.05 78.45 1.76
N THR I 676 -25.20 79.11 1.64
CA THR I 676 -25.82 79.40 0.35
C THR I 676 -26.47 80.77 0.42
N ASP I 677 -27.02 81.20 -0.71
CA ASP I 677 -27.77 82.46 -0.79
C ASP I 677 -29.28 82.23 -0.77
N GLU I 678 -29.72 81.23 -0.02
CA GLU I 678 -31.13 80.87 0.04
C GLU I 678 -31.84 81.76 1.07
N GLY I 679 -33.18 81.73 1.02
CA GLY I 679 -33.98 82.39 2.01
C GLY I 679 -34.32 83.83 1.68
N SER I 680 -35.12 84.43 2.56
CA SER I 680 -35.54 85.81 2.41
C SER I 680 -34.37 86.76 2.67
N VAL I 681 -34.62 88.06 2.48
CA VAL I 681 -33.59 89.08 2.70
C VAL I 681 -33.10 89.04 4.14
N SER I 682 -34.04 88.93 5.09
CA SER I 682 -33.69 88.85 6.51
C SER I 682 -32.81 87.64 6.78
N GLU I 683 -33.22 86.48 6.27
CA GLU I 683 -32.46 85.26 6.50
C GLU I 683 -31.06 85.36 5.90
N ARG I 684 -30.95 86.00 4.73
CA ARG I 684 -29.66 86.14 4.08
C ARG I 684 -28.73 87.06 4.86
N MET I 685 -29.24 88.20 5.32
CA MET I 685 -28.40 89.10 6.11
C MET I 685 -27.98 88.46 7.42
N LEU I 686 -28.90 87.75 8.08
CA LEU I 686 -28.56 87.05 9.31
C LEU I 686 -27.46 86.02 9.08
N ARG I 687 -27.58 85.22 8.01
CA ARG I 687 -26.56 84.22 7.70
C ARG I 687 -25.21 84.87 7.45
N SER I 688 -25.20 85.94 6.64
CA SER I 688 -23.93 86.59 6.33
C SER I 688 -23.24 87.09 7.58
N GLN I 689 -23.99 87.80 8.44
CA GLN I 689 -23.37 88.35 9.65
C GLN I 689 -22.94 87.24 10.60
N LEU I 690 -23.73 86.16 10.70
CA LEU I 690 -23.38 85.08 11.61
C LEU I 690 -22.10 84.38 11.16
N LEU I 691 -22.02 84.06 9.87
CA LEU I 691 -20.82 83.39 9.36
C LEU I 691 -19.59 84.28 9.50
N LEU I 692 -19.74 85.58 9.22
CA LEU I 692 -18.62 86.50 9.40
C LEU I 692 -18.16 86.52 10.86
N LEU I 693 -19.11 86.62 11.79
CA LEU I 693 -18.76 86.65 13.21
C LEU I 693 -18.02 85.38 13.63
N ALA I 694 -18.54 84.22 13.25
CA ALA I 694 -17.92 82.97 13.65
C ALA I 694 -16.51 82.84 13.07
N CYS I 695 -16.37 83.08 11.76
CA CYS I 695 -15.05 82.95 11.14
CA CYS I 695 -15.07 82.99 11.11
C CYS I 695 -14.07 83.96 11.73
N VAL I 696 -14.53 85.15 12.09
CA VAL I 696 -13.63 86.13 12.68
C VAL I 696 -13.17 85.69 14.06
N HIS I 697 -14.08 85.13 14.86
CA HIS I 697 -13.73 84.68 16.20
C HIS I 697 -13.21 83.25 16.24
N ASN I 698 -12.87 82.68 15.07
CA ASN I 698 -12.04 81.47 14.96
C ASN I 698 -12.83 80.20 15.32
N TYR I 699 -14.05 80.10 14.77
CA TYR I 699 -14.77 78.84 14.82
C TYR I 699 -14.19 77.91 13.76
N GLN I 700 -13.48 76.87 14.21
CA GLN I 700 -12.66 76.09 13.30
C GLN I 700 -13.43 75.47 12.13
N PRO I 701 -14.68 74.99 12.29
CA PRO I 701 -15.42 74.56 11.09
C PRO I 701 -15.59 75.66 10.06
N CYS I 702 -16.02 76.85 10.51
CA CYS I 702 -16.14 77.98 9.60
CA CYS I 702 -16.15 77.97 9.58
C CYS I 702 -14.81 78.30 8.93
N VAL I 703 -13.74 78.31 9.71
CA VAL I 703 -12.42 78.66 9.17
C VAL I 703 -12.00 77.65 8.11
N GLN I 704 -12.21 76.35 8.39
CA GLN I 704 -11.81 75.32 7.42
C GLN I 704 -12.62 75.43 6.13
N ARG I 705 -13.94 75.59 6.25
CA ARG I 705 -14.77 75.64 5.05
C ARG I 705 -14.49 76.91 4.25
N ALA I 706 -14.27 78.03 4.94
CA ALA I 706 -13.99 79.28 4.24
C ALA I 706 -12.61 79.24 3.59
N GLU I 707 -11.64 78.58 4.23
CA GLU I 707 -10.34 78.40 3.59
C GLU I 707 -10.47 77.54 2.35
N GLY I 708 -11.30 76.51 2.40
CA GLY I 708 -11.53 75.70 1.19
C GLY I 708 -12.13 76.52 0.06
N TYR I 709 -13.16 77.31 0.38
CA TYR I 709 -13.78 78.16 -0.63
C TYR I 709 -12.79 79.18 -1.19
N PHE I 710 -12.00 79.80 -0.33
CA PHE I 710 -11.03 80.79 -0.78
C PHE I 710 -9.93 80.14 -1.61
N ARG I 711 -9.54 78.91 -1.27
CA ARG I 711 -8.56 78.19 -2.05
C ARG I 711 -9.09 77.92 -3.46
N LYS I 712 -10.31 77.41 -3.55
CA LYS I 712 -10.91 77.15 -4.86
C LYS I 712 -11.04 78.44 -5.67
N TRP I 713 -11.45 79.54 -5.03
CA TRP I 713 -11.63 80.79 -5.73
C TRP I 713 -10.30 81.37 -6.23
N LYS I 714 -9.29 81.37 -5.36
CA LYS I 714 -7.98 81.91 -5.73
C LYS I 714 -7.34 81.06 -6.83
N GLU I 715 -7.51 79.74 -6.79
CA GLU I 715 -7.00 78.90 -7.86
C GLU I 715 -7.80 79.11 -9.14
N SER I 716 -9.08 79.50 -9.03
CA SER I 716 -9.87 79.85 -10.20
C SER I 716 -9.59 81.25 -10.70
N ASN I 717 -8.81 82.05 -9.96
CA ASN I 717 -8.40 83.39 -10.39
C ASN I 717 -9.60 84.34 -10.43
N GLY I 718 -10.41 84.29 -9.37
CA GLY I 718 -11.60 85.10 -9.28
C GLY I 718 -12.76 84.67 -10.17
N ASN I 719 -12.56 83.67 -11.02
CA ASN I 719 -13.60 83.27 -11.96
C ASN I 719 -14.71 82.48 -11.27
N LEU I 720 -14.40 81.78 -10.19
CA LEU I 720 -15.40 81.00 -9.47
C LEU I 720 -16.44 81.91 -8.84
N SER I 721 -17.71 81.61 -9.08
CA SER I 721 -18.80 82.37 -8.48
C SER I 721 -19.03 81.88 -7.06
N LEU I 722 -18.83 82.76 -6.08
CA LEU I 722 -19.05 82.38 -4.69
C LEU I 722 -20.40 82.89 -4.20
N PRO I 723 -21.00 82.22 -3.22
CA PRO I 723 -22.22 82.75 -2.59
C PRO I 723 -21.97 84.10 -1.94
N VAL I 724 -22.81 85.08 -2.32
CA VAL I 724 -22.63 86.46 -1.89
C VAL I 724 -22.69 86.58 -0.37
N ASP I 725 -23.50 85.75 0.29
CA ASP I 725 -23.63 85.86 1.74
C ASP I 725 -22.37 85.40 2.44
N VAL I 726 -21.78 84.28 1.99
CA VAL I 726 -20.54 83.78 2.59
C VAL I 726 -19.30 84.49 2.07
N THR I 727 -19.45 85.37 1.07
CA THR I 727 -18.30 86.07 0.51
C THR I 727 -17.55 86.89 1.56
N LEU I 728 -18.28 87.55 2.47
CA LEU I 728 -17.64 88.35 3.50
C LEU I 728 -16.71 87.51 4.36
N ALA I 729 -17.22 86.39 4.89
CA ALA I 729 -16.41 85.53 5.73
C ALA I 729 -15.25 84.92 4.94
N VAL I 730 -15.50 84.52 3.69
CA VAL I 730 -14.45 83.89 2.90
C VAL I 730 -13.31 84.87 2.67
N PHE I 731 -13.64 86.11 2.30
CA PHE I 731 -12.59 87.11 2.09
C PHE I 731 -11.87 87.44 3.38
N ALA I 732 -12.61 87.61 4.49
CA ALA I 732 -11.97 87.95 5.76
C ALA I 732 -11.02 86.85 6.22
N VAL I 733 -11.37 85.58 5.96
CA VAL I 733 -10.47 84.49 6.33
C VAL I 733 -9.26 84.44 5.40
N GLY I 734 -9.51 84.56 4.09
CA GLY I 734 -8.42 84.45 3.13
C GLY I 734 -7.41 85.58 3.23
N ALA I 735 -7.84 86.74 3.72
CA ALA I 735 -6.95 87.89 3.83
C ALA I 735 -6.03 87.82 5.05
N GLN I 736 -6.06 86.71 5.80
CA GLN I 736 -5.19 86.58 6.96
C GLN I 736 -3.75 86.27 6.56
N SER I 737 -3.56 85.56 5.45
CA SER I 737 -2.24 85.27 4.92
C SER I 737 -1.84 86.35 3.91
N THR I 738 -0.53 86.56 3.77
CA THR I 738 -0.02 87.59 2.87
C THR I 738 -0.41 87.32 1.43
N GLU I 739 -0.34 86.06 1.00
CA GLU I 739 -0.66 85.71 -0.38
C GLU I 739 -2.10 86.11 -0.72
N GLY I 740 -3.06 85.68 0.11
CA GLY I 740 -4.44 86.02 -0.14
C GLY I 740 -4.72 87.50 -0.03
N TRP I 741 -4.01 88.20 0.85
CA TRP I 741 -4.14 89.65 0.96
C TRP I 741 -3.77 90.32 -0.36
N ASP I 742 -2.60 89.98 -0.90
CA ASP I 742 -2.19 90.57 -2.17
C ASP I 742 -3.12 90.17 -3.31
N PHE I 743 -3.63 88.94 -3.28
CA PHE I 743 -4.56 88.50 -4.32
C PHE I 743 -5.85 89.30 -4.29
N LEU I 744 -6.42 89.48 -3.08
CA LEU I 744 -7.63 90.29 -2.93
C LEU I 744 -7.41 91.71 -3.42
N TYR I 745 -6.29 92.32 -3.06
CA TYR I 745 -6.05 93.68 -3.54
C TYR I 745 -5.89 93.71 -5.06
N SER I 746 -5.27 92.67 -5.63
CA SER I 746 -5.13 92.60 -7.08
C SER I 746 -6.50 92.56 -7.77
N LYS I 747 -7.46 91.86 -7.16
CA LYS I 747 -8.80 91.83 -7.74
C LYS I 747 -9.58 93.11 -7.49
N TYR I 748 -9.25 93.84 -6.42
CA TYR I 748 -9.98 95.06 -6.06
C TYR I 748 -9.98 96.07 -7.20
N GLN I 749 -8.82 96.27 -7.84
CA GLN I 749 -8.69 97.33 -8.84
C GLN I 749 -9.66 97.14 -9.98
N PHE I 750 -9.79 95.92 -10.49
CA PHE I 750 -10.57 95.65 -11.69
C PHE I 750 -12.01 95.24 -11.39
N SER I 751 -12.33 94.90 -10.14
CA SER I 751 -13.72 94.60 -9.82
C SER I 751 -14.60 95.83 -10.06
N LEU I 752 -15.87 95.58 -10.44
CA LEU I 752 -16.83 96.64 -10.70
C LEU I 752 -18.06 96.58 -9.81
N SER I 753 -18.17 95.60 -8.92
CA SER I 753 -19.29 95.51 -7.99
C SER I 753 -18.94 96.26 -6.71
N SER I 754 -19.84 97.14 -6.28
CA SER I 754 -19.57 97.94 -5.09
C SER I 754 -19.61 97.09 -3.83
N THR I 755 -20.49 96.08 -3.80
CA THR I 755 -20.51 95.16 -2.67
C THR I 755 -19.22 94.36 -2.59
N GLU I 756 -18.72 93.88 -3.73
CA GLU I 756 -17.45 93.18 -3.75
C GLU I 756 -16.32 94.08 -3.31
N LYS I 757 -16.32 95.33 -3.75
CA LYS I 757 -15.29 96.27 -3.33
C LYS I 757 -15.32 96.49 -1.82
N SER I 758 -16.51 96.70 -1.26
CA SER I 758 -16.61 96.93 0.19
C SER I 758 -16.20 95.70 0.98
N GLN I 759 -16.56 94.50 0.50
CA GLN I 759 -16.17 93.28 1.20
C GLN I 759 -14.66 93.08 1.13
N ILE I 760 -14.04 93.39 -0.01
CA ILE I 760 -12.58 93.33 -0.10
C ILE I 760 -11.94 94.33 0.84
N GLU I 761 -12.51 95.53 0.93
CA GLU I 761 -12.00 96.54 1.86
C GLU I 761 -12.04 96.04 3.30
N PHE I 762 -13.18 95.45 3.70
CA PHE I 762 -13.29 94.93 5.05
C PHE I 762 -12.29 93.82 5.30
N ALA I 763 -12.12 92.91 4.32
CA ALA I 763 -11.14 91.83 4.48
C ALA I 763 -9.73 92.38 4.63
N LEU I 764 -9.36 93.36 3.82
CA LEU I 764 -8.01 93.92 3.90
C LEU I 764 -7.80 94.70 5.19
N CYS I 765 -8.85 95.32 5.72
CA CYS I 765 -8.74 96.00 7.01
C CYS I 765 -8.65 95.01 8.15
N ARG I 766 -9.18 93.80 7.97
CA ARG I 766 -9.08 92.70 8.94
C ARG I 766 -7.66 92.10 9.06
N THR I 767 -6.61 92.68 8.47
CA THR I 767 -5.29 92.05 8.49
C THR I 767 -4.56 92.34 9.79
N GLN I 768 -3.45 91.62 9.99
CA GLN I 768 -2.58 91.80 11.14
C GLN I 768 -1.30 92.56 10.80
N ASN I 769 -1.04 92.83 9.53
CA ASN I 769 0.20 93.44 9.08
C ASN I 769 0.13 94.96 9.30
N LYS I 770 0.98 95.47 10.17
CA LYS I 770 1.02 96.90 10.44
C LYS I 770 1.33 97.69 9.17
N GLU I 771 2.26 97.18 8.37
CA GLU I 771 2.62 97.88 7.14
C GLU I 771 1.46 97.89 6.15
N LYS I 772 0.71 96.78 6.08
CA LYS I 772 -0.42 96.74 5.16
C LYS I 772 -1.55 97.66 5.61
N LEU I 773 -1.77 97.76 6.93
CA LEU I 773 -2.73 98.74 7.44
C LEU I 773 -2.30 100.16 7.09
N GLN I 774 -1.03 100.48 7.33
CA GLN I 774 -0.52 101.80 6.99
C GLN I 774 -0.62 102.08 5.50
N TRP I 775 -0.37 101.06 4.67
CA TRP I 775 -0.44 101.21 3.22
C TRP I 775 -1.87 101.48 2.77
N LEU I 776 -2.82 100.74 3.33
CA LEU I 776 -4.24 100.99 3.06
C LEU I 776 -4.58 102.43 3.41
N LEU I 777 -4.16 102.87 4.59
CA LEU I 777 -4.45 104.24 5.02
C LEU I 777 -3.86 105.26 4.05
N ASP I 778 -2.57 105.13 3.72
CA ASP I 778 -1.91 106.12 2.86
C ASP I 778 -2.56 106.17 1.49
N GLU I 779 -2.83 105.02 0.88
CA GLU I 779 -3.38 105.03 -0.47
C GLU I 779 -4.84 105.47 -0.49
N SER I 780 -5.62 105.07 0.52
CA SER I 780 -7.00 105.54 0.60
C SER I 780 -7.09 107.02 0.88
N PHE I 781 -6.08 107.59 1.56
CA PHE I 781 -6.02 109.05 1.69
C PHE I 781 -5.67 109.69 0.35
N LYS I 782 -4.63 109.18 -0.32
CA LYS I 782 -4.22 109.78 -1.59
C LYS I 782 -5.33 109.74 -2.62
N GLY I 783 -6.11 108.66 -2.64
CA GLY I 783 -7.27 108.58 -3.49
C GLY I 783 -7.05 108.00 -4.88
N ASP I 784 -5.87 107.42 -5.14
CA ASP I 784 -5.58 106.84 -6.45
C ASP I 784 -5.94 105.36 -6.46
N LYS I 785 -5.18 104.55 -5.72
CA LYS I 785 -5.44 103.11 -5.70
C LYS I 785 -6.76 102.78 -5.02
N ILE I 786 -7.15 103.54 -4.01
CA ILE I 786 -8.46 103.45 -3.38
C ILE I 786 -9.01 104.86 -3.28
N LYS I 787 -10.20 105.10 -3.84
CA LYS I 787 -10.76 106.44 -3.88
C LYS I 787 -10.95 107.00 -2.47
N THR I 788 -10.82 108.32 -2.37
CA THR I 788 -10.87 108.98 -1.06
C THR I 788 -12.26 108.94 -0.44
N GLN I 789 -13.32 108.80 -1.25
CA GLN I 789 -14.67 108.75 -0.68
C GLN I 789 -14.84 107.57 0.25
N GLU I 790 -14.05 106.51 0.06
CA GLU I 790 -14.11 105.33 0.91
C GLU I 790 -13.20 105.43 2.14
N PHE I 791 -12.45 106.52 2.26
CA PHE I 791 -11.46 106.62 3.33
C PHE I 791 -12.04 106.59 4.74
N PRO I 792 -13.09 107.35 5.08
CA PRO I 792 -13.52 107.38 6.50
C PRO I 792 -13.94 106.02 7.05
N GLN I 793 -14.66 105.22 6.26
CA GLN I 793 -15.05 103.89 6.74
C GLN I 793 -13.83 103.00 6.93
N ILE I 794 -12.83 103.12 6.04
CA ILE I 794 -11.60 102.37 6.19
C ILE I 794 -10.89 102.77 7.47
N LEU I 795 -10.86 104.07 7.76
CA LEU I 795 -10.26 104.55 9.00
C LEU I 795 -10.98 103.99 10.21
N THR I 796 -12.31 103.93 10.15
CA THR I 796 -13.08 103.38 11.27
C THR I 796 -12.81 101.89 11.45
N LEU I 797 -12.75 101.15 10.35
CA LEU I 797 -12.48 99.71 10.44
C LEU I 797 -11.07 99.45 10.98
N ILE I 798 -10.10 100.26 10.59
CA ILE I 798 -8.74 100.07 11.08
C ILE I 798 -8.65 100.46 12.55
N GLY I 799 -9.42 101.48 12.97
CA GLY I 799 -9.52 101.76 14.39
C GLY I 799 -10.22 100.66 15.17
N ARG I 800 -11.07 99.88 14.51
CA ARG I 800 -11.65 98.71 15.15
C ARG I 800 -10.63 97.58 15.26
N ASN I 801 -9.75 97.46 14.27
CA ASN I 801 -8.74 96.41 14.26
C ASN I 801 -7.92 96.46 15.57
N PRO I 802 -7.75 95.34 16.27
CA PRO I 802 -7.11 95.38 17.59
C PRO I 802 -5.66 95.85 17.60
N VAL I 803 -4.95 95.78 16.48
CA VAL I 803 -3.55 96.23 16.43
C VAL I 803 -3.38 97.48 15.57
N GLY I 804 -4.46 98.04 15.05
CA GLY I 804 -4.38 99.16 14.12
C GLY I 804 -4.90 100.47 14.68
N TYR I 805 -5.58 100.41 15.82
CA TYR I 805 -6.17 101.62 16.37
C TYR I 805 -5.13 102.70 16.70
N PRO I 806 -3.91 102.40 17.18
CA PRO I 806 -2.93 103.48 17.32
C PRO I 806 -2.57 104.10 15.98
N LEU I 807 -2.45 103.27 14.94
CA LEU I 807 -2.18 103.78 13.60
C LEU I 807 -3.30 104.71 13.14
N ALA I 808 -4.55 104.34 13.39
CA ALA I 808 -5.67 105.18 12.96
C ALA I 808 -5.69 106.50 13.73
N TRP I 809 -5.49 106.43 15.05
CA TRP I 809 -5.45 107.64 15.88
C TRP I 809 -4.31 108.56 15.42
N GLN I 810 -3.13 107.99 15.17
CA GLN I 810 -2.00 108.78 14.73
C GLN I 810 -2.24 109.39 13.36
N PHE I 811 -2.87 108.63 12.45
CA PHE I 811 -3.13 109.16 11.12
C PHE I 811 -4.10 110.35 11.19
N LEU I 812 -5.17 110.20 11.97
CA LEU I 812 -6.08 111.33 12.16
C LEU I 812 -5.36 112.53 12.75
N ARG I 813 -4.55 112.29 13.78
CA ARG I 813 -3.83 113.38 14.43
C ARG I 813 -2.91 114.12 13.46
N LYS I 814 -2.13 113.37 12.67
CA LYS I 814 -1.11 113.97 11.84
C LYS I 814 -1.65 114.52 10.52
N ASN I 815 -2.81 114.07 10.06
CA ASN I 815 -3.38 114.60 8.83
C ASN I 815 -4.75 115.24 9.04
N TRP I 816 -5.03 115.71 10.26
CA TRP I 816 -6.29 116.39 10.54
C TRP I 816 -6.51 117.56 9.57
N ASN I 817 -5.45 118.30 9.28
CA ASN I 817 -5.58 119.52 8.49
C ASN I 817 -6.09 119.22 7.09
N LYS I 818 -5.41 118.31 6.37
CA LYS I 818 -5.86 117.96 5.04
C LYS I 818 -7.20 117.23 5.05
N LEU I 819 -7.44 116.42 6.07
CA LEU I 819 -8.73 115.75 6.19
C LEU I 819 -9.87 116.75 6.36
N VAL I 820 -9.67 117.77 7.21
CA VAL I 820 -10.67 118.82 7.36
C VAL I 820 -10.82 119.59 6.05
N GLN I 821 -9.69 119.87 5.38
CA GLN I 821 -9.75 120.59 4.12
C GLN I 821 -10.50 119.83 3.05
N LYS I 822 -10.50 118.50 3.13
CA LYS I 822 -11.18 117.65 2.16
C LYS I 822 -12.65 117.42 2.50
N PHE I 823 -12.97 117.24 3.78
CA PHE I 823 -14.31 116.81 4.18
C PHE I 823 -15.14 117.90 4.84
N GLU I 824 -14.60 119.13 4.97
CA GLU I 824 -15.26 120.26 5.63
C GLU I 824 -15.42 120.05 7.12
N LEU I 825 -15.45 121.16 7.87
CA LEU I 825 -15.59 121.08 9.32
C LEU I 825 -17.05 120.78 9.69
N GLY I 826 -17.22 120.01 10.76
CA GLY I 826 -18.54 119.69 11.23
C GLY I 826 -19.32 118.73 10.37
N SER I 827 -18.74 118.25 9.28
CA SER I 827 -19.41 117.28 8.43
C SER I 827 -19.52 115.92 9.13
N SER I 828 -20.49 115.14 8.69
CA SER I 828 -20.66 113.79 9.21
C SER I 828 -19.44 112.92 8.94
N SER I 829 -18.67 113.24 7.90
CA SER I 829 -17.42 112.51 7.65
C SER I 829 -16.43 112.76 8.78
N ILE I 830 -16.24 114.02 9.17
CA ILE I 830 -15.35 114.35 10.28
C ILE I 830 -15.84 113.72 11.58
N ALA I 831 -17.15 113.81 11.83
CA ALA I 831 -17.71 113.20 13.04
C ALA I 831 -17.47 111.70 13.08
N HIS I 832 -17.78 111.00 11.97
CA HIS I 832 -17.54 109.58 11.88
C HIS I 832 -16.08 109.24 12.12
N MET I 833 -15.17 109.99 11.51
CA MET I 833 -13.74 109.71 11.70
C MET I 833 -13.35 109.84 13.16
N VAL I 834 -13.72 110.95 13.79
CA VAL I 834 -13.36 111.19 15.18
C VAL I 834 -13.89 110.07 16.07
N MET I 835 -15.17 109.75 15.94
CA MET I 835 -15.76 108.75 16.81
C MET I 835 -15.20 107.36 16.54
N GLY I 836 -15.05 106.99 15.27
CA GLY I 836 -14.52 105.68 14.95
C GLY I 836 -13.08 105.49 15.40
N THR I 837 -12.31 106.58 15.45
CA THR I 837 -10.92 106.46 15.90
C THR I 837 -10.74 106.59 17.40
N THR I 838 -11.68 107.21 18.11
CA THR I 838 -11.46 107.46 19.54
C THR I 838 -12.48 106.81 20.48
N ASN I 839 -13.71 106.58 20.04
CA ASN I 839 -14.77 106.29 21.02
C ASN I 839 -14.68 104.87 21.66
N GLN I 840 -13.65 104.05 21.46
CA GLN I 840 -13.53 102.78 22.15
C GLN I 840 -12.46 102.83 23.24
N PHE I 841 -11.97 104.01 23.59
CA PHE I 841 -10.96 104.16 24.61
C PHE I 841 -11.59 104.07 26.00
N SER I 842 -10.76 103.71 26.98
CA SER I 842 -11.27 103.39 28.30
C SER I 842 -10.43 103.91 29.46
N THR I 843 -9.32 104.58 29.20
CA THR I 843 -8.41 105.01 30.25
C THR I 843 -8.35 106.53 30.31
N ARG I 844 -7.99 107.03 31.49
CA ARG I 844 -7.79 108.47 31.66
C ARG I 844 -6.66 108.97 30.78
N THR I 845 -5.65 108.13 30.52
CA THR I 845 -4.57 108.52 29.62
C THR I 845 -5.09 108.77 28.21
N ARG I 846 -5.91 107.86 27.68
CA ARG I 846 -6.49 108.06 26.36
C ARG I 846 -7.43 109.26 26.35
N LEU I 847 -8.21 109.44 27.42
CA LEU I 847 -9.08 110.61 27.52
C LEU I 847 -8.28 111.89 27.44
N GLU I 848 -7.14 111.94 28.13
CA GLU I 848 -6.30 113.13 28.12
C GLU I 848 -5.63 113.34 26.76
N GLU I 849 -5.23 112.26 26.09
CA GLU I 849 -4.74 112.41 24.71
C GLU I 849 -5.78 113.10 23.84
N VAL I 850 -7.02 112.61 23.89
CA VAL I 850 -8.09 113.18 23.07
C VAL I 850 -8.28 114.66 23.42
N LYS I 851 -8.41 114.95 24.72
CA LYS I 851 -8.59 116.33 25.16
C LYS I 851 -7.46 117.22 24.67
N GLY I 852 -6.21 116.80 24.88
CA GLY I 852 -5.09 117.65 24.51
C GLY I 852 -5.03 117.93 23.02
N PHE I 853 -5.22 116.89 22.20
CA PHE I 853 -5.19 117.10 20.76
C PHE I 853 -6.29 118.06 20.32
N PHE I 854 -7.52 117.79 20.74
CA PHE I 854 -8.62 118.63 20.26
C PHE I 854 -8.58 120.03 20.87
N SER I 855 -7.86 120.22 21.97
CA SER I 855 -7.66 121.58 22.48
C SER I 855 -6.57 122.30 21.70
N SER I 856 -5.50 121.60 21.32
CA SER I 856 -4.48 122.22 20.49
C SER I 856 -4.99 122.56 19.10
N LEU I 857 -6.05 121.87 18.64
CA LEU I 857 -6.65 122.26 17.36
C LEU I 857 -7.17 123.69 17.38
N LYS I 858 -7.62 124.18 18.54
CA LYS I 858 -8.08 125.57 18.74
C LYS I 858 -9.26 125.83 17.81
N GLU I 859 -9.24 126.90 17.02
CA GLU I 859 -10.40 127.30 16.22
C GLU I 859 -10.68 126.37 15.06
N ASN I 860 -9.92 125.28 14.90
CA ASN I 860 -10.07 124.36 13.78
C ASN I 860 -10.60 123.01 14.24
N GLY I 861 -11.58 123.01 15.15
CA GLY I 861 -12.25 121.78 15.52
C GLY I 861 -12.40 121.52 17.01
N SER I 862 -11.93 122.45 17.85
CA SER I 862 -12.12 122.28 19.29
C SER I 862 -13.58 122.41 19.69
N GLN I 863 -14.38 123.14 18.91
CA GLN I 863 -15.77 123.39 19.22
C GLN I 863 -16.70 122.42 18.51
N LEU I 864 -16.23 121.21 18.23
CA LEU I 864 -17.01 120.23 17.50
C LEU I 864 -17.89 119.43 18.46
N ARG I 865 -19.18 119.38 18.13
CA ARG I 865 -20.13 118.60 18.94
C ARG I 865 -19.72 117.13 18.97
N CYS I 866 -19.14 116.63 17.88
CA CYS I 866 -18.62 115.26 17.90
C CYS I 866 -17.44 115.13 18.87
N VAL I 867 -16.61 116.17 18.99
CA VAL I 867 -15.53 116.15 19.97
C VAL I 867 -16.10 116.05 21.38
N GLN I 868 -17.10 116.89 21.68
CA GLN I 868 -17.74 116.83 22.99
C GLN I 868 -18.35 115.46 23.26
N GLN I 869 -19.00 114.89 22.24
CA GLN I 869 -19.65 113.60 22.40
C GLN I 869 -18.63 112.49 22.63
N THR I 870 -17.51 112.52 21.91
CA THR I 870 -16.47 111.51 22.13
C THR I 870 -15.85 111.66 23.51
N ILE I 871 -15.69 112.90 23.98
CA ILE I 871 -15.13 113.10 25.32
C ILE I 871 -16.05 112.48 26.38
N GLU I 872 -17.35 112.77 26.30
CA GLU I 872 -18.26 112.18 27.28
C GLU I 872 -18.39 110.67 27.11
N THR I 873 -18.28 110.17 25.88
CA THR I 873 -18.31 108.73 25.66
C THR I 873 -17.12 108.06 26.33
N ILE I 874 -15.94 108.69 26.24
CA ILE I 874 -14.76 108.14 26.88
C ILE I 874 -14.90 108.20 28.40
N GLU I 875 -15.50 109.27 28.93
CA GLU I 875 -15.74 109.34 30.38
C GLU I 875 -16.66 108.23 30.86
N GLU I 876 -17.79 108.05 30.16
CA GLU I 876 -18.70 106.96 30.53
C GLU I 876 -18.03 105.60 30.37
N ASN I 877 -17.19 105.45 29.35
CA ASN I 877 -16.45 104.20 29.18
C ASN I 877 -15.51 103.96 30.35
N ILE I 878 -14.83 105.00 30.82
CA ILE I 878 -13.95 104.87 31.98
C ILE I 878 -14.75 104.39 33.18
N GLY I 879 -15.87 105.07 33.47
CA GLY I 879 -16.69 104.65 34.61
C GLY I 879 -17.19 103.23 34.50
N TRP I 880 -17.80 102.89 33.36
CA TRP I 880 -18.37 101.57 33.16
C TRP I 880 -17.31 100.49 33.23
N MET I 881 -16.12 100.75 32.70
CA MET I 881 -15.06 99.76 32.71
C MET I 881 -14.49 99.58 34.11
N ASP I 882 -14.23 100.68 34.82
CA ASP I 882 -13.74 100.57 36.18
C ASP I 882 -14.73 99.86 37.09
N LYS I 883 -16.02 99.97 36.81
CA LYS I 883 -17.00 99.30 37.67
C LYS I 883 -17.27 97.86 37.25
N ASN I 884 -17.33 97.57 35.95
CA ASN I 884 -17.90 96.33 35.47
C ASN I 884 -16.91 95.32 34.90
N PHE I 885 -15.64 95.70 34.72
CA PHE I 885 -14.70 94.77 34.10
C PHE I 885 -14.47 93.55 34.98
N ASP I 886 -14.10 93.79 36.25
CA ASP I 886 -13.87 92.68 37.18
C ASP I 886 -15.16 91.90 37.41
N LYS I 887 -16.30 92.59 37.43
CA LYS I 887 -17.58 91.91 37.50
C LYS I 887 -17.75 90.96 36.32
N ILE I 888 -17.39 91.39 35.12
CA ILE I 888 -17.53 90.55 33.94
C ILE I 888 -16.59 89.36 34.03
N ARG I 889 -15.38 89.57 34.52
CA ARG I 889 -14.44 88.45 34.68
C ARG I 889 -14.98 87.41 35.65
N VAL I 890 -15.44 87.86 36.82
CA VAL I 890 -15.98 86.93 37.82
C VAL I 890 -17.20 86.21 37.27
N TRP I 891 -18.07 86.92 36.56
CA TRP I 891 -19.27 86.30 36.01
C TRP I 891 -18.92 85.28 34.93
N LEU I 892 -17.87 85.54 34.14
CA LEU I 892 -17.47 84.57 33.13
C LEU I 892 -16.90 83.32 33.76
N GLN I 893 -16.11 83.48 34.84
CA GLN I 893 -15.63 82.30 35.56
C GLN I 893 -16.79 81.51 36.16
N SER I 894 -17.80 82.20 36.69
CA SER I 894 -18.96 81.52 37.24
C SER I 894 -19.77 80.81 36.15
N GLU I 895 -19.85 81.42 34.97
CA GLU I 895 -20.61 80.85 33.86
C GLU I 895 -19.89 79.65 33.23
N LYS I 896 -18.55 79.63 33.30
CA LYS I 896 -17.80 78.50 32.78
C LYS I 896 -18.16 77.19 33.48
N LEU I 897 -18.56 77.23 34.75
CA LEU I 897 -19.00 76.05 35.49
C LEU I 897 -20.48 75.72 35.18
N GLU I 898 -20.74 75.40 33.91
CA GLU I 898 -22.09 75.06 33.48
C GLU I 898 -22.20 73.79 32.64
N ARG I 899 -21.11 73.34 32.02
CA ARG I 899 -21.18 72.12 31.20
C ARG I 899 -20.72 70.90 32.00
N PRO J 30 -27.25 -136.60 62.49
CA PRO J 30 -26.21 -136.21 63.45
C PRO J 30 -24.85 -136.04 62.79
N PHE J 31 -24.39 -134.79 62.67
CA PHE J 31 -23.13 -134.51 62.00
C PHE J 31 -21.96 -134.90 62.89
N PRO J 32 -20.97 -135.62 62.36
CA PRO J 32 -19.89 -136.15 63.22
C PRO J 32 -18.69 -135.22 63.38
N TRP J 33 -18.92 -133.91 63.55
CA TRP J 33 -17.81 -132.98 63.74
C TRP J 33 -18.33 -131.67 64.29
N ASN J 34 -17.55 -131.07 65.21
CA ASN J 34 -18.00 -129.87 65.90
C ASN J 34 -16.91 -128.80 66.02
N LYS J 35 -15.87 -128.86 65.20
CA LYS J 35 -14.80 -127.86 65.22
C LYS J 35 -14.72 -127.16 63.87
N ILE J 36 -14.35 -125.88 63.90
CA ILE J 36 -14.21 -125.13 62.66
C ILE J 36 -13.00 -125.61 61.88
N ARG J 37 -11.92 -125.93 62.57
CA ARG J 37 -10.74 -126.50 61.92
C ARG J 37 -11.00 -127.93 61.47
N LEU J 38 -10.29 -128.35 60.44
CA LEU J 38 -10.44 -129.69 59.91
C LEU J 38 -9.67 -130.69 60.76
N PRO J 39 -10.03 -131.97 60.71
CA PRO J 39 -9.22 -133.00 61.38
C PRO J 39 -7.84 -133.07 60.76
N GLU J 40 -6.83 -133.22 61.61
CA GLU J 40 -5.43 -133.20 61.18
C GLU J 40 -4.93 -134.56 60.70
N TYR J 41 -5.72 -135.62 60.80
CA TYR J 41 -5.24 -136.96 60.49
C TYR J 41 -5.68 -137.44 59.11
N VAL J 42 -6.27 -136.55 58.30
CA VAL J 42 -6.60 -136.85 56.90
C VAL J 42 -5.90 -135.81 56.05
N ILE J 43 -4.87 -136.22 55.33
CA ILE J 43 -3.98 -135.31 54.60
C ILE J 43 -4.15 -135.59 53.11
N PRO J 44 -4.41 -134.56 52.29
CA PRO J 44 -4.42 -134.76 50.84
C PRO J 44 -3.01 -134.76 50.28
N VAL J 45 -2.86 -135.40 49.12
CA VAL J 45 -1.55 -135.44 48.46
C VAL J 45 -1.64 -134.99 47.01
N HIS J 46 -2.79 -135.19 46.36
CA HIS J 46 -2.93 -134.83 44.95
C HIS J 46 -4.40 -134.66 44.62
N TYR J 47 -4.77 -133.48 44.14
CA TYR J 47 -6.11 -133.22 43.62
C TYR J 47 -6.11 -133.37 42.11
N ASP J 48 -7.22 -133.91 41.59
CA ASP J 48 -7.47 -134.03 40.16
C ASP J 48 -8.84 -133.42 39.92
N LEU J 49 -8.86 -132.21 39.38
CA LEU J 49 -10.08 -131.42 39.25
C LEU J 49 -10.51 -131.38 37.80
N LEU J 50 -11.82 -131.57 37.57
CA LEU J 50 -12.42 -131.46 36.26
C LEU J 50 -13.58 -130.49 36.37
N ILE J 51 -13.48 -129.36 35.68
CA ILE J 51 -14.47 -128.30 35.73
C ILE J 51 -15.05 -128.13 34.34
N HIS J 52 -16.38 -128.13 34.24
CA HIS J 52 -17.10 -127.81 33.01
C HIS J 52 -17.96 -126.60 33.35
N ALA J 53 -17.53 -125.43 32.91
CA ALA J 53 -18.24 -124.18 33.13
C ALA J 53 -19.09 -123.87 31.89
N ASN J 54 -20.30 -123.46 32.22
CA ASN J 54 -21.23 -123.09 31.13
C ASN J 54 -21.56 -121.60 31.26
N LEU J 55 -21.00 -120.79 30.35
CA LEU J 55 -21.20 -119.34 30.33
C LEU J 55 -22.62 -118.97 29.92
N THR J 56 -23.22 -119.74 29.01
CA THR J 56 -24.57 -119.41 28.55
C THR J 56 -25.60 -119.60 29.66
N THR J 57 -25.57 -120.75 30.33
CA THR J 57 -26.50 -121.03 31.41
C THR J 57 -25.95 -120.61 32.77
N LEU J 58 -24.79 -120.11 32.78
CA LEU J 58 -24.15 -119.69 34.02
C LEU J 58 -24.17 -120.82 35.04
N THR J 59 -23.70 -121.99 34.63
CA THR J 59 -23.68 -123.19 35.45
C THR J 59 -22.27 -123.77 35.42
N PHE J 60 -22.04 -124.82 36.20
CA PHE J 60 -20.83 -125.62 36.03
C PHE J 60 -20.97 -126.92 36.81
N TRP J 61 -20.54 -128.00 36.19
CA TRP J 61 -20.43 -129.32 36.82
CA TRP J 61 -20.43 -129.26 36.92
C TRP J 61 -18.97 -129.63 37.08
N GLY J 62 -18.70 -130.43 38.11
CA GLY J 62 -17.33 -130.72 38.48
C GLY J 62 -17.15 -132.12 39.03
N THR J 63 -15.92 -132.62 38.86
CA THR J 63 -15.49 -133.90 39.40
C THR J 63 -14.14 -133.71 40.09
N THR J 64 -14.08 -134.10 41.36
CA THR J 64 -12.87 -133.93 42.16
C THR J 64 -12.40 -135.29 42.65
N LYS J 65 -11.20 -135.69 42.26
CA LYS J 65 -10.56 -136.91 42.75
C LYS J 65 -9.38 -136.49 43.61
N VAL J 66 -9.49 -136.70 44.92
CA VAL J 66 -8.46 -136.27 45.85
C VAL J 66 -7.83 -137.53 46.45
N GLU J 67 -6.52 -137.66 46.27
CA GLU J 67 -5.77 -138.73 46.90
C GLU J 67 -5.39 -138.33 48.32
N ILE J 68 -5.72 -139.17 49.29
CA ILE J 68 -5.52 -138.88 50.69
C ILE J 68 -4.85 -140.06 51.38
N THR J 69 -4.26 -139.76 52.53
CA THR J 69 -3.74 -140.76 53.45
C THR J 69 -4.21 -140.41 54.86
N ALA J 70 -4.31 -141.42 55.71
CA ALA J 70 -4.81 -141.25 57.07
C ALA J 70 -3.77 -141.73 58.06
N SER J 71 -3.59 -140.97 59.14
CA SER J 71 -2.67 -141.32 60.21
C SER J 71 -3.37 -141.97 61.40
N GLN J 72 -4.65 -141.67 61.61
CA GLN J 72 -5.46 -142.31 62.63
C GLN J 72 -6.58 -143.10 61.96
N PRO J 73 -6.82 -144.35 62.37
CA PRO J 73 -7.88 -145.13 61.74
C PRO J 73 -9.24 -144.46 61.93
N THR J 74 -9.89 -144.13 60.81
CA THR J 74 -11.17 -143.45 60.85
C THR J 74 -12.03 -143.93 59.69
N SER J 75 -13.35 -143.79 59.86
CA SER J 75 -14.32 -144.06 58.82
C SER J 75 -15.08 -142.81 58.42
N THR J 76 -14.57 -141.63 58.78
CA THR J 76 -15.22 -140.36 58.48
C THR J 76 -14.18 -139.39 57.92
N ILE J 77 -14.47 -138.82 56.77
CA ILE J 77 -13.57 -137.88 56.10
C ILE J 77 -14.27 -136.52 56.06
N ILE J 78 -13.66 -135.53 56.71
CA ILE J 78 -14.22 -134.18 56.79
C ILE J 78 -13.46 -133.28 55.84
N LEU J 79 -14.19 -132.54 55.01
CA LEU J 79 -13.58 -131.56 54.12
C LEU J 79 -14.58 -130.44 53.89
N HIS J 80 -14.13 -129.42 53.16
CA HIS J 80 -14.92 -128.21 52.96
C HIS J 80 -15.72 -128.27 51.67
N SER J 81 -16.91 -127.65 51.71
CA SER J 81 -17.78 -127.50 50.56
C SER J 81 -18.81 -126.45 50.87
N HIS J 82 -19.05 -125.52 49.93
CA HIS J 82 -19.92 -124.38 50.18
C HIS J 82 -20.69 -124.05 48.92
N HIS J 83 -22.02 -124.04 49.03
CA HIS J 83 -22.91 -123.72 47.91
C HIS J 83 -22.65 -124.64 46.71
N LEU J 84 -22.36 -125.90 47.00
CA LEU J 84 -22.10 -126.91 45.96
C LEU J 84 -23.04 -128.09 46.16
N GLN J 85 -23.75 -128.46 45.10
CA GLN J 85 -24.67 -129.59 45.14
C GLN J 85 -23.90 -130.87 44.86
N ILE J 86 -23.72 -131.68 45.90
CA ILE J 86 -23.06 -132.98 45.76
C ILE J 86 -24.07 -134.00 45.26
N SER J 87 -23.71 -134.72 44.20
CA SER J 87 -24.61 -135.69 43.59
C SER J 87 -24.12 -137.13 43.64
N ARG J 88 -22.84 -137.37 43.94
CA ARG J 88 -22.27 -138.71 43.86
C ARG J 88 -20.92 -138.71 44.56
N ALA J 89 -20.66 -139.76 45.34
CA ALA J 89 -19.42 -139.83 46.12
C ALA J 89 -18.96 -141.27 46.21
N THR J 90 -17.70 -141.53 45.81
CA THR J 90 -17.11 -142.86 45.86
C THR J 90 -15.75 -142.78 46.55
N LEU J 91 -15.29 -143.94 47.03
CA LEU J 91 -14.01 -144.06 47.72
C LEU J 91 -13.26 -145.27 47.17
N ARG J 92 -12.16 -145.02 46.47
CA ARG J 92 -11.32 -146.07 45.90
C ARG J 92 -10.13 -146.30 46.82
N LYS J 93 -9.70 -147.55 46.93
CA LYS J 93 -8.59 -147.92 47.80
C LYS J 93 -7.43 -148.41 46.94
N GLY J 94 -6.33 -147.65 46.91
CA GLY J 94 -5.21 -148.02 46.07
C GLY J 94 -4.93 -146.99 44.99
N LEU J 99 -8.54 -150.69 42.92
CA LEU J 99 -9.20 -151.97 42.66
C LEU J 99 -10.61 -151.97 43.23
N SER J 100 -10.71 -151.82 44.55
CA SER J 100 -11.99 -151.83 45.24
C SER J 100 -12.53 -150.42 45.36
N GLU J 101 -13.78 -150.23 44.98
CA GLU J 101 -14.47 -148.95 45.07
C GLU J 101 -15.73 -149.11 45.91
N GLU J 102 -15.93 -148.18 46.85
CA GLU J 102 -17.05 -148.27 47.78
C GLU J 102 -17.78 -146.94 47.83
N PRO J 103 -19.11 -146.96 47.97
CA PRO J 103 -19.87 -145.71 48.06
C PRO J 103 -19.70 -145.07 49.43
N LEU J 104 -19.81 -143.74 49.45
CA LEU J 104 -19.71 -142.94 50.66
C LEU J 104 -21.04 -142.26 50.95
N GLN J 105 -21.40 -142.17 52.22
CA GLN J 105 -22.59 -141.41 52.60
C GLN J 105 -22.19 -139.97 52.90
N VAL J 106 -23.04 -139.03 52.49
CA VAL J 106 -22.74 -137.61 52.53
C VAL J 106 -23.57 -136.95 53.62
N LEU J 107 -22.90 -136.24 54.54
CA LEU J 107 -23.56 -135.38 55.50
C LEU J 107 -23.09 -133.95 55.27
N GLU J 108 -23.98 -132.99 55.49
CA GLU J 108 -23.73 -131.60 55.14
C GLU J 108 -23.87 -130.73 56.38
N HIS J 109 -22.97 -129.75 56.52
CA HIS J 109 -23.02 -128.79 57.61
C HIS J 109 -22.80 -127.40 57.01
N PRO J 110 -23.88 -126.66 56.73
CA PRO J 110 -23.71 -125.34 56.10
C PRO J 110 -23.11 -124.29 57.02
N ARG J 111 -23.32 -124.42 58.33
CA ARG J 111 -22.77 -123.41 59.25
C ARG J 111 -21.26 -123.47 59.29
N GLN J 112 -20.68 -124.67 59.30
CA GLN J 112 -19.25 -124.85 59.28
C GLN J 112 -18.69 -124.95 57.87
N GLU J 113 -19.54 -124.84 56.86
CA GLU J 113 -19.13 -124.93 55.45
C GLU J 113 -18.38 -126.23 55.19
N GLN J 114 -18.91 -127.34 55.72
CA GLN J 114 -18.22 -128.62 55.65
C GLN J 114 -19.16 -129.71 55.15
N ILE J 115 -18.54 -130.79 54.69
CA ILE J 115 -19.25 -132.04 54.41
C ILE J 115 -18.46 -133.17 55.03
N ALA J 116 -19.18 -134.19 55.47
CA ALA J 116 -18.62 -135.39 56.07
C ALA J 116 -18.90 -136.57 55.14
N LEU J 117 -17.86 -137.33 54.84
CA LEU J 117 -17.97 -138.50 53.98
C LEU J 117 -17.77 -139.74 54.85
N LEU J 118 -18.79 -140.60 54.90
CA LEU J 118 -18.77 -141.80 55.73
C LEU J 118 -18.50 -143.01 54.86
N ALA J 119 -17.48 -143.80 55.27
CA ALA J 119 -16.98 -145.00 54.61
C ALA J 119 -17.42 -146.26 55.35
N PRO J 120 -17.83 -147.30 54.61
CA PRO J 120 -18.30 -148.53 55.29
C PRO J 120 -17.23 -149.21 56.13
N GLU J 121 -16.00 -149.32 55.62
CA GLU J 121 -14.93 -149.98 56.35
C GLU J 121 -13.88 -148.96 56.77
N PRO J 122 -13.41 -149.02 58.02
CA PRO J 122 -12.45 -148.02 58.50
C PRO J 122 -11.17 -148.00 57.67
N LEU J 123 -10.68 -146.79 57.41
CA LEU J 123 -9.47 -146.62 56.61
C LEU J 123 -8.26 -147.18 57.35
N LEU J 124 -7.36 -147.81 56.60
CA LEU J 124 -6.15 -148.39 57.16
C LEU J 124 -5.02 -147.35 57.11
N VAL J 125 -4.34 -147.16 58.24
CA VAL J 125 -3.28 -146.16 58.34
C VAL J 125 -2.14 -146.52 57.39
N GLY J 126 -1.57 -145.50 56.75
CA GLY J 126 -0.46 -145.69 55.83
C GLY J 126 -0.84 -146.09 54.41
N LEU J 127 -2.13 -146.23 54.12
CA LEU J 127 -2.59 -146.63 52.79
C LEU J 127 -3.12 -145.44 52.00
N PRO J 128 -2.89 -145.40 50.69
CA PRO J 128 -3.47 -144.34 49.87
C PRO J 128 -4.90 -144.64 49.40
N TYR J 129 -5.80 -143.67 49.58
CA TYR J 129 -7.17 -143.77 49.14
C TYR J 129 -7.47 -142.59 48.23
N THR J 130 -8.52 -142.72 47.42
CA THR J 130 -8.92 -141.68 46.48
C THR J 130 -10.41 -141.41 46.63
N VAL J 131 -10.76 -140.22 47.12
CA VAL J 131 -12.16 -139.82 47.22
C VAL J 131 -12.56 -139.13 45.93
N VAL J 132 -13.67 -139.57 45.33
CA VAL J 132 -14.15 -139.02 44.06
C VAL J 132 -15.54 -138.45 44.29
N ILE J 133 -15.68 -137.14 44.06
CA ILE J 133 -16.90 -136.41 44.33
C ILE J 133 -17.38 -135.76 43.05
N HIS J 134 -18.66 -135.93 42.73
CA HIS J 134 -19.31 -135.26 41.62
C HIS J 134 -20.24 -134.19 42.18
N TYR J 135 -20.19 -133.00 41.60
CA TYR J 135 -20.94 -131.88 42.15
C TYR J 135 -21.35 -130.93 41.04
N ALA J 136 -22.21 -129.99 41.40
CA ALA J 136 -22.68 -128.96 40.47
C ALA J 136 -22.85 -127.64 41.21
N GLY J 137 -22.98 -126.58 40.44
CA GLY J 137 -23.19 -125.25 41.01
C GLY J 137 -23.29 -124.24 39.89
N ASN J 138 -23.35 -122.96 40.27
CA ASN J 138 -23.28 -121.90 39.28
C ASN J 138 -22.29 -120.82 39.69
N LEU J 139 -21.77 -120.14 38.67
CA LEU J 139 -20.88 -118.99 38.84
C LEU J 139 -21.45 -117.98 39.81
N SER J 140 -20.69 -117.65 40.84
CA SER J 140 -21.10 -116.63 41.80
C SER J 140 -21.22 -115.28 41.12
N GLU J 141 -22.29 -114.56 41.45
CA GLU J 141 -22.47 -113.19 40.96
C GLU J 141 -21.68 -112.17 41.76
N THR J 142 -20.88 -112.61 42.74
CA THR J 142 -20.12 -111.70 43.59
C THR J 142 -18.71 -111.49 43.06
N PHE J 143 -17.77 -111.22 43.96
CA PHE J 143 -16.38 -110.98 43.60
C PHE J 143 -15.44 -112.07 44.09
N HIS J 144 -15.97 -113.18 44.62
CA HIS J 144 -15.16 -114.26 45.15
C HIS J 144 -15.68 -115.59 44.64
N GLY J 145 -14.90 -116.64 44.91
CA GLY J 145 -15.25 -117.98 44.46
C GLY J 145 -14.96 -118.17 42.98
N PHE J 146 -15.84 -118.90 42.29
CA PHE J 146 -15.80 -119.05 40.84
C PHE J 146 -16.87 -118.13 40.28
N TYR J 147 -16.48 -116.90 39.94
CA TYR J 147 -17.45 -115.86 39.69
C TYR J 147 -17.42 -115.40 38.23
N LYS J 148 -18.46 -114.63 37.87
CA LYS J 148 -18.67 -114.15 36.52
C LYS J 148 -18.22 -112.70 36.38
N SER J 149 -17.70 -112.37 35.21
CA SER J 149 -17.33 -111.00 34.87
C SER J 149 -17.83 -110.71 33.46
N THR J 150 -18.12 -109.43 33.20
CA THR J 150 -18.61 -108.99 31.91
C THR J 150 -17.79 -107.82 31.42
N TYR J 151 -17.73 -107.66 30.09
CA TYR J 151 -17.03 -106.52 29.51
C TYR J 151 -17.77 -106.05 28.26
N ARG J 152 -17.59 -104.77 27.95
CA ARG J 152 -18.26 -104.13 26.82
C ARG J 152 -17.32 -104.02 25.64
N THR J 153 -17.77 -104.47 24.48
CA THR J 153 -17.00 -104.26 23.26
C THR J 153 -17.22 -102.84 22.75
N LYS J 154 -16.38 -102.44 21.80
CA LYS J 154 -16.50 -101.11 21.21
C LYS J 154 -17.76 -100.97 20.36
N GLU J 155 -18.46 -102.06 20.09
CA GLU J 155 -19.72 -102.04 19.36
C GLU J 155 -20.93 -102.07 20.30
N GLY J 156 -20.71 -101.98 21.60
CA GLY J 156 -21.77 -101.98 22.58
C GLY J 156 -22.22 -103.35 23.06
N GLU J 157 -21.71 -104.43 22.45
CA GLU J 157 -22.10 -105.75 22.87
C GLU J 157 -21.50 -106.10 24.23
N LEU J 158 -22.17 -106.99 24.95
CA LEU J 158 -21.75 -107.44 26.26
C LEU J 158 -21.23 -108.86 26.15
N ARG J 159 -20.04 -109.11 26.69
CA ARG J 159 -19.41 -110.42 26.65
C ARG J 159 -19.12 -110.90 28.06
N ILE J 160 -19.14 -112.23 28.23
CA ILE J 160 -19.09 -112.88 29.54
C ILE J 160 -17.82 -113.72 29.63
N LEU J 161 -17.23 -113.74 30.83
CA LEU J 161 -16.11 -114.60 31.15
C LEU J 161 -16.26 -115.09 32.58
N ALA J 162 -15.52 -116.15 32.92
CA ALA J 162 -15.56 -116.73 34.25
C ALA J 162 -14.17 -116.71 34.84
N SER J 163 -14.03 -116.14 36.04
CA SER J 163 -12.75 -116.02 36.71
C SER J 163 -12.85 -116.60 38.11
N THR J 164 -11.70 -116.66 38.78
CA THR J 164 -11.61 -117.23 40.12
C THR J 164 -11.00 -116.24 41.09
N GLN J 165 -11.35 -116.43 42.36
CA GLN J 165 -10.74 -115.68 43.46
C GLN J 165 -10.96 -116.52 44.71
N PHE J 166 -9.92 -117.25 45.13
CA PHE J 166 -10.08 -118.25 46.16
C PHE J 166 -9.57 -117.83 47.53
N GLU J 167 -8.67 -116.87 47.60
CA GLU J 167 -8.21 -116.38 48.90
C GLU J 167 -9.35 -115.65 49.59
N PRO J 168 -9.64 -115.95 50.86
CA PRO J 168 -8.92 -116.98 51.61
C PRO J 168 -9.61 -118.34 51.65
N THR J 169 -10.93 -118.38 51.73
CA THR J 169 -11.69 -119.61 51.92
C THR J 169 -12.75 -119.76 50.83
N ALA J 170 -12.42 -119.40 49.60
CA ALA J 170 -13.38 -119.42 48.50
C ALA J 170 -13.16 -120.57 47.53
N ALA J 171 -12.07 -121.32 47.66
CA ALA J 171 -11.86 -122.49 46.80
C ALA J 171 -12.95 -123.53 47.02
N ARG J 172 -13.50 -123.61 48.23
CA ARG J 172 -14.58 -124.54 48.53
C ARG J 172 -15.86 -124.22 47.77
N MET J 173 -16.02 -122.98 47.30
CA MET J 173 -17.18 -122.63 46.48
C MET J 173 -17.05 -123.11 45.05
N ALA J 174 -15.90 -123.66 44.68
CA ALA J 174 -15.66 -124.13 43.32
C ALA J 174 -15.33 -125.61 43.26
N PHE J 175 -14.60 -126.14 44.25
CA PHE J 175 -14.34 -127.57 44.31
C PHE J 175 -14.21 -128.00 45.76
N PRO J 176 -14.83 -129.12 46.14
CA PRO J 176 -14.68 -129.61 47.52
C PRO J 176 -13.25 -130.09 47.75
N CYS J 177 -12.70 -129.68 48.89
CA CYS J 177 -11.29 -129.90 49.17
C CYS J 177 -11.04 -129.68 50.65
N PHE J 178 -9.78 -129.82 51.04
CA PHE J 178 -9.32 -129.46 52.38
C PHE J 178 -8.83 -128.02 52.29
N ASP J 179 -9.80 -127.10 52.34
CA ASP J 179 -9.57 -125.69 52.02
C ASP J 179 -8.90 -124.98 53.21
N GLU J 180 -7.66 -125.37 53.47
CA GLU J 180 -6.82 -124.72 54.45
C GLU J 180 -5.41 -124.57 53.87
N PRO J 181 -4.69 -123.52 54.26
CA PRO J 181 -3.34 -123.31 53.71
C PRO J 181 -2.32 -124.34 54.15
N ALA J 182 -2.63 -125.13 55.18
CA ALA J 182 -1.65 -126.10 55.67
C ALA J 182 -1.68 -127.40 54.86
N PHE J 183 -2.82 -127.75 54.28
CA PHE J 183 -2.94 -128.97 53.48
C PHE J 183 -2.51 -128.66 52.05
N LYS J 184 -1.19 -128.57 51.86
CA LYS J 184 -0.64 -128.34 50.54
C LYS J 184 -0.67 -129.63 49.73
N ALA J 185 -0.80 -129.49 48.42
CA ALA J 185 -0.89 -130.63 47.52
C ALA J 185 -0.64 -130.17 46.09
N SER J 186 -0.51 -131.15 45.20
CA SER J 186 -0.42 -130.88 43.77
C SER J 186 -1.82 -130.90 43.16
N PHE J 187 -1.95 -130.26 42.00
CA PHE J 187 -3.25 -130.08 41.36
C PHE J 187 -3.13 -130.38 39.87
N SER J 188 -3.90 -131.36 39.40
CA SER J 188 -4.03 -131.64 37.97
C SER J 188 -5.39 -131.12 37.52
N ILE J 189 -5.38 -130.06 36.71
CA ILE J 189 -6.58 -129.31 36.36
C ILE J 189 -6.99 -129.65 34.93
N LYS J 190 -8.28 -129.87 34.74
CA LYS J 190 -8.87 -130.06 33.41
C LYS J 190 -10.10 -129.17 33.31
N ILE J 191 -10.15 -128.36 32.25
CA ILE J 191 -11.22 -127.39 32.05
C ILE J 191 -11.89 -127.68 30.70
N ARG J 192 -13.22 -127.63 30.70
CA ARG J 192 -14.01 -127.83 29.49
C ARG J 192 -14.62 -126.50 29.05
N ARG J 193 -14.58 -126.25 27.75
CA ARG J 193 -15.00 -124.98 27.20
C ARG J 193 -15.53 -125.19 25.78
N GLU J 194 -16.23 -124.17 25.28
CA GLU J 194 -16.56 -124.13 23.86
C GLU J 194 -15.30 -123.83 23.05
N PRO J 195 -15.29 -124.16 21.76
CA PRO J 195 -14.13 -123.79 20.94
C PRO J 195 -13.89 -122.28 20.92
N ARG J 196 -14.96 -121.49 20.95
CA ARG J 196 -14.80 -120.04 20.89
C ARG J 196 -14.07 -119.46 22.10
N HIS J 197 -13.81 -120.29 23.12
CA HIS J 197 -13.21 -119.82 24.36
C HIS J 197 -11.74 -120.20 24.46
N LEU J 198 -11.10 -119.64 25.50
CA LEU J 198 -9.70 -119.84 25.81
C LEU J 198 -9.59 -120.01 27.31
N ALA J 199 -8.93 -121.09 27.74
CA ALA J 199 -8.81 -121.43 29.14
C ALA J 199 -7.35 -121.34 29.55
N ILE J 200 -7.09 -120.65 30.67
CA ILE J 200 -5.76 -120.57 31.24
C ILE J 200 -5.83 -120.88 32.73
N SER J 201 -4.74 -121.39 33.27
CA SER J 201 -4.72 -121.82 34.67
C SER J 201 -3.31 -121.62 35.23
N ASN J 202 -3.00 -122.32 36.32
CA ASN J 202 -1.73 -122.13 37.00
C ASN J 202 -0.56 -122.61 36.15
N MET J 203 -0.70 -123.77 35.53
CA MET J 203 0.36 -124.38 34.75
C MET J 203 0.10 -124.17 33.26
N PRO J 204 1.09 -124.41 32.42
CA PRO J 204 0.87 -124.34 30.97
C PRO J 204 -0.12 -125.40 30.50
N LEU J 205 -0.70 -125.13 29.33
CA LEU J 205 -1.63 -126.06 28.70
C LEU J 205 -0.84 -127.21 28.08
N VAL J 206 -1.14 -128.43 28.51
CA VAL J 206 -0.43 -129.60 28.01
C VAL J 206 -1.07 -130.15 26.74
N LYS J 207 -2.39 -130.29 26.73
CA LYS J 207 -3.02 -130.78 25.49
C LYS J 207 -4.49 -130.41 25.46
N SER J 208 -5.08 -130.48 24.26
CA SER J 208 -6.50 -130.20 24.06
C SER J 208 -7.14 -131.37 23.34
N VAL J 209 -8.19 -131.94 23.94
CA VAL J 209 -8.86 -133.13 23.41
C VAL J 209 -10.32 -132.79 23.13
N THR J 210 -10.84 -133.27 22.01
CA THR J 210 -12.23 -133.02 21.63
C THR J 210 -13.15 -134.05 22.30
N VAL J 211 -13.34 -133.87 23.62
CA VAL J 211 -14.23 -134.74 24.37
C VAL J 211 -15.67 -134.48 23.97
N ALA J 212 -16.49 -135.54 23.98
CA ALA J 212 -17.89 -135.45 23.56
C ALA J 212 -17.96 -134.86 22.15
N GLU J 213 -18.89 -133.94 21.97
CA GLU J 213 -19.05 -133.24 20.70
C GLU J 213 -19.23 -131.75 20.95
N GLY J 214 -18.41 -130.96 20.27
CA GLY J 214 -18.58 -129.53 20.19
C GLY J 214 -17.91 -128.73 21.28
N LEU J 215 -17.29 -129.39 22.27
CA LEU J 215 -16.58 -128.69 23.33
C LEU J 215 -15.22 -129.35 23.56
N ILE J 216 -14.18 -128.51 23.69
CA ILE J 216 -12.81 -128.97 23.88
C ILE J 216 -12.51 -129.07 25.37
N GLU J 217 -11.61 -129.99 25.72
CA GLU J 217 -11.15 -130.19 27.09
C GLU J 217 -9.65 -129.90 27.13
N ASP J 218 -9.24 -128.99 28.02
CA ASP J 218 -7.85 -128.58 28.14
C ASP J 218 -7.22 -129.26 29.35
N HIS J 219 -6.19 -130.06 29.10
CA HIS J 219 -5.40 -130.70 30.14
C HIS J 219 -4.18 -129.83 30.41
N PHE J 220 -4.08 -129.30 31.62
CA PHE J 220 -2.95 -128.49 32.09
C PHE J 220 -1.97 -129.36 32.85
N ASP J 221 -0.73 -128.88 32.92
CA ASP J 221 0.31 -129.58 33.65
C ASP J 221 -0.01 -129.60 35.14
N VAL J 222 0.70 -130.45 35.87
CA VAL J 222 0.47 -130.60 37.30
C VAL J 222 1.25 -129.54 38.05
N THR J 223 0.62 -128.96 39.07
CA THR J 223 1.23 -127.89 39.86
C THR J 223 2.23 -128.47 40.86
N VAL J 224 2.88 -127.58 41.61
CA VAL J 224 3.81 -127.98 42.65
C VAL J 224 3.06 -128.04 43.98
N LYS J 225 3.78 -128.33 45.06
CA LYS J 225 3.20 -128.30 46.39
C LYS J 225 2.77 -126.88 46.75
N MET J 226 1.47 -126.64 46.77
CA MET J 226 0.95 -125.30 47.03
C MET J 226 -0.36 -125.40 47.78
N SER J 227 -0.74 -124.31 48.43
CA SER J 227 -1.97 -124.25 49.18
C SER J 227 -3.17 -124.16 48.24
N THR J 228 -4.36 -124.39 48.79
CA THR J 228 -5.56 -124.47 47.97
C THR J 228 -6.01 -123.10 47.47
N TYR J 229 -5.73 -122.03 48.22
CA TYR J 229 -6.20 -120.71 47.80
C TYR J 229 -5.47 -120.17 46.58
N LEU J 230 -4.42 -120.84 46.12
CA LEU J 230 -3.65 -120.38 44.96
C LEU J 230 -4.13 -120.98 43.64
N VAL J 231 -5.12 -121.86 43.66
CA VAL J 231 -5.66 -122.41 42.42
C VAL J 231 -6.41 -121.32 41.67
N ALA J 232 -6.28 -121.33 40.34
CA ALA J 232 -6.95 -120.32 39.53
C ALA J 232 -7.16 -120.86 38.12
N PHE J 233 -8.21 -120.37 37.47
CA PHE J 233 -8.50 -120.71 36.09
C PHE J 233 -9.44 -119.67 35.51
N ILE J 234 -9.30 -119.40 34.22
CA ILE J 234 -10.04 -118.35 33.53
C ILE J 234 -10.49 -118.89 32.19
N ILE J 235 -11.79 -118.71 31.90
CA ILE J 235 -12.38 -119.02 30.60
C ILE J 235 -12.85 -117.72 29.98
N SER J 236 -12.25 -117.33 28.87
CA SER J 236 -12.57 -116.04 28.27
C SER J 236 -12.23 -116.07 26.78
N ASP J 237 -11.99 -114.89 26.22
CA ASP J 237 -11.46 -114.78 24.86
C ASP J 237 -10.37 -113.71 24.82
N PHE J 238 -9.51 -113.71 25.83
CA PHE J 238 -8.47 -112.70 25.95
C PHE J 238 -7.45 -112.79 24.83
N GLU J 239 -6.90 -111.64 24.46
CA GLU J 239 -5.66 -111.56 23.71
C GLU J 239 -4.50 -111.41 24.68
N SER J 240 -3.29 -111.71 24.22
CA SER J 240 -2.15 -111.69 25.12
C SER J 240 -0.90 -111.19 24.41
N VAL J 241 0.04 -110.70 25.22
CA VAL J 241 1.38 -110.34 24.79
C VAL J 241 2.37 -111.08 25.68
N SER J 242 3.41 -111.59 25.13
CA SER J 242 4.39 -112.41 25.89
C SER J 242 5.82 -111.92 25.69
N LYS J 243 6.70 -112.32 26.52
CA LYS J 243 8.12 -111.97 26.51
C LYS J 243 8.85 -113.00 27.37
N ILE J 244 10.15 -113.16 27.12
CA ILE J 244 10.97 -114.14 27.82
C ILE J 244 11.90 -113.43 28.78
N THR J 245 12.09 -114.03 29.96
CA THR J 245 13.08 -113.56 30.92
C THR J 245 14.47 -114.10 30.56
N LYS J 246 15.49 -113.56 31.23
CA LYS J 246 16.84 -114.08 31.03
C LYS J 246 17.01 -115.48 31.62
N SER J 247 16.05 -115.96 32.42
CA SER J 247 16.08 -117.30 32.96
C SER J 247 15.18 -118.27 32.21
N GLY J 248 14.49 -117.81 31.17
CA GLY J 248 13.70 -118.68 30.32
C GLY J 248 12.25 -118.85 30.72
N VAL J 249 11.76 -118.07 31.68
CA VAL J 249 10.35 -118.17 32.08
C VAL J 249 9.51 -117.41 31.08
N LYS J 250 8.37 -117.98 30.69
CA LYS J 250 7.49 -117.37 29.70
C LYS J 250 6.50 -116.45 30.42
N VAL J 251 6.73 -115.15 30.33
CA VAL J 251 5.86 -114.15 30.97
C VAL J 251 4.89 -113.61 29.93
N SER J 252 3.60 -113.67 30.25
CA SER J 252 2.55 -113.21 29.35
C SER J 252 1.57 -112.33 30.11
N VAL J 253 0.88 -111.46 29.38
CA VAL J 253 -0.13 -110.57 29.96
C VAL J 253 -1.39 -110.67 29.11
N TYR J 254 -2.48 -111.11 29.74
CA TYR J 254 -3.78 -111.26 29.09
C TYR J 254 -4.71 -110.11 29.47
N ALA J 255 -5.56 -109.72 28.52
CA ALA J 255 -6.57 -108.71 28.75
C ALA J 255 -7.65 -108.83 27.69
N VAL J 256 -8.73 -108.08 27.88
CA VAL J 256 -9.85 -108.05 26.95
C VAL J 256 -9.33 -107.54 25.60
N PRO J 257 -9.94 -107.94 24.48
CA PRO J 257 -9.34 -107.62 23.16
C PRO J 257 -9.16 -106.13 22.91
N ASP J 258 -10.06 -105.28 23.41
CA ASP J 258 -10.00 -103.86 23.13
C ASP J 258 -8.99 -103.11 23.99
N LYS J 259 -8.39 -103.77 24.99
CA LYS J 259 -7.45 -103.11 25.89
C LYS J 259 -6.08 -103.78 25.93
N ILE J 260 -5.79 -104.70 25.00
CA ILE J 260 -4.52 -105.42 25.07
C ILE J 260 -3.34 -104.50 24.79
N ASN J 261 -3.56 -103.42 24.05
CA ASN J 261 -2.46 -102.50 23.72
C ASN J 261 -1.97 -101.68 24.91
N GLN J 262 -2.57 -101.87 26.10
CA GLN J 262 -2.15 -101.16 27.29
C GLN J 262 -1.32 -102.03 28.23
N ALA J 263 -0.85 -103.18 27.75
CA ALA J 263 -0.16 -104.16 28.58
C ALA J 263 1.36 -104.10 28.46
N ASP J 264 1.90 -103.14 27.69
CA ASP J 264 3.33 -103.13 27.41
C ASP J 264 4.15 -102.85 28.67
N TYR J 265 3.83 -101.79 29.39
CA TYR J 265 4.57 -101.47 30.60
C TYR J 265 4.40 -102.57 31.64
N ALA J 266 3.19 -103.13 31.74
CA ALA J 266 2.96 -104.23 32.66
C ALA J 266 3.88 -105.40 32.36
N LEU J 267 3.96 -105.80 31.08
CA LEU J 267 4.80 -106.93 30.71
C LEU J 267 6.28 -106.65 30.96
N ASP J 268 6.73 -105.45 30.59
CA ASP J 268 8.14 -105.12 30.75
C ASP J 268 8.54 -105.10 32.23
N ALA J 269 7.75 -104.39 33.05
CA ALA J 269 8.03 -104.36 34.48
C ALA J 269 7.91 -105.73 35.10
N ALA J 270 7.00 -106.57 34.60
CA ALA J 270 6.88 -107.92 35.12
C ALA J 270 8.15 -108.72 34.87
N VAL J 271 8.66 -108.66 33.64
CA VAL J 271 9.91 -109.38 33.32
C VAL J 271 11.04 -108.87 34.20
N THR J 272 11.19 -107.55 34.30
CA THR J 272 12.28 -106.98 35.09
C THR J 272 12.18 -107.40 36.55
N LEU J 273 10.99 -107.29 37.14
CA LEU J 273 10.83 -107.59 38.56
C LEU J 273 10.98 -109.08 38.84
N LEU J 274 10.52 -109.94 37.93
CA LEU J 274 10.71 -111.37 38.13
C LEU J 274 12.19 -111.74 38.11
N GLU J 275 12.94 -111.19 37.16
CA GLU J 275 14.38 -111.41 37.14
C GLU J 275 15.05 -110.89 38.40
N PHE J 276 14.64 -109.70 38.86
CA PHE J 276 15.21 -109.13 40.08
C PHE J 276 14.95 -110.04 41.27
N TYR J 277 13.71 -110.54 41.41
CA TYR J 277 13.37 -111.35 42.56
C TYR J 277 14.14 -112.68 42.53
N GLU J 278 14.22 -113.31 41.36
CA GLU J 278 15.04 -114.51 41.23
C GLU J 278 16.47 -114.25 41.70
N ASP J 279 17.10 -113.20 41.16
CA ASP J 279 18.49 -112.91 41.50
C ASP J 279 18.65 -112.61 42.98
N TYR J 280 17.73 -111.81 43.54
CA TYR J 280 17.83 -111.40 44.94
C TYR J 280 17.67 -112.57 45.89
N PHE J 281 16.63 -113.38 45.70
CA PHE J 281 16.38 -114.50 46.59
C PHE J 281 17.30 -115.69 46.34
N SER J 282 18.02 -115.72 45.21
CA SER J 282 18.85 -116.86 44.84
C SER J 282 18.03 -118.16 44.78
N ILE J 283 16.76 -118.02 44.40
CA ILE J 283 15.83 -119.14 44.28
C ILE J 283 15.08 -118.97 42.96
N PRO J 284 15.29 -119.84 41.99
CA PRO J 284 14.65 -119.66 40.68
C PRO J 284 13.14 -119.78 40.77
N TYR J 285 12.46 -119.13 39.83
CA TYR J 285 11.02 -119.29 39.71
C TYR J 285 10.71 -120.70 39.24
N PRO J 286 9.96 -121.49 40.01
CA PRO J 286 9.85 -122.93 39.69
C PRO J 286 8.98 -123.23 38.48
N LEU J 287 8.00 -122.41 38.18
CA LEU J 287 7.04 -122.71 37.12
C LEU J 287 7.58 -122.29 35.76
N PRO J 288 7.11 -122.94 34.68
CA PRO J 288 7.59 -122.56 33.34
C PRO J 288 7.11 -121.19 32.90
N LYS J 289 5.89 -120.81 33.27
CA LYS J 289 5.30 -119.57 32.79
C LYS J 289 4.75 -118.76 33.96
N GLN J 290 4.67 -117.45 33.73
CA GLN J 290 4.03 -116.51 34.64
C GLN J 290 3.08 -115.66 33.80
N ASP J 291 1.81 -115.60 34.21
CA ASP J 291 0.78 -114.90 33.46
C ASP J 291 0.17 -113.81 34.34
N LEU J 292 -0.18 -112.69 33.70
CA LEU J 292 -0.77 -111.54 34.37
C LEU J 292 -2.04 -111.19 33.62
N ALA J 293 -3.20 -111.50 34.20
CA ALA J 293 -4.48 -111.31 33.52
C ALA J 293 -5.21 -110.14 34.13
N ALA J 294 -5.73 -109.25 33.28
CA ALA J 294 -6.50 -108.08 33.72
C ALA J 294 -7.98 -108.43 33.68
N ILE J 295 -8.55 -108.62 34.87
CA ILE J 295 -9.95 -109.04 35.02
C ILE J 295 -10.86 -107.83 35.04
N PRO J 296 -11.93 -107.82 34.23
CA PRO J 296 -12.81 -106.65 34.22
C PRO J 296 -13.55 -106.41 35.53
N ASP J 297 -13.90 -107.48 36.25
CA ASP J 297 -14.58 -107.37 37.54
C ASP J 297 -13.69 -108.01 38.61
N PHE J 298 -13.09 -107.18 39.44
CA PHE J 298 -12.20 -107.66 40.50
C PHE J 298 -12.41 -106.84 41.76
N GLN J 299 -12.35 -107.51 42.91
CA GLN J 299 -12.57 -106.87 44.21
C GLN J 299 -11.29 -106.28 44.77
N SER J 300 -10.27 -107.13 44.93
CA SER J 300 -8.99 -106.68 45.45
C SER J 300 -8.25 -105.86 44.40
N GLY J 301 -7.08 -105.37 44.77
CA GLY J 301 -6.19 -104.83 43.75
C GLY J 301 -5.67 -105.90 42.81
N ALA J 302 -5.30 -107.05 43.36
CA ALA J 302 -4.76 -108.15 42.57
C ALA J 302 -4.85 -109.43 43.37
N MET J 303 -4.30 -110.52 42.82
CA MET J 303 -4.25 -111.80 43.50
C MET J 303 -3.01 -112.54 43.03
N GLU J 304 -2.40 -113.29 43.94
CA GLU J 304 -1.08 -113.87 43.72
C GLU J 304 -1.12 -115.33 43.28
N ASN J 305 -2.14 -115.72 42.52
CA ASN J 305 -2.26 -117.10 42.07
C ASN J 305 -1.00 -117.55 41.36
N TRP J 306 -0.41 -118.65 41.83
CA TRP J 306 0.88 -119.12 41.35
C TRP J 306 0.82 -119.42 39.85
N GLY J 307 1.54 -118.62 39.05
CA GLY J 307 1.57 -118.77 37.62
C GLY J 307 0.46 -118.08 36.87
N LEU J 308 -0.51 -117.48 37.56
CA LEU J 308 -1.63 -116.80 36.92
C LEU J 308 -2.12 -115.71 37.86
N THR J 309 -1.34 -114.64 38.00
CA THR J 309 -1.76 -113.49 38.78
C THR J 309 -2.89 -112.76 38.08
N THR J 310 -3.86 -112.30 38.85
CA THR J 310 -5.02 -111.57 38.35
C THR J 310 -4.98 -110.15 38.90
N TYR J 311 -5.50 -109.20 38.12
CA TYR J 311 -5.40 -107.79 38.45
C TYR J 311 -6.71 -107.08 38.10
N ARG J 312 -6.89 -105.90 38.68
CA ARG J 312 -7.83 -104.94 38.13
C ARG J 312 -7.23 -104.32 36.87
N GLU J 313 -8.09 -104.06 35.89
CA GLU J 313 -7.62 -103.36 34.69
C GLU J 313 -6.97 -102.03 35.07
N SER J 314 -7.55 -101.33 36.06
CA SER J 314 -6.95 -100.11 36.56
C SER J 314 -5.58 -100.37 37.19
N ALA J 315 -5.38 -101.56 37.75
CA ALA J 315 -4.15 -101.88 38.46
C ALA J 315 -3.11 -102.54 37.57
N LEU J 316 -3.43 -102.82 36.32
CA LEU J 316 -2.42 -103.43 35.46
C LEU J 316 -2.17 -102.69 34.15
N LEU J 317 -3.22 -102.10 33.55
CA LEU J 317 -3.09 -101.54 32.22
C LEU J 317 -2.71 -100.07 32.26
N PHE J 318 -1.84 -99.66 31.33
CA PHE J 318 -1.27 -98.33 31.30
C PHE J 318 -1.44 -97.74 29.90
N ASP J 319 -2.10 -96.59 29.82
CA ASP J 319 -2.31 -95.87 28.57
C ASP J 319 -1.43 -94.62 28.60
N ALA J 320 -0.47 -94.55 27.67
CA ALA J 320 0.47 -93.45 27.67
C ALA J 320 -0.20 -92.10 27.46
N GLU J 321 -1.37 -92.09 26.81
CA GLU J 321 -2.04 -90.84 26.49
C GLU J 321 -2.91 -90.29 27.62
N LYS J 322 -3.40 -91.16 28.51
CA LYS J 322 -4.38 -90.73 29.51
C LYS J 322 -4.07 -91.17 30.94
N SER J 323 -3.25 -92.19 31.15
CA SER J 323 -2.96 -92.64 32.51
C SER J 323 -2.01 -91.69 33.21
N SER J 324 -2.18 -91.56 34.52
CA SER J 324 -1.39 -90.65 35.33
C SER J 324 -0.11 -91.31 35.84
N ALA J 325 0.84 -90.47 36.23
CA ALA J 325 2.07 -90.97 36.84
C ALA J 325 1.78 -91.75 38.12
N SER J 326 0.78 -91.30 38.88
CA SER J 326 0.30 -92.09 40.01
C SER J 326 -0.12 -93.49 39.57
N SER J 327 -0.85 -93.59 38.45
CA SER J 327 -1.29 -94.89 37.95
C SER J 327 -0.11 -95.76 37.54
N LYS J 328 0.91 -95.15 36.91
CA LYS J 328 2.08 -95.91 36.49
C LYS J 328 2.84 -96.44 37.70
N LEU J 329 3.05 -95.59 38.70
CA LEU J 329 3.69 -96.02 39.94
C LEU J 329 2.89 -97.14 40.61
N GLY J 330 1.56 -97.02 40.60
CA GLY J 330 0.73 -98.04 41.22
C GLY J 330 0.83 -99.37 40.51
N ILE J 331 0.83 -99.35 39.18
CA ILE J 331 1.01 -100.58 38.41
C ILE J 331 2.34 -101.23 38.75
N THR J 332 3.41 -100.42 38.80
CA THR J 332 4.72 -100.98 39.12
C THR J 332 4.72 -101.62 40.50
N MET J 333 4.17 -100.93 41.50
CA MET J 333 4.15 -101.46 42.85
C MET J 333 3.29 -102.72 42.95
N THR J 334 2.19 -102.77 42.20
CA THR J 334 1.29 -103.93 42.24
C THR J 334 1.96 -105.16 41.64
N VAL J 335 2.59 -104.98 40.46
CA VAL J 335 3.31 -106.10 39.85
C VAL J 335 4.42 -106.57 40.78
N ALA J 336 5.13 -105.64 41.41
CA ALA J 336 6.18 -106.02 42.35
C ALA J 336 5.60 -106.79 43.53
N HIS J 337 4.44 -106.36 44.04
CA HIS J 337 3.79 -107.04 45.15
C HIS J 337 3.47 -108.48 44.79
N GLU J 338 2.86 -108.69 43.63
CA GLU J 338 2.44 -110.05 43.28
C GLU J 338 3.65 -110.94 42.98
N LEU J 339 4.66 -110.40 42.31
CA LEU J 339 5.84 -111.20 42.04
C LEU J 339 6.63 -111.49 43.32
N ALA J 340 6.53 -110.61 44.33
CA ALA J 340 7.09 -110.92 45.63
C ALA J 340 6.28 -112.00 46.34
N HIS J 341 4.96 -111.97 46.19
CA HIS J 341 4.12 -113.04 46.72
C HIS J 341 4.50 -114.39 46.12
N GLN J 342 4.99 -114.38 44.88
CA GLN J 342 5.42 -115.64 44.26
C GLN J 342 6.42 -116.40 45.13
N TRP J 343 7.17 -115.70 45.97
CA TRP J 343 8.06 -116.33 46.96
C TRP J 343 7.50 -116.27 48.37
N PHE J 344 7.12 -115.08 48.84
CA PHE J 344 6.56 -114.92 50.18
C PHE J 344 5.06 -115.13 50.10
N GLY J 345 4.64 -116.37 50.24
CA GLY J 345 3.23 -116.70 50.18
C GLY J 345 2.95 -117.98 49.43
N ASN J 346 3.59 -118.15 48.28
CA ASN J 346 3.40 -119.33 47.43
C ASN J 346 4.48 -120.37 47.69
N LEU J 347 5.75 -119.99 47.54
CA LEU J 347 6.85 -120.90 47.87
C LEU J 347 6.84 -121.23 49.36
N VAL J 348 6.83 -120.20 50.19
CA VAL J 348 6.72 -120.35 51.65
C VAL J 348 5.42 -119.70 52.07
N THR J 349 4.48 -120.51 52.55
CA THR J 349 3.16 -120.04 52.97
C THR J 349 3.03 -120.12 54.47
N MET J 350 2.29 -119.18 55.05
CA MET J 350 1.94 -119.28 56.46
C MET J 350 1.09 -120.52 56.70
N GLU J 351 1.13 -121.02 57.93
CA GLU J 351 0.38 -122.25 58.22
C GLU J 351 -1.07 -121.94 58.54
N TRP J 352 -1.34 -120.86 59.27
CA TRP J 352 -2.70 -120.46 59.57
C TRP J 352 -2.83 -118.94 59.41
N TRP J 353 -4.05 -118.49 59.15
CA TRP J 353 -4.33 -117.10 58.79
C TRP J 353 -4.04 -116.12 59.91
N ASN J 354 -3.66 -116.58 61.11
CA ASN J 354 -3.27 -115.66 62.16
C ASN J 354 -1.93 -115.00 61.84
N ASP J 355 -1.07 -115.67 61.08
CA ASP J 355 0.21 -115.11 60.63
C ASP J 355 0.17 -114.69 59.16
N LEU J 356 -0.97 -114.20 58.70
CA LEU J 356 -1.11 -113.69 57.33
C LEU J 356 -0.11 -112.57 57.05
N TRP J 357 0.38 -111.90 58.09
CA TRP J 357 1.36 -110.84 57.88
C TRP J 357 2.65 -111.38 57.29
N LEU J 358 3.03 -112.62 57.65
CA LEU J 358 4.22 -113.24 57.07
C LEU J 358 4.16 -113.29 55.55
N ASN J 359 2.97 -113.26 54.96
CA ASN J 359 2.83 -113.09 53.52
C ASN J 359 2.72 -111.62 53.15
N GLU J 360 1.73 -110.93 53.73
CA GLU J 360 1.32 -109.64 53.18
C GLU J 360 2.30 -108.52 53.52
N GLY J 361 2.77 -108.45 54.77
CA GLY J 361 3.73 -107.42 55.12
C GLY J 361 5.04 -107.59 54.37
N PHE J 362 5.50 -108.83 54.24
CA PHE J 362 6.71 -109.09 53.47
C PHE J 362 6.54 -108.70 52.01
N ALA J 363 5.37 -108.98 51.43
CA ALA J 363 5.14 -108.58 50.04
C ALA J 363 5.11 -107.07 49.89
N LYS J 364 4.40 -106.38 50.80
CA LYS J 364 4.35 -104.92 50.75
C LYS J 364 5.72 -104.29 50.92
N PHE J 365 6.61 -104.94 51.69
CA PHE J 365 7.96 -104.44 51.86
C PHE J 365 8.86 -104.76 50.67
N MET J 366 8.70 -105.94 50.10
CA MET J 366 9.46 -106.28 48.90
C MET J 366 9.07 -105.39 47.73
N GLU J 367 7.84 -104.86 47.74
CA GLU J 367 7.50 -103.79 46.80
C GLU J 367 8.59 -102.72 46.78
N PHE J 368 8.84 -102.12 47.94
CA PHE J 368 9.85 -101.08 48.06
C PHE J 368 11.24 -101.62 47.72
N VAL J 369 11.61 -102.74 48.35
CA VAL J 369 12.95 -103.30 48.18
C VAL J 369 13.26 -103.55 46.71
N SER J 370 12.26 -103.93 45.93
CA SER J 370 12.45 -104.28 44.53
C SER J 370 12.37 -103.06 43.61
N VAL J 371 11.35 -102.22 43.79
CA VAL J 371 11.16 -101.11 42.87
C VAL J 371 12.25 -100.06 43.05
N SER J 372 12.69 -99.82 44.29
CA SER J 372 13.77 -98.86 44.52
C SER J 372 15.05 -99.24 43.79
N VAL J 373 15.17 -100.46 43.30
CA VAL J 373 16.31 -100.90 42.51
C VAL J 373 15.97 -101.00 41.03
N THR J 374 14.82 -101.59 40.70
CA THR J 374 14.49 -101.88 39.31
C THR J 374 14.03 -100.64 38.56
N HIS J 375 13.28 -99.75 39.23
CA HIS J 375 12.77 -98.52 38.61
C HIS J 375 13.17 -97.35 39.50
N PRO J 376 14.47 -97.01 39.54
CA PRO J 376 14.92 -95.95 40.46
C PRO J 376 14.43 -94.57 40.08
N GLU J 377 13.95 -94.36 38.86
CA GLU J 377 13.38 -93.07 38.49
C GLU J 377 12.11 -92.75 39.26
N LEU J 378 11.48 -93.76 39.88
CA LEU J 378 10.29 -93.53 40.67
C LEU J 378 10.62 -92.98 42.05
N LYS J 379 11.72 -93.43 42.65
CA LYS J 379 12.15 -93.02 43.98
C LYS J 379 11.05 -93.29 45.01
N VAL J 380 10.70 -94.57 45.15
CA VAL J 380 9.61 -94.99 46.02
C VAL J 380 9.91 -94.76 47.50
N GLY J 381 11.19 -94.54 47.85
CA GLY J 381 11.54 -94.15 49.19
C GLY J 381 10.97 -92.82 49.61
N ASP J 382 10.56 -91.99 48.64
CA ASP J 382 9.92 -90.71 48.97
C ASP J 382 8.52 -90.93 49.52
N TYR J 383 7.77 -91.87 48.94
CA TYR J 383 6.35 -92.04 49.25
C TYR J 383 6.06 -93.25 50.12
N PHE J 384 7.05 -94.06 50.47
CA PHE J 384 6.75 -95.31 51.18
C PHE J 384 6.07 -95.07 52.54
N PHE J 385 6.62 -94.16 53.36
CA PHE J 385 6.30 -94.11 54.78
C PHE J 385 4.92 -93.51 55.09
N GLY J 386 4.22 -92.99 54.09
CA GLY J 386 2.80 -92.72 54.28
C GLY J 386 2.05 -93.95 54.76
N LYS J 387 2.49 -95.13 54.33
CA LYS J 387 1.94 -96.38 54.85
C LYS J 387 2.09 -96.45 56.36
N CYS J 388 3.30 -96.21 56.87
CA CYS J 388 3.52 -96.26 58.31
C CYS J 388 2.65 -95.25 59.04
N PHE J 389 2.55 -94.02 58.51
CA PHE J 389 1.76 -93.00 59.18
C PHE J 389 0.27 -93.37 59.23
N ASP J 390 -0.30 -93.75 58.08
CA ASP J 390 -1.71 -94.12 58.06
C ASP J 390 -1.97 -95.37 58.89
N ALA J 391 -0.99 -96.28 58.98
CA ALA J 391 -1.16 -97.44 59.83
C ALA J 391 -1.14 -97.06 61.31
N MET J 392 -0.26 -96.13 61.70
CA MET J 392 -0.28 -95.63 63.06
C MET J 392 -1.60 -94.98 63.40
N GLU J 393 -2.22 -94.30 62.43
CA GLU J 393 -3.50 -93.66 62.65
C GLU J 393 -4.54 -94.62 63.23
N VAL J 394 -4.49 -95.90 62.87
CA VAL J 394 -5.47 -96.87 63.35
C VAL J 394 -4.87 -97.72 64.47
N ASP J 395 -3.56 -97.97 64.42
CA ASP J 395 -2.92 -98.78 65.45
C ASP J 395 -2.86 -98.04 66.78
N ALA J 396 -2.98 -96.71 66.76
CA ALA J 396 -3.10 -95.97 68.00
C ALA J 396 -4.42 -96.22 68.71
N LEU J 397 -5.33 -96.97 68.08
CA LEU J 397 -6.62 -97.23 68.68
C LEU J 397 -6.54 -98.36 69.69
N ASN J 398 -7.47 -98.32 70.64
CA ASN J 398 -7.57 -99.33 71.69
C ASN J 398 -8.15 -100.63 71.15
N SER J 399 -8.98 -100.57 70.11
CA SER J 399 -9.54 -101.76 69.47
C SER J 399 -8.57 -102.42 68.49
N SER J 400 -7.38 -101.86 68.29
CA SER J 400 -6.40 -102.47 67.41
C SER J 400 -5.95 -103.83 67.96
N HIS J 401 -5.35 -104.63 67.09
CA HIS J 401 -4.89 -105.96 67.42
C HIS J 401 -3.40 -106.09 67.13
N PRO J 402 -2.73 -107.04 67.76
CA PRO J 402 -1.33 -107.30 67.44
C PRO J 402 -1.18 -107.83 66.01
N VAL J 403 0.05 -107.73 65.49
CA VAL J 403 0.31 -108.16 64.12
C VAL J 403 -0.05 -109.63 63.93
N SER J 404 0.20 -110.45 64.95
CA SER J 404 -0.13 -111.87 64.93
C SER J 404 -1.16 -112.11 66.04
N THR J 405 -2.38 -112.46 65.64
CA THR J 405 -3.48 -112.64 66.58
C THR J 405 -4.37 -113.76 66.06
N PRO J 406 -4.96 -114.57 66.94
CA PRO J 406 -5.72 -115.74 66.48
C PRO J 406 -7.02 -115.36 65.78
N VAL J 407 -7.34 -116.12 64.73
CA VAL J 407 -8.59 -115.99 63.99
C VAL J 407 -9.07 -117.39 63.63
N GLU J 408 -10.40 -117.54 63.49
CA GLU J 408 -10.95 -118.84 63.19
C GLU J 408 -11.90 -118.82 61.99
N ASN J 409 -12.98 -118.04 62.08
CA ASN J 409 -14.01 -118.07 61.05
C ASN J 409 -13.64 -117.20 59.84
N PRO J 410 -14.28 -117.45 58.69
CA PRO J 410 -13.92 -116.72 57.46
C PRO J 410 -14.04 -115.20 57.57
N ALA J 411 -15.02 -114.69 58.32
CA ALA J 411 -15.14 -113.24 58.48
C ALA J 411 -13.90 -112.65 59.13
N GLN J 412 -13.44 -113.28 60.22
CA GLN J 412 -12.22 -112.84 60.88
C GLN J 412 -11.01 -112.97 59.96
N ILE J 413 -10.96 -114.06 59.18
CA ILE J 413 -9.85 -114.25 58.27
C ILE J 413 -9.81 -113.14 57.22
N ARG J 414 -10.98 -112.76 56.69
CA ARG J 414 -11.04 -111.62 55.77
C ARG J 414 -10.61 -110.33 56.45
N GLU J 415 -11.02 -110.14 57.71
CA GLU J 415 -10.63 -108.94 58.44
C GLU J 415 -9.12 -108.86 58.62
N MET J 416 -8.44 -110.00 58.62
CA MET J 416 -7.00 -110.00 58.82
C MET J 416 -6.24 -109.20 57.75
N PHE J 417 -6.83 -108.99 56.58
CA PHE J 417 -6.19 -108.21 55.49
C PHE J 417 -6.38 -106.71 55.70
N ASP J 418 -5.76 -106.18 56.75
CA ASP J 418 -5.94 -104.77 57.09
C ASP J 418 -4.60 -104.01 57.11
N ASP J 419 -4.70 -102.73 57.47
CA ASP J 419 -3.52 -101.86 57.52
C ASP J 419 -2.45 -102.40 58.46
N VAL J 420 -2.84 -103.07 59.54
CA VAL J 420 -1.84 -103.65 60.42
C VAL J 420 -0.99 -104.62 59.63
N SER J 421 -1.63 -105.67 59.10
CA SER J 421 -0.92 -106.75 58.43
C SER J 421 -0.13 -106.26 57.23
N TYR J 422 -0.61 -105.23 56.53
CA TYR J 422 0.15 -104.71 55.38
C TYR J 422 1.16 -103.65 55.80
N ASP J 423 0.67 -102.48 56.16
CA ASP J 423 1.55 -101.34 56.44
C ASP J 423 2.40 -101.58 57.68
N LYS J 424 1.78 -101.96 58.81
CA LYS J 424 2.57 -102.12 60.02
C LYS J 424 3.58 -103.24 59.89
N GLY J 425 3.19 -104.33 59.23
CA GLY J 425 4.14 -105.40 58.97
C GLY J 425 5.31 -104.95 58.13
N ALA J 426 5.03 -104.21 57.04
CA ALA J 426 6.12 -103.71 56.20
C ALA J 426 6.99 -102.72 56.93
N CYS J 427 6.40 -101.91 57.81
CA CYS J 427 7.17 -100.90 58.52
C CYS J 427 8.05 -101.52 59.59
N ILE J 428 7.55 -102.54 60.31
CA ILE J 428 8.40 -103.22 61.28
C ILE J 428 9.47 -104.03 60.57
N LEU J 429 9.18 -104.56 59.37
CA LEU J 429 10.22 -105.24 58.62
C LEU J 429 11.29 -104.27 58.12
N ASN J 430 10.88 -103.08 57.67
CA ASN J 430 11.83 -102.04 57.30
C ASN J 430 12.68 -101.64 58.50
N MET J 431 12.05 -101.46 59.67
CA MET J 431 12.78 -101.10 60.88
C MET J 431 13.80 -102.19 61.25
N LEU J 432 13.42 -103.46 61.12
CA LEU J 432 14.35 -104.54 61.44
C LEU J 432 15.48 -104.59 60.43
N ARG J 433 15.18 -104.39 59.14
CA ARG J 433 16.22 -104.39 58.12
C ARG J 433 17.19 -103.23 58.32
N GLU J 434 16.70 -102.10 58.84
CA GLU J 434 17.58 -100.97 59.13
C GLU J 434 18.35 -101.15 60.42
N TYR J 435 17.80 -101.89 61.38
CA TYR J 435 18.52 -102.19 62.61
C TYR J 435 19.66 -103.18 62.34
N LEU J 436 19.34 -104.31 61.72
CA LEU J 436 20.37 -105.20 61.23
C LEU J 436 21.01 -104.59 59.99
N SER J 437 22.00 -105.29 59.43
CA SER J 437 22.54 -104.90 58.14
C SER J 437 21.58 -105.28 57.04
N ALA J 438 21.59 -104.49 55.96
CA ALA J 438 20.83 -104.87 54.77
C ALA J 438 21.30 -106.22 54.25
N ASP J 439 22.61 -106.47 54.30
CA ASP J 439 23.14 -107.78 53.92
C ASP J 439 22.71 -108.86 54.91
N ALA J 440 22.67 -108.51 56.21
CA ALA J 440 22.19 -109.46 57.20
C ALA J 440 20.72 -109.78 56.99
N PHE J 441 19.90 -108.78 56.67
CA PHE J 441 18.50 -109.02 56.38
C PHE J 441 18.33 -109.89 55.14
N LYS J 442 19.12 -109.63 54.10
CA LYS J 442 19.05 -110.46 52.91
C LYS J 442 19.43 -111.91 53.22
N SER J 443 20.52 -112.11 53.97
CA SER J 443 20.92 -113.45 54.34
C SER J 443 19.82 -114.14 55.13
N GLY J 444 19.19 -113.41 56.05
CA GLY J 444 18.10 -113.99 56.83
C GLY J 444 16.95 -114.44 55.96
N ILE J 445 16.49 -113.58 55.06
CA ILE J 445 15.33 -113.94 54.24
C ILE J 445 15.68 -115.05 53.26
N VAL J 446 16.91 -115.08 52.75
CA VAL J 446 17.30 -116.13 51.82
C VAL J 446 17.33 -117.48 52.54
N GLN J 447 17.95 -117.53 53.73
CA GLN J 447 17.98 -118.77 54.50
C GLN J 447 16.57 -119.20 54.87
N TYR J 448 15.71 -118.25 55.25
CA TYR J 448 14.33 -118.56 55.58
C TYR J 448 13.60 -119.22 54.42
N LEU J 449 13.63 -118.58 53.24
CA LEU J 449 12.92 -119.13 52.09
C LEU J 449 13.50 -120.47 51.67
N GLN J 450 14.82 -120.61 51.68
CA GLN J 450 15.44 -121.86 51.25
C GLN J 450 15.11 -123.00 52.21
N LYS J 451 15.10 -122.73 53.51
CA LYS J 451 14.80 -123.79 54.46
C LYS J 451 13.33 -124.17 54.45
N HIS J 452 12.43 -123.22 54.17
CA HIS J 452 11.00 -123.50 54.27
C HIS J 452 10.29 -123.54 52.92
N SER J 453 11.03 -123.73 51.83
CA SER J 453 10.39 -123.88 50.53
C SER J 453 9.38 -125.02 50.54
N TYR J 454 8.23 -124.80 49.90
CA TYR J 454 7.18 -125.81 49.75
C TYR J 454 6.67 -126.31 51.09
N LYS J 455 6.74 -125.47 52.12
CA LYS J 455 6.32 -125.87 53.46
C LYS J 455 5.48 -124.78 54.11
N ASN J 456 5.16 -124.95 55.39
CA ASN J 456 4.39 -123.96 56.15
C ASN J 456 5.21 -123.50 57.35
N THR J 457 5.02 -122.25 57.74
CA THR J 457 5.80 -121.63 58.81
C THR J 457 4.88 -120.92 59.79
N LYS J 458 5.34 -120.84 61.05
CA LYS J 458 4.70 -120.01 62.05
C LYS J 458 5.55 -118.75 62.28
N ASN J 459 5.09 -117.91 63.21
CA ASN J 459 5.75 -116.63 63.47
C ASN J 459 7.18 -116.82 63.97
N GLU J 460 7.48 -117.97 64.59
CA GLU J 460 8.78 -118.19 65.23
C GLU J 460 9.88 -118.55 64.24
N ASP J 461 9.51 -119.15 63.10
CA ASP J 461 10.50 -119.57 62.12
C ASP J 461 11.25 -118.37 61.54
N LEU J 462 10.56 -117.26 61.35
CA LEU J 462 11.21 -116.06 60.83
C LEU J 462 12.28 -115.57 61.79
N TRP J 463 11.98 -115.52 63.09
CA TRP J 463 12.96 -115.07 64.06
C TRP J 463 14.11 -116.07 64.18
N ASP J 464 13.83 -117.36 64.05
CA ASP J 464 14.92 -118.35 64.06
C ASP J 464 15.86 -118.13 62.88
N SER J 465 15.30 -117.96 61.67
CA SER J 465 16.13 -117.76 60.49
C SER J 465 16.88 -116.43 60.55
N MET J 466 16.31 -115.41 61.21
CA MET J 466 17.01 -114.15 61.34
C MET J 466 18.11 -114.21 62.39
N ALA J 467 17.89 -114.95 63.48
CA ALA J 467 18.92 -115.11 64.50
C ALA J 467 20.04 -116.01 64.05
N SER J 468 19.80 -116.88 63.06
CA SER J 468 20.89 -117.65 62.48
C SER J 468 21.89 -116.79 61.71
N ILE J 469 21.54 -115.53 61.44
CA ILE J 469 22.43 -114.60 60.75
C ILE J 469 22.87 -113.46 61.66
N GLY J 470 21.99 -113.00 62.53
CA GLY J 470 22.33 -111.95 63.48
C GLY J 470 23.09 -112.48 64.69
N GLY J 471 24.42 -112.39 64.65
CA GLY J 471 25.24 -113.01 65.67
C GLY J 471 26.22 -112.09 66.38
N GLY J 472 25.96 -110.79 66.38
CA GLY J 472 26.81 -109.89 67.14
C GLY J 472 26.24 -109.61 68.52
N GLY J 473 25.56 -110.59 69.08
CA GLY J 473 24.86 -110.43 70.33
C GLY J 473 23.46 -109.87 70.18
N VAL J 474 22.78 -110.19 69.08
CA VAL J 474 21.49 -109.62 68.74
C VAL J 474 20.47 -110.75 68.75
N ASP J 475 19.66 -110.80 69.80
CA ASP J 475 18.58 -111.78 69.88
C ASP J 475 17.34 -111.13 69.28
N VAL J 476 17.20 -111.30 67.97
CA VAL J 476 16.10 -110.68 67.22
C VAL J 476 14.75 -111.16 67.73
N LYS J 477 14.71 -112.36 68.33
CA LYS J 477 13.44 -113.00 68.64
C LYS J 477 12.66 -112.21 69.68
N THR J 478 13.30 -111.84 70.79
CA THR J 478 12.60 -111.13 71.86
C THR J 478 12.11 -109.76 71.39
N MET J 479 12.97 -109.02 70.70
CA MET J 479 12.59 -107.70 70.18
C MET J 479 11.41 -107.81 69.24
N MET J 480 11.49 -108.70 68.25
CA MET J 480 10.41 -108.82 67.28
C MET J 480 9.16 -109.43 67.90
N ASN J 481 9.28 -110.17 69.00
CA ASN J 481 8.09 -110.56 69.74
C ASN J 481 7.42 -109.36 70.38
N THR J 482 8.22 -108.45 70.95
CA THR J 482 7.65 -107.22 71.48
C THR J 482 6.98 -106.40 70.38
N TRP J 483 7.47 -106.52 69.15
CA TRP J 483 6.87 -105.77 68.04
C TRP J 483 5.69 -106.46 67.37
N THR J 484 5.61 -107.79 67.39
CA THR J 484 4.57 -108.49 66.66
C THR J 484 3.47 -109.09 67.52
N LEU J 485 3.69 -109.26 68.83
CA LEU J 485 2.71 -109.94 69.66
C LEU J 485 1.92 -109.01 70.58
N GLN J 486 2.12 -107.70 70.47
CA GLN J 486 1.31 -106.73 71.19
C GLN J 486 0.96 -105.59 70.27
N LYS J 487 -0.24 -105.03 70.45
CA LYS J 487 -0.74 -103.99 69.57
C LYS J 487 -0.03 -102.67 69.83
N GLY J 488 -0.31 -101.69 68.96
CA GLY J 488 0.14 -100.33 69.17
C GLY J 488 1.62 -100.12 68.83
N PHE J 489 2.07 -98.92 69.17
CA PHE J 489 3.43 -98.48 68.91
C PHE J 489 3.84 -97.52 70.01
N PRO J 490 5.13 -97.33 70.25
CA PRO J 490 5.56 -96.50 71.38
C PRO J 490 5.77 -95.03 71.06
N LEU J 491 5.51 -94.23 72.09
CA LEU J 491 5.93 -92.84 72.16
C LEU J 491 7.22 -92.77 72.96
N ILE J 492 8.23 -92.12 72.39
CA ILE J 492 9.54 -91.95 73.00
C ILE J 492 9.68 -90.49 73.39
N THR J 493 9.72 -90.23 74.69
CA THR J 493 9.92 -88.90 75.23
C THR J 493 11.40 -88.64 75.40
N ILE J 494 11.86 -87.49 74.93
CA ILE J 494 13.27 -87.12 74.90
C ILE J 494 13.46 -85.86 75.74
N THR J 495 14.30 -85.96 76.77
CA THR J 495 14.63 -84.84 77.64
C THR J 495 16.10 -84.51 77.50
N VAL J 496 16.43 -83.22 77.40
CA VAL J 496 17.80 -82.76 77.22
C VAL J 496 18.20 -81.90 78.40
N ARG J 497 19.29 -82.27 79.07
CA ARG J 497 19.87 -81.53 80.19
C ARG J 497 21.34 -81.26 79.84
N GLY J 498 21.56 -80.27 78.99
CA GLY J 498 22.90 -79.97 78.53
C GLY J 498 23.45 -81.02 77.58
N ARG J 499 24.26 -81.94 78.10
CA ARG J 499 24.84 -83.02 77.31
C ARG J 499 24.20 -84.37 77.60
N ASN J 500 23.23 -84.43 78.50
CA ASN J 500 22.54 -85.67 78.85
C ASN J 500 21.23 -85.76 78.08
N VAL J 501 20.96 -86.92 77.50
CA VAL J 501 19.76 -87.18 76.71
C VAL J 501 19.04 -88.34 77.36
N HIS J 502 17.89 -88.06 77.99
CA HIS J 502 17.05 -89.09 78.60
C HIS J 502 15.97 -89.52 77.62
N MET J 503 15.78 -90.84 77.50
CA MET J 503 14.79 -91.42 76.61
C MET J 503 13.85 -92.29 77.43
N LYS J 504 12.55 -92.11 77.24
CA LYS J 504 11.54 -92.90 77.92
C LYS J 504 10.53 -93.43 76.90
N GLN J 505 10.13 -94.69 77.04
CA GLN J 505 9.18 -95.29 76.12
C GLN J 505 7.88 -95.57 76.85
N GLU J 506 6.77 -95.37 76.14
CA GLU J 506 5.45 -95.69 76.69
C GLU J 506 4.52 -96.07 75.54
N HIS J 507 3.37 -96.66 75.89
CA HIS J 507 2.42 -97.09 74.89
C HIS J 507 1.57 -95.90 74.45
N TYR J 508 1.64 -95.56 73.17
CA TYR J 508 0.82 -94.49 72.62
C TYR J 508 -0.60 -95.00 72.41
N MET J 509 -1.56 -94.41 73.12
CA MET J 509 -2.96 -94.76 73.00
C MET J 509 -3.80 -93.50 73.15
N LYS J 510 -4.67 -93.24 72.17
CA LYS J 510 -5.52 -92.06 72.26
C LYS J 510 -6.43 -92.16 73.47
N GLY J 511 -6.17 -91.32 74.47
CA GLY J 511 -6.85 -91.39 75.76
C GLY J 511 -8.37 -91.34 75.72
N ASP J 517 -1.93 -96.86 80.69
CA ASP J 517 -2.54 -97.62 81.77
C ASP J 517 -2.55 -99.11 81.47
N THR J 518 -1.65 -99.54 80.59
CA THR J 518 -1.54 -100.94 80.20
C THR J 518 -0.25 -101.58 80.69
N GLY J 519 0.90 -101.03 80.32
CA GLY J 519 2.17 -101.62 80.70
C GLY J 519 2.89 -102.34 79.58
N TYR J 520 2.95 -101.72 78.40
CA TYR J 520 3.68 -102.29 77.28
C TYR J 520 5.10 -101.73 77.23
N LEU J 521 6.02 -102.55 76.71
CA LEU J 521 7.41 -102.17 76.53
C LEU J 521 7.93 -102.78 75.24
N TRP J 522 8.65 -101.98 74.46
CA TRP J 522 9.24 -102.40 73.21
C TRP J 522 10.76 -102.32 73.30
N HIS J 523 11.42 -102.97 72.33
CA HIS J 523 12.85 -102.80 72.08
C HIS J 523 12.96 -101.88 70.87
N VAL J 524 13.04 -100.57 71.13
CA VAL J 524 12.96 -99.57 70.09
C VAL J 524 14.37 -99.30 69.58
N PRO J 525 14.70 -99.67 68.33
CA PRO J 525 16.01 -99.32 67.79
C PRO J 525 16.06 -97.85 67.41
N LEU J 526 16.46 -97.02 68.36
CA LEU J 526 16.45 -95.58 68.16
C LEU J 526 17.55 -95.15 67.21
N THR J 527 17.26 -94.10 66.45
CA THR J 527 18.23 -93.43 65.59
C THR J 527 18.04 -91.95 65.77
N PHE J 528 19.15 -91.20 65.81
CA PHE J 528 19.04 -89.77 66.06
C PHE J 528 20.23 -89.05 65.43
N ILE J 529 20.02 -87.75 65.19
CA ILE J 529 21.06 -86.84 64.75
C ILE J 529 20.99 -85.61 65.64
N THR J 530 22.03 -84.79 65.57
CA THR J 530 22.13 -83.57 66.36
C THR J 530 22.38 -82.38 65.45
N SER J 531 22.41 -81.19 66.03
CA SER J 531 22.74 -80.00 65.26
C SER J 531 24.22 -79.95 64.90
N LYS J 532 25.05 -80.74 65.58
CA LYS J 532 26.48 -80.76 65.35
C LYS J 532 26.91 -81.87 64.39
N SER J 533 26.00 -82.74 63.95
CA SER J 533 26.40 -83.91 63.19
C SER J 533 25.21 -84.46 62.43
N ASP J 534 25.39 -84.63 61.12
CA ASP J 534 24.45 -85.38 60.28
C ASP J 534 24.66 -86.88 60.37
N MET J 535 25.66 -87.32 61.15
CA MET J 535 25.96 -88.74 61.28
C MET J 535 24.95 -89.42 62.19
N VAL J 536 24.53 -90.62 61.80
CA VAL J 536 23.46 -91.34 62.48
C VAL J 536 24.06 -92.15 63.63
N HIS J 537 23.65 -91.83 64.86
CA HIS J 537 23.96 -92.63 66.03
C HIS J 537 22.74 -93.45 66.42
N ARG J 538 22.98 -94.67 66.93
CA ARG J 538 21.91 -95.59 67.25
C ARG J 538 21.95 -96.00 68.72
N PHE J 539 20.83 -96.52 69.21
CA PHE J 539 20.70 -96.95 70.60
C PHE J 539 19.48 -97.86 70.71
N LEU J 540 19.67 -99.00 71.38
CA LEU J 540 18.60 -99.99 71.53
C LEU J 540 17.98 -99.82 72.92
N LEU J 541 16.80 -99.23 72.96
CA LEU J 541 16.08 -98.98 74.21
C LEU J 541 15.28 -100.21 74.59
N LYS J 542 15.76 -100.95 75.60
CA LYS J 542 15.11 -102.17 76.06
C LYS J 542 14.30 -101.99 77.33
N THR J 543 14.41 -100.86 78.01
CA THR J 543 13.77 -100.63 79.30
C THR J 543 12.81 -99.45 79.21
N LYS J 544 12.23 -99.10 80.36
CA LYS J 544 11.29 -97.98 80.38
C LYS J 544 12.03 -96.66 80.17
N THR J 545 13.09 -96.42 80.93
CA THR J 545 13.86 -95.20 80.83
C THR J 545 15.34 -95.51 80.69
N ASP J 546 16.05 -94.63 80.01
CA ASP J 546 17.51 -94.73 79.88
C ASP J 546 18.05 -93.35 79.55
N VAL J 547 19.38 -93.26 79.43
CA VAL J 547 20.04 -91.98 79.21
C VAL J 547 21.39 -92.23 78.55
N LEU J 548 21.73 -91.36 77.60
CA LEU J 548 23.05 -91.35 76.98
C LEU J 548 23.64 -89.96 77.12
N ILE J 549 24.95 -89.86 76.87
CA ILE J 549 25.70 -88.62 77.10
C ILE J 549 26.33 -88.18 75.79
N LEU J 550 25.93 -87.00 75.30
CA LEU J 550 26.52 -86.41 74.12
C LEU J 550 27.89 -85.80 74.45
N PRO J 551 28.74 -85.62 73.44
CA PRO J 551 30.03 -84.95 73.66
C PRO J 551 29.95 -83.43 73.68
N GLU J 552 28.78 -82.85 73.44
CA GLU J 552 28.66 -81.40 73.31
C GLU J 552 27.18 -81.04 73.33
N GLU J 553 26.86 -79.89 73.94
CA GLU J 553 25.50 -79.39 73.92
C GLU J 553 25.04 -79.11 72.50
N VAL J 554 23.76 -79.32 72.25
CA VAL J 554 23.20 -79.20 70.91
C VAL J 554 22.02 -78.24 70.93
N GLU J 555 21.83 -77.54 69.81
CA GLU J 555 20.67 -76.66 69.66
C GLU J 555 19.39 -77.47 69.52
N TRP J 556 19.43 -78.52 68.69
CA TRP J 556 18.27 -79.38 68.49
C TRP J 556 18.73 -80.82 68.29
N ILE J 557 17.78 -81.73 68.51
CA ILE J 557 18.00 -83.17 68.37
C ILE J 557 16.75 -83.77 67.73
N LYS J 558 16.95 -84.72 66.81
CA LYS J 558 15.87 -85.32 66.04
C LYS J 558 16.00 -86.83 66.09
N PHE J 559 15.00 -87.50 66.66
CA PHE J 559 14.98 -88.96 66.72
C PHE J 559 14.20 -89.53 65.54
N ASN J 560 14.36 -90.85 65.34
CA ASN J 560 13.73 -91.60 64.26
C ASN J 560 14.07 -90.98 62.90
N VAL J 561 15.36 -91.11 62.56
CA VAL J 561 15.87 -90.48 61.35
C VAL J 561 15.33 -91.21 60.12
N GLY J 562 14.71 -90.47 59.21
CA GLY J 562 14.20 -91.03 57.99
C GLY J 562 12.97 -91.90 58.13
N MET J 563 12.27 -91.81 59.26
CA MET J 563 11.04 -92.59 59.50
C MET J 563 11.27 -94.08 59.27
N ASN J 564 12.44 -94.57 59.69
CA ASN J 564 12.76 -95.98 59.59
C ASN J 564 12.39 -96.76 60.84
N GLY J 565 11.73 -96.13 61.80
CA GLY J 565 11.31 -96.81 63.02
C GLY J 565 9.82 -96.63 63.24
N TYR J 566 9.19 -97.68 63.75
CA TYR J 566 7.74 -97.68 63.94
C TYR J 566 7.40 -97.18 65.34
N TYR J 567 7.67 -95.90 65.55
CA TYR J 567 7.35 -95.23 66.81
C TYR J 567 7.22 -93.74 66.54
N ILE J 568 6.78 -92.99 67.55
CA ILE J 568 6.75 -91.55 67.45
C ILE J 568 7.56 -90.95 68.59
N VAL J 569 7.97 -89.70 68.40
CA VAL J 569 8.92 -89.04 69.29
C VAL J 569 8.33 -87.72 69.79
N HIS J 570 8.42 -87.49 71.09
CA HIS J 570 8.04 -86.23 71.72
C HIS J 570 9.26 -85.63 72.39
N TYR J 571 9.37 -84.31 72.37
CA TYR J 571 10.54 -83.61 72.88
C TYR J 571 10.11 -82.70 74.03
N GLU J 572 10.77 -82.85 75.18
CA GLU J 572 10.45 -82.06 76.35
C GLU J 572 11.12 -80.69 76.29
N ASP J 573 10.62 -79.77 77.10
CA ASP J 573 11.22 -78.43 77.27
C ASP J 573 11.16 -77.69 75.94
N ASP J 574 12.22 -76.96 75.56
CA ASP J 574 12.24 -76.18 74.32
C ASP J 574 12.63 -76.98 73.09
N GLY J 575 12.43 -78.31 73.10
CA GLY J 575 12.77 -79.10 71.94
C GLY J 575 11.92 -78.78 70.72
N TRP J 576 10.60 -78.73 70.93
CA TRP J 576 9.70 -78.40 69.82
C TRP J 576 9.87 -76.97 69.35
N ASP J 577 10.15 -76.04 70.28
CA ASP J 577 10.46 -74.68 69.86
C ASP J 577 11.72 -74.62 69.01
N SER J 578 12.75 -75.38 69.40
CA SER J 578 13.98 -75.43 68.62
C SER J 578 13.73 -76.01 67.24
N LEU J 579 12.92 -77.07 67.14
CA LEU J 579 12.64 -77.67 65.84
C LEU J 579 11.79 -76.75 64.98
N THR J 580 10.84 -76.03 65.59
CA THR J 580 10.06 -75.05 64.85
C THR J 580 10.96 -73.95 64.30
N GLY J 581 11.90 -73.47 65.11
CA GLY J 581 12.85 -72.48 64.62
C GLY J 581 13.69 -73.01 63.47
N LEU J 582 14.13 -74.26 63.58
CA LEU J 582 14.90 -74.88 62.50
C LEU J 582 14.10 -74.92 61.22
N LEU J 583 12.85 -75.37 61.29
CA LEU J 583 12.02 -75.47 60.08
C LEU J 583 11.71 -74.10 59.50
N LYS J 584 11.40 -73.12 60.36
CA LYS J 584 11.06 -71.80 59.86
C LYS J 584 12.27 -71.04 59.32
N GLY J 585 13.47 -71.38 59.77
CA GLY J 585 14.65 -70.72 59.26
C GLY J 585 15.22 -71.44 58.04
N THR J 586 15.79 -72.63 58.26
CA THR J 586 16.37 -73.43 57.19
C THR J 586 15.96 -74.89 57.42
N HIS J 587 14.75 -75.22 56.97
CA HIS J 587 14.24 -76.58 57.11
C HIS J 587 15.09 -77.60 56.36
N THR J 588 15.90 -77.16 55.40
CA THR J 588 16.74 -78.05 54.61
C THR J 588 17.89 -78.66 55.41
N ALA J 589 18.01 -78.33 56.71
CA ALA J 589 19.04 -78.95 57.53
C ALA J 589 18.75 -80.43 57.79
N VAL J 590 17.50 -80.84 57.66
CA VAL J 590 17.11 -82.24 57.80
C VAL J 590 16.41 -82.68 56.52
N SER J 591 16.18 -83.99 56.42
CA SER J 591 15.65 -84.57 55.20
C SER J 591 14.13 -84.39 55.10
N SER J 592 13.61 -84.68 53.90
CA SER J 592 12.17 -84.59 53.66
C SER J 592 11.41 -85.56 54.56
N ASN J 593 11.88 -86.80 54.67
CA ASN J 593 11.22 -87.77 55.52
C ASN J 593 11.23 -87.32 56.98
N ASP J 594 12.31 -86.66 57.41
CA ASP J 594 12.37 -86.16 58.78
C ASP J 594 11.38 -85.02 59.01
N ARG J 595 11.27 -84.10 58.05
CA ARG J 595 10.28 -83.04 58.19
C ARG J 595 8.86 -83.61 58.24
N ALA J 596 8.57 -84.59 57.38
CA ALA J 596 7.26 -85.23 57.40
C ALA J 596 6.99 -85.89 58.75
N SER J 597 7.99 -86.60 59.28
CA SER J 597 7.83 -87.24 60.58
C SER J 597 7.61 -86.21 61.69
N LEU J 598 8.28 -85.07 61.61
CA LEU J 598 8.07 -84.00 62.58
C LEU J 598 6.62 -83.52 62.55
N ILE J 599 6.09 -83.27 61.34
CA ILE J 599 4.71 -82.83 61.22
C ILE J 599 3.76 -83.87 61.83
N ASN J 600 3.90 -85.12 61.40
CA ASN J 600 3.00 -86.17 61.86
C ASN J 600 3.07 -86.34 63.38
N ASN J 601 4.28 -86.34 63.93
CA ASN J 601 4.43 -86.49 65.38
C ASN J 601 3.85 -85.31 66.14
N ALA J 602 4.05 -84.09 65.64
CA ALA J 602 3.48 -82.92 66.32
C ALA J 602 1.97 -83.04 66.43
N PHE J 603 1.30 -83.39 65.33
CA PHE J 603 -0.16 -83.47 65.41
C PHE J 603 -0.63 -84.70 66.18
N GLN J 604 0.10 -85.82 66.07
CA GLN J 604 -0.25 -86.99 66.86
C GLN J 604 -0.09 -86.74 68.36
N LEU J 605 0.85 -85.86 68.74
CA LEU J 605 1.01 -85.48 70.13
C LEU J 605 -0.06 -84.49 70.57
N VAL J 606 -0.51 -83.61 69.68
CA VAL J 606 -1.68 -82.79 69.99
C VAL J 606 -2.88 -83.68 70.29
N SER J 607 -2.98 -84.81 69.57
CA SER J 607 -4.11 -85.72 69.78
C SER J 607 -4.14 -86.31 71.20
N ILE J 608 -3.03 -86.27 71.94
CA ILE J 608 -2.99 -86.83 73.29
C ILE J 608 -2.62 -85.80 74.35
N GLY J 609 -2.34 -84.56 73.98
CA GLY J 609 -2.16 -83.51 74.95
C GLY J 609 -0.73 -83.21 75.34
N LYS J 610 0.25 -83.91 74.76
CA LYS J 610 1.65 -83.61 75.00
C LYS J 610 2.12 -82.36 74.27
N LEU J 611 1.27 -81.78 73.41
CA LEU J 611 1.60 -80.60 72.65
C LEU J 611 0.32 -79.87 72.30
N SER J 612 0.36 -78.54 72.34
CA SER J 612 -0.82 -77.74 72.08
C SER J 612 -1.07 -77.60 70.59
N ILE J 613 -2.36 -77.53 70.23
CA ILE J 613 -2.75 -77.34 68.84
C ILE J 613 -2.17 -76.04 68.30
N GLU J 614 -2.01 -75.03 69.17
CA GLU J 614 -1.41 -73.78 68.74
C GLU J 614 0.04 -74.00 68.31
N LYS J 615 0.82 -74.74 69.10
CA LYS J 615 2.20 -75.03 68.72
C LYS J 615 2.27 -75.90 67.46
N ALA J 616 1.34 -76.84 67.32
CA ALA J 616 1.30 -77.66 66.11
C ALA J 616 1.07 -76.81 64.86
N LEU J 617 0.10 -75.90 64.92
CA LEU J 617 -0.18 -75.06 63.76
C LEU J 617 0.95 -74.06 63.51
N ASP J 618 1.57 -73.56 64.58
CA ASP J 618 2.77 -72.74 64.42
C ASP J 618 3.86 -73.49 63.67
N LEU J 619 4.04 -74.77 64.00
CA LEU J 619 4.98 -75.60 63.24
C LEU J 619 4.54 -75.76 61.79
N SER J 620 3.23 -75.92 61.58
CA SER J 620 2.72 -76.09 60.22
C SER J 620 2.98 -74.85 59.36
N LEU J 621 3.04 -73.68 59.99
CA LEU J 621 3.28 -72.45 59.25
C LEU J 621 4.56 -72.48 58.41
N TYR J 622 5.49 -73.41 58.71
CA TYR J 622 6.73 -73.46 57.94
C TYR J 622 6.52 -73.94 56.51
N LEU J 623 5.38 -74.56 56.22
CA LEU J 623 5.09 -75.07 54.88
C LEU J 623 4.95 -73.98 53.82
N LYS J 624 4.95 -72.71 54.23
CA LYS J 624 4.92 -71.61 53.27
C LYS J 624 6.13 -71.64 52.33
N HIS J 625 7.24 -72.23 52.78
CA HIS J 625 8.45 -72.35 51.96
C HIS J 625 8.80 -73.80 51.68
N GLU J 626 7.91 -74.74 52.00
CA GLU J 626 8.17 -76.15 51.72
C GLU J 626 7.89 -76.47 50.27
N THR J 627 8.70 -77.35 49.69
CA THR J 627 8.58 -77.72 48.29
C THR J 627 8.65 -79.21 48.04
N GLU J 628 8.83 -80.03 49.07
CA GLU J 628 9.04 -81.46 48.88
C GLU J 628 7.74 -82.24 49.07
N ILE J 629 7.59 -83.29 48.26
CA ILE J 629 6.32 -83.97 48.12
C ILE J 629 5.91 -84.66 49.41
N MET J 630 6.84 -85.35 50.08
CA MET J 630 6.47 -86.08 51.29
C MET J 630 6.02 -85.15 52.41
N PRO J 631 6.77 -84.10 52.78
CA PRO J 631 6.24 -83.21 53.83
C PRO J 631 4.98 -82.47 53.41
N VAL J 632 4.87 -82.05 52.15
CA VAL J 632 3.65 -81.35 51.73
C VAL J 632 2.44 -82.29 51.83
N PHE J 633 2.56 -83.51 51.31
CA PHE J 633 1.45 -84.45 51.36
C PHE J 633 1.12 -84.84 52.80
N GLN J 634 2.14 -84.96 53.66
CA GLN J 634 1.84 -85.28 55.06
C GLN J 634 1.13 -84.14 55.77
N GLY J 635 1.55 -82.90 55.49
CA GLY J 635 0.83 -81.76 56.02
C GLY J 635 -0.61 -81.72 55.57
N LEU J 636 -0.86 -82.03 54.29
CA LEU J 636 -2.24 -82.09 53.83
C LEU J 636 -3.02 -83.21 54.50
N ASN J 637 -2.42 -84.39 54.63
CA ASN J 637 -3.10 -85.52 55.28
C ASN J 637 -3.36 -85.26 56.75
N GLU J 638 -2.58 -84.41 57.39
CA GLU J 638 -2.80 -84.08 58.80
C GLU J 638 -3.70 -82.87 59.01
N LEU J 639 -3.85 -82.00 58.01
CA LEU J 639 -4.69 -80.83 58.16
C LEU J 639 -6.09 -80.98 57.57
N ILE J 640 -6.23 -81.72 56.46
CA ILE J 640 -7.54 -81.85 55.82
C ILE J 640 -8.60 -82.48 56.73
N PRO J 641 -8.31 -83.57 57.49
CA PRO J 641 -9.35 -84.16 58.34
C PRO J 641 -9.99 -83.19 59.33
N MET J 642 -9.28 -82.11 59.65
CA MET J 642 -9.86 -81.12 60.56
C MET J 642 -11.04 -80.39 59.91
N TYR J 643 -10.83 -79.78 58.74
CA TYR J 643 -11.96 -79.15 58.09
C TYR J 643 -12.96 -80.17 57.57
N LYS J 644 -12.54 -81.42 57.37
CA LYS J 644 -13.51 -82.47 57.06
C LYS J 644 -14.44 -82.71 58.25
N LEU J 645 -13.88 -82.69 59.47
CA LEU J 645 -14.71 -82.75 60.67
C LEU J 645 -15.62 -81.53 60.77
N MET J 646 -15.09 -80.36 60.41
CA MET J 646 -15.89 -79.13 60.51
C MET J 646 -17.05 -79.13 59.53
N GLU J 647 -16.85 -79.72 58.34
CA GLU J 647 -17.91 -79.71 57.33
C GLU J 647 -19.15 -80.46 57.80
N LYS J 648 -18.97 -81.45 58.68
CA LYS J 648 -20.08 -82.27 59.17
C LYS J 648 -20.91 -81.57 60.23
N ARG J 649 -20.58 -80.33 60.59
CA ARG J 649 -21.25 -79.60 61.66
C ARG J 649 -21.63 -78.21 61.15
N ASP J 650 -22.23 -77.42 62.05
CA ASP J 650 -22.57 -76.03 61.79
C ASP J 650 -21.38 -75.17 62.22
N MET J 651 -20.41 -75.04 61.32
CA MET J 651 -19.16 -74.34 61.63
C MET J 651 -18.63 -73.65 60.37
N ASN J 652 -19.51 -72.92 59.68
CA ASN J 652 -19.15 -72.38 58.37
C ASN J 652 -18.05 -71.32 58.47
N GLU J 653 -18.16 -70.41 59.44
CA GLU J 653 -17.16 -69.34 59.56
C GLU J 653 -15.78 -69.90 59.82
N VAL J 654 -15.66 -70.79 60.81
CA VAL J 654 -14.36 -71.34 61.16
C VAL J 654 -13.85 -72.24 60.05
N GLU J 655 -14.74 -72.98 59.40
CA GLU J 655 -14.32 -73.84 58.30
C GLU J 655 -13.77 -73.01 57.14
N THR J 656 -14.42 -71.90 56.81
CA THR J 656 -13.94 -71.04 55.74
C THR J 656 -12.61 -70.39 56.11
N GLN J 657 -12.48 -69.91 57.35
CA GLN J 657 -11.20 -69.38 57.79
C GLN J 657 -10.10 -70.42 57.66
N PHE J 658 -10.40 -71.67 58.04
CA PHE J 658 -9.41 -72.73 57.99
C PHE J 658 -8.99 -73.04 56.55
N LYS J 659 -9.96 -73.14 55.64
CA LYS J 659 -9.65 -73.41 54.25
C LYS J 659 -8.84 -72.28 53.63
N ALA J 660 -9.21 -71.04 53.94
CA ALA J 660 -8.46 -69.89 53.45
C ALA J 660 -7.02 -69.91 53.96
N PHE J 661 -6.85 -70.25 55.25
CA PHE J 661 -5.50 -70.35 55.81
C PHE J 661 -4.68 -71.43 55.11
N LEU J 662 -5.28 -72.60 54.86
CA LEU J 662 -4.56 -73.68 54.18
C LEU J 662 -4.14 -73.25 52.76
N ILE J 663 -5.05 -72.62 52.02
CA ILE J 663 -4.73 -72.20 50.67
C ILE J 663 -3.65 -71.11 50.69
N ARG J 664 -3.74 -70.16 51.63
CA ARG J 664 -2.70 -69.16 51.73
C ARG J 664 -1.37 -69.78 52.16
N LEU J 665 -1.42 -70.91 52.87
CA LEU J 665 -0.20 -71.61 53.26
C LEU J 665 0.51 -72.18 52.05
N LEU J 666 -0.23 -72.72 51.09
CA LEU J 666 0.39 -73.34 49.91
C LEU J 666 0.29 -72.50 48.63
N ARG J 667 -0.12 -71.23 48.74
CA ARG J 667 -0.35 -70.40 47.56
C ARG J 667 0.90 -70.21 46.71
N ASP J 668 2.06 -70.01 47.34
CA ASP J 668 3.28 -69.79 46.56
C ASP J 668 3.60 -70.99 45.68
N LEU J 669 3.56 -72.19 46.26
CA LEU J 669 3.86 -73.39 45.49
C LEU J 669 2.78 -73.63 44.42
N ILE J 670 1.53 -73.35 44.75
CA ILE J 670 0.46 -73.53 43.76
C ILE J 670 0.65 -72.61 42.58
N ASP J 671 1.01 -71.34 42.82
CA ASP J 671 1.28 -70.42 41.73
C ASP J 671 2.50 -70.86 40.92
N LYS J 672 3.53 -71.36 41.60
CA LYS J 672 4.72 -71.79 40.88
C LYS J 672 4.47 -73.05 40.05
N GLN J 673 3.47 -73.85 40.40
CA GLN J 673 3.16 -75.04 39.62
C GLN J 673 2.71 -74.67 38.21
N THR J 674 3.23 -75.41 37.23
CA THR J 674 2.84 -75.24 35.84
C THR J 674 1.65 -76.13 35.49
N TRP J 675 1.12 -75.94 34.28
CA TRP J 675 -0.03 -76.70 33.83
C TRP J 675 0.35 -77.62 32.67
N THR J 676 1.30 -78.52 32.91
CA THR J 676 1.80 -79.42 31.88
C THR J 676 2.14 -80.77 32.52
N ASP J 677 2.59 -81.71 31.68
CA ASP J 677 3.03 -83.02 32.14
C ASP J 677 4.55 -83.10 32.26
N GLU J 678 5.20 -82.01 32.62
CA GLU J 678 6.65 -81.99 32.73
C GLU J 678 7.09 -82.52 34.10
N GLY J 679 8.38 -82.82 34.22
CA GLY J 679 8.95 -83.17 35.49
C GLY J 679 8.91 -84.66 35.79
N SER J 680 9.50 -85.01 36.92
CA SER J 680 9.56 -86.40 37.35
C SER J 680 8.18 -86.88 37.81
N VAL J 681 8.10 -88.17 38.15
CA VAL J 681 6.85 -88.73 38.66
C VAL J 681 6.43 -88.02 39.94
N SER J 682 7.39 -87.77 40.83
CA SER J 682 7.12 -87.06 42.07
C SER J 682 6.56 -85.66 41.79
N GLU J 683 7.23 -84.90 40.94
CA GLU J 683 6.76 -83.54 40.63
C GLU J 683 5.39 -83.58 39.98
N ARG J 684 5.14 -84.57 39.13
CA ARG J 684 3.84 -84.65 38.46
C ARG J 684 2.73 -84.93 39.46
N MET J 685 2.96 -85.87 40.38
CA MET J 685 1.94 -86.15 41.39
C MET J 685 1.71 -84.94 42.29
N LEU J 686 2.80 -84.25 42.68
CA LEU J 686 2.66 -83.04 43.46
C LEU J 686 1.85 -81.98 42.73
N ARG J 687 2.15 -81.77 41.44
CA ARG J 687 1.42 -80.79 40.65
C ARG J 687 -0.06 -81.16 40.56
N SER J 688 -0.35 -82.43 40.27
CA SER J 688 -1.75 -82.84 40.13
C SER J 688 -2.52 -82.58 41.42
N GLN J 689 -1.98 -83.04 42.56
CA GLN J 689 -2.70 -82.86 43.81
C GLN J 689 -2.81 -81.40 44.21
N LEU J 690 -1.75 -80.59 43.97
CA LEU J 690 -1.80 -79.19 44.35
C LEU J 690 -2.82 -78.42 43.51
N LEU J 691 -2.81 -78.61 42.19
CA LEU J 691 -3.77 -77.94 41.33
C LEU J 691 -5.19 -78.38 41.67
N LEU J 692 -5.40 -79.66 41.96
CA LEU J 692 -6.72 -80.13 42.36
C LEU J 692 -7.17 -79.47 43.65
N LEU J 693 -6.27 -79.38 44.64
CA LEU J 693 -6.62 -78.76 45.91
C LEU J 693 -7.01 -77.31 45.72
N ALA J 694 -6.21 -76.55 44.97
CA ALA J 694 -6.51 -75.14 44.76
C ALA J 694 -7.83 -74.96 44.04
N CYS J 695 -8.04 -75.71 42.95
CA CYS J 695 -9.27 -75.55 42.20
CA CYS J 695 -9.28 -75.61 42.18
C CYS J 695 -10.49 -75.98 43.01
N VAL J 696 -10.35 -76.98 43.90
CA VAL J 696 -11.47 -77.38 44.73
C VAL J 696 -11.78 -76.32 45.77
N HIS J 697 -10.75 -75.75 46.39
CA HIS J 697 -10.95 -74.72 47.39
C HIS J 697 -11.09 -73.33 46.79
N ASN J 698 -11.30 -73.25 45.47
CA ASN J 698 -11.80 -72.04 44.80
C ASN J 698 -10.72 -70.96 44.72
N TYR J 699 -9.52 -71.38 44.31
CA TYR J 699 -8.49 -70.41 43.94
C TYR J 699 -8.83 -69.89 42.56
N GLN J 700 -9.27 -68.63 42.49
CA GLN J 700 -9.87 -68.12 41.27
C GLN J 700 -8.98 -68.21 40.04
N PRO J 701 -7.66 -67.99 40.12
CA PRO J 701 -6.83 -68.25 38.92
C PRO J 701 -6.92 -69.70 38.45
N CYS J 702 -6.76 -70.66 39.37
CA CYS J 702 -6.91 -72.08 39.00
CA CYS J 702 -6.90 -72.06 38.98
C CYS J 702 -8.27 -72.34 38.37
N VAL J 703 -9.32 -71.80 38.99
CA VAL J 703 -10.68 -72.04 38.51
C VAL J 703 -10.86 -71.47 37.11
N GLN J 704 -10.34 -70.26 36.87
CA GLN J 704 -10.48 -69.64 35.55
C GLN J 704 -9.75 -70.43 34.48
N ARG J 705 -8.50 -70.84 34.76
CA ARG J 705 -7.75 -71.57 33.75
C ARG J 705 -8.36 -72.95 33.51
N ALA J 706 -8.86 -73.60 34.57
CA ALA J 706 -9.48 -74.90 34.41
C ALA J 706 -10.80 -74.80 33.66
N GLU J 707 -11.55 -73.71 33.88
CA GLU J 707 -12.76 -73.49 33.11
C GLU J 707 -12.44 -73.27 31.64
N GLY J 708 -11.36 -72.55 31.34
CA GLY J 708 -10.96 -72.38 29.95
C GLY J 708 -10.59 -73.70 29.30
N TYR J 709 -9.78 -74.50 29.99
CA TYR J 709 -9.39 -75.80 29.45
C TYR J 709 -10.60 -76.72 29.26
N PHE J 710 -11.52 -76.73 30.24
CA PHE J 710 -12.71 -77.56 30.15
C PHE J 710 -13.63 -77.10 29.02
N ARG J 711 -13.71 -75.78 28.80
CA ARG J 711 -14.49 -75.27 27.68
C ARG J 711 -13.91 -75.73 26.36
N LYS J 712 -12.59 -75.60 26.19
CA LYS J 712 -11.95 -76.08 24.96
C LYS J 712 -12.18 -77.57 24.76
N TRP J 713 -12.07 -78.35 25.84
CA TRP J 713 -12.22 -79.80 25.72
C TRP J 713 -13.66 -80.19 25.36
N LYS J 714 -14.64 -79.61 26.07
CA LYS J 714 -16.03 -79.95 25.79
C LYS J 714 -16.46 -79.50 24.40
N GLU J 715 -15.98 -78.34 23.95
CA GLU J 715 -16.28 -77.90 22.59
C GLU J 715 -15.57 -78.76 21.55
N SER J 716 -14.42 -79.34 21.91
CA SER J 716 -13.75 -80.29 21.03
C SER J 716 -14.37 -81.68 21.11
N ASN J 717 -15.31 -81.90 22.02
CA ASN J 717 -16.03 -83.17 22.15
C ASN J 717 -15.09 -84.28 22.63
N GLY J 718 -14.28 -83.97 23.64
CA GLY J 718 -13.32 -84.90 24.18
C GLY J 718 -12.12 -85.17 23.30
N ASN J 719 -12.09 -84.63 22.08
CA ASN J 719 -11.00 -84.94 21.16
C ASN J 719 -9.71 -84.23 21.52
N LEU J 720 -9.81 -83.06 22.16
CA LEU J 720 -8.63 -82.31 22.55
C LEU J 720 -7.86 -83.04 23.64
N SER J 721 -6.55 -83.18 23.43
CA SER J 721 -5.68 -83.83 24.41
C SER J 721 -5.29 -82.83 25.49
N LEU J 722 -5.69 -83.12 26.75
CA LEU J 722 -5.35 -82.30 27.90
C LEU J 722 -4.18 -82.88 28.67
N PRO J 723 -3.43 -82.06 29.39
CA PRO J 723 -2.38 -82.59 30.26
C PRO J 723 -2.97 -83.50 31.34
N VAL J 724 -2.42 -84.71 31.43
CA VAL J 724 -2.97 -85.73 32.32
C VAL J 724 -2.92 -85.24 33.77
N ASP J 725 -1.92 -84.45 34.11
CA ASP J 725 -1.78 -83.97 35.49
C ASP J 725 -2.88 -82.99 35.85
N VAL J 726 -3.18 -82.04 34.96
CA VAL J 726 -4.24 -81.08 35.19
C VAL J 726 -5.63 -81.62 34.88
N THR J 727 -5.71 -82.83 34.32
CA THR J 727 -7.02 -83.40 33.99
C THR J 727 -7.92 -83.52 35.21
N LEU J 728 -7.35 -83.91 36.36
CA LEU J 728 -8.16 -84.04 37.58
C LEU J 728 -8.83 -82.71 37.94
N ALA J 729 -8.04 -81.64 38.01
CA ALA J 729 -8.60 -80.33 38.35
C ALA J 729 -9.60 -79.86 37.30
N VAL J 730 -9.28 -80.08 36.02
CA VAL J 730 -10.17 -79.61 34.95
C VAL J 730 -11.52 -80.31 35.03
N PHE J 731 -11.51 -81.64 35.21
CA PHE J 731 -12.77 -82.36 35.31
C PHE J 731 -13.55 -81.98 36.57
N ALA J 732 -12.85 -81.84 37.70
CA ALA J 732 -13.54 -81.47 38.94
C ALA J 732 -14.16 -80.09 38.84
N VAL J 733 -13.51 -79.18 38.11
CA VAL J 733 -14.09 -77.85 37.93
C VAL J 733 -15.26 -77.90 36.96
N GLY J 734 -15.09 -78.59 35.83
CA GLY J 734 -16.13 -78.61 34.82
C GLY J 734 -17.39 -79.32 35.24
N ALA J 735 -17.28 -80.29 36.15
CA ALA J 735 -18.44 -81.06 36.58
C ALA J 735 -19.33 -80.32 37.58
N GLN J 736 -19.04 -79.05 37.86
CA GLN J 736 -19.86 -78.30 38.82
C GLN J 736 -21.19 -77.87 38.22
N SER J 737 -21.23 -77.63 36.91
CA SER J 737 -22.48 -77.29 36.23
C SER J 737 -23.12 -78.58 35.71
N THR J 738 -24.44 -78.55 35.57
CA THR J 738 -25.17 -79.72 35.11
C THR J 738 -24.74 -80.14 33.71
N GLU J 739 -24.51 -79.16 32.83
CA GLU J 739 -24.12 -79.45 31.45
C GLU J 739 -22.81 -80.24 31.42
N GLY J 740 -21.77 -79.72 32.09
CA GLY J 740 -20.50 -80.40 32.12
C GLY J 740 -20.55 -81.73 32.83
N TRP J 741 -21.37 -81.84 33.88
CA TRP J 741 -21.56 -83.11 34.56
C TRP J 741 -22.09 -84.16 33.60
N ASP J 742 -23.17 -83.82 32.88
CA ASP J 742 -23.76 -84.77 31.94
C ASP J 742 -22.80 -85.09 30.80
N PHE J 743 -22.03 -84.11 30.34
CA PHE J 743 -21.04 -84.36 29.29
C PHE J 743 -19.97 -85.34 29.76
N LEU J 744 -19.44 -85.11 30.96
CA LEU J 744 -18.45 -86.01 31.51
C LEU J 744 -18.99 -87.42 31.63
N TYR J 745 -20.23 -87.56 32.12
CA TYR J 745 -20.79 -88.91 32.22
C TYR J 745 -20.99 -89.54 30.84
N SER J 746 -21.37 -88.73 29.85
CA SER J 746 -21.53 -89.25 28.50
C SER J 746 -20.21 -89.79 27.96
N LYS J 747 -19.10 -89.14 28.30
CA LYS J 747 -17.81 -89.65 27.86
C LYS J 747 -17.35 -90.84 28.69
N TYR J 748 -17.82 -90.93 29.94
CA TYR J 748 -17.42 -92.03 30.83
C TYR J 748 -17.73 -93.39 30.23
N GLN J 749 -18.93 -93.55 29.65
CA GLN J 749 -19.36 -94.86 29.19
C GLN J 749 -18.41 -95.41 28.15
N PHE J 750 -17.97 -94.57 27.22
CA PHE J 750 -17.18 -95.01 26.08
C PHE J 750 -15.68 -94.89 26.31
N SER J 751 -15.24 -94.19 27.35
CA SER J 751 -13.82 -94.12 27.65
C SER J 751 -13.24 -95.50 27.95
N LEU J 752 -11.97 -95.69 27.62
CA LEU J 752 -11.27 -96.95 27.85
C LEU J 752 -10.06 -96.80 28.76
N SER J 753 -9.74 -95.60 29.21
CA SER J 753 -8.63 -95.40 30.15
C SER J 753 -9.14 -95.49 31.58
N SER J 754 -8.47 -96.31 32.38
CA SER J 754 -8.90 -96.49 33.76
C SER J 754 -8.64 -95.23 34.58
N THR J 755 -7.53 -94.54 34.30
CA THR J 755 -7.27 -93.27 34.96
C THR J 755 -8.32 -92.22 34.59
N GLU J 756 -8.69 -92.15 33.31
CA GLU J 756 -9.74 -91.23 32.89
C GLU J 756 -11.07 -91.57 33.57
N LYS J 757 -11.38 -92.86 33.68
CA LYS J 757 -12.60 -93.29 34.37
C LYS J 757 -12.59 -92.85 35.83
N SER J 758 -11.47 -93.07 36.52
CA SER J 758 -11.39 -92.69 37.93
C SER J 758 -11.50 -91.18 38.10
N GLN J 759 -10.86 -90.41 37.20
CA GLN J 759 -10.94 -88.96 37.30
C GLN J 759 -12.36 -88.46 37.05
N ILE J 760 -13.07 -89.08 36.09
CA ILE J 760 -14.46 -88.71 35.86
C ILE J 760 -15.32 -89.06 37.06
N GLU J 761 -15.08 -90.23 37.68
CA GLU J 761 -15.84 -90.59 38.87
C GLU J 761 -15.62 -89.57 39.99
N PHE J 762 -14.36 -89.20 40.21
CA PHE J 762 -14.05 -88.22 41.25
C PHE J 762 -14.73 -86.88 40.96
N ALA J 763 -14.66 -86.43 39.70
CA ALA J 763 -15.28 -85.17 39.32
C ALA J 763 -16.79 -85.21 39.54
N LEU J 764 -17.44 -86.30 39.12
CA LEU J 764 -18.89 -86.39 39.25
C LEU J 764 -19.31 -86.49 40.72
N CYS J 765 -18.51 -87.14 41.55
CA CYS J 765 -18.81 -87.19 42.98
C CYS J 765 -18.55 -85.86 43.67
N ARG J 766 -17.66 -85.03 43.13
CA ARG J 766 -17.42 -83.69 43.67
C ARG J 766 -18.60 -82.71 43.46
N THR J 767 -19.79 -83.11 43.01
CA THR J 767 -20.85 -82.16 42.72
C THR J 767 -21.63 -81.82 43.99
N GLN J 768 -22.49 -80.81 43.87
CA GLN J 768 -23.38 -80.37 44.93
C GLN J 768 -24.79 -80.90 44.78
N ASN J 769 -25.08 -81.58 43.67
CA ASN J 769 -26.44 -82.02 43.37
C ASN J 769 -26.74 -83.29 44.17
N LYS J 770 -27.67 -83.18 45.13
CA LYS J 770 -28.06 -84.34 45.93
C LYS J 770 -28.65 -85.43 45.04
N GLU J 771 -29.45 -85.03 44.06
CA GLU J 771 -30.11 -85.98 43.16
C GLU J 771 -29.10 -86.73 42.32
N LYS J 772 -28.09 -86.03 41.79
CA LYS J 772 -27.08 -86.70 40.99
C LYS J 772 -26.17 -87.58 41.85
N LEU J 773 -25.88 -87.15 43.08
CA LEU J 773 -25.13 -88.02 43.99
C LEU J 773 -25.89 -89.32 44.25
N GLN J 774 -27.18 -89.21 44.53
CA GLN J 774 -28.01 -90.40 44.75
C GLN J 774 -28.05 -91.27 43.49
N TRP J 775 -28.08 -90.64 42.32
CA TRP J 775 -28.10 -91.41 41.08
C TRP J 775 -26.80 -92.18 40.89
N LEU J 776 -25.66 -91.53 41.17
CA LEU J 776 -24.38 -92.22 41.13
C LEU J 776 -24.39 -93.42 42.07
N LEU J 777 -24.86 -93.21 43.31
CA LEU J 777 -24.91 -94.30 44.27
C LEU J 777 -25.75 -95.47 43.75
N ASP J 778 -26.97 -95.17 43.29
CA ASP J 778 -27.86 -96.23 42.82
C ASP J 778 -27.26 -96.99 41.65
N GLU J 779 -26.68 -96.27 40.70
CA GLU J 779 -26.18 -96.93 39.49
C GLU J 779 -24.92 -97.73 39.78
N SER J 780 -24.04 -97.22 40.64
CA SER J 780 -22.84 -97.98 41.02
C SER J 780 -23.20 -99.19 41.86
N PHE J 781 -24.32 -99.14 42.59
CA PHE J 781 -24.79 -100.36 43.25
C PHE J 781 -25.33 -101.36 42.24
N LYS J 782 -26.17 -100.89 41.31
CA LYS J 782 -26.75 -101.80 40.32
C LYS J 782 -25.67 -102.47 39.47
N GLY J 783 -24.63 -101.73 39.12
CA GLY J 783 -23.49 -102.31 38.42
C GLY J 783 -23.55 -102.30 36.91
N ASP J 784 -24.51 -101.58 36.32
CA ASP J 784 -24.62 -101.51 34.86
C ASP J 784 -23.87 -100.31 34.31
N LYS J 785 -24.38 -99.11 34.59
CA LYS J 785 -23.75 -97.90 34.07
C LYS J 785 -22.39 -97.64 34.71
N ILE J 786 -22.24 -97.98 35.99
CA ILE J 786 -20.96 -97.93 36.68
C ILE J 786 -20.78 -99.26 37.39
N LYS J 787 -19.68 -99.94 37.11
CA LYS J 787 -19.46 -101.29 37.64
C LYS J 787 -19.46 -101.30 39.17
N THR J 788 -19.88 -102.42 39.73
CA THR J 788 -20.05 -102.53 41.18
C THR J 788 -18.71 -102.50 41.91
N GLN J 789 -17.62 -102.87 41.25
CA GLN J 789 -16.32 -102.84 41.89
C GLN J 789 -15.92 -101.42 42.30
N GLU J 790 -16.48 -100.42 41.64
CA GLU J 790 -16.23 -99.01 41.95
C GLU J 790 -17.13 -98.46 43.05
N PHE J 791 -18.06 -99.26 43.57
CA PHE J 791 -19.03 -98.75 44.53
C PHE J 791 -18.38 -98.22 45.80
N PRO J 792 -17.45 -98.93 46.47
CA PRO J 792 -16.89 -98.40 47.73
C PRO J 792 -16.15 -97.09 47.56
N GLN J 793 -15.39 -96.92 46.48
CA GLN J 793 -14.67 -95.67 46.26
C GLN J 793 -15.63 -94.50 46.07
N ILE J 794 -16.71 -94.73 45.33
CA ILE J 794 -17.72 -93.70 45.14
C ILE J 794 -18.41 -93.39 46.44
N LEU J 795 -18.70 -94.40 47.24
CA LEU J 795 -19.32 -94.17 48.54
C LEU J 795 -18.42 -93.34 49.44
N THR J 796 -17.12 -93.63 49.44
CA THR J 796 -16.20 -92.84 50.26
C THR J 796 -16.12 -91.39 49.78
N LEU J 797 -16.06 -91.19 48.45
CA LEU J 797 -16.01 -89.82 47.95
C LEU J 797 -17.29 -89.06 48.26
N ILE J 798 -18.45 -89.72 48.19
CA ILE J 798 -19.71 -89.04 48.47
C ILE J 798 -19.85 -88.78 49.98
N GLY J 799 -19.35 -89.69 50.81
CA GLY J 799 -19.28 -89.42 52.24
C GLY J 799 -18.32 -88.29 52.58
N ARG J 800 -17.33 -88.06 51.72
CA ARG J 800 -16.46 -86.90 51.87
C ARG J 800 -17.17 -85.62 51.44
N ASN J 801 -18.02 -85.73 50.41
CA ASN J 801 -18.74 -84.58 49.89
C ASN J 801 -19.53 -83.90 51.02
N PRO J 802 -19.39 -82.57 51.18
CA PRO J 802 -20.07 -81.90 52.30
C PRO J 802 -21.59 -81.96 52.25
N VAL J 803 -22.18 -82.26 51.10
CA VAL J 803 -23.63 -82.36 50.97
C VAL J 803 -24.08 -83.79 50.74
N GLY J 804 -23.17 -84.76 50.76
CA GLY J 804 -23.50 -86.14 50.46
C GLY J 804 -23.34 -87.12 51.59
N TYR J 805 -22.70 -86.72 52.69
CA TYR J 805 -22.43 -87.68 53.77
C TYR J 805 -23.70 -88.25 54.40
N PRO J 806 -24.81 -87.52 54.57
CA PRO J 806 -26.03 -88.19 55.06
C PRO J 806 -26.54 -89.21 54.06
N LEU J 807 -26.46 -88.89 52.77
CA LEU J 807 -26.85 -89.85 51.74
C LEU J 807 -26.01 -91.11 51.80
N ALA J 808 -24.70 -90.96 52.01
CA ALA J 808 -23.82 -92.13 52.06
C ALA J 808 -24.14 -92.99 53.29
N TRP J 809 -24.27 -92.35 54.45
CA TRP J 809 -24.60 -93.08 55.67
C TRP J 809 -25.94 -93.79 55.54
N GLN J 810 -26.95 -93.11 54.99
CA GLN J 810 -28.26 -93.73 54.80
C GLN J 810 -28.21 -94.87 53.79
N PHE J 811 -27.46 -94.71 52.71
CA PHE J 811 -27.39 -95.77 51.71
C PHE J 811 -26.76 -97.02 52.30
N LEU J 812 -25.65 -96.85 53.03
CA LEU J 812 -25.04 -97.99 53.70
C LEU J 812 -26.03 -98.63 54.68
N ARG J 813 -26.74 -97.80 55.47
CA ARG J 813 -27.70 -98.33 56.43
C ARG J 813 -28.78 -99.15 55.74
N LYS J 814 -29.35 -98.62 54.67
CA LYS J 814 -30.52 -99.24 54.05
C LYS J 814 -30.19 -100.39 53.13
N ASN J 815 -28.95 -100.48 52.63
CA ASN J 815 -28.56 -101.59 51.76
C ASN J 815 -27.42 -102.40 52.36
N TRP J 816 -27.26 -102.36 53.68
CA TRP J 816 -26.22 -103.14 54.34
C TRP J 816 -26.32 -104.62 54.01
N ASN J 817 -27.55 -105.14 53.94
CA ASN J 817 -27.76 -106.59 53.78
C ASN J 817 -27.20 -107.09 52.45
N LYS J 818 -27.65 -106.48 51.35
CA LYS J 818 -27.17 -106.91 50.03
C LYS J 818 -25.69 -106.59 49.86
N LEU J 819 -25.22 -105.50 50.43
CA LEU J 819 -23.79 -105.20 50.39
C LEU J 819 -23.00 -106.27 51.11
N VAL J 820 -23.49 -106.74 52.25
CA VAL J 820 -22.80 -107.82 52.95
C VAL J 820 -22.81 -109.09 52.11
N GLN J 821 -23.94 -109.39 51.47
CA GLN J 821 -23.99 -110.59 50.62
C GLN J 821 -23.06 -110.48 49.42
N LYS J 822 -22.82 -109.26 48.93
CA LYS J 822 -22.00 -109.06 47.75
C LYS J 822 -20.51 -109.03 48.08
N PHE J 823 -20.13 -108.40 49.18
CA PHE J 823 -18.73 -108.15 49.49
C PHE J 823 -18.19 -109.02 50.61
N GLU J 824 -19.03 -109.88 51.22
CA GLU J 824 -18.67 -110.73 52.35
C GLU J 824 -18.40 -109.89 53.59
N LEU J 825 -18.62 -110.46 54.77
CA LEU J 825 -18.41 -109.73 56.01
C LEU J 825 -16.93 -109.60 56.32
N GLY J 826 -16.56 -108.45 56.90
CA GLY J 826 -15.20 -108.20 57.30
C GLY J 826 -14.21 -107.97 56.18
N SER J 827 -14.66 -107.97 54.93
CA SER J 827 -13.74 -107.70 53.83
C SER J 827 -13.26 -106.26 53.87
N SER J 828 -12.12 -106.02 53.22
CA SER J 828 -11.57 -104.66 53.18
C SER J 828 -12.51 -103.70 52.49
N SER J 829 -13.35 -104.19 51.58
CA SER J 829 -14.37 -103.33 50.97
C SER J 829 -15.38 -102.86 52.01
N ILE J 830 -15.87 -103.79 52.84
CA ILE J 830 -16.81 -103.44 53.90
C ILE J 830 -16.17 -102.46 54.88
N ALA J 831 -14.91 -102.72 55.26
CA ALA J 831 -14.22 -101.81 56.18
C ALA J 831 -14.11 -100.42 55.57
N HIS J 832 -13.67 -100.34 54.32
CA HIS J 832 -13.55 -99.06 53.62
C HIS J 832 -14.88 -98.32 53.61
N MET J 833 -15.98 -99.02 53.28
CA MET J 833 -17.28 -98.37 53.24
C MET J 833 -17.69 -97.84 54.61
N VAL J 834 -17.56 -98.68 55.64
CA VAL J 834 -17.96 -98.27 56.99
C VAL J 834 -17.19 -97.03 57.42
N MET J 835 -15.86 -97.06 57.25
CA MET J 835 -15.06 -95.92 57.71
C MET J 835 -15.35 -94.68 56.86
N GLY J 836 -15.46 -94.84 55.54
CA GLY J 836 -15.72 -93.70 54.69
C GLY J 836 -17.06 -93.04 54.99
N THR J 837 -18.02 -93.82 55.47
CA THR J 837 -19.32 -93.24 55.80
C THR J 837 -19.42 -92.72 57.23
N THR J 838 -18.57 -93.21 58.15
CA THR J 838 -18.73 -92.82 59.55
C THR J 838 -17.54 -92.13 60.18
N ASN J 839 -16.31 -92.40 59.74
CA ASN J 839 -15.15 -92.01 60.55
C ASN J 839 -14.83 -90.52 60.53
N GLN J 840 -15.68 -89.68 59.93
CA GLN J 840 -15.48 -88.23 59.98
C GLN J 840 -16.49 -87.55 60.89
N PHE J 841 -17.25 -88.32 61.66
CA PHE J 841 -18.24 -87.76 62.59
C PHE J 841 -17.59 -87.28 63.88
N SER J 842 -18.29 -86.36 64.54
CA SER J 842 -17.74 -85.67 65.71
C SER J 842 -18.73 -85.47 66.84
N THR J 843 -19.98 -85.90 66.71
CA THR J 843 -21.00 -85.61 67.71
C THR J 843 -21.49 -86.88 68.38
N ARG J 844 -22.00 -86.71 69.62
CA ARG J 844 -22.59 -87.83 70.36
C ARG J 844 -23.83 -88.37 69.67
N THR J 845 -24.59 -87.50 68.97
CA THR J 845 -25.74 -87.97 68.22
C THR J 845 -25.33 -88.95 67.13
N ARG J 846 -24.29 -88.60 66.37
CA ARG J 846 -23.77 -89.49 65.34
C ARG J 846 -23.21 -90.76 65.96
N LEU J 847 -22.51 -90.63 67.10
CA LEU J 847 -21.99 -91.80 67.79
C LEU J 847 -23.09 -92.77 68.17
N GLU J 848 -24.20 -92.24 68.69
CA GLU J 848 -25.32 -93.11 69.08
C GLU J 848 -25.98 -93.73 67.86
N GLU J 849 -26.10 -92.98 66.76
CA GLU J 849 -26.59 -93.56 65.51
C GLU J 849 -25.75 -94.77 65.11
N VAL J 850 -24.43 -94.59 65.08
CA VAL J 850 -23.53 -95.66 64.65
C VAL J 850 -23.69 -96.87 65.58
N LYS J 851 -23.63 -96.63 66.89
CA LYS J 851 -23.77 -97.70 67.86
C LYS J 851 -25.08 -98.47 67.64
N GLY J 852 -26.19 -97.75 67.55
CA GLY J 852 -27.48 -98.40 67.44
C GLY J 852 -27.61 -99.23 66.18
N PHE J 853 -27.22 -98.67 65.03
CA PHE J 853 -27.34 -99.42 63.79
C PHE J 853 -26.46 -100.68 63.80
N PHE J 854 -25.17 -100.51 64.10
CA PHE J 854 -24.28 -101.66 64.01
C PHE J 854 -24.54 -102.68 65.11
N SER J 855 -25.19 -102.30 66.21
CA SER J 855 -25.60 -103.29 67.19
C SER J 855 -26.90 -104.00 66.77
N SER J 856 -27.83 -103.26 66.17
CA SER J 856 -29.05 -103.88 65.70
C SER J 856 -28.79 -104.87 64.58
N LEU J 857 -27.65 -104.74 63.89
CA LEU J 857 -27.28 -105.75 62.91
C LEU J 857 -27.15 -107.14 63.53
N LYS J 858 -26.76 -107.21 64.80
CA LYS J 858 -26.66 -108.46 65.56
C LYS J 858 -25.68 -109.40 64.87
N GLU J 859 -26.04 -110.64 64.55
CA GLU J 859 -25.10 -111.62 64.03
C GLU J 859 -24.66 -111.32 62.60
N ASN J 860 -25.11 -110.20 62.01
CA ASN J 860 -24.79 -109.84 60.64
C ASN J 860 -23.89 -108.60 60.59
N GLY J 861 -22.92 -108.51 61.49
CA GLY J 861 -21.93 -107.45 61.38
C GLY J 861 -21.67 -106.65 62.65
N SER J 862 -22.33 -106.99 63.75
CA SER J 862 -22.08 -106.26 64.99
C SER J 862 -20.68 -106.52 65.55
N GLN J 863 -20.06 -107.64 65.19
CA GLN J 863 -18.75 -108.02 65.70
C GLN J 863 -17.63 -107.64 64.74
N LEU J 864 -17.79 -106.56 63.98
CA LEU J 864 -16.78 -106.16 63.01
C LEU J 864 -15.73 -105.30 63.67
N ARG J 865 -14.46 -105.69 63.50
CA ARG J 865 -13.37 -104.90 64.04
C ARG J 865 -13.36 -103.51 63.44
N CYS J 866 -13.78 -103.37 62.17
CA CYS J 866 -13.91 -102.05 61.59
C CYS J 866 -15.02 -101.24 62.25
N VAL J 867 -16.10 -101.90 62.67
CA VAL J 867 -17.14 -101.21 63.43
C VAL J 867 -16.59 -100.69 64.75
N GLN J 868 -15.84 -101.55 65.46
CA GLN J 868 -15.22 -101.12 66.71
C GLN J 868 -14.27 -99.95 66.48
N GLN J 869 -13.51 -100.01 65.38
CA GLN J 869 -12.56 -98.95 65.07
C GLN J 869 -13.25 -97.65 64.75
N THR J 870 -14.35 -97.70 63.99
CA THR J 870 -15.09 -96.46 63.70
C THR J 870 -15.71 -95.87 64.95
N ILE J 871 -16.21 -96.72 65.85
CA ILE J 871 -16.78 -96.21 67.10
C ILE J 871 -15.71 -95.50 67.92
N GLU J 872 -14.54 -96.13 68.06
CA GLU J 872 -13.48 -95.48 68.82
C GLU J 872 -12.95 -94.24 68.11
N THR J 873 -12.95 -94.25 66.78
CA THR J 873 -12.53 -93.07 66.03
C THR J 873 -13.49 -91.91 66.28
N ILE J 874 -14.79 -92.19 66.32
CA ILE J 874 -15.77 -91.14 66.58
C ILE J 874 -15.65 -90.63 68.01
N GLU J 875 -15.37 -91.53 68.97
CA GLU J 875 -15.18 -91.08 70.35
C GLU J 875 -13.98 -90.15 70.47
N GLU J 876 -12.85 -90.55 69.88
CA GLU J 876 -11.66 -89.69 69.87
C GLU J 876 -11.93 -88.40 69.12
N ASN J 877 -12.72 -88.45 68.05
CA ASN J 877 -13.07 -87.23 67.33
C ASN J 877 -13.87 -86.29 68.22
N ILE J 878 -14.81 -86.84 68.98
CA ILE J 878 -15.60 -86.01 69.91
C ILE J 878 -14.68 -85.32 70.91
N GLY J 879 -13.79 -86.09 71.53
CA GLY J 879 -12.86 -85.50 72.49
C GLY J 879 -11.98 -84.43 71.87
N TRP J 880 -11.33 -84.75 70.75
CA TRP J 880 -10.41 -83.82 70.10
C TRP J 880 -11.13 -82.56 69.64
N MET J 881 -12.36 -82.70 69.13
CA MET J 881 -13.09 -81.55 68.63
C MET J 881 -13.56 -80.66 69.78
N ASP J 882 -14.10 -81.26 70.84
CA ASP J 882 -14.50 -80.47 71.99
C ASP J 882 -13.31 -79.76 72.64
N LYS J 883 -12.12 -80.35 72.54
CA LYS J 883 -10.97 -79.71 73.17
C LYS J 883 -10.34 -78.63 72.30
N ASN J 884 -10.25 -78.86 70.97
CA ASN J 884 -9.39 -78.03 70.13
C ASN J 884 -10.14 -77.10 69.18
N PHE J 885 -11.46 -77.21 69.06
CA PHE J 885 -12.17 -76.41 68.06
C PHE J 885 -12.06 -74.92 68.39
N ASP J 886 -12.44 -74.54 69.60
CA ASP J 886 -12.39 -73.13 69.99
C ASP J 886 -10.96 -72.60 69.94
N LYS J 887 -9.99 -73.43 70.33
CA LYS J 887 -8.58 -73.06 70.17
C LYS J 887 -8.24 -72.82 68.70
N ILE J 888 -8.75 -73.67 67.80
CA ILE J 888 -8.46 -73.49 66.38
C ILE J 888 -9.08 -72.20 65.87
N ARG J 889 -10.29 -71.88 66.32
CA ARG J 889 -10.93 -70.62 65.92
C ARG J 889 -10.12 -69.42 66.39
N VAL J 890 -9.71 -69.42 67.65
CA VAL J 890 -8.92 -68.30 68.18
C VAL J 890 -7.59 -68.18 67.43
N TRP J 891 -6.93 -69.32 67.17
CA TRP J 891 -5.66 -69.28 66.46
C TRP J 891 -5.82 -68.83 65.02
N LEU J 892 -6.93 -69.19 64.38
CA LEU J 892 -7.15 -68.73 63.01
C LEU J 892 -7.36 -67.23 62.95
N GLN J 893 -8.13 -66.68 63.90
CA GLN J 893 -8.27 -65.23 63.94
C GLN J 893 -6.94 -64.55 64.27
N SER J 894 -6.14 -65.12 65.17
CA SER J 894 -4.84 -64.55 65.48
C SER J 894 -3.90 -64.62 64.28
N GLU J 895 -3.99 -65.69 63.48
CA GLU J 895 -3.13 -65.81 62.31
C GLU J 895 -3.60 -64.88 61.21
N LYS J 896 -4.91 -64.61 61.13
CA LYS J 896 -5.37 -63.54 60.26
C LYS J 896 -4.80 -62.20 60.72
N LEU J 897 -4.61 -62.05 62.04
CA LEU J 897 -3.93 -60.86 62.57
C LEU J 897 -2.41 -61.02 62.48
N GLU J 898 -1.96 -61.26 61.25
CA GLU J 898 -0.53 -61.38 60.95
C GLU J 898 -0.12 -60.63 59.69
N ARG J 899 -1.04 -60.34 58.77
CA ARG J 899 -0.71 -59.61 57.54
C ARG J 899 -1.00 -58.13 57.70
N PRO K 30 -68.38 118.97 -59.53
CA PRO K 30 -67.31 118.85 -60.52
C PRO K 30 -65.93 119.10 -59.92
N PHE K 31 -65.13 118.04 -59.79
CA PHE K 31 -63.82 118.20 -59.17
C PHE K 31 -62.89 118.91 -60.14
N PRO K 32 -62.20 119.97 -59.71
CA PRO K 32 -61.42 120.79 -60.65
C PRO K 32 -59.98 120.31 -60.84
N TRP K 33 -59.76 119.00 -60.91
CA TRP K 33 -58.41 118.49 -61.13
C TRP K 33 -58.51 117.04 -61.55
N ASN K 34 -57.66 116.65 -62.53
CA ASN K 34 -57.75 115.31 -63.10
C ASN K 34 -56.38 114.67 -63.33
N LYS K 35 -55.34 115.14 -62.64
CA LYS K 35 -54.01 114.57 -62.75
C LYS K 35 -53.59 114.01 -61.41
N ILE K 36 -52.79 112.93 -61.44
CA ILE K 36 -52.35 112.31 -60.20
C ILE K 36 -51.34 113.20 -59.48
N ARG K 37 -50.46 113.86 -60.23
CA ARG K 37 -49.51 114.77 -59.61
C ARG K 37 -50.22 116.02 -59.12
N LEU K 38 -49.64 116.64 -58.10
CA LEU K 38 -50.21 117.83 -57.50
C LEU K 38 -49.88 119.06 -58.34
N PRO K 39 -50.64 120.14 -58.18
CA PRO K 39 -50.29 121.39 -58.86
C PRO K 39 -48.93 121.90 -58.40
N GLU K 40 -48.15 122.39 -59.36
CA GLU K 40 -46.80 122.85 -59.09
C GLU K 40 -46.75 124.31 -58.63
N TYR K 41 -47.88 125.02 -58.66
CA TYR K 41 -47.91 126.44 -58.38
C TYR K 41 -48.43 126.76 -56.98
N VAL K 42 -48.63 125.75 -56.13
CA VAL K 42 -48.96 125.94 -54.73
C VAL K 42 -47.89 125.22 -53.92
N ILE K 43 -47.04 125.98 -53.24
CA ILE K 43 -45.88 125.45 -52.55
C ILE K 43 -46.09 125.60 -51.05
N PRO K 44 -45.99 124.54 -50.27
CA PRO K 44 -46.05 124.68 -48.82
C PRO K 44 -44.71 125.11 -48.24
N VAL K 45 -44.77 125.74 -47.07
CA VAL K 45 -43.55 126.16 -46.41
C VAL K 45 -43.51 125.64 -44.98
N HIS K 46 -44.68 125.44 -44.34
CA HIS K 46 -44.61 125.01 -42.95
C HIS K 46 -45.87 124.29 -42.50
N TYR K 47 -45.74 123.05 -42.04
CA TYR K 47 -46.86 122.33 -41.45
C TYR K 47 -46.81 122.46 -39.93
N ASP K 48 -48.00 122.62 -39.33
CA ASP K 48 -48.19 122.64 -37.89
C ASP K 48 -49.30 121.65 -37.60
N LEU K 49 -48.93 120.51 -37.06
CA LEU K 49 -49.84 119.38 -36.87
C LEU K 49 -50.20 119.24 -35.41
N LEU K 50 -51.49 119.03 -35.14
CA LEU K 50 -51.99 118.78 -33.80
C LEU K 50 -52.83 117.51 -33.86
N ILE K 51 -52.37 116.45 -33.19
CA ILE K 51 -53.02 115.15 -33.23
C ILE K 51 -53.45 114.78 -31.82
N HIS K 52 -54.71 114.35 -31.67
CA HIS K 52 -55.21 113.79 -30.43
C HIS K 52 -55.66 112.37 -30.76
N ALA K 53 -54.85 111.40 -30.37
CA ALA K 53 -55.13 109.99 -30.62
C ALA K 53 -55.79 109.38 -29.38
N ASN K 54 -56.77 108.53 -29.72
CA ASN K 54 -57.48 107.88 -28.60
C ASN K 54 -57.32 106.36 -28.75
N LEU K 55 -56.51 105.76 -27.88
CA LEU K 55 -56.22 104.33 -27.89
C LEU K 55 -57.41 103.52 -27.42
N THR K 56 -58.20 104.04 -26.48
CA THR K 56 -59.36 103.29 -25.98
C THR K 56 -60.43 103.14 -27.06
N THR K 57 -60.79 104.24 -27.70
CA THR K 57 -61.81 104.22 -28.75
C THR K 57 -61.20 104.00 -30.14
N LEU K 58 -59.93 103.91 -30.20
CA LEU K 58 -59.23 103.71 -31.46
C LEU K 58 -59.66 104.77 -32.49
N THR K 59 -59.58 106.03 -32.07
CA THR K 59 -59.97 107.17 -32.88
C THR K 59 -58.84 108.19 -32.87
N PHE K 60 -58.98 109.27 -33.63
CA PHE K 60 -58.09 110.42 -33.49
C PHE K 60 -58.66 111.62 -34.24
N TRP K 61 -58.59 112.80 -33.60
CA TRP K 61 -58.97 114.06 -34.20
CA TRP K 61 -58.96 114.03 -34.27
C TRP K 61 -57.71 114.89 -34.46
N GLY K 62 -57.66 115.57 -35.60
CA GLY K 62 -56.48 116.31 -35.98
C GLY K 62 -56.80 117.70 -36.51
N THR K 63 -55.82 118.58 -36.34
CA THR K 63 -55.87 119.94 -36.87
C THR K 63 -54.55 120.20 -37.58
N THR K 64 -54.63 120.59 -38.84
CA THR K 64 -53.45 120.81 -39.68
C THR K 64 -53.45 122.25 -40.17
N LYS K 65 -52.42 123.00 -39.81
CA LYS K 65 -52.23 124.36 -40.29
C LYS K 65 -51.02 124.36 -41.22
N VAL K 66 -51.26 124.55 -42.52
CA VAL K 66 -50.20 124.51 -43.51
C VAL K 66 -50.02 125.91 -44.09
N GLU K 67 -48.81 126.46 -43.93
CA GLU K 67 -48.42 127.71 -44.55
C GLU K 67 -47.92 127.43 -45.95
N ILE K 68 -48.52 128.12 -46.93
CA ILE K 68 -48.30 127.93 -48.35
C ILE K 68 -48.12 129.29 -49.03
N THR K 69 -47.53 129.24 -50.22
CA THR K 69 -47.44 130.37 -51.14
C THR K 69 -47.85 129.90 -52.53
N ALA K 70 -48.33 130.84 -53.35
CA ALA K 70 -48.80 130.53 -54.70
C ALA K 70 -48.03 131.35 -55.72
N SER K 71 -47.66 130.69 -56.83
CA SER K 71 -46.97 131.35 -57.92
C SER K 71 -47.87 131.74 -59.08
N GLN K 72 -48.99 131.03 -59.27
CA GLN K 72 -49.98 131.39 -60.27
C GLN K 72 -51.28 131.75 -59.57
N PRO K 73 -51.93 132.85 -59.94
CA PRO K 73 -53.19 133.24 -59.28
C PRO K 73 -54.24 132.15 -59.45
N THR K 74 -54.73 131.64 -58.32
CA THR K 74 -55.71 130.58 -58.32
C THR K 74 -56.64 130.75 -57.13
N SER K 75 -57.84 130.17 -57.26
CA SER K 75 -58.81 130.12 -56.17
C SER K 75 -59.09 128.68 -55.75
N THR K 76 -58.23 127.73 -56.17
CA THR K 76 -58.39 126.32 -55.87
C THR K 76 -57.07 125.76 -55.40
N ILE K 77 -57.08 125.11 -54.23
CA ILE K 77 -55.89 124.50 -53.65
C ILE K 77 -56.11 122.99 -53.61
N ILE K 78 -55.24 122.25 -54.29
CA ILE K 78 -55.36 120.80 -54.37
C ILE K 78 -54.32 120.19 -53.44
N LEU K 79 -54.76 119.23 -52.61
CA LEU K 79 -53.82 118.53 -51.74
C LEU K 79 -54.36 117.13 -51.49
N HIS K 80 -53.59 116.33 -50.76
CA HIS K 80 -53.91 114.92 -50.56
C HIS K 80 -54.67 114.71 -49.25
N SER K 81 -55.58 113.73 -49.28
CA SER K 81 -56.33 113.31 -48.11
C SER K 81 -56.96 111.97 -48.42
N HIS K 82 -56.88 111.03 -47.49
CA HIS K 82 -57.34 109.66 -47.71
C HIS K 82 -57.93 109.12 -46.43
N HIS K 83 -59.20 108.68 -46.50
CA HIS K 83 -59.89 108.09 -45.36
C HIS K 83 -59.90 109.01 -44.15
N LEU K 84 -60.05 110.32 -44.40
CA LEU K 84 -60.11 111.32 -43.35
C LEU K 84 -61.38 112.13 -43.50
N GLN K 85 -62.13 112.25 -42.40
CA GLN K 85 -63.37 113.02 -42.39
C GLN K 85 -63.05 114.48 -42.14
N ILE K 86 -63.16 115.30 -43.18
CA ILE K 86 -62.93 116.74 -43.04
C ILE K 86 -64.19 117.39 -42.50
N SER K 87 -64.05 118.17 -41.43
CA SER K 87 -65.20 118.79 -40.78
C SER K 87 -65.20 120.30 -40.82
N ARG K 88 -64.07 120.93 -41.15
CA ARG K 88 -63.96 122.38 -41.05
C ARG K 88 -62.71 122.82 -41.80
N ALA K 89 -62.82 123.91 -42.56
CA ALA K 89 -61.70 124.38 -43.37
C ALA K 89 -61.74 125.90 -43.46
N THR K 90 -60.62 126.54 -43.09
CA THR K 90 -60.50 127.99 -43.13
C THR K 90 -59.22 128.37 -43.85
N LEU K 91 -59.19 129.62 -44.33
CA LEU K 91 -58.05 130.16 -45.06
C LEU K 91 -57.70 131.53 -44.50
N ARG K 92 -56.55 131.64 -43.86
CA ARG K 92 -56.07 132.90 -43.30
C ARG K 92 -55.04 133.50 -44.26
N LYS K 93 -55.06 134.83 -44.38
CA LYS K 93 -54.17 135.55 -45.29
C LYS K 93 -53.19 136.39 -44.46
N GLY K 94 -51.90 136.05 -44.50
CA GLY K 94 -50.93 136.76 -43.70
C GLY K 94 -50.27 135.88 -42.66
N LEU K 99 -54.84 138.10 -40.23
CA LEU K 99 -55.89 139.08 -39.94
C LEU K 99 -57.25 138.62 -40.48
N SER K 100 -57.33 138.48 -41.80
CA SER K 100 -58.57 138.09 -42.46
C SER K 100 -58.62 136.57 -42.60
N GLU K 101 -59.75 135.99 -42.19
CA GLU K 101 -59.98 134.56 -42.28
C GLU K 101 -61.25 134.31 -43.08
N GLU K 102 -61.18 133.39 -44.04
CA GLU K 102 -62.30 133.11 -44.92
C GLU K 102 -62.56 131.62 -45.01
N PRO K 103 -63.82 131.21 -45.10
CA PRO K 103 -64.12 129.78 -45.20
C PRO K 103 -63.80 129.24 -46.60
N LEU K 104 -63.47 127.96 -46.64
CA LEU K 104 -63.16 127.25 -47.88
C LEU K 104 -64.21 126.18 -48.12
N GLN K 105 -64.58 125.97 -49.38
CA GLN K 105 -65.46 124.87 -49.73
C GLN K 105 -64.63 123.63 -50.08
N VAL K 106 -65.10 122.47 -49.64
CA VAL K 106 -64.34 121.22 -49.72
C VAL K 106 -64.97 120.34 -50.78
N LEU K 107 -64.15 119.90 -51.75
CA LEU K 107 -64.52 118.88 -52.71
C LEU K 107 -63.59 117.68 -52.52
N GLU K 108 -64.14 116.48 -52.71
CA GLU K 108 -63.45 115.24 -52.41
C GLU K 108 -63.32 114.40 -53.66
N HIS K 109 -62.17 113.75 -53.83
CA HIS K 109 -61.93 112.82 -54.92
C HIS K 109 -61.26 111.58 -54.34
N PRO K 110 -62.04 110.54 -54.02
CA PRO K 110 -61.42 109.35 -53.41
C PRO K 110 -60.57 108.55 -54.39
N ARG K 111 -60.86 108.62 -55.69
CA ARG K 111 -60.08 107.86 -56.66
C ARG K 111 -58.66 108.39 -56.75
N GLN K 112 -58.50 109.71 -56.76
CA GLN K 112 -57.18 110.33 -56.78
C GLN K 112 -56.65 110.59 -55.37
N GLU K 113 -57.40 110.22 -54.33
CA GLU K 113 -57.01 110.42 -52.95
C GLU K 113 -56.70 111.89 -52.68
N GLN K 114 -57.55 112.78 -53.18
CA GLN K 114 -57.29 114.22 -53.12
C GLN K 114 -58.50 114.96 -52.58
N ILE K 115 -58.24 116.19 -52.11
CA ILE K 115 -59.29 117.14 -51.80
C ILE K 115 -58.91 118.49 -52.40
N ALA K 116 -59.95 119.22 -52.82
CA ALA K 116 -59.83 120.55 -53.38
C ALA K 116 -60.50 121.55 -52.44
N LEU K 117 -59.78 122.61 -52.12
CA LEU K 117 -60.29 123.68 -51.27
C LEU K 117 -60.51 124.91 -52.14
N LEU K 118 -61.74 125.39 -52.17
CA LEU K 118 -62.14 126.52 -52.99
C LEU K 118 -62.23 127.77 -52.12
N ALA K 119 -61.54 128.84 -52.55
CA ALA K 119 -61.42 130.11 -51.87
C ALA K 119 -62.27 131.18 -52.55
N PRO K 120 -62.96 132.03 -51.77
CA PRO K 120 -63.81 133.04 -52.40
C PRO K 120 -63.06 134.03 -53.27
N GLU K 121 -61.92 134.52 -52.81
CA GLU K 121 -61.14 135.48 -53.58
C GLU K 121 -59.84 134.85 -54.04
N PRO K 122 -59.45 135.04 -55.30
CA PRO K 122 -58.24 134.38 -55.81
C PRO K 122 -57.01 134.79 -55.03
N LEU K 123 -56.13 133.82 -54.78
CA LEU K 123 -54.91 134.06 -54.02
C LEU K 123 -53.98 135.00 -54.77
N LEU K 124 -53.33 135.88 -54.04
CA LEU K 124 -52.39 136.84 -54.62
C LEU K 124 -51.00 136.23 -54.64
N VAL K 125 -50.33 136.31 -55.81
CA VAL K 125 -49.02 135.72 -55.97
C VAL K 125 -48.02 136.40 -55.05
N GLY K 126 -47.12 135.61 -54.46
CA GLY K 126 -46.10 136.12 -53.57
C GLY K 126 -46.52 136.36 -52.14
N LEU K 127 -47.79 136.08 -51.80
CA LEU K 127 -48.28 136.30 -50.45
C LEU K 127 -48.36 134.99 -49.67
N PRO K 128 -48.07 135.02 -48.37
CA PRO K 128 -48.24 133.80 -47.57
C PRO K 128 -49.66 133.60 -47.06
N TYR K 129 -50.19 132.40 -47.25
CA TYR K 129 -51.51 132.04 -46.75
C TYR K 129 -51.37 130.81 -45.86
N THR K 130 -52.38 130.62 -45.01
CA THR K 130 -52.39 129.51 -44.05
C THR K 130 -53.71 128.78 -44.16
N VAL K 131 -53.68 127.54 -44.63
CA VAL K 131 -54.87 126.70 -44.69
C VAL K 131 -54.98 125.94 -43.38
N VAL K 132 -56.15 126.00 -42.75
CA VAL K 132 -56.39 125.34 -41.47
C VAL K 132 -57.52 124.34 -41.65
N ILE K 133 -57.23 123.07 -41.42
CA ILE K 133 -58.17 121.99 -41.67
C ILE K 133 -58.36 121.20 -40.38
N HIS K 134 -59.63 120.96 -40.03
CA HIS K 134 -60.00 120.10 -38.92
C HIS K 134 -60.54 118.80 -39.48
N TYR K 135 -60.08 117.67 -38.92
CA TYR K 135 -60.45 116.38 -39.49
C TYR K 135 -60.46 115.33 -38.40
N ALA K 136 -61.00 114.16 -38.75
CA ALA K 136 -61.06 113.04 -37.83
C ALA K 136 -60.81 111.75 -38.59
N GLY K 137 -60.56 110.69 -37.83
CA GLY K 137 -60.35 109.38 -38.41
C GLY K 137 -60.10 108.37 -37.32
N ASN K 138 -59.76 107.14 -37.70
CA ASN K 138 -59.34 106.15 -36.73
C ASN K 138 -58.07 105.45 -37.18
N LEU K 139 -57.35 104.95 -36.18
CA LEU K 139 -56.14 104.16 -36.39
C LEU K 139 -56.39 103.02 -37.36
N SER K 140 -55.58 102.98 -38.42
CA SER K 140 -55.68 101.89 -39.40
C SER K 140 -55.35 100.57 -38.73
N GLU K 141 -56.14 99.53 -39.05
CA GLU K 141 -55.84 98.19 -38.58
C GLU K 141 -54.79 97.48 -39.43
N THR K 142 -54.23 98.17 -40.42
CA THR K 142 -53.24 97.57 -41.30
C THR K 142 -51.82 97.85 -40.82
N PHE K 143 -50.88 97.91 -41.75
CA PHE K 143 -49.46 98.13 -41.43
C PHE K 143 -48.94 99.46 -41.94
N HIS K 144 -49.82 100.34 -42.43
CA HIS K 144 -49.41 101.62 -42.98
C HIS K 144 -50.32 102.72 -42.43
N GLY K 145 -49.94 103.96 -42.69
CA GLY K 145 -50.66 105.11 -42.17
C GLY K 145 -50.40 105.35 -40.71
N PHE K 146 -51.44 105.75 -39.97
CA PHE K 146 -51.38 105.88 -38.52
C PHE K 146 -52.07 104.64 -37.96
N TYR K 147 -51.30 103.60 -37.68
CA TYR K 147 -51.87 102.29 -37.41
C TYR K 147 -51.65 101.87 -35.98
N LYS K 148 -52.36 100.81 -35.60
CA LYS K 148 -52.36 100.27 -34.26
C LYS K 148 -51.44 99.06 -34.16
N SER K 149 -50.79 98.92 -33.01
CA SER K 149 -49.98 97.76 -32.69
C SER K 149 -50.31 97.29 -31.28
N THR K 150 -50.17 96.00 -31.05
CA THR K 150 -50.47 95.41 -29.75
C THR K 150 -49.30 94.54 -29.32
N TYR K 151 -49.17 94.38 -28.00
CA TYR K 151 -48.11 93.52 -27.46
C TYR K 151 -48.62 92.82 -26.22
N ARG K 152 -48.02 91.66 -25.93
CA ARG K 152 -48.39 90.83 -24.80
C ARG K 152 -47.40 91.03 -23.66
N THR K 153 -47.91 91.32 -22.47
CA THR K 153 -47.06 91.37 -21.30
C THR K 153 -46.79 89.96 -20.78
N LYS K 154 -45.82 89.85 -19.88
CA LYS K 154 -45.49 88.55 -19.30
C LYS K 154 -46.59 88.03 -18.39
N GLU K 155 -47.60 88.84 -18.09
CA GLU K 155 -48.75 88.39 -17.31
C GLU K 155 -49.93 88.01 -18.19
N GLY K 156 -49.74 87.98 -19.52
CA GLY K 156 -50.78 87.63 -20.44
C GLY K 156 -51.67 88.77 -20.89
N GLU K 157 -51.53 89.96 -20.30
CA GLU K 157 -52.35 91.09 -20.68
C GLU K 157 -51.95 91.61 -22.06
N LEU K 158 -52.92 92.23 -22.72
CA LEU K 158 -52.73 92.82 -24.05
C LEU K 158 -52.71 94.33 -23.92
N ARG K 159 -51.69 94.97 -24.50
CA ARG K 159 -51.53 96.41 -24.44
C ARG K 159 -51.47 96.97 -25.86
N ILE K 160 -51.93 98.21 -25.99
CA ILE K 160 -52.14 98.85 -27.29
C ILE K 160 -51.23 100.06 -27.40
N LEU K 161 -50.70 100.28 -28.59
CA LEU K 161 -49.91 101.46 -28.92
C LEU K 161 -50.26 101.90 -30.35
N ALA K 162 -49.88 103.13 -30.68
CA ALA K 162 -50.13 103.67 -32.01
C ALA K 162 -48.81 104.09 -32.64
N SER K 163 -48.56 103.60 -33.85
CA SER K 163 -47.33 103.90 -34.56
C SER K 163 -47.68 104.44 -35.95
N THR K 164 -46.65 104.90 -36.66
CA THR K 164 -46.81 105.48 -37.97
C THR K 164 -45.94 104.76 -39.01
N GLN K 165 -46.39 104.83 -40.26
CA GLN K 165 -45.59 104.35 -41.39
C GLN K 165 -46.13 105.06 -42.64
N PHE K 166 -45.40 106.09 -43.09
CA PHE K 166 -45.91 106.99 -44.11
C PHE K 166 -45.34 106.75 -45.50
N GLU K 167 -44.17 106.14 -45.62
CA GLU K 167 -43.63 105.83 -46.95
C GLU K 167 -44.52 104.78 -47.62
N PRO K 168 -44.90 104.99 -48.89
CA PRO K 168 -44.56 106.19 -49.66
C PRO K 168 -45.66 107.26 -49.69
N THR K 169 -46.92 106.85 -49.72
CA THR K 169 -48.06 107.75 -49.87
C THR K 169 -49.07 107.58 -48.74
N ALA K 170 -48.58 107.37 -47.51
CA ALA K 170 -49.45 107.08 -46.37
C ALA K 170 -49.59 108.24 -45.39
N ALA K 171 -48.83 109.32 -45.54
CA ALA K 171 -49.00 110.48 -44.67
C ALA K 171 -50.38 111.09 -44.82
N ARG K 172 -50.97 110.99 -46.03
CA ARG K 172 -52.30 111.51 -46.28
C ARG K 172 -53.37 110.80 -45.47
N MET K 173 -53.11 109.58 -45.00
CA MET K 173 -54.07 108.87 -44.16
C MET K 173 -54.06 109.38 -42.73
N ALA K 174 -53.15 110.26 -42.37
CA ALA K 174 -53.04 110.79 -41.01
C ALA K 174 -53.19 112.30 -40.94
N PHE K 175 -52.67 113.03 -41.92
CA PHE K 175 -52.88 114.46 -41.94
C PHE K 175 -52.92 114.95 -43.39
N PRO K 176 -53.87 115.82 -43.73
CA PRO K 176 -53.93 116.36 -45.10
C PRO K 176 -52.72 117.23 -45.38
N CYS K 177 -52.13 117.02 -46.55
CA CYS K 177 -50.86 117.66 -46.89
C CYS K 177 -50.63 117.54 -48.38
N PHE K 178 -49.50 118.08 -48.82
CA PHE K 178 -49.03 117.89 -50.19
C PHE K 178 -48.09 116.69 -50.17
N ASP K 179 -48.70 115.50 -50.17
CA ASP K 179 -48.00 114.24 -49.88
C ASP K 179 -47.21 113.79 -51.11
N GLU K 180 -46.17 114.55 -51.43
CA GLU K 180 -45.20 114.18 -52.44
C GLU K 180 -43.80 114.50 -51.93
N PRO K 181 -42.79 113.74 -52.34
CA PRO K 181 -41.43 113.97 -51.82
C PRO K 181 -40.82 115.28 -52.26
N ALA K 182 -41.39 115.97 -53.26
CA ALA K 182 -40.80 117.21 -53.74
C ALA K 182 -41.22 118.42 -52.90
N PHE K 183 -42.41 118.38 -52.28
CA PHE K 183 -42.89 119.48 -51.47
C PHE K 183 -42.33 119.34 -50.06
N LYS K 184 -41.06 119.71 -49.91
CA LYS K 184 -40.41 119.68 -48.61
C LYS K 184 -40.84 120.87 -47.76
N ALA K 185 -40.85 120.66 -46.44
CA ALA K 185 -41.27 121.70 -45.52
C ALA K 185 -40.82 121.32 -44.11
N SER K 186 -40.97 122.27 -43.19
CA SER K 186 -40.75 122.02 -41.78
C SER K 186 -42.04 121.58 -41.12
N PHE K 187 -41.92 120.93 -39.96
CA PHE K 187 -43.07 120.33 -39.28
C PHE K 187 -42.97 120.62 -37.79
N SER K 188 -43.98 121.31 -37.26
CA SER K 188 -44.12 121.53 -35.82
C SER K 188 -45.25 120.62 -35.33
N ILE K 189 -44.89 119.62 -34.53
CA ILE K 189 -45.80 118.54 -34.17
C ILE K 189 -46.24 118.72 -32.71
N LYS K 190 -47.53 118.52 -32.46
CA LYS K 190 -48.09 118.50 -31.12
C LYS K 190 -48.98 117.26 -30.99
N ILE K 191 -48.73 116.47 -29.95
CA ILE K 191 -49.44 115.21 -29.75
C ILE K 191 -50.10 115.23 -28.38
N ARG K 192 -51.35 114.78 -28.33
CA ARG K 192 -52.12 114.70 -27.10
C ARG K 192 -52.24 113.25 -26.67
N ARG K 193 -52.09 113.00 -25.37
CA ARG K 193 -52.06 111.64 -24.85
C ARG K 193 -52.57 111.66 -23.41
N GLU K 194 -52.88 110.46 -22.91
CA GLU K 194 -53.12 110.29 -21.50
C GLU K 194 -51.80 110.41 -20.74
N PRO K 195 -51.85 110.69 -19.44
CA PRO K 195 -50.60 110.70 -18.67
C PRO K 195 -49.87 109.36 -18.71
N ARG K 196 -50.61 108.25 -18.74
CA ARG K 196 -50.01 106.93 -18.74
C ARG K 196 -49.19 106.64 -19.99
N HIS K 197 -49.23 107.50 -21.00
CA HIS K 197 -48.57 107.26 -22.27
C HIS K 197 -47.29 108.06 -22.40
N LEU K 198 -46.56 107.77 -23.48
CA LEU K 198 -45.28 108.41 -23.79
C LEU K 198 -45.24 108.70 -25.28
N ALA K 199 -44.93 109.94 -25.64
CA ALA K 199 -44.95 110.37 -27.03
C ALA K 199 -43.54 110.74 -27.48
N ILE K 200 -43.13 110.18 -28.62
CA ILE K 200 -41.86 110.51 -29.25
C ILE K 200 -42.13 110.77 -30.73
N SER K 201 -41.28 111.61 -31.33
CA SER K 201 -41.49 111.99 -32.73
C SER K 201 -40.12 112.28 -33.34
N ASN K 202 -40.12 113.06 -34.43
CA ASN K 202 -38.89 113.31 -35.17
C ASN K 202 -37.90 114.13 -34.35
N MET K 203 -38.39 115.17 -33.68
CA MET K 203 -37.57 116.09 -32.92
C MET K 203 -37.67 115.79 -31.43
N PRO K 204 -36.77 116.35 -30.62
CA PRO K 204 -36.89 116.21 -29.17
C PRO K 204 -38.14 116.90 -28.64
N LEU K 205 -38.58 116.45 -27.47
CA LEU K 205 -39.74 117.03 -26.81
C LEU K 205 -39.36 118.36 -26.17
N VAL K 206 -40.04 119.43 -26.58
CA VAL K 206 -39.73 120.77 -26.06
C VAL K 206 -40.51 121.06 -24.79
N LYS K 207 -41.82 120.79 -24.76
CA LYS K 207 -42.56 121.05 -23.53
C LYS K 207 -43.83 120.23 -23.47
N SER K 208 -44.37 120.11 -22.26
CA SER K 208 -45.62 119.40 -21.99
C SER K 208 -46.57 120.30 -21.22
N VAL K 209 -47.78 120.48 -21.74
CA VAL K 209 -48.77 121.37 -21.17
C VAL K 209 -50.02 120.56 -20.81
N THR K 210 -50.60 120.84 -19.64
CA THR K 210 -51.80 120.13 -19.20
C THR K 210 -53.04 120.78 -19.82
N VAL K 211 -53.21 120.56 -21.12
CA VAL K 211 -54.37 121.08 -21.84
C VAL K 211 -55.63 120.35 -21.39
N ALA K 212 -56.76 121.08 -21.36
CA ALA K 212 -58.03 120.54 -20.91
C ALA K 212 -57.87 119.94 -19.51
N GLU K 213 -58.44 118.76 -19.30
CA GLU K 213 -58.32 118.06 -18.03
C GLU K 213 -58.02 116.58 -18.29
N GLY K 214 -56.97 116.08 -17.66
CA GLY K 214 -56.67 114.67 -17.64
C GLY K 214 -55.81 114.18 -18.79
N LEU K 215 -55.48 115.03 -19.75
CA LEU K 215 -54.64 114.66 -20.88
C LEU K 215 -53.59 115.73 -21.13
N ILE K 216 -52.33 115.29 -21.30
CA ILE K 216 -51.20 116.18 -21.54
C ILE K 216 -50.99 116.36 -23.03
N GLU K 217 -50.46 117.52 -23.42
CA GLU K 217 -50.14 117.84 -24.80
C GLU K 217 -48.64 118.08 -24.91
N ASP K 218 -47.98 117.34 -25.80
CA ASP K 218 -46.54 117.42 -25.99
C ASP K 218 -46.21 118.25 -27.23
N HIS K 219 -45.50 119.35 -27.02
CA HIS K 219 -45.00 120.20 -28.09
C HIS K 219 -43.56 119.78 -28.39
N PHE K 220 -43.33 119.32 -29.62
CA PHE K 220 -42.02 118.92 -30.10
C PHE K 220 -41.37 120.06 -30.87
N ASP K 221 -40.03 119.99 -30.97
CA ASP K 221 -39.29 120.98 -31.73
C ASP K 221 -39.66 120.89 -33.21
N VAL K 222 -39.30 121.94 -33.95
CA VAL K 222 -39.63 122.02 -35.38
C VAL K 222 -38.56 121.27 -36.17
N THR K 223 -38.99 120.52 -37.17
CA THR K 223 -38.08 119.73 -37.98
C THR K 223 -37.40 120.62 -39.03
N VAL K 224 -36.51 120.00 -39.82
CA VAL K 224 -35.81 120.70 -40.89
C VAL K 224 -36.56 120.50 -42.20
N LYS K 225 -36.00 121.02 -43.29
CA LYS K 225 -36.57 120.82 -44.62
C LYS K 225 -36.52 119.34 -45.00
N MET K 226 -37.68 118.68 -44.99
CA MET K 226 -37.74 117.25 -45.28
C MET K 226 -39.06 116.93 -45.97
N SER K 227 -39.09 115.77 -46.62
CA SER K 227 -40.28 115.32 -47.31
C SER K 227 -41.34 114.88 -46.31
N THR K 228 -42.57 114.72 -46.80
CA THR K 228 -43.69 114.43 -45.92
C THR K 228 -43.67 112.99 -45.42
N TYR K 229 -43.11 112.06 -46.19
CA TYR K 229 -43.11 110.65 -45.79
C TYR K 229 -42.19 110.37 -44.60
N LEU K 230 -41.39 111.34 -44.17
CA LEU K 230 -40.47 111.16 -43.06
C LEU K 230 -41.07 111.56 -41.71
N VAL K 231 -42.30 112.07 -41.70
CA VAL K 231 -42.96 112.39 -40.43
C VAL K 231 -43.31 111.11 -39.69
N ALA K 232 -43.17 111.12 -38.37
CA ALA K 232 -43.47 109.95 -37.57
C ALA K 232 -43.76 110.36 -36.13
N PHE K 233 -44.57 109.56 -35.45
CA PHE K 233 -44.88 109.76 -34.05
C PHE K 233 -45.42 108.46 -33.47
N ILE K 234 -45.15 108.22 -32.20
CA ILE K 234 -45.49 106.97 -31.53
C ILE K 234 -46.07 107.29 -30.16
N ILE K 235 -47.23 106.70 -29.86
CA ILE K 235 -47.84 106.79 -28.54
C ILE K 235 -47.85 105.40 -27.93
N SER K 236 -47.10 105.21 -26.84
CA SER K 236 -46.97 103.91 -26.22
C SER K 236 -46.56 104.10 -24.76
N ASP K 237 -45.94 103.09 -24.18
CA ASP K 237 -45.31 103.14 -22.85
C ASP K 237 -43.95 102.47 -22.90
N PHE K 238 -43.17 102.77 -23.94
CA PHE K 238 -41.88 102.13 -24.16
C PHE K 238 -40.89 102.50 -23.05
N GLU K 239 -40.00 101.56 -22.75
CA GLU K 239 -38.78 101.88 -22.05
C GLU K 239 -37.68 102.16 -23.07
N SER K 240 -36.63 102.84 -22.63
CA SER K 240 -35.58 103.25 -23.54
C SER K 240 -34.21 103.16 -22.88
N VAL K 241 -33.19 103.04 -23.72
CA VAL K 241 -31.79 103.12 -23.32
C VAL K 241 -31.11 104.17 -24.19
N SER K 242 -30.24 104.96 -23.63
CA SER K 242 -29.62 106.06 -24.41
C SER K 242 -28.09 106.05 -24.28
N LYS K 243 -27.47 106.77 -25.12
CA LYS K 243 -26.02 106.88 -25.20
C LYS K 243 -25.71 108.13 -26.03
N ILE K 244 -24.50 108.66 -25.86
CA ILE K 244 -24.07 109.86 -26.55
C ILE K 244 -23.00 109.49 -27.57
N THR K 245 -23.06 110.13 -28.73
CA THR K 245 -22.01 110.01 -29.73
C THR K 245 -20.84 110.93 -29.39
N LYS K 246 -19.73 110.76 -30.10
CA LYS K 246 -18.61 111.67 -29.93
C LYS K 246 -18.91 113.05 -30.49
N SER K 247 -19.99 113.19 -31.25
CA SER K 247 -20.41 114.48 -31.80
C SER K 247 -21.55 115.11 -31.02
N GLY K 248 -22.02 114.46 -29.95
CA GLY K 248 -23.02 115.03 -29.08
C GLY K 248 -24.46 114.73 -29.41
N VAL K 249 -24.73 113.84 -30.36
CA VAL K 249 -26.10 113.48 -30.70
C VAL K 249 -26.60 112.46 -29.68
N LYS K 250 -27.85 112.63 -29.24
CA LYS K 250 -28.43 111.75 -28.24
C LYS K 250 -29.07 110.57 -28.95
N VAL K 251 -28.42 109.40 -28.90
CA VAL K 251 -28.93 108.20 -29.54
C VAL K 251 -29.65 107.36 -28.50
N SER K 252 -30.90 107.00 -28.79
CA SER K 252 -31.71 106.22 -27.88
C SER K 252 -32.39 105.09 -28.63
N VAL K 253 -32.72 104.03 -27.90
CA VAL K 253 -33.43 102.87 -28.43
C VAL K 253 -34.60 102.58 -27.51
N TYR K 254 -35.81 102.64 -28.07
CA TYR K 254 -37.06 102.38 -27.38
C TYR K 254 -37.59 101.01 -27.73
N ALA K 255 -38.23 100.37 -26.75
CA ALA K 255 -38.85 99.07 -26.96
C ALA K 255 -39.90 98.83 -25.88
N VAL K 256 -40.66 97.76 -26.07
CA VAL K 256 -41.68 97.36 -25.11
C VAL K 256 -40.98 97.05 -23.79
N PRO K 257 -41.64 97.24 -22.64
CA PRO K 257 -40.92 97.14 -21.37
C PRO K 257 -40.24 95.80 -21.12
N ASP K 258 -40.83 94.70 -21.57
CA ASP K 258 -40.29 93.37 -21.29
C ASP K 258 -39.14 92.98 -22.22
N LYS K 259 -38.83 93.78 -23.24
CA LYS K 259 -37.79 93.44 -24.21
C LYS K 259 -36.71 94.51 -24.30
N ILE K 260 -36.67 95.45 -23.37
CA ILE K 260 -35.70 96.55 -23.45
C ILE K 260 -34.28 96.03 -23.22
N ASN K 261 -34.12 94.93 -22.50
CA ASN K 261 -32.78 94.42 -22.21
C ASN K 261 -32.09 93.81 -23.42
N GLN K 262 -32.72 93.79 -24.59
CA GLN K 262 -32.11 93.27 -25.80
C GLN K 262 -31.64 94.35 -26.75
N ALA K 263 -31.56 95.60 -26.29
CA ALA K 263 -31.26 96.74 -27.14
C ALA K 263 -29.81 97.19 -27.05
N ASP K 264 -28.97 96.48 -26.31
CA ASP K 264 -27.60 96.94 -26.08
C ASP K 264 -26.79 96.95 -27.37
N TYR K 265 -26.78 95.83 -28.09
CA TYR K 265 -26.03 95.77 -29.34
C TYR K 265 -26.60 96.75 -30.37
N ALA K 266 -27.92 96.89 -30.40
CA ALA K 266 -28.53 97.86 -31.30
C ALA K 266 -28.02 99.27 -31.01
N LEU K 267 -28.02 99.67 -29.74
CA LEU K 267 -27.59 101.01 -29.38
C LEU K 267 -26.11 101.22 -29.69
N ASP K 268 -25.26 100.24 -29.34
CA ASP K 268 -23.83 100.38 -29.55
C ASP K 268 -23.50 100.49 -31.03
N ALA K 269 -24.03 99.57 -31.84
CA ALA K 269 -23.80 99.63 -33.27
C ALA K 269 -24.40 100.89 -33.88
N ALA K 270 -25.52 101.38 -33.34
CA ALA K 270 -26.11 102.61 -33.84
C ALA K 270 -25.17 103.79 -33.63
N VAL K 271 -24.62 103.92 -32.42
CA VAL K 271 -23.69 105.01 -32.14
C VAL K 271 -22.47 104.91 -33.05
N THR K 272 -21.91 103.70 -33.16
CA THR K 272 -20.71 103.51 -33.99
C THR K 272 -20.99 103.89 -35.44
N LEU K 273 -22.10 103.40 -36.01
CA LEU K 273 -22.40 103.66 -37.41
C LEU K 273 -22.76 105.11 -37.66
N LEU K 274 -23.42 105.77 -36.70
CA LEU K 274 -23.72 107.19 -36.88
C LEU K 274 -22.44 108.01 -36.91
N GLU K 275 -21.50 107.71 -35.99
CA GLU K 275 -20.22 108.40 -36.02
C GLU K 275 -19.48 108.13 -37.33
N PHE K 276 -19.50 106.86 -37.79
CA PHE K 276 -18.83 106.55 -39.05
C PHE K 276 -19.43 107.34 -40.21
N TYR K 277 -20.75 107.40 -40.28
CA TYR K 277 -21.40 108.08 -41.40
C TYR K 277 -21.11 109.58 -41.36
N GLU K 278 -21.16 110.18 -40.18
CA GLU K 278 -20.76 111.58 -40.04
C GLU K 278 -19.35 111.79 -40.58
N ASP K 279 -18.40 110.99 -40.10
CA ASP K 279 -17.00 111.16 -40.50
C ASP K 279 -16.82 110.95 -42.00
N TYR K 280 -17.46 109.91 -42.54
CA TYR K 280 -17.28 109.55 -43.95
C TYR K 280 -17.84 110.63 -44.87
N PHE K 281 -19.08 111.05 -44.63
CA PHE K 281 -19.69 112.05 -45.49
C PHE K 281 -19.18 113.46 -45.22
N SER K 282 -18.48 113.68 -44.10
CA SER K 282 -18.04 115.03 -43.70
C SER K 282 -19.21 115.98 -43.59
N ILE K 283 -20.37 115.45 -43.19
CA ILE K 283 -21.60 116.21 -43.02
C ILE K 283 -22.21 115.80 -41.70
N PRO K 284 -22.24 116.67 -40.69
CA PRO K 284 -22.74 116.27 -39.38
C PRO K 284 -24.22 115.92 -39.42
N TYR K 285 -24.63 115.08 -38.47
CA TYR K 285 -26.04 114.75 -38.32
C TYR K 285 -26.80 115.98 -37.85
N PRO K 286 -27.80 116.45 -38.60
CA PRO K 286 -28.37 117.77 -38.29
C PRO K 286 -29.25 117.80 -37.06
N LEU K 287 -29.90 116.70 -36.71
CA LEU K 287 -30.87 116.69 -35.60
C LEU K 287 -30.17 116.46 -34.27
N PRO K 288 -30.78 116.92 -33.17
CA PRO K 288 -30.16 116.72 -31.85
C PRO K 288 -30.14 115.27 -31.40
N LYS K 289 -31.18 114.51 -31.72
CA LYS K 289 -31.32 113.15 -31.23
C LYS K 289 -31.62 112.20 -32.40
N GLN K 290 -31.25 110.94 -32.19
CA GLN K 290 -31.56 109.85 -33.10
C GLN K 290 -32.17 108.72 -32.28
N ASP K 291 -33.35 108.24 -32.69
CA ASP K 291 -34.07 107.22 -31.96
C ASP K 291 -34.29 105.98 -32.82
N LEU K 292 -34.24 104.82 -32.18
CA LEU K 292 -34.46 103.53 -32.82
C LEU K 292 -35.53 102.80 -32.00
N ALA K 293 -36.74 102.74 -32.53
CA ALA K 293 -37.88 102.18 -31.81
C ALA K 293 -38.25 100.82 -32.38
N ALA K 294 -38.46 99.84 -31.51
CA ALA K 294 -38.83 98.48 -31.92
C ALA K 294 -40.35 98.38 -31.86
N ILE K 295 -40.99 98.39 -33.02
CA ILE K 295 -42.46 98.35 -33.11
C ILE K 295 -42.92 96.90 -33.17
N PRO K 296 -43.88 96.49 -32.34
CA PRO K 296 -44.31 95.08 -32.36
C PRO K 296 -44.98 94.67 -33.66
N ASP K 297 -45.70 95.57 -34.32
CA ASP K 297 -46.37 95.29 -35.60
C ASP K 297 -45.75 96.18 -36.67
N PHE K 298 -44.95 95.59 -37.54
CA PHE K 298 -44.29 96.34 -38.61
C PHE K 298 -44.28 95.50 -39.88
N GLN K 299 -44.47 96.16 -41.02
CA GLN K 299 -44.50 95.48 -42.32
C GLN K 299 -43.11 95.38 -42.92
N SER K 300 -42.42 96.51 -43.08
CA SER K 300 -41.08 96.50 -43.64
C SER K 300 -40.09 95.94 -42.64
N GLY K 301 -38.83 95.85 -43.05
CA GLY K 301 -37.77 95.59 -42.09
C GLY K 301 -37.56 96.75 -41.16
N ALA K 302 -37.57 97.96 -41.68
CA ALA K 302 -37.36 99.17 -40.88
C ALA K 302 -37.89 100.36 -41.66
N MET K 303 -37.70 101.56 -41.08
CA MET K 303 -38.10 102.79 -41.74
C MET K 303 -37.17 103.90 -41.28
N GLU K 304 -36.90 104.84 -42.20
CA GLU K 304 -35.86 105.84 -42.02
C GLU K 304 -36.40 107.20 -41.55
N ASN K 305 -37.47 107.20 -40.75
CA ASN K 305 -38.04 108.45 -40.28
C ASN K 305 -36.97 109.28 -39.58
N TRP K 306 -36.79 110.51 -40.03
CA TRP K 306 -35.71 111.37 -39.57
C TRP K 306 -35.78 111.60 -38.07
N GLY K 307 -34.80 111.08 -37.34
CA GLY K 307 -34.77 111.21 -35.89
C GLY K 307 -35.56 110.16 -35.14
N LEU K 308 -36.29 109.29 -35.84
CA LEU K 308 -37.10 108.26 -35.20
C LEU K 308 -37.24 107.08 -36.16
N THR K 309 -36.15 106.34 -36.33
CA THR K 309 -36.20 105.13 -37.12
C THR K 309 -36.99 104.06 -36.39
N THR K 310 -37.81 103.32 -37.13
CA THR K 310 -38.64 102.26 -36.58
C THR K 310 -38.18 100.92 -37.16
N TYR K 311 -38.33 99.86 -36.37
CA TYR K 311 -37.81 98.56 -36.74
C TYR K 311 -38.79 97.47 -36.36
N ARG K 312 -38.57 96.30 -36.95
CA ARG K 312 -39.15 95.08 -36.41
C ARG K 312 -38.36 94.69 -35.16
N GLU K 313 -39.06 94.16 -34.17
CA GLU K 313 -38.39 93.65 -32.98
C GLU K 313 -37.35 92.61 -33.37
N SER K 314 -37.69 91.74 -34.33
CA SER K 314 -36.74 90.77 -34.84
C SER K 314 -35.55 91.44 -35.52
N ALA K 315 -35.76 92.61 -36.11
CA ALA K 315 -34.71 93.29 -36.86
C ALA K 315 -33.90 94.27 -36.03
N LEU K 316 -34.25 94.47 -34.76
CA LEU K 316 -33.48 95.39 -33.93
C LEU K 316 -32.97 94.77 -32.63
N LEU K 317 -33.74 93.88 -32.02
CA LEU K 317 -33.41 93.39 -30.69
C LEU K 317 -32.56 92.12 -30.76
N PHE K 318 -31.59 92.03 -29.86
CA PHE K 318 -30.59 90.96 -29.88
C PHE K 318 -30.49 90.32 -28.50
N ASP K 319 -30.72 89.01 -28.44
CA ASP K 319 -30.63 88.24 -27.22
C ASP K 319 -29.41 87.33 -27.31
N ALA K 320 -28.43 87.56 -26.42
CA ALA K 320 -27.20 86.79 -26.48
C ALA K 320 -27.42 85.30 -26.27
N GLU K 321 -28.49 84.93 -25.57
CA GLU K 321 -28.73 83.53 -25.24
C GLU K 321 -29.44 82.75 -26.34
N LYS K 322 -30.21 83.43 -27.19
CA LYS K 322 -31.06 82.74 -28.17
C LYS K 322 -30.96 83.26 -29.60
N SER K 323 -30.49 84.47 -29.82
CA SER K 323 -30.40 85.00 -31.17
C SER K 323 -29.23 84.39 -31.92
N SER K 324 -29.42 84.23 -33.23
CA SER K 324 -28.42 83.61 -34.09
C SER K 324 -27.43 84.62 -34.63
N ALA K 325 -26.28 84.11 -35.08
CA ALA K 325 -25.28 84.97 -35.72
C ALA K 325 -25.85 85.64 -36.97
N SER K 326 -26.69 84.90 -37.71
CA SER K 326 -27.44 85.52 -38.80
C SER K 326 -28.26 86.71 -38.30
N SER K 327 -28.93 86.56 -37.16
CA SER K 327 -29.72 87.65 -36.61
C SER K 327 -28.86 88.84 -36.24
N LYS K 328 -27.68 88.59 -35.66
CA LYS K 328 -26.80 89.70 -35.28
C LYS K 328 -26.30 90.44 -36.52
N LEU K 329 -25.88 89.70 -37.54
CA LEU K 329 -25.48 90.32 -38.80
C LEU K 329 -26.63 91.14 -39.40
N GLY K 330 -27.85 90.59 -39.35
CA GLY K 330 -28.98 91.30 -39.90
C GLY K 330 -29.28 92.58 -39.15
N ILE K 331 -29.19 92.55 -37.82
CA ILE K 331 -29.39 93.75 -37.02
C ILE K 331 -28.37 94.81 -37.38
N THR K 332 -27.09 94.40 -37.49
CA THR K 332 -26.05 95.36 -37.84
C THR K 332 -26.31 96.00 -39.20
N MET K 333 -26.63 95.17 -40.21
CA MET K 333 -26.85 95.67 -41.55
C MET K 333 -28.08 96.57 -41.61
N THR K 334 -29.12 96.25 -40.83
CA THR K 334 -30.33 97.08 -40.84
C THR K 334 -30.08 98.44 -40.21
N VAL K 335 -29.38 98.46 -39.07
CA VAL K 335 -29.04 99.74 -38.44
C VAL K 335 -28.19 100.57 -39.39
N ALA K 336 -27.23 99.94 -40.07
CA ALA K 336 -26.41 100.66 -41.04
C ALA K 336 -27.26 101.20 -42.18
N HIS K 337 -28.22 100.42 -42.67
CA HIS K 337 -29.09 100.86 -43.74
C HIS K 337 -29.87 102.10 -43.35
N GLU K 338 -30.48 102.09 -42.17
CA GLU K 338 -31.31 103.23 -41.78
C GLU K 338 -30.45 104.46 -41.48
N LEU K 339 -29.29 104.28 -40.85
CA LEU K 339 -28.44 105.43 -40.59
C LEU K 339 -27.84 105.98 -41.89
N ALA K 340 -27.67 105.14 -42.91
CA ALA K 340 -27.29 105.63 -44.23
C ALA K 340 -28.44 106.39 -44.89
N HIS K 341 -29.68 105.90 -44.69
CA HIS K 341 -30.84 106.62 -45.19
C HIS K 341 -30.95 108.01 -44.58
N GLN K 342 -30.44 108.17 -43.36
CA GLN K 342 -30.43 109.49 -42.73
C GLN K 342 -29.76 110.54 -43.62
N TRP K 343 -28.85 110.12 -44.50
CA TRP K 343 -28.26 111.02 -45.49
C TRP K 343 -28.81 110.81 -46.89
N PHE K 344 -28.79 109.58 -47.39
CA PHE K 344 -29.29 109.27 -48.74
C PHE K 344 -30.79 108.99 -48.64
N GLY K 345 -31.59 110.04 -48.73
CA GLY K 345 -33.03 109.90 -48.65
C GLY K 345 -33.69 111.01 -47.86
N ASN K 346 -33.08 111.36 -46.73
CA ASN K 346 -33.62 112.39 -45.85
C ASN K 346 -32.97 113.74 -46.10
N LEU K 347 -31.64 113.81 -46.00
CA LEU K 347 -30.92 115.03 -46.33
C LEU K 347 -31.09 115.37 -47.80
N VAL K 348 -30.78 114.42 -48.68
CA VAL K 348 -30.98 114.56 -50.12
C VAL K 348 -32.03 113.54 -50.53
N THR K 349 -33.18 114.02 -50.99
CA THR K 349 -34.27 113.13 -51.36
C THR K 349 -34.45 113.13 -52.87
N MET K 350 -34.85 111.98 -53.42
CA MET K 350 -35.22 111.94 -54.82
C MET K 350 -36.44 112.85 -55.03
N GLU K 351 -36.61 113.33 -56.27
CA GLU K 351 -37.72 114.24 -56.50
C GLU K 351 -39.01 113.50 -56.75
N TRP K 352 -38.95 112.38 -57.48
CA TRP K 352 -40.13 111.56 -57.74
C TRP K 352 -39.74 110.10 -57.59
N TRP K 353 -40.74 109.27 -57.27
CA TRP K 353 -40.56 107.87 -56.91
C TRP K 353 -40.01 107.04 -58.07
N ASN K 354 -39.87 107.65 -59.25
CA ASN K 354 -39.24 106.95 -60.36
C ASN K 354 -37.75 106.75 -60.10
N ASP K 355 -37.13 107.65 -59.32
CA ASP K 355 -35.74 107.54 -58.93
C ASP K 355 -35.58 107.09 -57.47
N LEU K 356 -36.49 106.24 -56.99
CA LEU K 356 -36.40 105.69 -55.64
C LEU K 356 -35.08 104.97 -55.41
N TRP K 357 -34.44 104.51 -56.48
CA TRP K 357 -33.16 103.81 -56.32
C TRP K 357 -32.09 104.73 -55.77
N LEU K 358 -32.13 106.03 -56.11
CA LEU K 358 -31.17 106.99 -55.57
C LEU K 358 -31.18 107.01 -54.05
N ASN K 359 -32.28 106.59 -53.42
CA ASN K 359 -32.32 106.39 -51.98
C ASN K 359 -31.94 104.96 -51.62
N GLU K 360 -32.67 104.00 -52.18
CA GLU K 360 -32.62 102.64 -51.65
C GLU K 360 -31.34 101.90 -52.03
N GLY K 361 -30.92 101.99 -53.29
CA GLY K 361 -29.67 101.35 -53.68
C GLY K 361 -28.47 101.94 -52.96
N PHE K 362 -28.45 103.26 -52.80
CA PHE K 362 -27.36 103.90 -52.07
C PHE K 362 -27.35 103.46 -50.61
N ALA K 363 -28.53 103.32 -50.00
CA ALA K 363 -28.55 102.87 -48.61
C ALA K 363 -28.08 101.42 -48.49
N LYS K 364 -28.56 100.55 -49.39
CA LYS K 364 -28.15 99.15 -49.37
C LYS K 364 -26.66 99.00 -49.62
N PHE K 365 -26.06 99.90 -50.41
CA PHE K 365 -24.62 99.84 -50.64
C PHE K 365 -23.83 100.41 -49.47
N MET K 366 -24.35 101.49 -48.86
CA MET K 366 -23.69 102.02 -47.68
C MET K 366 -23.72 101.03 -46.53
N GLU K 367 -24.72 100.13 -46.52
CA GLU K 367 -24.66 98.99 -45.61
C GLU K 367 -23.28 98.34 -45.64
N PHE K 368 -22.88 97.86 -46.82
CA PHE K 368 -21.59 97.20 -46.99
C PHE K 368 -20.45 98.15 -46.68
N VAL K 369 -20.47 99.34 -47.30
CA VAL K 369 -19.37 100.29 -47.16
C VAL K 369 -19.09 100.62 -45.70
N SER K 370 -20.15 100.69 -44.88
CA SER K 370 -20.02 101.08 -43.49
C SER K 370 -19.69 99.91 -42.58
N VAL K 371 -20.38 98.78 -42.75
CA VAL K 371 -20.18 97.65 -41.84
C VAL K 371 -18.82 97.03 -42.06
N SER K 372 -18.35 96.95 -43.32
CA SER K 372 -17.03 96.40 -43.59
C SER K 372 -15.91 97.15 -42.88
N VAL K 373 -16.18 98.35 -42.39
CA VAL K 373 -15.20 99.13 -41.64
C VAL K 373 -15.51 99.11 -40.14
N THR K 374 -16.77 99.30 -39.77
CA THR K 374 -17.11 99.46 -38.36
C THR K 374 -17.11 98.13 -37.62
N HIS K 375 -17.57 97.05 -38.27
CA HIS K 375 -17.62 95.72 -37.68
C HIS K 375 -16.91 94.74 -38.59
N PRO K 376 -15.58 94.83 -38.69
CA PRO K 376 -14.85 93.98 -39.63
C PRO K 376 -14.86 92.51 -39.26
N GLU K 377 -15.18 92.16 -38.02
CA GLU K 377 -15.28 90.75 -37.65
C GLU K 377 -16.42 90.05 -38.38
N LEU K 378 -17.37 90.80 -38.94
CA LEU K 378 -18.47 90.20 -39.69
C LEU K 378 -18.02 89.80 -41.10
N LYS K 379 -17.17 90.61 -41.73
CA LYS K 379 -16.68 90.37 -43.09
C LYS K 379 -17.85 90.23 -44.06
N VAL K 380 -18.62 91.32 -44.18
CA VAL K 380 -19.82 91.33 -45.01
C VAL K 380 -19.52 91.23 -46.50
N GLY K 381 -18.26 91.47 -46.90
CA GLY K 381 -17.86 91.25 -48.28
C GLY K 381 -17.97 89.80 -48.71
N ASP K 382 -18.04 88.87 -47.75
CA ASP K 382 -18.23 87.47 -48.09
C ASP K 382 -19.64 87.21 -48.59
N TYR K 383 -20.64 87.84 -47.96
CA TYR K 383 -22.04 87.53 -48.23
C TYR K 383 -22.76 88.58 -49.05
N PHE K 384 -22.10 89.68 -49.41
CA PHE K 384 -22.82 90.77 -50.08
C PHE K 384 -23.41 90.34 -51.43
N PHE K 385 -22.61 89.69 -52.28
CA PHE K 385 -22.95 89.57 -53.70
C PHE K 385 -24.06 88.55 -53.99
N GLY K 386 -24.52 87.80 -52.99
CA GLY K 386 -25.77 87.08 -53.14
C GLY K 386 -26.90 88.00 -53.55
N LYS K 387 -26.85 89.26 -53.12
CA LYS K 387 -27.79 90.27 -53.59
C LYS K 387 -27.74 90.40 -55.10
N CYS K 388 -26.54 90.58 -55.66
CA CYS K 388 -26.41 90.73 -57.11
C CYS K 388 -26.93 89.49 -57.83
N PHE K 389 -26.60 88.31 -57.32
CA PHE K 389 -27.04 87.07 -57.98
C PHE K 389 -28.56 86.94 -57.97
N ASP K 390 -29.17 87.09 -56.79
CA ASP K 390 -30.62 86.97 -56.70
C ASP K 390 -31.33 88.06 -57.49
N ALA K 391 -30.72 89.24 -57.61
CA ALA K 391 -31.31 90.29 -58.42
C ALA K 391 -31.23 89.95 -59.90
N MET K 392 -30.10 89.39 -60.35
CA MET K 392 -29.98 88.95 -61.73
C MET K 392 -31.01 87.88 -62.06
N GLU K 393 -31.33 87.02 -61.08
CA GLU K 393 -32.32 85.97 -61.29
C GLU K 393 -33.63 86.51 -61.85
N VAL K 394 -34.02 87.73 -61.46
CA VAL K 394 -35.28 88.31 -61.90
C VAL K 394 -35.04 89.35 -62.99
N ASP K 395 -33.90 90.04 -62.94
CA ASP K 395 -33.62 91.04 -63.96
C ASP K 395 -33.34 90.42 -65.31
N ALA K 396 -32.97 89.14 -65.34
CA ALA K 396 -32.86 88.43 -66.61
C ALA K 396 -34.21 88.22 -67.27
N LEU K 397 -35.29 88.58 -66.59
CA LEU K 397 -36.62 88.40 -67.13
C LEU K 397 -36.97 89.53 -68.08
N ASN K 398 -37.88 89.22 -69.00
CA ASN K 398 -38.35 90.17 -69.99
C ASN K 398 -39.30 91.19 -69.37
N SER K 399 -40.03 90.82 -68.31
CA SER K 399 -40.90 91.76 -67.62
C SER K 399 -40.15 92.67 -66.65
N SER K 400 -38.84 92.50 -66.50
CA SER K 400 -38.06 93.38 -65.65
C SER K 400 -38.08 94.80 -66.19
N HIS K 401 -37.73 95.74 -65.34
CA HIS K 401 -37.75 97.16 -65.68
C HIS K 401 -36.37 97.77 -65.46
N PRO K 402 -36.08 98.90 -66.11
CA PRO K 402 -34.83 99.61 -65.82
C PRO K 402 -34.83 100.13 -64.39
N VAL K 403 -33.62 100.45 -63.91
CA VAL K 403 -33.48 100.94 -62.54
C VAL K 403 -34.30 102.21 -62.34
N SER K 404 -34.38 103.06 -63.37
CA SER K 404 -35.16 104.29 -63.32
C SER K 404 -36.26 104.18 -64.38
N THR K 405 -37.52 104.12 -63.92
CA THR K 405 -38.66 103.93 -64.80
C THR K 405 -39.84 104.70 -64.22
N PRO K 406 -40.71 105.25 -65.07
CA PRO K 406 -41.79 106.10 -64.58
C PRO K 406 -42.86 105.30 -63.83
N VAL K 407 -43.37 105.92 -62.76
CA VAL K 407 -44.48 105.38 -61.97
C VAL K 407 -45.38 106.53 -61.59
N GLU K 408 -46.66 106.25 -61.40
CA GLU K 408 -47.60 107.32 -61.06
C GLU K 408 -48.45 106.98 -59.84
N ASN K 409 -49.25 105.92 -59.90
CA ASN K 409 -50.18 105.64 -58.82
C ASN K 409 -49.50 104.94 -57.65
N PRO K 410 -50.12 104.97 -56.46
CA PRO K 410 -49.48 104.37 -55.27
C PRO K 410 -49.12 102.91 -55.43
N ALA K 411 -49.90 102.12 -56.18
CA ALA K 411 -49.55 100.72 -56.38
C ALA K 411 -48.23 100.58 -57.11
N GLN K 412 -48.04 101.36 -58.17
CA GLN K 412 -46.77 101.35 -58.90
C GLN K 412 -45.64 101.84 -58.00
N ILE K 413 -45.91 102.87 -57.20
CA ILE K 413 -44.87 103.42 -56.32
C ILE K 413 -44.43 102.38 -55.31
N ARG K 414 -45.38 101.63 -54.74
CA ARG K 414 -45.04 100.54 -53.83
C ARG K 414 -44.28 99.44 -54.55
N GLU K 415 -44.66 99.15 -55.81
CA GLU K 415 -43.95 98.12 -56.57
C GLU K 415 -42.50 98.51 -56.82
N MET K 416 -42.20 99.81 -56.82
CA MET K 416 -40.81 100.24 -57.06
C MET K 416 -39.82 99.73 -56.01
N PHE K 417 -40.28 99.36 -54.82
CA PHE K 417 -39.40 98.85 -53.75
C PHE K 417 -39.09 97.37 -53.98
N ASP K 418 -38.36 97.09 -55.06
CA ASP K 418 -38.07 95.70 -55.41
C ASP K 418 -36.56 95.42 -55.46
N ASP K 419 -36.26 94.17 -55.86
CA ASP K 419 -34.87 93.72 -55.95
C ASP K 419 -34.06 94.58 -56.89
N VAL K 420 -34.68 95.11 -57.95
CA VAL K 420 -33.93 95.99 -58.85
C VAL K 420 -33.42 97.19 -58.07
N SER K 421 -34.35 97.96 -57.50
CA SER K 421 -34.01 99.22 -56.85
C SER K 421 -33.06 99.02 -55.68
N TYR K 422 -33.14 97.88 -54.99
CA TYR K 422 -32.21 97.64 -53.86
C TYR K 422 -30.93 96.99 -54.36
N ASP K 423 -31.00 95.71 -54.72
CA ASP K 423 -29.82 94.94 -55.03
C ASP K 423 -29.13 95.43 -56.30
N LYS K 424 -29.88 95.59 -57.40
CA LYS K 424 -29.23 95.98 -58.64
C LYS K 424 -28.65 97.39 -58.54
N GLY K 425 -29.36 98.29 -57.86
CA GLY K 425 -28.80 99.62 -57.62
C GLY K 425 -27.52 99.57 -56.83
N ALA K 426 -27.50 98.80 -55.74
CA ALA K 426 -26.29 98.68 -54.93
C ALA K 426 -25.16 98.02 -55.69
N CYS K 427 -25.47 97.05 -56.54
CA CYS K 427 -24.43 96.35 -57.29
C CYS K 427 -23.84 97.23 -58.38
N ILE K 428 -24.68 98.02 -59.07
CA ILE K 428 -24.12 98.94 -60.06
C ILE K 428 -23.35 100.07 -59.38
N LEU K 429 -23.76 100.46 -58.16
CA LEU K 429 -22.98 101.45 -57.42
C LEU K 429 -21.64 100.87 -56.98
N ASN K 430 -21.62 99.61 -56.55
CA ASN K 430 -20.37 98.93 -56.25
C ASN K 430 -19.47 98.87 -57.48
N MET K 431 -20.06 98.54 -58.63
CA MET K 431 -19.31 98.50 -59.89
C MET K 431 -18.73 99.87 -60.21
N LEU K 432 -19.49 100.94 -59.98
CA LEU K 432 -18.99 102.28 -60.25
C LEU K 432 -17.86 102.64 -59.30
N ARG K 433 -18.00 102.30 -58.01
CA ARG K 433 -16.93 102.58 -57.05
C ARG K 433 -15.67 101.80 -57.37
N GLU K 434 -15.81 100.58 -57.91
CA GLU K 434 -14.65 99.79 -58.28
C GLU K 434 -14.04 100.26 -59.60
N TYR K 435 -14.85 100.83 -60.49
CA TYR K 435 -14.29 101.37 -61.73
C TYR K 435 -13.52 102.66 -61.45
N LEU K 436 -14.15 103.61 -60.78
CA LEU K 436 -13.43 104.78 -60.29
C LEU K 436 -12.54 104.39 -59.12
N SER K 437 -11.79 105.37 -58.61
CA SER K 437 -11.10 105.17 -57.34
C SER K 437 -12.09 105.26 -56.20
N ALA K 438 -11.81 104.51 -55.13
CA ALA K 438 -12.63 104.62 -53.93
C ALA K 438 -12.61 106.04 -53.38
N ASP K 439 -11.44 106.69 -53.42
CA ASP K 439 -11.35 108.08 -52.99
C ASP K 439 -12.06 109.01 -53.95
N ALA K 440 -11.95 108.76 -55.25
CA ALA K 440 -12.68 109.57 -56.22
C ALA K 440 -14.18 109.38 -56.08
N PHE K 441 -14.62 108.14 -55.83
CA PHE K 441 -16.04 107.87 -55.58
C PHE K 441 -16.51 108.60 -54.32
N LYS K 442 -15.68 108.60 -53.27
CA LYS K 442 -16.04 109.35 -52.07
C LYS K 442 -16.16 110.84 -52.37
N SER K 443 -15.22 111.40 -53.12
CA SER K 443 -15.31 112.81 -53.48
C SER K 443 -16.59 113.09 -54.26
N GLY K 444 -16.96 112.20 -55.18
CA GLY K 444 -18.19 112.39 -55.93
C GLY K 444 -19.42 112.40 -55.05
N ILE K 445 -19.53 111.41 -54.15
CA ILE K 445 -20.73 111.33 -53.32
C ILE K 445 -20.76 112.47 -52.30
N VAL K 446 -19.59 112.89 -51.80
CA VAL K 446 -19.55 113.99 -50.85
C VAL K 446 -19.97 115.29 -51.52
N GLN K 447 -19.44 115.56 -52.72
CA GLN K 447 -19.84 116.74 -53.47
C GLN K 447 -21.33 116.71 -53.77
N TYR K 448 -21.85 115.53 -54.12
CA TYR K 448 -23.29 115.36 -54.37
C TYR K 448 -24.11 115.75 -53.14
N LEU K 449 -23.80 115.14 -51.99
CA LEU K 449 -24.57 115.40 -50.78
C LEU K 449 -24.46 116.85 -50.34
N GLN K 450 -23.26 117.42 -50.41
CA GLN K 450 -23.07 118.80 -49.99
C GLN K 450 -23.81 119.77 -50.90
N LYS K 451 -23.81 119.50 -52.21
CA LYS K 451 -24.50 120.39 -53.14
C LYS K 451 -26.02 120.27 -53.01
N HIS K 452 -26.53 119.07 -52.70
CA HIS K 452 -27.97 118.86 -52.73
C HIS K 452 -28.57 118.65 -51.35
N SER K 453 -27.88 119.07 -50.29
CA SER K 453 -28.47 119.00 -48.96
C SER K 453 -29.80 119.75 -48.92
N TYR K 454 -30.78 119.16 -48.23
CA TYR K 454 -32.10 119.76 -48.05
C TYR K 454 -32.81 120.00 -49.38
N LYS K 455 -32.52 119.18 -50.39
CA LYS K 455 -33.13 119.33 -51.71
C LYS K 455 -33.56 117.98 -52.25
N ASN K 456 -34.04 118.01 -53.51
CA ASN K 456 -34.44 116.82 -54.24
C ASN K 456 -33.63 116.72 -55.52
N THR K 457 -33.33 115.49 -55.92
CA THR K 457 -32.50 115.21 -57.07
C THR K 457 -33.13 114.13 -57.95
N LYS K 458 -32.83 114.20 -59.25
CA LYS K 458 -33.17 113.16 -60.20
C LYS K 458 -31.93 112.35 -60.56
N ASN K 459 -32.13 111.40 -61.48
CA ASN K 459 -31.07 110.46 -61.87
C ASN K 459 -29.84 111.16 -62.43
N GLU K 460 -30.00 112.37 -63.00
CA GLU K 460 -28.91 113.03 -63.71
C GLU K 460 -27.93 113.73 -62.76
N ASP K 461 -28.40 114.13 -61.58
CA ASP K 461 -27.56 114.87 -60.65
C ASP K 461 -26.39 114.04 -60.15
N LEU K 462 -26.62 112.73 -59.92
CA LEU K 462 -25.54 111.87 -59.48
C LEU K 462 -24.45 111.77 -60.52
N TRP K 463 -24.83 111.61 -61.80
CA TRP K 463 -23.84 111.51 -62.85
C TRP K 463 -23.10 112.83 -63.04
N ASP K 464 -23.80 113.95 -62.85
CA ASP K 464 -23.12 115.25 -62.90
C ASP K 464 -22.07 115.36 -61.79
N SER K 465 -22.44 114.99 -60.57
CA SER K 465 -21.50 115.08 -59.45
C SER K 465 -20.35 114.09 -59.61
N MET K 466 -20.59 112.96 -60.27
CA MET K 466 -19.52 111.99 -60.49
C MET K 466 -18.57 112.45 -61.60
N ALA K 467 -19.11 113.06 -62.65
CA ALA K 467 -18.26 113.55 -63.73
C ALA K 467 -17.48 114.78 -63.32
N SER K 468 -17.97 115.53 -62.31
CA SER K 468 -17.19 116.63 -61.78
C SER K 468 -15.94 116.17 -61.04
N ILE K 469 -15.81 114.88 -60.76
CA ILE K 469 -14.64 114.33 -60.10
C ILE K 469 -13.84 113.43 -61.04
N GLY K 470 -14.52 112.69 -61.91
CA GLY K 470 -13.84 111.83 -62.87
C GLY K 470 -13.31 112.61 -64.05
N GLY K 471 -12.03 112.98 -64.00
CA GLY K 471 -11.46 113.85 -64.99
C GLY K 471 -10.23 113.29 -65.69
N GLY K 472 -10.05 111.98 -65.65
CA GLY K 472 -8.98 111.35 -66.39
C GLY K 472 -9.45 110.84 -67.74
N GLY K 473 -10.43 111.54 -68.31
CA GLY K 473 -11.09 111.08 -69.52
C GLY K 473 -12.25 110.14 -69.28
N VAL K 474 -12.99 110.34 -68.19
CA VAL K 474 -14.04 109.42 -67.77
C VAL K 474 -15.37 110.18 -67.83
N ASP K 475 -16.17 109.89 -68.85
CA ASP K 475 -17.52 110.45 -68.96
C ASP K 475 -18.47 109.45 -68.31
N VAL K 476 -18.65 109.59 -66.99
CA VAL K 476 -19.43 108.66 -66.20
C VAL K 476 -20.89 108.60 -66.64
N LYS K 477 -21.41 109.70 -67.20
CA LYS K 477 -22.84 109.80 -67.46
C LYS K 477 -23.28 108.79 -68.51
N THR K 478 -22.56 108.73 -69.63
CA THR K 478 -22.94 107.83 -70.71
C THR K 478 -22.91 106.38 -70.25
N MET K 479 -21.87 106.00 -69.50
CA MET K 479 -21.79 104.65 -68.97
C MET K 479 -22.96 104.33 -68.05
N MET K 480 -23.22 105.20 -67.07
CA MET K 480 -24.26 104.91 -66.08
C MET K 480 -25.67 105.01 -66.63
N ASN K 481 -25.89 105.73 -67.73
CA ASN K 481 -27.21 105.71 -68.35
C ASN K 481 -27.54 104.34 -68.92
N THR K 482 -26.56 103.67 -69.53
CA THR K 482 -26.79 102.31 -70.01
C THR K 482 -27.14 101.36 -68.86
N TRP K 483 -26.66 101.64 -67.65
CA TRP K 483 -26.93 100.74 -66.54
C TRP K 483 -28.23 101.05 -65.82
N THR K 484 -28.68 102.32 -65.85
CA THR K 484 -29.87 102.70 -65.10
C THR K 484 -31.12 102.94 -65.94
N LEU K 485 -30.98 103.14 -67.25
CA LEU K 485 -32.12 103.49 -68.10
C LEU K 485 -32.58 102.36 -69.00
N GLN K 486 -31.99 101.18 -68.92
CA GLN K 486 -32.46 100.01 -69.65
C GLN K 486 -32.38 98.78 -68.75
N LYS K 487 -33.34 97.88 -68.92
CA LYS K 487 -33.46 96.71 -68.07
C LYS K 487 -32.36 95.68 -68.41
N GLY K 488 -32.29 94.64 -67.57
CA GLY K 488 -31.42 93.51 -67.83
C GLY K 488 -29.96 93.79 -67.54
N PHE K 489 -29.14 92.81 -67.93
CA PHE K 489 -27.70 92.86 -67.70
C PHE K 489 -27.03 92.09 -68.83
N PRO K 490 -25.74 92.34 -69.08
CA PRO K 490 -25.08 91.73 -70.24
C PRO K 490 -24.41 90.39 -69.99
N LEU K 491 -24.41 89.61 -71.07
CA LEU K 491 -23.58 88.41 -71.23
C LEU K 491 -22.32 88.78 -72.01
N ILE K 492 -21.17 88.43 -71.44
CA ILE K 492 -19.86 88.68 -72.05
C ILE K 492 -19.28 87.32 -72.44
N THR K 493 -19.18 87.08 -73.73
CA THR K 493 -18.56 85.88 -74.27
C THR K 493 -17.07 86.14 -74.51
N ILE K 494 -16.24 85.22 -74.03
CA ILE K 494 -14.79 85.36 -74.05
C ILE K 494 -14.21 84.20 -74.85
N THR K 495 -13.48 84.52 -75.92
CA THR K 495 -12.80 83.53 -76.74
C THR K 495 -11.30 83.79 -76.68
N VAL K 496 -10.52 82.73 -76.48
CA VAL K 496 -9.06 82.84 -76.38
C VAL K 496 -8.43 82.01 -77.50
N ARG K 497 -7.58 82.66 -78.31
CA ARG K 497 -6.82 82.00 -79.39
C ARG K 497 -5.35 82.33 -79.17
N GLY K 498 -4.71 81.60 -78.25
CA GLY K 498 -3.34 81.86 -77.89
C GLY K 498 -3.19 83.13 -77.07
N ARG K 499 -2.78 84.23 -77.70
CA ARG K 499 -2.63 85.50 -77.02
C ARG K 499 -3.73 86.51 -77.35
N ASN K 500 -4.68 86.14 -78.20
CA ASN K 500 -5.77 87.02 -78.59
C ASN K 500 -7.01 86.68 -77.78
N VAL K 501 -7.67 87.71 -77.23
CA VAL K 501 -8.86 87.56 -76.41
C VAL K 501 -9.98 88.38 -77.04
N HIS K 502 -10.98 87.68 -77.60
CA HIS K 502 -12.16 88.31 -78.17
C HIS K 502 -13.26 88.39 -77.11
N MET K 503 -13.89 89.56 -76.99
CA MET K 503 -14.96 89.80 -76.05
C MET K 503 -16.19 90.28 -76.81
N LYS K 504 -17.34 89.66 -76.53
CA LYS K 504 -18.61 90.06 -77.15
C LYS K 504 -19.67 90.25 -76.08
N GLN K 505 -20.46 91.31 -76.20
CA GLN K 505 -21.52 91.58 -75.24
C GLN K 505 -22.89 91.47 -75.91
N GLU K 506 -23.85 90.94 -75.15
CA GLU K 506 -25.24 90.90 -75.60
C GLU K 506 -26.15 90.99 -74.38
N HIS K 507 -27.44 91.18 -74.65
CA HIS K 507 -28.41 91.24 -73.56
C HIS K 507 -28.75 89.83 -73.13
N TYR K 508 -28.47 89.51 -71.86
CA TYR K 508 -28.85 88.22 -71.31
C TYR K 508 -30.35 88.25 -71.01
N MET K 509 -31.10 87.36 -71.66
CA MET K 509 -32.54 87.29 -71.47
C MET K 509 -32.95 85.82 -71.49
N LYS K 510 -33.60 85.38 -70.42
CA LYS K 510 -34.09 84.00 -70.36
C LYS K 510 -35.16 83.79 -71.43
N GLY K 511 -34.84 82.99 -72.43
CA GLY K 511 -35.71 82.80 -73.59
C GLY K 511 -37.13 82.38 -73.27
N ASP K 517 -32.56 89.64 -78.48
CA ASP K 517 -33.40 90.00 -79.62
C ASP K 517 -33.91 91.43 -79.49
N THR K 518 -33.20 92.24 -78.70
CA THR K 518 -33.57 93.63 -78.46
C THR K 518 -32.57 94.60 -79.08
N GLY K 519 -31.29 94.50 -78.71
CA GLY K 519 -30.30 95.43 -79.20
C GLY K 519 -29.85 96.43 -78.14
N TYR K 520 -29.59 95.93 -76.94
CA TYR K 520 -29.11 96.76 -75.85
C TYR K 520 -27.58 96.77 -75.84
N LEU K 521 -27.02 97.87 -75.33
CA LEU K 521 -25.57 98.02 -75.22
C LEU K 521 -25.22 98.68 -73.91
N TRP K 522 -24.22 98.14 -73.22
CA TRP K 522 -23.74 98.68 -71.96
C TRP K 522 -22.30 99.12 -72.12
N HIS K 523 -21.84 99.91 -71.16
CA HIS K 523 -20.42 100.23 -71.00
C HIS K 523 -19.94 99.35 -69.85
N VAL K 524 -19.45 98.15 -70.18
CA VAL K 524 -19.17 97.12 -69.20
C VAL K 524 -17.71 97.30 -68.74
N PRO K 525 -17.47 97.68 -67.49
CA PRO K 525 -16.10 97.74 -66.99
C PRO K 525 -15.57 96.35 -66.69
N LEU K 526 -14.98 95.70 -67.69
CA LEU K 526 -14.53 94.33 -67.50
C LEU K 526 -13.29 94.29 -66.62
N THR K 527 -13.19 93.24 -65.81
CA THR K 527 -12.02 92.96 -65.00
C THR K 527 -11.73 91.48 -65.12
N PHE K 528 -10.45 91.14 -65.17
CA PHE K 528 -10.08 89.74 -65.39
C PHE K 528 -8.73 89.45 -64.76
N ILE K 529 -8.51 88.16 -64.50
CA ILE K 529 -7.21 87.64 -64.07
C ILE K 529 -6.87 86.45 -64.96
N THR K 530 -5.61 86.03 -64.88
CA THR K 530 -5.09 84.93 -65.69
C THR K 530 -4.43 83.91 -64.77
N SER K 531 -3.98 82.80 -65.37
CA SER K 531 -3.27 81.78 -64.61
C SER K 531 -1.86 82.22 -64.22
N LYS K 532 -1.34 83.27 -64.86
CA LYS K 532 0.00 83.77 -64.56
C LYS K 532 0.00 84.90 -63.53
N SER K 533 -1.17 85.38 -63.11
CA SER K 533 -1.21 86.59 -62.31
C SER K 533 -2.53 86.70 -61.56
N ASP K 534 -2.46 86.90 -60.25
CA ASP K 534 -3.61 87.26 -59.45
C ASP K 534 -3.90 88.76 -59.50
N MET K 535 -3.12 89.53 -60.24
CA MET K 535 -3.31 90.97 -60.35
C MET K 535 -4.48 91.29 -61.26
N VAL K 536 -5.29 92.27 -60.86
CA VAL K 536 -6.51 92.61 -61.58
C VAL K 536 -6.19 93.63 -62.67
N HIS K 537 -6.40 93.23 -63.92
CA HIS K 537 -6.35 94.12 -65.07
C HIS K 537 -7.77 94.43 -65.54
N ARG K 538 -7.94 95.66 -66.06
CA ARG K 538 -9.25 96.16 -66.44
C ARG K 538 -9.32 96.46 -67.94
N PHE K 539 -10.55 96.59 -68.44
CA PHE K 539 -10.80 96.91 -69.84
C PHE K 539 -12.25 97.38 -69.95
N LEU K 540 -12.46 98.50 -70.64
CA LEU K 540 -13.79 99.09 -70.77
C LEU K 540 -14.35 98.73 -72.14
N LEU K 541 -15.31 97.80 -72.15
CA LEU K 541 -15.95 97.35 -73.39
C LEU K 541 -17.09 98.29 -73.74
N LYS K 542 -16.88 99.13 -74.77
CA LYS K 542 -17.86 100.14 -75.15
C LYS K 542 -18.67 99.78 -76.40
N THR K 543 -18.29 98.74 -77.13
CA THR K 543 -18.95 98.39 -78.39
C THR K 543 -19.55 96.99 -78.30
N LYS K 544 -20.05 96.51 -79.45
CA LYS K 544 -20.63 95.17 -79.51
C LYS K 544 -19.56 94.11 -79.28
N THR K 545 -18.46 94.19 -80.03
CA THR K 545 -17.34 93.27 -79.90
C THR K 545 -16.05 94.06 -79.81
N ASP K 546 -15.06 93.47 -79.16
CA ASP K 546 -13.72 94.04 -79.10
C ASP K 546 -12.73 92.92 -78.84
N VAL K 547 -11.45 93.27 -78.79
CA VAL K 547 -10.39 92.27 -78.67
C VAL K 547 -9.16 92.91 -78.07
N LEU K 548 -8.50 92.18 -77.17
CA LEU K 548 -7.22 92.59 -76.62
C LEU K 548 -6.19 91.49 -76.83
N ILE K 549 -4.93 91.82 -76.61
CA ILE K 549 -3.80 90.94 -76.87
C ILE K 549 -3.06 90.71 -75.56
N LEU K 550 -3.00 89.46 -75.12
CA LEU K 550 -2.29 89.12 -73.90
C LEU K 550 -0.78 89.17 -74.13
N PRO K 551 0.00 89.34 -73.05
CA PRO K 551 1.46 89.31 -73.19
C PRO K 551 2.04 87.91 -73.25
N GLU K 552 1.23 86.89 -73.07
CA GLU K 552 1.67 85.50 -72.99
C GLU K 552 0.45 84.60 -72.99
N GLU K 553 0.57 83.43 -73.60
CA GLU K 553 -0.52 82.46 -73.57
C GLU K 553 -0.80 82.06 -72.13
N VAL K 554 -2.08 81.76 -71.85
CA VAL K 554 -2.53 81.50 -70.50
C VAL K 554 -3.23 80.14 -70.43
N GLU K 555 -3.12 79.49 -69.27
CA GLU K 555 -3.83 78.23 -69.04
C GLU K 555 -5.33 78.48 -68.92
N TRP K 556 -5.72 79.47 -68.12
CA TRP K 556 -7.12 79.83 -67.94
C TRP K 556 -7.22 81.34 -67.72
N ILE K 557 -8.43 81.86 -67.92
CA ILE K 557 -8.71 83.27 -67.72
C ILE K 557 -10.08 83.40 -67.07
N LYS K 558 -10.20 84.32 -66.13
CA LYS K 558 -11.42 84.51 -65.34
C LYS K 558 -11.81 85.98 -65.38
N PHE K 559 -12.98 86.27 -65.92
CA PHE K 559 -13.50 87.62 -65.96
C PHE K 559 -14.41 87.89 -64.77
N ASN K 560 -14.71 89.18 -64.56
CA ASN K 560 -15.56 89.65 -63.46
C ASN K 560 -14.99 89.17 -62.11
N VAL K 561 -13.82 89.73 -61.79
CA VAL K 561 -13.08 89.29 -60.60
C VAL K 561 -13.81 89.73 -59.35
N GLY K 562 -14.11 88.78 -58.47
CA GLY K 562 -14.75 89.09 -57.21
C GLY K 562 -16.19 89.54 -57.32
N MET K 563 -16.83 89.31 -58.47
CA MET K 563 -18.23 89.70 -58.69
C MET K 563 -18.48 91.17 -58.38
N ASN K 564 -17.53 92.03 -58.76
CA ASN K 564 -17.71 93.47 -58.63
C ASN K 564 -18.33 94.08 -59.87
N GLY K 565 -18.75 93.27 -60.83
CA GLY K 565 -19.38 93.76 -62.04
C GLY K 565 -20.74 93.09 -62.23
N TYR K 566 -21.70 93.87 -62.71
CA TYR K 566 -23.08 93.39 -62.85
C TYR K 566 -23.31 92.82 -64.25
N TYR K 567 -22.66 91.69 -64.50
CA TYR K 567 -22.80 90.97 -65.77
C TYR K 567 -22.46 89.51 -65.53
N ILE K 568 -22.69 88.68 -66.55
CA ILE K 568 -22.25 87.30 -66.45
C ILE K 568 -21.32 86.99 -67.62
N VAL K 569 -20.48 85.96 -67.43
CA VAL K 569 -19.38 85.68 -68.35
C VAL K 569 -19.49 84.24 -68.83
N HIS K 570 -19.37 84.05 -70.15
CA HIS K 570 -19.33 82.75 -70.78
C HIS K 570 -18.00 82.60 -71.52
N TYR K 571 -17.46 81.38 -71.53
CA TYR K 571 -16.16 81.10 -72.12
C TYR K 571 -16.31 80.10 -73.26
N GLU K 572 -15.77 80.44 -74.42
CA GLU K 572 -15.88 79.58 -75.59
C GLU K 572 -14.86 78.46 -75.56
N ASP K 573 -15.11 77.44 -76.37
CA ASP K 573 -14.20 76.29 -76.57
C ASP K 573 -14.03 75.57 -75.24
N ASP K 574 -12.82 75.12 -74.91
CA ASP K 574 -12.55 74.40 -73.67
C ASP K 574 -12.29 75.32 -72.48
N GLY K 575 -12.79 76.55 -72.51
CA GLY K 575 -12.57 77.44 -71.37
C GLY K 575 -13.26 76.94 -70.12
N TRP K 576 -14.52 76.53 -70.26
CA TRP K 576 -15.23 75.97 -69.11
C TRP K 576 -14.62 74.65 -68.67
N ASP K 577 -14.10 73.86 -69.61
CA ASP K 577 -13.38 72.65 -69.24
C ASP K 577 -12.15 72.99 -68.40
N SER K 578 -11.41 74.02 -68.82
CA SER K 578 -10.23 74.45 -68.07
C SER K 578 -10.61 74.93 -66.67
N LEU K 579 -11.69 75.69 -66.55
CA LEU K 579 -12.09 76.18 -65.24
C LEU K 579 -12.61 75.05 -64.36
N THR K 580 -13.32 74.07 -64.94
CA THR K 580 -13.76 72.91 -64.18
C THR K 580 -12.57 72.09 -63.68
N GLY K 581 -11.56 71.89 -64.53
CA GLY K 581 -10.36 71.22 -64.09
C GLY K 581 -9.63 71.98 -62.99
N LEU K 582 -9.57 73.30 -63.13
CA LEU K 582 -8.97 74.14 -62.10
C LEU K 582 -9.68 73.96 -60.76
N LEU K 583 -11.02 74.00 -60.78
CA LEU K 583 -11.78 73.86 -59.55
C LEU K 583 -11.61 72.47 -58.95
N LYS K 584 -11.61 71.43 -59.78
CA LYS K 584 -11.45 70.07 -59.26
C LYS K 584 -10.03 69.81 -58.78
N GLY K 585 -9.05 70.56 -59.27
CA GLY K 585 -7.69 70.38 -58.82
C GLY K 585 -7.32 71.22 -57.60
N THR K 586 -7.24 72.53 -57.78
CA THR K 586 -6.84 73.45 -56.69
C THR K 586 -7.76 74.67 -56.76
N HIS K 587 -8.93 74.55 -56.12
CA HIS K 587 -9.90 75.65 -56.12
C HIS K 587 -9.36 76.92 -55.47
N THR K 588 -8.33 76.82 -54.63
CA THR K 588 -7.77 78.01 -54.00
C THR K 588 -6.99 78.88 -54.97
N ALA K 589 -6.89 78.51 -56.25
CA ALA K 589 -6.19 79.34 -57.22
C ALA K 589 -6.96 80.62 -57.52
N VAL K 590 -8.27 80.64 -57.29
CA VAL K 590 -9.09 81.83 -57.42
C VAL K 590 -9.81 82.06 -56.10
N SER K 591 -10.46 83.22 -55.99
CA SER K 591 -11.09 83.59 -54.73
C SER K 591 -12.44 82.89 -54.57
N SER K 592 -12.95 82.95 -53.33
CA SER K 592 -14.25 82.35 -53.01
C SER K 592 -15.37 82.98 -53.83
N ASN K 593 -15.37 84.31 -53.92
CA ASN K 593 -16.38 85.00 -54.72
C ASN K 593 -16.28 84.60 -56.18
N ASP K 594 -15.06 84.35 -56.67
CA ASP K 594 -14.89 83.92 -58.06
C ASP K 594 -15.47 82.53 -58.27
N ARG K 595 -15.23 81.61 -57.34
CA ARG K 595 -15.83 80.27 -57.45
C ARG K 595 -17.36 80.33 -57.42
N ALA K 596 -17.90 81.14 -56.51
CA ALA K 596 -19.36 81.29 -56.45
C ALA K 596 -19.90 81.86 -57.75
N SER K 597 -19.22 82.87 -58.30
CA SER K 597 -19.64 83.47 -59.57
C SER K 597 -19.57 82.44 -60.69
N LEU K 598 -18.55 81.58 -60.68
CA LEU K 598 -18.46 80.52 -61.69
C LEU K 598 -19.67 79.60 -61.63
N ILE K 599 -20.04 79.16 -60.43
CA ILE K 599 -21.22 78.29 -60.27
C ILE K 599 -22.46 78.99 -60.80
N ASN K 600 -22.71 80.22 -60.32
CA ASN K 600 -23.93 80.93 -60.71
C ASN K 600 -23.98 81.16 -62.21
N ASN K 601 -22.87 81.58 -62.81
CA ASN K 601 -22.84 81.85 -64.24
C ASN K 601 -23.03 80.58 -65.04
N ALA K 602 -22.40 79.48 -64.63
CA ALA K 602 -22.58 78.22 -65.33
C ALA K 602 -24.05 77.81 -65.37
N PHE K 603 -24.73 77.90 -64.22
CA PHE K 603 -26.12 77.46 -64.23
C PHE K 603 -27.03 78.44 -64.95
N GLN K 604 -26.75 79.74 -64.86
CA GLN K 604 -27.54 80.71 -65.62
C GLN K 604 -27.32 80.55 -67.12
N LEU K 605 -26.14 80.09 -67.54
CA LEU K 605 -25.92 79.79 -68.95
C LEU K 605 -26.61 78.51 -69.37
N VAL K 606 -26.69 77.53 -68.46
CA VAL K 606 -27.52 76.36 -68.74
C VAL K 606 -28.96 76.80 -68.99
N SER K 607 -29.42 77.81 -68.24
CA SER K 607 -30.80 78.27 -68.38
C SER K 607 -31.09 78.85 -69.76
N ILE K 608 -30.07 79.20 -70.55
CA ILE K 608 -30.29 79.76 -71.88
C ILE K 608 -29.65 78.93 -72.98
N GLY K 609 -28.96 77.83 -72.63
CA GLY K 609 -28.47 76.91 -73.62
C GLY K 609 -27.02 77.09 -74.04
N LYS K 610 -26.30 78.05 -73.45
CA LYS K 610 -24.89 78.23 -73.74
C LYS K 610 -24.01 77.17 -73.08
N LEU K 611 -24.57 76.34 -72.20
CA LEU K 611 -23.81 75.30 -71.52
C LEU K 611 -24.75 74.18 -71.12
N SER K 612 -24.26 72.95 -71.18
CA SER K 612 -25.09 71.80 -70.85
C SER K 612 -25.18 71.61 -69.35
N ILE K 613 -26.36 71.15 -68.91
CA ILE K 613 -26.57 70.87 -67.49
C ILE K 613 -25.61 69.79 -67.00
N GLU K 614 -25.21 68.87 -67.89
CA GLU K 614 -24.26 67.83 -67.52
C GLU K 614 -22.91 68.43 -67.14
N LYS K 615 -22.39 69.34 -67.98
CA LYS K 615 -21.13 70.00 -67.67
C LYS K 615 -21.26 70.91 -66.44
N ALA K 616 -22.42 71.54 -66.27
CA ALA K 616 -22.64 72.34 -65.06
C ALA K 616 -22.54 71.50 -63.80
N LEU K 617 -23.18 70.32 -63.80
CA LEU K 617 -23.11 69.46 -62.63
C LEU K 617 -21.72 68.87 -62.45
N ASP K 618 -21.02 68.56 -63.54
CA ASP K 618 -19.62 68.15 -63.45
C ASP K 618 -18.79 69.22 -62.75
N LEU K 619 -19.04 70.50 -63.08
CA LEU K 619 -18.37 71.59 -62.37
C LEU K 619 -18.78 71.61 -60.90
N SER K 620 -20.06 71.37 -60.62
CA SER K 620 -20.55 71.39 -59.24
C SER K 620 -19.89 70.31 -58.40
N LEU K 621 -19.46 69.22 -59.04
CA LEU K 621 -18.84 68.11 -58.31
C LEU K 621 -17.64 68.55 -57.47
N TYR K 622 -17.06 69.73 -57.76
CA TYR K 622 -15.90 70.19 -57.00
C TYR K 622 -16.24 70.55 -55.56
N LEU K 623 -17.52 70.76 -55.25
CA LEU K 623 -17.92 71.10 -53.89
C LEU K 623 -17.66 69.98 -52.89
N LYS K 624 -17.27 68.79 -53.36
CA LYS K 624 -16.92 67.71 -52.45
C LYS K 624 -15.75 68.10 -51.54
N HIS K 625 -14.90 69.01 -52.00
CA HIS K 625 -13.77 69.50 -51.20
C HIS K 625 -13.87 70.98 -50.91
N GLU K 626 -15.00 71.61 -51.21
CA GLU K 626 -15.17 73.03 -50.93
C GLU K 626 -15.58 73.25 -49.48
N THR K 627 -15.10 74.36 -48.90
CA THR K 627 -15.34 74.66 -47.50
C THR K 627 -15.79 76.08 -47.23
N GLU K 628 -15.90 76.93 -48.25
CA GLU K 628 -16.17 78.35 -48.03
C GLU K 628 -17.66 78.68 -48.14
N ILE K 629 -18.07 79.66 -47.33
CA ILE K 629 -19.49 79.93 -47.13
C ILE K 629 -20.14 80.43 -48.41
N MET K 630 -19.48 81.37 -49.11
CA MET K 630 -20.09 81.93 -50.31
C MET K 630 -20.25 80.88 -51.41
N PRO K 631 -19.23 80.11 -51.79
CA PRO K 631 -19.47 79.11 -52.84
C PRO K 631 -20.41 78.01 -52.40
N VAL K 632 -20.36 77.57 -51.13
CA VAL K 632 -21.28 76.53 -50.69
C VAL K 632 -22.73 77.01 -50.76
N PHE K 633 -22.98 78.21 -50.23
CA PHE K 633 -24.33 78.77 -50.26
C PHE K 633 -24.79 79.03 -51.68
N GLN K 634 -23.89 79.43 -52.57
CA GLN K 634 -24.30 79.67 -53.94
C GLN K 634 -24.64 78.36 -54.65
N GLY K 635 -23.87 77.31 -54.39
CA GLY K 635 -24.22 76.00 -54.92
C GLY K 635 -25.56 75.52 -54.43
N LEU K 636 -25.85 75.76 -53.14
CA LEU K 636 -27.17 75.39 -52.62
C LEU K 636 -28.28 76.22 -53.27
N ASN K 637 -28.05 77.53 -53.43
CA ASN K 637 -29.07 78.40 -54.04
C ASN K 637 -29.30 78.04 -55.50
N GLU K 638 -28.31 77.46 -56.16
CA GLU K 638 -28.47 77.06 -57.55
C GLU K 638 -28.98 75.64 -57.73
N LEU K 639 -28.85 74.78 -56.72
CA LEU K 639 -29.28 73.39 -56.82
C LEU K 639 -30.64 73.11 -56.18
N ILE K 640 -30.96 73.77 -55.06
CA ILE K 640 -32.22 73.47 -54.37
C ILE K 640 -33.46 73.72 -55.24
N PRO K 641 -33.57 74.84 -55.96
CA PRO K 641 -34.77 75.05 -56.78
C PRO K 641 -35.04 73.94 -57.79
N MET K 642 -34.04 73.15 -58.17
CA MET K 642 -34.26 72.07 -59.12
C MET K 642 -35.12 70.96 -58.49
N TYR K 643 -34.70 70.43 -57.35
CA TYR K 643 -35.54 69.43 -56.69
C TYR K 643 -36.80 70.07 -56.12
N LYS K 644 -36.80 71.40 -55.91
CA LYS K 644 -38.05 72.07 -55.58
C LYS K 644 -39.04 72.01 -56.73
N LEU K 645 -38.55 72.19 -57.97
CA LEU K 645 -39.41 72.00 -59.13
C LEU K 645 -39.89 70.56 -59.21
N MET K 646 -39.00 69.61 -58.88
CA MET K 646 -39.37 68.21 -58.95
C MET K 646 -40.43 67.83 -57.92
N GLU K 647 -40.39 68.46 -56.74
CA GLU K 647 -41.36 68.13 -55.70
C GLU K 647 -42.79 68.46 -56.13
N LYS K 648 -42.96 69.46 -56.99
CA LYS K 648 -44.28 69.87 -57.44
C LYS K 648 -44.88 68.91 -58.46
N ARG K 649 -44.17 67.84 -58.83
CA ARG K 649 -44.59 66.91 -59.85
C ARG K 649 -44.46 65.48 -59.36
N ASP K 650 -44.79 64.54 -60.24
CA ASP K 650 -44.63 63.11 -60.01
C ASP K 650 -43.23 62.70 -60.50
N MET K 651 -42.25 62.88 -59.62
CA MET K 651 -40.84 62.65 -59.97
C MET K 651 -40.06 62.14 -58.75
N ASN K 652 -40.62 61.15 -58.05
CA ASN K 652 -40.02 60.74 -56.79
C ASN K 652 -38.64 60.10 -56.99
N GLU K 653 -38.51 59.23 -57.99
CA GLU K 653 -37.23 58.53 -58.19
C GLU K 653 -36.10 59.52 -58.46
N VAL K 654 -36.32 60.42 -59.42
CA VAL K 654 -35.28 61.37 -59.79
C VAL K 654 -35.04 62.37 -58.66
N GLU K 655 -36.11 62.79 -57.97
CA GLU K 655 -35.95 63.72 -56.85
C GLU K 655 -35.15 63.11 -55.72
N THR K 656 -35.41 61.84 -55.38
CA THR K 656 -34.65 61.18 -54.32
C THR K 656 -33.20 60.97 -54.72
N GLN K 657 -32.95 60.56 -55.97
CA GLN K 657 -31.58 60.45 -56.45
C GLN K 657 -30.86 61.79 -56.37
N PHE K 658 -31.56 62.88 -56.73
CA PHE K 658 -30.96 64.21 -56.70
C PHE K 658 -30.63 64.64 -55.27
N LYS K 659 -31.55 64.40 -54.34
CA LYS K 659 -31.28 64.74 -52.94
C LYS K 659 -30.12 63.93 -52.39
N ALA K 660 -30.05 62.64 -52.74
CA ALA K 660 -28.94 61.82 -52.28
C ALA K 660 -27.62 62.33 -52.84
N PHE K 661 -27.60 62.70 -54.12
CA PHE K 661 -26.39 63.27 -54.71
C PHE K 661 -25.99 64.58 -54.01
N LEU K 662 -26.98 65.44 -53.75
CA LEU K 662 -26.69 66.71 -53.10
C LEU K 662 -26.09 66.50 -51.72
N ILE K 663 -26.66 65.58 -50.94
CA ILE K 663 -26.14 65.33 -49.59
C ILE K 663 -24.75 64.68 -49.67
N ARG K 664 -24.55 63.74 -50.60
CA ARG K 664 -23.25 63.10 -50.72
C ARG K 664 -22.18 64.09 -51.18
N LEU K 665 -22.59 65.16 -51.87
CA LEU K 665 -21.63 66.15 -52.33
C LEU K 665 -21.01 66.90 -51.15
N LEU K 666 -21.80 67.23 -50.13
CA LEU K 666 -21.33 67.99 -48.99
C LEU K 666 -21.18 67.16 -47.72
N ARG K 667 -21.27 65.83 -47.84
CA ARG K 667 -21.22 64.96 -46.66
C ARG K 667 -19.95 65.14 -45.85
N ASP K 668 -18.81 65.31 -46.52
CA ASP K 668 -17.55 65.47 -45.79
C ASP K 668 -17.60 66.68 -44.88
N LEU K 669 -18.03 67.82 -45.41
CA LEU K 669 -18.11 69.03 -44.60
C LEU K 669 -19.17 68.90 -43.52
N ILE K 670 -20.30 68.25 -43.84
CA ILE K 670 -21.35 68.09 -42.84
C ILE K 670 -20.86 67.26 -41.66
N ASP K 671 -20.14 66.18 -41.95
CA ASP K 671 -19.56 65.37 -40.87
C ASP K 671 -18.50 66.15 -40.10
N LYS K 672 -17.71 66.97 -40.80
CA LYS K 672 -16.67 67.73 -40.10
C LYS K 672 -17.27 68.82 -39.20
N GLN K 673 -18.50 69.26 -39.48
CA GLN K 673 -19.13 70.28 -38.65
C GLN K 673 -19.36 69.78 -37.23
N THR K 674 -19.05 70.63 -36.25
CA THR K 674 -19.30 70.35 -34.84
C THR K 674 -20.71 70.81 -34.45
N TRP K 675 -21.11 70.46 -33.23
CA TRP K 675 -22.43 70.83 -32.73
C TRP K 675 -22.35 71.84 -31.60
N THR K 676 -21.75 72.99 -31.85
CA THR K 676 -21.56 74.04 -30.85
C THR K 676 -21.70 75.40 -31.53
N ASP K 677 -21.59 76.46 -30.74
CA ASP K 677 -21.64 77.83 -31.24
C ASP K 677 -20.25 78.44 -31.41
N GLU K 678 -19.26 77.62 -31.78
CA GLU K 678 -17.89 78.10 -31.91
C GLU K 678 -17.65 78.70 -33.29
N GLY K 679 -16.54 79.42 -33.41
CA GLY K 679 -16.11 79.97 -34.67
C GLY K 679 -16.66 81.36 -34.93
N SER K 680 -16.23 81.93 -36.05
CA SER K 680 -16.66 83.27 -36.44
C SER K 680 -18.12 83.24 -36.89
N VAL K 681 -18.65 84.43 -37.20
CA VAL K 681 -20.04 84.54 -37.65
C VAL K 681 -20.26 83.73 -38.93
N SER K 682 -19.31 83.82 -39.86
CA SER K 682 -19.39 83.07 -41.12
C SER K 682 -19.43 81.57 -40.85
N GLU K 683 -18.51 81.08 -40.02
CA GLU K 683 -18.44 79.65 -39.71
C GLU K 683 -19.72 79.19 -39.02
N ARG K 684 -20.27 80.03 -38.15
CA ARG K 684 -21.50 79.67 -37.44
C ARG K 684 -22.68 79.57 -38.39
N MET K 685 -22.82 80.54 -39.29
CA MET K 685 -23.93 80.47 -40.25
C MET K 685 -23.78 79.27 -41.17
N LEU K 686 -22.54 78.98 -41.61
CA LEU K 686 -22.31 77.81 -42.44
C LEU K 686 -22.71 76.53 -41.70
N ARG K 687 -22.31 76.42 -40.43
CA ARG K 687 -22.68 75.24 -39.63
C ARG K 687 -24.18 75.11 -39.49
N SER K 688 -24.87 76.22 -39.19
CA SER K 688 -26.32 76.17 -39.01
C SER K 688 -27.00 75.68 -40.27
N GLN K 689 -26.66 76.26 -41.42
CA GLN K 689 -27.31 75.86 -42.65
C GLN K 689 -26.96 74.42 -43.02
N LEU K 690 -25.71 73.99 -42.77
CA LEU K 690 -25.32 72.62 -43.12
C LEU K 690 -26.07 71.61 -42.27
N LEU K 691 -26.11 71.82 -40.96
CA LEU K 691 -26.82 70.88 -40.08
C LEU K 691 -28.31 70.86 -40.40
N LEU K 692 -28.91 72.03 -40.66
CA LEU K 692 -30.33 72.06 -41.02
C LEU K 692 -30.58 71.29 -42.31
N LEU K 693 -29.75 71.51 -43.33
CA LEU K 693 -29.91 70.82 -44.60
C LEU K 693 -29.80 69.30 -44.42
N ALA K 694 -28.75 68.85 -43.73
CA ALA K 694 -28.56 67.42 -43.54
C ALA K 694 -29.71 66.80 -42.75
N CYS K 695 -30.13 67.45 -41.67
CA CYS K 695 -31.20 66.89 -40.86
CA CYS K 695 -31.22 66.94 -40.84
C CYS K 695 -32.53 66.89 -41.59
N VAL K 696 -32.77 67.86 -42.47
CA VAL K 696 -34.00 67.85 -43.26
C VAL K 696 -33.96 66.76 -44.32
N HIS K 697 -32.81 66.57 -44.97
CA HIS K 697 -32.67 65.54 -45.99
C HIS K 697 -32.30 64.18 -45.41
N ASN K 698 -32.41 64.03 -44.09
CA ASN K 698 -32.46 62.71 -43.43
C ASN K 698 -31.08 62.06 -43.39
N TYR K 699 -30.07 62.83 -43.01
CA TYR K 699 -28.76 62.27 -42.69
C TYR K 699 -28.86 61.65 -41.30
N GLN K 700 -28.87 60.32 -41.25
CA GLN K 700 -29.24 59.62 -40.01
C GLN K 700 -28.37 60.00 -38.81
N PRO K 701 -27.06 60.21 -38.93
CA PRO K 701 -26.32 60.73 -37.75
C PRO K 701 -26.88 62.04 -37.22
N CYS K 702 -27.09 63.02 -38.11
CA CYS K 702 -27.66 64.30 -37.70
CA CYS K 702 -27.64 64.29 -37.65
C CYS K 702 -29.04 64.11 -37.08
N VAL K 703 -29.86 63.25 -37.70
CA VAL K 703 -31.21 63.03 -37.20
C VAL K 703 -31.18 62.43 -35.80
N GLN K 704 -30.30 61.45 -35.58
CA GLN K 704 -30.21 60.81 -34.27
C GLN K 704 -29.73 61.81 -33.22
N ARG K 705 -28.68 62.58 -33.54
CA ARG K 705 -28.15 63.51 -32.54
C ARG K 705 -29.14 64.63 -32.25
N ALA K 706 -29.85 65.11 -33.28
CA ALA K 706 -30.84 66.16 -33.08
C ALA K 706 -32.04 65.63 -32.31
N GLU K 707 -32.42 64.38 -32.55
CA GLU K 707 -33.47 63.77 -31.74
C GLU K 707 -33.05 63.65 -30.28
N GLY K 708 -31.78 63.30 -30.04
CA GLY K 708 -31.30 63.27 -28.66
C GLY K 708 -31.34 64.63 -27.99
N TYR K 709 -30.85 65.65 -28.68
CA TYR K 709 -30.88 67.00 -28.14
C TYR K 709 -32.31 67.46 -27.88
N PHE K 710 -33.21 67.19 -28.82
CA PHE K 710 -34.61 67.57 -28.67
C PHE K 710 -35.28 66.80 -27.53
N ARG K 711 -34.89 65.54 -27.34
CA ARG K 711 -35.43 64.76 -26.23
C ARG K 711 -35.01 65.35 -24.90
N LYS K 712 -33.71 65.64 -24.75
CA LYS K 712 -33.24 66.25 -23.51
C LYS K 712 -33.91 67.61 -23.28
N TRP K 713 -34.08 68.40 -24.33
CA TRP K 713 -34.68 69.72 -24.19
C TRP K 713 -36.16 69.62 -23.81
N LYS K 714 -36.92 68.76 -24.49
CA LYS K 714 -38.33 68.61 -24.19
C LYS K 714 -38.55 68.06 -22.80
N GLU K 715 -37.70 67.11 -22.36
CA GLU K 715 -37.82 66.61 -21.00
C GLU K 715 -37.41 67.68 -19.98
N SER K 716 -36.52 68.60 -20.37
CA SER K 716 -36.18 69.72 -19.51
C SER K 716 -37.22 70.84 -19.56
N ASN K 717 -38.21 70.74 -20.47
CA ASN K 717 -39.31 71.70 -20.55
C ASN K 717 -38.81 73.07 -21.00
N GLY K 718 -37.98 73.07 -22.04
CA GLY K 718 -37.40 74.30 -22.56
C GLY K 718 -36.32 74.92 -21.71
N ASN K 719 -36.04 74.38 -20.53
CA ASN K 719 -35.06 74.98 -19.64
C ASN K 719 -33.63 74.74 -20.10
N LEU K 720 -33.38 73.62 -20.79
CA LEU K 720 -32.05 73.30 -21.26
C LEU K 720 -31.60 74.30 -22.32
N SER K 721 -30.39 74.84 -22.14
CA SER K 721 -29.81 75.78 -23.09
C SER K 721 -29.20 75.00 -24.25
N LEU K 722 -29.72 75.21 -25.47
CA LEU K 722 -29.18 74.56 -26.64
C LEU K 722 -28.27 75.50 -27.43
N PRO K 723 -27.30 74.97 -28.16
CA PRO K 723 -26.52 75.82 -29.07
C PRO K 723 -27.40 76.45 -30.14
N VAL K 724 -27.31 77.78 -30.24
CA VAL K 724 -28.18 78.55 -31.13
C VAL K 724 -28.04 78.10 -32.57
N ASP K 725 -26.83 77.68 -32.97
CA ASP K 725 -26.62 77.27 -34.35
C ASP K 725 -27.33 75.96 -34.67
N VAL K 726 -27.27 74.99 -33.76
CA VAL K 726 -27.96 73.72 -33.95
C VAL K 726 -29.44 73.79 -33.59
N THR K 727 -29.90 74.92 -33.04
CA THR K 727 -31.31 75.04 -32.67
C THR K 727 -32.24 74.84 -33.87
N LEU K 728 -31.86 75.39 -35.03
CA LEU K 728 -32.69 75.23 -36.22
C LEU K 728 -32.88 73.76 -36.57
N ALA K 729 -31.78 73.01 -36.67
CA ALA K 729 -31.88 71.60 -37.01
C ALA K 729 -32.63 70.81 -35.96
N VAL K 730 -32.38 71.11 -34.67
CA VAL K 730 -33.04 70.36 -33.61
C VAL K 730 -34.55 70.57 -33.66
N PHE K 731 -34.99 71.82 -33.83
CA PHE K 731 -36.42 72.09 -33.92
C PHE K 731 -37.03 71.46 -35.16
N ALA K 732 -36.35 71.55 -36.31
CA ALA K 732 -36.89 70.96 -37.54
C ALA K 732 -37.02 69.45 -37.42
N VAL K 733 -36.11 68.81 -36.68
CA VAL K 733 -36.21 67.36 -36.49
C VAL K 733 -37.33 67.04 -35.51
N GLY K 734 -37.38 67.75 -34.38
CA GLY K 734 -38.36 67.44 -33.36
C GLY K 734 -39.79 67.72 -33.77
N ALA K 735 -40.00 68.65 -34.70
CA ALA K 735 -41.35 69.02 -35.12
C ALA K 735 -41.98 68.02 -36.09
N GLN K 736 -41.33 66.89 -36.36
CA GLN K 736 -41.92 65.92 -37.28
C GLN K 736 -43.04 65.11 -36.64
N SER K 737 -42.96 64.87 -35.34
CA SER K 737 -44.00 64.16 -34.62
C SER K 737 -45.03 65.13 -34.05
N THR K 738 -46.25 64.63 -33.84
CA THR K 738 -47.32 65.47 -33.32
C THR K 738 -47.00 65.99 -31.92
N GLU K 739 -46.40 65.14 -31.09
CA GLU K 739 -46.05 65.53 -29.72
C GLU K 739 -45.09 66.71 -29.72
N GLY K 740 -43.96 66.58 -30.44
CA GLY K 740 -42.99 67.66 -30.50
C GLY K 740 -43.52 68.90 -31.19
N TRP K 741 -44.37 68.72 -32.20
CA TRP K 741 -45.01 69.86 -32.86
C TRP K 741 -45.81 70.68 -31.87
N ASP K 742 -46.69 70.00 -31.11
CA ASP K 742 -47.52 70.70 -30.14
C ASP K 742 -46.66 71.32 -29.03
N PHE K 743 -45.59 70.65 -28.64
CA PHE K 743 -44.70 71.20 -27.60
C PHE K 743 -44.03 72.48 -28.08
N LEU K 744 -43.50 72.47 -29.32
CA LEU K 744 -42.89 73.66 -29.88
C LEU K 744 -43.88 74.81 -29.94
N TYR K 745 -45.10 74.54 -30.41
CA TYR K 745 -46.07 75.63 -30.47
C TYR K 745 -46.43 76.14 -29.08
N SER K 746 -46.50 75.23 -28.10
CA SER K 746 -46.80 75.66 -26.73
C SER K 746 -45.73 76.60 -26.21
N LYS K 747 -44.47 76.35 -26.57
CA LYS K 747 -43.40 77.25 -26.14
C LYS K 747 -43.38 78.54 -26.95
N TYR K 748 -43.89 78.51 -28.19
CA TYR K 748 -43.88 79.67 -29.05
C TYR K 748 -44.58 80.86 -28.40
N GLN K 749 -45.74 80.63 -27.78
CA GLN K 749 -46.55 81.74 -27.25
C GLN K 749 -45.78 82.54 -26.21
N PHE K 750 -45.05 81.86 -25.33
CA PHE K 750 -44.39 82.51 -24.21
C PHE K 750 -42.94 82.88 -24.51
N SER K 751 -42.35 82.37 -25.59
CA SER K 751 -41.00 82.78 -25.94
C SER K 751 -40.95 84.29 -26.21
N LEU K 752 -39.79 84.88 -25.91
CA LEU K 752 -39.59 86.31 -26.14
C LEU K 752 -38.42 86.62 -27.07
N SER K 753 -37.70 85.61 -27.54
CA SER K 753 -36.62 85.80 -28.50
C SER K 753 -37.15 85.65 -29.92
N SER K 754 -36.85 86.65 -30.77
CA SER K 754 -37.36 86.63 -32.13
C SER K 754 -36.69 85.55 -32.97
N THR K 755 -35.41 85.28 -32.74
CA THR K 755 -34.74 84.19 -33.45
C THR K 755 -35.38 82.86 -33.10
N GLU K 756 -35.65 82.63 -31.81
CA GLU K 756 -36.35 81.42 -31.38
C GLU K 756 -37.73 81.34 -32.01
N LYS K 757 -38.43 82.47 -32.08
CA LYS K 757 -39.76 82.47 -32.70
C LYS K 757 -39.67 82.08 -34.17
N SER K 758 -38.70 82.64 -34.90
CA SER K 758 -38.57 82.33 -36.32
C SER K 758 -38.19 80.87 -36.52
N GLN K 759 -37.30 80.34 -35.67
CA GLN K 759 -36.91 78.94 -35.78
C GLN K 759 -38.08 78.01 -35.48
N ILE K 760 -38.90 78.36 -34.50
CA ILE K 760 -40.11 77.58 -34.22
C ILE K 760 -41.09 77.64 -35.39
N GLU K 761 -41.23 78.81 -36.00
CA GLU K 761 -42.11 78.93 -37.16
C GLU K 761 -41.65 78.03 -38.30
N PHE K 762 -40.35 78.06 -38.59
CA PHE K 762 -39.80 77.21 -39.66
C PHE K 762 -39.99 75.74 -39.33
N ALA K 763 -39.71 75.35 -38.08
CA ALA K 763 -39.88 73.96 -37.67
C ALA K 763 -41.32 73.50 -37.84
N LEU K 764 -42.28 74.33 -37.41
CA LEU K 764 -43.69 73.95 -37.51
C LEU K 764 -44.14 73.90 -38.96
N CYS K 765 -43.58 74.76 -39.82
CA CYS K 765 -43.91 74.68 -41.24
C CYS K 765 -43.31 73.45 -41.90
N ARG K 766 -42.23 72.91 -41.33
CA ARG K 766 -41.64 71.68 -41.85
C ARG K 766 -42.53 70.42 -41.62
N THR K 767 -43.78 70.49 -41.16
CA THR K 767 -44.55 69.29 -40.85
C THR K 767 -45.23 68.72 -42.10
N GLN K 768 -45.75 67.50 -41.94
CA GLN K 768 -46.48 66.81 -43.00
C GLN K 768 -47.99 66.80 -42.78
N ASN K 769 -48.47 67.28 -41.64
CA ASN K 769 -49.89 67.20 -41.29
C ASN K 769 -50.66 68.33 -41.98
N LYS K 770 -51.59 67.95 -42.86
CA LYS K 770 -52.38 68.94 -43.59
C LYS K 770 -53.15 69.84 -42.62
N GLU K 771 -53.73 69.25 -41.57
CA GLU K 771 -54.51 70.01 -40.62
C GLU K 771 -53.64 71.01 -39.85
N LYS K 772 -52.43 70.60 -39.48
CA LYS K 772 -51.54 71.51 -38.76
C LYS K 772 -51.04 72.63 -39.66
N LEU K 773 -50.74 72.32 -40.92
CA LEU K 773 -50.38 73.37 -41.87
C LEU K 773 -51.50 74.38 -42.05
N GLN K 774 -52.74 73.88 -42.26
CA GLN K 774 -53.88 74.76 -42.41
C GLN K 774 -54.11 75.59 -41.14
N TRP K 775 -53.88 75.00 -39.98
CA TRP K 775 -54.05 75.74 -38.73
C TRP K 775 -53.04 76.87 -38.62
N LEU K 776 -51.78 76.60 -38.95
CA LEU K 776 -50.78 77.66 -38.98
C LEU K 776 -51.22 78.78 -39.92
N LEU K 777 -51.66 78.41 -41.12
CA LEU K 777 -52.10 79.43 -42.08
C LEU K 777 -53.24 80.28 -41.51
N ASP K 778 -54.29 79.63 -41.01
CA ASP K 778 -55.46 80.36 -40.52
C ASP K 778 -55.11 81.27 -39.35
N GLU K 779 -54.33 80.77 -38.39
CA GLU K 779 -54.05 81.58 -37.21
C GLU K 779 -53.08 82.70 -37.51
N SER K 780 -52.08 82.46 -38.37
CA SER K 780 -51.18 83.54 -38.76
C SER K 780 -51.92 84.60 -39.57
N PHE K 781 -52.98 84.20 -40.28
CA PHE K 781 -53.83 85.20 -40.94
C PHE K 781 -54.63 86.00 -39.92
N LYS K 782 -55.27 85.31 -38.97
CA LYS K 782 -56.09 86.00 -37.98
C LYS K 782 -55.27 86.97 -37.15
N GLY K 783 -54.04 86.59 -36.80
CA GLY K 783 -53.13 87.50 -36.14
C GLY K 783 -53.17 87.52 -34.63
N ASP K 784 -53.87 86.58 -34.00
CA ASP K 784 -53.93 86.54 -32.53
C ASP K 784 -52.84 85.61 -31.99
N LYS K 785 -52.97 84.31 -32.27
CA LYS K 785 -51.98 83.35 -31.78
C LYS K 785 -50.63 83.53 -32.47
N ILE K 786 -50.64 83.89 -33.74
CA ILE K 786 -49.43 84.23 -34.49
C ILE K 786 -49.68 85.55 -35.21
N LYS K 787 -48.82 86.54 -34.98
CA LYS K 787 -49.03 87.86 -35.54
C LYS K 787 -49.06 87.83 -37.07
N THR K 788 -49.85 88.75 -37.64
CA THR K 788 -50.05 88.79 -39.08
C THR K 788 -48.80 89.25 -39.83
N GLN K 789 -47.91 89.99 -39.17
CA GLN K 789 -46.68 90.42 -39.83
C GLN K 789 -45.84 89.24 -40.30
N GLU K 790 -46.00 88.09 -39.66
CA GLU K 790 -45.28 86.88 -39.99
C GLU K 790 -45.98 86.05 -41.07
N PHE K 791 -47.16 86.47 -41.53
CA PHE K 791 -47.92 85.64 -42.45
C PHE K 791 -47.23 85.34 -43.78
N PRO K 792 -46.68 86.32 -44.51
CA PRO K 792 -46.10 85.99 -45.82
C PRO K 792 -44.97 84.97 -45.73
N GLN K 793 -44.15 85.06 -44.69
CA GLN K 793 -43.07 84.10 -44.52
C GLN K 793 -43.61 82.69 -44.29
N ILE K 794 -44.67 82.57 -43.50
CA ILE K 794 -45.29 81.27 -43.26
C ILE K 794 -45.91 80.73 -44.54
N LEU K 795 -46.59 81.60 -45.31
CA LEU K 795 -47.18 81.18 -46.57
C LEU K 795 -46.11 80.69 -47.54
N THR K 796 -44.98 81.39 -47.60
CA THR K 796 -43.89 80.98 -48.48
C THR K 796 -43.28 79.66 -48.04
N LEU K 797 -43.08 79.48 -46.73
CA LEU K 797 -42.53 78.22 -46.24
C LEU K 797 -43.47 77.05 -46.51
N ILE K 798 -44.77 77.25 -46.36
CA ILE K 798 -45.71 76.17 -46.63
C ILE K 798 -45.80 75.90 -48.13
N GLY K 799 -45.70 76.93 -48.97
CA GLY K 799 -45.60 76.72 -50.39
C GLY K 799 -44.33 76.02 -50.80
N ARG K 800 -43.28 76.14 -49.99
CA ARG K 800 -42.07 75.34 -50.20
C ARG K 800 -42.28 73.90 -49.76
N ASN K 801 -43.03 73.70 -48.69
CA ASN K 801 -43.30 72.37 -48.17
C ASN K 801 -43.92 71.49 -49.25
N PRO K 802 -43.40 70.29 -49.48
CA PRO K 802 -43.92 69.45 -50.58
C PRO K 802 -45.38 69.05 -50.41
N VAL K 803 -45.93 69.14 -49.21
CA VAL K 803 -47.32 68.79 -48.98
C VAL K 803 -48.17 70.01 -48.68
N GLY K 804 -47.60 71.21 -48.73
CA GLY K 804 -48.34 72.41 -48.37
C GLY K 804 -48.57 73.39 -49.51
N TYR K 805 -47.87 73.22 -50.63
CA TYR K 805 -48.00 74.18 -51.73
C TYR K 805 -49.41 74.27 -52.31
N PRO K 806 -50.19 73.17 -52.44
CA PRO K 806 -51.57 73.37 -52.90
C PRO K 806 -52.38 74.18 -51.90
N LEU K 807 -52.18 73.94 -50.61
CA LEU K 807 -52.86 74.73 -49.59
C LEU K 807 -52.48 76.20 -49.67
N ALA K 808 -51.20 76.49 -49.89
CA ALA K 808 -50.75 77.89 -49.96
C ALA K 808 -51.32 78.59 -51.18
N TRP K 809 -51.23 77.96 -52.35
CA TRP K 809 -51.79 78.54 -53.56
C TRP K 809 -53.30 78.74 -53.43
N GLN K 810 -54.00 77.74 -52.87
CA GLN K 810 -55.44 77.85 -52.66
C GLN K 810 -55.78 78.96 -51.68
N PHE K 811 -54.98 79.11 -50.63
CA PHE K 811 -55.24 80.13 -49.62
C PHE K 811 -55.08 81.53 -50.22
N LEU K 812 -54.02 81.73 -51.00
CA LEU K 812 -53.87 83.02 -51.69
C LEU K 812 -55.05 83.28 -52.62
N ARG K 813 -55.44 82.27 -53.39
CA ARG K 813 -56.56 82.43 -54.32
C ARG K 813 -57.85 82.80 -53.59
N LYS K 814 -58.15 82.11 -52.48
CA LYS K 814 -59.43 82.27 -51.81
C LYS K 814 -59.48 83.48 -50.88
N ASN K 815 -58.34 84.00 -50.44
CA ASN K 815 -58.31 85.17 -49.56
C ASN K 815 -57.53 86.34 -50.15
N TRP K 816 -57.43 86.41 -51.49
CA TRP K 816 -56.75 87.53 -52.11
C TRP K 816 -57.28 88.88 -51.65
N ASN K 817 -58.61 89.00 -51.50
CA ASN K 817 -59.22 90.30 -51.22
C ASN K 817 -58.76 90.86 -49.88
N LYS K 818 -58.93 90.08 -48.80
CA LYS K 818 -58.53 90.56 -47.48
C LYS K 818 -57.01 90.72 -47.36
N LEU K 819 -56.24 89.87 -48.03
CA LEU K 819 -54.79 90.04 -48.03
C LEU K 819 -54.38 91.37 -48.64
N VAL K 820 -55.01 91.74 -49.77
CA VAL K 820 -54.73 93.03 -50.38
C VAL K 820 -55.20 94.16 -49.47
N GLN K 821 -56.37 93.98 -48.84
CA GLN K 821 -56.88 95.01 -47.94
C GLN K 821 -55.96 95.21 -46.74
N LYS K 822 -55.22 94.17 -46.36
CA LYS K 822 -54.30 94.23 -45.23
C LYS K 822 -52.93 94.76 -45.60
N PHE K 823 -52.39 94.39 -46.77
CA PHE K 823 -51.01 94.69 -47.12
C PHE K 823 -50.85 95.74 -48.22
N GLU K 824 -51.94 96.29 -48.78
CA GLU K 824 -51.91 97.22 -49.90
C GLU K 824 -51.45 96.52 -51.18
N LEU K 825 -51.88 97.02 -52.32
CA LEU K 825 -51.52 96.44 -53.61
C LEU K 825 -50.10 96.78 -54.00
N GLY K 826 -49.43 95.84 -54.65
CA GLY K 826 -48.08 96.06 -55.16
C GLY K 826 -46.99 96.13 -54.12
N SER K 827 -47.31 95.94 -52.85
CA SER K 827 -46.28 95.95 -51.81
C SER K 827 -45.36 94.73 -51.95
N SER K 828 -44.16 94.87 -51.39
CA SER K 828 -43.21 93.77 -51.41
C SER K 828 -43.77 92.55 -50.70
N SER K 829 -44.69 92.75 -49.75
CA SER K 829 -45.35 91.62 -49.10
C SER K 829 -46.20 90.84 -50.10
N ILE K 830 -46.99 91.57 -50.90
CA ILE K 830 -47.81 90.92 -51.92
C ILE K 830 -46.93 90.20 -52.94
N ALA K 831 -45.84 90.85 -53.37
CA ALA K 831 -44.93 90.22 -54.31
C ALA K 831 -44.35 88.94 -53.73
N HIS K 832 -43.88 89.00 -52.49
CA HIS K 832 -43.34 87.82 -51.81
C HIS K 832 -44.36 86.70 -51.77
N MET K 833 -45.61 87.01 -51.39
CA MET K 833 -46.62 85.97 -51.27
C MET K 833 -46.89 85.30 -52.61
N VAL K 834 -47.15 86.11 -53.65
CA VAL K 834 -47.45 85.55 -54.97
C VAL K 834 -46.30 84.68 -55.45
N MET K 835 -45.07 85.19 -55.39
CA MET K 835 -43.94 84.42 -55.91
C MET K 835 -43.68 83.17 -55.08
N GLY K 836 -43.76 83.27 -53.75
CA GLY K 836 -43.54 82.11 -52.92
C GLY K 836 -44.57 81.02 -53.14
N THR K 837 -45.79 81.39 -53.53
CA THR K 837 -46.80 80.38 -53.80
C THR K 837 -46.78 79.86 -55.23
N THR K 838 -46.23 80.61 -56.19
CA THR K 838 -46.31 80.20 -57.59
C THR K 838 -44.98 79.96 -58.28
N ASN K 839 -43.90 80.63 -57.86
CA ASN K 839 -42.72 80.63 -58.75
C ASN K 839 -41.95 79.30 -58.76
N GLN K 840 -42.44 78.24 -58.12
CA GLN K 840 -41.82 76.93 -58.20
C GLN K 840 -42.65 75.95 -59.04
N PHE K 841 -43.64 76.44 -59.76
CA PHE K 841 -44.48 75.61 -60.62
C PHE K 841 -43.74 75.29 -61.92
N SER K 842 -44.14 74.19 -62.55
CA SER K 842 -43.40 73.68 -63.71
C SER K 842 -44.27 73.16 -64.84
N THR K 843 -45.60 73.19 -64.71
CA THR K 843 -46.47 72.59 -65.72
C THR K 843 -47.33 73.65 -66.37
N ARG K 844 -47.78 73.33 -67.59
CA ARG K 844 -48.72 74.20 -68.28
C ARG K 844 -50.04 74.30 -67.53
N THR K 845 -50.43 73.25 -66.81
CA THR K 845 -51.63 73.33 -65.99
C THR K 845 -51.50 74.42 -64.93
N ARG K 846 -50.37 74.42 -64.20
CA ARG K 846 -50.15 75.45 -63.19
C ARG K 846 -50.02 76.84 -63.83
N LEU K 847 -49.34 76.93 -64.97
CA LEU K 847 -49.23 78.22 -65.65
C LEU K 847 -50.61 78.77 -66.02
N GLU K 848 -51.48 77.91 -66.55
CA GLU K 848 -52.81 78.38 -66.93
C GLU K 848 -53.67 78.71 -65.72
N GLU K 849 -53.52 77.95 -64.63
CA GLU K 849 -54.18 78.30 -63.38
C GLU K 849 -53.81 79.71 -62.94
N VAL K 850 -52.50 79.98 -62.89
CA VAL K 850 -52.01 81.29 -62.45
C VAL K 850 -52.53 82.39 -63.36
N LYS K 851 -52.37 82.20 -64.68
CA LYS K 851 -52.85 83.19 -65.65
C LYS K 851 -54.33 83.48 -65.44
N GLY K 852 -55.15 82.43 -65.35
CA GLY K 852 -56.58 82.64 -65.23
C GLY K 852 -56.96 83.38 -63.97
N PHE K 853 -56.37 82.98 -62.84
CA PHE K 853 -56.69 83.65 -61.58
C PHE K 853 -56.29 85.12 -61.61
N PHE K 854 -55.04 85.40 -61.95
CA PHE K 854 -54.59 86.78 -61.89
C PHE K 854 -55.19 87.64 -62.98
N SER K 855 -55.72 87.05 -64.06
CA SER K 855 -56.47 87.84 -65.03
C SER K 855 -57.90 88.09 -64.54
N SER K 856 -58.51 87.10 -63.89
CA SER K 856 -59.84 87.27 -63.33
C SER K 856 -59.88 88.27 -62.20
N LEU K 857 -58.74 88.52 -61.54
CA LEU K 857 -58.69 89.58 -60.53
C LEU K 857 -59.10 90.94 -61.11
N LYS K 858 -58.86 91.16 -62.40
CA LYS K 858 -59.25 92.39 -63.12
C LYS K 858 -58.53 93.57 -62.51
N GLU K 859 -59.22 94.66 -62.15
CA GLU K 859 -58.57 95.89 -61.71
C GLU K 859 -57.94 95.80 -60.32
N ASN K 860 -57.99 94.65 -59.67
CA ASN K 860 -57.48 94.51 -58.30
C ASN K 860 -56.25 93.61 -58.25
N GLY K 861 -55.33 93.77 -59.20
CA GLY K 861 -54.07 93.07 -59.13
C GLY K 861 -53.63 92.33 -60.38
N SER K 862 -54.40 92.43 -61.46
CA SER K 862 -54.00 91.78 -62.70
C SER K 862 -52.78 92.42 -63.34
N GLN K 863 -52.54 93.70 -63.06
CA GLN K 863 -51.44 94.45 -63.66
C GLN K 863 -50.21 94.49 -62.75
N LEU K 864 -50.01 93.45 -61.95
CA LEU K 864 -48.91 93.44 -60.99
C LEU K 864 -47.63 92.95 -61.64
N ARG K 865 -46.55 93.71 -61.45
CA ARG K 865 -45.25 93.34 -61.97
C ARG K 865 -44.82 91.99 -61.42
N CYS K 866 -45.18 91.68 -60.17
CA CYS K 866 -44.90 90.37 -59.62
C CYS K 866 -45.71 89.29 -60.33
N VAL K 867 -46.94 89.61 -60.74
CA VAL K 867 -47.74 88.64 -61.51
C VAL K 867 -47.04 88.33 -62.83
N GLN K 868 -46.62 89.37 -63.55
CA GLN K 868 -45.89 89.15 -64.80
C GLN K 868 -44.60 88.37 -64.57
N GLN K 869 -43.91 88.66 -63.47
CA GLN K 869 -42.67 87.96 -63.17
C GLN K 869 -42.91 86.48 -62.90
N THR K 870 -43.98 86.16 -62.16
CA THR K 870 -44.29 84.75 -61.92
C THR K 870 -44.71 84.05 -63.20
N ILE K 871 -45.45 84.74 -64.07
CA ILE K 871 -45.86 84.13 -65.34
C ILE K 871 -44.64 83.79 -66.19
N GLU K 872 -43.73 84.75 -66.33
CA GLU K 872 -42.54 84.50 -67.14
C GLU K 872 -41.61 83.47 -66.48
N THR K 873 -41.54 83.46 -65.15
CA THR K 873 -40.75 82.47 -64.44
C THR K 873 -41.30 81.07 -64.65
N ILE K 874 -42.63 80.91 -64.62
CA ILE K 874 -43.23 79.61 -64.84
C ILE K 874 -43.04 79.15 -66.28
N GLU K 875 -43.10 80.08 -67.23
CA GLU K 875 -42.84 79.72 -68.63
C GLU K 875 -41.41 79.23 -68.80
N GLU K 876 -40.44 79.96 -68.25
CA GLU K 876 -39.06 79.52 -68.29
C GLU K 876 -38.87 78.20 -67.56
N ASN K 877 -39.59 77.99 -66.47
CA ASN K 877 -39.51 76.71 -65.75
C ASN K 877 -40.01 75.58 -66.63
N ILE K 878 -41.10 75.80 -67.37
CA ILE K 878 -41.60 74.80 -68.30
C ILE K 878 -40.51 74.44 -69.31
N GLY K 879 -39.91 75.47 -69.92
CA GLY K 879 -38.84 75.21 -70.88
C GLY K 879 -37.68 74.44 -70.26
N TRP K 880 -37.19 74.92 -69.12
CA TRP K 880 -36.03 74.32 -68.46
C TRP K 880 -36.30 72.87 -68.07
N MET K 881 -37.51 72.58 -67.59
CA MET K 881 -37.83 71.23 -67.15
C MET K 881 -38.03 70.29 -68.33
N ASP K 882 -38.76 70.75 -69.37
CA ASP K 882 -38.92 69.94 -70.57
C ASP K 882 -37.59 69.64 -71.21
N LYS K 883 -36.62 70.54 -71.05
CA LYS K 883 -35.31 70.38 -71.67
C LYS K 883 -34.37 69.51 -70.82
N ASN K 884 -34.36 69.69 -69.50
CA ASN K 884 -33.28 69.20 -68.67
C ASN K 884 -33.64 68.05 -67.73
N PHE K 885 -34.91 67.69 -67.60
CA PHE K 885 -35.26 66.68 -66.60
C PHE K 885 -34.66 65.32 -66.93
N ASP K 886 -34.91 64.82 -68.14
CA ASP K 886 -34.36 63.53 -68.54
C ASP K 886 -32.85 63.55 -68.57
N LYS K 887 -32.26 64.67 -69.00
CA LYS K 887 -30.81 64.83 -68.94
C LYS K 887 -30.30 64.74 -67.51
N ILE K 888 -31.01 65.36 -66.56
CA ILE K 888 -30.56 65.29 -65.16
C ILE K 888 -30.68 63.87 -64.63
N ARG K 889 -31.73 63.15 -65.02
CA ARG K 889 -31.85 61.75 -64.61
C ARG K 889 -30.71 60.91 -65.15
N VAL K 890 -30.39 61.08 -66.44
CA VAL K 890 -29.29 60.33 -67.04
C VAL K 890 -27.97 60.69 -66.35
N TRP K 891 -27.77 61.97 -66.05
CA TRP K 891 -26.54 62.37 -65.37
C TRP K 891 -26.47 61.81 -63.96
N LEU K 892 -27.61 61.68 -63.29
CA LEU K 892 -27.62 61.09 -61.96
C LEU K 892 -27.26 59.62 -62.01
N GLN K 893 -27.74 58.90 -63.02
CA GLN K 893 -27.32 57.51 -63.20
C GLN K 893 -25.82 57.43 -63.52
N SER K 894 -25.31 58.36 -64.33
CA SER K 894 -23.89 58.37 -64.63
C SER K 894 -23.06 58.63 -63.37
N GLU K 895 -23.57 59.49 -62.48
CA GLU K 895 -22.88 59.76 -61.22
C GLU K 895 -22.98 58.57 -60.28
N LYS K 896 -24.09 57.83 -60.35
CA LYS K 896 -24.19 56.56 -59.64
C LYS K 896 -23.13 55.59 -60.13
N LEU K 897 -22.80 55.66 -61.42
CA LEU K 897 -21.69 54.85 -61.92
C LEU K 897 -20.36 55.54 -61.64
N GLU K 898 -20.12 55.87 -60.37
CA GLU K 898 -18.86 56.46 -59.93
C GLU K 898 -18.33 55.89 -58.63
N ARG K 899 -19.17 55.29 -57.79
CA ARG K 899 -18.72 54.72 -56.53
C ARG K 899 -18.47 53.22 -56.67
N PRO L 30 31.77 -148.66 -4.28
CA PRO L 30 30.65 -148.75 -5.22
C PRO L 30 29.31 -148.39 -4.57
N PHE L 31 28.76 -147.24 -4.93
CA PHE L 31 27.51 -146.79 -4.32
C PHE L 31 26.35 -147.60 -4.89
N PRO L 32 25.48 -148.14 -4.05
CA PRO L 32 24.45 -149.08 -4.54
C PRO L 32 23.16 -148.42 -4.99
N TRP L 33 23.26 -147.29 -5.67
CA TRP L 33 22.09 -146.58 -6.18
C TRP L 33 22.54 -145.57 -7.22
N ASN L 34 21.75 -145.42 -8.28
CA ASN L 34 22.16 -144.58 -9.41
C ASN L 34 21.05 -143.69 -9.94
N LYS L 35 20.00 -143.45 -9.17
CA LYS L 35 18.91 -142.56 -9.57
C LYS L 35 18.78 -141.42 -8.56
N ILE L 36 18.34 -140.26 -9.05
CA ILE L 36 18.15 -139.11 -8.17
C ILE L 36 16.95 -139.35 -7.26
N ARG L 37 15.89 -139.97 -7.78
CA ARG L 37 14.75 -140.29 -6.95
C ARG L 37 15.10 -141.40 -5.97
N LEU L 38 14.41 -141.42 -4.85
CA LEU L 38 14.68 -142.40 -3.81
C LEU L 38 14.00 -143.72 -4.16
N PRO L 39 14.47 -144.83 -3.56
CA PRO L 39 13.77 -146.10 -3.75
C PRO L 39 12.35 -146.03 -3.20
N GLU L 40 11.41 -146.62 -3.93
CA GLU L 40 10.00 -146.55 -3.59
C GLU L 40 9.56 -147.62 -2.60
N TYR L 41 10.42 -148.58 -2.26
CA TYR L 41 10.03 -149.71 -1.43
C TYR L 41 10.47 -149.58 0.03
N VAL L 42 11.02 -148.42 0.41
CA VAL L 42 11.33 -148.12 1.81
C VAL L 42 10.58 -146.85 2.15
N ILE L 43 9.54 -146.98 2.96
CA ILE L 43 8.62 -145.89 3.26
C ILE L 43 8.80 -145.51 4.73
N PRO L 44 9.03 -144.25 5.05
CA PRO L 44 9.06 -143.85 6.45
C PRO L 44 7.65 -143.70 6.99
N VAL L 45 7.53 -143.87 8.31
CA VAL L 45 6.22 -143.73 8.94
C VAL L 45 6.32 -142.74 10.09
N HIS L 46 7.49 -142.61 10.71
CA HIS L 46 7.55 -141.67 11.84
C HIS L 46 8.97 -141.17 12.07
N TYR L 47 9.18 -139.86 11.99
CA TYR L 47 10.46 -139.27 12.33
C TYR L 47 10.44 -138.78 13.77
N ASP L 48 11.57 -138.97 14.45
CA ASP L 48 11.77 -138.52 15.83
C ASP L 48 13.08 -137.75 15.83
N LEU L 49 13.00 -136.43 15.88
CA LEU L 49 14.17 -135.58 15.73
C LEU L 49 14.57 -134.96 17.07
N LEU L 50 15.87 -134.98 17.35
CA LEU L 50 16.45 -134.34 18.52
C LEU L 50 17.56 -133.43 18.01
N ILE L 51 17.38 -132.12 18.18
CA ILE L 51 18.31 -131.13 17.66
C ILE L 51 18.89 -130.35 18.83
N HIS L 52 20.21 -130.21 18.87
CA HIS L 52 20.89 -129.35 19.82
C HIS L 52 21.68 -128.34 19.00
N ALA L 53 21.16 -127.12 18.92
CA ALA L 53 21.78 -126.03 18.18
C ALA L 53 22.59 -125.16 19.15
N ASN L 54 23.80 -124.79 18.68
CA ASN L 54 24.69 -123.94 19.51
C ASN L 54 24.91 -122.63 18.77
N LEU L 55 24.30 -121.55 19.27
CA LEU L 55 24.39 -120.22 18.68
C LEU L 55 25.78 -119.61 18.90
N THR L 56 26.41 -119.89 20.03
CA THR L 56 27.74 -119.31 20.30
C THR L 56 28.78 -119.87 19.33
N THR L 57 28.84 -121.19 19.20
CA THR L 57 29.81 -121.83 18.32
C THR L 57 29.26 -122.04 16.92
N LEU L 58 28.02 -121.68 16.67
CA LEU L 58 27.39 -121.86 15.37
C LEU L 58 27.49 -123.31 14.90
N THR L 59 27.10 -124.23 15.79
CA THR L 59 27.17 -125.66 15.54
C THR L 59 25.81 -126.28 15.83
N PHE L 60 25.68 -127.58 15.56
CA PHE L 60 24.53 -128.32 16.07
C PHE L 60 24.77 -129.81 15.89
N TRP L 61 24.38 -130.58 16.91
CA TRP L 61 24.38 -132.04 16.88
CA TRP L 61 24.38 -132.03 16.78
C TRP L 61 22.94 -132.55 16.83
N GLY L 62 22.71 -133.62 16.08
CA GLY L 62 21.37 -134.12 15.90
C GLY L 62 21.30 -135.64 15.99
N THR L 63 20.14 -136.11 16.40
CA THR L 63 19.80 -137.53 16.44
C THR L 63 18.45 -137.72 15.78
N THR L 64 18.41 -138.60 14.78
CA THR L 64 17.18 -138.85 14.02
C THR L 64 16.84 -140.32 14.13
N LYS L 65 15.66 -140.62 14.69
CA LYS L 65 15.14 -141.97 14.76
C LYS L 65 13.93 -142.03 13.82
N VAL L 66 14.07 -142.75 12.72
CA VAL L 66 13.02 -142.82 11.71
C VAL L 66 12.49 -144.25 11.68
N GLU L 67 11.18 -144.38 11.94
CA GLU L 67 10.47 -145.63 11.80
C GLU L 67 10.06 -145.81 10.36
N ILE L 68 10.45 -146.96 9.79
CA ILE L 68 10.27 -147.30 8.38
C ILE L 68 9.72 -148.71 8.27
N THR L 69 9.15 -149.00 7.10
CA THR L 69 8.74 -150.34 6.69
C THR L 69 9.23 -150.59 5.28
N ALA L 70 9.41 -151.86 4.94
CA ALA L 70 9.93 -152.27 3.64
C ALA L 70 8.94 -153.19 2.94
N SER L 71 8.74 -152.96 1.64
CA SER L 71 7.86 -153.80 0.83
C SER L 71 8.60 -154.83 0.00
N GLN L 72 9.87 -154.55 -0.36
CA GLN L 72 10.71 -155.51 -1.05
C GLN L 72 11.89 -155.85 -0.14
N PRO L 73 12.22 -157.15 0.00
CA PRO L 73 13.36 -157.52 0.87
C PRO L 73 14.65 -156.89 0.37
N THR L 74 15.27 -156.09 1.23
CA THR L 74 16.49 -155.39 0.89
C THR L 74 17.38 -155.29 2.13
N SER L 75 18.68 -155.13 1.88
CA SER L 75 19.67 -154.89 2.92
C SER L 75 20.32 -153.52 2.76
N THR L 76 19.72 -152.64 1.96
CA THR L 76 20.25 -151.30 1.71
C THR L 76 19.13 -150.28 1.84
N ILE L 77 19.36 -149.26 2.66
CA ILE L 77 18.38 -148.19 2.89
C ILE L 77 18.98 -146.89 2.36
N ILE L 78 18.31 -146.28 1.38
CA ILE L 78 18.77 -145.05 0.75
C ILE L 78 17.92 -143.90 1.26
N LEU L 79 18.58 -142.82 1.69
CA LEU L 79 17.90 -141.61 2.11
C LEU L 79 18.81 -140.42 1.84
N HIS L 80 18.29 -139.22 2.09
CA HIS L 80 18.99 -137.99 1.76
C HIS L 80 19.78 -137.45 2.95
N SER L 81 20.91 -136.82 2.63
CA SER L 81 21.76 -136.15 3.61
C SER L 81 22.73 -135.26 2.84
N HIS L 82 22.90 -134.02 3.33
CA HIS L 82 23.71 -133.03 2.63
C HIS L 82 24.45 -132.19 3.65
N HIS L 83 25.78 -132.13 3.53
CA HIS L 83 26.62 -131.34 4.41
C HIS L 83 26.43 -131.71 5.88
N LEU L 84 26.25 -133.01 6.14
CA LEU L 84 26.05 -133.52 7.49
C LEU L 84 27.10 -134.59 7.79
N GLN L 85 27.81 -134.44 8.91
CA GLN L 85 28.81 -135.40 9.33
C GLN L 85 28.12 -136.50 10.13
N ILE L 86 27.98 -137.68 9.53
CA ILE L 86 27.38 -138.82 10.20
C ILE L 86 28.45 -139.51 11.06
N SER L 87 28.13 -139.76 12.33
CA SER L 87 29.09 -140.33 13.26
C SER L 87 28.68 -141.70 13.79
N ARG L 88 27.43 -142.11 13.64
CA ARG L 88 26.95 -143.34 14.26
C ARG L 88 25.61 -143.70 13.65
N ALA L 89 25.42 -144.98 13.34
CA ALA L 89 24.20 -145.43 12.68
C ALA L 89 23.85 -146.82 13.17
N THR L 90 22.62 -146.99 13.68
CA THR L 90 22.13 -148.26 14.18
C THR L 90 20.77 -148.57 13.57
N LEU L 91 20.42 -149.85 13.61
CA LEU L 91 19.15 -150.35 13.05
C LEU L 91 18.49 -151.27 14.06
N ARG L 92 17.37 -150.83 14.62
CA ARG L 92 16.59 -151.60 15.58
C ARG L 92 15.40 -152.25 14.87
N LYS L 93 15.07 -153.47 15.28
CA LYS L 93 13.98 -154.23 14.66
C LYS L 93 12.86 -154.38 15.66
N GLY L 94 11.70 -153.77 15.39
CA GLY L 94 10.60 -153.82 16.33
C GLY L 94 10.20 -152.48 16.90
N LEU L 99 14.11 -154.82 20.30
CA LEU L 99 14.89 -155.81 21.04
C LEU L 99 16.30 -155.94 20.47
N SER L 100 16.39 -156.35 19.21
CA SER L 100 17.68 -156.55 18.55
C SER L 100 18.10 -155.27 17.84
N GLU L 101 19.34 -154.85 18.08
CA GLU L 101 19.92 -153.68 17.45
C GLU L 101 21.19 -154.07 16.73
N GLU L 102 21.34 -153.59 15.49
CA GLU L 102 22.47 -153.96 14.66
C GLU L 102 23.10 -152.72 14.04
N PRO L 103 24.42 -152.70 13.90
CA PRO L 103 25.08 -151.56 13.28
C PRO L 103 24.89 -151.53 11.77
N LEU L 104 24.91 -150.32 11.23
CA LEU L 104 24.78 -150.09 9.79
C LEU L 104 26.08 -149.49 9.26
N GLN L 105 26.46 -149.89 8.06
CA GLN L 105 27.60 -149.27 7.38
C GLN L 105 27.11 -148.12 6.52
N VAL L 106 27.89 -147.04 6.51
CA VAL L 106 27.48 -145.78 5.89
C VAL L 106 28.30 -145.58 4.61
N LEU L 107 27.59 -145.36 3.50
CA LEU L 107 28.19 -144.93 2.24
C LEU L 107 27.63 -143.57 1.87
N GLU L 108 28.46 -142.73 1.27
CA GLU L 108 28.11 -141.34 1.03
C GLU L 108 28.20 -141.03 -0.46
N HIS L 109 27.24 -140.25 -0.96
CA HIS L 109 27.24 -139.80 -2.35
C HIS L 109 26.91 -138.32 -2.36
N PRO L 110 27.92 -137.45 -2.40
CA PRO L 110 27.64 -136.00 -2.37
C PRO L 110 27.01 -135.49 -3.65
N ARG L 111 27.24 -136.14 -4.79
CA ARG L 111 26.65 -135.67 -6.04
C ARG L 111 25.14 -135.85 -6.03
N GLN L 112 24.65 -136.99 -5.55
CA GLN L 112 23.22 -137.24 -5.44
C GLN L 112 22.66 -136.80 -4.09
N GLU L 113 23.49 -136.23 -3.21
CA GLU L 113 23.06 -135.77 -1.90
C GLU L 113 22.41 -136.91 -1.10
N GLN L 114 23.03 -138.09 -1.14
CA GLN L 114 22.43 -139.27 -0.54
C GLN L 114 23.44 -140.00 0.34
N ILE L 115 22.90 -140.84 1.21
CA ILE L 115 23.68 -141.82 1.96
C ILE L 115 22.97 -143.16 1.86
N ALA L 116 23.78 -144.23 1.86
CA ALA L 116 23.30 -145.59 1.82
C ALA L 116 23.65 -146.27 3.14
N LEU L 117 22.66 -146.90 3.76
CA LEU L 117 22.86 -147.62 5.01
C LEU L 117 22.76 -149.11 4.74
N LEU L 118 23.84 -149.83 5.05
CA LEU L 118 23.92 -151.26 4.80
C LEU L 118 23.69 -152.02 6.09
N ALA L 119 22.75 -152.97 6.06
CA ALA L 119 22.30 -153.82 7.15
C ALA L 119 22.84 -155.23 6.98
N PRO L 120 23.29 -155.86 8.08
CA PRO L 120 23.86 -157.21 7.95
C PRO L 120 22.85 -158.24 7.45
N GLU L 121 21.63 -158.22 7.97
CA GLU L 121 20.62 -159.18 7.59
C GLU L 121 19.49 -158.49 6.82
N PRO L 122 19.02 -159.09 5.72
CA PRO L 122 18.00 -158.43 4.90
C PRO L 122 16.73 -158.18 5.69
N LEU L 123 16.14 -157.00 5.44
CA LEU L 123 14.91 -156.61 6.14
C LEU L 123 13.75 -157.50 5.71
N LEU L 124 12.89 -157.84 6.68
CA LEU L 124 11.73 -158.68 6.43
C LEU L 124 10.54 -157.80 6.04
N VAL L 125 9.87 -158.16 4.94
CA VAL L 125 8.75 -157.37 4.46
C VAL L 125 7.62 -157.39 5.48
N GLY L 126 6.97 -156.23 5.66
CA GLY L 126 5.86 -156.09 6.58
C GLY L 126 6.25 -155.85 8.02
N LEU L 127 7.53 -155.78 8.34
CA LEU L 127 8.02 -155.56 9.69
C LEU L 127 8.45 -154.12 9.90
N PRO L 128 8.21 -153.57 11.09
CA PRO L 128 8.69 -152.21 11.38
C PRO L 128 10.13 -152.17 11.87
N TYR L 129 10.93 -151.29 11.28
CA TYR L 129 12.31 -151.10 11.70
C TYR L 129 12.50 -149.62 12.05
N THR L 130 13.55 -149.36 12.84
CA THR L 130 13.86 -148.01 13.31
C THR L 130 15.32 -147.72 13.05
N VAL L 131 15.59 -146.79 12.14
CA VAL L 131 16.95 -146.36 11.85
C VAL L 131 17.29 -145.19 12.78
N VAL L 132 18.43 -145.29 13.47
CA VAL L 132 18.86 -144.26 14.41
C VAL L 132 20.20 -143.72 13.93
N ILE L 133 20.25 -142.43 13.61
CA ILE L 133 21.42 -141.79 13.03
C ILE L 133 21.83 -140.63 13.92
N HIS L 134 23.13 -140.58 14.26
CA HIS L 134 23.73 -139.46 14.96
C HIS L 134 24.59 -138.67 13.99
N TYR L 135 24.45 -137.35 14.01
CA TYR L 135 25.12 -136.52 13.02
C TYR L 135 25.44 -135.16 13.64
N ALA L 136 26.24 -134.39 12.91
CA ALA L 136 26.62 -133.05 13.32
C ALA L 136 26.70 -132.14 12.10
N GLY L 137 26.74 -130.84 12.36
CA GLY L 137 26.86 -129.86 11.30
C GLY L 137 26.91 -128.48 11.91
N ASN L 138 26.88 -127.46 11.05
CA ASN L 138 26.76 -126.09 11.51
C ASN L 138 25.69 -125.34 10.73
N LEU L 139 25.14 -124.32 11.38
CA LEU L 139 24.19 -123.41 10.77
C LEU L 139 24.70 -122.85 9.45
N SER L 140 23.92 -123.04 8.39
CA SER L 140 24.29 -122.50 7.09
C SER L 140 24.30 -120.98 7.15
N GLU L 141 25.32 -120.37 6.53
CA GLU L 141 25.37 -118.92 6.42
C GLU L 141 24.53 -118.38 5.26
N THR L 142 23.80 -119.26 4.56
CA THR L 142 22.99 -118.85 3.42
C THR L 142 21.57 -118.52 3.86
N PHE L 143 20.61 -118.71 2.95
CA PHE L 143 19.20 -118.45 3.21
C PHE L 143 18.35 -119.72 3.22
N HIS L 144 18.98 -120.90 3.19
CA HIS L 144 18.25 -122.15 3.15
C HIS L 144 18.84 -123.12 4.17
N GLY L 145 18.14 -124.24 4.36
CA GLY L 145 18.53 -125.23 5.34
C GLY L 145 18.26 -124.79 6.77
N PHE L 146 19.17 -125.12 7.67
CA PHE L 146 19.12 -124.63 9.06
C PHE L 146 20.13 -123.50 9.14
N TYR L 147 19.67 -122.28 8.93
CA TYR L 147 20.57 -121.15 8.70
C TYR L 147 20.50 -120.14 9.83
N LYS L 148 21.47 -119.22 9.82
CA LYS L 148 21.63 -118.21 10.85
C LYS L 148 21.04 -116.88 10.40
N SER L 149 20.49 -116.14 11.37
CA SER L 149 19.98 -114.80 11.14
C SER L 149 20.46 -113.91 12.28
N THR L 150 20.63 -112.62 11.98
CA THR L 150 21.09 -111.66 12.97
C THR L 150 20.17 -110.45 12.96
N TYR L 151 20.11 -109.76 14.10
CA TYR L 151 19.32 -108.54 14.18
C TYR L 151 20.01 -107.55 15.11
N ARG L 152 19.73 -106.27 14.88
CA ARG L 152 20.34 -105.17 15.62
C ARG L 152 19.37 -104.64 16.66
N THR L 153 19.82 -104.55 17.91
CA THR L 153 19.04 -103.89 18.95
C THR L 153 19.16 -102.37 18.83
N LYS L 154 18.29 -101.68 19.56
CA LYS L 154 18.32 -100.22 19.55
C LYS L 154 19.54 -99.65 20.25
N GLU L 155 20.33 -100.49 20.92
CA GLU L 155 21.58 -100.06 21.54
C GLU L 155 22.79 -100.37 20.67
N GLY L 156 22.58 -100.83 19.44
CA GLY L 156 23.65 -101.15 18.53
C GLY L 156 24.19 -102.56 18.64
N GLU L 157 23.75 -103.32 19.65
CA GLU L 157 24.24 -104.69 19.82
C GLU L 157 23.67 -105.61 18.74
N LEU L 158 24.41 -106.67 18.45
CA LEU L 158 24.03 -107.67 17.45
C LEU L 158 23.62 -108.95 18.15
N ARG L 159 22.46 -109.49 17.77
CA ARG L 159 21.93 -110.71 18.36
C ARG L 159 21.71 -111.75 17.27
N ILE L 160 21.82 -113.02 17.66
CA ILE L 160 21.86 -114.15 16.74
C ILE L 160 20.66 -115.05 17.00
N LEU L 161 20.09 -115.60 15.93
CA LEU L 161 19.04 -116.60 16.00
C LEU L 161 19.25 -117.62 14.90
N ALA L 162 18.59 -118.76 15.03
CA ALA L 162 18.67 -119.84 14.05
C ALA L 162 17.28 -120.13 13.51
N SER L 163 17.13 -120.13 12.19
CA SER L 163 15.85 -120.35 11.54
C SER L 163 15.99 -121.47 10.53
N THR L 164 14.85 -121.88 9.97
CA THR L 164 14.81 -122.97 9.01
C THR L 164 14.14 -122.53 7.71
N GLN L 165 14.52 -123.21 6.63
CA GLN L 165 13.87 -123.03 5.33
C GLN L 165 14.17 -124.30 4.52
N PHE L 166 13.19 -125.20 4.45
CA PHE L 166 13.41 -126.54 3.93
C PHE L 166 12.87 -126.74 2.52
N GLU L 167 11.89 -125.96 2.09
CA GLU L 167 11.43 -126.07 0.71
C GLU L 167 12.52 -125.59 -0.23
N PRO L 168 12.86 -126.36 -1.28
CA PRO L 168 12.24 -127.66 -1.54
C PRO L 168 13.04 -128.87 -1.04
N THR L 169 14.36 -128.84 -1.12
CA THR L 169 15.20 -130.00 -0.80
C THR L 169 16.27 -129.63 0.23
N ALA L 170 15.91 -128.81 1.21
CA ALA L 170 16.88 -128.33 2.20
C ALA L 170 16.72 -128.97 3.57
N ALA L 171 15.66 -129.77 3.78
CA ALA L 171 15.52 -130.47 5.05
C ALA L 171 16.67 -131.44 5.29
N ARG L 172 17.24 -131.99 4.22
CA ARG L 172 18.38 -132.90 4.34
C ARG L 172 19.61 -132.20 4.89
N MET L 173 19.69 -130.87 4.80
CA MET L 173 20.80 -130.13 5.38
C MET L 173 20.68 -129.96 6.88
N ALA L 174 19.58 -130.38 7.47
CA ALA L 174 19.34 -130.27 8.91
C ALA L 174 19.10 -131.61 9.57
N PHE L 175 18.43 -132.54 8.90
CA PHE L 175 18.26 -133.88 9.44
C PHE L 175 18.18 -134.89 8.30
N PRO L 176 18.87 -136.01 8.40
CA PRO L 176 18.78 -137.04 7.35
C PRO L 176 17.39 -137.65 7.33
N CYS L 177 16.83 -137.78 6.14
CA CYS L 177 15.45 -138.19 5.97
C CYS L 177 15.23 -138.60 4.52
N PHE L 178 13.98 -138.99 4.23
CA PHE L 178 13.54 -139.25 2.86
C PHE L 178 12.93 -137.95 2.34
N ASP L 179 13.83 -137.05 1.92
CA ASP L 179 13.50 -135.65 1.63
C ASP L 179 12.81 -135.54 0.27
N GLU L 180 11.60 -136.09 0.21
CA GLU L 180 10.71 -135.94 -0.93
C GLU L 180 9.30 -135.68 -0.44
N PRO L 181 8.49 -134.93 -1.19
CA PRO L 181 7.14 -134.59 -0.72
C PRO L 181 6.20 -135.78 -0.68
N ALA L 182 6.53 -136.90 -1.32
CA ALA L 182 5.63 -138.04 -1.35
C ALA L 182 5.75 -138.91 -0.10
N PHE L 183 6.91 -138.92 0.55
CA PHE L 183 7.11 -139.72 1.76
C PHE L 183 6.64 -138.92 2.97
N LYS L 184 5.32 -138.86 3.12
CA LYS L 184 4.75 -138.17 4.27
C LYS L 184 4.84 -139.02 5.52
N ALA L 185 4.96 -138.35 6.67
CA ALA L 185 5.10 -139.02 7.95
C ALA L 185 4.83 -137.99 9.05
N SER L 186 4.74 -138.50 10.28
CA SER L 186 4.63 -137.66 11.46
C SER L 186 6.01 -137.34 12.01
N PHE L 187 6.08 -136.28 12.82
CA PHE L 187 7.35 -135.77 13.31
C PHE L 187 7.22 -135.43 14.79
N SER L 188 8.04 -136.07 15.64
CA SER L 188 8.14 -135.73 17.05
C SER L 188 9.44 -134.97 17.25
N ILE L 189 9.34 -133.69 17.58
CA ILE L 189 10.47 -132.77 17.59
C ILE L 189 10.89 -132.45 19.03
N LYS L 190 12.20 -132.46 19.26
CA LYS L 190 12.79 -132.06 20.53
C LYS L 190 13.95 -131.11 20.24
N ILE L 191 13.95 -129.94 20.85
CA ILE L 191 14.96 -128.92 20.59
C ILE L 191 15.64 -128.55 21.91
N ARG L 192 16.96 -128.45 21.88
CA ARG L 192 17.75 -128.10 23.06
C ARG L 192 18.27 -126.68 22.92
N ARG L 193 18.20 -125.92 24.02
CA ARG L 193 18.53 -124.50 23.98
C ARG L 193 19.04 -124.08 25.36
N GLU L 194 19.66 -122.91 25.39
CA GLU L 194 19.96 -122.26 26.65
C GLU L 194 18.67 -121.74 27.27
N PRO L 195 18.64 -121.49 28.57
CA PRO L 195 17.44 -120.88 29.16
C PRO L 195 17.10 -119.54 28.55
N ARG L 196 18.10 -118.75 28.17
CA ARG L 196 17.87 -117.41 27.62
C ARG L 196 17.14 -117.42 26.29
N HIS L 197 16.94 -118.59 25.68
CA HIS L 197 16.36 -118.67 24.35
C HIS L 197 14.91 -119.12 24.41
N LEU L 198 14.27 -119.08 23.23
CA LEU L 198 12.87 -119.45 23.06
C LEU L 198 12.74 -120.28 21.80
N ALA L 199 12.14 -121.45 21.92
CA ALA L 199 12.02 -122.40 20.81
C ALA L 199 10.55 -122.58 20.45
N ILE L 200 10.25 -122.45 19.15
CA ILE L 200 8.91 -122.72 18.63
C ILE L 200 9.06 -123.60 17.40
N SER L 201 8.03 -124.38 17.13
CA SER L 201 8.09 -125.34 16.04
C SER L 201 6.68 -125.50 15.46
N ASN L 202 6.45 -126.62 14.76
CA ASN L 202 5.19 -126.82 14.07
C ASN L 202 4.04 -126.98 15.06
N MET L 203 4.23 -127.77 16.10
CA MET L 203 3.21 -128.08 17.08
C MET L 203 3.42 -127.27 18.34
N PRO L 204 2.44 -127.22 19.24
CA PRO L 204 2.64 -126.54 20.52
C PRO L 204 3.69 -127.23 21.37
N LEU L 205 4.25 -126.47 22.30
CA LEU L 205 5.24 -126.99 23.23
C LEU L 205 4.56 -127.83 24.30
N VAL L 206 4.94 -129.10 24.38
CA VAL L 206 4.33 -130.01 25.34
C VAL L 206 5.03 -129.95 26.68
N LYS L 207 6.36 -130.00 26.71
CA LYS L 207 7.01 -129.88 28.01
C LYS L 207 8.47 -129.43 27.85
N SER L 208 9.04 -128.96 28.96
CA SER L 208 10.43 -128.52 29.03
C SER L 208 11.11 -129.25 30.17
N VAL L 209 12.21 -129.94 29.86
CA VAL L 209 12.94 -130.76 30.82
C VAL L 209 14.36 -130.22 30.92
N THR L 210 14.90 -130.14 32.15
CA THR L 210 16.25 -129.65 32.35
C THR L 210 17.25 -130.80 32.16
N VAL L 211 17.44 -131.17 30.90
CA VAL L 211 18.40 -132.21 30.57
C VAL L 211 19.82 -131.70 30.80
N ALA L 212 20.70 -132.61 31.24
CA ALA L 212 22.07 -132.26 31.56
C ALA L 212 22.12 -131.12 32.57
N GLU L 213 22.97 -130.14 32.35
CA GLU L 213 23.08 -128.98 33.22
C GLU L 213 23.14 -127.71 32.38
N GLY L 214 22.27 -126.75 32.69
CA GLY L 214 22.35 -125.42 32.13
C GLY L 214 21.64 -125.23 30.81
N LEU L 215 21.09 -126.29 30.22
CA LEU L 215 20.36 -126.18 28.95
C LEU L 215 19.06 -126.98 29.04
N ILE L 216 17.96 -126.35 28.59
CA ILE L 216 16.63 -126.94 28.61
C ILE L 216 16.37 -127.67 27.30
N GLU L 217 15.53 -128.70 27.38
CA GLU L 217 15.09 -129.47 26.22
C GLU L 217 13.58 -129.34 26.11
N ASP L 218 13.11 -128.86 24.96
CA ASP L 218 11.69 -128.64 24.71
C ASP L 218 11.17 -129.78 23.84
N HIS L 219 10.21 -130.53 24.37
CA HIS L 219 9.50 -131.58 23.65
C HIS L 219 8.21 -130.99 23.11
N PHE L 220 8.08 -130.98 21.77
CA PHE L 220 6.89 -130.51 21.09
C PHE L 220 5.97 -131.68 20.75
N ASP L 221 4.69 -131.36 20.55
CA ASP L 221 3.71 -132.36 20.16
C ASP L 221 4.04 -132.94 18.78
N VAL L 222 3.40 -134.07 18.47
CA VAL L 222 3.65 -134.76 17.20
C VAL L 222 2.80 -134.14 16.11
N THR L 223 3.39 -133.97 14.93
CA THR L 223 2.72 -133.37 13.79
C THR L 223 1.79 -134.39 13.13
N VAL L 224 1.08 -133.94 12.10
CA VAL L 224 0.18 -134.82 11.34
C VAL L 224 0.94 -135.37 10.13
N LYS L 225 0.24 -136.12 9.29
CA LYS L 225 0.83 -136.60 8.04
C LYS L 225 1.17 -135.44 7.12
N MET L 226 2.46 -135.14 6.97
CA MET L 226 2.89 -134.01 6.16
C MET L 226 4.22 -134.34 5.51
N SER L 227 4.53 -133.57 4.46
CA SER L 227 5.78 -133.75 3.75
C SER L 227 6.94 -133.20 4.57
N THR L 228 8.15 -133.55 4.15
CA THR L 228 9.34 -133.22 4.94
C THR L 228 9.69 -131.74 4.87
N TYR L 229 9.38 -131.07 3.76
CA TYR L 229 9.74 -129.67 3.60
C TYR L 229 8.94 -128.73 4.52
N LEU L 230 7.93 -129.25 5.21
CA LEU L 230 7.11 -128.42 6.09
C LEU L 230 7.59 -128.39 7.53
N VAL L 231 8.65 -129.13 7.86
CA VAL L 231 9.21 -129.07 9.20
C VAL L 231 9.89 -127.73 9.42
N ALA L 232 9.77 -127.19 10.63
CA ALA L 232 10.36 -125.90 10.95
C ALA L 232 10.58 -125.77 12.45
N PHE L 233 11.58 -124.99 12.82
CA PHE L 233 11.88 -124.69 14.22
C PHE L 233 12.75 -123.44 14.27
N ILE L 234 12.57 -122.66 15.34
CA ILE L 234 13.24 -121.37 15.50
C ILE L 234 13.76 -121.25 16.91
N ILE L 235 15.03 -120.87 17.05
CA ILE L 235 15.64 -120.59 18.35
C ILE L 235 16.01 -119.11 18.37
N SER L 236 15.37 -118.34 19.23
CA SER L 236 15.60 -116.90 19.30
C SER L 236 15.19 -116.39 20.67
N ASP L 237 14.88 -115.10 20.75
CA ASP L 237 14.28 -114.46 21.92
C ASP L 237 13.14 -113.55 21.50
N PHE L 238 12.31 -114.04 20.59
CA PHE L 238 11.22 -113.25 20.04
C PHE L 238 10.19 -112.91 21.11
N GLU L 239 9.56 -111.75 20.93
CA GLU L 239 8.30 -111.46 21.60
C GLU L 239 7.15 -111.86 20.68
N SER L 240 5.97 -112.04 21.29
CA SER L 240 4.83 -112.51 20.52
C SER L 240 3.55 -111.83 20.99
N VAL L 241 2.57 -111.80 20.08
CA VAL L 241 1.21 -111.36 20.36
C VAL L 241 0.26 -112.46 19.91
N SER L 242 -0.77 -112.72 20.61
CA SER L 242 -1.67 -113.85 20.27
C SER L 242 -3.14 -113.41 20.26
N LYS L 243 -3.96 -114.21 19.70
CA LYS L 243 -5.39 -114.00 19.53
C LYS L 243 -6.02 -115.35 19.22
N ILE L 244 -7.33 -115.44 19.47
CA ILE L 244 -8.09 -116.68 19.28
C ILE L 244 -9.01 -116.51 18.08
N THR L 245 -9.15 -117.57 17.28
CA THR L 245 -10.14 -117.59 16.22
C THR L 245 -11.50 -117.97 16.78
N LYS L 246 -12.54 -117.82 15.96
CA LYS L 246 -13.85 -118.27 16.39
C LYS L 246 -13.94 -119.79 16.45
N SER L 247 -12.96 -120.51 15.92
CA SER L 247 -12.91 -121.96 15.98
C SER L 247 -11.96 -122.48 17.05
N GLY L 248 -11.31 -121.59 17.80
CA GLY L 248 -10.47 -122.00 18.92
C GLY L 248 -9.01 -122.22 18.63
N VAL L 249 -8.54 -121.87 17.44
CA VAL L 249 -7.12 -122.03 17.12
C VAL L 249 -6.35 -120.86 17.71
N LYS L 250 -5.18 -121.15 18.28
CA LYS L 250 -4.36 -120.11 18.90
C LYS L 250 -3.44 -119.51 17.85
N VAL L 251 -3.76 -118.30 17.38
CA VAL L 251 -2.95 -117.62 16.38
C VAL L 251 -2.03 -116.63 17.07
N SER L 252 -0.74 -116.73 16.81
CA SER L 252 0.26 -115.86 17.41
C SER L 252 1.20 -115.34 16.33
N VAL L 253 1.81 -114.20 16.62
CA VAL L 253 2.76 -113.55 15.74
C VAL L 253 4.00 -113.23 16.55
N TYR L 254 5.14 -113.80 16.14
CA TYR L 254 6.43 -113.60 16.78
C TYR L 254 7.28 -112.63 15.96
N ALA L 255 8.07 -111.83 16.67
CA ALA L 255 8.99 -110.91 16.03
C ALA L 255 10.10 -110.54 17.00
N VAL L 256 11.10 -109.85 16.48
CA VAL L 256 12.22 -109.36 17.28
C VAL L 256 11.65 -108.40 18.31
N PRO L 257 12.28 -108.27 19.49
CA PRO L 257 11.64 -107.49 20.57
C PRO L 257 11.35 -106.05 20.20
N ASP L 258 12.19 -105.41 19.40
CA ASP L 258 12.02 -103.99 19.07
C ASP L 258 10.98 -103.73 17.98
N LYS L 259 10.44 -104.78 17.36
CA LYS L 259 9.49 -104.63 16.26
C LYS L 259 8.17 -105.33 16.50
N ILE L 260 7.90 -105.80 17.72
CA ILE L 260 6.68 -106.56 17.97
C ILE L 260 5.45 -105.68 17.86
N ASN L 261 5.59 -104.37 18.09
CA ASN L 261 4.45 -103.47 18.04
C ASN L 261 3.92 -103.24 16.62
N GLN L 262 4.52 -103.84 15.60
CA GLN L 262 4.07 -103.72 14.23
C GLN L 262 3.33 -104.94 13.73
N ALA L 263 2.93 -105.84 14.63
CA ALA L 263 2.34 -107.12 14.28
C ALA L 263 0.81 -107.14 14.40
N ASP L 264 0.20 -105.99 14.72
CA ASP L 264 -1.23 -105.96 15.00
C ASP L 264 -2.06 -106.27 13.75
N TYR L 265 -1.81 -105.57 12.65
CA TYR L 265 -2.55 -105.83 11.42
C TYR L 265 -2.30 -107.25 10.93
N ALA L 266 -1.06 -107.72 11.04
CA ALA L 266 -0.74 -109.09 10.65
C ALA L 266 -1.59 -110.09 11.43
N LEU L 267 -1.65 -109.92 12.76
CA LEU L 267 -2.41 -110.86 13.59
C LEU L 267 -3.90 -110.81 13.28
N ASP L 268 -4.46 -109.60 13.17
CA ASP L 268 -5.89 -109.46 12.89
C ASP L 268 -6.24 -110.08 11.56
N ALA L 269 -5.50 -109.72 10.50
CA ALA L 269 -5.77 -110.29 9.19
C ALA L 269 -5.53 -111.79 9.16
N ALA L 270 -4.58 -112.29 9.94
CA ALA L 270 -4.35 -113.74 9.99
C ALA L 270 -5.56 -114.45 10.57
N VAL L 271 -6.08 -113.96 11.69
CA VAL L 271 -7.27 -114.58 12.28
C VAL L 271 -8.44 -114.53 11.29
N THR L 272 -8.65 -113.36 10.69
CA THR L 272 -9.77 -113.20 9.75
C THR L 272 -9.65 -114.18 8.58
N LEU L 273 -8.46 -114.26 7.98
CA LEU L 273 -8.27 -115.11 6.81
C LEU L 273 -8.33 -116.58 7.17
N LEU L 274 -7.84 -116.96 8.35
CA LEU L 274 -7.94 -118.35 8.77
C LEU L 274 -9.39 -118.77 8.96
N GLU L 275 -10.20 -117.92 9.59
CA GLU L 275 -11.62 -118.21 9.73
C GLU L 275 -12.29 -118.31 8.36
N PHE L 276 -11.96 -117.39 7.46
CA PHE L 276 -12.53 -117.44 6.11
C PHE L 276 -12.19 -118.75 5.41
N TYR L 277 -10.92 -119.17 5.50
CA TYR L 277 -10.50 -120.38 4.81
C TYR L 277 -11.17 -121.61 5.39
N GLU L 278 -11.25 -121.70 6.73
CA GLU L 278 -12.00 -122.80 7.34
C GLU L 278 -13.42 -122.85 6.80
N ASP L 279 -14.14 -121.72 6.86
CA ASP L 279 -15.54 -121.70 6.43
C ASP L 279 -15.67 -122.05 4.95
N TYR L 280 -14.80 -121.49 4.11
CA TYR L 280 -14.91 -121.68 2.67
C TYR L 280 -14.64 -123.13 2.27
N PHE L 281 -13.54 -123.71 2.76
CA PHE L 281 -13.21 -125.08 2.40
C PHE L 281 -14.05 -126.11 3.14
N SER L 282 -14.78 -125.72 4.19
CA SER L 282 -15.53 -126.65 5.03
C SER L 282 -14.63 -127.73 5.62
N ILE L 283 -13.38 -127.35 5.89
CA ILE L 283 -12.38 -128.25 6.46
C ILE L 283 -11.66 -127.51 7.57
N PRO L 284 -11.85 -127.90 8.83
CA PRO L 284 -11.23 -127.16 9.93
C PRO L 284 -9.70 -127.23 9.89
N TYR L 285 -9.07 -126.23 10.47
CA TYR L 285 -7.63 -126.21 10.63
C TYR L 285 -7.23 -127.31 11.61
N PRO L 286 -6.43 -128.30 11.19
CA PRO L 286 -6.25 -129.47 12.06
C PRO L 286 -5.36 -129.23 13.27
N LEU L 287 -4.42 -128.30 13.19
CA LEU L 287 -3.47 -128.08 14.27
C LEU L 287 -4.04 -127.15 15.34
N PRO L 288 -3.54 -127.25 16.58
CA PRO L 288 -4.06 -126.37 17.64
C PRO L 288 -3.66 -124.90 17.49
N LYS L 289 -2.45 -124.62 17.00
CA LYS L 289 -1.97 -123.26 16.95
C LYS L 289 -1.44 -122.95 15.55
N GLN L 290 -1.47 -121.66 15.23
CA GLN L 290 -0.90 -121.11 14.01
C GLN L 290 0.00 -119.94 14.39
N ASP L 291 1.24 -119.97 13.92
CA ASP L 291 2.22 -118.95 14.26
C ASP L 291 2.73 -118.26 13.01
N LEU L 292 2.98 -116.96 13.12
CA LEU L 292 3.50 -116.14 12.04
C LEU L 292 4.74 -115.43 12.58
N ALA L 293 5.92 -115.88 12.15
CA ALA L 293 7.17 -115.36 12.68
C ALA L 293 7.85 -114.47 11.65
N ALA L 294 8.31 -113.31 12.11
CA ALA L 294 9.01 -112.35 11.25
C ALA L 294 10.51 -112.60 11.37
N ILE L 295 11.09 -113.22 10.35
CA ILE L 295 12.50 -113.59 10.36
C ILE L 295 13.33 -112.43 9.80
N PRO L 296 14.39 -112.00 10.49
CA PRO L 296 15.18 -110.87 9.98
C PRO L 296 15.91 -111.19 8.68
N ASP L 297 16.35 -112.42 8.49
CA ASP L 297 17.05 -112.84 7.27
C ASP L 297 16.21 -113.90 6.56
N PHE L 298 15.58 -113.52 5.46
CA PHE L 298 14.74 -114.44 4.71
C PHE L 298 14.93 -114.20 3.21
N GLN L 299 14.93 -115.29 2.45
CA GLN L 299 15.11 -115.21 0.99
C GLN L 299 13.79 -115.01 0.26
N SER L 300 12.82 -115.89 0.51
CA SER L 300 11.52 -115.78 -0.13
C SER L 300 10.74 -114.63 0.49
N GLY L 301 9.53 -114.40 -0.02
CA GLY L 301 8.59 -113.55 0.68
C GLY L 301 8.11 -114.17 1.98
N ALA L 302 7.82 -115.46 1.96
CA ALA L 302 7.33 -116.17 3.14
C ALA L 302 7.52 -117.67 2.91
N MET L 303 7.05 -118.45 3.88
CA MET L 303 7.10 -119.91 3.81
C MET L 303 5.91 -120.48 4.57
N GLU L 304 5.37 -121.59 4.06
CA GLU L 304 4.11 -122.14 4.52
C GLU L 304 4.26 -123.29 5.52
N ASN L 305 5.30 -123.25 6.35
CA ASN L 305 5.51 -124.31 7.33
C ASN L 305 4.27 -124.50 8.19
N TRP L 306 3.77 -125.73 8.24
CA TRP L 306 2.50 -126.03 8.89
C TRP L 306 2.53 -125.67 10.37
N GLY L 307 1.74 -124.67 10.76
CA GLY L 307 1.68 -124.21 12.12
C GLY L 307 2.73 -123.18 12.51
N LEU L 308 3.66 -122.86 11.61
CA LEU L 308 4.72 -121.90 11.91
C LEU L 308 5.17 -121.27 10.58
N THR L 309 4.32 -120.44 10.01
CA THR L 309 4.68 -119.70 8.81
C THR L 309 5.73 -118.65 9.14
N THR L 310 6.69 -118.49 8.23
CA THR L 310 7.78 -117.53 8.39
C THR L 310 7.67 -116.47 7.30
N TYR L 311 8.13 -115.27 7.63
CA TYR L 311 7.95 -114.13 6.74
C TYR L 311 9.19 -113.25 6.74
N ARG L 312 9.28 -112.40 5.73
CA ARG L 312 10.14 -111.24 5.81
C ARG L 312 9.51 -110.21 6.74
N GLU L 313 10.35 -109.51 7.49
CA GLU L 313 9.85 -108.42 8.32
C GLU L 313 9.09 -107.40 7.46
N SER L 314 9.62 -107.13 6.26
CA SER L 314 8.92 -106.25 5.32
C SER L 314 7.60 -106.84 4.88
N ALA L 315 7.48 -108.16 4.85
CA ALA L 315 6.28 -108.81 4.36
C ALA L 315 5.28 -109.13 5.46
N LEU L 316 5.62 -108.85 6.72
CA LEU L 316 4.63 -109.12 7.76
C LEU L 316 4.32 -107.93 8.64
N LEU L 317 5.31 -107.08 8.94
CA LEU L 317 5.13 -106.02 9.92
C LEU L 317 4.65 -104.73 9.26
N PHE L 318 3.74 -104.04 9.96
CA PHE L 318 3.08 -102.85 9.45
C PHE L 318 3.20 -101.72 10.45
N ASP L 319 3.77 -100.60 10.02
CA ASP L 319 3.90 -99.41 10.85
C ASP L 319 2.95 -98.35 10.31
N ALA L 320 1.97 -97.97 11.13
CA ALA L 320 0.96 -97.01 10.67
C ALA L 320 1.58 -95.66 10.32
N GLU L 321 2.72 -95.33 10.91
CA GLU L 321 3.30 -94.01 10.70
C GLU L 321 4.15 -93.94 9.43
N LYS L 322 4.70 -95.07 8.97
CA LYS L 322 5.65 -95.05 7.88
C LYS L 322 5.39 -96.06 6.77
N SER L 323 4.61 -97.11 7.02
CA SER L 323 4.36 -98.11 5.98
C SER L 323 3.38 -97.58 4.94
N SER L 324 3.57 -98.03 3.71
CA SER L 324 2.77 -97.58 2.59
C SER L 324 1.53 -98.43 2.40
N ALA L 325 0.56 -97.88 1.67
CA ALA L 325 -0.63 -98.65 1.33
C ALA L 325 -0.27 -99.87 0.49
N SER L 326 0.73 -99.72 -0.39
CA SER L 326 1.29 -100.87 -1.09
C SER L 326 1.77 -101.93 -0.12
N SER L 327 2.47 -101.51 0.94
CA SER L 327 2.98 -102.45 1.94
C SER L 327 1.85 -103.15 2.69
N LYS L 328 0.79 -102.41 3.03
CA LYS L 328 -0.33 -103.02 3.74
C LYS L 328 -1.04 -104.04 2.86
N LEU L 329 -1.29 -103.68 1.60
CA LEU L 329 -1.88 -104.64 0.66
C LEU L 329 -1.00 -105.87 0.49
N GLY L 330 0.31 -105.68 0.42
CA GLY L 330 1.22 -106.82 0.29
C GLY L 330 1.21 -107.73 1.50
N ILE L 331 1.15 -107.13 2.70
CA ILE L 331 1.05 -107.93 3.92
C ILE L 331 -0.21 -108.77 3.89
N THR L 332 -1.35 -108.16 3.52
CA THR L 332 -2.60 -108.89 3.47
C THR L 332 -2.52 -110.05 2.47
N MET L 333 -2.01 -109.78 1.27
CA MET L 333 -1.94 -110.82 0.24
C MET L 333 -1.00 -111.94 0.65
N THR L 334 0.11 -111.61 1.33
CA THR L 334 1.07 -112.64 1.73
C THR L 334 0.49 -113.54 2.81
N VAL L 335 -0.16 -112.94 3.81
CA VAL L 335 -0.80 -113.75 4.85
C VAL L 335 -1.87 -114.64 4.24
N ALA L 336 -2.65 -114.10 3.30
CA ALA L 336 -3.66 -114.92 2.64
C ALA L 336 -3.03 -116.06 1.87
N HIS L 337 -1.90 -115.80 1.20
CA HIS L 337 -1.21 -116.84 0.45
C HIS L 337 -0.78 -117.98 1.36
N GLU L 338 -0.17 -117.64 2.50
CA GLU L 338 0.33 -118.70 3.38
C GLU L 338 -0.81 -119.47 4.04
N LEU L 339 -1.86 -118.77 4.47
CA LEU L 339 -2.99 -119.47 5.07
C LEU L 339 -3.74 -120.32 4.05
N ALA L 340 -3.70 -119.93 2.77
CA ALA L 340 -4.24 -120.79 1.72
C ALA L 340 -3.34 -122.01 1.51
N HIS L 341 -2.03 -121.81 1.59
CA HIS L 341 -1.10 -122.93 1.51
C HIS L 341 -1.35 -123.95 2.61
N GLN L 342 -1.85 -123.48 3.75
CA GLN L 342 -2.19 -124.41 4.84
C GLN L 342 -3.11 -125.54 4.38
N TRP L 343 -3.92 -125.31 3.35
CA TRP L 343 -4.74 -126.34 2.73
C TRP L 343 -4.17 -126.83 1.41
N PHE L 344 -3.88 -125.90 0.49
CA PHE L 344 -3.31 -126.24 -0.82
C PHE L 344 -1.80 -126.28 -0.69
N GLY L 345 -1.28 -127.45 -0.32
CA GLY L 345 0.15 -127.62 -0.15
C GLY L 345 0.50 -128.47 1.05
N ASN L 346 -0.16 -128.21 2.17
CA ASN L 346 0.09 -128.93 3.42
C ASN L 346 -0.91 -130.06 3.61
N LEU L 347 -2.20 -129.73 3.61
CA LEU L 347 -3.24 -130.76 3.71
C LEU L 347 -3.20 -131.70 2.51
N VAL L 348 -3.27 -131.14 1.31
CA VAL L 348 -3.16 -131.89 0.06
C VAL L 348 -1.89 -131.43 -0.65
N THR L 349 -0.92 -132.33 -0.79
CA THR L 349 0.36 -131.97 -1.37
C THR L 349 0.53 -132.61 -2.75
N MET L 350 1.22 -131.90 -3.64
CA MET L 350 1.60 -132.52 -4.90
C MET L 350 2.55 -133.68 -4.63
N GLU L 351 2.59 -134.64 -5.55
CA GLU L 351 3.42 -135.81 -5.33
C GLU L 351 4.86 -135.56 -5.73
N TRP L 352 5.08 -134.86 -6.83
CA TRP L 352 6.43 -134.53 -7.28
C TRP L 352 6.43 -133.08 -7.74
N TRP L 353 7.62 -132.46 -7.70
CA TRP L 353 7.77 -131.03 -7.92
C TRP L 353 7.43 -130.61 -9.35
N ASN L 354 7.09 -131.57 -10.22
CA ASN L 354 6.63 -131.22 -11.55
C ASN L 354 5.25 -130.57 -11.51
N ASP L 355 4.44 -130.91 -10.51
CA ASP L 355 3.13 -130.28 -10.31
C ASP L 355 3.14 -129.28 -9.17
N LEU L 356 4.26 -128.56 -8.99
CA LEU L 356 4.34 -127.50 -7.99
C LEU L 356 3.26 -126.45 -8.17
N TRP L 357 2.72 -126.32 -9.38
CA TRP L 357 1.66 -125.34 -9.59
C TRP L 357 0.41 -125.70 -8.80
N LEU L 358 0.15 -126.99 -8.59
CA LEU L 358 -0.99 -127.43 -7.79
C LEU L 358 -0.96 -126.84 -6.38
N ASN L 359 0.22 -126.46 -5.88
CA ASN L 359 0.33 -125.71 -4.64
C ASN L 359 0.33 -124.21 -4.92
N GLU L 360 1.27 -123.75 -5.75
CA GLU L 360 1.59 -122.33 -5.81
C GLU L 360 0.53 -121.52 -6.55
N GLY L 361 0.07 -122.01 -7.71
CA GLY L 361 -0.98 -121.29 -8.42
C GLY L 361 -2.27 -121.23 -7.63
N PHE L 362 -2.64 -122.34 -6.98
CA PHE L 362 -3.83 -122.34 -6.16
C PHE L 362 -3.71 -121.38 -4.99
N ALA L 363 -2.52 -121.30 -4.37
CA ALA L 363 -2.34 -120.34 -3.28
C ALA L 363 -2.43 -118.90 -3.78
N LYS L 364 -1.76 -118.61 -4.91
CA LYS L 364 -1.80 -117.27 -5.48
C LYS L 364 -3.22 -116.87 -5.88
N PHE L 365 -4.04 -117.83 -6.30
CA PHE L 365 -5.42 -117.54 -6.67
C PHE L 365 -6.29 -117.38 -5.43
N MET L 366 -6.07 -118.20 -4.41
CA MET L 366 -6.81 -118.06 -3.17
C MET L 366 -6.50 -116.74 -2.48
N GLU L 367 -5.31 -116.16 -2.74
CA GLU L 367 -5.08 -114.77 -2.35
C GLU L 367 -6.24 -113.88 -2.78
N PHE L 368 -6.52 -113.85 -4.09
CA PHE L 368 -7.60 -113.03 -4.61
C PHE L 368 -8.95 -113.46 -4.03
N VAL L 369 -9.24 -114.77 -4.12
CA VAL L 369 -10.54 -115.28 -3.69
C VAL L 369 -10.83 -114.93 -2.23
N SER L 370 -9.81 -114.89 -1.39
CA SER L 370 -9.97 -114.65 0.04
C SER L 370 -9.98 -113.17 0.38
N VAL L 371 -9.04 -112.40 -0.18
CA VAL L 371 -8.93 -110.99 0.18
C VAL L 371 -10.12 -110.22 -0.37
N SER L 372 -10.58 -110.56 -1.58
CA SER L 372 -11.74 -109.87 -2.14
C SER L 372 -12.98 -109.98 -1.26
N VAL L 373 -12.99 -110.91 -0.31
CA VAL L 373 -14.09 -111.06 0.63
C VAL L 373 -13.75 -110.51 2.01
N THR L 374 -12.56 -110.82 2.51
CA THR L 374 -12.21 -110.46 3.88
C THR L 374 -11.85 -108.98 4.01
N HIS L 375 -11.17 -108.42 3.01
CA HIS L 375 -10.76 -107.01 3.02
C HIS L 375 -11.25 -106.35 1.75
N PRO L 376 -12.57 -106.15 1.61
CA PRO L 376 -13.09 -105.60 0.36
C PRO L 376 -12.72 -104.15 0.10
N GLU L 377 -12.28 -103.41 1.13
CA GLU L 377 -11.82 -102.05 0.89
C GLU L 377 -10.55 -102.01 0.06
N LEU L 378 -9.84 -103.13 -0.05
CA LEU L 378 -8.64 -103.18 -0.87
C LEU L 378 -8.98 -103.31 -2.34
N LYS L 379 -10.04 -104.07 -2.67
CA LYS L 379 -10.48 -104.27 -4.05
C LYS L 379 -9.35 -104.82 -4.91
N VAL L 380 -8.89 -106.03 -4.54
CA VAL L 380 -7.75 -106.64 -5.20
C VAL L 380 -8.05 -107.04 -6.64
N GLY L 381 -9.32 -107.09 -7.03
CA GLY L 381 -9.67 -107.31 -8.43
C GLY L 381 -9.18 -106.20 -9.34
N ASP L 382 -8.87 -105.03 -8.78
CA ASP L 382 -8.32 -103.95 -9.60
C ASP L 382 -6.89 -104.24 -10.04
N TYR L 383 -6.08 -104.83 -9.15
CA TYR L 383 -4.65 -104.99 -9.39
C TYR L 383 -4.25 -106.43 -9.71
N PHE L 384 -5.18 -107.38 -9.70
CA PHE L 384 -4.80 -108.79 -9.84
C PHE L 384 -4.12 -109.09 -11.18
N PHE L 385 -4.72 -108.65 -12.29
CA PHE L 385 -4.37 -109.17 -13.60
C PHE L 385 -3.05 -108.65 -14.17
N GLY L 386 -2.39 -107.71 -13.50
CA GLY L 386 -1.00 -107.44 -13.82
C GLY L 386 -0.15 -108.69 -13.76
N LYS L 387 -0.51 -109.62 -12.86
CA LYS L 387 0.14 -110.93 -12.82
C LYS L 387 0.01 -111.64 -14.16
N CYS L 388 -1.20 -111.73 -14.70
CA CYS L 388 -1.40 -112.40 -15.98
C CYS L 388 -0.59 -111.72 -17.08
N PHE L 389 -0.59 -110.39 -17.10
CA PHE L 389 0.14 -109.68 -18.16
C PHE L 389 1.65 -109.96 -18.08
N ASP L 390 2.23 -109.79 -16.89
CA ASP L 390 3.66 -110.03 -16.73
C ASP L 390 4.01 -111.49 -16.97
N ALA L 391 3.09 -112.41 -16.67
CA ALA L 391 3.33 -113.82 -16.95
C ALA L 391 3.32 -114.09 -18.46
N MET L 392 2.40 -113.48 -19.19
CA MET L 392 2.40 -113.61 -20.64
C MET L 392 3.67 -113.06 -21.24
N GLU L 393 4.22 -112.00 -20.63
CA GLU L 393 5.47 -111.42 -21.13
C GLU L 393 6.57 -112.46 -21.29
N VAL L 394 6.60 -113.47 -20.43
CA VAL L 394 7.65 -114.48 -20.48
C VAL L 394 7.13 -115.76 -21.13
N ASP L 395 5.85 -116.07 -20.92
CA ASP L 395 5.28 -117.29 -21.50
C ASP L 395 5.17 -117.19 -23.01
N ALA L 396 5.17 -115.97 -23.56
CA ALA L 396 5.22 -115.80 -25.00
C ALA L 396 6.57 -116.21 -25.58
N LEU L 397 7.55 -116.53 -24.73
CA LEU L 397 8.88 -116.89 -25.19
C LEU L 397 8.92 -118.35 -25.61
N ASN L 398 9.88 -118.64 -26.49
CA ASN L 398 10.09 -119.98 -27.00
C ASN L 398 10.74 -120.88 -25.95
N SER L 399 11.55 -120.31 -25.05
CA SER L 399 12.14 -121.08 -23.97
C SER L 399 11.20 -121.32 -22.80
N SER L 400 9.97 -120.80 -22.85
CA SER L 400 9.00 -121.05 -21.79
C SER L 400 8.62 -122.53 -21.76
N HIS L 401 8.08 -122.95 -20.62
CA HIS L 401 7.70 -124.33 -20.39
C HIS L 401 6.22 -124.43 -20.01
N PRO L 402 5.62 -125.61 -20.17
CA PRO L 402 4.23 -125.80 -19.71
C PRO L 402 4.12 -125.68 -18.21
N VAL L 403 2.89 -125.48 -17.74
CA VAL L 403 2.63 -125.34 -16.32
C VAL L 403 3.08 -126.59 -15.57
N SER L 404 2.92 -127.75 -16.19
CA SER L 404 3.35 -129.03 -15.62
C SER L 404 4.43 -129.61 -16.51
N THR L 405 5.65 -129.70 -15.99
CA THR L 405 6.79 -130.15 -16.78
C THR L 405 7.74 -130.92 -15.88
N PRO L 406 8.40 -131.95 -16.40
CA PRO L 406 9.25 -132.80 -15.55
C PRO L 406 10.51 -132.08 -15.09
N VAL L 407 10.90 -132.34 -13.83
CA VAL L 407 12.13 -131.83 -13.24
C VAL L 407 12.73 -132.92 -12.37
N GLU L 408 14.06 -132.89 -12.21
CA GLU L 408 14.71 -133.92 -11.41
C GLU L 408 15.63 -133.33 -10.34
N ASN L 409 16.67 -132.61 -10.73
CA ASN L 409 17.66 -132.15 -9.77
C ASN L 409 17.20 -130.89 -9.03
N PRO L 410 17.82 -130.61 -7.86
CA PRO L 410 17.37 -129.47 -7.05
C PRO L 410 17.39 -128.13 -7.77
N ALA L 411 18.33 -127.90 -8.68
CA ALA L 411 18.34 -126.65 -9.43
C ALA L 411 17.06 -126.51 -10.26
N GLN L 412 16.66 -127.58 -10.94
CA GLN L 412 15.42 -127.57 -11.71
C GLN L 412 14.22 -127.38 -10.78
N ILE L 413 14.25 -128.03 -9.62
CA ILE L 413 13.13 -127.90 -8.68
C ILE L 413 12.98 -126.46 -8.22
N ARG L 414 14.11 -125.80 -7.90
CA ARG L 414 14.08 -124.39 -7.55
C ARG L 414 13.59 -123.53 -8.70
N GLU L 415 14.01 -123.88 -9.93
CA GLU L 415 13.58 -123.13 -11.10
C GLU L 415 12.07 -123.22 -11.31
N MET L 416 11.45 -124.29 -10.82
CA MET L 416 10.01 -124.44 -10.98
C MET L 416 9.21 -123.32 -10.31
N PHE L 417 9.79 -122.62 -9.32
CA PHE L 417 9.11 -121.52 -8.62
C PHE L 417 9.21 -120.23 -9.44
N ASP L 418 8.56 -120.23 -10.60
CA ASP L 418 8.65 -119.10 -11.51
C ASP L 418 7.28 -118.48 -11.76
N ASP L 419 7.26 -117.48 -12.65
CA ASP L 419 6.02 -116.78 -12.98
C ASP L 419 4.97 -117.71 -13.57
N VAL L 420 5.38 -118.76 -14.27
CA VAL L 420 4.39 -119.68 -14.81
C VAL L 420 3.58 -120.29 -13.68
N SER L 421 4.26 -121.00 -12.77
CA SER L 421 3.58 -121.76 -11.73
C SER L 421 2.74 -120.88 -10.82
N TYR L 422 3.15 -119.63 -10.59
CA TYR L 422 2.38 -118.71 -9.75
C TYR L 422 1.34 -117.97 -10.60
N ASP L 423 1.81 -117.02 -11.42
CA ASP L 423 0.91 -116.13 -12.16
C ASP L 423 0.08 -116.89 -13.19
N LYS L 424 0.73 -117.68 -14.06
CA LYS L 424 -0.03 -118.36 -15.10
C LYS L 424 -0.95 -119.40 -14.51
N GLY L 425 -0.51 -120.10 -13.47
CA GLY L 425 -1.37 -121.05 -12.79
C GLY L 425 -2.60 -120.38 -12.19
N ALA L 426 -2.40 -119.25 -11.52
CA ALA L 426 -3.52 -118.53 -10.93
C ALA L 426 -4.45 -117.97 -12.01
N CYS L 427 -3.89 -117.55 -13.15
CA CYS L 427 -4.73 -116.97 -14.20
C CYS L 427 -5.55 -118.05 -14.91
N ILE L 428 -4.95 -119.23 -15.14
CA ILE L 428 -5.73 -120.31 -15.72
C ILE L 428 -6.75 -120.84 -14.72
N LEU L 429 -6.43 -120.78 -13.42
CA LEU L 429 -7.43 -121.15 -12.42
C LEU L 429 -8.57 -120.15 -12.38
N ASN L 430 -8.25 -118.86 -12.52
CA ASN L 430 -9.28 -117.83 -12.64
C ASN L 430 -10.14 -118.07 -13.87
N MET L 431 -9.52 -118.42 -15.00
CA MET L 431 -10.27 -118.74 -16.20
C MET L 431 -11.19 -119.93 -15.99
N LEU L 432 -10.71 -120.95 -15.28
CA LEU L 432 -11.54 -122.12 -15.02
C LEU L 432 -12.70 -121.78 -14.08
N ARG L 433 -12.44 -120.97 -13.04
CA ARG L 433 -13.49 -120.58 -12.12
C ARG L 433 -14.54 -119.72 -12.81
N GLU L 434 -14.13 -118.89 -13.77
CA GLU L 434 -15.11 -118.07 -14.49
C GLU L 434 -15.83 -118.86 -15.57
N TYR L 435 -15.20 -119.90 -16.13
CA TYR L 435 -15.91 -120.73 -17.09
C TYR L 435 -16.95 -121.58 -16.40
N LEU L 436 -16.56 -122.32 -15.36
CA LEU L 436 -17.53 -122.97 -14.50
C LEU L 436 -18.26 -121.92 -13.65
N SER L 437 -19.21 -122.38 -12.86
CA SER L 437 -19.80 -121.51 -11.85
C SER L 437 -18.82 -121.35 -10.69
N ALA L 438 -18.88 -120.19 -10.03
CA ALA L 438 -18.11 -120.02 -8.80
C ALA L 438 -18.49 -121.09 -7.79
N ASP L 439 -19.78 -121.43 -7.74
CA ASP L 439 -20.23 -122.52 -6.88
C ASP L 439 -19.72 -123.87 -7.38
N ALA L 440 -19.70 -124.07 -8.70
CA ALA L 440 -19.16 -125.32 -9.24
C ALA L 440 -17.67 -125.45 -8.96
N PHE L 441 -16.92 -124.35 -9.12
CA PHE L 441 -15.51 -124.36 -8.78
C PHE L 441 -15.29 -124.63 -7.29
N LYS L 442 -16.11 -124.01 -6.43
CA LYS L 442 -16.00 -124.27 -5.00
C LYS L 442 -16.27 -125.73 -4.67
N SER L 443 -17.33 -126.30 -5.27
CA SER L 443 -17.63 -127.70 -5.04
C SER L 443 -16.47 -128.59 -5.49
N GLY L 444 -15.89 -128.27 -6.64
CA GLY L 444 -14.76 -129.06 -7.12
C GLY L 444 -13.59 -129.01 -6.16
N ILE L 445 -13.19 -127.81 -5.73
CA ILE L 445 -12.01 -127.71 -4.87
C ILE L 445 -12.27 -128.29 -3.49
N VAL L 446 -13.50 -128.15 -2.97
CA VAL L 446 -13.82 -128.73 -1.66
C VAL L 446 -13.77 -130.24 -1.72
N GLN L 447 -14.39 -130.83 -2.76
CA GLN L 447 -14.33 -132.28 -2.92
C GLN L 447 -12.90 -132.75 -3.10
N TYR L 448 -12.10 -131.99 -3.86
CA TYR L 448 -10.68 -132.33 -4.04
C TYR L 448 -9.94 -132.39 -2.70
N LEU L 449 -10.03 -131.31 -1.91
CA LEU L 449 -9.30 -131.27 -0.65
C LEU L 449 -9.80 -132.35 0.30
N GLN L 450 -11.11 -132.57 0.35
CA GLN L 450 -11.68 -133.56 1.26
C GLN L 450 -11.27 -134.98 0.86
N LYS L 451 -11.22 -135.25 -0.44
CA LYS L 451 -10.84 -136.58 -0.91
C LYS L 451 -9.36 -136.86 -0.72
N HIS L 452 -8.52 -135.84 -0.87
CA HIS L 452 -7.07 -136.07 -0.87
C HIS L 452 -6.37 -135.48 0.35
N SER L 453 -7.10 -135.22 1.43
CA SER L 453 -6.48 -134.76 2.65
C SER L 453 -5.39 -135.72 3.11
N TYR L 454 -4.27 -135.15 3.58
CA TYR L 454 -3.13 -135.91 4.09
C TYR L 454 -2.54 -136.85 3.04
N LYS L 455 -2.70 -136.52 1.77
CA LYS L 455 -2.17 -137.34 0.69
C LYS L 455 -1.53 -136.45 -0.36
N ASN L 456 -1.11 -137.08 -1.45
CA ASN L 456 -0.46 -136.41 -2.58
C ASN L 456 -1.27 -136.65 -3.85
N THR L 457 -1.22 -135.67 -4.75
CA THR L 457 -2.03 -135.70 -5.96
C THR L 457 -1.18 -135.43 -7.20
N LYS L 458 -1.66 -135.95 -8.33
CA LYS L 458 -1.10 -135.66 -9.64
C LYS L 458 -1.97 -134.62 -10.35
N ASN L 459 -1.58 -134.31 -11.59
CA ASN L 459 -2.33 -133.34 -12.38
C ASN L 459 -3.75 -133.79 -12.62
N GLU L 460 -4.00 -135.10 -12.59
CA GLU L 460 -5.31 -135.65 -12.96
C GLU L 460 -6.32 -135.57 -11.82
N ASP L 461 -5.87 -135.56 -10.56
CA ASP L 461 -6.80 -135.56 -9.45
C ASP L 461 -7.64 -134.30 -9.41
N LEU L 462 -7.05 -133.15 -9.74
CA LEU L 462 -7.81 -131.90 -9.77
C LEU L 462 -8.89 -131.95 -10.84
N TRP L 463 -8.56 -132.42 -12.04
CA TRP L 463 -9.55 -132.49 -13.10
C TRP L 463 -10.63 -133.53 -12.79
N ASP L 464 -10.26 -134.62 -12.11
CA ASP L 464 -11.25 -135.59 -11.68
C ASP L 464 -12.23 -134.98 -10.69
N SER L 465 -11.71 -134.25 -9.70
CA SER L 465 -12.58 -133.60 -8.72
C SER L 465 -13.44 -132.53 -9.36
N MET L 466 -12.95 -131.90 -10.43
CA MET L 466 -13.73 -130.90 -11.13
C MET L 466 -14.82 -131.53 -11.99
N ALA L 467 -14.51 -132.66 -12.64
CA ALA L 467 -15.49 -133.35 -13.47
C ALA L 467 -16.54 -134.08 -12.64
N SER L 468 -16.23 -134.42 -11.39
CA SER L 468 -17.25 -134.99 -10.52
C SER L 468 -18.32 -133.97 -10.15
N ILE L 469 -18.10 -132.68 -10.43
CA ILE L 469 -19.09 -131.65 -10.17
C ILE L 469 -19.65 -131.06 -11.47
N GLY L 470 -18.80 -130.91 -12.49
CA GLY L 470 -19.27 -130.42 -13.77
C GLY L 470 -19.91 -131.51 -14.61
N GLY L 471 -21.23 -131.62 -14.55
CA GLY L 471 -21.92 -132.70 -15.24
C GLY L 471 -23.00 -132.25 -16.19
N GLY L 472 -22.95 -130.99 -16.60
CA GLY L 472 -23.87 -130.49 -17.60
C GLY L 472 -23.29 -130.51 -18.99
N GLY L 473 -22.42 -131.48 -19.26
CA GLY L 473 -21.69 -131.53 -20.51
C GLY L 473 -20.40 -130.74 -20.53
N VAL L 474 -19.69 -130.67 -19.41
CA VAL L 474 -18.48 -129.86 -19.28
C VAL L 474 -17.32 -130.81 -19.03
N ASP L 475 -16.50 -131.03 -20.06
CA ASP L 475 -15.30 -131.86 -19.93
C ASP L 475 -14.11 -130.98 -19.54
N VAL L 476 -13.93 -130.80 -18.24
CA VAL L 476 -12.84 -129.96 -17.73
C VAL L 476 -11.48 -130.55 -18.10
N LYS L 477 -11.40 -131.87 -18.25
CA LYS L 477 -10.10 -132.54 -18.36
C LYS L 477 -9.38 -132.16 -19.64
N THR L 478 -10.05 -132.27 -20.79
CA THR L 478 -9.38 -131.99 -22.07
C THR L 478 -8.93 -130.54 -22.14
N MET L 479 -9.82 -129.62 -21.75
CA MET L 479 -9.49 -128.19 -21.78
C MET L 479 -8.30 -127.88 -20.89
N MET L 480 -8.35 -128.32 -19.63
CA MET L 480 -7.26 -127.99 -18.72
C MET L 480 -5.98 -128.75 -19.03
N ASN L 481 -6.06 -129.90 -19.71
CA ASN L 481 -4.84 -130.53 -20.20
C ASN L 481 -4.21 -129.69 -21.31
N THR L 482 -5.03 -129.17 -22.22
CA THR L 482 -4.50 -128.26 -23.24
C THR L 482 -3.93 -127.00 -22.61
N TRP L 483 -4.44 -126.59 -21.45
CA TRP L 483 -3.93 -125.38 -20.82
C TRP L 483 -2.71 -125.61 -19.94
N THR L 484 -2.53 -126.80 -19.36
CA THR L 484 -1.42 -127.03 -18.43
C THR L 484 -0.30 -127.90 -18.99
N LEU L 485 -0.52 -128.63 -20.07
CA LEU L 485 0.48 -129.57 -20.58
C LEU L 485 1.19 -129.06 -21.83
N GLN L 486 0.89 -127.84 -22.28
CA GLN L 486 1.63 -127.23 -23.37
C GLN L 486 1.87 -125.77 -23.02
N LYS L 487 3.02 -125.25 -23.44
CA LYS L 487 3.44 -123.91 -23.09
C LYS L 487 2.62 -122.86 -23.84
N GLY L 488 2.84 -121.62 -23.47
CA GLY L 488 2.29 -120.50 -24.22
C GLY L 488 0.81 -120.25 -23.98
N PHE L 489 0.30 -119.34 -24.79
CA PHE L 489 -1.08 -118.88 -24.71
C PHE L 489 -1.52 -118.50 -26.11
N PRO L 490 -2.82 -118.49 -26.38
CA PRO L 490 -3.29 -118.22 -27.75
C PRO L 490 -3.57 -116.76 -28.04
N LEU L 491 -3.31 -116.42 -29.30
CA LEU L 491 -3.81 -115.20 -29.91
C LEU L 491 -5.06 -115.53 -30.68
N ILE L 492 -6.13 -114.79 -30.42
CA ILE L 492 -7.43 -114.97 -31.04
C ILE L 492 -7.66 -113.80 -31.97
N THR L 493 -7.66 -114.07 -33.27
CA THR L 493 -7.96 -113.07 -34.28
C THR L 493 -9.46 -113.04 -34.52
N ILE L 494 -10.04 -111.84 -34.50
CA ILE L 494 -11.47 -111.63 -34.57
C ILE L 494 -11.74 -110.79 -35.81
N THR L 495 -12.51 -111.35 -36.74
CA THR L 495 -12.93 -110.67 -37.95
C THR L 495 -14.44 -110.50 -37.94
N VAL L 496 -14.90 -109.31 -38.32
CA VAL L 496 -16.32 -109.00 -38.32
C VAL L 496 -16.75 -108.68 -39.75
N ARG L 497 -17.77 -109.39 -40.22
CA ARG L 497 -18.37 -109.19 -41.54
C ARG L 497 -19.84 -108.90 -41.33
N GLY L 498 -20.14 -107.66 -40.96
CA GLY L 498 -21.51 -107.28 -40.67
C GLY L 498 -22.03 -107.92 -39.40
N ARG L 499 -22.77 -109.01 -39.55
CA ARG L 499 -23.33 -109.75 -38.42
C ARG L 499 -22.60 -111.05 -38.13
N ASN L 500 -21.57 -111.39 -38.92
CA ASN L 500 -20.80 -112.61 -38.73
C ASN L 500 -19.50 -112.31 -37.99
N VAL L 501 -19.17 -113.16 -37.02
CA VAL L 501 -17.96 -113.03 -36.20
C VAL L 501 -17.12 -114.27 -36.41
N HIS L 502 -15.98 -114.12 -37.10
CA HIS L 502 -15.02 -115.19 -37.29
C HIS L 502 -13.96 -115.10 -36.21
N MET L 503 -13.65 -116.24 -35.59
CA MET L 503 -12.62 -116.33 -34.55
C MET L 503 -11.59 -117.38 -34.98
N LYS L 504 -10.32 -117.01 -34.90
CA LYS L 504 -9.21 -117.90 -35.24
C LYS L 504 -8.20 -117.92 -34.12
N GLN L 505 -7.68 -119.09 -33.78
CA GLN L 505 -6.70 -119.20 -32.71
C GLN L 505 -5.34 -119.62 -33.24
N GLU L 506 -4.29 -119.08 -32.64
CA GLU L 506 -2.93 -119.51 -32.96
C GLU L 506 -2.08 -119.35 -31.71
N HIS L 507 -0.89 -119.94 -31.72
CA HIS L 507 0.02 -119.84 -30.59
C HIS L 507 0.79 -118.54 -30.70
N TYR L 508 0.63 -117.65 -29.71
CA TYR L 508 1.38 -116.41 -29.69
C TYR L 508 2.81 -116.68 -29.21
N MET L 509 3.78 -116.44 -30.09
CA MET L 509 5.19 -116.59 -29.76
C MET L 509 5.93 -115.49 -30.51
N LYS L 510 6.71 -114.69 -29.79
CA LYS L 510 7.44 -113.61 -30.43
C LYS L 510 8.42 -114.16 -31.45
N GLY L 511 8.15 -113.92 -32.73
CA GLY L 511 8.90 -114.50 -33.83
C GLY L 511 10.39 -114.25 -33.80
N ASP L 517 4.24 -121.67 -35.75
CA ASP L 517 5.02 -122.71 -36.42
C ASP L 517 5.17 -123.95 -35.54
N THR L 518 4.25 -124.12 -34.59
CA THR L 518 4.27 -125.25 -33.68
C THR L 518 3.11 -126.20 -33.90
N GLY L 519 1.87 -125.72 -33.82
CA GLY L 519 0.71 -126.58 -33.97
C GLY L 519 -0.01 -126.88 -32.68
N TYR L 520 -0.22 -125.87 -31.84
CA TYR L 520 -0.96 -126.01 -30.60
C TYR L 520 -2.44 -125.65 -30.80
N LEU L 521 -3.30 -126.25 -29.98
CA LEU L 521 -4.72 -125.96 -29.97
C LEU L 521 -5.23 -125.97 -28.54
N TRP L 522 -6.01 -124.96 -28.18
CA TRP L 522 -6.57 -124.85 -26.85
C TRP L 522 -8.10 -124.92 -26.91
N HIS L 523 -8.71 -125.11 -25.74
CA HIS L 523 -10.14 -124.95 -25.54
C HIS L 523 -10.33 -123.61 -24.84
N VAL L 524 -10.53 -122.56 -25.64
CA VAL L 524 -10.50 -121.18 -25.15
C VAL L 524 -11.91 -120.79 -24.74
N PRO L 525 -12.18 -120.57 -23.45
CA PRO L 525 -13.50 -120.06 -23.05
C PRO L 525 -13.63 -118.57 -23.33
N LEU L 526 -14.10 -118.23 -24.53
CA LEU L 526 -14.18 -116.82 -24.93
C LEU L 526 -15.33 -116.11 -24.21
N THR L 527 -15.11 -114.82 -23.96
CA THR L 527 -16.14 -113.93 -23.43
C THR L 527 -16.08 -112.63 -24.21
N PHE L 528 -17.24 -112.05 -24.53
CA PHE L 528 -17.24 -110.84 -25.32
C PHE L 528 -18.48 -110.01 -24.99
N ILE L 529 -18.39 -108.72 -25.29
CA ILE L 529 -19.51 -107.79 -25.24
C ILE L 529 -19.55 -107.04 -26.56
N THR L 530 -20.66 -106.34 -26.79
CA THR L 530 -20.86 -105.59 -28.01
C THR L 530 -21.20 -104.15 -27.66
N SER L 531 -21.30 -103.30 -28.70
CA SER L 531 -21.71 -101.92 -28.48
C SER L 531 -23.21 -101.81 -28.19
N LYS L 532 -23.98 -102.85 -28.48
CA LYS L 532 -25.41 -102.84 -28.24
C LYS L 532 -25.78 -103.44 -26.90
N SER L 533 -24.82 -103.98 -26.16
CA SER L 533 -25.12 -104.76 -24.97
C SER L 533 -23.90 -104.84 -24.08
N ASP L 534 -24.06 -104.46 -22.82
CA ASP L 534 -23.06 -104.72 -21.80
C ASP L 534 -23.13 -106.15 -21.25
N MET L 535 -24.07 -106.95 -21.73
CA MET L 535 -24.21 -108.33 -21.28
C MET L 535 -23.13 -109.20 -21.89
N VAL L 536 -22.57 -110.09 -21.08
CA VAL L 536 -21.46 -110.93 -21.50
C VAL L 536 -22.01 -112.20 -22.14
N HIS L 537 -21.73 -112.39 -23.42
CA HIS L 537 -22.02 -113.63 -24.11
C HIS L 537 -20.76 -114.46 -24.24
N ARG L 538 -20.92 -115.78 -24.18
CA ARG L 538 -19.78 -116.69 -24.12
C ARG L 538 -19.80 -117.66 -25.30
N PHE L 539 -18.64 -118.24 -25.57
CA PHE L 539 -18.48 -119.21 -26.66
C PHE L 539 -17.18 -119.97 -26.42
N LEU L 540 -17.23 -121.29 -26.52
CA LEU L 540 -16.07 -122.13 -26.26
C LEU L 540 -15.46 -122.52 -27.60
N LEU L 541 -14.35 -121.88 -27.96
CA LEU L 541 -13.65 -122.13 -29.22
C LEU L 541 -12.71 -123.32 -29.03
N LYS L 542 -13.08 -124.46 -29.61
CA LYS L 542 -12.30 -125.68 -29.47
C LYS L 542 -11.46 -125.99 -30.71
N THR L 543 -11.64 -125.28 -31.80
CA THR L 543 -10.95 -125.58 -33.05
C THR L 543 -10.09 -124.40 -33.49
N LYS L 544 -9.49 -124.55 -34.67
CA LYS L 544 -8.63 -123.50 -35.22
C LYS L 544 -9.45 -122.28 -35.63
N THR L 545 -10.52 -122.50 -36.41
CA THR L 545 -11.38 -121.41 -36.85
C THR L 545 -12.83 -121.75 -36.56
N ASP L 546 -13.63 -120.72 -36.31
CA ASP L 546 -15.07 -120.88 -36.13
C ASP L 546 -15.74 -119.54 -36.39
N VAL L 547 -17.07 -119.53 -36.31
CA VAL L 547 -17.84 -118.34 -36.63
C VAL L 547 -19.19 -118.42 -35.92
N LEU L 548 -19.63 -117.28 -35.41
CA LEU L 548 -20.98 -117.15 -34.84
C LEU L 548 -21.68 -115.98 -35.52
N ILE L 549 -22.99 -115.89 -35.32
CA ILE L 549 -23.82 -114.89 -36.00
C ILE L 549 -24.47 -114.02 -34.95
N LEU L 550 -24.16 -112.72 -34.98
CA LEU L 550 -24.78 -111.76 -34.11
C LEU L 550 -26.20 -111.46 -34.58
N PRO L 551 -27.07 -110.95 -33.69
CA PRO L 551 -28.42 -110.58 -34.11
C PRO L 551 -28.49 -109.23 -34.80
N GLU L 552 -27.39 -108.49 -34.86
CA GLU L 552 -27.38 -107.13 -35.37
C GLU L 552 -25.95 -106.67 -35.54
N GLU L 553 -25.69 -105.87 -36.57
CA GLU L 553 -24.37 -105.29 -36.76
C GLU L 553 -24.00 -104.41 -35.57
N VAL L 554 -22.72 -104.40 -35.21
CA VAL L 554 -22.24 -103.69 -34.05
C VAL L 554 -21.09 -102.77 -34.45
N GLU L 555 -20.97 -101.64 -33.75
CA GLU L 555 -19.88 -100.71 -34.01
C GLU L 555 -18.54 -101.28 -33.57
N TRP L 556 -18.47 -101.85 -32.37
CA TRP L 556 -17.23 -102.43 -31.88
C TRP L 556 -17.56 -103.65 -31.04
N ILE L 557 -16.56 -104.51 -30.87
CA ILE L 557 -16.69 -105.73 -30.08
C ILE L 557 -15.39 -105.95 -29.32
N LYS L 558 -15.52 -106.40 -28.06
CA LYS L 558 -14.38 -106.58 -27.18
C LYS L 558 -14.44 -107.98 -26.60
N PHE L 559 -13.43 -108.80 -26.89
CA PHE L 559 -13.36 -110.14 -26.34
C PHE L 559 -12.55 -110.16 -25.05
N ASN L 560 -12.65 -111.28 -24.33
CA ASN L 560 -11.97 -111.47 -23.05
C ASN L 560 -12.33 -110.34 -22.08
N VAL L 561 -13.60 -110.36 -21.67
CA VAL L 561 -14.15 -109.28 -20.86
C VAL L 561 -13.53 -109.32 -19.47
N GLY L 562 -12.95 -108.21 -19.04
CA GLY L 562 -12.37 -108.13 -17.72
C GLY L 562 -11.09 -108.92 -17.52
N MET L 563 -10.42 -109.32 -18.60
CA MET L 563 -9.16 -110.06 -18.52
C MET L 563 -9.30 -111.32 -17.67
N ASN L 564 -10.42 -112.01 -17.83
CA ASN L 564 -10.67 -113.26 -17.12
C ASN L 564 -10.21 -114.48 -17.92
N GLY L 565 -9.58 -114.27 -19.07
CA GLY L 565 -9.09 -115.36 -19.90
C GLY L 565 -7.61 -115.21 -20.21
N TYR L 566 -6.92 -116.34 -20.25
CA TYR L 566 -5.47 -116.35 -20.45
C TYR L 566 -5.16 -116.45 -21.95
N TYR L 567 -5.49 -115.38 -22.66
CA TYR L 567 -5.19 -115.28 -24.09
C TYR L 567 -5.17 -113.80 -24.45
N ILE L 568 -4.74 -113.51 -25.68
CA ILE L 568 -4.80 -112.13 -26.16
C ILE L 568 -5.63 -112.09 -27.44
N VAL L 569 -6.13 -110.90 -27.76
CA VAL L 569 -7.12 -110.73 -28.81
C VAL L 569 -6.61 -109.70 -29.81
N HIS L 570 -6.70 -110.03 -31.10
CA HIS L 570 -6.38 -109.13 -32.20
C HIS L 570 -7.64 -108.95 -33.03
N TYR L 571 -7.83 -107.75 -33.57
CA TYR L 571 -9.03 -107.41 -34.34
C TYR L 571 -8.63 -107.04 -35.76
N GLU L 572 -9.24 -107.71 -36.73
CA GLU L 572 -8.93 -107.48 -38.14
C GLU L 572 -9.64 -106.23 -38.66
N ASP L 573 -9.14 -105.75 -39.80
CA ASP L 573 -9.74 -104.63 -40.53
C ASP L 573 -9.70 -103.40 -39.61
N ASP L 574 -10.77 -102.62 -39.53
CA ASP L 574 -10.83 -101.43 -38.70
C ASP L 574 -11.21 -101.72 -37.25
N GLY L 575 -10.97 -102.94 -36.76
CA GLY L 575 -11.34 -103.25 -35.38
C GLY L 575 -10.56 -102.46 -34.37
N TRP L 576 -9.23 -102.43 -34.52
CA TRP L 576 -8.42 -101.63 -33.61
C TRP L 576 -8.67 -100.14 -33.80
N ASP L 577 -8.97 -99.72 -35.03
CA ASP L 577 -9.35 -98.33 -35.23
C ASP L 577 -10.62 -97.99 -34.45
N SER L 578 -11.61 -98.89 -34.49
CA SER L 578 -12.85 -98.70 -33.74
C SER L 578 -12.59 -98.64 -32.24
N LEU L 579 -11.73 -99.53 -31.73
CA LEU L 579 -11.44 -99.53 -30.30
C LEU L 579 -10.66 -98.29 -29.87
N THR L 580 -9.76 -97.81 -30.72
CA THR L 580 -9.07 -96.55 -30.44
C THR L 580 -10.06 -95.40 -30.40
N GLY L 581 -11.01 -95.38 -31.33
CA GLY L 581 -12.05 -94.37 -31.29
C GLY L 581 -12.88 -94.44 -30.01
N LEU L 582 -13.22 -95.66 -29.58
CA LEU L 582 -13.96 -95.83 -28.34
C LEU L 582 -13.20 -95.25 -27.16
N LEU L 583 -11.91 -95.58 -27.05
CA LEU L 583 -11.10 -95.09 -25.93
C LEU L 583 -10.95 -93.58 -25.97
N LYS L 584 -10.72 -93.01 -27.16
CA LYS L 584 -10.56 -91.56 -27.26
C LYS L 584 -11.87 -90.82 -27.07
N GLY L 585 -13.01 -91.48 -27.29
CA GLY L 585 -14.28 -90.82 -27.09
C GLY L 585 -14.77 -90.93 -25.67
N THR L 586 -15.16 -92.14 -25.26
CA THR L 586 -15.67 -92.37 -23.90
C THR L 586 -15.04 -93.67 -23.39
N HIS L 587 -13.84 -93.56 -22.83
CA HIS L 587 -13.15 -94.73 -22.30
C HIS L 587 -13.94 -95.43 -21.20
N THR L 588 -14.86 -94.72 -20.55
CA THR L 588 -15.69 -95.33 -19.52
C THR L 588 -16.77 -96.25 -20.10
N ALA L 589 -16.85 -96.38 -21.43
CA ALA L 589 -17.83 -97.28 -22.02
C ALA L 589 -17.49 -98.74 -21.78
N VAL L 590 -16.22 -99.05 -21.49
CA VAL L 590 -15.80 -100.39 -21.12
C VAL L 590 -15.12 -100.29 -19.77
N SER L 591 -14.82 -101.45 -19.18
CA SER L 591 -14.31 -101.45 -17.82
C SER L 591 -12.82 -101.07 -17.79
N SER L 592 -12.35 -100.77 -16.57
CA SER L 592 -10.94 -100.43 -16.37
C SER L 592 -10.04 -101.57 -16.79
N ASN L 593 -10.38 -102.79 -16.36
CA ASN L 593 -9.60 -103.97 -16.75
C ASN L 593 -9.64 -104.17 -18.26
N ASP L 594 -10.76 -103.83 -18.89
CA ASP L 594 -10.87 -103.94 -20.34
C ASP L 594 -9.94 -102.95 -21.03
N ARG L 595 -9.88 -101.71 -20.55
CA ARG L 595 -8.96 -100.74 -21.11
C ARG L 595 -7.50 -101.20 -20.94
N ALA L 596 -7.17 -101.71 -19.76
CA ALA L 596 -5.82 -102.20 -19.52
C ALA L 596 -5.47 -103.35 -20.48
N SER L 597 -6.42 -104.27 -20.66
CA SER L 597 -6.20 -105.38 -21.58
C SER L 597 -6.04 -104.91 -23.01
N LEU L 598 -6.81 -103.89 -23.41
CA LEU L 598 -6.67 -103.32 -24.75
C LEU L 598 -5.26 -102.79 -24.97
N ILE L 599 -4.77 -101.99 -24.02
CA ILE L 599 -3.42 -101.44 -24.14
C ILE L 599 -2.39 -102.55 -24.25
N ASN L 600 -2.42 -103.49 -23.29
CA ASN L 600 -1.42 -104.55 -23.26
C ASN L 600 -1.46 -105.41 -24.51
N ASN L 601 -2.66 -105.78 -24.96
CA ASN L 601 -2.79 -106.61 -26.15
C ASN L 601 -2.32 -105.88 -27.40
N ALA L 602 -2.64 -104.58 -27.51
CA ALA L 602 -2.18 -103.81 -28.66
C ALA L 602 -0.66 -103.84 -28.75
N PHE L 603 0.02 -103.62 -27.62
CA PHE L 603 1.48 -103.60 -27.69
C PHE L 603 2.06 -105.00 -27.89
N GLN L 604 1.44 -106.03 -27.32
CA GLN L 604 1.91 -107.39 -27.55
C GLN L 604 1.73 -107.79 -29.02
N LEU L 605 0.71 -107.23 -29.69
CA LEU L 605 0.56 -107.48 -31.13
C LEU L 605 1.56 -106.68 -31.94
N VAL L 606 1.93 -105.49 -31.46
CA VAL L 606 3.04 -104.77 -32.09
C VAL L 606 4.31 -105.61 -32.03
N SER L 607 4.50 -106.35 -30.94
CA SER L 607 5.71 -107.16 -30.79
C SER L 607 5.82 -108.27 -31.83
N ILE L 608 4.73 -108.64 -32.51
CA ILE L 608 4.78 -109.70 -33.51
C ILE L 608 4.32 -109.23 -34.89
N GLY L 609 3.92 -107.97 -35.04
CA GLY L 609 3.62 -107.43 -36.35
C GLY L 609 2.17 -107.46 -36.76
N LYS L 610 1.27 -107.92 -35.90
CA LYS L 610 -0.16 -107.85 -36.19
C LYS L 610 -0.71 -106.45 -36.03
N LEU L 611 0.08 -105.52 -35.52
CA LEU L 611 -0.35 -104.14 -35.32
C LEU L 611 0.87 -103.23 -35.34
N SER L 612 0.72 -102.04 -35.92
CA SER L 612 1.83 -101.12 -36.03
C SER L 612 2.04 -100.36 -34.71
N ILE L 613 3.30 -100.07 -34.40
CA ILE L 613 3.63 -99.32 -33.19
C ILE L 613 3.01 -97.94 -33.24
N GLU L 614 2.84 -97.38 -34.44
CA GLU L 614 2.21 -96.06 -34.58
C GLU L 614 0.76 -96.10 -34.12
N LYS L 615 0.00 -97.10 -34.56
CA LYS L 615 -1.37 -97.24 -34.11
C LYS L 615 -1.44 -97.57 -32.63
N ALA L 616 -0.48 -98.34 -32.11
CA ALA L 616 -0.44 -98.60 -30.67
C ALA L 616 -0.28 -97.31 -29.89
N LEU L 617 0.64 -96.44 -30.32
CA LEU L 617 0.84 -95.18 -29.61
C LEU L 617 -0.36 -94.25 -29.77
N ASP L 618 -0.99 -94.25 -30.95
CA ASP L 618 -2.24 -93.51 -31.12
C ASP L 618 -3.29 -93.99 -30.13
N LEU L 619 -3.38 -95.31 -29.91
CA LEU L 619 -4.26 -95.82 -28.87
C LEU L 619 -3.84 -95.34 -27.49
N SER L 620 -2.52 -95.29 -27.26
CA SER L 620 -2.01 -94.84 -25.96
C SER L 620 -2.38 -93.39 -25.69
N LEU L 621 -2.56 -92.60 -26.76
CA LEU L 621 -2.90 -91.19 -26.60
C LEU L 621 -4.16 -90.95 -25.77
N TYR L 622 -5.02 -91.97 -25.61
CA TYR L 622 -6.24 -91.78 -24.83
C TYR L 622 -5.95 -91.60 -23.34
N LEU L 623 -4.76 -91.98 -22.88
CA LEU L 623 -4.41 -91.85 -21.46
C LEU L 623 -4.33 -90.40 -21.00
N LYS L 624 -4.40 -89.44 -21.91
CA LYS L 624 -4.41 -88.03 -21.49
C LYS L 624 -5.61 -87.72 -20.62
N HIS L 625 -6.70 -88.48 -20.77
CA HIS L 625 -7.90 -88.31 -19.96
C HIS L 625 -8.20 -89.55 -19.11
N GLU L 626 -7.27 -90.50 -19.06
CA GLU L 626 -7.45 -91.68 -18.23
C GLU L 626 -7.11 -91.37 -16.78
N THR L 627 -7.86 -91.99 -15.86
CA THR L 627 -7.72 -91.72 -14.43
C THR L 627 -7.69 -92.96 -13.56
N GLU L 628 -7.85 -94.15 -14.11
CA GLU L 628 -8.00 -95.36 -13.32
C GLU L 628 -6.67 -96.09 -13.17
N ILE L 629 -6.50 -96.73 -12.00
CA ILE L 629 -5.18 -97.24 -11.62
C ILE L 629 -4.73 -98.37 -12.53
N MET L 630 -5.63 -99.30 -12.86
CA MET L 630 -5.21 -100.45 -13.67
C MET L 630 -4.80 -100.04 -15.08
N PRO L 631 -5.59 -99.28 -15.84
CA PRO L 631 -5.12 -98.90 -17.19
C PRO L 631 -3.91 -97.98 -17.18
N VAL L 632 -3.83 -97.05 -16.23
CA VAL L 632 -2.67 -96.16 -16.17
C VAL L 632 -1.41 -96.96 -15.86
N PHE L 633 -1.48 -97.86 -14.88
CA PHE L 633 -0.32 -98.68 -14.56
C PHE L 633 0.05 -99.59 -15.72
N GLN L 634 -0.95 -100.07 -16.47
CA GLN L 634 -0.62 -100.93 -17.61
C GLN L 634 0.04 -100.13 -18.72
N GLY L 635 -0.43 -98.90 -18.96
CA GLY L 635 0.26 -98.05 -19.92
C GLY L 635 1.68 -97.77 -19.52
N LEU L 636 1.92 -97.54 -18.22
CA LEU L 636 3.28 -97.32 -17.75
C LEU L 636 4.13 -98.58 -17.93
N ASN L 637 3.61 -99.74 -17.58
CA ASN L 637 4.35 -100.99 -17.71
C ASN L 637 4.63 -101.34 -19.16
N GLU L 638 3.80 -100.86 -20.10
CA GLU L 638 4.04 -101.13 -21.50
C GLU L 638 4.88 -100.07 -22.20
N LEU L 639 4.97 -98.86 -21.63
CA LEU L 639 5.76 -97.80 -22.26
C LEU L 639 7.15 -97.61 -21.66
N ILE L 640 7.32 -97.80 -20.34
CA ILE L 640 8.62 -97.55 -19.70
C ILE L 640 9.74 -98.43 -20.27
N PRO L 641 9.55 -99.75 -20.46
CA PRO L 641 10.65 -100.56 -21.01
C PRO L 641 11.17 -100.07 -22.35
N MET L 642 10.39 -99.30 -23.09
CA MET L 642 10.87 -98.78 -24.37
C MET L 642 12.00 -97.77 -24.16
N TYR L 643 11.75 -96.72 -23.37
CA TYR L 643 12.84 -95.80 -23.08
C TYR L 643 13.90 -96.45 -22.21
N LYS L 644 13.57 -97.54 -21.50
CA LYS L 644 14.62 -98.31 -20.83
C LYS L 644 15.58 -98.93 -21.84
N LEU L 645 15.04 -99.46 -22.95
CA LEU L 645 15.89 -99.95 -24.03
C LEU L 645 16.68 -98.80 -24.64
N MET L 646 16.04 -97.63 -24.77
CA MET L 646 16.72 -96.49 -25.39
C MET L 646 17.87 -95.96 -24.52
N GLU L 647 17.73 -96.02 -23.19
CA GLU L 647 18.76 -95.49 -22.30
C GLU L 647 20.09 -96.23 -22.45
N LYS L 648 20.04 -97.52 -22.79
CA LYS L 648 21.24 -98.36 -22.87
C LYS L 648 22.07 -98.11 -24.12
N ARG L 649 21.65 -97.17 -24.98
CA ARG L 649 22.29 -96.89 -26.24
C ARG L 649 22.55 -95.39 -26.34
N ASP L 650 23.11 -94.97 -27.48
CA ASP L 650 23.32 -93.55 -27.77
C ASP L 650 22.07 -93.04 -28.47
N MET L 651 21.07 -92.66 -27.69
CA MET L 651 19.77 -92.27 -28.20
C MET L 651 19.18 -91.15 -27.33
N ASN L 652 20.00 -90.14 -27.05
CA ASN L 652 19.60 -89.11 -26.08
C ASN L 652 18.43 -88.29 -26.59
N GLU L 653 18.47 -87.86 -27.86
CA GLU L 653 17.40 -87.02 -28.40
C GLU L 653 16.07 -87.75 -28.41
N VAL L 654 16.05 -88.98 -28.94
CA VAL L 654 14.80 -89.72 -29.04
C VAL L 654 14.30 -90.10 -27.65
N GLU L 655 15.22 -90.46 -26.75
CA GLU L 655 14.83 -90.81 -25.39
C GLU L 655 14.20 -89.61 -24.67
N THR L 656 14.79 -88.42 -24.84
CA THR L 656 14.23 -87.23 -24.21
C THR L 656 12.85 -86.90 -24.79
N GLN L 657 12.71 -86.99 -26.12
CA GLN L 657 11.40 -86.79 -26.72
C GLN L 657 10.38 -87.77 -26.16
N PHE L 658 10.77 -89.04 -25.99
CA PHE L 658 9.85 -90.04 -25.50
C PHE L 658 9.43 -89.76 -24.05
N LYS L 659 10.40 -89.41 -23.20
CA LYS L 659 10.08 -89.08 -21.81
C LYS L 659 9.16 -87.86 -21.73
N ALA L 660 9.44 -86.85 -22.55
CA ALA L 660 8.59 -85.66 -22.58
C ALA L 660 7.16 -86.01 -23.02
N PHE L 661 7.04 -86.89 -24.02
CA PHE L 661 5.72 -87.33 -24.45
C PHE L 661 4.97 -88.05 -23.33
N LEU L 662 5.65 -88.95 -22.61
CA LEU L 662 5.01 -89.67 -21.52
C LEU L 662 4.54 -88.71 -20.43
N ILE L 663 5.40 -87.76 -20.05
CA ILE L 663 5.04 -86.82 -18.99
C ILE L 663 3.89 -85.92 -19.44
N ARG L 664 3.91 -85.46 -20.68
CA ARG L 664 2.77 -84.66 -21.16
C ARG L 664 1.51 -85.50 -21.24
N LEU L 665 1.65 -86.80 -21.44
CA LEU L 665 0.48 -87.68 -21.50
C LEU L 665 -0.21 -87.77 -20.15
N LEU L 666 0.56 -87.83 -19.07
CA LEU L 666 -0.05 -87.96 -17.74
C LEU L 666 0.01 -86.68 -16.90
N ARG L 667 0.36 -85.54 -17.52
CA ARG L 667 0.52 -84.29 -16.78
C ARG L 667 -0.77 -83.84 -16.10
N ASP L 668 -1.91 -84.01 -16.76
CA ASP L 668 -3.17 -83.56 -16.17
C ASP L 668 -3.43 -84.28 -14.85
N LEU L 669 -3.31 -85.60 -14.86
CA LEU L 669 -3.56 -86.39 -13.66
C LEU L 669 -2.51 -86.11 -12.60
N ILE L 670 -1.25 -85.93 -13.01
CA ILE L 670 -0.19 -85.65 -12.03
C ILE L 670 -0.45 -84.31 -11.33
N ASP L 671 -0.85 -83.30 -12.09
CA ASP L 671 -1.17 -82.01 -11.49
C ASP L 671 -2.38 -82.12 -10.58
N LYS L 672 -3.37 -82.93 -10.97
CA LYS L 672 -4.55 -83.07 -10.12
C LYS L 672 -4.26 -83.82 -8.83
N GLN L 673 -3.20 -84.64 -8.81
CA GLN L 673 -2.84 -85.35 -7.59
C GLN L 673 -2.46 -84.39 -6.46
N THR L 674 -2.98 -84.66 -5.25
CA THR L 674 -2.61 -83.92 -4.07
C THR L 674 -1.38 -84.54 -3.40
N TRP L 675 -0.86 -83.84 -2.39
CA TRP L 675 0.33 -84.31 -1.69
C TRP L 675 0.02 -84.72 -0.25
N THR L 676 -0.87 -85.70 -0.08
CA THR L 676 -1.31 -86.15 1.23
C THR L 676 -1.53 -87.66 1.19
N ASP L 677 -1.90 -88.23 2.35
CA ASP L 677 -2.22 -89.64 2.46
C ASP L 677 -3.73 -89.91 2.42
N GLU L 678 -4.48 -89.12 1.66
CA GLU L 678 -5.92 -89.26 1.60
C GLU L 678 -6.33 -90.33 0.60
N GLY L 679 -7.59 -90.73 0.68
CA GLY L 679 -8.16 -91.62 -0.32
C GLY L 679 -8.01 -93.09 0.01
N SER L 680 -8.59 -93.90 -0.88
CA SER L 680 -8.54 -95.34 -0.75
C SER L 680 -7.15 -95.86 -1.06
N VAL L 681 -6.95 -97.17 -0.89
CA VAL L 681 -5.67 -97.79 -1.19
C VAL L 681 -5.30 -97.58 -2.66
N SER L 682 -6.28 -97.74 -3.55
CA SER L 682 -6.06 -97.53 -4.98
C SER L 682 -5.59 -96.11 -5.26
N GLU L 683 -6.31 -95.13 -4.71
CA GLU L 683 -5.95 -93.73 -4.93
C GLU L 683 -4.57 -93.41 -4.36
N ARG L 684 -4.25 -94.00 -3.20
CA ARG L 684 -2.95 -93.73 -2.59
C ARG L 684 -1.81 -94.30 -3.42
N MET L 685 -1.95 -95.54 -3.88
CA MET L 685 -0.89 -96.12 -4.72
C MET L 685 -0.76 -95.35 -6.02
N LEU L 686 -1.88 -94.95 -6.63
CA LEU L 686 -1.81 -94.14 -7.83
C LEU L 686 -1.07 -92.84 -7.59
N ARG L 687 -1.39 -92.15 -6.49
CA ARG L 687 -0.71 -90.90 -6.17
C ARG L 687 0.79 -91.13 -5.97
N SER L 688 1.15 -92.16 -5.22
CA SER L 688 2.57 -92.41 -4.95
C SER L 688 3.33 -92.64 -6.25
N GLN L 689 2.81 -93.53 -7.10
CA GLN L 689 3.53 -93.84 -8.34
C GLN L 689 3.57 -92.65 -9.28
N LEU L 690 2.48 -91.86 -9.34
CA LEU L 690 2.47 -90.71 -10.24
C LEU L 690 3.46 -89.64 -9.80
N LEU L 691 3.46 -89.32 -8.51
CA LEU L 691 4.39 -88.32 -8.01
C LEU L 691 5.84 -88.79 -8.16
N LEU L 692 6.10 -90.06 -7.91
CA LEU L 692 7.46 -90.57 -8.12
C LEU L 692 7.87 -90.45 -9.58
N LEU L 693 6.98 -90.83 -10.50
CA LEU L 693 7.29 -90.75 -11.92
C LEU L 693 7.58 -89.32 -12.35
N ALA L 694 6.73 -88.37 -11.94
CA ALA L 694 6.91 -86.98 -12.33
C ALA L 694 8.22 -86.43 -11.78
N CYS L 695 8.48 -86.66 -10.49
CA CYS L 695 9.70 -86.12 -9.91
CA CYS L 695 9.71 -86.16 -9.87
C CYS L 695 10.95 -86.77 -10.51
N VAL L 696 10.86 -88.05 -10.90
CA VAL L 696 12.01 -88.70 -11.53
C VAL L 696 12.26 -88.13 -12.91
N HIS L 697 11.20 -87.89 -13.67
CA HIS L 697 11.34 -87.34 -15.02
C HIS L 697 11.39 -85.81 -15.03
N ASN L 698 11.54 -85.19 -13.85
CA ASN L 698 11.95 -83.78 -13.74
C ASN L 698 10.82 -82.82 -14.12
N TYR L 699 9.63 -83.07 -13.58
CA TYR L 699 8.55 -82.10 -13.63
C TYR L 699 8.84 -81.03 -12.59
N GLN L 700 9.19 -79.83 -13.06
CA GLN L 700 9.76 -78.82 -12.17
C GLN L 700 8.86 -78.48 -10.97
N PRO L 701 7.53 -78.41 -11.09
CA PRO L 701 6.72 -78.25 -9.86
C PRO L 701 6.90 -79.37 -8.86
N CYS L 702 6.82 -80.65 -9.31
CA CYS L 702 7.08 -81.77 -8.41
CA CYS L 702 7.06 -81.75 -8.40
C CYS L 702 8.46 -81.66 -7.77
N VAL L 703 9.46 -81.33 -8.58
CA VAL L 703 10.83 -81.24 -8.09
C VAL L 703 10.95 -80.16 -7.02
N GLN L 704 10.34 -79.00 -7.26
CA GLN L 704 10.42 -77.90 -6.30
C GLN L 704 9.73 -78.27 -4.99
N ARG L 705 8.52 -78.83 -5.08
CA ARG L 705 7.79 -79.15 -3.85
C ARG L 705 8.48 -80.26 -3.07
N ALA L 706 9.04 -81.26 -3.79
CA ALA L 706 9.74 -82.32 -3.11
C ALA L 706 11.04 -81.83 -2.49
N GLU L 707 11.72 -80.89 -3.16
CA GLU L 707 12.91 -80.28 -2.57
C GLU L 707 12.55 -79.52 -1.30
N GLY L 708 11.43 -78.80 -1.31
CA GLY L 708 11.00 -78.12 -0.10
C GLY L 708 10.70 -79.07 1.04
N TYR L 709 9.96 -80.14 0.74
CA TYR L 709 9.63 -81.13 1.77
C TYR L 709 10.90 -81.77 2.32
N PHE L 710 11.84 -82.14 1.45
CA PHE L 710 13.07 -82.75 1.90
C PHE L 710 13.92 -81.76 2.69
N ARG L 711 13.89 -80.48 2.32
CA ARG L 711 14.61 -79.48 3.09
C ARG L 711 14.07 -79.39 4.50
N LYS L 712 12.75 -79.27 4.64
CA LYS L 712 12.16 -79.21 5.98
C LYS L 712 12.46 -80.48 6.77
N TRP L 713 12.39 -81.64 6.13
CA TRP L 713 12.63 -82.90 6.84
C TRP L 713 14.09 -83.01 7.30
N LYS L 714 15.03 -82.69 6.41
CA LYS L 714 16.44 -82.78 6.75
C LYS L 714 16.82 -81.77 7.83
N GLU L 715 16.24 -80.57 7.77
CA GLU L 715 16.50 -79.60 8.84
C GLU L 715 15.85 -80.03 10.15
N SER L 716 14.76 -80.79 10.09
CA SER L 716 14.18 -81.37 11.29
C SER L 716 14.91 -82.63 11.75
N ASN L 717 15.86 -83.13 10.96
CA ASN L 717 16.68 -84.29 11.32
C ASN L 717 15.84 -85.56 11.35
N GLY L 718 15.03 -85.75 10.32
CA GLY L 718 14.16 -86.90 10.25
C GLY L 718 12.95 -86.88 11.17
N ASN L 719 12.83 -85.86 12.03
CA ASN L 719 11.76 -85.83 13.01
C ASN L 719 10.42 -85.45 12.39
N LEU L 720 10.44 -84.67 11.31
CA LEU L 720 9.21 -84.23 10.66
C LEU L 720 8.47 -85.41 10.04
N SER L 721 7.16 -85.46 10.30
CA SER L 721 6.31 -86.50 9.73
C SER L 721 5.96 -86.17 8.29
N LEU L 722 6.39 -87.02 7.36
CA LEU L 722 6.06 -86.81 5.97
C LEU L 722 4.91 -87.71 5.55
N PRO L 723 4.11 -87.29 4.57
CA PRO L 723 3.10 -88.20 3.99
C PRO L 723 3.77 -89.41 3.36
N VAL L 724 3.31 -90.60 3.75
CA VAL L 724 3.95 -91.84 3.31
C VAL L 724 3.90 -91.95 1.78
N ASP L 725 2.84 -91.42 1.17
CA ASP L 725 2.71 -91.52 -0.29
C ASP L 725 3.75 -90.67 -0.99
N VAL L 726 3.97 -89.44 -0.52
CA VAL L 726 4.98 -88.56 -1.12
C VAL L 726 6.38 -88.86 -0.62
N THR L 727 6.54 -89.76 0.35
CA THR L 727 7.87 -90.07 0.87
C THR L 727 8.80 -90.60 -0.22
N LEU L 728 8.27 -91.46 -1.10
CA LEU L 728 9.08 -92.01 -2.19
C LEU L 728 9.64 -90.90 -3.08
N ALA L 729 8.77 -90.01 -3.56
CA ALA L 729 9.21 -88.93 -4.43
C ALA L 729 10.16 -87.98 -3.71
N VAL L 730 9.87 -87.66 -2.44
CA VAL L 730 10.72 -86.75 -1.69
C VAL L 730 12.12 -87.31 -1.54
N PHE L 731 12.22 -88.60 -1.18
CA PHE L 731 13.53 -89.22 -1.03
C PHE L 731 14.25 -89.33 -2.38
N ALA L 732 13.52 -89.69 -3.44
CA ALA L 732 14.16 -89.80 -4.75
C ALA L 732 14.70 -88.46 -5.23
N VAL L 733 14.02 -87.37 -4.89
CA VAL L 733 14.53 -86.05 -5.25
C VAL L 733 15.71 -85.67 -4.36
N GLY L 734 15.58 -85.88 -3.04
CA GLY L 734 16.62 -85.45 -2.12
C GLY L 734 17.93 -86.22 -2.26
N ALA L 735 17.86 -87.46 -2.75
CA ALA L 735 19.07 -88.27 -2.90
C ALA L 735 19.90 -87.90 -4.12
N GLN L 736 19.53 -86.83 -4.84
CA GLN L 736 20.30 -86.42 -6.02
C GLN L 736 21.59 -85.70 -5.64
N SER L 737 21.59 -84.98 -4.53
CA SER L 737 22.79 -84.30 -4.05
C SER L 737 23.54 -85.19 -3.08
N THR L 738 24.85 -84.96 -2.98
CA THR L 738 25.68 -85.77 -2.08
C THR L 738 25.25 -85.59 -0.63
N GLU L 739 24.90 -84.35 -0.25
CA GLU L 739 24.48 -84.07 1.11
C GLU L 739 23.24 -84.87 1.49
N GLY L 740 22.19 -84.79 0.67
CA GLY L 740 20.98 -85.53 0.96
C GLY L 740 21.17 -87.03 0.87
N TRP L 741 22.03 -87.49 -0.05
CA TRP L 741 22.35 -88.91 -0.14
C TRP L 741 22.95 -89.42 1.17
N ASP L 742 23.96 -88.71 1.67
CA ASP L 742 24.61 -89.12 2.92
C ASP L 742 23.65 -89.04 4.10
N PHE L 743 22.77 -88.03 4.12
CA PHE L 743 21.80 -87.91 5.20
C PHE L 743 20.83 -89.09 5.19
N LEU L 744 20.30 -89.42 4.00
CA LEU L 744 19.41 -90.57 3.88
C LEU L 744 20.08 -91.85 4.34
N TYR L 745 21.34 -92.07 3.94
CA TYR L 745 22.00 -93.29 4.39
C TYR L 745 22.22 -93.27 5.89
N SER L 746 22.52 -92.09 6.46
CA SER L 746 22.70 -92.00 7.91
C SER L 746 21.44 -92.38 8.66
N LYS L 747 20.27 -92.02 8.11
CA LYS L 747 19.02 -92.42 8.76
C LYS L 747 18.67 -93.89 8.51
N TYR L 748 19.16 -94.44 7.39
CA TYR L 748 18.84 -95.82 7.03
C TYR L 748 19.21 -96.81 8.14
N GLN L 749 20.41 -96.65 8.72
CA GLN L 749 20.90 -97.64 9.68
C GLN L 749 19.96 -97.77 10.87
N PHE L 750 19.46 -96.66 11.38
CA PHE L 750 18.65 -96.66 12.60
C PHE L 750 17.15 -96.76 12.34
N SER L 751 16.70 -96.58 11.10
CA SER L 751 15.28 -96.75 10.82
C SER L 751 14.83 -98.18 11.12
N LEU L 752 13.56 -98.31 11.53
CA LEU L 752 12.97 -99.62 11.82
C LEU L 752 11.74 -99.92 10.98
N SER L 753 11.32 -99.02 10.08
CA SER L 753 10.20 -99.27 9.19
C SER L 753 10.71 -99.87 7.89
N SER L 754 10.11 -100.99 7.48
CA SER L 754 10.56 -101.66 6.26
C SER L 754 10.22 -100.87 5.02
N THR L 755 9.07 -100.18 5.01
CA THR L 755 8.74 -99.30 3.90
C THR L 755 9.73 -98.15 3.80
N GLU L 756 10.08 -97.56 4.94
CA GLU L 756 11.09 -96.51 4.96
C GLU L 756 12.44 -97.02 4.45
N LYS L 757 12.82 -98.23 4.85
CA LYS L 757 14.07 -98.81 4.39
C LYS L 757 14.07 -99.01 2.89
N SER L 758 12.98 -99.56 2.34
CA SER L 758 12.91 -99.79 0.90
C SER L 758 12.91 -98.48 0.13
N GLN L 759 12.22 -97.46 0.64
CA GLN L 759 12.19 -96.16 -0.04
C GLN L 759 13.55 -95.49 -0.01
N ILE L 760 14.28 -95.61 1.10
CA ILE L 760 15.63 -95.06 1.17
C ILE L 760 16.55 -95.81 0.21
N GLU L 761 16.41 -97.13 0.12
CA GLU L 761 17.21 -97.90 -0.84
C GLU L 761 16.97 -97.44 -2.26
N PHE L 762 15.69 -97.28 -2.64
CA PHE L 762 15.37 -96.81 -3.99
C PHE L 762 15.93 -95.42 -4.24
N ALA L 763 15.80 -94.52 -3.26
CA ALA L 763 16.32 -93.18 -3.41
C ALA L 763 17.83 -93.19 -3.63
N LEU L 764 18.55 -93.99 -2.83
CA LEU L 764 20.00 -94.04 -2.97
C LEU L 764 20.41 -94.69 -4.29
N CYS L 765 19.63 -95.64 -4.78
CA CYS L 765 19.93 -96.25 -6.08
C CYS L 765 19.65 -95.28 -7.22
N ARG L 766 18.73 -94.33 -7.02
CA ARG L 766 18.47 -93.31 -8.05
C ARG L 766 19.62 -92.28 -8.21
N THR L 767 20.80 -92.45 -7.62
CA THR L 767 21.83 -91.43 -7.70
C THR L 767 22.63 -91.56 -9.01
N GLN L 768 23.44 -90.54 -9.27
CA GLN L 768 24.32 -90.49 -10.44
C GLN L 768 25.77 -90.83 -10.11
N ASN L 769 26.10 -90.99 -8.83
CA ASN L 769 27.48 -91.21 -8.43
C ASN L 769 27.84 -92.68 -8.63
N LYS L 770 28.75 -92.94 -9.57
CA LYS L 770 29.18 -94.32 -9.83
C LYS L 770 29.82 -94.93 -8.58
N GLU L 771 30.62 -94.15 -7.85
CA GLU L 771 31.27 -94.68 -6.66
C GLU L 771 30.24 -95.02 -5.59
N LYS L 772 29.20 -94.19 -5.44
CA LYS L 772 28.17 -94.48 -4.45
C LYS L 772 27.34 -95.70 -4.85
N LEU L 773 27.07 -95.85 -6.14
CA LEU L 773 26.42 -97.07 -6.61
C LEU L 773 27.28 -98.30 -6.29
N GLN L 774 28.58 -98.21 -6.58
CA GLN L 774 29.50 -99.30 -6.29
C GLN L 774 29.53 -99.61 -4.79
N TRP L 775 29.47 -98.57 -3.97
CA TRP L 775 29.48 -98.78 -2.52
C TRP L 775 28.20 -99.47 -2.06
N LEU L 776 27.05 -99.06 -2.60
CA LEU L 776 25.81 -99.76 -2.31
C LEU L 776 25.92 -101.24 -2.68
N LEU L 777 26.43 -101.53 -3.87
CA LEU L 777 26.60 -102.91 -4.30
C LEU L 777 27.51 -103.69 -3.34
N ASP L 778 28.69 -103.13 -3.05
CA ASP L 778 29.66 -103.83 -2.22
C ASP L 778 29.11 -104.10 -0.83
N GLU L 779 28.46 -103.11 -0.22
CA GLU L 779 27.98 -103.28 1.14
C GLU L 779 26.78 -104.20 1.20
N SER L 780 25.89 -104.12 0.22
CA SER L 780 24.76 -105.04 0.18
C SER L 780 25.20 -106.47 -0.10
N PHE L 781 26.32 -106.66 -0.79
CA PHE L 781 26.88 -108.01 -0.91
C PHE L 781 27.46 -108.47 0.42
N LYS L 782 28.27 -107.62 1.06
CA LYS L 782 28.92 -108.01 2.31
C LYS L 782 27.88 -108.35 3.39
N GLY L 783 26.78 -107.62 3.44
CA GLY L 783 25.68 -107.94 4.32
C GLY L 783 25.74 -107.32 5.71
N ASP L 784 26.65 -106.38 5.93
CA ASP L 784 26.75 -105.73 7.25
C ASP L 784 25.94 -104.44 7.26
N LYS L 785 26.39 -103.44 6.50
CA LYS L 785 25.70 -102.15 6.48
C LYS L 785 24.34 -102.25 5.81
N ILE L 786 24.21 -103.09 4.79
CA ILE L 786 22.93 -103.38 4.13
C ILE L 786 22.80 -104.90 4.04
N LYS L 787 21.68 -105.41 4.57
CA LYS L 787 21.49 -106.85 4.65
C LYS L 787 21.50 -107.49 3.27
N THR L 788 21.99 -108.73 3.20
CA THR L 788 22.13 -109.40 1.91
C THR L 788 20.78 -109.77 1.30
N GLN L 789 19.73 -109.91 2.11
CA GLN L 789 18.42 -110.27 1.57
C GLN L 789 17.91 -109.19 0.61
N GLU L 790 18.36 -107.95 0.78
CA GLU L 790 17.97 -106.85 -0.09
C GLU L 790 18.89 -106.70 -1.30
N PHE L 791 19.94 -107.52 -1.41
CA PHE L 791 20.91 -107.32 -2.49
C PHE L 791 20.31 -107.48 -3.88
N PRO L 792 19.52 -108.52 -4.20
CA PRO L 792 19.04 -108.66 -5.58
C PRO L 792 18.21 -107.48 -6.05
N GLN L 793 17.35 -106.94 -5.19
CA GLN L 793 16.56 -105.76 -5.58
C GLN L 793 17.46 -104.55 -5.80
N ILE L 794 18.51 -104.40 -4.99
CA ILE L 794 19.45 -103.29 -5.17
C ILE L 794 20.16 -103.44 -6.51
N LEU L 795 20.57 -104.66 -6.84
CA LEU L 795 21.19 -104.93 -8.13
C LEU L 795 20.23 -104.61 -9.28
N THR L 796 18.96 -104.94 -9.11
CA THR L 796 17.97 -104.65 -10.15
C THR L 796 17.78 -103.15 -10.33
N LEU L 797 17.71 -102.40 -9.23
CA LEU L 797 17.56 -100.95 -9.33
C LEU L 797 18.80 -100.31 -9.96
N ILE L 798 19.99 -100.82 -9.64
CA ILE L 798 21.20 -100.25 -10.23
C ILE L 798 21.30 -100.62 -11.70
N GLY L 799 20.83 -101.81 -12.08
CA GLY L 799 20.73 -102.13 -13.50
C GLY L 799 19.70 -101.31 -14.23
N ARG L 800 18.70 -100.80 -13.51
CA ARG L 800 17.77 -99.85 -14.12
C ARG L 800 18.39 -98.47 -14.28
N ASN L 801 19.23 -98.08 -13.32
CA ASN L 801 19.87 -96.77 -13.35
C ASN L 801 20.61 -96.56 -14.67
N PRO L 802 20.39 -95.43 -15.36
CA PRO L 802 21.00 -95.24 -16.69
C PRO L 802 22.52 -95.18 -16.69
N VAL L 803 23.15 -94.91 -15.55
CA VAL L 803 24.60 -94.87 -15.45
C VAL L 803 25.17 -96.02 -14.64
N GLY L 804 24.32 -96.95 -14.19
CA GLY L 804 24.75 -98.01 -13.31
C GLY L 804 24.70 -99.39 -13.92
N TYR L 805 24.06 -99.52 -15.09
CA TYR L 805 23.93 -100.85 -15.69
C TYR L 805 25.27 -101.51 -16.03
N PRO L 806 26.32 -100.81 -16.48
CA PRO L 806 27.60 -101.50 -16.65
C PRO L 806 28.15 -101.98 -15.32
N LEU L 807 27.99 -101.17 -14.27
CA LEU L 807 28.44 -101.56 -12.94
C LEU L 807 27.72 -102.82 -12.47
N ALA L 808 26.41 -102.89 -12.69
CA ALA L 808 25.64 -104.06 -12.26
C ALA L 808 26.03 -105.30 -13.04
N TRP L 809 26.13 -105.16 -14.37
CA TRP L 809 26.54 -106.27 -15.22
C TRP L 809 27.93 -106.78 -14.83
N GLN L 810 28.86 -105.86 -14.59
CA GLN L 810 30.21 -106.23 -14.18
C GLN L 810 30.22 -106.91 -12.82
N PHE L 811 29.40 -106.41 -11.88
CA PHE L 811 29.36 -107.02 -10.55
C PHE L 811 28.82 -108.44 -10.61
N LEU L 812 27.74 -108.65 -11.37
CA LEU L 812 27.22 -110.01 -11.54
C LEU L 812 28.27 -110.91 -12.18
N ARG L 813 28.93 -110.42 -13.23
CA ARG L 813 29.94 -111.22 -13.91
C ARG L 813 31.07 -111.61 -12.96
N LYS L 814 31.57 -110.65 -12.18
CA LYS L 814 32.76 -110.90 -11.37
C LYS L 814 32.46 -111.63 -10.07
N ASN L 815 31.21 -111.61 -9.59
CA ASN L 815 30.85 -112.30 -8.36
C ASN L 815 29.78 -113.35 -8.57
N TRP L 816 29.64 -113.88 -9.79
CA TRP L 816 28.66 -114.92 -10.04
C TRP L 816 28.83 -116.13 -9.12
N ASN L 817 30.07 -116.53 -8.87
CA ASN L 817 30.31 -117.76 -8.12
C ASN L 817 29.78 -117.65 -6.69
N LYS L 818 30.18 -116.61 -5.96
CA LYS L 818 29.73 -116.45 -4.57
C LYS L 818 28.24 -116.18 -4.50
N LEU L 819 27.69 -115.45 -5.48
CA LEU L 819 26.26 -115.22 -5.51
C LEU L 819 25.48 -116.53 -5.66
N VAL L 820 25.96 -117.41 -6.56
CA VAL L 820 25.33 -118.72 -6.72
C VAL L 820 25.49 -119.55 -5.46
N GLN L 821 26.67 -119.49 -4.84
CA GLN L 821 26.89 -120.27 -3.62
C GLN L 821 26.01 -119.80 -2.48
N LYS L 822 25.62 -118.52 -2.50
CA LYS L 822 24.77 -117.96 -1.45
C LYS L 822 23.29 -118.19 -1.71
N PHE L 823 22.85 -118.08 -2.97
CA PHE L 823 21.42 -118.10 -3.29
C PHE L 823 20.96 -119.39 -3.96
N GLU L 824 21.86 -120.35 -4.19
CA GLU L 824 21.57 -121.62 -4.86
C GLU L 824 21.24 -121.39 -6.33
N LEU L 825 21.49 -122.39 -7.16
CA LEU L 825 21.26 -122.26 -8.60
C LEU L 825 19.77 -122.34 -8.91
N GLY L 826 19.34 -121.56 -9.91
CA GLY L 826 17.96 -121.58 -10.35
C GLY L 826 16.96 -120.95 -9.41
N SER L 827 17.39 -120.39 -8.30
CA SER L 827 16.47 -119.75 -7.38
C SER L 827 15.90 -118.48 -8.02
N SER L 828 14.75 -118.06 -7.48
CA SER L 828 14.12 -116.83 -7.98
C SER L 828 15.04 -115.64 -7.80
N SER L 829 15.92 -115.67 -6.80
CA SER L 829 16.89 -114.61 -6.64
C SER L 829 17.86 -114.57 -7.82
N ILE L 830 18.40 -115.73 -8.20
CA ILE L 830 19.32 -115.81 -9.34
C ILE L 830 18.62 -115.38 -10.62
N ALA L 831 17.40 -115.85 -10.84
CA ALA L 831 16.66 -115.46 -12.03
C ALA L 831 16.42 -113.95 -12.05
N HIS L 832 15.98 -113.39 -10.93
CA HIS L 832 15.76 -111.96 -10.81
C HIS L 832 17.03 -111.19 -11.14
N MET L 833 18.17 -111.62 -10.58
CA MET L 833 19.43 -110.93 -10.82
C MET L 833 19.81 -110.98 -12.30
N VAL L 834 19.78 -112.17 -12.90
CA VAL L 834 20.17 -112.32 -14.30
C VAL L 834 19.31 -111.42 -15.19
N MET L 835 17.99 -111.49 -15.01
CA MET L 835 17.11 -110.71 -15.87
C MET L 835 17.26 -109.21 -15.62
N GLY L 836 17.35 -108.80 -14.36
CA GLY L 836 17.51 -107.38 -14.06
C GLY L 836 18.81 -106.81 -14.59
N THR L 837 19.85 -107.63 -14.71
CA THR L 837 21.11 -107.12 -15.23
C THR L 837 21.22 -107.20 -16.75
N THR L 838 20.47 -108.09 -17.41
CA THR L 838 20.65 -108.25 -18.86
C THR L 838 19.41 -107.95 -19.71
N ASN L 839 18.20 -108.12 -19.17
CA ASN L 839 17.04 -108.15 -20.08
C ASN L 839 16.66 -106.76 -20.65
N GLN L 840 17.45 -105.71 -20.45
CA GLN L 840 17.19 -104.41 -21.06
C GLN L 840 18.15 -104.11 -22.21
N PHE L 841 18.92 -105.11 -22.64
CA PHE L 841 19.86 -104.93 -23.75
C PHE L 841 19.15 -104.99 -25.10
N SER L 842 19.81 -104.38 -26.09
CA SER L 842 19.21 -104.21 -27.41
C SER L 842 20.17 -104.45 -28.56
N THR L 843 21.44 -104.74 -28.30
CA THR L 843 22.44 -104.86 -29.35
C THR L 843 23.00 -106.27 -29.43
N ARG L 844 23.49 -106.61 -30.62
CA ARG L 844 24.16 -107.89 -30.81
C ARG L 844 25.43 -107.97 -29.98
N THR L 845 26.10 -106.84 -29.75
CA THR L 845 27.28 -106.84 -28.88
C THR L 845 26.91 -107.26 -27.46
N ARG L 846 25.86 -106.67 -26.90
CA ARG L 846 25.39 -107.06 -25.58
C ARG L 846 24.92 -108.51 -25.56
N LEU L 847 24.22 -108.93 -26.62
CA LEU L 847 23.79 -110.32 -26.71
C LEU L 847 24.96 -111.28 -26.67
N GLU L 848 26.04 -110.95 -27.40
CA GLU L 848 27.20 -111.82 -27.42
C GLU L 848 27.91 -111.81 -26.06
N GLU L 849 27.95 -110.66 -25.40
CA GLU L 849 28.48 -110.60 -24.04
C GLU L 849 27.74 -111.58 -23.14
N VAL L 850 26.41 -111.51 -23.14
CA VAL L 850 25.59 -112.38 -22.30
C VAL L 850 25.81 -113.84 -22.63
N LYS L 851 25.72 -114.18 -23.92
CA LYS L 851 25.93 -115.56 -24.35
C LYS L 851 27.30 -116.08 -23.92
N GLY L 852 28.35 -115.31 -24.17
CA GLY L 852 29.69 -115.77 -23.85
C GLY L 852 29.89 -116.01 -22.37
N PHE L 853 29.44 -115.06 -21.54
CA PHE L 853 29.59 -115.23 -20.10
C PHE L 853 28.83 -116.47 -19.61
N PHE L 854 27.55 -116.56 -19.96
CA PHE L 854 26.74 -117.65 -19.43
C PHE L 854 27.14 -118.99 -20.04
N SER L 855 27.82 -119.00 -21.18
CA SER L 855 28.36 -120.25 -21.70
C SER L 855 29.66 -120.63 -21.00
N SER L 856 30.50 -119.63 -20.69
CA SER L 856 31.72 -119.88 -19.94
C SER L 856 31.44 -120.34 -18.52
N LEU L 857 30.23 -120.06 -18.02
CA LEU L 857 29.86 -120.60 -16.70
C LEU L 857 29.95 -122.12 -16.66
N LYS L 858 29.75 -122.79 -17.79
CA LYS L 858 29.90 -124.25 -17.94
C LYS L 858 28.90 -124.94 -17.01
N GLU L 859 29.33 -125.90 -16.19
CA GLU L 859 28.41 -126.70 -15.38
C GLU L 859 27.81 -125.93 -14.21
N ASN L 860 28.13 -124.65 -14.04
CA ASN L 860 27.66 -123.85 -12.91
C ASN L 860 26.70 -122.75 -13.35
N GLY L 861 25.78 -123.06 -14.26
CA GLY L 861 24.74 -122.11 -14.58
C GLY L 861 24.51 -121.84 -16.06
N SER L 862 25.25 -122.53 -16.93
CA SER L 862 25.05 -122.35 -18.36
C SER L 862 23.71 -122.90 -18.82
N GLN L 863 23.15 -123.87 -18.11
CA GLN L 863 21.90 -124.54 -18.48
C GLN L 863 20.70 -123.97 -17.75
N LEU L 864 20.71 -122.69 -17.40
CA LEU L 864 19.65 -122.07 -16.62
C LEU L 864 18.51 -121.60 -17.53
N ARG L 865 17.28 -121.98 -17.16
CA ARG L 865 16.11 -121.54 -17.90
C ARG L 865 16.04 -120.03 -17.95
N CYS L 866 16.46 -119.35 -16.88
CA CYS L 866 16.51 -117.90 -16.88
C CYS L 866 17.57 -117.38 -17.85
N VAL L 867 18.67 -118.11 -18.01
CA VAL L 867 19.67 -117.73 -19.02
C VAL L 867 19.05 -117.79 -20.41
N GLN L 868 18.36 -118.89 -20.72
CA GLN L 868 17.70 -118.98 -22.02
C GLN L 868 16.65 -117.88 -22.19
N GLN L 869 15.93 -117.55 -21.12
CA GLN L 869 14.90 -116.52 -21.20
C GLN L 869 15.50 -115.16 -21.46
N THR L 870 16.60 -114.82 -20.79
CA THR L 870 17.24 -113.53 -21.03
C THR L 870 17.84 -113.47 -22.42
N ILE L 871 18.41 -114.58 -22.91
CA ILE L 871 18.97 -114.61 -24.25
C ILE L 871 17.87 -114.35 -25.28
N GLU L 872 16.74 -115.05 -25.15
CA GLU L 872 15.65 -114.86 -26.10
C GLU L 872 15.01 -113.49 -25.96
N THR L 873 14.97 -112.94 -24.74
CA THR L 873 14.46 -111.59 -24.55
C THR L 873 15.34 -110.57 -25.25
N ILE L 874 16.67 -110.74 -25.16
CA ILE L 874 17.58 -109.83 -25.84
C ILE L 874 17.47 -109.98 -27.35
N GLU L 875 17.25 -111.21 -27.84
CA GLU L 875 17.05 -111.42 -29.27
C GLU L 875 15.79 -110.69 -29.75
N GLU L 876 14.70 -110.85 -29.00
CA GLU L 876 13.46 -110.15 -29.33
C GLU L 876 13.64 -108.64 -29.25
N ASN L 877 14.43 -108.16 -28.27
CA ASN L 877 14.69 -106.73 -28.18
C ASN L 877 15.47 -106.24 -29.38
N ILE L 878 16.47 -107.01 -29.84
CA ILE L 878 17.22 -106.64 -31.03
C ILE L 878 16.30 -106.50 -32.22
N GLY L 879 15.47 -107.51 -32.46
CA GLY L 879 14.53 -107.42 -33.58
C GLY L 879 13.58 -106.24 -33.46
N TRP L 880 12.94 -106.10 -32.30
CA TRP L 880 11.96 -105.04 -32.08
C TRP L 880 12.58 -103.66 -32.24
N MET L 881 13.81 -103.49 -31.76
CA MET L 881 14.47 -102.19 -31.84
C MET L 881 14.91 -101.89 -33.26
N ASP L 882 15.47 -102.87 -33.97
CA ASP L 882 15.83 -102.65 -35.36
C ASP L 882 14.61 -102.30 -36.21
N LYS L 883 13.44 -102.81 -35.84
CA LYS L 883 12.25 -102.52 -36.63
C LYS L 883 11.57 -101.21 -36.24
N ASN L 884 11.47 -100.90 -34.95
CA ASN L 884 10.53 -99.87 -34.48
C ASN L 884 11.17 -98.58 -33.98
N PHE L 885 12.50 -98.50 -33.87
CA PHE L 885 13.11 -97.32 -33.27
C PHE L 885 12.86 -96.06 -34.11
N ASP L 886 13.21 -96.11 -35.39
CA ASP L 886 13.02 -94.95 -36.25
C ASP L 886 11.53 -94.62 -36.38
N LYS L 887 10.66 -95.62 -36.37
CA LYS L 887 9.23 -95.38 -36.33
C LYS L 887 8.84 -94.55 -35.11
N ILE L 888 9.41 -94.89 -33.96
CA ILE L 888 9.08 -94.15 -32.74
C ILE L 888 9.60 -92.71 -32.82
N ARG L 889 10.79 -92.52 -33.39
CA ARG L 889 11.31 -91.16 -33.55
C ARG L 889 10.40 -90.32 -34.45
N VAL L 890 10.02 -90.88 -35.61
CA VAL L 890 9.15 -90.16 -36.54
C VAL L 890 7.81 -89.86 -35.89
N TRP L 891 7.26 -90.82 -35.15
CA TRP L 891 5.98 -90.58 -34.49
C TRP L 891 6.09 -89.53 -33.41
N LEU L 892 7.22 -89.45 -32.70
CA LEU L 892 7.37 -88.41 -31.69
C LEU L 892 7.45 -87.03 -32.31
N GLN L 893 8.17 -86.91 -33.44
CA GLN L 893 8.18 -85.63 -34.13
C GLN L 893 6.79 -85.27 -34.65
N SER L 894 6.04 -86.25 -35.14
CA SER L 894 4.68 -85.99 -35.60
C SER L 894 3.77 -85.58 -34.44
N GLU L 895 3.97 -86.18 -33.27
CA GLU L 895 3.14 -85.86 -32.10
C GLU L 895 3.46 -84.49 -31.53
N LYS L 896 4.71 -84.04 -31.66
CA LYS L 896 5.04 -82.67 -31.26
C LYS L 896 4.25 -81.65 -32.08
N LEU L 897 3.92 -81.97 -33.33
CA LEU L 897 3.11 -81.11 -34.19
C LEU L 897 1.62 -81.27 -33.87
N GLU L 898 1.25 -80.90 -32.64
CA GLU L 898 -0.13 -80.99 -32.19
C GLU L 898 -0.67 -79.72 -31.55
N ARG L 899 0.18 -78.82 -31.08
CA ARG L 899 -0.29 -77.57 -30.48
C ARG L 899 -0.29 -76.44 -31.52
N PRO M 30 102.97 -104.27 -12.80
CA PRO M 30 102.07 -105.16 -13.55
C PRO M 30 101.03 -105.83 -12.66
N PHE M 31 99.77 -105.38 -12.79
CA PHE M 31 98.67 -105.86 -11.97
C PHE M 31 98.24 -107.25 -12.45
N PRO M 32 98.02 -108.19 -11.52
CA PRO M 32 97.76 -109.57 -11.94
C PRO M 32 96.30 -109.85 -12.23
N TRP M 33 95.62 -108.89 -12.86
CA TRP M 33 94.22 -109.04 -13.24
C TRP M 33 93.90 -107.94 -14.24
N ASN M 34 93.09 -108.28 -15.25
CA ASN M 34 92.83 -107.33 -16.33
C ASN M 34 91.35 -107.25 -16.70
N LYS M 35 90.46 -107.66 -15.81
CA LYS M 35 89.03 -107.58 -16.05
C LYS M 35 88.38 -106.67 -15.02
N ILE M 36 87.32 -105.98 -15.43
CA ILE M 36 86.61 -105.07 -14.53
C ILE M 36 85.85 -105.86 -13.48
N ARG M 37 85.27 -106.99 -13.87
CA ARG M 37 84.57 -107.86 -12.92
C ARG M 37 85.58 -108.51 -11.98
N LEU M 38 85.11 -108.85 -10.78
CA LEU M 38 85.99 -109.48 -9.82
C LEU M 38 86.11 -110.97 -10.11
N PRO M 39 87.19 -111.61 -9.66
CA PRO M 39 87.27 -113.07 -9.78
C PRO M 39 86.17 -113.76 -8.99
N GLU M 40 85.61 -114.81 -9.58
CA GLU M 40 84.50 -115.52 -8.98
C GLU M 40 84.91 -116.57 -7.97
N TYR M 41 86.21 -116.82 -7.80
CA TYR M 41 86.69 -117.90 -6.96
C TYR M 41 87.16 -117.40 -5.59
N VAL M 42 86.93 -116.13 -5.27
CA VAL M 42 87.19 -115.58 -3.94
C VAL M 42 85.87 -115.02 -3.43
N ILE M 43 85.27 -115.68 -2.45
CA ILE M 43 83.93 -115.36 -1.96
C ILE M 43 84.05 -114.87 -0.53
N PRO M 44 83.53 -113.69 -0.20
CA PRO M 44 83.45 -113.25 1.20
C PRO M 44 82.24 -113.87 1.89
N VAL M 45 82.33 -113.99 3.22
CA VAL M 45 81.23 -114.55 3.98
C VAL M 45 80.81 -113.64 5.14
N HIS M 46 81.76 -112.86 5.67
CA HIS M 46 81.45 -112.03 6.83
C HIS M 46 82.44 -110.89 6.91
N TYR M 47 81.94 -109.66 6.89
CA TYR M 47 82.74 -108.46 7.09
C TYR M 47 82.67 -108.00 8.53
N ASP M 48 83.80 -107.52 9.03
CA ASP M 48 83.91 -106.94 10.38
C ASP M 48 84.56 -105.58 10.17
N LEU M 49 83.75 -104.53 10.25
CA LEU M 49 84.18 -103.19 9.92
C LEU M 49 84.33 -102.36 11.17
N LEU M 50 85.42 -101.62 11.27
CA LEU M 50 85.68 -100.68 12.35
C LEU M 50 86.03 -99.34 11.73
N ILE M 51 85.16 -98.35 11.92
CA ILE M 51 85.33 -97.05 11.29
C ILE M 51 85.47 -96.00 12.40
N HIS M 52 86.49 -95.15 12.29
CA HIS M 52 86.67 -94.01 13.18
C HIS M 52 86.68 -92.77 12.30
N ALA M 53 85.57 -92.04 12.31
CA ALA M 53 85.39 -90.82 11.55
C ALA M 53 85.68 -89.60 12.41
N ASN M 54 86.37 -88.68 11.81
CA ASN M 54 86.71 -87.43 12.55
C ASN M 54 86.06 -86.25 11.82
N LEU M 55 85.01 -85.68 12.42
CA LEU M 55 84.27 -84.56 11.85
C LEU M 55 85.09 -83.27 11.91
N THR M 56 85.90 -83.09 12.95
CA THR M 56 86.68 -81.86 13.06
C THR M 56 87.75 -81.77 11.97
N THR M 57 88.52 -82.85 11.80
CA THR M 57 89.57 -82.88 10.79
C THR M 57 89.07 -83.42 9.46
N LEU M 58 87.81 -83.82 9.35
CA LEU M 58 87.21 -84.40 8.15
C LEU M 58 88.06 -85.55 7.62
N THR M 59 88.38 -86.49 8.51
CA THR M 59 89.21 -87.65 8.19
C THR M 59 88.50 -88.91 8.65
N PHE M 60 89.08 -90.08 8.37
CA PHE M 60 88.62 -91.31 9.01
C PHE M 60 89.63 -92.42 8.77
N TRP M 61 89.88 -93.22 9.81
CA TRP M 61 90.72 -94.41 9.74
CA TRP M 61 90.70 -94.41 9.67
C TRP M 61 89.83 -95.64 9.89
N GLY M 62 90.11 -96.68 9.10
CA GLY M 62 89.27 -97.86 9.10
C GLY M 62 90.08 -99.14 9.18
N THR M 63 89.42 -100.17 9.71
CA THR M 63 89.95 -101.52 9.78
C THR M 63 88.88 -102.47 9.25
N THR M 64 89.24 -103.27 8.25
CA THR M 64 88.32 -104.19 7.60
C THR M 64 88.84 -105.61 7.74
N LYS M 65 88.08 -106.46 8.42
CA LYS M 65 88.40 -107.89 8.52
C LYS M 65 87.35 -108.65 7.73
N VAL M 66 87.75 -109.21 6.59
CA VAL M 66 86.82 -109.92 5.71
C VAL M 66 87.18 -111.40 5.73
N GLU M 67 86.21 -112.22 6.10
CA GLU M 67 86.36 -113.67 6.03
C GLU M 67 86.03 -114.14 4.63
N ILE M 68 86.93 -114.91 4.03
CA ILE M 68 86.80 -115.36 2.66
C ILE M 68 87.08 -116.85 2.59
N THR M 69 86.60 -117.46 1.50
CA THR M 69 86.92 -118.83 1.12
C THR M 69 87.28 -118.84 -0.35
N ALA M 70 88.07 -119.83 -0.75
CA ALA M 70 88.56 -119.94 -2.11
C ALA M 70 88.15 -121.28 -2.70
N SER M 71 87.69 -121.25 -3.96
CA SER M 71 87.33 -122.46 -4.67
C SER M 71 88.43 -122.94 -5.61
N GLN M 72 89.28 -122.03 -6.08
CA GLN M 72 90.46 -122.37 -6.86
C GLN M 72 91.68 -121.97 -6.07
N PRO M 73 92.70 -122.82 -5.94
CA PRO M 73 93.90 -122.44 -5.19
C PRO M 73 94.53 -121.22 -5.83
N THR M 74 94.72 -120.18 -5.03
CA THR M 74 95.31 -118.95 -5.52
C THR M 74 96.17 -118.32 -4.43
N SER M 75 97.12 -117.50 -4.87
CA SER M 75 97.95 -116.70 -3.98
C SER M 75 97.73 -115.21 -4.22
N THR M 76 96.65 -114.85 -4.92
CA THR M 76 96.32 -113.47 -5.23
C THR M 76 94.85 -113.24 -4.95
N ILE M 77 94.54 -112.23 -4.15
CA ILE M 77 93.17 -111.89 -3.78
C ILE M 77 92.86 -110.51 -4.36
N ILE M 78 91.86 -110.45 -5.22
CA ILE M 78 91.48 -109.21 -5.89
C ILE M 78 90.21 -108.67 -5.24
N LEU M 79 90.22 -107.39 -4.90
CA LEU M 79 89.04 -106.72 -4.36
C LEU M 79 89.09 -105.25 -4.72
N HIS M 80 88.04 -104.53 -4.36
CA HIS M 80 87.86 -103.13 -4.73
C HIS M 80 88.34 -102.20 -3.63
N SER M 81 88.90 -101.06 -4.05
CA SER M 81 89.31 -99.98 -3.15
C SER M 81 89.53 -98.74 -3.99
N HIS M 82 89.02 -97.60 -3.51
CA HIS M 82 89.04 -96.36 -4.27
C HIS M 82 89.27 -95.19 -3.33
N HIS M 83 90.31 -94.40 -3.62
CA HIS M 83 90.66 -93.21 -2.84
C HIS M 83 90.88 -93.55 -1.36
N LEU M 84 91.48 -94.70 -1.10
CA LEU M 84 91.78 -95.16 0.25
C LEU M 84 93.26 -95.45 0.37
N GLN M 85 93.92 -94.88 1.37
CA GLN M 85 95.33 -95.12 1.62
C GLN M 85 95.47 -96.38 2.48
N ILE M 86 95.93 -97.46 1.86
CA ILE M 86 96.16 -98.72 2.58
C ILE M 86 97.51 -98.63 3.27
N SER M 87 97.54 -98.95 4.57
CA SER M 87 98.76 -98.83 5.35
C SER M 87 99.26 -100.16 5.91
N ARG M 88 98.45 -101.21 5.90
CA ARG M 88 98.81 -102.47 6.54
C ARG M 88 97.83 -103.55 6.11
N ALA M 89 98.36 -104.73 5.79
CA ALA M 89 97.53 -105.83 5.29
C ALA M 89 98.08 -107.16 5.78
N THR M 90 97.24 -107.94 6.44
CA THR M 90 97.62 -109.25 6.97
C THR M 90 96.60 -110.29 6.52
N LEU M 91 97.03 -111.55 6.56
CA LEU M 91 96.21 -112.69 6.16
C LEU M 91 96.31 -113.77 7.22
N ARG M 92 95.22 -114.01 7.93
CA ARG M 92 95.15 -115.03 8.97
C ARG M 92 94.51 -116.29 8.43
N LYS M 93 95.03 -117.44 8.88
CA LYS M 93 94.56 -118.75 8.44
C LYS M 93 93.91 -119.45 9.63
N GLY M 94 92.60 -119.67 9.54
CA GLY M 94 91.86 -120.27 10.63
C GLY M 94 90.80 -119.35 11.21
N LEU M 99 95.41 -118.85 13.90
CA LEU M 99 96.68 -119.22 14.50
C LEU M 99 97.84 -118.57 13.76
N SER M 100 97.98 -118.90 12.48
CA SER M 100 99.07 -118.39 11.66
C SER M 100 98.62 -117.12 10.95
N GLU M 101 99.45 -116.07 11.05
CA GLU M 101 99.19 -114.79 10.39
C GLU M 101 100.37 -114.46 9.50
N GLU M 102 100.09 -114.04 8.27
CA GLU M 102 101.12 -113.77 7.28
C GLU M 102 100.88 -112.40 6.63
N PRO M 103 101.94 -111.67 6.32
CA PRO M 103 101.77 -110.38 5.66
C PRO M 103 101.42 -110.54 4.19
N LEU M 104 100.70 -109.54 3.68
CA LEU M 104 100.30 -109.50 2.28
C LEU M 104 100.96 -108.31 1.60
N GLN M 105 101.36 -108.49 0.34
CA GLN M 105 101.87 -107.38 -0.46
C GLN M 105 100.72 -106.74 -1.22
N VAL M 106 100.75 -105.41 -1.31
CA VAL M 106 99.64 -104.64 -1.84
C VAL M 106 100.05 -104.08 -3.20
N LEU M 107 99.23 -104.35 -4.21
CA LEU M 107 99.36 -103.74 -5.53
C LEU M 107 98.09 -102.95 -5.80
N GLU M 108 98.22 -101.82 -6.49
CA GLU M 108 97.14 -100.87 -6.66
C GLU M 108 96.85 -100.66 -8.14
N HIS M 109 95.58 -100.57 -8.50
CA HIS M 109 95.15 -100.28 -9.86
C HIS M 109 94.05 -99.21 -9.78
N PRO M 110 94.42 -97.94 -9.95
CA PRO M 110 93.40 -96.88 -9.85
C PRO M 110 92.43 -96.86 -11.01
N ARG M 111 92.84 -97.34 -12.19
CA ARG M 111 91.95 -97.34 -13.34
C ARG M 111 90.80 -98.32 -13.15
N GLN M 112 91.08 -99.51 -12.63
CA GLN M 112 90.05 -100.50 -12.35
C GLN M 112 89.50 -100.37 -10.93
N GLU M 113 89.96 -99.40 -10.15
CA GLU M 113 89.51 -99.20 -8.77
C GLU M 113 89.69 -100.46 -7.94
N GLN M 114 90.86 -101.10 -8.08
CA GLN M 114 91.10 -102.39 -7.44
C GLN M 114 92.44 -102.38 -6.70
N ILE M 115 92.57 -103.34 -5.78
CA ILE M 115 93.84 -103.66 -5.16
C ILE M 115 94.00 -105.17 -5.18
N ALA M 116 95.25 -105.61 -5.31
CA ALA M 116 95.60 -107.02 -5.31
C ALA M 116 96.44 -107.31 -4.08
N LEU M 117 96.07 -108.36 -3.34
CA LEU M 117 96.80 -108.78 -2.15
C LEU M 117 97.52 -110.08 -2.46
N LEU M 118 98.84 -110.07 -2.33
CA LEU M 118 99.69 -111.21 -2.63
C LEU M 118 100.10 -111.90 -1.34
N ALA M 119 99.86 -113.22 -1.28
CA ALA M 119 100.11 -114.06 -0.12
C ALA M 119 101.34 -114.94 -0.35
N PRO M 120 102.19 -115.11 0.67
CA PRO M 120 103.40 -115.93 0.46
C PRO M 120 103.06 -117.37 0.11
N GLU M 121 102.11 -117.98 0.82
CA GLU M 121 101.73 -119.34 0.49
C GLU M 121 100.32 -119.34 -0.07
N PRO M 122 100.10 -119.95 -1.24
CA PRO M 122 98.77 -119.93 -1.86
C PRO M 122 97.70 -120.61 -1.01
N LEU M 123 96.50 -120.04 -1.09
CA LEU M 123 95.36 -120.46 -0.30
C LEU M 123 94.94 -121.89 -0.62
N LEU M 124 94.54 -122.63 0.42
CA LEU M 124 94.06 -124.00 0.30
C LEU M 124 92.55 -123.99 0.08
N VAL M 125 92.09 -124.74 -0.93
CA VAL M 125 90.67 -124.75 -1.24
C VAL M 125 89.86 -125.35 -0.09
N GLY M 126 88.70 -124.75 0.18
CA GLY M 126 87.82 -125.22 1.23
C GLY M 126 88.15 -124.73 2.63
N LEU M 127 89.20 -123.92 2.78
CA LEU M 127 89.61 -123.40 4.07
C LEU M 127 89.18 -121.94 4.23
N PRO M 128 88.79 -121.54 5.43
CA PRO M 128 88.46 -120.13 5.67
C PRO M 128 89.69 -119.30 6.01
N TYR M 129 89.83 -118.15 5.36
CA TYR M 129 90.92 -117.23 5.63
C TYR M 129 90.33 -115.87 5.99
N THR M 130 91.13 -115.04 6.64
CA THR M 130 90.68 -113.73 7.10
C THR M 130 91.68 -112.66 6.65
N VAL M 131 91.25 -111.79 5.75
CA VAL M 131 92.07 -110.67 5.31
C VAL M 131 91.79 -109.47 6.21
N VAL M 132 92.85 -108.86 6.76
CA VAL M 132 92.73 -107.73 7.67
C VAL M 132 93.47 -106.56 7.05
N ILE M 133 92.75 -105.48 6.77
CA ILE M 133 93.29 -104.32 6.07
C ILE M 133 93.09 -103.09 6.94
N HIS M 134 94.14 -102.30 7.12
CA HIS M 134 94.09 -101.01 7.78
C HIS M 134 94.24 -99.92 6.73
N TYR M 135 93.39 -98.90 6.79
CA TYR M 135 93.38 -97.88 5.76
C TYR M 135 92.96 -96.54 6.35
N ALA M 136 93.11 -95.50 5.54
CA ALA M 136 92.71 -94.16 5.93
C ALA M 136 92.14 -93.42 4.73
N GLY M 137 91.47 -92.31 5.02
CA GLY M 137 90.90 -91.48 3.98
C GLY M 137 90.21 -90.29 4.61
N ASN M 138 89.51 -89.50 3.79
CA ASN M 138 88.69 -88.43 4.31
C ASN M 138 87.29 -88.45 3.69
N LEU M 139 86.36 -87.89 4.45
CA LEU M 139 84.97 -87.71 4.03
C LEU M 139 84.90 -87.02 2.67
N SER M 140 84.21 -87.65 1.72
CA SER M 140 84.03 -87.08 0.40
C SER M 140 83.23 -85.78 0.46
N GLU M 141 83.67 -84.78 -0.30
CA GLU M 141 82.93 -83.52 -0.43
C GLU M 141 81.83 -83.62 -1.48
N THR M 142 81.60 -84.78 -2.07
CA THR M 142 80.58 -84.95 -3.09
C THR M 142 79.28 -85.44 -2.47
N PHE M 143 78.49 -86.19 -3.25
CA PHE M 143 77.21 -86.71 -2.78
C PHE M 143 77.19 -88.24 -2.68
N HIS M 144 78.35 -88.89 -2.83
CA HIS M 144 78.43 -90.33 -2.80
C HIS M 144 79.59 -90.77 -1.91
N GLY M 145 79.65 -92.08 -1.65
CA GLY M 145 80.66 -92.62 -0.78
C GLY M 145 80.37 -92.35 0.68
N PHE M 146 81.41 -92.06 1.46
CA PHE M 146 81.28 -91.63 2.85
C PHE M 146 81.48 -90.12 2.84
N TYR M 147 80.38 -89.38 2.72
CA TYR M 147 80.46 -87.96 2.42
C TYR M 147 79.97 -87.11 3.58
N LYS M 148 80.25 -85.81 3.47
CA LYS M 148 79.93 -84.83 4.50
C LYS M 148 78.65 -84.08 4.17
N SER M 149 77.89 -83.74 5.20
CA SER M 149 76.70 -82.91 5.06
C SER M 149 76.71 -81.85 6.15
N THR M 150 76.12 -80.70 5.86
CA THR M 150 76.06 -79.60 6.81
C THR M 150 74.63 -79.11 6.93
N TYR M 151 74.32 -78.52 8.09
CA TYR M 151 73.00 -77.95 8.31
C TYR M 151 73.12 -76.70 9.16
N ARG M 152 72.15 -75.81 9.00
CA ARG M 152 72.13 -74.53 9.70
C ARG M 152 71.17 -74.59 10.88
N THR M 153 71.64 -74.20 12.05
CA THR M 153 70.77 -74.05 13.20
C THR M 153 70.00 -72.72 13.11
N LYS M 154 68.97 -72.60 13.95
CA LYS M 154 68.18 -71.38 13.95
C LYS M 154 68.95 -70.17 14.52
N GLU M 155 70.14 -70.40 15.08
CA GLU M 155 70.99 -69.33 15.57
C GLU M 155 72.06 -68.94 14.56
N GLY M 156 72.02 -69.51 13.35
CA GLY M 156 72.99 -69.23 12.32
C GLY M 156 74.24 -70.09 12.33
N GLU M 157 74.41 -70.92 13.36
CA GLU M 157 75.59 -71.78 13.41
C GLU M 157 75.50 -72.88 12.37
N LEU M 158 76.66 -73.37 11.95
CA LEU M 158 76.79 -74.44 10.98
C LEU M 158 77.25 -75.71 11.68
N ARG M 159 76.55 -76.82 11.43
CA ARG M 159 76.87 -78.09 12.05
C ARG M 159 77.14 -79.13 10.97
N ILE M 160 78.00 -80.10 11.32
CA ILE M 160 78.54 -81.06 10.37
C ILE M 160 78.09 -82.46 10.77
N LEU M 161 77.79 -83.29 9.77
CA LEU M 161 77.48 -84.70 9.97
C LEU M 161 78.11 -85.48 8.82
N ALA M 162 78.21 -86.79 9.00
CA ALA M 162 78.77 -87.68 8.00
C ALA M 162 77.74 -88.74 7.63
N SER M 163 77.46 -88.86 6.33
CA SER M 163 76.47 -89.80 5.85
C SER M 163 77.09 -90.69 4.79
N THR M 164 76.33 -91.70 4.35
CA THR M 164 76.81 -92.66 3.38
C THR M 164 75.85 -92.74 2.19
N GLN M 165 76.41 -93.13 1.04
CA GLN M 165 75.62 -93.42 -0.15
C GLN M 165 76.48 -94.34 -1.02
N PHE M 166 76.18 -95.63 -0.98
CA PHE M 166 77.07 -96.64 -1.57
C PHE M 166 76.59 -97.17 -2.91
N GLU M 167 75.30 -97.09 -3.21
CA GLU M 167 74.84 -97.52 -4.52
C GLU M 167 75.39 -96.57 -5.58
N PRO M 168 75.97 -97.08 -6.68
CA PRO M 168 76.16 -98.52 -6.88
C PRO M 168 77.55 -99.06 -6.52
N THR M 169 78.60 -98.28 -6.76
CA THR M 169 79.98 -98.73 -6.58
C THR M 169 80.75 -97.78 -5.68
N ALA M 170 80.11 -97.28 -4.63
CA ALA M 170 80.73 -96.30 -3.74
C ALA M 170 81.14 -96.86 -2.39
N ALA M 171 80.77 -98.11 -2.08
CA ALA M 171 81.19 -98.72 -0.83
C ALA M 171 82.72 -98.84 -0.77
N ARG M 172 83.37 -99.00 -1.92
CA ARG M 172 84.82 -99.09 -1.98
C ARG M 172 85.50 -97.79 -1.55
N MET M 173 84.79 -96.67 -1.60
CA MET M 173 85.35 -95.40 -1.13
C MET M 173 85.31 -95.28 0.39
N ALA M 174 84.70 -96.24 1.08
CA ALA M 174 84.61 -96.19 2.54
C ALA M 174 85.24 -97.40 3.20
N PHE M 175 85.12 -98.59 2.61
CA PHE M 175 85.81 -99.76 3.13
C PHE M 175 86.16 -100.71 1.99
N PRO M 176 87.37 -101.26 1.98
CA PRO M 176 87.72 -102.22 0.92
C PRO M 176 86.94 -103.51 1.07
N CYS M 177 86.42 -103.99 -0.05
CA CYS M 177 85.50 -105.12 -0.05
C CYS M 177 85.39 -105.64 -1.48
N PHE M 178 84.58 -106.67 -1.64
CA PHE M 178 84.21 -107.19 -2.95
C PHE M 178 82.94 -106.46 -3.38
N ASP M 179 83.13 -105.25 -3.89
CA ASP M 179 82.06 -104.30 -4.13
C ASP M 179 81.29 -104.67 -5.40
N GLU M 180 80.59 -105.80 -5.31
CA GLU M 180 79.68 -106.26 -6.35
C GLU M 180 78.41 -106.80 -5.71
N PRO M 181 77.27 -106.67 -6.37
CA PRO M 181 76.01 -107.13 -5.77
C PRO M 181 75.89 -108.63 -5.61
N ALA M 182 76.74 -109.42 -6.28
CA ALA M 182 76.64 -110.87 -6.21
C ALA M 182 77.33 -111.43 -4.97
N PHE M 183 78.35 -110.75 -4.47
CA PHE M 183 79.08 -111.21 -3.29
C PHE M 183 78.36 -110.72 -2.03
N LYS M 184 77.27 -111.39 -1.71
CA LYS M 184 76.51 -111.07 -0.51
C LYS M 184 77.22 -111.64 0.73
N ALA M 185 77.04 -110.96 1.85
CA ALA M 185 77.68 -111.35 3.11
C ALA M 185 77.01 -110.63 4.26
N SER M 186 77.35 -111.03 5.47
CA SER M 186 76.94 -110.36 6.69
C SER M 186 77.96 -109.29 7.08
N PHE M 187 77.51 -108.33 7.90
CA PHE M 187 78.32 -107.18 8.27
C PHE M 187 78.18 -106.90 9.75
N SER M 188 79.30 -106.95 10.48
CA SER M 188 79.36 -106.54 11.88
C SER M 188 80.07 -105.20 11.94
N ILE M 189 79.32 -104.15 12.30
CA ILE M 189 79.79 -102.77 12.20
C ILE M 189 80.11 -102.22 13.58
N LYS M 190 81.23 -101.50 13.67
CA LYS M 190 81.64 -100.76 14.85
C LYS M 190 82.04 -99.36 14.42
N ILE M 191 81.44 -98.36 15.05
CA ILE M 191 81.67 -96.96 14.70
C ILE M 191 82.17 -96.19 15.91
N ARG M 192 83.19 -95.36 15.72
CA ARG M 192 83.75 -94.57 16.80
C ARG M 192 83.34 -93.11 16.64
N ARG M 193 82.98 -92.49 17.76
CA ARG M 193 82.44 -91.14 17.73
C ARG M 193 82.77 -90.42 19.03
N GLU M 194 82.61 -89.11 19.01
CA GLU M 194 82.65 -88.35 20.24
C GLU M 194 81.37 -88.60 21.05
N PRO M 195 81.38 -88.33 22.35
CA PRO M 195 80.14 -88.46 23.12
C PRO M 195 79.03 -87.58 22.60
N ARG M 196 79.37 -86.37 22.12
CA ARG M 196 78.36 -85.43 21.65
C ARG M 196 77.62 -85.93 20.42
N HIS M 197 78.03 -87.04 19.83
CA HIS M 197 77.46 -87.52 18.58
C HIS M 197 76.52 -88.70 18.80
N LEU M 198 75.85 -89.08 17.73
CA LEU M 198 74.89 -90.17 17.70
C LEU M 198 75.12 -90.94 16.40
N ALA M 199 75.31 -92.25 16.53
CA ALA M 199 75.63 -93.11 15.39
C ALA M 199 74.51 -94.11 15.16
N ILE M 200 74.07 -94.21 13.92
CA ILE M 200 73.05 -95.20 13.53
C ILE M 200 73.52 -95.95 12.30
N SER M 201 73.05 -97.18 12.16
CA SER M 201 73.49 -98.03 11.06
C SER M 201 72.35 -98.95 10.68
N ASN M 202 72.69 -100.04 9.99
CA ASN M 202 71.67 -100.95 9.47
C ASN M 202 70.95 -101.68 10.58
N MET M 203 71.69 -102.18 11.57
CA MET M 203 71.16 -102.98 12.66
C MET M 203 71.00 -102.14 13.92
N PRO M 204 70.29 -102.64 14.92
CA PRO M 204 70.20 -101.91 16.18
C PRO M 204 71.55 -101.82 16.88
N LEU M 205 71.68 -100.84 17.75
CA LEU M 205 72.89 -100.66 18.53
C LEU M 205 72.93 -101.68 19.65
N VAL M 206 73.96 -102.52 19.66
CA VAL M 206 74.06 -103.57 20.67
C VAL M 206 74.75 -103.07 21.93
N LYS M 207 75.88 -102.38 21.79
CA LYS M 207 76.52 -101.86 23.00
C LYS M 207 77.45 -100.70 22.68
N SER M 208 77.79 -99.94 23.72
CA SER M 208 78.70 -98.80 23.62
C SER M 208 79.81 -98.95 24.64
N VAL M 209 81.06 -98.91 24.18
CA VAL M 209 82.23 -99.11 25.03
C VAL M 209 83.10 -97.87 24.94
N THR M 210 83.64 -97.42 26.09
CA THR M 210 84.49 -96.24 26.11
C THR M 210 85.94 -96.63 25.77
N VAL M 211 86.16 -96.91 24.48
CA VAL M 211 87.49 -97.25 24.01
C VAL M 211 88.38 -96.02 24.08
N ALA M 212 89.67 -96.25 24.39
CA ALA M 212 90.64 -95.17 24.56
C ALA M 212 90.13 -94.17 25.58
N GLU M 213 90.25 -92.88 25.29
CA GLU M 213 89.77 -91.82 26.16
C GLU M 213 89.01 -90.78 25.35
N GLY M 214 87.80 -90.47 25.79
CA GLY M 214 87.05 -89.36 25.26
C GLY M 214 86.20 -89.65 24.05
N LEU M 215 86.28 -90.87 23.51
CA LEU M 215 85.47 -91.26 22.36
C LEU M 215 84.88 -92.64 22.58
N ILE M 216 83.57 -92.77 22.28
CA ILE M 216 82.83 -94.01 22.46
C ILE M 216 82.86 -94.83 21.18
N GLU M 217 82.77 -96.14 21.33
CA GLU M 217 82.70 -97.08 20.21
C GLU M 217 81.37 -97.82 20.29
N ASP M 218 80.61 -97.77 19.22
CA ASP M 218 79.29 -98.38 19.13
C ASP M 218 79.41 -99.68 18.34
N HIS M 219 79.07 -100.80 18.99
CA HIS M 219 78.99 -102.11 18.37
C HIS M 219 77.54 -102.35 17.98
N PHE M 220 77.29 -102.50 16.68
CA PHE M 220 75.98 -102.79 16.14
C PHE M 220 75.83 -104.29 15.90
N ASP M 221 74.57 -104.75 15.86
CA ASP M 221 74.29 -106.14 15.57
C ASP M 221 74.73 -106.50 14.14
N VAL M 222 74.79 -107.79 13.88
CA VAL M 222 75.23 -108.29 12.59
C VAL M 222 74.05 -108.33 11.63
N THR M 223 74.29 -107.92 10.39
CA THR M 223 73.26 -107.88 9.37
C THR M 223 73.02 -109.28 8.80
N VAL M 224 72.07 -109.39 7.88
CA VAL M 224 71.77 -110.64 7.21
C VAL M 224 72.55 -110.70 5.90
N LYS M 225 72.32 -111.75 5.11
CA LYS M 225 72.91 -111.84 3.78
C LYS M 225 72.42 -110.72 2.89
N MET M 226 73.28 -109.74 2.59
CA MET M 226 72.89 -108.59 1.80
C MET M 226 74.06 -108.13 0.96
N SER M 227 73.77 -107.37 -0.08
CA SER M 227 74.80 -106.86 -0.95
C SER M 227 75.57 -105.73 -0.25
N THR M 228 76.72 -105.40 -0.83
CA THR M 228 77.62 -104.43 -0.18
C THR M 228 77.09 -103.00 -0.30
N TYR M 229 76.34 -102.69 -1.36
CA TYR M 229 75.86 -101.34 -1.56
C TYR M 229 74.78 -100.93 -0.56
N LEU M 230 74.29 -101.88 0.26
CA LEU M 230 73.26 -101.58 1.24
C LEU M 230 73.82 -101.21 2.60
N VAL M 231 75.15 -101.25 2.78
CA VAL M 231 75.74 -100.83 4.03
C VAL M 231 75.59 -99.32 4.19
N ALA M 232 75.32 -98.88 5.42
CA ALA M 232 75.13 -97.46 5.67
C ALA M 232 75.38 -97.16 7.13
N PHE M 233 75.82 -95.94 7.41
CA PHE M 233 76.01 -95.48 8.78
C PHE M 233 76.02 -93.95 8.78
N ILE M 234 75.53 -93.39 9.88
CA ILE M 234 75.35 -91.95 10.01
C ILE M 234 75.85 -91.51 11.37
N ILE M 235 76.70 -90.49 11.39
CA ILE M 235 77.19 -89.85 12.60
C ILE M 235 76.67 -88.42 12.60
N SER M 236 75.82 -88.08 13.56
CA SER M 236 75.21 -86.75 13.56
C SER M 236 74.80 -86.41 15.00
N ASP M 237 73.80 -85.53 15.13
CA ASP M 237 73.15 -85.24 16.41
C ASP M 237 71.65 -85.17 16.19
N PHE M 238 71.11 -86.11 15.41
CA PHE M 238 69.71 -86.12 15.05
C PHE M 238 68.81 -86.38 16.25
N GLU M 239 67.62 -85.80 16.21
CA GLU M 239 66.52 -86.24 17.04
C GLU M 239 65.67 -87.24 16.25
N SER M 240 64.88 -88.03 16.97
CA SER M 240 64.10 -89.08 16.32
C SER M 240 62.73 -89.23 16.97
N VAL M 241 61.81 -89.77 16.18
CA VAL M 241 60.49 -90.17 16.63
C VAL M 241 60.29 -91.63 16.24
N SER M 242 59.67 -92.36 17.07
CA SER M 242 59.53 -93.81 16.81
C SER M 242 58.08 -94.28 17.00
N LYS M 243 57.79 -95.44 16.47
CA LYS M 243 56.47 -96.04 16.49
C LYS M 243 56.65 -97.52 16.20
N ILE M 244 55.68 -98.33 16.64
CA ILE M 244 55.74 -99.78 16.50
C ILE M 244 54.73 -100.21 15.45
N THR M 245 55.12 -101.19 14.63
CA THR M 245 54.20 -101.83 13.71
C THR M 245 53.39 -102.90 14.44
N LYS M 246 52.36 -103.41 13.76
CA LYS M 246 51.61 -104.53 14.33
C LYS M 246 52.42 -105.81 14.37
N SER M 247 53.58 -105.85 13.70
CA SER M 247 54.46 -107.01 13.71
C SER M 247 55.65 -106.85 14.64
N GLY M 248 55.77 -105.72 15.34
CA GLY M 248 56.82 -105.54 16.34
C GLY M 248 58.11 -104.93 15.87
N VAL M 249 58.17 -104.44 14.64
CA VAL M 249 59.37 -103.80 14.13
C VAL M 249 59.43 -102.37 14.65
N LYS M 250 60.61 -101.93 15.06
CA LYS M 250 60.78 -100.59 15.61
C LYS M 250 61.05 -99.62 14.47
N VAL M 251 60.04 -98.83 14.11
CA VAL M 251 60.15 -97.84 13.03
C VAL M 251 60.44 -96.48 13.64
N SER M 252 61.50 -95.84 13.17
CA SER M 252 61.92 -94.53 13.65
C SER M 252 62.22 -93.61 12.47
N VAL M 253 62.11 -92.30 12.72
CA VAL M 253 62.42 -91.29 11.72
C VAL M 253 63.36 -90.26 12.36
N TYR M 254 64.56 -90.13 11.80
CA TYR M 254 65.57 -89.20 12.28
C TYR M 254 65.64 -87.98 11.38
N ALA M 255 65.91 -86.83 11.99
CA ALA M 255 66.08 -85.59 11.24
C ALA M 255 66.87 -84.61 12.11
N VAL M 256 67.27 -83.50 11.51
CA VAL M 256 68.00 -82.45 12.21
C VAL M 256 67.11 -81.93 13.34
N PRO M 257 67.67 -81.44 14.44
CA PRO M 257 66.83 -81.11 15.61
C PRO M 257 65.75 -80.08 15.31
N ASP M 258 66.01 -79.12 14.43
CA ASP M 258 65.05 -78.06 14.15
C ASP M 258 63.93 -78.49 13.20
N LYS M 259 64.00 -79.69 12.62
CA LYS M 259 63.01 -80.16 11.66
C LYS M 259 62.36 -81.48 12.05
N ILE M 260 62.55 -81.94 13.29
CA ILE M 260 62.02 -83.24 13.70
C ILE M 260 60.50 -83.22 13.76
N ASN M 261 59.90 -82.06 14.01
CA ASN M 261 58.45 -81.96 14.13
C ASN M 261 57.71 -82.10 12.80
N GLN M 262 58.42 -82.31 11.69
CA GLN M 262 57.79 -82.49 10.38
C GLN M 262 57.78 -83.95 9.95
N ALA M 263 58.06 -84.89 10.87
CA ALA M 263 58.23 -86.30 10.54
C ALA M 263 56.99 -87.14 10.85
N ASP M 264 55.88 -86.52 11.27
CA ASP M 264 54.73 -87.29 11.73
C ASP M 264 54.11 -88.09 10.59
N TYR M 265 53.80 -87.43 9.47
CA TYR M 265 53.21 -88.13 8.34
C TYR M 265 54.17 -89.17 7.78
N ALA M 266 55.46 -88.86 7.75
CA ALA M 266 56.46 -89.82 7.28
C ALA M 266 56.42 -91.09 8.13
N LEU M 267 56.44 -90.92 9.46
CA LEU M 267 56.45 -92.08 10.35
C LEU M 267 55.15 -92.88 10.23
N ASP M 268 54.01 -92.21 10.21
CA ASP M 268 52.73 -92.91 10.12
C ASP M 268 52.61 -93.69 8.81
N ALA M 269 52.92 -93.04 7.70
CA ALA M 269 52.87 -93.71 6.41
C ALA M 269 53.90 -94.82 6.32
N ALA M 270 55.06 -94.66 6.98
CA ALA M 270 56.05 -95.74 6.99
C ALA M 270 55.51 -96.96 7.69
N VAL M 271 54.92 -96.78 8.88
CA VAL M 271 54.34 -97.92 9.59
C VAL M 271 53.27 -98.59 8.74
N THR M 272 52.36 -97.78 8.17
CA THR M 272 51.27 -98.34 7.38
C THR M 272 51.79 -99.13 6.18
N LEU M 273 52.75 -98.56 5.44
CA LEU M 273 53.25 -99.22 4.23
C LEU M 273 54.08 -100.45 4.57
N LEU M 274 54.82 -100.42 5.67
CA LEU M 274 55.58 -101.60 6.06
C LEU M 274 54.65 -102.74 6.42
N GLU M 275 53.59 -102.47 7.18
CA GLU M 275 52.61 -103.51 7.49
C GLU M 275 51.96 -104.03 6.22
N PHE M 276 51.60 -103.14 5.29
CA PHE M 276 51.00 -103.58 4.04
C PHE M 276 51.94 -104.49 3.27
N TYR M 277 53.22 -104.11 3.17
CA TYR M 277 54.16 -104.91 2.39
C TYR M 277 54.38 -106.28 3.02
N GLU M 278 54.52 -106.33 4.34
CA GLU M 278 54.59 -107.62 5.02
C GLU M 278 53.39 -108.49 4.69
N ASP M 279 52.17 -107.94 4.86
CA ASP M 279 50.97 -108.73 4.60
C ASP M 279 50.87 -109.16 3.15
N TYR M 280 51.18 -108.26 2.22
CA TYR M 280 51.03 -108.55 0.80
C TYR M 280 52.01 -109.63 0.35
N PHE M 281 53.29 -109.47 0.68
CA PHE M 281 54.29 -110.44 0.24
C PHE M 281 54.27 -111.72 1.04
N SER M 282 53.57 -111.75 2.19
CA SER M 282 53.57 -112.90 3.09
C SER M 282 54.99 -113.26 3.51
N ILE M 283 55.84 -112.26 3.62
CA ILE M 283 57.24 -112.42 4.02
C ILE M 283 57.54 -111.35 5.06
N PRO M 284 57.75 -111.72 6.32
CA PRO M 284 57.97 -110.70 7.35
C PRO M 284 59.25 -109.92 7.13
N TYR M 285 59.26 -108.70 7.65
CA TYR M 285 60.45 -107.86 7.62
C TYR M 285 61.51 -108.49 8.51
N PRO M 286 62.69 -108.85 7.98
CA PRO M 286 63.61 -109.66 8.78
C PRO M 286 64.34 -108.90 9.88
N LEU M 287 64.56 -107.60 9.72
CA LEU M 287 65.35 -106.85 10.68
C LEU M 287 64.50 -106.38 11.85
N PRO M 288 65.11 -106.15 13.01
CA PRO M 288 64.34 -105.67 14.17
C PRO M 288 63.82 -104.24 14.00
N LYS M 289 64.60 -103.36 13.37
CA LYS M 289 64.23 -101.97 13.28
C LYS M 289 64.31 -101.46 11.84
N GLN M 290 63.51 -100.44 11.56
CA GLN M 290 63.51 -99.71 10.30
C GLN M 290 63.63 -98.23 10.61
N ASP M 291 64.61 -97.58 9.98
CA ASP M 291 64.90 -96.17 10.23
C ASP M 291 64.76 -95.37 8.94
N LEU M 292 64.27 -94.15 9.06
CA LEU M 292 64.10 -93.23 7.94
C LEU M 292 64.77 -91.92 8.34
N ALA M 293 65.94 -91.64 7.78
CA ALA M 293 66.73 -90.47 8.16
C ALA M 293 66.68 -89.43 7.05
N ALA M 294 66.45 -88.17 7.43
CA ALA M 294 66.39 -87.06 6.49
C ALA M 294 67.77 -86.39 6.43
N ILE M 295 68.49 -86.65 5.34
CA ILE M 295 69.86 -86.13 5.18
C ILE M 295 69.81 -84.76 4.53
N PRO M 296 70.48 -83.75 5.10
CA PRO M 296 70.43 -82.41 4.49
C PRO M 296 71.07 -82.33 3.11
N ASP M 297 72.13 -83.10 2.86
CA ASP M 297 72.81 -83.12 1.57
C ASP M 297 72.66 -84.51 0.97
N PHE M 298 71.80 -84.63 -0.06
CA PHE M 298 71.55 -85.91 -0.70
C PHE M 298 71.42 -85.72 -2.20
N GLN M 299 71.94 -86.67 -2.97
CA GLN M 299 71.90 -86.60 -4.43
C GLN M 299 70.61 -87.20 -4.98
N SER M 300 70.32 -88.44 -4.62
CA SER M 300 69.10 -89.11 -5.07
C SER M 300 67.89 -88.52 -4.36
N GLY M 301 66.71 -89.02 -4.71
CA GLY M 301 65.55 -88.77 -3.88
C GLY M 301 65.65 -89.47 -2.54
N ALA M 302 66.13 -90.72 -2.55
CA ALA M 302 66.25 -91.52 -1.34
C ALA M 302 67.22 -92.67 -1.61
N MET M 303 67.37 -93.55 -0.62
CA MET M 303 68.20 -94.74 -0.75
C MET M 303 67.61 -95.83 0.14
N GLU M 304 67.73 -97.07 -0.33
CA GLU M 304 67.02 -98.21 0.27
C GLU M 304 67.89 -99.02 1.21
N ASN M 305 68.82 -98.38 1.92
CA ASN M 305 69.72 -99.11 2.82
C ASN M 305 68.90 -99.90 3.84
N TRP M 306 69.19 -101.21 3.90
CA TRP M 306 68.41 -102.15 4.71
C TRP M 306 68.44 -101.75 6.18
N GLY M 307 67.29 -101.34 6.72
CA GLY M 307 67.17 -100.92 8.09
C GLY M 307 67.51 -99.46 8.35
N LEU M 308 67.97 -98.73 7.34
CA LEU M 308 68.33 -97.33 7.50
C LEU M 308 68.17 -96.62 6.15
N THR M 309 66.93 -96.42 5.73
CA THR M 309 66.66 -95.65 4.53
C THR M 309 66.98 -94.19 4.75
N THR M 310 67.58 -93.57 3.74
CA THR M 310 67.95 -92.15 3.78
C THR M 310 67.15 -91.40 2.74
N TYR M 311 66.87 -90.13 3.03
CA TYR M 311 65.98 -89.34 2.19
C TYR M 311 66.51 -87.91 2.07
N ARG M 312 65.98 -87.21 1.07
CA ARG M 312 66.05 -85.76 1.08
C ARG M 312 65.06 -85.21 2.09
N GLU M 313 65.45 -84.13 2.77
CA GLU M 313 64.50 -83.47 3.67
C GLU M 313 63.23 -83.07 2.92
N SER M 314 63.37 -82.60 1.68
CA SER M 314 62.22 -82.29 0.86
C SER M 314 61.39 -83.52 0.56
N ALA M 315 62.03 -84.69 0.50
CA ALA M 315 61.35 -85.93 0.13
C ALA M 315 60.83 -86.71 1.33
N LEU M 316 61.11 -86.26 2.56
CA LEU M 316 60.59 -86.99 3.71
C LEU M 316 59.77 -86.13 4.67
N LEU M 317 60.14 -84.87 4.85
CA LEU M 317 59.53 -84.04 5.88
C LEU M 317 58.33 -83.27 5.34
N PHE M 318 57.28 -83.18 6.18
CA PHE M 318 56.00 -82.61 5.78
C PHE M 318 55.57 -81.57 6.80
N ASP M 319 55.36 -80.33 6.33
CA ASP M 319 54.88 -79.23 7.16
C ASP M 319 53.45 -78.90 6.73
N ALA M 320 52.49 -79.09 7.64
CA ALA M 320 51.09 -78.89 7.29
C ALA M 320 50.81 -77.44 6.89
N GLU M 321 51.62 -76.49 7.36
CA GLU M 321 51.33 -75.08 7.12
C GLU M 321 51.85 -74.59 5.78
N LYS M 322 52.90 -75.23 5.24
CA LYS M 322 53.55 -74.72 4.03
C LYS M 322 53.78 -75.76 2.94
N SER M 323 53.75 -77.06 3.25
CA SER M 323 53.98 -78.07 2.23
C SER M 323 52.74 -78.25 1.36
N SER M 324 52.97 -78.56 0.09
CA SER M 324 51.90 -78.71 -0.88
C SER M 324 51.38 -80.14 -0.91
N ALA M 325 50.18 -80.29 -1.47
CA ALA M 325 49.61 -81.62 -1.67
C ALA M 325 50.49 -82.45 -2.59
N SER M 326 51.12 -81.80 -3.57
CA SER M 326 52.13 -82.47 -4.38
C SER M 326 53.24 -83.03 -3.51
N SER M 327 53.71 -82.25 -2.53
CA SER M 327 54.78 -82.71 -1.64
C SER M 327 54.30 -83.88 -0.78
N LYS M 328 53.07 -83.84 -0.31
CA LYS M 328 52.56 -84.94 0.51
C LYS M 328 52.47 -86.23 -0.30
N LEU M 329 51.93 -86.13 -1.52
CA LEU M 329 51.89 -87.28 -2.41
C LEU M 329 53.28 -87.82 -2.71
N GLY M 330 54.24 -86.92 -2.93
CA GLY M 330 55.60 -87.36 -3.21
C GLY M 330 56.24 -88.07 -2.04
N ILE M 331 56.02 -87.56 -0.82
CA ILE M 331 56.53 -88.23 0.38
C ILE M 331 55.93 -89.63 0.50
N THR M 332 54.62 -89.75 0.29
CA THR M 332 53.98 -91.06 0.38
C THR M 332 54.57 -92.03 -0.64
N MET M 333 54.69 -91.59 -1.89
CA MET M 333 55.20 -92.47 -2.94
C MET M 333 56.66 -92.85 -2.69
N THR M 334 57.46 -91.92 -2.16
CA THR M 334 58.86 -92.20 -1.90
C THR M 334 59.03 -93.22 -0.79
N VAL M 335 58.29 -93.04 0.31
CA VAL M 335 58.35 -94.02 1.40
C VAL M 335 57.90 -95.39 0.90
N ALA M 336 56.84 -95.43 0.09
CA ALA M 336 56.39 -96.70 -0.47
C ALA M 336 57.48 -97.32 -1.35
N HIS M 337 58.17 -96.50 -2.13
CA HIS M 337 59.24 -96.99 -3.00
C HIS M 337 60.35 -97.66 -2.18
N GLU M 338 60.79 -96.99 -1.11
CA GLU M 338 61.90 -97.54 -0.34
C GLU M 338 61.48 -98.79 0.44
N LEU M 339 60.27 -98.78 1.00
CA LEU M 339 59.82 -99.95 1.73
C LEU M 339 59.56 -101.12 0.78
N ALA M 340 59.21 -100.84 -0.48
CA ALA M 340 59.14 -101.91 -1.48
C ALA M 340 60.53 -102.42 -1.83
N HIS M 341 61.51 -101.52 -1.91
CA HIS M 341 62.88 -101.95 -2.14
C HIS M 341 63.37 -102.88 -1.05
N GLN M 342 62.84 -102.71 0.17
CA GLN M 342 63.21 -103.60 1.27
C GLN M 342 63.03 -105.08 0.91
N TRP M 343 62.11 -105.39 0.00
CA TRP M 343 61.95 -106.74 -0.52
C TRP M 343 62.53 -106.90 -1.92
N PHE M 344 62.15 -106.02 -2.84
CA PHE M 344 62.65 -106.06 -4.21
C PHE M 344 63.93 -105.24 -4.27
N GLY M 345 65.06 -105.89 -3.99
CA GLY M 345 66.34 -105.22 -4.02
C GLY M 345 67.25 -105.66 -2.90
N ASN M 346 66.71 -105.74 -1.69
CA ASN M 346 67.47 -106.11 -0.51
C ASN M 346 67.35 -107.61 -0.21
N LEU M 347 66.12 -108.09 -0.01
CA LEU M 347 65.91 -109.51 0.19
C LEU M 347 66.30 -110.30 -1.04
N VAL M 348 65.76 -109.91 -2.20
CA VAL M 348 66.11 -110.49 -3.49
C VAL M 348 66.76 -109.39 -4.33
N THR M 349 68.04 -109.55 -4.63
CA THR M 349 68.81 -108.58 -5.38
C THR M 349 69.13 -109.11 -6.77
N MET M 350 69.21 -108.22 -7.75
CA MET M 350 69.71 -108.61 -9.06
C MET M 350 71.16 -109.07 -8.94
N GLU M 351 71.60 -109.89 -9.89
CA GLU M 351 72.96 -110.41 -9.80
C GLU M 351 73.97 -109.43 -10.38
N TRP M 352 73.61 -108.76 -11.48
CA TRP M 352 74.48 -107.75 -12.07
C TRP M 352 73.62 -106.56 -12.49
N TRP M 353 74.26 -105.39 -12.56
CA TRP M 353 73.58 -104.12 -12.77
C TRP M 353 72.91 -104.02 -14.14
N ASN M 354 73.09 -105.04 -14.99
CA ASN M 354 72.35 -105.07 -16.24
C ASN M 354 70.87 -105.32 -16.01
N ASP M 355 70.51 -106.00 -14.93
CA ASP M 355 69.12 -106.23 -14.55
C ASP M 355 68.70 -105.34 -13.38
N LEU M 356 69.24 -104.12 -13.32
CA LEU M 356 68.85 -103.16 -12.30
C LEU M 356 67.36 -102.87 -12.33
N TRP M 357 66.70 -103.10 -13.46
CA TRP M 357 65.26 -102.89 -13.51
C TRP M 357 64.51 -103.84 -12.60
N LEU M 358 65.03 -105.06 -12.40
CA LEU M 358 64.43 -106.02 -11.47
C LEU M 358 64.30 -105.43 -10.07
N ASN M 359 65.10 -104.45 -9.72
CA ASN M 359 64.93 -103.70 -8.48
C ASN M 359 64.05 -102.47 -8.72
N GLU M 360 64.46 -101.61 -9.66
CA GLU M 360 63.90 -100.26 -9.72
C GLU M 360 62.50 -100.24 -10.30
N GLY M 361 62.24 -100.98 -11.39
CA GLY M 361 60.90 -101.01 -11.94
C GLY M 361 59.91 -101.66 -10.98
N PHE M 362 60.33 -102.74 -10.32
CA PHE M 362 59.46 -103.37 -9.33
C PHE M 362 59.16 -102.43 -8.18
N ALA M 363 60.15 -101.66 -7.72
CA ALA M 363 59.89 -100.71 -6.64
C ALA M 363 58.94 -99.59 -7.09
N LYS M 364 59.19 -99.05 -8.28
CA LYS M 364 58.32 -98.00 -8.81
C LYS M 364 56.89 -98.49 -9.02
N PHE M 365 56.73 -99.76 -9.34
CA PHE M 365 55.38 -100.32 -9.51
C PHE M 365 54.72 -100.62 -8.17
N MET M 366 55.51 -101.12 -7.21
CA MET M 366 54.96 -101.35 -5.88
C MET M 366 54.54 -100.04 -5.22
N GLU M 367 55.15 -98.92 -5.62
CA GLU M 367 54.62 -97.61 -5.23
C GLU M 367 53.12 -97.55 -5.48
N PHE M 368 52.72 -97.73 -6.72
CA PHE M 368 51.30 -97.66 -7.09
C PHE M 368 50.50 -98.75 -6.39
N VAL M 369 50.97 -100.01 -6.48
CA VAL M 369 50.24 -101.14 -5.93
C VAL M 369 49.97 -100.96 -4.44
N SER M 370 50.90 -100.33 -3.71
CA SER M 370 50.79 -100.17 -2.27
C SER M 370 49.99 -98.92 -1.88
N VAL M 371 50.28 -97.79 -2.52
CA VAL M 371 49.65 -96.53 -2.13
C VAL M 371 48.17 -96.53 -2.51
N SER M 372 47.83 -97.10 -3.67
CA SER M 372 46.42 -97.15 -4.06
C SER M 372 45.57 -97.92 -3.05
N VAL M 373 46.19 -98.67 -2.15
CA VAL M 373 45.47 -99.39 -1.11
C VAL M 373 45.61 -98.69 0.25
N THR M 374 46.82 -98.27 0.60
CA THR M 374 47.06 -97.73 1.93
C THR M 374 46.55 -96.30 2.07
N HIS M 375 46.67 -95.48 1.03
CA HIS M 375 46.21 -94.09 1.04
C HIS M 375 45.31 -93.88 -0.17
N PRO M 376 44.09 -94.44 -0.13
CA PRO M 376 43.21 -94.33 -1.30
C PRO M 376 42.68 -92.93 -1.55
N GLU M 377 42.76 -92.02 -0.57
CA GLU M 377 42.35 -90.65 -0.81
C GLU M 377 43.25 -89.93 -1.80
N LEU M 378 44.45 -90.46 -2.05
CA LEU M 378 45.34 -89.86 -3.04
C LEU M 378 44.94 -90.25 -4.46
N LYS M 379 44.48 -91.49 -4.66
CA LYS M 379 44.07 -91.99 -5.97
C LYS M 379 45.22 -91.87 -6.99
N VAL M 380 46.31 -92.58 -6.70
CA VAL M 380 47.52 -92.50 -7.51
C VAL M 380 47.34 -93.10 -8.90
N GLY M 381 46.28 -93.88 -9.11
CA GLY M 381 45.95 -94.35 -10.44
C GLY M 381 45.62 -93.24 -11.40
N ASP M 382 45.29 -92.06 -10.88
CA ASP M 382 45.03 -90.91 -11.73
C ASP M 382 46.32 -90.39 -12.37
N TYR M 383 47.41 -90.36 -11.61
CA TYR M 383 48.64 -89.71 -12.04
C TYR M 383 49.75 -90.69 -12.43
N PHE M 384 49.54 -92.00 -12.30
CA PHE M 384 50.64 -92.94 -12.51
C PHE M 384 51.21 -92.88 -13.94
N PHE M 385 50.34 -92.92 -14.95
CA PHE M 385 50.77 -93.23 -16.32
C PHE M 385 51.50 -92.09 -17.03
N GLY M 386 51.57 -90.90 -16.43
CA GLY M 386 52.52 -89.92 -16.92
C GLY M 386 53.94 -90.46 -16.99
N LYS M 387 54.26 -91.39 -16.08
CA LYS M 387 55.54 -92.10 -16.15
C LYS M 387 55.70 -92.81 -17.49
N CYS M 388 54.69 -93.61 -17.87
CA CYS M 388 54.76 -94.33 -19.13
C CYS M 388 54.90 -93.38 -20.30
N PHE M 389 54.15 -92.27 -20.29
CA PHE M 389 54.20 -91.33 -21.40
C PHE M 389 55.60 -90.69 -21.52
N ASP M 390 56.12 -90.15 -20.42
CA ASP M 390 57.44 -89.52 -20.46
C ASP M 390 58.52 -90.54 -20.78
N ALA M 391 58.34 -91.80 -20.38
CA ALA M 391 59.30 -92.84 -20.74
C ALA M 391 59.25 -93.14 -22.23
N MET M 392 58.06 -93.18 -22.81
CA MET M 392 57.95 -93.36 -24.26
C MET M 392 58.63 -92.23 -25.00
N GLU M 393 58.56 -91.02 -24.43
CA GLU M 393 59.19 -89.86 -25.06
C GLU M 393 60.67 -90.12 -25.38
N VAL M 394 61.35 -90.91 -24.56
CA VAL M 394 62.78 -91.16 -24.78
C VAL M 394 62.98 -92.54 -25.40
N ASP M 395 62.12 -93.50 -25.06
CA ASP M 395 62.27 -94.85 -25.60
C ASP M 395 61.94 -94.91 -27.08
N ALA M 396 61.18 -93.94 -27.59
CA ALA M 396 60.98 -93.84 -29.03
C ALA M 396 62.25 -93.44 -29.76
N LEU M 397 63.33 -93.12 -29.03
CA LEU M 397 64.56 -92.71 -29.67
C LEU M 397 65.37 -93.91 -30.13
N ASN M 398 66.22 -93.64 -31.13
CA ASN M 398 67.11 -94.65 -31.68
C ASN M 398 68.27 -94.95 -30.74
N SER M 399 68.68 -93.97 -29.93
CA SER M 399 69.74 -94.17 -28.94
C SER M 399 69.25 -94.86 -27.67
N SER M 400 67.96 -95.19 -27.56
CA SER M 400 67.44 -95.91 -26.42
C SER M 400 68.05 -97.30 -26.34
N HIS M 401 67.93 -97.91 -25.17
CA HIS M 401 68.47 -99.23 -24.90
C HIS M 401 67.37 -100.16 -24.43
N PRO M 402 67.56 -101.47 -24.51
CA PRO M 402 66.58 -102.40 -23.94
C PRO M 402 66.55 -102.28 -22.42
N VAL M 403 65.46 -102.77 -21.82
CA VAL M 403 65.32 -102.72 -20.37
C VAL M 403 66.48 -103.44 -19.69
N SER M 404 66.93 -104.54 -20.30
CA SER M 404 68.07 -105.32 -19.81
C SER M 404 69.17 -105.25 -20.87
N THR M 405 70.28 -104.60 -20.52
CA THR M 405 71.38 -104.39 -21.45
C THR M 405 72.69 -104.43 -20.66
N PRO M 406 73.75 -104.96 -21.26
CA PRO M 406 75.01 -105.12 -20.51
C PRO M 406 75.69 -103.79 -20.21
N VAL M 407 76.28 -103.72 -19.02
CA VAL M 407 77.08 -102.57 -18.58
C VAL M 407 78.29 -103.10 -17.81
N GLU M 408 79.38 -102.34 -17.82
CA GLU M 408 80.58 -102.81 -17.14
C GLU M 408 81.12 -101.78 -16.15
N ASN M 409 81.50 -100.61 -16.63
CA ASN M 409 82.15 -99.63 -15.79
C ASN M 409 81.12 -98.83 -14.96
N PRO M 410 81.59 -98.21 -13.86
CA PRO M 410 80.67 -97.48 -12.98
C PRO M 410 79.87 -96.39 -13.67
N ALA M 411 80.44 -95.72 -14.67
CA ALA M 411 79.67 -94.70 -15.39
C ALA M 411 78.43 -95.31 -16.06
N GLN M 412 78.62 -96.45 -16.74
CA GLN M 412 77.50 -97.17 -17.34
C GLN M 412 76.51 -97.62 -16.28
N ILE M 413 77.02 -98.11 -15.14
CA ILE M 413 76.13 -98.58 -14.09
C ILE M 413 75.28 -97.43 -13.57
N ARG M 414 75.88 -96.26 -13.37
CA ARG M 414 75.12 -95.08 -12.96
C ARG M 414 74.11 -94.68 -14.02
N GLU M 415 74.48 -94.79 -15.30
CA GLU M 415 73.55 -94.48 -16.39
C GLU M 415 72.35 -95.40 -16.39
N MET M 416 72.51 -96.62 -15.87
CA MET M 416 71.39 -97.57 -15.85
C MET M 416 70.19 -97.06 -15.06
N PHE M 417 70.38 -96.12 -14.14
CA PHE M 417 69.27 -95.56 -13.35
C PHE M 417 68.55 -94.47 -14.15
N ASP M 418 67.92 -94.89 -15.25
CA ASP M 418 67.26 -93.92 -16.12
C ASP M 418 65.76 -94.22 -16.21
N ASP M 419 65.09 -93.43 -17.06
CA ASP M 419 63.64 -93.57 -17.23
C ASP M 419 63.23 -94.96 -17.70
N VAL M 420 64.08 -95.65 -18.46
CA VAL M 420 63.73 -96.99 -18.91
C VAL M 420 63.53 -97.90 -17.69
N SER M 421 64.60 -98.05 -16.90
CA SER M 421 64.60 -99.02 -15.80
C SER M 421 63.51 -98.74 -14.78
N TYR M 422 63.16 -97.47 -14.57
CA TYR M 422 62.09 -97.12 -13.61
C TYR M 422 60.74 -97.14 -14.30
N ASP M 423 60.50 -96.15 -15.17
CA ASP M 423 59.17 -95.97 -15.74
C ASP M 423 58.79 -97.10 -16.68
N LYS M 424 59.65 -97.44 -17.65
CA LYS M 424 59.28 -98.48 -18.60
C LYS M 424 59.19 -99.83 -17.91
N GLY M 425 60.08 -100.09 -16.96
CA GLY M 425 59.99 -101.33 -16.21
C GLY M 425 58.68 -101.44 -15.44
N ALA M 426 58.30 -100.37 -14.75
CA ALA M 426 57.04 -100.38 -14.01
C ALA M 426 55.83 -100.48 -14.93
N CYS M 427 55.90 -99.87 -16.11
CA CYS M 427 54.77 -99.91 -17.02
C CYS M 427 54.62 -101.28 -17.66
N ILE M 428 55.74 -101.93 -18.02
CA ILE M 428 55.62 -103.30 -18.55
C ILE M 428 55.22 -104.26 -17.44
N LEU M 429 55.61 -103.99 -16.18
CA LEU M 429 55.14 -104.83 -15.09
C LEU M 429 53.65 -104.65 -14.88
N ASN M 430 53.16 -103.42 -14.97
CA ASN M 430 51.72 -103.17 -14.91
C ASN M 430 51.00 -103.87 -16.06
N MET M 431 51.55 -103.79 -17.27
CA MET M 431 50.95 -104.45 -18.42
C MET M 431 50.90 -105.96 -18.21
N LEU M 432 51.96 -106.56 -17.68
CA LEU M 432 51.96 -108.00 -17.43
C LEU M 432 50.97 -108.36 -16.34
N ARG M 433 50.89 -107.56 -15.29
CA ARG M 433 49.93 -107.81 -14.21
C ARG M 433 48.50 -107.69 -14.72
N GLU M 434 48.25 -106.81 -15.69
CA GLU M 434 46.93 -106.68 -16.26
C GLU M 434 46.62 -107.78 -17.27
N TYR M 435 47.64 -108.32 -17.93
CA TYR M 435 47.42 -109.45 -18.83
C TYR M 435 47.11 -110.71 -18.03
N LEU M 436 47.97 -111.04 -17.07
CA LEU M 436 47.67 -112.11 -16.13
C LEU M 436 46.59 -111.63 -15.15
N SER M 437 46.18 -112.52 -14.25
CA SER M 437 45.33 -112.09 -13.15
C SER M 437 46.16 -111.34 -12.11
N ALA M 438 45.53 -110.38 -11.44
CA ALA M 438 46.19 -109.72 -10.32
C ALA M 438 46.54 -110.72 -9.23
N ASP M 439 45.65 -111.68 -8.97
CA ASP M 439 45.94 -112.73 -8.00
C ASP M 439 47.03 -113.66 -8.50
N ALA M 440 47.00 -113.99 -9.80
CA ALA M 440 48.06 -114.82 -10.37
C ALA M 440 49.40 -114.10 -10.34
N PHE M 441 49.40 -112.79 -10.63
CA PHE M 441 50.61 -112.00 -10.54
C PHE M 441 51.14 -111.94 -9.11
N LYS M 442 50.25 -111.79 -8.12
CA LYS M 442 50.68 -111.81 -6.73
C LYS M 442 51.30 -113.15 -6.37
N SER M 443 50.66 -114.25 -6.77
CA SER M 443 51.22 -115.57 -6.51
C SER M 443 52.60 -115.70 -7.16
N GLY M 444 52.74 -115.18 -8.37
CA GLY M 444 54.03 -115.21 -9.04
C GLY M 444 55.11 -114.49 -8.27
N ILE M 445 54.82 -113.26 -7.82
CA ILE M 445 55.86 -112.51 -7.11
C ILE M 445 56.15 -113.12 -5.76
N VAL M 446 55.14 -113.69 -5.09
CA VAL M 446 55.37 -114.33 -3.80
C VAL M 446 56.26 -115.56 -3.97
N GLN M 447 55.96 -116.40 -4.96
CA GLN M 447 56.80 -117.56 -5.24
C GLN M 447 58.22 -117.13 -5.59
N TYR M 448 58.34 -116.07 -6.39
CA TYR M 448 59.65 -115.51 -6.76
C TYR M 448 60.46 -115.11 -5.53
N LEU M 449 59.88 -114.26 -4.69
CA LEU M 449 60.60 -113.76 -3.53
C LEU M 449 60.94 -114.88 -2.55
N GLN M 450 60.00 -115.80 -2.32
CA GLN M 450 60.27 -116.88 -1.37
C GLN M 450 61.34 -117.82 -1.89
N LYS M 451 61.35 -118.11 -3.20
CA LYS M 451 62.36 -119.01 -3.74
C LYS M 451 63.73 -118.36 -3.78
N HIS M 452 63.81 -117.04 -4.00
CA HIS M 452 65.09 -116.38 -4.19
C HIS M 452 65.48 -115.44 -3.06
N SER M 453 64.88 -115.56 -1.89
CA SER M 453 65.27 -114.75 -0.74
C SER M 453 66.76 -114.93 -0.43
N TYR M 454 67.42 -113.83 -0.08
CA TYR M 454 68.84 -113.83 0.31
C TYR M 454 69.74 -114.34 -0.81
N LYS M 455 69.31 -114.18 -2.05
CA LYS M 455 70.06 -114.67 -3.20
C LYS M 455 70.06 -113.57 -4.27
N ASN M 456 70.58 -113.92 -5.44
CA ASN M 456 70.57 -113.02 -6.59
C ASN M 456 69.85 -113.68 -7.75
N THR M 457 69.21 -112.85 -8.57
CA THR M 457 68.39 -113.32 -9.67
C THR M 457 68.77 -112.61 -10.96
N LYS M 458 68.56 -113.29 -12.07
CA LYS M 458 68.72 -112.72 -13.39
C LYS M 458 67.34 -112.39 -13.97
N ASN M 459 67.33 -111.87 -15.20
CA ASN M 459 66.07 -111.50 -15.84
C ASN M 459 65.17 -112.70 -16.03
N GLU M 460 65.75 -113.90 -16.16
CA GLU M 460 65.01 -115.09 -16.52
C GLU M 460 64.32 -115.74 -15.32
N ASP M 461 64.85 -115.53 -14.11
CA ASP M 461 64.25 -116.13 -12.92
C ASP M 461 62.84 -115.58 -12.69
N LEU M 462 62.64 -114.28 -12.98
CA LEU M 462 61.32 -113.70 -12.84
C LEU M 462 60.32 -114.35 -13.79
N TRP M 463 60.71 -114.56 -15.05
CA TRP M 463 59.80 -115.19 -15.99
C TRP M 463 59.54 -116.65 -15.62
N ASP M 464 60.54 -117.34 -15.07
CA ASP M 464 60.33 -118.69 -14.59
C ASP M 464 59.30 -118.72 -13.46
N SER M 465 59.45 -117.79 -12.50
CA SER M 465 58.51 -117.74 -11.39
C SER M 465 57.12 -117.34 -11.84
N MET M 466 57.01 -116.55 -12.92
CA MET M 466 55.70 -116.18 -13.42
C MET M 466 55.05 -117.32 -14.18
N ALA M 467 55.84 -118.10 -14.93
CA ALA M 467 55.29 -119.25 -15.64
C ALA M 467 54.95 -120.40 -14.70
N SER M 468 55.60 -120.45 -13.53
CA SER M 468 55.22 -121.43 -12.51
C SER M 468 53.84 -121.16 -11.92
N ILE M 469 53.25 -120.00 -12.18
CA ILE M 469 51.91 -119.67 -11.72
C ILE M 469 50.93 -119.57 -12.89
N GLY M 470 51.37 -119.04 -14.02
CA GLY M 470 50.54 -118.97 -15.20
C GLY M 470 50.48 -120.27 -15.97
N GLY M 471 49.43 -121.05 -15.75
CA GLY M 471 49.34 -122.38 -16.32
C GLY M 471 48.09 -122.63 -17.15
N GLY M 472 47.46 -121.56 -17.63
CA GLY M 472 46.33 -121.70 -18.52
C GLY M 472 46.75 -121.60 -19.98
N GLY M 473 47.97 -122.06 -20.26
CA GLY M 473 48.56 -121.91 -21.57
C GLY M 473 49.28 -120.59 -21.77
N VAL M 474 49.87 -120.05 -20.71
CA VAL M 474 50.47 -118.71 -20.73
C VAL M 474 51.97 -118.88 -20.49
N ASP M 475 52.75 -118.78 -21.55
CA ASP M 475 54.21 -118.77 -21.45
C ASP M 475 54.66 -117.32 -21.38
N VAL M 476 54.74 -116.80 -20.15
CA VAL M 476 55.10 -115.41 -19.91
C VAL M 476 56.48 -115.08 -20.46
N LYS M 477 57.33 -116.10 -20.61
CA LYS M 477 58.75 -115.88 -20.90
C LYS M 477 58.95 -115.22 -22.27
N THR M 478 58.31 -115.75 -23.31
CA THR M 478 58.52 -115.23 -24.66
C THR M 478 58.07 -113.78 -24.78
N MET M 479 56.87 -113.49 -24.27
CA MET M 479 56.34 -112.12 -24.32
C MET M 479 57.25 -111.17 -23.56
N MET M 480 57.59 -111.51 -22.32
CA MET M 480 58.40 -110.58 -21.53
C MET M 480 59.83 -110.49 -22.06
N ASN M 481 60.32 -111.51 -22.78
CA ASN M 481 61.60 -111.36 -23.46
C ASN M 481 61.51 -110.36 -24.59
N THR M 482 60.43 -110.43 -25.38
CA THR M 482 60.24 -109.43 -26.43
C THR M 482 60.10 -108.03 -25.85
N TRP M 483 59.58 -107.92 -24.62
CA TRP M 483 59.41 -106.60 -24.03
C TRP M 483 60.64 -106.08 -23.29
N THR M 484 61.51 -106.96 -22.78
CA THR M 484 62.65 -106.53 -21.98
C THR M 484 64.00 -106.63 -22.70
N LEU M 485 64.09 -107.34 -23.82
CA LEU M 485 65.37 -107.55 -24.47
C LEU M 485 65.55 -106.72 -25.73
N GLN M 486 64.58 -105.86 -26.05
CA GLN M 486 64.73 -104.94 -27.17
C GLN M 486 64.14 -103.59 -26.80
N LYS M 487 64.77 -102.54 -27.32
CA LYS M 487 64.38 -101.17 -27.02
C LYS M 487 63.08 -100.81 -27.71
N GLY M 488 62.55 -99.63 -27.36
CA GLY M 488 61.39 -99.08 -28.04
C GLY M 488 60.07 -99.73 -27.64
N PHE M 489 59.02 -99.33 -28.36
CA PHE M 489 57.66 -99.79 -28.12
C PHE M 489 56.92 -99.78 -29.45
N PRO M 490 55.83 -100.54 -29.55
CA PRO M 490 55.14 -100.66 -30.85
C PRO M 490 54.03 -99.65 -31.09
N LEU M 491 53.88 -99.33 -32.37
CA LEU M 491 52.72 -98.65 -32.92
C LEU M 491 51.76 -99.70 -33.49
N ILE M 492 50.51 -99.64 -33.06
CA ILE M 492 49.46 -100.57 -33.47
C ILE M 492 48.49 -99.81 -34.35
N THR M 493 48.45 -100.16 -35.63
CA THR M 493 47.50 -99.59 -36.58
C THR M 493 46.23 -100.43 -36.60
N ILE M 494 45.09 -99.75 -36.53
CA ILE M 494 43.77 -100.40 -36.43
C ILE M 494 42.94 -99.99 -37.64
N THR M 495 42.51 -100.98 -38.43
CA THR M 495 41.64 -100.77 -39.58
C THR M 495 40.30 -101.47 -39.34
N VAL M 496 39.21 -100.78 -39.65
CA VAL M 496 37.86 -101.32 -39.45
C VAL M 496 37.16 -101.40 -40.79
N ARG M 497 36.68 -102.61 -41.13
CA ARG M 497 35.90 -102.86 -42.36
C ARG M 497 34.61 -103.54 -41.92
N GLY M 498 33.66 -102.74 -41.44
CA GLY M 498 32.41 -103.27 -40.93
C GLY M 498 32.55 -103.99 -39.61
N ARG M 499 32.59 -105.33 -39.65
CA ARG M 499 32.74 -106.14 -38.44
C ARG M 499 34.13 -106.71 -38.29
N ASN M 500 35.03 -106.44 -39.22
CA ASN M 500 36.41 -106.93 -39.18
C ASN M 500 37.32 -105.83 -38.64
N VAL M 501 38.19 -106.21 -37.71
CA VAL M 501 39.15 -105.30 -37.10
C VAL M 501 40.54 -105.88 -37.36
N HIS M 502 41.31 -105.20 -38.22
CA HIS M 502 42.68 -105.57 -38.52
C HIS M 502 43.64 -104.79 -37.62
N MET M 503 44.62 -105.49 -37.06
CA MET M 503 45.62 -104.91 -36.17
C MET M 503 47.01 -105.19 -36.73
N LYS M 504 47.84 -104.15 -36.79
CA LYS M 504 49.21 -104.27 -37.27
C LYS M 504 50.17 -103.66 -36.25
N GLN M 505 51.29 -104.32 -36.00
CA GLN M 505 52.29 -103.79 -35.09
C GLN M 505 53.56 -103.45 -35.85
N GLU M 506 54.21 -102.36 -35.46
CA GLU M 506 55.49 -101.97 -36.02
C GLU M 506 56.28 -101.24 -34.94
N HIS M 507 57.57 -101.05 -35.18
CA HIS M 507 58.41 -100.35 -34.22
C HIS M 507 58.26 -98.85 -34.41
N TYR M 508 57.77 -98.16 -33.38
CA TYR M 508 57.69 -96.71 -33.39
C TYR M 508 59.07 -96.12 -33.11
N MET M 509 59.61 -95.39 -34.09
CA MET M 509 60.90 -94.75 -33.92
C MET M 509 60.87 -93.40 -34.62
N LYS M 510 61.21 -92.34 -33.88
CA LYS M 510 61.23 -91.00 -34.46
C LYS M 510 62.29 -90.95 -35.55
N GLY M 511 61.85 -90.82 -36.81
CA GLY M 511 62.72 -90.92 -37.97
C GLY M 511 63.93 -90.00 -37.94
N ASP M 517 62.02 -99.57 -39.79
CA ASP M 517 63.06 -99.99 -40.72
C ASP M 517 64.09 -100.89 -40.03
N THR M 518 63.67 -101.51 -38.93
CA THR M 518 64.53 -102.39 -38.15
C THR M 518 64.09 -103.84 -38.22
N GLY M 519 62.84 -104.13 -37.87
CA GLY M 519 62.35 -105.51 -37.86
C GLY M 519 62.17 -106.11 -36.47
N TYR M 520 61.58 -105.34 -35.57
CA TYR M 520 61.25 -105.82 -34.23
C TYR M 520 59.81 -106.32 -34.19
N LEU M 521 59.55 -107.28 -33.30
CA LEU M 521 58.21 -107.81 -33.10
C LEU M 521 57.99 -108.12 -31.62
N TRP M 522 56.82 -107.72 -31.11
CA TRP M 522 56.44 -107.91 -29.72
C TRP M 522 55.23 -108.84 -29.60
N HIS M 523 54.99 -109.30 -28.37
CA HIS M 523 53.74 -109.96 -27.99
C HIS M 523 52.93 -108.93 -27.21
N VAL M 524 52.08 -108.18 -27.92
CA VAL M 524 51.37 -107.04 -27.35
C VAL M 524 50.04 -107.54 -26.80
N PRO M 525 49.81 -107.52 -25.49
CA PRO M 525 48.49 -107.89 -24.96
C PRO M 525 47.49 -106.77 -25.17
N LEU M 526 46.80 -106.79 -26.30
CA LEU M 526 45.88 -105.71 -26.64
C LEU M 526 44.61 -105.76 -25.80
N THR M 527 44.08 -104.58 -25.51
CA THR M 527 42.80 -104.40 -24.86
C THR M 527 42.06 -103.29 -25.60
N PHE M 528 40.75 -103.44 -25.75
CA PHE M 528 39.99 -102.47 -26.51
C PHE M 528 38.57 -102.40 -25.99
N ILE M 529 37.91 -101.28 -26.28
CA ILE M 529 36.48 -101.09 -26.04
C ILE M 529 35.85 -100.58 -27.32
N THR M 530 34.52 -100.62 -27.35
CA THR M 530 33.75 -100.19 -28.50
C THR M 530 32.73 -99.14 -28.06
N SER M 531 32.01 -98.57 -29.02
CA SER M 531 30.95 -97.64 -28.70
C SER M 531 29.72 -98.34 -28.13
N LYS M 532 29.62 -99.65 -28.31
CA LYS M 532 28.46 -100.41 -27.86
C LYS M 532 28.65 -101.04 -26.49
N SER M 533 29.83 -100.92 -25.89
CA SER M 533 30.13 -101.68 -24.69
C SER M 533 31.27 -101.05 -23.92
N ASP M 534 31.05 -100.81 -22.63
CA ASP M 534 32.13 -100.44 -21.72
C ASP M 534 32.93 -101.65 -21.25
N MET M 535 32.56 -102.85 -21.67
CA MET M 535 33.27 -104.06 -21.27
C MET M 535 34.56 -104.21 -22.06
N VAL M 536 35.63 -104.60 -21.36
CA VAL M 536 36.94 -104.72 -21.96
C VAL M 536 37.11 -106.12 -22.54
N HIS M 537 37.31 -106.18 -23.86
CA HIS M 537 37.68 -107.41 -24.53
C HIS M 537 39.18 -107.41 -24.81
N ARG M 538 39.78 -108.59 -24.78
CA ARG M 538 41.22 -108.73 -24.88
C ARG M 538 41.60 -109.55 -26.10
N PHE M 539 42.87 -109.42 -26.50
CA PHE M 539 43.39 -110.13 -27.66
C PHE M 539 44.91 -110.10 -27.59
N LEU M 540 45.53 -111.27 -27.80
CA LEU M 540 46.99 -111.41 -27.71
C LEU M 540 47.56 -111.37 -29.13
N LEU M 541 48.14 -110.23 -29.51
CA LEU M 541 48.75 -110.07 -30.83
C LEU M 541 50.17 -110.59 -30.78
N LYS M 542 50.40 -111.76 -31.38
CA LYS M 542 51.71 -112.40 -31.38
C LYS M 542 52.46 -112.24 -32.68
N THR M 543 51.82 -111.73 -33.73
CA THR M 543 52.41 -111.60 -35.05
C THR M 543 52.43 -110.14 -35.47
N LYS M 544 52.89 -109.89 -36.70
CA LYS M 544 52.94 -108.53 -37.21
C LYS M 544 51.53 -108.00 -37.48
N THR M 545 50.73 -108.76 -38.21
CA THR M 545 49.36 -108.38 -38.53
C THR M 545 48.41 -109.52 -38.18
N ASP M 546 47.19 -109.15 -37.81
CA ASP M 546 46.15 -110.14 -37.51
C ASP M 546 44.80 -109.43 -37.61
N VAL M 547 43.73 -110.19 -37.38
CA VAL M 547 42.37 -109.66 -37.54
C VAL M 547 41.41 -110.45 -36.67
N LEU M 548 40.45 -109.74 -36.07
CA LEU M 548 39.35 -110.35 -35.33
C LEU M 548 38.03 -109.85 -35.90
N ILE M 549 36.93 -110.49 -35.50
CA ILE M 549 35.62 -110.22 -36.05
C ILE M 549 34.69 -109.74 -34.95
N LEU M 550 34.19 -108.52 -35.08
CA LEU M 550 33.24 -107.97 -34.14
C LEU M 550 31.84 -108.57 -34.32
N PRO M 551 31.00 -108.53 -33.29
CA PRO M 551 29.62 -109.03 -33.45
C PRO M 551 28.67 -108.01 -34.06
N GLU M 552 29.13 -106.78 -34.28
CA GLU M 552 28.29 -105.69 -34.76
C GLU M 552 29.19 -104.51 -35.11
N GLU M 553 28.83 -103.76 -36.16
CA GLU M 553 29.58 -102.56 -36.48
C GLU M 553 29.49 -101.55 -35.34
N VAL M 554 30.57 -100.79 -35.17
CA VAL M 554 30.67 -99.83 -34.08
C VAL M 554 31.03 -98.48 -34.68
N GLU M 555 30.55 -97.42 -34.03
CA GLU M 555 30.89 -96.07 -34.48
C GLU M 555 32.34 -95.76 -34.21
N TRP M 556 32.84 -96.12 -33.04
CA TRP M 556 34.24 -95.89 -32.71
C TRP M 556 34.76 -97.07 -31.88
N ILE M 557 36.07 -97.21 -31.88
CA ILE M 557 36.76 -98.25 -31.12
C ILE M 557 38.04 -97.63 -30.56
N LYS M 558 38.36 -97.98 -29.31
CA LYS M 558 39.48 -97.39 -28.60
C LYS M 558 40.34 -98.51 -28.05
N PHE M 559 41.58 -98.58 -28.50
CA PHE M 559 42.51 -99.60 -28.04
C PHE M 559 43.33 -99.08 -26.87
N ASN M 560 44.00 -100.01 -26.18
CA ASN M 560 44.82 -99.71 -25.00
C ASN M 560 43.98 -98.97 -23.95
N VAL M 561 43.01 -99.71 -23.40
CA VAL M 561 42.04 -99.13 -22.48
C VAL M 561 42.71 -98.81 -21.16
N GLY M 562 42.56 -97.58 -20.70
CA GLY M 562 43.11 -97.17 -19.43
C GLY M 562 44.61 -97.05 -19.38
N MET M 563 45.26 -97.01 -20.54
CA MET M 563 46.72 -96.88 -20.64
C MET M 563 47.44 -97.94 -19.82
N ASN M 564 46.92 -99.16 -19.85
CA ASN M 564 47.55 -100.27 -19.17
C ASN M 564 48.55 -101.02 -20.05
N GLY M 565 48.80 -100.53 -21.25
CA GLY M 565 49.74 -101.16 -22.15
C GLY M 565 50.81 -100.19 -22.63
N TYR M 566 52.02 -100.70 -22.79
CA TYR M 566 53.18 -99.89 -23.17
C TYR M 566 53.33 -99.90 -24.69
N TYR M 567 52.37 -99.27 -25.35
CA TYR M 567 52.38 -99.12 -26.81
C TYR M 567 51.53 -97.91 -27.16
N ILE M 568 51.56 -97.52 -28.44
CA ILE M 568 50.68 -96.46 -28.91
C ILE M 568 49.84 -97.00 -30.06
N VAL M 569 48.70 -96.35 -30.29
CA VAL M 569 47.67 -96.84 -31.21
C VAL M 569 47.34 -95.76 -32.22
N HIS M 570 47.31 -96.14 -33.50
CA HIS M 570 46.89 -95.27 -34.59
C HIS M 570 45.67 -95.91 -35.26
N TYR M 571 44.74 -95.08 -35.72
CA TYR M 571 43.48 -95.53 -36.29
C TYR M 571 43.37 -95.07 -37.73
N GLU M 572 43.11 -96.01 -38.64
CA GLU M 572 43.00 -95.69 -40.04
C GLU M 572 41.61 -95.14 -40.38
N ASP M 573 41.52 -94.51 -41.55
CA ASP M 573 40.28 -93.97 -42.12
C ASP M 573 39.76 -92.86 -41.20
N ASP M 574 38.45 -92.77 -40.97
CA ASP M 574 37.86 -91.72 -40.15
C ASP M 574 37.86 -92.05 -38.66
N GLY M 575 38.77 -92.92 -38.21
CA GLY M 575 38.79 -93.25 -36.79
C GLY M 575 39.17 -92.08 -35.91
N TRP M 576 40.23 -91.36 -36.29
CA TRP M 576 40.65 -90.21 -35.50
C TRP M 576 39.65 -89.08 -35.57
N ASP M 577 39.00 -88.89 -36.73
CA ASP M 577 37.93 -87.90 -36.81
C ASP M 577 36.76 -88.28 -35.91
N SER M 578 36.40 -89.57 -35.87
CA SER M 578 35.34 -90.03 -34.99
C SER M 578 35.70 -89.80 -33.53
N LEU M 579 36.97 -90.06 -33.16
CA LEU M 579 37.38 -89.87 -31.78
C LEU M 579 37.42 -88.39 -31.43
N THR M 580 37.80 -87.53 -32.38
CA THR M 580 37.75 -86.08 -32.15
C THR M 580 36.32 -85.62 -31.93
N GLY M 581 35.39 -86.13 -32.73
CA GLY M 581 33.98 -85.82 -32.51
C GLY M 581 33.49 -86.29 -31.16
N LEU M 582 33.90 -87.50 -30.75
CA LEU M 582 33.54 -88.02 -29.44
C LEU M 582 34.05 -87.11 -28.33
N LEU M 583 35.31 -86.69 -28.41
CA LEU M 583 35.88 -85.85 -27.37
C LEU M 583 35.22 -84.48 -27.33
N LYS M 584 34.97 -83.87 -28.49
CA LYS M 584 34.34 -82.55 -28.51
C LYS M 584 32.86 -82.60 -28.14
N GLY M 585 32.20 -83.74 -28.32
CA GLY M 585 30.80 -83.85 -27.97
C GLY M 585 30.59 -84.28 -26.54
N THR M 586 30.98 -85.51 -26.21
CA THR M 586 30.81 -86.08 -24.88
C THR M 586 32.11 -86.78 -24.49
N HIS M 587 33.07 -86.00 -24.00
CA HIS M 587 34.34 -86.56 -23.56
C HIS M 587 34.18 -87.53 -22.41
N THR M 588 33.06 -87.46 -21.68
CA THR M 588 32.79 -88.36 -20.55
C THR M 588 32.46 -89.78 -20.98
N ALA M 589 32.43 -90.08 -22.29
CA ALA M 589 32.17 -91.44 -22.74
C ALA M 589 33.33 -92.38 -22.45
N VAL M 590 34.55 -91.85 -22.31
CA VAL M 590 35.72 -92.65 -21.96
C VAL M 590 36.36 -92.04 -20.70
N SER M 591 37.33 -92.77 -20.17
CA SER M 591 37.95 -92.40 -18.90
C SER M 591 38.98 -91.28 -19.08
N SER M 592 39.39 -90.72 -17.95
CA SER M 592 40.40 -89.65 -17.95
C SER M 592 41.70 -90.14 -18.57
N ASN M 593 42.16 -91.33 -18.16
CA ASN M 593 43.37 -91.91 -18.75
C ASN M 593 43.19 -92.16 -20.23
N ASP M 594 41.97 -92.51 -20.66
CA ASP M 594 41.74 -92.73 -22.08
C ASP M 594 41.87 -91.43 -22.89
N ARG M 595 41.29 -90.34 -22.38
CA ARG M 595 41.43 -89.05 -23.04
C ARG M 595 42.90 -88.61 -23.07
N ALA M 596 43.61 -88.77 -21.95
CA ALA M 596 45.03 -88.42 -21.91
C ALA M 596 45.82 -89.22 -22.94
N SER M 597 45.54 -90.52 -23.03
CA SER M 597 46.22 -91.37 -24.00
C SER M 597 45.90 -90.93 -25.42
N LEU M 598 44.66 -90.52 -25.68
CA LEU M 598 44.31 -90.02 -27.01
C LEU M 598 45.14 -88.80 -27.37
N ILE M 599 45.24 -87.84 -26.43
CA ILE M 599 46.04 -86.64 -26.69
C ILE M 599 47.48 -87.00 -26.98
N ASN M 600 48.10 -87.78 -26.08
CA ASN M 600 49.51 -88.12 -26.22
C ASN M 600 49.77 -88.90 -27.50
N ASN M 601 48.90 -89.86 -27.83
CA ASN M 601 49.08 -90.65 -29.04
C ASN M 601 48.94 -89.79 -30.28
N ALA M 602 47.98 -88.86 -30.30
CA ALA M 602 47.83 -87.98 -31.44
C ALA M 602 49.10 -87.19 -31.69
N PHE M 603 49.69 -86.65 -30.63
CA PHE M 603 50.88 -85.83 -30.85
C PHE M 603 52.10 -86.68 -31.19
N GLN M 604 52.21 -87.88 -30.59
CA GLN M 604 53.31 -88.77 -30.99
C GLN M 604 53.17 -89.25 -32.43
N LEU M 605 51.94 -89.36 -32.93
CA LEU M 605 51.75 -89.71 -34.33
C LEU M 605 52.06 -88.53 -35.24
N VAL M 606 51.81 -87.31 -34.78
CA VAL M 606 52.31 -86.14 -35.50
C VAL M 606 53.83 -86.19 -35.60
N SER M 607 54.48 -86.68 -34.54
CA SER M 607 55.95 -86.73 -34.53
C SER M 607 56.53 -87.62 -35.62
N ILE M 608 55.76 -88.54 -36.21
CA ILE M 608 56.26 -89.42 -37.26
C ILE M 608 55.46 -89.31 -38.55
N GLY M 609 54.40 -88.51 -38.59
CA GLY M 609 53.69 -88.28 -39.83
C GLY M 609 52.45 -89.12 -40.02
N LYS M 610 52.08 -89.95 -39.05
CA LYS M 610 50.84 -90.72 -39.14
C LYS M 610 49.60 -89.85 -38.91
N LEU M 611 49.78 -88.60 -38.50
CA LEU M 611 48.66 -87.70 -38.28
C LEU M 611 49.17 -86.27 -38.41
N SER M 612 48.34 -85.40 -38.98
CA SER M 612 48.76 -84.02 -39.20
C SER M 612 48.62 -83.20 -37.93
N ILE M 613 49.54 -82.24 -37.77
CA ILE M 613 49.52 -81.36 -36.59
C ILE M 613 48.22 -80.57 -36.53
N GLU M 614 47.63 -80.24 -37.69
CA GLU M 614 46.35 -79.55 -37.69
C GLU M 614 45.26 -80.40 -37.06
N LYS M 615 45.18 -81.67 -37.45
CA LYS M 615 44.18 -82.56 -36.85
C LYS M 615 44.47 -82.80 -35.38
N ALA M 616 45.74 -82.87 -35.00
CA ALA M 616 46.09 -83.02 -33.59
C ALA M 616 45.56 -81.84 -32.77
N LEU M 617 45.78 -80.62 -33.27
CA LEU M 617 45.30 -79.44 -32.54
C LEU M 617 43.78 -79.34 -32.56
N ASP M 618 43.15 -79.77 -33.67
CA ASP M 618 41.69 -79.87 -33.69
C ASP M 618 41.19 -80.80 -32.59
N LEU M 619 41.87 -81.93 -32.38
CA LEU M 619 41.52 -82.80 -31.27
C LEU M 619 41.77 -82.10 -29.93
N SER M 620 42.87 -81.34 -29.84
CA SER M 620 43.19 -80.65 -28.60
C SER M 620 42.13 -79.62 -28.22
N LEU M 621 41.42 -79.06 -29.20
CA LEU M 621 40.40 -78.07 -28.92
C LEU M 621 39.33 -78.55 -27.95
N TYR M 622 39.18 -79.86 -27.74
CA TYR M 622 38.15 -80.35 -26.84
C TYR M 622 38.44 -80.00 -25.38
N LEU M 623 39.68 -79.63 -25.06
CA LEU M 623 40.06 -79.28 -23.69
C LEU M 623 39.39 -78.01 -23.20
N LYS M 624 38.70 -77.27 -24.07
CA LYS M 624 37.97 -76.08 -23.63
C LYS M 624 36.91 -76.42 -22.59
N HIS M 625 36.41 -77.65 -22.59
CA HIS M 625 35.41 -78.09 -21.61
C HIS M 625 35.92 -79.25 -20.76
N GLU M 626 37.21 -79.57 -20.83
CA GLU M 626 37.79 -80.64 -20.03
C GLU M 626 38.04 -80.16 -18.61
N THR M 627 37.87 -81.07 -17.65
CA THR M 627 37.99 -80.74 -16.24
C THR M 627 38.84 -81.71 -15.43
N GLU M 628 39.35 -82.78 -16.03
CA GLU M 628 40.05 -83.80 -15.28
C GLU M 628 41.57 -83.61 -15.33
N ILE M 629 42.21 -83.98 -14.21
CA ILE M 629 43.60 -83.62 -13.99
C ILE M 629 44.51 -84.33 -14.98
N MET M 630 44.27 -85.63 -15.23
CA MET M 630 45.16 -86.37 -16.13
C MET M 630 45.10 -85.83 -17.55
N PRO M 631 43.93 -85.64 -18.18
CA PRO M 631 43.94 -85.08 -19.54
C PRO M 631 44.44 -83.64 -19.56
N VAL M 632 44.13 -82.82 -18.56
CA VAL M 632 44.61 -81.44 -18.55
C VAL M 632 46.13 -81.41 -18.49
N PHE M 633 46.72 -82.18 -17.57
CA PHE M 633 48.17 -82.23 -17.45
C PHE M 633 48.81 -82.82 -18.69
N GLN M 634 48.15 -83.80 -19.34
CA GLN M 634 48.74 -84.38 -20.54
C GLN M 634 48.72 -83.38 -21.68
N GLY M 635 47.63 -82.63 -21.83
CA GLY M 635 47.60 -81.57 -22.83
C GLY M 635 48.66 -80.52 -22.59
N LEU M 636 48.85 -80.13 -21.33
CA LEU M 636 49.90 -79.17 -21.03
C LEU M 636 51.28 -79.72 -21.35
N ASN M 637 51.54 -80.98 -20.97
CA ASN M 637 52.84 -81.59 -21.22
C ASN M 637 53.10 -81.79 -22.70
N GLU M 638 52.04 -81.89 -23.51
CA GLU M 638 52.22 -82.07 -24.94
C GLU M 638 52.24 -80.74 -25.71
N LEU M 639 51.70 -79.67 -25.13
CA LEU M 639 51.67 -78.39 -25.83
C LEU M 639 52.77 -77.43 -25.42
N ILE M 640 53.19 -77.44 -24.14
CA ILE M 640 54.20 -76.49 -23.68
C ILE M 640 55.53 -76.61 -24.43
N PRO M 641 56.08 -77.82 -24.68
CA PRO M 641 57.37 -77.90 -25.41
C PRO M 641 57.36 -77.22 -26.77
N MET M 642 56.19 -77.05 -27.39
CA MET M 642 56.15 -76.38 -28.69
C MET M 642 56.51 -74.90 -28.56
N TYR M 643 55.83 -74.16 -27.69
CA TYR M 643 56.22 -72.78 -27.49
C TYR M 643 57.57 -72.68 -26.78
N LYS M 644 58.00 -73.74 -26.09
CA LYS M 644 59.37 -73.78 -25.57
C LYS M 644 60.39 -73.80 -26.71
N LEU M 645 60.12 -74.58 -27.75
CA LEU M 645 60.97 -74.55 -28.94
C LEU M 645 60.90 -73.18 -29.59
N MET M 646 59.72 -72.57 -29.61
CA MET M 646 59.59 -71.26 -30.24
C MET M 646 60.35 -70.18 -29.49
N GLU M 647 60.43 -70.28 -28.16
CA GLU M 647 61.12 -69.27 -27.37
C GLU M 647 62.60 -69.18 -27.70
N LYS M 648 63.22 -70.30 -28.11
CA LYS M 648 64.64 -70.33 -28.40
C LYS M 648 65.00 -69.71 -29.75
N ARG M 649 64.02 -69.21 -30.50
CA ARG M 649 64.22 -68.68 -31.84
C ARG M 649 63.58 -67.30 -31.95
N ASP M 650 63.66 -66.73 -33.14
CA ASP M 650 63.00 -65.45 -33.43
C ASP M 650 61.60 -65.77 -33.93
N MET M 651 60.67 -65.95 -33.01
CA MET M 651 59.32 -66.38 -33.33
C MET M 651 58.33 -65.72 -32.38
N ASN M 652 58.47 -64.40 -32.17
CA ASN M 652 57.67 -63.74 -31.14
C ASN M 652 56.19 -63.74 -31.50
N GLU M 653 55.86 -63.42 -32.76
CA GLU M 653 54.46 -63.35 -33.16
C GLU M 653 53.77 -64.71 -33.00
N VAL M 654 54.38 -65.76 -33.55
CA VAL M 654 53.77 -67.08 -33.51
C VAL M 654 53.73 -67.61 -32.08
N GLU M 655 54.78 -67.33 -31.30
CA GLU M 655 54.82 -67.76 -29.91
C GLU M 655 53.72 -67.08 -29.09
N THR M 656 53.51 -65.78 -29.31
CA THR M 656 52.46 -65.08 -28.58
C THR M 656 51.08 -65.58 -28.99
N GLN M 657 50.87 -65.80 -30.28
CA GLN M 657 49.60 -66.38 -30.73
C GLN M 657 49.37 -67.74 -30.07
N PHE M 658 50.41 -68.56 -29.99
CA PHE M 658 50.27 -69.89 -29.40
C PHE M 658 49.94 -69.81 -27.92
N LYS M 659 50.63 -68.92 -27.19
CA LYS M 659 50.35 -68.76 -25.77
C LYS M 659 48.92 -68.26 -25.54
N ALA M 660 48.47 -67.32 -26.38
CA ALA M 660 47.11 -66.81 -26.26
C ALA M 660 46.08 -67.91 -26.50
N PHE M 661 46.31 -68.75 -27.52
CA PHE M 661 45.42 -69.88 -27.77
C PHE M 661 45.40 -70.84 -26.59
N LEU M 662 46.58 -71.17 -26.07
CA LEU M 662 46.66 -72.10 -24.95
C LEU M 662 45.90 -71.57 -23.74
N ILE M 663 46.07 -70.27 -23.43
CA ILE M 663 45.38 -69.70 -22.29
C ILE M 663 43.87 -69.66 -22.52
N ARG M 664 43.44 -69.30 -23.73
CA ARG M 664 42.01 -69.26 -24.01
C ARG M 664 41.39 -70.66 -23.97
N LEU M 665 42.18 -71.70 -24.21
CA LEU M 665 41.64 -73.05 -24.17
C LEU M 665 41.21 -73.43 -22.75
N LEU M 666 41.98 -73.05 -21.74
CA LEU M 666 41.70 -73.39 -20.36
C LEU M 666 41.19 -72.20 -19.55
N ARG M 667 40.82 -71.10 -20.21
CA ARG M 667 40.38 -69.90 -19.50
C ARG M 667 39.16 -70.19 -18.62
N ASP M 668 38.22 -70.98 -19.11
CA ASP M 668 37.02 -71.28 -18.32
C ASP M 668 37.39 -72.00 -17.02
N LEU M 669 38.24 -73.02 -17.12
CA LEU M 669 38.63 -73.77 -15.93
C LEU M 669 39.45 -72.90 -14.98
N ILE M 670 40.33 -72.05 -15.54
CA ILE M 670 41.13 -71.16 -14.69
C ILE M 670 40.24 -70.19 -13.93
N ASP M 671 39.24 -69.63 -14.61
CA ASP M 671 38.31 -68.73 -13.95
C ASP M 671 37.50 -69.47 -12.88
N LYS M 672 37.10 -70.71 -13.17
CA LYS M 672 36.33 -71.48 -12.20
C LYS M 672 37.16 -71.89 -11.00
N GLN M 673 38.49 -71.95 -11.14
CA GLN M 673 39.35 -72.28 -10.01
C GLN M 673 39.26 -71.23 -8.92
N THR M 674 39.17 -71.67 -7.68
CA THR M 674 39.19 -70.79 -6.52
C THR M 674 40.62 -70.54 -6.06
N TRP M 675 40.77 -69.61 -5.13
CA TRP M 675 42.08 -69.27 -4.59
C TRP M 675 42.22 -69.72 -3.15
N THR M 676 42.06 -71.01 -2.90
CA THR M 676 42.11 -71.59 -1.57
C THR M 676 42.77 -72.97 -1.65
N ASP M 677 42.94 -73.59 -0.48
CA ASP M 677 43.49 -74.94 -0.38
C ASP M 677 42.41 -75.98 -0.20
N GLU M 678 41.25 -75.77 -0.84
CA GLU M 678 40.11 -76.66 -0.69
C GLU M 678 40.23 -77.86 -1.64
N GLY M 679 39.41 -78.87 -1.39
CA GLY M 679 39.31 -80.00 -2.30
C GLY M 679 40.30 -81.11 -2.01
N SER M 680 40.17 -82.17 -2.81
CA SER M 680 41.02 -83.35 -2.68
C SER M 680 42.43 -83.02 -3.19
N VAL M 681 43.33 -83.99 -3.05
CA VAL M 681 44.71 -83.82 -3.50
C VAL M 681 44.75 -83.51 -5.00
N SER M 682 43.96 -84.25 -5.78
CA SER M 682 43.90 -84.03 -7.22
C SER M 682 43.44 -82.62 -7.54
N GLU M 683 42.34 -82.18 -6.94
CA GLU M 683 41.83 -80.83 -7.21
C GLU M 683 42.83 -79.77 -6.78
N ARG M 684 43.54 -80.00 -5.67
CA ARG M 684 44.50 -79.02 -5.20
C ARG M 684 45.68 -78.90 -6.15
N MET M 685 46.21 -80.03 -6.63
CA MET M 685 47.32 -79.97 -7.58
C MET M 685 46.88 -79.30 -8.88
N LEU M 686 45.67 -79.62 -9.34
CA LEU M 686 45.12 -78.99 -10.54
C LEU M 686 45.03 -77.48 -10.36
N ARG M 687 44.51 -77.04 -9.22
CA ARG M 687 44.39 -75.60 -8.96
C ARG M 687 45.76 -74.95 -8.94
N SER M 688 46.72 -75.56 -8.24
CA SER M 688 48.04 -74.95 -8.13
C SER M 688 48.66 -74.76 -9.51
N GLN M 689 48.65 -75.81 -10.34
CA GLN M 689 49.27 -75.70 -11.65
C GLN M 689 48.50 -74.73 -12.55
N LEU M 690 47.17 -74.70 -12.46
CA LEU M 690 46.40 -73.81 -13.32
C LEU M 690 46.65 -72.35 -12.96
N LEU M 691 46.62 -72.02 -11.67
CA LEU M 691 46.90 -70.65 -11.26
C LEU M 691 48.32 -70.24 -11.63
N LEU M 692 49.28 -71.14 -11.45
CA LEU M 692 50.65 -70.83 -11.82
C LEU M 692 50.77 -70.57 -13.32
N LEU M 693 50.15 -71.42 -14.14
CA LEU M 693 50.20 -71.26 -15.59
C LEU M 693 49.60 -69.93 -16.01
N ALA M 694 48.40 -69.62 -15.50
CA ALA M 694 47.73 -68.39 -15.88
C ALA M 694 48.55 -67.17 -15.47
N CYS M 695 49.03 -67.16 -14.24
CA CYS M 695 49.79 -65.99 -13.79
CA CYS M 695 49.82 -66.01 -13.75
C CYS M 695 51.12 -65.86 -14.52
N VAL M 696 51.72 -66.98 -14.95
CA VAL M 696 52.97 -66.91 -15.70
C VAL M 696 52.70 -66.37 -17.10
N HIS M 697 51.62 -66.82 -17.73
CA HIS M 697 51.28 -66.37 -19.08
C HIS M 697 50.45 -65.09 -19.07
N ASN M 698 50.36 -64.41 -17.92
CA ASN M 698 49.92 -63.02 -17.85
C ASN M 698 48.41 -62.88 -18.04
N TYR M 699 47.65 -63.73 -17.36
CA TYR M 699 46.21 -63.56 -17.27
C TYR M 699 45.94 -62.45 -16.25
N GLN M 700 45.50 -61.29 -16.74
CA GLN M 700 45.47 -60.10 -15.90
C GLN M 700 44.65 -60.24 -14.63
N PRO M 701 43.51 -60.95 -14.60
CA PRO M 701 42.85 -61.18 -13.29
C PRO M 701 43.75 -61.92 -12.30
N CYS M 702 44.36 -63.03 -12.75
CA CYS M 702 45.32 -63.75 -11.89
CA CYS M 702 45.29 -63.74 -11.87
C CYS M 702 46.43 -62.84 -11.44
N VAL M 703 46.97 -62.04 -12.36
CA VAL M 703 48.10 -61.16 -12.03
C VAL M 703 47.69 -60.14 -10.98
N GLN M 704 46.51 -59.55 -11.12
CA GLN M 704 46.05 -58.55 -10.16
C GLN M 704 45.84 -59.18 -8.78
N ARG M 705 45.18 -60.33 -8.73
CA ARG M 705 44.92 -60.95 -7.42
C ARG M 705 46.21 -61.44 -6.78
N ALA M 706 47.13 -61.97 -7.57
CA ALA M 706 48.41 -62.44 -7.03
C ALA M 706 49.27 -61.27 -6.56
N GLU M 707 49.22 -60.15 -7.28
CA GLU M 707 49.92 -58.94 -6.82
C GLU M 707 49.33 -58.45 -5.50
N GLY M 708 48.01 -58.50 -5.36
CA GLY M 708 47.41 -58.13 -4.08
C GLY M 708 47.86 -59.03 -2.94
N TYR M 709 47.83 -60.35 -3.17
CA TYR M 709 48.28 -61.28 -2.14
C TYR M 709 49.75 -61.05 -1.80
N PHE M 710 50.59 -60.84 -2.82
CA PHE M 710 52.01 -60.64 -2.60
C PHE M 710 52.27 -59.32 -1.86
N ARG M 711 51.46 -58.29 -2.15
CA ARG M 711 51.60 -57.03 -1.44
C ARG M 711 51.28 -57.20 0.03
N LYS M 712 50.13 -57.84 0.34
CA LYS M 712 49.79 -58.07 1.73
C LYS M 712 50.83 -58.92 2.45
N TRP M 713 51.36 -59.94 1.77
CA TRP M 713 52.35 -60.81 2.39
C TRP M 713 53.66 -60.08 2.66
N LYS M 714 54.15 -59.32 1.67
CA LYS M 714 55.40 -58.58 1.83
C LYS M 714 55.27 -57.52 2.91
N GLU M 715 54.10 -56.86 3.00
CA GLU M 715 53.88 -55.91 4.06
C GLU M 715 53.76 -56.59 5.43
N SER M 716 53.30 -57.84 5.45
CA SER M 716 53.29 -58.61 6.68
C SER M 716 54.64 -59.20 7.03
N ASN M 717 55.62 -59.10 6.13
CA ASN M 717 56.99 -59.56 6.40
C ASN M 717 57.03 -61.09 6.53
N GLY M 718 56.35 -61.76 5.60
CA GLY M 718 56.27 -63.21 5.61
C GLY M 718 55.36 -63.79 6.66
N ASN M 719 54.80 -62.97 7.56
CA ASN M 719 53.99 -63.49 8.65
C ASN M 719 52.61 -63.93 8.20
N LEU M 720 52.08 -63.32 7.13
CA LEU M 720 50.76 -63.68 6.63
C LEU M 720 50.77 -65.10 6.09
N SER M 721 49.81 -65.91 6.56
CA SER M 721 49.66 -67.27 6.08
C SER M 721 48.88 -67.26 4.77
N LEU M 722 49.50 -67.73 3.70
CA LEU M 722 48.94 -67.81 2.37
C LEU M 722 48.45 -69.21 2.06
N PRO M 723 47.47 -69.35 1.17
CA PRO M 723 47.09 -70.68 0.69
C PRO M 723 48.27 -71.34 -0.02
N VAL M 724 48.61 -72.55 0.41
CA VAL M 724 49.79 -73.24 -0.10
C VAL M 724 49.69 -73.44 -1.61
N ASP M 725 48.49 -73.65 -2.12
CA ASP M 725 48.33 -73.89 -3.55
C ASP M 725 48.58 -72.63 -4.37
N VAL M 726 48.05 -71.49 -3.90
CA VAL M 726 48.28 -70.22 -4.61
C VAL M 726 49.64 -69.62 -4.30
N THR M 727 50.39 -70.21 -3.37
CA THR M 727 51.72 -69.69 -3.02
C THR M 727 52.65 -69.67 -4.23
N LEU M 728 52.60 -70.71 -5.05
CA LEU M 728 53.45 -70.78 -6.25
C LEU M 728 53.18 -69.59 -7.16
N ALA M 729 51.92 -69.36 -7.51
CA ALA M 729 51.56 -68.26 -8.39
C ALA M 729 51.91 -66.91 -7.77
N VAL M 730 51.65 -66.75 -6.47
CA VAL M 730 51.92 -65.48 -5.81
C VAL M 730 53.41 -65.17 -5.83
N PHE M 731 54.25 -66.17 -5.53
CA PHE M 731 55.69 -65.97 -5.56
C PHE M 731 56.18 -65.71 -6.98
N ALA M 732 55.66 -66.45 -7.96
CA ALA M 732 56.11 -66.24 -9.34
C ALA M 732 55.74 -64.85 -9.84
N VAL M 733 54.61 -64.31 -9.39
CA VAL M 733 54.24 -62.94 -9.78
C VAL M 733 55.11 -61.93 -9.04
N GLY M 734 55.27 -62.12 -7.72
CA GLY M 734 55.99 -61.14 -6.93
C GLY M 734 57.47 -61.07 -7.24
N ALA M 735 58.06 -62.15 -7.74
CA ALA M 735 59.49 -62.15 -8.04
C ALA M 735 59.82 -61.43 -9.34
N GLN M 736 58.85 -60.80 -9.99
CA GLN M 736 59.11 -60.09 -11.24
C GLN M 736 59.79 -58.75 -11.00
N SER M 737 59.50 -58.10 -9.89
CA SER M 737 60.15 -56.84 -9.54
C SER M 737 61.39 -57.11 -8.71
N THR M 738 62.34 -56.17 -8.77
CA THR M 738 63.59 -56.32 -8.04
C THR M 738 63.34 -56.36 -6.53
N GLU M 739 62.42 -55.51 -6.06
CA GLU M 739 62.10 -55.46 -4.63
C GLU M 739 61.57 -56.81 -4.14
N GLY M 740 60.55 -57.34 -4.80
CA GLY M 740 59.99 -58.62 -4.40
C GLY M 740 60.96 -59.77 -4.56
N TRP M 741 61.81 -59.72 -5.59
CA TRP M 741 62.84 -60.74 -5.77
C TRP M 741 63.78 -60.78 -4.56
N ASP M 742 64.30 -59.61 -4.18
CA ASP M 742 65.21 -59.56 -3.04
C ASP M 742 64.50 -59.94 -1.74
N PHE M 743 63.23 -59.57 -1.60
CA PHE M 743 62.49 -59.96 -0.41
C PHE M 743 62.31 -61.47 -0.32
N LEU M 744 61.94 -62.10 -1.44
CA LEU M 744 61.81 -63.55 -1.49
C LEU M 744 63.12 -64.24 -1.13
N TYR M 745 64.23 -63.75 -1.70
CA TYR M 745 65.50 -64.39 -1.36
C TYR M 745 65.86 -64.17 0.10
N SER M 746 65.53 -63.00 0.66
CA SER M 746 65.82 -62.76 2.07
C SER M 746 65.06 -63.74 2.96
N LYS M 747 63.84 -64.08 2.57
CA LYS M 747 63.08 -65.06 3.36
C LYS M 747 63.55 -66.50 3.11
N TYR M 748 64.13 -66.75 1.93
CA TYR M 748 64.59 -68.10 1.59
C TYR M 748 65.59 -68.65 2.61
N GLN M 749 66.56 -67.83 3.02
CA GLN M 749 67.63 -68.32 3.88
C GLN M 749 67.09 -68.87 5.19
N PHE M 750 66.12 -68.17 5.78
CA PHE M 750 65.64 -68.53 7.11
C PHE M 750 64.42 -69.45 7.08
N SER M 751 63.75 -69.59 5.93
CA SER M 751 62.64 -70.52 5.85
C SER M 751 63.12 -71.95 6.10
N LEU M 752 62.23 -72.77 6.67
CA LEU M 752 62.53 -74.16 6.96
C LEU M 752 61.61 -75.15 6.27
N SER M 753 60.66 -74.69 5.47
CA SER M 753 59.78 -75.58 4.72
C SER M 753 60.40 -75.85 3.35
N SER M 754 60.50 -77.13 3.00
CA SER M 754 61.13 -77.49 1.74
C SER M 754 60.27 -77.09 0.54
N THR M 755 58.95 -77.20 0.68
CA THR M 755 58.07 -76.74 -0.39
C THR M 755 58.20 -75.23 -0.58
N GLU M 756 58.24 -74.47 0.52
CA GLU M 756 58.44 -73.03 0.43
C GLU M 756 59.78 -72.71 -0.24
N LYS M 757 60.82 -73.47 0.10
CA LYS M 757 62.13 -73.28 -0.51
C LYS M 757 62.07 -73.52 -2.02
N SER M 758 61.42 -74.61 -2.43
CA SER M 758 61.32 -74.93 -3.86
C SER M 758 60.50 -73.89 -4.60
N GLN M 759 59.43 -73.40 -3.98
CA GLN M 759 58.59 -72.38 -4.62
C GLN M 759 59.36 -71.07 -4.78
N ILE M 760 60.17 -70.71 -3.76
CA ILE M 760 61.00 -69.52 -3.88
C ILE M 760 62.03 -69.72 -4.99
N GLU M 761 62.60 -70.93 -5.09
CA GLU M 761 63.56 -71.20 -6.16
C GLU M 761 62.93 -71.02 -7.53
N PHE M 762 61.73 -71.57 -7.73
CA PHE M 762 61.05 -71.42 -9.01
C PHE M 762 60.73 -69.96 -9.30
N ALA M 763 60.25 -69.24 -8.28
CA ALA M 763 59.93 -67.81 -8.46
C ALA M 763 61.17 -67.02 -8.86
N LEU M 764 62.30 -67.26 -8.18
CA LEU M 764 63.53 -66.53 -8.47
C LEU M 764 64.08 -66.89 -9.84
N CYS M 765 63.89 -68.14 -10.29
CA CYS M 765 64.32 -68.50 -11.63
C CYS M 765 63.40 -67.89 -12.68
N ARG M 766 62.14 -67.61 -12.33
CA ARG M 766 61.23 -66.94 -13.25
C ARG M 766 61.58 -65.47 -13.51
N THR M 767 62.72 -64.93 -13.08
CA THR M 767 63.00 -63.51 -13.25
C THR M 767 63.52 -63.21 -14.65
N GLN M 768 63.56 -61.93 -14.98
CA GLN M 768 64.09 -61.46 -16.26
C GLN M 768 65.48 -60.86 -16.16
N ASN M 769 66.01 -60.68 -14.94
CA ASN M 769 67.30 -60.02 -14.75
C ASN M 769 68.41 -61.02 -15.00
N LYS M 770 69.19 -60.79 -16.07
CA LYS M 770 70.29 -61.68 -16.39
C LYS M 770 71.34 -61.73 -15.29
N GLU M 771 71.62 -60.58 -14.65
CA GLU M 771 72.60 -60.57 -13.58
C GLU M 771 72.12 -61.42 -12.40
N LYS M 772 70.83 -61.35 -12.09
CA LYS M 772 70.30 -62.15 -10.99
C LYS M 772 70.29 -63.64 -11.36
N LEU M 773 70.03 -63.95 -12.62
CA LEU M 773 70.16 -65.34 -13.07
C LEU M 773 71.59 -65.84 -12.89
N GLN M 774 72.57 -65.01 -13.29
CA GLN M 774 73.97 -65.37 -13.10
C GLN M 774 74.31 -65.56 -11.64
N TRP M 775 73.74 -64.73 -10.77
CA TRP M 775 73.99 -64.86 -9.33
C TRP M 775 73.39 -66.14 -8.78
N LEU M 776 72.16 -66.48 -9.19
CA LEU M 776 71.57 -67.75 -8.79
C LEU M 776 72.45 -68.90 -9.23
N LEU M 777 72.91 -68.87 -10.47
CA LEU M 777 73.76 -69.95 -10.98
C LEU M 777 75.05 -70.08 -10.16
N ASP M 778 75.76 -68.97 -9.96
CA ASP M 778 77.03 -69.02 -9.25
C ASP M 778 76.86 -69.49 -7.81
N GLU M 779 75.84 -68.98 -7.11
CA GLU M 779 75.69 -69.31 -5.70
C GLU M 779 75.19 -70.74 -5.52
N SER M 780 74.28 -71.19 -6.38
CA SER M 780 73.83 -72.57 -6.31
C SER M 780 74.94 -73.54 -6.67
N PHE M 781 75.89 -73.11 -7.51
CA PHE M 781 77.07 -73.94 -7.74
C PHE M 781 77.96 -73.98 -6.51
N LYS M 782 78.26 -72.82 -5.93
CA LYS M 782 79.16 -72.77 -4.78
C LYS M 782 78.60 -73.59 -3.61
N GLY M 783 77.28 -73.55 -3.41
CA GLY M 783 76.66 -74.40 -2.42
C GLY M 783 76.53 -73.82 -1.04
N ASP M 784 76.79 -72.52 -0.86
CA ASP M 784 76.68 -71.88 0.45
C ASP M 784 75.29 -71.27 0.62
N LYS M 785 75.01 -70.21 -0.15
CA LYS M 785 73.72 -69.54 -0.05
C LYS M 785 72.58 -70.41 -0.56
N ILE M 786 72.85 -71.23 -1.58
CA ILE M 786 71.89 -72.21 -2.09
C ILE M 786 72.62 -73.54 -2.20
N LYS M 787 72.09 -74.57 -1.55
CA LYS M 787 72.77 -75.86 -1.49
C LYS M 787 72.97 -76.44 -2.89
N THR M 788 74.05 -77.21 -3.04
CA THR M 788 74.42 -77.77 -4.33
C THR M 788 73.44 -78.85 -4.78
N GLN M 789 72.72 -79.48 -3.85
CA GLN M 789 71.75 -80.50 -4.22
C GLN M 789 70.63 -79.95 -5.10
N GLU M 790 70.33 -78.67 -4.97
CA GLU M 790 69.31 -78.01 -5.78
C GLU M 790 69.85 -77.45 -7.09
N PHE M 791 71.16 -77.57 -7.33
CA PHE M 791 71.75 -76.95 -8.51
C PHE M 791 71.17 -77.47 -9.82
N PRO M 792 71.00 -78.77 -10.04
CA PRO M 792 70.46 -79.21 -11.35
C PRO M 792 69.07 -78.66 -11.63
N GLN M 793 68.22 -78.58 -10.61
CA GLN M 793 66.88 -78.02 -10.81
C GLN M 793 66.95 -76.55 -11.19
N ILE M 794 67.85 -75.80 -10.56
CA ILE M 794 68.02 -74.40 -10.89
C ILE M 794 68.55 -74.23 -12.30
N LEU M 795 69.51 -75.08 -12.69
CA LEU M 795 70.04 -75.03 -14.05
C LEU M 795 68.96 -75.31 -15.08
N THR M 796 68.11 -76.31 -14.81
CA THR M 796 67.03 -76.63 -15.75
C THR M 796 65.99 -75.52 -15.83
N LEU M 797 65.62 -74.93 -14.68
CA LEU M 797 64.64 -73.85 -14.70
C LEU M 797 65.19 -72.62 -15.42
N ILE M 798 66.47 -72.32 -15.23
CA ILE M 798 67.05 -71.17 -15.92
C ILE M 798 67.21 -71.44 -17.40
N GLY M 799 67.49 -72.69 -17.78
CA GLY M 799 67.47 -73.06 -19.18
C GLY M 799 66.09 -73.00 -19.80
N ARG M 800 65.05 -73.17 -18.97
CA ARG M 800 63.69 -72.96 -19.45
C ARG M 800 63.37 -71.49 -19.62
N ASN M 801 63.89 -70.64 -18.74
CA ASN M 801 63.66 -69.21 -18.82
C ASN M 801 64.04 -68.68 -20.20
N PRO M 802 63.16 -67.92 -20.86
CA PRO M 802 63.46 -67.47 -22.24
C PRO M 802 64.69 -66.58 -22.34
N VAL M 803 65.14 -65.97 -21.25
CA VAL M 803 66.33 -65.12 -21.25
C VAL M 803 67.49 -65.75 -20.51
N GLY M 804 67.34 -66.99 -20.03
CA GLY M 804 68.38 -67.60 -19.22
C GLY M 804 69.07 -68.79 -19.84
N TYR M 805 68.54 -69.33 -20.93
CA TYR M 805 69.14 -70.52 -21.52
C TYR M 805 70.57 -70.31 -22.00
N PRO M 806 70.97 -69.14 -22.55
CA PRO M 806 72.40 -68.98 -22.86
C PRO M 806 73.26 -68.98 -21.63
N LEU M 807 72.80 -68.35 -20.55
CA LEU M 807 73.54 -68.37 -19.30
C LEU M 807 73.71 -69.78 -18.77
N ALA M 808 72.65 -70.58 -18.81
CA ALA M 808 72.72 -71.95 -18.31
C ALA M 808 73.64 -72.80 -19.18
N TRP M 809 73.49 -72.70 -20.50
CA TRP M 809 74.35 -73.46 -21.42
C TRP M 809 75.82 -73.11 -21.24
N GLN M 810 76.11 -71.81 -21.14
CA GLN M 810 77.49 -71.36 -20.95
C GLN M 810 78.03 -71.83 -19.60
N PHE M 811 77.21 -71.81 -18.56
CA PHE M 811 77.66 -72.25 -17.24
C PHE M 811 77.99 -73.73 -17.26
N LEU M 812 77.12 -74.55 -17.86
CA LEU M 812 77.40 -75.98 -17.98
C LEU M 812 78.69 -76.21 -18.76
N ARG M 813 78.85 -75.52 -19.89
CA ARG M 813 80.06 -75.68 -20.70
C ARG M 813 81.31 -75.33 -19.90
N LYS M 814 81.28 -74.20 -19.19
CA LYS M 814 82.49 -73.69 -18.55
C LYS M 814 82.81 -74.38 -17.23
N ASN M 815 81.84 -75.03 -16.59
CA ASN M 815 82.11 -75.72 -15.34
C ASN M 815 81.77 -77.21 -15.43
N TRP M 816 81.76 -77.78 -16.63
CA TRP M 816 81.49 -79.21 -16.78
C TRP M 816 82.45 -80.06 -15.96
N ASN M 817 83.73 -79.70 -15.93
CA ASN M 817 84.73 -80.52 -15.27
C ASN M 817 84.43 -80.66 -13.78
N LYS M 818 84.26 -79.52 -13.11
CA LYS M 818 83.95 -79.52 -11.69
C LYS M 818 82.58 -80.14 -11.41
N LEU M 819 81.62 -79.93 -12.32
CA LEU M 819 80.32 -80.58 -12.18
C LEU M 819 80.47 -82.10 -12.23
N VAL M 820 81.30 -82.61 -13.13
CA VAL M 820 81.56 -84.04 -13.17
C VAL M 820 82.23 -84.50 -11.88
N GLN M 821 83.17 -83.69 -11.38
CA GLN M 821 83.86 -84.07 -10.14
C GLN M 821 82.90 -84.09 -8.96
N LYS M 822 81.84 -83.28 -8.99
CA LYS M 822 80.88 -83.25 -7.89
C LYS M 822 79.78 -84.29 -8.00
N PHE M 823 79.26 -84.53 -9.20
CA PHE M 823 78.08 -85.38 -9.38
C PHE M 823 78.38 -86.74 -10.01
N GLU M 824 79.65 -87.04 -10.34
CA GLU M 824 80.05 -88.28 -11.00
C GLU M 824 79.54 -88.35 -12.43
N LEU M 825 80.26 -89.08 -13.29
CA LEU M 825 79.87 -89.21 -14.68
C LEU M 825 78.71 -90.19 -14.83
N GLY M 826 77.83 -89.90 -15.78
CA GLY M 826 76.71 -90.77 -16.08
C GLY M 826 75.62 -90.79 -15.04
N SER M 827 75.74 -90.00 -13.98
CA SER M 827 74.70 -89.96 -12.96
C SER M 827 73.44 -89.32 -13.51
N SER M 828 72.31 -89.63 -12.86
CA SER M 828 71.04 -89.03 -13.26
C SER M 828 71.08 -87.51 -13.11
N SER M 829 71.91 -87.01 -12.20
CA SER M 829 72.08 -85.56 -12.07
C SER M 829 72.74 -84.96 -13.32
N ILE M 830 73.81 -85.59 -13.80
CA ILE M 830 74.48 -85.12 -15.01
C ILE M 830 73.54 -85.21 -16.21
N ALA M 831 72.80 -86.32 -16.32
CA ALA M 831 71.84 -86.46 -17.40
C ALA M 831 70.78 -85.36 -17.33
N HIS M 832 70.26 -85.11 -16.13
CA HIS M 832 69.29 -84.04 -15.90
C HIS M 832 69.83 -82.70 -16.37
N MET M 833 71.06 -82.38 -15.99
CA MET M 833 71.64 -81.10 -16.39
C MET M 833 71.77 -81.00 -17.90
N VAL M 834 72.35 -82.03 -18.53
CA VAL M 834 72.57 -81.99 -19.97
C VAL M 834 71.24 -81.80 -20.71
N MET M 835 70.24 -82.61 -20.38
CA MET M 835 68.98 -82.53 -21.09
C MET M 835 68.25 -81.23 -20.81
N GLY M 836 68.24 -80.79 -19.54
CA GLY M 836 67.57 -79.54 -19.21
C GLY M 836 68.20 -78.34 -19.90
N THR M 837 69.50 -78.41 -20.18
CA THR M 837 70.16 -77.31 -20.86
C THR M 837 70.11 -77.40 -22.37
N THR M 838 69.90 -78.60 -22.94
CA THR M 838 69.99 -78.73 -24.39
C THR M 838 68.72 -79.20 -25.09
N ASN M 839 67.83 -79.96 -24.43
CA ASN M 839 66.82 -80.67 -25.19
C ASN M 839 65.69 -79.78 -25.75
N GLN M 840 65.76 -78.45 -25.66
CA GLN M 840 64.78 -77.56 -26.29
C GLN M 840 65.34 -76.82 -27.49
N PHE M 841 66.51 -77.23 -27.99
CA PHE M 841 67.12 -76.58 -29.15
C PHE M 841 66.42 -77.03 -30.43
N SER M 842 66.53 -76.20 -31.46
CA SER M 842 65.79 -76.41 -32.70
C SER M 842 66.59 -76.10 -33.96
N THR M 843 67.84 -75.65 -33.85
CA THR M 843 68.60 -75.22 -35.01
C THR M 843 69.81 -76.11 -35.22
N ARG M 844 70.26 -76.17 -36.48
CA ARG M 844 71.47 -76.90 -36.83
C ARG M 844 72.70 -76.28 -36.18
N THR M 845 72.69 -74.96 -35.96
CA THR M 845 73.79 -74.31 -35.27
C THR M 845 73.92 -74.85 -33.85
N ARG M 846 72.80 -74.91 -33.12
CA ARG M 846 72.83 -75.46 -31.77
C ARG M 846 73.20 -76.94 -31.78
N LEU M 847 72.70 -77.69 -32.76
CA LEU M 847 73.05 -79.10 -32.86
C LEU M 847 74.55 -79.28 -33.03
N GLU M 848 75.17 -78.47 -33.89
CA GLU M 848 76.61 -78.56 -34.11
C GLU M 848 77.39 -78.11 -32.88
N GLU M 849 76.91 -77.08 -32.18
CA GLU M 849 77.51 -76.70 -30.91
C GLU M 849 77.54 -77.87 -29.94
N VAL M 850 76.40 -78.53 -29.75
CA VAL M 850 76.32 -79.66 -28.83
C VAL M 850 77.26 -80.77 -29.25
N LYS M 851 77.20 -81.14 -30.55
CA LYS M 851 78.09 -82.18 -31.07
C LYS M 851 79.55 -81.86 -30.79
N GLY M 852 79.96 -80.64 -31.15
CA GLY M 852 81.36 -80.28 -30.99
C GLY M 852 81.82 -80.29 -29.55
N PHE M 853 81.01 -79.71 -28.64
CA PHE M 853 81.39 -79.69 -27.24
C PHE M 853 81.52 -81.09 -26.67
N PHE M 854 80.47 -81.90 -26.83
CA PHE M 854 80.50 -83.22 -26.22
C PHE M 854 81.47 -84.17 -26.91
N SER M 855 81.88 -83.87 -28.15
CA SER M 855 82.94 -84.65 -28.77
C SER M 855 84.32 -84.20 -28.28
N SER M 856 84.50 -82.88 -28.08
CA SER M 856 85.75 -82.39 -27.52
C SER M 856 85.96 -82.86 -26.10
N LEU M 857 84.89 -83.24 -25.39
CA LEU M 857 85.08 -83.84 -24.08
C LEU M 857 85.92 -85.12 -24.17
N LYS M 858 85.85 -85.84 -25.28
CA LYS M 858 86.66 -87.03 -25.56
C LYS M 858 86.34 -88.07 -24.49
N GLU M 859 87.34 -88.64 -23.80
CA GLU M 859 87.10 -89.73 -22.87
C GLU M 859 86.40 -89.28 -21.60
N ASN M 860 86.03 -88.01 -21.50
CA ASN M 860 85.38 -87.45 -20.33
C ASN M 860 83.94 -87.03 -20.63
N GLY M 861 83.21 -87.85 -21.38
CA GLY M 861 81.79 -87.61 -21.58
C GLY M 861 81.26 -87.68 -23.00
N SER M 862 82.12 -88.01 -23.97
CA SER M 862 81.64 -88.17 -25.34
C SER M 862 80.77 -89.42 -25.50
N GLN M 863 80.95 -90.41 -24.62
CA GLN M 863 80.24 -91.68 -24.71
C GLN M 863 78.98 -91.71 -23.84
N LEU M 864 78.35 -90.56 -23.62
CA LEU M 864 77.19 -90.50 -22.74
C LEU M 864 75.90 -90.79 -23.50
N ARG M 865 75.14 -91.77 -22.99
CA ARG M 865 73.84 -92.08 -23.57
C ARG M 865 72.91 -90.87 -23.50
N CYS M 866 73.04 -90.06 -22.45
CA CYS M 866 72.26 -88.82 -22.39
C CYS M 866 72.70 -87.85 -23.46
N VAL M 867 73.99 -87.82 -23.81
CA VAL M 867 74.44 -86.99 -24.92
C VAL M 867 73.80 -87.46 -26.22
N GLN M 868 73.81 -88.77 -26.47
CA GLN M 868 73.14 -89.29 -27.66
C GLN M 868 71.65 -88.94 -27.67
N GLN M 869 71.01 -89.02 -26.50
CA GLN M 869 69.58 -88.72 -26.43
C GLN M 869 69.32 -87.26 -26.73
N THR M 870 70.15 -86.35 -26.23
CA THR M 870 69.98 -84.93 -26.54
C THR M 870 70.23 -84.66 -28.01
N ILE M 871 71.22 -85.34 -28.61
CA ILE M 871 71.48 -85.16 -30.04
C ILE M 871 70.27 -85.58 -30.86
N GLU M 872 69.72 -86.77 -30.57
CA GLU M 872 68.57 -87.23 -31.33
C GLU M 872 67.32 -86.39 -31.05
N THR M 873 67.17 -85.88 -29.83
CA THR M 873 66.05 -85.00 -29.55
C THR M 873 66.14 -83.70 -30.34
N ILE M 874 67.36 -83.14 -30.45
CA ILE M 874 67.53 -81.92 -31.23
C ILE M 874 67.30 -82.19 -32.71
N GLU M 875 67.72 -83.37 -33.20
CA GLU M 875 67.45 -83.73 -34.59
C GLU M 875 65.94 -83.84 -34.85
N GLU M 876 65.22 -84.51 -33.95
CA GLU M 876 63.77 -84.61 -34.06
C GLU M 876 63.13 -83.24 -33.99
N ASN M 877 63.67 -82.34 -33.15
CA ASN M 877 63.15 -80.99 -33.07
C ASN M 877 63.37 -80.24 -34.38
N ILE M 878 64.54 -80.40 -34.99
CA ILE M 878 64.80 -79.76 -36.28
C ILE M 878 63.79 -80.22 -37.32
N GLY M 879 63.62 -81.53 -37.45
CA GLY M 879 62.66 -82.05 -38.41
C GLY M 879 61.24 -81.58 -38.15
N TRP M 880 60.79 -81.74 -36.90
CA TRP M 880 59.42 -81.39 -36.53
C TRP M 880 59.15 -79.91 -36.72
N MET M 881 60.13 -79.06 -36.39
CA MET M 881 59.95 -77.62 -36.50
C MET M 881 59.94 -77.18 -37.96
N ASP M 882 60.87 -77.68 -38.77
CA ASP M 882 60.86 -77.33 -40.19
C ASP M 882 59.60 -77.80 -40.88
N LYS M 883 59.00 -78.91 -40.42
CA LYS M 883 57.80 -79.37 -41.10
C LYS M 883 56.54 -78.66 -40.61
N ASN M 884 56.41 -78.43 -39.30
CA ASN M 884 55.14 -78.08 -38.71
C ASN M 884 55.02 -76.64 -38.24
N PHE M 885 56.09 -75.85 -38.24
CA PHE M 885 56.03 -74.51 -37.66
C PHE M 885 55.06 -73.61 -38.43
N ASP M 886 55.29 -73.46 -39.74
CA ASP M 886 54.41 -72.61 -40.52
C ASP M 886 52.99 -73.17 -40.57
N LYS M 887 52.86 -74.50 -40.59
CA LYS M 887 51.55 -75.12 -40.48
C LYS M 887 50.86 -74.73 -39.18
N ILE M 888 51.60 -74.71 -38.07
CA ILE M 888 51.02 -74.33 -36.78
C ILE M 888 50.62 -72.87 -36.80
N ARG M 889 51.41 -72.02 -37.46
CA ARG M 889 51.05 -70.61 -37.61
C ARG M 889 49.73 -70.45 -38.37
N VAL M 890 49.59 -71.18 -39.48
CA VAL M 890 48.35 -71.13 -40.26
C VAL M 890 47.18 -71.63 -39.42
N TRP M 891 47.39 -72.70 -38.65
CA TRP M 891 46.32 -73.22 -37.81
C TRP M 891 45.93 -72.23 -36.71
N LEU M 892 46.91 -71.49 -36.19
CA LEU M 892 46.60 -70.48 -35.19
C LEU M 892 45.79 -69.34 -35.79
N GLN M 893 46.12 -68.93 -37.04
CA GLN M 893 45.29 -67.92 -37.69
C GLN M 893 43.87 -68.43 -37.91
N SER M 894 43.73 -69.69 -38.31
CA SER M 894 42.39 -70.24 -38.54
C SER M 894 41.61 -70.34 -37.24
N GLU M 895 42.27 -70.70 -36.14
CA GLU M 895 41.57 -70.80 -34.87
C GLU M 895 41.25 -69.44 -34.29
N LYS M 896 42.11 -68.44 -34.52
CA LYS M 896 41.77 -67.07 -34.13
C LYS M 896 40.59 -66.55 -34.93
N LEU M 897 40.42 -67.02 -36.17
CA LEU M 897 39.24 -66.67 -36.97
C LEU M 897 38.05 -67.56 -36.56
N GLU M 898 37.68 -67.44 -35.28
CA GLU M 898 36.57 -68.20 -34.72
C GLU M 898 35.60 -67.37 -33.90
N ARG M 899 35.99 -66.20 -33.38
CA ARG M 899 35.09 -65.38 -32.59
C ARG M 899 34.42 -64.31 -33.45
N PRO N 30 65.21 135.73 9.30
CA PRO N 30 64.22 136.23 10.26
C PRO N 30 62.80 136.24 9.67
N PHE N 31 61.96 135.31 10.13
CA PHE N 31 60.60 135.20 9.61
C PHE N 31 59.72 136.29 10.18
N PRO N 32 58.96 137.01 9.33
CA PRO N 32 58.18 138.14 9.83
C PRO N 32 56.76 137.75 10.24
N TRP N 33 56.60 136.60 10.88
CA TRP N 33 55.30 136.13 11.35
C TRP N 33 55.52 135.01 12.36
N ASN N 34 54.67 134.98 13.39
CA ASN N 34 54.86 134.04 14.48
C ASN N 34 53.56 133.37 14.90
N LYS N 35 52.54 133.36 14.06
CA LYS N 35 51.27 132.71 14.36
C LYS N 35 50.99 131.61 13.35
N ILE N 36 50.30 130.56 13.80
CA ILE N 36 49.93 129.47 12.91
C ILE N 36 48.84 129.92 11.95
N ARG N 37 47.90 130.72 12.44
CA ARG N 37 46.84 131.26 11.59
C ARG N 37 47.38 132.31 10.62
N LEU N 38 46.69 132.45 9.50
CA LEU N 38 47.10 133.40 8.47
C LEU N 38 46.66 134.81 8.84
N PRO N 39 47.32 135.83 8.30
CA PRO N 39 46.84 137.20 8.48
C PRO N 39 45.47 137.40 7.84
N GLU N 40 44.60 138.15 8.52
CA GLU N 40 43.25 138.36 8.04
C GLU N 40 43.13 139.52 7.05
N TYR N 41 44.20 140.28 6.81
CA TYR N 41 44.12 141.47 5.99
C TYR N 41 44.63 141.25 4.57
N VAL N 42 44.92 140.01 4.19
CA VAL N 42 45.30 139.65 2.82
C VAL N 42 44.30 138.62 2.33
N ILE N 43 43.45 139.01 1.40
CA ILE N 43 42.35 138.16 0.97
C ILE N 43 42.58 137.76 -0.49
N PRO N 44 42.60 136.46 -0.81
CA PRO N 44 42.64 136.04 -2.20
C PRO N 44 41.23 136.06 -2.81
N VAL N 45 41.19 136.16 -4.14
CA VAL N 45 39.90 136.16 -4.84
C VAL N 45 39.87 135.12 -5.94
N HIS N 46 41.02 134.84 -6.55
CA HIS N 46 41.05 133.93 -7.70
C HIS N 46 42.43 133.35 -7.86
N TYR N 47 42.52 132.02 -7.81
CA TYR N 47 43.72 131.27 -8.11
C TYR N 47 43.68 130.82 -9.55
N ASP N 48 44.83 130.85 -10.21
CA ASP N 48 44.98 130.33 -11.57
C ASP N 48 46.16 129.37 -11.51
N LEU N 49 45.87 128.08 -11.49
CA LEU N 49 46.85 127.04 -11.25
C LEU N 49 47.19 126.31 -12.53
N LEU N 50 48.49 126.06 -12.73
CA LEU N 50 48.99 125.26 -13.85
C LEU N 50 49.87 124.16 -13.27
N ILE N 51 49.44 122.92 -13.43
CA ILE N 51 50.13 121.76 -12.87
C ILE N 51 50.56 120.86 -14.01
N HIS N 52 51.83 120.48 -14.02
CA HIS N 52 52.37 119.49 -14.96
C HIS N 52 52.91 118.34 -14.12
N ALA N 53 52.16 117.25 -14.07
CA ALA N 53 52.54 116.06 -13.31
C ALA N 53 53.25 115.06 -14.22
N ASN N 54 54.38 114.43 -13.77
CA ASN N 54 55.14 113.43 -14.56
C ASN N 54 55.04 112.08 -13.83
N LEU N 55 54.25 111.16 -14.39
CA LEU N 55 54.05 109.83 -13.82
C LEU N 55 55.29 108.95 -13.96
N THR N 56 56.05 109.10 -15.04
CA THR N 56 57.24 108.28 -15.22
C THR N 56 58.31 108.62 -14.19
N THR N 57 58.63 109.90 -14.03
CA THR N 57 59.63 110.32 -13.06
C THR N 57 59.03 110.63 -11.70
N LEU N 58 57.75 110.59 -11.54
CA LEU N 58 57.08 110.88 -10.27
C LEU N 58 57.45 112.27 -9.76
N THR N 59 57.34 113.26 -10.64
CA THR N 59 57.65 114.65 -10.33
C THR N 59 56.48 115.52 -10.78
N PHE N 60 56.55 116.82 -10.46
CA PHE N 60 55.62 117.77 -11.05
C PHE N 60 56.11 119.20 -10.80
N TRP N 61 56.03 120.02 -11.85
CA TRP N 61 56.30 121.45 -11.79
CA TRP N 61 56.29 121.45 -11.73
C TRP N 61 54.98 122.21 -11.86
N GLY N 62 54.89 123.30 -11.11
CA GLY N 62 53.64 124.05 -11.06
C GLY N 62 53.87 125.55 -11.10
N THR N 63 52.84 126.25 -11.57
CA THR N 63 52.81 127.71 -11.60
C THR N 63 51.49 128.17 -11.00
N THR N 64 51.55 129.03 -10.00
CA THR N 64 50.38 129.51 -9.27
C THR N 64 50.31 131.03 -9.40
N LYS N 65 49.23 131.52 -10.00
CA LYS N 65 48.95 132.96 -10.07
C LYS N 65 47.73 133.23 -9.20
N VAL N 66 47.94 133.90 -8.07
CA VAL N 66 46.88 134.19 -7.11
C VAL N 66 46.63 135.69 -7.10
N GLU N 67 45.39 136.07 -7.38
CA GLU N 67 44.96 137.47 -7.27
C GLU N 67 44.54 137.76 -5.84
N ILE N 68 45.11 138.80 -5.25
CA ILE N 68 44.89 139.14 -3.86
C ILE N 68 44.59 140.63 -3.73
N THR N 69 43.97 140.98 -2.60
CA THR N 69 43.78 142.36 -2.18
C THR N 69 44.20 142.48 -0.72
N ALA N 70 44.61 143.69 -0.35
CA ALA N 70 45.10 143.97 1.01
C ALA N 70 44.29 145.10 1.61
N SER N 71 43.94 144.95 2.89
CA SER N 71 43.22 145.98 3.62
C SER N 71 44.12 146.82 4.51
N GLN N 72 45.26 146.28 4.95
CA GLN N 72 46.24 147.03 5.71
C GLN N 72 47.53 147.15 4.90
N PRO N 73 48.11 148.34 4.81
CA PRO N 73 49.35 148.50 4.03
C PRO N 73 50.46 147.61 4.58
N THR N 74 50.97 146.73 3.73
CA THR N 74 52.02 145.81 4.12
C THR N 74 52.94 145.54 2.94
N SER N 75 54.17 145.14 3.26
CA SER N 75 55.16 144.71 2.27
C SER N 75 55.50 143.23 2.44
N THR N 76 54.69 142.49 3.18
CA THR N 76 54.92 141.07 3.45
C THR N 76 53.63 140.30 3.23
N ILE N 77 53.69 139.26 2.42
CA ILE N 77 52.55 138.41 2.11
C ILE N 77 52.83 137.03 2.67
N ILE N 78 52.00 136.55 3.58
CA ILE N 78 52.18 135.26 4.23
C ILE N 78 51.20 134.27 3.63
N LEU N 79 51.70 133.09 3.25
CA LEU N 79 50.82 132.05 2.74
C LEU N 79 51.44 130.70 3.07
N HIS N 80 50.70 129.64 2.73
CA HIS N 80 51.09 128.28 3.09
C HIS N 80 51.86 127.61 1.96
N SER N 81 52.82 126.77 2.35
CA SER N 81 53.59 125.96 1.42
C SER N 81 54.30 124.86 2.22
N HIS N 82 54.25 123.63 1.73
CA HIS N 82 54.80 122.49 2.47
C HIS N 82 55.42 121.52 1.48
N HIS N 83 56.71 121.21 1.70
CA HIS N 83 57.44 120.26 0.87
C HIS N 83 57.43 120.67 -0.60
N LEU N 84 57.50 121.98 -0.85
CA LEU N 84 57.51 122.54 -2.20
C LEU N 84 58.75 123.39 -2.40
N GLN N 85 59.49 123.12 -3.47
CA GLN N 85 60.69 123.88 -3.81
C GLN N 85 60.29 125.09 -4.63
N ILE N 86 60.36 126.28 -4.02
CA ILE N 86 60.04 127.52 -4.73
C ILE N 86 61.27 127.96 -5.51
N SER N 87 61.08 128.25 -6.81
CA SER N 87 62.18 128.61 -7.68
C SER N 87 62.10 130.02 -8.25
N ARG N 88 60.95 130.68 -8.15
CA ARG N 88 60.77 131.98 -8.79
C ARG N 88 59.48 132.61 -8.26
N ALA N 89 59.55 133.91 -7.94
CA ALA N 89 58.40 134.60 -7.36
C ALA N 89 58.36 136.03 -7.85
N THR N 90 57.23 136.43 -8.43
CA THR N 90 57.03 137.79 -8.93
C THR N 90 55.71 138.34 -8.41
N LEU N 91 55.59 139.66 -8.43
CA LEU N 91 54.41 140.37 -7.95
C LEU N 91 54.04 141.42 -8.99
N ARG N 92 52.89 141.23 -9.64
CA ARG N 92 52.40 142.16 -10.64
C ARG N 92 51.34 143.08 -10.04
N LYS N 93 51.36 144.34 -10.45
CA LYS N 93 50.45 145.36 -9.94
C LYS N 93 49.49 145.77 -11.05
N GLY N 94 48.22 145.45 -10.87
CA GLY N 94 47.21 145.74 -11.88
C GLY N 94 46.57 144.49 -12.44
N LEU N 99 50.84 145.77 -15.36
CA LEU N 99 51.85 146.61 -16.02
C LEU N 99 53.21 146.44 -15.37
N SER N 100 53.30 146.80 -14.09
CA SER N 100 54.56 146.74 -13.35
C SER N 100 54.69 145.39 -12.65
N GLU N 101 55.84 144.76 -12.83
CA GLU N 101 56.16 143.48 -12.21
C GLU N 101 57.44 143.64 -11.41
N GLU N 102 57.43 143.14 -10.16
CA GLU N 102 58.56 143.30 -9.26
C GLU N 102 58.92 141.95 -8.63
N PRO N 103 60.20 141.68 -8.42
CA PRO N 103 60.57 140.41 -7.79
C PRO N 103 60.26 140.42 -6.29
N LEU N 104 59.99 139.23 -5.76
CA LEU N 104 59.71 139.04 -4.34
C LEU N 104 60.81 138.19 -3.73
N GLN N 105 61.17 138.50 -2.49
CA GLN N 105 62.11 137.66 -1.75
C GLN N 105 61.34 136.61 -0.96
N VAL N 106 61.88 135.40 -0.92
CA VAL N 106 61.18 134.25 -0.36
C VAL N 106 61.83 133.88 0.96
N LEU N 107 61.02 133.82 2.02
CA LEU N 107 61.44 133.30 3.31
C LEU N 107 60.58 132.08 3.64
N GLU N 108 61.19 131.09 4.27
CA GLU N 108 60.57 129.79 4.48
C GLU N 108 60.50 129.48 5.97
N HIS N 109 59.39 128.89 6.40
CA HIS N 109 59.21 128.44 7.78
C HIS N 109 58.62 127.04 7.74
N PRO N 110 59.45 126.00 7.85
CA PRO N 110 58.91 124.63 7.77
C PRO N 110 58.09 124.24 8.98
N ARG N 111 58.35 124.83 10.14
CA ARG N 111 57.58 124.47 11.34
C ARG N 111 56.13 124.93 11.22
N GLN N 112 55.92 126.14 10.72
CA GLN N 112 54.58 126.66 10.50
C GLN N 112 54.03 126.34 9.12
N GLU N 113 54.80 125.61 8.30
CA GLU N 113 54.39 125.24 6.95
C GLU N 113 54.03 126.47 6.12
N GLN N 114 54.85 127.52 6.23
CA GLN N 114 54.53 128.79 5.60
C GLN N 114 55.70 129.34 4.80
N ILE N 115 55.37 130.26 3.90
CA ILE N 115 56.36 131.09 3.22
C ILE N 115 55.90 132.55 3.27
N ALA N 116 56.89 133.43 3.36
CA ALA N 116 56.69 134.87 3.37
C ALA N 116 57.30 135.48 2.12
N LEU N 117 56.54 136.31 1.43
CA LEU N 117 56.98 136.99 0.23
C LEU N 117 57.18 138.46 0.54
N LEU N 118 58.39 138.95 0.31
CA LEU N 118 58.76 140.32 0.62
C LEU N 118 58.79 141.13 -0.68
N ALA N 119 58.06 142.25 -0.67
CA ALA N 119 57.88 143.16 -1.79
C ALA N 119 58.68 144.44 -1.58
N PRO N 120 59.32 144.95 -2.63
CA PRO N 120 60.13 146.17 -2.47
C PRO N 120 59.31 147.38 -2.04
N GLU N 121 58.14 147.59 -2.65
CA GLU N 121 57.30 148.73 -2.31
C GLU N 121 56.04 148.25 -1.62
N PRO N 122 55.63 148.90 -0.53
CA PRO N 122 54.45 148.43 0.21
C PRO N 122 53.20 148.44 -0.65
N LEU N 123 52.38 147.40 -0.47
CA LEU N 123 51.15 147.26 -1.23
C LEU N 123 50.17 148.37 -0.85
N LEU N 124 49.46 148.88 -1.86
CA LEU N 124 48.47 149.93 -1.64
C LEU N 124 47.11 149.31 -1.37
N VAL N 125 46.45 149.79 -0.32
CA VAL N 125 45.14 149.25 0.05
C VAL N 125 44.12 149.53 -1.05
N GLY N 126 43.25 148.57 -1.30
CA GLY N 126 42.22 148.69 -2.31
C GLY N 126 42.67 148.38 -3.72
N LEU N 127 43.93 148.02 -3.93
CA LEU N 127 44.42 147.70 -5.26
C LEU N 127 44.54 146.18 -5.43
N PRO N 128 44.24 145.66 -6.61
CA PRO N 128 44.43 144.23 -6.85
C PRO N 128 45.85 143.90 -7.28
N TYR N 129 46.45 142.89 -6.66
CA TYR N 129 47.79 142.46 -7.03
C TYR N 129 47.77 140.99 -7.41
N THR N 130 48.80 140.55 -8.12
CA THR N 130 48.88 139.18 -8.60
C THR N 130 50.23 138.59 -8.22
N VAL N 131 50.22 137.60 -7.32
CA VAL N 131 51.43 136.89 -6.94
C VAL N 131 51.59 135.70 -7.86
N VAL N 132 52.78 135.56 -8.45
CA VAL N 132 53.08 134.50 -9.39
C VAL N 132 54.24 133.70 -8.83
N ILE N 133 54.00 132.42 -8.56
CA ILE N 133 54.98 131.54 -7.92
C ILE N 133 55.23 130.34 -8.82
N HIS N 134 56.49 130.03 -9.07
CA HIS N 134 56.90 128.83 -9.78
C HIS N 134 57.52 127.86 -8.78
N TYR N 135 57.13 126.59 -8.85
CA TYR N 135 57.57 125.63 -7.84
C TYR N 135 57.67 124.25 -8.46
N ALA N 136 58.26 123.33 -7.70
CA ALA N 136 58.38 121.94 -8.11
C ALA N 136 58.21 121.04 -6.90
N GLY N 137 58.01 119.76 -7.17
CA GLY N 137 57.86 118.78 -6.11
C GLY N 137 57.66 117.42 -6.72
N ASN N 138 57.36 116.43 -5.87
CA ASN N 138 56.99 115.11 -6.37
C ASN N 138 55.74 114.60 -5.67
N LEU N 139 55.03 113.74 -6.39
CA LEU N 139 53.86 113.03 -5.88
C LEU N 139 54.15 112.36 -4.55
N SER N 140 53.32 112.68 -3.56
CA SER N 140 53.46 112.06 -2.24
C SER N 140 53.23 110.56 -2.31
N GLU N 141 54.07 109.79 -1.63
CA GLU N 141 53.86 108.35 -1.52
C GLU N 141 52.86 107.98 -0.45
N THR N 142 52.25 108.96 0.20
CA THR N 142 51.29 108.71 1.27
C THR N 142 49.87 108.67 0.74
N PHE N 143 48.91 109.05 1.58
CA PHE N 143 47.50 109.06 1.22
C PHE N 143 46.91 110.46 1.18
N HIS N 144 47.73 111.50 1.29
CA HIS N 144 47.26 112.87 1.30
C HIS N 144 48.10 113.71 0.35
N GLY N 145 47.66 114.95 0.14
CA GLY N 145 48.33 115.85 -0.78
C GLY N 145 48.07 115.50 -2.23
N PHE N 146 49.09 115.64 -3.07
CA PHE N 146 49.05 115.20 -4.46
C PHE N 146 49.82 113.88 -4.52
N TYR N 147 49.10 112.77 -4.39
CA TYR N 147 49.73 111.48 -4.12
C TYR N 147 49.54 110.53 -5.29
N LYS N 148 50.30 109.43 -5.23
CA LYS N 148 50.32 108.41 -6.27
C LYS N 148 49.45 107.23 -5.88
N SER N 149 48.83 106.62 -6.90
CA SER N 149 48.07 105.39 -6.72
C SER N 149 48.45 104.44 -7.84
N THR N 150 48.36 103.14 -7.55
CA THR N 150 48.69 102.10 -8.52
C THR N 150 47.56 101.08 -8.58
N TYR N 151 47.44 100.43 -9.73
CA TYR N 151 46.44 99.39 -9.89
C TYR N 151 46.99 98.28 -10.78
N ARG N 152 46.46 97.08 -10.58
CA ARG N 152 46.89 95.89 -11.31
C ARG N 152 45.90 95.57 -12.42
N THR N 153 46.41 95.40 -13.64
CA THR N 153 45.59 94.94 -14.75
C THR N 153 45.39 93.44 -14.67
N LYS N 154 44.45 92.94 -15.47
CA LYS N 154 44.18 91.50 -15.51
C LYS N 154 45.31 90.71 -16.14
N GLU N 155 46.30 91.38 -16.75
CA GLU N 155 47.47 90.73 -17.31
C GLU N 155 48.67 90.79 -16.36
N GLY N 156 48.47 91.28 -15.13
CA GLY N 156 49.54 91.37 -14.16
C GLY N 156 50.36 92.64 -14.22
N GLU N 157 50.15 93.49 -15.22
CA GLU N 157 50.91 94.73 -15.32
C GLU N 157 50.46 95.72 -14.26
N LEU N 158 51.36 96.61 -13.88
CA LEU N 158 51.10 97.64 -12.88
C LEU N 158 50.99 99.00 -13.56
N ARG N 159 49.93 99.73 -13.26
CA ARG N 159 49.70 101.04 -13.86
C ARG N 159 49.60 102.08 -12.77
N ILE N 160 50.00 103.31 -13.12
CA ILE N 160 50.19 104.41 -12.17
C ILE N 160 49.22 105.53 -12.52
N LEU N 161 48.68 106.17 -11.48
CA LEU N 161 47.86 107.38 -11.63
C LEU N 161 48.19 108.33 -10.47
N ALA N 162 47.77 109.58 -10.63
CA ALA N 162 47.99 110.60 -9.62
C ALA N 162 46.65 111.18 -9.19
N SER N 163 46.41 111.19 -7.88
CA SER N 163 45.15 111.67 -7.32
C SER N 163 45.46 112.72 -6.25
N THR N 164 44.40 113.35 -5.76
CA THR N 164 44.51 114.41 -4.78
C THR N 164 43.68 114.09 -3.54
N GLN N 165 44.10 114.67 -2.41
CA GLN N 165 43.34 114.60 -1.17
C GLN N 165 43.81 115.79 -0.32
N PHE N 166 43.01 116.86 -0.31
CA PHE N 166 43.46 118.12 0.27
C PHE N 166 42.89 118.42 1.65
N GLU N 167 41.76 117.82 2.02
CA GLU N 167 41.25 118.02 3.36
C GLU N 167 42.20 117.36 4.36
N PRO N 168 42.60 118.06 5.44
CA PRO N 168 42.21 119.44 5.70
C PRO N 168 43.23 120.50 5.28
N THR N 169 44.53 120.20 5.44
CA THR N 169 45.60 121.17 5.20
C THR N 169 46.63 120.61 4.23
N ALA N 170 46.18 119.89 3.21
CA ALA N 170 47.07 119.23 2.27
C ALA N 170 47.15 119.93 0.92
N ALA N 171 46.32 120.93 0.66
CA ALA N 171 46.43 121.69 -0.58
C ALA N 171 47.77 122.39 -0.69
N ARG N 172 48.37 122.77 0.45
CA ARG N 172 49.68 123.41 0.44
C ARG N 172 50.78 122.49 -0.08
N MET N 173 50.57 121.16 -0.04
CA MET N 173 51.56 120.23 -0.57
C MET N 173 51.52 120.12 -2.10
N ALA N 174 50.57 120.76 -2.76
CA ALA N 174 50.44 120.69 -4.20
C ALA N 174 50.52 122.06 -4.87
N PHE N 175 49.97 123.10 -4.24
CA PHE N 175 50.09 124.44 -4.76
C PHE N 175 50.12 125.43 -3.59
N PRO N 176 51.02 126.41 -3.60
CA PRO N 176 51.04 127.40 -2.53
C PRO N 176 49.81 128.29 -2.59
N CYS N 177 49.21 128.53 -1.44
CA CYS N 177 47.92 129.21 -1.37
C CYS N 177 47.68 129.65 0.07
N PHE N 178 46.53 130.28 0.28
CA PHE N 178 46.05 130.62 1.62
C PHE N 178 45.18 129.46 2.09
N ASP N 179 45.86 128.40 2.56
CA ASP N 179 45.22 127.10 2.81
C ASP N 179 44.44 127.14 4.11
N GLU N 180 43.35 127.91 4.10
CA GLU N 180 42.39 127.94 5.18
C GLU N 180 40.99 127.95 4.60
N PRO N 181 40.01 127.36 5.30
CA PRO N 181 38.65 127.31 4.75
C PRO N 181 37.97 128.66 4.65
N ALA N 182 38.49 129.69 5.32
CA ALA N 182 37.85 130.99 5.31
C ALA N 182 38.21 131.80 4.07
N PHE N 183 39.39 131.57 3.49
CA PHE N 183 39.84 132.29 2.30
C PHE N 183 39.29 131.60 1.07
N LYS N 184 38.01 131.82 0.81
CA LYS N 184 37.37 131.26 -0.37
C LYS N 184 37.75 132.07 -1.60
N ALA N 185 37.79 131.40 -2.76
CA ALA N 185 38.18 132.04 -4.00
C ALA N 185 37.75 131.16 -5.16
N SER N 186 37.89 131.70 -6.37
CA SER N 186 37.66 130.91 -7.57
C SER N 186 38.95 130.25 -8.02
N PHE N 187 38.83 129.22 -8.84
CA PHE N 187 39.99 128.43 -9.27
C PHE N 187 39.89 128.13 -10.75
N SER N 188 40.90 128.59 -11.52
CA SER N 188 41.04 128.24 -12.93
C SER N 188 42.20 127.24 -13.05
N ILE N 189 41.88 126.00 -13.40
CA ILE N 189 42.83 124.89 -13.35
C ILE N 189 43.27 124.52 -14.76
N LYS N 190 44.58 124.28 -14.92
CA LYS N 190 45.16 123.77 -16.15
C LYS N 190 46.10 122.64 -15.81
N ILE N 191 45.91 121.50 -16.45
CA ILE N 191 46.69 120.29 -16.16
C ILE N 191 47.38 119.82 -17.43
N ARG N 192 48.66 119.46 -17.31
CA ARG N 192 49.43 118.95 -18.44
C ARG N 192 49.64 117.45 -18.29
N ARG N 193 49.50 116.74 -19.40
CA ARG N 193 49.52 115.28 -19.37
C ARG N 193 50.05 114.76 -20.70
N GLU N 194 50.41 113.48 -20.71
CA GLU N 194 50.66 112.80 -21.97
C GLU N 194 49.33 112.54 -22.69
N PRO N 195 49.38 112.34 -24.02
CA PRO N 195 48.13 111.99 -24.72
C PRO N 195 47.49 110.72 -24.20
N ARG N 196 48.31 109.73 -23.78
CA ARG N 196 47.80 108.46 -23.29
C ARG N 196 46.99 108.60 -22.01
N HIS N 197 46.98 109.78 -21.41
CA HIS N 197 46.33 110.00 -20.12
C HIS N 197 45.01 110.73 -20.27
N LEU N 198 44.31 110.83 -19.14
CA LEU N 198 43.01 111.45 -19.02
C LEU N 198 42.99 112.27 -17.74
N ALA N 199 42.62 113.54 -17.86
CA ALA N 199 42.63 114.47 -16.75
C ALA N 199 41.20 114.93 -16.45
N ILE N 200 40.81 114.86 -15.19
CA ILE N 200 39.52 115.37 -14.75
C ILE N 200 39.74 116.23 -13.50
N SER N 201 38.84 117.18 -13.30
CA SER N 201 38.98 118.14 -12.20
C SER N 201 37.58 118.52 -11.71
N ASN N 202 37.49 119.65 -11.01
CA ASN N 202 36.23 120.04 -10.38
C ASN N 202 35.19 120.43 -11.44
N MET N 203 35.60 121.20 -12.44
CA MET N 203 34.74 121.72 -13.48
C MET N 203 34.90 120.91 -14.76
N PRO N 204 33.99 121.06 -15.72
CA PRO N 204 34.19 120.37 -17.01
C PRO N 204 35.40 120.88 -17.76
N LEU N 205 35.89 120.04 -18.65
CA LEU N 205 37.03 120.39 -19.50
C LEU N 205 36.56 121.31 -20.62
N VAL N 206 37.14 122.51 -20.71
CA VAL N 206 36.71 123.47 -21.71
C VAL N 206 37.45 123.28 -23.02
N LYS N 207 38.77 123.11 -22.99
CA LYS N 207 39.53 122.89 -24.21
C LYS N 207 40.85 122.22 -23.87
N SER N 208 41.44 121.60 -24.89
CA SER N 208 42.72 120.92 -24.80
C SER N 208 43.65 121.45 -25.89
N VAL N 209 44.84 121.91 -25.49
CA VAL N 209 45.80 122.53 -26.39
C VAL N 209 47.08 121.72 -26.40
N THR N 210 47.65 121.54 -27.59
CA THR N 210 48.90 120.78 -27.75
C THR N 210 50.09 121.68 -27.48
N VAL N 211 50.28 121.99 -26.20
CA VAL N 211 51.41 122.82 -25.79
C VAL N 211 52.71 122.04 -25.94
N ALA N 212 53.77 122.75 -26.30
CA ALA N 212 55.13 122.18 -26.53
C ALA N 212 54.97 121.05 -27.57
N GLU N 213 55.60 119.89 -27.37
CA GLU N 213 55.44 118.77 -28.30
C GLU N 213 55.21 117.48 -27.52
N GLY N 214 54.18 116.72 -27.89
CA GLY N 214 53.97 115.40 -27.33
C GLY N 214 53.18 115.34 -26.05
N LEU N 215 52.80 116.49 -25.48
CA LEU N 215 51.99 116.53 -24.26
C LEU N 215 50.87 117.55 -24.41
N ILE N 216 49.66 117.15 -24.03
CA ILE N 216 48.48 118.00 -24.14
C ILE N 216 48.23 118.74 -22.84
N GLU N 217 47.63 119.93 -22.94
CA GLU N 217 47.27 120.76 -21.80
C GLU N 217 45.76 120.94 -21.77
N ASP N 218 45.15 120.60 -20.64
CA ASP N 218 43.71 120.68 -20.44
C ASP N 218 43.38 121.92 -19.61
N HIS N 219 42.57 122.81 -20.19
CA HIS N 219 42.05 123.98 -19.50
C HIS N 219 40.65 123.65 -18.98
N PHE N 220 40.47 123.71 -17.67
CA PHE N 220 39.16 123.47 -17.08
C PHE N 220 38.45 124.78 -16.81
N ASP N 221 37.12 124.70 -16.73
CA ASP N 221 36.31 125.88 -16.43
C ASP N 221 36.63 126.38 -15.02
N VAL N 222 36.19 127.60 -14.74
CA VAL N 222 36.47 128.22 -13.46
C VAL N 222 35.44 127.77 -12.43
N THR N 223 35.90 127.49 -11.21
CA THR N 223 35.02 127.03 -10.15
C THR N 223 34.30 128.23 -9.52
N VAL N 224 33.43 127.95 -8.55
CA VAL N 224 32.72 128.99 -7.84
C VAL N 224 33.47 129.33 -6.56
N LYS N 225 32.89 130.20 -5.74
CA LYS N 225 33.47 130.53 -4.44
C LYS N 225 33.49 129.30 -3.54
N MET N 226 34.68 128.75 -3.31
CA MET N 226 34.81 127.53 -2.52
C MET N 226 36.12 127.57 -1.76
N SER N 227 36.20 126.76 -0.71
CA SER N 227 37.41 126.68 0.09
C SER N 227 38.50 125.93 -0.67
N THR N 228 39.72 126.05 -0.17
CA THR N 228 40.88 125.49 -0.88
C THR N 228 40.93 123.98 -0.79
N TYR N 229 40.42 123.39 0.29
CA TYR N 229 40.51 121.94 0.45
C TYR N 229 39.62 121.17 -0.51
N LEU N 230 38.78 121.86 -1.28
CA LEU N 230 37.88 121.21 -2.23
C LEU N 230 38.48 121.09 -3.63
N VAL N 231 39.68 121.64 -3.86
CA VAL N 231 40.33 121.50 -5.16
C VAL N 231 40.74 120.05 -5.35
N ALA N 232 40.60 119.56 -6.59
CA ALA N 232 40.96 118.18 -6.89
C ALA N 232 41.22 118.03 -8.38
N PHE N 233 42.07 117.06 -8.71
CA PHE N 233 42.36 116.74 -10.10
C PHE N 233 42.95 115.33 -10.15
N ILE N 234 42.67 114.63 -11.24
CA ILE N 234 43.05 113.23 -11.40
C ILE N 234 43.63 113.04 -12.80
N ILE N 235 44.80 112.42 -12.87
CA ILE N 235 45.46 112.02 -14.11
C ILE N 235 45.54 110.50 -14.09
N SER N 236 44.84 109.85 -15.01
CA SER N 236 44.78 108.39 -15.02
C SER N 236 44.43 107.92 -16.43
N ASP N 237 43.85 106.72 -16.54
CA ASP N 237 43.27 106.21 -17.78
C ASP N 237 41.93 105.56 -17.48
N PHE N 238 41.12 106.21 -16.65
CA PHE N 238 39.85 105.66 -16.21
C PHE N 238 38.85 105.54 -17.36
N GLU N 239 38.00 104.53 -17.27
CA GLU N 239 36.76 104.51 -18.02
C GLU N 239 35.63 105.07 -17.17
N SER N 240 34.54 105.48 -17.82
CA SER N 240 33.46 106.15 -17.10
C SER N 240 32.10 105.74 -17.66
N VAL N 241 31.09 105.90 -16.82
CA VAL N 241 29.68 105.75 -17.21
C VAL N 241 28.94 107.02 -16.79
N SER N 242 28.08 107.52 -17.60
CA SER N 242 27.41 108.81 -17.30
C SER N 242 25.89 108.67 -17.40
N LYS N 243 25.18 109.61 -16.87
CA LYS N 243 23.72 109.69 -16.82
C LYS N 243 23.35 111.13 -16.50
N ILE N 244 22.12 111.51 -16.85
CA ILE N 244 21.64 112.88 -16.65
C ILE N 244 20.59 112.88 -15.55
N THR N 245 20.61 113.93 -14.72
CA THR N 245 19.55 114.15 -13.74
C THR N 245 18.34 114.80 -14.40
N LYS N 246 17.24 114.87 -13.66
CA LYS N 246 16.07 115.59 -14.14
C LYS N 246 16.30 117.09 -14.19
N SER N 247 17.37 117.59 -13.58
CA SER N 247 17.72 119.00 -13.61
C SER N 247 18.83 119.32 -14.62
N GLY N 248 19.32 118.32 -15.35
CA GLY N 248 20.30 118.54 -16.39
C GLY N 248 21.74 118.41 -15.96
N VAL N 249 22.01 117.94 -14.76
CA VAL N 249 23.39 117.77 -14.30
C VAL N 249 23.94 116.48 -14.88
N LYS N 250 25.18 116.53 -15.36
CA LYS N 250 25.84 115.37 -15.96
C LYS N 250 26.56 114.63 -14.86
N VAL N 251 26.00 113.50 -14.41
CA VAL N 251 26.59 112.69 -13.36
C VAL N 251 27.34 111.54 -14.02
N SER N 252 28.61 111.40 -13.66
CA SER N 252 29.47 110.37 -14.23
C SER N 252 30.22 109.66 -13.12
N VAL N 253 30.62 108.42 -13.40
CA VAL N 253 31.38 107.60 -12.47
C VAL N 253 32.59 107.05 -13.22
N TYR N 254 33.77 107.39 -12.72
CA TYR N 254 35.05 106.95 -13.29
C TYR N 254 35.65 105.85 -12.43
N ALA N 255 36.30 104.90 -13.10
CA ALA N 255 36.99 103.82 -12.40
C ALA N 255 38.04 103.23 -13.33
N VAL N 256 38.86 102.35 -12.76
CA VAL N 256 39.89 101.64 -13.51
C VAL N 256 39.22 100.80 -14.58
N PRO N 257 39.87 100.54 -15.71
CA PRO N 257 39.18 99.90 -16.84
C PRO N 257 38.57 98.54 -16.50
N ASP N 258 39.21 97.76 -15.63
CA ASP N 258 38.74 96.41 -15.35
C ASP N 258 37.58 96.35 -14.36
N LYS N 259 37.19 97.47 -13.75
CA LYS N 259 36.12 97.45 -12.74
C LYS N 259 34.97 98.39 -13.07
N ILE N 260 34.93 98.95 -14.29
CA ILE N 260 33.91 99.95 -14.61
C ILE N 260 32.52 99.32 -14.61
N ASN N 261 32.43 98.01 -14.83
CA ASN N 261 31.14 97.33 -14.83
C ASN N 261 30.52 97.21 -13.44
N GLN N 262 31.19 97.71 -12.38
CA GLN N 262 30.63 97.66 -11.04
C GLN N 262 30.09 99.01 -10.57
N ALA N 263 29.92 99.96 -11.48
CA ALA N 263 29.54 101.33 -11.14
C ALA N 263 28.06 101.63 -11.36
N ASP N 264 27.26 100.64 -11.73
CA ASP N 264 25.87 100.92 -12.10
C ASP N 264 25.06 101.39 -10.90
N TYR N 265 25.09 100.64 -9.79
CA TYR N 265 24.34 101.05 -8.62
C TYR N 265 24.83 102.39 -8.09
N ALA N 266 26.15 102.61 -8.13
CA ALA N 266 26.70 103.89 -7.70
C ALA N 266 26.12 105.04 -8.51
N LEU N 267 26.12 104.90 -9.84
CA LEU N 267 25.63 105.98 -10.70
C LEU N 267 24.14 106.22 -10.50
N ASP N 268 23.35 105.14 -10.44
CA ASP N 268 21.90 105.28 -10.28
C ASP N 268 21.56 105.94 -8.94
N ALA N 269 22.14 105.42 -7.85
CA ALA N 269 21.88 106.01 -6.54
C ALA N 269 22.40 107.44 -6.46
N ALA N 270 23.49 107.75 -7.17
CA ALA N 270 24.00 109.11 -7.19
C ALA N 270 22.99 110.06 -7.83
N VAL N 271 22.44 109.65 -8.99
CA VAL N 271 21.44 110.49 -9.65
C VAL N 271 20.24 110.70 -8.74
N THR N 272 19.75 109.61 -8.15
CA THR N 272 18.57 109.71 -7.27
C THR N 272 18.84 110.62 -6.08
N LEU N 273 19.99 110.45 -5.43
CA LEU N 273 20.27 111.24 -4.23
C LEU N 273 20.53 112.70 -4.56
N LEU N 274 21.17 112.98 -5.70
CA LEU N 274 21.38 114.37 -6.10
C LEU N 274 20.05 115.07 -6.38
N GLU N 275 19.15 114.39 -7.10
CA GLU N 275 17.83 114.96 -7.32
C GLU N 275 17.10 115.19 -6.00
N PHE N 276 17.18 114.22 -5.08
CA PHE N 276 16.53 114.38 -3.79
C PHE N 276 17.07 115.59 -3.05
N TYR N 277 18.39 115.76 -3.03
CA TYR N 277 18.99 116.86 -2.28
C TYR N 277 18.60 118.20 -2.91
N GLU N 278 18.64 118.29 -4.23
CA GLU N 278 18.18 119.49 -4.91
C GLU N 278 16.76 119.85 -4.50
N ASP N 279 15.85 118.87 -4.61
CA ASP N 279 14.44 119.14 -4.28
C ASP N 279 14.26 119.51 -2.81
N TYR N 280 14.94 118.79 -1.92
CA TYR N 280 14.76 119.00 -0.48
C TYR N 280 15.27 120.36 -0.04
N PHE N 281 16.49 120.71 -0.44
CA PHE N 281 17.06 121.98 -0.01
C PHE N 281 16.48 123.18 -0.77
N SER N 282 15.75 122.94 -1.87
CA SER N 282 15.25 124.00 -2.73
C SER N 282 16.40 124.86 -3.25
N ILE N 283 17.55 124.23 -3.46
CA ILE N 283 18.77 124.90 -3.92
C ILE N 283 19.39 124.04 -5.02
N PRO N 284 19.40 124.50 -6.27
CA PRO N 284 19.95 123.66 -7.35
C PRO N 284 21.44 123.42 -7.19
N TYR N 285 21.89 122.32 -7.76
CA TYR N 285 23.31 122.00 -7.78
C TYR N 285 24.02 123.00 -8.70
N PRO N 286 24.98 123.79 -8.19
CA PRO N 286 25.49 124.91 -9.00
C PRO N 286 26.42 124.49 -10.12
N LEU N 287 27.12 123.37 -9.98
CA LEU N 287 28.10 123.01 -11.00
C LEU N 287 27.43 122.27 -12.16
N PRO N 288 28.03 122.33 -13.35
CA PRO N 288 27.44 121.63 -14.50
C PRO N 288 27.49 120.12 -14.39
N LYS N 289 28.56 119.55 -13.84
CA LYS N 289 28.73 118.11 -13.80
C LYS N 289 29.07 117.67 -12.39
N GLN N 290 28.76 116.41 -12.10
CA GLN N 290 29.11 115.75 -10.86
C GLN N 290 29.78 114.42 -11.20
N ASP N 291 30.98 114.21 -10.66
CA ASP N 291 31.78 113.03 -10.97
C ASP N 291 32.07 112.25 -9.70
N LEU N 292 32.09 110.92 -9.82
CA LEU N 292 32.37 110.00 -8.72
C LEU N 292 33.47 109.05 -9.18
N ALA N 293 34.68 109.25 -8.66
CA ALA N 293 35.85 108.50 -9.10
C ALA N 293 36.26 107.50 -8.03
N ALA N 294 36.52 106.26 -8.44
CA ALA N 294 36.95 105.20 -7.53
C ALA N 294 38.47 105.13 -7.57
N ILE N 295 39.12 105.63 -6.52
CA ILE N 295 40.58 105.70 -6.45
C ILE N 295 41.12 104.42 -5.84
N PRO N 296 42.11 103.78 -6.48
CA PRO N 296 42.64 102.52 -5.94
C PRO N 296 43.33 102.67 -4.60
N ASP N 297 43.99 103.80 -4.34
CA ASP N 297 44.67 104.06 -3.07
C ASP N 297 43.97 105.25 -2.40
N PHE N 298 43.21 104.97 -1.34
CA PHE N 298 42.51 106.02 -0.63
C PHE N 298 42.52 105.73 0.86
N GLN N 299 42.67 106.80 1.66
CA GLN N 299 42.72 106.70 3.10
C GLN N 299 41.34 106.77 3.73
N SER N 300 40.58 107.82 3.43
CA SER N 300 39.25 107.98 3.96
C SER N 300 38.29 107.01 3.27
N GLY N 301 37.04 107.01 3.70
CA GLY N 301 36.01 106.36 2.92
C GLY N 301 35.74 107.07 1.60
N ALA N 302 35.71 108.40 1.63
CA ALA N 302 35.44 109.20 0.45
C ALA N 302 35.92 110.62 0.70
N MET N 303 35.67 111.50 -0.28
CA MET N 303 35.99 112.90 -0.16
C MET N 303 35.00 113.71 -0.98
N GLU N 304 34.67 114.90 -0.49
CA GLU N 304 33.57 115.71 -1.00
C GLU N 304 34.03 116.80 -1.97
N ASN N 305 35.07 116.55 -2.75
CA ASN N 305 35.56 117.56 -3.69
C ASN N 305 34.44 118.00 -4.62
N TRP N 306 34.19 119.32 -4.65
CA TRP N 306 33.06 119.87 -5.38
C TRP N 306 33.13 119.53 -6.87
N GLY N 307 32.20 118.70 -7.34
CA GLY N 307 32.16 118.28 -8.72
C GLY N 307 33.01 117.06 -9.04
N LEU N 308 33.78 116.55 -8.07
CA LEU N 308 34.64 115.39 -8.32
C LEU N 308 34.86 114.66 -6.99
N THR N 309 33.81 113.99 -6.51
CA THR N 309 33.95 113.19 -5.30
C THR N 309 34.80 111.96 -5.57
N THR N 310 35.66 111.62 -4.61
CA THR N 310 36.55 110.49 -4.71
C THR N 310 36.18 109.45 -3.65
N TYR N 311 36.40 108.18 -3.98
CA TYR N 311 35.93 107.10 -3.12
C TYR N 311 36.97 105.99 -3.06
N ARG N 312 36.82 105.13 -2.05
CA ARG N 312 37.44 103.82 -2.09
C ARG N 312 36.69 102.94 -3.07
N GLU N 313 37.44 102.10 -3.79
CA GLU N 313 36.80 101.15 -4.69
C GLU N 313 35.80 100.27 -3.94
N SER N 314 36.14 99.86 -2.71
CA SER N 314 35.22 99.10 -1.89
C SER N 314 33.97 99.90 -1.53
N ALA N 315 34.09 101.22 -1.42
CA ALA N 315 33.00 102.06 -0.97
C ALA N 315 32.15 102.63 -2.09
N LEU N 316 32.47 102.34 -3.35
CA LEU N 316 31.67 102.85 -4.44
C LEU N 316 31.18 101.76 -5.39
N LEU N 317 32.00 100.73 -5.60
CA LEU N 317 31.72 99.73 -6.63
C LEU N 317 30.93 98.57 -6.06
N PHE N 318 29.97 98.08 -6.85
CA PHE N 318 29.03 97.05 -6.41
C PHE N 318 28.99 95.92 -7.44
N ASP N 319 29.30 94.71 -7.00
CA ASP N 319 29.25 93.53 -7.85
C ASP N 319 28.09 92.66 -7.39
N ALA N 320 27.11 92.45 -8.26
CA ALA N 320 25.91 91.71 -7.89
C ALA N 320 26.21 90.27 -7.52
N GLU N 321 27.30 89.71 -8.02
CA GLU N 321 27.62 88.30 -7.81
C GLU N 321 28.37 88.04 -6.51
N LYS N 322 29.10 89.02 -5.99
CA LYS N 322 29.98 88.80 -4.84
C LYS N 322 29.85 89.84 -3.73
N SER N 323 29.33 91.03 -3.99
CA SER N 323 29.22 92.04 -2.95
C SER N 323 28.09 91.70 -1.99
N SER N 324 28.28 92.08 -0.73
CA SER N 324 27.32 91.78 0.32
C SER N 324 26.27 92.87 0.42
N ALA N 325 25.15 92.53 1.04
CA ALA N 325 24.10 93.53 1.28
C ALA N 325 24.63 94.66 2.15
N SER N 326 25.49 94.32 3.12
CA SER N 326 26.20 95.35 3.88
C SER N 326 26.95 96.30 2.97
N SER N 327 27.63 95.76 1.95
CA SER N 327 28.38 96.61 1.04
C SER N 327 27.45 97.53 0.24
N LYS N 328 26.30 97.02 -0.17
CA LYS N 328 25.35 97.85 -0.92
C LYS N 328 24.82 98.99 -0.04
N LEU N 329 24.43 98.66 1.20
CA LEU N 329 24.00 99.70 2.14
C LEU N 329 25.11 100.73 2.37
N GLY N 330 26.35 100.26 2.48
CA GLY N 330 27.46 101.18 2.70
C GLY N 330 27.68 102.10 1.51
N ILE N 331 27.57 101.56 0.29
CA ILE N 331 27.70 102.39 -0.91
C ILE N 331 26.60 103.45 -0.92
N THR N 332 25.37 103.05 -0.62
CA THR N 332 24.27 104.01 -0.61
C THR N 332 24.52 105.13 0.40
N MET N 333 24.89 104.75 1.62
CA MET N 333 25.10 105.76 2.66
C MET N 333 26.29 106.66 2.33
N THR N 334 27.34 106.11 1.71
CA THR N 334 28.51 106.91 1.38
C THR N 334 28.19 107.93 0.27
N VAL N 335 27.50 107.47 -0.78
CA VAL N 335 27.11 108.40 -1.84
C VAL N 335 26.20 109.48 -1.29
N ALA N 336 25.26 109.12 -0.40
CA ALA N 336 24.40 110.11 0.23
C ALA N 336 25.22 111.10 1.06
N HIS N 337 26.21 110.60 1.79
CA HIS N 337 27.06 111.45 2.61
C HIS N 337 27.77 112.50 1.76
N GLU N 338 28.39 112.08 0.66
CA GLU N 338 29.16 113.03 -0.15
C GLU N 338 28.24 114.01 -0.87
N LEU N 339 27.11 113.53 -1.39
CA LEU N 339 26.19 114.44 -2.06
C LEU N 339 25.55 115.41 -1.09
N ALA N 340 25.41 115.01 0.18
CA ALA N 340 24.98 115.96 1.21
C ALA N 340 26.08 116.98 1.50
N HIS N 341 27.34 116.52 1.50
CA HIS N 341 28.45 117.45 1.67
C HIS N 341 28.48 118.49 0.56
N GLN N 342 27.98 118.14 -0.63
CA GLN N 342 27.91 119.12 -1.72
C GLN N 342 27.19 120.40 -1.28
N TRP N 343 26.28 120.31 -0.32
CA TRP N 343 25.63 121.48 0.26
C TRP N 343 26.19 121.84 1.64
N PHE N 344 26.24 120.88 2.55
CA PHE N 344 26.76 121.10 3.90
C PHE N 344 28.26 120.84 3.86
N GLY N 345 29.02 121.89 3.54
CA GLY N 345 30.46 121.78 3.46
C GLY N 345 31.06 122.56 2.32
N ASN N 346 30.44 122.45 1.14
CA ASN N 346 30.93 123.12 -0.07
C ASN N 346 30.22 124.44 -0.32
N LEU N 347 28.88 124.41 -0.43
CA LEU N 347 28.12 125.65 -0.60
C LEU N 347 28.26 126.53 0.64
N VAL N 348 27.97 125.98 1.82
CA VAL N 348 28.15 126.67 3.08
C VAL N 348 29.22 125.89 3.85
N THR N 349 30.36 126.53 4.08
CA THR N 349 31.49 125.91 4.74
C THR N 349 31.69 126.52 6.13
N MET N 350 32.18 125.70 7.06
CA MET N 350 32.57 126.23 8.36
C MET N 350 33.71 127.21 8.17
N GLU N 351 33.85 128.14 9.12
CA GLU N 351 34.89 129.15 8.96
C GLU N 351 36.24 128.65 9.48
N TRP N 352 36.24 127.91 10.58
CA TRP N 352 37.44 127.31 11.12
C TRP N 352 37.14 125.88 11.55
N TRP N 353 38.16 125.05 11.57
CA TRP N 353 37.97 123.62 11.78
C TRP N 353 37.44 123.28 13.18
N ASN N 354 37.34 124.26 14.08
CA ASN N 354 36.77 123.98 15.39
C ASN N 354 35.29 123.64 15.29
N ASP N 355 34.62 124.13 14.26
CA ASP N 355 33.24 123.79 13.97
C ASP N 355 33.14 122.82 12.79
N LEU N 356 34.13 121.91 12.67
CA LEU N 356 34.08 120.90 11.62
C LEU N 356 32.80 120.07 11.66
N TRP N 357 32.17 119.97 12.84
CA TRP N 357 30.94 119.19 12.94
C TRP N 357 29.83 119.79 12.08
N LEU N 358 29.81 121.13 11.93
CA LEU N 358 28.83 121.78 11.07
C LEU N 358 28.86 121.21 9.66
N ASN N 359 29.99 120.63 9.25
CA ASN N 359 30.05 119.89 8.00
C ASN N 359 29.71 118.41 8.22
N GLU N 360 30.45 117.76 9.12
CA GLU N 360 30.44 116.30 9.11
C GLU N 360 29.18 115.72 9.71
N GLY N 361 28.77 116.21 10.89
CA GLY N 361 27.58 115.67 11.52
C GLY N 361 26.35 115.86 10.65
N PHE N 362 26.19 117.06 10.07
CA PHE N 362 25.07 117.30 9.19
C PHE N 362 25.08 116.32 8.03
N ALA N 363 26.27 116.08 7.46
CA ALA N 363 26.34 115.13 6.36
C ALA N 363 25.96 113.74 6.84
N LYS N 364 26.52 113.34 7.99
CA LYS N 364 26.18 112.03 8.52
C LYS N 364 24.70 111.94 8.82
N PHE N 365 24.07 113.07 9.16
CA PHE N 365 22.64 113.03 9.42
C PHE N 365 21.84 113.02 8.12
N MET N 366 22.28 113.79 7.12
CA MET N 366 21.52 113.82 5.87
C MET N 366 21.52 112.46 5.18
N GLU N 367 22.56 111.66 5.40
CA GLU N 367 22.58 110.27 4.97
C GLU N 367 21.24 109.64 5.32
N PHE N 368 20.93 109.61 6.62
CA PHE N 368 19.68 109.01 7.06
C PHE N 368 18.51 109.74 6.41
N VAL N 369 18.50 111.07 6.54
CA VAL N 369 17.39 111.87 6.05
C VAL N 369 17.18 111.61 4.57
N SER N 370 18.26 111.34 3.84
CA SER N 370 18.09 111.13 2.41
C SER N 370 17.76 109.68 2.09
N VAL N 371 18.50 108.74 2.68
CA VAL N 371 18.36 107.35 2.24
C VAL N 371 17.00 106.80 2.65
N SER N 372 16.54 107.16 3.86
CA SER N 372 15.25 106.72 4.35
C SER N 372 14.11 107.14 3.42
N VAL N 373 14.37 108.06 2.49
CA VAL N 373 13.38 108.45 1.51
C VAL N 373 13.69 107.83 0.14
N THR N 374 14.97 107.86 -0.27
CA THR N 374 15.30 107.46 -1.64
C THR N 374 15.33 105.96 -1.80
N HIS N 375 15.83 105.24 -0.80
CA HIS N 375 15.93 103.78 -0.83
C HIS N 375 15.24 103.22 0.41
N PRO N 376 13.91 103.27 0.46
CA PRO N 376 13.20 102.83 1.66
C PRO N 376 13.27 101.33 1.89
N GLU N 377 13.61 100.53 0.88
CA GLU N 377 13.78 99.10 1.09
C GLU N 377 14.95 98.78 1.99
N LEU N 378 15.88 99.73 2.18
CA LEU N 378 17.00 99.53 3.09
C LEU N 378 16.57 99.72 4.54
N LYS N 379 15.67 100.66 4.80
CA LYS N 379 15.18 100.95 6.14
C LYS N 379 16.35 101.28 7.09
N VAL N 380 17.05 102.36 6.75
CA VAL N 380 18.24 102.76 7.50
C VAL N 380 17.92 103.22 8.92
N GLY N 381 16.65 103.52 9.21
CA GLY N 381 16.26 103.83 10.57
C GLY N 381 16.47 102.68 11.54
N ASP N 382 16.63 101.46 11.03
CA ASP N 382 16.90 100.32 11.91
C ASP N 382 18.33 100.35 12.44
N TYR N 383 19.30 100.72 11.62
CA TYR N 383 20.71 100.58 11.97
C TYR N 383 21.39 101.90 12.32
N PHE N 384 20.68 103.03 12.22
CA PHE N 384 21.33 104.33 12.40
C PHE N 384 21.90 104.49 13.81
N PHE N 385 21.08 104.22 14.83
CA PHE N 385 21.38 104.68 16.19
C PHE N 385 22.51 103.91 16.86
N GLY N 386 23.00 102.83 16.25
CA GLY N 386 24.25 102.27 16.71
C GLY N 386 25.35 103.30 16.76
N LYS N 387 25.33 104.25 15.81
CA LYS N 387 26.29 105.35 15.84
C LYS N 387 26.24 106.05 17.19
N CYS N 388 25.05 106.46 17.62
CA CYS N 388 24.94 107.17 18.89
C CYS N 388 25.52 106.34 20.01
N PHE N 389 25.21 105.03 20.02
CA PHE N 389 25.70 104.19 21.11
C PHE N 389 27.22 104.16 21.10
N ASP N 390 27.81 103.90 19.93
CA ASP N 390 29.27 103.84 19.90
C ASP N 390 29.87 105.20 20.25
N ALA N 391 29.17 106.27 19.88
CA ALA N 391 29.69 107.59 20.22
C ALA N 391 29.64 107.81 21.73
N MET N 392 28.55 107.38 22.37
CA MET N 392 28.49 107.50 23.82
C MET N 392 29.62 106.72 24.45
N GLU N 393 29.98 105.57 23.86
CA GLU N 393 31.06 104.75 24.39
C GLU N 393 32.33 105.54 24.62
N VAL N 394 32.58 106.55 23.78
CA VAL N 394 33.79 107.34 23.95
C VAL N 394 33.46 108.67 24.61
N ASP N 395 32.24 109.19 24.36
CA ASP N 395 31.91 110.49 24.93
C ASP N 395 31.70 110.41 26.43
N ALA N 396 31.42 109.23 26.96
CA ALA N 396 31.37 109.07 28.41
C ALA N 396 32.74 109.20 29.06
N LEU N 397 33.81 109.33 28.26
CA LEU N 397 35.14 109.44 28.82
C LEU N 397 35.44 110.86 29.28
N ASN N 398 36.37 110.93 30.23
CA ASN N 398 36.81 112.21 30.79
C ASN N 398 37.71 112.96 29.80
N SER N 399 38.44 112.24 28.94
CA SER N 399 39.27 112.87 27.92
C SER N 399 38.47 113.32 26.69
N SER N 400 37.17 113.08 26.67
CA SER N 400 36.32 113.53 25.56
C SER N 400 36.29 115.06 25.51
N HIS N 401 35.88 115.57 24.36
CA HIS N 401 35.81 117.01 24.10
C HIS N 401 34.41 117.40 23.66
N PRO N 402 34.05 118.68 23.80
CA PRO N 402 32.77 119.14 23.27
C PRO N 402 32.72 119.06 21.75
N VAL N 403 31.51 119.11 21.22
CA VAL N 403 31.32 119.01 19.77
C VAL N 403 32.10 120.10 19.04
N SER N 404 32.13 121.29 19.62
CA SER N 404 32.87 122.42 19.07
C SER N 404 33.96 122.82 20.07
N THR N 405 35.21 122.64 19.67
CA THR N 405 36.34 122.91 20.55
C THR N 405 37.49 123.44 19.72
N PRO N 406 38.30 124.35 20.28
CA PRO N 406 39.35 125.01 19.49
C PRO N 406 40.48 124.06 19.12
N VAL N 407 41.00 124.22 17.90
CA VAL N 407 42.15 123.49 17.40
C VAL N 407 43.00 124.45 16.56
N GLU N 408 44.31 124.19 16.51
CA GLU N 408 45.19 125.08 15.76
C GLU N 408 46.06 124.35 14.74
N ASN N 409 46.92 123.43 15.19
CA ASN N 409 47.87 122.78 14.31
C ASN N 409 47.20 121.66 13.50
N PRO N 410 47.81 121.24 12.39
CA PRO N 410 47.18 120.24 11.52
C PRO N 410 46.87 118.91 12.21
N ALA N 411 47.68 118.47 13.17
CA ALA N 411 47.39 117.22 13.86
C ALA N 411 46.06 117.29 14.61
N GLN N 412 45.84 118.39 15.33
CA GLN N 412 44.56 118.58 16.03
C GLN N 412 43.40 118.61 15.03
N ILE N 413 43.62 119.27 13.89
CA ILE N 413 42.57 119.38 12.88
C ILE N 413 42.19 118.00 12.36
N ARG N 414 43.20 117.16 12.11
CA ARG N 414 42.91 115.79 11.70
C ARG N 414 42.19 115.03 12.80
N GLU N 415 42.57 115.28 14.06
CA GLU N 415 41.92 114.63 15.20
C GLU N 415 40.44 115.00 15.30
N MET N 416 40.07 116.18 14.81
CA MET N 416 38.68 116.62 14.91
C MET N 416 37.72 115.70 14.16
N PHE N 417 38.20 114.92 13.18
CA PHE N 417 37.36 113.99 12.43
C PHE N 417 37.19 112.70 13.24
N ASP N 418 36.49 112.82 14.36
CA ASP N 418 36.32 111.69 15.26
C ASP N 418 34.85 111.32 15.40
N ASP N 419 34.59 110.35 16.28
CA ASP N 419 33.23 109.88 16.53
C ASP N 419 32.33 111.02 17.02
N VAL N 420 32.88 111.99 17.74
CA VAL N 420 32.08 113.10 18.22
C VAL N 420 31.48 113.85 17.03
N SER N 421 32.35 114.41 16.18
CA SER N 421 31.90 115.29 15.10
C SER N 421 30.96 114.60 14.13
N TYR N 422 31.13 113.28 13.91
CA TYR N 422 30.25 112.55 13.01
C TYR N 422 29.02 112.04 13.77
N ASP N 423 29.22 111.04 14.62
CA ASP N 423 28.11 110.36 15.27
C ASP N 423 27.39 111.26 16.26
N LYS N 424 28.11 111.90 17.19
CA LYS N 424 27.43 112.72 18.19
C LYS N 424 26.78 113.94 17.55
N GLY N 425 27.44 114.51 16.54
CA GLY N 425 26.84 115.60 15.80
C GLY N 425 25.54 115.20 15.15
N ALA N 426 25.54 114.04 14.47
CA ALA N 426 24.32 113.57 13.83
C ALA N 426 23.24 113.22 14.83
N CYS N 427 23.62 112.70 16.00
CA CYS N 427 22.63 112.31 17.00
C CYS N 427 22.02 113.53 17.67
N ILE N 428 22.82 114.55 17.96
CA ILE N 428 22.25 115.78 18.52
C ILE N 428 21.43 116.52 17.47
N LEU N 429 21.81 116.42 16.19
CA LEU N 429 20.99 117.01 15.15
C LEU N 429 19.66 116.28 15.00
N ASN N 430 19.68 114.95 15.10
CA ASN N 430 18.46 114.17 15.12
C ASN N 430 17.59 114.55 16.31
N MET N 431 18.21 114.72 17.49
CA MET N 431 17.48 115.12 18.67
C MET N 431 16.82 116.48 18.49
N LEU N 432 17.54 117.42 17.87
CA LEU N 432 16.98 118.75 17.63
C LEU N 432 15.84 118.70 16.61
N ARG N 433 16.03 117.92 15.54
CA ARG N 433 14.99 117.80 14.52
C ARG N 433 13.75 117.13 15.07
N GLU N 434 13.90 116.19 16.00
CA GLU N 434 12.74 115.54 16.60
C GLU N 434 12.11 116.39 17.70
N TYR N 435 12.89 117.27 18.33
CA TYR N 435 12.33 118.19 19.31
C TYR N 435 11.48 119.26 18.61
N LEU N 436 12.05 119.93 17.63
CA LEU N 436 11.27 120.80 16.77
C LEU N 436 10.41 119.93 15.85
N SER N 437 9.62 120.58 15.02
CA SER N 437 8.95 119.83 13.97
C SER N 437 9.96 119.46 12.88
N ALA N 438 9.73 118.32 12.25
CA ALA N 438 10.55 117.96 11.09
C ALA N 438 10.43 119.03 10.01
N ASP N 439 9.23 119.59 9.84
CA ASP N 439 9.04 120.69 8.90
C ASP N 439 9.73 121.95 9.38
N ALA N 440 9.69 122.20 10.70
CA ALA N 440 10.40 123.36 11.24
C ALA N 440 11.90 123.20 11.07
N PHE N 441 12.44 121.99 11.30
CA PHE N 441 13.85 121.74 11.06
C PHE N 441 14.21 121.94 9.60
N LYS N 442 13.34 121.47 8.69
CA LYS N 442 13.58 121.69 7.26
C LYS N 442 13.62 123.17 6.93
N SER N 443 12.66 123.93 7.46
CA SER N 443 12.67 125.38 7.23
C SER N 443 13.94 126.02 7.77
N GLY N 444 14.38 125.59 8.95
CA GLY N 444 15.61 126.12 9.52
C GLY N 444 16.82 125.86 8.65
N ILE N 445 16.99 124.61 8.21
CA ILE N 445 18.16 124.26 7.41
C ILE N 445 18.10 124.91 6.04
N VAL N 446 16.91 125.05 5.46
CA VAL N 446 16.78 125.71 4.16
C VAL N 446 17.14 127.19 4.27
N GLN N 447 16.61 127.87 5.29
CA GLN N 447 16.97 129.27 5.51
C GLN N 447 18.46 129.42 5.78
N TYR N 448 19.03 128.49 6.54
CA TYR N 448 20.47 128.49 6.81
C TYR N 448 21.27 128.44 5.52
N LEU N 449 20.98 127.44 4.67
CA LEU N 449 21.73 127.28 3.44
C LEU N 449 21.52 128.46 2.49
N GLN N 450 20.28 128.96 2.40
CA GLN N 450 19.99 130.04 1.46
C GLN N 450 20.63 131.35 1.88
N LYS N 451 20.65 131.66 3.19
CA LYS N 451 21.21 132.93 3.64
C LYS N 451 22.73 132.97 3.53
N HIS N 452 23.40 131.83 3.73
CA HIS N 452 24.85 131.80 3.82
C HIS N 452 25.52 131.08 2.65
N SER N 453 24.83 130.98 1.51
CA SER N 453 25.42 130.38 0.33
C SER N 453 26.72 131.08 -0.05
N TYR N 454 27.71 130.27 -0.47
CA TYR N 454 29.01 130.77 -0.92
C TYR N 454 29.75 131.57 0.16
N LYS N 455 29.47 131.27 1.43
CA LYS N 455 30.12 131.98 2.53
C LYS N 455 30.59 131.03 3.61
N ASN N 456 31.08 131.56 4.73
CA ASN N 456 31.51 130.71 5.84
C ASN N 456 30.73 131.10 7.09
N THR N 457 30.47 130.10 7.93
CA THR N 457 29.66 130.27 9.12
C THR N 457 30.35 129.65 10.32
N LYS N 458 30.06 130.19 11.50
CA LYS N 458 30.47 129.62 12.77
C LYS N 458 29.30 128.90 13.42
N ASN N 459 29.52 128.37 14.63
CA ASN N 459 28.52 127.53 15.29
C ASN N 459 27.21 128.27 15.56
N GLU N 460 27.27 129.60 15.73
CA GLU N 460 26.07 130.33 16.15
C GLU N 460 25.14 130.68 15.00
N ASP N 461 25.65 130.74 13.76
CA ASP N 461 24.80 131.08 12.63
C ASP N 461 23.70 130.04 12.45
N LEU N 462 24.01 128.77 12.73
CA LEU N 462 23.00 127.72 12.64
C LEU N 462 21.88 127.94 13.64
N TRP N 463 22.22 128.29 14.88
CA TRP N 463 21.18 128.52 15.89
C TRP N 463 20.37 129.78 15.58
N ASP N 464 21.02 130.79 15.01
CA ASP N 464 20.29 131.98 14.57
C ASP N 464 19.29 131.62 13.48
N SER N 465 19.72 130.81 12.49
CA SER N 465 18.83 130.40 11.42
C SER N 465 17.70 129.52 11.93
N MET N 466 17.96 128.76 13.01
CA MET N 466 16.92 127.91 13.58
C MET N 466 15.90 128.72 14.37
N ALA N 467 16.34 129.79 15.04
CA ALA N 467 15.40 130.63 15.78
C ALA N 467 14.48 131.43 14.88
N SER N 468 14.87 131.64 13.62
CA SER N 468 13.98 132.29 12.66
C SER N 468 12.78 131.45 12.29
N ILE N 469 12.77 130.16 12.65
CA ILE N 469 11.62 129.30 12.40
C ILE N 469 10.95 128.86 13.70
N GLY N 470 11.73 128.63 14.75
CA GLY N 470 11.16 128.28 16.04
C GLY N 470 10.66 129.49 16.79
N GLY N 471 9.36 129.77 16.66
CA GLY N 471 8.80 130.97 17.24
C GLY N 471 7.62 130.71 18.15
N GLY N 472 7.49 129.48 18.63
CA GLY N 472 6.48 129.14 19.61
C GLY N 472 7.03 129.19 21.01
N GLY N 473 7.99 130.08 21.25
CA GLY N 473 8.69 130.10 22.52
C GLY N 473 9.88 129.17 22.47
N VAL N 474 10.53 129.11 21.31
CA VAL N 474 11.57 128.13 21.05
C VAL N 474 12.90 128.87 20.93
N ASP N 475 13.70 128.81 22.00
CA ASP N 475 15.06 129.34 22.00
C ASP N 475 16.03 128.20 21.72
N VAL N 476 16.28 127.95 20.43
CA VAL N 476 17.18 126.86 20.04
C VAL N 476 18.59 127.10 20.56
N LYS N 477 18.95 128.37 20.76
CA LYS N 477 20.34 128.75 21.04
C LYS N 477 20.84 128.16 22.34
N THR N 478 20.10 128.36 23.44
CA THR N 478 20.59 127.93 24.74
C THR N 478 20.75 126.41 24.79
N MET N 479 19.73 125.69 24.32
CA MET N 479 19.78 124.23 24.32
C MET N 479 20.94 123.71 23.49
N MET N 480 21.06 124.18 22.25
CA MET N 480 22.10 123.63 21.39
C MET N 480 23.50 124.09 21.82
N ASN N 481 23.63 125.22 22.51
CA ASN N 481 24.92 125.58 23.08
C ASN N 481 25.27 124.66 24.26
N THR N 482 24.29 124.36 25.11
CA THR N 482 24.55 123.40 26.18
C THR N 482 24.92 122.03 25.64
N TRP N 483 24.41 121.69 24.45
CA TRP N 483 24.71 120.38 23.87
C TRP N 483 25.99 120.35 23.05
N THR N 484 26.44 121.49 22.50
CA THR N 484 27.61 121.49 21.65
C THR N 484 28.87 122.08 22.28
N LEU N 485 28.77 122.81 23.39
CA LEU N 485 29.92 123.48 23.96
C LEU N 485 30.44 122.83 25.23
N GLN N 486 29.89 121.69 25.64
CA GLN N 486 30.43 120.93 26.75
C GLN N 486 30.44 119.45 26.41
N LYS N 487 31.45 118.76 26.92
CA LYS N 487 31.66 117.35 26.61
C LYS N 487 30.62 116.49 27.34
N GLY N 488 30.60 115.21 26.97
CA GLY N 488 29.77 114.23 27.65
C GLY N 488 28.29 114.32 27.29
N PHE N 489 27.52 113.50 28.01
CA PHE N 489 26.09 113.38 27.81
C PHE N 489 25.46 113.02 29.15
N PRO N 490 24.16 113.29 29.33
CA PRO N 490 23.53 113.06 30.63
C PRO N 490 22.89 111.69 30.82
N LEU N 491 22.94 111.27 32.08
CA LEU N 491 22.12 110.18 32.61
C LEU N 491 20.91 110.79 33.32
N ILE N 492 19.73 110.30 32.96
CA ILE N 492 18.45 110.79 33.48
C ILE N 492 17.90 109.72 34.41
N THR N 493 17.83 110.05 35.69
CA THR N 493 17.23 109.18 36.70
C THR N 493 15.74 109.49 36.80
N ILE N 494 14.92 108.43 36.77
CA ILE N 494 13.47 108.56 36.73
C ILE N 494 12.88 107.89 37.97
N THR N 495 12.13 108.65 38.75
CA THR N 495 11.44 108.14 39.93
C THR N 495 9.94 108.23 39.71
N VAL N 496 9.22 107.16 40.06
CA VAL N 496 7.78 107.08 39.86
C VAL N 496 7.11 106.93 41.21
N ARG N 497 6.19 107.84 41.53
CA ARG N 497 5.39 107.82 42.76
C ARG N 497 3.92 107.88 42.36
N GLY N 498 3.37 106.74 41.92
CA GLY N 498 1.99 106.71 41.47
C GLY N 498 1.76 107.47 40.18
N ARG N 499 1.28 108.72 40.30
CA ARG N 499 1.03 109.56 39.14
C ARG N 499 2.06 110.67 38.97
N ASN N 500 3.04 110.77 39.87
CA ASN N 500 4.08 111.78 39.79
C ASN N 500 5.34 111.16 39.19
N VAL N 501 5.97 111.87 38.25
CA VAL N 501 7.18 111.40 37.59
C VAL N 501 8.26 112.43 37.85
N HIS N 502 9.25 112.07 38.67
CA HIS N 502 10.39 112.93 38.95
C HIS N 502 11.52 112.58 37.98
N MET N 503 12.13 113.61 37.41
CA MET N 503 13.22 113.47 36.47
C MET N 503 14.42 114.24 37.00
N LYS N 504 15.58 113.59 37.02
CA LYS N 504 16.82 114.20 37.45
C LYS N 504 17.89 113.97 36.40
N GLN N 505 18.68 114.98 36.11
CA GLN N 505 19.75 114.85 35.13
C GLN N 505 21.10 114.97 35.82
N GLU N 506 22.07 114.19 35.37
CA GLU N 506 23.42 114.27 35.89
C GLU N 506 24.38 113.90 34.78
N HIS N 507 25.66 114.22 34.97
CA HIS N 507 26.66 113.92 33.95
C HIS N 507 27.14 112.48 34.11
N TYR N 508 26.92 111.67 33.07
CA TYR N 508 27.44 110.31 33.04
C TYR N 508 28.92 110.35 32.66
N MET N 509 29.78 109.91 33.58
CA MET N 509 31.22 109.84 33.33
C MET N 509 31.77 108.60 34.01
N LYS N 510 32.43 107.75 33.22
CA LYS N 510 33.04 106.54 33.76
C LYS N 510 34.18 106.93 34.71
N GLY N 511 33.97 106.68 36.00
CA GLY N 511 34.91 107.11 37.04
C GLY N 511 36.33 106.62 36.82
N ASP N 517 30.24 114.72 39.49
CA ASP N 517 31.08 115.53 40.37
C ASP N 517 31.68 116.72 39.62
N THR N 518 31.02 117.11 38.53
CA THR N 518 31.45 118.24 37.71
C THR N 518 30.48 119.41 37.80
N GLY N 519 29.20 119.18 37.50
CA GLY N 519 28.22 120.25 37.54
C GLY N 519 27.77 120.75 36.18
N TYR N 520 27.53 119.83 35.25
CA TYR N 520 27.01 120.17 33.94
C TYR N 520 25.49 120.03 33.92
N LEU N 521 24.83 120.83 33.11
CA LEU N 521 23.38 120.79 32.96
C LEU N 521 23.02 121.06 31.51
N TRP N 522 22.09 120.27 30.98
CA TRP N 522 21.62 120.37 29.60
C TRP N 522 20.14 120.76 29.58
N HIS N 523 19.68 121.15 28.39
CA HIS N 523 18.26 121.30 28.09
C HIS N 523 17.87 120.02 27.35
N VAL N 524 17.39 119.04 28.11
CA VAL N 524 17.18 117.68 27.60
C VAL N 524 15.75 117.61 27.06
N PRO N 525 15.56 117.45 25.75
CA PRO N 525 14.20 117.22 25.23
C PRO N 525 13.76 115.78 25.42
N LEU N 526 13.18 115.47 26.57
CA LEU N 526 12.77 114.11 26.88
C LEU N 526 11.50 113.74 26.13
N THR N 527 11.41 112.47 25.76
CA THR N 527 10.22 111.88 25.15
C THR N 527 9.98 110.54 25.84
N PHE N 528 8.71 110.20 26.06
CA PHE N 528 8.41 109.00 26.80
C PHE N 528 7.08 108.42 26.37
N ILE N 529 6.91 107.13 26.65
CA ILE N 529 5.65 106.41 26.50
C ILE N 529 5.37 105.66 27.81
N THR N 530 4.13 105.20 27.93
CA THR N 530 3.65 104.51 29.12
C THR N 530 3.05 103.16 28.72
N SER N 531 2.64 102.38 29.73
CA SER N 531 1.99 101.11 29.46
C SER N 531 0.56 101.28 28.95
N LYS N 532 -0.03 102.45 29.13
CA LYS N 532 -1.40 102.72 28.69
C LYS N 532 -1.46 103.38 27.32
N SER N 533 -0.31 103.73 26.75
CA SER N 533 -0.30 104.54 25.54
C SER N 533 1.04 104.39 24.82
N ASP N 534 0.99 104.03 23.55
CA ASP N 534 2.17 104.07 22.68
C ASP N 534 2.43 105.47 22.12
N MET N 535 1.60 106.45 22.45
CA MET N 535 1.79 107.80 21.94
C MET N 535 2.92 108.49 22.71
N VAL N 536 3.74 109.23 21.98
CA VAL N 536 4.94 109.86 22.55
C VAL N 536 4.55 111.20 23.16
N HIS N 537 4.75 111.32 24.47
CA HIS N 537 4.62 112.61 25.14
C HIS N 537 6.01 113.19 25.40
N ARG N 538 6.11 114.52 25.33
CA ARG N 538 7.40 115.18 25.43
C ARG N 538 7.45 116.09 26.65
N PHE N 539 8.68 116.46 27.02
CA PHE N 539 8.91 117.32 28.17
C PHE N 539 10.30 117.90 28.06
N LEU N 540 10.43 119.21 28.26
CA LEU N 540 11.72 119.90 28.13
C LEU N 540 12.31 120.08 29.52
N LEU N 541 13.30 119.26 29.87
CA LEU N 541 13.95 119.35 31.17
C LEU N 541 15.06 120.40 31.09
N LYS N 542 14.82 121.56 31.69
CA LYS N 542 15.73 122.68 31.62
C LYS N 542 16.53 122.90 32.90
N THR N 543 16.21 122.20 33.99
CA THR N 543 16.88 122.35 35.27
C THR N 543 17.49 121.02 35.69
N LYS N 544 18.07 120.99 36.89
CA LYS N 544 18.68 119.75 37.38
C LYS N 544 17.60 118.70 37.68
N THR N 545 16.56 119.10 38.41
CA THR N 545 15.47 118.21 38.75
C THR N 545 14.16 118.87 38.37
N ASP N 546 13.17 118.04 38.01
CA ASP N 546 11.84 118.53 37.71
C ASP N 546 10.86 117.37 37.88
N VAL N 547 9.59 117.65 37.64
CA VAL N 547 8.54 116.66 37.91
C VAL N 547 7.34 116.98 37.03
N LEU N 548 6.71 115.93 36.52
CA LEU N 548 5.46 116.05 35.78
C LEU N 548 4.40 115.17 36.45
N ILE N 549 3.15 115.40 36.09
CA ILE N 549 2.02 114.74 36.73
C ILE N 549 1.26 113.93 35.69
N LEU N 550 1.26 112.62 35.85
CA LEU N 550 0.48 111.75 34.99
C LEU N 550 -0.99 111.78 35.40
N PRO N 551 -1.90 111.47 34.47
CA PRO N 551 -3.33 111.37 34.81
C PRO N 551 -3.72 110.04 35.43
N GLU N 552 -2.81 109.08 35.53
CA GLU N 552 -3.14 107.73 35.92
C GLU N 552 -1.86 106.96 36.21
N GLU N 553 -1.93 106.07 37.20
CA GLU N 553 -0.80 105.18 37.46
C GLU N 553 -0.56 104.28 36.27
N VAL N 554 0.71 103.95 36.05
CA VAL N 554 1.13 103.16 34.90
C VAL N 554 1.92 101.95 35.39
N GLU N 555 1.84 100.85 34.64
CA GLU N 555 2.60 99.66 34.99
C GLU N 555 4.10 99.90 34.78
N TRP N 556 4.46 100.48 33.64
CA TRP N 556 5.85 100.81 33.34
C TRP N 556 5.88 102.08 32.51
N ILE N 557 7.04 102.72 32.48
CA ILE N 557 7.26 103.95 31.73
C ILE N 557 8.62 103.88 31.06
N LYS N 558 8.70 104.35 29.82
CA LYS N 558 9.92 104.25 29.03
C LYS N 558 10.26 105.61 28.47
N PHE N 559 11.42 106.13 28.86
CA PHE N 559 11.93 107.39 28.33
C PHE N 559 12.87 107.13 27.16
N ASN N 560 13.17 108.19 26.41
CA ASN N 560 14.01 108.14 25.23
C ASN N 560 13.45 107.12 24.23
N VAL N 561 12.26 107.44 23.71
CA VAL N 561 11.55 106.53 22.83
C VAL N 561 12.24 106.49 21.47
N GLY N 562 12.58 105.28 21.02
CA GLY N 562 13.18 105.13 19.72
C GLY N 562 14.59 105.65 19.61
N MET N 563 15.27 105.87 20.73
CA MET N 563 16.65 106.37 20.75
C MET N 563 16.82 107.65 19.94
N ASN N 564 15.84 108.54 20.04
CA ASN N 564 15.91 109.84 19.37
C ASN N 564 16.53 110.92 20.24
N GLY N 565 17.01 110.57 21.42
CA GLY N 565 17.65 111.53 22.32
C GLY N 565 19.03 111.08 22.70
N TYR N 566 19.95 112.04 22.82
CA TYR N 566 21.36 111.72 23.11
C TYR N 566 21.59 111.77 24.61
N TYR N 567 20.99 110.80 25.29
CA TYR N 567 21.15 110.63 26.73
C TYR N 567 20.87 109.18 27.07
N ILE N 568 21.11 108.82 28.33
CA ILE N 568 20.76 107.48 28.81
C ILE N 568 19.82 107.62 30.00
N VAL N 569 19.07 106.55 30.26
CA VAL N 569 17.97 106.58 31.23
C VAL N 569 18.18 105.48 32.27
N HIS N 570 18.04 105.84 33.54
CA HIS N 570 18.07 104.91 34.65
C HIS N 570 16.76 104.98 35.40
N TYR N 571 16.28 103.84 35.89
CA TYR N 571 14.99 103.73 36.55
C TYR N 571 15.18 103.26 37.98
N GLU N 572 14.63 104.02 38.92
CA GLU N 572 14.72 103.71 40.34
C GLU N 572 13.66 102.68 40.74
N ASP N 573 13.85 102.11 41.93
CA ASP N 573 12.97 101.11 42.58
C ASP N 573 13.03 99.85 41.70
N ASP N 574 11.92 99.13 41.54
CA ASP N 574 11.86 97.91 40.74
C ASP N 574 11.60 98.17 39.26
N GLY N 575 11.90 99.39 38.79
CA GLY N 575 11.58 99.73 37.41
C GLY N 575 12.28 98.83 36.42
N TRP N 576 13.59 98.64 36.62
CA TRP N 576 14.33 97.76 35.72
C TRP N 576 13.80 96.35 35.82
N ASP N 577 13.42 95.91 37.02
CA ASP N 577 12.83 94.59 37.14
C ASP N 577 11.55 94.50 36.32
N SER N 578 10.72 95.54 36.42
CA SER N 578 9.50 95.55 35.63
C SER N 578 9.83 95.50 34.14
N LEU N 579 10.84 96.27 33.71
CA LEU N 579 11.17 96.25 32.30
C LEU N 579 11.72 94.89 31.91
N THR N 580 12.49 94.26 32.80
CA THR N 580 12.93 92.90 32.51
C THR N 580 11.74 91.98 32.36
N GLY N 581 10.76 92.12 33.26
CA GLY N 581 9.54 91.35 33.13
C GLY N 581 8.85 91.63 31.81
N LEU N 582 8.86 92.89 31.38
CA LEU N 582 8.31 93.22 30.08
C LEU N 582 9.09 92.52 28.97
N LEU N 583 10.43 92.62 29.02
CA LEU N 583 11.24 92.05 27.95
C LEU N 583 11.09 90.54 27.90
N LYS N 584 11.09 89.89 29.07
CA LYS N 584 10.91 88.45 29.11
C LYS N 584 9.48 88.04 28.78
N GLY N 585 8.52 88.95 28.91
CA GLY N 585 7.14 88.60 28.61
C GLY N 585 6.71 88.80 27.17
N THR N 586 6.59 90.07 26.74
CA THR N 586 6.16 90.42 25.38
C THR N 586 7.05 91.57 24.90
N HIS N 587 8.22 91.21 24.34
CA HIS N 587 9.16 92.21 23.86
C HIS N 587 8.58 93.09 22.77
N THR N 588 7.54 92.63 22.07
CA THR N 588 6.92 93.46 21.03
C THR N 588 6.09 94.60 21.62
N ALA N 589 6.01 94.71 22.95
CA ALA N 589 5.29 95.82 23.55
C ALA N 589 6.01 97.15 23.34
N VAL N 590 7.31 97.11 23.08
CA VAL N 590 8.10 98.29 22.76
C VAL N 590 8.78 98.05 21.41
N SER N 591 9.37 99.10 20.87
CA SER N 591 9.96 99.02 19.55
C SER N 591 11.33 98.34 19.60
N SER N 592 11.85 97.98 18.42
CA SER N 592 13.17 97.35 18.34
C SER N 592 14.24 98.28 18.90
N ASN N 593 14.21 99.54 18.49
CA ASN N 593 15.16 100.53 18.99
C ASN N 593 15.07 100.69 20.50
N ASP N 594 13.87 100.55 21.05
CA ASP N 594 13.71 100.64 22.50
C ASP N 594 14.42 99.50 23.22
N ARG N 595 14.28 98.28 22.70
CA ARG N 595 14.99 97.14 23.28
C ARG N 595 16.51 97.31 23.19
N ALA N 596 17.00 97.76 22.03
CA ALA N 596 18.43 98.00 21.90
C ALA N 596 18.91 99.04 22.90
N SER N 597 18.14 100.13 23.04
CA SER N 597 18.50 101.18 23.99
C SER N 597 18.47 100.67 25.42
N LEU N 598 17.50 99.80 25.74
CA LEU N 598 17.45 99.23 27.09
C LEU N 598 18.71 98.42 27.38
N ILE N 599 19.11 97.57 26.44
CA ILE N 599 20.33 96.78 26.65
C ILE N 599 21.53 97.70 26.86
N ASN N 600 21.74 98.64 25.93
CA ASN N 600 22.90 99.51 26.00
C ASN N 600 22.93 100.33 27.28
N ASN N 601 21.78 100.91 27.66
CA ASN N 601 21.72 101.73 28.86
C ASN N 601 21.95 100.90 30.12
N ALA N 602 21.37 99.70 30.18
CA ALA N 602 21.60 98.84 31.34
C ALA N 602 23.09 98.55 31.52
N PHE N 603 23.78 98.23 30.43
CA PHE N 603 25.20 97.90 30.59
C PHE N 603 26.03 99.15 30.88
N GLN N 604 25.67 100.30 30.31
CA GLN N 604 26.37 101.53 30.66
C GLN N 604 26.14 101.91 32.12
N LEU N 605 24.99 101.55 32.68
CA LEU N 605 24.76 101.80 34.10
C LEU N 605 25.54 100.82 34.96
N VAL N 606 25.71 99.58 34.48
CA VAL N 606 26.62 98.65 35.15
C VAL N 606 28.03 99.23 35.17
N SER N 607 28.43 99.94 34.11
CA SER N 607 29.78 100.47 34.03
C SER N 607 30.10 101.48 35.13
N ILE N 608 29.09 102.06 35.78
CA ILE N 608 29.31 103.02 36.87
C ILE N 608 28.62 102.60 38.16
N GLY N 609 27.90 101.48 38.17
CA GLY N 609 27.34 100.95 39.39
C GLY N 609 25.88 101.28 39.65
N LYS N 610 25.21 101.97 38.73
CA LYS N 610 23.79 102.24 38.89
C LYS N 610 22.93 101.01 38.68
N LEU N 611 23.52 99.89 38.25
CA LEU N 611 22.79 98.65 38.04
C LEU N 611 23.78 97.51 38.18
N SER N 612 23.35 96.41 38.79
CA SER N 612 24.24 95.29 39.01
C SER N 612 24.38 94.46 37.74
N ILE N 613 25.57 93.91 37.54
CA ILE N 613 25.85 93.08 36.38
C ILE N 613 24.93 91.86 36.35
N GLU N 614 24.55 91.36 37.54
CA GLU N 614 23.65 90.21 37.60
C GLU N 614 22.29 90.56 36.98
N LYS N 615 21.73 91.71 37.35
CA LYS N 615 20.47 92.14 36.77
C LYS N 615 20.60 92.44 35.28
N ALA N 616 21.75 92.97 34.86
CA ALA N 616 21.98 93.20 33.44
C ALA N 616 21.92 91.91 32.65
N LEU N 617 22.59 90.86 33.13
CA LEU N 617 22.57 89.59 32.42
C LEU N 617 21.20 88.93 32.50
N ASP N 618 20.50 89.09 33.63
CA ASP N 618 19.12 88.62 33.72
C ASP N 618 18.24 89.28 32.66
N LEU N 619 18.43 90.59 32.45
CA LEU N 619 17.72 91.28 31.37
C LEU N 619 18.14 90.74 30.01
N SER N 620 19.44 90.47 29.84
CA SER N 620 19.94 89.97 28.56
C SER N 620 19.32 88.61 28.23
N LEU N 621 18.93 87.85 29.24
CA LEU N 621 18.35 86.52 29.02
C LEU N 621 17.13 86.55 28.09
N TYR N 622 16.48 87.69 27.90
CA TYR N 622 15.31 87.76 27.04
C TYR N 622 15.64 87.57 25.57
N LEU N 623 16.91 87.73 25.19
CA LEU N 623 17.33 87.60 23.80
C LEU N 623 17.15 86.19 23.25
N LYS N 624 16.82 85.21 24.10
CA LYS N 624 16.55 83.86 23.61
C LYS N 624 15.40 83.84 22.61
N HIS N 625 14.49 84.81 22.71
CA HIS N 625 13.34 84.90 21.80
C HIS N 625 13.36 86.17 20.96
N GLU N 626 14.46 86.92 20.96
CA GLU N 626 14.56 88.13 20.16
C GLU N 626 14.90 87.77 18.72
N THR N 627 14.34 88.54 17.78
CA THR N 627 14.51 88.26 16.36
C THR N 627 14.83 89.48 15.52
N GLU N 628 14.90 90.68 16.10
CA GLU N 628 15.09 91.90 15.34
C GLU N 628 16.58 92.28 15.31
N ILE N 629 16.99 92.88 14.19
CA ILE N 629 18.41 93.08 13.93
C ILE N 629 19.04 94.06 14.92
N MET N 630 18.35 95.15 15.22
CA MET N 630 18.93 96.18 16.10
C MET N 630 19.15 95.68 17.52
N PRO N 631 18.16 95.10 18.22
CA PRO N 631 18.45 94.62 19.58
C PRO N 631 19.46 93.48 19.62
N VAL N 632 19.42 92.56 18.65
CA VAL N 632 20.38 91.46 18.63
C VAL N 632 21.79 92.00 18.44
N PHE N 633 21.97 92.90 17.47
CA PHE N 633 23.28 93.47 17.23
C PHE N 633 23.76 94.28 18.43
N GLN N 634 22.85 94.98 19.12
CA GLN N 634 23.27 95.74 20.28
C GLN N 634 23.68 94.83 21.44
N GLY N 635 22.93 93.73 21.64
CA GLY N 635 23.34 92.77 22.65
C GLY N 635 24.69 92.15 22.34
N LEU N 636 24.95 91.86 21.07
CA LEU N 636 26.26 91.34 20.68
C LEU N 636 27.34 92.38 20.93
N ASN N 637 27.09 93.64 20.55
CA ASN N 637 28.07 94.69 20.73
C ASN N 637 28.34 94.97 22.22
N GLU N 638 27.38 94.67 23.09
CA GLU N 638 27.59 94.89 24.51
C GLU N 638 28.14 93.68 25.24
N LEU N 639 28.02 92.48 24.67
CA LEU N 639 28.52 91.28 25.32
C LEU N 639 29.88 90.81 24.81
N ILE N 640 30.15 90.97 23.51
CA ILE N 640 31.41 90.48 22.95
C ILE N 640 32.64 91.13 23.59
N PRO N 641 32.70 92.46 23.80
CA PRO N 641 33.91 93.04 24.42
C PRO N 641 34.25 92.42 25.77
N MET N 642 33.28 91.82 26.46
CA MET N 642 33.57 91.19 27.75
C MET N 642 34.47 89.98 27.57
N TYR N 643 34.08 89.03 26.72
CA TYR N 643 34.97 87.91 26.48
C TYR N 643 36.21 88.34 25.69
N LYS N 644 36.16 89.48 25.01
CA LYS N 644 37.39 90.03 24.43
C LYS N 644 38.37 90.41 25.54
N LEU N 645 37.87 91.00 26.62
CA LEU N 645 38.71 91.24 27.79
C LEU N 645 39.18 89.94 28.40
N MET N 646 38.31 88.93 28.44
CA MET N 646 38.69 87.65 29.05
C MET N 646 39.79 86.95 28.25
N GLU N 647 39.77 87.07 26.93
CA GLU N 647 40.78 86.40 26.10
C GLU N 647 42.18 86.92 26.39
N LYS N 648 42.30 88.17 26.80
CA LYS N 648 43.59 88.80 27.05
C LYS N 648 44.23 88.35 28.36
N ARG N 649 43.58 87.47 29.12
CA ARG N 649 44.06 87.02 30.42
C ARG N 649 44.02 85.50 30.47
N ASP N 650 44.42 84.95 31.62
CA ASP N 650 44.35 83.51 31.86
C ASP N 650 43.00 83.21 32.51
N MET N 651 41.99 83.04 31.67
CA MET N 651 40.62 82.89 32.14
C MET N 651 39.87 81.94 31.20
N ASN N 652 40.49 80.79 30.90
CA ASN N 652 39.95 79.90 29.87
C ASN N 652 38.61 79.32 30.29
N GLU N 653 38.49 78.87 31.54
CA GLU N 653 37.23 78.27 31.99
C GLU N 653 36.09 79.27 31.91
N VAL N 654 36.29 80.48 32.46
CA VAL N 654 35.24 81.48 32.49
C VAL N 654 34.92 81.97 31.08
N GLU N 655 35.95 82.12 30.25
CA GLU N 655 35.74 82.55 28.87
C GLU N 655 34.94 81.52 28.08
N THR N 656 35.25 80.23 28.27
CA THR N 656 34.52 79.18 27.57
C THR N 656 33.07 79.11 28.05
N GLN N 657 32.86 79.23 29.36
CA GLN N 657 31.50 79.29 29.88
C GLN N 657 30.73 80.46 29.29
N PHE N 658 31.39 81.62 29.17
CA PHE N 658 30.72 82.80 28.63
C PHE N 658 30.36 82.61 27.17
N LYS N 659 31.28 82.05 26.36
CA LYS N 659 30.98 81.80 24.96
C LYS N 659 29.85 80.79 24.82
N ALA N 660 29.85 79.75 25.64
CA ALA N 660 28.78 78.75 25.59
C ALA N 660 27.43 79.38 25.95
N PHE N 661 27.41 80.22 26.97
CA PHE N 661 26.17 80.92 27.33
C PHE N 661 25.69 81.81 26.19
N LEU N 662 26.61 82.57 25.59
CA LEU N 662 26.24 83.46 24.49
C LEU N 662 25.67 82.67 23.31
N ILE N 663 26.30 81.55 22.96
CA ILE N 663 25.82 80.75 21.84
C ILE N 663 24.48 80.11 22.16
N ARG N 664 24.30 79.60 23.39
CA ARG N 664 23.03 79.02 23.77
C ARG N 664 21.91 80.06 23.80
N LEU N 665 22.26 81.33 24.01
CA LEU N 665 21.26 82.38 24.03
C LEU N 665 20.63 82.59 22.66
N LEU N 666 21.43 82.53 21.60
CA LEU N 666 20.94 82.78 20.23
C LEU N 666 20.86 81.51 19.39
N ARG N 667 20.98 80.33 20.02
CA ARG N 667 20.98 79.09 19.26
C ARG N 667 19.69 78.90 18.46
N ASP N 668 18.55 79.27 19.03
CA ASP N 668 17.29 79.11 18.32
C ASP N 668 17.27 79.92 17.02
N LEU N 669 17.66 81.20 17.10
CA LEU N 669 17.66 82.04 15.92
C LEU N 669 18.71 81.57 14.92
N ILE N 670 19.88 81.14 15.40
CA ILE N 670 20.92 80.66 14.49
C ILE N 670 20.45 79.42 13.74
N ASP N 671 19.82 78.49 14.45
CA ASP N 671 19.30 77.28 13.81
C ASP N 671 18.20 77.62 12.81
N LYS N 672 17.35 78.59 13.14
CA LYS N 672 16.27 78.96 12.23
C LYS N 672 16.80 79.65 10.96
N GLN N 673 17.99 80.23 11.02
CA GLN N 673 18.58 80.88 9.85
C GLN N 673 18.85 79.87 8.73
N THR N 674 18.52 80.26 7.50
CA THR N 674 18.80 79.46 6.32
C THR N 674 20.19 79.80 5.79
N TRP N 675 20.63 79.01 4.81
CA TRP N 675 21.95 79.22 4.21
C TRP N 675 21.82 79.68 2.75
N THR N 676 21.15 80.82 2.55
CA THR N 676 20.89 81.36 1.23
C THR N 676 20.97 82.88 1.29
N ASP N 677 20.80 83.52 0.12
CA ASP N 677 20.77 84.98 0.01
C ASP N 677 19.36 85.52 -0.06
N GLU N 678 18.41 84.89 0.63
CA GLU N 678 17.02 85.31 0.57
C GLU N 678 16.75 86.44 1.57
N GLY N 679 15.60 87.09 1.41
CA GLY N 679 15.14 88.07 2.36
C GLY N 679 15.61 89.47 2.05
N SER N 680 15.14 90.41 2.87
CA SER N 680 15.50 91.81 2.74
C SER N 680 16.94 92.03 3.18
N VAL N 681 17.41 93.28 3.01
CA VAL N 681 18.78 93.63 3.39
C VAL N 681 19.01 93.38 4.88
N SER N 682 18.05 93.78 5.71
CA SER N 682 18.17 93.57 7.15
C SER N 682 18.30 92.09 7.49
N GLU N 683 17.41 91.26 6.93
CA GLU N 683 17.45 89.83 7.21
C GLU N 683 18.75 89.21 6.71
N ARG N 684 19.26 89.68 5.56
CA ARG N 684 20.50 89.12 5.02
C ARG N 684 21.69 89.46 5.91
N MET N 685 21.80 90.72 6.35
CA MET N 685 22.90 91.08 7.23
C MET N 685 22.82 90.33 8.56
N LEU N 686 21.60 90.20 9.09
CA LEU N 686 21.42 89.43 10.32
C LEU N 686 21.89 87.98 10.13
N ARG N 687 21.50 87.35 9.02
CA ARG N 687 21.92 85.99 8.74
C ARG N 687 23.44 85.89 8.64
N SER N 688 24.05 86.82 7.90
CA SER N 688 25.50 86.76 7.72
C SER N 688 26.22 86.85 9.07
N GLN N 689 25.86 87.84 9.88
CA GLN N 689 26.53 88.01 11.17
C GLN N 689 26.25 86.84 12.10
N LEU N 690 25.03 86.31 12.09
CA LEU N 690 24.69 85.21 12.99
C LEU N 690 25.45 83.95 12.62
N LEU N 691 25.46 83.59 11.33
CA LEU N 691 26.20 82.41 10.91
C LEU N 691 27.69 82.57 11.16
N LEU N 692 28.24 83.76 10.92
CA LEU N 692 29.65 83.99 11.20
C LEU N 692 29.95 83.80 12.68
N LEU N 693 29.10 84.38 13.55
CA LEU N 693 29.29 84.24 14.99
C LEU N 693 29.22 82.78 15.43
N ALA N 694 28.19 82.06 14.95
CA ALA N 694 28.03 80.66 15.34
C ALA N 694 29.20 79.81 14.88
N CYS N 695 29.71 80.06 13.67
CA CYS N 695 30.82 79.25 13.20
CA CYS N 695 30.84 79.28 13.16
C CYS N 695 32.13 79.62 13.89
N VAL N 696 32.30 80.89 14.27
CA VAL N 696 33.53 81.29 14.95
C VAL N 696 33.61 80.64 16.33
N HIS N 697 32.50 80.59 17.06
CA HIS N 697 32.45 80.03 18.40
C HIS N 697 32.18 78.52 18.41
N ASN N 698 32.31 77.86 17.25
CA ASN N 698 32.42 76.40 17.14
C ASN N 698 31.07 75.71 17.38
N TYR N 699 30.02 76.22 16.71
CA TYR N 699 28.75 75.51 16.63
C TYR N 699 28.88 74.40 15.60
N GLN N 700 28.93 73.16 16.07
CA GLN N 700 29.33 72.04 15.21
C GLN N 700 28.46 71.87 13.96
N PRO N 701 27.13 72.06 14.01
CA PRO N 701 26.38 72.04 12.73
C PRO N 701 26.86 73.08 11.73
N CYS N 702 27.03 74.33 12.18
CA CYS N 702 27.54 75.38 11.31
CA CYS N 702 27.53 75.37 11.29
C CYS N 702 28.92 75.02 10.76
N VAL N 703 29.79 74.50 11.64
CA VAL N 703 31.14 74.14 11.23
C VAL N 703 31.12 73.05 10.17
N GLN N 704 30.27 72.04 10.37
CA GLN N 704 30.18 70.94 9.39
C GLN N 704 29.67 71.44 8.05
N ARG N 705 28.60 72.24 8.05
CA ARG N 705 28.04 72.70 6.78
C ARG N 705 29.00 73.66 6.08
N ALA N 706 29.69 74.50 6.84
CA ALA N 706 30.64 75.43 6.25
C ALA N 706 31.86 74.70 5.71
N GLU N 707 32.30 73.65 6.39
CA GLU N 707 33.38 72.82 5.85
C GLU N 707 32.96 72.14 4.56
N GLY N 708 31.72 71.67 4.49
CA GLY N 708 31.23 71.10 3.24
C GLY N 708 31.23 72.10 2.10
N TYR N 709 30.70 73.29 2.37
CA TYR N 709 30.67 74.34 1.34
C TYR N 709 32.09 74.74 0.92
N PHE N 710 33.00 74.87 1.88
CA PHE N 710 34.37 75.25 1.55
C PHE N 710 35.08 74.14 0.77
N ARG N 711 34.77 72.89 1.08
CA ARG N 711 35.35 71.78 0.33
C ARG N 711 34.87 71.82 -1.12
N LYS N 712 33.56 71.96 -1.33
CA LYS N 712 33.03 72.05 -2.68
C LYS N 712 33.61 73.24 -3.42
N TRP N 713 33.77 74.38 -2.74
CA TRP N 713 34.31 75.57 -3.38
C TRP N 713 35.78 75.40 -3.77
N LYS N 714 36.60 74.89 -2.86
CA LYS N 714 38.02 74.71 -3.11
C LYS N 714 38.27 73.67 -4.19
N GLU N 715 37.47 72.59 -4.21
CA GLU N 715 37.63 71.59 -5.26
C GLU N 715 37.22 72.12 -6.62
N SER N 716 36.28 73.07 -6.66
CA SER N 716 35.90 73.74 -7.89
C SER N 716 36.88 74.82 -8.31
N ASN N 717 37.89 75.11 -7.48
CA ASN N 717 38.93 76.10 -7.78
C ASN N 717 38.33 77.51 -7.79
N GLY N 718 37.51 77.80 -6.78
CA GLY N 718 36.84 79.09 -6.69
C GLY N 718 35.72 79.32 -7.66
N ASN N 719 35.47 78.39 -8.59
CA ASN N 719 34.47 78.62 -9.62
C ASN N 719 33.04 78.47 -9.10
N LEU N 720 32.83 77.66 -8.07
CA LEU N 720 31.49 77.48 -7.52
C LEU N 720 31.01 78.78 -6.87
N SER N 721 29.80 79.22 -7.25
CA SER N 721 29.21 80.42 -6.69
C SER N 721 28.57 80.10 -5.35
N LEU N 722 29.07 80.76 -4.28
CA LEU N 722 28.54 80.58 -2.93
C LEU N 722 27.60 81.72 -2.56
N PRO N 723 26.66 81.47 -1.66
CA PRO N 723 25.82 82.55 -1.15
C PRO N 723 26.67 83.61 -0.46
N VAL N 724 26.50 84.87 -0.89
CA VAL N 724 27.34 85.96 -0.40
C VAL N 724 27.22 86.12 1.11
N ASP N 725 26.05 85.83 1.67
CA ASP N 725 25.85 86.01 3.10
C ASP N 725 26.65 84.99 3.90
N VAL N 726 26.62 83.72 3.48
CA VAL N 726 27.38 82.67 4.15
C VAL N 726 28.84 82.64 3.73
N THR N 727 29.24 83.45 2.75
CA THR N 727 30.63 83.47 2.30
C THR N 727 31.58 83.82 3.44
N LEU N 728 31.19 84.75 4.30
CA LEU N 728 32.02 85.13 5.44
C LEU N 728 32.30 83.93 6.33
N ALA N 729 31.24 83.22 6.75
CA ALA N 729 31.40 82.07 7.61
C ALA N 729 32.19 80.96 6.92
N VAL N 730 31.93 80.73 5.63
CA VAL N 730 32.61 79.66 4.91
C VAL N 730 34.11 79.93 4.85
N PHE N 731 34.48 81.17 4.52
CA PHE N 731 35.90 81.50 4.46
C PHE N 731 36.54 81.44 5.84
N ALA N 732 35.85 81.95 6.87
CA ALA N 732 36.41 81.93 8.21
C ALA N 732 36.61 80.50 8.71
N VAL N 733 35.74 79.58 8.34
CA VAL N 733 35.92 78.18 8.73
C VAL N 733 37.04 77.54 7.93
N GLY N 734 37.05 77.75 6.61
CA GLY N 734 38.04 77.11 5.77
C GLY N 734 39.46 77.59 6.03
N ALA N 735 39.61 78.82 6.52
CA ALA N 735 40.93 79.38 6.77
C ALA N 735 41.59 78.85 8.04
N GLN N 736 40.98 77.89 8.73
CA GLN N 736 41.57 77.36 9.94
C GLN N 736 42.72 76.40 9.65
N SER N 737 42.65 75.68 8.54
CA SER N 737 43.73 74.78 8.13
C SER N 737 44.70 75.52 7.21
N THR N 738 45.95 75.03 7.20
CA THR N 738 46.99 75.67 6.38
C THR N 738 46.66 75.59 4.90
N GLU N 739 46.11 74.45 4.45
CA GLU N 739 45.76 74.27 3.05
C GLU N 739 44.75 75.32 2.60
N GLY N 740 43.64 75.44 3.33
CA GLY N 740 42.63 76.43 2.96
C GLY N 740 43.11 77.85 3.09
N TRP N 741 43.98 78.13 4.06
CA TRP N 741 44.57 79.45 4.20
C TRP N 741 45.37 79.82 2.95
N ASP N 742 46.25 78.92 2.51
CA ASP N 742 47.05 79.21 1.32
C ASP N 742 46.18 79.31 0.08
N PHE N 743 45.13 78.48 -0.01
CA PHE N 743 44.23 78.55 -1.16
C PHE N 743 43.51 79.89 -1.21
N LEU N 744 42.97 80.33 -0.07
CA LEU N 744 42.29 81.62 0.01
C LEU N 744 43.24 82.75 -0.37
N TYR N 745 44.47 82.73 0.13
CA TYR N 745 45.40 83.81 -0.25
C TYR N 745 45.74 83.75 -1.72
N SER N 746 45.88 82.54 -2.28
CA SER N 746 46.17 82.43 -3.71
C SER N 746 45.04 83.03 -4.54
N LYS N 747 43.80 82.88 -4.08
CA LYS N 747 42.69 83.48 -4.80
C LYS N 747 42.57 84.98 -4.54
N TYR N 748 43.08 85.46 -3.41
CA TYR N 748 42.99 86.87 -3.06
C TYR N 748 43.63 87.77 -4.13
N GLN N 749 44.80 87.37 -4.64
CA GLN N 749 45.55 88.25 -5.54
C GLN N 749 44.76 88.61 -6.79
N PHE N 750 44.07 87.65 -7.39
CA PHE N 750 43.40 87.86 -8.68
C PHE N 750 41.94 88.27 -8.55
N SER N 751 41.33 88.16 -7.37
CA SER N 751 39.94 88.58 -7.20
C SER N 751 39.79 90.08 -7.45
N LEU N 752 38.60 90.45 -7.94
CA LEU N 752 38.28 91.84 -8.24
C LEU N 752 37.08 92.37 -7.46
N SER N 753 36.45 91.54 -6.63
CA SER N 753 35.33 91.98 -5.80
C SER N 753 35.84 92.47 -4.46
N SER N 754 35.42 93.67 -4.06
CA SER N 754 35.91 94.26 -2.81
C SER N 754 35.35 93.54 -1.60
N THR N 755 34.10 93.09 -1.66
CA THR N 755 33.53 92.31 -0.57
C THR N 755 34.27 90.99 -0.41
N GLU N 756 34.57 90.33 -1.53
CA GLU N 756 35.35 89.10 -1.49
C GLU N 756 36.73 89.34 -0.88
N LYS N 757 37.36 90.46 -1.25
CA LYS N 757 38.66 90.80 -0.69
C LYS N 757 38.58 90.99 0.83
N SER N 758 37.58 91.74 1.30
CA SER N 758 37.46 91.98 2.73
C SER N 758 37.16 90.70 3.49
N GLN N 759 36.32 89.83 2.91
CA GLN N 759 35.99 88.57 3.57
C GLN N 759 37.20 87.65 3.64
N ILE N 760 38.01 87.62 2.58
CA ILE N 760 39.25 86.85 2.60
C ILE N 760 40.20 87.40 3.64
N GLU N 761 40.30 88.73 3.75
CA GLU N 761 41.17 89.34 4.75
C GLU N 761 40.73 88.93 6.16
N PHE N 762 39.42 88.99 6.43
CA PHE N 762 38.92 88.58 7.74
C PHE N 762 39.22 87.12 8.02
N ALA N 763 39.01 86.25 7.02
CA ALA N 763 39.28 84.83 7.19
C ALA N 763 40.75 84.59 7.50
N LEU N 764 41.65 85.25 6.77
CA LEU N 764 43.07 85.05 6.98
C LEU N 764 43.53 85.60 8.32
N CYS N 765 42.91 86.67 8.80
CA CYS N 765 43.25 87.16 10.13
C CYS N 765 42.70 86.27 11.23
N ARG N 766 41.63 85.52 10.94
CA ARG N 766 41.09 84.55 11.89
C ARG N 766 41.99 83.32 12.10
N THR N 767 43.24 83.28 11.60
CA THR N 767 44.05 82.07 11.68
C THR N 767 44.73 81.97 13.05
N GLN N 768 45.29 80.79 13.31
CA GLN N 768 46.02 80.52 14.53
C GLN N 768 47.53 80.47 14.33
N ASN N 769 48.00 80.53 13.09
CA ASN N 769 49.42 80.40 12.80
C ASN N 769 50.09 81.75 13.06
N LYS N 770 50.97 81.79 14.07
CA LYS N 770 51.65 83.03 14.42
C LYS N 770 52.48 83.56 13.23
N GLU N 771 53.14 82.66 12.50
CA GLU N 771 53.94 83.07 11.36
C GLU N 771 53.07 83.66 10.26
N LYS N 772 51.88 83.10 10.05
CA LYS N 772 50.99 83.63 9.01
C LYS N 772 50.46 85.01 9.40
N LEU N 773 50.17 85.22 10.69
CA LEU N 773 49.80 86.55 11.14
C LEU N 773 50.93 87.56 10.91
N GLN N 774 52.15 87.17 11.27
CA GLN N 774 53.30 88.04 11.04
C GLN N 774 53.49 88.35 9.56
N TRP N 775 53.27 87.35 8.71
CA TRP N 775 53.41 87.53 7.27
C TRP N 775 52.34 88.47 6.73
N LEU N 776 51.09 88.28 7.18
CA LEU N 776 50.02 89.20 6.80
C LEU N 776 50.37 90.63 7.18
N LEU N 777 50.87 90.83 8.41
CA LEU N 777 51.25 92.15 8.86
C LEU N 777 52.35 92.74 7.97
N ASP N 778 53.41 91.98 7.75
CA ASP N 778 54.55 92.48 6.98
C ASP N 778 54.14 92.83 5.55
N GLU N 779 53.36 91.96 4.91
CA GLU N 779 53.02 92.19 3.51
C GLU N 779 52.01 93.32 3.36
N SER N 780 51.05 93.42 4.28
CA SER N 780 50.11 94.54 4.23
C SER N 780 50.80 95.86 4.55
N PHE N 781 51.87 95.84 5.34
CA PHE N 781 52.65 97.05 5.55
C PHE N 781 53.43 97.43 4.29
N LYS N 782 54.11 96.46 3.68
CA LYS N 782 54.92 96.76 2.50
C LYS N 782 54.07 97.32 1.37
N GLY N 783 52.85 96.83 1.20
CA GLY N 783 51.91 97.39 0.25
C GLY N 783 51.94 96.81 -1.14
N ASP N 784 52.66 95.71 -1.36
CA ASP N 784 52.71 95.09 -2.69
C ASP N 784 51.66 93.99 -2.81
N LYS N 785 51.86 92.90 -2.08
CA LYS N 785 50.92 91.78 -2.17
C LYS N 785 49.56 92.14 -1.58
N ILE N 786 49.53 92.99 -0.55
CA ILE N 786 48.29 93.54 0.00
C ILE N 786 48.50 95.05 0.14
N LYS N 787 47.61 95.83 -0.46
CA LYS N 787 47.76 97.27 -0.49
C LYS N 787 47.78 97.84 0.93
N THR N 788 48.50 98.96 1.09
CA THR N 788 48.66 99.57 2.40
C THR N 788 47.37 100.16 2.92
N GLN N 789 46.45 100.53 2.03
CA GLN N 789 45.18 101.11 2.46
C GLN N 789 44.36 100.12 3.30
N GLU N 790 44.58 98.83 3.12
CA GLU N 790 43.90 97.81 3.91
C GLU N 790 44.63 97.47 5.19
N PHE N 791 45.79 98.08 5.44
CA PHE N 791 46.59 97.70 6.61
C PHE N 791 45.92 97.92 7.95
N PRO N 792 45.31 99.08 8.24
CA PRO N 792 44.80 99.29 9.61
C PRO N 792 43.76 98.28 10.07
N GLN N 793 42.80 97.91 9.20
CA GLN N 793 41.79 96.96 9.61
C GLN N 793 42.40 95.62 9.96
N ILE N 794 43.41 95.21 9.19
CA ILE N 794 44.09 93.95 9.46
C ILE N 794 44.68 93.98 10.86
N LEU N 795 45.31 95.11 11.22
CA LEU N 795 45.89 95.22 12.55
C LEU N 795 44.81 95.03 13.61
N THR N 796 43.64 95.63 13.39
CA THR N 796 42.58 95.51 14.37
C THR N 796 42.13 94.06 14.49
N LEU N 797 42.01 93.36 13.36
CA LEU N 797 41.61 91.96 13.44
C LEU N 797 42.64 91.15 14.19
N ILE N 798 43.93 91.47 14.00
CA ILE N 798 44.95 90.72 14.72
C ILE N 798 44.91 91.10 16.20
N GLY N 799 44.54 92.35 16.50
CA GLY N 799 44.30 92.70 17.89
C GLY N 799 43.09 91.98 18.46
N ARG N 800 42.15 91.59 17.60
CA ARG N 800 41.03 90.77 18.02
C ARG N 800 41.43 89.30 18.17
N ASN N 801 42.30 88.82 17.29
CA ASN N 801 42.73 87.42 17.33
C ASN N 801 43.31 87.08 18.69
N PRO N 802 42.85 85.99 19.33
CA PRO N 802 43.32 85.67 20.69
C PRO N 802 44.81 85.36 20.78
N VAL N 803 45.47 85.00 19.69
CA VAL N 803 46.90 84.70 19.69
C VAL N 803 47.72 85.75 18.95
N GLY N 804 47.09 86.83 18.47
CA GLY N 804 47.82 87.78 17.65
C GLY N 804 48.01 89.15 18.26
N TYR N 805 47.31 89.45 19.36
CA TYR N 805 47.42 90.79 19.94
C TYR N 805 48.83 91.15 20.41
N PRO N 806 49.67 90.25 20.95
CA PRO N 806 51.05 90.67 21.21
C PRO N 806 51.82 90.99 19.95
N LEU N 807 51.63 90.22 18.88
CA LEU N 807 52.28 90.52 17.62
C LEU N 807 51.84 91.88 17.08
N ALA N 808 50.54 92.19 17.17
CA ALA N 808 50.05 93.47 16.68
C ALA N 808 50.61 94.63 17.50
N TRP N 809 50.60 94.49 18.83
CA TRP N 809 51.15 95.51 19.71
C TRP N 809 52.63 95.73 19.43
N GLN N 810 53.39 94.63 19.25
CA GLN N 810 54.81 94.73 18.95
C GLN N 810 55.06 95.38 17.60
N PHE N 811 54.24 95.05 16.59
CA PHE N 811 54.41 95.64 15.27
C PHE N 811 54.14 97.14 15.31
N LEU N 812 53.08 97.56 16.00
CA LEU N 812 52.81 98.98 16.16
C LEU N 812 53.97 99.67 16.86
N ARG N 813 54.49 99.05 17.93
CA ARG N 813 55.61 99.64 18.67
C ARG N 813 56.85 99.81 17.79
N LYS N 814 57.20 98.77 17.01
CA LYS N 814 58.48 98.77 16.31
C LYS N 814 58.47 99.57 15.02
N ASN N 815 57.30 99.82 14.41
CA ASN N 815 57.22 100.58 13.16
C ASN N 815 56.35 101.83 13.30
N TRP N 816 56.23 102.37 14.52
CA TRP N 816 55.40 103.55 14.73
C TRP N 816 55.80 104.72 13.83
N ASN N 817 57.10 104.94 13.64
CA ASN N 817 57.55 106.12 12.90
C ASN N 817 57.08 106.11 11.46
N LYS N 818 57.33 104.99 10.75
CA LYS N 818 56.91 104.91 9.35
C LYS N 818 55.39 104.91 9.24
N LEU N 819 54.70 104.30 10.21
CA LEU N 819 53.24 104.32 10.20
C LEU N 819 52.70 105.74 10.33
N VAL N 820 53.29 106.53 11.23
CA VAL N 820 52.88 107.92 11.39
C VAL N 820 53.20 108.73 10.14
N GLN N 821 54.38 108.52 9.55
CA GLN N 821 54.73 109.26 8.35
C GLN N 821 53.82 108.88 7.18
N LYS N 822 53.27 107.66 7.20
CA LYS N 822 52.39 107.22 6.12
C LYS N 822 50.97 107.71 6.32
N PHE N 823 50.49 107.71 7.56
CA PHE N 823 49.09 108.02 7.85
C PHE N 823 48.89 109.39 8.49
N GLU N 824 49.98 110.14 8.73
CA GLU N 824 49.94 111.45 9.38
C GLU N 824 49.54 111.36 10.85
N LEU N 825 50.00 112.31 11.65
CA LEU N 825 49.67 112.32 13.07
C LEU N 825 48.23 112.79 13.29
N GLY N 826 47.57 112.20 14.28
CA GLY N 826 46.23 112.59 14.64
C GLY N 826 45.15 112.17 13.67
N SER N 827 45.49 111.45 12.59
CA SER N 827 44.47 110.97 11.68
C SER N 827 43.64 109.87 12.35
N SER N 828 42.42 109.69 11.84
CA SER N 828 41.57 108.63 12.35
C SER N 828 42.17 107.25 12.11
N SER N 829 43.03 107.13 11.10
CA SER N 829 43.72 105.87 10.87
C SER N 829 44.67 105.54 12.01
N ILE N 830 45.48 106.52 12.43
CA ILE N 830 46.40 106.31 13.54
C ILE N 830 45.62 106.00 14.82
N ALA N 831 44.59 106.79 15.09
CA ALA N 831 43.78 106.58 16.29
C ALA N 831 43.22 105.17 16.31
N HIS N 832 42.63 104.75 15.18
CA HIS N 832 42.09 103.40 15.06
C HIS N 832 43.15 102.40 15.45
N MET N 833 44.36 102.53 14.89
CA MET N 833 45.42 101.59 15.19
C MET N 833 45.73 101.62 16.67
N VAL N 834 45.92 102.82 17.22
CA VAL N 834 46.26 102.94 18.64
C VAL N 834 45.24 102.21 19.47
N MET N 835 43.95 102.43 19.17
CA MET N 835 42.92 101.78 19.96
C MET N 835 42.87 100.29 19.68
N GLY N 836 42.99 99.90 18.41
CA GLY N 836 42.83 98.50 18.04
C GLY N 836 43.83 97.58 18.70
N THR N 837 45.03 98.08 19.00
CA THR N 837 46.03 97.27 19.66
C THR N 837 45.97 97.35 21.18
N THR N 838 45.37 98.40 21.74
CA THR N 838 45.44 98.60 23.19
C THR N 838 44.10 98.62 23.91
N ASN N 839 43.01 99.02 23.25
CA ASN N 839 41.80 99.31 24.03
C ASN N 839 41.09 98.06 24.56
N GLN N 840 41.64 96.86 24.41
CA GLN N 840 41.06 95.65 24.99
C GLN N 840 41.88 95.10 26.16
N PHE N 841 42.85 95.86 26.65
CA PHE N 841 43.68 95.40 27.76
C PHE N 841 42.97 95.60 29.09
N SER N 842 43.39 94.82 30.09
CA SER N 842 42.67 94.75 31.36
C SER N 842 43.57 94.73 32.59
N THR N 843 44.90 94.78 32.43
CA THR N 843 45.81 94.66 33.56
C THR N 843 46.58 95.97 33.74
N ARG N 844 47.04 96.20 34.97
CA ARG N 844 47.84 97.37 35.27
C ARG N 844 49.18 97.36 34.53
N THR N 845 49.73 96.16 34.29
CA THR N 845 50.96 96.06 33.53
C THR N 845 50.79 96.59 32.11
N ARG N 846 49.70 96.20 31.45
CA ARG N 846 49.44 96.70 30.11
C ARG N 846 49.21 98.21 30.11
N LEU N 847 48.49 98.72 31.12
CA LEU N 847 48.27 100.16 31.22
C LEU N 847 49.59 100.92 31.35
N GLU N 848 50.51 100.41 32.17
CA GLU N 848 51.79 101.10 32.35
C GLU N 848 52.64 101.00 31.09
N GLU N 849 52.60 99.85 30.40
CA GLU N 849 53.27 99.73 29.12
C GLU N 849 52.76 100.77 28.13
N VAL N 850 51.44 100.89 28.00
CA VAL N 850 50.86 101.86 27.07
C VAL N 850 51.30 103.26 27.44
N LYS N 851 51.19 103.62 28.72
CA LYS N 851 51.61 104.94 29.18
C LYS N 851 53.05 105.23 28.80
N GLY N 852 53.96 104.31 29.13
CA GLY N 852 55.37 104.53 28.88
C GLY N 852 55.67 104.66 27.40
N PHE N 853 55.12 103.75 26.60
CA PHE N 853 55.37 103.79 25.16
C PHE N 853 54.90 105.10 24.55
N PHE N 854 53.64 105.46 24.78
CA PHE N 854 53.11 106.65 24.13
C PHE N 854 53.66 107.94 24.73
N SER N 855 54.23 107.90 25.94
CA SER N 855 54.92 109.06 26.47
C SER N 855 56.32 109.21 25.89
N SER N 856 57.01 108.10 25.64
CA SER N 856 58.36 108.15 25.07
C SER N 856 58.38 108.75 23.66
N LEU N 857 57.25 108.78 22.96
CA LEU N 857 57.20 109.43 21.66
C LEU N 857 57.59 110.90 21.72
N LYS N 858 57.31 111.56 22.85
CA LYS N 858 57.66 112.98 23.05
C LYS N 858 56.89 113.78 21.99
N GLU N 859 57.56 114.62 21.19
CA GLU N 859 56.85 115.50 20.26
C GLU N 859 56.23 114.77 19.08
N ASN N 860 56.34 113.44 18.99
CA ASN N 860 55.82 112.68 17.86
C ASN N 860 54.66 111.77 18.25
N GLY N 861 53.73 112.26 19.07
CA GLY N 861 52.51 111.51 19.31
C GLY N 861 52.07 111.31 20.75
N SER N 862 52.82 111.87 21.71
CA SER N 862 52.38 111.77 23.09
C SER N 862 51.14 112.59 23.38
N GLN N 863 50.88 113.63 22.58
CA GLN N 863 49.74 114.52 22.80
C GLN N 863 48.52 114.15 21.95
N LEU N 864 48.38 112.88 21.62
CA LEU N 864 47.25 112.44 20.80
C LEU N 864 46.08 112.13 21.71
N ARG N 865 44.92 112.73 21.42
CA ARG N 865 43.73 112.48 22.22
C ARG N 865 43.34 111.01 22.19
N CYS N 866 43.62 110.30 21.10
CA CYS N 866 43.36 108.87 21.08
C CYS N 866 44.21 108.11 22.09
N VAL N 867 45.44 108.59 22.34
CA VAL N 867 46.26 107.99 23.39
C VAL N 867 45.59 108.15 24.74
N GLN N 868 45.10 109.36 25.04
CA GLN N 868 44.36 109.58 26.29
C GLN N 868 43.13 108.71 26.36
N GLN N 869 42.45 108.52 25.23
CA GLN N 869 41.25 107.69 25.21
C GLN N 869 41.59 106.24 25.54
N THR N 870 42.68 105.74 24.98
CA THR N 870 43.10 104.37 25.29
C THR N 870 43.53 104.24 26.75
N ILE N 871 44.21 105.25 27.28
CA ILE N 871 44.64 105.22 28.68
C ILE N 871 43.43 105.15 29.61
N GLU N 872 42.45 106.04 29.40
CA GLU N 872 41.27 106.03 30.25
C GLU N 872 40.43 104.78 30.04
N THR N 873 40.39 104.26 28.81
CA THR N 873 39.67 103.03 28.56
C THR N 873 40.30 101.86 29.29
N ILE N 874 41.63 101.78 29.32
CA ILE N 874 42.30 100.71 30.04
C ILE N 874 42.11 100.86 31.54
N GLU N 875 42.10 102.10 32.03
CA GLU N 875 41.86 102.33 33.46
C GLU N 875 40.47 101.84 33.86
N GLU N 876 39.45 102.25 33.10
CA GLU N 876 38.08 101.81 33.37
C GLU N 876 37.95 100.30 33.19
N ASN N 877 38.65 99.72 32.22
CA ASN N 877 38.61 98.28 32.03
C ASN N 877 39.18 97.54 33.23
N ILE N 878 40.29 98.03 33.79
CA ILE N 878 40.87 97.44 34.99
C ILE N 878 39.86 97.47 36.13
N GLY N 879 39.26 98.64 36.36
CA GLY N 879 38.26 98.75 37.41
C GLY N 879 37.09 97.81 37.20
N TRP N 880 36.52 97.83 36.00
CA TRP N 880 35.34 97.03 35.69
C TRP N 880 35.63 95.54 35.83
N MET N 881 36.83 95.10 35.42
CA MET N 881 37.15 93.69 35.49
C MET N 881 37.36 93.26 36.93
N ASP N 882 38.13 94.05 37.70
CA ASP N 882 38.33 93.72 39.11
C ASP N 882 37.01 93.70 39.87
N LYS N 883 36.03 94.49 39.43
CA LYS N 883 34.76 94.48 40.15
C LYS N 883 33.86 93.32 39.73
N ASN N 884 33.82 93.01 38.43
CA ASN N 884 32.77 92.16 37.89
C ASN N 884 33.19 90.77 37.44
N PHE N 885 34.50 90.44 37.42
CA PHE N 885 34.90 89.15 36.86
C PHE N 885 34.38 87.98 37.67
N ASP N 886 34.66 87.97 38.97
CA ASP N 886 34.21 86.86 39.81
C ASP N 886 32.69 86.81 39.90
N LYS N 887 32.04 87.98 39.90
CA LYS N 887 30.59 88.03 39.84
C LYS N 887 30.05 87.35 38.59
N ILE N 888 30.69 87.62 37.44
CA ILE N 888 30.25 87.00 36.18
C ILE N 888 30.50 85.51 36.21
N ARG N 889 31.60 85.08 36.83
CA ARG N 889 31.87 83.65 36.97
C ARG N 889 30.75 82.97 37.78
N VAL N 890 30.39 83.58 38.91
CA VAL N 890 29.32 83.03 39.75
C VAL N 890 28.00 83.01 38.99
N TRP N 891 27.70 84.08 38.25
CA TRP N 891 26.44 84.12 37.52
C TRP N 891 26.41 83.08 36.40
N LEU N 892 27.56 82.80 35.77
CA LEU N 892 27.60 81.76 34.76
C LEU N 892 27.40 80.38 35.38
N GLN N 893 27.98 80.16 36.57
CA GLN N 893 27.71 78.90 37.27
C GLN N 893 26.23 78.77 37.61
N SER N 894 25.60 79.88 38.01
CA SER N 894 24.17 79.85 38.30
C SER N 894 23.34 79.60 37.05
N GLU N 895 23.79 80.15 35.92
CA GLU N 895 23.06 79.99 34.66
C GLU N 895 23.17 78.57 34.11
N LYS N 896 24.28 77.88 34.39
CA LYS N 896 24.36 76.47 34.02
C LYS N 896 23.28 75.65 34.72
N LEU N 897 22.86 76.07 35.92
CA LEU N 897 21.76 75.43 36.65
C LEU N 897 20.40 75.91 36.13
N GLU N 898 20.14 75.58 34.86
CA GLU N 898 18.89 75.96 34.23
C GLU N 898 18.17 74.83 33.52
N ARG N 899 18.85 73.75 33.16
CA ARG N 899 18.20 72.62 32.49
C ARG N 899 17.80 71.55 33.49
N PRO O 30 56.03 -125.72 60.36
CA PRO O 30 56.74 -124.83 61.30
C PRO O 30 57.73 -123.90 60.59
N PHE O 31 57.40 -122.62 60.53
CA PHE O 31 58.25 -121.66 59.83
C PHE O 31 59.50 -121.36 60.65
N PRO O 32 60.69 -121.46 60.07
CA PRO O 32 61.93 -121.29 60.85
C PRO O 32 62.44 -119.86 60.89
N TRP O 33 61.56 -118.88 61.06
CA TRP O 33 61.98 -117.49 61.09
C TRP O 33 60.90 -116.64 61.75
N ASN O 34 61.33 -115.65 62.55
CA ASN O 34 60.38 -114.87 63.34
C ASN O 34 60.67 -113.37 63.33
N LYS O 35 61.44 -112.87 62.37
CA LYS O 35 61.74 -111.44 62.28
C LYS O 35 61.26 -110.88 60.94
N ILE O 36 60.86 -109.60 60.96
CA ILE O 36 60.40 -108.95 59.75
C ILE O 36 61.58 -108.70 58.81
N ARG O 37 62.73 -108.34 59.36
CA ARG O 37 63.93 -108.12 58.56
C ARG O 37 64.46 -109.44 58.01
N LEU O 38 65.16 -109.35 56.89
CA LEU O 38 65.70 -110.53 56.22
C LEU O 38 66.99 -111.00 56.90
N PRO O 39 67.36 -112.27 56.69
CA PRO O 39 68.65 -112.73 57.21
C PRO O 39 69.81 -111.98 56.57
N GLU O 40 70.79 -111.65 57.40
CA GLU O 40 71.94 -110.86 56.96
C GLU O 40 73.06 -111.71 56.38
N TYR O 41 72.97 -113.04 56.48
CA TYR O 41 74.07 -113.92 56.08
C TYR O 41 73.84 -114.60 54.73
N VAL O 42 72.78 -114.26 54.01
CA VAL O 42 72.54 -114.74 52.66
C VAL O 42 72.40 -113.51 51.77
N ILE O 43 73.40 -113.28 50.93
CA ILE O 43 73.52 -112.06 50.13
C ILE O 43 73.33 -112.41 48.66
N PRO O 44 72.42 -111.76 47.95
CA PRO O 44 72.33 -111.94 46.50
C PRO O 44 73.37 -111.10 45.78
N VAL O 45 73.74 -111.54 44.57
CA VAL O 45 74.72 -110.81 43.77
C VAL O 45 74.22 -110.53 42.36
N HIS O 46 73.35 -111.40 41.83
CA HIS O 46 72.90 -111.22 40.44
C HIS O 46 71.58 -111.95 40.25
N TYR O 47 70.54 -111.19 39.87
CA TYR O 47 69.26 -111.75 39.51
C TYR O 47 69.14 -111.88 38.00
N ASP O 48 68.49 -112.95 37.55
CA ASP O 48 68.17 -113.18 36.15
C ASP O 48 66.68 -113.48 36.08
N LEU O 49 65.91 -112.52 35.60
CA LEU O 49 64.45 -112.58 35.62
C LEU O 49 63.93 -112.85 34.23
N LEU O 50 62.95 -113.74 34.13
CA LEU O 50 62.24 -114.03 32.89
C LEU O 50 60.75 -113.90 33.19
N ILE O 51 60.11 -112.92 32.57
CA ILE O 51 58.70 -112.62 32.81
C ILE O 51 57.94 -112.82 31.51
N HIS O 52 56.84 -113.57 31.59
CA HIS O 52 55.90 -113.71 30.47
C HIS O 52 54.58 -113.18 30.96
N ALA O 53 54.23 -111.97 30.52
CA ALA O 53 52.99 -111.31 30.89
C ALA O 53 51.94 -111.54 29.80
N ASN O 54 50.80 -111.83 30.36
CA ASN O 54 49.70 -112.07 29.40
C ASN O 54 48.61 -111.00 29.63
N LEU O 55 48.51 -110.05 28.70
CA LEU O 55 47.56 -108.95 28.77
C LEU O 55 46.12 -109.43 28.53
N THR O 56 45.94 -110.44 27.66
CA THR O 56 44.59 -110.92 27.39
C THR O 56 43.99 -111.62 28.60
N THR O 57 44.73 -112.53 29.22
CA THR O 57 44.24 -113.24 30.39
C THR O 57 44.62 -112.55 31.68
N LEU O 58 45.31 -111.44 31.58
CA LEU O 58 45.77 -110.70 32.75
C LEU O 58 46.51 -111.62 33.72
N THR O 59 47.48 -112.36 33.20
CA THR O 59 48.25 -113.32 33.97
C THR O 59 49.73 -113.06 33.73
N PHE O 60 50.60 -113.79 34.43
CA PHE O 60 52.02 -113.80 34.07
C PHE O 60 52.73 -114.92 34.81
N TRP O 61 53.62 -115.61 34.10
CA TRP O 61 54.49 -116.64 34.66
CA TRP O 61 54.48 -116.61 34.72
C TRP O 61 55.92 -116.12 34.68
N GLY O 62 56.66 -116.44 35.74
CA GLY O 62 58.01 -115.92 35.90
C GLY O 62 58.98 -116.98 36.36
N THR O 63 60.24 -116.76 36.00
CA THR O 63 61.36 -117.59 36.43
C THR O 63 62.45 -116.67 36.94
N THR O 64 62.89 -116.89 38.18
CA THR O 64 63.88 -116.04 38.84
C THR O 64 65.08 -116.91 39.22
N LYS O 65 66.25 -116.57 38.67
CA LYS O 65 67.50 -117.23 39.04
C LYS O 65 68.36 -116.22 39.78
N VAL O 66 68.53 -116.43 41.08
CA VAL O 66 69.28 -115.50 41.93
C VAL O 66 70.55 -116.18 42.39
N GLU O 67 71.70 -115.57 42.06
CA GLU O 67 72.99 -116.02 42.55
C GLU O 67 73.26 -115.44 43.92
N ILE O 68 73.58 -116.31 44.89
CA ILE O 68 73.77 -115.91 46.27
C ILE O 68 75.05 -116.53 46.82
N THR O 69 75.53 -115.92 47.90
CA THR O 69 76.61 -116.45 48.72
C THR O 69 76.20 -116.39 50.18
N ALA O 70 76.78 -117.28 50.99
CA ALA O 70 76.44 -117.39 52.40
C ALA O 70 77.67 -117.18 53.26
N SER O 71 77.51 -116.44 54.35
CA SER O 71 78.58 -116.20 55.29
C SER O 71 78.50 -117.08 56.54
N GLN O 72 77.31 -117.55 56.91
CA GLN O 72 77.12 -118.48 58.00
C GLN O 72 76.55 -119.78 57.46
N PRO O 73 77.09 -120.93 57.85
CA PRO O 73 76.55 -122.21 57.35
C PRO O 73 75.09 -122.37 57.73
N THR O 74 74.24 -122.50 56.72
CA THR O 74 72.81 -122.62 56.93
C THR O 74 72.21 -123.53 55.86
N SER O 75 71.05 -124.10 56.19
CA SER O 75 70.28 -124.90 55.25
C SER O 75 68.92 -124.26 54.97
N THR O 76 68.75 -122.98 55.31
CA THR O 76 67.49 -122.28 55.12
C THR O 76 67.76 -120.92 54.50
N ILE O 77 67.06 -120.64 53.40
CA ILE O 77 67.19 -119.37 52.66
C ILE O 77 65.86 -118.64 52.75
N ILE O 78 65.87 -117.45 53.37
CA ILE O 78 64.68 -116.65 53.57
C ILE O 78 64.70 -115.49 52.58
N LEU O 79 63.60 -115.27 51.87
CA LEU O 79 63.46 -114.14 50.97
C LEU O 79 61.99 -113.75 50.91
N HIS O 80 61.71 -112.68 50.16
CA HIS O 80 60.38 -112.11 50.10
C HIS O 80 59.59 -112.66 48.92
N SER O 81 58.28 -112.79 49.12
CA SER O 81 57.35 -113.20 48.09
C SER O 81 55.94 -112.86 48.57
N HIS O 82 55.12 -112.27 47.69
CA HIS O 82 53.80 -111.79 48.08
C HIS O 82 52.84 -112.01 46.92
N HIS O 83 51.75 -112.73 47.20
CA HIS O 83 50.71 -113.01 46.21
C HIS O 83 51.28 -113.68 44.96
N LEU O 84 52.24 -114.57 45.16
CA LEU O 84 52.88 -115.30 44.07
C LEU O 84 52.76 -116.80 44.31
N GLN O 85 52.26 -117.52 43.30
CA GLN O 85 52.12 -118.97 43.40
C GLN O 85 53.43 -119.62 42.98
N ILE O 86 54.16 -120.17 43.95
CA ILE O 86 55.42 -120.86 43.66
C ILE O 86 55.10 -122.29 43.24
N SER O 87 55.67 -122.71 42.10
CA SER O 87 55.38 -124.03 41.56
C SER O 87 56.58 -124.95 41.48
N ARG O 88 57.80 -124.45 41.64
CA ARG O 88 59.01 -125.25 41.43
C ARG O 88 60.20 -124.47 41.97
N ALA O 89 61.09 -125.18 42.67
CA ALA O 89 62.24 -124.53 43.30
C ALA O 89 63.43 -125.47 43.28
N THR O 90 64.55 -125.00 42.73
CA THR O 90 65.78 -125.78 42.66
C THR O 90 66.95 -124.95 43.18
N LEU O 91 68.01 -125.66 43.57
CA LEU O 91 69.22 -125.03 44.12
C LEU O 91 70.43 -125.65 43.43
N ARG O 92 71.13 -124.86 42.63
CA ARG O 92 72.33 -125.28 41.93
C ARG O 92 73.57 -124.79 42.68
N LYS O 93 74.62 -125.60 42.68
CA LYS O 93 75.86 -125.28 43.40
C LYS O 93 76.97 -125.07 42.37
N GLY O 94 77.47 -123.83 42.27
CA GLY O 94 78.49 -123.54 41.28
C GLY O 94 78.04 -122.54 40.24
N LEU O 99 76.76 -127.68 38.35
CA LEU O 99 76.87 -129.11 38.13
C LEU O 99 75.80 -129.86 38.90
N SER O 100 75.82 -129.74 40.23
CA SER O 100 74.87 -130.43 41.09
C SER O 100 73.67 -129.55 41.36
N GLU O 101 72.47 -130.09 41.14
CA GLU O 101 71.23 -129.40 41.38
C GLU O 101 70.38 -130.22 42.35
N GLU O 102 69.82 -129.54 43.36
CA GLU O 102 69.05 -130.20 44.41
C GLU O 102 67.72 -129.50 44.61
N PRO O 103 66.66 -130.24 44.91
CA PRO O 103 65.36 -129.60 45.16
C PRO O 103 65.31 -128.91 46.50
N LEU O 104 64.48 -127.87 46.57
CA LEU O 104 64.27 -127.11 47.79
C LEU O 104 62.82 -127.28 48.24
N GLN O 105 62.63 -127.36 49.56
CA GLN O 105 61.28 -127.37 50.10
C GLN O 105 60.84 -125.96 50.42
N VAL O 106 59.57 -125.66 50.15
CA VAL O 106 59.04 -124.31 50.21
C VAL O 106 58.12 -124.19 51.42
N LEU O 107 58.39 -123.20 52.27
CA LEU O 107 57.51 -122.81 53.35
C LEU O 107 57.07 -121.38 53.13
N GLU O 108 55.82 -121.07 53.49
CA GLU O 108 55.22 -119.79 53.18
C GLU O 108 54.80 -119.09 54.46
N HIS O 109 55.01 -117.77 54.52
CA HIS O 109 54.57 -116.95 55.64
C HIS O 109 53.90 -115.70 55.07
N PRO O 110 52.57 -115.70 54.96
CA PRO O 110 51.90 -114.53 54.37
C PRO O 110 51.93 -113.30 55.26
N ARG O 111 52.01 -113.47 56.58
CA ARG O 111 52.01 -112.32 57.47
C ARG O 111 53.30 -111.52 57.32
N GLN O 112 54.44 -112.20 57.22
CA GLN O 112 55.71 -111.53 57.01
C GLN O 112 56.04 -111.36 55.54
N GLU O 113 55.16 -111.80 54.64
CA GLU O 113 55.37 -111.70 53.19
C GLU O 113 56.68 -112.38 52.80
N GLN O 114 56.93 -113.57 53.35
CA GLN O 114 58.20 -114.25 53.14
C GLN O 114 57.97 -115.70 52.71
N ILE O 115 59.02 -116.27 52.13
CA ILE O 115 59.09 -117.70 51.88
C ILE O 115 60.44 -118.20 52.37
N ALA O 116 60.46 -119.44 52.84
CA ALA O 116 61.66 -120.11 53.30
C ALA O 116 61.97 -121.27 52.37
N LEU O 117 63.22 -121.34 51.91
CA LEU O 117 63.67 -122.40 51.04
C LEU O 117 64.61 -123.30 51.83
N LEU O 118 64.26 -124.57 51.95
CA LEU O 118 65.03 -125.54 52.71
C LEU O 118 65.84 -126.41 51.76
N ALA O 119 67.15 -126.50 52.03
CA ALA O 119 68.15 -127.22 51.25
C ALA O 119 68.55 -128.51 51.97
N PRO O 120 68.70 -129.62 51.24
CA PRO O 120 69.06 -130.88 51.91
C PRO O 120 70.41 -130.84 52.62
N GLU O 121 71.43 -130.29 51.97
CA GLU O 121 72.75 -130.23 52.57
C GLU O 121 73.12 -128.78 52.89
N PRO O 122 73.67 -128.52 54.07
CA PRO O 122 73.95 -127.14 54.47
C PRO O 122 74.92 -126.46 53.51
N LEU O 123 74.64 -125.19 53.23
CA LEU O 123 75.45 -124.42 52.30
C LEU O 123 76.85 -124.20 52.87
N LEU O 124 77.85 -124.27 51.98
CA LEU O 124 79.24 -124.06 52.37
C LEU O 124 79.58 -122.58 52.25
N VAL O 125 80.20 -122.04 53.30
CA VAL O 125 80.53 -120.62 53.32
C VAL O 125 81.53 -120.28 52.22
N GLY O 126 81.34 -119.13 51.58
CA GLY O 126 82.22 -118.67 50.54
C GLY O 126 81.97 -119.25 49.16
N LEU O 127 80.97 -120.11 49.01
CA LEU O 127 80.67 -120.74 47.73
C LEU O 127 79.47 -120.06 47.06
N PRO O 128 79.50 -119.94 45.74
CA PRO O 128 78.32 -119.40 45.03
C PRO O 128 77.27 -120.46 44.71
N TYR O 129 76.02 -120.14 45.04
CA TYR O 129 74.89 -120.99 44.73
C TYR O 129 73.88 -120.19 43.92
N THR O 130 73.00 -120.90 43.23
CA THR O 130 72.00 -120.28 42.37
C THR O 130 70.63 -120.87 42.71
N VAL O 131 69.75 -120.04 43.27
CA VAL O 131 68.38 -120.46 43.55
C VAL O 131 67.51 -120.15 42.34
N VAL O 132 66.77 -121.14 41.86
CA VAL O 132 65.92 -121.00 40.69
C VAL O 132 64.48 -121.27 41.11
N ILE O 133 63.62 -120.27 40.94
CA ILE O 133 62.23 -120.33 41.40
C ILE O 133 61.32 -120.09 40.20
N HIS O 134 60.33 -120.95 40.03
CA HIS O 134 59.28 -120.79 39.03
C HIS O 134 57.99 -120.39 39.75
N TYR O 135 57.30 -119.38 39.23
CA TYR O 135 56.14 -118.86 39.92
C TYR O 135 55.14 -118.32 38.91
N ALA O 136 53.94 -118.01 39.40
CA ALA O 136 52.89 -117.45 38.57
C ALA O 136 52.11 -116.42 39.39
N GLY O 137 51.33 -115.62 38.67
CA GLY O 137 50.50 -114.62 39.31
C GLY O 137 49.71 -113.87 38.26
N ASN O 138 49.01 -112.82 38.69
CA ASN O 138 48.34 -111.94 37.74
C ASN O 138 48.63 -110.48 38.07
N LEU O 139 48.55 -109.66 37.03
CA LEU O 139 48.68 -108.22 37.15
C LEU O 139 47.76 -107.67 38.22
N SER O 140 48.34 -106.94 39.18
CA SER O 140 47.55 -106.31 40.22
C SER O 140 46.63 -105.25 39.63
N GLU O 141 45.38 -105.23 40.11
CA GLU O 141 44.43 -104.20 39.69
C GLU O 141 44.62 -102.89 40.44
N THR O 142 45.63 -102.79 41.30
CA THR O 142 45.86 -101.59 42.09
C THR O 142 46.84 -100.66 41.40
N PHE O 143 47.58 -99.88 42.19
CA PHE O 143 48.55 -98.93 41.66
C PHE O 143 49.99 -99.29 41.99
N HIS O 144 50.22 -100.48 42.54
CA HIS O 144 51.57 -100.89 42.92
C HIS O 144 51.81 -102.31 42.44
N GLY O 145 53.06 -102.76 42.57
CA GLY O 145 53.46 -104.07 42.11
C GLY O 145 53.62 -104.12 40.60
N PHE O 146 53.21 -105.23 40.00
CA PHE O 146 53.16 -105.38 38.55
C PHE O 146 51.70 -105.20 38.15
N TYR O 147 51.32 -103.97 37.82
CA TYR O 147 49.90 -103.63 37.73
C TYR O 147 49.50 -103.29 36.30
N LYS O 148 48.19 -103.22 36.10
CA LYS O 148 47.58 -102.97 34.80
C LYS O 148 47.16 -101.52 34.67
N SER O 149 47.26 -101.00 33.45
CA SER O 149 46.79 -99.66 33.12
C SER O 149 46.01 -99.73 31.82
N THR O 150 45.03 -98.85 31.66
CA THR O 150 44.22 -98.81 30.45
C THR O 150 44.17 -97.39 29.92
N TYR O 151 43.95 -97.28 28.61
CA TYR O 151 43.82 -95.96 28.00
C TYR O 151 42.80 -96.01 26.87
N ARG O 152 42.20 -94.86 26.59
CA ARG O 152 41.16 -94.74 25.58
C ARG O 152 41.75 -94.15 24.30
N THR O 153 41.50 -94.83 23.18
CA THR O 153 41.87 -94.29 21.88
C THR O 153 40.86 -93.23 21.44
N LYS O 154 41.23 -92.47 20.40
CA LYS O 154 40.34 -91.44 19.89
C LYS O 154 39.12 -92.03 19.19
N GLU O 155 39.09 -93.34 18.97
CA GLU O 155 37.93 -94.03 18.41
C GLU O 155 37.06 -94.65 19.48
N GLY O 156 37.36 -94.42 20.76
CA GLY O 156 36.59 -94.97 21.85
C GLY O 156 37.03 -96.34 22.32
N GLU O 157 37.95 -96.99 21.62
CA GLU O 157 38.40 -98.32 22.02
C GLU O 157 39.26 -98.23 23.28
N LEU O 158 39.29 -99.32 24.04
CA LEU O 158 40.05 -99.42 25.28
C LEU O 158 41.25 -100.33 25.05
N ARG O 159 42.44 -99.86 25.43
CA ARG O 159 43.67 -100.60 25.26
C ARG O 159 44.35 -100.81 26.60
N ILE O 160 45.09 -101.90 26.71
CA ILE O 160 45.65 -102.38 27.96
C ILE O 160 47.18 -102.36 27.88
N LEU O 161 47.82 -102.01 28.99
CA LEU O 161 49.26 -102.10 29.14
C LEU O 161 49.58 -102.56 30.55
N ALA O 162 50.81 -103.02 30.75
CA ALA O 162 51.26 -103.49 32.05
C ALA O 162 52.49 -102.68 32.47
N SER O 163 52.43 -102.10 33.67
CA SER O 163 53.52 -101.28 34.18
C SER O 163 53.91 -101.77 35.56
N THR O 164 54.98 -101.17 36.09
CA THR O 164 55.52 -101.57 37.38
C THR O 164 55.59 -100.37 38.32
N GLN O 165 55.54 -100.68 39.63
CA GLN O 165 55.77 -99.68 40.66
C GLN O 165 56.18 -100.45 41.92
N PHE O 166 57.49 -100.48 42.20
CA PHE O 166 58.02 -101.38 43.21
C PHE O 166 58.37 -100.70 44.52
N GLU O 167 58.63 -99.39 44.52
CA GLU O 167 58.89 -98.70 45.78
C GLU O 167 57.64 -98.68 46.63
N PRO O 168 57.72 -99.04 47.93
CA PRO O 168 58.96 -99.49 48.54
C PRO O 168 59.14 -101.01 48.62
N THR O 169 58.07 -101.75 48.85
CA THR O 169 58.13 -103.19 49.09
C THR O 169 57.22 -103.95 48.13
N ALA O 170 57.17 -103.52 46.87
CA ALA O 170 56.28 -104.12 45.88
C ALA O 170 56.99 -104.99 44.86
N ALA O 171 58.32 -105.01 44.84
CA ALA O 171 59.05 -105.89 43.93
C ALA O 171 58.75 -107.36 44.21
N ARG O 172 58.47 -107.69 45.48
CA ARG O 172 58.13 -109.06 45.86
C ARG O 172 56.82 -109.52 45.24
N MET O 173 55.95 -108.59 44.83
CA MET O 173 54.71 -108.94 44.15
C MET O 173 54.91 -109.32 42.69
N ALA O 174 56.12 -109.16 42.17
CA ALA O 174 56.41 -109.48 40.77
C ALA O 174 57.51 -110.51 40.62
N PHE O 175 58.52 -110.49 41.49
CA PHE O 175 59.52 -111.55 41.44
C PHE O 175 60.06 -111.79 42.85
N PRO O 176 60.20 -113.05 43.27
CA PRO O 176 60.76 -113.33 44.60
C PRO O 176 62.22 -112.94 44.65
N CYS O 177 62.60 -112.25 45.72
CA CYS O 177 63.92 -111.67 45.85
C CYS O 177 64.14 -111.29 47.31
N PHE O 178 65.31 -110.72 47.57
CA PHE O 178 65.61 -110.13 48.87
C PHE O 178 65.24 -108.65 48.81
N ASP O 179 63.93 -108.41 48.98
CA ASP O 179 63.32 -107.11 48.71
C ASP O 179 63.62 -106.12 49.84
N GLU O 180 64.89 -105.75 49.93
CA GLU O 180 65.34 -104.70 50.83
C GLU O 180 66.35 -103.82 50.09
N PRO O 181 66.42 -102.54 50.42
CA PRO O 181 67.32 -101.63 49.70
C PRO O 181 68.80 -101.91 49.95
N ALA O 182 69.13 -102.70 50.97
CA ALA O 182 70.53 -102.95 51.28
C ALA O 182 71.11 -104.08 50.43
N PHE O 183 70.28 -105.03 50.00
CA PHE O 183 70.75 -106.15 49.17
C PHE O 183 70.77 -105.71 47.72
N LYS O 184 71.78 -104.93 47.38
CA LYS O 184 71.95 -104.48 45.99
C LYS O 184 72.53 -105.60 45.14
N ALA O 185 72.17 -105.58 43.85
CA ALA O 185 72.61 -106.61 42.93
C ALA O 185 72.41 -106.13 41.50
N SER O 186 72.93 -106.90 40.56
CA SER O 186 72.71 -106.68 39.14
C SER O 186 71.48 -107.46 38.69
N PHE O 187 70.91 -107.03 37.56
CA PHE O 187 69.66 -107.61 37.06
C PHE O 187 69.76 -107.82 35.56
N SER O 188 69.61 -109.07 35.12
CA SER O 188 69.49 -109.42 33.71
C SER O 188 68.03 -109.76 33.42
N ILE O 189 67.37 -108.92 32.64
CA ILE O 189 65.93 -108.98 32.45
C ILE O 189 65.59 -109.53 31.07
N LYS O 190 64.61 -110.42 31.02
CA LYS O 190 64.06 -110.95 29.78
C LYS O 190 62.54 -110.89 29.88
N ILE O 191 61.91 -110.27 28.89
CA ILE O 191 60.46 -110.06 28.88
C ILE O 191 59.87 -110.69 27.62
N ARG O 192 58.76 -111.41 27.79
CA ARG O 192 58.09 -112.05 26.67
C ARG O 192 56.80 -111.31 26.36
N ARG O 193 56.53 -111.13 25.07
CA ARG O 193 55.40 -110.30 24.63
C ARG O 193 54.91 -110.81 23.28
N GLU O 194 53.71 -110.37 22.93
CA GLU O 194 53.23 -110.55 21.56
C GLU O 194 54.00 -109.61 20.65
N PRO O 195 54.04 -109.89 19.34
CA PRO O 195 54.68 -108.94 18.42
C PRO O 195 54.04 -107.56 18.47
N ARG O 196 52.73 -107.49 18.68
CA ARG O 196 52.03 -106.21 18.72
C ARG O 196 52.46 -105.33 19.88
N HIS O 197 53.29 -105.83 20.79
CA HIS O 197 53.68 -105.09 21.98
C HIS O 197 55.09 -104.53 21.85
N LEU O 198 55.44 -103.69 22.82
CA LEU O 198 56.74 -103.05 22.91
C LEU O 198 57.12 -103.07 24.38
N ALA O 199 58.31 -103.58 24.67
CA ALA O 199 58.78 -103.75 26.03
C ALA O 199 60.00 -102.86 26.28
N ILE O 200 59.97 -102.11 27.37
CA ILE O 200 61.10 -101.30 27.79
C ILE O 200 61.38 -101.55 29.26
N SER O 201 62.63 -101.37 29.66
CA SER O 201 63.05 -101.68 31.02
C SER O 201 64.17 -100.74 31.41
N ASN O 202 64.95 -101.14 32.43
CA ASN O 202 65.98 -100.26 32.97
C ASN O 202 67.10 -100.03 31.96
N MET O 203 67.55 -101.08 31.31
CA MET O 203 68.66 -101.05 30.38
C MET O 203 68.16 -101.08 28.95
N PRO O 204 69.02 -100.75 27.98
CA PRO O 204 68.62 -100.86 26.58
C PRO O 204 68.35 -102.31 26.18
N LEU O 205 67.59 -102.44 25.09
CA LEU O 205 67.26 -103.75 24.53
C LEU O 205 68.47 -104.30 23.78
N VAL O 206 68.95 -105.47 24.19
CA VAL O 206 70.11 -106.08 23.55
C VAL O 206 69.70 -106.95 22.38
N LYS O 207 68.69 -107.80 22.54
CA LYS O 207 68.28 -108.61 21.40
C LYS O 207 66.85 -109.11 21.56
N SER O 208 66.28 -109.55 20.44
CA SER O 208 64.93 -110.10 20.39
C SER O 208 64.96 -111.46 19.72
N VAL O 209 64.45 -112.48 20.41
CA VAL O 209 64.48 -113.86 19.94
C VAL O 209 63.05 -114.37 19.81
N THR O 210 62.78 -115.08 18.73
CA THR O 210 61.45 -115.66 18.50
C THR O 210 61.34 -116.99 19.22
N VAL O 211 61.24 -116.91 20.55
CA VAL O 211 61.08 -118.10 21.38
C VAL O 211 59.69 -118.69 21.15
N ALA O 212 59.61 -120.03 21.19
CA ALA O 212 58.35 -120.73 20.94
C ALA O 212 57.78 -120.30 19.60
N GLU O 213 56.48 -120.04 19.55
CA GLU O 213 55.82 -119.57 18.34
C GLU O 213 54.88 -118.41 18.69
N GLY O 214 55.03 -117.31 17.96
CA GLY O 214 54.08 -116.21 18.01
C GLY O 214 54.34 -115.16 19.07
N LEU O 215 55.34 -115.36 19.93
CA LEU O 215 55.67 -114.37 20.95
C LEU O 215 57.18 -114.17 20.99
N ILE O 216 57.61 -112.90 21.02
CA ILE O 216 59.03 -112.55 21.03
C ILE O 216 59.50 -112.38 22.46
N GLU O 217 60.79 -112.67 22.68
CA GLU O 217 61.45 -112.51 23.97
C GLU O 217 62.55 -111.46 23.83
N ASP O 218 62.49 -110.44 24.67
CA ASP O 218 63.44 -109.34 24.65
C ASP O 218 64.45 -109.55 25.78
N HIS O 219 65.73 -109.66 25.40
CA HIS O 219 66.85 -109.73 26.32
C HIS O 219 67.40 -108.32 26.45
N PHE O 220 67.32 -107.76 27.66
CA PHE O 220 67.87 -106.45 27.96
C PHE O 220 69.27 -106.57 28.57
N ASP O 221 70.03 -105.48 28.48
CA ASP O 221 71.36 -105.44 29.06
C ASP O 221 71.29 -105.58 30.57
N VAL O 222 72.45 -105.87 31.17
CA VAL O 222 72.52 -106.08 32.61
C VAL O 222 72.66 -104.74 33.33
N THR O 223 71.93 -104.59 34.43
CA THR O 223 71.95 -103.35 35.19
C THR O 223 73.21 -103.27 36.05
N VAL O 224 73.37 -102.15 36.75
CA VAL O 224 74.49 -101.95 37.65
C VAL O 224 74.07 -102.34 39.07
N LYS O 225 74.96 -102.14 40.04
CA LYS O 225 74.62 -102.36 41.44
C LYS O 225 73.54 -101.39 41.88
N MET O 226 72.32 -101.89 42.06
CA MET O 226 71.19 -101.04 42.43
C MET O 226 70.25 -101.83 43.33
N SER O 227 69.41 -101.11 44.05
CA SER O 227 68.46 -101.75 44.94
C SER O 227 67.33 -102.38 44.12
N THR O 228 66.57 -103.25 44.78
CA THR O 228 65.55 -104.02 44.08
C THR O 228 64.34 -103.16 43.71
N TYR O 229 64.05 -102.12 44.50
CA TYR O 229 62.87 -101.31 44.21
C TYR O 229 63.00 -100.48 42.94
N LEU O 230 64.19 -100.45 42.32
CA LEU O 230 64.41 -99.69 41.11
C LEU O 230 64.17 -100.50 39.84
N VAL O 231 63.86 -101.79 39.96
CA VAL O 231 63.56 -102.59 38.78
C VAL O 231 62.24 -102.12 38.17
N ALA O 232 62.18 -102.11 36.85
CA ALA O 232 60.98 -101.65 36.17
C ALA O 232 60.94 -102.23 34.76
N PHE O 233 59.72 -102.41 34.25
CA PHE O 233 59.50 -102.87 32.89
C PHE O 233 58.08 -102.52 32.48
N ILE O 234 57.90 -102.24 31.19
CA ILE O 234 56.63 -101.79 30.64
C ILE O 234 56.37 -102.54 29.34
N ILE O 235 55.18 -103.12 29.22
CA ILE O 235 54.71 -103.77 28.00
C ILE O 235 53.51 -102.95 27.53
N SER O 236 53.63 -102.33 26.36
CA SER O 236 52.56 -101.45 25.88
C SER O 236 52.67 -101.33 24.36
N ASP O 237 52.16 -100.25 23.80
CA ASP O 237 52.37 -99.91 22.40
C ASP O 237 52.69 -98.43 22.27
N PHE O 238 53.54 -97.92 23.17
CA PHE O 238 53.86 -96.51 23.22
C PHE O 238 54.61 -96.05 21.96
N GLU O 239 54.37 -94.78 21.60
CA GLU O 239 55.26 -94.06 20.72
C GLU O 239 56.28 -93.29 21.56
N SER O 240 57.38 -92.90 20.94
CA SER O 240 58.43 -92.24 21.69
C SER O 240 59.10 -91.15 20.86
N VAL O 241 59.70 -90.20 21.57
CA VAL O 241 60.55 -89.17 20.99
C VAL O 241 61.87 -89.19 21.76
N SER O 242 62.97 -89.07 21.01
CA SER O 242 64.33 -89.20 21.62
C SER O 242 65.21 -88.00 21.27
N LYS O 243 66.24 -87.81 22.09
CA LYS O 243 67.21 -86.73 21.95
C LYS O 243 68.48 -87.18 22.67
N ILE O 244 69.60 -86.59 22.26
CA ILE O 244 70.92 -86.96 22.80
C ILE O 244 71.42 -85.82 23.69
N THR O 245 72.06 -86.19 24.80
CA THR O 245 72.74 -85.22 25.63
C THR O 245 74.10 -84.88 25.05
N LYS O 246 74.73 -83.85 25.60
CA LYS O 246 76.10 -83.55 25.19
C LYS O 246 77.09 -84.60 25.68
N SER O 247 76.67 -85.49 26.57
CA SER O 247 77.50 -86.58 27.07
C SER O 247 77.22 -87.91 26.39
N GLY O 248 76.29 -87.96 25.43
CA GLY O 248 76.04 -89.16 24.66
C GLY O 248 74.99 -90.10 25.20
N VAL O 249 74.24 -89.70 26.22
CA VAL O 249 73.18 -90.53 26.77
C VAL O 249 71.95 -90.41 25.89
N LYS O 250 71.27 -91.53 25.65
CA LYS O 250 70.08 -91.54 24.79
C LYS O 250 68.86 -91.27 25.67
N VAL O 251 68.33 -90.06 25.59
CA VAL O 251 67.15 -89.66 26.36
C VAL O 251 65.91 -89.79 25.48
N SER O 252 64.91 -90.52 25.97
CA SER O 252 63.67 -90.75 25.24
C SER O 252 62.47 -90.55 26.17
N VAL O 253 61.33 -90.22 25.57
CA VAL O 253 60.08 -90.03 26.30
C VAL O 253 58.99 -90.85 25.61
N TYR O 254 58.41 -91.79 26.35
CA TYR O 254 57.35 -92.66 25.86
C TYR O 254 55.99 -92.21 26.38
N ALA O 255 54.97 -92.36 25.55
CA ALA O 255 53.60 -92.06 25.94
C ALA O 255 52.65 -92.80 25.01
N VAL O 256 51.37 -92.74 25.35
CA VAL O 256 50.32 -93.37 24.55
C VAL O 256 50.30 -92.72 23.18
N PRO O 257 49.88 -93.43 22.12
CA PRO O 257 50.03 -92.89 20.76
C PRO O 257 49.34 -91.55 20.54
N ASP O 258 48.20 -91.32 21.18
CA ASP O 258 47.43 -90.10 20.94
C ASP O 258 47.96 -88.89 21.69
N LYS O 259 48.95 -89.05 22.58
CA LYS O 259 49.46 -87.94 23.37
C LYS O 259 50.96 -87.73 23.21
N ILE O 260 51.60 -88.34 22.22
CA ILE O 260 53.05 -88.23 22.10
C ILE O 260 53.47 -86.82 21.73
N ASN O 261 52.60 -86.04 21.09
CA ASN O 261 52.92 -84.69 20.67
C ASN O 261 53.01 -83.70 21.83
N GLN O 262 52.78 -84.14 23.06
CA GLN O 262 52.88 -83.28 24.24
C GLN O 262 54.16 -83.52 25.04
N ALA O 263 55.12 -84.24 24.48
CA ALA O 263 56.32 -84.64 25.20
C ALA O 263 57.53 -83.76 24.91
N ASP O 264 57.36 -82.70 24.12
CA ASP O 264 58.50 -81.91 23.68
C ASP O 264 59.18 -81.19 24.85
N TYR O 265 58.41 -80.45 25.64
CA TYR O 265 58.99 -79.75 26.78
C TYR O 265 59.59 -80.73 27.77
N ALA O 266 58.92 -81.86 27.99
CA ALA O 266 59.45 -82.87 28.90
C ALA O 266 60.82 -83.35 28.43
N LEU O 267 60.94 -83.68 27.14
CA LEU O 267 62.21 -84.19 26.62
C LEU O 267 63.30 -83.13 26.68
N ASP O 268 62.98 -81.89 26.29
CA ASP O 268 63.98 -80.83 26.28
C ASP O 268 64.49 -80.54 27.70
N ALA O 269 63.55 -80.34 28.64
CA ALA O 269 63.94 -80.08 30.01
C ALA O 269 64.66 -81.28 30.62
N ALA O 270 64.30 -82.49 30.21
CA ALA O 270 64.99 -83.67 30.71
C ALA O 270 66.45 -83.68 30.27
N VAL O 271 66.70 -83.40 28.99
CA VAL O 271 68.08 -83.36 28.50
C VAL O 271 68.87 -82.28 29.24
N THR O 272 68.27 -81.09 29.37
CA THR O 272 68.95 -79.97 30.03
C THR O 272 69.28 -80.32 31.48
N LEU O 273 68.32 -80.87 32.21
CA LEU O 273 68.53 -81.16 33.63
C LEU O 273 69.49 -82.33 33.83
N LEU O 274 69.47 -83.32 32.94
CA LEU O 274 70.44 -84.41 33.05
C LEU O 274 71.86 -83.90 32.84
N GLU O 275 72.05 -83.05 31.83
CA GLU O 275 73.37 -82.45 31.63
C GLU O 275 73.78 -81.61 32.84
N PHE O 276 72.85 -80.84 33.39
CA PHE O 276 73.15 -80.02 34.57
C PHE O 276 73.59 -80.91 35.73
N TYR O 277 72.85 -81.99 35.99
CA TYR O 277 73.18 -82.84 37.13
C TYR O 277 74.53 -83.51 36.95
N GLU O 278 74.81 -84.01 35.74
CA GLU O 278 76.14 -84.56 35.46
C GLU O 278 77.22 -83.52 35.78
N ASP O 279 77.08 -82.32 35.23
CA ASP O 279 78.09 -81.28 35.43
C ASP O 279 78.23 -80.90 36.89
N TYR O 280 77.11 -80.74 37.60
CA TYR O 280 77.14 -80.28 38.99
C TYR O 280 77.79 -81.32 39.89
N PHE O 281 77.35 -82.57 39.81
CA PHE O 281 77.88 -83.60 40.66
C PHE O 281 79.26 -84.09 40.25
N SER O 282 79.71 -83.74 39.03
CA SER O 282 80.98 -84.23 38.49
C SER O 282 81.00 -85.76 38.47
N ILE O 283 79.84 -86.37 38.26
CA ILE O 283 79.69 -87.82 38.20
C ILE O 283 78.81 -88.15 37.00
N PRO O 284 79.36 -88.78 35.96
CA PRO O 284 78.57 -89.05 34.75
C PRO O 284 77.42 -90.00 35.01
N TYR O 285 76.39 -89.88 34.18
CA TYR O 285 75.27 -90.82 34.23
C TYR O 285 75.75 -92.19 33.76
N PRO O 286 75.66 -93.23 34.59
CA PRO O 286 76.32 -94.49 34.25
C PRO O 286 75.61 -95.29 33.17
N LEU O 287 74.30 -95.16 33.03
CA LEU O 287 73.54 -95.97 32.09
C LEU O 287 73.57 -95.39 30.69
N PRO O 288 73.38 -96.22 29.66
CA PRO O 288 73.40 -95.69 28.28
C PRO O 288 72.21 -94.80 27.96
N LYS O 289 71.03 -95.12 28.48
CA LYS O 289 69.81 -94.42 28.11
C LYS O 289 69.04 -93.98 29.34
N GLN O 290 68.24 -92.93 29.17
CA GLN O 290 67.31 -92.45 30.17
C GLN O 290 65.94 -92.30 29.51
N ASP O 291 64.93 -92.93 30.10
CA ASP O 291 63.59 -92.95 29.53
C ASP O 291 62.61 -92.32 30.50
N LEU O 292 61.64 -91.59 29.96
CA LEU O 292 60.60 -90.93 30.73
C LEU O 292 59.27 -91.38 30.13
N ALA O 293 58.56 -92.27 30.83
CA ALA O 293 57.33 -92.87 30.32
C ALA O 293 56.14 -92.32 31.08
N ALA O 294 55.10 -91.93 30.33
CA ALA O 294 53.86 -91.40 30.89
C ALA O 294 52.86 -92.54 31.02
N ILE O 295 52.64 -93.00 32.25
CA ILE O 295 51.74 -94.11 32.53
C ILE O 295 50.33 -93.59 32.74
N PRO O 296 49.32 -94.16 32.08
CA PRO O 296 47.95 -93.65 32.25
C PRO O 296 47.41 -93.82 33.66
N ASP O 297 47.80 -94.89 34.36
CA ASP O 297 47.35 -95.14 35.73
C ASP O 297 48.58 -95.09 36.64
N PHE O 298 48.70 -94.04 37.44
CA PHE O 298 49.82 -93.89 38.34
C PHE O 298 49.35 -93.29 39.66
N GLN O 299 49.91 -93.79 40.76
CA GLN O 299 49.54 -93.33 42.09
C GLN O 299 50.38 -92.12 42.52
N SER O 300 51.70 -92.26 42.48
CA SER O 300 52.58 -91.17 42.86
C SER O 300 52.58 -90.10 41.77
N GLY O 301 53.32 -89.02 42.02
CA GLY O 301 53.62 -88.09 40.94
C GLY O 301 54.53 -88.71 39.89
N ALA O 302 55.55 -89.43 40.34
CA ALA O 302 56.51 -90.06 39.44
C ALA O 302 57.25 -91.15 40.19
N MET O 303 58.22 -91.77 39.52
CA MET O 303 59.06 -92.80 40.12
C MET O 303 60.42 -92.76 39.45
N GLU O 304 61.46 -93.05 40.24
CA GLU O 304 62.85 -92.85 39.84
C GLU O 304 63.52 -94.13 39.37
N ASN O 305 62.79 -95.03 38.73
CA ASN O 305 63.38 -96.27 38.25
C ASN O 305 64.58 -95.98 37.35
N TRP O 306 65.72 -96.57 37.70
CA TRP O 306 66.99 -96.27 37.04
C TRP O 306 66.91 -96.60 35.55
N GLY O 307 66.97 -95.57 34.71
CA GLY O 307 66.89 -95.75 33.27
C GLY O 307 65.49 -95.79 32.72
N LEU O 308 64.45 -95.77 33.56
CA LEU O 308 63.07 -95.82 33.10
C LEU O 308 62.18 -95.13 34.13
N THR O 309 62.27 -93.81 34.20
CA THR O 309 61.39 -93.05 35.09
C THR O 309 59.96 -93.09 34.56
N THR O 310 59.01 -93.21 35.48
CA THR O 310 57.59 -93.24 35.16
C THR O 310 56.91 -92.02 35.77
N TYR O 311 55.86 -91.55 35.10
CA TYR O 311 55.22 -90.30 35.48
C TYR O 311 53.70 -90.43 35.34
N ARG O 312 53.00 -89.49 35.98
CA ARG O 312 51.62 -89.23 35.60
C ARG O 312 51.61 -88.46 34.29
N GLU O 313 50.63 -88.76 33.44
CA GLU O 313 50.46 -88.00 32.21
C GLU O 313 50.30 -86.53 32.51
N SER O 314 49.56 -86.20 33.57
CA SER O 314 49.43 -84.82 34.02
C SER O 314 50.76 -84.24 34.46
N ALA O 315 51.67 -85.09 34.97
CA ALA O 315 52.92 -84.61 35.51
C ALA O 315 54.05 -84.63 34.50
N LEU O 316 53.81 -85.11 33.29
CA LEU O 316 54.87 -85.11 32.28
C LEU O 316 54.49 -84.41 31.00
N LEU O 317 53.24 -84.50 30.55
CA LEU O 317 52.87 -84.00 29.23
C LEU O 317 52.39 -82.56 29.29
N PHE O 318 52.78 -81.77 28.28
CA PHE O 318 52.53 -80.35 28.23
C PHE O 318 51.93 -79.99 26.89
N ASP O 319 50.73 -79.40 26.92
CA ASP O 319 50.03 -78.96 25.72
C ASP O 319 50.05 -77.44 25.70
N ALA O 320 50.68 -76.87 24.67
CA ALA O 320 50.83 -75.42 24.58
C ALA O 320 49.48 -74.71 24.52
N GLU O 321 48.44 -75.38 24.04
CA GLU O 321 47.14 -74.74 23.87
C GLU O 321 46.28 -74.77 25.13
N LYS O 322 46.49 -75.74 26.03
CA LYS O 322 45.59 -75.91 27.17
C LYS O 322 46.27 -76.07 28.51
N SER O 323 47.55 -76.43 28.57
CA SER O 323 48.21 -76.60 29.85
C SER O 323 48.53 -75.26 30.49
N SER O 324 48.47 -75.22 31.82
CA SER O 324 48.67 -74.00 32.57
C SER O 324 50.14 -73.79 32.89
N ALA O 325 50.49 -72.54 33.20
CA ALA O 325 51.84 -72.23 33.65
C ALA O 325 52.19 -72.99 34.91
N SER O 326 51.21 -73.17 35.80
CA SER O 326 51.38 -74.06 36.95
C SER O 326 51.78 -75.46 36.49
N SER O 327 51.11 -75.97 35.46
CA SER O 327 51.43 -77.30 34.96
C SER O 327 52.83 -77.37 34.39
N LYS O 328 53.27 -76.33 33.68
CA LYS O 328 54.61 -76.32 33.11
C LYS O 328 55.66 -76.30 34.21
N LEU O 329 55.46 -75.46 35.23
CA LEU O 329 56.35 -75.43 36.38
C LEU O 329 56.38 -76.78 37.08
N GLY O 330 55.22 -77.42 37.23
CA GLY O 330 55.19 -78.72 37.89
C GLY O 330 55.94 -79.78 37.10
N ILE O 331 55.78 -79.78 35.78
CA ILE O 331 56.52 -80.72 34.94
C ILE O 331 58.02 -80.51 35.10
N THR O 332 58.46 -79.25 35.08
CA THR O 332 59.89 -78.97 35.24
C THR O 332 60.40 -79.48 36.58
N MET O 333 59.67 -79.16 37.66
CA MET O 333 60.10 -79.58 39.00
C MET O 333 60.11 -81.10 39.13
N THR O 334 59.14 -81.78 38.52
CA THR O 334 59.06 -83.24 38.64
C THR O 334 60.21 -83.91 37.89
N VAL O 335 60.48 -83.46 36.66
CA VAL O 335 61.60 -84.01 35.92
C VAL O 335 62.90 -83.77 36.66
N ALA O 336 63.07 -82.58 37.24
CA ALA O 336 64.27 -82.31 38.03
C ALA O 336 64.34 -83.23 39.24
N HIS O 337 63.20 -83.50 39.89
CA HIS O 337 63.18 -84.38 41.05
C HIS O 337 63.66 -85.78 40.68
N GLU O 338 63.13 -86.34 39.60
CA GLU O 338 63.50 -87.71 39.23
C GLU O 338 64.94 -87.79 38.76
N LEU O 339 65.40 -86.80 37.99
CA LEU O 339 66.78 -86.82 37.55
C LEU O 339 67.75 -86.60 38.71
N ALA O 340 67.32 -85.89 39.75
CA ALA O 340 68.11 -85.79 40.98
C ALA O 340 68.13 -87.12 41.72
N HIS O 341 67.00 -87.82 41.74
CA HIS O 341 66.95 -89.15 42.33
C HIS O 341 67.92 -90.10 41.63
N GLN O 342 68.17 -89.88 40.34
CA GLN O 342 69.14 -90.71 39.62
C GLN O 342 70.48 -90.79 40.33
N TRP O 343 70.84 -89.75 41.10
CA TRP O 343 72.05 -89.77 41.93
C TRP O 343 71.73 -89.99 43.41
N PHE O 344 70.82 -89.17 43.98
CA PHE O 344 70.45 -89.31 45.38
C PHE O 344 69.32 -90.32 45.48
N GLY O 345 69.69 -91.60 45.61
CA GLY O 345 68.71 -92.66 45.71
C GLY O 345 69.09 -93.91 44.94
N ASN O 346 69.56 -93.73 43.71
CA ASN O 346 69.94 -94.83 42.84
C ASN O 346 71.43 -95.12 42.91
N LEU O 347 72.25 -94.11 42.62
CA LEU O 347 73.70 -94.27 42.78
C LEU O 347 74.06 -94.50 44.24
N VAL O 348 73.59 -93.61 45.11
CA VAL O 348 73.78 -93.74 46.55
C VAL O 348 72.40 -93.89 47.17
N THR O 349 72.15 -95.06 47.76
CA THR O 349 70.86 -95.39 48.34
C THR O 349 70.97 -95.42 49.87
N MET O 350 69.89 -95.03 50.55
CA MET O 350 69.84 -95.22 51.98
C MET O 350 69.86 -96.71 52.31
N GLU O 351 70.32 -97.03 53.52
CA GLU O 351 70.42 -98.44 53.87
C GLU O 351 69.09 -99.00 54.34
N TRP O 352 68.32 -98.23 55.10
CA TRP O 352 67.01 -98.67 55.55
C TRP O 352 66.03 -97.52 55.44
N TRP O 353 64.75 -97.87 55.32
CA TRP O 353 63.72 -96.88 55.03
C TRP O 353 63.54 -95.86 56.15
N ASN O 354 64.24 -96.01 57.28
CA ASN O 354 64.18 -94.98 58.31
C ASN O 354 64.90 -93.71 57.87
N ASP O 355 65.89 -93.84 56.99
CA ASP O 355 66.60 -92.70 56.43
C ASP O 355 66.16 -92.41 54.99
N LEU O 356 64.88 -92.66 54.69
CA LEU O 356 64.32 -92.34 53.38
C LEU O 356 64.47 -90.85 53.05
N TRP O 357 64.62 -90.00 54.06
CA TRP O 357 64.80 -88.59 53.79
C TRP O 357 66.10 -88.33 53.03
N LEU O 358 67.15 -89.13 53.28
CA LEU O 358 68.40 -89.00 52.54
C LEU O 358 68.19 -89.10 51.04
N ASN O 359 67.13 -89.75 50.59
CA ASN O 359 66.74 -89.75 49.18
C ASN O 359 65.80 -88.59 48.88
N GLU O 360 64.67 -88.55 49.61
CA GLU O 360 63.55 -87.72 49.17
C GLU O 360 63.79 -86.24 49.42
N GLY O 361 64.30 -85.88 50.60
CA GLY O 361 64.58 -84.48 50.87
C GLY O 361 65.66 -83.92 49.97
N PHE O 362 66.71 -84.72 49.73
CA PHE O 362 67.77 -84.29 48.83
C PHE O 362 67.24 -84.11 47.41
N ALA O 363 66.35 -84.99 46.96
CA ALA O 363 65.78 -84.82 45.62
C ALA O 363 64.90 -83.58 45.55
N LYS O 364 64.06 -83.37 46.56
CA LYS O 364 63.20 -82.19 46.58
C LYS O 364 64.01 -80.91 46.63
N PHE O 365 65.18 -80.94 47.26
CA PHE O 365 66.02 -79.74 47.30
C PHE O 365 66.79 -79.56 46.00
N MET O 366 67.26 -80.65 45.39
CA MET O 366 67.93 -80.54 44.10
C MET O 366 66.97 -80.06 43.03
N GLU O 367 65.66 -80.30 43.20
CA GLU O 367 64.68 -79.63 42.36
C GLU O 367 64.98 -78.14 42.26
N PHE O 368 64.99 -77.46 43.41
CA PHE O 368 65.26 -76.03 43.45
C PHE O 368 66.66 -75.71 42.93
N VAL O 369 67.67 -76.40 43.46
CA VAL O 369 69.06 -76.13 43.11
C VAL O 369 69.28 -76.23 41.60
N SER O 370 68.57 -77.14 40.94
CA SER O 370 68.75 -77.38 39.51
C SER O 370 67.90 -76.46 38.66
N VAL O 371 66.61 -76.29 39.01
CA VAL O 371 65.72 -75.52 38.17
C VAL O 371 66.07 -74.04 38.23
N SER O 372 66.46 -73.54 39.40
CA SER O 372 66.86 -72.13 39.51
C SER O 372 68.04 -71.78 38.60
N VAL O 373 68.74 -72.77 38.07
CA VAL O 373 69.84 -72.56 37.13
C VAL O 373 69.43 -72.88 35.71
N THR O 374 68.72 -74.01 35.50
CA THR O 374 68.42 -74.47 34.15
C THR O 374 67.27 -73.69 33.53
N HIS O 375 66.27 -73.32 34.31
CA HIS O 375 65.11 -72.57 33.83
C HIS O 375 64.93 -71.34 34.70
N PRO O 376 65.83 -70.35 34.58
CA PRO O 376 65.75 -69.19 35.47
C PRO O 376 64.55 -68.30 35.22
N GLU O 377 63.89 -68.43 34.07
CA GLU O 377 62.67 -67.67 33.84
C GLU O 377 61.54 -68.10 34.77
N LEU O 378 61.64 -69.29 35.38
CA LEU O 378 60.61 -69.73 36.32
C LEU O 378 60.76 -69.07 37.68
N LYS O 379 62.00 -68.86 38.13
CA LYS O 379 62.30 -68.24 39.43
C LYS O 379 61.63 -69.01 40.56
N VAL O 380 62.04 -70.28 40.70
CA VAL O 380 61.44 -71.17 41.69
C VAL O 380 61.76 -70.78 43.13
N GLY O 381 62.75 -69.92 43.34
CA GLY O 381 63.01 -69.37 44.66
C GLY O 381 61.85 -68.55 45.20
N ASP O 382 60.95 -68.11 44.31
CA ASP O 382 59.77 -67.39 44.77
C ASP O 382 58.78 -68.31 45.45
N TYR O 383 58.61 -69.53 44.95
CA TYR O 383 57.56 -70.43 45.41
C TYR O 383 58.07 -71.58 46.27
N PHE O 384 59.38 -71.72 46.47
CA PHE O 384 59.89 -72.90 47.17
C PHE O 384 59.36 -73.00 48.60
N PHE O 385 59.42 -71.90 49.37
CA PHE O 385 59.29 -71.97 50.82
C PHE O 385 57.87 -72.22 51.33
N GLY O 386 56.87 -72.22 50.45
CA GLY O 386 55.58 -72.78 50.82
C GLY O 386 55.72 -74.20 51.32
N LYS O 387 56.69 -74.94 50.80
CA LYS O 387 56.99 -76.27 51.32
C LYS O 387 57.33 -76.19 52.81
N CYS O 388 58.26 -75.31 53.19
CA CYS O 388 58.64 -75.19 54.60
C CYS O 388 57.44 -74.81 55.46
N PHE O 389 56.63 -73.86 54.98
CA PHE O 389 55.47 -73.44 55.78
C PHE O 389 54.47 -74.56 55.99
N ASP O 390 54.08 -75.25 54.90
CA ASP O 390 53.13 -76.33 55.02
C ASP O 390 53.70 -77.49 55.83
N ALA O 391 55.01 -77.70 55.79
CA ALA O 391 55.63 -78.73 56.61
C ALA O 391 55.59 -78.36 58.08
N MET O 392 55.86 -77.09 58.39
CA MET O 392 55.75 -76.63 59.78
C MET O 392 54.34 -76.81 60.31
N GLU O 393 53.34 -76.62 59.44
CA GLU O 393 51.94 -76.78 59.84
C GLU O 393 51.69 -78.12 60.51
N VAL O 394 52.38 -79.17 60.09
CA VAL O 394 52.15 -80.51 60.64
C VAL O 394 53.25 -80.86 61.64
N ASP O 395 54.47 -80.36 61.41
CA ASP O 395 55.57 -80.65 62.31
C ASP O 395 55.40 -79.97 63.65
N ALA O 396 54.58 -78.91 63.73
CA ALA O 396 54.24 -78.32 65.01
C ALA O 396 53.36 -79.23 65.86
N LEU O 397 52.91 -80.36 65.30
CA LEU O 397 52.04 -81.25 66.04
C LEU O 397 52.86 -82.15 66.96
N ASN O 398 52.20 -82.61 68.00
CA ASN O 398 52.80 -83.51 68.98
C ASN O 398 52.97 -84.91 68.41
N SER O 399 52.11 -85.31 67.46
CA SER O 399 52.22 -86.60 66.80
C SER O 399 53.29 -86.62 65.70
N SER O 400 53.96 -85.49 65.47
CA SER O 400 55.03 -85.44 64.49
C SER O 400 56.19 -86.33 64.93
N HIS O 401 57.03 -86.68 63.97
CA HIS O 401 58.19 -87.53 64.19
C HIS O 401 59.45 -86.82 63.71
N PRO O 402 60.61 -87.22 64.21
CA PRO O 402 61.87 -86.67 63.68
C PRO O 402 62.08 -87.09 62.24
N VAL O 403 62.97 -86.36 61.56
CA VAL O 403 63.25 -86.64 60.15
C VAL O 403 63.73 -88.07 59.97
N SER O 404 64.48 -88.58 60.95
CA SER O 404 64.97 -89.96 60.93
C SER O 404 64.35 -90.70 62.11
N THR O 405 63.50 -91.69 61.81
CA THR O 405 62.77 -92.41 62.84
C THR O 405 62.61 -93.86 62.41
N PRO O 406 62.66 -94.81 63.34
CA PRO O 406 62.62 -96.23 62.96
C PRO O 406 61.27 -96.66 62.41
N VAL O 407 61.33 -97.53 61.40
CA VAL O 407 60.15 -98.14 60.80
C VAL O 407 60.47 -99.58 60.47
N GLU O 408 59.44 -100.44 60.48
CA GLU O 408 59.67 -101.84 60.18
C GLU O 408 58.72 -102.38 59.11
N ASN O 409 57.41 -102.34 59.37
CA ASN O 409 56.45 -102.96 58.47
C ASN O 409 56.15 -102.07 57.26
N PRO O 410 55.62 -102.67 56.18
CA PRO O 410 55.38 -101.88 54.96
C PRO O 410 54.47 -100.68 55.16
N ALA O 411 53.48 -100.75 56.05
CA ALA O 411 52.62 -99.60 56.30
C ALA O 411 53.41 -98.41 56.85
N GLN O 412 54.28 -98.67 57.83
CA GLN O 412 55.13 -97.61 58.37
C GLN O 412 56.09 -97.09 57.30
N ILE O 413 56.63 -98.00 56.49
CA ILE O 413 57.56 -97.58 55.45
C ILE O 413 56.86 -96.65 54.45
N ARG O 414 55.63 -97.00 54.07
CA ARG O 414 54.85 -96.11 53.20
C ARG O 414 54.55 -94.79 53.88
N GLU O 415 54.26 -94.82 55.19
CA GLU O 415 53.99 -93.59 55.92
C GLU O 415 55.19 -92.66 55.95
N MET O 416 56.40 -93.22 55.83
CA MET O 416 57.60 -92.38 55.84
C MET O 416 57.62 -91.35 54.71
N PHE O 417 56.86 -91.58 53.63
CA PHE O 417 56.78 -90.63 52.51
C PHE O 417 55.78 -89.51 52.83
N ASP O 418 56.13 -88.70 53.83
CA ASP O 418 55.25 -87.64 54.28
C ASP O 418 55.91 -86.27 54.11
N ASP O 419 55.20 -85.23 54.57
CA ASP O 419 55.70 -83.86 54.44
C ASP O 419 57.04 -83.67 55.13
N VAL O 420 57.31 -84.40 56.21
CA VAL O 420 58.59 -84.25 56.88
C VAL O 420 59.73 -84.60 55.93
N SER O 421 59.73 -85.83 55.43
CA SER O 421 60.85 -86.34 54.64
C SER O 421 61.09 -85.53 53.38
N TYR O 422 60.04 -84.96 52.79
CA TYR O 422 60.19 -84.15 51.57
C TYR O 422 60.46 -82.69 51.95
N ASP O 423 59.44 -82.01 52.45
CA ASP O 423 59.53 -80.57 52.68
C ASP O 423 60.51 -80.23 53.79
N LYS O 424 60.38 -80.87 54.96
CA LYS O 424 61.26 -80.52 56.07
C LYS O 424 62.70 -80.94 55.77
N GLY O 425 62.87 -82.07 55.10
CA GLY O 425 64.22 -82.47 54.70
C GLY O 425 64.85 -81.46 53.76
N ALA O 426 64.10 -81.00 52.76
CA ALA O 426 64.64 -80.00 51.85
C ALA O 426 64.90 -78.68 52.55
N CYS O 427 64.07 -78.33 53.54
CA CYS O 427 64.25 -77.06 54.23
C CYS O 427 65.45 -77.11 55.18
N ILE O 428 65.66 -78.24 55.86
CA ILE O 428 66.85 -78.34 56.69
C ILE O 428 68.11 -78.42 55.83
N LEU O 429 68.01 -79.01 54.63
CA LEU O 429 69.15 -78.98 53.72
C LEU O 429 69.41 -77.57 53.23
N ASN O 430 68.36 -76.81 52.95
CA ASN O 430 68.50 -75.39 52.60
C ASN O 430 69.17 -74.63 53.72
N MET O 431 68.75 -74.87 54.96
CA MET O 431 69.35 -74.21 56.11
C MET O 431 70.83 -74.56 56.24
N LEU O 432 71.18 -75.83 56.03
CA LEU O 432 72.58 -76.23 56.13
C LEU O 432 73.42 -75.61 55.01
N ARG O 433 72.88 -75.60 53.78
CA ARG O 433 73.60 -75.00 52.66
C ARG O 433 73.76 -73.50 52.82
N GLU O 434 72.79 -72.83 53.45
CA GLU O 434 72.89 -71.40 53.67
C GLU O 434 73.80 -71.08 54.85
N TYR O 435 73.90 -71.99 55.83
CA TYR O 435 74.83 -71.79 56.92
C TYR O 435 76.27 -71.98 56.46
N LEU O 436 76.56 -73.12 55.83
CA LEU O 436 77.84 -73.28 55.17
C LEU O 436 77.89 -72.42 53.91
N SER O 437 79.03 -72.46 53.22
CA SER O 437 79.07 -71.85 51.90
C SER O 437 78.34 -72.75 50.90
N ALA O 438 77.72 -72.12 49.90
CA ALA O 438 77.11 -72.90 48.82
C ALA O 438 78.16 -73.76 48.12
N ASP O 439 79.36 -73.22 47.94
CA ASP O 439 80.45 -74.01 47.36
C ASP O 439 80.90 -75.09 48.33
N ALA O 440 80.91 -74.78 49.63
CA ALA O 440 81.25 -75.80 50.62
C ALA O 440 80.22 -76.91 50.65
N PHE O 441 78.94 -76.56 50.53
CA PHE O 441 77.88 -77.56 50.44
C PHE O 441 78.06 -78.43 49.20
N LYS O 442 78.40 -77.80 48.08
CA LYS O 442 78.65 -78.56 46.86
C LYS O 442 79.80 -79.54 47.04
N SER O 443 80.91 -79.07 47.63
CA SER O 443 82.05 -79.95 47.87
C SER O 443 81.65 -81.11 48.78
N GLY O 444 80.88 -80.82 49.83
CA GLY O 444 80.44 -81.88 50.72
C GLY O 444 79.61 -82.93 50.01
N ILE O 445 78.61 -82.50 49.23
CA ILE O 445 77.74 -83.47 48.58
C ILE O 445 78.48 -84.23 47.50
N VAL O 446 79.43 -83.59 46.81
CA VAL O 446 80.20 -84.30 45.78
C VAL O 446 81.08 -85.35 46.41
N GLN O 447 81.77 -85.00 47.50
CA GLN O 447 82.60 -85.97 48.21
C GLN O 447 81.74 -87.12 48.72
N TYR O 448 80.55 -86.81 49.23
CA TYR O 448 79.61 -87.83 49.70
C TYR O 448 79.26 -88.81 48.59
N LEU O 449 78.82 -88.29 47.44
CA LEU O 449 78.39 -89.16 46.35
C LEU O 449 79.55 -90.01 45.81
N GLN O 450 80.73 -89.40 45.64
CA GLN O 450 81.84 -90.17 45.11
C GLN O 450 82.31 -91.23 46.10
N LYS O 451 82.31 -90.92 47.39
CA LYS O 451 82.75 -91.90 48.37
C LYS O 451 81.74 -93.03 48.54
N HIS O 452 80.45 -92.75 48.38
CA HIS O 452 79.42 -93.74 48.67
C HIS O 452 78.69 -94.25 47.44
N SER O 453 79.25 -94.07 46.24
CA SER O 453 78.64 -94.62 45.04
C SER O 453 78.47 -96.13 45.15
N TYR O 454 77.33 -96.63 44.65
CA TYR O 454 77.00 -98.06 44.58
C TYR O 454 76.99 -98.73 45.94
N LYS O 455 76.70 -97.99 47.01
CA LYS O 455 76.66 -98.54 48.35
C LYS O 455 75.42 -97.99 49.07
N ASN O 456 75.32 -98.29 50.36
CA ASN O 456 74.23 -97.81 51.19
C ASN O 456 74.79 -96.98 52.33
N THR O 457 74.01 -95.98 52.76
CA THR O 457 74.45 -95.03 53.77
C THR O 457 73.40 -94.86 54.84
N LYS O 458 73.87 -94.50 56.04
CA LYS O 458 73.02 -94.11 57.14
C LYS O 458 73.03 -92.60 57.29
N ASN O 459 72.31 -92.11 58.31
CA ASN O 459 72.23 -90.68 58.56
C ASN O 459 73.60 -90.08 58.89
N GLU O 460 74.51 -90.90 59.41
CA GLU O 460 75.78 -90.41 59.94
C GLU O 460 76.84 -90.18 58.86
N ASP O 461 76.76 -90.93 57.76
CA ASP O 461 77.76 -90.78 56.70
C ASP O 461 77.69 -89.41 56.04
N LEU O 462 76.48 -88.87 55.89
CA LEU O 462 76.33 -87.53 55.32
C LEU O 462 77.01 -86.48 56.20
N TRP O 463 76.81 -86.58 57.52
CA TRP O 463 77.44 -85.62 58.41
C TRP O 463 78.96 -85.79 58.43
N ASP O 464 79.45 -87.02 58.27
CA ASP O 464 80.89 -87.22 58.14
C ASP O 464 81.42 -86.51 56.90
N SER O 465 80.74 -86.69 55.76
CA SER O 465 81.17 -86.05 54.53
C SER O 465 81.05 -84.54 54.60
N MET O 466 80.09 -84.02 55.39
CA MET O 466 79.95 -82.58 55.53
C MET O 466 81.02 -82.00 56.44
N ALA O 467 81.39 -82.72 57.50
CA ALA O 467 82.45 -82.27 58.37
C ALA O 467 83.82 -82.39 57.71
N SER O 468 83.95 -83.25 56.70
CA SER O 468 85.20 -83.30 55.94
C SER O 468 85.44 -82.04 55.14
N ILE O 469 84.44 -81.17 54.98
CA ILE O 469 84.61 -79.90 54.29
C ILE O 469 84.47 -78.71 55.23
N GLY O 470 83.57 -78.81 56.21
CA GLY O 470 83.40 -77.75 57.18
C GLY O 470 84.46 -77.78 58.27
N GLY O 471 85.51 -77.00 58.11
CA GLY O 471 86.63 -77.04 59.02
C GLY O 471 87.00 -75.71 59.65
N GLY O 472 86.06 -74.76 59.64
CA GLY O 472 86.28 -73.50 60.31
C GLY O 472 85.70 -73.45 61.71
N GLY O 473 85.67 -74.60 62.39
CA GLY O 473 85.02 -74.70 63.68
C GLY O 473 83.54 -75.01 63.60
N VAL O 474 83.11 -75.80 62.62
CA VAL O 474 81.70 -76.06 62.33
C VAL O 474 81.44 -77.53 62.57
N ASP O 475 80.73 -77.87 63.66
CA ASP O 475 80.37 -79.25 63.93
C ASP O 475 79.01 -79.54 63.29
N VAL O 476 79.08 -79.85 61.98
CA VAL O 476 77.89 -80.12 61.21
C VAL O 476 77.17 -81.34 61.74
N LYS O 477 77.93 -82.29 62.30
CA LYS O 477 77.31 -83.53 62.74
C LYS O 477 76.38 -83.27 63.90
N THR O 478 76.85 -82.56 64.92
CA THR O 478 76.01 -82.27 66.08
C THR O 478 74.85 -81.37 65.70
N MET O 479 75.09 -80.32 64.90
CA MET O 479 73.98 -79.44 64.54
C MET O 479 72.90 -80.21 63.78
N MET O 480 73.29 -80.94 62.73
CA MET O 480 72.31 -81.66 61.94
C MET O 480 71.71 -82.84 62.70
N ASN O 481 72.39 -83.37 63.71
CA ASN O 481 71.75 -84.35 64.59
C ASN O 481 70.65 -83.71 65.41
N THR O 482 70.90 -82.50 65.94
CA THR O 482 69.83 -81.79 66.63
C THR O 482 68.66 -81.49 65.69
N TRP O 483 68.94 -81.35 64.40
CA TRP O 483 67.87 -81.06 63.46
C TRP O 483 67.14 -82.31 62.93
N THR O 484 67.80 -83.47 62.90
CA THR O 484 67.21 -84.66 62.31
C THR O 484 66.76 -85.72 63.31
N LEU O 485 67.18 -85.65 64.58
CA LEU O 485 66.87 -86.68 65.54
C LEU O 485 65.81 -86.27 66.55
N GLN O 486 65.23 -85.08 66.42
CA GLN O 486 64.12 -84.66 67.25
C GLN O 486 63.08 -83.96 66.40
N LYS O 487 61.81 -84.15 66.78
CA LYS O 487 60.71 -83.59 66.01
C LYS O 487 60.61 -82.09 66.22
N GLY O 488 59.75 -81.44 65.43
CA GLY O 488 59.43 -80.05 65.63
C GLY O 488 60.52 -79.09 65.17
N PHE O 489 60.29 -77.82 65.49
CA PHE O 489 61.17 -76.74 65.11
C PHE O 489 61.07 -75.66 66.17
N PRO O 490 62.06 -74.76 66.26
CA PRO O 490 62.05 -73.77 67.34
C PRO O 490 61.34 -72.47 67.02
N LEU O 491 60.77 -71.91 68.09
CA LEU O 491 60.35 -70.52 68.13
C LEU O 491 61.46 -69.72 68.79
N ILE O 492 61.88 -68.66 68.11
CA ILE O 492 62.95 -67.78 68.57
C ILE O 492 62.31 -66.46 68.99
N THR O 493 62.34 -66.18 70.28
CA THR O 493 61.85 -64.92 70.81
C THR O 493 62.99 -63.90 70.84
N ILE O 494 62.71 -62.71 70.32
CA ILE O 494 63.71 -61.66 70.16
C ILE O 494 63.25 -60.45 70.97
N THR O 495 64.09 -60.03 71.91
CA THR O 495 63.84 -58.85 72.73
C THR O 495 64.89 -57.79 72.43
N VAL O 496 64.46 -56.55 72.28
CA VAL O 496 65.35 -55.45 71.93
C VAL O 496 65.35 -54.43 73.06
N ARG O 497 66.54 -54.11 73.56
CA ARG O 497 66.73 -53.08 74.59
C ARG O 497 67.75 -52.07 74.07
N GLY O 498 67.29 -51.19 73.20
CA GLY O 498 68.18 -50.20 72.60
C GLY O 498 69.15 -50.82 71.63
N ARG O 499 70.38 -51.07 72.10
CA ARG O 499 71.43 -51.67 71.31
C ARG O 499 71.70 -53.12 71.69
N ASN O 500 70.99 -53.65 72.68
CA ASN O 500 71.14 -55.03 73.13
C ASN O 500 70.05 -55.89 72.53
N VAL O 501 70.41 -57.07 72.01
CA VAL O 501 69.47 -57.99 71.37
C VAL O 501 69.53 -59.32 72.10
N HIS O 502 68.45 -59.65 72.81
CA HIS O 502 68.32 -60.92 73.52
C HIS O 502 67.61 -61.93 72.62
N MET O 503 68.15 -63.15 72.55
CA MET O 503 67.60 -64.23 71.74
C MET O 503 67.32 -65.44 72.63
N LYS O 504 66.12 -66.00 72.49
CA LYS O 504 65.71 -67.18 73.24
C LYS O 504 65.10 -68.21 72.28
N GLN O 505 65.43 -69.48 72.47
CA GLN O 505 64.87 -70.55 71.66
C GLN O 505 64.01 -71.46 72.53
N GLU O 506 62.89 -71.93 71.97
CA GLU O 506 62.05 -72.90 72.67
C GLU O 506 61.36 -73.76 71.62
N HIS O 507 60.75 -74.86 72.08
CA HIS O 507 60.04 -75.76 71.19
C HIS O 507 58.65 -75.22 70.92
N TYR O 508 58.36 -74.92 69.65
CA TYR O 508 57.03 -74.51 69.24
C TYR O 508 56.13 -75.73 69.14
N MET O 509 55.07 -75.76 69.94
CA MET O 509 54.10 -76.87 69.90
C MET O 509 52.71 -76.30 70.10
N LYS O 510 51.84 -76.57 69.14
CA LYS O 510 50.45 -76.11 69.19
C LYS O 510 49.73 -76.77 70.36
N GLY O 511 49.40 -75.98 71.38
CA GLY O 511 48.81 -76.49 72.60
C GLY O 511 47.56 -77.32 72.42
N ASP O 517 57.14 -78.18 77.57
CA ASP O 517 57.15 -79.24 78.58
C ASP O 517 57.92 -80.45 78.08
N THR O 518 58.82 -80.25 77.11
CA THR O 518 59.62 -81.32 76.55
C THR O 518 61.10 -81.20 76.89
N GLY O 519 61.77 -80.10 76.50
CA GLY O 519 63.19 -79.97 76.75
C GLY O 519 64.04 -80.18 75.51
N TYR O 520 63.65 -79.57 74.40
CA TYR O 520 64.39 -79.67 73.15
C TYR O 520 65.37 -78.51 73.00
N LEU O 521 66.46 -78.76 72.28
CA LEU O 521 67.45 -77.74 71.96
C LEU O 521 67.98 -77.99 70.56
N TRP O 522 68.04 -76.91 69.77
CA TRP O 522 68.56 -76.97 68.41
C TRP O 522 69.80 -76.09 68.32
N HIS O 523 70.56 -76.29 67.24
CA HIS O 523 71.63 -75.37 66.85
C HIS O 523 71.11 -74.54 65.68
N VAL O 524 70.49 -73.40 65.99
CA VAL O 524 69.76 -72.61 65.00
C VAL O 524 70.72 -71.59 64.40
N PRO O 525 71.09 -71.70 63.13
CA PRO O 525 71.89 -70.65 62.50
C PRO O 525 71.04 -69.45 62.11
N LEU O 526 70.94 -68.48 63.00
CA LEU O 526 70.06 -67.34 62.77
C LEU O 526 70.61 -66.43 61.68
N THR O 527 69.71 -65.80 60.95
CA THR O 527 70.05 -64.79 59.95
C THR O 527 69.11 -63.61 60.15
N PHE O 528 69.66 -62.40 60.04
CA PHE O 528 68.86 -61.21 60.28
C PHE O 528 69.43 -60.02 59.53
N ILE O 529 68.58 -59.02 59.33
CA ILE O 529 68.98 -57.71 58.82
C ILE O 529 68.39 -56.66 59.76
N THR O 530 68.82 -55.42 59.58
CA THR O 530 68.37 -54.32 60.41
C THR O 530 67.75 -53.24 59.53
N SER O 531 67.19 -52.22 60.17
CA SER O 531 66.64 -51.09 59.42
C SER O 531 67.74 -50.20 58.85
N LYS O 532 68.96 -50.32 59.37
CA LYS O 532 70.08 -49.52 58.91
C LYS O 532 70.92 -50.23 57.86
N SER O 533 70.60 -51.49 57.54
CA SER O 533 71.48 -52.29 56.70
C SER O 533 70.70 -53.43 56.10
N ASP O 534 70.78 -53.57 54.78
CA ASP O 534 70.27 -54.76 54.09
C ASP O 534 71.24 -55.94 54.14
N MET O 535 72.40 -55.77 54.77
CA MET O 535 73.38 -56.85 54.86
C MET O 535 72.98 -57.87 55.92
N VAL O 536 73.18 -59.13 55.59
CA VAL O 536 72.78 -60.24 56.46
C VAL O 536 73.90 -60.53 57.43
N HIS O 537 73.62 -60.35 58.73
CA HIS O 537 74.52 -60.77 59.79
C HIS O 537 74.02 -62.08 60.39
N ARG O 538 74.96 -62.92 60.82
CA ARG O 538 74.63 -64.25 61.31
C ARG O 538 75.08 -64.41 62.76
N PHE O 539 74.49 -65.42 63.42
CA PHE O 539 74.81 -65.74 64.80
C PHE O 539 74.28 -67.14 65.06
N LEU O 540 75.10 -68.01 65.65
CA LEU O 540 74.75 -69.41 65.88
C LEU O 540 74.31 -69.57 67.33
N LEU O 541 73.01 -69.70 67.55
CA LEU O 541 72.43 -69.88 68.87
C LEU O 541 72.46 -71.36 69.24
N LYS O 542 73.37 -71.74 70.14
CA LYS O 542 73.52 -73.13 70.57
C LYS O 542 72.92 -73.40 71.94
N THR O 543 72.50 -72.37 72.67
CA THR O 543 72.01 -72.51 74.03
C THR O 543 70.57 -72.02 74.10
N LYS O 544 70.03 -72.01 75.33
CA LYS O 544 68.65 -71.55 75.53
C LYS O 544 68.52 -70.05 75.27
N THR O 545 69.37 -69.26 75.92
CA THR O 545 69.35 -67.81 75.77
C THR O 545 70.74 -67.28 75.47
N ASP O 546 70.78 -66.16 74.75
CA ASP O 546 72.02 -65.44 74.49
C ASP O 546 71.68 -63.99 74.16
N VAL O 547 72.71 -63.19 73.93
CA VAL O 547 72.54 -61.76 73.70
C VAL O 547 73.73 -61.26 72.88
N LEU O 548 73.44 -60.38 71.93
CA LEU O 548 74.47 -59.70 71.16
C LEU O 548 74.26 -58.19 71.25
N ILE O 549 75.26 -57.44 70.81
CA ILE O 549 75.28 -55.99 70.94
C ILE O 549 75.35 -55.39 69.54
N LEU O 550 74.33 -54.61 69.19
CA LEU O 550 74.30 -53.94 67.91
C LEU O 550 75.25 -52.74 67.90
N PRO O 551 75.68 -52.31 66.71
CA PRO O 551 76.50 -51.10 66.63
C PRO O 551 75.69 -49.81 66.68
N GLU O 552 74.37 -49.91 66.69
CA GLU O 552 73.48 -48.76 66.60
C GLU O 552 72.05 -49.21 66.87
N GLU O 553 71.28 -48.34 67.52
CA GLU O 553 69.85 -48.61 67.69
C GLU O 553 69.17 -48.68 66.33
N VAL O 554 68.15 -49.51 66.22
CA VAL O 554 67.49 -49.79 64.95
C VAL O 554 66.00 -49.53 65.07
N GLU O 555 65.40 -49.13 63.94
CA GLU O 555 63.96 -48.92 63.89
C GLU O 555 63.22 -50.25 63.97
N TRP O 556 63.65 -51.23 63.18
CA TRP O 556 63.06 -52.56 63.19
C TRP O 556 64.16 -53.58 62.89
N ILE O 557 63.88 -54.83 63.23
CA ILE O 557 64.81 -55.93 62.99
C ILE O 557 64.02 -57.15 62.54
N LYS O 558 64.56 -57.87 61.55
CA LYS O 558 63.88 -59.01 60.93
C LYS O 558 64.82 -60.20 60.90
N PHE O 559 64.44 -61.27 61.58
CA PHE O 559 65.23 -62.49 61.58
C PHE O 559 64.74 -63.45 60.49
N ASN O 560 65.57 -64.45 60.20
CA ASN O 560 65.30 -65.46 59.17
C ASN O 560 64.99 -64.79 57.83
N VAL O 561 66.04 -64.16 57.28
CA VAL O 561 65.89 -63.38 56.06
C VAL O 561 65.66 -64.32 54.88
N GLY O 562 64.60 -64.08 54.12
CA GLY O 562 64.33 -64.90 52.96
C GLY O 562 63.86 -66.30 53.28
N MET O 563 63.42 -66.55 54.51
CA MET O 563 62.91 -67.86 54.93
C MET O 563 63.91 -68.98 54.63
N ASN O 564 65.18 -68.71 54.89
CA ASN O 564 66.23 -69.70 54.71
C ASN O 564 66.51 -70.51 55.98
N GLY O 565 65.71 -70.31 57.01
CA GLY O 565 65.88 -71.07 58.24
C GLY O 565 64.59 -71.75 58.65
N TYR O 566 64.72 -72.97 59.18
CA TYR O 566 63.56 -73.78 59.55
C TYR O 566 63.19 -73.54 61.01
N TYR O 567 62.70 -72.33 61.25
CA TYR O 567 62.23 -71.92 62.57
C TYR O 567 61.25 -70.78 62.38
N ILE O 568 60.58 -70.38 63.46
CA ILE O 568 59.73 -69.20 63.43
C ILE O 568 60.19 -68.21 64.48
N VAL O 569 59.82 -66.95 64.27
CA VAL O 569 60.36 -65.83 65.03
C VAL O 569 59.22 -65.04 65.67
N HIS O 570 59.38 -64.72 66.95
CA HIS O 570 58.48 -63.86 67.72
C HIS O 570 59.25 -62.65 68.22
N TYR O 571 58.58 -61.50 68.26
CA TYR O 571 59.21 -60.24 68.64
C TYR O 571 58.52 -59.66 69.87
N GLU O 572 59.29 -59.37 70.91
CA GLU O 572 58.75 -58.83 72.14
C GLU O 572 58.56 -57.32 72.05
N ASP O 573 57.80 -56.79 72.99
CA ASP O 573 57.55 -55.35 73.12
C ASP O 573 56.80 -54.88 71.87
N ASP O 574 57.11 -53.71 71.33
CA ASP O 574 56.44 -53.17 70.17
C ASP O 574 57.03 -53.67 68.86
N GLY O 575 57.68 -54.84 68.85
CA GLY O 575 58.29 -55.33 67.63
C GLY O 575 57.27 -55.66 66.54
N TRP O 576 56.21 -56.38 66.91
CA TRP O 576 55.19 -56.72 65.93
C TRP O 576 54.44 -55.49 65.45
N ASP O 577 54.22 -54.53 66.35
CA ASP O 577 53.61 -53.26 65.94
C ASP O 577 54.51 -52.51 64.97
N SER O 578 55.82 -52.49 65.23
CA SER O 578 56.76 -51.83 64.33
C SER O 578 56.76 -52.48 62.96
N LEU O 579 56.75 -53.82 62.92
CA LEU O 579 56.75 -54.50 61.62
C LEU O 579 55.42 -54.31 60.90
N THR O 580 54.31 -54.26 61.64
CA THR O 580 53.01 -53.96 61.03
C THR O 580 53.01 -52.55 60.42
N GLY O 581 53.55 -51.58 61.15
CA GLY O 581 53.68 -50.24 60.59
C GLY O 581 54.56 -50.20 59.36
N LEU O 582 55.67 -50.94 59.39
CA LEU O 582 56.54 -51.02 58.22
C LEU O 582 55.78 -51.59 57.02
N LEU O 583 55.02 -52.66 57.24
CA LEU O 583 54.28 -53.29 56.14
C LEU O 583 53.21 -52.35 55.60
N LYS O 584 52.50 -51.65 56.49
CA LYS O 584 51.45 -50.74 56.05
C LYS O 584 52.01 -49.48 55.39
N GLY O 585 53.25 -49.11 55.71
CA GLY O 585 53.86 -47.93 55.12
C GLY O 585 54.62 -48.21 53.84
N THR O 586 55.74 -48.92 53.96
CA THR O 586 56.60 -49.24 52.80
C THR O 586 56.99 -50.71 52.91
N HIS O 587 56.11 -51.58 52.41
CA HIS O 587 56.36 -53.02 52.42
C HIS O 587 57.59 -53.41 51.62
N THR O 588 58.04 -52.56 50.70
CA THR O 588 59.24 -52.87 49.92
C THR O 588 60.53 -52.74 50.72
N ALA O 589 60.45 -52.38 52.00
CA ALA O 589 61.66 -52.30 52.82
C ALA O 589 62.24 -53.68 53.11
N VAL O 590 61.44 -54.73 53.03
CA VAL O 590 61.92 -56.09 53.20
C VAL O 590 61.50 -56.89 51.97
N SER O 591 62.02 -58.10 51.86
CA SER O 591 61.77 -58.90 50.68
C SER O 591 60.39 -59.56 50.74
N SER O 592 59.97 -60.08 49.59
CA SER O 592 58.68 -60.76 49.50
C SER O 592 58.63 -61.97 50.43
N ASN O 593 59.70 -62.78 50.43
CA ASN O 593 59.75 -63.92 51.32
C ASN O 593 59.71 -63.49 52.78
N ASP O 594 60.31 -62.34 53.10
CA ASP O 594 60.27 -61.84 54.48
C ASP O 594 58.85 -61.45 54.87
N ARG O 595 58.13 -60.77 53.98
CA ARG O 595 56.73 -60.44 54.28
C ARG O 595 55.89 -61.71 54.45
N ALA O 596 56.09 -62.70 53.58
CA ALA O 596 55.36 -63.96 53.71
C ALA O 596 55.67 -64.64 55.04
N SER O 597 56.94 -64.64 55.44
CA SER O 597 57.31 -65.22 56.73
C SER O 597 56.68 -64.46 57.88
N LEU O 598 56.58 -63.13 57.76
CA LEU O 598 55.91 -62.35 58.78
C LEU O 598 54.46 -62.78 58.93
N ILE O 599 53.75 -62.94 57.82
CA ILE O 599 52.35 -63.38 57.86
C ILE O 599 52.25 -64.74 58.55
N ASN O 600 53.04 -65.71 58.07
CA ASN O 600 52.95 -67.07 58.59
C ASN O 600 53.29 -67.12 60.08
N ASN O 601 54.34 -66.43 60.49
CA ASN O 601 54.74 -66.42 61.89
C ASN O 601 53.69 -65.74 62.76
N ALA O 602 53.12 -64.63 62.30
CA ALA O 602 52.10 -63.95 63.08
C ALA O 602 50.93 -64.89 63.36
N PHE O 603 50.46 -65.59 62.32
CA PHE O 603 49.29 -66.45 62.55
C PHE O 603 49.65 -67.70 63.35
N GLN O 604 50.84 -68.27 63.12
CA GLN O 604 51.25 -69.42 63.94
C GLN O 604 51.46 -69.04 65.40
N LEU O 605 51.86 -67.80 65.68
CA LEU O 605 51.98 -67.35 67.06
C LEU O 605 50.62 -67.07 67.68
N VAL O 606 49.66 -66.62 66.86
CA VAL O 606 48.28 -66.58 67.34
C VAL O 606 47.82 -67.97 67.74
N SER O 607 48.27 -68.99 67.00
CA SER O 607 47.87 -70.36 67.29
C SER O 607 48.32 -70.85 68.66
N ILE O 608 49.30 -70.20 69.29
CA ILE O 608 49.77 -70.61 70.61
C ILE O 608 49.64 -69.51 71.65
N GLY O 609 49.15 -68.33 71.27
CA GLY O 609 48.85 -67.29 72.24
C GLY O 609 49.92 -66.24 72.45
N LYS O 610 51.03 -66.30 71.70
CA LYS O 610 52.04 -65.25 71.80
C LYS O 610 51.61 -63.96 71.12
N LEU O 611 50.51 -63.97 70.38
CA LEU O 611 50.00 -62.77 69.71
C LEU O 611 48.52 -62.94 69.47
N SER O 612 47.77 -61.84 69.57
CA SER O 612 46.33 -61.90 69.40
C SER O 612 45.94 -61.91 67.93
N ILE O 613 44.85 -62.62 67.64
CA ILE O 613 44.33 -62.69 66.28
C ILE O 613 43.99 -61.30 65.75
N GLU O 614 43.60 -60.39 66.65
CA GLU O 614 43.29 -59.02 66.24
C GLU O 614 44.52 -58.33 65.68
N LYS O 615 45.64 -58.42 66.38
CA LYS O 615 46.88 -57.82 65.89
C LYS O 615 47.37 -58.51 64.63
N ALA O 616 47.17 -59.83 64.53
CA ALA O 616 47.53 -60.54 63.31
C ALA O 616 46.75 -60.02 62.12
N LEU O 617 45.43 -59.83 62.27
CA LEU O 617 44.63 -59.33 61.16
C LEU O 617 44.94 -57.86 60.85
N ASP O 618 45.24 -57.05 61.87
CA ASP O 618 45.71 -55.70 61.60
C ASP O 618 46.97 -55.72 60.74
N LEU O 619 47.89 -56.64 61.01
CA LEU O 619 49.05 -56.80 60.14
C LEU O 619 48.62 -57.25 58.74
N SER O 620 47.63 -58.15 58.67
CA SER O 620 47.16 -58.65 57.38
C SER O 620 46.57 -57.53 56.53
N LEU O 621 46.03 -56.49 57.16
CA LEU O 621 45.42 -55.38 56.43
C LEU O 621 46.36 -54.75 55.41
N TYR O 622 47.68 -54.97 55.53
CA TYR O 622 48.62 -54.37 54.59
C TYR O 622 48.53 -54.97 53.19
N LEU O 623 47.90 -56.14 53.04
CA LEU O 623 47.77 -56.78 51.75
C LEU O 623 46.91 -56.00 50.76
N LYS O 624 46.25 -54.92 51.21
CA LYS O 624 45.49 -54.08 50.29
C LYS O 624 46.38 -53.48 49.20
N HIS O 625 47.66 -53.30 49.49
CA HIS O 625 48.62 -52.78 48.51
C HIS O 625 49.69 -53.81 48.16
N GLU O 626 49.53 -55.06 48.58
CA GLU O 626 50.50 -56.09 48.26
C GLU O 626 50.30 -56.60 46.84
N THR O 627 51.41 -56.90 46.16
CA THR O 627 51.36 -57.31 44.77
C THR O 627 52.22 -58.53 44.45
N GLU O 628 52.95 -59.09 45.42
CA GLU O 628 53.89 -60.16 45.13
C GLU O 628 53.25 -61.52 45.42
N ILE O 629 53.63 -62.50 44.61
CA ILE O 629 52.94 -63.79 44.58
C ILE O 629 53.12 -64.52 45.91
N MET O 630 54.34 -64.54 46.45
CA MET O 630 54.58 -65.29 47.68
C MET O 630 53.79 -64.71 48.85
N PRO O 631 53.85 -63.40 49.15
CA PRO O 631 53.03 -62.90 50.26
C PRO O 631 51.54 -63.02 50.01
N VAL O 632 51.08 -62.80 48.77
CA VAL O 632 49.64 -62.92 48.50
C VAL O 632 49.18 -64.36 48.72
N PHE O 633 49.91 -65.32 48.16
CA PHE O 633 49.55 -66.73 48.31
C PHE O 633 49.65 -67.18 49.75
N GLN O 634 50.64 -66.68 50.49
CA GLN O 634 50.76 -67.08 51.89
C GLN O 634 49.65 -66.50 52.73
N GLY O 635 49.27 -65.24 52.49
CA GLY O 635 48.12 -64.68 53.17
C GLY O 635 46.85 -65.45 52.89
N LEU O 636 46.65 -65.86 51.63
CA LEU O 636 45.49 -66.68 51.31
C LEU O 636 45.56 -68.04 52.02
N ASN O 637 46.74 -68.67 52.01
CA ASN O 637 46.89 -69.98 52.65
C ASN O 637 46.69 -69.89 54.16
N GLU O 638 46.94 -68.72 54.75
CA GLU O 638 46.73 -68.55 56.19
C GLU O 638 45.34 -68.07 56.55
N LEU O 639 44.60 -67.48 55.61
CA LEU O 639 43.25 -66.99 55.89
C LEU O 639 42.15 -67.94 55.45
N ILE O 640 42.32 -68.68 54.36
CA ILE O 640 41.25 -69.55 53.87
C ILE O 640 40.85 -70.60 54.87
N PRO O 641 41.76 -71.32 55.54
CA PRO O 641 41.31 -72.33 56.52
C PRO O 641 40.40 -71.79 57.61
N MET O 642 40.44 -70.48 57.89
CA MET O 642 39.55 -69.92 58.92
C MET O 642 38.09 -69.98 58.48
N TYR O 643 37.78 -69.41 57.30
CA TYR O 643 36.40 -69.52 56.84
C TYR O 643 36.06 -70.96 56.43
N LYS O 644 37.07 -71.79 56.14
CA LYS O 644 36.80 -73.21 55.94
C LYS O 644 36.32 -73.85 57.24
N LEU O 645 36.92 -73.48 58.37
CA LEU O 645 36.42 -73.92 59.67
C LEU O 645 35.02 -73.40 59.93
N MET O 646 34.76 -72.15 59.55
CA MET O 646 33.44 -71.56 59.79
C MET O 646 32.35 -72.23 58.95
N GLU O 647 32.67 -72.62 57.72
CA GLU O 647 31.65 -73.22 56.84
C GLU O 647 31.09 -74.51 57.41
N LYS O 648 31.87 -75.23 58.21
CA LYS O 648 31.44 -76.50 58.78
C LYS O 648 30.48 -76.33 59.95
N ARG O 649 30.14 -75.09 60.31
CA ARG O 649 29.32 -74.81 61.48
C ARG O 649 28.17 -73.87 61.09
N ASP O 650 27.37 -73.51 62.09
CA ASP O 650 26.28 -72.54 61.91
C ASP O 650 26.85 -71.15 62.20
N MET O 651 27.47 -70.57 61.19
CA MET O 651 28.18 -69.29 61.33
C MET O 651 28.07 -68.48 60.04
N ASN O 652 26.86 -68.37 59.50
CA ASN O 652 26.68 -67.77 58.17
C ASN O 652 27.04 -66.29 58.18
N GLU O 653 26.57 -65.54 59.17
CA GLU O 653 26.83 -64.10 59.21
C GLU O 653 28.32 -63.81 59.31
N VAL O 654 29.00 -64.45 60.26
CA VAL O 654 30.42 -64.18 60.46
C VAL O 654 31.23 -64.67 59.28
N GLU O 655 30.84 -65.81 58.71
CA GLU O 655 31.53 -66.33 57.54
C GLU O 655 31.41 -65.39 56.35
N THR O 656 30.21 -64.83 56.13
CA THR O 656 30.02 -63.89 55.03
C THR O 656 30.79 -62.60 55.27
N GLN O 657 30.79 -62.09 56.51
CA GLN O 657 31.60 -60.92 56.82
C GLN O 657 33.08 -61.18 56.53
N PHE O 658 33.56 -62.36 56.91
CA PHE O 658 34.97 -62.69 56.68
C PHE O 658 35.29 -62.77 55.20
N LYS O 659 34.41 -63.43 54.42
CA LYS O 659 34.64 -63.53 52.98
C LYS O 659 34.62 -62.15 52.33
N ALA O 660 33.69 -61.27 52.76
CA ALA O 660 33.64 -59.93 52.21
C ALA O 660 34.92 -59.15 52.54
N PHE O 661 35.41 -59.28 53.77
CA PHE O 661 36.67 -58.62 54.13
C PHE O 661 37.81 -59.15 53.28
N LEU O 662 37.90 -60.47 53.11
CA LEU O 662 38.97 -61.06 52.32
C LEU O 662 38.94 -60.56 50.88
N ILE O 663 37.75 -60.51 50.28
CA ILE O 663 37.64 -60.04 48.91
C ILE O 663 37.98 -58.56 48.80
N ARG O 664 37.50 -57.74 49.75
CA ARG O 664 37.81 -56.32 49.72
C ARG O 664 39.30 -56.06 49.95
N LEU O 665 40.00 -56.96 50.63
CA LEU O 665 41.44 -56.79 50.85
C LEU O 665 42.22 -56.86 49.54
N LEU O 666 41.83 -57.78 48.64
CA LEU O 666 42.53 -57.97 47.38
C LEU O 666 41.76 -57.43 46.18
N ARG O 667 40.69 -56.66 46.42
CA ARG O 667 39.87 -56.15 45.33
C ARG O 667 40.66 -55.31 44.36
N ASP O 668 41.60 -54.49 44.87
CA ASP O 668 42.40 -53.63 44.00
C ASP O 668 43.20 -54.47 43.00
N LEU O 669 43.89 -55.48 43.50
CA LEU O 669 44.70 -56.34 42.63
C LEU O 669 43.83 -57.15 41.68
N ILE O 670 42.67 -57.63 42.17
CA ILE O 670 41.78 -58.40 41.30
C ILE O 670 41.27 -57.54 40.16
N ASP O 671 40.88 -56.29 40.44
CA ASP O 671 40.44 -55.39 39.39
C ASP O 671 41.58 -55.06 38.43
N LYS O 672 42.80 -54.91 38.95
CA LYS O 672 43.93 -54.60 38.08
C LYS O 672 44.32 -55.80 37.22
N GLN O 673 43.98 -57.02 37.63
CA GLN O 673 44.30 -58.20 36.82
C GLN O 673 43.59 -58.16 35.48
N THR O 674 44.33 -58.52 34.43
CA THR O 674 43.77 -58.63 33.09
C THR O 674 43.22 -60.04 32.87
N TRP O 675 42.52 -60.23 31.75
CA TRP O 675 41.94 -61.53 31.44
C TRP O 675 42.62 -62.15 30.22
N THR O 676 43.94 -62.36 30.31
CA THR O 676 44.73 -62.89 29.21
C THR O 676 45.82 -63.80 29.79
N ASP O 677 46.62 -64.40 28.89
CA ASP O 677 47.73 -65.25 29.27
C ASP O 677 49.07 -64.53 29.22
N GLU O 678 49.09 -63.23 29.53
CA GLU O 678 50.31 -62.45 29.45
C GLU O 678 51.13 -62.59 30.73
N GLY O 679 52.39 -62.14 30.65
CA GLY O 679 53.25 -62.06 31.82
C GLY O 679 54.06 -63.31 32.05
N SER O 680 54.91 -63.23 33.09
CA SER O 680 55.76 -64.34 33.46
C SER O 680 54.93 -65.45 34.10
N VAL O 681 55.60 -66.57 34.42
CA VAL O 681 54.94 -67.69 35.07
C VAL O 681 54.33 -67.26 36.39
N SER O 682 55.09 -66.48 37.17
CA SER O 682 54.60 -65.98 38.45
C SER O 682 53.33 -65.14 38.27
N GLU O 683 53.36 -64.18 37.34
CA GLU O 683 52.20 -63.33 37.11
C GLU O 683 51.01 -64.13 36.62
N ARG O 684 51.25 -65.14 35.79
CA ARG O 684 50.15 -65.94 35.26
C ARG O 684 49.47 -66.75 36.36
N MET O 685 50.27 -67.39 37.22
CA MET O 685 49.68 -68.14 38.33
C MET O 685 48.96 -67.20 39.29
N LEU O 686 49.53 -66.02 39.55
CA LEU O 686 48.87 -65.04 40.40
C LEU O 686 47.52 -64.63 39.82
N ARG O 687 47.49 -64.35 38.51
CA ARG O 687 46.23 -63.98 37.86
C ARG O 687 45.21 -65.10 37.97
N SER O 688 45.64 -66.33 37.67
CA SER O 688 44.71 -67.46 37.70
C SER O 688 44.09 -67.62 39.08
N GLN O 689 44.91 -67.64 40.12
CA GLN O 689 44.36 -67.84 41.46
C GLN O 689 43.52 -66.65 41.91
N LEU O 690 43.92 -65.42 41.55
CA LEU O 690 43.14 -64.26 41.98
C LEU O 690 41.77 -64.24 41.32
N LEU O 691 41.71 -64.46 40.00
CA LEU O 691 40.43 -64.48 39.32
C LEU O 691 39.56 -65.63 39.80
N LEU O 692 40.16 -66.80 40.06
CA LEU O 692 39.40 -67.92 40.58
C LEU O 692 38.80 -67.58 41.95
N LEU O 693 39.61 -66.99 42.83
CA LEU O 693 39.12 -66.63 44.15
C LEU O 693 37.98 -65.63 44.07
N ALA O 694 38.14 -64.58 43.25
CA ALA O 694 37.10 -63.56 43.13
C ALA O 694 35.81 -64.16 42.58
N CYS O 695 35.91 -64.93 41.50
CA CYS O 695 34.70 -65.50 40.91
CA CYS O 695 34.73 -65.54 40.89
C CYS O 695 34.05 -66.51 41.84
N VAL O 696 34.83 -67.21 42.66
CA VAL O 696 34.24 -68.16 43.61
C VAL O 696 33.52 -67.42 44.71
N HIS O 697 34.10 -66.33 45.23
CA HIS O 697 33.47 -65.57 46.30
C HIS O 697 32.52 -64.50 45.77
N ASN O 698 32.17 -64.57 44.49
CA ASN O 698 31.01 -63.86 43.93
C ASN O 698 31.30 -62.37 43.76
N TYR O 699 32.46 -62.05 43.19
CA TYR O 699 32.75 -60.70 42.74
C TYR O 699 32.01 -60.48 41.43
N GLN O 700 30.94 -59.68 41.48
CA GLN O 700 30.00 -59.62 40.36
C GLN O 700 30.64 -59.22 39.03
N PRO O 701 31.62 -58.31 38.97
CA PRO O 701 32.30 -58.11 37.67
C PRO O 701 32.94 -59.37 37.13
N CYS O 702 33.70 -60.08 37.97
CA CYS O 702 34.30 -61.35 37.55
CA CYS O 702 34.30 -61.33 37.53
C CYS O 702 33.24 -62.35 37.12
N VAL O 703 32.15 -62.45 37.89
CA VAL O 703 31.10 -63.40 37.57
C VAL O 703 30.48 -63.08 36.21
N GLN O 704 30.22 -61.80 35.95
CA GLN O 704 29.62 -61.41 34.67
C GLN O 704 30.56 -61.72 33.51
N ARG O 705 31.84 -61.35 33.64
CA ARG O 705 32.76 -61.56 32.52
C ARG O 705 33.00 -63.05 32.30
N ALA O 706 33.08 -63.84 33.37
CA ALA O 706 33.27 -65.28 33.23
C ALA O 706 32.03 -65.94 32.65
N GLU O 707 30.84 -65.46 33.01
CA GLU O 707 29.62 -65.96 32.38
C GLU O 707 29.59 -65.65 30.90
N GLY O 708 30.06 -64.46 30.51
CA GLY O 708 30.13 -64.14 29.09
C GLY O 708 31.09 -65.06 28.35
N TYR O 709 32.28 -65.27 28.91
CA TYR O 709 33.25 -66.16 28.29
C TYR O 709 32.70 -67.59 28.19
N PHE O 710 32.07 -68.08 29.25
CA PHE O 710 31.52 -69.44 29.24
C PHE O 710 30.36 -69.55 28.26
N ARG O 711 29.56 -68.50 28.12
CA ARG O 711 28.48 -68.51 27.14
C ARG O 711 29.04 -68.64 25.73
N LYS O 712 30.03 -67.81 25.40
CA LYS O 712 30.66 -67.90 24.08
C LYS O 712 31.27 -69.27 23.85
N TRP O 713 31.92 -69.83 24.87
CA TRP O 713 32.57 -71.13 24.71
C TRP O 713 31.54 -72.25 24.51
N LYS O 714 30.50 -72.27 25.34
CA LYS O 714 29.48 -73.31 25.24
C LYS O 714 28.73 -73.21 23.92
N GLU O 715 28.45 -72.00 23.45
CA GLU O 715 27.81 -71.85 22.15
C GLU O 715 28.75 -72.23 21.02
N SER O 716 30.06 -72.08 21.22
CA SER O 716 31.03 -72.56 20.25
C SER O 716 31.29 -74.05 20.35
N ASN O 717 30.74 -74.72 21.38
CA ASN O 717 30.86 -76.18 21.54
C ASN O 717 32.30 -76.57 21.84
N GLY O 718 32.92 -75.85 22.76
CA GLY O 718 34.30 -76.10 23.11
C GLY O 718 35.32 -75.67 22.08
N ASN O 719 34.87 -75.20 20.91
CA ASN O 719 35.80 -74.86 19.84
C ASN O 719 36.54 -73.56 20.10
N LEU O 720 35.90 -72.62 20.81
CA LEU O 720 36.56 -71.36 21.12
C LEU O 720 37.72 -71.59 22.09
N SER O 721 38.89 -71.07 21.75
CA SER O 721 40.06 -71.18 22.59
C SER O 721 40.01 -70.12 23.68
N LEU O 722 39.98 -70.55 24.93
CA LEU O 722 39.94 -69.61 26.04
C LEU O 722 41.34 -69.40 26.61
N PRO O 723 41.60 -68.24 27.21
CA PRO O 723 42.88 -68.07 27.93
C PRO O 723 43.02 -69.07 29.05
N VAL O 724 44.14 -69.79 29.04
CA VAL O 724 44.35 -70.90 29.97
C VAL O 724 44.28 -70.43 31.42
N ASP O 725 44.71 -69.20 31.69
CA ASP O 725 44.70 -68.70 33.07
C ASP O 725 43.28 -68.47 33.55
N VAL O 726 42.43 -67.85 32.71
CA VAL O 726 41.04 -67.61 33.09
C VAL O 726 40.15 -68.84 32.92
N THR O 727 40.69 -69.92 32.34
CA THR O 727 39.89 -71.12 32.15
C THR O 727 39.36 -71.67 33.47
N LEU O 728 40.19 -71.65 34.52
CA LEU O 728 39.76 -72.14 35.82
C LEU O 728 38.53 -71.39 36.32
N ALA O 729 38.61 -70.06 36.33
CA ALA O 729 37.48 -69.26 36.81
C ALA O 729 36.25 -69.44 35.92
N VAL O 730 36.45 -69.50 34.60
CA VAL O 730 35.32 -69.64 33.68
C VAL O 730 34.60 -70.96 33.91
N PHE O 731 35.36 -72.05 34.05
CA PHE O 731 34.74 -73.35 34.32
C PHE O 731 34.06 -73.36 35.68
N ALA O 732 34.71 -72.81 36.71
CA ALA O 732 34.12 -72.82 38.04
C ALA O 732 32.81 -72.03 38.07
N VAL O 733 32.73 -70.96 37.29
CA VAL O 733 31.47 -70.20 37.22
C VAL O 733 30.43 -70.94 36.41
N GLY O 734 30.81 -71.47 35.25
CA GLY O 734 29.86 -72.11 34.37
C GLY O 734 29.29 -73.41 34.93
N ALA O 735 30.03 -74.08 35.80
CA ALA O 735 29.57 -75.35 36.35
C ALA O 735 28.53 -75.18 37.45
N GLN O 736 28.08 -73.95 37.71
CA GLN O 736 27.09 -73.73 38.76
C GLN O 736 25.69 -74.13 38.32
N SER O 737 25.37 -74.00 37.04
CA SER O 737 24.08 -74.42 36.52
C SER O 737 24.16 -75.87 36.05
N THR O 738 23.01 -76.55 36.08
CA THR O 738 22.96 -77.95 35.68
C THR O 738 23.34 -78.12 34.21
N GLU O 739 22.89 -77.20 33.36
CA GLU O 739 23.19 -77.26 31.94
C GLU O 739 24.70 -77.19 31.70
N GLY O 740 25.35 -76.17 32.25
CA GLY O 740 26.78 -76.03 32.08
C GLY O 740 27.58 -77.14 32.74
N TRP O 741 27.10 -77.64 33.88
CA TRP O 741 27.73 -78.77 34.54
C TRP O 741 27.75 -80.00 33.62
N ASP O 742 26.58 -80.33 33.06
CA ASP O 742 26.50 -81.49 32.17
C ASP O 742 27.33 -81.27 30.92
N PHE O 743 27.37 -80.03 30.42
CA PHE O 743 28.19 -79.74 29.24
C PHE O 743 29.68 -79.95 29.53
N LEU O 744 30.16 -79.42 30.66
CA LEU O 744 31.55 -79.62 31.05
C LEU O 744 31.88 -81.10 31.18
N TYR O 745 31.00 -81.87 31.82
CA TYR O 745 31.27 -83.30 31.94
C TYR O 745 31.28 -83.98 30.58
N SER O 746 30.40 -83.55 29.67
CA SER O 746 30.37 -84.12 28.33
C SER O 746 31.68 -83.87 27.59
N LYS O 747 32.29 -82.71 27.80
CA LYS O 747 33.58 -82.43 27.18
C LYS O 747 34.73 -83.16 27.88
N TYR O 748 34.55 -83.45 29.18
CA TYR O 748 35.60 -84.10 29.97
C TYR O 748 36.05 -85.42 29.35
N GLN O 749 35.10 -86.24 28.92
CA GLN O 749 35.43 -87.59 28.44
C GLN O 749 36.37 -87.55 27.24
N PHE O 750 36.13 -86.63 26.29
CA PHE O 750 36.91 -86.60 25.06
C PHE O 750 38.10 -85.65 25.13
N SER O 751 38.18 -84.79 26.14
CA SER O 751 39.36 -83.94 26.27
C SER O 751 40.60 -84.78 26.48
N LEU O 752 41.74 -84.27 25.98
CA LEU O 752 43.02 -84.95 26.12
C LEU O 752 44.07 -84.13 26.84
N SER O 753 43.76 -82.91 27.26
CA SER O 753 44.69 -82.11 28.04
C SER O 753 44.47 -82.37 29.51
N SER O 754 45.56 -82.69 30.22
CA SER O 754 45.44 -83.01 31.63
C SER O 754 45.10 -81.77 32.45
N THR O 755 45.61 -80.60 32.07
CA THR O 755 45.22 -79.37 32.74
C THR O 755 43.73 -79.10 32.55
N GLU O 756 43.23 -79.29 31.34
CA GLU O 756 41.80 -79.12 31.07
C GLU O 756 40.98 -80.12 31.89
N LYS O 757 41.44 -81.37 31.99
CA LYS O 757 40.73 -82.36 32.79
C LYS O 757 40.69 -81.97 34.26
N SER O 758 41.83 -81.52 34.82
CA SER O 758 41.88 -81.14 36.22
C SER O 758 41.00 -79.93 36.50
N GLN O 759 40.97 -78.97 35.58
CA GLN O 759 40.11 -77.80 35.74
C GLN O 759 38.64 -78.19 35.68
N ILE O 760 38.30 -79.14 34.80
CA ILE O 760 36.94 -79.64 34.72
C ILE O 760 36.56 -80.34 36.02
N GLU O 761 37.49 -81.12 36.59
CA GLU O 761 37.22 -81.79 37.86
C GLU O 761 36.94 -80.77 38.97
N PHE O 762 37.78 -79.74 39.07
CA PHE O 762 37.56 -78.71 40.09
C PHE O 762 36.23 -78.01 39.89
N ALA O 763 35.90 -77.66 38.64
CA ALA O 763 34.64 -77.01 38.36
C ALA O 763 33.45 -77.89 38.76
N LEU O 764 33.51 -79.18 38.43
CA LEU O 764 32.41 -80.08 38.75
C LEU O 764 32.28 -80.29 40.25
N CYS O 765 33.41 -80.27 40.98
CA CYS O 765 33.33 -80.38 42.43
C CYS O 765 32.83 -79.10 43.07
N ARG O 766 33.00 -77.95 42.41
CA ARG O 766 32.45 -76.69 42.91
C ARG O 766 30.93 -76.60 42.84
N THR O 767 30.17 -77.64 42.51
CA THR O 767 28.74 -77.50 42.37
C THR O 767 28.07 -77.60 43.74
N GLN O 768 26.77 -77.24 43.77
CA GLN O 768 25.97 -77.34 44.97
C GLN O 768 25.04 -78.54 44.97
N ASN O 769 24.97 -79.28 43.87
CA ASN O 769 24.02 -80.38 43.74
C ASN O 769 24.56 -81.62 44.44
N LYS O 770 23.87 -82.04 45.50
CA LYS O 770 24.28 -83.20 46.28
C LYS O 770 24.35 -84.46 45.43
N GLU O 771 23.37 -84.64 44.53
CA GLU O 771 23.38 -85.84 43.69
C GLU O 771 24.58 -85.86 42.76
N LYS O 772 24.93 -84.71 42.19
CA LYS O 772 26.08 -84.66 41.30
C LYS O 772 27.39 -84.85 42.04
N LEU O 773 27.49 -84.31 43.27
CA LEU O 773 28.67 -84.57 44.07
C LEU O 773 28.80 -86.06 44.39
N GLN O 774 27.69 -86.69 44.80
CA GLN O 774 27.69 -88.13 45.08
C GLN O 774 28.05 -88.93 43.83
N TRP O 775 27.55 -88.50 42.67
CA TRP O 775 27.84 -89.20 41.42
C TRP O 775 29.32 -89.09 41.05
N LEU O 776 29.90 -87.89 41.20
CA LEU O 776 31.33 -87.74 41.00
C LEU O 776 32.10 -88.69 41.91
N LEU O 777 31.71 -88.74 43.18
CA LEU O 777 32.37 -89.65 44.12
C LEU O 777 32.28 -91.09 43.65
N ASP O 778 31.07 -91.54 43.32
CA ASP O 778 30.86 -92.94 42.93
C ASP O 778 31.64 -93.29 41.68
N GLU O 779 31.61 -92.43 40.67
CA GLU O 779 32.26 -92.75 39.40
C GLU O 779 33.77 -92.68 39.52
N SER O 780 34.29 -91.72 40.29
CA SER O 780 35.73 -91.67 40.51
C SER O 780 36.20 -92.87 41.34
N PHE O 781 35.31 -93.42 42.16
CA PHE O 781 35.62 -94.68 42.84
C PHE O 781 35.65 -95.85 41.85
N LYS O 782 34.61 -95.95 41.01
CA LYS O 782 34.53 -97.04 40.05
C LYS O 782 35.70 -97.04 39.08
N GLY O 783 36.11 -95.87 38.62
CA GLY O 783 37.27 -95.76 37.76
C GLY O 783 36.99 -95.85 36.28
N ASP O 784 35.73 -95.82 35.85
CA ASP O 784 35.38 -95.93 34.44
C ASP O 784 35.25 -94.54 33.81
N LYS O 785 34.21 -93.81 34.19
CA LYS O 785 34.00 -92.47 33.62
C LYS O 785 35.06 -91.49 34.09
N ILE O 786 35.53 -91.64 35.33
CA ILE O 786 36.65 -90.87 35.87
C ILE O 786 37.61 -91.87 36.51
N LYS O 787 38.86 -91.85 36.08
CA LYS O 787 39.84 -92.83 36.53
C LYS O 787 40.03 -92.76 38.05
N THR O 788 40.37 -93.92 38.63
CA THR O 788 40.52 -94.01 40.08
C THR O 788 41.72 -93.25 40.61
N GLN O 789 42.74 -93.01 39.76
CA GLN O 789 43.90 -92.25 40.20
C GLN O 789 43.54 -90.83 40.61
N GLU O 790 42.43 -90.30 40.10
CA GLU O 790 41.96 -88.97 40.40
C GLU O 790 41.10 -88.92 41.65
N PHE O 791 40.84 -90.06 42.28
CA PHE O 791 39.90 -90.12 43.40
C PHE O 791 40.32 -89.29 44.61
N PRO O 792 41.56 -89.35 45.11
CA PRO O 792 41.86 -88.62 46.35
C PRO O 792 41.68 -87.11 46.25
N GLN O 793 42.09 -86.50 45.14
CA GLN O 793 41.92 -85.06 45.00
C GLN O 793 40.44 -84.68 44.90
N ILE O 794 39.65 -85.50 44.18
CA ILE O 794 38.22 -85.22 44.08
C ILE O 794 37.55 -85.35 45.45
N LEU O 795 37.94 -86.37 46.22
CA LEU O 795 37.39 -86.55 47.56
C LEU O 795 37.75 -85.37 48.45
N THR O 796 38.98 -84.88 48.35
CA THR O 796 39.39 -83.72 49.16
C THR O 796 38.65 -82.46 48.74
N LEU O 797 38.46 -82.25 47.43
CA LEU O 797 37.73 -81.08 46.96
C LEU O 797 36.28 -81.12 47.42
N ILE O 798 35.68 -82.31 47.42
CA ILE O 798 34.30 -82.42 47.87
C ILE O 798 34.21 -82.25 49.39
N GLY O 799 35.21 -82.71 50.13
CA GLY O 799 35.26 -82.41 51.55
C GLY O 799 35.47 -80.94 51.84
N ARG O 800 36.09 -80.21 50.89
CA ARG O 800 36.18 -78.77 51.03
C ARG O 800 34.86 -78.07 50.70
N ASN O 801 34.14 -78.59 49.72
CA ASN O 801 32.87 -77.99 49.31
C ASN O 801 31.92 -77.88 50.52
N PRO O 802 31.33 -76.71 50.77
CA PRO O 802 30.52 -76.53 51.98
C PRO O 802 29.28 -77.41 52.05
N VAL O 803 28.83 -77.99 50.93
CA VAL O 803 27.66 -78.86 50.94
C VAL O 803 28.02 -80.32 50.71
N GLY O 804 29.31 -80.64 50.60
CA GLY O 804 29.73 -81.99 50.29
C GLY O 804 30.51 -82.70 51.37
N TYR O 805 30.97 -81.97 52.39
CA TYR O 805 31.82 -82.59 53.39
C TYR O 805 31.16 -83.74 54.16
N PRO O 806 29.86 -83.71 54.50
CA PRO O 806 29.28 -84.91 55.11
C PRO O 806 29.29 -86.09 54.15
N LEU O 807 29.03 -85.84 52.87
CA LEU O 807 29.09 -86.89 51.86
C LEU O 807 30.49 -87.50 51.78
N ALA O 808 31.52 -86.65 51.80
CA ALA O 808 32.89 -87.16 51.71
C ALA O 808 33.27 -87.98 52.93
N TRP O 809 32.95 -87.46 54.13
CA TRP O 809 33.24 -88.19 55.35
C TRP O 809 32.51 -89.53 55.37
N GLN O 810 31.23 -89.52 54.97
CA GLN O 810 30.44 -90.75 54.94
C GLN O 810 30.98 -91.74 53.91
N PHE O 811 31.42 -91.25 52.75
CA PHE O 811 31.95 -92.13 51.72
C PHE O 811 33.23 -92.81 52.18
N LEU O 812 34.14 -92.03 52.79
CA LEU O 812 35.36 -92.62 53.33
C LEU O 812 35.01 -93.66 54.40
N ARG O 813 34.09 -93.32 55.29
CA ARG O 813 33.69 -94.24 56.36
C ARG O 813 33.15 -95.55 55.80
N LYS O 814 32.25 -95.45 54.82
CA LYS O 814 31.54 -96.63 54.34
C LYS O 814 32.34 -97.47 53.36
N ASN O 815 33.37 -96.90 52.71
CA ASN O 815 34.19 -97.67 51.78
C ASN O 815 35.66 -97.69 52.19
N TRP O 816 35.93 -97.54 53.48
CA TRP O 816 37.31 -97.59 53.98
C TRP O 816 38.04 -98.85 53.55
N ASN O 817 37.38 -100.01 53.62
CA ASN O 817 38.06 -101.28 53.40
C ASN O 817 38.60 -101.40 51.98
N LYS O 818 37.75 -101.20 50.97
CA LYS O 818 38.21 -101.33 49.60
C LYS O 818 39.20 -100.24 49.22
N LEU O 819 39.04 -99.03 49.76
CA LEU O 819 40.02 -97.97 49.49
C LEU O 819 41.40 -98.37 49.99
N VAL O 820 41.47 -98.95 51.19
CA VAL O 820 42.75 -99.43 51.71
C VAL O 820 43.26 -100.58 50.85
N GLN O 821 42.36 -101.47 50.42
CA GLN O 821 42.79 -102.58 49.59
C GLN O 821 43.34 -102.11 48.25
N LYS O 822 42.89 -100.96 47.77
CA LYS O 822 43.34 -100.40 46.50
C LYS O 822 44.62 -99.56 46.63
N PHE O 823 44.74 -98.77 47.70
CA PHE O 823 45.84 -97.81 47.83
C PHE O 823 46.90 -98.23 48.85
N GLU O 824 46.75 -99.38 49.50
CA GLU O 824 47.63 -99.88 50.55
C GLU O 824 47.56 -99.01 51.80
N LEU O 825 47.83 -99.62 52.96
CA LEU O 825 47.76 -98.89 54.23
C LEU O 825 48.95 -97.96 54.41
N GLY O 826 48.68 -96.83 55.06
CA GLY O 826 49.73 -95.87 55.37
C GLY O 826 50.26 -95.10 54.19
N SER O 827 49.71 -95.28 53.00
CA SER O 827 50.18 -94.53 51.84
C SER O 827 49.83 -93.05 51.98
N SER O 828 50.60 -92.22 51.26
CA SER O 828 50.31 -90.80 51.26
C SER O 828 48.92 -90.52 50.69
N SER O 829 48.41 -91.41 49.84
CA SER O 829 47.04 -91.28 49.35
C SER O 829 46.03 -91.43 50.50
N ILE O 830 46.22 -92.46 51.34
CA ILE O 830 45.34 -92.66 52.49
C ILE O 830 45.43 -91.47 53.44
N ALA O 831 46.64 -91.00 53.70
CA ALA O 831 46.81 -89.84 54.58
C ALA O 831 46.10 -88.62 54.01
N HIS O 832 46.29 -88.36 52.71
CA HIS O 832 45.64 -87.25 52.02
C HIS O 832 44.13 -87.34 52.15
N MET O 833 43.57 -88.54 51.93
CA MET O 833 42.13 -88.72 52.02
C MET O 833 41.62 -88.43 53.43
N VAL O 834 42.26 -89.04 54.43
CA VAL O 834 41.82 -88.88 55.81
C VAL O 834 41.85 -87.41 56.21
N MET O 835 42.97 -86.73 55.95
CA MET O 835 43.07 -85.33 56.37
C MET O 835 42.11 -84.45 55.60
N GLY O 836 42.01 -84.63 54.27
CA GLY O 836 41.12 -83.81 53.48
C GLY O 836 39.66 -83.97 53.86
N THR O 837 39.28 -85.16 54.36
CA THR O 837 37.90 -85.36 54.76
C THR O 837 37.63 -84.99 56.22
N THR O 838 38.64 -84.97 57.09
CA THR O 838 38.38 -84.74 58.51
C THR O 838 39.04 -83.50 59.10
N ASN O 839 40.19 -83.07 58.59
CA ASN O 839 41.01 -82.11 59.33
C ASN O 839 40.46 -80.69 59.32
N GLN O 840 39.27 -80.45 58.78
CA GLN O 840 38.65 -79.13 58.86
C GLN O 840 37.50 -79.11 59.86
N PHE O 841 37.33 -80.16 60.63
CA PHE O 841 36.28 -80.20 61.64
C PHE O 841 36.72 -79.41 62.87
N SER O 842 35.74 -78.94 63.63
CA SER O 842 36.03 -78.02 64.72
C SER O 842 35.23 -78.27 65.99
N THR O 843 34.37 -79.28 66.03
CA THR O 843 33.49 -79.51 67.16
C THR O 843 33.85 -80.83 67.86
N ARG O 844 33.48 -80.91 69.13
CA ARG O 844 33.70 -82.13 69.89
C ARG O 844 32.92 -83.30 69.32
N THR O 845 31.74 -83.04 68.75
CA THR O 845 30.98 -84.12 68.11
C THR O 845 31.76 -84.72 66.93
N ARG O 846 32.30 -83.85 66.07
CA ARG O 846 33.10 -84.33 64.94
C ARG O 846 34.36 -85.05 65.42
N LEU O 847 35.02 -84.50 66.45
CA LEU O 847 36.21 -85.15 67.00
C LEU O 847 35.87 -86.55 67.52
N GLU O 848 34.73 -86.68 68.19
CA GLU O 848 34.33 -87.99 68.71
C GLU O 848 33.99 -88.94 67.57
N GLU O 849 33.36 -88.43 66.50
CA GLU O 849 33.14 -89.26 65.31
C GLU O 849 34.45 -89.83 64.80
N VAL O 850 35.44 -88.95 64.61
CA VAL O 850 36.73 -89.36 64.06
C VAL O 850 37.38 -90.41 64.96
N LYS O 851 37.47 -90.11 66.26
CA LYS O 851 38.07 -91.05 67.20
C LYS O 851 37.37 -92.41 67.15
N GLY O 852 36.05 -92.41 67.26
CA GLY O 852 35.32 -93.67 67.32
C GLY O 852 35.48 -94.51 66.07
N PHE O 853 35.34 -93.89 64.90
CA PHE O 853 35.47 -94.64 63.65
C PHE O 853 36.87 -95.20 63.50
N PHE O 854 37.89 -94.35 63.63
CA PHE O 854 39.25 -94.83 63.40
C PHE O 854 39.72 -95.78 64.48
N SER O 855 39.09 -95.80 65.65
CA SER O 855 39.38 -96.83 66.63
C SER O 855 38.66 -98.14 66.30
N SER O 856 37.42 -98.05 65.81
CA SER O 856 36.69 -99.24 65.40
C SER O 856 37.33 -99.93 64.20
N LEU O 857 38.17 -99.22 63.45
CA LEU O 857 38.89 -99.85 62.35
C LEU O 857 39.75 -101.04 62.81
N LYS O 858 40.21 -101.02 64.05
CA LYS O 858 41.00 -102.11 64.66
C LYS O 858 42.29 -102.29 63.86
N GLU O 859 42.63 -103.51 63.43
CA GLU O 859 43.92 -103.78 62.79
C GLU O 859 44.02 -103.23 61.37
N ASN O 860 43.01 -102.52 60.87
CA ASN O 860 42.98 -102.03 59.49
C ASN O 860 43.08 -100.51 59.40
N GLY O 861 43.95 -99.90 60.21
CA GLY O 861 44.20 -98.49 60.05
C GLY O 861 44.12 -97.66 61.31
N SER O 862 43.89 -98.30 62.46
CA SER O 862 43.84 -97.57 63.72
C SER O 862 45.20 -97.01 64.11
N GLN O 863 46.29 -97.58 63.60
CA GLN O 863 47.64 -97.16 63.94
C GLN O 863 48.22 -96.18 62.93
N LEU O 864 47.38 -95.38 62.29
CA LEU O 864 47.84 -94.46 61.26
C LEU O 864 48.28 -93.14 61.89
N ARG O 865 49.52 -92.75 61.59
CA ARG O 865 50.02 -91.46 62.03
C ARG O 865 49.18 -90.33 61.46
N CYS O 866 48.62 -90.51 60.27
CA CYS O 866 47.70 -89.51 59.74
C CYS O 866 46.43 -89.44 60.58
N VAL O 867 45.97 -90.57 61.12
CA VAL O 867 44.83 -90.54 62.03
C VAL O 867 45.15 -89.72 63.26
N GLN O 868 46.32 -89.98 63.87
CA GLN O 868 46.72 -89.17 65.02
C GLN O 868 46.86 -87.69 64.66
N GLN O 869 47.36 -87.40 63.46
CA GLN O 869 47.53 -86.02 63.02
C GLN O 869 46.18 -85.33 62.86
N THR O 870 45.19 -86.03 62.30
CA THR O 870 43.87 -85.44 62.16
C THR O 870 43.22 -85.23 63.53
N ILE O 871 43.43 -86.16 64.46
CA ILE O 871 42.86 -85.99 65.80
C ILE O 871 43.45 -84.75 66.47
N GLU O 872 44.78 -84.61 66.41
CA GLU O 872 45.42 -83.46 67.03
C GLU O 872 45.07 -82.16 66.30
N THR O 873 44.90 -82.22 64.98
CA THR O 873 44.48 -81.05 64.21
C THR O 873 43.08 -80.61 64.62
N ILE O 874 42.18 -81.58 64.84
CA ILE O 874 40.82 -81.24 65.26
C ILE O 874 40.84 -80.67 66.67
N GLU O 875 41.70 -81.18 67.55
CA GLU O 875 41.81 -80.62 68.89
C GLU O 875 42.33 -79.17 68.85
N GLU O 876 43.37 -78.93 68.05
CA GLU O 876 43.87 -77.57 67.90
C GLU O 876 42.80 -76.67 67.29
N ASN O 877 42.00 -77.20 66.37
CA ASN O 877 40.89 -76.43 65.80
C ASN O 877 39.86 -76.10 66.86
N ILE O 878 39.55 -77.05 67.74
CA ILE O 878 38.61 -76.79 68.84
C ILE O 878 39.11 -75.65 69.70
N GLY O 879 40.37 -75.73 70.13
CA GLY O 879 40.94 -74.66 70.94
C GLY O 879 40.92 -73.32 70.22
N TRP O 880 41.43 -73.30 68.99
CA TRP O 880 41.54 -72.07 68.21
C TRP O 880 40.17 -71.45 67.95
N MET O 881 39.17 -72.28 67.67
CA MET O 881 37.84 -71.76 67.36
C MET O 881 37.14 -71.26 68.62
N ASP O 882 37.23 -72.01 69.72
CA ASP O 882 36.64 -71.55 70.97
C ASP O 882 37.29 -70.26 71.45
N LYS O 883 38.57 -70.05 71.11
CA LYS O 883 39.26 -68.84 71.55
C LYS O 883 39.05 -67.65 70.63
N ASN O 884 39.08 -67.85 69.31
CA ASN O 884 39.25 -66.75 68.37
C ASN O 884 38.02 -66.39 67.57
N PHE O 885 36.94 -67.18 67.62
CA PHE O 885 35.80 -66.93 66.75
C PHE O 885 35.11 -65.60 67.11
N ASP O 886 34.72 -65.44 68.37
CA ASP O 886 34.04 -64.22 68.79
C ASP O 886 34.96 -63.00 68.66
N LYS O 887 36.25 -63.20 68.92
CA LYS O 887 37.23 -62.15 68.69
C LYS O 887 37.24 -61.71 67.23
N ILE O 888 37.18 -62.68 66.31
CA ILE O 888 37.17 -62.35 64.88
C ILE O 888 35.88 -61.66 64.51
N ARG O 889 34.76 -62.05 65.12
CA ARG O 889 33.50 -61.37 64.85
C ARG O 889 33.57 -59.90 65.24
N VAL O 890 34.10 -59.62 66.44
CA VAL O 890 34.25 -58.24 66.89
C VAL O 890 35.19 -57.48 65.97
N TRP O 891 36.29 -58.12 65.56
CA TRP O 891 37.25 -57.45 64.69
C TRP O 891 36.67 -57.18 63.31
N LEU O 892 35.82 -58.07 62.81
CA LEU O 892 35.19 -57.84 61.51
C LEU O 892 34.20 -56.70 61.58
N GLN O 893 33.44 -56.61 62.67
CA GLN O 893 32.58 -55.43 62.83
C GLN O 893 33.42 -54.16 62.93
N SER O 894 34.57 -54.24 63.59
CA SER O 894 35.44 -53.08 63.70
C SER O 894 36.00 -52.67 62.33
N GLU O 895 36.32 -53.65 61.49
CA GLU O 895 36.87 -53.32 60.17
C GLU O 895 35.78 -52.79 59.24
N LYS O 896 34.54 -53.27 59.38
CA LYS O 896 33.44 -52.66 58.65
C LYS O 896 33.22 -51.22 59.12
N LEU O 897 33.46 -50.95 60.40
CA LEU O 897 33.39 -49.59 60.94
C LEU O 897 34.70 -48.84 60.67
N GLU O 898 35.01 -48.69 59.38
CA GLU O 898 36.22 -47.98 58.97
C GLU O 898 36.00 -46.95 57.86
N ARG O 899 34.93 -47.06 57.08
CA ARG O 899 34.68 -46.09 56.02
C ARG O 899 33.72 -45.00 56.49
N PRO P 30 140.15 -35.07 -27.41
CA PRO P 30 139.61 -36.22 -28.13
C PRO P 30 138.94 -37.23 -27.20
N PHE P 31 137.62 -37.32 -27.26
CA PHE P 31 136.87 -38.20 -26.37
C PHE P 31 137.05 -39.66 -26.82
N PRO P 32 137.36 -40.57 -25.90
CA PRO P 32 137.69 -41.94 -26.31
C PRO P 32 136.50 -42.88 -26.42
N TRP P 33 135.39 -42.38 -26.96
CA TRP P 33 134.19 -43.17 -27.17
C TRP P 33 133.29 -42.42 -28.15
N ASN P 34 132.65 -43.17 -29.07
CA ASN P 34 131.90 -42.52 -30.13
C ASN P 34 130.55 -43.18 -30.39
N LYS P 35 130.04 -43.96 -29.44
CA LYS P 35 128.73 -44.59 -29.59
C LYS P 35 127.81 -44.11 -28.48
N ILE P 36 126.53 -44.03 -28.78
CA ILE P 36 125.56 -43.61 -27.77
C ILE P 36 125.42 -44.67 -26.70
N ARG P 37 125.46 -45.94 -27.09
CA ARG P 37 125.41 -47.03 -26.12
C ARG P 37 126.70 -47.08 -25.31
N LEU P 38 126.59 -47.59 -24.09
CA LEU P 38 127.74 -47.71 -23.21
C LEU P 38 128.53 -48.97 -23.53
N PRO P 39 129.79 -49.04 -23.11
CA PRO P 39 130.55 -50.29 -23.27
C PRO P 39 129.90 -51.41 -22.48
N GLU P 40 129.85 -52.59 -23.10
CA GLU P 40 129.19 -53.75 -22.49
C GLU P 40 130.10 -54.54 -21.57
N TYR P 41 131.40 -54.21 -21.53
CA TYR P 41 132.39 -54.98 -20.79
C TYR P 41 132.78 -54.32 -19.47
N VAL P 42 132.10 -53.25 -19.07
CA VAL P 42 132.28 -52.64 -17.75
C VAL P 42 130.91 -52.67 -17.07
N ILE P 43 130.78 -53.52 -16.08
CA ILE P 43 129.48 -53.82 -15.45
C ILE P 43 129.51 -53.32 -14.01
N PRO P 44 128.53 -52.52 -13.59
CA PRO P 44 128.42 -52.17 -12.18
C PRO P 44 127.73 -53.30 -11.42
N VAL P 45 128.02 -53.38 -10.11
CA VAL P 45 127.42 -54.41 -9.27
C VAL P 45 126.79 -53.80 -8.03
N HIS P 46 127.31 -52.66 -7.58
CA HIS P 46 126.81 -52.05 -6.35
C HIS P 46 127.14 -50.56 -6.34
N TYR P 47 126.11 -49.72 -6.26
CA TYR P 47 126.25 -48.28 -6.07
C TYR P 47 126.10 -47.93 -4.60
N ASP P 48 126.89 -46.96 -4.16
CA ASP P 48 126.82 -46.40 -2.81
C ASP P 48 126.73 -44.90 -3.01
N LEU P 49 125.53 -44.35 -2.83
CA LEU P 49 125.24 -42.96 -3.16
C LEU P 49 125.10 -42.16 -1.87
N LEU P 50 125.72 -40.98 -1.84
CA LEU P 50 125.57 -40.05 -0.72
C LEU P 50 125.20 -38.68 -1.29
N ILE P 51 124.00 -38.22 -0.96
CA ILE P 51 123.46 -36.97 -1.49
C ILE P 51 123.23 -36.01 -0.32
N HIS P 52 123.71 -34.78 -0.47
CA HIS P 52 123.42 -33.70 0.47
C HIS P 52 122.74 -32.62 -0.35
N ALA P 53 121.42 -32.53 -0.21
CA ALA P 53 120.60 -31.54 -0.91
C ALA P 53 120.35 -30.33 -0.02
N ASN P 54 120.43 -29.11 -0.72
CA ASN P 54 120.21 -27.84 0.03
C ASN P 54 119.00 -27.14 -0.58
N LEU P 55 117.88 -27.13 0.16
CA LEU P 55 116.63 -26.52 -0.28
C LEU P 55 116.72 -24.99 -0.26
N THR P 56 117.46 -24.42 0.70
CA THR P 56 117.56 -22.97 0.77
C THR P 56 118.33 -22.41 -0.41
N THR P 57 119.49 -22.96 -0.70
CA THR P 57 120.31 -22.50 -1.83
C THR P 57 119.99 -23.24 -3.12
N LEU P 58 119.10 -24.23 -3.06
CA LEU P 58 118.74 -25.03 -4.23
C LEU P 58 119.97 -25.64 -4.89
N THR P 59 120.79 -26.30 -4.08
CA THR P 59 122.03 -26.92 -4.53
C THR P 59 122.06 -28.35 -4.03
N PHE P 60 123.09 -29.10 -4.43
CA PHE P 60 123.34 -30.39 -3.80
C PHE P 60 124.72 -30.89 -4.19
N TRP P 61 125.44 -31.44 -3.21
CA TRP P 61 126.72 -32.09 -3.41
CA TRP P 61 126.70 -32.10 -3.49
C TRP P 61 126.54 -33.60 -3.25
N GLY P 62 127.31 -34.38 -4.00
CA GLY P 62 127.16 -35.81 -3.98
C GLY P 62 128.47 -36.56 -4.07
N THR P 63 128.46 -37.77 -3.52
CA THR P 63 129.58 -38.71 -3.60
C THR P 63 129.04 -40.06 -4.03
N THR P 64 129.58 -40.60 -5.12
CA THR P 64 129.13 -41.86 -5.68
C THR P 64 130.28 -42.84 -5.69
N LYS P 65 130.13 -43.96 -4.98
CA LYS P 65 131.10 -45.04 -4.98
C LYS P 65 130.47 -46.23 -5.70
N VAL P 66 130.96 -46.54 -6.89
CA VAL P 66 130.40 -47.62 -7.71
C VAL P 66 131.43 -48.73 -7.80
N GLU P 67 131.02 -49.93 -7.39
CA GLU P 67 131.85 -51.12 -7.54
C GLU P 67 131.62 -51.71 -8.92
N ILE P 68 132.70 -51.95 -9.66
CA ILE P 68 132.64 -52.42 -11.02
C ILE P 68 133.61 -53.58 -11.20
N THR P 69 133.36 -54.36 -12.25
CA THR P 69 134.27 -55.38 -12.73
C THR P 69 134.42 -55.23 -14.23
N ALA P 70 135.56 -55.66 -14.76
CA ALA P 70 135.86 -55.54 -16.17
C ALA P 70 136.15 -56.91 -16.77
N SER P 71 135.60 -57.15 -17.95
CA SER P 71 135.83 -58.40 -18.67
C SER P 71 136.89 -58.28 -19.76
N GLN P 72 137.10 -57.07 -20.30
CA GLN P 72 138.16 -56.81 -21.26
C GLN P 72 139.16 -55.83 -20.65
N PRO P 73 140.45 -56.08 -20.75
CA PRO P 73 141.45 -55.16 -20.18
C PRO P 73 141.32 -53.78 -20.81
N THR P 74 141.07 -52.78 -19.97
CA THR P 74 140.90 -51.41 -20.44
C THR P 74 141.46 -50.45 -19.41
N SER P 75 141.83 -49.26 -19.88
CA SER P 75 142.26 -48.16 -19.02
C SER P 75 141.30 -46.98 -19.12
N THR P 76 140.11 -47.19 -19.67
CA THR P 76 139.12 -46.14 -19.86
C THR P 76 137.77 -46.66 -19.38
N ILE P 77 137.13 -45.90 -18.49
CA ILE P 77 135.83 -46.26 -17.94
C ILE P 77 134.82 -45.21 -18.41
N ILE P 78 133.80 -45.66 -19.15
CA ILE P 78 132.78 -44.79 -19.71
C ILE P 78 131.51 -44.95 -18.90
N LEU P 79 130.92 -43.82 -18.50
CA LEU P 79 129.63 -43.82 -17.82
C LEU P 79 128.92 -42.51 -18.12
N HIS P 80 127.69 -42.38 -17.62
CA HIS P 80 126.84 -41.24 -17.93
C HIS P 80 126.96 -40.16 -16.87
N SER P 81 126.84 -38.91 -17.31
CA SER P 81 126.81 -37.75 -16.44
C SER P 81 126.27 -36.56 -17.23
N HIS P 82 125.36 -35.81 -16.63
CA HIS P 82 124.67 -34.74 -17.35
C HIS P 82 124.42 -33.58 -16.39
N HIS P 83 124.91 -32.39 -16.76
CA HIS P 83 124.72 -31.16 -15.97
C HIS P 83 125.24 -31.33 -14.54
N LEU P 84 126.34 -32.06 -14.38
CA LEU P 84 126.95 -32.31 -13.08
C LEU P 84 128.40 -31.86 -13.10
N GLN P 85 128.78 -31.04 -12.12
CA GLN P 85 130.16 -30.56 -12.01
C GLN P 85 130.97 -31.58 -11.23
N ILE P 86 131.83 -32.31 -11.93
CA ILE P 86 132.72 -33.28 -11.29
C ILE P 86 133.94 -32.55 -10.76
N SER P 87 134.26 -32.78 -9.48
CA SER P 87 135.37 -32.09 -8.84
C SER P 87 136.51 -32.99 -8.40
N ARG P 88 136.31 -34.30 -8.35
CA ARG P 88 137.30 -35.21 -7.80
C ARG P 88 136.93 -36.63 -8.17
N ALA P 89 137.94 -37.41 -8.57
CA ALA P 89 137.70 -38.78 -9.02
C ALA P 89 138.87 -39.66 -8.63
N THR P 90 138.57 -40.76 -7.93
CA THR P 90 139.58 -41.70 -7.49
C THR P 90 139.16 -43.12 -7.88
N LEU P 91 140.14 -44.01 -7.95
CA LEU P 91 139.93 -45.40 -8.33
C LEU P 91 140.66 -46.29 -7.33
N ARG P 92 139.90 -47.04 -6.53
CA ARG P 92 140.46 -47.94 -5.53
C ARG P 92 140.46 -49.36 -6.08
N LYS P 93 141.51 -50.12 -5.75
CA LYS P 93 141.68 -51.49 -6.20
C LYS P 93 141.57 -52.40 -4.99
N GLY P 94 140.52 -53.20 -4.95
CA GLY P 94 140.27 -54.08 -3.81
C GLY P 94 138.97 -53.73 -3.12
N LEU P 99 143.02 -51.09 -0.94
CA LEU P 99 144.37 -50.81 -0.46
C LEU P 99 145.02 -49.70 -1.27
N SER P 100 145.18 -49.94 -2.58
CA SER P 100 145.82 -48.98 -3.46
C SER P 100 144.75 -48.09 -4.10
N GLU P 101 144.99 -46.77 -4.04
CA GLU P 101 144.08 -45.79 -4.61
C GLU P 101 144.86 -44.93 -5.60
N GLU P 102 144.27 -44.72 -6.78
CA GLU P 102 144.92 -43.97 -7.85
C GLU P 102 143.97 -42.92 -8.42
N PRO P 103 144.49 -41.75 -8.80
CA PRO P 103 143.64 -40.71 -9.38
C PRO P 103 143.23 -41.03 -10.82
N LEU P 104 142.07 -40.52 -11.20
CA LEU P 104 141.55 -40.68 -12.55
C LEU P 104 141.46 -39.33 -13.23
N GLN P 105 141.75 -39.30 -14.53
CA GLN P 105 141.57 -38.09 -15.32
C GLN P 105 140.19 -38.11 -15.94
N VAL P 106 139.54 -36.94 -15.97
CA VAL P 106 138.15 -36.81 -16.36
C VAL P 106 138.09 -36.15 -17.74
N LEU P 107 137.40 -36.79 -18.68
CA LEU P 107 137.06 -36.22 -19.97
C LEU P 107 135.55 -36.14 -20.06
N GLU P 108 135.04 -35.11 -20.71
CA GLU P 108 133.62 -34.80 -20.71
C GLU P 108 133.10 -34.77 -22.14
N HIS P 109 131.90 -35.32 -22.36
CA HIS P 109 131.23 -35.26 -23.66
C HIS P 109 129.78 -34.88 -23.41
N PRO P 110 129.43 -33.59 -23.54
CA PRO P 110 128.05 -33.18 -23.28
C PRO P 110 127.07 -33.67 -24.35
N ARG P 111 127.53 -33.88 -25.58
CA ARG P 111 126.63 -34.33 -26.64
C ARG P 111 126.14 -35.75 -26.37
N GLN P 112 127.04 -36.63 -25.94
CA GLN P 112 126.66 -37.99 -25.60
C GLN P 112 126.28 -38.14 -24.13
N GLU P 113 126.29 -37.05 -23.37
CA GLU P 113 125.96 -37.06 -21.95
C GLU P 113 126.83 -38.08 -21.19
N GLN P 114 128.12 -38.07 -21.48
CA GLN P 114 129.04 -39.07 -20.93
C GLN P 114 130.27 -38.41 -20.33
N ILE P 115 130.94 -39.18 -19.48
CA ILE P 115 132.27 -38.84 -19.00
C ILE P 115 133.15 -40.08 -19.10
N ALA P 116 134.42 -39.85 -19.38
CA ALA P 116 135.42 -40.90 -19.47
C ALA P 116 136.43 -40.72 -18.34
N LEU P 117 136.69 -41.80 -17.61
CA LEU P 117 137.65 -41.79 -16.53
C LEU P 117 138.87 -42.59 -16.95
N LEU P 118 140.03 -41.94 -16.95
CA LEU P 118 141.28 -42.53 -17.39
C LEU P 118 142.11 -42.92 -16.16
N ALA P 119 142.54 -44.18 -16.14
CA ALA P 119 143.31 -44.84 -15.10
C ALA P 119 144.77 -45.03 -15.52
N PRO P 120 145.71 -44.80 -14.62
CA PRO P 120 147.12 -44.94 -14.98
C PRO P 120 147.50 -46.35 -15.41
N GLU P 121 147.06 -47.36 -14.68
CA GLU P 121 147.38 -48.74 -14.98
C GLU P 121 146.13 -49.50 -15.45
N PRO P 122 146.25 -50.28 -16.52
CA PRO P 122 145.06 -50.97 -17.06
C PRO P 122 144.43 -51.90 -16.05
N LEU P 123 143.10 -51.92 -16.04
CA LEU P 123 142.35 -52.75 -15.11
C LEU P 123 142.58 -54.23 -15.41
N LEU P 124 142.68 -55.02 -14.34
CA LEU P 124 142.88 -56.46 -14.47
C LEU P 124 141.53 -57.17 -14.53
N VAL P 125 141.38 -58.06 -15.50
CA VAL P 125 140.11 -58.77 -15.68
C VAL P 125 139.82 -59.64 -14.48
N GLY P 126 138.55 -59.69 -14.08
CA GLY P 126 138.13 -60.50 -12.96
C GLY P 126 138.33 -59.88 -11.59
N LEU P 127 138.87 -58.66 -11.53
CA LEU P 127 139.12 -57.99 -10.26
C LEU P 127 138.06 -56.94 -9.99
N PRO P 128 137.66 -56.77 -8.72
CA PRO P 128 136.71 -55.69 -8.39
C PRO P 128 137.41 -54.37 -8.12
N TYR P 129 136.91 -53.31 -8.74
CA TYR P 129 137.43 -51.97 -8.50
C TYR P 129 136.30 -51.06 -8.03
N THR P 130 136.67 -49.96 -7.41
CA THR P 130 135.68 -49.03 -6.86
C THR P 130 136.00 -47.62 -7.35
N VAL P 131 135.12 -47.07 -8.16
CA VAL P 131 135.26 -45.70 -8.64
C VAL P 131 134.53 -44.76 -7.67
N VAL P 132 135.22 -43.72 -7.22
CA VAL P 132 134.68 -42.77 -6.27
C VAL P 132 134.68 -41.40 -6.93
N ILE P 133 133.48 -40.82 -7.08
CA ILE P 133 133.30 -39.56 -7.81
C ILE P 133 132.65 -38.56 -6.86
N HIS P 134 133.22 -37.37 -6.78
CA HIS P 134 132.64 -36.25 -6.05
C HIS P 134 132.12 -35.24 -7.06
N TYR P 135 130.89 -34.77 -6.85
CA TYR P 135 130.26 -33.92 -7.85
C TYR P 135 129.30 -32.96 -7.16
N ALA P 136 128.83 -31.98 -7.93
CA ALA P 136 127.88 -31.01 -7.43
C ALA P 136 126.88 -30.66 -8.54
N GLY P 137 125.80 -30.01 -8.14
CA GLY P 137 124.79 -29.57 -9.07
C GLY P 137 123.70 -28.83 -8.33
N ASN P 138 122.63 -28.49 -9.04
CA ASN P 138 121.46 -27.92 -8.40
C ASN P 138 120.19 -28.61 -8.88
N LEU P 139 119.18 -28.56 -8.02
CA LEU P 139 117.85 -29.06 -8.32
C LEU P 139 117.33 -28.51 -9.64
N SER P 140 116.96 -29.41 -10.54
CA SER P 140 116.40 -29.00 -11.82
C SER P 140 115.07 -28.26 -11.61
N GLU P 141 114.89 -27.16 -12.35
CA GLU P 141 113.63 -26.44 -12.32
C GLU P 141 112.59 -27.06 -13.24
N THR P 142 112.90 -28.21 -13.85
CA THR P 142 111.98 -28.87 -14.77
C THR P 142 111.15 -29.93 -14.05
N PHE P 143 110.74 -30.96 -14.78
CA PHE P 143 109.94 -32.05 -14.22
C PHE P 143 110.69 -33.38 -14.20
N HIS P 144 111.98 -33.38 -14.50
CA HIS P 144 112.77 -34.60 -14.55
C HIS P 144 114.07 -34.39 -13.80
N GLY P 145 114.81 -35.49 -13.61
CA GLY P 145 116.05 -35.46 -12.86
C GLY P 145 115.81 -35.36 -11.37
N PHE P 146 116.65 -34.58 -10.68
CA PHE P 146 116.47 -34.27 -9.27
C PHE P 146 115.90 -32.86 -9.21
N TYR P 147 114.58 -32.76 -9.15
CA TYR P 147 113.91 -31.49 -9.37
C TYR P 147 113.21 -30.99 -8.12
N LYS P 148 112.81 -29.72 -8.18
CA LYS P 148 112.18 -29.01 -7.08
C LYS P 148 110.68 -28.98 -7.26
N SER P 149 109.96 -29.02 -6.13
CA SER P 149 108.52 -28.88 -6.11
C SER P 149 108.15 -27.91 -4.99
N THR P 150 107.05 -27.19 -5.17
CA THR P 150 106.58 -26.24 -4.19
C THR P 150 105.11 -26.47 -3.91
N TYR P 151 104.68 -26.08 -2.71
CA TYR P 151 103.27 -26.21 -2.35
C TYR P 151 102.88 -25.04 -1.46
N ARG P 152 101.58 -24.73 -1.48
CA ARG P 152 101.02 -23.62 -0.73
C ARG P 152 100.34 -24.14 0.53
N THR P 153 100.70 -23.56 1.67
CA THR P 153 99.99 -23.87 2.90
C THR P 153 98.68 -23.10 2.95
N LYS P 154 97.82 -23.48 3.89
CA LYS P 154 96.54 -22.80 4.05
C LYS P 154 96.68 -21.37 4.57
N GLU P 155 97.87 -20.98 5.00
CA GLU P 155 98.14 -19.61 5.43
C GLU P 155 98.77 -18.77 4.34
N GLY P 156 98.89 -19.30 3.12
CA GLY P 156 99.48 -18.59 2.01
C GLY P 156 100.98 -18.73 1.87
N GLU P 157 101.66 -19.35 2.84
CA GLU P 157 103.10 -19.52 2.74
C GLU P 157 103.45 -20.55 1.67
N LEU P 158 104.65 -20.41 1.11
CA LEU P 158 105.16 -21.30 0.08
C LEU P 158 106.25 -22.18 0.68
N ARG P 159 106.16 -23.49 0.46
CA ARG P 159 107.12 -24.44 1.00
C ARG P 159 107.73 -25.24 -0.14
N ILE P 160 108.98 -25.67 0.08
CA ILE P 160 109.81 -26.28 -0.96
C ILE P 160 110.14 -27.71 -0.56
N LEU P 161 110.18 -28.59 -1.56
CA LEU P 161 110.62 -29.96 -1.40
C LEU P 161 111.42 -30.37 -2.64
N ALA P 162 112.17 -31.46 -2.52
CA ALA P 162 112.96 -31.98 -3.63
C ALA P 162 112.55 -33.41 -3.91
N SER P 163 112.21 -33.70 -5.17
CA SER P 163 111.78 -35.01 -5.59
C SER P 163 112.62 -35.47 -6.77
N THR P 164 112.41 -36.72 -7.18
CA THR P 164 113.17 -37.33 -8.26
C THR P 164 112.23 -37.86 -9.34
N GLN P 165 112.78 -37.95 -10.55
CA GLN P 165 112.10 -38.60 -11.67
C GLN P 165 113.20 -38.99 -12.66
N PHE P 166 113.56 -40.27 -12.66
CA PHE P 166 114.74 -40.71 -13.39
C PHE P 166 114.44 -41.43 -14.69
N GLU P 167 113.24 -41.98 -14.84
CA GLU P 167 112.88 -42.59 -16.12
C GLU P 167 112.79 -41.50 -17.19
N PRO P 168 113.40 -41.69 -18.36
CA PRO P 168 114.19 -42.89 -18.65
C PRO P 168 115.70 -42.71 -18.45
N THR P 169 116.24 -41.53 -18.77
CA THR P 169 117.68 -41.28 -18.75
C THR P 169 118.01 -40.07 -17.90
N ALA P 170 117.32 -39.91 -16.76
CA ALA P 170 117.50 -38.75 -15.90
C ALA P 170 118.28 -39.03 -14.63
N ALA P 171 118.58 -40.30 -14.34
CA ALA P 171 119.40 -40.61 -13.16
C ALA P 171 120.78 -39.99 -13.26
N ARG P 172 121.29 -39.83 -14.49
CA ARG P 172 122.59 -39.20 -14.70
C ARG P 172 122.60 -37.73 -14.29
N MET P 173 121.45 -37.08 -14.24
CA MET P 173 121.40 -35.69 -13.79
C MET P 173 121.48 -35.56 -12.28
N ALA P 174 121.47 -36.67 -11.55
CA ALA P 174 121.54 -36.66 -10.09
C ALA P 174 122.74 -37.41 -9.56
N PHE P 175 123.14 -38.51 -10.20
CA PHE P 175 124.36 -39.21 -9.81
C PHE P 175 124.99 -39.86 -11.03
N PRO P 176 126.30 -39.74 -11.21
CA PRO P 176 126.95 -40.40 -12.34
C PRO P 176 126.92 -41.92 -12.18
N CYS P 177 126.58 -42.60 -13.26
CA CYS P 177 126.32 -44.03 -13.20
C CYS P 177 126.33 -44.59 -14.61
N PHE P 178 126.08 -45.89 -14.70
CA PHE P 178 125.86 -46.57 -15.97
C PHE P 178 124.35 -46.56 -16.22
N ASP P 179 123.87 -45.41 -16.72
CA ASP P 179 122.44 -45.11 -16.77
C ASP P 179 121.80 -45.84 -17.96
N GLU P 180 121.75 -47.17 -17.85
CA GLU P 180 121.03 -47.99 -18.80
C GLU P 180 120.26 -49.06 -18.04
N PRO P 181 119.11 -49.50 -18.55
CA PRO P 181 118.30 -50.49 -17.82
C PRO P 181 118.95 -51.87 -17.74
N ALA P 182 119.97 -52.16 -18.55
CA ALA P 182 120.59 -53.47 -18.52
C ALA P 182 121.62 -53.61 -17.41
N PHE P 183 122.24 -52.50 -17.00
CA PHE P 183 123.26 -52.53 -15.94
C PHE P 183 122.55 -52.43 -14.59
N LYS P 184 121.96 -53.55 -14.18
CA LYS P 184 121.30 -53.62 -12.89
C LYS P 184 122.32 -53.77 -11.76
N ALA P 185 121.98 -53.24 -10.59
CA ALA P 185 122.87 -53.27 -9.44
C ALA P 185 122.06 -52.96 -8.19
N SER P 186 122.69 -53.14 -7.05
CA SER P 186 122.12 -52.74 -5.76
C SER P 186 122.52 -51.30 -5.45
N PHE P 187 121.76 -50.68 -4.55
CA PHE P 187 121.94 -49.27 -4.24
C PHE P 187 121.86 -49.07 -2.74
N SER P 188 122.94 -48.55 -2.14
CA SER P 188 122.96 -48.14 -0.74
C SER P 188 122.93 -46.62 -0.71
N ILE P 189 121.82 -46.07 -0.24
CA ILE P 189 121.54 -44.63 -0.34
C ILE P 189 121.70 -43.98 1.03
N LYS P 190 122.35 -42.81 1.05
CA LYS P 190 122.47 -41.98 2.23
C LYS P 190 122.09 -40.55 1.84
N ILE P 191 121.17 -39.95 2.59
CA ILE P 191 120.66 -38.62 2.30
C ILE P 191 120.88 -37.73 3.52
N ARG P 192 121.34 -36.51 3.26
CA ARG P 192 121.58 -35.51 4.30
C ARG P 192 120.51 -34.44 4.22
N ARG P 193 120.01 -34.03 5.39
CA ARG P 193 118.87 -33.11 5.46
C ARG P 193 118.97 -32.31 6.74
N GLU P 194 118.20 -31.22 6.80
CA GLU P 194 117.99 -30.52 8.06
C GLU P 194 117.10 -31.36 8.96
N PRO P 195 117.15 -31.13 10.28
CA PRO P 195 116.21 -31.83 11.17
C PRO P 195 114.76 -31.57 10.83
N ARG P 196 114.43 -30.36 10.37
CA ARG P 196 113.05 -30.02 10.05
C ARG P 196 112.50 -30.83 8.89
N HIS P 197 113.33 -31.61 8.21
CA HIS P 197 112.92 -32.33 7.01
C HIS P 197 112.71 -33.81 7.29
N LEU P 198 112.19 -34.48 6.26
CA LEU P 198 111.89 -35.90 6.27
C LEU P 198 112.33 -36.48 4.95
N ALA P 199 113.12 -37.55 5.01
CA ALA P 199 113.70 -38.17 3.82
C ALA P 199 113.15 -39.58 3.67
N ILE P 200 112.66 -39.91 2.48
CA ILE P 200 112.22 -41.27 2.17
C ILE P 200 112.83 -41.70 0.86
N SER P 201 113.00 -43.02 0.70
CA SER P 201 113.66 -43.56 -0.48
C SER P 201 113.08 -44.94 -0.77
N ASN P 202 113.82 -45.74 -1.53
CA ASN P 202 113.31 -47.04 -1.98
C ASN P 202 113.16 -48.01 -0.82
N MET P 203 114.15 -48.09 0.05
CA MET P 203 114.19 -49.02 1.15
C MET P 203 113.81 -48.33 2.44
N PRO P 204 113.52 -49.08 3.51
CA PRO P 204 113.26 -48.45 4.80
C PRO P 204 114.48 -47.72 5.34
N LEU P 205 114.22 -46.77 6.22
CA LEU P 205 115.28 -46.01 6.87
C LEU P 205 115.91 -46.87 7.97
N VAL P 206 117.21 -47.10 7.85
CA VAL P 206 117.91 -47.97 8.80
C VAL P 206 118.41 -47.19 10.00
N LYS P 207 119.04 -46.04 9.79
CA LYS P 207 119.50 -45.27 10.94
C LYS P 207 119.70 -43.82 10.56
N SER P 208 119.74 -42.96 11.58
CA SER P 208 119.98 -41.53 11.42
C SER P 208 121.12 -41.10 12.34
N VAL P 209 122.13 -40.48 11.76
CA VAL P 209 123.34 -40.07 12.50
C VAL P 209 123.49 -38.56 12.39
N THR P 210 123.87 -37.93 13.50
CA THR P 210 124.06 -36.48 13.53
C THR P 210 125.46 -36.15 13.01
N VAL P 211 125.62 -36.29 11.69
CA VAL P 211 126.89 -35.95 11.05
C VAL P 211 127.09 -34.45 11.08
N ALA P 212 128.35 -34.02 11.21
CA ALA P 212 128.70 -32.61 11.31
C ALA P 212 127.92 -31.96 12.43
N GLU P 213 127.37 -30.77 12.17
CA GLU P 213 126.55 -30.06 13.15
C GLU P 213 125.30 -29.52 12.47
N GLY P 214 124.15 -29.83 13.07
CA GLY P 214 122.90 -29.22 12.67
C GLY P 214 122.16 -29.90 11.54
N LEU P 215 122.73 -30.93 10.93
CA LEU P 215 122.08 -31.66 9.84
C LEU P 215 122.25 -33.16 10.07
N ILE P 216 121.15 -33.90 9.90
CA ILE P 216 121.12 -35.34 10.12
C ILE P 216 121.38 -36.06 8.80
N GLU P 217 121.98 -37.26 8.89
CA GLU P 217 122.25 -38.12 7.75
C GLU P 217 121.45 -39.40 7.91
N ASP P 218 120.65 -39.74 6.90
CA ASP P 218 119.79 -40.92 6.94
C ASP P 218 120.42 -42.03 6.10
N HIS P 219 120.74 -43.15 6.74
CA HIS P 219 121.21 -44.35 6.08
C HIS P 219 120.03 -45.29 5.86
N PHE P 220 119.74 -45.57 4.59
CA PHE P 220 118.69 -46.48 4.17
C PHE P 220 119.26 -47.86 3.88
N ASP P 221 118.38 -48.86 3.94
CA ASP P 221 118.75 -50.23 3.62
C ASP P 221 119.14 -50.34 2.14
N VAL P 222 119.78 -51.45 1.80
CA VAL P 222 120.26 -51.67 0.44
C VAL P 222 119.13 -52.26 -0.41
N THR P 223 119.01 -51.78 -1.64
CA THR P 223 117.99 -52.25 -2.55
C THR P 223 118.40 -53.59 -3.15
N VAL P 224 117.52 -54.15 -3.98
CA VAL P 224 117.81 -55.41 -4.67
C VAL P 224 118.37 -55.09 -6.05
N LYS P 225 118.60 -56.12 -6.86
CA LYS P 225 119.03 -55.93 -8.24
C LYS P 225 117.94 -55.23 -9.04
N MET P 226 118.17 -53.96 -9.38
CA MET P 226 117.19 -53.17 -10.09
C MET P 226 117.90 -52.21 -11.02
N SER P 227 117.16 -51.71 -12.01
CA SER P 227 117.72 -50.78 -12.96
C SER P 227 117.93 -49.41 -12.30
N THR P 228 118.70 -48.56 -12.97
CA THR P 228 119.08 -47.28 -12.38
C THR P 228 117.93 -46.30 -12.39
N TYR P 229 117.01 -46.39 -13.35
CA TYR P 229 115.92 -45.43 -13.43
C TYR P 229 114.91 -45.59 -12.29
N LEU P 230 115.04 -46.63 -11.48
CA LEU P 230 114.11 -46.89 -10.38
C LEU P 230 114.56 -46.28 -9.07
N VAL P 231 115.75 -45.66 -9.02
CA VAL P 231 116.20 -45.00 -7.80
C VAL P 231 115.34 -43.75 -7.57
N ALA P 232 115.03 -43.49 -6.30
CA ALA P 232 114.21 -42.33 -5.97
C ALA P 232 114.46 -41.95 -4.52
N PHE P 233 114.26 -40.67 -4.23
CA PHE P 233 114.37 -40.14 -2.88
C PHE P 233 113.64 -38.81 -2.80
N ILE P 234 113.08 -38.52 -1.64
CA ILE P 234 112.24 -37.34 -1.42
C ILE P 234 112.64 -36.70 -0.10
N ILE P 235 112.88 -35.39 -0.14
CA ILE P 235 113.14 -34.57 1.04
C ILE P 235 112.01 -33.58 1.14
N SER P 236 111.21 -33.67 2.20
CA SER P 236 110.04 -32.81 2.33
C SER P 236 109.66 -32.70 3.80
N ASP P 237 108.39 -32.41 4.06
CA ASP P 237 107.81 -32.48 5.40
C ASP P 237 106.45 -33.15 5.34
N PHE P 238 106.36 -34.23 4.55
CA PHE P 238 105.10 -34.92 4.34
C PHE P 238 104.58 -35.57 5.62
N GLU P 239 103.27 -35.64 5.74
CA GLU P 239 102.60 -36.54 6.66
C GLU P 239 102.23 -37.83 5.92
N SER P 240 101.99 -38.89 6.67
CA SER P 240 101.72 -40.17 6.06
C SER P 240 100.67 -40.95 6.85
N VAL P 241 100.03 -41.88 6.14
CA VAL P 241 99.13 -42.87 6.73
C VAL P 241 99.63 -44.23 6.27
N SER P 242 99.59 -45.17 7.13
CA SER P 242 100.14 -46.51 6.83
C SER P 242 99.12 -47.62 7.15
N LYS P 243 99.39 -48.78 6.57
CA LYS P 243 98.55 -49.96 6.70
C LYS P 243 99.38 -51.19 6.34
N ILE P 244 98.98 -52.34 6.85
CA ILE P 244 99.71 -53.59 6.63
C ILE P 244 98.91 -54.48 5.68
N THR P 245 99.61 -55.18 4.79
CA THR P 245 98.97 -56.19 3.97
C THR P 245 98.83 -57.49 4.76
N LYS P 246 98.08 -58.43 4.20
CA LYS P 246 98.01 -59.74 4.84
C LYS P 246 99.32 -60.50 4.73
N SER P 247 100.26 -60.02 3.91
CA SER P 247 101.58 -60.62 3.79
C SER P 247 102.66 -59.87 4.58
N GLY P 248 102.29 -58.81 5.28
CA GLY P 248 103.23 -58.12 6.17
C GLY P 248 104.00 -56.97 5.57
N VAL P 249 103.69 -56.54 4.36
CA VAL P 249 104.40 -55.41 3.75
C VAL P 249 103.83 -54.12 4.32
N LYS P 250 104.72 -53.17 4.64
CA LYS P 250 104.29 -51.90 5.23
C LYS P 250 103.95 -50.92 4.11
N VAL P 251 102.66 -50.69 3.88
CA VAL P 251 102.18 -49.78 2.84
C VAL P 251 101.86 -48.44 3.48
N SER P 252 102.44 -47.38 2.93
CA SER P 252 102.24 -46.03 3.44
C SER P 252 101.96 -45.08 2.28
N VAL P 253 101.27 -43.98 2.58
CA VAL P 253 100.95 -42.96 1.60
C VAL P 253 101.35 -41.60 2.17
N TYR P 254 102.27 -40.93 1.49
CA TYR P 254 102.75 -39.62 1.90
C TYR P 254 102.13 -38.52 1.04
N ALA P 255 101.87 -37.37 1.67
CA ALA P 255 101.35 -36.21 0.97
C ALA P 255 101.65 -34.98 1.81
N VAL P 256 101.38 -33.81 1.22
CA VAL P 256 101.57 -32.53 1.90
C VAL P 256 100.67 -32.49 3.12
N PRO P 257 101.04 -31.75 4.18
CA PRO P 257 100.27 -31.84 5.44
C PRO P 257 98.80 -31.50 5.31
N ASP P 258 98.45 -30.55 4.46
CA ASP P 258 97.06 -30.11 4.35
C ASP P 258 96.19 -31.03 3.52
N LYS P 259 96.77 -32.04 2.87
CA LYS P 259 96.00 -32.93 1.99
C LYS P 259 96.11 -34.40 2.38
N ILE P 260 96.63 -34.70 3.58
CA ILE P 260 96.83 -36.10 3.95
C ILE P 260 95.50 -36.81 4.16
N ASN P 261 94.44 -36.07 4.50
CA ASN P 261 93.13 -36.67 4.75
C ASN P 261 92.44 -37.19 3.50
N GLN P 262 93.05 -37.05 2.32
CA GLN P 262 92.47 -37.55 1.08
C GLN P 262 93.12 -38.84 0.60
N ALA P 263 93.91 -39.51 1.44
CA ALA P 263 94.70 -40.66 1.05
C ALA P 263 94.08 -41.99 1.44
N ASP P 264 92.87 -42.00 2.02
CA ASP P 264 92.32 -43.24 2.55
C ASP P 264 92.01 -44.24 1.44
N TYR P 265 91.28 -43.81 0.40
CA TYR P 265 90.97 -44.72 -0.69
C TYR P 265 92.24 -45.18 -1.40
N ALA P 266 93.20 -44.27 -1.56
CA ALA P 266 94.46 -44.65 -2.18
C ALA P 266 95.15 -45.75 -1.38
N LEU P 267 95.24 -45.59 -0.07
CA LEU P 267 95.91 -46.58 0.77
C LEU P 267 95.18 -47.92 0.76
N ASP P 268 93.85 -47.89 0.88
CA ASP P 268 93.07 -49.12 0.93
C ASP P 268 93.17 -49.88 -0.39
N ALA P 269 92.95 -49.18 -1.51
CA ALA P 269 93.07 -49.83 -2.81
C ALA P 269 94.50 -50.30 -3.06
N ALA P 270 95.50 -49.59 -2.54
CA ALA P 270 96.88 -50.02 -2.69
C ALA P 270 97.11 -51.35 -1.99
N VAL P 271 96.64 -51.47 -0.75
CA VAL P 271 96.80 -52.73 -0.01
C VAL P 271 96.10 -53.86 -0.77
N THR P 272 94.86 -53.61 -1.19
CA THR P 272 94.10 -54.64 -1.90
C THR P 272 94.80 -55.08 -3.17
N LEU P 273 95.27 -54.13 -3.98
CA LEU P 273 95.88 -54.45 -5.26
C LEU P 273 97.23 -55.12 -5.08
N LEU P 274 97.99 -54.72 -4.07
CA LEU P 274 99.27 -55.38 -3.82
C LEU P 274 99.06 -56.83 -3.41
N GLU P 275 98.09 -57.08 -2.53
CA GLU P 275 97.78 -58.47 -2.17
C GLU P 275 97.32 -59.26 -3.38
N PHE P 276 96.47 -58.67 -4.22
CA PHE P 276 96.01 -59.36 -5.42
C PHE P 276 97.17 -59.72 -6.33
N TYR P 277 98.09 -58.77 -6.56
CA TYR P 277 99.19 -59.03 -7.47
C TYR P 277 100.11 -60.10 -6.92
N GLU P 278 100.42 -60.05 -5.62
CA GLU P 278 101.19 -61.12 -5.00
C GLU P 278 100.55 -62.48 -5.24
N ASP P 279 99.26 -62.60 -4.89
CA ASP P 279 98.56 -63.88 -5.03
C ASP P 279 98.51 -64.34 -6.48
N TYR P 280 98.23 -63.42 -7.41
CA TYR P 280 98.06 -63.78 -8.81
C TYR P 280 99.38 -64.26 -9.41
N PHE P 281 100.45 -63.49 -9.21
CA PHE P 281 101.74 -63.84 -9.78
C PHE P 281 102.44 -64.96 -9.05
N SER P 282 101.99 -65.32 -7.85
CA SER P 282 102.65 -66.34 -7.02
C SER P 282 104.10 -65.95 -6.75
N ILE P 283 104.35 -64.65 -6.65
CA ILE P 283 105.68 -64.10 -6.39
C ILE P 283 105.52 -63.00 -5.34
N PRO P 284 106.03 -63.21 -4.12
CA PRO P 284 105.84 -62.20 -3.07
C PRO P 284 106.54 -60.89 -3.41
N TYR P 285 106.01 -59.81 -2.83
CA TYR P 285 106.65 -58.51 -2.96
C TYR P 285 107.97 -58.54 -2.19
N PRO P 286 109.11 -58.32 -2.85
CA PRO P 286 110.39 -58.57 -2.18
C PRO P 286 110.77 -57.52 -1.14
N LEU P 287 110.31 -56.28 -1.28
CA LEU P 287 110.73 -55.22 -0.40
C LEU P 287 109.91 -55.20 0.88
N PRO P 288 110.46 -54.66 1.97
CA PRO P 288 109.68 -54.61 3.23
C PRO P 288 108.51 -53.65 3.17
N LYS P 289 108.65 -52.52 2.48
CA LYS P 289 107.64 -51.48 2.48
C LYS P 289 107.32 -51.06 1.05
N GLN P 290 106.11 -50.53 0.90
CA GLN P 290 105.62 -49.93 -0.33
C GLN P 290 105.08 -48.55 0.01
N ASP P 291 105.57 -47.52 -0.67
CA ASP P 291 105.20 -46.15 -0.38
C ASP P 291 104.58 -45.50 -1.61
N LEU P 292 103.58 -44.65 -1.38
CA LEU P 292 102.87 -43.92 -2.43
C LEU P 292 102.89 -42.45 -2.06
N ALA P 293 103.70 -41.65 -2.75
CA ALA P 293 103.89 -40.25 -2.43
C ALA P 293 103.19 -39.37 -3.46
N ALA P 294 102.43 -38.38 -2.98
CA ALA P 294 101.72 -37.44 -3.84
C ALA P 294 102.59 -36.20 -4.02
N ILE P 295 103.20 -36.06 -5.20
CA ILE P 295 104.11 -34.96 -5.48
C ILE P 295 103.31 -33.79 -6.04
N PRO P 296 103.50 -32.57 -5.50
CA PRO P 296 102.74 -31.43 -6.02
C PRO P 296 103.10 -31.07 -7.45
N ASP P 297 104.35 -31.26 -7.85
CA ASP P 297 104.80 -30.97 -9.21
C ASP P 297 105.24 -32.27 -9.86
N PHE P 298 104.44 -32.78 -10.78
CA PHE P 298 104.76 -34.02 -11.48
C PHE P 298 104.33 -33.92 -12.93
N GLN P 299 105.15 -34.50 -13.82
CA GLN P 299 104.90 -34.48 -15.26
C GLN P 299 104.04 -35.66 -15.68
N SER P 300 104.46 -36.87 -15.36
CA SER P 300 103.71 -38.07 -15.71
C SER P 300 102.47 -38.17 -14.83
N GLY P 301 101.65 -39.20 -15.08
CA GLY P 301 100.62 -39.54 -14.12
C GLY P 301 101.21 -40.10 -12.83
N ALA P 302 102.23 -40.95 -12.95
CA ALA P 302 102.86 -41.58 -11.80
C ALA P 302 104.23 -42.10 -12.21
N MET P 303 104.90 -42.77 -11.27
CA MET P 303 106.19 -43.39 -11.54
C MET P 303 106.33 -44.62 -10.64
N GLU P 304 106.98 -45.64 -11.17
CA GLU P 304 107.00 -46.97 -10.55
C GLU P 304 108.28 -47.24 -9.75
N ASN P 305 108.85 -46.20 -9.12
CA ASN P 305 110.06 -46.38 -8.34
C ASN P 305 109.85 -47.47 -7.29
N TRP P 306 110.73 -48.48 -7.31
CA TRP P 306 110.58 -49.66 -6.48
C TRP P 306 110.55 -49.30 -5.00
N GLY P 307 109.40 -49.49 -4.36
CA GLY P 307 109.22 -49.17 -2.96
C GLY P 307 108.85 -47.73 -2.66
N LEU P 308 108.80 -46.86 -3.68
CA LEU P 308 108.46 -45.45 -3.47
C LEU P 308 107.85 -44.92 -4.77
N THR P 309 106.62 -45.34 -5.06
CA THR P 309 105.91 -44.83 -6.21
C THR P 309 105.50 -43.37 -5.97
N THR P 310 105.60 -42.56 -7.03
CA THR P 310 105.25 -41.15 -6.98
C THR P 310 104.05 -40.90 -7.89
N TYR P 311 103.23 -39.93 -7.52
CA TYR P 311 101.97 -39.68 -8.22
C TYR P 311 101.73 -38.19 -8.36
N ARG P 312 100.80 -37.86 -9.25
CA ARG P 312 100.15 -36.57 -9.21
C ARG P 312 99.13 -36.55 -8.07
N GLU P 313 99.01 -35.39 -7.40
CA GLU P 313 97.99 -35.25 -6.38
C GLU P 313 96.62 -35.55 -6.96
N SER P 314 96.36 -35.10 -8.19
CA SER P 314 95.11 -35.41 -8.87
C SER P 314 94.96 -36.90 -9.12
N ALA P 315 96.07 -37.61 -9.30
CA ALA P 315 96.03 -39.03 -9.61
C ALA P 315 96.11 -39.92 -8.39
N LEU P 316 96.26 -39.35 -7.21
CA LEU P 316 96.29 -40.22 -6.03
C LEU P 316 95.28 -39.84 -4.96
N LEU P 317 95.00 -38.56 -4.76
CA LEU P 317 94.18 -38.14 -3.63
C LEU P 317 92.71 -38.07 -4.02
N PHE P 318 91.85 -38.50 -3.10
CA PHE P 318 90.42 -38.62 -3.34
C PHE P 318 89.67 -37.92 -2.21
N ASP P 319 88.83 -36.95 -2.59
CA ASP P 319 88.01 -36.20 -1.65
C ASP P 319 86.56 -36.60 -1.87
N ALA P 320 85.94 -37.19 -0.85
CA ALA P 320 84.58 -37.69 -0.99
C ALA P 320 83.58 -36.58 -1.30
N GLU P 321 83.89 -35.34 -0.91
CA GLU P 321 82.95 -34.24 -1.08
C GLU P 321 83.01 -33.59 -2.46
N LYS P 322 84.15 -33.67 -3.15
CA LYS P 322 84.34 -32.94 -4.40
C LYS P 322 84.91 -33.77 -5.55
N SER P 323 85.56 -34.90 -5.28
CA SER P 323 86.14 -35.68 -6.37
C SER P 323 85.06 -36.46 -7.11
N SER P 324 85.28 -36.63 -8.41
CA SER P 324 84.31 -37.27 -9.28
C SER P 324 84.53 -38.78 -9.33
N ALA P 325 83.48 -39.49 -9.77
CA ALA P 325 83.61 -40.93 -9.97
C ALA P 325 84.69 -41.24 -11.01
N SER P 326 84.81 -40.38 -12.03
CA SER P 326 85.92 -40.48 -12.97
C SER P 326 87.25 -40.42 -12.23
N SER P 327 87.38 -39.50 -11.28
CA SER P 327 88.63 -39.36 -10.52
C SER P 327 88.89 -40.60 -9.67
N LYS P 328 87.85 -41.16 -9.05
CA LYS P 328 88.03 -42.36 -8.24
C LYS P 328 88.47 -43.54 -9.09
N LEU P 329 87.82 -43.74 -10.24
CA LEU P 329 88.22 -44.79 -11.17
C LEU P 329 89.65 -44.58 -11.63
N GLY P 330 90.03 -43.34 -11.92
CA GLY P 330 91.39 -43.07 -12.37
C GLY P 330 92.42 -43.37 -11.30
N ILE P 331 92.12 -43.01 -10.05
CA ILE P 331 93.03 -43.31 -8.95
C ILE P 331 93.20 -44.83 -8.83
N THR P 332 92.10 -45.57 -8.90
CA THR P 332 92.18 -47.03 -8.80
C THR P 332 93.05 -47.61 -9.92
N MET P 333 92.79 -47.18 -11.15
CA MET P 333 93.54 -47.71 -12.29
C MET P 333 95.01 -47.33 -12.22
N THR P 334 95.33 -46.13 -11.74
CA THR P 334 96.72 -45.69 -11.65
C THR P 334 97.48 -46.49 -10.59
N VAL P 335 96.86 -46.67 -9.42
CA VAL P 335 97.50 -47.48 -8.38
C VAL P 335 97.71 -48.91 -8.87
N ALA P 336 96.73 -49.46 -9.58
CA ALA P 336 96.88 -50.79 -10.15
C ALA P 336 98.04 -50.83 -11.15
N HIS P 337 98.16 -49.79 -11.98
CA HIS P 337 99.23 -49.72 -12.96
C HIS P 337 100.60 -49.75 -12.28
N GLU P 338 100.78 -48.93 -11.25
CA GLU P 338 102.10 -48.86 -10.62
C GLU P 338 102.42 -50.14 -9.84
N LEU P 339 101.43 -50.72 -9.16
CA LEU P 339 101.70 -51.97 -8.45
C LEU P 339 101.93 -53.12 -9.43
N ALA P 340 101.36 -53.05 -10.63
CA ALA P 340 101.69 -54.02 -11.66
C ALA P 340 103.10 -53.81 -12.18
N HIS P 341 103.52 -52.54 -12.32
CA HIS P 341 104.89 -52.25 -12.69
C HIS P 341 105.88 -52.80 -11.68
N GLN P 342 105.46 -52.89 -10.41
CA GLN P 342 106.32 -53.49 -9.38
C GLN P 342 106.84 -54.87 -9.79
N TRP P 343 106.10 -55.59 -10.63
CA TRP P 343 106.55 -56.86 -11.19
C TRP P 343 107.00 -56.74 -12.65
N PHE P 344 106.15 -56.16 -13.49
CA PHE P 344 106.46 -56.00 -14.92
C PHE P 344 107.18 -54.67 -15.09
N GLY P 345 108.50 -54.70 -14.94
CA GLY P 345 109.30 -53.50 -15.07
C GLY P 345 110.42 -53.43 -14.06
N ASN P 346 110.11 -53.74 -12.80
CA ASN P 346 111.07 -53.69 -11.71
C ASN P 346 111.70 -55.05 -11.45
N LEU P 347 110.87 -56.06 -11.14
CA LEU P 347 111.39 -57.41 -10.98
C LEU P 347 111.97 -57.92 -12.29
N VAL P 348 111.20 -57.86 -13.37
CA VAL P 348 111.65 -58.21 -14.70
C VAL P 348 111.60 -56.95 -15.55
N THR P 349 112.77 -56.47 -15.98
CA THR P 349 112.90 -55.25 -16.75
C THR P 349 113.30 -55.58 -18.18
N MET P 350 112.82 -54.77 -19.13
CA MET P 350 113.29 -54.89 -20.49
C MET P 350 114.78 -54.57 -20.55
N GLU P 351 115.46 -55.10 -21.57
CA GLU P 351 116.90 -54.89 -21.63
C GLU P 351 117.23 -53.55 -22.28
N TRP P 352 116.49 -53.15 -23.31
CA TRP P 352 116.69 -51.87 -23.95
C TRP P 352 115.34 -51.23 -24.24
N TRP P 353 115.35 -49.91 -24.34
CA TRP P 353 114.12 -49.13 -24.45
C TRP P 353 113.35 -49.41 -25.74
N ASN P 354 113.87 -50.24 -26.64
CA ASN P 354 113.09 -50.63 -27.82
C ASN P 354 111.92 -51.53 -27.44
N ASP P 355 112.06 -52.28 -26.35
CA ASP P 355 111.01 -53.14 -25.83
C ASP P 355 110.34 -52.57 -24.59
N LEU P 356 110.22 -51.23 -24.52
CA LEU P 356 109.52 -50.58 -23.43
C LEU P 356 108.08 -51.07 -23.30
N TRP P 357 107.52 -51.61 -24.38
CA TRP P 357 106.16 -52.13 -24.29
C TRP P 357 106.06 -53.32 -23.34
N LEU P 358 107.11 -54.13 -23.25
CA LEU P 358 107.15 -55.24 -22.30
C LEU P 358 106.90 -54.78 -20.87
N ASN P 359 107.17 -53.51 -20.55
CA ASN P 359 106.78 -52.94 -19.28
C ASN P 359 105.40 -52.30 -19.37
N GLU P 360 105.25 -51.35 -20.30
CA GLU P 360 104.11 -50.44 -20.24
C GLU P 360 102.81 -51.10 -20.68
N GLY P 361 102.82 -51.85 -21.79
CA GLY P 361 101.61 -52.52 -22.21
C GLY P 361 101.15 -53.55 -21.19
N PHE P 362 102.09 -54.30 -20.62
CA PHE P 362 101.74 -55.27 -19.59
C PHE P 362 101.16 -54.58 -18.37
N ALA P 363 101.71 -53.43 -17.97
CA ALA P 363 101.15 -52.71 -16.83
C ALA P 363 99.75 -52.19 -17.13
N LYS P 364 99.56 -51.60 -18.32
CA LYS P 364 98.25 -51.08 -18.71
C LYS P 364 97.21 -52.21 -18.79
N PHE P 365 97.64 -53.42 -19.15
CA PHE P 365 96.71 -54.55 -19.21
C PHE P 365 96.44 -55.12 -17.81
N MET P 366 97.46 -55.17 -16.96
CA MET P 366 97.26 -55.62 -15.60
C MET P 366 96.36 -54.67 -14.83
N GLU P 367 96.32 -53.40 -15.23
CA GLU P 367 95.28 -52.51 -14.72
C GLU P 367 93.91 -53.16 -14.80
N PHE P 368 93.50 -53.54 -16.02
CA PHE P 368 92.21 -54.16 -16.23
C PHE P 368 92.11 -55.49 -15.49
N VAL P 369 93.12 -56.36 -15.69
CA VAL P 369 93.09 -57.71 -15.11
C VAL P 369 92.92 -57.65 -13.59
N SER P 370 93.50 -56.65 -12.94
CA SER P 370 93.48 -56.55 -11.49
C SER P 370 92.23 -55.84 -10.98
N VAL P 371 91.87 -54.71 -11.59
CA VAL P 371 90.75 -53.92 -11.09
C VAL P 371 89.44 -54.65 -11.33
N SER P 372 89.30 -55.33 -12.48
CA SER P 372 88.08 -56.09 -12.74
C SER P 372 87.81 -57.16 -11.68
N VAL P 373 88.80 -57.51 -10.87
CA VAL P 373 88.63 -58.47 -9.78
C VAL P 373 88.55 -57.78 -8.43
N THR P 374 89.42 -56.81 -8.18
CA THR P 374 89.50 -56.20 -6.85
C THR P 374 88.38 -55.20 -6.61
N HIS P 375 87.99 -54.45 -7.64
CA HIS P 375 86.92 -53.46 -7.53
C HIS P 375 85.91 -53.72 -8.63
N PRO P 376 85.13 -54.80 -8.52
CA PRO P 376 84.19 -55.15 -9.59
C PRO P 376 83.02 -54.18 -9.72
N GLU P 377 82.76 -53.36 -8.69
CA GLU P 377 81.70 -52.35 -8.81
C GLU P 377 82.04 -51.28 -9.84
N LEU P 378 83.31 -51.17 -10.23
CA LEU P 378 83.71 -50.22 -11.26
C LEU P 378 83.39 -50.72 -12.66
N LYS P 379 83.54 -52.03 -12.88
CA LYS P 379 83.29 -52.67 -14.18
C LYS P 379 84.13 -52.02 -15.29
N VAL P 380 85.45 -52.13 -15.13
CA VAL P 380 86.38 -51.49 -16.05
C VAL P 380 86.35 -52.12 -17.45
N GLY P 381 85.77 -53.31 -17.58
CA GLY P 381 85.56 -53.89 -18.90
C GLY P 381 84.64 -53.08 -19.77
N ASP P 382 83.85 -52.18 -19.17
CA ASP P 382 82.99 -51.30 -19.95
C ASP P 382 83.81 -50.24 -20.68
N TYR P 383 84.83 -49.69 -20.03
CA TYR P 383 85.55 -48.54 -20.53
C TYR P 383 86.94 -48.86 -21.08
N PHE P 384 87.39 -50.13 -20.99
CA PHE P 384 88.77 -50.42 -21.38
C PHE P 384 89.05 -50.12 -22.85
N PHE P 385 88.18 -50.56 -23.75
CA PHE P 385 88.52 -50.65 -25.18
C PHE P 385 88.53 -49.30 -25.90
N GLY P 386 88.12 -48.22 -25.25
CA GLY P 386 88.43 -46.90 -25.77
C GLY P 386 89.91 -46.72 -26.01
N LYS P 387 90.74 -47.38 -25.20
CA LYS P 387 92.17 -47.40 -25.44
C LYS P 387 92.50 -47.97 -26.81
N CYS P 388 91.94 -49.14 -27.13
CA CYS P 388 92.20 -49.74 -28.44
C CYS P 388 91.74 -48.84 -29.57
N PHE P 389 90.56 -48.23 -29.42
CA PHE P 389 90.04 -47.37 -30.48
C PHE P 389 90.94 -46.15 -30.71
N ASP P 390 91.26 -45.42 -29.63
CA ASP P 390 92.11 -44.25 -29.76
C ASP P 390 93.51 -44.62 -30.25
N ALA P 391 93.98 -45.82 -29.89
CA ALA P 391 95.28 -46.27 -30.39
C ALA P 391 95.23 -46.55 -31.89
N MET P 392 94.15 -47.19 -32.36
CA MET P 392 93.99 -47.39 -33.79
C MET P 392 93.93 -46.06 -34.53
N GLU P 393 93.34 -45.04 -33.90
CA GLU P 393 93.26 -43.73 -34.53
C GLU P 393 94.62 -43.22 -35.01
N VAL P 394 95.70 -43.56 -34.30
CA VAL P 394 97.03 -43.09 -34.68
C VAL P 394 97.81 -44.20 -35.37
N ASP P 395 97.57 -45.46 -35.00
CA ASP P 395 98.29 -46.57 -35.62
C ASP P 395 97.85 -46.79 -37.06
N ALA P 396 96.66 -46.30 -37.44
CA ALA P 396 96.27 -46.34 -38.84
C ALA P 396 97.11 -45.41 -39.70
N LEU P 397 97.98 -44.62 -39.08
CA LEU P 397 98.78 -43.68 -39.84
C LEU P 397 100.01 -44.37 -40.43
N ASN P 398 100.51 -43.78 -41.50
CA ASN P 398 101.69 -44.27 -42.19
C ASN P 398 102.96 -44.00 -41.40
N SER P 399 102.99 -42.92 -40.61
CA SER P 399 104.13 -42.60 -39.76
C SER P 399 104.16 -43.40 -38.47
N SER P 400 103.16 -44.26 -38.23
CA SER P 400 103.16 -45.12 -37.05
C SER P 400 104.34 -46.09 -37.09
N HIS P 401 104.65 -46.67 -35.94
CA HIS P 401 105.78 -47.57 -35.80
C HIS P 401 105.32 -48.91 -35.22
N PRO P 402 106.08 -49.98 -35.43
CA PRO P 402 105.76 -51.24 -34.77
C PRO P 402 105.91 -51.12 -33.26
N VAL P 403 105.29 -52.06 -32.55
CA VAL P 403 105.33 -52.04 -31.09
C VAL P 403 106.78 -52.12 -30.60
N SER P 404 107.62 -52.86 -31.30
CA SER P 404 109.04 -52.98 -30.98
C SER P 404 109.84 -52.40 -32.13
N THR P 405 110.54 -51.30 -31.86
CA THR P 405 111.29 -50.58 -32.88
C THR P 405 112.54 -49.99 -32.25
N PRO P 406 113.64 -49.92 -33.01
CA PRO P 406 114.90 -49.46 -32.43
C PRO P 406 114.88 -47.97 -32.11
N VAL P 407 115.50 -47.62 -30.97
CA VAL P 407 115.67 -46.24 -30.54
C VAL P 407 117.05 -46.12 -29.90
N GLU P 408 117.63 -44.92 -29.98
CA GLU P 408 118.96 -44.75 -29.42
C GLU P 408 119.04 -43.56 -28.46
N ASN P 409 118.77 -42.34 -28.95
CA ASN P 409 118.97 -41.14 -28.14
C ASN P 409 117.80 -40.90 -27.19
N PRO P 410 118.02 -40.09 -26.15
CA PRO P 410 116.96 -39.87 -25.15
C PRO P 410 115.66 -39.33 -25.73
N ALA P 411 115.71 -38.51 -26.78
CA ALA P 411 114.47 -38.01 -27.38
C ALA P 411 113.64 -39.17 -27.93
N GLN P 412 114.27 -40.08 -28.66
CA GLN P 412 113.58 -41.25 -29.17
C GLN P 412 113.06 -42.13 -28.03
N ILE P 413 113.86 -42.27 -26.98
CA ILE P 413 113.46 -43.09 -25.85
C ILE P 413 112.21 -42.51 -25.18
N ARG P 414 112.18 -41.18 -25.02
CA ARG P 414 110.98 -40.52 -24.49
C ARG P 414 109.79 -40.69 -25.43
N GLU P 415 110.04 -40.63 -26.74
CA GLU P 415 108.96 -40.80 -27.72
C GLU P 415 108.36 -42.19 -27.63
N MET P 416 109.13 -43.18 -27.17
CA MET P 416 108.60 -44.54 -27.08
C MET P 416 107.41 -44.65 -26.15
N PHE P 417 107.23 -43.72 -25.21
CA PHE P 417 106.10 -43.72 -24.28
C PHE P 417 104.87 -43.11 -24.97
N ASP P 418 104.37 -43.81 -25.98
CA ASP P 418 103.25 -43.30 -26.77
C ASP P 418 102.04 -44.23 -26.68
N ASP P 419 101.00 -43.87 -27.42
CA ASP P 419 99.77 -44.67 -27.42
C ASP P 419 100.00 -46.10 -27.88
N VAL P 420 100.97 -46.33 -28.77
CA VAL P 420 101.24 -47.69 -29.21
C VAL P 420 101.67 -48.54 -28.02
N SER P 421 102.77 -48.15 -27.38
CA SER P 421 103.39 -48.98 -26.34
C SER P 421 102.44 -49.24 -25.18
N TYR P 422 101.54 -48.30 -24.88
CA TYR P 422 100.57 -48.50 -23.79
C TYR P 422 99.32 -49.20 -24.33
N ASP P 423 98.53 -48.48 -25.11
CA ASP P 423 97.22 -48.96 -25.53
C ASP P 423 97.32 -50.16 -26.47
N LYS P 424 98.12 -50.05 -27.54
CA LYS P 424 98.19 -51.14 -28.50
C LYS P 424 98.83 -52.37 -27.87
N GLY P 425 99.83 -52.17 -27.01
CA GLY P 425 100.41 -53.29 -26.29
C GLY P 425 99.39 -53.99 -25.42
N ALA P 426 98.60 -53.22 -24.67
CA ALA P 426 97.58 -53.84 -23.82
C ALA P 426 96.51 -54.53 -24.65
N CYS P 427 96.17 -53.98 -25.81
CA CYS P 427 95.13 -54.58 -26.63
C CYS P 427 95.60 -55.86 -27.30
N ILE P 428 96.86 -55.91 -27.75
CA ILE P 428 97.38 -57.15 -28.31
C ILE P 428 97.59 -58.18 -27.21
N LEU P 429 97.89 -57.75 -25.98
CA LEU P 429 97.97 -58.69 -24.87
C LEU P 429 96.59 -59.24 -24.53
N ASN P 430 95.56 -58.39 -24.57
CA ASN P 430 94.19 -58.84 -24.38
C ASN P 430 93.80 -59.86 -25.45
N MET P 431 94.14 -59.56 -26.70
CA MET P 431 93.83 -60.48 -27.80
C MET P 431 94.53 -61.82 -27.61
N LEU P 432 95.79 -61.79 -27.18
CA LEU P 432 96.53 -63.03 -26.93
C LEU P 432 95.94 -63.81 -25.76
N ARG P 433 95.58 -63.12 -24.68
CA ARG P 433 94.98 -63.80 -23.55
C ARG P 433 93.64 -64.42 -23.89
N GLU P 434 92.87 -63.80 -24.79
CA GLU P 434 91.62 -64.42 -25.21
C GLU P 434 91.83 -65.52 -26.23
N TYR P 435 92.93 -65.47 -26.99
CA TYR P 435 93.26 -66.57 -27.89
C TYR P 435 93.67 -67.80 -27.10
N LEU P 436 94.65 -67.66 -26.21
CA LEU P 436 94.97 -68.73 -25.27
C LEU P 436 93.90 -68.82 -24.19
N SER P 437 94.07 -69.78 -23.28
CA SER P 437 93.24 -69.84 -22.09
C SER P 437 93.68 -68.77 -21.10
N ALA P 438 92.73 -68.27 -20.31
CA ALA P 438 93.08 -67.36 -19.22
C ALA P 438 94.03 -68.04 -18.24
N ASP P 439 93.79 -69.32 -17.96
CA ASP P 439 94.70 -70.07 -17.10
C ASP P 439 96.04 -70.27 -17.78
N ALA P 440 96.03 -70.53 -19.10
CA ALA P 440 97.27 -70.68 -19.84
C ALA P 440 98.05 -69.36 -19.88
N PHE P 441 97.35 -68.23 -20.07
CA PHE P 441 98.02 -66.94 -20.04
C PHE P 441 98.63 -66.66 -18.66
N LYS P 442 97.89 -66.99 -17.59
CA LYS P 442 98.44 -66.83 -16.25
C LYS P 442 99.69 -67.69 -16.06
N SER P 443 99.62 -68.94 -16.50
CA SER P 443 100.79 -69.81 -16.40
C SER P 443 101.97 -69.25 -17.17
N GLY P 444 101.71 -68.71 -18.37
CA GLY P 444 102.79 -68.14 -19.15
C GLY P 444 103.46 -66.97 -18.45
N ILE P 445 102.66 -66.02 -17.96
CA ILE P 445 103.27 -64.86 -17.33
C ILE P 445 103.93 -65.23 -16.00
N VAL P 446 103.39 -66.20 -15.27
CA VAL P 446 104.00 -66.63 -14.02
C VAL P 446 105.35 -67.29 -14.29
N GLN P 447 105.40 -68.20 -15.27
CA GLN P 447 106.66 -68.83 -15.63
C GLN P 447 107.66 -67.80 -16.12
N TYR P 448 107.20 -66.82 -16.90
CA TYR P 448 108.05 -65.73 -17.37
C TYR P 448 108.69 -64.97 -16.20
N LEU P 449 107.85 -64.49 -15.27
CA LEU P 449 108.36 -63.71 -14.15
C LEU P 449 109.29 -64.54 -13.26
N GLN P 450 108.93 -65.81 -13.02
CA GLN P 450 109.76 -66.64 -12.15
C GLN P 450 111.10 -66.94 -12.81
N LYS P 451 111.11 -67.17 -14.12
CA LYS P 451 112.36 -67.49 -14.79
C LYS P 451 113.25 -66.26 -14.92
N HIS P 452 112.67 -65.07 -15.08
CA HIS P 452 113.46 -63.87 -15.33
C HIS P 452 113.46 -62.87 -14.18
N SER P 453 113.11 -63.32 -12.96
CA SER P 453 113.17 -62.43 -11.80
C SER P 453 114.58 -61.85 -11.64
N TYR P 454 114.63 -60.56 -11.31
CA TYR P 454 115.89 -59.85 -11.06
C TYR P 454 116.80 -59.89 -12.29
N LYS P 455 116.21 -59.99 -13.48
CA LYS P 455 116.98 -60.06 -14.72
C LYS P 455 116.41 -59.14 -15.78
N ASN P 456 116.94 -59.23 -16.99
CA ASN P 456 116.47 -58.44 -18.12
C ASN P 456 116.03 -59.35 -19.24
N THR P 457 115.02 -58.90 -20.00
CA THR P 457 114.43 -59.71 -21.05
C THR P 457 114.34 -58.91 -22.35
N LYS P 458 114.37 -59.64 -23.45
CA LYS P 458 114.10 -59.11 -24.78
C LYS P 458 112.69 -59.51 -25.21
N ASN P 459 112.31 -59.10 -26.43
CA ASN P 459 110.97 -59.39 -26.93
C ASN P 459 110.72 -60.88 -27.04
N GLU P 460 111.78 -61.67 -27.24
CA GLU P 460 111.62 -63.08 -27.56
C GLU P 460 111.40 -63.96 -26.33
N ASP P 461 111.88 -63.54 -25.15
CA ASP P 461 111.72 -64.35 -23.96
C ASP P 461 110.25 -64.52 -23.57
N LEU P 462 109.44 -63.47 -23.78
CA LEU P 462 108.02 -63.58 -23.50
C LEU P 462 107.36 -64.62 -24.38
N TRP P 463 107.68 -64.62 -25.67
CA TRP P 463 107.10 -65.61 -26.57
C TRP P 463 107.61 -67.01 -26.25
N ASP P 464 108.86 -67.12 -25.79
CA ASP P 464 109.37 -68.42 -25.36
C ASP P 464 108.57 -68.95 -24.17
N SER P 465 108.33 -68.10 -23.18
CA SER P 465 107.56 -68.52 -22.01
C SER P 465 106.11 -68.82 -22.37
N MET P 466 105.58 -68.15 -23.40
CA MET P 466 104.21 -68.44 -23.82
C MET P 466 104.13 -69.74 -24.60
N ALA P 467 105.14 -70.05 -25.40
CA ALA P 467 105.14 -71.31 -26.13
C ALA P 467 105.42 -72.48 -25.21
N SER P 468 106.07 -72.24 -24.07
CA SER P 468 106.22 -73.29 -23.05
C SER P 468 104.90 -73.65 -22.39
N ILE P 469 103.83 -72.88 -22.59
CA ILE P 469 102.53 -73.17 -22.03
C ILE P 469 101.53 -73.55 -23.12
N GLY P 470 101.62 -72.93 -24.29
CA GLY P 470 100.72 -73.27 -25.38
C GLY P 470 101.16 -74.53 -26.09
N GLY P 471 100.57 -75.67 -25.73
CA GLY P 471 101.03 -76.94 -26.24
C GLY P 471 99.95 -77.75 -26.93
N GLY P 472 98.88 -77.10 -27.36
CA GLY P 472 97.87 -77.76 -28.17
C GLY P 472 98.15 -77.49 -29.63
N GLY P 473 99.43 -77.32 -29.96
CA GLY P 473 99.83 -76.91 -31.28
C GLY P 473 99.85 -75.41 -31.47
N VAL P 474 100.16 -74.64 -30.43
CA VAL P 474 100.07 -73.19 -30.46
C VAL P 474 101.47 -72.63 -30.28
N ASP P 475 102.08 -72.17 -31.37
CA ASP P 475 103.36 -71.46 -31.33
C ASP P 475 103.05 -69.97 -31.31
N VAL P 476 102.91 -69.42 -30.10
CA VAL P 476 102.55 -68.01 -29.91
C VAL P 476 103.56 -67.07 -30.57
N LYS P 477 104.79 -67.56 -30.79
CA LYS P 477 105.89 -66.69 -31.20
C LYS P 477 105.64 -66.06 -32.56
N THR P 478 105.24 -66.87 -33.55
CA THR P 478 105.06 -66.34 -34.91
C THR P 478 103.92 -65.32 -34.96
N MET P 479 102.78 -65.64 -34.33
CA MET P 479 101.66 -64.72 -34.32
C MET P 479 102.03 -63.40 -33.64
N MET P 480 102.60 -63.47 -32.44
CA MET P 480 102.92 -62.24 -31.75
C MET P 480 104.06 -61.49 -32.41
N ASN P 481 104.90 -62.17 -33.19
CA ASN P 481 105.86 -61.46 -34.02
C ASN P 481 105.15 -60.69 -35.13
N THR P 482 104.13 -61.30 -35.74
CA THR P 482 103.33 -60.57 -36.72
C THR P 482 102.66 -59.35 -36.09
N TRP P 483 102.35 -59.43 -34.80
CA TRP P 483 101.70 -58.30 -34.15
C TRP P 483 102.66 -57.24 -33.59
N THR P 484 103.90 -57.62 -33.26
CA THR P 484 104.83 -56.69 -32.63
C THR P 484 105.95 -56.20 -33.54
N LEU P 485 106.17 -56.84 -34.69
CA LEU P 485 107.29 -56.50 -35.54
C LEU P 485 106.88 -55.72 -36.78
N GLN P 486 105.60 -55.41 -36.94
CA GLN P 486 105.15 -54.56 -38.03
C GLN P 486 104.05 -53.63 -37.52
N LYS P 487 104.04 -52.42 -38.06
CA LYS P 487 103.11 -51.38 -37.63
C LYS P 487 101.70 -51.68 -38.14
N GLY P 488 100.75 -50.87 -37.68
CA GLY P 488 99.40 -50.93 -38.19
C GLY P 488 98.58 -52.09 -37.64
N PHE P 489 97.41 -52.24 -38.24
CA PHE P 489 96.43 -53.23 -37.84
C PHE P 489 95.66 -53.66 -39.07
N PRO P 490 95.03 -54.83 -39.05
CA PRO P 490 94.35 -55.33 -40.24
C PRO P 490 92.87 -54.95 -40.33
N LEU P 491 92.46 -54.74 -41.58
CA LEU P 491 91.08 -54.71 -41.98
C LEU P 491 90.71 -56.08 -42.53
N ILE P 492 89.64 -56.66 -42.00
CA ILE P 492 89.17 -57.98 -42.40
C ILE P 492 87.88 -57.80 -43.17
N THR P 493 87.92 -58.12 -44.47
CA THR P 493 86.73 -58.09 -45.31
C THR P 493 86.04 -59.45 -45.23
N ILE P 494 84.74 -59.43 -44.97
CA ILE P 494 83.95 -60.63 -44.72
C ILE P 494 82.82 -60.70 -45.75
N THR P 495 82.80 -61.78 -46.53
CA THR P 495 81.74 -62.06 -47.48
C THR P 495 81.02 -63.34 -47.08
N VAL P 496 79.69 -63.33 -47.19
CA VAL P 496 78.87 -64.48 -46.79
C VAL P 496 78.17 -65.02 -48.05
N ARG P 497 78.34 -66.32 -48.29
CA ARG P 497 77.73 -67.03 -49.42
C ARG P 497 76.94 -68.21 -48.86
N GLY P 498 75.76 -67.92 -48.32
CA GLY P 498 74.96 -68.96 -47.71
C GLY P 498 75.58 -69.49 -46.44
N ARG P 499 76.27 -70.62 -46.54
CA ARG P 499 76.97 -71.22 -45.41
C ARG P 499 78.47 -71.05 -45.50
N ASN P 500 78.97 -70.40 -46.55
CA ASN P 500 80.39 -70.14 -46.72
C ASN P 500 80.70 -68.70 -46.29
N VAL P 501 81.76 -68.55 -45.50
CA VAL P 501 82.21 -67.24 -45.02
C VAL P 501 83.65 -67.05 -45.47
N HIS P 502 83.86 -66.13 -46.40
CA HIS P 502 85.19 -65.78 -46.90
C HIS P 502 85.74 -64.59 -46.12
N MET P 503 87.01 -64.71 -45.71
CA MET P 503 87.71 -63.72 -44.92
C MET P 503 88.99 -63.30 -45.62
N LYS P 504 89.22 -61.98 -45.72
CA LYS P 504 90.44 -61.44 -46.31
C LYS P 504 91.04 -60.39 -45.38
N GLN P 505 92.37 -60.38 -45.23
CA GLN P 505 93.04 -59.41 -44.38
C GLN P 505 93.90 -58.48 -45.23
N GLU P 506 93.93 -57.19 -44.85
CA GLU P 506 94.79 -56.22 -45.51
C GLU P 506 95.16 -55.13 -44.51
N HIS P 507 96.15 -54.30 -44.88
CA HIS P 507 96.60 -53.20 -44.02
C HIS P 507 95.71 -51.98 -44.20
N TYR P 508 95.09 -51.54 -43.10
CA TYR P 508 94.31 -50.30 -43.10
C TYR P 508 95.26 -49.12 -43.05
N MET P 509 95.22 -48.27 -44.07
CA MET P 509 96.05 -47.08 -44.13
C MET P 509 95.23 -45.94 -44.71
N LYS P 510 95.12 -44.84 -43.97
CA LYS P 510 94.39 -43.67 -44.43
C LYS P 510 95.06 -43.06 -45.65
N GLY P 511 94.41 -43.17 -46.81
CA GLY P 511 94.99 -42.75 -48.08
C GLY P 511 95.49 -41.32 -48.12
N ASP P 517 98.99 -50.89 -49.56
CA ASP P 517 100.05 -50.68 -50.54
C ASP P 517 101.42 -51.01 -49.96
N THR P 518 101.44 -51.84 -48.92
CA THR P 518 102.67 -52.24 -48.24
C THR P 518 102.98 -53.72 -48.44
N GLY P 519 102.06 -54.61 -48.07
CA GLY P 519 102.30 -56.05 -48.14
C GLY P 519 102.53 -56.66 -46.78
N TYR P 520 101.70 -56.28 -45.81
CA TYR P 520 101.76 -56.82 -44.46
C TYR P 520 100.80 -58.00 -44.30
N LEU P 521 101.13 -58.91 -43.38
CA LEU P 521 100.29 -60.05 -43.07
C LEU P 521 100.34 -60.33 -41.58
N TRP P 522 99.17 -60.56 -40.98
CA TRP P 522 99.04 -60.85 -39.56
C TRP P 522 98.50 -62.26 -39.37
N HIS P 523 98.62 -62.75 -38.14
CA HIS P 523 97.94 -63.96 -37.67
C HIS P 523 96.76 -63.47 -36.82
N VAL P 524 95.61 -63.30 -37.47
CA VAL P 524 94.46 -62.64 -36.85
C VAL P 524 93.61 -63.70 -36.17
N PRO P 525 93.52 -63.71 -34.84
CA PRO P 525 92.60 -64.63 -34.15
C PRO P 525 91.16 -64.15 -34.23
N LEU P 526 90.43 -64.54 -35.26
CA LEU P 526 89.07 -64.06 -35.47
C LEU P 526 88.11 -64.71 -34.48
N THR P 527 87.10 -63.93 -34.10
CA THR P 527 85.97 -64.39 -33.28
C THR P 527 84.71 -63.84 -33.90
N PHE P 528 83.64 -64.63 -33.90
CA PHE P 528 82.41 -64.20 -34.54
C PHE P 528 81.21 -64.84 -33.85
N ILE P 529 80.06 -64.19 -34.01
CA ILE P 529 78.77 -64.73 -33.59
C ILE P 529 77.81 -64.59 -34.76
N THR P 530 76.67 -65.27 -34.64
CA THR P 530 75.65 -65.25 -35.68
C THR P 530 74.31 -64.85 -35.09
N SER P 531 73.32 -64.70 -35.97
CA SER P 531 71.96 -64.43 -35.53
C SER P 531 71.28 -65.67 -34.94
N LYS P 532 71.84 -66.85 -35.21
CA LYS P 532 71.27 -68.10 -34.74
C LYS P 532 71.88 -68.57 -33.42
N SER P 533 72.89 -67.87 -32.91
CA SER P 533 73.63 -68.36 -31.75
C SER P 533 74.35 -67.19 -31.10
N ASP P 534 74.15 -67.01 -29.79
CA ASP P 534 74.95 -66.08 -29.00
C ASP P 534 76.28 -66.68 -28.58
N MET P 535 76.56 -67.93 -28.93
CA MET P 535 77.82 -68.56 -28.57
C MET P 535 78.94 -68.09 -29.50
N VAL P 536 80.11 -67.84 -28.92
CA VAL P 536 81.24 -67.31 -29.66
C VAL P 536 82.02 -68.46 -30.26
N HIS P 537 82.10 -68.51 -31.59
CA HIS P 537 82.96 -69.43 -32.29
C HIS P 537 84.21 -68.70 -32.76
N ARG P 538 85.34 -69.39 -32.76
CA ARG P 538 86.62 -68.78 -33.08
C ARG P 538 87.25 -69.46 -34.28
N PHE P 539 88.20 -68.75 -34.89
CA PHE P 539 88.93 -69.24 -36.06
C PHE P 539 90.18 -68.40 -36.26
N LEU P 540 91.30 -69.05 -36.51
CA LEU P 540 92.61 -68.39 -36.66
C LEU P 540 92.90 -68.19 -38.15
N LEU P 541 92.77 -66.96 -38.61
CA LEU P 541 93.06 -66.60 -39.99
C LEU P 541 94.55 -66.33 -40.12
N LYS P 542 95.27 -67.28 -40.72
CA LYS P 542 96.72 -67.19 -40.82
C LYS P 542 97.23 -66.78 -42.20
N THR P 543 96.38 -66.72 -43.20
CA THR P 543 96.78 -66.41 -44.57
C THR P 543 96.07 -65.13 -45.04
N LYS P 544 96.27 -64.80 -46.32
CA LYS P 544 95.63 -63.61 -46.88
C LYS P 544 94.11 -63.79 -46.95
N THR P 545 93.67 -64.89 -47.55
CA THR P 545 92.26 -65.19 -47.68
C THR P 545 92.00 -66.61 -47.20
N ASP P 546 90.80 -66.82 -46.69
CA ASP P 546 90.38 -68.14 -46.24
C ASP P 546 88.86 -68.20 -46.25
N VAL P 547 88.32 -69.36 -45.88
CA VAL P 547 86.89 -69.61 -45.93
C VAL P 547 86.55 -70.65 -44.88
N LEU P 548 85.43 -70.44 -44.21
CA LEU P 548 84.89 -71.41 -43.26
C LEU P 548 83.45 -71.72 -43.65
N ILE P 549 82.92 -72.79 -43.07
CA ILE P 549 81.61 -73.33 -43.46
C ILE P 549 80.67 -73.26 -42.28
N LEU P 550 79.61 -72.46 -42.41
CA LEU P 550 78.57 -72.41 -41.40
C LEU P 550 77.66 -73.62 -41.53
N PRO P 551 76.97 -74.01 -40.45
CA PRO P 551 75.99 -75.09 -40.53
C PRO P 551 74.62 -74.65 -41.02
N GLU P 552 74.42 -73.35 -41.24
CA GLU P 552 73.11 -72.80 -41.54
C GLU P 552 73.27 -71.35 -41.97
N GLU P 553 72.44 -70.92 -42.91
CA GLU P 553 72.43 -69.51 -43.30
C GLU P 553 72.02 -68.65 -42.11
N VAL P 554 72.59 -67.45 -42.05
CA VAL P 554 72.37 -66.55 -40.92
C VAL P 554 71.88 -65.21 -41.45
N GLU P 555 71.05 -64.55 -40.65
CA GLU P 555 70.55 -63.23 -41.02
C GLU P 555 71.65 -62.18 -40.96
N TRP P 556 72.45 -62.20 -39.90
CA TRP P 556 73.56 -61.28 -39.74
C TRP P 556 74.71 -62.00 -39.05
N ILE P 557 75.91 -61.45 -39.20
CA ILE P 557 77.11 -62.01 -38.58
C ILE P 557 77.98 -60.85 -38.10
N LYS P 558 78.58 -61.02 -36.93
CA LYS P 558 79.37 -59.98 -36.28
C LYS P 558 80.72 -60.56 -35.87
N PHE P 559 81.79 -60.03 -36.43
CA PHE P 559 83.13 -60.44 -36.07
C PHE P 559 83.72 -59.53 -35.01
N ASN P 560 84.84 -59.96 -34.43
CA ASN P 560 85.54 -59.25 -33.36
C ASN P 560 84.58 -59.02 -32.19
N VAL P 561 84.24 -60.13 -31.54
CA VAL P 561 83.23 -60.11 -30.48
C VAL P 561 83.79 -59.40 -29.26
N GLY P 562 83.09 -58.37 -28.81
CA GLY P 562 83.50 -57.68 -27.61
C GLY P 562 84.76 -56.86 -27.74
N MET P 563 85.18 -56.55 -28.96
CA MET P 563 86.40 -55.76 -29.21
C MET P 563 87.62 -56.37 -28.51
N ASN P 564 87.70 -57.69 -28.53
CA ASN P 564 88.85 -58.41 -27.97
C ASN P 564 89.93 -58.67 -29.00
N GLY P 565 89.78 -58.14 -30.21
CA GLY P 565 90.78 -58.30 -31.24
C GLY P 565 91.21 -56.95 -31.78
N TYR P 566 92.51 -56.84 -32.09
CA TYR P 566 93.09 -55.57 -32.53
C TYR P 566 93.04 -55.51 -34.06
N TYR P 567 91.81 -55.40 -34.57
CA TYR P 567 91.58 -55.26 -36.00
C TYR P 567 90.22 -54.60 -36.19
N ILE P 568 89.94 -54.24 -37.44
CA ILE P 568 88.60 -53.75 -37.77
C ILE P 568 88.02 -54.64 -38.87
N VAL P 569 86.69 -54.65 -38.95
CA VAL P 569 85.96 -55.60 -39.77
C VAL P 569 85.05 -54.84 -40.72
N HIS P 570 85.07 -55.23 -41.99
CA HIS P 570 84.18 -54.71 -43.01
C HIS P 570 83.33 -55.86 -43.55
N TYR P 571 82.07 -55.57 -43.85
CA TYR P 571 81.11 -56.57 -44.29
C TYR P 571 80.64 -56.24 -45.70
N GLU P 572 80.78 -57.20 -46.60
CA GLU P 572 80.37 -57.00 -47.98
C GLU P 572 78.88 -57.28 -48.14
N ASP P 573 78.35 -56.85 -49.29
CA ASP P 573 76.96 -57.06 -49.72
C ASP P 573 76.06 -56.29 -48.75
N ASP P 574 74.89 -56.86 -48.36
CA ASP P 574 73.93 -56.24 -47.45
C ASP P 574 74.27 -56.51 -45.99
N GLY P 575 75.55 -56.77 -45.68
CA GLY P 575 75.92 -57.01 -44.30
C GLY P 575 75.75 -55.76 -43.45
N TRP P 576 76.26 -54.64 -43.95
CA TRP P 576 76.11 -53.37 -43.22
C TRP P 576 74.66 -52.92 -43.19
N ASP P 577 73.88 -53.19 -44.24
CA ASP P 577 72.45 -52.90 -44.18
C ASP P 577 71.77 -53.74 -43.10
N SER P 578 72.13 -55.01 -43.01
CA SER P 578 71.58 -55.89 -41.98
C SER P 578 71.96 -55.40 -40.59
N LEU P 579 73.21 -54.96 -40.40
CA LEU P 579 73.62 -54.48 -39.10
C LEU P 579 72.94 -53.15 -38.75
N THR P 580 72.74 -52.28 -39.74
CA THR P 580 72.01 -51.05 -39.51
C THR P 580 70.57 -51.35 -39.10
N GLY P 581 69.93 -52.30 -39.79
CA GLY P 581 68.59 -52.70 -39.41
C GLY P 581 68.53 -53.30 -38.02
N LEU P 582 69.53 -54.13 -37.67
CA LEU P 582 69.60 -54.72 -36.34
C LEU P 582 69.69 -53.63 -35.27
N LEU P 583 70.58 -52.65 -35.48
CA LEU P 583 70.73 -51.59 -34.50
C LEU P 583 69.47 -50.74 -34.40
N LYS P 584 68.83 -50.43 -35.53
CA LYS P 584 67.62 -49.62 -35.51
C LYS P 584 66.43 -50.37 -34.93
N GLY P 585 66.42 -51.69 -35.00
CA GLY P 585 65.33 -52.48 -34.47
C GLY P 585 65.51 -52.86 -33.02
N THR P 586 66.48 -53.73 -32.75
CA THR P 586 66.76 -54.23 -31.40
C THR P 586 68.27 -54.21 -31.19
N HIS P 587 68.80 -53.04 -30.82
CA HIS P 587 70.23 -52.90 -30.58
C HIS P 587 70.69 -53.79 -29.43
N THR P 588 69.78 -54.22 -28.56
CA THR P 588 70.12 -55.11 -27.44
C THR P 588 70.47 -56.52 -27.87
N ALA P 589 70.43 -56.82 -29.18
CA ALA P 589 70.80 -58.15 -29.65
C ALA P 589 72.29 -58.42 -29.50
N VAL P 590 73.11 -57.37 -29.42
CA VAL P 590 74.54 -57.50 -29.19
C VAL P 590 74.91 -56.66 -27.97
N SER P 591 76.16 -56.81 -27.53
CA SER P 591 76.63 -56.18 -26.32
C SER P 591 76.98 -54.71 -26.57
N SER P 592 77.17 -53.98 -25.47
CA SER P 592 77.53 -52.57 -25.56
C SER P 592 78.85 -52.38 -26.31
N ASN P 593 79.87 -53.16 -25.94
CA ASN P 593 81.14 -53.09 -26.65
C ASN P 593 81.00 -53.46 -28.11
N ASP P 594 80.10 -54.39 -28.42
CA ASP P 594 79.88 -54.77 -29.82
C ASP P 594 79.28 -53.61 -30.61
N ARG P 595 78.30 -52.92 -30.03
CA ARG P 595 77.75 -51.73 -30.69
C ARG P 595 78.80 -50.64 -30.86
N ALA P 596 79.62 -50.43 -29.83
CA ALA P 596 80.69 -49.43 -29.94
C ALA P 596 81.65 -49.78 -31.08
N SER P 597 82.03 -51.06 -31.16
CA SER P 597 82.92 -51.50 -32.23
C SER P 597 82.27 -51.32 -33.59
N LEU P 598 80.97 -51.58 -33.69
CA LEU P 598 80.27 -51.38 -34.95
C LEU P 598 80.34 -49.92 -35.39
N ILE P 599 80.03 -49.00 -34.47
CA ILE P 599 80.08 -47.57 -34.79
C ILE P 599 81.49 -47.17 -35.23
N ASN P 600 82.49 -47.51 -34.39
CA ASN P 600 83.86 -47.09 -34.66
C ASN P 600 84.36 -47.66 -35.99
N ASN P 601 84.10 -48.94 -36.26
CA ASN P 601 84.53 -49.55 -37.50
C ASN P 601 83.83 -48.94 -38.70
N ALA P 602 82.53 -48.64 -38.58
CA ALA P 602 81.82 -48.01 -39.68
C ALA P 602 82.47 -46.68 -40.05
N PHE P 603 82.80 -45.86 -39.04
CA PHE P 603 83.40 -44.57 -39.36
C PHE P 603 84.84 -44.70 -39.84
N GLN P 604 85.59 -45.66 -39.30
CA GLN P 604 86.95 -45.88 -39.81
C GLN P 604 86.94 -46.37 -41.25
N LEU P 605 85.90 -47.10 -41.65
CA LEU P 605 85.78 -47.50 -43.04
C LEU P 605 85.32 -46.35 -43.93
N VAL P 606 84.50 -45.45 -43.38
CA VAL P 606 84.16 -44.21 -44.09
C VAL P 606 85.43 -43.42 -44.37
N SER P 607 86.37 -43.43 -43.43
CA SER P 607 87.60 -42.66 -43.60
C SER P 607 88.45 -43.13 -44.79
N ILE P 608 88.22 -44.34 -45.30
CA ILE P 608 88.98 -44.86 -46.43
C ILE P 608 88.11 -45.21 -47.63
N GLY P 609 86.79 -45.06 -47.53
CA GLY P 609 85.91 -45.23 -48.67
C GLY P 609 85.26 -46.59 -48.80
N LYS P 610 85.51 -47.50 -47.86
CA LYS P 610 84.80 -48.78 -47.85
C LYS P 610 83.36 -48.64 -47.38
N LEU P 611 82.95 -47.47 -46.92
CA LEU P 611 81.59 -47.25 -46.46
C LEU P 611 81.28 -45.76 -46.61
N SER P 612 80.06 -45.45 -47.00
CA SER P 612 79.69 -44.05 -47.24
C SER P 612 79.37 -43.35 -45.92
N ILE P 613 79.71 -42.06 -45.87
CA ILE P 613 79.41 -41.25 -44.69
C ILE P 613 77.91 -41.18 -44.46
N GLU P 614 77.12 -41.21 -45.53
CA GLU P 614 75.67 -41.20 -45.40
C GLU P 614 75.19 -42.45 -44.68
N LYS P 615 75.70 -43.62 -45.09
CA LYS P 615 75.32 -44.86 -44.42
C LYS P 615 75.84 -44.89 -42.99
N ALA P 616 77.01 -44.29 -42.74
CA ALA P 616 77.52 -44.19 -41.37
C ALA P 616 76.55 -43.40 -40.50
N LEU P 617 76.06 -42.26 -41.00
CA LEU P 617 75.13 -41.46 -40.22
C LEU P 617 73.78 -42.16 -40.08
N ASP P 618 73.34 -42.89 -41.12
CA ASP P 618 72.14 -43.71 -41.00
C ASP P 618 72.28 -44.73 -39.87
N LEU P 619 73.45 -45.36 -39.76
CA LEU P 619 73.72 -46.26 -38.65
C LEU P 619 73.74 -45.51 -37.32
N SER P 620 74.32 -44.31 -37.31
CA SER P 620 74.41 -43.52 -36.09
C SER P 620 73.04 -43.13 -35.56
N LEU P 621 72.06 -43.01 -36.44
CA LEU P 621 70.70 -42.62 -36.02
C LEU P 621 70.11 -43.55 -34.96
N TYR P 622 70.66 -44.77 -34.79
CA TYR P 622 70.11 -45.69 -33.80
C TYR P 622 70.37 -45.23 -32.38
N LEU P 623 71.30 -44.30 -32.17
CA LEU P 623 71.62 -43.82 -30.83
C LEU P 623 70.47 -43.04 -30.19
N LYS P 624 69.39 -42.75 -30.93
CA LYS P 624 68.24 -42.09 -30.34
C LYS P 624 67.63 -42.91 -29.21
N HIS P 625 67.82 -44.23 -29.24
CA HIS P 625 67.33 -45.12 -28.19
C HIS P 625 68.46 -45.82 -27.45
N GLU P 626 69.70 -45.40 -27.67
CA GLU P 626 70.83 -45.98 -26.97
C GLU P 626 70.95 -45.39 -25.58
N THR P 627 71.35 -46.23 -24.62
CA THR P 627 71.45 -45.82 -23.23
C THR P 627 72.74 -46.26 -22.55
N GLU P 628 73.62 -46.97 -23.25
CA GLU P 628 74.81 -47.55 -22.63
C GLU P 628 76.05 -46.67 -22.83
N ILE P 629 76.91 -46.69 -21.81
CA ILE P 629 78.00 -45.74 -21.70
C ILE P 629 79.01 -45.94 -22.82
N MET P 630 79.38 -47.20 -23.11
CA MET P 630 80.40 -47.45 -24.13
C MET P 630 79.94 -47.02 -25.52
N PRO P 631 78.76 -47.44 -26.02
CA PRO P 631 78.35 -46.97 -27.34
C PRO P 631 78.08 -45.48 -27.40
N VAL P 632 77.49 -44.89 -26.35
CA VAL P 632 77.25 -43.45 -26.38
C VAL P 632 78.57 -42.68 -26.45
N PHE P 633 79.53 -43.05 -25.60
CA PHE P 633 80.81 -42.37 -25.59
C PHE P 633 81.56 -42.56 -26.90
N GLN P 634 81.45 -43.76 -27.50
CA GLN P 634 82.13 -43.99 -28.77
C GLN P 634 81.49 -43.17 -29.89
N GLY P 635 80.16 -43.07 -29.90
CA GLY P 635 79.51 -42.22 -30.87
C GLY P 635 79.93 -40.77 -30.73
N LEU P 636 80.06 -40.29 -29.48
CA LEU P 636 80.54 -38.94 -29.27
C LEU P 636 81.97 -38.77 -29.76
N ASN P 637 82.85 -39.73 -29.44
CA ASN P 637 84.24 -39.63 -29.88
C ASN P 637 84.37 -39.70 -31.39
N GLU P 638 83.41 -40.32 -32.08
CA GLU P 638 83.48 -40.37 -33.53
C GLU P 638 82.75 -39.21 -34.22
N LEU P 639 81.84 -38.53 -33.54
CA LEU P 639 81.12 -37.42 -34.16
C LEU P 639 81.67 -36.05 -33.82
N ILE P 640 82.20 -35.85 -32.60
CA ILE P 640 82.69 -34.52 -32.21
C ILE P 640 83.80 -34.00 -33.10
N PRO P 641 84.82 -34.80 -33.46
CA PRO P 641 85.90 -34.26 -34.32
C PRO P 641 85.41 -33.67 -35.64
N MET P 642 84.24 -34.06 -36.13
CA MET P 642 83.73 -33.50 -37.38
C MET P 642 83.38 -32.02 -37.21
N TYR P 643 82.52 -31.69 -36.25
CA TYR P 643 82.24 -30.28 -36.02
C TYR P 643 83.44 -29.55 -35.45
N LYS P 644 84.39 -30.28 -34.83
CA LYS P 644 85.65 -29.64 -34.45
C LYS P 644 86.42 -29.18 -35.69
N LEU P 645 86.44 -30.00 -36.74
CA LEU P 645 87.01 -29.57 -38.00
C LEU P 645 86.22 -28.40 -38.59
N MET P 646 84.90 -28.44 -38.46
CA MET P 646 84.09 -27.36 -39.03
C MET P 646 84.35 -26.02 -38.32
N GLU P 647 84.60 -26.05 -37.02
CA GLU P 647 84.80 -24.82 -36.26
C GLU P 647 86.03 -24.04 -36.75
N LYS P 648 87.03 -24.75 -37.29
CA LYS P 648 88.26 -24.09 -37.74
C LYS P 648 88.10 -23.38 -39.07
N ARG P 649 86.90 -23.42 -39.68
CA ARG P 649 86.66 -22.84 -40.98
C ARG P 649 85.40 -21.96 -40.93
N ASP P 650 85.06 -21.39 -42.08
CA ASP P 650 83.83 -20.60 -42.22
C ASP P 650 82.72 -21.54 -42.65
N MET P 651 82.08 -22.18 -41.68
CA MET P 651 81.08 -23.20 -41.93
C MET P 651 80.01 -23.16 -40.85
N ASN P 652 79.51 -21.95 -40.56
CA ASN P 652 78.61 -21.77 -39.42
C ASN P 652 77.28 -22.48 -39.63
N GLU P 653 76.68 -22.37 -40.82
CA GLU P 653 75.37 -22.98 -41.05
C GLU P 653 75.45 -24.50 -40.89
N VAL P 654 76.42 -25.13 -41.55
CA VAL P 654 76.53 -26.58 -41.49
C VAL P 654 76.93 -27.03 -40.09
N GLU P 655 77.79 -26.27 -39.43
CA GLU P 655 78.21 -26.59 -38.07
C GLU P 655 77.03 -26.53 -37.11
N THR P 656 76.18 -25.50 -37.24
CA THR P 656 75.01 -25.39 -36.36
C THR P 656 74.00 -26.50 -36.64
N GLN P 657 73.76 -26.81 -37.92
CA GLN P 657 72.89 -27.94 -38.23
C GLN P 657 73.41 -29.23 -37.62
N PHE P 658 74.73 -29.46 -37.70
CA PHE P 658 75.32 -30.67 -37.15
C PHE P 658 75.16 -30.72 -35.63
N LYS P 659 75.44 -29.60 -34.95
CA LYS P 659 75.28 -29.57 -33.50
C LYS P 659 73.83 -29.81 -33.09
N ALA P 660 72.89 -29.21 -33.81
CA ALA P 660 71.48 -29.42 -33.51
C ALA P 660 71.09 -30.88 -33.69
N PHE P 661 71.54 -31.51 -34.78
CA PHE P 661 71.28 -32.93 -34.98
C PHE P 661 71.88 -33.78 -33.87
N LEU P 662 73.14 -33.48 -33.50
CA LEU P 662 73.81 -34.24 -32.46
C LEU P 662 73.06 -34.15 -31.12
N ILE P 663 72.62 -32.94 -30.76
CA ILE P 663 71.90 -32.77 -29.50
C ILE P 663 70.55 -33.46 -29.57
N ARG P 664 69.84 -33.35 -30.70
CA ARG P 664 68.55 -34.01 -30.84
C ARG P 664 68.69 -35.52 -30.83
N LEU P 665 69.85 -36.06 -31.19
CA LEU P 665 70.05 -37.50 -31.17
C LEU P 665 70.00 -38.06 -29.74
N LEU P 666 70.59 -37.35 -28.79
CA LEU P 666 70.64 -37.80 -27.40
C LEU P 666 69.73 -37.01 -26.47
N ARG P 667 68.82 -36.21 -27.03
CA ARG P 667 67.95 -35.38 -26.21
C ARG P 667 67.11 -36.21 -25.24
N ASP P 668 66.62 -37.37 -25.67
CA ASP P 668 65.81 -38.21 -24.78
C ASP P 668 66.61 -38.64 -23.56
N LEU P 669 67.82 -39.14 -23.78
CA LEU P 669 68.64 -39.59 -22.66
C LEU P 669 69.07 -38.42 -21.78
N ILE P 670 69.38 -37.26 -22.38
CA ILE P 670 69.77 -36.09 -21.61
C ILE P 670 68.62 -35.64 -20.72
N ASP P 671 67.39 -35.61 -21.27
CA ASP P 671 66.24 -35.23 -20.47
C ASP P 671 65.98 -36.23 -19.37
N LYS P 672 66.17 -37.52 -19.65
CA LYS P 672 65.96 -38.53 -18.61
C LYS P 672 67.03 -38.48 -17.53
N GLN P 673 68.21 -37.96 -17.84
CA GLN P 673 69.26 -37.84 -16.84
C GLN P 673 68.83 -36.92 -15.70
N THR P 674 69.11 -37.33 -14.47
CA THR P 674 68.83 -36.55 -13.29
C THR P 674 69.99 -35.61 -12.99
N TRP P 675 69.78 -34.72 -12.02
CA TRP P 675 70.81 -33.78 -11.60
C TRP P 675 71.30 -34.09 -10.19
N THR P 676 71.81 -35.31 -9.98
CA THR P 676 72.25 -35.77 -8.68
C THR P 676 73.46 -36.67 -8.86
N ASP P 677 74.01 -37.14 -7.75
CA ASP P 677 75.15 -38.07 -7.74
C ASP P 677 74.71 -39.52 -7.52
N GLU P 678 73.53 -39.89 -8.01
CA GLU P 678 73.00 -41.23 -7.82
C GLU P 678 73.55 -42.19 -8.87
N GLY P 679 73.35 -43.48 -8.62
CA GLY P 679 73.70 -44.50 -9.59
C GLY P 679 75.12 -45.00 -9.44
N SER P 680 75.44 -45.99 -10.27
CA SER P 680 76.77 -46.60 -10.27
C SER P 680 77.79 -45.62 -10.86
N VAL P 681 79.06 -46.03 -10.82
CA VAL P 681 80.13 -45.20 -11.37
C VAL P 681 79.91 -44.93 -12.85
N SER P 682 79.53 -45.97 -13.60
CA SER P 682 79.25 -45.82 -15.02
C SER P 682 78.13 -44.83 -15.26
N GLU P 683 77.02 -44.97 -14.52
CA GLU P 683 75.89 -44.08 -14.69
C GLU P 683 76.27 -42.65 -14.34
N ARG P 684 77.12 -42.47 -13.31
CA ARG P 684 77.53 -41.13 -12.90
C ARG P 684 78.40 -40.46 -13.95
N MET P 685 79.36 -41.20 -14.51
CA MET P 685 80.19 -40.61 -15.56
C MET P 685 79.38 -40.29 -16.80
N LEU P 686 78.43 -41.17 -17.16
CA LEU P 686 77.55 -40.92 -18.28
C LEU P 686 76.73 -39.65 -18.06
N ARG P 687 76.15 -39.50 -16.87
CA ARG P 687 75.37 -38.31 -16.55
C ARG P 687 76.23 -37.05 -16.64
N SER P 688 77.44 -37.10 -16.06
CA SER P 688 78.30 -35.92 -16.06
C SER P 688 78.60 -35.49 -17.49
N GLN P 689 79.04 -36.43 -18.33
CA GLN P 689 79.38 -36.06 -19.70
C GLN P 689 78.17 -35.62 -20.49
N LEU P 690 77.01 -36.24 -20.27
CA LEU P 690 75.82 -35.86 -21.02
C LEU P 690 75.36 -34.46 -20.66
N LEU P 691 75.29 -34.16 -19.37
CA LEU P 691 74.89 -32.82 -18.94
C LEU P 691 75.89 -31.77 -19.41
N LEU P 692 77.19 -32.09 -19.36
CA LEU P 692 78.20 -31.15 -19.85
C LEU P 692 77.99 -30.88 -21.34
N LEU P 693 77.78 -31.93 -22.13
CA LEU P 693 77.59 -31.76 -23.57
C LEU P 693 76.35 -30.91 -23.86
N ALA P 694 75.24 -31.20 -23.20
CA ALA P 694 74.01 -30.45 -23.45
C ALA P 694 74.18 -28.98 -23.08
N CYS P 695 74.71 -28.72 -21.88
CA CYS P 695 74.86 -27.33 -21.47
CA CYS P 695 74.91 -27.34 -21.42
C CYS P 695 75.91 -26.59 -22.29
N VAL P 696 76.88 -27.31 -22.88
CA VAL P 696 77.85 -26.66 -23.75
C VAL P 696 77.20 -26.30 -25.09
N HIS P 697 76.39 -27.20 -25.65
CA HIS P 697 75.73 -26.95 -26.91
C HIS P 697 74.40 -26.23 -26.75
N ASN P 698 74.13 -25.67 -25.57
CA ASN P 698 73.09 -24.68 -25.35
C ASN P 698 71.70 -25.28 -25.37
N TYR P 699 71.52 -26.39 -24.63
CA TYR P 699 70.19 -26.91 -24.37
C TYR P 699 69.54 -26.06 -23.30
N GLN P 700 68.55 -25.26 -23.70
CA GLN P 700 68.03 -24.21 -22.82
C GLN P 700 67.54 -24.70 -21.47
N PRO P 701 66.87 -25.86 -21.34
CA PRO P 701 66.56 -26.35 -19.99
C PRO P 701 67.79 -26.57 -19.12
N CYS P 702 68.80 -27.28 -19.66
CA CYS P 702 70.05 -27.46 -18.92
CA CYS P 702 70.03 -27.47 -18.89
C CYS P 702 70.68 -26.13 -18.55
N VAL P 703 70.69 -25.19 -19.50
CA VAL P 703 71.31 -23.89 -19.26
C VAL P 703 70.59 -23.16 -18.13
N GLN P 704 69.25 -23.20 -18.13
CA GLN P 704 68.49 -22.52 -17.09
C GLN P 704 68.76 -23.14 -15.72
N ARG P 705 68.72 -24.48 -15.65
CA ARG P 705 68.92 -25.13 -14.35
C ARG P 705 70.34 -24.93 -13.85
N ALA P 706 71.33 -24.96 -14.75
CA ALA P 706 72.71 -24.76 -14.34
C ALA P 706 72.95 -23.32 -13.92
N GLU P 707 72.30 -22.37 -14.59
CA GLU P 707 72.38 -20.98 -14.16
C GLU P 707 71.77 -20.80 -12.78
N GLY P 708 70.66 -21.48 -12.50
CA GLY P 708 70.08 -21.42 -11.16
C GLY P 708 71.03 -21.98 -10.11
N TYR P 709 71.60 -23.15 -10.39
CA TYR P 709 72.54 -23.76 -9.45
C TYR P 709 73.75 -22.86 -9.23
N PHE P 710 74.29 -22.28 -10.30
CA PHE P 710 75.44 -21.41 -10.19
C PHE P 710 75.10 -20.11 -9.45
N ARG P 711 73.88 -19.61 -9.63
CA ARG P 711 73.45 -18.43 -8.89
C ARG P 711 73.41 -18.72 -7.40
N LYS P 712 72.77 -19.83 -7.01
CA LYS P 712 72.75 -20.20 -5.60
C LYS P 712 74.15 -20.41 -5.05
N TRP P 713 75.03 -21.04 -5.84
CA TRP P 713 76.39 -21.32 -5.38
C TRP P 713 77.19 -20.04 -5.19
N LYS P 714 77.13 -19.14 -6.17
CA LYS P 714 77.87 -17.88 -6.07
C LYS P 714 77.33 -17.02 -4.94
N GLU P 715 76.02 -17.04 -4.72
CA GLU P 715 75.45 -16.30 -3.59
C GLU P 715 75.85 -16.93 -2.26
N SER P 716 76.08 -18.25 -2.24
CA SER P 716 76.59 -18.93 -1.06
C SER P 716 78.09 -18.79 -0.89
N ASN P 717 78.79 -18.24 -1.90
CA ASN P 717 80.23 -18.00 -1.83
C ASN P 717 81.00 -19.33 -1.79
N GLY P 718 80.61 -20.26 -2.66
CA GLY P 718 81.21 -21.57 -2.71
C GLY P 718 80.83 -22.49 -1.58
N ASN P 719 80.06 -22.02 -0.60
CA ASN P 719 79.73 -22.84 0.56
C ASN P 719 78.68 -23.90 0.23
N LEU P 720 77.80 -23.63 -0.73
CA LEU P 720 76.76 -24.59 -1.10
C LEU P 720 77.38 -25.84 -1.71
N SER P 721 76.98 -27.00 -1.20
CA SER P 721 77.46 -28.27 -1.73
C SER P 721 76.64 -28.63 -2.97
N LEU P 722 77.32 -28.72 -4.12
CA LEU P 722 76.70 -29.08 -5.39
C LEU P 722 76.95 -30.54 -5.74
N PRO P 723 76.07 -31.16 -6.52
CA PRO P 723 76.35 -32.51 -7.02
C PRO P 723 77.60 -32.52 -7.88
N VAL P 724 78.53 -33.43 -7.53
CA VAL P 724 79.83 -33.48 -8.19
C VAL P 724 79.68 -33.74 -9.68
N ASP P 725 78.67 -34.51 -10.08
CA ASP P 725 78.50 -34.83 -11.50
C ASP P 725 78.05 -33.61 -12.29
N VAL P 726 77.10 -32.84 -11.75
CA VAL P 726 76.63 -31.63 -12.43
C VAL P 726 77.55 -30.44 -12.22
N THR P 727 78.58 -30.59 -11.38
CA THR P 727 79.51 -29.50 -11.13
C THR P 727 80.19 -29.03 -12.42
N LEU P 728 80.56 -29.97 -13.29
CA LEU P 728 81.20 -29.62 -14.55
C LEU P 728 80.33 -28.69 -15.37
N ALA P 729 79.06 -29.10 -15.59
CA ALA P 729 78.15 -28.28 -16.38
C ALA P 729 77.88 -26.94 -15.70
N VAL P 730 77.71 -26.94 -14.38
CA VAL P 730 77.42 -25.69 -13.68
C VAL P 730 78.56 -24.70 -13.84
N PHE P 731 79.80 -25.18 -13.66
CA PHE P 731 80.95 -24.30 -13.80
C PHE P 731 81.10 -23.83 -15.24
N ALA P 732 80.93 -24.73 -16.22
CA ALA P 732 81.07 -24.34 -17.61
C ALA P 732 80.03 -23.31 -18.03
N VAL P 733 78.82 -23.40 -17.46
CA VAL P 733 77.79 -22.40 -17.77
C VAL P 733 78.11 -21.09 -17.08
N GLY P 734 78.48 -21.14 -15.80
CA GLY P 734 78.72 -19.92 -15.06
C GLY P 734 79.92 -19.14 -15.55
N ALA P 735 80.89 -19.83 -16.15
CA ALA P 735 82.11 -19.17 -16.64
C ALA P 735 81.90 -18.43 -17.96
N GLN P 736 80.67 -18.35 -18.46
CA GLN P 736 80.44 -17.65 -19.73
C GLN P 736 80.45 -16.14 -19.54
N SER P 737 80.00 -15.66 -18.39
CA SER P 737 80.02 -14.24 -18.06
C SER P 737 81.31 -13.88 -17.33
N THR P 738 81.70 -12.60 -17.43
CA THR P 738 82.92 -12.15 -16.79
C THR P 738 82.85 -12.28 -15.27
N GLU P 739 81.68 -11.98 -14.69
CA GLU P 739 81.52 -12.06 -13.25
C GLU P 739 81.75 -13.48 -12.74
N GLY P 740 81.05 -14.46 -13.32
CA GLY P 740 81.23 -15.84 -12.89
C GLY P 740 82.61 -16.38 -13.19
N TRP P 741 83.22 -15.94 -14.29
CA TRP P 741 84.59 -16.33 -14.61
C TRP P 741 85.54 -15.89 -13.51
N ASP P 742 85.46 -14.60 -13.13
CA ASP P 742 86.35 -14.08 -12.10
C ASP P 742 86.08 -14.75 -10.75
N PHE P 743 84.81 -15.04 -10.45
CA PHE P 743 84.50 -15.72 -9.20
C PHE P 743 85.10 -17.12 -9.16
N LEU P 744 84.95 -17.88 -10.25
CA LEU P 744 85.54 -19.21 -10.32
C LEU P 744 87.05 -19.14 -10.15
N TYR P 745 87.71 -18.20 -10.82
CA TYR P 745 89.15 -18.11 -10.65
C TYR P 745 89.53 -17.72 -9.22
N SER P 746 88.73 -16.85 -8.58
CA SER P 746 89.02 -16.47 -7.21
C SER P 746 88.94 -17.67 -6.28
N LYS P 747 88.01 -18.59 -6.56
CA LYS P 747 87.92 -19.79 -5.73
C LYS P 747 89.00 -20.82 -6.09
N TYR P 748 89.50 -20.78 -7.33
CA TYR P 748 90.50 -21.74 -7.78
C TYR P 748 91.74 -21.74 -6.89
N GLN P 749 92.24 -20.56 -6.53
CA GLN P 749 93.49 -20.48 -5.78
C GLN P 749 93.40 -21.21 -4.45
N PHE P 750 92.28 -21.05 -3.74
CA PHE P 750 92.16 -21.59 -2.39
C PHE P 750 91.54 -22.97 -2.35
N SER P 751 90.93 -23.44 -3.44
CA SER P 751 90.42 -24.81 -3.44
C SER P 751 91.57 -25.81 -3.28
N LEU P 752 91.27 -26.95 -2.66
CA LEU P 752 92.26 -28.00 -2.44
C LEU P 752 91.89 -29.33 -3.08
N SER P 753 90.74 -29.42 -3.75
CA SER P 753 90.34 -30.65 -4.45
C SER P 753 90.83 -30.59 -5.89
N SER P 754 91.51 -31.66 -6.32
CA SER P 754 92.07 -31.68 -7.67
C SER P 754 90.98 -31.78 -8.72
N THR P 755 89.91 -32.51 -8.44
CA THR P 755 88.77 -32.56 -9.36
C THR P 755 88.13 -31.19 -9.52
N GLU P 756 87.95 -30.48 -8.39
CA GLU P 756 87.42 -29.13 -8.45
C GLU P 756 88.35 -28.22 -9.24
N LYS P 757 89.65 -28.37 -9.05
CA LYS P 757 90.62 -27.57 -9.80
C LYS P 757 90.51 -27.82 -11.29
N SER P 758 90.45 -29.09 -11.69
CA SER P 758 90.37 -29.43 -13.11
C SER P 758 89.05 -28.94 -13.72
N GLN P 759 87.95 -29.06 -12.98
CA GLN P 759 86.66 -28.60 -13.49
C GLN P 759 86.65 -27.08 -13.66
N ILE P 760 87.26 -26.35 -12.72
CA ILE P 760 87.38 -24.90 -12.87
C ILE P 760 88.25 -24.57 -14.07
N GLU P 761 89.32 -25.35 -14.29
CA GLU P 761 90.18 -25.13 -15.45
C GLU P 761 89.39 -25.27 -16.75
N PHE P 762 88.60 -26.34 -16.86
CA PHE P 762 87.80 -26.55 -18.06
C PHE P 762 86.78 -25.43 -18.24
N ALA P 763 86.12 -25.02 -17.15
CA ALA P 763 85.15 -23.94 -17.23
C ALA P 763 85.80 -22.65 -17.73
N LEU P 764 86.96 -22.31 -17.18
CA LEU P 764 87.64 -21.09 -17.59
C LEU P 764 88.15 -21.17 -19.02
N CYS P 765 88.53 -22.37 -19.48
CA CYS P 765 88.94 -22.51 -20.87
C CYS P 765 87.74 -22.42 -21.82
N ARG P 766 86.55 -22.74 -21.34
CA ARG P 766 85.32 -22.60 -22.13
C ARG P 766 84.91 -21.12 -22.37
N THR P 767 85.71 -20.11 -22.06
CA THR P 767 85.26 -18.73 -22.16
C THR P 767 85.41 -18.21 -23.59
N GLN P 768 84.81 -17.03 -23.83
CA GLN P 768 84.87 -16.34 -25.10
C GLN P 768 85.83 -15.16 -25.10
N ASN P 769 86.37 -14.79 -23.94
CA ASN P 769 87.21 -13.60 -23.82
C ASN P 769 88.62 -13.94 -24.28
N LYS P 770 89.06 -13.33 -25.39
CA LYS P 770 90.41 -13.56 -25.89
C LYS P 770 91.46 -13.14 -24.87
N GLU P 771 91.22 -12.02 -24.19
CA GLU P 771 92.17 -11.55 -23.19
C GLU P 771 92.26 -12.53 -22.02
N LYS P 772 91.13 -13.09 -21.60
CA LYS P 772 91.16 -14.04 -20.49
C LYS P 772 91.80 -15.36 -20.91
N LEU P 773 91.59 -15.80 -22.15
CA LEU P 773 92.28 -16.98 -22.64
C LEU P 773 93.80 -16.76 -22.64
N GLN P 774 94.23 -15.60 -23.14
CA GLN P 774 95.65 -15.28 -23.14
C GLN P 774 96.20 -15.21 -21.72
N TRP P 775 95.41 -14.68 -20.78
CA TRP P 775 95.86 -14.59 -19.40
C TRP P 775 96.01 -15.97 -18.77
N LEU P 776 95.04 -16.85 -19.02
CA LEU P 776 95.14 -18.23 -18.56
C LEU P 776 96.42 -18.87 -19.09
N LEU P 777 96.68 -18.73 -20.40
CA LEU P 777 97.88 -19.31 -20.97
C LEU P 777 99.14 -18.76 -20.32
N ASP P 778 99.24 -17.43 -20.24
CA ASP P 778 100.44 -16.80 -19.71
C ASP P 778 100.70 -17.20 -18.26
N GLU P 779 99.66 -17.20 -17.42
CA GLU P 779 99.87 -17.50 -16.01
C GLU P 779 100.14 -18.98 -15.79
N SER P 780 99.46 -19.86 -16.52
CA SER P 780 99.73 -21.28 -16.40
C SER P 780 101.12 -21.63 -16.93
N PHE P 781 101.64 -20.85 -17.89
CA PHE P 781 103.02 -21.03 -18.31
C PHE P 781 103.98 -20.56 -17.22
N LYS P 782 103.76 -19.37 -16.67
CA LYS P 782 104.65 -18.85 -15.63
C LYS P 782 104.71 -19.79 -14.44
N GLY P 783 103.58 -20.40 -14.08
CA GLY P 783 103.56 -21.42 -13.05
C GLY P 783 103.32 -20.92 -11.64
N ASP P 784 102.96 -19.65 -11.47
CA ASP P 784 102.70 -19.11 -10.13
C ASP P 784 101.22 -19.22 -9.80
N LYS P 785 100.38 -18.46 -10.50
CA LYS P 785 98.94 -18.48 -10.22
C LYS P 785 98.33 -19.82 -10.62
N ILE P 786 98.84 -20.46 -11.67
CA ILE P 786 98.44 -21.80 -12.06
C ILE P 786 99.72 -22.60 -12.29
N LYS P 787 99.86 -23.72 -11.59
CA LYS P 787 101.10 -24.50 -11.66
C LYS P 787 101.36 -24.97 -13.09
N THR P 788 102.65 -25.13 -13.41
CA THR P 788 103.08 -25.46 -14.76
C THR P 788 102.70 -26.88 -15.16
N GLN P 789 102.48 -27.78 -14.19
CA GLN P 789 102.13 -29.16 -14.52
C GLN P 789 100.82 -29.26 -15.29
N GLU P 790 99.92 -28.28 -15.12
CA GLU P 790 98.62 -28.26 -15.80
C GLU P 790 98.66 -27.58 -17.17
N PHE P 791 99.81 -27.06 -17.61
CA PHE P 791 99.84 -26.27 -18.83
C PHE P 791 99.42 -27.01 -20.09
N PRO P 792 99.91 -28.22 -20.38
CA PRO P 792 99.55 -28.84 -21.68
C PRO P 792 98.06 -29.07 -21.86
N GLN P 793 97.36 -29.50 -20.81
CA GLN P 793 95.92 -29.71 -20.91
C GLN P 793 95.18 -28.40 -21.13
N ILE P 794 95.64 -27.32 -20.49
CA ILE P 794 95.04 -26.01 -20.70
C ILE P 794 95.24 -25.56 -22.14
N LEU P 795 96.45 -25.77 -22.68
CA LEU P 795 96.72 -25.42 -24.07
C LEU P 795 95.84 -26.23 -25.01
N THR P 796 95.63 -27.50 -24.69
CA THR P 796 94.77 -28.34 -25.53
C THR P 796 93.32 -27.87 -25.48
N LEU P 797 92.83 -27.49 -24.31
CA LEU P 797 91.46 -26.99 -24.21
C LEU P 797 91.30 -25.68 -24.97
N ILE P 798 92.31 -24.82 -24.93
CA ILE P 798 92.22 -23.56 -25.66
C ILE P 798 92.33 -23.80 -27.16
N GLY P 799 93.12 -24.78 -27.58
CA GLY P 799 93.14 -25.16 -28.99
C GLY P 799 91.83 -25.76 -29.45
N ARG P 800 91.07 -26.37 -28.53
CA ARG P 800 89.72 -26.82 -28.85
C ARG P 800 88.74 -25.66 -28.92
N ASN P 801 88.96 -24.64 -28.09
CA ASN P 801 88.08 -23.48 -28.05
C ASN P 801 87.94 -22.89 -29.46
N PRO P 802 86.71 -22.66 -29.95
CA PRO P 802 86.53 -22.21 -31.34
C PRO P 802 87.13 -20.85 -31.65
N VAL P 803 87.39 -20.02 -30.65
CA VAL P 803 87.98 -18.69 -30.85
C VAL P 803 89.39 -18.60 -30.32
N GLY P 804 89.96 -19.69 -29.82
CA GLY P 804 91.25 -19.65 -29.17
C GLY P 804 92.38 -20.38 -29.89
N TYR P 805 92.06 -21.18 -30.91
CA TYR P 805 93.10 -21.95 -31.57
C TYR P 805 94.19 -21.10 -32.21
N PRO P 806 93.93 -19.91 -32.77
CA PRO P 806 95.08 -19.10 -33.23
C PRO P 806 95.97 -18.65 -32.09
N LEU P 807 95.39 -18.29 -30.94
CA LEU P 807 96.19 -17.94 -29.78
C LEU P 807 97.04 -19.12 -29.31
N ALA P 808 96.46 -20.33 -29.29
CA ALA P 808 97.21 -21.49 -28.84
C ALA P 808 98.36 -21.81 -29.80
N TRP P 809 98.06 -21.81 -31.10
CA TRP P 809 99.10 -22.07 -32.10
C TRP P 809 100.20 -21.03 -32.05
N GLN P 810 99.82 -19.75 -31.92
CA GLN P 810 100.82 -18.68 -31.83
C GLN P 810 101.67 -18.80 -30.58
N PHE P 811 101.06 -19.18 -29.46
CA PHE P 811 101.81 -19.34 -28.22
C PHE P 811 102.82 -20.47 -28.34
N LEU P 812 102.39 -21.60 -28.90
CA LEU P 812 103.33 -22.70 -29.13
C LEU P 812 104.48 -22.26 -30.04
N ARG P 813 104.15 -21.58 -31.13
CA ARG P 813 105.19 -21.14 -32.06
C ARG P 813 106.19 -20.22 -31.39
N LYS P 814 105.70 -19.23 -30.63
CA LYS P 814 106.58 -18.21 -30.09
C LYS P 814 107.31 -18.65 -28.83
N ASN P 815 106.84 -19.66 -28.12
CA ASN P 815 107.51 -20.14 -26.92
C ASN P 815 107.93 -21.60 -27.00
N TRP P 816 108.12 -22.11 -28.23
CA TRP P 816 108.56 -23.50 -28.39
C TRP P 816 109.84 -23.79 -27.62
N ASN P 817 110.80 -22.85 -27.61
CA ASN P 817 112.10 -23.10 -27.03
C ASN P 817 112.01 -23.38 -25.54
N LYS P 818 111.38 -22.48 -24.79
CA LYS P 818 111.26 -22.67 -23.34
C LYS P 818 110.42 -23.89 -23.01
N LEU P 819 109.39 -24.16 -23.82
CA LEU P 819 108.59 -25.37 -23.62
C LEU P 819 109.45 -26.61 -23.79
N VAL P 820 110.33 -26.63 -24.79
CA VAL P 820 111.22 -27.77 -24.97
C VAL P 820 112.17 -27.91 -23.80
N GLN P 821 112.74 -26.79 -23.33
CA GLN P 821 113.68 -26.89 -22.20
C GLN P 821 112.97 -27.33 -20.93
N LYS P 822 111.68 -27.03 -20.79
CA LYS P 822 110.95 -27.38 -19.57
C LYS P 822 110.41 -28.80 -19.61
N PHE P 823 109.92 -29.26 -20.76
CA PHE P 823 109.23 -30.54 -20.87
C PHE P 823 110.03 -31.62 -21.57
N GLU P 824 111.28 -31.32 -21.98
CA GLU P 824 112.16 -32.24 -22.71
C GLU P 824 111.65 -32.52 -24.12
N LEU P 825 112.58 -32.80 -25.03
CA LEU P 825 112.22 -33.08 -26.42
C LEU P 825 111.67 -34.49 -26.55
N GLY P 826 110.68 -34.66 -27.43
CA GLY P 826 110.12 -35.97 -27.70
C GLY P 826 109.28 -36.53 -26.58
N SER P 827 109.11 -35.81 -25.48
CA SER P 827 108.27 -36.29 -24.39
C SER P 827 106.80 -36.31 -24.80
N SER P 828 106.04 -37.16 -24.09
CA SER P 828 104.61 -37.22 -24.34
C SER P 828 103.93 -35.89 -24.07
N SER P 829 104.50 -35.05 -23.21
CA SER P 829 103.96 -33.72 -22.99
C SER P 829 104.09 -32.87 -24.26
N ILE P 830 105.27 -32.88 -24.88
CA ILE P 830 105.48 -32.14 -26.13
C ILE P 830 104.56 -32.68 -27.23
N ALA P 831 104.47 -34.01 -27.32
CA ALA P 831 103.58 -34.61 -28.33
C ALA P 831 102.14 -34.18 -28.11
N HIS P 832 101.66 -34.25 -26.87
CA HIS P 832 100.31 -33.82 -26.52
C HIS P 832 100.09 -32.37 -26.92
N MET P 833 101.05 -31.49 -26.61
CA MET P 833 100.88 -30.08 -26.95
C MET P 833 100.79 -29.88 -28.46
N VAL P 834 101.72 -30.48 -29.20
CA VAL P 834 101.73 -30.32 -30.65
C VAL P 834 100.41 -30.80 -31.25
N MET P 835 99.95 -31.98 -30.85
CA MET P 835 98.73 -32.52 -31.43
C MET P 835 97.52 -31.69 -31.01
N GLY P 836 97.45 -31.30 -29.74
CA GLY P 836 96.32 -30.51 -29.28
C GLY P 836 96.23 -29.15 -29.95
N THR P 837 97.37 -28.59 -30.36
CA THR P 837 97.34 -27.30 -31.04
C THR P 837 97.18 -27.41 -32.55
N THR P 838 97.52 -28.55 -33.16
CA THR P 838 97.50 -28.63 -34.61
C THR P 838 96.56 -29.66 -35.20
N ASN P 839 96.23 -30.73 -34.48
CA ASN P 839 95.57 -31.85 -35.15
C ASN P 839 94.10 -31.60 -35.54
N GLN P 840 93.53 -30.41 -35.38
CA GLN P 840 92.17 -30.12 -35.84
C GLN P 840 92.14 -29.22 -37.07
N PHE P 841 93.28 -28.99 -37.72
CA PHE P 841 93.30 -28.14 -38.88
C PHE P 841 92.75 -28.86 -40.11
N SER P 842 92.29 -28.08 -41.08
CA SER P 842 91.55 -28.62 -42.21
C SER P 842 91.92 -27.99 -43.55
N THR P 843 92.83 -27.02 -43.59
CA THR P 843 93.14 -26.32 -44.82
C THR P 843 94.60 -26.57 -45.22
N ARG P 844 94.84 -26.42 -46.54
CA ARG P 844 96.20 -26.53 -47.05
C ARG P 844 97.09 -25.44 -46.48
N THR P 845 96.51 -24.27 -46.19
CA THR P 845 97.26 -23.19 -45.57
C THR P 845 97.79 -23.60 -44.20
N ARG P 846 96.92 -24.19 -43.38
CA ARG P 846 97.34 -24.67 -42.06
C ARG P 846 98.37 -25.79 -42.20
N LEU P 847 98.18 -26.68 -43.18
CA LEU P 847 99.15 -27.75 -43.39
C LEU P 847 100.53 -27.16 -43.71
N GLU P 848 100.57 -26.13 -44.55
CA GLU P 848 101.84 -25.49 -44.89
C GLU P 848 102.44 -24.76 -43.69
N GLU P 849 101.60 -24.13 -42.88
CA GLU P 849 102.09 -23.54 -41.63
C GLU P 849 102.80 -24.59 -40.78
N VAL P 850 102.13 -25.73 -40.55
CA VAL P 850 102.71 -26.78 -39.72
C VAL P 850 104.03 -27.27 -40.29
N LYS P 851 104.03 -27.60 -41.59
CA LYS P 851 105.25 -28.06 -42.24
C LYS P 851 106.38 -27.04 -42.09
N GLY P 852 106.09 -25.78 -42.43
CA GLY P 852 107.15 -24.77 -42.40
C GLY P 852 107.71 -24.53 -41.02
N PHE P 853 106.83 -24.39 -40.02
CA PHE P 853 107.32 -24.15 -38.67
C PHE P 853 108.15 -25.32 -38.16
N PHE P 854 107.59 -26.54 -38.21
CA PHE P 854 108.31 -27.66 -37.63
C PHE P 854 109.54 -28.05 -38.44
N SER P 855 109.62 -27.68 -39.71
CA SER P 855 110.85 -27.90 -40.46
C SER P 855 111.90 -26.82 -40.15
N SER P 856 111.46 -25.56 -40.01
CA SER P 856 112.36 -24.49 -39.65
C SER P 856 112.92 -24.65 -38.24
N LEU P 857 112.24 -25.43 -37.39
CA LEU P 857 112.81 -25.72 -36.08
C LEU P 857 114.19 -26.37 -36.18
N LYS P 858 114.43 -27.11 -37.26
CA LYS P 858 115.72 -27.75 -37.59
C LYS P 858 116.08 -28.75 -36.50
N GLU P 859 117.28 -28.70 -35.93
CA GLU P 859 117.74 -29.72 -34.99
C GLU P 859 117.02 -29.67 -33.65
N ASN P 860 116.09 -28.75 -33.46
CA ASN P 860 115.39 -28.58 -32.19
C ASN P 860 113.91 -28.96 -32.31
N GLY P 861 113.63 -30.06 -33.01
CA GLY P 861 112.28 -30.59 -33.06
C GLY P 861 111.73 -30.95 -34.43
N SER P 862 112.53 -30.80 -35.47
CA SER P 862 112.08 -31.21 -36.81
C SER P 862 111.97 -32.73 -36.94
N GLN P 863 112.68 -33.48 -36.11
CA GLN P 863 112.72 -34.94 -36.18
C GLN P 863 111.70 -35.59 -35.25
N LEU P 864 110.60 -34.91 -34.96
CA LEU P 864 109.62 -35.41 -34.01
C LEU P 864 108.57 -36.28 -34.70
N ARG P 865 108.41 -37.50 -34.20
CA ARG P 865 107.37 -38.39 -34.70
C ARG P 865 105.99 -37.80 -34.48
N CYS P 866 105.81 -37.04 -33.40
CA CYS P 866 104.52 -36.35 -33.20
C CYS P 866 104.30 -35.29 -34.26
N VAL P 867 105.37 -34.62 -34.71
CA VAL P 867 105.25 -33.68 -35.82
C VAL P 867 104.79 -34.42 -37.07
N GLN P 868 105.42 -35.55 -37.35
CA GLN P 868 105.04 -36.33 -38.54
C GLN P 868 103.58 -36.77 -38.44
N GLN P 869 103.15 -37.17 -37.24
CA GLN P 869 101.78 -37.63 -37.03
C GLN P 869 100.77 -36.50 -37.22
N THR P 870 101.09 -35.31 -36.70
CA THR P 870 100.18 -34.18 -36.89
C THR P 870 100.09 -33.79 -38.36
N ILE P 871 101.21 -33.84 -39.08
CA ILE P 871 101.19 -33.52 -40.50
C ILE P 871 100.28 -34.50 -41.25
N GLU P 872 100.45 -35.80 -40.99
CA GLU P 872 99.61 -36.78 -41.68
C GLU P 872 98.14 -36.68 -41.25
N THR P 873 97.88 -36.33 -39.99
CA THR P 873 96.51 -36.14 -39.54
C THR P 873 95.85 -34.97 -40.25
N ILE P 874 96.60 -33.88 -40.43
CA ILE P 874 96.05 -32.72 -41.13
C ILE P 874 95.81 -33.05 -42.61
N GLU P 875 96.71 -33.82 -43.22
CA GLU P 875 96.49 -34.23 -44.61
C GLU P 875 95.23 -35.08 -44.75
N GLU P 876 95.07 -36.07 -43.85
CA GLU P 876 93.87 -36.90 -43.88
C GLU P 876 92.62 -36.07 -43.63
N ASN P 877 92.72 -35.08 -42.74
CA ASN P 877 91.57 -34.20 -42.48
C ASN P 877 91.22 -33.39 -43.72
N ILE P 878 92.22 -32.87 -44.42
CA ILE P 878 91.98 -32.13 -45.66
C ILE P 878 91.23 -33.01 -46.65
N GLY P 879 91.74 -34.23 -46.87
CA GLY P 879 91.08 -35.14 -47.80
C GLY P 879 89.65 -35.44 -47.40
N TRP P 880 89.45 -35.83 -46.13
CA TRP P 880 88.12 -36.21 -45.66
C TRP P 880 87.14 -35.05 -45.76
N MET P 881 87.62 -33.83 -45.48
CA MET P 881 86.75 -32.66 -45.54
C MET P 881 86.41 -32.30 -46.97
N ASP P 882 87.39 -32.32 -47.87
CA ASP P 882 87.11 -32.04 -49.28
C ASP P 882 86.15 -33.06 -49.86
N LYS P 883 86.18 -34.30 -49.36
CA LYS P 883 85.28 -35.30 -49.91
C LYS P 883 83.88 -35.28 -49.29
N ASN P 884 83.77 -35.07 -47.98
CA ASN P 884 82.54 -35.36 -47.26
C ASN P 884 81.77 -34.14 -46.76
N PHE P 885 82.31 -32.92 -46.87
CA PHE P 885 81.66 -31.77 -46.24
C PHE P 885 80.30 -31.48 -46.86
N ASP P 886 80.27 -31.26 -48.17
CA ASP P 886 78.99 -30.97 -48.83
C ASP P 886 78.06 -32.17 -48.78
N LYS P 887 78.60 -33.38 -48.84
CA LYS P 887 77.79 -34.58 -48.66
C LYS P 887 77.10 -34.56 -47.31
N ILE P 888 77.83 -34.19 -46.26
CA ILE P 888 77.25 -34.11 -44.92
C ILE P 888 76.21 -33.00 -44.84
N ARG P 889 76.45 -31.89 -45.54
CA ARG P 889 75.45 -30.81 -45.58
C ARG P 889 74.15 -31.32 -46.18
N VAL P 890 74.25 -32.02 -47.31
CA VAL P 890 73.05 -32.57 -47.96
C VAL P 890 72.37 -33.58 -47.05
N TRP P 891 73.13 -34.42 -46.36
CA TRP P 891 72.52 -35.40 -45.48
C TRP P 891 71.83 -34.73 -44.30
N LEU P 892 72.38 -33.62 -43.80
CA LEU P 892 71.72 -32.87 -42.74
C LEU P 892 70.43 -32.25 -43.25
N GLN P 893 70.44 -31.78 -44.49
CA GLN P 893 69.22 -31.27 -45.10
C GLN P 893 68.16 -32.37 -45.19
N SER P 894 68.59 -33.58 -45.54
CA SER P 894 67.65 -34.71 -45.61
C SER P 894 67.13 -35.10 -44.24
N GLU P 895 67.98 -35.05 -43.22
CA GLU P 895 67.56 -35.46 -41.88
C GLU P 895 66.63 -34.44 -41.23
N LYS P 896 66.81 -33.15 -41.56
CA LYS P 896 65.86 -32.15 -41.09
C LYS P 896 64.44 -32.42 -41.59
N LEU P 897 64.31 -33.11 -42.72
CA LEU P 897 62.99 -33.46 -43.24
C LEU P 897 62.41 -34.64 -42.45
N GLU P 898 62.25 -34.41 -41.15
CA GLU P 898 61.67 -35.37 -40.23
C GLU P 898 60.63 -34.74 -39.30
N ARG P 899 60.66 -33.42 -39.09
CA ARG P 899 59.70 -32.73 -38.25
C ARG P 899 58.58 -32.13 -39.09
N PRO Q 30 9.08 137.08 -59.87
CA PRO Q 30 10.05 136.55 -60.84
C PRO Q 30 11.33 136.08 -60.18
N PHE Q 31 11.54 134.76 -60.12
CA PHE Q 31 12.71 134.22 -59.45
C PHE Q 31 13.95 134.43 -60.31
N PRO Q 32 15.04 134.99 -59.74
CA PRO Q 32 16.21 135.33 -60.56
C PRO Q 32 17.24 134.21 -60.66
N TRP Q 33 16.79 132.96 -60.79
CA TRP Q 33 17.71 131.84 -60.90
C TRP Q 33 16.97 130.64 -61.44
N ASN Q 34 17.62 129.89 -62.34
CA ASN Q 34 16.94 128.77 -63.01
C ASN Q 34 17.83 127.53 -63.10
N LYS Q 35 18.86 127.42 -62.25
CA LYS Q 35 19.73 126.25 -62.25
C LYS Q 35 19.64 125.56 -60.90
N ILE Q 36 19.83 124.24 -60.91
CA ILE Q 36 19.77 123.47 -59.67
C ILE Q 36 20.99 123.76 -58.81
N ARG Q 37 22.16 123.92 -59.43
CA ARG Q 37 23.37 124.23 -58.68
C ARG Q 37 23.31 125.65 -58.12
N LEU Q 38 24.02 125.85 -57.01
CA LEU Q 38 24.03 127.13 -56.33
C LEU Q 38 24.96 128.12 -57.01
N PRO Q 39 24.77 129.42 -56.78
CA PRO Q 39 25.72 130.40 -57.29
C PRO Q 39 27.10 130.21 -56.67
N GLU Q 40 28.11 130.34 -57.51
CA GLU Q 40 29.49 130.09 -57.13
C GLU Q 40 30.18 131.30 -56.50
N TYR Q 41 29.56 132.47 -56.51
CA TYR Q 41 30.22 133.70 -56.08
C TYR Q 41 29.85 134.14 -54.67
N VAL Q 42 29.11 133.32 -53.92
CA VAL Q 42 28.82 133.59 -52.52
C VAL Q 42 29.30 132.40 -51.71
N ILE Q 43 30.37 132.59 -50.95
CA ILE Q 43 31.04 131.51 -50.23
C ILE Q 43 30.86 131.73 -48.73
N PRO Q 44 30.36 130.76 -47.99
CA PRO Q 44 30.32 130.87 -46.53
C PRO Q 44 31.67 130.52 -45.91
N VAL Q 45 31.88 131.03 -44.70
CA VAL Q 45 33.13 130.75 -43.97
C VAL Q 45 32.82 130.21 -42.58
N HIS Q 46 31.68 130.59 -42.02
CA HIS Q 46 31.33 130.20 -40.66
C HIS Q 46 29.83 130.27 -40.46
N TYR Q 47 29.22 129.16 -40.07
CA TYR Q 47 27.82 129.15 -39.67
C TYR Q 47 27.71 129.29 -38.16
N ASP Q 48 26.69 130.02 -37.72
CA ASP Q 48 26.37 130.18 -36.30
C ASP Q 48 24.90 129.81 -36.15
N LEU Q 49 24.64 128.62 -35.61
CA LEU Q 49 23.31 128.03 -35.58
C LEU Q 49 22.73 128.11 -34.18
N LEU Q 50 21.44 128.49 -34.10
CA LEU Q 50 20.69 128.50 -32.85
C LEU Q 50 19.40 127.72 -33.06
N ILE Q 51 19.28 126.58 -32.39
CA ILE Q 51 18.12 125.70 -32.53
C ILE Q 51 17.43 125.58 -31.18
N HIS Q 52 16.11 125.77 -31.17
CA HIS Q 52 15.28 125.54 -29.99
C HIS Q 52 14.25 124.49 -30.40
N ALA Q 53 14.48 123.25 -29.98
CA ALA Q 53 13.60 122.14 -30.32
C ALA Q 53 12.58 121.90 -29.21
N ASN Q 54 11.32 121.67 -29.68
CA ASN Q 54 10.27 121.42 -28.65
C ASN Q 54 9.71 120.02 -28.87
N LEU Q 55 10.04 119.08 -27.99
CA LEU Q 55 9.62 117.70 -28.05
C LEU Q 55 8.13 117.55 -27.74
N THR Q 56 7.61 118.37 -26.82
CA THR Q 56 6.19 118.26 -26.47
C THR Q 56 5.29 118.67 -27.63
N THR Q 57 5.56 119.82 -28.23
CA THR Q 57 4.76 120.30 -29.36
C THR Q 57 5.32 119.84 -30.70
N LEU Q 58 6.35 119.14 -30.71
CA LEU Q 58 6.99 118.69 -31.95
C LEU Q 58 7.21 119.86 -32.91
N THR Q 59 7.83 120.92 -32.40
CA THR Q 59 8.13 122.11 -33.18
C THR Q 59 9.60 122.47 -32.97
N PHE Q 60 10.08 123.46 -33.70
CA PHE Q 60 11.38 124.06 -33.40
C PHE Q 60 11.59 125.38 -34.13
N TRP Q 61 12.05 126.40 -33.41
CA TRP Q 61 12.44 127.68 -33.96
CA TRP Q 61 12.45 127.63 -34.04
C TRP Q 61 13.96 127.75 -34.08
N GLY Q 62 14.45 128.45 -35.10
CA GLY Q 62 15.88 128.51 -35.34
C GLY Q 62 16.34 129.87 -35.80
N THR Q 63 17.61 130.16 -35.51
CA THR Q 63 18.27 131.37 -35.97
C THR Q 63 19.62 130.96 -36.55
N THR Q 64 19.87 131.36 -37.80
CA THR Q 64 21.11 131.02 -38.51
C THR Q 64 21.81 132.29 -38.93
N LYS Q 65 23.03 132.49 -38.43
CA LYS Q 65 23.90 133.59 -38.84
C LYS Q 65 25.06 133.01 -39.63
N VAL Q 66 25.09 133.29 -40.94
CA VAL Q 66 26.11 132.76 -41.83
C VAL Q 66 26.98 133.91 -42.32
N GLU Q 67 28.29 133.81 -42.08
CA GLU Q 67 29.23 134.77 -42.62
C GLU Q 67 29.62 134.37 -44.03
N ILE Q 68 29.50 135.31 -44.97
CA ILE Q 68 29.73 135.02 -46.38
C ILE Q 68 30.64 136.08 -46.97
N THR Q 69 31.25 135.73 -48.10
CA THR Q 69 32.00 136.67 -48.92
C THR Q 69 31.57 136.52 -50.36
N ALA Q 70 31.72 137.58 -51.13
CA ALA Q 70 31.30 137.60 -52.52
C ALA Q 70 32.47 137.93 -53.43
N SER Q 71 32.57 137.20 -54.54
CA SER Q 71 33.59 137.45 -55.54
C SER Q 71 33.06 138.25 -56.72
N GLN Q 72 31.75 138.19 -56.96
CA GLN Q 72 31.08 138.96 -57.98
C GLN Q 72 30.10 139.92 -57.34
N PRO Q 73 30.08 141.20 -57.72
CA PRO Q 73 29.11 142.13 -57.14
C PRO Q 73 27.68 141.69 -57.46
N THR Q 74 26.90 141.45 -56.40
CA THR Q 74 25.53 140.99 -56.57
C THR Q 74 24.65 141.57 -55.48
N SER Q 75 23.35 141.63 -55.77
CA SER Q 75 22.34 142.02 -54.79
C SER Q 75 21.37 140.87 -54.50
N THR Q 76 21.74 139.65 -54.88
CA THR Q 76 20.90 138.47 -54.70
C THR Q 76 21.73 137.34 -54.12
N ILE Q 77 21.27 136.77 -53.01
CA ILE Q 77 21.94 135.66 -52.35
C ILE Q 77 21.02 134.44 -52.42
N ILE Q 78 21.50 133.38 -53.08
CA ILE Q 78 20.73 132.15 -53.25
C ILE Q 78 21.29 131.09 -52.32
N LEU Q 79 20.42 130.43 -51.57
CA LEU Q 79 20.82 129.33 -50.70
C LEU Q 79 19.65 128.36 -50.58
N HIS Q 80 19.88 127.27 -49.87
CA HIS Q 80 18.89 126.21 -49.77
C HIS Q 80 18.01 126.37 -48.54
N SER Q 81 16.75 125.97 -48.69
CA SER Q 81 15.78 125.95 -47.60
C SER Q 81 14.61 125.09 -48.04
N HIS Q 82 14.15 124.20 -47.16
CA HIS Q 82 13.14 123.21 -47.52
C HIS Q 82 12.22 123.00 -46.33
N HIS Q 83 10.92 123.22 -46.55
CA HIS Q 83 9.90 123.01 -45.51
C HIS Q 83 10.20 123.84 -44.26
N LEU Q 84 10.70 125.05 -44.46
CA LEU Q 84 11.04 125.96 -43.37
C LEU Q 84 10.30 127.28 -43.57
N GLN Q 85 9.60 127.72 -42.54
CA GLN Q 85 8.87 128.98 -42.56
C GLN Q 85 9.81 130.12 -42.17
N ILE Q 86 10.21 130.92 -43.14
CA ILE Q 86 11.08 132.07 -42.89
C ILE Q 86 10.22 133.24 -42.41
N SER Q 87 10.63 133.84 -41.29
CA SER Q 87 9.87 134.93 -40.69
C SER Q 87 10.61 136.25 -40.62
N ARG Q 88 11.93 136.27 -40.82
CA ARG Q 88 12.71 137.48 -40.63
C ARG Q 88 14.09 137.26 -41.23
N ALA Q 89 14.59 138.28 -41.95
CA ALA Q 89 15.87 138.15 -42.63
C ALA Q 89 16.57 139.50 -42.64
N THR Q 90 17.81 139.54 -42.16
CA THR Q 90 18.62 140.74 -42.12
C THR Q 90 19.99 140.47 -42.72
N LEU Q 91 20.66 141.55 -43.13
CA LEU Q 91 21.98 141.48 -43.75
C LEU Q 91 22.88 142.51 -43.06
N ARG Q 92 23.86 142.04 -42.33
CA ARG Q 92 24.81 142.90 -41.63
C ARG Q 92 26.10 143.02 -42.43
N LYS Q 93 26.69 144.20 -42.43
CA LYS Q 93 27.90 144.52 -43.17
C LYS Q 93 29.02 144.79 -42.18
N GLY Q 94 30.03 143.92 -42.16
CA GLY Q 94 31.13 144.05 -41.23
C GLY Q 94 31.23 142.89 -40.27
N LEU Q 99 28.15 146.90 -38.22
CA LEU Q 99 27.65 148.25 -37.95
C LEU Q 99 26.31 148.50 -38.62
N SER Q 100 26.29 148.43 -39.95
CA SER Q 100 25.09 148.68 -40.73
C SER Q 100 24.33 147.38 -40.95
N GLU Q 101 23.04 147.40 -40.67
CA GLU Q 101 22.16 146.24 -40.87
C GLU Q 101 21.01 146.65 -41.78
N GLU Q 102 20.71 145.81 -42.77
CA GLU Q 102 19.70 146.12 -43.76
C GLU Q 102 18.75 144.94 -43.93
N PRO Q 103 17.47 145.20 -44.16
CA PRO Q 103 16.51 144.11 -44.38
C PRO Q 103 16.65 143.49 -45.75
N LEU Q 104 16.31 142.21 -45.83
CA LEU Q 104 16.32 141.46 -47.08
C LEU Q 104 14.91 141.02 -47.42
N GLN Q 105 14.58 141.04 -48.71
CA GLN Q 105 13.31 140.50 -49.18
C GLN Q 105 13.49 139.04 -49.55
N VAL Q 106 12.49 138.22 -49.24
CA VAL Q 106 12.58 136.78 -49.35
C VAL Q 106 11.73 136.32 -50.53
N LEU Q 107 12.35 135.57 -51.44
CA LEU Q 107 11.65 134.87 -52.51
C LEU Q 107 11.88 133.39 -52.33
N GLU Q 108 10.85 132.60 -52.64
CA GLU Q 108 10.83 131.17 -52.35
C GLU Q 108 10.65 130.39 -53.64
N HIS Q 109 11.38 129.28 -53.76
CA HIS Q 109 11.24 128.37 -54.90
C HIS Q 109 11.17 126.95 -54.36
N PRO Q 110 9.97 126.39 -54.17
CA PRO Q 110 9.88 125.05 -53.59
C PRO Q 110 10.37 123.95 -54.51
N ARG Q 111 10.29 124.16 -55.83
CA ARG Q 111 10.72 123.11 -56.76
C ARG Q 111 12.23 122.91 -56.70
N GLN Q 112 12.99 123.99 -56.62
CA GLN Q 112 14.44 123.92 -56.50
C GLN Q 112 14.91 123.87 -55.05
N GLU Q 113 14.00 123.87 -54.08
CA GLU Q 113 14.34 123.85 -52.66
C GLU Q 113 15.28 124.98 -52.30
N GLN Q 114 15.00 126.18 -52.81
CA GLN Q 114 15.87 127.33 -52.65
C GLN Q 114 15.08 128.53 -52.16
N ILE Q 115 15.79 129.51 -51.61
CA ILE Q 115 15.26 130.82 -51.31
C ILE Q 115 16.25 131.87 -51.81
N ALA Q 116 15.71 133.01 -52.23
CA ALA Q 116 16.50 134.14 -52.71
C ALA Q 116 16.38 135.31 -51.75
N LEU Q 117 17.52 135.87 -51.36
CA LEU Q 117 17.58 137.03 -50.49
C LEU Q 117 18.05 138.23 -51.30
N LEU Q 118 17.22 139.27 -51.36
CA LEU Q 118 17.49 140.47 -52.14
C LEU Q 118 17.96 141.59 -51.23
N ALA Q 119 19.10 142.19 -51.57
CA ALA Q 119 19.74 143.24 -50.82
C ALA Q 119 19.55 144.59 -51.50
N PRO Q 120 19.26 145.64 -50.73
CA PRO Q 120 19.05 146.96 -51.35
C PRO Q 120 20.27 147.49 -52.07
N GLU Q 121 21.45 147.35 -51.47
CA GLU Q 121 22.68 147.83 -52.06
C GLU Q 121 23.55 146.65 -52.48
N PRO Q 122 24.12 146.66 -53.69
CA PRO Q 122 24.90 145.51 -54.14
C PRO Q 122 26.10 145.25 -53.24
N LEU Q 123 26.36 143.96 -52.99
CA LEU Q 123 27.45 143.56 -52.12
C LEU Q 123 28.80 143.92 -52.75
N LEU Q 124 29.73 144.36 -51.91
CA LEU Q 124 31.06 144.75 -52.36
C LEU Q 124 32.00 143.54 -52.32
N VAL Q 125 32.72 143.32 -53.42
CA VAL Q 125 33.61 142.16 -53.53
C VAL Q 125 34.73 142.26 -52.50
N GLY Q 126 35.07 141.11 -51.91
CA GLY Q 126 36.13 141.03 -50.93
C GLY Q 126 35.74 141.42 -49.53
N LEU Q 127 34.47 141.78 -49.31
CA LEU Q 127 34.03 142.20 -47.98
C LEU Q 127 33.26 141.07 -47.31
N PRO Q 128 33.42 140.90 -46.01
CA PRO Q 128 32.61 139.90 -45.29
C PRO Q 128 31.26 140.46 -44.85
N TYR Q 129 30.20 139.72 -45.15
CA TYR Q 129 28.84 140.08 -44.75
C TYR Q 129 28.25 138.95 -43.92
N THR Q 130 27.19 139.27 -43.17
CA THR Q 130 26.55 138.31 -42.27
C THR Q 130 25.05 138.29 -42.54
N VAL Q 131 24.55 137.16 -43.06
CA VAL Q 131 23.12 136.96 -43.26
C VAL Q 131 22.54 136.32 -42.01
N VAL Q 132 21.46 136.90 -41.48
CA VAL Q 132 20.81 136.42 -40.26
C VAL Q 132 19.36 136.08 -40.61
N ILE Q 133 19.00 134.81 -40.43
CA ILE Q 133 17.68 134.30 -40.82
C ILE Q 133 17.00 133.71 -39.60
N HIS Q 134 15.75 134.09 -39.37
CA HIS Q 134 14.89 133.50 -38.35
C HIS Q 134 13.85 132.63 -39.04
N TYR Q 135 13.65 131.42 -38.53
CA TYR Q 135 12.77 130.47 -39.19
C TYR Q 135 12.13 129.56 -38.16
N ALA Q 136 11.15 128.79 -38.62
CA ALA Q 136 10.47 127.82 -37.78
C ALA Q 136 10.15 126.57 -38.60
N GLY Q 137 9.79 125.52 -37.90
CA GLY Q 137 9.43 124.26 -38.54
C GLY Q 137 9.08 123.25 -37.49
N ASN Q 138 8.84 122.02 -37.93
CA ASN Q 138 8.63 120.92 -36.99
C ASN Q 138 9.46 119.71 -37.38
N LEU Q 139 9.74 118.90 -36.36
CA LEU Q 139 10.44 117.64 -36.51
C LEU Q 139 9.80 116.79 -37.59
N SER Q 140 10.59 116.38 -38.57
CA SER Q 140 10.10 115.50 -39.62
C SER Q 140 9.67 114.16 -39.03
N GLU Q 141 8.53 113.65 -39.48
CA GLU Q 141 8.10 112.33 -39.06
C GLU Q 141 8.74 111.21 -39.86
N THR Q 142 9.67 111.54 -40.76
CA THR Q 142 10.32 110.53 -41.59
C THR Q 142 11.63 110.07 -40.98
N PHE Q 143 12.58 109.68 -41.81
CA PHE Q 143 13.88 109.20 -41.37
C PHE Q 143 15.03 110.13 -41.75
N HIS Q 144 14.72 111.32 -42.27
CA HIS Q 144 15.74 112.26 -42.71
C HIS Q 144 15.42 113.64 -42.18
N GLY Q 145 16.37 114.56 -42.35
CA GLY Q 145 16.22 115.91 -41.84
C GLY Q 145 16.42 115.97 -40.35
N PHE Q 146 15.62 116.81 -39.68
CA PHE Q 146 15.59 116.88 -38.22
C PHE Q 146 14.34 116.12 -37.79
N TYR Q 147 14.49 114.83 -37.51
CA TYR Q 147 13.34 113.96 -37.37
C TYR Q 147 13.20 113.45 -35.93
N LYS Q 148 12.05 112.85 -35.66
CA LYS Q 148 11.68 112.37 -34.34
C LYS Q 148 11.91 110.87 -34.23
N SER Q 149 12.28 110.44 -33.03
CA SER Q 149 12.43 109.02 -32.72
C SER Q 149 11.78 108.76 -31.36
N THR Q 150 11.26 107.55 -31.21
CA THR Q 150 10.62 107.13 -29.96
C THR Q 150 11.19 105.80 -29.52
N TYR Q 151 11.11 105.54 -28.22
CA TYR Q 151 11.56 104.27 -27.66
C TYR Q 151 10.66 103.90 -26.48
N ARG Q 152 10.58 102.60 -26.21
CA ARG Q 152 9.73 102.06 -25.16
C ARG Q 152 10.56 101.75 -23.93
N THR Q 153 10.12 102.24 -22.78
CA THR Q 153 10.75 101.87 -21.53
C THR Q 153 10.24 100.49 -21.07
N LYS Q 154 10.94 99.92 -20.09
CA LYS Q 154 10.54 98.62 -19.58
C LYS Q 154 9.23 98.66 -18.81
N GLU Q 155 8.69 99.85 -18.54
CA GLU Q 155 7.40 100.01 -17.90
C GLU Q 155 6.29 100.24 -18.91
N GLY Q 156 6.58 100.15 -20.21
CA GLY Q 156 5.60 100.35 -21.25
C GLY Q 156 5.42 101.79 -21.69
N GLU Q 157 6.03 102.75 -21.01
CA GLU Q 157 5.90 104.15 -21.38
C GLU Q 157 6.65 104.44 -22.67
N LEU Q 158 6.18 105.48 -23.37
CA LEU Q 158 6.78 105.92 -24.63
C LEU Q 158 7.53 107.23 -24.39
N ARG Q 159 8.77 107.29 -24.86
CA ARG Q 159 9.60 108.46 -24.70
C ARG Q 159 10.05 108.97 -26.06
N ILE Q 160 10.29 110.28 -26.15
CA ILE Q 160 10.52 110.96 -27.42
C ILE Q 160 11.93 111.54 -27.42
N LEU Q 161 12.58 111.47 -28.58
CA LEU Q 161 13.87 112.12 -28.79
C LEU Q 161 13.91 112.68 -30.20
N ALA Q 162 14.87 113.59 -30.43
CA ALA Q 162 15.06 114.22 -31.73
C ALA Q 162 16.48 113.99 -32.21
N SER Q 163 16.60 113.45 -33.42
CA SER Q 163 17.89 113.14 -34.02
C SER Q 163 17.97 113.79 -35.40
N THR Q 164 19.14 113.70 -36.02
CA THR Q 164 19.39 114.31 -37.31
C THR Q 164 19.90 113.28 -38.32
N GLN Q 165 19.66 113.57 -39.59
CA GLN Q 165 20.23 112.79 -40.69
C GLN Q 165 20.22 113.71 -41.91
N PHE Q 166 21.39 114.27 -42.25
CA PHE Q 166 21.45 115.33 -43.24
C PHE Q 166 21.98 114.89 -44.60
N GLU Q 167 22.74 113.80 -44.66
CA GLU Q 167 23.19 113.31 -45.96
C GLU Q 167 21.99 112.78 -46.75
N PRO Q 168 21.84 113.17 -48.02
CA PRO Q 168 22.75 114.09 -48.70
C PRO Q 168 22.29 115.55 -48.73
N THR Q 169 20.98 115.78 -48.87
CA THR Q 169 20.43 117.12 -49.06
C THR Q 169 19.34 117.42 -48.04
N ALA Q 170 19.55 116.98 -46.79
CA ALA Q 170 18.54 117.13 -45.75
C ALA Q 170 18.89 118.18 -44.70
N ALA Q 171 20.11 118.72 -44.73
CA ALA Q 171 20.46 119.79 -43.80
C ALA Q 171 19.59 121.02 -44.00
N ARG Q 172 19.15 121.27 -45.23
CA ARG Q 172 18.28 122.40 -45.52
C ARG Q 172 16.94 122.29 -44.83
N MET Q 173 16.52 121.09 -44.44
CA MET Q 173 15.26 120.89 -43.72
C MET Q 173 15.36 121.28 -42.26
N ALA Q 174 16.54 121.62 -41.76
CA ALA Q 174 16.75 121.98 -40.37
C ALA Q 174 17.32 123.38 -40.20
N PHE Q 175 18.19 123.81 -41.11
CA PHE Q 175 18.70 125.17 -41.09
C PHE Q 175 19.00 125.62 -42.52
N PRO Q 176 18.59 126.82 -42.91
CA PRO Q 176 18.90 127.30 -44.26
C PRO Q 176 20.39 127.54 -44.41
N CYS Q 177 20.93 127.08 -45.53
CA CYS Q 177 22.38 127.08 -45.73
C CYS Q 177 22.67 126.87 -47.21
N PHE Q 178 23.97 126.84 -47.52
CA PHE Q 178 24.44 126.48 -48.85
C PHE Q 178 24.69 124.97 -48.84
N ASP Q 179 23.60 124.23 -48.99
CA ASP Q 179 23.57 122.78 -48.75
C ASP Q 179 24.18 122.02 -49.93
N GLU Q 180 25.49 122.20 -50.09
CA GLU Q 180 26.28 121.43 -51.05
C GLU Q 180 27.59 121.03 -50.40
N PRO Q 181 28.15 119.88 -50.79
CA PRO Q 181 29.39 119.42 -50.15
C PRO Q 181 30.61 120.28 -50.45
N ALA Q 182 30.53 121.17 -51.44
CA ALA Q 182 31.69 121.99 -51.81
C ALA Q 182 31.82 123.24 -50.93
N PHE Q 183 30.72 123.75 -50.41
CA PHE Q 183 30.75 124.95 -49.56
C PHE Q 183 31.04 124.53 -48.12
N LYS Q 184 32.30 124.22 -47.86
CA LYS Q 184 32.73 123.86 -46.52
C LYS Q 184 32.85 125.10 -45.65
N ALA Q 185 32.62 124.93 -44.35
CA ALA Q 185 32.65 126.04 -43.40
C ALA Q 185 32.72 125.48 -41.99
N SER Q 186 32.94 126.38 -41.04
CA SER Q 186 32.90 126.04 -39.62
C SER Q 186 31.49 126.26 -39.07
N PHE Q 187 31.21 125.60 -37.94
CA PHE Q 187 29.87 125.60 -37.37
C PHE Q 187 29.96 125.79 -35.86
N SER Q 188 29.35 126.86 -35.37
CA SER Q 188 29.18 127.08 -33.94
C SER Q 188 27.72 126.81 -33.61
N ILE Q 189 27.46 125.74 -32.86
CA ILE Q 189 26.11 125.23 -32.64
C ILE Q 189 25.67 125.57 -31.23
N LYS Q 190 24.42 126.03 -31.11
CA LYS Q 190 23.77 126.27 -29.83
C LYS Q 190 22.40 125.62 -29.84
N ILE Q 191 22.14 124.79 -28.84
CA ILE Q 191 20.90 124.02 -28.75
C ILE Q 191 20.21 124.35 -27.43
N ARG Q 192 18.90 124.55 -27.49
CA ARG Q 192 18.08 124.83 -26.32
C ARG Q 192 17.23 123.62 -25.99
N ARG Q 193 17.13 123.30 -24.69
CA ARG Q 193 16.48 122.08 -24.26
C ARG Q 193 15.90 122.31 -22.87
N GLU Q 194 15.01 121.39 -22.47
CA GLU Q 194 14.58 121.33 -21.09
C GLU Q 194 15.71 120.78 -20.23
N PRO Q 195 15.68 121.03 -18.91
CA PRO Q 195 16.72 120.43 -18.05
C PRO Q 195 16.72 118.92 -18.12
N ARG Q 196 15.56 118.30 -18.25
CA ARG Q 196 15.46 116.84 -18.28
C ARG Q 196 16.14 116.21 -19.48
N HIS Q 197 16.60 117.00 -20.44
CA HIS Q 197 17.15 116.48 -21.68
C HIS Q 197 18.68 116.57 -21.69
N LEU Q 198 19.26 115.97 -22.72
CA LEU Q 198 20.70 115.93 -22.90
C LEU Q 198 21.02 116.17 -24.38
N ALA Q 199 21.90 117.12 -24.65
CA ALA Q 199 22.22 117.51 -26.01
C ALA Q 199 23.67 117.17 -26.31
N ILE Q 200 23.90 116.51 -27.44
CA ILE Q 200 25.24 116.20 -27.92
C ILE Q 200 25.29 116.58 -29.40
N SER Q 201 26.48 116.93 -29.88
CA SER Q 201 26.63 117.40 -31.24
C SER Q 201 28.00 116.99 -31.75
N ASN Q 202 28.48 117.68 -32.79
CA ASN Q 202 29.74 117.31 -33.43
C ASN Q 202 30.92 117.53 -32.49
N MET Q 203 30.94 118.68 -31.83
CA MET Q 203 32.03 119.10 -30.95
C MET Q 203 31.64 118.93 -29.50
N PRO Q 204 32.60 118.99 -28.58
CA PRO Q 204 32.27 118.93 -27.15
C PRO Q 204 31.45 120.13 -26.70
N LEU Q 205 30.76 119.92 -25.57
CA LEU Q 205 29.96 120.96 -24.94
C LEU Q 205 30.88 121.94 -24.19
N VAL Q 206 30.81 123.22 -24.55
CA VAL Q 206 31.68 124.22 -23.94
C VAL Q 206 31.07 124.81 -22.68
N LYS Q 207 29.79 125.20 -22.73
CA LYS Q 207 29.13 125.74 -21.55
C LYS Q 207 27.62 125.62 -21.70
N SER Q 208 26.94 125.71 -20.56
CA SER Q 208 25.49 125.64 -20.50
C SER Q 208 24.97 126.87 -19.76
N VAL Q 209 24.07 127.61 -20.39
CA VAL Q 209 23.55 128.87 -19.85
C VAL Q 209 22.05 128.74 -19.66
N THR Q 210 21.54 129.25 -18.54
CA THR Q 210 20.12 129.22 -18.23
C THR Q 210 19.42 130.41 -18.89
N VAL Q 211 19.28 130.34 -20.22
CA VAL Q 211 18.60 131.39 -20.97
C VAL Q 211 17.10 131.35 -20.67
N ALA Q 212 16.49 132.53 -20.67
CA ALA Q 212 15.08 132.66 -20.34
C ALA Q 212 14.82 132.04 -18.97
N GLU Q 213 13.74 131.28 -18.88
CA GLU Q 213 13.37 130.58 -17.67
C GLU Q 213 12.98 129.15 -17.99
N GLY Q 214 13.62 128.21 -17.29
CA GLY Q 214 13.22 126.83 -17.30
C GLY Q 214 13.84 125.99 -18.39
N LEU Q 215 14.62 126.58 -19.29
CA LEU Q 215 15.27 125.85 -20.36
C LEU Q 215 16.73 126.29 -20.48
N ILE Q 216 17.63 125.32 -20.60
CA ILE Q 216 19.07 125.56 -20.67
C ILE Q 216 19.50 125.66 -22.12
N GLU Q 217 20.56 126.43 -22.36
CA GLU Q 217 21.15 126.60 -23.67
C GLU Q 217 22.57 126.06 -23.66
N ASP Q 218 22.85 125.12 -24.56
CA ASP Q 218 24.16 124.48 -24.64
C ASP Q 218 24.96 125.09 -25.78
N HIS Q 219 26.10 125.68 -25.45
CA HIS Q 219 27.04 126.20 -26.43
C HIS Q 219 28.12 125.16 -26.68
N PHE Q 220 28.19 124.66 -27.91
CA PHE Q 220 29.19 123.69 -28.30
C PHE Q 220 30.39 124.36 -28.95
N ASP Q 221 31.52 123.66 -28.93
CA ASP Q 221 32.72 124.16 -29.58
C ASP Q 221 32.49 124.28 -31.08
N VAL Q 222 33.37 125.02 -31.73
CA VAL Q 222 33.27 125.27 -33.17
C VAL Q 222 33.91 124.11 -33.92
N THR Q 223 33.26 123.68 -35.00
CA THR Q 223 33.75 122.57 -35.79
C THR Q 223 34.88 123.05 -36.71
N VAL Q 224 35.45 122.10 -37.46
CA VAL Q 224 36.49 122.42 -38.43
C VAL Q 224 35.87 122.63 -39.80
N LYS Q 225 36.71 122.83 -40.82
CA LYS Q 225 36.23 122.94 -42.19
C LYS Q 225 35.61 121.62 -42.63
N MET Q 226 34.29 121.59 -42.73
CA MET Q 226 33.58 120.37 -43.10
C MET Q 226 32.34 120.73 -43.91
N SER Q 227 31.83 119.74 -44.62
CA SER Q 227 30.65 119.95 -45.43
C SER Q 227 29.40 120.04 -44.54
N THR Q 228 28.31 120.52 -45.14
CA THR Q 228 27.10 120.78 -44.36
C THR Q 228 26.38 119.51 -43.96
N TYR Q 229 26.51 118.44 -44.74
CA TYR Q 229 25.79 117.20 -44.43
C TYR Q 229 26.33 116.50 -43.20
N LEU Q 230 27.46 116.95 -42.64
CA LEU Q 230 28.07 116.34 -41.47
C LEU Q 230 27.61 116.95 -40.15
N VAL Q 231 26.77 118.00 -40.20
CA VAL Q 231 26.24 118.59 -38.98
C VAL Q 231 25.27 117.60 -38.34
N ALA Q 232 25.29 117.54 -37.01
CA ALA Q 232 24.40 116.63 -36.29
C ALA Q 232 24.22 117.11 -34.87
N PHE Q 233 23.06 116.79 -34.30
CA PHE Q 233 22.74 117.09 -32.91
C PHE Q 233 21.59 116.20 -32.47
N ILE Q 234 21.60 115.83 -31.19
CA ILE Q 234 20.64 114.88 -30.63
C ILE Q 234 20.15 115.42 -29.29
N ILE Q 235 18.84 115.44 -29.11
CA ILE Q 235 18.20 115.80 -27.85
C ILE Q 235 17.46 114.57 -27.34
N SER Q 236 17.90 114.03 -26.21
CA SER Q 236 17.31 112.82 -25.66
C SER Q 236 17.61 112.76 -24.17
N ASP Q 237 17.60 111.55 -23.61
CA ASP Q 237 18.03 111.29 -22.25
C ASP Q 237 18.90 110.04 -22.21
N PHE Q 238 19.83 109.94 -23.16
CA PHE Q 238 20.68 108.77 -23.29
C PHE Q 238 21.63 108.60 -22.10
N GLU Q 239 21.94 107.35 -21.78
CA GLU Q 239 23.10 107.01 -20.98
C GLU Q 239 24.27 106.71 -21.89
N SER Q 240 25.48 106.79 -21.34
CA SER Q 240 26.68 106.61 -22.16
C SER Q 240 27.78 105.89 -21.38
N VAL Q 241 28.69 105.29 -22.14
CA VAL Q 241 29.92 104.72 -21.63
C VAL Q 241 31.07 105.31 -22.44
N SER Q 242 32.18 105.67 -21.77
CA SER Q 242 33.32 106.35 -22.43
C SER Q 242 34.64 105.60 -22.18
N LYS Q 243 35.57 105.85 -23.05
CA LYS Q 243 36.90 105.26 -22.99
C LYS Q 243 37.85 106.17 -23.74
N ILE Q 244 39.14 106.07 -23.40
CA ILE Q 244 40.17 106.93 -23.97
C ILE Q 244 41.02 106.14 -24.94
N THR Q 245 41.41 106.77 -26.05
CA THR Q 245 42.37 106.20 -26.97
C THR Q 245 43.79 106.43 -26.47
N LYS Q 246 44.75 105.76 -27.12
CA LYS Q 246 46.15 106.02 -26.79
C LYS Q 246 46.59 107.39 -27.26
N SER Q 247 45.79 108.08 -28.09
CA SER Q 247 46.09 109.43 -28.55
C SER Q 247 45.31 110.49 -27.81
N GLY Q 248 44.49 110.12 -26.82
CA GLY Q 248 43.81 111.08 -25.98
C GLY Q 248 42.43 111.51 -26.44
N VAL Q 249 41.86 110.85 -27.45
CA VAL Q 249 40.52 111.18 -27.92
C VAL Q 249 39.50 110.54 -27.00
N LYS Q 250 38.45 111.29 -26.67
CA LYS Q 250 37.40 110.81 -25.77
C LYS Q 250 36.35 110.10 -26.61
N VAL Q 251 36.35 108.77 -26.55
CA VAL Q 251 35.40 107.95 -27.28
C VAL Q 251 34.26 107.57 -26.34
N SER Q 252 33.03 107.85 -26.77
CA SER Q 252 31.85 107.55 -25.97
C SER Q 252 30.80 106.87 -26.85
N VAL Q 253 29.94 106.07 -26.21
CA VAL Q 253 28.84 105.40 -26.91
C VAL Q 253 27.57 105.69 -26.14
N TYR Q 254 26.61 106.34 -26.81
CA TYR Q 254 25.33 106.71 -26.22
C TYR Q 254 24.24 105.77 -26.70
N ALA Q 255 23.28 105.50 -25.81
CA ALA Q 255 22.13 104.67 -26.16
C ALA Q 255 21.02 104.95 -25.16
N VAL Q 256 19.85 104.40 -25.46
CA VAL Q 256 18.67 104.52 -24.60
C VAL Q 256 18.99 103.91 -23.24
N PRO Q 257 18.38 104.37 -22.15
CA PRO Q 257 18.83 103.93 -20.81
C PRO Q 257 18.77 102.42 -20.60
N ASP Q 258 17.78 101.75 -21.18
CA ASP Q 258 17.60 100.32 -20.95
C ASP Q 258 18.53 99.45 -21.78
N LYS Q 259 19.29 100.03 -22.72
CA LYS Q 259 20.15 99.25 -23.60
C LYS Q 259 21.62 99.65 -23.53
N ILE Q 260 22.01 100.45 -22.53
CA ILE Q 260 23.39 100.93 -22.47
C ILE Q 260 24.36 99.79 -22.17
N ASN Q 261 23.89 98.74 -21.51
CA ASN Q 261 24.76 97.62 -21.15
C ASN Q 261 25.17 96.77 -22.34
N GLN Q 262 24.73 97.10 -23.55
CA GLN Q 262 25.09 96.37 -24.75
C GLN Q 262 26.13 97.11 -25.59
N ALA Q 263 26.76 98.14 -25.04
CA ALA Q 263 27.67 99.00 -25.79
C ALA Q 263 29.14 98.66 -25.57
N ASP Q 264 29.44 97.60 -24.82
CA ASP Q 264 30.84 97.32 -24.47
C ASP Q 264 31.66 96.95 -25.71
N TYR Q 265 31.20 95.99 -26.50
CA TYR Q 265 31.93 95.62 -27.70
C TYR Q 265 32.02 96.78 -28.68
N ALA Q 266 30.95 97.55 -28.80
CA ALA Q 266 30.96 98.72 -29.68
C ALA Q 266 32.06 99.70 -29.25
N LEU Q 267 32.13 100.00 -27.95
CA LEU Q 267 33.12 100.96 -27.48
C LEU Q 267 34.54 100.44 -27.67
N ASP Q 268 34.79 99.19 -27.26
CA ASP Q 268 36.14 98.63 -27.35
C ASP Q 268 36.62 98.57 -28.79
N ALA Q 269 35.76 98.07 -29.69
CA ALA Q 269 36.12 98.04 -31.11
C ALA Q 269 36.26 99.43 -31.68
N ALA Q 270 35.49 100.40 -31.18
CA ALA Q 270 35.64 101.78 -31.65
C ALA Q 270 37.00 102.34 -31.30
N VAL Q 271 37.45 102.15 -30.05
CA VAL Q 271 38.77 102.64 -29.64
C VAL Q 271 39.86 101.97 -30.47
N THR Q 272 39.77 100.65 -30.63
CA THR Q 272 40.79 99.92 -31.39
C THR Q 272 40.85 100.40 -32.83
N LEU Q 273 39.69 100.53 -33.49
CA LEU Q 273 39.67 100.90 -34.90
C LEU Q 273 40.10 102.36 -35.11
N LEU Q 274 39.74 103.25 -34.18
CA LEU Q 274 40.17 104.63 -34.30
C LEU Q 274 41.69 104.76 -34.17
N GLU Q 275 42.29 104.04 -33.22
CA GLU Q 275 43.74 104.04 -33.09
C GLU Q 275 44.41 103.49 -34.35
N PHE Q 276 43.87 102.41 -34.91
CA PHE Q 276 44.43 101.85 -36.14
C PHE Q 276 44.41 102.87 -37.28
N TYR Q 277 43.27 103.56 -37.46
CA TYR Q 277 43.15 104.49 -38.56
C TYR Q 277 44.12 105.66 -38.42
N GLU Q 278 44.26 106.18 -37.20
CA GLU Q 278 45.26 107.21 -36.93
C GLU Q 278 46.65 106.74 -37.35
N ASP Q 279 47.06 105.57 -36.87
CA ASP Q 279 48.39 105.04 -37.18
C ASP Q 279 48.56 104.76 -38.66
N TYR Q 280 47.54 104.16 -39.28
CA TYR Q 280 47.66 103.75 -40.69
C TYR Q 280 47.79 104.95 -41.60
N PHE Q 281 46.90 105.94 -41.46
CA PHE Q 281 46.91 107.12 -42.31
C PHE Q 281 48.00 108.11 -41.92
N SER Q 282 48.61 107.96 -40.74
CA SER Q 282 49.58 108.92 -40.21
C SER Q 282 48.98 110.31 -40.10
N ILE Q 283 47.68 110.37 -39.82
CA ILE Q 283 46.95 111.63 -39.69
C ILE Q 283 46.08 111.53 -38.44
N PRO Q 284 46.38 112.29 -37.39
CA PRO Q 284 45.63 112.17 -36.14
C PRO Q 284 44.18 112.61 -36.32
N TYR Q 285 43.32 112.07 -35.46
CA TYR Q 285 41.92 112.46 -35.44
C TYR Q 285 41.82 113.91 -34.96
N PRO Q 286 41.27 114.83 -35.77
CA PRO Q 286 41.40 116.25 -35.43
C PRO Q 286 40.49 116.70 -34.29
N LEU Q 287 39.36 116.05 -34.09
CA LEU Q 287 38.40 116.49 -33.09
C LEU Q 287 38.79 115.95 -31.72
N PRO Q 288 38.36 116.62 -30.65
CA PRO Q 288 38.70 116.13 -29.31
C PRO Q 288 38.00 114.82 -28.96
N LYS Q 289 36.75 114.64 -29.38
CA LYS Q 289 35.96 113.49 -28.98
C LYS Q 289 35.34 112.81 -30.20
N GLN Q 290 35.06 111.52 -30.03
CA GLN Q 290 34.33 110.72 -31.00
C GLN Q 290 33.19 110.03 -30.28
N ASP Q 291 31.97 110.18 -30.79
CA ASP Q 291 30.77 109.67 -30.15
C ASP Q 291 30.04 108.70 -31.08
N LEU Q 292 29.47 107.65 -30.50
CA LEU Q 292 28.72 106.63 -31.24
C LEU Q 292 27.35 106.48 -30.59
N ALA Q 293 26.31 107.00 -31.25
CA ALA Q 293 24.96 107.01 -30.70
C ALA Q 293 24.08 106.00 -31.43
N ALA Q 294 23.32 105.22 -30.66
CA ALA Q 294 22.40 104.22 -31.21
C ALA Q 294 21.01 104.84 -31.27
N ILE Q 295 20.56 105.18 -32.47
CA ILE Q 295 19.27 105.83 -32.67
C ILE Q 295 18.18 104.78 -32.82
N PRO Q 296 17.07 104.88 -32.08
CA PRO Q 296 16.01 103.86 -32.20
C PRO Q 296 15.33 103.86 -33.56
N ASP Q 297 15.20 105.01 -34.21
CA ASP Q 297 14.58 105.12 -35.52
C ASP Q 297 15.66 105.62 -36.48
N PHE Q 298 16.15 104.72 -37.33
CA PHE Q 298 17.19 105.06 -38.30
C PHE Q 298 16.92 104.35 -39.61
N GLN Q 299 17.18 105.04 -40.72
CA GLN Q 299 16.97 104.49 -42.05
C GLN Q 299 18.19 103.75 -42.55
N SER Q 300 19.34 104.41 -42.57
CA SER Q 300 20.57 103.78 -43.03
C SER Q 300 21.06 102.77 -42.00
N GLY Q 301 22.15 102.09 -42.31
CA GLY Q 301 22.86 101.34 -41.30
C GLY Q 301 23.51 102.25 -40.27
N ALA Q 302 24.11 103.34 -40.73
CA ALA Q 302 24.79 104.28 -39.85
C ALA Q 302 24.97 105.60 -40.60
N MET Q 303 25.66 106.53 -39.96
CA MET Q 303 25.97 107.83 -40.56
C MET Q 303 27.27 108.35 -39.96
N GLU Q 304 28.05 109.05 -40.79
CA GLU Q 304 29.42 109.41 -40.45
C GLU Q 304 29.55 110.86 -39.96
N ASN Q 305 28.54 111.38 -39.25
CA ASN Q 305 28.62 112.75 -38.76
C ASN Q 305 29.88 112.93 -37.92
N TRP Q 306 30.69 113.93 -38.31
CA TRP Q 306 32.01 114.15 -37.72
C TRP Q 306 31.93 114.36 -36.21
N GLY Q 307 32.47 113.42 -35.45
CA GLY Q 307 32.46 113.51 -34.00
C GLY Q 307 31.21 112.96 -33.34
N LEU Q 308 30.20 112.54 -34.11
CA LEU Q 308 28.96 112.03 -33.56
C LEU Q 308 28.35 111.06 -34.58
N THR Q 309 28.96 109.89 -34.72
CA THR Q 309 28.40 108.86 -35.58
C THR Q 309 27.12 108.31 -34.99
N THR Q 310 26.14 108.06 -35.86
CA THR Q 310 24.84 107.53 -35.46
C THR Q 310 24.65 106.15 -36.09
N TYR Q 311 23.91 105.29 -35.40
CA TYR Q 311 23.77 103.90 -35.80
C TYR Q 311 22.35 103.42 -35.61
N ARG Q 312 22.04 102.31 -36.25
CA ARG Q 312 20.90 101.50 -35.84
C ARG Q 312 21.26 100.76 -34.57
N GLU Q 313 20.29 100.61 -33.67
CA GLU Q 313 20.51 99.80 -32.47
C GLU Q 313 20.95 98.39 -32.85
N SER Q 314 20.38 97.85 -33.92
CA SER Q 314 20.82 96.54 -34.42
C SER Q 314 22.25 96.58 -34.90
N ALA Q 315 22.73 97.72 -35.38
CA ALA Q 315 24.06 97.81 -35.96
C ALA Q 315 25.13 98.24 -34.99
N LEU Q 316 24.79 98.55 -33.75
CA LEU Q 316 25.83 98.95 -32.81
C LEU Q 316 25.85 98.14 -31.52
N LEU Q 317 24.68 97.74 -31.00
CA LEU Q 317 24.59 97.13 -29.69
C LEU Q 317 24.71 95.61 -29.78
N PHE Q 318 25.42 95.03 -28.81
CA PHE Q 318 25.76 93.61 -28.82
C PHE Q 318 25.38 92.99 -27.48
N ASP Q 319 24.53 91.98 -27.53
CA ASP Q 319 24.12 91.24 -26.34
C ASP Q 319 24.76 89.86 -26.40
N ALA Q 320 25.65 89.57 -25.44
CA ALA Q 320 26.39 88.32 -25.46
C ALA Q 320 25.46 87.10 -25.36
N GLU Q 321 24.28 87.28 -24.77
CA GLU Q 321 23.36 86.17 -24.54
C GLU Q 321 22.48 85.86 -25.73
N LYS Q 322 22.21 86.84 -26.60
CA LYS Q 322 21.24 86.65 -27.68
C LYS Q 322 21.71 87.09 -29.06
N SER Q 323 22.72 87.94 -29.17
CA SER Q 323 23.17 88.38 -30.48
C SER Q 323 23.98 87.28 -31.16
N SER Q 324 23.88 87.23 -32.48
CA SER Q 324 24.53 86.20 -33.28
C SER Q 324 25.94 86.63 -33.67
N ALA Q 325 26.75 85.63 -34.05
CA ALA Q 325 28.10 85.93 -34.53
C ALA Q 325 28.04 86.80 -35.79
N SER Q 326 27.04 86.59 -36.64
CA SER Q 326 26.80 87.50 -37.76
C SER Q 326 26.60 88.93 -37.26
N SER Q 327 25.83 89.11 -36.18
CA SER Q 327 25.60 90.44 -35.64
C SER Q 327 26.89 91.06 -35.12
N LYS Q 328 27.74 90.26 -34.49
CA LYS Q 328 29.01 90.78 -33.97
C LYS Q 328 29.92 91.23 -35.11
N LEU Q 329 30.02 90.40 -36.16
CA LEU Q 329 30.80 90.79 -37.34
C LEU Q 329 30.24 92.06 -37.97
N GLY Q 330 28.91 92.18 -38.04
CA GLY Q 330 28.32 93.36 -38.63
C GLY Q 330 28.62 94.62 -37.86
N ILE Q 331 28.58 94.54 -36.52
CA ILE Q 331 28.93 95.68 -35.70
C ILE Q 331 30.37 96.11 -35.95
N THR Q 332 31.28 95.14 -36.00
CA THR Q 332 32.69 95.45 -36.23
C THR Q 332 32.88 96.14 -37.58
N MET Q 333 32.28 95.60 -38.63
CA MET Q 333 32.44 96.18 -39.96
C MET Q 333 31.79 97.56 -40.03
N THR Q 334 30.67 97.75 -39.34
CA THR Q 334 29.97 99.04 -39.39
C THR Q 334 30.77 100.12 -38.67
N VAL Q 335 31.29 99.82 -37.48
CA VAL Q 335 32.12 100.77 -36.77
C VAL Q 335 33.37 101.11 -37.58
N ALA Q 336 33.98 100.11 -38.21
CA ALA Q 336 35.13 100.35 -39.07
C ALA Q 336 34.77 101.25 -40.24
N HIS Q 337 33.58 101.03 -40.83
CA HIS Q 337 33.15 101.83 -41.97
C HIS Q 337 33.05 103.31 -41.60
N GLU Q 338 32.38 103.61 -40.48
CA GLU Q 338 32.15 105.00 -40.10
C GLU Q 338 33.44 105.69 -39.68
N LEU Q 339 34.31 104.99 -38.95
CA LEU Q 339 35.58 105.59 -38.57
C LEU Q 339 36.49 105.80 -39.77
N ALA Q 340 36.34 104.99 -40.81
CA ALA Q 340 37.05 105.24 -42.06
C ALA Q 340 36.51 106.49 -42.75
N HIS Q 341 35.20 106.70 -42.67
CA HIS Q 341 34.58 107.91 -43.20
C HIS Q 341 35.14 109.17 -42.55
N GLN Q 342 35.55 109.07 -41.28
CA GLN Q 342 36.15 110.21 -40.60
C GLN Q 342 37.32 110.80 -41.37
N TRP Q 343 37.99 109.97 -42.17
CA TRP Q 343 39.05 110.44 -43.07
C TRP Q 343 38.58 110.52 -44.52
N PHE Q 344 38.02 109.44 -45.05
CA PHE Q 344 37.52 109.41 -46.43
C PHE Q 344 36.07 109.87 -46.41
N GLY Q 345 35.87 111.19 -46.50
CA GLY Q 345 34.54 111.75 -46.50
C GLY Q 345 34.42 113.01 -45.69
N ASN Q 346 35.02 113.02 -44.49
CA ASN Q 346 34.96 114.17 -43.60
C ASN Q 346 36.20 115.05 -43.74
N LEU Q 347 37.38 114.48 -43.54
CA LEU Q 347 38.62 115.23 -43.76
C LEU Q 347 38.76 115.62 -45.22
N VAL Q 348 38.66 114.64 -46.12
CA VAL Q 348 38.70 114.86 -47.55
C VAL Q 348 37.35 114.45 -48.11
N THR Q 349 36.60 115.42 -48.63
CA THR Q 349 35.26 115.20 -49.15
C THR Q 349 35.25 115.33 -50.67
N MET Q 350 34.40 114.53 -51.30
CA MET Q 350 34.17 114.71 -52.73
C MET Q 350 33.56 116.09 -52.98
N GLU Q 351 33.77 116.60 -54.19
CA GLU Q 351 33.26 117.95 -54.48
C GLU Q 351 31.79 117.91 -54.88
N TRP Q 352 31.38 116.91 -55.66
CA TRP Q 352 30.00 116.77 -56.05
C TRP Q 352 29.60 115.30 -55.95
N TRP Q 353 28.30 115.06 -55.77
CA TRP Q 353 27.78 113.72 -55.50
C TRP Q 353 27.96 112.75 -56.65
N ASN Q 354 28.48 113.21 -57.80
CA ASN Q 354 28.80 112.27 -58.88
C ASN Q 354 29.99 111.39 -58.52
N ASP Q 355 30.89 111.87 -57.66
CA ASP Q 355 32.02 111.09 -57.18
C ASP Q 355 31.81 110.61 -55.75
N LEU Q 356 30.57 110.30 -55.38
CA LEU Q 356 30.27 109.77 -54.05
C LEU Q 356 31.04 108.49 -53.75
N TRP Q 357 31.47 107.75 -54.78
CA TRP Q 357 32.23 106.53 -54.55
C TRP Q 357 33.57 106.82 -53.89
N LEU Q 358 34.16 107.99 -54.16
CA LEU Q 358 35.39 108.39 -53.50
C LEU Q 358 35.27 108.38 -51.98
N ASN Q 359 34.05 108.51 -51.46
CA ASN Q 359 33.78 108.34 -50.04
C ASN Q 359 33.40 106.89 -49.71
N GLU Q 360 32.34 106.40 -50.35
CA GLU Q 360 31.69 105.16 -49.91
C GLU Q 360 32.51 103.93 -50.28
N GLY Q 361 33.02 103.88 -51.51
CA GLY Q 361 33.83 102.74 -51.91
C GLY Q 361 35.10 102.61 -51.09
N PHE Q 362 35.76 103.74 -50.82
CA PHE Q 362 36.95 103.72 -49.97
C PHE Q 362 36.61 103.30 -48.55
N ALA Q 363 35.48 103.76 -48.03
CA ALA Q 363 35.08 103.39 -46.67
C ALA Q 363 34.75 101.90 -46.58
N LYS Q 364 34.00 101.39 -47.56
CA LYS Q 364 33.69 99.96 -47.57
C LYS Q 364 34.95 99.12 -47.70
N PHE Q 365 35.98 99.65 -48.37
CA PHE Q 365 37.23 98.92 -48.51
C PHE Q 365 38.07 99.00 -47.24
N MET Q 366 38.09 100.16 -46.59
CA MET Q 366 38.81 100.29 -45.32
C MET Q 366 38.22 99.41 -44.23
N GLU Q 367 36.93 99.07 -44.33
CA GLU Q 367 36.37 98.02 -43.48
C GLU Q 367 37.27 96.80 -43.46
N PHE Q 368 37.51 96.23 -44.65
CA PHE Q 368 38.35 95.05 -44.78
C PHE Q 368 39.77 95.33 -44.33
N VAL Q 369 40.36 96.42 -44.83
CA VAL Q 369 41.75 96.74 -44.53
C VAL Q 369 41.96 96.86 -43.03
N SER Q 370 40.97 97.39 -42.30
CA SER Q 370 41.13 97.62 -40.86
C SER Q 370 40.76 96.41 -40.03
N VAL Q 371 39.64 95.76 -40.32
CA VAL Q 371 39.18 94.66 -39.48
C VAL Q 371 40.09 93.45 -39.63
N SER Q 372 40.59 93.20 -40.84
CA SER Q 372 41.52 92.08 -41.04
C SER Q 372 42.79 92.22 -40.21
N VAL Q 373 43.07 93.41 -39.68
CA VAL Q 373 44.22 93.63 -38.82
C VAL Q 373 43.81 93.75 -37.35
N THR Q 374 42.75 94.51 -37.08
CA THR Q 374 42.37 94.79 -35.69
C THR Q 374 41.67 93.60 -35.04
N HIS Q 375 40.85 92.87 -35.80
CA HIS Q 375 40.11 91.71 -35.30
C HIS Q 375 40.39 90.52 -36.20
N PRO Q 376 41.60 89.96 -36.14
CA PRO Q 376 41.96 88.87 -37.05
C PRO Q 376 41.20 87.58 -36.79
N GLU Q 377 40.58 87.41 -35.61
CA GLU Q 377 39.78 86.23 -35.36
C GLU Q 377 38.52 86.19 -36.23
N LEU Q 378 38.11 87.33 -36.80
CA LEU Q 378 36.96 87.34 -37.69
C LEU Q 378 37.31 86.83 -39.07
N LYS Q 379 38.52 87.16 -39.56
CA LYS Q 379 38.98 86.74 -40.88
C LYS Q 379 38.01 87.19 -41.97
N VAL Q 380 37.86 88.51 -42.09
CA VAL Q 380 36.91 89.10 -43.02
C VAL Q 380 37.28 88.87 -44.48
N GLY Q 381 38.53 88.46 -44.75
CA GLY Q 381 38.90 88.08 -46.10
C GLY Q 381 38.13 86.89 -46.63
N ASP Q 382 37.51 86.11 -45.74
CA ASP Q 382 36.69 84.98 -46.18
C ASP Q 382 35.38 85.43 -46.80
N TYR Q 383 34.74 86.45 -46.23
CA TYR Q 383 33.39 86.83 -46.64
C TYR Q 383 33.33 88.11 -47.46
N PHE Q 384 34.46 88.77 -47.70
CA PHE Q 384 34.44 90.08 -48.35
C PHE Q 384 33.87 90.00 -49.77
N PHE Q 385 34.34 89.05 -50.57
CA PHE Q 385 34.13 89.09 -52.01
C PHE Q 385 32.72 88.74 -52.44
N GLY Q 386 31.85 88.32 -51.51
CA GLY Q 386 30.43 88.29 -51.81
C GLY Q 386 29.92 89.64 -52.28
N LYS Q 387 30.51 90.72 -51.79
CA LYS Q 387 30.18 92.05 -52.29
C LYS Q 387 30.41 92.15 -53.79
N CYS Q 388 31.59 91.74 -54.25
CA CYS Q 388 31.92 91.82 -55.67
C CYS Q 388 30.94 91.02 -56.51
N PHE Q 389 30.60 89.81 -56.06
CA PHE Q 389 29.70 88.96 -56.83
C PHE Q 389 28.31 89.58 -56.94
N ASP Q 390 27.74 89.99 -55.81
CA ASP Q 390 26.40 90.58 -55.83
C ASP Q 390 26.39 91.90 -56.61
N ALA Q 391 27.51 92.63 -56.60
CA ALA Q 391 27.60 93.84 -57.40
C ALA Q 391 27.63 93.52 -58.89
N MET Q 392 28.37 92.47 -59.27
CA MET Q 392 28.38 92.05 -60.67
C MET Q 392 26.98 91.64 -61.13
N GLU Q 393 26.18 91.06 -60.24
CA GLU Q 393 24.82 90.66 -60.59
C GLU Q 393 24.01 91.81 -61.17
N VAL Q 394 24.26 93.04 -60.71
CA VAL Q 394 23.51 94.20 -61.19
C VAL Q 394 24.34 94.99 -62.20
N ASP Q 395 25.67 95.01 -62.02
CA ASP Q 395 26.50 95.75 -62.96
C ASP Q 395 26.56 95.08 -64.33
N ALA Q 396 26.25 93.77 -64.40
CA ALA Q 396 26.13 93.11 -65.70
C ALA Q 396 24.92 93.59 -66.48
N LEU Q 397 24.08 94.45 -65.89
CA LEU Q 397 22.90 94.92 -66.57
C LEU Q 397 23.23 96.07 -67.50
N ASN Q 398 22.37 96.23 -68.51
CA ASN Q 398 22.50 97.29 -69.49
C ASN Q 398 22.12 98.64 -68.89
N SER Q 399 21.22 98.66 -67.91
CA SER Q 399 20.83 99.88 -67.21
C SER Q 399 21.83 100.31 -66.15
N SER Q 400 22.90 99.56 -65.94
CA SER Q 400 23.93 99.95 -64.99
C SER Q 400 24.61 101.24 -65.42
N HIS Q 401 25.28 101.88 -64.47
CA HIS Q 401 25.96 103.14 -64.68
C HIS Q 401 27.44 103.03 -64.31
N PRO Q 402 28.28 103.91 -64.84
CA PRO Q 402 29.68 103.94 -64.41
C PRO Q 402 29.80 104.34 -62.95
N VAL Q 403 30.96 104.02 -62.38
CA VAL Q 403 31.20 104.34 -60.96
C VAL Q 403 31.08 105.85 -60.73
N SER Q 404 31.52 106.65 -61.69
CA SER Q 404 31.41 108.10 -61.62
C SER Q 404 30.50 108.56 -62.76
N THR Q 405 29.33 109.09 -62.41
CA THR Q 405 28.33 109.49 -63.39
C THR Q 405 27.61 110.73 -62.89
N PRO Q 406 27.23 111.63 -63.78
CA PRO Q 406 26.62 112.90 -63.34
C PRO Q 406 25.22 112.70 -62.75
N VAL Q 407 24.95 113.45 -61.69
CA VAL Q 407 23.64 113.49 -61.04
C VAL Q 407 23.36 114.93 -60.64
N GLU Q 408 22.08 115.28 -60.59
CA GLU Q 408 21.75 116.67 -60.27
C GLU Q 408 20.71 116.78 -59.16
N ASN Q 409 19.51 116.25 -59.35
CA ASN Q 409 18.44 116.45 -58.39
C ASN Q 409 18.61 115.51 -57.19
N PRO Q 410 17.97 115.84 -56.06
CA PRO Q 410 18.15 115.01 -54.85
C PRO Q 410 17.80 113.55 -55.04
N ALA Q 411 16.80 113.24 -55.86
CA ALA Q 411 16.43 111.84 -56.09
C ALA Q 411 17.60 111.06 -56.72
N GLN Q 412 18.24 111.66 -57.73
CA GLN Q 412 19.41 111.03 -58.35
C GLN Q 412 20.55 110.89 -57.35
N ILE Q 413 20.74 111.90 -56.50
CA ILE Q 413 21.83 111.87 -55.53
C ILE Q 413 21.65 110.70 -54.58
N ARG Q 414 20.43 110.48 -54.10
CA ARG Q 414 20.15 109.34 -53.23
C ARG Q 414 20.39 108.03 -53.95
N GLU Q 415 20.04 107.95 -55.24
CA GLU Q 415 20.24 106.73 -56.01
C GLU Q 415 21.71 106.35 -56.12
N MET Q 416 22.61 107.33 -56.03
CA MET Q 416 24.04 107.05 -56.15
C MET Q 416 24.54 106.11 -55.05
N PHE Q 417 23.84 106.01 -53.92
CA PHE Q 417 24.21 105.12 -52.83
C PHE Q 417 23.75 103.70 -53.13
N ASP Q 418 24.33 103.10 -54.16
CA ASP Q 418 23.95 101.77 -54.61
C ASP Q 418 25.15 100.82 -54.54
N ASP Q 419 24.93 99.59 -55.01
CA ASP Q 419 25.97 98.56 -54.96
C ASP Q 419 27.21 98.97 -55.74
N VAL Q 420 27.04 99.72 -56.82
CA VAL Q 420 28.18 100.19 -57.60
C VAL Q 420 29.10 101.04 -56.73
N SER Q 421 28.54 102.10 -56.13
CA SER Q 421 29.36 103.03 -55.37
C SER Q 421 30.05 102.37 -54.19
N TYR Q 422 29.40 101.39 -53.57
CA TYR Q 422 29.99 100.67 -52.42
C TYR Q 422 30.79 99.46 -52.88
N ASP Q 423 30.08 98.42 -53.32
CA ASP Q 423 30.70 97.13 -53.60
C ASP Q 423 31.67 97.22 -54.77
N LYS Q 424 31.23 97.76 -55.91
CA LYS Q 424 32.09 97.81 -57.08
C LYS Q 424 33.28 98.74 -56.85
N GLY Q 425 33.05 99.86 -56.16
CA GLY Q 425 34.16 100.75 -55.82
C GLY Q 425 35.21 100.07 -54.97
N ALA Q 426 34.76 99.35 -53.93
CA ALA Q 426 35.70 98.65 -53.05
C ALA Q 426 36.41 97.51 -53.78
N CYS Q 427 35.73 96.83 -54.70
CA CYS Q 427 36.36 95.70 -55.38
C CYS Q 427 37.42 96.13 -56.37
N ILE Q 428 37.18 97.23 -57.09
CA ILE Q 428 38.21 97.74 -58.00
C ILE Q 428 39.39 98.33 -57.22
N LEU Q 429 39.11 98.88 -56.03
CA LEU Q 429 40.20 99.37 -55.18
C LEU Q 429 41.04 98.24 -54.64
N ASN Q 430 40.40 97.12 -54.26
CA ASN Q 430 41.16 95.93 -53.86
C ASN Q 430 42.03 95.45 -55.01
N MET Q 431 41.46 95.41 -56.22
CA MET Q 431 42.23 95.00 -57.40
C MET Q 431 43.41 95.94 -57.64
N LEU Q 432 43.18 97.26 -57.49
CA LEU Q 432 44.27 98.21 -57.69
C LEU Q 432 45.31 98.08 -56.59
N ARG Q 433 44.87 97.88 -55.34
CA ARG Q 433 45.81 97.70 -54.24
C ARG Q 433 46.64 96.43 -54.43
N GLU Q 434 46.06 95.40 -55.03
CA GLU Q 434 46.80 94.17 -55.29
C GLU Q 434 47.71 94.29 -56.50
N TYR Q 435 47.37 95.18 -57.45
CA TYR Q 435 48.23 95.43 -58.61
C TYR Q 435 49.50 96.17 -58.21
N LEU Q 436 49.35 97.33 -57.56
CA LEU Q 436 50.48 98.01 -56.96
C LEU Q 436 50.90 97.26 -55.69
N SER Q 437 51.94 97.77 -55.03
CA SER Q 437 52.28 97.24 -53.72
C SER Q 437 51.28 97.76 -52.70
N ALA Q 438 51.00 96.93 -51.69
CA ALA Q 438 50.16 97.37 -50.58
C ALA Q 438 50.77 98.58 -49.87
N ASP Q 439 52.08 98.59 -49.71
CA ASP Q 439 52.76 99.74 -49.12
C ASP Q 439 52.73 100.93 -50.07
N ALA Q 440 52.88 100.68 -51.37
CA ALA Q 440 52.79 101.76 -52.35
C ALA Q 440 51.39 102.36 -52.36
N PHE Q 441 50.37 101.51 -52.22
CA PHE Q 441 48.99 102.00 -52.12
C PHE Q 441 48.83 102.90 -50.91
N LYS Q 442 49.44 102.52 -49.78
CA LYS Q 442 49.38 103.36 -48.58
C LYS Q 442 50.01 104.72 -48.82
N SER Q 443 51.18 104.74 -49.46
CA SER Q 443 51.83 106.02 -49.77
C SER Q 443 50.95 106.87 -50.68
N GLY Q 444 50.31 106.26 -51.67
CA GLY Q 444 49.43 107.00 -52.56
C GLY Q 444 48.25 107.62 -51.84
N ILE Q 445 47.57 106.83 -51.01
CA ILE Q 445 46.36 107.32 -50.34
C ILE Q 445 46.68 108.37 -49.28
N VAL Q 446 47.84 108.27 -48.62
CA VAL Q 446 48.19 109.24 -47.60
C VAL Q 446 48.43 110.62 -48.21
N GLN Q 447 49.18 110.67 -49.32
CA GLN Q 447 49.43 111.94 -49.99
C GLN Q 447 48.13 112.60 -50.44
N TYR Q 448 47.18 111.80 -50.94
CA TYR Q 448 45.89 112.32 -51.35
C TYR Q 448 45.19 113.03 -50.20
N LEU Q 449 45.06 112.34 -49.06
CA LEU Q 449 44.36 112.91 -47.92
C LEU Q 449 45.07 114.16 -47.41
N GLN Q 450 46.41 114.13 -47.37
CA GLN Q 450 47.17 115.24 -46.84
C GLN Q 450 47.07 116.49 -47.70
N LYS Q 451 47.09 116.32 -49.03
CA LYS Q 451 47.07 117.48 -49.92
C LYS Q 451 45.72 118.18 -49.93
N HIS Q 452 44.62 117.44 -49.81
CA HIS Q 452 43.29 118.00 -49.97
C HIS Q 452 42.50 118.00 -48.66
N SER Q 453 43.17 117.90 -47.52
CA SER Q 453 42.50 117.99 -46.24
C SER Q 453 41.73 119.30 -46.14
N TYR Q 454 40.53 119.23 -45.55
CA TYR Q 454 39.65 120.39 -45.36
C TYR Q 454 39.27 121.03 -46.70
N LYS Q 455 39.28 120.25 -47.78
CA LYS Q 455 38.95 120.75 -49.11
C LYS Q 455 38.04 119.73 -49.81
N ASN Q 456 37.80 119.96 -51.09
CA ASN Q 456 36.98 119.10 -51.93
C ASN Q 456 37.80 118.57 -53.09
N THR Q 457 37.44 117.36 -53.54
CA THR Q 457 38.18 116.67 -54.59
C THR Q 457 37.25 116.15 -55.66
N LYS Q 458 37.79 116.05 -56.88
CA LYS Q 458 37.11 115.40 -58.00
C LYS Q 458 37.75 114.03 -58.23
N ASN Q 459 37.25 113.34 -59.26
CA ASN Q 459 37.75 112.00 -59.57
C ASN Q 459 39.23 112.04 -59.97
N GLU Q 460 39.70 113.17 -60.49
CA GLU Q 460 41.04 113.25 -61.05
C GLU Q 460 42.11 113.41 -59.98
N ASP Q 461 41.77 114.00 -58.84
CA ASP Q 461 42.76 114.22 -57.79
C ASP Q 461 43.30 112.90 -57.24
N LEU Q 462 42.43 111.88 -57.14
CA LEU Q 462 42.88 110.58 -56.67
C LEU Q 462 43.89 109.95 -57.61
N TRP Q 463 43.63 110.00 -58.92
CA TRP Q 463 44.53 109.39 -59.90
C TRP Q 463 45.87 110.12 -59.97
N ASP Q 464 45.87 111.45 -59.80
CA ASP Q 464 47.13 112.17 -59.72
C ASP Q 464 47.94 111.74 -58.51
N SER Q 465 47.28 111.63 -57.35
CA SER Q 465 47.96 111.24 -56.13
C SER Q 465 48.49 109.80 -56.18
N MET Q 466 47.84 108.93 -56.96
CA MET Q 466 48.30 107.56 -57.07
C MET Q 466 49.54 107.44 -57.96
N ALA Q 467 49.60 108.23 -59.02
CA ALA Q 467 50.74 108.20 -59.93
C ALA Q 467 51.99 108.81 -59.31
N SER Q 468 51.84 109.65 -58.28
CA SER Q 468 52.99 110.20 -57.57
C SER Q 468 53.81 109.14 -56.84
N ILE Q 469 53.29 107.92 -56.72
CA ILE Q 469 54.03 106.83 -56.11
C ILE Q 469 54.39 105.75 -57.12
N GLY Q 470 53.51 105.48 -58.08
CA GLY Q 470 53.78 104.50 -59.11
C GLY Q 470 54.63 105.03 -60.25
N GLY Q 471 55.94 104.80 -60.18
CA GLY Q 471 56.86 105.34 -61.16
C GLY Q 471 57.73 104.31 -61.83
N GLY Q 472 57.32 103.04 -61.77
CA GLY Q 472 58.02 101.98 -62.47
C GLY Q 472 57.44 101.66 -63.83
N GLY Q 473 56.91 102.68 -64.49
CA GLY Q 473 56.19 102.49 -65.73
C GLY Q 473 54.72 102.18 -65.55
N VAL Q 474 54.10 102.73 -64.52
CA VAL Q 474 52.71 102.42 -64.18
C VAL Q 474 51.93 103.72 -64.34
N ASP Q 475 51.15 103.80 -65.42
CA ASP Q 475 50.27 104.95 -65.65
C ASP Q 475 48.93 104.63 -64.99
N VAL Q 476 48.84 104.92 -63.70
CA VAL Q 476 47.66 104.58 -62.92
C VAL Q 476 46.42 105.31 -63.43
N LYS Q 477 46.62 106.49 -64.03
CA LYS Q 477 45.48 107.35 -64.38
C LYS Q 477 44.63 106.73 -65.49
N THR Q 478 45.28 106.27 -66.56
CA THR Q 478 44.55 105.76 -67.72
C THR Q 478 43.76 104.50 -67.38
N MET Q 479 44.40 103.55 -66.68
CA MET Q 479 43.73 102.29 -66.34
C MET Q 479 42.49 102.51 -65.48
N MET Q 480 42.64 103.26 -64.38
CA MET Q 480 41.53 103.43 -63.45
C MET Q 480 40.39 104.26 -64.02
N ASN Q 481 40.64 105.05 -65.07
CA ASN Q 481 39.55 105.72 -65.77
C ASN Q 481 38.65 104.73 -66.47
N THR Q 482 39.24 103.69 -67.08
CA THR Q 482 38.44 102.65 -67.72
C THR Q 482 37.52 101.93 -66.73
N TRP Q 483 37.92 101.84 -65.47
CA TRP Q 483 37.11 101.14 -64.48
C TRP Q 483 36.05 102.03 -63.84
N THR Q 484 36.28 103.34 -63.77
CA THR Q 484 35.37 104.25 -63.10
C THR Q 484 34.55 105.14 -64.02
N LEU Q 485 34.93 105.28 -65.28
CA LEU Q 485 34.25 106.21 -66.18
C LEU Q 485 33.38 105.53 -67.23
N GLN Q 486 33.29 104.19 -67.22
CA GLN Q 486 32.36 103.48 -68.08
C GLN Q 486 31.76 102.32 -67.30
N LYS Q 487 30.51 102.01 -67.62
CA LYS Q 487 29.78 100.99 -66.87
C LYS Q 487 30.31 99.59 -67.20
N GLY Q 488 29.82 98.62 -66.43
CA GLY Q 488 30.10 97.23 -66.71
C GLY Q 488 31.49 96.78 -66.31
N PHE Q 489 31.79 95.54 -66.67
CA PHE Q 489 33.06 94.90 -66.37
C PHE Q 489 33.35 93.89 -67.47
N PRO Q 490 34.61 93.50 -67.65
CA PRO Q 490 34.95 92.61 -68.76
C PRO Q 490 34.88 91.14 -68.44
N LEU Q 491 34.52 90.36 -69.46
CA LEU Q 491 34.67 88.92 -69.47
C LEU Q 491 35.95 88.57 -70.22
N ILE Q 492 36.79 87.74 -69.60
CA ILE Q 492 38.08 87.34 -70.18
C ILE Q 492 37.94 85.89 -70.62
N THR Q 493 38.01 85.68 -71.94
CA THR Q 493 37.96 84.34 -72.52
C THR Q 493 39.36 83.79 -72.63
N ILE Q 494 39.55 82.54 -72.19
CA ILE Q 494 40.85 81.90 -72.13
C ILE Q 494 40.81 80.65 -73.00
N THR Q 495 41.67 80.62 -74.02
CA THR Q 495 41.82 79.47 -74.90
C THR Q 495 43.22 78.91 -74.72
N VAL Q 496 43.33 77.59 -74.67
CA VAL Q 496 44.61 76.92 -74.42
C VAL Q 496 45.00 76.14 -75.68
N ARG Q 497 46.18 76.44 -76.20
CA ARG Q 497 46.77 75.77 -77.36
C ARG Q 497 48.16 75.28 -76.97
N GLY Q 498 48.20 74.17 -76.22
CA GLY Q 498 49.47 73.65 -75.74
C GLY Q 498 50.08 74.55 -74.69
N ARG Q 499 51.04 75.37 -75.11
CA ARG Q 499 51.69 76.33 -74.23
C ARG Q 499 51.26 77.77 -74.48
N ASN Q 500 50.36 78.00 -75.43
CA ASN Q 500 49.89 79.34 -75.76
C ASN Q 500 48.59 79.63 -75.04
N VAL Q 501 48.50 80.82 -74.45
CA VAL Q 501 47.31 81.25 -73.72
C VAL Q 501 46.80 82.52 -74.40
N HIS Q 502 45.66 82.40 -75.08
CA HIS Q 502 45.02 83.54 -75.72
C HIS Q 502 43.97 84.14 -74.79
N MET Q 503 43.99 85.46 -74.67
CA MET Q 503 43.04 86.18 -73.83
C MET Q 503 42.31 87.21 -74.68
N LYS Q 504 40.98 87.20 -74.61
CA LYS Q 504 40.17 88.20 -75.30
C LYS Q 504 39.15 88.74 -74.30
N GLN Q 505 38.95 90.06 -74.33
CA GLN Q 505 38.06 90.73 -73.41
C GLN Q 505 36.85 91.30 -74.15
N GLU Q 506 35.71 91.27 -73.48
CA GLU Q 506 34.49 91.83 -74.01
C GLU Q 506 33.66 92.36 -72.84
N HIS Q 507 32.66 93.17 -73.16
CA HIS Q 507 31.79 93.72 -72.13
C HIS Q 507 30.75 92.67 -71.78
N TYR Q 508 30.76 92.21 -70.53
CA TYR Q 508 29.78 91.23 -70.08
C TYR Q 508 28.47 91.95 -69.83
N MET Q 509 27.44 91.60 -70.60
CA MET Q 509 26.12 92.18 -70.46
C MET Q 509 25.10 91.09 -70.73
N LYS Q 510 24.20 90.87 -69.77
CA LYS Q 510 23.15 89.86 -69.94
C LYS Q 510 22.25 90.26 -71.10
N GLY Q 511 22.34 89.50 -72.19
CA GLY Q 511 21.66 89.83 -73.43
C GLY Q 511 20.16 90.05 -73.34
N ASP Q 517 28.13 94.39 -78.28
CA ASP Q 517 27.66 95.34 -79.27
C ASP Q 517 27.92 96.78 -78.83
N THR Q 518 28.87 96.96 -77.93
CA THR Q 518 29.21 98.28 -77.42
C THR Q 518 30.60 98.74 -77.87
N GLY Q 519 31.65 97.98 -77.55
CA GLY Q 519 33.00 98.37 -77.89
C GLY Q 519 33.76 98.92 -76.71
N TYR Q 520 33.65 98.26 -75.56
CA TYR Q 520 34.38 98.67 -74.36
C TYR Q 520 35.70 97.90 -74.26
N LEU Q 521 36.68 98.55 -73.63
CA LEU Q 521 37.99 97.94 -73.41
C LEU Q 521 38.53 98.39 -72.06
N TRP Q 522 39.06 97.43 -71.29
CA TRP Q 522 39.66 97.70 -70.00
C TRP Q 522 41.14 97.33 -70.01
N HIS Q 523 41.85 97.82 -68.99
CA HIS Q 523 43.20 97.36 -68.68
C HIS Q 523 43.09 96.40 -67.50
N VAL Q 524 42.93 95.13 -67.80
CA VAL Q 524 42.63 94.11 -66.79
C VAL Q 524 43.94 93.53 -66.28
N PRO Q 525 44.32 93.78 -65.03
CA PRO Q 525 45.51 93.11 -64.47
C PRO Q 525 45.23 91.67 -64.09
N LEU Q 526 45.44 90.75 -65.03
CA LEU Q 526 45.12 89.34 -64.82
C LEU Q 526 46.12 88.68 -63.87
N THR Q 527 45.62 87.71 -63.11
CA THR Q 527 46.43 86.86 -62.25
C THR Q 527 45.99 85.42 -62.45
N PHE Q 528 46.95 84.49 -62.46
CA PHE Q 528 46.60 83.10 -62.73
C PHE Q 528 47.60 82.16 -62.06
N ILE Q 529 47.14 80.92 -61.87
CA ILE Q 529 47.97 79.80 -61.46
C ILE Q 529 47.66 78.63 -62.39
N THR Q 530 48.51 77.61 -62.34
CA THR Q 530 48.37 76.42 -63.15
C THR Q 530 48.37 75.19 -62.24
N SER Q 531 48.18 74.02 -62.84
CA SER Q 531 48.26 72.79 -62.06
C SER Q 531 49.68 72.47 -61.63
N LYS Q 532 50.67 73.09 -62.26
CA LYS Q 532 52.07 72.87 -61.95
C LYS Q 532 52.64 73.88 -60.96
N SER Q 533 51.87 74.89 -60.56
CA SER Q 533 52.45 75.98 -59.78
C SER Q 533 51.36 76.72 -59.01
N ASP Q 534 51.56 76.84 -57.70
CA ASP Q 534 50.76 77.72 -56.87
C ASP Q 534 51.23 79.18 -56.92
N MET Q 535 52.31 79.47 -57.64
CA MET Q 535 52.83 80.82 -57.72
C MET Q 535 51.99 81.68 -58.65
N VAL Q 536 51.72 82.91 -58.24
CA VAL Q 536 50.87 83.83 -58.98
C VAL Q 536 51.71 84.59 -59.98
N HIS Q 537 51.41 84.42 -61.26
CA HIS Q 537 51.99 85.20 -62.33
C HIS Q 537 51.00 86.27 -62.79
N ARG Q 538 51.54 87.41 -63.23
CA ARG Q 538 50.74 88.58 -63.56
C ARG Q 538 50.89 88.92 -65.04
N PHE Q 539 49.93 89.70 -65.55
CA PHE Q 539 49.96 90.15 -66.93
C PHE Q 539 48.97 91.30 -67.10
N LEU Q 540 49.41 92.37 -67.74
CA LEU Q 540 48.60 93.56 -67.95
C LEU Q 540 48.06 93.56 -69.38
N LEU Q 541 46.78 93.20 -69.54
CA LEU Q 541 46.12 93.21 -70.83
C LEU Q 541 45.60 94.61 -71.12
N LYS Q 542 46.27 95.32 -72.02
CA LYS Q 542 45.89 96.69 -72.35
C LYS Q 542 45.12 96.83 -73.65
N THR Q 543 45.03 95.76 -74.43
CA THR Q 543 44.38 95.78 -75.74
C THR Q 543 43.21 94.79 -75.72
N LYS Q 544 42.58 94.61 -76.89
CA LYS Q 544 41.46 93.68 -76.98
C LYS Q 544 41.93 92.24 -76.79
N THR Q 545 42.97 91.85 -77.51
CA THR Q 545 43.52 90.50 -77.42
C THR Q 545 45.02 90.56 -77.19
N ASP Q 546 45.54 89.52 -76.52
CA ASP Q 546 46.96 89.37 -76.28
C ASP Q 546 47.24 87.89 -76.04
N VAL Q 547 48.51 87.57 -75.81
CA VAL Q 547 48.93 86.17 -75.68
C VAL Q 547 50.21 86.10 -74.86
N LEU Q 548 50.28 85.09 -74.00
CA LEU Q 548 51.49 84.77 -73.24
C LEU Q 548 51.82 83.30 -73.47
N ILE Q 549 53.04 82.91 -73.09
CA ILE Q 549 53.58 81.59 -73.38
C ILE Q 549 53.88 80.88 -72.08
N LEU Q 550 53.21 79.75 -71.85
CA LEU Q 550 53.51 78.92 -70.69
C LEU Q 550 54.80 78.13 -70.92
N PRO Q 551 55.47 77.72 -69.84
CA PRO Q 551 56.67 76.89 -70.02
C PRO Q 551 56.39 75.41 -70.21
N GLU Q 552 55.14 74.98 -70.08
CA GLU Q 552 54.78 73.57 -70.14
C GLU Q 552 53.26 73.46 -70.14
N GLU Q 553 52.75 72.46 -70.85
CA GLU Q 553 51.31 72.20 -70.82
C GLU Q 553 50.86 71.84 -69.41
N VAL Q 554 49.63 72.24 -69.09
CA VAL Q 554 49.07 72.07 -67.76
C VAL Q 554 47.72 71.37 -67.88
N GLU Q 555 47.36 70.63 -66.84
CA GLU Q 555 46.05 69.97 -66.82
C GLU Q 555 44.92 70.99 -66.78
N TRP Q 556 45.06 72.00 -65.92
CA TRP Q 556 44.07 73.05 -65.80
C TRP Q 556 44.76 74.36 -65.47
N ILE Q 557 44.04 75.46 -65.69
CA ILE Q 557 44.54 76.80 -65.43
C ILE Q 557 43.41 77.62 -64.84
N LYS Q 558 43.74 78.46 -63.85
CA LYS Q 558 42.76 79.24 -63.11
C LYS Q 558 43.17 80.71 -63.10
N PHE Q 559 42.34 81.57 -63.69
CA PHE Q 559 42.58 82.99 -63.68
C PHE Q 559 41.83 83.65 -62.52
N ASN Q 560 42.21 84.89 -62.23
CA ASN Q 560 41.63 85.70 -61.15
C ASN Q 560 41.71 84.94 -59.82
N VAL Q 561 42.95 84.74 -59.37
CA VAL Q 561 43.22 83.94 -58.18
C VAL Q 561 42.77 84.71 -56.95
N GLY Q 562 41.95 84.06 -56.12
CA GLY Q 562 41.51 84.67 -54.88
C GLY Q 562 40.49 85.77 -55.03
N MET Q 563 39.85 85.88 -56.19
CA MET Q 563 38.80 86.87 -56.45
C MET Q 563 39.26 88.29 -56.12
N ASN Q 564 40.51 88.59 -56.45
CA ASN Q 564 41.04 89.94 -56.26
C ASN Q 564 40.89 90.82 -57.50
N GLY Q 565 40.19 90.34 -58.52
CA GLY Q 565 39.97 91.10 -59.73
C GLY Q 565 38.49 91.21 -60.05
N TYR Q 566 38.10 92.38 -60.57
CA TYR Q 566 36.68 92.66 -60.86
C TYR Q 566 36.36 92.24 -62.29
N TYR Q 567 36.40 90.93 -62.50
CA TYR Q 567 36.06 90.33 -63.78
C TYR Q 567 35.67 88.88 -63.56
N ILE Q 568 35.17 88.25 -64.62
CA ILE Q 568 34.89 86.82 -64.62
C ILE Q 568 35.67 86.17 -65.75
N VAL Q 569 35.90 84.86 -65.61
CA VAL Q 569 36.81 84.12 -66.48
C VAL Q 569 36.06 82.95 -67.11
N HIS Q 570 36.22 82.79 -68.42
CA HIS Q 570 35.67 81.68 -69.17
C HIS Q 570 36.82 80.90 -69.81
N TYR Q 571 36.67 79.57 -69.86
CA TYR Q 571 37.71 78.68 -70.36
C TYR Q 571 37.17 77.91 -71.55
N GLU Q 572 37.89 78.00 -72.67
CA GLU Q 572 37.45 77.33 -73.90
C GLU Q 572 37.87 75.87 -73.89
N ASP Q 573 37.22 75.10 -74.76
CA ASP Q 573 37.54 73.68 -74.98
C ASP Q 573 37.32 72.94 -73.66
N ASP Q 574 38.22 72.04 -73.27
CA ASP Q 574 38.08 71.28 -72.03
C ASP Q 574 38.60 72.03 -70.82
N GLY Q 575 38.66 73.36 -70.87
CA GLY Q 575 39.15 74.12 -69.73
C GLY Q 575 38.22 74.00 -68.53
N TRP Q 576 36.92 74.22 -68.76
CA TRP Q 576 35.94 74.04 -67.70
C TRP Q 576 35.80 72.57 -67.33
N ASP Q 577 35.95 71.68 -68.32
CA ASP Q 577 35.92 70.24 -68.06
C ASP Q 577 37.05 69.82 -67.13
N SER Q 578 38.25 70.37 -67.35
CA SER Q 578 39.38 70.04 -66.49
C SER Q 578 39.14 70.49 -65.05
N LEU Q 579 38.58 71.68 -64.87
CA LEU Q 579 38.32 72.20 -63.53
C LEU Q 579 37.20 71.43 -62.83
N THR Q 580 36.19 70.97 -63.57
CA THR Q 580 35.12 70.18 -62.97
C THR Q 580 35.65 68.88 -62.38
N GLY Q 581 36.55 68.19 -63.09
CA GLY Q 581 37.16 67.01 -62.52
C GLY Q 581 37.96 67.29 -61.28
N LEU Q 582 38.67 68.43 -61.26
CA LEU Q 582 39.47 68.82 -60.10
C LEU Q 582 38.58 68.98 -58.85
N LEU Q 583 37.45 69.66 -59.00
CA LEU Q 583 36.58 69.92 -57.85
C LEU Q 583 35.98 68.64 -57.29
N LYS Q 584 35.54 67.73 -58.16
CA LYS Q 584 34.92 66.50 -57.68
C LYS Q 584 35.92 65.55 -57.03
N GLY Q 585 37.20 65.65 -57.39
CA GLY Q 585 38.21 64.78 -56.81
C GLY Q 585 38.81 65.32 -55.52
N THR Q 586 39.59 66.40 -55.63
CA THR Q 586 40.27 67.02 -54.49
C THR Q 586 40.10 68.53 -54.63
N HIS Q 587 38.96 69.04 -54.15
CA HIS Q 587 38.67 70.46 -54.21
C HIS Q 587 39.66 71.32 -53.45
N THR Q 588 40.41 70.75 -52.50
CA THR Q 588 41.40 71.50 -51.74
C THR Q 588 42.63 71.87 -52.55
N ALA Q 589 42.69 71.55 -53.85
CA ALA Q 589 43.83 71.93 -54.66
C ALA Q 589 43.94 73.43 -54.88
N VAL Q 590 42.85 74.17 -54.73
CA VAL Q 590 42.85 75.63 -54.83
C VAL Q 590 42.28 76.19 -53.54
N SER Q 591 42.36 77.52 -53.43
CA SER Q 591 41.97 78.20 -52.20
C SER Q 591 40.44 78.28 -52.10
N SER Q 592 39.96 78.68 -50.91
CA SER Q 592 38.53 78.79 -50.69
C SER Q 592 37.89 79.79 -51.64
N ASN Q 593 38.48 80.98 -51.76
CA ASN Q 593 37.96 81.98 -52.69
C ASN Q 593 38.04 81.50 -54.13
N ASP Q 594 39.05 80.69 -54.46
CA ASP Q 594 39.17 80.18 -55.82
C ASP Q 594 38.01 79.25 -56.17
N ARG Q 595 37.62 78.38 -55.23
CA ARG Q 595 36.45 77.53 -55.44
C ARG Q 595 35.18 78.37 -55.59
N ALA Q 596 35.03 79.40 -54.76
CA ALA Q 596 33.85 80.26 -54.85
C ALA Q 596 33.76 80.95 -56.20
N SER Q 597 34.89 81.48 -56.69
CA SER Q 597 34.88 82.16 -57.98
C SER Q 597 34.53 81.20 -59.12
N LEU Q 598 34.99 79.95 -59.03
CA LEU Q 598 34.67 78.96 -60.05
C LEU Q 598 33.16 78.73 -60.14
N ILE Q 599 32.52 78.52 -58.99
CA ILE Q 599 31.08 78.29 -58.96
C ILE Q 599 30.33 79.50 -59.54
N ASN Q 600 30.62 80.69 -59.01
CA ASN Q 600 29.90 81.90 -59.43
C ASN Q 600 30.10 82.18 -60.91
N ASN Q 601 31.34 82.06 -61.40
CA ASN Q 601 31.62 82.35 -62.81
C ASN Q 601 30.89 81.37 -63.74
N ALA Q 602 30.86 80.10 -63.36
CA ALA Q 602 30.19 79.10 -64.19
C ALA Q 602 28.72 79.45 -64.40
N PHE Q 603 28.03 79.85 -63.34
CA PHE Q 603 26.60 80.15 -63.44
C PHE Q 603 26.33 81.48 -64.14
N GLN Q 604 27.19 82.48 -63.95
CA GLN Q 604 27.01 83.73 -64.67
C GLN Q 604 27.21 83.56 -66.18
N LEU Q 605 28.04 82.61 -66.57
CA LEU Q 605 28.24 82.35 -68.00
C LEU Q 605 27.05 81.62 -68.61
N VAL Q 606 26.34 80.82 -67.81
CA VAL Q 606 25.08 80.23 -68.28
C VAL Q 606 24.11 81.32 -68.73
N SER Q 607 24.13 82.47 -68.04
CA SER Q 607 23.22 83.56 -68.38
C SER Q 607 23.43 84.11 -69.79
N ILE Q 608 24.59 83.85 -70.41
CA ILE Q 608 24.88 84.32 -71.75
C ILE Q 608 25.20 83.20 -72.72
N GLY Q 609 25.23 81.94 -72.26
CA GLY Q 609 25.37 80.83 -73.18
C GLY Q 609 26.79 80.34 -73.40
N LYS Q 610 27.78 80.90 -72.71
CA LYS Q 610 29.15 80.43 -72.86
C LYS Q 610 29.37 79.08 -72.19
N LEU Q 611 28.40 78.60 -71.42
CA LEU Q 611 28.48 77.30 -70.77
C LEU Q 611 27.05 76.83 -70.51
N SER Q 612 26.82 75.53 -70.69
CA SER Q 612 25.49 74.99 -70.55
C SER Q 612 25.16 74.76 -69.07
N ILE Q 613 23.88 74.95 -68.73
CA ILE Q 613 23.41 74.76 -67.36
C ILE Q 613 23.64 73.32 -66.92
N GLU Q 614 23.60 72.37 -67.86
CA GLU Q 614 23.82 70.97 -67.51
C GLU Q 614 25.22 70.76 -66.95
N LYS Q 615 26.24 71.29 -67.64
CA LYS Q 615 27.61 71.18 -67.15
C LYS Q 615 27.84 71.98 -65.88
N ALA Q 616 27.14 73.11 -65.73
CA ALA Q 616 27.25 73.90 -64.49
C ALA Q 616 26.83 73.08 -63.28
N LEU Q 617 25.70 72.36 -63.39
CA LEU Q 617 25.24 71.55 -62.27
C LEU Q 617 26.19 70.38 -61.98
N ASP Q 618 26.80 69.81 -63.02
CA ASP Q 618 27.82 68.79 -62.81
C ASP Q 618 28.98 69.34 -61.96
N LEU Q 619 29.39 70.59 -62.22
CA LEU Q 619 30.42 71.20 -61.39
C LEU Q 619 29.94 71.39 -59.95
N SER Q 620 28.67 71.78 -59.78
CA SER Q 620 28.13 71.99 -58.44
C SER Q 620 28.10 70.71 -57.62
N LEU Q 621 28.03 69.55 -58.29
CA LEU Q 621 27.97 68.28 -57.59
C LEU Q 621 29.15 68.06 -56.65
N TYR Q 622 30.24 68.79 -56.82
CA TYR Q 622 31.40 68.63 -55.96
C TYR Q 622 31.12 69.13 -54.55
N LEU Q 623 30.08 69.95 -54.37
CA LEU Q 623 29.73 70.48 -53.04
C LEU Q 623 29.27 69.40 -52.08
N LYS Q 624 29.08 68.16 -52.56
CA LYS Q 624 28.74 67.06 -51.66
C LYS Q 624 29.83 66.84 -50.63
N HIS Q 625 31.07 67.21 -50.95
CA HIS Q 625 32.19 67.08 -50.03
C HIS Q 625 32.79 68.42 -49.65
N GLU Q 626 32.15 69.53 -50.00
CA GLU Q 626 32.65 70.86 -49.68
C GLU Q 626 32.29 71.22 -48.24
N THR Q 627 33.20 71.93 -47.56
CA THR Q 627 33.03 72.28 -46.16
C THR Q 627 33.32 73.73 -45.82
N GLU Q 628 33.74 74.56 -46.78
CA GLU Q 628 34.17 75.92 -46.48
C GLU Q 628 33.04 76.92 -46.69
N ILE Q 629 33.05 77.97 -45.88
CA ILE Q 629 31.91 78.88 -45.79
C ILE Q 629 31.73 79.65 -47.10
N MET Q 630 32.82 80.13 -47.70
CA MET Q 630 32.70 80.94 -48.91
C MET Q 630 32.15 80.14 -50.09
N PRO Q 631 32.68 78.96 -50.45
CA PRO Q 631 32.07 78.23 -51.57
C PRO Q 631 30.66 77.74 -51.29
N VAL Q 632 30.39 77.28 -50.06
CA VAL Q 632 29.05 76.80 -49.73
C VAL Q 632 28.03 77.93 -49.83
N PHE Q 633 28.34 79.10 -49.25
CA PHE Q 633 27.42 80.23 -49.31
C PHE Q 633 27.25 80.71 -50.75
N GLN Q 634 28.33 80.67 -51.55
CA GLN Q 634 28.22 81.11 -52.93
C GLN Q 634 27.38 80.13 -53.75
N GLY Q 635 27.52 78.83 -53.50
CA GLY Q 635 26.67 77.86 -54.16
C GLY Q 635 25.19 78.07 -53.83
N LEU Q 636 24.90 78.39 -52.56
CA LEU Q 636 23.53 78.68 -52.17
C LEU Q 636 23.03 79.95 -52.86
N ASN Q 637 23.85 81.00 -52.88
CA ASN Q 637 23.43 82.26 -53.49
C ASN Q 637 23.20 82.12 -55.00
N GLU Q 638 23.86 81.15 -55.64
CA GLU Q 638 23.66 80.94 -57.07
C GLU Q 638 22.56 79.93 -57.38
N LEU Q 639 22.21 79.07 -56.44
CA LEU Q 639 21.17 78.06 -56.65
C LEU Q 639 19.81 78.45 -56.09
N ILE Q 640 19.78 79.17 -54.96
CA ILE Q 640 18.50 79.52 -54.34
C ILE Q 640 17.62 80.35 -55.26
N PRO Q 641 18.11 81.39 -55.94
CA PRO Q 641 17.23 82.15 -56.85
C PRO Q 641 16.58 81.29 -57.93
N MET Q 642 17.15 80.12 -58.25
CA MET Q 642 16.54 79.27 -59.27
C MET Q 642 15.19 78.74 -58.80
N TYR Q 643 15.16 78.06 -57.65
CA TYR Q 643 13.88 77.59 -57.13
C TYR Q 643 13.00 78.73 -56.64
N LYS Q 644 13.58 79.90 -56.35
CA LYS Q 644 12.76 81.08 -56.08
C LYS Q 644 11.98 81.51 -57.30
N LEU Q 645 12.60 81.45 -58.48
CA LEU Q 645 11.88 81.71 -59.72
C LEU Q 645 10.78 80.69 -59.93
N MET Q 646 11.05 79.43 -59.58
CA MET Q 646 10.07 78.35 -59.78
C MET Q 646 8.85 78.53 -58.87
N GLU Q 647 9.06 79.03 -57.66
CA GLU Q 647 7.95 79.18 -56.71
C GLU Q 647 6.90 80.16 -57.23
N LYS Q 648 7.31 81.15 -58.03
CA LYS Q 648 6.40 82.15 -58.55
C LYS Q 648 5.55 81.64 -59.71
N ARG Q 649 5.71 80.39 -60.09
CA ARG Q 649 5.01 79.79 -61.22
C ARG Q 649 4.37 78.48 -60.78
N ASP Q 650 3.71 77.81 -61.74
CA ASP Q 650 3.11 76.50 -61.50
C ASP Q 650 4.15 75.45 -61.87
N MET Q 651 5.03 75.14 -60.91
CA MET Q 651 6.14 74.24 -61.17
C MET Q 651 6.44 73.42 -59.91
N ASN Q 652 5.41 72.86 -59.30
CA ASN Q 652 5.59 72.18 -58.01
C ASN Q 652 6.45 70.94 -58.15
N GLU Q 653 6.21 70.13 -59.18
CA GLU Q 653 6.98 68.90 -59.37
C GLU Q 653 8.46 69.19 -59.54
N VAL Q 654 8.79 70.10 -60.45
CA VAL Q 654 10.20 70.40 -60.72
C VAL Q 654 10.84 71.12 -59.54
N GLU Q 655 10.09 71.99 -58.87
CA GLU Q 655 10.62 72.71 -57.72
C GLU Q 655 10.95 71.76 -56.57
N THR Q 656 10.09 70.78 -56.31
CA THR Q 656 10.34 69.84 -55.23
C THR Q 656 11.57 68.97 -55.53
N GLN Q 657 11.71 68.50 -56.77
CA GLN Q 657 12.90 67.75 -57.15
C GLN Q 657 14.15 68.59 -56.93
N PHE Q 658 14.11 69.87 -57.27
CA PHE Q 658 15.27 70.74 -57.12
C PHE Q 658 15.64 70.92 -55.65
N LYS Q 659 14.64 71.18 -54.79
CA LYS Q 659 14.91 71.37 -53.38
C LYS Q 659 15.48 70.10 -52.74
N ALA Q 660 14.94 68.94 -53.12
CA ALA Q 660 15.46 67.68 -52.59
C ALA Q 660 16.91 67.47 -53.00
N PHE Q 661 17.23 67.77 -54.27
CA PHE Q 661 18.61 67.66 -54.71
C PHE Q 661 19.52 68.62 -53.95
N LEU Q 662 19.07 69.86 -53.75
CA LEU Q 662 19.88 70.84 -53.03
C LEU Q 662 20.17 70.37 -51.60
N ILE Q 663 19.15 69.85 -50.91
CA ILE Q 663 19.36 69.36 -49.55
C ILE Q 663 20.26 68.14 -49.54
N ARG Q 664 20.06 67.23 -50.51
CA ARG Q 664 20.90 66.04 -50.58
C ARG Q 664 22.35 66.37 -50.91
N LEU Q 665 22.59 67.50 -51.57
CA LEU Q 665 23.96 67.90 -51.89
C LEU Q 665 24.73 68.26 -50.62
N LEU Q 666 24.09 68.92 -49.67
CA LEU Q 666 24.73 69.36 -48.44
C LEU Q 666 24.29 68.53 -47.23
N ARG Q 667 23.60 67.41 -47.46
CA ARG Q 667 23.09 66.62 -46.35
C ARG Q 667 24.21 66.12 -45.45
N ASP Q 668 25.35 65.74 -46.04
CA ASP Q 668 26.47 65.24 -45.25
C ASP Q 668 26.97 66.30 -44.27
N LEU Q 669 27.17 67.54 -44.76
CA LEU Q 669 27.63 68.61 -43.89
C LEU Q 669 26.57 68.98 -42.84
N ILE Q 670 25.30 68.97 -43.23
CA ILE Q 670 24.23 69.33 -42.29
C ILE Q 670 24.17 68.34 -41.14
N ASP Q 671 24.29 67.04 -41.43
CA ASP Q 671 24.29 66.05 -40.37
C ASP Q 671 25.50 66.21 -39.45
N LYS Q 672 26.66 66.57 -40.03
CA LYS Q 672 27.85 66.77 -39.22
C LYS Q 672 27.76 68.01 -38.35
N GLN Q 673 26.92 68.98 -38.72
CA GLN Q 673 26.75 70.18 -37.91
C GLN Q 673 26.17 69.84 -36.55
N THR Q 674 26.74 70.45 -35.51
CA THR Q 674 26.24 70.30 -34.16
C THR Q 674 25.16 71.35 -33.88
N TRP Q 675 24.51 71.21 -32.73
CA TRP Q 675 23.46 72.14 -32.34
C TRP Q 675 23.89 72.97 -31.14
N THR Q 676 25.00 73.70 -31.28
CA THR Q 676 25.57 74.49 -30.20
C THR Q 676 26.16 75.77 -30.79
N ASP Q 677 26.68 76.62 -29.92
CA ASP Q 677 27.33 77.87 -30.32
C ASP Q 677 28.86 77.73 -30.34
N GLU Q 678 29.36 76.55 -30.70
CA GLU Q 678 30.78 76.27 -30.69
C GLU Q 678 31.43 76.75 -31.98
N GLY Q 679 32.76 76.79 -31.96
CA GLY Q 679 33.52 77.08 -33.17
C GLY Q 679 33.79 78.55 -33.37
N SER Q 680 34.55 78.83 -34.42
CA SER Q 680 34.91 80.20 -34.77
C SER Q 680 33.69 80.95 -35.32
N VAL Q 681 33.88 82.25 -35.59
CA VAL Q 681 32.81 83.06 -36.15
C VAL Q 681 32.36 82.48 -37.49
N SER Q 682 33.32 82.07 -38.32
CA SER Q 682 32.99 81.45 -39.61
C SER Q 682 32.19 80.18 -39.42
N GLU Q 683 32.64 79.29 -38.53
CA GLU Q 683 31.94 78.03 -38.32
C GLU Q 683 30.54 78.26 -37.75
N ARG Q 684 30.37 79.27 -36.90
CA ARG Q 684 29.06 79.54 -36.33
C ARG Q 684 28.08 80.04 -37.39
N MET Q 685 28.52 80.96 -38.25
CA MET Q 685 27.65 81.45 -39.31
C MET Q 685 27.30 80.33 -40.29
N LEU Q 686 28.27 79.46 -40.60
CA LEU Q 686 27.99 78.29 -41.45
C LEU Q 686 26.93 77.40 -40.82
N ARG Q 687 27.06 77.11 -39.52
CA ARG Q 687 26.10 76.27 -38.84
C ARG Q 687 24.70 76.90 -38.85
N SER Q 688 24.62 78.19 -38.55
CA SER Q 688 23.32 78.85 -38.48
C SER Q 688 22.57 78.74 -39.80
N GLN Q 689 23.24 79.07 -40.91
CA GLN Q 689 22.59 79.03 -42.21
C GLN Q 689 22.25 77.60 -42.62
N LEU Q 690 23.11 76.64 -42.30
CA LEU Q 690 22.86 75.25 -42.70
C LEU Q 690 21.65 74.67 -41.97
N LEU Q 691 21.60 74.84 -40.66
CA LEU Q 691 20.45 74.33 -39.91
C LEU Q 691 19.17 75.05 -40.32
N LEU Q 692 19.25 76.37 -40.55
CA LEU Q 692 18.10 77.11 -41.02
C LEU Q 692 17.65 76.60 -42.38
N LEU Q 693 18.58 76.40 -43.30
CA LEU Q 693 18.25 75.91 -44.63
C LEU Q 693 17.62 74.52 -44.56
N ALA Q 694 18.25 73.61 -43.80
CA ALA Q 694 17.75 72.24 -43.71
C ALA Q 694 16.36 72.19 -43.08
N CYS Q 695 16.13 73.00 -42.04
CA CYS Q 695 14.82 72.96 -41.40
CA CYS Q 695 14.83 73.01 -41.37
C CYS Q 695 13.75 73.62 -42.26
N VAL Q 696 14.10 74.66 -43.01
CA VAL Q 696 13.12 75.31 -43.88
C VAL Q 696 12.66 74.36 -44.98
N HIS Q 697 13.59 73.59 -45.56
CA HIS Q 697 13.27 72.66 -46.62
C HIS Q 697 12.82 71.30 -46.09
N ASN Q 698 12.51 71.21 -44.79
CA ASN Q 698 11.77 70.10 -44.20
C ASN Q 698 12.63 68.84 -44.09
N TYR Q 699 13.86 69.01 -43.61
CA TYR Q 699 14.68 67.86 -43.23
C TYR Q 699 14.20 67.36 -41.87
N GLN Q 700 13.54 66.20 -41.88
CA GLN Q 700 12.80 65.74 -40.69
C GLN Q 700 13.66 65.60 -39.43
N PRO Q 701 14.93 65.14 -39.49
CA PRO Q 701 15.74 65.17 -38.26
C PRO Q 701 15.89 66.56 -37.67
N CYS Q 702 16.16 67.57 -38.51
CA CYS Q 702 16.25 68.95 -38.02
CA CYS Q 702 16.27 68.92 -37.98
C CYS Q 702 14.91 69.43 -37.48
N VAL Q 703 13.84 69.15 -38.22
CA VAL Q 703 12.51 69.60 -37.82
C VAL Q 703 12.13 69.00 -36.47
N GLN Q 704 12.42 67.71 -36.27
CA GLN Q 704 12.09 67.05 -35.01
C GLN Q 704 12.87 67.66 -33.86
N ARG Q 705 14.18 67.85 -34.04
CA ARG Q 705 15.00 68.42 -32.96
C ARG Q 705 14.64 69.87 -32.69
N ALA Q 706 14.32 70.64 -33.74
CA ALA Q 706 13.96 72.04 -33.54
C ALA Q 706 12.60 72.16 -32.86
N GLU Q 707 11.67 71.27 -33.18
CA GLU Q 707 10.39 71.24 -32.48
C GLU Q 707 10.58 70.91 -31.00
N GLY Q 708 11.48 70.00 -30.69
CA GLY Q 708 11.78 69.70 -29.30
C GLY Q 708 12.35 70.89 -28.56
N TYR Q 709 13.31 71.58 -29.17
CA TYR Q 709 13.87 72.77 -28.57
C TYR Q 709 12.81 73.86 -28.40
N PHE Q 710 11.96 74.05 -29.42
CA PHE Q 710 10.92 75.06 -29.34
C PHE Q 710 9.85 74.70 -28.30
N ARG Q 711 9.55 73.40 -28.16
CA ARG Q 711 8.58 72.98 -27.16
C ARG Q 711 9.06 73.29 -25.76
N LYS Q 712 10.31 72.92 -25.44
CA LYS Q 712 10.87 73.25 -24.13
C LYS Q 712 10.92 74.75 -23.91
N TRP Q 713 11.25 75.51 -24.96
CA TRP Q 713 11.34 76.96 -24.84
C TRP Q 713 9.98 77.58 -24.56
N LYS Q 714 8.96 77.16 -25.33
CA LYS Q 714 7.62 77.71 -25.15
C LYS Q 714 7.03 77.33 -23.79
N GLU Q 715 7.27 76.10 -23.32
CA GLU Q 715 6.77 75.71 -22.01
C GLU Q 715 7.53 76.43 -20.89
N SER Q 716 8.79 76.79 -21.13
CA SER Q 716 9.56 77.58 -20.18
C SER Q 716 9.21 79.06 -20.24
N ASN Q 717 8.36 79.47 -21.18
CA ASN Q 717 7.89 80.85 -21.32
C ASN Q 717 9.04 81.77 -21.73
N GLY Q 718 9.83 81.34 -22.71
CA GLY Q 718 10.97 82.09 -23.18
C GLY Q 718 12.16 82.13 -22.25
N ASN Q 719 12.05 81.56 -21.04
CA ASN Q 719 13.11 81.66 -20.06
C ASN Q 719 14.30 80.75 -20.39
N LEU Q 720 14.05 79.65 -21.09
CA LEU Q 720 15.12 78.73 -21.43
C LEU Q 720 16.10 79.38 -22.40
N SER Q 721 17.39 79.32 -22.07
CA SER Q 721 18.43 79.86 -22.92
C SER Q 721 18.75 78.89 -24.04
N LEU Q 722 18.53 79.31 -25.31
CA LEU Q 722 18.79 78.51 -26.49
C LEU Q 722 20.10 78.91 -27.14
N PRO Q 723 20.74 77.97 -27.86
CA PRO Q 723 21.92 78.33 -28.65
C PRO Q 723 21.56 79.37 -29.71
N VAL Q 724 22.31 80.47 -29.71
CA VAL Q 724 22.00 81.61 -30.58
C VAL Q 724 22.03 81.20 -32.05
N ASP Q 725 22.90 80.27 -32.42
CA ASP Q 725 23.01 79.88 -33.82
C ASP Q 725 21.80 79.10 -34.28
N VAL Q 726 21.32 78.16 -33.45
CA VAL Q 726 20.13 77.38 -33.81
C VAL Q 726 18.83 78.13 -33.55
N THR Q 727 18.91 79.31 -32.93
CA THR Q 727 17.70 80.08 -32.66
C THR Q 727 16.95 80.41 -33.94
N LEU Q 728 17.69 80.73 -35.01
CA LEU Q 728 17.07 81.03 -36.29
C LEU Q 728 16.23 79.84 -36.77
N ALA Q 729 16.82 78.65 -36.78
CA ALA Q 729 16.09 77.45 -37.22
C ALA Q 729 14.94 77.13 -36.27
N VAL Q 730 15.16 77.25 -34.96
CA VAL Q 730 14.13 76.89 -33.99
C VAL Q 730 12.90 77.79 -34.14
N PHE Q 731 13.12 79.11 -34.27
CA PHE Q 731 12.00 80.02 -34.42
C PHE Q 731 11.25 79.78 -35.73
N ALA Q 732 11.99 79.55 -36.82
CA ALA Q 732 11.34 79.31 -38.11
C ALA Q 732 10.47 78.06 -38.09
N VAL Q 733 10.87 77.05 -37.31
CA VAL Q 733 10.06 75.84 -37.19
C VAL Q 733 8.83 76.11 -36.34
N GLY Q 734 9.03 76.75 -35.18
CA GLY Q 734 7.93 76.97 -34.26
C GLY Q 734 6.86 77.91 -34.78
N ALA Q 735 7.23 78.83 -35.68
CA ALA Q 735 6.29 79.79 -36.23
C ALA Q 735 5.40 79.21 -37.31
N GLN Q 736 5.49 77.90 -37.59
CA GLN Q 736 4.64 77.31 -38.61
C GLN Q 736 3.21 77.07 -38.11
N SER Q 737 3.05 76.79 -36.82
CA SER Q 737 1.73 76.62 -36.24
C SER Q 737 1.24 77.95 -35.68
N THR Q 738 -0.09 78.10 -35.62
CA THR Q 738 -0.68 79.34 -35.13
C THR Q 738 -0.32 79.60 -33.68
N GLU Q 739 -0.29 78.56 -32.86
CA GLU Q 739 0.04 78.73 -31.45
C GLU Q 739 1.44 79.33 -31.27
N GLY Q 740 2.44 78.72 -31.90
CA GLY Q 740 3.80 79.23 -31.80
C GLY Q 740 4.00 80.59 -32.44
N TRP Q 741 3.26 80.87 -33.52
CA TRP Q 741 3.33 82.17 -34.17
C TRP Q 741 2.96 83.30 -33.20
N ASP Q 742 1.80 83.17 -32.55
CA ASP Q 742 1.36 84.20 -31.61
C ASP Q 742 2.28 84.27 -30.40
N PHE Q 743 2.81 83.13 -29.95
CA PHE Q 743 3.72 83.12 -28.82
C PHE Q 743 5.00 83.88 -29.14
N LEU Q 744 5.57 83.66 -30.33
CA LEU Q 744 6.77 84.39 -30.73
C LEU Q 744 6.51 85.89 -30.78
N TYR Q 745 5.37 86.30 -31.36
CA TYR Q 745 5.07 87.73 -31.43
C TYR Q 745 4.85 88.34 -30.06
N SER Q 746 4.26 87.60 -29.13
CA SER Q 746 4.06 88.11 -27.78
C SER Q 746 5.39 88.44 -27.12
N LYS Q 747 6.42 87.63 -27.39
CA LYS Q 747 7.74 87.89 -26.83
C LYS Q 747 8.46 89.02 -27.57
N TYR Q 748 8.11 89.24 -28.85
CA TYR Q 748 8.78 90.25 -29.67
C TYR Q 748 8.69 91.64 -29.03
N GLN Q 749 7.50 92.00 -28.52
CA GLN Q 749 7.27 93.36 -28.03
C GLN Q 749 8.24 93.73 -26.91
N PHE Q 750 8.47 92.81 -25.97
CA PHE Q 750 9.23 93.11 -24.77
C PHE Q 750 10.72 92.78 -24.90
N SER Q 751 11.12 92.04 -25.93
CA SER Q 751 12.53 91.72 -26.13
C SER Q 751 13.36 92.98 -26.36
N LEU Q 752 14.63 92.91 -25.95
CA LEU Q 752 15.57 94.02 -26.10
C LEU Q 752 16.79 93.67 -26.94
N SER Q 753 16.90 92.44 -27.43
CA SER Q 753 18.00 92.04 -28.30
C SER Q 753 17.59 92.23 -29.75
N SER Q 754 18.43 92.91 -30.52
CA SER Q 754 18.11 93.18 -31.92
C SER Q 754 18.19 91.92 -32.77
N THR Q 755 19.15 91.04 -32.47
CA THR Q 755 19.23 89.76 -33.18
C THR Q 755 17.99 88.92 -32.92
N GLU Q 756 17.55 88.85 -31.66
CA GLU Q 756 16.33 88.12 -31.34
C GLU Q 756 15.12 88.72 -32.05
N LYS Q 757 15.06 90.06 -32.13
CA LYS Q 757 13.97 90.71 -32.84
C LYS Q 757 13.95 90.34 -34.31
N SER Q 758 15.12 90.40 -34.96
CA SER Q 758 15.20 90.08 -36.39
C SER Q 758 14.88 88.62 -36.64
N GLN Q 759 15.34 87.72 -35.77
CA GLN Q 759 15.05 86.31 -35.93
C GLN Q 759 13.56 86.03 -35.77
N ILE Q 760 12.90 86.74 -34.84
CA ILE Q 760 11.45 86.60 -34.71
C ILE Q 760 10.76 87.09 -35.98
N GLU Q 761 11.23 88.21 -36.54
CA GLU Q 761 10.65 88.73 -37.77
C GLU Q 761 10.76 87.71 -38.91
N PHE Q 762 11.93 87.12 -39.07
CA PHE Q 762 12.12 86.13 -40.13
C PHE Q 762 11.20 84.94 -39.94
N ALA Q 763 11.07 84.46 -38.70
CA ALA Q 763 10.19 83.33 -38.41
C ALA Q 763 8.74 83.65 -38.74
N LEU Q 764 8.28 84.85 -38.34
CA LEU Q 764 6.88 85.20 -38.55
C LEU Q 764 6.55 85.38 -40.04
N CYS Q 765 7.52 85.86 -40.83
CA CYS Q 765 7.29 85.99 -42.26
C CYS Q 765 7.34 84.63 -42.96
N ARG Q 766 8.00 83.65 -42.37
CA ARG Q 766 8.08 82.28 -42.88
C ARG Q 766 6.76 81.53 -42.75
N THR Q 767 5.66 82.18 -42.40
CA THR Q 767 4.41 81.47 -42.18
C THR Q 767 3.71 81.21 -43.50
N GLN Q 768 2.69 80.35 -43.45
CA GLN Q 768 1.87 80.03 -44.60
C GLN Q 768 0.51 80.72 -44.57
N ASN Q 769 0.17 81.36 -43.44
CA ASN Q 769 -1.13 81.99 -43.26
C ASN Q 769 -1.10 83.36 -43.92
N LYS Q 770 -1.91 83.52 -44.98
CA LYS Q 770 -1.95 84.78 -45.72
C LYS Q 770 -2.38 85.94 -44.83
N GLU Q 771 -3.33 85.70 -43.93
CA GLU Q 771 -3.84 86.77 -43.07
C GLU Q 771 -2.77 87.31 -42.14
N LYS Q 772 -1.92 86.43 -41.61
CA LYS Q 772 -0.87 86.88 -40.70
C LYS Q 772 0.20 87.67 -41.44
N LEU Q 773 0.50 87.28 -42.69
CA LEU Q 773 1.43 88.06 -43.50
C LEU Q 773 0.93 89.48 -43.72
N GLN Q 774 -0.35 89.63 -44.07
CA GLN Q 774 -0.93 90.96 -44.26
C GLN Q 774 -0.87 91.79 -42.97
N TRP Q 775 -1.09 91.15 -41.82
CA TRP Q 775 -1.05 91.86 -40.55
C TRP Q 775 0.36 92.39 -40.26
N LEU Q 776 1.38 91.56 -40.50
CA LEU Q 776 2.76 92.02 -40.37
C LEU Q 776 3.02 93.22 -41.26
N LEU Q 777 2.58 93.15 -42.52
CA LEU Q 777 2.77 94.26 -43.46
C LEU Q 777 2.10 95.55 -42.94
N ASP Q 778 0.82 95.46 -42.57
CA ASP Q 778 0.08 96.64 -42.16
C ASP Q 778 0.66 97.26 -40.89
N GLU Q 779 0.98 96.44 -39.88
CA GLU Q 779 1.44 96.97 -38.61
C GLU Q 779 2.86 97.53 -38.71
N SER Q 780 3.73 96.86 -39.48
CA SER Q 780 5.08 97.39 -39.66
C SER Q 780 5.08 98.69 -40.46
N PHE Q 781 4.07 98.90 -41.30
CA PHE Q 781 3.91 100.20 -41.97
C PHE Q 781 3.50 101.29 -40.99
N LYS Q 782 2.50 101.00 -40.16
CA LYS Q 782 2.01 102.00 -39.21
C LYS Q 782 3.12 102.43 -38.26
N GLY Q 783 3.99 101.51 -37.88
CA GLY Q 783 5.14 101.84 -37.06
C GLY Q 783 4.93 101.76 -35.58
N ASP Q 784 3.82 101.19 -35.13
CA ASP Q 784 3.50 101.08 -33.70
C ASP Q 784 4.01 99.76 -33.15
N LYS Q 785 3.37 98.66 -33.55
CA LYS Q 785 3.77 97.34 -33.05
C LYS Q 785 5.13 96.91 -33.58
N ILE Q 786 5.46 97.30 -34.82
CA ILE Q 786 6.77 97.07 -35.40
C ILE Q 786 7.25 98.38 -36.00
N LYS Q 787 8.45 98.82 -35.61
CA LYS Q 787 8.95 100.10 -36.10
C LYS Q 787 9.06 100.09 -37.62
N THR Q 788 8.87 101.27 -38.21
CA THR Q 788 8.85 101.39 -39.67
C THR Q 788 10.22 101.14 -40.27
N GLN Q 789 11.29 101.31 -39.50
CA GLN Q 789 12.64 101.09 -40.03
C GLN Q 789 12.82 99.66 -40.50
N GLU Q 790 12.06 98.71 -39.92
CA GLU Q 790 12.14 97.32 -40.30
C GLU Q 790 11.19 96.96 -41.44
N PHE Q 791 10.38 97.91 -41.92
CA PHE Q 791 9.37 97.58 -42.93
C PHE Q 791 9.97 97.08 -44.24
N PRO Q 792 10.99 97.73 -44.83
CA PRO Q 792 11.48 97.25 -46.12
C PRO Q 792 12.00 95.82 -46.08
N GLN Q 793 12.68 95.43 -45.01
CA GLN Q 793 13.15 94.06 -44.89
C GLN Q 793 11.98 93.08 -44.79
N ILE Q 794 10.91 93.47 -44.09
CA ILE Q 794 9.74 92.61 -43.99
C ILE Q 794 9.07 92.44 -45.35
N LEU Q 795 9.00 93.51 -46.15
CA LEU Q 795 8.41 93.41 -47.48
C LEU Q 795 9.18 92.43 -48.35
N THR Q 796 10.52 92.46 -48.27
CA THR Q 796 11.32 91.52 -49.04
C THR Q 796 11.14 90.10 -48.55
N LEU Q 797 11.10 89.90 -47.22
CA LEU Q 797 10.91 88.57 -46.68
C LEU Q 797 9.53 88.01 -47.05
N ILE Q 798 8.50 88.86 -47.02
CA ILE Q 798 7.17 88.41 -47.39
C ILE Q 798 7.07 88.18 -48.88
N GLY Q 799 7.77 88.99 -49.68
CA GLY Q 799 7.87 88.72 -51.10
C GLY Q 799 8.63 87.45 -51.43
N ARG Q 800 9.52 87.01 -50.54
CA ARG Q 800 10.19 85.73 -50.71
C ARG Q 800 9.26 84.57 -50.38
N ASN Q 801 8.37 84.74 -49.40
CA ASN Q 801 7.45 83.69 -49.01
C ASN Q 801 6.66 83.21 -50.23
N PRO Q 802 6.61 81.90 -50.49
CA PRO Q 802 5.96 81.42 -51.72
C PRO Q 802 4.47 81.73 -51.81
N VAL Q 803 3.81 82.06 -50.70
CA VAL Q 803 2.39 82.38 -50.70
C VAL Q 803 2.13 83.85 -50.43
N GLY Q 804 3.18 84.67 -50.30
CA GLY Q 804 3.03 86.05 -49.91
C GLY Q 804 3.41 87.06 -50.98
N TYR Q 805 4.05 86.61 -52.05
CA TYR Q 805 4.53 87.55 -53.06
C TYR Q 805 3.42 88.37 -53.71
N PRO Q 806 2.20 87.85 -53.96
CA PRO Q 806 1.15 88.76 -54.43
C PRO Q 806 0.76 89.79 -53.39
N LEU Q 807 0.74 89.40 -52.11
CA LEU Q 807 0.44 90.35 -51.04
C LEU Q 807 1.48 91.46 -50.99
N ALA Q 808 2.77 91.10 -51.10
CA ALA Q 808 3.83 92.10 -51.03
C ALA Q 808 3.81 93.02 -52.25
N TRP Q 809 3.69 92.43 -53.45
CA TRP Q 809 3.62 93.23 -54.67
C TRP Q 809 2.41 94.15 -54.66
N GLN Q 810 1.26 93.65 -54.19
CA GLN Q 810 0.06 94.46 -54.10
C GLN Q 810 0.22 95.59 -53.09
N PHE Q 811 0.87 95.32 -51.96
CA PHE Q 811 1.03 96.34 -50.92
C PHE Q 811 1.88 97.51 -51.40
N LEU Q 812 3.00 97.21 -52.08
CA LEU Q 812 3.85 98.27 -52.62
C LEU Q 812 3.09 99.14 -53.60
N ARG Q 813 2.35 98.52 -54.52
CA ARG Q 813 1.59 99.27 -55.53
C ARG Q 813 0.56 100.20 -54.88
N LYS Q 814 -0.18 99.68 -53.89
CA LYS Q 814 -1.29 100.45 -53.35
C LYS Q 814 -0.85 101.50 -52.34
N ASN Q 815 0.37 101.39 -51.79
CA ASN Q 815 0.89 102.36 -50.85
C ASN Q 815 2.17 103.01 -51.34
N TRP Q 816 2.39 103.05 -52.65
CA TRP Q 816 3.60 103.68 -53.20
C TRP Q 816 3.76 105.12 -52.74
N ASN Q 817 2.66 105.88 -52.70
CA ASN Q 817 2.76 107.32 -52.43
C ASN Q 817 3.33 107.60 -51.05
N LYS Q 818 2.73 107.01 -50.01
CA LYS Q 818 3.21 107.25 -48.65
C LYS Q 818 4.60 106.67 -48.41
N LEU Q 819 4.93 105.53 -49.05
CA LEU Q 819 6.26 104.97 -48.89
C LEU Q 819 7.34 105.91 -49.41
N VAL Q 820 7.10 106.52 -50.57
CA VAL Q 820 8.06 107.51 -51.09
C VAL Q 820 8.12 108.72 -50.16
N GLN Q 821 6.97 109.14 -49.64
CA GLN Q 821 6.94 110.28 -48.72
C GLN Q 821 7.68 109.98 -47.44
N LYS Q 822 7.73 108.72 -47.02
CA LYS Q 822 8.41 108.31 -45.80
C LYS Q 822 9.89 108.02 -46.03
N PHE Q 823 10.23 107.40 -47.16
CA PHE Q 823 11.57 106.91 -47.42
C PHE Q 823 12.34 107.73 -48.44
N GLU Q 824 11.74 108.78 -49.01
CA GLU Q 824 12.35 109.62 -50.04
C GLU Q 824 12.54 108.87 -51.36
N LEU Q 825 12.56 109.61 -52.46
CA LEU Q 825 12.71 109.01 -53.78
C LEU Q 825 14.14 108.55 -54.00
N GLY Q 826 14.30 107.41 -54.68
CA GLY Q 826 15.60 106.91 -55.03
C GLY Q 826 16.45 106.39 -53.90
N SER Q 827 15.95 106.37 -52.67
CA SER Q 827 16.74 105.84 -51.56
C SER Q 827 16.93 104.34 -51.70
N SER Q 828 17.97 103.82 -51.04
CA SER Q 828 18.24 102.39 -51.07
C SER Q 828 17.08 101.58 -50.49
N SER Q 829 16.29 102.18 -49.59
CA SER Q 829 15.11 101.50 -49.07
C SER Q 829 14.08 101.27 -50.17
N ILE Q 830 13.78 102.30 -50.96
CA ILE Q 830 12.85 102.14 -52.08
C ILE Q 830 13.40 101.15 -53.10
N ALA Q 831 14.69 101.25 -53.42
CA ALA Q 831 15.31 100.32 -54.34
C ALA Q 831 15.22 98.89 -53.82
N HIS Q 832 15.55 98.70 -52.53
CA HIS Q 832 15.45 97.37 -51.93
C HIS Q 832 14.03 96.81 -52.05
N MET Q 833 13.01 97.64 -51.78
CA MET Q 833 11.63 97.19 -51.87
C MET Q 833 11.25 96.80 -53.30
N VAL Q 834 11.55 97.68 -54.27
CA VAL Q 834 11.16 97.43 -55.66
C VAL Q 834 11.77 96.12 -56.14
N MET Q 835 13.06 95.92 -55.90
CA MET Q 835 13.73 94.71 -56.37
C MET Q 835 13.21 93.48 -55.63
N GLY Q 836 13.01 93.60 -54.31
CA GLY Q 836 12.54 92.47 -53.53
C GLY Q 836 11.17 91.96 -53.93
N THR Q 837 10.32 92.83 -54.46
CA THR Q 837 8.98 92.44 -54.88
C THR Q 837 8.91 91.94 -56.32
N THR Q 838 9.87 92.32 -57.17
CA THR Q 838 9.81 91.99 -58.58
C THR Q 838 10.97 91.14 -59.09
N ASN Q 839 12.15 91.21 -58.45
CA ASN Q 839 13.31 90.61 -59.13
C ASN Q 839 13.29 89.09 -59.13
N GLN Q 840 12.23 88.45 -58.64
CA GLN Q 840 12.06 87.01 -58.75
C GLN Q 840 10.98 86.63 -59.76
N PHE Q 841 10.48 87.58 -60.54
CA PHE Q 841 9.49 87.26 -61.56
C PHE Q 841 10.18 86.67 -62.78
N SER Q 842 9.42 85.89 -63.53
CA SER Q 842 9.98 85.12 -64.62
C SER Q 842 9.12 85.05 -65.88
N THR Q 843 7.95 85.68 -65.89
CA THR Q 843 7.01 85.52 -67.01
C THR Q 843 6.84 86.85 -67.75
N ARG Q 844 6.44 86.72 -69.02
CA ARG Q 844 6.11 87.89 -69.82
C ARG Q 844 4.90 88.64 -69.26
N THR Q 845 3.98 87.91 -68.64
CA THR Q 845 2.83 88.53 -67.98
C THR Q 845 3.27 89.44 -66.84
N ARG Q 846 4.16 88.93 -65.98
CA ARG Q 846 4.67 89.74 -64.87
C ARG Q 846 5.46 90.94 -65.37
N LEU Q 847 6.25 90.76 -66.44
CA LEU Q 847 7.05 91.87 -66.97
C LEU Q 847 6.19 93.05 -67.35
N GLU Q 848 5.03 92.81 -67.99
CA GLU Q 848 4.16 93.92 -68.37
C GLU Q 848 3.54 94.59 -67.16
N GLU Q 849 3.22 93.81 -66.12
CA GLU Q 849 2.74 94.39 -64.86
C GLU Q 849 3.73 95.41 -64.31
N VAL Q 850 4.99 95.01 -64.19
CA VAL Q 850 6.02 95.90 -63.64
C VAL Q 850 6.15 97.15 -64.49
N LYS Q 851 6.25 96.97 -65.81
CA LYS Q 851 6.33 98.09 -66.73
C LYS Q 851 5.14 99.03 -66.56
N GLY Q 852 3.93 98.48 -66.55
CA GLY Q 852 2.74 99.30 -66.52
C GLY Q 852 2.61 100.15 -65.26
N PHE Q 853 2.83 99.54 -64.09
CA PHE Q 853 2.70 100.28 -62.84
C PHE Q 853 3.68 101.45 -62.76
N PHE Q 854 4.96 101.17 -62.99
CA PHE Q 854 5.98 102.21 -62.82
C PHE Q 854 5.88 103.27 -63.91
N SER Q 855 5.19 102.98 -65.01
CA SER Q 855 4.95 104.00 -66.03
C SER Q 855 3.85 104.96 -65.61
N SER Q 856 2.81 104.44 -64.95
CA SER Q 856 1.73 105.29 -64.46
C SER Q 856 2.20 106.25 -63.36
N LEU Q 857 3.31 105.92 -62.68
CA LEU Q 857 3.85 106.82 -61.68
C LEU Q 857 4.22 108.19 -62.26
N LYS Q 858 4.65 108.22 -63.52
CA LYS Q 858 4.97 109.47 -64.22
C LYS Q 858 6.11 110.14 -63.45
N GLU Q 859 5.98 111.41 -63.06
CA GLU Q 859 7.08 112.15 -62.43
C GLU Q 859 7.37 111.70 -61.01
N ASN Q 860 6.69 110.69 -60.49
CA ASN Q 860 6.85 110.24 -59.11
C ASN Q 860 7.50 108.86 -59.01
N GLY Q 861 8.51 108.60 -59.83
CA GLY Q 861 9.28 107.38 -59.65
C GLY Q 861 9.48 106.55 -60.90
N SER Q 862 8.95 107.00 -62.03
CA SER Q 862 9.17 106.28 -63.28
C SER Q 862 10.63 106.36 -63.73
N GLN Q 863 11.37 107.39 -63.29
CA GLN Q 863 12.74 107.61 -63.70
C GLN Q 863 13.72 107.03 -62.68
N LEU Q 864 13.33 106.00 -61.96
CA LEU Q 864 14.15 105.40 -60.91
C LEU Q 864 15.06 104.34 -61.52
N ARG Q 865 16.36 104.42 -61.19
CA ARG Q 865 17.31 103.43 -61.69
C ARG Q 865 16.95 102.02 -61.26
N CYS Q 866 16.37 101.86 -60.07
CA CYS Q 866 15.93 100.54 -59.62
C CYS Q 866 14.79 100.01 -60.49
N VAL Q 867 13.93 100.90 -60.99
CA VAL Q 867 12.85 100.48 -61.88
C VAL Q 867 13.41 99.85 -63.15
N GLN Q 868 14.37 100.53 -63.78
CA GLN Q 868 14.97 100.00 -65.00
C GLN Q 868 15.66 98.66 -64.77
N GLN Q 869 16.33 98.52 -63.62
CA GLN Q 869 17.06 97.28 -63.34
C GLN Q 869 16.12 96.09 -63.20
N THR Q 870 15.00 96.26 -62.51
CA THR Q 870 14.05 95.17 -62.35
C THR Q 870 13.42 94.78 -63.68
N ILE Q 871 13.14 95.76 -64.55
CA ILE Q 871 12.58 95.46 -65.86
C ILE Q 871 13.56 94.60 -66.65
N GLU Q 872 14.83 95.01 -66.68
CA GLU Q 872 15.85 94.24 -67.39
C GLU Q 872 16.17 92.92 -66.69
N THR Q 873 16.09 92.91 -65.36
CA THR Q 873 16.30 91.66 -64.62
C THR Q 873 15.22 90.63 -64.95
N ILE Q 874 13.97 91.09 -65.05
CA ILE Q 874 12.88 90.17 -65.41
C ILE Q 874 13.04 89.69 -66.85
N GLU Q 875 13.51 90.57 -67.73
CA GLU Q 875 13.78 90.17 -69.11
C GLU Q 875 14.84 89.08 -69.16
N GLU Q 876 15.93 89.26 -68.41
CA GLU Q 876 16.96 88.23 -68.34
C GLU Q 876 16.43 86.95 -67.72
N ASN Q 877 15.56 87.06 -66.71
CA ASN Q 877 14.98 85.88 -66.09
C ASN Q 877 14.10 85.10 -67.07
N ILE Q 878 13.32 85.80 -67.89
CA ILE Q 878 12.48 85.14 -68.88
C ILE Q 878 13.33 84.28 -69.82
N GLY Q 879 14.39 84.87 -70.38
CA GLY Q 879 15.28 84.11 -71.25
C GLY Q 879 15.89 82.92 -70.54
N TRP Q 880 16.46 83.16 -69.35
CA TRP Q 880 17.14 82.09 -68.62
C TRP Q 880 16.18 80.97 -68.26
N MET Q 881 14.94 81.31 -67.88
CA MET Q 881 13.98 80.29 -67.46
C MET Q 881 13.46 79.49 -68.65
N ASP Q 882 13.08 80.19 -69.73
CA ASP Q 882 12.59 79.49 -70.92
C ASP Q 882 13.64 78.59 -71.52
N LYS Q 883 14.92 78.93 -71.35
CA LYS Q 883 16.00 78.14 -71.93
C LYS Q 883 16.38 76.96 -71.04
N ASN Q 884 16.40 77.15 -69.72
CA ASN Q 884 17.05 76.21 -68.82
C ASN Q 884 16.10 75.41 -67.95
N PHE Q 885 14.80 75.73 -67.94
CA PHE Q 885 13.88 75.06 -67.02
C PHE Q 885 13.74 73.58 -67.33
N ASP Q 886 13.32 73.25 -68.55
CA ASP Q 886 13.15 71.85 -68.92
C ASP Q 886 14.46 71.09 -68.90
N LYS Q 887 15.57 71.76 -69.25
CA LYS Q 887 16.89 71.15 -69.13
C LYS Q 887 17.17 70.72 -67.70
N ILE Q 888 16.81 71.56 -66.72
CA ILE Q 888 17.05 71.22 -65.31
C ILE Q 888 16.18 70.06 -64.88
N ARG Q 889 14.94 70.00 -65.38
CA ARG Q 889 14.06 68.88 -65.04
C ARG Q 889 14.65 67.56 -65.51
N VAL Q 890 15.11 67.51 -66.76
CA VAL Q 890 15.71 66.30 -67.30
C VAL Q 890 16.96 65.91 -66.52
N TRP Q 891 17.78 66.91 -66.15
CA TRP Q 891 19.00 66.63 -65.40
C TRP Q 891 18.70 66.08 -64.02
N LEU Q 892 17.60 66.54 -63.40
CA LEU Q 892 17.22 66.02 -62.09
C LEU Q 892 16.78 64.57 -62.19
N GLN Q 893 16.10 64.20 -63.27
CA GLN Q 893 15.75 62.80 -63.50
C GLN Q 893 17.00 61.94 -63.63
N SER Q 894 18.04 62.46 -64.28
CA SER Q 894 19.29 61.72 -64.42
C SER Q 894 19.95 61.49 -63.07
N GLU Q 895 19.85 62.47 -62.16
CA GLU Q 895 20.46 62.33 -60.85
C GLU Q 895 19.71 61.33 -59.99
N LYS Q 896 18.39 61.21 -60.18
CA LYS Q 896 17.63 60.15 -59.53
C LYS Q 896 18.08 58.77 -59.99
N LEU Q 897 18.59 58.67 -61.22
CA LEU Q 897 19.10 57.41 -61.77
C LEU Q 897 20.52 57.14 -61.23
N GLU Q 898 20.59 56.97 -59.91
CA GLU Q 898 21.84 56.68 -59.23
C GLU Q 898 21.78 55.50 -58.28
N ARG Q 899 20.60 55.08 -57.83
CA ARG Q 899 20.48 53.95 -56.93
C ARG Q 899 20.18 52.67 -57.72
N PRO R 30 117.27 -75.38 49.78
CA PRO R 30 117.56 -74.15 50.52
C PRO R 30 117.85 -72.96 49.62
N PHE R 31 116.93 -72.01 49.54
CA PHE R 31 117.11 -70.87 48.66
C PHE R 31 118.15 -69.92 49.25
N PRO R 32 119.14 -69.48 48.47
CA PRO R 32 120.25 -68.72 49.05
C PRO R 32 120.01 -67.21 49.07
N TRP R 33 118.80 -66.77 49.40
CA TRP R 33 118.51 -65.35 49.50
C TRP R 33 117.19 -65.17 50.25
N ASN R 34 117.11 -64.15 51.10
CA ASN R 34 115.95 -63.99 51.96
C ASN R 34 115.46 -62.54 52.04
N LYS R 35 115.82 -61.70 51.07
CA LYS R 35 115.38 -60.32 51.01
C LYS R 35 114.60 -60.08 49.73
N ILE R 36 113.65 -59.15 49.79
CA ILE R 36 112.85 -58.83 48.61
C ILE R 36 113.71 -58.11 47.57
N ARG R 37 114.62 -57.25 48.03
CA ARG R 37 115.52 -56.56 47.12
C ARG R 37 116.54 -57.54 46.54
N LEU R 38 117.02 -57.21 45.34
CA LEU R 38 117.97 -58.05 44.62
C LEU R 38 119.39 -57.85 45.14
N PRO R 39 120.27 -58.82 44.89
CA PRO R 39 121.68 -58.62 45.23
C PRO R 39 122.28 -57.48 44.45
N GLU R 40 123.11 -56.70 45.14
CA GLU R 40 123.69 -55.48 44.59
C GLU R 40 124.98 -55.73 43.81
N TYR R 41 125.49 -56.96 43.79
CA TYR R 41 126.79 -57.24 43.19
C TYR R 41 126.69 -57.85 41.80
N VAL R 42 125.49 -57.93 41.22
CA VAL R 42 125.30 -58.40 39.85
C VAL R 42 124.55 -57.31 39.09
N ILE R 43 125.23 -56.66 38.16
CA ILE R 43 124.70 -55.51 37.43
C ILE R 43 124.53 -55.92 35.97
N PRO R 44 123.34 -55.77 35.39
CA PRO R 44 123.18 -56.01 33.96
C PRO R 44 123.62 -54.81 33.15
N VAL R 45 124.01 -55.09 31.89
CA VAL R 45 124.45 -54.04 30.99
C VAL R 45 123.70 -54.10 29.66
N HIS R 46 123.25 -55.29 29.26
CA HIS R 46 122.62 -55.44 27.95
C HIS R 46 121.71 -56.65 27.94
N TYR R 47 120.43 -56.45 27.68
CA TYR R 47 119.48 -57.53 27.47
C TYR R 47 119.29 -57.76 25.98
N ASP R 48 119.13 -59.04 25.63
CA ASP R 48 118.83 -59.47 24.27
C ASP R 48 117.61 -60.38 24.36
N LEU R 49 116.45 -59.86 23.97
CA LEU R 49 115.19 -60.55 24.16
C LEU R 49 114.70 -61.10 22.83
N LEU R 50 114.23 -62.35 22.85
CA LEU R 50 113.60 -62.99 21.71
C LEU R 50 112.26 -63.53 22.18
N ILE R 51 111.18 -62.96 21.65
CA ILE R 51 109.83 -63.33 22.06
C ILE R 51 109.10 -63.89 20.86
N HIS R 52 108.48 -65.06 21.02
CA HIS R 52 107.60 -65.65 20.02
C HIS R 52 106.24 -65.78 20.67
N ALA R 53 105.34 -64.86 20.30
CA ALA R 53 103.98 -64.84 20.81
C ALA R 53 103.07 -65.55 19.82
N ASN R 54 102.28 -66.34 20.43
CA ASN R 54 101.32 -67.08 19.58
C ASN R 54 99.90 -66.64 19.96
N LEU R 55 99.26 -65.86 19.09
CA LEU R 55 97.91 -65.34 19.31
C LEU R 55 96.86 -66.43 19.21
N THR R 56 97.06 -67.41 18.33
CA THR R 56 96.08 -68.48 18.17
C THR R 56 96.01 -69.36 19.41
N THR R 57 97.16 -69.82 19.90
CA THR R 57 97.19 -70.66 21.09
C THR R 57 97.35 -69.85 22.36
N LEU R 58 97.47 -68.58 22.21
CA LEU R 58 97.66 -67.70 23.37
C LEU R 58 98.84 -68.16 24.22
N THR R 59 99.98 -68.35 23.57
CA THR R 59 101.21 -68.82 24.22
C THR R 59 102.35 -67.88 23.85
N PHE R 60 103.53 -68.11 24.42
CA PHE R 60 104.74 -67.45 23.95
C PHE R 60 105.96 -68.12 24.56
N TRP R 61 106.97 -68.37 23.72
CA TRP R 61 108.27 -68.86 24.15
CA TRP R 61 108.26 -68.82 24.23
C TRP R 61 109.30 -67.73 24.07
N GLY R 62 110.24 -67.70 24.99
CA GLY R 62 111.20 -66.61 25.04
C GLY R 62 112.60 -67.07 25.36
N THR R 63 113.56 -66.28 24.86
CA THR R 63 114.97 -66.45 25.13
C THR R 63 115.54 -65.10 25.55
N THR R 64 116.17 -65.06 26.73
CA THR R 64 116.72 -63.83 27.26
C THR R 64 118.21 -64.03 27.51
N LYS R 65 119.04 -63.22 26.84
CA LYS R 65 120.48 -63.22 27.06
C LYS R 65 120.84 -61.90 27.73
N VAL R 66 121.25 -61.98 29.00
CA VAL R 66 121.55 -60.79 29.79
C VAL R 66 123.05 -60.79 30.09
N GLU R 67 123.72 -59.71 29.66
CA GLU R 67 125.13 -59.51 29.99
C GLU R 67 125.25 -58.87 31.36
N ILE R 68 126.05 -59.49 32.22
CA ILE R 68 126.19 -59.05 33.60
C ILE R 68 127.65 -58.96 33.99
N THR R 69 127.89 -58.19 35.04
CA THR R 69 129.19 -58.11 35.70
C THR R 69 128.99 -58.25 37.20
N ALA R 70 130.04 -58.69 37.87
CA ALA R 70 130.02 -58.93 39.30
C ALA R 70 131.10 -58.10 39.99
N SER R 71 130.78 -57.56 41.15
CA SER R 71 131.75 -56.78 41.91
C SER R 71 132.44 -57.58 43.00
N GLN R 72 131.78 -58.59 43.55
CA GLN R 72 132.39 -59.55 44.47
C GLN R 72 132.20 -60.96 43.92
N PRO R 73 133.23 -61.81 43.98
CA PRO R 73 133.10 -63.18 43.43
C PRO R 73 132.01 -63.98 44.10
N THR R 74 131.07 -64.49 43.29
CA THR R 74 129.93 -65.26 43.77
C THR R 74 129.61 -66.36 42.77
N SER R 75 128.90 -67.38 43.24
CA SER R 75 128.43 -68.46 42.38
C SER R 75 126.90 -68.53 42.29
N THR R 76 126.20 -67.48 42.73
CA THR R 76 124.75 -67.46 42.72
C THR R 76 124.25 -66.14 42.15
N ILE R 77 123.37 -66.23 41.16
CA ILE R 77 122.80 -65.05 40.49
C ILE R 77 121.30 -65.03 40.78
N ILE R 78 120.83 -63.99 41.46
CA ILE R 78 119.42 -63.87 41.83
C ILE R 78 118.77 -62.86 40.89
N LEU R 79 117.61 -63.22 40.34
CA LEU R 79 116.87 -62.28 39.50
C LEU R 79 115.39 -62.58 39.60
N HIS R 80 114.58 -61.78 38.93
CA HIS R 80 113.14 -61.88 39.04
C HIS R 80 112.57 -62.74 37.92
N SER R 81 111.50 -63.47 38.25
CA SER R 81 110.75 -64.27 37.29
C SER R 81 109.43 -64.65 37.94
N HIS R 82 108.34 -64.50 37.20
CA HIS R 82 107.00 -64.68 37.76
C HIS R 82 106.12 -65.31 36.70
N HIS R 83 105.51 -66.46 37.04
CA HIS R 83 104.60 -67.18 36.15
C HIS R 83 105.26 -67.52 34.82
N LEU R 84 106.55 -67.85 34.87
CA LEU R 84 107.32 -68.22 33.69
C LEU R 84 107.94 -69.59 33.91
N GLN R 85 107.72 -70.50 32.97
CA GLN R 85 108.28 -71.85 33.05
C GLN R 85 109.68 -71.81 32.44
N ILE R 86 110.70 -71.91 33.29
CA ILE R 86 112.08 -71.93 32.81
C ILE R 86 112.42 -73.34 32.34
N SER R 87 112.95 -73.43 31.12
CA SER R 87 113.28 -74.73 30.56
C SER R 87 114.76 -74.92 30.33
N ARG R 88 115.56 -73.85 30.34
CA ARG R 88 116.97 -74.10 30.07
C ARG R 88 117.77 -72.87 30.49
N ALA R 89 118.93 -73.09 31.09
CA ALA R 89 119.72 -71.97 31.60
C ALA R 89 121.20 -72.27 31.44
N THR R 90 121.92 -71.36 30.78
CA THR R 90 123.36 -71.47 30.56
C THR R 90 124.06 -70.19 30.96
N LEU R 91 125.37 -70.30 31.21
CA LEU R 91 126.21 -69.17 31.62
C LEU R 91 127.47 -69.18 30.77
N ARG R 92 127.62 -68.18 29.91
CA ARG R 92 128.78 -68.02 29.05
C ARG R 92 129.73 -67.00 29.67
N LYS R 93 131.03 -67.23 29.52
CA LYS R 93 132.05 -66.35 30.10
C LYS R 93 132.81 -65.66 28.98
N GLY R 94 132.66 -64.34 28.87
CA GLY R 94 133.30 -63.61 27.79
C GLY R 94 132.31 -62.95 26.87
N LEU R 99 133.38 -68.02 24.97
CA LEU R 99 134.10 -69.25 24.67
C LEU R 99 133.59 -70.42 25.49
N SER R 100 133.72 -70.30 26.81
CA SER R 100 133.30 -71.35 27.72
C SER R 100 131.85 -71.14 28.15
N GLU R 101 131.05 -72.20 28.04
CA GLU R 101 129.65 -72.16 28.44
C GLU R 101 129.40 -73.26 29.46
N GLU R 102 128.72 -72.91 30.55
CA GLU R 102 128.48 -73.84 31.65
C GLU R 102 127.02 -73.84 32.04
N PRO R 103 126.47 -75.00 32.42
CA PRO R 103 125.06 -75.05 32.82
C PRO R 103 124.85 -74.44 34.20
N LEU R 104 123.64 -73.91 34.40
CA LEU R 104 123.23 -73.33 35.67
C LEU R 104 122.10 -74.16 36.26
N GLN R 105 122.11 -74.30 37.59
CA GLN R 105 121.01 -74.95 38.28
C GLN R 105 119.98 -73.90 38.68
N VAL R 106 118.71 -74.25 38.56
CA VAL R 106 117.61 -73.31 38.74
C VAL R 106 116.90 -73.62 40.05
N LEU R 107 116.79 -72.61 40.90
CA LEU R 107 115.95 -72.67 42.10
C LEU R 107 114.89 -71.59 41.99
N GLU R 108 113.69 -71.88 42.49
CA GLU R 108 112.54 -71.03 42.29
C GLU R 108 111.98 -70.59 43.63
N HIS R 109 111.56 -69.33 43.73
CA HIS R 109 110.91 -68.81 44.93
C HIS R 109 109.68 -68.03 44.50
N PRO R 110 108.50 -68.65 44.53
CA PRO R 110 107.28 -67.95 44.09
C PRO R 110 106.84 -66.84 45.02
N ARG R 111 107.15 -66.94 46.31
CA ARG R 111 106.73 -65.91 47.25
C ARG R 111 107.46 -64.60 47.00
N GLN R 112 108.76 -64.67 46.73
CA GLN R 112 109.55 -63.49 46.42
C GLN R 112 109.60 -63.18 44.93
N GLU R 113 108.90 -63.98 44.10
CA GLU R 113 108.88 -63.80 42.65
C GLU R 113 110.30 -63.81 42.08
N GLN R 114 111.13 -64.75 42.52
CA GLN R 114 112.54 -64.76 42.15
C GLN R 114 112.97 -66.14 41.68
N ILE R 115 114.09 -66.15 40.96
CA ILE R 115 114.80 -67.38 40.64
C ILE R 115 116.28 -67.17 40.93
N ALA R 116 116.93 -68.26 41.35
CA ALA R 116 118.35 -68.30 41.64
C ALA R 116 119.03 -69.23 40.65
N LEU R 117 120.11 -68.74 40.04
CA LEU R 117 120.91 -69.53 39.10
C LEU R 117 122.24 -69.83 39.76
N LEU R 118 122.55 -71.12 39.90
CA LEU R 118 123.75 -71.58 40.56
C LEU R 118 124.77 -72.00 39.52
N ALA R 119 125.99 -71.44 39.63
CA ALA R 119 127.10 -71.64 38.71
C ALA R 119 128.15 -72.55 39.32
N PRO R 120 128.72 -73.45 38.53
CA PRO R 120 129.73 -74.38 39.08
C PRO R 120 130.97 -73.69 39.61
N GLU R 121 131.50 -72.72 38.87
CA GLU R 121 132.70 -72.02 39.27
C GLU R 121 132.36 -70.57 39.61
N PRO R 122 132.88 -70.04 40.72
CA PRO R 122 132.52 -68.68 41.14
C PRO R 122 132.91 -67.64 40.10
N LEU R 123 132.03 -66.65 39.93
CA LEU R 123 132.27 -65.58 38.96
C LEU R 123 133.45 -64.72 39.39
N LEU R 124 134.25 -64.31 38.41
CA LEU R 124 135.42 -63.46 38.64
C LEU R 124 135.05 -61.98 38.52
N VAL R 125 135.50 -61.18 39.48
CA VAL R 125 135.18 -59.76 39.50
C VAL R 125 135.74 -59.06 38.28
N GLY R 126 134.96 -58.13 37.72
CA GLY R 126 135.39 -57.35 36.58
C GLY R 126 135.24 -58.05 35.24
N LEU R 127 134.75 -59.28 35.23
CA LEU R 127 134.63 -60.03 34.00
C LEU R 127 133.19 -60.00 33.50
N PRO R 128 133.00 -59.92 32.19
CA PRO R 128 131.63 -59.99 31.65
C PRO R 128 131.16 -61.43 31.44
N TYR R 129 129.95 -61.71 31.94
CA TYR R 129 129.32 -63.00 31.74
C TYR R 129 127.98 -62.79 31.08
N THR R 130 127.45 -63.83 30.46
CA THR R 130 126.19 -63.76 29.73
C THR R 130 125.31 -64.91 30.20
N VAL R 131 124.21 -64.59 30.87
CA VAL R 131 123.24 -65.59 31.29
C VAL R 131 122.21 -65.73 30.18
N VAL R 132 121.96 -66.97 29.75
CA VAL R 132 121.04 -67.26 28.66
C VAL R 132 119.94 -68.16 29.22
N ILE R 133 118.69 -67.67 29.16
CA ILE R 133 117.55 -68.35 29.76
C ILE R 133 116.52 -68.62 28.67
N HIS R 134 116.06 -69.87 28.59
CA HIS R 134 114.95 -70.28 27.74
C HIS R 134 113.76 -70.56 28.63
N TYR R 135 112.61 -69.99 28.27
CA TYR R 135 111.42 -70.05 29.11
C TYR R 135 110.17 -70.01 28.23
N ALA R 136 109.02 -70.27 28.87
CA ALA R 136 107.74 -70.24 28.19
C ALA R 136 106.67 -69.67 29.12
N GLY R 137 105.53 -69.33 28.53
CA GLY R 137 104.40 -68.83 29.28
C GLY R 137 103.24 -68.55 28.35
N ASN R 138 102.18 -67.96 28.89
CA ASN R 138 101.08 -67.51 28.06
C ASN R 138 100.66 -66.09 28.41
N LEU R 139 100.06 -65.43 27.42
CA LEU R 139 99.50 -64.09 27.58
C LEU R 139 98.57 -64.02 28.77
N SER R 140 98.86 -63.10 29.69
CA SER R 140 98.00 -62.89 30.85
C SER R 140 96.62 -62.40 30.42
N GLU R 141 95.58 -62.95 31.04
CA GLU R 141 94.22 -62.50 30.78
C GLU R 141 93.86 -61.25 31.58
N THR R 142 94.80 -60.68 32.33
CA THR R 142 94.54 -59.51 33.14
C THR R 142 94.88 -58.24 32.37
N PHE R 143 95.27 -57.19 33.11
CA PHE R 143 95.62 -55.91 32.50
C PHE R 143 97.10 -55.56 32.66
N HIS R 144 97.91 -56.50 33.14
CA HIS R 144 99.33 -56.25 33.36
C HIS R 144 100.14 -57.40 32.79
N GLY R 145 101.46 -57.20 32.75
CA GLY R 145 102.36 -58.18 32.17
C GLY R 145 102.33 -58.16 30.65
N PHE R 146 102.41 -59.34 30.05
CA PHE R 146 102.24 -59.50 28.61
C PHE R 146 100.82 -60.03 28.41
N TYR R 147 99.87 -59.12 28.19
CA TYR R 147 98.48 -59.47 28.27
C TYR R 147 97.80 -59.37 26.91
N LYS R 148 96.59 -59.92 26.85
CA LYS R 148 95.80 -60.02 25.63
C LYS R 148 94.75 -58.92 25.59
N SER R 149 94.46 -58.44 24.38
CA SER R 149 93.40 -57.48 24.14
C SER R 149 92.61 -57.92 22.92
N THR R 150 91.33 -57.59 22.89
CA THR R 150 90.46 -57.96 21.79
C THR R 150 89.70 -56.73 21.31
N TYR R 151 89.29 -56.75 20.05
CA TYR R 151 88.51 -55.66 19.51
C TYR R 151 87.50 -56.20 18.50
N ARG R 152 86.40 -55.46 18.33
CA ARG R 152 85.32 -55.84 17.45
C ARG R 152 85.40 -55.07 16.14
N THR R 153 85.36 -55.80 15.03
CA THR R 153 85.27 -55.17 13.72
C THR R 153 83.83 -54.74 13.44
N LYS R 154 83.67 -53.91 12.40
CA LYS R 154 82.34 -53.45 12.03
C LYS R 154 81.49 -54.56 11.42
N GLU R 155 82.06 -55.73 11.15
CA GLU R 155 81.31 -56.88 10.67
C GLU R 155 80.96 -57.85 11.79
N GLY R 156 81.23 -57.49 13.04
CA GLY R 156 80.95 -58.33 14.18
C GLY R 156 82.04 -59.31 14.54
N GLU R 157 83.09 -59.42 13.73
CA GLU R 157 84.17 -60.35 14.01
C GLU R 157 85.00 -59.85 15.19
N LEU R 158 85.64 -60.80 15.89
CA LEU R 158 86.49 -60.50 17.03
C LEU R 158 87.95 -60.75 16.64
N ARG R 159 88.81 -59.77 16.93
CA ARG R 159 90.22 -59.87 16.59
C ARG R 159 91.06 -59.71 17.85
N ILE R 160 92.23 -60.35 17.84
CA ILE R 160 93.08 -60.51 19.02
C ILE R 160 94.39 -59.79 18.78
N LEU R 161 94.91 -59.15 19.83
CA LEU R 161 96.23 -58.54 19.82
C LEU R 161 96.87 -58.77 21.18
N ALA R 162 98.19 -58.59 21.24
CA ALA R 162 98.95 -58.77 22.47
C ALA R 162 99.68 -57.46 22.79
N SER R 163 99.48 -56.97 24.01
CA SER R 163 100.09 -55.72 24.45
C SER R 163 100.85 -55.97 25.75
N THR R 164 101.57 -54.95 26.20
CA THR R 164 102.38 -55.04 27.40
C THR R 164 102.01 -53.94 28.38
N GLN R 165 102.27 -54.22 29.67
CA GLN R 165 102.16 -53.21 30.72
C GLN R 165 103.05 -53.68 31.87
N PHE R 166 104.23 -53.08 31.98
CA PHE R 166 105.25 -53.59 32.88
C PHE R 166 105.40 -52.80 34.17
N GLU R 167 105.00 -51.53 34.19
CA GLU R 167 105.04 -50.77 35.44
C GLU R 167 104.00 -51.34 36.40
N PRO R 168 104.37 -51.61 37.67
CA PRO R 168 105.73 -51.40 38.16
C PRO R 168 106.62 -52.64 38.16
N THR R 169 106.06 -53.81 38.45
CA THR R 169 106.82 -55.04 38.63
C THR R 169 106.29 -56.16 37.74
N ALA R 170 105.89 -55.83 36.50
CA ALA R 170 105.28 -56.80 35.61
C ALA R 170 106.19 -57.27 34.47
N ALA R 171 107.36 -56.67 34.29
CA ALA R 171 108.28 -57.13 33.26
C ALA R 171 108.74 -58.56 33.52
N ARG R 172 108.83 -58.95 34.79
CA ARG R 172 109.23 -60.31 35.15
C ARG R 172 108.24 -61.35 34.68
N MET R 173 106.98 -60.96 34.41
CA MET R 173 105.99 -61.87 33.88
C MET R 173 106.16 -62.15 32.39
N ALA R 174 107.07 -61.43 31.73
CA ALA R 174 107.30 -61.59 30.31
C ALA R 174 108.73 -61.99 29.97
N PHE R 175 109.72 -61.47 30.72
CA PHE R 175 111.09 -61.92 30.52
C PHE R 175 111.83 -61.85 31.84
N PRO R 176 112.60 -62.88 32.19
CA PRO R 176 113.36 -62.85 33.44
C PRO R 176 114.46 -61.79 33.36
N CYS R 177 114.58 -61.00 34.42
CA CYS R 177 115.46 -59.85 34.43
C CYS R 177 115.66 -59.40 35.87
N PHE R 178 116.45 -58.33 36.02
CA PHE R 178 116.61 -57.66 37.30
C PHE R 178 115.58 -56.54 37.36
N ASP R 179 114.34 -56.92 37.67
CA ASP R 179 113.17 -56.07 37.51
C ASP R 179 113.09 -55.05 38.65
N GLU R 180 114.04 -54.13 38.63
CA GLU R 180 114.05 -52.98 39.53
C GLU R 180 114.44 -51.74 38.74
N PRO R 181 113.95 -50.56 39.14
CA PRO R 181 114.25 -49.35 38.37
C PRO R 181 115.71 -48.91 38.45
N ALA R 182 116.49 -49.46 39.38
CA ALA R 182 117.87 -49.03 39.53
C ALA R 182 118.81 -49.77 38.57
N PHE R 183 118.48 -51.00 38.17
CA PHE R 183 119.33 -51.77 37.25
C PHE R 183 118.98 -51.38 35.81
N LYS R 184 119.47 -50.21 35.41
CA LYS R 184 119.26 -49.76 34.03
C LYS R 184 120.20 -50.49 33.08
N ALA R 185 119.74 -50.66 31.84
CA ALA R 185 120.49 -51.38 30.83
C ALA R 185 119.90 -51.07 29.46
N SER R 186 120.60 -51.52 28.43
CA SER R 186 120.12 -51.44 27.06
C SER R 186 119.34 -52.71 26.71
N PHE R 187 118.50 -52.61 25.68
CA PHE R 187 117.60 -53.70 25.30
C PHE R 187 117.60 -53.85 23.79
N SER R 188 117.99 -55.02 23.30
CA SER R 188 117.88 -55.39 21.89
C SER R 188 116.74 -56.39 21.75
N ILE R 189 115.67 -55.98 21.09
CA ILE R 189 114.41 -56.73 21.05
C ILE R 189 114.24 -57.38 19.69
N LYS R 190 113.81 -58.65 19.71
CA LYS R 190 113.43 -59.40 18.51
C LYS R 190 112.10 -60.07 18.77
N ILE R 191 111.15 -59.84 17.87
CA ILE R 191 109.78 -60.33 18.03
C ILE R 191 109.42 -61.20 16.83
N ARG R 192 108.78 -62.33 17.09
CA ARG R 192 108.37 -63.26 16.05
C ARG R 192 106.85 -63.18 15.87
N ARG R 193 106.40 -63.15 14.62
CA ARG R 193 105.00 -62.94 14.34
C ARG R 193 104.64 -63.62 13.03
N GLU R 194 103.33 -63.79 12.80
CA GLU R 194 102.86 -64.18 11.49
C GLU R 194 102.99 -63.00 10.53
N PRO R 195 103.02 -63.27 9.22
CA PRO R 195 103.04 -62.15 8.26
C PRO R 195 101.84 -61.22 8.40
N ARG R 196 100.68 -61.78 8.74
CA ARG R 196 99.46 -60.98 8.86
C ARG R 196 99.53 -59.95 9.98
N HIS R 197 100.57 -59.98 10.81
CA HIS R 197 100.66 -59.12 11.98
C HIS R 197 101.63 -57.97 11.76
N LEU R 198 101.64 -57.06 12.73
CA LEU R 198 102.48 -55.87 12.73
C LEU R 198 103.00 -55.71 14.15
N ALA R 199 104.31 -55.59 14.30
CA ALA R 199 104.96 -55.51 15.60
C ALA R 199 105.65 -54.15 15.75
N ILE R 200 105.41 -53.50 16.87
CA ILE R 200 106.08 -52.24 17.19
C ILE R 200 106.63 -52.32 18.62
N SER R 201 107.70 -51.58 18.87
CA SER R 201 108.36 -51.65 20.17
C SER R 201 108.95 -50.29 20.48
N ASN R 202 109.94 -50.26 21.38
CA ASN R 202 110.50 -49.00 21.86
C ASN R 202 111.27 -48.28 20.75
N MET R 203 112.10 -49.01 20.02
CA MET R 203 112.96 -48.46 18.99
C MET R 203 112.37 -48.71 17.62
N PRO R 204 112.87 -48.03 16.58
CA PRO R 204 112.41 -48.31 15.23
C PRO R 204 112.78 -49.72 14.79
N LEU R 205 112.05 -50.22 13.80
CA LEU R 205 112.31 -51.54 13.24
C LEU R 205 113.55 -51.47 12.35
N VAL R 206 114.56 -52.27 12.67
CA VAL R 206 115.79 -52.27 11.90
C VAL R 206 115.71 -53.23 10.73
N LYS R 207 115.26 -54.46 10.96
CA LYS R 207 115.13 -55.37 9.81
C LYS R 207 114.16 -56.50 10.13
N SER R 208 113.70 -57.16 9.06
CA SER R 208 112.80 -58.29 9.16
C SER R 208 113.38 -59.48 8.41
N VAL R 209 113.51 -60.62 9.09
CA VAL R 209 114.12 -61.81 8.52
C VAL R 209 113.09 -62.93 8.56
N THR R 210 113.02 -63.72 7.48
CA THR R 210 112.07 -64.82 7.38
C THR R 210 112.67 -66.06 8.05
N VAL R 211 112.69 -66.03 9.38
CA VAL R 211 113.18 -67.16 10.15
C VAL R 211 112.21 -68.33 10.04
N ALA R 212 112.75 -69.55 10.03
CA ALA R 212 111.98 -70.78 9.90
C ALA R 212 111.10 -70.70 8.66
N GLU R 213 109.83 -71.09 8.76
CA GLU R 213 108.90 -71.02 7.65
C GLU R 213 107.57 -70.45 8.14
N GLY R 214 107.08 -69.42 7.44
CA GLY R 214 105.75 -68.90 7.65
C GLY R 214 105.62 -67.82 8.71
N LEU R 215 106.70 -67.50 9.42
CA LEU R 215 106.67 -66.44 10.43
C LEU R 215 107.90 -65.55 10.30
N ILE R 216 107.68 -64.23 10.35
CA ILE R 216 108.74 -63.24 10.23
C ILE R 216 109.25 -62.88 11.61
N GLU R 217 110.53 -62.52 11.68
CA GLU R 217 111.19 -62.06 12.89
C GLU R 217 111.67 -60.63 12.70
N ASP R 218 111.24 -59.74 13.57
CA ASP R 218 111.58 -58.32 13.50
C ASP R 218 112.67 -58.02 14.53
N HIS R 219 113.81 -57.54 14.03
CA HIS R 219 114.92 -57.05 14.84
C HIS R 219 114.78 -55.54 14.97
N PHE R 220 114.58 -55.06 16.20
CA PHE R 220 114.48 -53.64 16.49
C PHE R 220 115.84 -53.09 16.93
N ASP R 221 115.98 -51.77 16.81
CA ASP R 221 117.21 -51.11 17.23
C ASP R 221 117.39 -51.24 18.75
N VAL R 222 118.60 -50.95 19.20
CA VAL R 222 118.94 -51.10 20.62
C VAL R 222 118.50 -49.84 21.36
N THR R 223 117.93 -50.03 22.55
CA THR R 223 117.45 -48.91 23.35
C THR R 223 118.62 -48.24 24.07
N VAL R 224 118.32 -47.17 24.81
CA VAL R 224 119.31 -46.45 25.59
C VAL R 224 119.29 -46.98 27.03
N LYS R 225 120.09 -46.36 27.89
CA LYS R 225 120.05 -46.71 29.32
C LYS R 225 118.70 -46.36 29.92
N MET R 226 117.89 -47.37 30.21
CA MET R 226 116.55 -47.15 30.75
C MET R 226 116.21 -48.28 31.70
N SER R 227 115.21 -48.02 32.55
CA SER R 227 114.76 -49.03 33.49
C SER R 227 113.99 -50.12 32.77
N THR R 228 113.78 -51.24 33.49
CA THR R 228 113.16 -52.40 32.88
C THR R 228 111.66 -52.20 32.66
N TYR R 229 111.00 -51.39 33.49
CA TYR R 229 109.56 -51.22 33.37
C TYR R 229 109.14 -50.43 32.13
N LEU R 230 110.10 -49.85 31.40
CA LEU R 230 109.79 -49.09 30.19
C LEU R 230 109.81 -49.92 28.93
N VAL R 231 110.15 -51.20 29.03
CA VAL R 231 110.12 -52.08 27.86
C VAL R 231 108.67 -52.29 27.43
N ALA R 232 108.44 -52.32 26.13
CA ALA R 232 107.10 -52.52 25.61
C ALA R 232 107.18 -53.06 24.19
N PHE R 233 106.15 -53.81 23.80
CA PHE R 233 106.03 -54.32 22.44
C PHE R 233 104.58 -54.70 22.20
N ILE R 234 104.15 -54.56 20.94
CA ILE R 234 102.77 -54.76 20.54
C ILE R 234 102.75 -55.56 19.25
N ILE R 235 101.96 -56.63 19.24
CA ILE R 235 101.68 -57.44 18.05
C ILE R 235 100.20 -57.28 17.76
N SER R 236 99.88 -56.67 16.61
CA SER R 236 98.48 -56.38 16.29
C SER R 236 98.35 -56.28 14.77
N ASP R 237 97.33 -55.56 14.32
CA ASP R 237 97.18 -55.18 12.91
C ASP R 237 96.74 -53.72 12.81
N PHE R 238 97.36 -52.87 13.61
CA PHE R 238 96.99 -51.46 13.69
C PHE R 238 97.29 -50.72 12.39
N GLU R 239 96.46 -49.72 12.10
CA GLU R 239 96.82 -48.66 11.16
C GLU R 239 97.40 -47.49 11.94
N SER R 240 98.13 -46.62 11.23
CA SER R 240 98.80 -45.53 11.90
C SER R 240 98.78 -44.27 11.06
N VAL R 241 98.94 -43.14 11.72
CA VAL R 241 99.16 -41.84 11.10
C VAL R 241 100.43 -41.25 11.72
N SER R 242 101.27 -40.64 10.83
CA SER R 242 102.58 -40.11 11.29
C SER R 242 102.76 -38.64 10.92
N LYS R 243 103.69 -38.02 11.63
CA LYS R 243 104.02 -36.62 11.44
C LYS R 243 105.42 -36.38 11.97
N ILE R 244 106.07 -35.33 11.47
CA ILE R 244 107.44 -35.01 11.84
C ILE R 244 107.44 -33.78 12.73
N THR R 245 108.30 -33.79 13.74
CA THR R 245 108.53 -32.62 14.57
C THR R 245 109.51 -31.67 13.88
N LYS R 246 109.64 -30.46 14.43
CA LYS R 246 110.63 -29.53 13.92
C LYS R 246 112.06 -29.97 14.24
N SER R 247 112.23 -30.97 15.11
CA SER R 247 113.54 -31.51 15.43
C SER R 247 113.82 -32.83 14.72
N GLY R 248 112.89 -33.32 13.89
CA GLY R 248 113.12 -34.51 13.09
C GLY R 248 112.70 -35.84 13.70
N VAL R 249 112.00 -35.83 14.82
CA VAL R 249 111.53 -37.07 15.43
C VAL R 249 110.30 -37.56 14.70
N LYS R 250 110.22 -38.86 14.47
CA LYS R 250 109.07 -39.45 13.76
C LYS R 250 107.98 -39.77 14.77
N VAL R 251 106.93 -38.96 14.80
CA VAL R 251 105.80 -39.15 15.71
C VAL R 251 104.69 -39.87 14.96
N SER R 252 104.22 -40.98 15.53
CA SER R 252 103.16 -41.78 14.92
C SER R 252 102.12 -42.14 15.98
N VAL R 253 100.90 -42.40 15.51
CA VAL R 253 99.81 -42.81 16.38
C VAL R 253 99.16 -44.05 15.78
N TYR R 254 99.18 -45.15 16.53
CA TYR R 254 98.60 -46.41 16.11
C TYR R 254 97.26 -46.64 16.80
N ALA R 255 96.34 -47.27 16.07
CA ALA R 255 95.03 -47.63 16.62
C ALA R 255 94.44 -48.73 15.75
N VAL R 256 93.32 -49.29 16.22
CA VAL R 256 92.61 -50.34 15.49
C VAL R 256 92.14 -49.78 14.16
N PRO R 257 92.01 -50.60 13.11
CA PRO R 257 91.73 -50.04 11.77
C PRO R 257 90.46 -49.22 11.68
N ASP R 258 89.42 -49.58 12.43
CA ASP R 258 88.15 -48.88 12.33
C ASP R 258 88.12 -47.57 13.10
N LYS R 259 89.16 -47.25 13.88
CA LYS R 259 89.18 -46.04 14.69
C LYS R 259 90.37 -45.14 14.39
N ILE R 260 91.08 -45.37 13.29
CA ILE R 260 92.29 -44.59 12.99
C ILE R 260 91.94 -43.15 12.67
N ASN R 261 90.72 -42.89 12.18
CA ASN R 261 90.31 -41.54 11.81
C ASN R 261 90.08 -40.63 12.99
N GLN R 262 90.25 -41.10 14.23
CA GLN R 262 90.08 -40.29 15.42
C GLN R 262 91.41 -39.87 16.05
N ALA R 263 92.52 -40.06 15.35
CA ALA R 263 93.84 -39.82 15.92
C ALA R 263 94.46 -38.48 15.51
N ASP R 264 93.72 -37.64 14.79
CA ASP R 264 94.31 -36.41 14.26
C ASP R 264 94.70 -35.44 15.37
N TYR R 265 93.77 -35.13 16.28
CA TYR R 265 94.09 -34.22 17.37
C TYR R 265 95.18 -34.79 18.26
N ALA R 266 95.14 -36.10 18.50
CA ALA R 266 96.19 -36.75 19.29
C ALA R 266 97.55 -36.54 18.66
N LEU R 267 97.66 -36.77 17.35
CA LEU R 267 98.94 -36.63 16.67
C LEU R 267 99.42 -35.19 16.69
N ASP R 268 98.52 -34.24 16.38
CA ASP R 268 98.92 -32.83 16.33
C ASP R 268 99.37 -32.34 17.71
N ALA R 269 98.58 -32.63 18.74
CA ALA R 269 98.96 -32.22 20.10
C ALA R 269 100.22 -32.93 20.56
N ALA R 270 100.44 -34.18 20.13
CA ALA R 270 101.66 -34.88 20.49
C ALA R 270 102.88 -34.19 19.90
N VAL R 271 102.84 -33.84 18.62
CA VAL R 271 103.95 -33.14 17.99
C VAL R 271 104.20 -31.81 18.70
N THR R 272 103.12 -31.05 18.94
CA THR R 272 103.27 -29.74 19.58
C THR R 272 103.89 -29.87 20.96
N LEU R 273 103.39 -30.80 21.78
CA LEU R 273 103.89 -30.94 23.14
C LEU R 273 105.30 -31.51 23.18
N LEU R 274 105.65 -32.39 22.25
CA LEU R 274 107.02 -32.90 22.21
C LEU R 274 108.00 -31.78 21.87
N GLU R 275 107.66 -30.95 20.87
CA GLU R 275 108.51 -29.81 20.56
C GLU R 275 108.62 -28.86 21.75
N PHE R 276 107.49 -28.62 22.43
CA PHE R 276 107.52 -27.74 23.60
C PHE R 276 108.45 -28.29 24.68
N TYR R 277 108.34 -29.59 24.97
CA TYR R 277 109.15 -30.16 26.03
C TYR R 277 110.64 -30.12 25.68
N GLU R 278 110.97 -30.45 24.43
CA GLU R 278 112.36 -30.31 23.98
C GLU R 278 112.86 -28.89 24.21
N ASP R 279 112.12 -27.90 23.73
CA ASP R 279 112.56 -26.51 23.86
C ASP R 279 112.67 -26.09 25.33
N TYR R 280 111.68 -26.47 26.14
CA TYR R 280 111.64 -26.05 27.54
C TYR R 280 112.78 -26.64 28.34
N PHE R 281 112.97 -27.97 28.24
CA PHE R 281 114.02 -28.62 29.00
C PHE R 281 115.42 -28.39 28.41
N SER R 282 115.51 -27.90 27.17
CA SER R 282 116.79 -27.74 26.47
C SER R 282 117.53 -29.07 26.39
N ILE R 283 116.77 -30.16 26.27
CA ILE R 283 117.30 -31.51 26.19
C ILE R 283 116.57 -32.22 25.05
N PRO R 284 117.23 -32.53 23.94
CA PRO R 284 116.53 -33.14 22.81
C PRO R 284 115.98 -34.52 23.14
N TYR R 285 114.93 -34.89 22.43
CA TYR R 285 114.37 -36.23 22.56
C TYR R 285 115.38 -37.23 22.00
N PRO R 286 115.87 -38.18 22.79
CA PRO R 286 117.01 -38.99 22.32
C PRO R 286 116.64 -40.03 21.28
N LEU R 287 115.42 -40.53 21.28
CA LEU R 287 115.03 -41.61 20.40
C LEU R 287 114.62 -41.10 19.02
N PRO R 288 114.73 -41.95 17.99
CA PRO R 288 114.34 -41.51 16.64
C PRO R 288 112.84 -41.30 16.48
N LYS R 289 112.03 -42.14 17.10
CA LYS R 289 110.59 -42.09 16.91
C LYS R 289 109.87 -42.07 18.25
N GLN R 290 108.66 -41.51 18.21
CA GLN R 290 107.75 -41.50 19.35
C GLN R 290 106.40 -42.00 18.83
N ASP R 291 105.87 -43.02 19.49
CA ASP R 291 104.64 -43.68 19.07
C ASP R 291 103.59 -43.59 20.17
N LEU R 292 102.33 -43.44 19.76
CA LEU R 292 101.19 -43.35 20.67
C LEU R 292 100.17 -44.39 20.23
N ALA R 293 100.05 -45.49 20.95
CA ALA R 293 99.20 -46.60 20.56
C ALA R 293 97.95 -46.63 21.45
N ALA R 294 96.79 -46.77 20.82
CA ALA R 294 95.50 -46.85 21.52
C ALA R 294 95.15 -48.32 21.73
N ILE R 295 95.29 -48.79 22.96
CA ILE R 295 95.05 -50.20 23.30
C ILE R 295 93.59 -50.40 23.66
N PRO R 296 92.91 -51.39 23.07
CA PRO R 296 91.48 -51.59 23.39
C PRO R 296 91.24 -52.00 24.83
N ASP R 297 92.16 -52.77 25.44
CA ASP R 297 92.04 -53.20 26.83
C ASP R 297 93.19 -52.59 27.61
N PHE R 298 92.90 -51.58 28.43
CA PHE R 298 93.93 -50.91 29.22
C PHE R 298 93.38 -50.58 30.60
N GLN R 299 94.24 -50.74 31.62
CA GLN R 299 93.86 -50.48 33.00
C GLN R 299 94.10 -49.02 33.39
N SER R 300 95.32 -48.54 33.21
CA SER R 300 95.64 -47.15 33.54
C SER R 300 95.01 -46.22 32.52
N GLY R 301 95.18 -44.91 32.74
CA GLY R 301 94.89 -43.96 31.69
C GLY R 301 95.86 -44.09 30.52
N ALA R 302 97.14 -44.26 30.82
CA ALA R 302 98.17 -44.36 29.80
C ALA R 302 99.42 -44.98 30.42
N MET R 303 100.48 -45.08 29.63
CA MET R 303 101.77 -45.58 30.10
C MET R 303 102.87 -44.91 29.29
N GLU R 304 104.00 -44.66 29.96
CA GLU R 304 105.07 -43.82 29.43
C GLU R 304 106.21 -44.62 28.82
N ASN R 305 105.93 -45.77 28.23
CA ASN R 305 106.98 -46.59 27.63
C ASN R 305 107.79 -45.77 26.62
N TRP R 306 109.10 -45.73 26.82
CA TRP R 306 109.98 -44.88 26.04
C TRP R 306 109.90 -45.21 24.56
N GLY R 307 109.38 -44.27 23.77
CA GLY R 307 109.22 -44.46 22.34
C GLY R 307 107.96 -45.17 21.92
N LEU R 308 107.15 -45.65 22.86
CA LEU R 308 105.91 -46.36 22.55
C LEU R 308 104.93 -46.19 23.71
N THR R 309 104.40 -44.98 23.85
CA THR R 309 103.38 -44.72 24.85
C THR R 309 102.10 -45.43 24.49
N THR R 310 101.41 -45.98 25.49
CA THR R 310 100.16 -46.68 25.33
C THR R 310 99.06 -45.92 26.04
N TYR R 311 97.83 -46.02 25.50
CA TYR R 311 96.72 -45.22 25.98
C TYR R 311 95.44 -46.04 26.00
N ARG R 312 94.45 -45.53 26.73
CA ARG R 312 93.08 -45.93 26.51
C ARG R 312 92.56 -45.26 25.25
N GLU R 313 91.74 -45.99 24.49
CA GLU R 313 91.10 -45.39 23.33
C GLU R 313 90.31 -44.15 23.73
N SER R 314 89.64 -44.21 24.88
CA SER R 314 88.93 -43.05 25.41
C SER R 314 89.88 -41.90 25.73
N ALA R 315 91.12 -42.21 26.10
CA ALA R 315 92.07 -41.20 26.52
C ALA R 315 92.95 -40.70 25.38
N LEU R 316 92.82 -41.27 24.18
CA LEU R 316 93.64 -40.79 23.07
C LEU R 316 92.84 -40.38 21.85
N LEU R 317 91.72 -41.06 21.56
CA LEU R 317 91.01 -40.83 20.30
C LEU R 317 89.94 -39.77 20.48
N PHE R 318 89.79 -38.93 19.46
CA PHE R 318 88.91 -37.76 19.50
C PHE R 318 88.02 -37.76 18.27
N ASP R 319 86.70 -37.77 18.48
CA ASP R 319 85.72 -37.73 17.41
C ASP R 319 85.03 -36.36 17.45
N ALA R 320 85.21 -35.58 16.38
CA ALA R 320 84.66 -34.23 16.35
C ALA R 320 83.14 -34.23 16.45
N GLU R 321 82.49 -35.31 16.03
CA GLU R 321 81.03 -35.36 16.02
C GLU R 321 80.43 -35.78 17.34
N LYS R 322 81.17 -36.54 18.17
CA LYS R 322 80.59 -37.12 19.38
C LYS R 322 81.43 -36.92 20.63
N SER R 323 82.72 -36.64 20.53
CA SER R 323 83.54 -36.48 21.72
C SER R 323 83.25 -35.13 22.37
N SER R 324 83.34 -35.10 23.70
CA SER R 324 83.03 -33.91 24.47
C SER R 324 84.27 -33.03 24.64
N ALA R 325 84.01 -31.76 24.99
CA ALA R 325 85.10 -30.86 25.29
C ALA R 325 85.92 -31.36 26.49
N SER R 326 85.24 -31.97 27.46
CA SER R 326 85.95 -32.68 28.53
C SER R 326 86.88 -33.73 27.96
N SER R 327 86.41 -34.50 26.97
CA SER R 327 87.24 -35.54 26.38
C SER R 327 88.46 -34.94 25.67
N LYS R 328 88.26 -33.83 24.96
CA LYS R 328 89.37 -33.19 24.27
C LYS R 328 90.42 -32.67 25.25
N LEU R 329 89.95 -31.99 26.31
CA LEU R 329 90.86 -31.53 27.35
C LEU R 329 91.61 -32.70 27.99
N GLY R 330 90.90 -33.80 28.26
CA GLY R 330 91.55 -34.94 28.87
C GLY R 330 92.60 -35.56 27.97
N ILE R 331 92.32 -35.67 26.66
CA ILE R 331 93.30 -36.17 25.72
C ILE R 331 94.54 -35.29 25.72
N THR R 332 94.34 -33.96 25.69
CA THR R 332 95.48 -33.05 25.70
C THR R 332 96.32 -33.23 26.95
N MET R 333 95.67 -33.28 28.11
CA MET R 333 96.40 -33.41 29.37
C MET R 333 97.13 -34.75 29.46
N THR R 334 96.52 -35.82 28.93
CA THR R 334 97.14 -37.14 28.98
C THR R 334 98.38 -37.20 28.10
N VAL R 335 98.27 -36.68 26.87
CA VAL R 335 99.43 -36.64 25.99
C VAL R 335 100.54 -35.82 26.60
N ALA R 336 100.19 -34.68 27.22
CA ALA R 336 101.20 -33.87 27.89
C ALA R 336 101.85 -34.63 29.04
N HIS R 337 101.05 -35.37 29.81
CA HIS R 337 101.58 -36.14 30.92
C HIS R 337 102.61 -37.15 30.44
N GLU R 338 102.28 -37.91 29.39
CA GLU R 338 103.19 -38.95 28.94
C GLU R 338 104.45 -38.36 28.30
N LEU R 339 104.29 -37.29 27.52
CA LEU R 339 105.48 -36.67 26.93
C LEU R 339 106.35 -36.01 27.99
N ALA R 340 105.76 -35.58 29.11
CA ALA R 340 106.56 -35.12 30.24
C ALA R 340 107.28 -36.27 30.92
N HIS R 341 106.60 -37.42 31.03
CA HIS R 341 107.24 -38.62 31.56
C HIS R 341 108.44 -39.02 30.74
N GLN R 342 108.42 -38.72 29.44
CA GLN R 342 109.57 -39.01 28.59
C GLN R 342 110.86 -38.42 29.16
N TRP R 343 110.77 -37.33 29.93
CA TRP R 343 111.92 -36.77 30.63
C TRP R 343 111.92 -37.09 32.13
N PHE R 344 110.82 -36.79 32.82
CA PHE R 344 110.71 -37.07 34.26
C PHE R 344 110.19 -38.49 34.42
N GLY R 345 111.12 -39.44 34.44
CA GLY R 345 110.75 -40.84 34.59
C GLY R 345 111.57 -41.77 33.71
N ASN R 346 111.76 -41.37 32.45
CA ASN R 346 112.49 -42.18 31.49
C ASN R 346 113.95 -41.75 31.41
N LEU R 347 114.20 -40.48 31.09
CA LEU R 347 115.56 -39.95 31.08
C LEU R 347 116.15 -39.97 32.49
N VAL R 348 115.43 -39.39 33.45
CA VAL R 348 115.82 -39.39 34.85
C VAL R 348 114.77 -40.19 35.61
N THR R 349 115.18 -41.34 36.17
CA THR R 349 114.28 -42.24 36.86
C THR R 349 114.58 -42.23 38.36
N MET R 350 113.54 -42.39 39.16
CA MET R 350 113.73 -42.59 40.59
C MET R 350 114.49 -43.89 40.83
N GLU R 351 115.18 -43.97 41.97
CA GLU R 351 115.97 -45.16 42.23
C GLU R 351 115.12 -46.28 42.83
N TRP R 352 114.19 -45.94 43.73
CA TRP R 352 113.28 -46.91 44.31
C TRP R 352 111.89 -46.31 44.37
N TRP R 353 110.88 -47.19 44.38
CA TRP R 353 109.48 -46.80 44.25
C TRP R 353 108.97 -45.96 45.42
N ASN R 354 109.80 -45.76 46.45
CA ASN R 354 109.40 -44.86 47.53
C ASN R 354 109.37 -43.41 47.06
N ASP R 355 110.17 -43.06 46.06
CA ASP R 355 110.19 -41.73 45.46
C ASP R 355 109.49 -41.69 44.10
N LEU R 356 108.46 -42.51 43.92
CA LEU R 356 107.67 -42.49 42.70
C LEU R 356 107.07 -41.12 42.40
N TRP R 357 106.92 -40.28 43.42
CA TRP R 357 106.38 -38.94 43.19
C TRP R 357 107.31 -38.12 42.29
N LEU R 358 108.62 -38.34 42.40
CA LEU R 358 109.59 -37.67 41.52
C LEU R 358 109.27 -37.88 40.05
N ASN R 359 108.59 -38.97 39.71
CA ASN R 359 108.08 -39.17 38.35
C ASN R 359 106.68 -38.60 38.20
N GLU R 360 105.76 -39.08 39.04
CA GLU R 360 104.33 -38.87 38.76
C GLU R 360 103.89 -37.44 39.08
N GLY R 361 104.29 -36.89 40.22
CA GLY R 361 103.92 -35.52 40.53
C GLY R 361 104.51 -34.54 39.54
N PHE R 362 105.78 -34.75 39.16
CA PHE R 362 106.40 -33.87 38.18
C PHE R 362 105.70 -33.97 36.83
N ALA R 363 105.28 -35.17 36.43
CA ALA R 363 104.55 -35.29 35.17
C ALA R 363 103.19 -34.61 35.25
N LYS R 364 102.47 -34.81 36.35
CA LYS R 364 101.17 -34.17 36.53
C LYS R 364 101.28 -32.65 36.55
N PHE R 365 102.40 -32.12 37.05
CA PHE R 365 102.60 -30.67 37.04
C PHE R 365 103.03 -30.15 35.67
N MET R 366 103.88 -30.92 34.99
CA MET R 366 104.27 -30.54 33.63
C MET R 366 103.08 -30.57 32.69
N GLU R 367 102.05 -31.37 33.01
CA GLU R 367 100.77 -31.25 32.31
C GLU R 367 100.34 -29.78 32.24
N PHE R 368 100.18 -29.16 33.41
CA PHE R 368 99.76 -27.77 33.47
C PHE R 368 100.78 -26.85 32.80
N VAL R 369 102.06 -27.01 33.18
CA VAL R 369 103.12 -26.13 32.69
C VAL R 369 103.16 -26.14 31.15
N SER R 370 102.87 -27.28 30.53
CA SER R 370 102.98 -27.43 29.09
C SER R 370 101.69 -27.01 28.38
N VAL R 371 100.54 -27.47 28.87
CA VAL R 371 99.29 -27.21 28.17
C VAL R 371 98.91 -25.73 28.27
N SER R 372 99.18 -25.09 29.42
CA SER R 372 98.86 -23.67 29.55
C SER R 372 99.61 -22.82 28.54
N VAL R 373 100.63 -23.36 27.89
CA VAL R 373 101.38 -22.66 26.85
C VAL R 373 101.01 -23.16 25.46
N THR R 374 100.92 -24.48 25.28
CA THR R 374 100.72 -25.05 23.96
C THR R 374 99.28 -24.91 23.48
N HIS R 375 98.32 -25.06 24.39
CA HIS R 375 96.89 -24.95 24.07
C HIS R 375 96.25 -23.95 25.00
N PRO R 376 96.54 -22.65 24.81
CA PRO R 376 96.03 -21.64 25.75
C PRO R 376 94.52 -21.46 25.68
N GLU R 377 93.86 -21.91 24.61
CA GLU R 377 92.41 -21.83 24.54
C GLU R 377 91.73 -22.72 25.57
N LEU R 378 92.44 -23.71 26.12
CA LEU R 378 91.88 -24.58 27.13
C LEU R 378 91.85 -23.91 28.50
N LYS R 379 92.89 -23.14 28.83
CA LYS R 379 93.01 -22.44 30.11
C LYS R 379 92.91 -23.42 31.28
N VAL R 380 93.89 -24.33 31.33
CA VAL R 380 93.90 -25.39 32.33
C VAL R 380 94.14 -24.85 33.74
N GLY R 381 94.62 -23.62 33.86
CA GLY R 381 94.73 -22.97 35.17
C GLY R 381 93.39 -22.79 35.84
N ASP R 382 92.30 -22.85 35.08
CA ASP R 382 90.98 -22.76 35.67
C ASP R 382 90.62 -24.03 36.45
N TYR R 383 90.98 -25.19 35.91
CA TYR R 383 90.55 -26.46 36.46
C TYR R 383 91.63 -27.23 37.22
N PHE R 384 92.86 -26.72 37.27
CA PHE R 384 93.95 -27.51 37.86
C PHE R 384 93.71 -27.83 39.34
N PHE R 385 93.34 -26.82 40.14
CA PHE R 385 93.43 -26.95 41.60
C PHE R 385 92.36 -27.82 42.23
N GLY R 386 91.38 -28.30 41.45
CA GLY R 386 90.55 -29.39 41.94
C GLY R 386 91.38 -30.58 42.37
N LYS R 387 92.52 -30.80 41.71
CA LYS R 387 93.46 -31.83 42.15
C LYS R 387 93.90 -31.60 43.58
N CYS R 388 94.33 -30.37 43.90
CA CYS R 388 94.77 -30.06 45.26
C CYS R 388 93.66 -30.27 46.26
N PHE R 389 92.44 -29.83 45.91
CA PHE R 389 91.33 -29.96 46.86
C PHE R 389 90.99 -31.42 47.13
N ASP R 390 90.82 -32.21 46.07
CA ASP R 390 90.49 -33.63 46.25
C ASP R 390 91.64 -34.38 46.93
N ALA R 391 92.88 -33.94 46.72
CA ALA R 391 94.00 -34.56 47.41
C ALA R 391 93.98 -34.23 48.89
N MET R 392 93.67 -32.99 49.25
CA MET R 392 93.53 -32.65 50.66
C MET R 392 92.41 -33.45 51.32
N GLU R 393 91.35 -33.73 50.57
CA GLU R 393 90.25 -34.53 51.11
C GLU R 393 90.72 -35.84 51.73
N VAL R 394 91.78 -36.44 51.19
CA VAL R 394 92.27 -37.72 51.69
C VAL R 394 93.52 -37.50 52.55
N ASP R 395 94.33 -36.49 52.22
CA ASP R 395 95.53 -36.23 52.98
C ASP R 395 95.22 -35.70 54.38
N ALA R 396 94.03 -35.15 54.58
CA ALA R 396 93.58 -34.77 55.91
C ALA R 396 93.33 -35.97 56.81
N LEU R 397 93.42 -37.18 56.26
CA LEU R 397 93.16 -38.38 57.05
C LEU R 397 94.38 -38.76 57.86
N ASN R 398 94.11 -39.48 58.95
CA ASN R 398 95.14 -39.97 59.83
C ASN R 398 95.91 -41.13 59.21
N SER R 399 95.25 -41.91 58.35
CA SER R 399 95.90 -43.00 57.64
C SER R 399 96.70 -42.54 56.43
N SER R 400 96.73 -41.23 56.16
CA SER R 400 97.52 -40.70 55.06
C SER R 400 99.01 -40.94 55.29
N HIS R 401 99.78 -40.85 54.22
CA HIS R 401 101.21 -41.08 54.26
C HIS R 401 101.96 -39.87 53.71
N PRO R 402 103.24 -39.71 54.07
CA PRO R 402 104.04 -38.65 53.46
C PRO R 402 104.27 -38.92 51.97
N VAL R 403 104.66 -37.85 51.27
CA VAL R 403 104.89 -37.95 49.82
C VAL R 403 105.97 -39.00 49.53
N SER R 404 106.98 -39.08 50.39
CA SER R 404 108.05 -40.06 50.26
C SER R 404 107.99 -40.98 51.48
N THR R 405 107.67 -42.25 51.25
CA THR R 405 107.49 -43.21 52.33
C THR R 405 107.96 -44.58 51.85
N PRO R 406 108.54 -45.39 52.73
CA PRO R 406 109.13 -46.66 52.28
C PRO R 406 108.08 -47.68 51.86
N VAL R 407 108.41 -48.43 50.81
CA VAL R 407 107.60 -49.54 50.31
C VAL R 407 108.52 -50.67 49.90
N GLU R 408 108.02 -51.90 49.97
CA GLU R 408 108.84 -53.04 49.60
C GLU R 408 108.15 -53.97 48.60
N ASN R 409 107.02 -54.55 48.98
CA ASN R 409 106.36 -55.54 48.15
C ASN R 409 105.53 -54.91 47.03
N PRO R 410 105.22 -55.69 45.98
CA PRO R 410 104.50 -55.11 44.83
C PRO R 410 103.16 -54.47 45.18
N ALA R 411 102.44 -54.99 46.18
CA ALA R 411 101.18 -54.37 46.56
C ALA R 411 101.40 -52.94 47.05
N GLN R 412 102.42 -52.74 47.90
CA GLN R 412 102.76 -51.40 48.37
C GLN R 412 103.21 -50.52 47.21
N ILE R 413 103.99 -51.11 46.29
CA ILE R 413 104.48 -50.33 45.15
C ILE R 413 103.32 -49.84 44.30
N ARG R 414 102.33 -50.71 44.04
CA ARG R 414 101.14 -50.30 43.33
C ARG R 414 100.36 -49.25 44.10
N GLU R 415 100.28 -49.39 45.42
CA GLU R 415 99.57 -48.43 46.24
C GLU R 415 100.21 -47.05 46.17
N MET R 416 101.50 -46.98 45.88
CA MET R 416 102.18 -45.69 45.81
C MET R 416 101.58 -44.77 44.75
N PHE R 417 100.89 -45.30 43.74
CA PHE R 417 100.26 -44.50 42.69
C PHE R 417 98.90 -43.98 43.16
N ASP R 418 98.92 -43.09 44.14
CA ASP R 418 97.69 -42.57 44.71
C ASP R 418 97.59 -41.05 44.53
N ASP R 419 96.55 -40.47 45.11
CA ASP R 419 96.33 -39.03 45.01
C ASP R 419 97.50 -38.24 45.57
N VAL R 420 98.20 -38.78 46.57
CA VAL R 420 99.34 -38.05 47.14
C VAL R 420 100.39 -37.82 46.05
N SER R 421 100.94 -38.92 45.50
CA SER R 421 102.07 -38.83 44.59
C SER R 421 101.77 -37.99 43.36
N TYR R 422 100.52 -37.99 42.90
CA TYR R 422 100.14 -37.20 41.72
C TYR R 422 99.72 -35.80 42.14
N ASP R 423 98.55 -35.68 42.77
CA ASP R 423 97.97 -34.38 43.07
C ASP R 423 98.80 -33.60 44.08
N LYS R 424 99.12 -34.21 45.24
CA LYS R 424 99.83 -33.48 46.27
C LYS R 424 101.23 -33.11 45.81
N GLY R 425 101.89 -34.01 45.07
CA GLY R 425 103.19 -33.69 44.50
C GLY R 425 103.12 -32.53 43.54
N ALA R 426 102.13 -32.53 42.65
CA ALA R 426 101.99 -31.43 41.69
C ALA R 426 101.65 -30.13 42.39
N CYS R 427 100.87 -30.18 43.46
CA CYS R 427 100.48 -28.96 44.16
C CYS R 427 101.65 -28.38 44.94
N ILE R 428 102.47 -29.23 45.57
CA ILE R 428 103.65 -28.71 46.25
C ILE R 428 104.68 -28.21 45.24
N LEU R 429 104.73 -28.83 44.04
CA LEU R 429 105.61 -28.31 43.00
C LEU R 429 105.14 -26.95 42.50
N ASN R 430 103.83 -26.79 42.34
CA ASN R 430 103.28 -25.48 41.99
C ASN R 430 103.61 -24.45 43.08
N MET R 431 103.47 -24.85 44.34
CA MET R 431 103.81 -23.95 45.44
C MET R 431 105.27 -23.54 45.41
N LEU R 432 106.17 -24.49 45.15
CA LEU R 432 107.59 -24.17 45.10
C LEU R 432 107.92 -23.27 43.90
N ARG R 433 107.33 -23.56 42.74
CA ARG R 433 107.58 -22.73 41.56
C ARG R 433 107.03 -21.32 41.75
N GLU R 434 105.93 -21.18 42.49
CA GLU R 434 105.39 -19.85 42.74
C GLU R 434 106.16 -19.12 43.83
N TYR R 435 106.78 -19.85 44.76
CA TYR R 435 107.62 -19.20 45.76
C TYR R 435 108.92 -18.72 45.15
N LEU R 436 109.65 -19.61 44.47
CA LEU R 436 110.81 -19.20 43.69
C LEU R 436 110.37 -18.48 42.42
N SER R 437 111.36 -18.04 41.65
CA SER R 437 111.08 -17.53 40.32
C SER R 437 110.78 -18.68 39.36
N ALA R 438 109.93 -18.39 38.36
CA ALA R 438 109.71 -19.37 37.31
C ALA R 438 111.00 -19.69 36.58
N ASP R 439 111.85 -18.68 36.38
CA ASP R 439 113.15 -18.92 35.77
C ASP R 439 114.06 -19.72 36.70
N ALA R 440 114.00 -19.43 38.01
CA ALA R 440 114.79 -20.20 38.96
C ALA R 440 114.33 -21.65 39.05
N PHE R 441 113.02 -21.88 39.07
CA PHE R 441 112.49 -23.24 39.09
C PHE R 441 112.88 -23.99 37.81
N LYS R 442 112.79 -23.32 36.66
CA LYS R 442 113.20 -23.94 35.41
C LYS R 442 114.68 -24.29 35.42
N SER R 443 115.51 -23.37 35.91
CA SER R 443 116.95 -23.65 36.02
C SER R 443 117.20 -24.85 36.92
N GLY R 444 116.48 -24.92 38.05
CA GLY R 444 116.65 -26.05 38.94
C GLY R 444 116.32 -27.37 38.26
N ILE R 445 115.17 -27.44 37.59
CA ILE R 445 114.78 -28.70 36.97
C ILE R 445 115.70 -29.04 35.81
N VAL R 446 116.19 -28.04 35.08
CA VAL R 446 117.11 -28.28 33.97
C VAL R 446 118.43 -28.83 34.48
N GLN R 447 118.98 -28.22 35.53
CA GLN R 447 120.22 -28.73 36.10
C GLN R 447 120.03 -30.14 36.63
N TYR R 448 118.88 -30.41 37.26
CA TYR R 448 118.56 -31.75 37.74
C TYR R 448 118.58 -32.77 36.60
N LEU R 449 117.82 -32.49 35.54
CA LEU R 449 117.71 -33.44 34.43
C LEU R 449 119.06 -33.63 33.74
N GLN R 450 119.81 -32.55 33.54
CA GLN R 450 121.08 -32.65 32.84
C GLN R 450 122.11 -33.41 33.66
N LYS R 451 122.15 -33.17 34.98
CA LYS R 451 123.14 -33.85 35.80
C LYS R 451 122.80 -35.32 35.99
N HIS R 452 121.51 -35.67 36.03
CA HIS R 452 121.12 -37.05 36.33
C HIS R 452 120.53 -37.78 35.13
N SER R 453 120.77 -37.30 33.92
CA SER R 453 120.34 -38.02 32.74
C SER R 453 120.92 -39.43 32.73
N TYR R 454 120.09 -40.41 32.34
CA TYR R 454 120.50 -41.80 32.22
C TYR R 454 121.00 -42.37 33.55
N LYS R 455 120.50 -41.82 34.64
CA LYS R 455 120.92 -42.24 35.98
C LYS R 455 119.67 -42.36 36.85
N ASN R 456 119.88 -42.57 38.15
CA ASN R 456 118.80 -42.69 39.12
C ASN R 456 118.97 -41.63 40.21
N THR R 457 117.85 -41.16 40.76
CA THR R 457 117.85 -40.10 41.75
C THR R 457 117.00 -40.47 42.96
N LYS R 458 117.38 -39.93 44.11
CA LYS R 458 116.59 -39.97 45.33
C LYS R 458 115.98 -38.60 45.58
N ASN R 459 115.27 -38.50 46.70
CA ASN R 459 114.58 -37.27 47.06
C ASN R 459 115.56 -36.10 47.24
N GLU R 460 116.81 -36.39 47.59
CA GLU R 460 117.76 -35.36 47.97
C GLU R 460 118.40 -34.66 46.77
N ASP R 461 118.55 -35.35 45.65
CA ASP R 461 119.20 -34.73 44.48
C ASP R 461 118.36 -33.59 43.92
N LEU R 462 117.04 -33.72 43.95
CA LEU R 462 116.18 -32.64 43.48
C LEU R 462 116.37 -31.39 44.33
N TRP R 463 116.41 -31.55 45.66
CA TRP R 463 116.62 -30.39 46.53
C TRP R 463 118.01 -29.80 46.37
N ASP R 464 119.01 -30.64 46.10
CA ASP R 464 120.34 -30.12 45.81
C ASP R 464 120.33 -29.27 44.55
N SER R 465 119.68 -29.77 43.49
CA SER R 465 119.61 -29.04 42.24
C SER R 465 118.80 -27.76 42.37
N MET R 466 117.82 -27.75 43.28
CA MET R 466 117.02 -26.54 43.49
C MET R 466 117.79 -25.51 44.32
N ALA R 467 118.54 -25.97 45.33
CA ALA R 467 119.32 -25.06 46.16
C ALA R 467 120.55 -24.53 45.44
N SER R 468 121.03 -25.22 44.41
CA SER R 468 122.11 -24.66 43.61
C SER R 468 121.66 -23.44 42.80
N ILE R 469 120.35 -23.17 42.73
CA ILE R 469 119.82 -22.01 42.05
C ILE R 469 119.20 -21.01 43.03
N GLY R 470 118.56 -21.51 44.08
CA GLY R 470 117.96 -20.64 45.08
C GLY R 470 118.94 -20.10 46.11
N GLY R 471 119.44 -18.89 45.89
CA GLY R 471 120.46 -18.33 46.75
C GLY R 471 120.13 -16.97 47.34
N GLY R 472 118.85 -16.62 47.37
CA GLY R 472 118.41 -15.40 48.02
C GLY R 472 117.97 -15.61 49.45
N GLY R 473 118.60 -16.56 50.14
CA GLY R 473 118.16 -16.96 51.45
C GLY R 473 117.13 -18.06 51.43
N VAL R 474 117.21 -18.99 50.48
CA VAL R 474 116.20 -20.01 50.26
C VAL R 474 116.84 -21.37 50.53
N ASP R 475 116.49 -21.99 51.66
CA ASP R 475 116.94 -23.35 51.95
C ASP R 475 115.89 -24.32 51.44
N VAL R 476 116.00 -24.63 50.15
CA VAL R 476 115.02 -25.48 49.49
C VAL R 476 114.99 -26.86 50.13
N LYS R 477 116.14 -27.33 50.62
CA LYS R 477 116.19 -28.69 51.13
C LYS R 477 115.32 -28.81 52.38
N THR R 478 115.51 -27.90 53.34
CA THR R 478 114.73 -27.94 54.57
C THR R 478 113.25 -27.70 54.31
N MET R 479 112.94 -26.67 53.51
CA MET R 479 111.52 -26.39 53.25
C MET R 479 110.82 -27.56 52.56
N MET R 480 111.39 -28.04 51.45
CA MET R 480 110.75 -29.12 50.73
C MET R 480 110.83 -30.45 51.48
N ASN R 481 111.77 -30.60 52.41
CA ASN R 481 111.73 -31.76 53.30
C ASN R 481 110.54 -31.68 54.25
N THR R 482 110.25 -30.47 54.76
CA THR R 482 109.04 -30.33 55.57
C THR R 482 107.80 -30.65 54.75
N TRP R 483 107.84 -30.41 53.44
CA TRP R 483 106.65 -30.70 52.64
C TRP R 483 106.57 -32.14 52.13
N THR R 484 107.70 -32.83 51.96
CA THR R 484 107.70 -34.17 51.38
C THR R 484 107.96 -35.31 52.36
N LEU R 485 108.47 -35.02 53.55
CA LEU R 485 108.84 -36.08 54.48
C LEU R 485 107.86 -36.24 55.64
N GLN R 486 106.77 -35.47 55.66
CA GLN R 486 105.73 -35.65 56.65
C GLN R 486 104.37 -35.50 55.97
N LYS R 487 103.41 -36.28 56.45
CA LYS R 487 102.08 -36.32 55.85
C LYS R 487 101.29 -35.06 56.20
N GLY R 488 100.12 -34.94 55.56
CA GLY R 488 99.18 -33.88 55.87
C GLY R 488 99.57 -32.52 55.32
N PHE R 489 98.80 -31.52 55.74
CA PHE R 489 98.94 -30.15 55.30
C PHE R 489 98.55 -29.25 56.46
N PRO R 490 99.00 -28.00 56.48
CA PRO R 490 98.72 -27.13 57.63
C PRO R 490 97.45 -26.32 57.52
N LEU R 491 96.86 -26.11 58.69
CA LEU R 491 95.83 -25.10 58.91
C LEU R 491 96.50 -23.86 59.47
N ILE R 492 96.25 -22.73 58.82
CA ILE R 492 96.81 -21.44 59.20
C ILE R 492 95.67 -20.61 59.77
N THR R 493 95.72 -20.36 61.08
CA THR R 493 94.76 -19.49 61.74
C THR R 493 95.28 -18.06 61.68
N ILE R 494 94.42 -17.14 61.26
CA ILE R 494 94.79 -15.75 61.02
C ILE R 494 93.98 -14.89 61.97
N THR R 495 94.67 -14.14 62.83
CA THR R 495 94.05 -13.20 63.75
C THR R 495 94.47 -11.80 63.38
N VAL R 496 93.51 -10.87 63.38
CA VAL R 496 93.76 -9.49 62.98
C VAL R 496 93.47 -8.60 64.18
N ARG R 497 94.45 -7.79 64.55
CA ARG R 497 94.34 -6.83 65.65
C ARG R 497 94.69 -5.46 65.08
N GLY R 498 93.73 -4.85 64.40
CA GLY R 498 93.96 -3.58 63.74
C GLY R 498 94.88 -3.71 62.55
N ARG R 499 96.16 -3.41 62.75
CA ARG R 499 97.17 -3.53 61.71
C ARG R 499 98.10 -4.72 61.92
N ASN R 500 97.90 -5.49 62.98
CA ASN R 500 98.74 -6.64 63.29
C ASN R 500 98.07 -7.91 62.80
N VAL R 501 98.85 -8.78 62.15
CA VAL R 501 98.33 -10.04 61.63
C VAL R 501 99.14 -11.17 62.26
N HIS R 502 98.50 -11.92 63.16
CA HIS R 502 99.11 -13.09 63.78
C HIS R 502 98.74 -14.33 62.99
N MET R 503 99.73 -15.18 62.72
CA MET R 503 99.56 -16.41 61.97
C MET R 503 99.99 -17.58 62.83
N LYS R 504 99.16 -18.61 62.89
CA LYS R 504 99.49 -19.83 63.62
C LYS R 504 99.27 -21.02 62.72
N GLN R 505 100.21 -21.96 62.72
CA GLN R 505 100.09 -23.15 61.89
C GLN R 505 99.93 -24.39 62.77
N GLU R 506 99.10 -25.31 62.31
CA GLU R 506 98.93 -26.57 63.03
C GLU R 506 98.58 -27.67 62.04
N HIS R 507 98.67 -28.91 62.51
CA HIS R 507 98.38 -30.07 61.67
C HIS R 507 96.87 -30.32 61.62
N TYR R 508 96.30 -30.22 60.43
CA TYR R 508 94.89 -30.50 60.21
C TYR R 508 94.67 -32.01 60.14
N MET R 509 93.92 -32.55 61.09
CA MET R 509 93.57 -33.97 61.10
C MET R 509 92.15 -34.09 61.63
N LYS R 510 91.29 -34.74 60.85
CA LYS R 510 89.89 -34.89 61.24
C LYS R 510 89.75 -35.71 62.52
N GLY R 511 89.36 -35.05 63.60
CA GLY R 511 89.30 -35.64 64.93
C GLY R 511 88.47 -36.90 65.05
N ASP R 517 97.70 -33.15 68.39
CA ASP R 517 98.38 -33.98 69.36
C ASP R 517 99.59 -34.68 68.74
N THR R 518 100.10 -34.12 67.64
CA THR R 518 101.25 -34.68 66.95
C THR R 518 102.48 -33.80 67.04
N GLY R 519 102.43 -32.57 66.56
CA GLY R 519 103.59 -31.70 66.59
C GLY R 519 104.32 -31.53 65.27
N TYR R 520 103.58 -31.33 64.17
CA TYR R 520 104.19 -31.12 62.87
C TYR R 520 104.33 -29.62 62.59
N LEU R 521 105.36 -29.28 61.81
CA LEU R 521 105.60 -27.90 61.42
C LEU R 521 106.14 -27.87 59.99
N TRP R 522 105.61 -26.94 59.19
CA TRP R 522 106.03 -26.75 57.80
C TRP R 522 106.67 -25.37 57.63
N HIS R 523 107.34 -25.21 56.49
CA HIS R 523 107.82 -23.91 56.03
C HIS R 523 106.84 -23.44 54.95
N VAL R 524 105.81 -22.71 55.37
CA VAL R 524 104.68 -22.38 54.51
C VAL R 524 104.96 -21.05 53.84
N PRO R 525 105.15 -21.01 52.52
CA PRO R 525 105.27 -19.73 51.81
C PRO R 525 103.92 -19.05 51.63
N LEU R 526 103.54 -18.22 52.60
CA LEU R 526 102.22 -17.61 52.59
C LEU R 526 102.12 -16.52 51.53
N THR R 527 100.91 -16.36 50.98
CA THR R 527 100.59 -15.29 50.04
C THR R 527 99.24 -14.70 50.44
N PHE R 528 99.13 -13.37 50.37
CA PHE R 528 97.88 -12.74 50.79
C PHE R 528 97.69 -11.41 50.06
N ILE R 529 96.44 -10.97 50.01
CA ILE R 529 96.07 -9.63 49.57
C ILE R 529 95.15 -9.04 50.63
N THR R 530 94.90 -7.74 50.51
CA THR R 530 94.05 -7.01 51.45
C THR R 530 92.94 -6.32 50.68
N SER R 531 92.03 -5.69 51.44
CA SER R 531 90.96 -4.91 50.80
C SER R 531 91.47 -3.61 50.22
N LYS R 532 92.67 -3.17 50.63
CA LYS R 532 93.27 -1.94 50.16
C LYS R 532 94.22 -2.16 49.00
N SER R 533 94.46 -3.42 48.61
CA SER R 533 95.52 -3.72 47.66
C SER R 533 95.25 -5.06 47.00
N ASP R 534 95.25 -5.08 45.66
CA ASP R 534 95.23 -6.33 44.91
C ASP R 534 96.61 -6.96 44.79
N MET R 535 97.65 -6.34 45.32
CA MET R 535 99.00 -6.90 45.23
C MET R 535 99.21 -8.01 46.25
N VAL R 536 99.87 -9.08 45.81
CA VAL R 536 100.12 -10.24 46.65
C VAL R 536 101.43 -10.01 47.39
N HIS R 537 101.37 -9.97 48.72
CA HIS R 537 102.54 -9.91 49.57
C HIS R 537 102.85 -11.29 50.12
N ARG R 538 104.14 -11.56 50.36
CA ARG R 538 104.60 -12.89 50.74
C ARG R 538 105.21 -12.85 52.14
N PHE R 539 105.28 -14.04 52.74
CA PHE R 539 105.89 -14.22 54.05
C PHE R 539 106.14 -15.69 54.30
N LEU R 540 107.33 -16.05 54.79
CA LEU R 540 107.71 -17.43 55.01
C LEU R 540 107.52 -17.75 56.49
N LEU R 541 106.48 -18.51 56.80
CA LEU R 541 106.16 -18.90 58.16
C LEU R 541 107.01 -20.12 58.53
N LYS R 542 108.03 -19.89 59.36
CA LYS R 542 108.99 -20.94 59.72
C LYS R 542 108.74 -21.55 61.10
N THR R 543 107.89 -20.96 61.91
CA THR R 543 107.66 -21.43 63.28
C THR R 543 106.18 -21.80 63.47
N LYS R 544 105.84 -22.13 64.72
CA LYS R 544 104.46 -22.46 65.04
C LYS R 544 103.57 -21.23 64.91
N THR R 545 104.00 -20.12 65.51
CA THR R 545 103.28 -18.86 65.45
C THR R 545 104.24 -17.77 65.02
N ASP R 546 103.70 -16.75 64.37
CA ASP R 546 104.47 -15.59 63.94
C ASP R 546 103.50 -14.43 63.76
N VAL R 547 104.04 -13.27 63.39
CA VAL R 547 103.24 -12.06 63.29
C VAL R 547 103.89 -11.11 62.30
N LEU R 548 103.06 -10.45 61.50
CA LEU R 548 103.50 -9.39 60.60
C LEU R 548 102.68 -8.13 60.87
N ILE R 549 103.15 -7.01 60.33
CA ILE R 549 102.58 -5.70 60.62
C ILE R 549 102.10 -5.09 59.31
N LEU R 550 100.79 -4.86 59.21
CA LEU R 550 100.23 -4.20 58.06
C LEU R 550 100.49 -2.69 58.13
N PRO R 551 100.47 -2.00 56.99
CA PRO R 551 100.62 -0.54 57.01
C PRO R 551 99.33 0.21 57.29
N GLU R 552 98.20 -0.49 57.38
CA GLU R 552 96.90 0.13 57.53
C GLU R 552 95.89 -0.95 57.86
N GLU R 553 94.89 -0.57 58.67
CA GLU R 553 93.79 -1.49 58.97
C GLU R 553 93.07 -1.84 57.67
N VAL R 554 92.56 -3.06 57.59
CA VAL R 554 91.97 -3.57 56.37
C VAL R 554 90.55 -4.06 56.63
N GLU R 555 89.71 -3.93 55.61
CA GLU R 555 88.34 -4.43 55.71
C GLU R 555 88.33 -5.95 55.72
N TRP R 556 89.08 -6.57 54.81
CA TRP R 556 89.19 -8.02 54.74
C TRP R 556 90.60 -8.36 54.27
N ILE R 557 90.99 -9.60 54.53
CA ILE R 557 92.31 -10.10 54.13
C ILE R 557 92.12 -11.54 53.66
N LYS R 558 92.82 -11.91 52.58
CA LYS R 558 92.68 -13.21 51.94
C LYS R 558 94.05 -13.82 51.77
N PHE R 559 94.28 -14.95 52.43
CA PHE R 559 95.54 -15.67 52.29
C PHE R 559 95.44 -16.74 51.21
N ASN R 560 96.60 -17.25 50.79
CA ASN R 560 96.72 -18.30 49.77
C ASN R 560 96.01 -17.85 48.49
N VAL R 561 96.60 -16.83 47.86
CA VAL R 561 95.98 -16.21 46.69
C VAL R 561 96.07 -17.16 45.50
N GLY R 562 94.92 -17.41 44.88
CA GLY R 562 94.89 -18.25 43.69
C GLY R 562 95.13 -19.72 43.92
N MET R 563 95.00 -20.18 45.16
CA MET R 563 95.20 -21.60 45.50
C MET R 563 96.56 -22.12 45.03
N ASN R 564 97.58 -21.29 45.17
CA ASN R 564 98.94 -21.68 44.83
C ASN R 564 99.70 -22.28 46.01
N GLY R 565 99.05 -22.46 47.14
CA GLY R 565 99.70 -23.04 48.32
C GLY R 565 98.92 -24.23 48.84
N TYR R 566 99.66 -25.23 49.31
CA TYR R 566 99.06 -26.47 49.79
C TYR R 566 98.81 -26.39 51.29
N TYR R 567 97.86 -25.53 51.64
CA TYR R 567 97.42 -25.36 53.03
C TYR R 567 96.01 -24.81 53.01
N ILE R 568 95.38 -24.78 54.20
CA ILE R 568 94.07 -24.15 54.31
C ILE R 568 94.13 -23.05 55.36
N VAL R 569 93.20 -22.12 55.26
CA VAL R 569 93.23 -20.86 56.00
C VAL R 569 91.92 -20.70 56.78
N HIS R 570 92.05 -20.34 58.06
CA HIS R 570 90.93 -20.00 58.92
C HIS R 570 91.11 -18.56 59.41
N TYR R 571 90.01 -17.83 59.53
CA TYR R 571 90.03 -16.42 59.90
C TYR R 571 89.27 -16.22 61.20
N GLU R 572 89.92 -15.59 62.18
CA GLU R 572 89.28 -15.39 63.47
C GLU R 572 88.39 -14.15 63.44
N ASP R 573 87.52 -14.06 64.44
CA ASP R 573 86.62 -12.91 64.65
C ASP R 573 85.66 -12.79 63.46
N ASP R 574 85.38 -11.58 63.00
CA ASP R 574 84.43 -11.40 61.91
C ASP R 574 85.04 -11.53 60.52
N GLY R 575 86.15 -12.26 60.37
CA GLY R 575 86.77 -12.41 59.06
C GLY R 575 85.89 -13.17 58.09
N TRP R 576 85.34 -14.31 58.53
CA TRP R 576 84.48 -15.10 57.66
C TRP R 576 83.18 -14.37 57.35
N ASP R 577 82.65 -13.62 58.31
CA ASP R 577 81.48 -12.79 58.04
C ASP R 577 81.78 -11.73 57.00
N SER R 578 82.96 -11.10 57.11
CA SER R 578 83.37 -10.10 56.12
C SER R 578 83.50 -10.72 54.74
N LEU R 579 84.05 -11.94 54.67
CA LEU R 579 84.20 -12.59 53.37
C LEU R 579 82.86 -12.97 52.77
N THR R 580 81.91 -13.41 53.61
CA THR R 580 80.56 -13.68 53.13
C THR R 580 79.90 -12.42 52.61
N GLY R 581 80.04 -11.31 53.33
CA GLY R 581 79.50 -10.05 52.84
C GLY R 581 80.12 -9.61 51.54
N LEU R 582 81.44 -9.77 51.40
CA LEU R 582 82.12 -9.44 50.16
C LEU R 582 81.57 -10.28 49.01
N LEU R 583 81.42 -11.59 49.23
CA LEU R 583 80.92 -12.45 48.17
C LEU R 583 79.50 -12.07 47.76
N LYS R 584 78.64 -11.78 48.74
CA LYS R 584 77.28 -11.39 48.40
C LYS R 584 77.19 -10.00 47.79
N GLY R 585 78.17 -9.14 48.03
CA GLY R 585 78.15 -7.80 47.48
C GLY R 585 78.77 -7.71 46.10
N THR R 586 80.08 -7.92 46.00
CA THR R 586 80.80 -7.85 44.73
C THR R 586 81.75 -9.05 44.70
N HIS R 587 81.21 -10.20 44.27
CA HIS R 587 81.99 -11.43 44.20
C HIS R 587 83.17 -11.31 43.25
N THR R 588 83.14 -10.38 42.30
CA THR R 588 84.24 -10.18 41.37
C THR R 588 85.46 -9.52 42.02
N ALA R 589 85.41 -9.22 43.32
CA ALA R 589 86.56 -8.62 43.99
C ALA R 589 87.71 -9.60 44.13
N VAL R 590 87.45 -10.90 44.10
CA VAL R 590 88.50 -11.92 44.14
C VAL R 590 88.35 -12.83 42.92
N SER R 591 89.36 -13.66 42.73
CA SER R 591 89.42 -14.51 41.55
C SER R 591 88.52 -15.74 41.70
N SER R 592 88.32 -16.45 40.59
CA SER R 592 87.52 -17.66 40.60
C SER R 592 88.14 -18.71 41.52
N ASN R 593 89.46 -18.92 41.39
CA ASN R 593 90.15 -19.86 42.27
C ASN R 593 90.07 -19.41 43.73
N ASP R 594 90.07 -18.10 43.98
CA ASP R 594 89.95 -17.60 45.34
C ASP R 594 88.59 -17.92 45.92
N ARG R 595 87.52 -17.71 45.14
CA ARG R 595 86.18 -18.08 45.60
C ARG R 595 86.06 -19.59 45.85
N ALA R 596 86.62 -20.40 44.94
CA ALA R 596 86.59 -21.84 45.12
C ALA R 596 87.32 -22.25 46.40
N SER R 597 88.49 -21.65 46.65
CA SER R 597 89.23 -21.94 47.87
C SER R 597 88.45 -21.49 49.10
N LEU R 598 87.75 -20.37 49.00
CA LEU R 598 86.93 -19.91 50.13
C LEU R 598 85.87 -20.95 50.47
N ILE R 599 85.13 -21.42 49.46
CA ILE R 599 84.08 -22.42 49.70
C ILE R 599 84.68 -23.69 50.28
N ASN R 600 85.70 -24.25 49.62
CA ASN R 600 86.27 -25.51 50.04
C ASN R 600 86.85 -25.42 51.45
N ASN R 601 87.59 -24.36 51.74
CA ASN R 601 88.20 -24.20 53.06
C ASN R 601 87.15 -24.02 54.14
N ALA R 602 86.09 -23.24 53.85
CA ALA R 602 85.01 -23.08 54.82
C ALA R 602 84.39 -24.43 55.18
N PHE R 603 84.12 -25.26 54.18
CA PHE R 603 83.49 -26.54 54.48
C PHE R 603 84.46 -27.52 55.15
N GLN R 604 85.75 -27.47 54.76
CA GLN R 604 86.73 -28.31 55.43
C GLN R 604 86.92 -27.90 56.88
N LEU R 605 86.73 -26.62 57.19
CA LEU R 605 86.78 -26.18 58.58
C LEU R 605 85.51 -26.57 59.33
N VAL R 606 84.37 -26.59 58.64
CA VAL R 606 83.16 -27.17 59.22
C VAL R 606 83.41 -28.62 59.61
N SER R 607 84.21 -29.33 58.81
CA SER R 607 84.49 -30.74 59.08
C SER R 607 85.19 -30.96 60.42
N ILE R 608 85.81 -29.93 61.01
CA ILE R 608 86.48 -30.06 62.29
C ILE R 608 85.94 -29.09 63.34
N GLY R 609 84.96 -28.25 62.99
CA GLY R 609 84.28 -27.43 63.98
C GLY R 609 84.76 -26.00 64.12
N LYS R 610 85.73 -25.56 63.31
CA LYS R 610 86.15 -24.17 63.35
C LYS R 610 85.14 -23.21 62.72
N LEU R 611 84.08 -23.71 62.09
CA LEU R 611 83.08 -22.86 61.48
C LEU R 611 81.77 -23.62 61.41
N SER R 612 80.66 -22.91 61.62
CA SER R 612 79.35 -23.53 61.65
C SER R 612 78.83 -23.80 60.25
N ILE R 613 78.11 -24.91 60.09
CA ILE R 613 77.52 -25.26 58.80
C ILE R 613 76.50 -24.21 58.36
N GLU R 614 75.82 -23.57 59.32
CA GLU R 614 74.86 -22.54 58.97
C GLU R 614 75.53 -21.36 58.29
N LYS R 615 76.61 -20.86 58.88
CA LYS R 615 77.36 -19.76 58.26
C LYS R 615 78.03 -20.20 56.96
N ALA R 616 78.48 -21.46 56.89
CA ALA R 616 79.05 -21.96 55.65
C ALA R 616 78.02 -21.93 54.51
N LEU R 617 76.80 -22.38 54.80
CA LEU R 617 75.76 -22.36 53.77
C LEU R 617 75.32 -20.93 53.44
N ASP R 618 75.30 -20.05 54.45
CA ASP R 618 75.06 -18.64 54.18
C ASP R 618 76.10 -18.08 53.21
N LEU R 619 77.36 -18.45 53.40
CA LEU R 619 78.40 -18.06 52.46
C LEU R 619 78.14 -18.66 51.08
N SER R 620 77.70 -19.92 51.04
CA SER R 620 77.41 -20.58 49.78
C SER R 620 76.26 -19.89 49.04
N LEU R 621 75.37 -19.22 49.78
CA LEU R 621 74.23 -18.53 49.17
C LEU R 621 74.66 -17.52 48.11
N TYR R 622 75.93 -17.10 48.11
CA TYR R 622 76.39 -16.15 47.11
C TYR R 622 76.43 -16.77 45.72
N LEU R 623 76.40 -18.11 45.64
CA LEU R 623 76.41 -18.80 44.36
C LEU R 623 75.14 -18.58 43.55
N LYS R 624 74.12 -17.94 44.15
CA LYS R 624 72.91 -17.61 43.41
C LYS R 624 73.21 -16.70 42.23
N HIS R 625 74.28 -15.93 42.31
CA HIS R 625 74.71 -15.04 41.22
C HIS R 625 76.07 -15.41 40.67
N GLU R 626 76.62 -16.57 41.05
CA GLU R 626 77.91 -17.02 40.56
C GLU R 626 77.79 -17.63 39.17
N THR R 627 78.81 -17.40 38.34
CA THR R 627 78.80 -17.86 36.97
C THR R 627 80.11 -18.52 36.53
N GLU R 628 81.11 -18.61 37.39
CA GLU R 628 82.42 -19.10 36.97
C GLU R 628 82.58 -20.59 37.28
N ILE R 629 83.31 -21.26 36.39
CA ILE R 629 83.34 -22.72 36.39
C ILE R 629 84.02 -23.25 37.65
N MET R 630 85.15 -22.65 38.05
CA MET R 630 85.86 -23.17 39.21
C MET R 630 85.04 -23.02 40.49
N PRO R 631 84.51 -21.86 40.84
CA PRO R 631 83.70 -21.79 42.07
C PRO R 631 82.41 -22.61 41.99
N VAL R 632 81.74 -22.63 40.85
CA VAL R 632 80.50 -23.42 40.75
C VAL R 632 80.81 -24.91 40.92
N PHE R 633 81.83 -25.40 40.22
CA PHE R 633 82.18 -26.81 40.32
C PHE R 633 82.65 -27.17 41.73
N GLN R 634 83.37 -26.25 42.38
CA GLN R 634 83.82 -26.54 43.74
C GLN R 634 82.66 -26.57 44.72
N GLY R 635 81.70 -25.66 44.56
CA GLY R 635 80.50 -25.72 45.38
C GLY R 635 79.74 -27.01 45.18
N LEU R 636 79.64 -27.47 43.93
CA LEU R 636 78.98 -28.76 43.68
C LEU R 636 79.75 -29.90 44.31
N ASN R 637 81.07 -29.92 44.16
CA ASN R 637 81.88 -31.01 44.73
C ASN R 637 81.82 -31.01 46.26
N GLU R 638 81.57 -29.86 46.87
CA GLU R 638 81.48 -29.80 48.33
C GLU R 638 80.06 -30.00 48.86
N LEU R 639 79.05 -29.81 48.03
CA LEU R 639 77.67 -29.97 48.48
C LEU R 639 77.06 -31.32 48.13
N ILE R 640 77.43 -31.92 47.00
CA ILE R 640 76.84 -33.19 46.59
C ILE R 640 77.04 -34.30 47.62
N PRO R 641 78.24 -34.51 48.18
CA PRO R 641 78.41 -35.58 49.17
C PRO R 641 77.46 -35.51 50.35
N MET R 642 76.92 -34.33 50.65
CA MET R 642 75.98 -34.22 51.78
C MET R 642 74.68 -34.96 51.49
N TYR R 643 74.03 -34.64 50.37
CA TYR R 643 72.82 -35.40 50.04
C TYR R 643 73.15 -36.81 49.61
N LYS R 644 74.39 -37.08 49.19
CA LYS R 644 74.79 -38.47 48.97
C LYS R 644 74.79 -39.25 50.28
N LEU R 645 75.26 -38.62 51.36
CA LEU R 645 75.15 -39.24 52.68
C LEU R 645 73.69 -39.40 53.08
N MET R 646 72.86 -38.41 52.75
CA MET R 646 71.46 -38.48 53.13
C MET R 646 70.73 -39.61 52.41
N GLU R 647 71.10 -39.87 51.15
CA GLU R 647 70.43 -40.90 50.37
C GLU R 647 70.59 -42.30 50.97
N LYS R 648 71.70 -42.54 51.66
CA LYS R 648 71.98 -43.86 52.23
C LYS R 648 71.18 -44.14 53.50
N ARG R 649 70.34 -43.22 53.94
CA ARG R 649 69.58 -43.35 55.17
C ARG R 649 68.11 -43.06 54.91
N ASP R 650 67.32 -43.12 55.98
CA ASP R 650 65.90 -42.77 55.94
C ASP R 650 65.77 -41.28 56.27
N MET R 651 65.94 -40.45 55.23
CA MET R 651 65.96 -39.00 55.40
C MET R 651 65.36 -38.34 54.17
N ASN R 652 64.19 -38.82 53.74
CA ASN R 652 63.62 -38.38 52.48
C ASN R 652 63.24 -36.90 52.51
N GLU R 653 62.58 -36.45 53.59
CA GLU R 653 62.13 -35.07 53.67
C GLU R 653 63.31 -34.10 53.61
N VAL R 654 64.31 -34.32 54.46
CA VAL R 654 65.45 -33.41 54.53
C VAL R 654 66.27 -33.48 53.25
N GLU R 655 66.40 -34.68 52.68
CA GLU R 655 67.13 -34.84 51.43
C GLU R 655 66.44 -34.08 50.29
N THR R 656 65.11 -34.15 50.23
CA THR R 656 64.38 -33.42 49.19
C THR R 656 64.49 -31.92 49.39
N GLN R 657 64.38 -31.46 50.65
CA GLN R 657 64.59 -30.04 50.93
C GLN R 657 65.96 -29.58 50.47
N PHE R 658 66.99 -30.38 50.73
CA PHE R 658 68.35 -30.01 50.34
C PHE R 658 68.50 -29.96 48.82
N LYS R 659 67.95 -30.96 48.12
CA LYS R 659 68.05 -30.96 46.66
C LYS R 659 67.31 -29.76 46.07
N ALA R 660 66.13 -29.42 46.63
CA ALA R 660 65.40 -28.26 46.13
C ALA R 660 66.18 -26.98 46.35
N PHE R 661 66.80 -26.81 47.53
CA PHE R 661 67.62 -25.63 47.77
C PHE R 661 68.81 -25.58 46.81
N LEU R 662 69.48 -26.72 46.62
CA LEU R 662 70.63 -26.77 45.73
C LEU R 662 70.26 -26.36 44.31
N ILE R 663 69.13 -26.88 43.82
CA ILE R 663 68.71 -26.53 42.46
C ILE R 663 68.31 -25.07 42.37
N ARG R 664 67.60 -24.55 43.39
CA ARG R 664 67.20 -23.16 43.38
C ARG R 664 68.39 -22.21 43.47
N LEU R 665 69.51 -22.66 44.03
CA LEU R 665 70.68 -21.80 44.12
C LEU R 665 71.26 -21.49 42.75
N LEU R 666 71.28 -22.48 41.85
CA LEU R 666 71.83 -22.29 40.51
C LEU R 666 70.75 -22.23 39.43
N ARG R 667 69.48 -22.09 39.82
CA ARG R 667 68.40 -22.08 38.85
C ARG R 667 68.56 -20.96 37.84
N ASP R 668 69.03 -19.79 38.28
CA ASP R 668 69.20 -18.67 37.36
C ASP R 668 70.20 -19.00 36.26
N LEU R 669 71.36 -19.53 36.65
CA LEU R 669 72.39 -19.89 35.66
C LEU R 669 71.92 -21.05 34.78
N ILE R 670 71.23 -22.02 35.36
CA ILE R 670 70.73 -23.15 34.57
C ILE R 670 69.74 -22.67 33.52
N ASP R 671 68.84 -21.75 33.90
CA ASP R 671 67.90 -21.20 32.95
C ASP R 671 68.61 -20.39 31.87
N LYS R 672 69.65 -19.65 32.25
CA LYS R 672 70.38 -18.88 31.26
C LYS R 672 71.20 -19.75 30.31
N GLN R 673 71.55 -20.97 30.73
CA GLN R 673 72.29 -21.87 29.85
C GLN R 673 71.48 -22.23 28.62
N THR R 674 72.14 -22.22 27.46
CA THR R 674 71.54 -22.63 26.21
C THR R 674 71.70 -24.13 25.99
N TRP R 675 71.04 -24.65 24.95
CA TRP R 675 71.10 -26.07 24.64
C TRP R 675 71.84 -26.31 23.33
N THR R 676 73.10 -25.88 23.26
CA THR R 676 73.92 -26.00 22.07
C THR R 676 75.36 -26.27 22.49
N ASP R 677 76.24 -26.45 21.50
CA ASP R 677 77.66 -26.66 21.73
C ASP R 677 78.48 -25.39 21.54
N GLU R 678 77.92 -24.25 21.91
CA GLU R 678 78.60 -22.97 21.71
C GLU R 678 79.55 -22.67 22.87
N GLY R 679 80.42 -21.68 22.65
CA GLY R 679 81.28 -21.19 23.71
C GLY R 679 82.61 -21.91 23.80
N SER R 680 83.44 -21.41 24.73
CA SER R 680 84.77 -21.95 24.96
C SER R 680 84.66 -23.31 25.66
N VAL R 681 85.83 -23.95 25.86
CA VAL R 681 85.87 -25.24 26.53
C VAL R 681 85.30 -25.13 27.94
N SER R 682 85.69 -24.08 28.67
CA SER R 682 85.19 -23.86 30.02
C SER R 682 83.67 -23.71 30.02
N GLU R 683 83.14 -22.86 29.14
CA GLU R 683 81.70 -22.63 29.08
C GLU R 683 80.95 -23.90 28.69
N ARG R 684 81.52 -24.70 27.79
CA ARG R 684 80.86 -25.93 27.38
C ARG R 684 80.81 -26.95 28.51
N MET R 685 81.92 -27.12 29.24
CA MET R 685 81.89 -28.06 30.36
C MET R 685 80.93 -27.59 31.44
N LEU R 686 80.90 -26.28 31.69
CA LEU R 686 79.93 -25.73 32.65
C LEU R 686 78.50 -26.03 32.22
N ARG R 687 78.19 -25.82 30.93
CA ARG R 687 76.84 -26.09 30.44
C ARG R 687 76.50 -27.57 30.60
N SER R 688 77.42 -28.45 30.22
CA SER R 688 77.15 -29.88 30.29
C SER R 688 76.82 -30.28 31.72
N GLN R 689 77.67 -29.87 32.68
CA GLN R 689 77.45 -30.27 34.06
C GLN R 689 76.18 -29.63 34.62
N LEU R 690 75.89 -28.38 34.25
CA LEU R 690 74.69 -27.73 34.78
C LEU R 690 73.42 -28.40 34.27
N LEU R 691 73.33 -28.65 32.96
CA LEU R 691 72.15 -29.31 32.41
C LEU R 691 72.01 -30.72 32.97
N LEU R 692 73.12 -31.45 33.10
CA LEU R 692 73.04 -32.79 33.67
C LEU R 692 72.54 -32.74 35.10
N LEU R 693 73.06 -31.82 35.91
CA LEU R 693 72.62 -31.70 37.30
C LEU R 693 71.13 -31.38 37.40
N ALA R 694 70.68 -30.39 36.63
CA ALA R 694 69.26 -30.00 36.69
C ALA R 694 68.35 -31.14 36.26
N CYS R 695 68.68 -31.78 35.12
CA CYS R 695 67.82 -32.85 34.65
CA CYS R 695 67.86 -32.88 34.63
C CYS R 695 67.87 -34.06 35.58
N VAL R 696 68.99 -34.29 36.28
CA VAL R 696 69.05 -35.38 37.25
C VAL R 696 68.17 -35.07 38.45
N HIS R 697 68.19 -33.83 38.93
CA HIS R 697 67.40 -33.43 40.07
C HIS R 697 65.99 -32.97 39.70
N ASN R 698 65.56 -33.24 38.45
CA ASN R 698 64.14 -33.17 38.06
C ASN R 698 63.65 -31.74 37.91
N TYR R 699 64.42 -30.91 37.22
CA TYR R 699 63.95 -29.60 36.80
C TYR R 699 63.03 -29.80 35.60
N GLN R 700 61.74 -29.62 35.80
CA GLN R 700 60.77 -30.03 34.79
C GLN R 700 60.96 -29.39 33.42
N PRO R 701 61.35 -28.11 33.28
CA PRO R 701 61.68 -27.61 31.93
C PRO R 701 62.80 -28.41 31.27
N CYS R 702 63.89 -28.65 31.99
CA CYS R 702 64.98 -29.47 31.46
CA CYS R 702 64.96 -29.46 31.44
C CYS R 702 64.48 -30.86 31.09
N VAL R 703 63.67 -31.47 31.96
CA VAL R 703 63.18 -32.81 31.71
C VAL R 703 62.32 -32.85 30.45
N GLN R 704 61.45 -31.85 30.28
CA GLN R 704 60.59 -31.80 29.10
C GLN R 704 61.41 -31.64 27.82
N ARG R 705 62.37 -30.70 27.83
CA ARG R 705 63.15 -30.48 26.61
C ARG R 705 64.03 -31.67 26.29
N ALA R 706 64.59 -32.32 27.32
CA ALA R 706 65.43 -33.49 27.09
C ALA R 706 64.59 -34.67 26.61
N GLU R 707 63.36 -34.81 27.13
CA GLU R 707 62.45 -35.83 26.63
C GLU R 707 62.10 -35.58 25.16
N GLY R 708 61.90 -34.32 24.78
CA GLY R 708 61.65 -34.01 23.38
C GLY R 708 62.83 -34.38 22.49
N TYR R 709 64.04 -33.98 22.91
CA TYR R 709 65.23 -34.32 22.13
C TYR R 709 65.42 -35.83 22.02
N PHE R 710 65.22 -36.54 23.14
CA PHE R 710 65.37 -38.00 23.12
C PHE R 710 64.28 -38.66 22.27
N ARG R 711 63.07 -38.10 22.27
CA ARG R 711 62.02 -38.65 21.41
C ARG R 711 62.41 -38.52 19.95
N LYS R 712 62.85 -37.32 19.55
CA LYS R 712 63.28 -37.14 18.16
C LYS R 712 64.46 -38.05 17.82
N TRP R 713 65.40 -38.21 18.74
CA TRP R 713 66.58 -39.03 18.47
C TRP R 713 66.22 -40.51 18.35
N LYS R 714 65.42 -41.02 19.28
CA LYS R 714 65.02 -42.42 19.25
C LYS R 714 64.17 -42.72 18.02
N GLU R 715 63.30 -41.78 17.63
CA GLU R 715 62.53 -41.98 16.40
C GLU R 715 63.42 -41.89 15.17
N SER R 716 64.51 -41.13 15.25
CA SER R 716 65.49 -41.07 14.16
C SER R 716 66.44 -42.27 14.16
N ASN R 717 66.37 -43.12 15.18
CA ASN R 717 67.17 -44.35 15.25
C ASN R 717 68.66 -44.02 15.41
N GLY R 718 68.94 -43.09 16.32
CA GLY R 718 70.30 -42.65 16.58
C GLY R 718 70.93 -41.78 15.51
N ASN R 719 70.26 -41.59 14.37
CA ASN R 719 70.85 -40.84 13.27
C ASN R 719 70.85 -39.35 13.53
N LEU R 720 69.90 -38.84 14.31
CA LEU R 720 69.84 -37.41 14.58
C LEU R 720 71.06 -37.00 15.38
N SER R 721 71.75 -35.95 14.90
CA SER R 721 72.93 -35.44 15.58
C SER R 721 72.51 -34.54 16.73
N LEU R 722 72.87 -34.92 17.95
CA LEU R 722 72.54 -34.14 19.12
C LEU R 722 73.74 -33.30 19.56
N PRO R 723 73.49 -32.17 20.22
CA PRO R 723 74.60 -31.40 20.80
C PRO R 723 75.35 -32.25 21.82
N VAL R 724 76.68 -32.31 21.65
CA VAL R 724 77.50 -33.18 22.48
C VAL R 724 77.40 -32.81 23.95
N ASP R 725 77.22 -31.53 24.25
CA ASP R 725 77.14 -31.11 25.65
C ASP R 725 75.83 -31.55 26.29
N VAL R 726 74.70 -31.40 25.58
CA VAL R 726 73.42 -31.83 26.11
C VAL R 726 73.19 -33.33 25.96
N THR R 727 74.10 -34.03 25.29
CA THR R 727 73.96 -35.48 25.12
C THR R 727 73.89 -36.19 26.47
N LEU R 728 74.71 -35.75 27.43
CA LEU R 728 74.69 -36.36 28.76
C LEU R 728 73.31 -36.28 29.39
N ALA R 729 72.75 -35.06 29.43
CA ALA R 729 71.44 -34.86 30.04
C ALA R 729 70.36 -35.63 29.28
N VAL R 730 70.43 -35.62 27.94
CA VAL R 730 69.40 -36.29 27.14
C VAL R 730 69.41 -37.79 27.41
N PHE R 731 70.61 -38.38 27.44
CA PHE R 731 70.72 -39.81 27.71
C PHE R 731 70.27 -40.14 29.12
N ALA R 732 70.68 -39.32 30.10
CA ALA R 732 70.30 -39.58 31.49
C ALA R 732 68.79 -39.50 31.67
N VAL R 733 68.13 -38.60 30.93
CA VAL R 733 66.67 -38.51 31.02
C VAL R 733 66.02 -39.69 30.31
N GLY R 734 66.49 -40.01 29.10
CA GLY R 734 65.86 -41.06 28.32
C GLY R 734 66.02 -42.44 28.90
N ALA R 735 67.07 -42.67 29.69
CA ALA R 735 67.33 -43.99 30.26
C ALA R 735 66.44 -44.31 31.46
N GLN R 736 65.48 -43.44 31.81
CA GLN R 736 64.63 -43.70 32.96
C GLN R 736 63.55 -44.74 32.66
N SER R 737 63.06 -44.80 31.42
CA SER R 737 62.08 -45.79 31.05
C SER R 737 62.77 -47.03 30.48
N THR R 738 62.09 -48.17 30.61
CA THR R 738 62.66 -49.43 30.13
C THR R 738 62.88 -49.38 28.62
N GLU R 739 61.94 -48.79 27.87
CA GLU R 739 62.06 -48.70 26.42
C GLU R 739 63.33 -47.95 26.01
N GLY R 740 63.51 -46.73 26.54
CA GLY R 740 64.69 -45.96 26.22
C GLY R 740 65.97 -46.58 26.74
N TRP R 741 65.89 -47.25 27.90
CA TRP R 741 67.05 -47.96 28.44
C TRP R 741 67.53 -49.03 27.46
N ASP R 742 66.61 -49.87 27.00
CA ASP R 742 66.97 -50.91 26.05
C ASP R 742 67.45 -50.34 24.73
N PHE R 743 66.86 -49.22 24.29
CA PHE R 743 67.31 -48.60 23.05
C PHE R 743 68.75 -48.10 23.17
N LEU R 744 69.05 -47.39 24.27
CA LEU R 744 70.41 -46.92 24.50
C LEU R 744 71.40 -48.07 24.57
N TYR R 745 71.05 -49.16 25.27
CA TYR R 745 71.98 -50.27 25.33
C TYR R 745 72.16 -50.92 23.96
N SER R 746 71.08 -50.99 23.16
CA SER R 746 71.21 -51.56 21.83
C SER R 746 72.17 -50.74 20.96
N LYS R 747 72.17 -49.41 21.14
CA LYS R 747 73.11 -48.59 20.39
C LYS R 747 74.53 -48.66 20.94
N TYR R 748 74.65 -48.95 22.25
CA TYR R 748 75.96 -49.00 22.90
C TYR R 748 76.92 -49.96 22.21
N GLN R 749 76.45 -51.16 21.85
CA GLN R 749 77.34 -52.17 21.30
C GLN R 749 78.02 -51.70 20.03
N PHE R 750 77.27 -51.04 19.14
CA PHE R 750 77.79 -50.66 17.84
C PHE R 750 78.40 -49.26 17.80
N SER R 751 78.16 -48.43 18.81
CA SER R 751 78.81 -47.12 18.84
C SER R 751 80.33 -47.28 18.90
N LEU R 752 81.04 -46.32 18.32
CA LEU R 752 82.49 -46.33 18.30
C LEU R 752 83.13 -45.11 18.94
N SER R 753 82.33 -44.15 19.43
CA SER R 753 82.86 -42.99 20.12
C SER R 753 82.93 -43.28 21.62
N SER R 754 84.09 -43.04 22.23
CA SER R 754 84.27 -43.35 23.63
C SER R 754 83.48 -42.42 24.54
N THR R 755 83.35 -41.15 24.17
CA THR R 755 82.52 -40.23 24.93
C THR R 755 81.06 -40.68 24.91
N GLU R 756 80.57 -41.07 23.73
CA GLU R 756 79.21 -41.60 23.62
C GLU R 756 79.04 -42.86 24.45
N LYS R 757 80.05 -43.74 24.43
CA LYS R 757 79.99 -44.96 25.23
C LYS R 757 79.90 -44.65 26.71
N SER R 758 80.74 -43.73 27.20
CA SER R 758 80.74 -43.38 28.60
C SER R 758 79.43 -42.71 29.01
N GLN R 759 78.88 -41.86 28.13
CA GLN R 759 77.61 -41.21 28.44
C GLN R 759 76.47 -42.21 28.50
N ILE R 760 76.47 -43.20 27.60
CA ILE R 760 75.47 -44.26 27.69
C ILE R 760 75.65 -45.06 28.98
N GLU R 761 76.90 -45.30 29.38
CA GLU R 761 77.17 -46.01 30.62
C GLU R 761 76.57 -45.27 31.81
N PHE R 762 76.81 -43.96 31.88
CA PHE R 762 76.26 -43.14 32.96
C PHE R 762 74.74 -43.14 32.94
N ALA R 763 74.15 -43.01 31.74
CA ALA R 763 72.70 -43.02 31.63
C ALA R 763 72.12 -44.33 32.13
N LEU R 764 72.71 -45.46 31.75
CA LEU R 764 72.20 -46.75 32.18
C LEU R 764 72.40 -46.97 33.67
N CYS R 765 73.48 -46.44 34.25
CA CYS R 765 73.65 -46.55 35.69
C CYS R 765 72.70 -45.63 36.45
N ARG R 766 72.23 -44.56 35.82
CA ARG R 766 71.23 -43.68 36.43
C ARG R 766 69.84 -44.32 36.54
N THR R 767 69.64 -45.61 36.27
CA THR R 767 68.30 -46.18 36.28
C THR R 767 67.88 -46.56 37.69
N GLN R 768 66.59 -46.88 37.83
CA GLN R 768 66.00 -47.33 39.08
C GLN R 768 65.80 -48.83 39.13
N ASN R 769 66.03 -49.54 38.03
CA ASN R 769 65.76 -50.97 37.94
C ASN R 769 66.89 -51.73 38.63
N LYS R 770 66.57 -52.39 39.73
CA LYS R 770 67.57 -53.17 40.46
C LYS R 770 68.13 -54.28 39.57
N GLU R 771 67.27 -54.94 38.81
CA GLU R 771 67.73 -56.02 37.95
C GLU R 771 68.62 -55.49 36.83
N LYS R 772 68.31 -54.32 36.28
CA LYS R 772 69.17 -53.76 35.24
C LYS R 772 70.51 -53.33 35.80
N LEU R 773 70.54 -52.78 37.01
CA LEU R 773 71.82 -52.50 37.65
C LEU R 773 72.62 -53.78 37.86
N GLN R 774 71.96 -54.84 38.33
CA GLN R 774 72.62 -56.13 38.50
C GLN R 774 73.16 -56.66 37.19
N TRP R 775 72.42 -56.48 36.11
CA TRP R 775 72.86 -56.92 34.79
C TRP R 775 74.06 -56.13 34.31
N LEU R 776 74.04 -54.82 34.50
CA LEU R 776 75.20 -54.00 34.16
C LEU R 776 76.44 -54.49 34.90
N LEU R 777 76.31 -54.70 36.21
CA LEU R 777 77.43 -55.18 37.00
C LEU R 777 77.96 -56.51 36.48
N ASP R 778 77.07 -57.49 36.34
CA ASP R 778 77.48 -58.84 35.93
C ASP R 778 78.13 -58.83 34.55
N GLU R 779 77.54 -58.12 33.59
CA GLU R 779 78.07 -58.17 32.23
C GLU R 779 79.37 -57.39 32.12
N SER R 780 79.49 -56.26 32.82
CA SER R 780 80.76 -55.54 32.81
C SER R 780 81.85 -56.33 33.53
N PHE R 781 81.46 -57.20 34.48
CA PHE R 781 82.43 -58.11 35.06
C PHE R 781 82.86 -59.18 34.06
N LYS R 782 81.88 -59.80 33.38
CA LYS R 782 82.22 -60.86 32.43
C LYS R 782 83.11 -60.33 31.31
N GLY R 783 82.86 -59.10 30.85
CA GLY R 783 83.73 -58.48 29.87
C GLY R 783 83.38 -58.70 28.42
N ASP R 784 82.21 -59.27 28.12
CA ASP R 784 81.81 -59.51 26.73
C ASP R 784 80.99 -58.34 26.20
N LYS R 785 79.76 -58.19 26.72
CA LYS R 785 78.91 -57.11 26.26
C LYS R 785 79.44 -55.74 26.68
N ILE R 786 80.07 -55.67 27.85
CA ILE R 786 80.76 -54.47 28.32
C ILE R 786 82.13 -54.92 28.82
N LYS R 787 83.20 -54.34 28.26
CA LYS R 787 84.55 -54.78 28.60
C LYS R 787 84.84 -54.60 30.08
N THR R 788 85.73 -55.46 30.59
CA THR R 788 86.03 -55.49 32.02
C THR R 788 86.77 -54.25 32.49
N GLN R 789 87.48 -53.55 31.60
CA GLN R 789 88.20 -52.34 32.02
C GLN R 789 87.27 -51.27 32.55
N GLU R 790 86.00 -51.30 32.15
CA GLU R 790 85.00 -50.33 32.59
C GLU R 790 84.33 -50.71 33.90
N PHE R 791 84.67 -51.86 34.49
CA PHE R 791 83.96 -52.34 35.67
C PHE R 791 84.05 -51.41 36.87
N PRO R 792 85.22 -50.88 37.26
CA PRO R 792 85.25 -50.06 38.49
C PRO R 792 84.39 -48.82 38.43
N GLN R 793 84.37 -48.11 37.29
CA GLN R 793 83.52 -46.92 37.19
C GLN R 793 82.05 -47.29 37.26
N ILE R 794 81.65 -48.40 36.64
CA ILE R 794 80.26 -48.83 36.71
C ILE R 794 79.90 -49.19 38.15
N LEU R 795 80.81 -49.85 38.86
CA LEU R 795 80.57 -50.17 40.27
C LEU R 795 80.41 -48.89 41.09
N THR R 796 81.24 -47.88 40.82
CA THR R 796 81.14 -46.63 41.55
C THR R 796 79.84 -45.89 41.23
N LEU R 797 79.43 -45.89 39.95
CA LEU R 797 78.19 -45.23 39.57
C LEU R 797 76.99 -45.92 40.22
N ILE R 798 77.02 -47.25 40.30
CA ILE R 798 75.90 -47.95 40.93
C ILE R 798 75.92 -47.74 42.44
N GLY R 799 77.10 -47.64 43.05
CA GLY R 799 77.17 -47.25 44.45
C GLY R 799 76.71 -45.84 44.70
N ARG R 800 76.81 -44.97 43.68
CA ARG R 800 76.25 -43.63 43.79
C ARG R 800 74.72 -43.64 43.64
N ASN R 801 74.21 -44.51 42.77
CA ASN R 801 72.78 -44.60 42.54
C ASN R 801 72.06 -44.85 43.87
N PRO R 802 71.02 -44.07 44.20
CA PRO R 802 70.39 -44.22 45.52
C PRO R 802 69.77 -45.59 45.77
N VAL R 803 69.51 -46.39 44.73
CA VAL R 803 68.93 -47.71 44.88
C VAL R 803 69.91 -48.83 44.55
N GLY R 804 71.16 -48.50 44.24
CA GLY R 804 72.10 -49.51 43.79
C GLY R 804 73.28 -49.79 44.71
N TYR R 805 73.49 -48.94 45.71
CA TYR R 805 74.67 -49.11 46.57
C TYR R 805 74.70 -50.43 47.33
N PRO R 806 73.58 -51.02 47.81
CA PRO R 806 73.71 -52.35 48.42
C PRO R 806 74.12 -53.41 47.42
N LEU R 807 73.60 -53.33 46.18
CA LEU R 807 74.02 -54.27 45.14
C LEU R 807 75.51 -54.13 44.84
N ALA R 808 76.01 -52.90 44.76
CA ALA R 808 77.42 -52.70 44.46
C ALA R 808 78.29 -53.21 45.59
N TRP R 809 77.94 -52.87 46.83
CA TRP R 809 78.70 -53.33 47.99
C TRP R 809 78.71 -54.85 48.09
N GLN R 810 77.55 -55.49 47.90
CA GLN R 810 77.49 -56.94 47.95
C GLN R 810 78.27 -57.58 46.81
N PHE R 811 78.23 -56.98 45.61
CA PHE R 811 78.98 -57.54 44.49
C PHE R 811 80.48 -57.48 44.76
N LEU R 812 80.96 -56.34 45.27
CA LEU R 812 82.37 -56.25 45.63
C LEU R 812 82.74 -57.30 46.67
N ARG R 813 81.91 -57.43 47.72
CA ARG R 813 82.20 -58.40 48.76
C ARG R 813 82.24 -59.83 48.21
N LYS R 814 81.26 -60.19 47.38
CA LYS R 814 81.12 -61.57 46.95
C LYS R 814 82.06 -61.95 45.81
N ASN R 815 82.61 -60.98 45.08
CA ASN R 815 83.55 -61.28 44.01
C ASN R 815 84.91 -60.63 44.25
N TRP R 816 85.25 -60.35 45.52
CA TRP R 816 86.55 -59.79 45.85
C TRP R 816 87.70 -60.61 45.28
N ASN R 817 87.59 -61.95 45.33
CA ASN R 817 88.70 -62.81 44.94
C ASN R 817 89.05 -62.66 43.48
N LYS R 818 88.07 -62.84 42.58
CA LYS R 818 88.34 -62.71 41.15
C LYS R 818 88.70 -61.27 40.77
N LEU R 819 88.09 -60.29 41.46
CA LEU R 819 88.48 -58.91 41.23
C LEU R 819 89.94 -58.68 41.57
N VAL R 820 90.40 -59.28 42.68
CA VAL R 820 91.81 -59.19 43.03
C VAL R 820 92.66 -59.89 41.98
N GLN R 821 92.20 -61.03 41.47
CA GLN R 821 92.96 -61.74 40.44
C GLN R 821 93.09 -60.91 39.16
N LYS R 822 92.08 -60.10 38.86
CA LYS R 822 92.12 -59.32 37.62
C LYS R 822 92.84 -58.00 37.77
N PHE R 823 92.66 -57.30 38.90
CA PHE R 823 93.17 -55.94 39.04
C PHE R 823 94.37 -55.82 39.96
N GLU R 824 94.82 -56.93 40.58
CA GLU R 824 95.96 -56.94 41.51
C GLU R 824 95.66 -56.16 42.79
N LEU R 825 96.35 -56.53 43.87
CA LEU R 825 96.12 -55.89 45.15
C LEU R 825 96.75 -54.49 45.18
N GLY R 826 96.07 -53.57 45.88
CA GLY R 826 96.57 -52.23 46.07
C GLY R 826 96.54 -51.34 44.85
N SER R 827 96.05 -51.82 43.72
CA SER R 827 95.96 -50.98 42.54
C SER R 827 94.89 -49.90 42.72
N SER R 828 95.04 -48.83 41.92
CA SER R 828 94.07 -47.75 41.95
C SER R 828 92.68 -48.23 41.57
N SER R 829 92.56 -49.31 40.80
CA SER R 829 91.25 -49.86 40.49
C SER R 829 90.58 -50.41 41.75
N ILE R 830 91.31 -51.20 42.55
CA ILE R 830 90.77 -51.71 43.80
C ILE R 830 90.44 -50.58 44.75
N ALA R 831 91.32 -49.58 44.84
CA ALA R 831 91.04 -48.42 45.70
C ALA R 831 89.77 -47.71 45.24
N HIS R 832 89.66 -47.45 43.94
CA HIS R 832 88.48 -46.80 43.37
C HIS R 832 87.21 -47.56 43.72
N MET R 833 87.24 -48.89 43.56
CA MET R 833 86.06 -49.69 43.85
C MET R 833 85.67 -49.60 45.33
N VAL R 834 86.65 -49.83 46.21
CA VAL R 834 86.39 -49.81 47.65
C VAL R 834 85.81 -48.46 48.07
N MET R 835 86.46 -47.37 47.64
CA MET R 835 86.00 -46.05 48.08
C MET R 835 84.62 -45.72 47.48
N GLY R 836 84.41 -46.01 46.20
CA GLY R 836 83.11 -45.72 45.61
C GLY R 836 81.98 -46.50 46.22
N THR R 837 82.26 -47.70 46.72
CA THR R 837 81.21 -48.50 47.34
C THR R 837 81.02 -48.26 48.83
N THR R 838 82.02 -47.73 49.53
CA THR R 838 81.90 -47.62 50.99
C THR R 838 81.95 -46.20 51.53
N ASN R 839 82.64 -45.27 50.86
CA ASN R 839 82.93 -44.01 51.52
C ASN R 839 81.73 -43.07 51.59
N GLN R 840 80.53 -43.50 51.21
CA GLN R 840 79.32 -42.71 51.38
C GLN R 840 78.43 -43.22 52.51
N PHE R 841 78.92 -44.17 53.30
CA PHE R 841 78.14 -44.67 54.41
C PHE R 841 78.22 -43.70 55.59
N SER R 842 77.23 -43.78 56.47
CA SER R 842 77.09 -42.78 57.52
C SER R 842 76.73 -43.37 58.87
N THR R 843 76.57 -44.69 58.99
CA THR R 843 76.10 -45.32 60.21
C THR R 843 77.20 -46.20 60.80
N ARG R 844 77.11 -46.40 62.11
CA ARG R 844 78.02 -47.32 62.79
C ARG R 844 77.82 -48.75 62.30
N THR R 845 76.60 -49.10 61.91
CA THR R 845 76.35 -50.43 61.36
C THR R 845 77.15 -50.66 60.09
N ARG R 846 77.10 -49.70 59.15
CA ARG R 846 77.87 -49.80 57.92
C ARG R 846 79.37 -49.77 58.22
N LEU R 847 79.79 -48.93 59.18
CA LEU R 847 81.19 -48.87 59.55
C LEU R 847 81.69 -50.23 60.03
N GLU R 848 80.91 -50.91 60.88
CA GLU R 848 81.31 -52.20 61.39
C GLU R 848 81.26 -53.28 60.30
N GLU R 849 80.28 -53.19 59.39
CA GLU R 849 80.27 -54.09 58.25
C GLU R 849 81.57 -54.00 57.47
N VAL R 850 81.97 -52.78 57.11
CA VAL R 850 83.20 -52.58 56.35
C VAL R 850 84.40 -53.10 57.12
N LYS R 851 84.50 -52.71 58.40
CA LYS R 851 85.61 -53.14 59.23
C LYS R 851 85.72 -54.66 59.28
N GLY R 852 84.61 -55.33 59.59
CA GLY R 852 84.63 -56.78 59.72
C GLY R 852 84.97 -57.48 58.43
N PHE R 853 84.37 -57.05 57.32
CA PHE R 853 84.65 -57.69 56.03
C PHE R 853 86.12 -57.55 55.65
N PHE R 854 86.64 -56.32 55.67
CA PHE R 854 88.02 -56.14 55.24
C PHE R 854 89.02 -56.73 56.22
N SER R 855 88.63 -56.96 57.48
CA SER R 855 89.52 -57.67 58.39
C SER R 855 89.48 -59.17 58.15
N SER R 856 88.29 -59.72 57.87
CA SER R 856 88.17 -61.14 57.55
C SER R 856 88.86 -61.49 56.25
N LEU R 857 89.09 -60.51 55.36
CA LEU R 857 89.86 -60.77 54.16
C LEU R 857 91.26 -61.32 54.47
N LYS R 858 91.82 -60.94 55.62
CA LYS R 858 93.11 -61.44 56.12
C LYS R 858 94.22 -61.05 55.15
N GLU R 859 95.06 -61.99 54.71
CA GLU R 859 96.24 -61.64 53.91
C GLU R 859 95.92 -61.17 52.50
N ASN R 860 94.64 -61.08 52.14
CA ASN R 860 94.23 -60.70 50.80
C ASN R 860 93.53 -59.34 50.80
N GLY R 861 94.04 -58.38 51.56
CA GLY R 861 93.53 -57.03 51.49
C GLY R 861 93.20 -56.36 52.83
N SER R 862 93.45 -57.06 53.93
CA SER R 862 93.22 -56.43 55.24
C SER R 862 94.21 -55.31 55.53
N GLN R 863 95.38 -55.33 54.89
CA GLN R 863 96.43 -54.34 55.12
C GLN R 863 96.39 -53.22 54.09
N LEU R 864 95.22 -52.91 53.55
CA LEU R 864 95.10 -51.93 52.47
C LEU R 864 94.97 -50.50 52.99
N ARG R 865 95.81 -49.62 52.46
CA ARG R 865 95.73 -48.21 52.79
C ARG R 865 94.38 -47.64 52.41
N CYS R 866 93.79 -48.12 51.31
CA CYS R 866 92.45 -47.70 50.93
C CYS R 866 91.40 -48.21 51.91
N VAL R 867 91.61 -49.39 52.49
CA VAL R 867 90.70 -49.88 53.52
C VAL R 867 90.73 -48.96 54.73
N GLN R 868 91.94 -48.61 55.19
CA GLN R 868 92.07 -47.70 56.32
C GLN R 868 91.44 -46.34 55.99
N GLN R 869 91.63 -45.87 54.76
CA GLN R 869 91.07 -44.57 54.37
C GLN R 869 89.56 -44.59 54.38
N THR R 870 88.95 -45.65 53.86
CA THR R 870 87.49 -45.75 53.86
C THR R 870 86.94 -45.88 55.27
N ILE R 871 87.64 -46.62 56.14
CA ILE R 871 87.18 -46.73 57.53
C ILE R 871 87.19 -45.37 58.21
N GLU R 872 88.29 -44.63 58.07
CA GLU R 872 88.37 -43.33 58.71
C GLU R 872 87.41 -42.33 58.08
N THR R 873 87.17 -42.45 56.77
CA THR R 873 86.19 -41.59 56.10
C THR R 873 84.78 -41.88 56.61
N ILE R 874 84.45 -43.15 56.86
CA ILE R 874 83.13 -43.47 57.40
C ILE R 874 82.99 -42.93 58.82
N GLU R 875 84.08 -42.97 59.60
CA GLU R 875 84.03 -42.37 60.93
C GLU R 875 83.79 -40.87 60.84
N GLU R 876 84.49 -40.19 59.92
CA GLU R 876 84.27 -38.76 59.72
C GLU R 876 82.85 -38.46 59.27
N ASN R 877 82.28 -39.33 58.42
CA ASN R 877 80.90 -39.15 57.98
C ASN R 877 79.94 -39.32 59.16
N ILE R 878 80.18 -40.32 60.01
CA ILE R 878 79.34 -40.51 61.19
C ILE R 878 79.34 -39.26 62.06
N GLY R 879 80.54 -38.76 62.37
CA GLY R 879 80.63 -37.56 63.19
C GLY R 879 79.93 -36.36 62.57
N TRP R 880 80.25 -36.08 61.30
CA TRP R 880 79.70 -34.91 60.62
C TRP R 880 78.18 -34.99 60.52
N MET R 881 77.65 -36.19 60.24
CA MET R 881 76.20 -36.34 60.11
C MET R 881 75.51 -36.20 61.46
N ASP R 882 76.06 -36.83 62.49
CA ASP R 882 75.47 -36.68 63.82
C ASP R 882 75.51 -35.23 64.30
N LYS R 883 76.51 -34.46 63.85
CA LYS R 883 76.59 -33.08 64.35
C LYS R 883 75.72 -32.12 63.54
N ASN R 884 75.67 -32.25 62.22
CA ASN R 884 75.12 -31.18 61.38
C ASN R 884 73.79 -31.49 60.71
N PHE R 885 73.27 -32.72 60.81
CA PHE R 885 72.08 -33.08 60.03
C PHE R 885 70.87 -32.26 60.44
N ASP R 886 70.51 -32.30 61.73
CA ASP R 886 69.35 -31.53 62.18
C ASP R 886 69.59 -30.04 62.04
N LYS R 887 70.85 -29.62 62.19
CA LYS R 887 71.21 -28.24 61.91
C LYS R 887 70.85 -27.87 60.48
N ILE R 888 71.14 -28.77 59.54
CA ILE R 888 70.81 -28.51 58.13
C ILE R 888 69.30 -28.48 57.93
N ARG R 889 68.57 -29.36 58.63
CA ARG R 889 67.11 -29.35 58.51
C ARG R 889 66.54 -28.03 58.99
N VAL R 890 66.97 -27.57 60.17
CA VAL R 890 66.47 -26.31 60.71
C VAL R 890 66.87 -25.13 59.81
N TRP R 891 68.10 -25.16 59.29
CA TRP R 891 68.55 -24.08 58.42
C TRP R 891 67.77 -24.06 57.11
N LEU R 892 67.40 -25.24 56.60
CA LEU R 892 66.57 -25.29 55.39
C LEU R 892 65.18 -24.75 55.66
N GLN R 893 64.64 -25.00 56.85
CA GLN R 893 63.37 -24.39 57.22
C GLN R 893 63.49 -22.86 57.28
N SER R 894 64.61 -22.38 57.83
CA SER R 894 64.83 -20.94 57.90
C SER R 894 64.96 -20.33 56.50
N GLU R 895 65.61 -21.05 55.59
CA GLU R 895 65.74 -20.57 54.22
C GLU R 895 64.42 -20.67 53.47
N LYS R 896 63.59 -21.65 53.83
CA LYS R 896 62.23 -21.73 53.33
C LYS R 896 61.42 -20.52 53.73
N LEU R 897 61.78 -19.91 54.85
CA LEU R 897 61.13 -18.65 55.26
C LEU R 897 61.66 -17.48 54.41
N GLU R 898 61.44 -17.59 53.10
CA GLU R 898 61.83 -16.56 52.14
C GLU R 898 60.76 -16.22 51.12
N ARG R 899 59.79 -17.09 50.87
CA ARG R 899 58.75 -16.83 49.90
C ARG R 899 57.48 -16.28 50.56
N PRO S 30 138.42 42.90 -41.79
CA PRO S 30 138.49 41.73 -42.68
C PRO S 30 138.43 40.42 -41.90
N PHE S 31 137.30 39.73 -41.99
CA PHE S 31 137.12 38.49 -41.23
C PHE S 31 137.89 37.35 -41.89
N PRO S 32 138.71 36.61 -41.14
CA PRO S 32 139.56 35.59 -41.76
C PRO S 32 138.89 34.22 -41.85
N TRP S 33 137.60 34.18 -42.19
CA TRP S 33 136.89 32.92 -42.30
C TRP S 33 135.59 33.17 -43.06
N ASN S 34 135.23 32.23 -43.93
CA ASN S 34 134.06 32.45 -44.79
C ASN S 34 133.18 31.21 -44.90
N LYS S 35 133.29 30.27 -43.97
CA LYS S 35 132.44 29.08 -43.97
C LYS S 35 131.62 29.05 -42.69
N ILE S 36 130.42 28.47 -42.80
CA ILE S 36 129.55 28.39 -41.63
C ILE S 36 130.09 27.40 -40.62
N ARG S 37 130.68 26.30 -41.09
CA ARG S 37 131.27 25.32 -40.19
C ARG S 37 132.53 25.89 -39.53
N LEU S 38 132.82 25.40 -38.33
CA LEU S 38 133.96 25.88 -37.57
C LEU S 38 135.25 25.20 -38.02
N PRO S 39 136.40 25.82 -37.74
CA PRO S 39 137.68 25.14 -38.02
C PRO S 39 137.82 23.86 -37.20
N GLU S 40 138.38 22.84 -37.83
CA GLU S 40 138.51 21.52 -37.21
C GLU S 40 139.76 21.39 -36.35
N TYR S 41 140.65 22.38 -36.37
CA TYR S 41 141.95 22.28 -35.72
C TYR S 41 142.01 23.03 -34.40
N VAL S 42 140.90 23.56 -33.90
CA VAL S 42 140.82 24.17 -32.58
C VAL S 42 139.75 23.43 -31.80
N ILE S 43 140.16 22.63 -30.83
CA ILE S 43 139.27 21.74 -30.09
C ILE S 43 139.19 22.23 -28.65
N PRO S 44 137.99 22.47 -28.11
CA PRO S 44 137.88 22.79 -26.69
C PRO S 44 137.91 21.53 -25.84
N VAL S 45 138.32 21.70 -24.58
CA VAL S 45 138.37 20.56 -23.68
C VAL S 45 137.62 20.86 -22.39
N HIS S 46 137.52 22.14 -21.98
CA HIS S 46 136.83 22.37 -20.70
C HIS S 46 136.28 23.78 -20.63
N TYR S 47 134.97 23.92 -20.46
CA TYR S 47 134.35 25.23 -20.24
C TYR S 47 134.17 25.52 -18.76
N ASP S 48 134.40 26.77 -18.37
CA ASP S 48 134.17 27.27 -17.02
C ASP S 48 133.39 28.56 -17.15
N LEU S 49 132.10 28.51 -16.82
CA LEU S 49 131.18 29.63 -17.03
C LEU S 49 130.85 30.28 -15.71
N LEU S 50 130.84 31.63 -15.70
CA LEU S 50 130.41 32.42 -14.56
C LEU S 50 129.38 33.43 -15.05
N ILE S 51 128.14 33.29 -14.58
CA ILE S 51 127.03 34.11 -15.04
C ILE S 51 126.47 34.91 -13.86
N HIS S 52 126.26 36.21 -14.07
CA HIS S 52 125.55 37.08 -13.14
C HIS S 52 124.33 37.60 -13.89
N ALA S 53 123.18 37.01 -13.59
CA ALA S 53 121.91 37.40 -14.19
C ALA S 53 121.19 38.38 -13.26
N ASN S 54 120.69 39.34 -13.90
CA ASN S 54 119.97 40.36 -13.09
C ASN S 54 118.51 40.40 -13.55
N LEU S 55 117.61 39.89 -12.72
CA LEU S 55 116.17 39.83 -13.02
C LEU S 55 115.54 41.22 -12.96
N THR S 56 116.01 42.08 -12.07
CA THR S 56 115.41 43.42 -11.96
C THR S 56 115.70 44.25 -13.20
N THR S 57 116.96 44.31 -13.62
CA THR S 57 117.34 45.08 -14.79
C THR S 57 117.29 44.25 -16.07
N LEU S 58 116.95 43.05 -15.99
CA LEU S 58 116.89 42.15 -17.14
C LEU S 58 118.19 42.19 -17.93
N THR S 59 119.31 42.01 -17.22
CA THR S 59 120.65 42.04 -17.80
C THR S 59 121.41 40.79 -17.35
N PHE S 60 122.63 40.61 -17.85
CA PHE S 60 123.54 39.62 -17.29
C PHE S 60 124.94 39.83 -17.83
N TRP S 61 125.93 39.71 -16.95
CA TRP S 61 127.35 39.74 -17.31
CA TRP S 61 127.32 39.72 -17.38
C TRP S 61 127.94 38.34 -17.16
N GLY S 62 128.81 37.95 -18.07
CA GLY S 62 129.37 36.60 -18.05
C GLY S 62 130.86 36.60 -18.27
N THR S 63 131.50 35.55 -17.74
CA THR S 63 132.92 35.27 -17.93
C THR S 63 133.05 33.81 -18.33
N THR S 64 133.69 33.56 -19.47
CA THR S 64 133.84 32.21 -20.01
C THR S 64 135.32 31.90 -20.16
N LYS S 65 135.79 30.86 -19.46
CA LYS S 65 137.15 30.36 -19.60
C LYS S 65 137.08 28.99 -20.27
N VAL S 66 137.55 28.92 -21.51
CA VAL S 66 137.50 27.69 -22.28
C VAL S 66 138.92 27.19 -22.50
N GLU S 67 139.19 25.98 -22.03
CA GLU S 67 140.45 25.29 -22.28
C GLU S 67 140.35 24.58 -23.61
N ILE S 68 141.31 24.85 -24.50
CA ILE S 68 141.34 24.37 -25.87
C ILE S 68 142.72 23.81 -26.18
N THR S 69 142.77 23.01 -27.24
CA THR S 69 144.02 22.53 -27.84
C THR S 69 143.95 22.71 -29.34
N ALA S 70 145.12 22.85 -29.97
CA ALA S 70 145.20 23.09 -31.41
C ALA S 70 146.05 22.01 -32.07
N SER S 71 145.59 21.54 -33.24
CA SER S 71 146.32 20.55 -34.02
C SER S 71 147.10 21.15 -35.19
N GLN S 72 146.67 22.30 -35.70
CA GLN S 72 147.39 23.01 -36.74
C GLN S 72 147.87 24.36 -36.19
N PRO S 73 149.12 24.73 -36.42
CA PRO S 73 149.61 26.02 -35.90
C PRO S 73 148.80 27.17 -36.50
N THR S 74 148.18 27.95 -35.62
CA THR S 74 147.34 29.06 -36.05
C THR S 74 147.45 30.20 -35.04
N SER S 75 147.15 31.41 -35.53
CA SER S 75 147.06 32.59 -34.68
C SER S 75 145.65 33.17 -34.67
N THR S 76 144.67 32.38 -35.09
CA THR S 76 143.28 32.80 -35.16
C THR S 76 142.38 31.73 -34.56
N ILE S 77 141.54 32.13 -33.61
CA ILE S 77 140.62 31.22 -32.95
C ILE S 77 139.21 31.67 -33.30
N ILE S 78 138.46 30.78 -33.95
CA ILE S 78 137.10 31.06 -34.40
C ILE S 78 136.13 30.33 -33.48
N LEU S 79 135.13 31.06 -32.99
CA LEU S 79 134.07 30.47 -32.18
C LEU S 79 132.79 31.28 -32.37
N HIS S 80 131.71 30.83 -31.75
CA HIS S 80 130.39 31.41 -31.95
C HIS S 80 130.07 32.44 -30.87
N SER S 81 129.33 33.47 -31.26
CA SER S 81 128.83 34.49 -30.35
C SER S 81 127.74 35.26 -31.07
N HIS S 82 126.63 35.49 -30.39
CA HIS S 82 125.46 36.09 -31.00
C HIS S 82 124.77 37.01 -30.00
N HIS S 83 124.61 38.28 -30.37
CA HIS S 83 123.95 39.28 -29.52
C HIS S 83 124.61 39.40 -28.16
N LEU S 84 125.94 39.29 -28.13
CA LEU S 84 126.72 39.41 -26.90
C LEU S 84 127.77 40.48 -27.06
N GLN S 85 127.81 41.42 -26.10
CA GLN S 85 128.80 42.49 -26.11
C GLN S 85 130.08 42.00 -25.45
N ILE S 86 131.11 41.75 -26.25
CA ILE S 86 132.41 41.32 -25.73
C ILE S 86 133.18 42.56 -25.30
N SER S 87 133.71 42.54 -24.06
CA SER S 87 134.40 43.68 -23.51
C SER S 87 135.87 43.44 -23.20
N ARG S 88 136.33 42.19 -23.16
CA ARG S 88 137.68 41.87 -22.73
C ARG S 88 137.98 40.43 -23.11
N ALA S 89 139.18 40.20 -23.63
CA ALA S 89 139.57 38.88 -24.11
C ALA S 89 141.06 38.65 -23.86
N THR S 90 141.37 37.55 -23.18
CA THR S 90 142.75 37.19 -22.87
C THR S 90 143.00 35.74 -23.27
N LEU S 91 144.28 35.41 -23.45
CA LEU S 91 144.71 34.07 -23.82
C LEU S 91 145.87 33.67 -22.91
N ARG S 92 145.62 32.69 -22.05
CA ARG S 92 146.63 32.19 -21.12
C ARG S 92 147.25 30.91 -21.67
N LYS S 93 148.56 30.77 -21.45
CA LYS S 93 149.33 29.64 -21.94
C LYS S 93 149.80 28.81 -20.75
N GLY S 94 149.29 27.58 -20.65
CA GLY S 94 149.61 26.72 -19.54
C GLY S 94 148.39 26.37 -18.70
N LEU S 99 150.80 30.72 -16.82
CA LEU S 99 151.88 31.64 -16.48
C LEU S 99 151.82 32.91 -17.32
N SER S 100 151.97 32.74 -18.63
CA SER S 100 151.96 33.87 -19.56
C SER S 100 150.56 34.13 -20.07
N GLU S 101 150.13 35.39 -20.00
CA GLU S 101 148.82 35.82 -20.47
C GLU S 101 148.99 36.92 -21.49
N GLU S 102 148.28 36.81 -22.61
CA GLU S 102 148.41 37.75 -23.71
C GLU S 102 147.03 38.23 -24.17
N PRO S 103 146.91 39.49 -24.57
CA PRO S 103 145.63 39.99 -25.05
C PRO S 103 145.31 39.47 -26.44
N LEU S 104 144.01 39.36 -26.71
CA LEU S 104 143.50 38.93 -28.01
C LEU S 104 142.72 40.06 -28.65
N GLN S 105 142.85 40.18 -29.98
CA GLN S 105 142.04 41.14 -30.71
C GLN S 105 140.77 40.46 -31.20
N VAL S 106 139.66 41.19 -31.14
CA VAL S 106 138.33 40.64 -31.39
C VAL S 106 137.83 41.17 -32.73
N LEU S 107 137.44 40.24 -33.61
CA LEU S 107 136.73 40.56 -34.84
C LEU S 107 135.36 39.91 -34.80
N GLU S 108 134.36 40.59 -35.35
CA GLU S 108 132.97 40.18 -35.21
C GLU S 108 132.36 39.95 -36.59
N HIS S 109 131.54 38.90 -36.70
CA HIS S 109 130.81 38.59 -37.92
C HIS S 109 129.38 38.26 -37.55
N PRO S 110 128.46 39.24 -37.63
CA PRO S 110 127.07 38.97 -37.23
C PRO S 110 126.34 38.05 -38.20
N ARG S 111 126.73 38.04 -39.48
CA ARG S 111 126.05 37.19 -40.45
C ARG S 111 126.30 35.71 -40.16
N GLN S 112 127.55 35.37 -39.83
CA GLN S 112 127.91 34.00 -39.48
C GLN S 112 127.78 33.73 -37.99
N GLU S 113 127.34 34.71 -37.20
CA GLU S 113 127.19 34.56 -35.75
C GLU S 113 128.51 34.12 -35.10
N GLN S 114 129.62 34.73 -35.51
CA GLN S 114 130.93 34.30 -35.07
C GLN S 114 131.76 35.48 -34.57
N ILE S 115 132.80 35.14 -33.81
CA ILE S 115 133.86 36.06 -33.45
C ILE S 115 135.20 35.36 -33.67
N ALA S 116 136.19 36.15 -34.06
CA ALA S 116 137.55 35.70 -34.29
C ALA S 116 138.47 36.33 -33.26
N LEU S 117 139.29 35.51 -32.61
CA LEU S 117 140.25 35.97 -31.62
C LEU S 117 141.66 35.85 -32.19
N LEU S 118 142.35 36.98 -32.28
CA LEU S 118 143.69 37.05 -32.86
C LEU S 118 144.71 37.13 -31.74
N ALA S 119 145.70 36.22 -31.78
CA ALA S 119 146.78 36.06 -30.83
C ALA S 119 148.10 36.56 -31.41
N PRO S 120 148.91 37.26 -30.61
CA PRO S 120 150.19 37.76 -31.15
C PRO S 120 151.14 36.68 -31.61
N GLU S 121 151.26 35.59 -30.85
CA GLU S 121 152.16 34.51 -31.19
C GLU S 121 151.38 33.28 -31.61
N PRO S 122 151.77 32.62 -32.70
CA PRO S 122 151.02 31.45 -33.16
C PRO S 122 151.03 30.35 -32.10
N LEU S 123 149.88 29.69 -31.95
CA LEU S 123 149.74 28.63 -30.96
C LEU S 123 150.62 27.45 -31.34
N LEU S 124 151.21 26.82 -30.33
CA LEU S 124 152.06 25.66 -30.54
C LEU S 124 151.17 24.41 -30.53
N VAL S 125 151.35 23.55 -31.53
CA VAL S 125 150.50 22.37 -31.67
C VAL S 125 150.65 21.47 -30.45
N GLY S 126 149.53 20.94 -29.98
CA GLY S 126 149.50 20.03 -28.87
C GLY S 126 149.54 20.69 -27.51
N LEU S 127 149.59 22.02 -27.44
CA LEU S 127 149.67 22.63 -26.12
C LEU S 127 148.29 23.11 -25.68
N PRO S 128 148.00 23.00 -24.39
CA PRO S 128 146.71 23.49 -23.87
C PRO S 128 146.74 24.98 -23.59
N TYR S 129 145.74 25.69 -24.11
CA TYR S 129 145.60 27.12 -23.90
C TYR S 129 144.24 27.40 -23.28
N THR S 130 144.10 28.58 -22.68
CA THR S 130 142.87 28.96 -22.00
C THR S 130 142.43 30.33 -22.51
N VAL S 131 141.32 30.36 -23.23
CA VAL S 131 140.74 31.61 -23.68
C VAL S 131 139.75 32.12 -22.64
N VAL S 132 139.91 33.37 -22.23
CA VAL S 132 139.06 33.97 -21.20
C VAL S 132 138.36 35.19 -21.81
N ILE S 133 137.03 35.15 -21.84
CA ILE S 133 136.23 36.17 -22.49
C ILE S 133 135.26 36.75 -21.46
N HIS S 134 135.21 38.08 -21.38
CA HIS S 134 134.23 38.81 -20.57
C HIS S 134 133.21 39.44 -21.50
N TYR S 135 131.92 39.29 -21.16
CA TYR S 135 130.87 39.74 -22.05
C TYR S 135 129.66 40.17 -21.24
N ALA S 136 128.71 40.79 -21.94
CA ALA S 136 127.45 41.21 -21.33
C ALA S 136 126.32 41.03 -22.32
N GLY S 137 125.11 41.09 -21.80
CA GLY S 137 123.92 40.99 -22.63
C GLY S 137 122.69 41.10 -21.77
N ASN S 138 121.52 40.88 -22.37
CA ASN S 138 120.29 40.81 -21.59
C ASN S 138 119.46 39.60 -22.00
N LEU S 139 118.65 39.17 -21.03
CA LEU S 139 117.69 38.09 -21.22
C LEU S 139 116.83 38.28 -22.45
N SER S 140 116.83 37.29 -23.32
CA SER S 140 115.99 37.34 -24.52
C SER S 140 114.52 37.36 -24.16
N GLU S 141 113.76 38.21 -24.84
CA GLU S 141 112.31 38.24 -24.65
C GLU S 141 111.59 37.16 -25.47
N THR S 142 112.34 36.31 -26.16
CA THR S 142 111.76 35.28 -27.00
C THR S 142 111.62 33.96 -26.25
N PHE S 143 111.68 32.85 -26.98
CA PHE S 143 111.55 31.52 -26.39
C PHE S 143 112.83 30.70 -26.48
N HIS S 144 113.94 31.31 -26.88
CA HIS S 144 115.20 30.61 -27.02
C HIS S 144 116.32 31.42 -26.38
N GLY S 145 117.50 30.80 -26.30
CA GLY S 145 118.65 31.42 -25.68
C GLY S 145 118.55 31.44 -24.17
N PHE S 146 118.99 32.54 -23.56
CA PHE S 146 118.83 32.77 -22.12
C PHE S 146 117.68 33.75 -21.99
N TYR S 147 116.48 33.22 -21.82
CA TYR S 147 115.27 34.02 -21.96
C TYR S 147 114.53 34.15 -20.64
N LYS S 148 113.56 35.07 -20.64
CA LYS S 148 112.77 35.41 -19.46
C LYS S 148 111.41 34.72 -19.50
N SER S 149 110.93 34.37 -18.32
CA SER S 149 109.60 33.82 -18.13
C SER S 149 108.94 34.52 -16.95
N THR S 150 107.62 34.63 -17.00
CA THR S 150 106.86 35.26 -15.94
C THR S 150 105.71 34.36 -15.52
N TYR S 151 105.28 34.52 -14.28
CA TYR S 151 104.15 33.75 -13.77
C TYR S 151 103.32 34.60 -12.82
N ARG S 152 102.05 34.26 -12.71
CA ARG S 152 101.10 34.98 -11.89
C ARG S 152 100.85 34.24 -10.59
N THR S 153 101.01 34.94 -9.47
CA THR S 153 100.64 34.38 -8.17
C THR S 153 99.12 34.44 -7.99
N LYS S 154 98.64 33.72 -6.97
CA LYS S 154 97.21 33.72 -6.67
C LYS S 154 96.72 35.05 -6.12
N GLU S 155 97.63 35.98 -5.79
CA GLU S 155 97.27 37.32 -5.35
C GLU S 155 97.32 38.34 -6.49
N GLY S 156 97.55 37.89 -7.72
CA GLY S 156 97.61 38.77 -8.86
C GLY S 156 98.99 39.35 -9.15
N GLU S 157 99.96 39.14 -8.28
CA GLU S 157 101.30 39.67 -8.50
C GLU S 157 102.00 38.90 -9.62
N LEU S 158 102.93 39.58 -10.28
CA LEU S 158 103.70 39.01 -11.38
C LEU S 158 105.13 38.76 -10.91
N ARG S 159 105.65 37.56 -11.15
CA ARG S 159 106.99 37.20 -10.75
C ARG S 159 107.80 36.76 -11.96
N ILE S 160 109.11 36.98 -11.89
CA ILE S 160 110.02 36.83 -13.03
C ILE S 160 111.02 35.73 -12.71
N LEU S 161 111.36 34.95 -13.75
CA LEU S 161 112.42 33.95 -13.67
C LEU S 161 113.16 33.94 -14.99
N ALA S 162 114.35 33.33 -14.99
CA ALA S 162 115.19 33.23 -16.17
C ALA S 162 115.47 31.76 -16.47
N SER S 163 115.20 31.34 -17.70
CA SER S 163 115.40 29.97 -18.12
C SER S 163 116.25 29.93 -19.38
N THR S 164 116.62 28.72 -19.79
CA THR S 164 117.48 28.51 -20.94
C THR S 164 116.83 27.59 -21.94
N GLN S 165 117.23 27.74 -23.20
CA GLN S 165 116.82 26.82 -24.27
C GLN S 165 117.87 26.96 -25.36
N PHE S 166 118.80 26.01 -25.42
CA PHE S 166 119.99 26.16 -26.25
C PHE S 166 119.94 25.36 -27.55
N GLU S 167 119.15 24.29 -27.61
CA GLU S 167 119.02 23.57 -28.87
C GLU S 167 118.28 24.44 -29.89
N PRO S 168 118.79 24.56 -31.12
CA PRO S 168 120.04 23.93 -31.54
C PRO S 168 121.28 24.83 -31.49
N THR S 169 121.13 26.12 -31.81
CA THR S 169 122.25 27.04 -31.94
C THR S 169 122.04 28.27 -31.07
N ALA S 170 121.50 28.09 -29.87
CA ALA S 170 121.17 29.22 -29.00
C ALA S 170 122.10 29.36 -27.81
N ALA S 171 123.00 28.40 -27.57
CA ALA S 171 123.97 28.54 -26.49
C ALA S 171 124.88 29.74 -26.70
N ARG S 172 125.14 30.08 -27.97
CA ARG S 172 125.97 31.25 -28.29
C ARG S 172 125.33 32.55 -27.84
N MET S 173 124.01 32.58 -27.65
CA MET S 173 123.34 33.77 -27.15
C MET S 173 123.50 33.95 -25.65
N ALA S 174 124.10 32.99 -24.96
CA ALA S 174 124.30 33.06 -23.51
C ALA S 174 125.76 32.99 -23.12
N PHE S 175 126.58 32.20 -23.82
CA PHE S 175 128.01 32.18 -23.56
C PHE S 175 128.76 31.87 -24.85
N PRO S 176 129.83 32.59 -25.16
CA PRO S 176 130.60 32.30 -26.36
C PRO S 176 131.30 30.95 -26.23
N CYS S 177 131.22 30.15 -27.29
CA CYS S 177 131.68 28.77 -27.24
C CYS S 177 131.79 28.26 -28.66
N PHE S 178 132.19 26.99 -28.77
CA PHE S 178 132.18 26.28 -30.05
C PHE S 178 130.83 25.57 -30.15
N ASP S 179 129.83 26.35 -30.57
CA ASP S 179 128.42 25.94 -30.49
C ASP S 179 128.10 24.97 -31.64
N GLU S 180 128.70 23.79 -31.54
CA GLU S 180 128.39 22.68 -32.44
C GLU S 180 128.31 21.40 -31.61
N PRO S 181 127.46 20.45 -32.02
CA PRO S 181 127.32 19.21 -31.23
C PRO S 181 128.56 18.32 -31.25
N ALA S 182 129.50 18.56 -32.17
CA ALA S 182 130.67 17.70 -32.27
C ALA S 182 131.75 18.08 -31.27
N PHE S 183 131.82 19.36 -30.88
CA PHE S 183 132.83 19.82 -29.92
C PHE S 183 132.29 19.60 -28.50
N LYS S 184 132.33 18.35 -28.07
CA LYS S 184 131.91 18.01 -26.71
C LYS S 184 132.98 18.38 -25.71
N ALA S 185 132.55 18.71 -24.50
CA ALA S 185 133.46 19.12 -23.43
C ALA S 185 132.73 19.05 -22.10
N SER S 186 133.49 19.23 -21.03
CA SER S 186 132.93 19.35 -19.69
C SER S 186 132.63 20.81 -19.37
N PHE S 187 131.75 21.01 -18.38
CA PHE S 187 131.27 22.34 -18.04
C PHE S 187 131.25 22.51 -16.53
N SER S 188 132.00 23.49 -16.03
CA SER S 188 131.95 23.90 -14.63
C SER S 188 131.19 25.23 -14.56
N ILE S 189 130.00 25.19 -13.97
CA ILE S 189 129.06 26.30 -14.02
C ILE S 189 129.01 26.99 -12.66
N LYS S 190 129.01 28.33 -12.69
CA LYS S 190 128.84 29.17 -11.50
C LYS S 190 127.80 30.24 -11.82
N ILE S 191 126.78 30.34 -10.97
CA ILE S 191 125.67 31.26 -11.18
C ILE S 191 125.56 32.17 -9.96
N ARG S 192 125.36 33.46 -10.21
CA ARG S 192 125.18 34.46 -9.17
C ARG S 192 123.73 34.90 -9.12
N ARG S 193 123.20 35.04 -7.91
CA ARG S 193 121.79 35.31 -7.71
C ARG S 193 121.60 36.09 -6.42
N GLU S 194 120.42 36.68 -6.28
CA GLU S 194 120.02 37.22 -4.99
C GLU S 194 119.72 36.08 -4.03
N PRO S 195 119.77 36.32 -2.73
CA PRO S 195 119.38 35.27 -1.78
C PRO S 195 117.96 34.78 -1.99
N ARG S 196 117.04 35.68 -2.37
CA ARG S 196 115.65 35.29 -2.54
C ARG S 196 115.43 34.29 -3.66
N HIS S 197 116.46 33.97 -4.44
CA HIS S 197 116.32 33.11 -5.59
C HIS S 197 116.86 31.71 -5.33
N LEU S 198 116.63 30.83 -6.30
CA LEU S 198 117.04 29.44 -6.28
C LEU S 198 117.58 29.10 -7.66
N ALA S 199 118.79 28.55 -7.70
CA ALA S 199 119.49 28.26 -8.94
C ALA S 199 119.68 26.75 -9.08
N ILE S 200 119.32 26.23 -10.24
CA ILE S 200 119.54 24.82 -10.56
C ILE S 200 120.16 24.72 -11.95
N SER S 201 120.92 23.65 -12.16
CA SER S 201 121.64 23.48 -13.41
C SER S 201 121.75 21.99 -13.71
N ASN S 202 122.70 21.61 -14.56
CA ASN S 202 122.83 20.23 -15.01
C ASN S 202 123.27 19.32 -13.87
N MET S 203 124.25 19.75 -13.08
CA MET S 203 124.84 18.97 -12.02
C MET S 203 124.29 19.40 -10.67
N PRO S 204 124.51 18.62 -9.62
CA PRO S 204 124.11 19.06 -8.28
C PRO S 204 124.90 20.28 -7.83
N LEU S 205 124.30 21.00 -6.89
CA LEU S 205 124.95 22.18 -6.32
C LEU S 205 126.04 21.75 -5.34
N VAL S 206 127.26 22.18 -5.58
CA VAL S 206 128.39 21.78 -4.74
C VAL S 206 128.57 22.72 -3.56
N LYS S 207 128.53 24.03 -3.78
CA LYS S 207 128.67 24.94 -2.65
C LYS S 207 128.10 26.30 -2.98
N SER S 208 127.84 27.08 -1.93
CA SER S 208 127.34 28.45 -2.05
C SER S 208 128.24 29.39 -1.27
N VAL S 209 128.77 30.41 -1.94
CA VAL S 209 129.69 31.36 -1.32
C VAL S 209 129.08 32.76 -1.43
N THR S 210 129.19 33.54 -0.34
CA THR S 210 128.65 34.90 -0.33
C THR S 210 129.68 35.86 -0.95
N VAL S 211 129.80 35.77 -2.28
CA VAL S 211 130.71 36.66 -3.00
C VAL S 211 130.17 38.09 -2.96
N ALA S 212 131.08 39.06 -2.93
CA ALA S 212 130.75 40.47 -2.84
C ALA S 212 129.83 40.72 -1.66
N GLU S 213 128.77 41.50 -1.83
CA GLU S 213 127.81 41.75 -0.76
C GLU S 213 126.39 41.65 -1.32
N GLY S 214 125.55 40.85 -0.65
CA GLY S 214 124.13 40.79 -0.94
C GLY S 214 123.72 39.81 -2.00
N LEU S 215 124.67 39.15 -2.66
CA LEU S 215 124.36 38.16 -3.69
C LEU S 215 125.23 36.91 -3.49
N ILE S 216 124.60 35.74 -3.57
CA ILE S 216 125.27 34.46 -3.38
C ILE S 216 125.72 33.92 -4.74
N GLU S 217 126.81 33.14 -4.72
CA GLU S 217 127.35 32.48 -5.90
C GLU S 217 127.29 30.98 -5.69
N ASP S 218 126.65 30.28 -6.63
CA ASP S 218 126.48 28.83 -6.55
C ASP S 218 127.49 28.13 -7.47
N HIS S 219 128.35 27.31 -6.87
CA HIS S 219 129.28 26.46 -7.61
C HIS S 219 128.65 25.09 -7.76
N PHE S 220 128.38 24.69 -9.00
CA PHE S 220 127.83 23.39 -9.34
C PHE S 220 128.94 22.43 -9.73
N ASP S 221 128.63 21.14 -9.65
CA ASP S 221 129.59 20.12 -10.05
C ASP S 221 129.87 20.20 -11.54
N VAL S 222 130.94 19.54 -11.97
CA VAL S 222 131.36 19.55 -13.37
C VAL S 222 130.59 18.48 -14.12
N THR S 223 130.16 18.82 -15.33
CA THR S 223 129.39 17.90 -16.15
C THR S 223 130.33 16.90 -16.83
N VAL S 224 129.74 15.97 -17.58
CA VAL S 224 130.52 14.97 -18.32
C VAL S 224 130.73 15.48 -19.74
N LYS S 225 131.35 14.64 -20.58
CA LYS S 225 131.50 14.98 -21.99
C LYS S 225 130.14 15.07 -22.67
N MET S 226 129.72 16.29 -22.99
CA MET S 226 128.41 16.51 -23.59
C MET S 226 128.49 17.68 -24.57
N SER S 227 127.51 17.72 -25.47
CA SER S 227 127.46 18.80 -26.44
C SER S 227 127.02 20.10 -25.77
N THR S 228 127.22 21.21 -26.49
CA THR S 228 126.97 22.53 -25.90
C THR S 228 125.48 22.82 -25.73
N TYR S 229 124.63 22.25 -26.59
CA TYR S 229 123.22 22.55 -26.53
C TYR S 229 122.53 21.95 -25.30
N LEU S 230 123.23 21.12 -24.54
CA LEU S 230 122.66 20.48 -23.36
C LEU S 230 122.89 21.28 -22.08
N VAL S 231 123.61 22.40 -22.14
CA VAL S 231 123.81 23.24 -20.97
C VAL S 231 122.49 23.91 -20.62
N ALA S 232 122.21 24.04 -19.33
CA ALA S 232 120.98 24.66 -18.87
C ALA S 232 121.17 25.16 -17.44
N PHE S 233 120.43 26.21 -17.10
CA PHE S 233 120.42 26.75 -15.76
C PHE S 233 119.16 27.58 -15.57
N ILE S 234 118.65 27.59 -14.35
CA ILE S 234 117.38 28.23 -14.02
C ILE S 234 117.53 29.00 -12.72
N ILE S 235 117.12 30.27 -12.75
CA ILE S 235 117.06 31.14 -11.58
C ILE S 235 115.59 31.48 -11.36
N SER S 236 115.04 31.04 -10.23
CA SER S 236 113.63 31.26 -9.98
C SER S 236 113.37 31.21 -8.48
N ASP S 237 112.16 30.87 -8.09
CA ASP S 237 111.82 30.58 -6.70
C ASP S 237 110.94 29.35 -6.64
N PHE S 238 111.29 28.33 -7.41
CA PHE S 238 110.51 27.11 -7.52
C PHE S 238 110.48 26.33 -6.22
N GLU S 239 109.36 25.66 -5.99
CA GLU S 239 109.30 24.56 -5.03
C GLU S 239 109.53 23.25 -5.77
N SER S 240 109.88 22.20 -5.02
CA SER S 240 110.21 20.93 -5.65
C SER S 240 109.72 19.77 -4.82
N VAL S 241 109.55 18.63 -5.50
CA VAL S 241 109.27 17.34 -4.87
C VAL S 241 110.32 16.35 -5.39
N SER S 242 110.82 15.49 -4.54
CA SER S 242 111.91 14.56 -4.93
C SER S 242 111.58 13.12 -4.55
N LYS S 243 112.29 12.23 -5.14
CA LYS S 243 112.14 10.80 -4.93
C LYS S 243 113.42 10.12 -5.39
N ILE S 244 113.68 8.93 -4.86
CA ILE S 244 114.90 8.18 -5.15
C ILE S 244 114.55 7.00 -6.04
N THR S 245 115.41 6.72 -7.02
CA THR S 245 115.29 5.52 -7.83
C THR S 245 115.88 4.31 -7.10
N LYS S 246 115.63 3.13 -7.65
CA LYS S 246 116.26 1.94 -7.08
C LYS S 246 117.76 1.90 -7.34
N SER S 247 118.28 2.76 -8.20
CA SER S 247 119.70 2.87 -8.46
C SER S 247 120.36 4.04 -7.75
N GLY S 248 119.59 4.82 -6.98
CA GLY S 248 120.15 5.88 -6.17
C GLY S 248 120.21 7.25 -6.80
N VAL S 249 119.59 7.44 -7.96
CA VAL S 249 119.59 8.74 -8.61
C VAL S 249 118.54 9.62 -7.95
N LYS S 250 118.88 10.89 -7.71
CA LYS S 250 117.96 11.81 -7.04
C LYS S 250 117.09 12.48 -8.09
N VAL S 251 115.83 12.05 -8.19
CA VAL S 251 114.87 12.59 -9.15
C VAL S 251 113.99 13.62 -8.45
N SER S 252 113.92 14.82 -9.02
CA SER S 252 113.14 15.92 -8.46
C SER S 252 112.34 16.59 -9.57
N VAL S 253 111.25 17.25 -9.17
CA VAL S 253 110.39 17.98 -10.09
C VAL S 253 110.15 19.37 -9.53
N TYR S 254 110.57 20.40 -10.29
CA TYR S 254 110.43 21.79 -9.90
C TYR S 254 109.27 22.44 -10.65
N ALA S 255 108.57 23.35 -9.98
CA ALA S 255 107.50 24.12 -10.59
C ALA S 255 107.26 25.37 -9.76
N VAL S 256 106.42 26.25 -10.28
CA VAL S 256 106.04 27.49 -9.60
C VAL S 256 105.35 27.14 -8.29
N PRO S 257 105.43 27.98 -7.25
CA PRO S 257 104.93 27.57 -5.92
C PRO S 257 103.47 27.18 -5.91
N ASP S 258 102.63 27.82 -6.71
CA ASP S 258 101.19 27.56 -6.68
C ASP S 258 100.78 26.30 -7.43
N LYS S 259 101.70 25.65 -8.15
CA LYS S 259 101.36 24.48 -8.95
C LYS S 259 102.16 23.25 -8.60
N ILE S 260 102.88 23.24 -7.48
CA ILE S 260 103.74 22.11 -7.15
C ILE S 260 102.93 20.86 -6.84
N ASN S 261 101.68 21.03 -6.39
CA ASN S 261 100.85 19.89 -6.03
C ASN S 261 100.39 19.07 -7.22
N GLN S 262 100.75 19.45 -8.44
CA GLN S 262 100.37 18.72 -9.64
C GLN S 262 101.51 17.89 -10.23
N ALA S 263 102.60 17.70 -9.48
CA ALA S 263 103.80 17.06 -9.98
C ALA S 263 103.93 15.60 -9.56
N ASP S 264 102.94 15.04 -8.86
CA ASP S 264 103.07 13.70 -8.30
C ASP S 264 103.19 12.65 -9.40
N TYR S 265 102.25 12.65 -10.36
CA TYR S 265 102.31 11.67 -11.44
C TYR S 265 103.58 11.85 -12.27
N ALA S 266 103.98 13.11 -12.50
CA ALA S 266 105.20 13.37 -13.24
C ALA S 266 106.40 12.74 -12.55
N LEU S 267 106.52 12.95 -11.23
CA LEU S 267 107.66 12.41 -10.49
C LEU S 267 107.64 10.88 -10.49
N ASP S 268 106.47 10.29 -10.23
CA ASP S 268 106.37 8.83 -10.17
C ASP S 268 106.72 8.20 -11.51
N ALA S 269 106.11 8.68 -12.59
CA ALA S 269 106.40 8.16 -13.91
C ALA S 269 107.84 8.43 -14.31
N ALA S 270 108.43 9.53 -13.86
CA ALA S 270 109.84 9.81 -14.15
C ALA S 270 110.74 8.77 -13.52
N VAL S 271 110.51 8.47 -12.23
CA VAL S 271 111.31 7.44 -11.56
C VAL S 271 111.16 6.10 -12.27
N THR S 272 109.91 5.72 -12.56
CA THR S 272 109.65 4.43 -13.21
C THR S 272 110.35 4.34 -14.55
N LEU S 273 110.22 5.38 -15.38
CA LEU S 273 110.78 5.34 -16.73
C LEU S 273 112.31 5.41 -16.69
N LEU S 274 112.88 6.14 -15.74
CA LEU S 274 114.33 6.17 -15.63
C LEU S 274 114.88 4.80 -15.25
N GLU S 275 114.24 4.13 -14.27
CA GLU S 275 114.66 2.78 -13.94
C GLU S 275 114.50 1.83 -15.13
N PHE S 276 113.39 1.94 -15.86
CA PHE S 276 113.19 1.09 -17.03
C PHE S 276 114.30 1.31 -18.06
N TYR S 277 114.64 2.56 -18.33
CA TYR S 277 115.65 2.84 -19.35
C TYR S 277 117.02 2.33 -18.92
N GLU S 278 117.38 2.54 -17.64
CA GLU S 278 118.62 1.97 -17.14
C GLU S 278 118.65 0.46 -17.35
N ASP S 279 117.59 -0.24 -16.92
CA ASP S 279 117.57 -1.69 -17.04
C ASP S 279 117.61 -2.14 -18.50
N TYR S 280 116.85 -1.46 -19.36
CA TYR S 280 116.75 -1.86 -20.76
C TYR S 280 118.07 -1.68 -21.48
N PHE S 281 118.68 -0.50 -21.37
CA PHE S 281 119.93 -0.25 -22.07
C PHE S 281 121.14 -0.90 -21.39
N SER S 282 120.99 -1.37 -20.16
CA SER S 282 122.12 -1.91 -19.39
C SER S 282 123.24 -0.90 -19.26
N ILE S 283 122.86 0.38 -19.20
CA ILE S 283 123.82 1.49 -19.06
C ILE S 283 123.26 2.43 -17.99
N PRO S 284 123.91 2.53 -16.84
CA PRO S 284 123.36 3.35 -15.75
C PRO S 284 123.32 4.82 -16.12
N TYR S 285 122.42 5.54 -15.46
CA TYR S 285 122.35 6.99 -15.60
C TYR S 285 123.60 7.60 -14.98
N PRO S 286 124.43 8.32 -15.74
CA PRO S 286 125.74 8.71 -15.21
C PRO S 286 125.69 9.83 -14.18
N LEU S 287 124.70 10.71 -14.25
CA LEU S 287 124.65 11.86 -13.37
C LEU S 287 124.02 11.51 -12.03
N PRO S 288 124.36 12.26 -10.97
CA PRO S 288 123.75 11.97 -9.66
C PRO S 288 122.26 12.25 -9.58
N LYS S 289 121.80 13.30 -10.24
CA LYS S 289 120.41 13.72 -10.10
C LYS S 289 119.78 13.92 -11.47
N GLN S 290 118.45 13.80 -11.48
CA GLN S 290 117.60 14.08 -12.63
C GLN S 290 116.50 15.02 -12.19
N ASP S 291 116.37 16.16 -12.87
CA ASP S 291 115.40 17.18 -12.49
C ASP S 291 114.45 17.44 -13.65
N LEU S 292 113.19 17.70 -13.33
CA LEU S 292 112.14 17.99 -14.31
C LEU S 292 111.48 19.29 -13.91
N ALA S 293 111.77 20.37 -14.64
CA ALA S 293 111.28 21.69 -14.30
C ALA S 293 110.18 22.12 -15.25
N ALA S 294 109.08 22.64 -14.70
CA ALA S 294 107.95 23.12 -15.49
C ALA S 294 108.11 24.62 -15.68
N ILE S 295 108.47 25.02 -16.90
CA ILE S 295 108.73 26.42 -17.22
C ILE S 295 107.43 27.08 -17.67
N PRO S 296 107.07 28.24 -17.11
CA PRO S 296 105.81 28.88 -17.53
C PRO S 296 105.80 29.33 -18.97
N ASP S 297 106.95 29.75 -19.51
CA ASP S 297 107.06 30.18 -20.90
C ASP S 297 107.99 29.23 -21.63
N PHE S 298 107.43 28.36 -22.48
CA PHE S 298 108.23 27.40 -23.22
C PHE S 298 107.67 27.25 -24.63
N GLN S 299 108.57 27.12 -25.61
CA GLN S 299 108.20 26.99 -27.01
C GLN S 299 107.96 25.54 -27.40
N SER S 300 108.95 24.68 -27.16
CA SER S 300 108.82 23.26 -27.48
C SER S 300 107.87 22.59 -26.49
N GLY S 301 107.62 21.31 -26.71
CA GLY S 301 106.98 20.52 -25.67
C GLY S 301 107.87 20.32 -24.46
N ALA S 302 109.14 20.03 -24.69
CA ALA S 302 110.10 19.79 -23.61
C ALA S 302 111.51 19.95 -24.17
N MET S 303 112.49 19.69 -23.32
CA MET S 303 113.89 19.74 -23.71
C MET S 303 114.68 18.76 -22.87
N GLU S 304 115.70 18.17 -23.48
CA GLU S 304 116.43 17.04 -22.91
C GLU S 304 117.74 17.43 -22.24
N ASN S 305 117.80 18.63 -21.64
CA ASN S 305 119.03 19.06 -20.98
C ASN S 305 119.47 18.04 -19.94
N TRP S 306 120.71 17.58 -20.05
CA TRP S 306 121.22 16.50 -19.23
C TRP S 306 121.16 16.83 -17.75
N GLY S 307 120.31 16.12 -17.01
CA GLY S 307 120.13 16.35 -15.60
C GLY S 307 119.15 17.44 -15.22
N LEU S 308 118.59 18.15 -16.21
CA LEU S 308 117.65 19.24 -15.93
C LEU S 308 116.73 19.38 -17.15
N THR S 309 115.84 18.42 -17.33
CA THR S 309 114.84 18.50 -18.39
C THR S 309 113.84 19.60 -18.09
N THR S 310 113.44 20.33 -19.12
CA THR S 310 112.47 21.41 -19.01
C THR S 310 111.22 21.05 -19.79
N TYR S 311 110.07 21.54 -19.32
CA TYR S 311 108.79 21.14 -19.87
C TYR S 311 107.86 22.33 -19.95
N ARG S 312 106.81 22.17 -20.75
CA ARG S 312 105.63 23.01 -20.61
C ARG S 312 104.86 22.57 -19.36
N GLU S 313 104.28 23.54 -18.67
CA GLU S 313 103.43 23.22 -17.53
C GLU S 313 102.30 22.29 -17.97
N SER S 314 101.74 22.53 -19.17
CA SER S 314 100.72 21.65 -19.72
C SER S 314 101.25 20.25 -19.98
N ALA S 315 102.55 20.14 -20.30
CA ALA S 315 103.15 18.86 -20.67
C ALA S 315 103.76 18.13 -19.49
N LEU S 316 103.76 18.73 -18.29
CA LEU S 316 104.32 18.02 -17.14
C LEU S 316 103.36 17.90 -15.96
N LEU S 317 102.52 18.91 -15.72
CA LEU S 317 101.71 18.92 -14.51
C LEU S 317 100.35 18.27 -14.74
N PHE S 318 99.89 17.51 -13.75
CA PHE S 318 98.68 16.71 -13.86
C PHE S 318 97.78 16.98 -12.66
N ASP S 319 96.55 17.43 -12.94
CA ASP S 319 95.56 17.72 -11.91
C ASP S 319 94.46 16.67 -12.01
N ALA S 320 94.29 15.88 -10.94
CA ALA S 320 93.32 14.79 -10.96
C ALA S 320 91.90 15.29 -11.16
N GLU S 321 91.62 16.53 -10.77
CA GLU S 321 90.25 17.05 -10.82
C GLU S 321 89.88 17.63 -12.17
N LYS S 322 90.85 18.10 -12.96
CA LYS S 322 90.56 18.82 -14.20
C LYS S 322 91.34 18.35 -15.42
N SER S 323 92.46 17.67 -15.26
CA SER S 323 93.23 17.22 -16.40
C SER S 323 92.58 16.02 -17.07
N SER S 324 92.74 15.94 -18.39
CA SER S 324 92.11 14.90 -19.18
C SER S 324 93.00 13.67 -19.28
N ALA S 325 92.37 12.54 -19.63
CA ALA S 325 93.15 11.33 -19.89
C ALA S 325 94.13 11.54 -21.04
N SER S 326 93.72 12.33 -22.05
CA SER S 326 94.65 12.75 -23.08
C SER S 326 95.86 13.45 -22.48
N SER S 327 95.63 14.34 -21.51
CA SER S 327 96.73 15.07 -20.88
C SER S 327 97.64 14.13 -20.10
N LYS S 328 97.05 13.14 -19.41
CA LYS S 328 97.86 12.20 -18.64
C LYS S 328 98.73 11.35 -19.58
N LEU S 329 98.13 10.85 -20.66
CA LEU S 329 98.90 10.10 -21.65
C LEU S 329 100.01 10.95 -22.25
N GLY S 330 99.71 12.23 -22.53
CA GLY S 330 100.73 13.10 -23.10
C GLY S 330 101.88 13.36 -22.14
N ILE S 331 101.57 13.56 -20.85
CA ILE S 331 102.63 13.74 -19.86
C ILE S 331 103.50 12.49 -19.79
N THR S 332 102.87 11.32 -19.78
CA THR S 332 103.65 10.08 -19.72
C THR S 332 104.56 9.95 -20.93
N MET S 333 104.03 10.19 -22.13
CA MET S 333 104.82 10.04 -23.34
C MET S 333 105.95 11.08 -23.39
N THR S 334 105.70 12.29 -22.89
CA THR S 334 106.74 13.32 -22.92
C THR S 334 107.87 12.99 -21.95
N VAL S 335 107.52 12.56 -20.74
CA VAL S 335 108.56 12.17 -19.79
C VAL S 335 109.38 11.01 -20.35
N ALA S 336 108.70 10.04 -20.98
CA ALA S 336 109.41 8.93 -21.60
C ALA S 336 110.34 9.43 -22.71
N HIS S 337 109.87 10.39 -23.51
CA HIS S 337 110.69 10.94 -24.57
C HIS S 337 111.97 11.57 -24.03
N GLU S 338 111.84 12.39 -22.99
CA GLU S 338 113.03 13.07 -22.47
C GLU S 338 113.98 12.11 -21.79
N LEU S 339 113.45 11.15 -21.04
CA LEU S 339 114.33 10.17 -20.41
C LEU S 339 114.99 9.25 -21.43
N ALA S 340 114.33 9.04 -22.58
CA ALA S 340 114.97 8.32 -23.66
C ALA S 340 116.08 9.16 -24.30
N HIS S 341 115.82 10.47 -24.45
CA HIS S 341 116.86 11.37 -24.95
C HIS S 341 118.08 11.37 -24.04
N GLN S 342 117.88 11.12 -22.74
CA GLN S 342 119.02 11.02 -21.83
C GLN S 342 120.08 10.04 -22.32
N TRP S 343 119.68 9.03 -23.10
CA TRP S 343 120.62 8.11 -23.74
C TRP S 343 120.80 8.40 -25.22
N PHE S 344 119.72 8.49 -25.98
CA PHE S 344 119.78 8.77 -27.42
C PHE S 344 119.78 10.27 -27.61
N GLY S 345 120.96 10.87 -27.59
CA GLY S 345 121.09 12.30 -27.74
C GLY S 345 122.14 12.91 -26.85
N ASN S 346 122.14 12.51 -25.57
CA ASN S 346 123.09 13.05 -24.59
C ASN S 346 124.30 12.15 -24.43
N LEU S 347 124.08 10.88 -24.08
CA LEU S 347 125.19 9.92 -24.00
C LEU S 347 125.83 9.72 -25.37
N VAL S 348 125.02 9.39 -26.37
CA VAL S 348 125.47 9.26 -27.75
C VAL S 348 124.75 10.33 -28.56
N THR S 349 125.50 11.30 -29.08
CA THR S 349 124.95 12.42 -29.82
C THR S 349 125.31 12.31 -31.29
N MET S 350 124.41 12.78 -32.15
CA MET S 350 124.73 12.89 -33.56
C MET S 350 125.88 13.89 -33.74
N GLU S 351 126.61 13.73 -34.85
CA GLU S 351 127.78 14.58 -35.06
C GLU S 351 127.37 15.92 -35.68
N TRP S 352 126.44 15.89 -36.63
CA TRP S 352 125.94 17.11 -37.25
C TRP S 352 124.43 17.01 -37.40
N TRP S 353 123.78 18.17 -37.45
CA TRP S 353 122.32 18.26 -37.41
C TRP S 353 121.65 17.63 -38.63
N ASN S 354 122.42 17.15 -39.61
CA ASN S 354 121.82 16.43 -40.72
C ASN S 354 121.26 15.08 -40.27
N ASP S 355 121.84 14.49 -39.23
CA ASP S 355 121.36 13.24 -38.66
C ASP S 355 120.62 13.44 -37.34
N LEU S 356 119.89 14.56 -37.22
CA LEU S 356 119.07 14.83 -36.04
C LEU S 356 118.06 13.72 -35.78
N TRP S 357 117.70 12.96 -36.81
CA TRP S 357 116.76 11.85 -36.61
C TRP S 357 117.33 10.79 -35.69
N LEU S 358 118.66 10.58 -35.72
CA LEU S 358 119.31 9.64 -34.82
C LEU S 358 119.01 9.94 -33.35
N ASN S 359 118.69 11.20 -33.03
CA ASN S 359 118.20 11.55 -31.70
C ASN S 359 116.68 11.47 -31.64
N GLU S 360 116.01 12.21 -32.53
CA GLU S 360 114.58 12.47 -32.33
C GLU S 360 113.71 11.26 -32.66
N GLY S 361 113.97 10.57 -33.77
CA GLY S 361 113.19 9.39 -34.09
C GLY S 361 113.38 8.28 -33.06
N PHE S 362 114.62 8.09 -32.61
CA PHE S 362 114.88 7.09 -31.58
C PHE S 362 114.16 7.44 -30.28
N ALA S 363 114.14 8.73 -29.90
CA ALA S 363 113.43 9.11 -28.69
C ALA S 363 111.92 8.91 -28.83
N LYS S 364 111.37 9.32 -29.98
CA LYS S 364 109.94 9.14 -30.23
C LYS S 364 109.55 7.66 -30.24
N PHE S 365 110.46 6.78 -30.68
CA PHE S 365 110.18 5.36 -30.68
C PHE S 365 110.35 4.75 -29.29
N MET S 366 111.36 5.20 -28.54
CA MET S 366 111.52 4.72 -27.18
C MET S 366 110.36 5.15 -26.30
N GLU S 367 109.68 6.25 -26.66
CA GLU S 367 108.39 6.55 -26.02
C GLU S 367 107.49 5.32 -26.00
N PHE S 368 107.20 4.78 -27.18
CA PHE S 368 106.34 3.61 -27.30
C PHE S 368 106.95 2.41 -26.59
N VAL S 369 108.22 2.12 -26.90
CA VAL S 369 108.90 0.94 -26.35
C VAL S 369 108.88 0.94 -24.83
N SER S 370 108.97 2.12 -24.21
CA SER S 370 109.05 2.23 -22.76
C SER S 370 107.68 2.28 -22.11
N VAL S 371 106.75 3.08 -22.66
CA VAL S 371 105.46 3.25 -22.01
C VAL S 371 104.63 1.99 -22.13
N SER S 372 104.70 1.29 -23.28
CA SER S 372 103.95 0.04 -23.42
C SER S 372 104.33 -0.99 -22.38
N VAL S 373 105.46 -0.82 -21.69
CA VAL S 373 105.86 -1.72 -20.63
C VAL S 373 105.62 -1.11 -19.25
N THR S 374 105.96 0.16 -19.07
CA THR S 374 105.89 0.77 -17.74
C THR S 374 104.46 1.13 -17.33
N HIS S 375 103.65 1.57 -18.29
CA HIS S 375 102.26 1.94 -18.03
C HIS S 375 101.36 1.20 -19.01
N PRO S 376 101.21 -0.12 -18.83
CA PRO S 376 100.44 -0.91 -19.81
C PRO S 376 98.96 -0.60 -19.83
N GLU S 377 98.41 0.03 -18.79
CA GLU S 377 97.00 0.41 -18.82
C GLU S 377 96.71 1.47 -19.88
N LEU S 378 97.74 2.16 -20.38
CA LEU S 378 97.54 3.15 -21.43
C LEU S 378 97.37 2.50 -22.80
N LYS S 379 98.12 1.42 -23.06
CA LYS S 379 98.07 0.70 -24.34
C LYS S 379 98.38 1.65 -25.51
N VAL S 380 99.60 2.19 -25.49
CA VAL S 380 100.02 3.18 -26.48
C VAL S 380 100.15 2.60 -27.88
N GLY S 381 100.19 1.27 -28.01
CA GLY S 381 100.16 0.65 -29.32
C GLY S 381 98.88 0.91 -30.07
N ASP S 382 97.83 1.32 -29.35
CA ASP S 382 96.56 1.67 -30.00
C ASP S 382 96.69 2.98 -30.77
N TYR S 383 97.39 3.97 -30.20
CA TYR S 383 97.41 5.32 -30.74
C TYR S 383 98.72 5.67 -31.44
N PHE S 384 99.72 4.79 -31.44
CA PHE S 384 101.03 5.17 -31.95
C PHE S 384 100.99 5.53 -33.44
N PHE S 385 100.37 4.69 -34.28
CA PHE S 385 100.59 4.74 -35.72
C PHE S 385 99.90 5.92 -36.42
N GLY S 386 99.08 6.69 -35.70
CA GLY S 386 98.68 7.99 -36.23
C GLY S 386 99.87 8.84 -36.61
N LYS S 387 100.99 8.67 -35.89
CA LYS S 387 102.24 9.32 -36.26
C LYS S 387 102.65 8.95 -37.69
N CYS S 388 102.70 7.65 -37.99
CA CYS S 388 103.08 7.21 -39.32
C CYS S 388 102.13 7.77 -40.37
N PHE S 389 100.83 7.74 -40.10
CA PHE S 389 99.86 8.23 -41.08
C PHE S 389 100.04 9.73 -41.35
N ASP S 390 100.07 10.53 -40.30
CA ASP S 390 100.25 11.97 -40.48
C ASP S 390 101.60 12.30 -41.11
N ALA S 391 102.63 11.49 -40.84
CA ALA S 391 103.93 11.70 -41.46
C ALA S 391 103.88 11.38 -42.95
N MET S 392 103.20 10.30 -43.33
CA MET S 392 103.02 9.99 -44.74
C MET S 392 102.27 11.10 -45.46
N GLU S 393 101.33 11.74 -44.76
CA GLU S 393 100.56 12.83 -45.36
C GLU S 393 101.47 13.91 -45.95
N VAL S 394 102.64 14.15 -45.36
CA VAL S 394 103.53 15.19 -45.84
C VAL S 394 104.69 14.57 -46.62
N ASP S 395 105.11 13.36 -46.25
CA ASP S 395 106.21 12.70 -46.95
C ASP S 395 105.80 12.28 -48.35
N ALA S 396 104.51 12.16 -48.62
CA ALA S 396 104.03 11.92 -49.97
C ALA S 396 104.24 13.12 -50.88
N LEU S 397 104.69 14.26 -50.34
CA LEU S 397 104.87 15.45 -51.13
C LEU S 397 106.21 15.42 -51.87
N ASN S 398 106.24 16.16 -52.97
CA ASN S 398 107.44 16.27 -53.79
C ASN S 398 108.50 17.15 -53.13
N SER S 399 108.09 18.13 -52.33
CA SER S 399 109.05 18.94 -51.58
C SER S 399 109.57 18.25 -50.33
N SER S 400 109.10 17.04 -50.05
CA SER S 400 109.60 16.29 -48.90
C SER S 400 111.08 15.96 -49.09
N HIS S 401 111.75 15.64 -48.00
CA HIS S 401 113.18 15.35 -48.00
C HIS S 401 113.44 13.99 -47.39
N PRO S 402 114.60 13.40 -47.67
CA PRO S 402 114.99 12.16 -47.00
C PRO S 402 115.19 12.39 -45.51
N VAL S 403 115.17 11.28 -44.76
CA VAL S 403 115.33 11.34 -43.31
C VAL S 403 116.65 12.01 -42.93
N SER S 404 117.70 11.75 -43.72
CA SER S 404 119.01 12.35 -43.50
C SER S 404 119.34 13.22 -44.72
N THR S 405 119.44 14.52 -44.49
CA THR S 405 119.67 15.49 -45.56
C THR S 405 120.55 16.60 -45.05
N PRO S 406 121.42 17.17 -45.90
CA PRO S 406 122.37 18.17 -45.42
C PRO S 406 121.70 19.49 -45.06
N VAL S 407 122.19 20.10 -43.99
CA VAL S 407 121.76 21.42 -43.53
C VAL S 407 122.98 22.19 -43.05
N GLU S 408 122.92 23.52 -43.16
CA GLU S 408 124.05 24.34 -42.77
C GLU S 408 123.66 25.44 -41.79
N ASN S 409 122.79 26.35 -42.22
CA ASN S 409 122.46 27.50 -41.40
C ASN S 409 121.41 27.16 -40.33
N PRO S 410 121.32 27.99 -39.28
CA PRO S 410 120.39 27.70 -38.17
C PRO S 410 118.93 27.57 -38.60
N ALA S 411 118.48 28.30 -39.61
CA ALA S 411 117.11 28.16 -40.08
C ALA S 411 116.85 26.74 -40.59
N GLN S 412 117.77 26.22 -41.41
CA GLN S 412 117.65 24.85 -41.89
C GLN S 412 117.71 23.86 -40.73
N ILE S 413 118.59 24.12 -39.76
CA ILE S 413 118.72 23.23 -38.61
C ILE S 413 117.40 23.18 -37.83
N ARG S 414 116.78 24.33 -37.63
CA ARG S 414 115.48 24.38 -36.95
C ARG S 414 114.41 23.65 -37.76
N GLU S 415 114.46 23.80 -39.09
CA GLU S 415 113.51 23.10 -39.96
C GLU S 415 113.65 21.60 -39.87
N MET S 416 114.84 21.11 -39.52
CA MET S 416 115.05 19.67 -39.43
C MET S 416 114.15 18.99 -38.39
N PHE S 417 113.64 19.74 -37.41
CA PHE S 417 112.76 19.18 -36.39
C PHE S 417 111.32 19.09 -36.92
N ASP S 418 111.13 18.22 -37.90
CA ASP S 418 109.82 18.12 -38.55
C ASP S 418 109.22 16.71 -38.36
N ASP S 419 108.06 16.52 -38.98
CA ASP S 419 107.37 15.23 -38.90
C ASP S 419 108.22 14.09 -39.43
N VAL S 420 109.09 14.36 -40.40
CA VAL S 420 109.96 13.31 -40.91
C VAL S 420 110.85 12.77 -39.78
N SER S 421 111.66 13.67 -39.21
CA SER S 421 112.69 13.25 -38.25
C SER S 421 112.09 12.58 -37.03
N TYR S 422 110.89 12.96 -36.63
CA TYR S 422 110.23 12.32 -35.47
C TYR S 422 109.44 11.10 -35.92
N ASP S 423 108.32 11.34 -36.61
CA ASP S 423 107.38 10.28 -36.93
C ASP S 423 107.96 9.27 -37.91
N LYS S 424 108.52 9.74 -39.04
CA LYS S 424 109.01 8.80 -40.04
C LYS S 424 110.19 8.00 -39.51
N GLY S 425 111.07 8.67 -38.75
CA GLY S 425 112.17 7.96 -38.11
C GLY S 425 111.69 6.89 -37.15
N ALA S 426 110.70 7.23 -36.30
CA ALA S 426 110.17 6.26 -35.37
C ALA S 426 109.48 5.11 -36.09
N CYS S 427 108.82 5.39 -37.21
CA CYS S 427 108.11 4.35 -37.92
C CYS S 427 109.07 3.41 -38.63
N ILE S 428 110.16 3.93 -39.21
CA ILE S 428 111.14 3.04 -39.82
C ILE S 428 111.90 2.27 -38.75
N LEU S 429 112.10 2.85 -37.57
CA LEU S 429 112.72 2.09 -36.48
C LEU S 429 111.78 0.99 -35.98
N ASN S 430 110.49 1.29 -35.89
CA ASN S 430 109.51 0.26 -35.55
C ASN S 430 109.52 -0.86 -36.58
N MET S 431 109.58 -0.50 -37.86
CA MET S 431 109.63 -1.49 -38.92
C MET S 431 110.87 -2.37 -38.80
N LEU S 432 112.02 -1.77 -38.48
CA LEU S 432 113.24 -2.54 -38.33
C LEU S 432 113.18 -3.46 -37.12
N ARG S 433 112.63 -2.96 -36.00
CA ARG S 433 112.50 -3.80 -34.82
C ARG S 433 111.55 -4.97 -35.06
N GLU S 434 110.52 -4.76 -35.88
CA GLU S 434 109.59 -5.84 -36.19
C GLU S 434 110.17 -6.79 -37.23
N TYR S 435 111.07 -6.31 -38.07
CA TYR S 435 111.74 -7.17 -39.04
C TYR S 435 112.75 -8.08 -38.35
N LEU S 436 113.68 -7.50 -37.60
CA LEU S 436 114.55 -8.27 -36.72
C LEU S 436 113.77 -8.76 -35.50
N SER S 437 114.46 -9.51 -34.64
CA SER S 437 113.91 -9.85 -33.34
C SER S 437 113.97 -8.64 -32.41
N ALA S 438 113.00 -8.56 -31.50
CA ALA S 438 113.06 -7.51 -30.48
C ALA S 438 114.32 -7.63 -29.63
N ASP S 439 114.72 -8.87 -29.30
CA ASP S 439 115.97 -9.06 -28.57
C ASP S 439 117.18 -8.74 -29.43
N ALA S 440 117.12 -9.07 -30.72
CA ALA S 440 118.24 -8.73 -31.61
C ALA S 440 118.37 -7.22 -31.75
N PHE S 441 117.25 -6.51 -31.90
CA PHE S 441 117.30 -5.05 -31.96
C PHE S 441 117.82 -4.48 -30.65
N LYS S 442 117.41 -5.04 -29.51
CA LYS S 442 117.91 -4.60 -28.21
C LYS S 442 119.42 -4.80 -28.11
N SER S 443 119.91 -5.97 -28.53
CA SER S 443 121.35 -6.21 -28.52
C SER S 443 122.08 -5.21 -29.40
N GLY S 444 121.52 -4.93 -30.58
CA GLY S 444 122.14 -3.96 -31.48
C GLY S 444 122.24 -2.58 -30.85
N ILE S 445 121.13 -2.10 -30.27
CA ILE S 445 121.14 -0.76 -29.70
C ILE S 445 122.03 -0.69 -28.46
N VAL S 446 122.10 -1.78 -27.68
CA VAL S 446 122.96 -1.78 -26.50
C VAL S 446 124.42 -1.71 -26.93
N GLN S 447 124.80 -2.54 -27.92
CA GLN S 447 126.17 -2.48 -28.42
C GLN S 447 126.50 -1.12 -29.01
N TYR S 448 125.56 -0.52 -29.73
CA TYR S 448 125.74 0.81 -30.30
C TYR S 448 126.02 1.84 -29.21
N LEU S 449 125.14 1.90 -28.20
CA LEU S 449 125.30 2.89 -27.14
C LEU S 449 126.60 2.67 -26.35
N GLN S 450 126.93 1.40 -26.07
CA GLN S 450 128.15 1.12 -25.31
C GLN S 450 129.39 1.49 -26.10
N LYS S 451 129.39 1.23 -27.41
CA LYS S 451 130.56 1.56 -28.22
C LYS S 451 130.72 3.06 -28.42
N HIS S 452 129.61 3.80 -28.49
CA HIS S 452 129.69 5.22 -28.83
C HIS S 452 129.32 6.14 -27.68
N SER S 453 129.36 5.65 -26.44
CA SER S 453 129.14 6.53 -25.30
C SER S 453 130.14 7.69 -25.32
N TYR S 454 129.64 8.88 -24.97
CA TYR S 454 130.45 10.09 -24.86
C TYR S 454 131.15 10.46 -26.17
N LYS S 455 130.56 10.08 -27.31
CA LYS S 455 131.14 10.38 -28.60
C LYS S 455 130.03 10.88 -29.53
N ASN S 456 130.39 11.06 -30.80
CA ASN S 456 129.48 11.47 -31.84
C ASN S 456 129.43 10.41 -32.93
N THR S 457 128.26 10.27 -33.56
CA THR S 457 128.02 9.25 -34.56
C THR S 457 127.38 9.84 -35.80
N LYS S 458 127.62 9.19 -36.93
CA LYS S 458 126.95 9.48 -38.19
C LYS S 458 125.86 8.45 -38.46
N ASN S 459 125.19 8.61 -39.60
CA ASN S 459 124.10 7.69 -39.96
C ASN S 459 124.59 6.26 -40.13
N GLU S 460 125.87 6.08 -40.45
CA GLU S 460 126.40 4.77 -40.81
C GLU S 460 126.72 3.92 -39.59
N ASP S 461 127.00 4.54 -38.45
CA ASP S 461 127.37 3.79 -37.26
C ASP S 461 126.21 2.92 -36.76
N LEU S 462 124.98 3.42 -36.87
CA LEU S 462 123.82 2.63 -36.46
C LEU S 462 123.68 1.39 -37.33
N TRP S 463 123.81 1.54 -38.65
CA TRP S 463 123.68 0.39 -39.53
C TRP S 463 124.84 -0.59 -39.35
N ASP S 464 126.04 -0.08 -39.05
CA ASP S 464 127.16 -0.97 -38.76
C ASP S 464 126.89 -1.81 -37.52
N SER S 465 126.42 -1.16 -36.44
CA SER S 465 126.12 -1.89 -35.21
C SER S 465 124.95 -2.84 -35.39
N MET S 466 124.02 -2.53 -36.30
CA MET S 466 122.90 -3.44 -36.55
C MET S 466 123.31 -4.63 -37.39
N ALA S 467 124.21 -4.41 -38.36
CA ALA S 467 124.69 -5.53 -39.16
C ALA S 467 125.65 -6.42 -38.39
N SER S 468 126.29 -5.87 -37.35
CA SER S 468 127.09 -6.71 -36.46
C SER S 468 126.25 -7.68 -35.64
N ILE S 469 124.92 -7.51 -35.63
CA ILE S 469 124.03 -8.41 -34.93
C ILE S 469 123.16 -9.23 -35.89
N GLY S 470 122.74 -8.64 -37.01
CA GLY S 470 121.97 -9.38 -37.99
C GLY S 470 122.84 -10.26 -38.86
N GLY S 471 122.93 -11.55 -38.50
CA GLY S 471 123.84 -12.45 -39.17
C GLY S 471 123.18 -13.69 -39.76
N GLY S 472 121.87 -13.62 -39.97
CA GLY S 472 121.17 -14.68 -40.66
C GLY S 472 121.04 -14.36 -42.12
N GLY S 473 122.03 -13.64 -42.65
CA GLY S 473 121.96 -13.12 -44.00
C GLY S 473 121.29 -11.78 -44.10
N VAL S 474 121.42 -10.94 -43.08
CA VAL S 474 120.69 -9.67 -42.99
C VAL S 474 121.71 -8.55 -43.02
N ASP S 475 121.85 -7.89 -44.17
CA ASP S 475 122.68 -6.69 -44.30
C ASP S 475 121.74 -5.51 -44.08
N VAL S 476 121.59 -5.10 -42.81
CA VAL S 476 120.66 -4.04 -42.45
C VAL S 476 120.99 -2.74 -43.15
N LYS S 477 122.26 -2.55 -43.52
CA LYS S 477 122.73 -1.27 -44.04
C LYS S 477 122.07 -0.95 -45.37
N THR S 478 122.08 -1.91 -46.30
CA THR S 478 121.52 -1.68 -47.63
C THR S 478 120.02 -1.38 -47.54
N MET S 479 119.30 -2.15 -46.75
CA MET S 479 117.86 -1.92 -46.58
C MET S 479 117.58 -0.54 -45.99
N MET S 480 118.22 -0.22 -44.86
CA MET S 480 117.90 1.03 -44.17
C MET S 480 118.42 2.27 -44.89
N ASN S 481 119.41 2.13 -45.77
CA ASN S 481 119.83 3.26 -46.58
C ASN S 481 118.71 3.69 -47.53
N THR S 482 117.99 2.72 -48.10
CA THR S 482 116.84 3.06 -48.93
C THR S 482 115.78 3.83 -48.15
N TRP S 483 115.67 3.60 -46.84
CA TRP S 483 114.66 4.27 -46.06
C TRP S 483 115.12 5.62 -45.52
N THR S 484 116.42 5.81 -45.33
CA THR S 484 116.92 7.05 -44.74
C THR S 484 117.58 8.01 -45.73
N LEU S 485 117.95 7.55 -46.92
CA LEU S 485 118.69 8.38 -47.86
C LEU S 485 117.87 8.84 -49.06
N GLN S 486 116.60 8.48 -49.15
CA GLN S 486 115.73 8.99 -50.20
C GLN S 486 114.35 9.31 -49.63
N LYS S 487 113.73 10.35 -50.18
CA LYS S 487 112.46 10.84 -49.69
C LYS S 487 111.31 9.91 -50.09
N GLY S 488 110.14 10.19 -49.54
CA GLY S 488 108.93 9.49 -49.92
C GLY S 488 108.83 8.09 -49.31
N PHE S 489 107.78 7.38 -49.75
CA PHE S 489 107.49 6.05 -49.27
C PHE S 489 106.79 5.28 -50.39
N PRO S 490 106.84 3.95 -50.35
CA PRO S 490 106.30 3.18 -51.48
C PRO S 490 104.83 2.76 -51.35
N LEU S 491 104.21 2.70 -52.52
CA LEU S 491 102.94 2.02 -52.73
C LEU S 491 103.21 0.64 -53.31
N ILE S 492 102.64 -0.38 -52.69
CA ILE S 492 102.81 -1.77 -53.09
C ILE S 492 101.49 -2.22 -53.71
N THR S 493 101.50 -2.47 -55.02
CA THR S 493 100.34 -2.99 -55.73
C THR S 493 100.38 -4.51 -55.71
N ILE S 494 99.25 -5.11 -55.34
CA ILE S 494 99.13 -6.55 -55.16
C ILE S 494 98.06 -7.05 -56.11
N THR S 495 98.45 -7.99 -56.98
CA THR S 495 97.53 -8.64 -57.90
C THR S 495 97.41 -10.10 -57.50
N VAL S 496 96.17 -10.61 -57.48
CA VAL S 496 95.91 -11.97 -57.02
C VAL S 496 95.37 -12.78 -58.19
N ARG S 497 96.02 -13.91 -58.49
CA ARG S 497 95.61 -14.83 -59.54
C ARG S 497 95.50 -16.23 -58.93
N GLY S 498 94.40 -16.47 -58.21
CA GLY S 498 94.22 -17.75 -57.56
C GLY S 498 95.21 -17.96 -56.43
N ARG S 499 96.29 -18.68 -56.71
CA ARG S 499 97.36 -18.91 -55.74
C ARG S 499 98.60 -18.08 -56.04
N ASN S 500 98.59 -17.29 -57.10
CA ASN S 500 99.71 -16.45 -57.47
C ASN S 500 99.46 -15.03 -56.99
N VAL S 501 100.46 -14.45 -56.34
CA VAL S 501 100.39 -13.09 -55.81
C VAL S 501 101.54 -12.30 -56.41
N HIS S 502 101.22 -11.35 -57.28
CA HIS S 502 102.20 -10.45 -57.86
C HIS S 502 102.30 -9.19 -57.00
N MET S 503 103.54 -8.77 -56.71
CA MET S 503 103.80 -7.60 -55.90
C MET S 503 104.65 -6.63 -56.72
N LYS S 504 104.23 -5.38 -56.76
CA LYS S 504 104.96 -4.32 -57.47
C LYS S 504 105.10 -3.12 -56.55
N GLN S 505 106.27 -2.50 -56.52
CA GLN S 505 106.48 -1.32 -55.69
C GLN S 505 106.73 -0.10 -56.57
N GLU S 506 106.20 1.04 -56.14
CA GLU S 506 106.44 2.29 -56.84
C GLU S 506 106.40 3.44 -55.85
N HIS S 507 106.86 4.61 -56.30
CA HIS S 507 106.90 5.79 -55.45
C HIS S 507 105.52 6.46 -55.43
N TYR S 508 104.94 6.60 -54.25
CA TYR S 508 103.68 7.33 -54.11
C TYR S 508 103.98 8.82 -54.20
N MET S 509 103.42 9.48 -55.21
CA MET S 509 103.61 10.90 -55.43
C MET S 509 102.30 11.48 -55.91
N LYS S 510 101.82 12.52 -55.20
CA LYS S 510 100.56 13.16 -55.56
C LYS S 510 100.64 13.80 -56.95
N GLY S 511 99.92 13.22 -57.90
CA GLY S 511 99.98 13.61 -59.29
C GLY S 511 99.73 15.08 -59.56
N ASP S 517 107.48 8.69 -60.37
CA ASP S 517 108.02 9.33 -61.56
C ASP S 517 109.47 9.74 -61.34
N THR S 518 110.13 9.11 -60.37
CA THR S 518 111.52 9.37 -60.03
C THR S 518 112.45 8.21 -60.34
N GLY S 519 112.13 7.02 -59.84
CA GLY S 519 112.99 5.87 -59.97
C GLY S 519 113.65 5.48 -58.65
N TYR S 520 112.84 5.49 -57.59
CA TYR S 520 113.28 5.07 -56.26
C TYR S 520 112.93 3.60 -56.05
N LEU S 521 113.73 2.93 -55.21
CA LEU S 521 113.48 1.53 -54.85
C LEU S 521 113.84 1.32 -53.40
N TRP S 522 112.97 0.59 -52.69
CA TRP S 522 113.15 0.29 -51.28
C TRP S 522 113.31 -1.21 -51.07
N HIS S 523 113.78 -1.57 -49.88
CA HIS S 523 113.79 -2.95 -49.40
C HIS S 523 112.62 -3.08 -48.42
N VAL S 524 111.47 -3.48 -48.93
CA VAL S 524 110.21 -3.43 -48.17
C VAL S 524 110.04 -4.77 -47.46
N PRO S 525 110.11 -4.82 -46.12
CA PRO S 525 109.79 -6.06 -45.41
C PRO S 525 108.29 -6.30 -45.33
N LEU S 526 107.74 -7.01 -46.31
CA LEU S 526 106.30 -7.19 -46.39
C LEU S 526 105.80 -8.17 -45.32
N THR S 527 104.59 -7.92 -44.84
CA THR S 527 103.88 -8.81 -43.93
C THR S 527 102.44 -8.94 -44.40
N PHE S 528 101.88 -10.14 -44.31
CA PHE S 528 100.53 -10.35 -44.80
C PHE S 528 99.88 -11.52 -44.07
N ILE S 529 98.54 -11.51 -44.11
CA ILE S 529 97.72 -12.63 -43.66
C ILE S 529 96.72 -12.93 -44.76
N THR S 530 96.04 -14.07 -44.62
CA THR S 530 95.06 -14.50 -45.61
C THR S 530 93.72 -14.76 -44.94
N SER S 531 92.71 -15.06 -45.76
CA SER S 531 91.40 -15.42 -45.24
C SER S 531 91.38 -16.82 -44.65
N LYS S 532 92.37 -17.65 -44.97
CA LYS S 532 92.45 -19.01 -44.47
C LYS S 532 93.33 -19.13 -43.23
N SER S 533 93.96 -18.03 -42.81
CA SER S 533 94.96 -18.09 -41.75
C SER S 533 95.14 -16.71 -41.13
N ASP S 534 95.03 -16.63 -39.81
CA ASP S 534 95.40 -15.43 -39.07
C ASP S 534 96.90 -15.32 -38.84
N MET S 535 97.68 -16.30 -39.29
CA MET S 535 99.13 -16.27 -39.09
C MET S 535 99.80 -15.29 -40.06
N VAL S 536 100.75 -14.53 -39.54
CA VAL S 536 101.44 -13.50 -40.30
C VAL S 536 102.64 -14.12 -41.00
N HIS S 537 102.65 -14.08 -42.33
CA HIS S 537 103.81 -14.46 -43.11
C HIS S 537 104.56 -13.22 -43.58
N ARG S 538 105.88 -13.33 -43.67
CA ARG S 538 106.74 -12.21 -44.02
C ARG S 538 107.51 -12.52 -45.31
N PHE S 539 108.00 -11.46 -45.94
CA PHE S 539 108.77 -11.57 -47.17
C PHE S 539 109.53 -10.28 -47.40
N LEU S 540 110.81 -10.40 -47.76
CA LEU S 540 111.68 -9.24 -47.98
C LEU S 540 111.75 -8.97 -49.48
N LEU S 541 111.05 -7.92 -49.91
CA LEU S 541 111.01 -7.53 -51.32
C LEU S 541 112.22 -6.67 -51.62
N LYS S 542 113.18 -7.22 -52.36
CA LYS S 542 114.43 -6.53 -52.65
C LYS S 542 114.48 -5.90 -54.04
N THR S 543 113.50 -6.20 -54.90
CA THR S 543 113.49 -5.71 -56.26
C THR S 543 112.24 -4.86 -56.50
N LYS S 544 112.07 -4.42 -57.74
CA LYS S 544 110.89 -3.62 -58.07
C LYS S 544 109.63 -4.47 -58.04
N THR S 545 109.65 -5.61 -58.72
CA THR S 545 108.50 -6.51 -58.79
C THR S 545 108.93 -7.94 -58.45
N ASP S 546 107.98 -8.70 -57.92
CA ASP S 546 108.19 -10.12 -57.63
C ASP S 546 106.83 -10.80 -57.55
N VAL S 547 106.85 -12.10 -57.27
CA VAL S 547 105.64 -12.91 -57.24
C VAL S 547 105.87 -14.11 -56.33
N LEU S 548 104.84 -14.46 -55.55
CA LEU S 548 104.87 -15.65 -54.70
C LEU S 548 103.66 -16.53 -54.98
N ILE S 549 103.71 -17.75 -54.46
CA ILE S 549 102.69 -18.77 -54.71
C ILE S 549 102.12 -19.23 -53.37
N LEU S 550 100.81 -18.98 -53.19
CA LEU S 550 100.10 -19.46 -52.00
C LEU S 550 99.80 -20.95 -52.10
N PRO S 551 99.56 -21.61 -50.95
CA PRO S 551 99.18 -23.03 -50.99
C PRO S 551 97.71 -23.27 -51.28
N GLU S 552 96.89 -22.24 -51.36
CA GLU S 552 95.45 -22.39 -51.52
C GLU S 552 94.84 -21.02 -51.83
N GLU S 553 93.82 -21.01 -52.67
CA GLU S 553 93.11 -19.77 -52.97
C GLU S 553 92.47 -19.20 -51.70
N VAL S 554 92.39 -17.88 -51.64
CA VAL S 554 91.93 -17.17 -50.46
C VAL S 554 90.78 -16.25 -50.82
N GLU S 555 89.89 -16.03 -49.86
CA GLU S 555 88.79 -15.11 -50.07
C GLU S 555 89.29 -13.67 -50.19
N TRP S 556 90.18 -13.27 -49.29
CA TRP S 556 90.81 -11.97 -49.31
C TRP S 556 92.23 -12.10 -48.77
N ILE S 557 93.05 -11.10 -49.04
CA ILE S 557 94.43 -11.06 -48.57
C ILE S 557 94.74 -9.63 -48.13
N LYS S 558 95.46 -9.52 -47.01
CA LYS S 558 95.73 -8.24 -46.38
C LYS S 558 97.22 -8.09 -46.10
N PHE S 559 97.84 -7.10 -46.72
CA PHE S 559 99.25 -6.79 -46.51
C PHE S 559 99.40 -5.73 -45.43
N ASN S 560 100.64 -5.55 -44.96
CA ASN S 560 100.98 -4.57 -43.93
C ASN S 560 100.16 -4.81 -42.66
N VAL S 561 100.44 -5.95 -42.02
CA VAL S 561 99.68 -6.36 -40.86
C VAL S 561 100.07 -5.51 -39.66
N GLY S 562 99.07 -4.91 -39.01
CA GLY S 562 99.32 -4.13 -37.82
C GLY S 562 100.03 -2.83 -38.02
N MET S 563 100.09 -2.31 -39.25
CA MET S 563 100.75 -1.04 -39.56
C MET S 563 102.18 -1.00 -39.05
N ASN S 564 102.88 -2.13 -39.19
CA ASN S 564 104.28 -2.23 -38.79
C ASN S 564 105.24 -1.90 -39.93
N GLY S 565 104.73 -1.48 -41.08
CA GLY S 565 105.58 -1.12 -42.20
C GLY S 565 105.25 0.26 -42.71
N TYR S 566 106.30 0.98 -43.13
CA TYR S 566 106.15 2.36 -43.59
C TYR S 566 105.93 2.37 -45.11
N TYR S 567 104.77 1.87 -45.49
CA TYR S 567 104.37 1.86 -46.89
C TYR S 567 102.85 1.77 -46.94
N ILE S 568 102.29 1.93 -48.14
CA ILE S 568 100.86 1.73 -48.31
C ILE S 568 100.66 0.65 -49.37
N VAL S 569 99.48 0.02 -49.33
CA VAL S 569 99.19 -1.16 -50.14
C VAL S 569 97.92 -0.92 -50.95
N HIS S 570 97.97 -1.24 -52.24
CA HIS S 570 96.84 -1.19 -53.14
C HIS S 570 96.56 -2.60 -53.66
N TYR S 571 95.28 -2.92 -53.84
CA TYR S 571 94.86 -4.25 -54.25
C TYR S 571 94.13 -4.18 -55.58
N GLU S 572 94.57 -4.97 -56.55
CA GLU S 572 93.99 -4.97 -57.88
C GLU S 572 92.72 -5.80 -57.94
N ASP S 573 91.96 -5.59 -59.02
CA ASP S 573 90.73 -6.33 -59.34
C ASP S 573 89.72 -6.04 -58.22
N ASP S 574 88.95 -7.04 -57.79
CA ASP S 574 87.93 -6.88 -56.77
C ASP S 574 88.48 -7.00 -55.35
N GLY S 575 89.78 -6.73 -55.16
CA GLY S 575 90.36 -6.85 -53.83
C GLY S 575 89.79 -5.84 -52.84
N TRP S 576 89.71 -4.56 -53.25
CA TRP S 576 89.18 -3.54 -52.37
C TRP S 576 87.69 -3.73 -52.12
N ASP S 577 86.96 -4.18 -53.14
CA ASP S 577 85.55 -4.52 -52.93
C ASP S 577 85.40 -5.67 -51.96
N SER S 578 86.26 -6.68 -52.07
CA SER S 578 86.25 -7.80 -51.13
C SER S 578 86.54 -7.34 -49.71
N LEU S 579 87.49 -6.41 -49.56
CA LEU S 579 87.81 -5.91 -48.23
C LEU S 579 86.66 -5.07 -47.67
N THR S 580 85.97 -4.32 -48.54
CA THR S 580 84.78 -3.60 -48.10
C THR S 580 83.70 -4.57 -47.64
N GLY S 581 83.53 -5.67 -48.38
CA GLY S 581 82.60 -6.71 -47.94
C GLY S 581 82.99 -7.30 -46.60
N LEU S 582 84.29 -7.52 -46.40
CA LEU S 582 84.79 -8.00 -45.11
C LEU S 582 84.41 -7.04 -44.00
N LEU S 583 84.62 -5.75 -44.21
CA LEU S 583 84.30 -4.76 -43.19
C LEU S 583 82.80 -4.72 -42.90
N LYS S 584 81.97 -4.78 -43.95
CA LYS S 584 80.52 -4.77 -43.74
C LYS S 584 80.00 -6.07 -43.14
N GLY S 585 80.72 -7.17 -43.30
CA GLY S 585 80.29 -8.44 -42.75
C GLY S 585 80.78 -8.68 -41.35
N THR S 586 82.09 -8.87 -41.19
CA THR S 586 82.70 -9.13 -39.88
C THR S 586 83.97 -8.27 -39.78
N HIS S 587 83.79 -7.00 -39.41
CA HIS S 587 84.92 -6.11 -39.27
C HIS S 587 85.90 -6.58 -38.18
N THR S 588 85.44 -7.40 -37.24
CA THR S 588 86.30 -7.94 -36.19
C THR S 588 87.24 -9.03 -36.70
N ALA S 589 87.18 -9.36 -37.99
CA ALA S 589 88.08 -10.37 -38.54
C ALA S 589 89.53 -9.88 -38.61
N VAL S 590 89.74 -8.57 -38.62
CA VAL S 590 91.08 -7.99 -38.59
C VAL S 590 91.16 -7.03 -37.41
N SER S 591 92.39 -6.57 -37.14
CA SER S 591 92.61 -5.76 -35.96
C SER S 591 92.18 -4.31 -36.20
N SER S 592 92.11 -3.55 -35.11
CA SER S 592 91.75 -2.14 -35.19
C SER S 592 92.76 -1.37 -36.03
N ASN S 593 94.05 -1.59 -35.77
CA ASN S 593 95.09 -0.95 -36.56
C ASN S 593 95.01 -1.37 -38.03
N ASP S 594 94.62 -2.62 -38.29
CA ASP S 594 94.48 -3.07 -39.67
C ASP S 594 93.35 -2.34 -40.38
N ARG S 595 92.20 -2.18 -39.71
CA ARG S 595 91.09 -1.43 -40.29
C ARG S 595 91.48 0.03 -40.54
N ALA S 596 92.18 0.64 -39.57
CA ALA S 596 92.64 2.02 -39.74
C ALA S 596 93.57 2.14 -40.94
N SER S 597 94.51 1.20 -41.08
CA SER S 597 95.42 1.23 -42.21
C SER S 597 94.66 1.07 -43.53
N LEU S 598 93.65 0.20 -43.54
CA LEU S 598 92.84 0.04 -44.75
C LEU S 598 92.16 1.34 -45.14
N ILE S 599 91.52 2.00 -44.17
CA ILE S 599 90.85 3.27 -44.46
C ILE S 599 91.84 4.30 -45.01
N ASN S 600 92.94 4.50 -44.28
CA ASN S 600 93.91 5.51 -44.67
C ASN S 600 94.50 5.23 -46.04
N ASN S 601 94.85 3.96 -46.30
CA ASN S 601 95.43 3.61 -47.59
C ASN S 601 94.43 3.79 -48.71
N ALA S 602 93.16 3.43 -48.49
CA ALA S 602 92.14 3.63 -49.50
C ALA S 602 92.03 5.10 -49.88
N PHE S 603 92.04 5.99 -48.88
CA PHE S 603 91.90 7.41 -49.23
C PHE S 603 93.18 7.97 -49.84
N GLN S 604 94.35 7.50 -49.42
CA GLN S 604 95.57 7.93 -50.08
C GLN S 604 95.63 7.45 -51.53
N LEU S 605 95.01 6.31 -51.83
CA LEU S 605 94.94 5.85 -53.21
C LEU S 605 93.93 6.65 -54.00
N VAL S 606 92.84 7.09 -53.34
CA VAL S 606 91.93 8.04 -53.98
C VAL S 606 92.67 9.31 -54.36
N SER S 607 93.62 9.73 -53.51
CA SER S 607 94.36 10.96 -53.78
C SER S 607 95.21 10.89 -55.04
N ILE S 608 95.49 9.70 -55.57
CA ILE S 608 96.30 9.55 -56.78
C ILE S 608 95.58 8.82 -57.89
N GLY S 609 94.34 8.37 -57.68
CA GLY S 609 93.53 7.82 -58.74
C GLY S 609 93.54 6.30 -58.85
N LYS S 610 94.26 5.60 -57.97
CA LYS S 610 94.19 4.15 -57.98
C LYS S 610 92.91 3.63 -57.36
N LEU S 611 92.08 4.50 -56.79
CA LEU S 611 90.81 4.11 -56.19
C LEU S 611 89.87 5.30 -56.22
N SER S 612 88.59 5.05 -56.47
CA SER S 612 87.62 6.13 -56.56
C SER S 612 87.13 6.55 -55.18
N ILE S 613 86.83 7.84 -55.05
CA ILE S 613 86.29 8.37 -53.80
C ILE S 613 84.97 7.70 -53.47
N GLU S 614 84.20 7.30 -54.50
CA GLU S 614 82.94 6.60 -54.26
C GLU S 614 83.20 5.26 -53.56
N LYS S 615 84.17 4.49 -54.06
CA LYS S 615 84.49 3.23 -53.41
C LYS S 615 85.09 3.46 -52.03
N ALA S 616 85.85 4.53 -51.86
CA ALA S 616 86.39 4.85 -50.53
C ALA S 616 85.26 5.09 -49.53
N LEU S 617 84.25 5.87 -49.91
CA LEU S 617 83.13 6.12 -49.00
C LEU S 617 82.27 4.87 -48.81
N ASP S 618 82.11 4.06 -49.86
CA ASP S 618 81.43 2.78 -49.70
C ASP S 618 82.13 1.92 -48.65
N LEU S 619 83.45 1.91 -48.66
CA LEU S 619 84.20 1.21 -47.61
C LEU S 619 83.99 1.88 -46.26
N SER S 620 83.96 3.22 -46.24
CA SER S 620 83.80 3.95 -44.99
C SER S 620 82.46 3.67 -44.33
N LEU S 621 81.44 3.31 -45.13
CA LEU S 621 80.12 3.04 -44.56
C LEU S 621 80.13 1.98 -43.46
N TYR S 622 81.18 1.16 -43.38
CA TYR S 622 81.23 0.13 -42.33
C TYR S 622 81.40 0.73 -40.95
N LEU S 623 81.82 1.99 -40.85
CA LEU S 623 82.00 2.64 -39.56
C LEU S 623 80.69 2.83 -38.81
N LYS S 624 79.55 2.58 -39.44
CA LYS S 624 78.28 2.63 -38.73
C LYS S 624 78.24 1.63 -37.59
N HIS S 625 79.02 0.56 -37.69
CA HIS S 625 79.08 -0.47 -36.64
C HIS S 625 80.47 -0.57 -36.02
N GLU S 626 81.37 0.36 -36.32
CA GLU S 626 82.71 0.36 -35.75
C GLU S 626 82.69 0.96 -34.35
N THR S 627 83.53 0.42 -33.46
CA THR S 627 83.58 0.85 -32.08
C THR S 627 84.98 1.08 -31.54
N GLU S 628 86.02 0.86 -32.34
CA GLU S 628 87.39 0.91 -31.85
C GLU S 628 88.03 2.27 -32.12
N ILE S 629 88.89 2.68 -31.18
CA ILE S 629 89.40 4.05 -31.15
C ILE S 629 90.28 4.33 -32.35
N MET S 630 91.16 3.41 -32.71
CA MET S 630 92.08 3.66 -33.83
C MET S 630 91.34 3.80 -35.15
N PRO S 631 90.46 2.88 -35.56
CA PRO S 631 89.74 3.09 -36.81
C PRO S 631 88.80 4.28 -36.77
N VAL S 632 88.14 4.53 -35.65
CA VAL S 632 87.22 5.69 -35.59
C VAL S 632 88.01 6.99 -35.76
N PHE S 633 89.11 7.14 -35.02
CA PHE S 633 89.91 8.35 -35.15
C PHE S 633 90.52 8.48 -36.53
N GLN S 634 90.91 7.36 -37.14
CA GLN S 634 91.50 7.45 -38.48
C GLN S 634 90.46 7.85 -39.52
N GLY S 635 89.24 7.30 -39.41
CA GLY S 635 88.17 7.73 -40.30
C GLY S 635 87.85 9.21 -40.14
N LEU S 636 87.82 9.69 -38.91
CA LEU S 636 87.59 11.12 -38.69
C LEU S 636 88.72 11.96 -39.27
N ASN S 637 89.97 11.54 -39.05
CA ASN S 637 91.11 12.29 -39.57
C ASN S 637 91.14 12.27 -41.09
N GLU S 638 90.54 11.27 -41.73
CA GLU S 638 90.52 11.20 -43.18
C GLU S 638 89.30 11.88 -43.79
N LEU S 639 88.24 12.08 -43.01
CA LEU S 639 87.02 12.70 -43.54
C LEU S 639 86.89 14.19 -43.21
N ILE S 640 87.37 14.62 -42.03
CA ILE S 640 87.19 16.03 -41.65
C ILE S 640 87.83 17.01 -42.62
N PRO S 641 89.06 16.82 -43.09
CA PRO S 641 89.64 17.79 -44.03
C PRO S 641 88.80 18.02 -45.28
N MET S 642 87.93 17.08 -45.65
CA MET S 642 87.09 17.27 -46.83
C MET S 642 86.08 18.40 -46.60
N TYR S 643 85.29 18.31 -45.54
CA TYR S 643 84.37 19.41 -45.26
C TYR S 643 85.12 20.65 -44.80
N LYS S 644 86.36 20.51 -44.31
CA LYS S 644 87.17 21.70 -44.06
C LYS S 644 87.48 22.44 -45.37
N LEU S 645 87.79 21.68 -46.43
CA LEU S 645 87.95 22.30 -47.74
C LEU S 645 86.64 22.90 -48.23
N MET S 646 85.52 22.22 -47.97
CA MET S 646 84.23 22.74 -48.43
C MET S 646 83.87 24.05 -47.72
N GLU S 647 84.23 24.17 -46.44
CA GLU S 647 83.90 25.37 -45.68
C GLU S 647 84.55 26.62 -46.27
N LYS S 648 85.70 26.47 -46.90
CA LYS S 648 86.44 27.60 -47.46
C LYS S 648 85.85 28.11 -48.77
N ARG S 649 84.78 27.51 -49.27
CA ARG S 649 84.19 27.86 -50.54
C ARG S 649 82.70 28.07 -50.40
N ASP S 650 82.03 28.37 -51.52
CA ASP S 650 80.58 28.50 -51.58
C ASP S 650 80.00 27.12 -51.90
N MET S 651 79.83 26.32 -50.86
CA MET S 651 79.41 24.94 -51.00
C MET S 651 78.55 24.54 -49.80
N ASN S 652 77.57 25.40 -49.46
CA ASN S 652 76.83 25.21 -48.22
C ASN S 652 75.99 23.93 -48.25
N GLU S 653 75.28 23.69 -49.36
CA GLU S 653 74.41 22.53 -49.47
C GLU S 653 75.21 21.23 -49.35
N VAL S 654 76.28 21.11 -50.13
CA VAL S 654 77.07 19.88 -50.14
C VAL S 654 77.78 19.70 -48.80
N GLU S 655 78.25 20.80 -48.21
CA GLU S 655 78.90 20.72 -46.91
C GLU S 655 77.95 20.23 -45.83
N THR S 656 76.71 20.73 -45.85
CA THR S 656 75.72 20.27 -44.87
C THR S 656 75.34 18.81 -45.10
N GLN S 657 75.18 18.41 -46.37
CA GLN S 657 74.91 17.01 -46.67
C GLN S 657 76.02 16.11 -46.13
N PHE S 658 77.28 16.52 -46.33
CA PHE S 658 78.40 15.72 -45.85
C PHE S 658 78.44 15.65 -44.33
N LYS S 659 78.22 16.78 -43.66
CA LYS S 659 78.21 16.77 -42.19
C LYS S 659 77.10 15.89 -41.65
N ALA S 660 75.91 15.94 -42.27
CA ALA S 660 74.82 15.09 -41.83
C ALA S 660 75.15 13.62 -42.02
N PHE S 661 75.75 13.26 -43.17
CA PHE S 661 76.16 11.88 -43.38
C PHE S 661 77.19 11.43 -42.36
N LEU S 662 78.20 12.28 -42.09
CA LEU S 662 79.23 11.94 -41.13
C LEU S 662 78.65 11.71 -39.75
N ILE S 663 77.72 12.58 -39.32
CA ILE S 663 77.12 12.41 -38.00
C ILE S 663 76.26 11.15 -37.96
N ARG S 664 75.48 10.90 -39.02
CA ARG S 664 74.65 9.70 -39.05
C ARG S 664 75.47 8.42 -39.09
N LEU S 665 76.71 8.49 -39.58
CA LEU S 665 77.56 7.29 -39.61
C LEU S 665 77.93 6.83 -38.21
N LEU S 666 78.23 7.76 -37.31
CA LEU S 666 78.63 7.43 -35.95
C LEU S 666 77.55 7.70 -34.91
N ARG S 667 76.32 7.96 -35.36
CA ARG S 667 75.24 8.29 -34.43
C ARG S 667 75.01 7.18 -33.40
N ASP S 668 75.10 5.92 -33.83
CA ASP S 668 74.87 4.81 -32.90
C ASP S 668 75.86 4.85 -31.75
N LEU S 669 77.16 4.98 -32.07
CA LEU S 669 78.18 5.01 -31.03
C LEU S 669 78.05 6.27 -30.18
N ILE S 670 77.73 7.41 -30.80
CA ILE S 670 77.58 8.65 -30.04
C ILE S 670 76.44 8.53 -29.05
N ASP S 671 75.30 7.96 -29.47
CA ASP S 671 74.18 7.76 -28.57
C ASP S 671 74.54 6.78 -27.46
N LYS S 672 75.30 5.74 -27.79
CA LYS S 672 75.69 4.78 -26.76
C LYS S 672 76.70 5.36 -25.79
N GLN S 673 77.44 6.39 -26.18
CA GLN S 673 78.41 7.02 -25.28
C GLN S 673 77.69 7.61 -24.07
N THR S 674 78.27 7.39 -22.90
CA THR S 674 77.77 7.96 -21.66
C THR S 674 78.36 9.35 -21.43
N TRP S 675 77.83 10.04 -20.41
CA TRP S 675 78.32 11.37 -20.06
C TRP S 675 79.02 11.35 -18.71
N THR S 676 80.08 10.54 -18.60
CA THR S 676 80.83 10.38 -17.35
C THR S 676 82.30 10.20 -17.69
N ASP S 677 83.12 10.10 -16.64
CA ASP S 677 84.55 9.87 -16.78
C ASP S 677 84.93 8.41 -16.55
N GLU S 678 84.07 7.47 -16.94
CA GLU S 678 84.31 6.06 -16.71
C GLU S 678 85.16 5.46 -17.82
N GLY S 679 85.67 4.25 -17.57
CA GLY S 679 86.38 3.49 -18.57
C GLY S 679 87.87 3.75 -18.60
N SER S 680 88.55 3.01 -19.47
CA SER S 680 89.99 3.14 -19.62
C SER S 680 90.33 4.45 -20.32
N VAL S 681 91.63 4.73 -20.44
CA VAL S 681 92.09 5.95 -21.10
C VAL S 681 91.62 6.00 -22.54
N SER S 682 91.71 4.87 -23.25
CA SER S 682 91.26 4.79 -24.63
C SER S 682 89.78 5.12 -24.74
N GLU S 683 88.95 4.48 -23.91
CA GLU S 683 87.52 4.72 -23.95
C GLU S 683 87.18 6.16 -23.59
N ARG S 684 87.93 6.75 -22.65
CA ARG S 684 87.68 8.12 -22.23
C ARG S 684 87.98 9.10 -23.36
N MET S 685 89.12 8.92 -24.04
CA MET S 685 89.45 9.81 -25.15
C MET S 685 88.44 9.64 -26.29
N LEU S 686 88.01 8.40 -26.56
CA LEU S 686 86.99 8.16 -27.56
C LEU S 686 85.69 8.89 -27.21
N ARG S 687 85.25 8.79 -25.96
CA ARG S 687 84.03 9.46 -25.52
C ARG S 687 84.16 10.98 -25.68
N SER S 688 85.29 11.54 -25.22
CA SER S 688 85.48 12.98 -25.30
C SER S 688 85.39 13.46 -26.75
N GLN S 689 86.13 12.79 -27.65
CA GLN S 689 86.14 13.22 -29.04
C GLN S 689 84.77 13.03 -29.69
N LEU S 690 84.06 11.95 -29.35
CA LEU S 690 82.76 11.70 -29.96
C LEU S 690 81.73 12.73 -29.53
N LEU S 691 81.67 13.01 -28.22
CA LEU S 691 80.72 14.02 -27.73
C LEU S 691 81.06 15.39 -28.27
N LEU S 692 82.35 15.73 -28.35
CA LEU S 692 82.75 17.02 -28.92
C LEU S 692 82.31 17.12 -30.38
N LEU S 693 82.55 16.06 -31.16
CA LEU S 693 82.17 16.08 -32.57
C LEU S 693 80.67 16.25 -32.74
N ALA S 694 79.88 15.50 -31.98
CA ALA S 694 78.43 15.59 -32.09
C ALA S 694 77.93 16.98 -31.72
N CYS S 695 78.40 17.50 -30.58
CA CYS S 695 77.94 18.82 -30.16
CA CYS S 695 78.00 18.83 -30.12
C CYS S 695 78.43 19.92 -31.09
N VAL S 696 79.56 19.71 -31.78
CA VAL S 696 80.02 20.71 -32.74
C VAL S 696 79.16 20.68 -34.00
N HIS S 697 78.81 19.49 -34.48
CA HIS S 697 77.99 19.36 -35.68
C HIS S 697 76.50 19.39 -35.37
N ASN S 698 76.13 19.78 -34.14
CA ASN S 698 74.76 20.20 -33.80
C ASN S 698 73.81 19.00 -33.69
N TYR S 699 74.25 17.96 -32.97
CA TYR S 699 73.36 16.88 -32.58
C TYR S 699 72.50 17.37 -31.42
N GLN S 700 71.21 17.59 -31.69
CA GLN S 700 70.36 18.31 -30.75
C GLN S 700 70.29 17.68 -29.36
N PRO S 701 70.26 16.34 -29.20
CA PRO S 701 70.37 15.80 -27.83
C PRO S 701 71.64 16.22 -27.11
N CYS S 702 72.79 16.08 -27.78
CA CYS S 702 74.06 16.53 -27.20
CA CYS S 702 74.04 16.52 -27.18
C CYS S 702 73.99 18.01 -26.84
N VAL S 703 73.44 18.82 -27.74
CA VAL S 703 73.38 20.26 -27.51
C VAL S 703 72.52 20.57 -26.28
N GLN S 704 71.38 19.91 -26.16
CA GLN S 704 70.49 20.14 -25.02
C GLN S 704 71.16 19.74 -23.71
N ARG S 705 71.77 18.55 -23.67
CA ARG S 705 72.39 18.10 -22.43
C ARG S 705 73.60 18.94 -22.06
N ALA S 706 74.38 19.37 -23.06
CA ALA S 706 75.54 20.21 -22.78
C ALA S 706 75.10 21.60 -22.34
N GLU S 707 74.01 22.12 -22.90
CA GLU S 707 73.47 23.38 -22.42
C GLU S 707 73.00 23.26 -20.98
N GLY S 708 72.39 22.13 -20.62
CA GLY S 708 72.01 21.93 -19.22
C GLY S 708 73.21 21.91 -18.29
N TYR S 709 74.24 21.15 -18.67
CA TYR S 709 75.45 21.09 -17.84
C TYR S 709 76.11 22.45 -17.72
N PHE S 710 76.20 23.19 -18.83
CA PHE S 710 76.81 24.52 -18.80
C PHE S 710 75.97 25.51 -18.00
N ARG S 711 74.64 25.37 -18.05
CA ARG S 711 73.78 26.22 -17.25
C ARG S 711 74.02 25.98 -15.77
N LYS S 712 74.03 24.71 -15.35
CA LYS S 712 74.31 24.41 -13.95
C LYS S 712 75.68 24.91 -13.53
N TRP S 713 76.68 24.76 -14.41
CA TRP S 713 78.04 25.18 -14.07
C TRP S 713 78.13 26.70 -13.93
N LYS S 714 77.57 27.44 -14.89
CA LYS S 714 77.62 28.90 -14.85
C LYS S 714 76.83 29.44 -13.66
N GLU S 715 75.69 28.82 -13.34
CA GLU S 715 74.95 29.26 -12.15
C GLU S 715 75.69 28.89 -10.87
N SER S 716 76.49 27.82 -10.89
CA SER S 716 77.32 27.47 -9.76
C SER S 716 78.60 28.30 -9.69
N ASN S 717 78.87 29.12 -10.71
CA ASN S 717 80.02 30.03 -10.71
C ASN S 717 81.33 29.25 -10.79
N GLY S 718 81.38 28.26 -11.67
CA GLY S 718 82.54 27.41 -11.83
C GLY S 718 82.78 26.42 -10.71
N ASN S 719 82.00 26.47 -9.63
CA ASN S 719 82.25 25.62 -8.49
C ASN S 719 81.81 24.18 -8.73
N LEU S 720 80.79 23.96 -9.57
CA LEU S 720 80.32 22.62 -9.84
C LEU S 720 81.39 21.83 -10.59
N SER S 721 81.70 20.64 -10.08
CA SER S 721 82.67 19.77 -10.73
C SER S 721 81.99 18.99 -11.86
N LEU S 722 82.45 19.20 -13.10
CA LEU S 722 81.95 18.57 -14.31
C LEU S 722 82.84 17.41 -14.73
N PRO S 723 82.28 16.43 -15.44
CA PRO S 723 83.11 15.36 -16.01
C PRO S 723 84.15 15.92 -16.98
N VAL S 724 85.42 15.57 -16.75
CA VAL S 724 86.52 16.12 -17.53
C VAL S 724 86.38 15.80 -19.01
N ASP S 725 85.84 14.61 -19.33
CA ASP S 725 85.72 14.23 -20.74
C ASP S 725 84.65 15.05 -21.45
N VAL S 726 83.49 15.26 -20.81
CA VAL S 726 82.43 16.06 -21.42
C VAL S 726 82.67 17.55 -21.28
N THR S 727 83.70 17.95 -20.53
CA THR S 727 84.00 19.37 -20.35
C THR S 727 84.27 20.06 -21.69
N LEU S 728 84.96 19.37 -22.59
CA LEU S 728 85.25 19.95 -23.91
C LEU S 728 83.96 20.32 -24.64
N ALA S 729 83.04 19.36 -24.75
CA ALA S 729 81.78 19.62 -25.44
C ALA S 729 80.96 20.67 -24.72
N VAL S 730 80.93 20.63 -23.38
CA VAL S 730 80.11 21.58 -22.62
C VAL S 730 80.62 23.00 -22.85
N PHE S 731 81.94 23.19 -22.78
CA PHE S 731 82.51 24.51 -23.02
C PHE S 731 82.28 24.96 -24.45
N ALA S 732 82.46 24.05 -25.42
CA ALA S 732 82.27 24.42 -26.82
C ALA S 732 80.83 24.83 -27.10
N VAL S 733 79.87 24.20 -26.42
CA VAL S 733 78.47 24.58 -26.58
C VAL S 733 78.19 25.91 -25.90
N GLY S 734 78.66 26.06 -24.65
CA GLY S 734 78.37 27.27 -23.90
C GLY S 734 79.02 28.52 -24.47
N ALA S 735 80.13 28.36 -25.18
CA ALA S 735 80.83 29.51 -25.74
C ALA S 735 80.18 30.06 -27.01
N GLN S 736 79.03 29.53 -27.43
CA GLN S 736 78.38 30.03 -28.63
C GLN S 736 77.67 31.35 -28.39
N SER S 737 77.15 31.57 -27.18
CA SER S 737 76.53 32.83 -26.82
C SER S 737 77.56 33.76 -26.21
N THR S 738 77.31 35.07 -26.34
CA THR S 738 78.26 36.06 -25.82
C THR S 738 78.39 35.94 -24.30
N GLU S 739 77.28 35.68 -23.61
CA GLU S 739 77.30 35.55 -22.15
C GLU S 739 78.24 34.43 -21.70
N GLY S 740 78.05 33.23 -22.24
CA GLY S 740 78.90 32.12 -21.87
C GLY S 740 80.34 32.31 -22.31
N TRP S 741 80.55 32.96 -23.46
CA TRP S 741 81.89 33.27 -23.93
C TRP S 741 82.64 34.15 -22.91
N ASP S 742 82.01 35.25 -22.50
CA ASP S 742 82.65 36.14 -21.54
C ASP S 742 82.84 35.46 -20.20
N PHE S 743 81.89 34.61 -19.79
CA PHE S 743 82.04 33.88 -18.53
C PHE S 743 83.23 32.93 -18.58
N LEU S 744 83.36 32.18 -19.68
CA LEU S 744 84.48 31.27 -19.86
C LEU S 744 85.80 32.04 -19.82
N TYR S 745 85.88 33.17 -20.52
CA TYR S 745 87.13 33.93 -20.49
C TYR S 745 87.41 34.48 -19.10
N SER S 746 86.36 34.89 -18.37
CA SER S 746 86.57 35.38 -17.01
C SER S 746 87.15 34.30 -16.11
N LYS S 747 86.73 33.05 -16.31
CA LYS S 747 87.32 31.96 -15.53
C LYS S 747 88.71 31.57 -16.03
N TYR S 748 89.00 31.82 -17.32
CA TYR S 748 90.28 31.45 -17.91
C TYR S 748 91.45 32.07 -17.16
N GLN S 749 91.36 33.36 -16.83
CA GLN S 749 92.50 34.06 -16.23
C GLN S 749 92.91 33.40 -14.92
N PHE S 750 91.94 33.03 -14.08
CA PHE S 750 92.22 32.52 -12.75
C PHE S 750 92.35 31.01 -12.70
N SER S 751 91.95 30.29 -13.75
CA SER S 751 92.14 28.85 -13.77
C SER S 751 93.63 28.51 -13.70
N LEU S 752 93.91 27.35 -13.08
CA LEU S 752 95.28 26.88 -12.94
C LEU S 752 95.51 25.51 -13.56
N SER S 753 94.49 24.88 -14.14
CA SER S 753 94.64 23.60 -14.81
C SER S 753 94.95 23.81 -16.29
N SER S 754 95.98 23.13 -16.78
CA SER S 754 96.40 23.32 -18.16
C SER S 754 95.38 22.71 -19.13
N THR S 755 94.79 21.58 -18.76
CA THR S 755 93.74 20.98 -19.59
C THR S 755 92.52 21.90 -19.65
N GLU S 756 92.12 22.45 -18.50
CA GLU S 756 91.01 23.39 -18.47
C GLU S 756 91.30 24.62 -19.31
N LYS S 757 92.54 25.12 -19.24
CA LYS S 757 92.94 26.27 -20.05
C LYS S 757 92.82 25.95 -21.54
N SER S 758 93.32 24.77 -21.95
CA SER S 758 93.25 24.40 -23.36
C SER S 758 91.80 24.24 -23.83
N GLN S 759 90.96 23.66 -22.97
CA GLN S 759 89.55 23.49 -23.33
C GLN S 759 88.84 24.84 -23.45
N ILE S 760 89.16 25.78 -22.56
CA ILE S 760 88.58 27.11 -22.67
C ILE S 760 89.06 27.79 -23.94
N GLU S 761 90.34 27.62 -24.28
CA GLU S 761 90.86 28.19 -25.52
C GLU S 761 90.11 27.66 -26.73
N PHE S 762 89.93 26.33 -26.80
CA PHE S 762 89.19 25.75 -27.91
C PHE S 762 87.75 26.24 -27.96
N ALA S 763 87.10 26.32 -26.79
CA ALA S 763 85.72 26.80 -26.75
C ALA S 763 85.62 28.22 -27.29
N LEU S 764 86.53 29.10 -26.85
CA LEU S 764 86.48 30.48 -27.31
C LEU S 764 86.83 30.60 -28.79
N CYS S 765 87.69 29.72 -29.31
CA CYS S 765 87.98 29.73 -30.72
C CYS S 765 86.83 29.18 -31.56
N ARG S 766 85.99 28.34 -30.97
CA ARG S 766 84.79 27.83 -31.64
C ARG S 766 83.70 28.89 -31.85
N THR S 767 83.98 30.17 -31.62
CA THR S 767 82.95 31.19 -31.69
C THR S 767 82.71 31.64 -33.14
N GLN S 768 81.63 32.40 -33.31
CA GLN S 768 81.27 32.98 -34.59
C GLN S 768 81.58 34.48 -34.65
N ASN S 769 81.96 35.08 -33.54
CA ASN S 769 82.13 36.52 -33.43
C ASN S 769 83.49 36.97 -33.98
N LYS S 770 83.44 37.78 -35.03
CA LYS S 770 84.67 38.30 -35.64
C LYS S 770 85.47 39.12 -34.63
N GLU S 771 84.80 39.93 -33.82
CA GLU S 771 85.49 40.77 -32.85
C GLU S 771 86.19 39.94 -31.80
N LYS S 772 85.54 38.87 -31.33
CA LYS S 772 86.16 38.03 -30.32
C LYS S 772 87.33 37.24 -30.89
N LEU S 773 87.22 36.78 -32.13
CA LEU S 773 88.36 36.13 -32.78
C LEU S 773 89.54 37.10 -32.89
N GLN S 774 89.28 38.32 -33.35
CA GLN S 774 90.33 39.32 -33.49
C GLN S 774 90.97 39.64 -32.14
N TRP S 775 90.15 39.77 -31.09
CA TRP S 775 90.68 40.09 -29.77
C TRP S 775 91.49 38.94 -29.19
N LEU S 776 91.01 37.70 -29.34
CA LEU S 776 91.79 36.55 -28.90
C LEU S 776 93.14 36.52 -29.59
N LEU S 777 93.17 36.71 -30.91
CA LEU S 777 94.44 36.72 -31.63
C LEU S 777 95.36 37.82 -31.12
N ASP S 778 94.84 39.05 -31.01
CA ASP S 778 95.68 40.16 -30.57
C ASP S 778 96.25 39.93 -29.18
N GLU S 779 95.43 39.42 -28.26
CA GLU S 779 95.88 39.25 -26.88
C GLU S 779 96.87 38.10 -26.78
N SER S 780 96.65 37.01 -27.53
CA SER S 780 97.62 35.92 -27.52
C SER S 780 98.93 36.33 -28.16
N PHE S 781 98.89 37.29 -29.09
CA PHE S 781 100.13 37.86 -29.60
C PHE S 781 100.83 38.73 -28.56
N LYS S 782 100.07 39.63 -27.92
CA LYS S 782 100.66 40.53 -26.92
C LYS S 782 101.28 39.76 -25.77
N GLY S 783 100.63 38.67 -25.34
CA GLY S 783 101.20 37.82 -24.32
C GLY S 783 100.85 38.19 -22.90
N ASP S 784 99.93 39.13 -22.70
CA ASP S 784 99.55 39.55 -21.34
C ASP S 784 98.34 38.77 -20.85
N LYS S 785 97.18 39.01 -21.45
CA LYS S 785 95.96 38.33 -21.04
C LYS S 785 96.00 36.85 -21.42
N ILE S 786 96.63 36.52 -22.54
CA ILE S 786 96.87 35.13 -22.95
C ILE S 786 98.33 35.02 -23.33
N LYS S 787 99.05 34.09 -22.69
CA LYS S 787 100.49 33.97 -22.90
C LYS S 787 100.80 33.65 -24.36
N THR S 788 101.98 34.12 -24.80
CA THR S 788 102.37 33.97 -26.19
C THR S 788 102.68 32.53 -26.58
N GLN S 789 103.06 31.68 -25.61
CA GLN S 789 103.37 30.29 -25.93
C GLN S 789 102.17 29.54 -26.50
N GLU S 790 100.96 29.97 -26.17
CA GLU S 790 99.74 29.35 -26.66
C GLU S 790 99.29 29.89 -28.02
N PHE S 791 99.99 30.87 -28.57
CA PHE S 791 99.51 31.53 -29.79
C PHE S 791 99.40 30.62 -31.01
N PRO S 792 100.40 29.78 -31.36
CA PRO S 792 100.29 29.04 -32.62
C PRO S 792 99.08 28.11 -32.72
N GLN S 793 98.75 27.39 -31.65
CA GLN S 793 97.57 26.53 -31.72
C GLN S 793 96.29 27.37 -31.82
N ILE S 794 96.26 28.53 -31.18
CA ILE S 794 95.11 29.41 -31.31
C ILE S 794 94.96 29.88 -32.75
N LEU S 795 96.07 30.22 -33.39
CA LEU S 795 96.04 30.62 -34.80
C LEU S 795 95.55 29.48 -35.67
N THR S 796 96.00 28.26 -35.40
CA THR S 796 95.57 27.11 -36.21
C THR S 796 94.08 26.84 -36.03
N LEU S 797 93.59 26.89 -34.78
CA LEU S 797 92.17 26.67 -34.53
C LEU S 797 91.31 27.76 -35.16
N ILE S 798 91.78 29.01 -35.15
CA ILE S 798 90.99 30.07 -35.77
C ILE S 798 91.02 29.95 -37.29
N GLY S 799 92.14 29.49 -37.86
CA GLY S 799 92.15 29.18 -39.28
C GLY S 799 91.28 27.99 -39.63
N ARG S 800 91.04 27.10 -38.67
CA ARG S 800 90.09 26.01 -38.87
C ARG S 800 88.65 26.50 -38.79
N ASN S 801 88.38 27.45 -37.90
CA ASN S 801 87.03 27.97 -37.73
C ASN S 801 86.49 28.49 -39.06
N PRO S 802 85.27 28.10 -39.46
CA PRO S 802 84.75 28.50 -40.78
C PRO S 802 84.59 30.00 -40.97
N VAL S 803 84.56 30.78 -39.89
CA VAL S 803 84.42 32.23 -39.98
C VAL S 803 85.69 32.97 -39.59
N GLY S 804 86.77 32.26 -39.28
CA GLY S 804 87.97 32.90 -38.80
C GLY S 804 89.20 32.80 -39.69
N TYR S 805 89.17 31.92 -40.69
CA TYR S 805 90.36 31.71 -41.51
C TYR S 805 90.82 32.95 -42.28
N PRO S 806 89.95 33.83 -42.82
CA PRO S 806 90.48 35.06 -43.43
C PRO S 806 91.18 35.95 -42.42
N LEU S 807 90.62 36.05 -41.21
CA LEU S 807 91.26 36.82 -40.15
C LEU S 807 92.62 36.25 -39.79
N ALA S 808 92.71 34.92 -39.70
CA ALA S 808 93.98 34.29 -39.32
C ALA S 808 95.04 34.49 -40.40
N TRP S 809 94.67 34.26 -41.67
CA TRP S 809 95.60 34.45 -42.77
C TRP S 809 96.06 35.91 -42.84
N GLN S 810 95.13 36.86 -42.69
CA GLN S 810 95.48 38.26 -42.72
C GLN S 810 96.38 38.65 -41.55
N PHE S 811 96.12 38.08 -40.36
CA PHE S 811 96.95 38.38 -39.20
C PHE S 811 98.38 37.89 -39.41
N LEU S 812 98.53 36.66 -39.91
CA LEU S 812 99.86 36.13 -40.20
C LEU S 812 100.57 37.02 -41.22
N ARG S 813 99.85 37.40 -42.29
CA ARG S 813 100.44 38.24 -43.33
C ARG S 813 100.91 39.57 -42.76
N LYS S 814 100.08 40.20 -41.93
CA LYS S 814 100.37 41.55 -41.48
C LYS S 814 101.36 41.59 -40.32
N ASN S 815 101.56 40.47 -39.61
CA ASN S 815 102.51 40.46 -38.50
C ASN S 815 103.63 39.42 -38.71
N TRP S 816 103.92 39.06 -39.96
CA TRP S 816 104.99 38.09 -40.22
C TRP S 816 106.33 38.50 -39.59
N ASN S 817 106.71 39.78 -39.69
CA ASN S 817 108.01 40.20 -39.19
C ASN S 817 108.13 40.02 -37.68
N LYS S 818 107.16 40.58 -36.94
CA LYS S 818 107.21 40.50 -35.48
C LYS S 818 107.08 39.07 -34.99
N LEU S 819 106.27 38.26 -35.67
CA LEU S 819 106.16 36.85 -35.32
C LEU S 819 107.49 36.10 -35.53
N VAL S 820 108.15 36.38 -36.66
CA VAL S 820 109.41 35.74 -36.99
C VAL S 820 110.49 36.12 -35.97
N GLN S 821 110.52 37.38 -35.53
CA GLN S 821 111.56 37.74 -34.56
C GLN S 821 111.40 36.99 -33.24
N LYS S 822 110.17 36.65 -32.87
CA LYS S 822 109.94 35.99 -31.57
C LYS S 822 110.12 34.49 -31.65
N PHE S 823 109.74 33.87 -32.77
CA PHE S 823 109.74 32.41 -32.91
C PHE S 823 110.88 31.90 -33.78
N GLU S 824 111.75 32.78 -34.28
CA GLU S 824 112.87 32.48 -35.17
C GLU S 824 112.38 32.02 -36.54
N LEU S 825 113.29 31.77 -37.45
CA LEU S 825 112.98 31.34 -38.80
C LEU S 825 113.06 29.82 -38.91
N GLY S 826 112.16 29.23 -39.69
CA GLY S 826 112.21 27.80 -39.91
C GLY S 826 111.81 26.94 -38.73
N SER S 827 111.41 27.54 -37.62
CA SER S 827 111.00 26.77 -36.45
C SER S 827 109.70 26.03 -36.72
N SER S 828 109.49 24.96 -35.94
CA SER S 828 108.26 24.19 -36.04
C SER S 828 107.04 25.03 -35.73
N SER S 829 107.19 26.07 -34.91
CA SER S 829 106.08 26.99 -34.66
C SER S 829 105.70 27.73 -35.94
N ILE S 830 106.69 28.25 -36.66
CA ILE S 830 106.42 28.93 -37.92
C ILE S 830 105.79 27.98 -38.93
N ALA S 831 106.31 26.76 -39.02
CA ALA S 831 105.74 25.78 -39.93
C ALA S 831 104.28 25.49 -39.59
N HIS S 832 104.01 25.22 -38.32
CA HIS S 832 102.64 24.96 -37.86
C HIS S 832 101.72 26.12 -38.19
N MET S 833 102.16 27.34 -37.92
CA MET S 833 101.32 28.51 -38.20
C MET S 833 101.03 28.64 -39.68
N VAL S 834 102.07 28.56 -40.52
CA VAL S 834 101.89 28.70 -41.96
C VAL S 834 100.91 27.66 -42.48
N MET S 835 101.10 26.40 -42.09
CA MET S 835 100.21 25.35 -42.60
C MET S 835 98.80 25.53 -42.08
N GLY S 836 98.64 25.84 -40.79
CA GLY S 836 97.32 26.01 -40.23
C GLY S 836 96.55 27.16 -40.85
N THR S 837 97.25 28.20 -41.32
CA THR S 837 96.57 29.31 -41.95
C THR S 837 96.36 29.13 -43.45
N THR S 838 97.17 28.30 -44.12
CA THR S 838 97.08 28.19 -45.58
C THR S 838 96.73 26.81 -46.10
N ASN S 839 97.08 25.73 -45.39
CA ASN S 839 97.00 24.42 -46.05
C ASN S 839 95.58 23.90 -46.23
N GLN S 840 94.55 24.70 -45.93
CA GLN S 840 93.17 24.33 -46.18
C GLN S 840 92.57 25.08 -47.36
N PHE S 841 93.40 25.78 -48.12
CA PHE S 841 92.96 26.52 -49.31
C PHE S 841 92.78 25.58 -50.50
N SER S 842 91.97 26.01 -51.45
CA SER S 842 91.58 25.16 -52.56
C SER S 842 91.53 25.88 -53.91
N THR S 843 91.82 27.18 -53.98
CA THR S 843 91.68 27.95 -55.20
C THR S 843 93.02 28.46 -55.68
N ARG S 844 93.10 28.71 -57.00
CA ARG S 844 94.29 29.31 -57.58
C ARG S 844 94.51 30.72 -57.06
N THR S 845 93.44 31.43 -56.71
CA THR S 845 93.59 32.77 -56.14
C THR S 845 94.34 32.70 -54.81
N ARG S 846 93.92 31.79 -53.92
CA ARG S 846 94.63 31.62 -52.65
C ARG S 846 96.06 31.13 -52.89
N LEU S 847 96.24 30.21 -53.83
CA LEU S 847 97.60 29.73 -54.13
C LEU S 847 98.50 30.88 -54.57
N GLU S 848 97.98 31.77 -55.42
CA GLU S 848 98.77 32.89 -55.91
C GLU S 848 99.04 33.91 -54.81
N GLU S 849 98.06 34.14 -53.93
CA GLU S 849 98.31 34.98 -52.76
C GLU S 849 99.46 34.43 -51.94
N VAL S 850 99.43 33.12 -51.66
CA VAL S 850 100.50 32.49 -50.88
C VAL S 850 101.84 32.67 -51.59
N LYS S 851 101.86 32.38 -52.90
CA LYS S 851 103.08 32.55 -53.70
C LYS S 851 103.62 33.96 -53.58
N GLY S 852 102.77 34.95 -53.82
CA GLY S 852 103.23 36.34 -53.84
C GLY S 852 103.75 36.79 -52.48
N PHE S 853 103.01 36.49 -51.42
CA PHE S 853 103.42 36.89 -50.08
C PHE S 853 104.76 36.24 -49.70
N PHE S 854 104.84 34.91 -49.79
CA PHE S 854 106.04 34.24 -49.35
C PHE S 854 107.23 34.47 -50.29
N SER S 855 107.00 34.86 -51.53
CA SER S 855 108.10 35.23 -52.41
C SER S 855 108.59 36.66 -52.13
N SER S 856 107.66 37.59 -51.88
CA SER S 856 108.04 38.94 -51.53
C SER S 856 108.75 39.00 -50.19
N LEU S 857 108.57 37.97 -49.35
CA LEU S 857 109.33 37.92 -48.10
C LEU S 857 110.84 37.96 -48.34
N LYS S 858 111.30 37.42 -49.46
CA LYS S 858 112.72 37.45 -49.88
C LYS S 858 113.55 36.72 -48.82
N GLU S 859 114.60 37.33 -48.28
CA GLU S 859 115.53 36.63 -47.38
C GLU S 859 114.93 36.32 -46.02
N ASN S 860 113.66 36.62 -45.78
CA ASN S 860 113.01 36.40 -44.50
C ASN S 860 111.93 35.33 -44.59
N GLY S 861 112.21 34.24 -45.32
CA GLY S 861 111.30 33.11 -45.31
C GLY S 861 110.87 32.55 -46.65
N SER S 862 111.39 33.09 -47.76
CA SER S 862 111.02 32.55 -49.06
C SER S 862 111.55 31.14 -49.30
N GLN S 863 112.64 30.76 -48.63
CA GLN S 863 113.26 29.45 -48.79
C GLN S 863 112.80 28.45 -47.75
N LEU S 864 111.57 28.59 -47.25
CA LEU S 864 111.08 27.73 -46.19
C LEU S 864 110.46 26.46 -46.75
N ARG S 865 110.93 25.32 -46.23
CA ARG S 865 110.36 24.04 -46.62
C ARG S 865 108.89 23.96 -46.29
N CYS S 866 108.47 24.59 -45.20
CA CYS S 866 107.05 24.65 -44.87
C CYS S 866 106.28 25.48 -45.89
N VAL S 867 106.90 26.53 -46.44
CA VAL S 867 106.26 27.30 -47.51
C VAL S 867 106.05 26.42 -48.73
N GLN S 868 107.10 25.69 -49.14
CA GLN S 868 106.95 24.77 -50.27
C GLN S 868 105.90 23.71 -49.99
N GLN S 869 105.84 23.21 -48.75
CA GLN S 869 104.87 22.19 -48.41
C GLN S 869 103.45 22.73 -48.49
N THR S 870 103.22 23.96 -48.03
CA THR S 870 101.89 24.54 -48.14
C THR S 870 101.53 24.79 -49.61
N ILE S 871 102.50 25.20 -50.42
CA ILE S 871 102.22 25.41 -51.84
C ILE S 871 101.77 24.11 -52.49
N GLU S 872 102.53 23.03 -52.24
CA GLU S 872 102.16 21.74 -52.83
C GLU S 872 100.86 21.20 -52.24
N THR S 873 100.58 21.49 -50.97
CA THR S 873 99.31 21.08 -50.37
C THR S 873 98.15 21.79 -51.06
N ILE S 874 98.32 23.08 -51.36
CA ILE S 874 97.27 23.81 -52.06
C ILE S 874 97.10 23.28 -53.48
N GLU S 875 98.20 22.88 -54.13
CA GLU S 875 98.11 22.28 -55.45
C GLU S 875 97.31 20.98 -55.40
N GLU S 876 97.63 20.12 -54.43
CA GLU S 876 96.89 18.88 -54.27
C GLU S 876 95.43 19.13 -53.97
N ASN S 877 95.15 20.17 -53.16
CA ASN S 877 93.74 20.50 -52.88
C ASN S 877 93.03 20.94 -54.14
N ILE S 878 93.67 21.77 -54.96
CA ILE S 878 93.05 22.21 -56.22
C ILE S 878 92.73 21.01 -57.10
N GLY S 879 93.72 20.14 -57.33
CA GLY S 879 93.49 18.98 -58.17
C GLY S 879 92.39 18.07 -57.64
N TRP S 880 92.51 17.66 -56.37
CA TRP S 880 91.56 16.72 -55.78
C TRP S 880 90.15 17.30 -55.74
N MET S 881 90.03 18.61 -55.45
CA MET S 881 88.73 19.24 -55.36
C MET S 881 88.09 19.36 -56.74
N ASP S 882 88.87 19.79 -57.74
CA ASP S 882 88.34 19.87 -59.09
C ASP S 882 87.93 18.50 -59.62
N LYS S 883 88.59 17.42 -59.17
CA LYS S 883 88.26 16.12 -59.70
C LYS S 883 87.06 15.48 -59.01
N ASN S 884 86.98 15.57 -57.68
CA ASN S 884 86.06 14.71 -56.92
C ASN S 884 84.85 15.41 -56.31
N PHE S 885 84.74 16.73 -56.41
CA PHE S 885 83.68 17.45 -55.70
C PHE S 885 82.29 17.05 -56.19
N ASP S 886 82.03 17.19 -57.48
CA ASP S 886 80.71 16.85 -58.01
C ASP S 886 80.42 15.36 -57.85
N LYS S 887 81.45 14.52 -57.99
CA LYS S 887 81.29 13.10 -57.73
C LYS S 887 80.84 12.85 -56.30
N ILE S 888 81.44 13.56 -55.34
CA ILE S 888 81.06 13.38 -53.94
C ILE S 888 79.64 13.88 -53.71
N ARG S 889 79.25 14.96 -54.38
CA ARG S 889 77.87 15.44 -54.27
C ARG S 889 76.88 14.39 -54.76
N VAL S 890 77.17 13.79 -55.91
CA VAL S 890 76.30 12.74 -56.44
C VAL S 890 76.26 11.55 -55.48
N TRP S 891 77.41 11.19 -54.90
CA TRP S 891 77.44 10.06 -53.97
C TRP S 891 76.65 10.38 -52.71
N LEU S 892 76.68 11.62 -52.25
CA LEU S 892 75.91 12.00 -51.06
C LEU S 892 74.42 11.96 -51.32
N GLN S 893 73.99 12.41 -52.51
CA GLN S 893 72.59 12.28 -52.86
C GLN S 893 72.17 10.82 -52.97
N SER S 894 73.04 9.98 -53.54
CA SER S 894 72.74 8.55 -53.65
C SER S 894 72.65 7.89 -52.28
N GLU S 895 73.51 8.29 -51.35
CA GLU S 895 73.46 7.69 -50.01
C GLU S 895 72.26 8.20 -49.23
N LYS S 896 71.85 9.45 -49.46
CA LYS S 896 70.59 9.93 -48.90
C LYS S 896 69.41 9.16 -49.47
N LEU S 897 69.52 8.69 -50.71
CA LEU S 897 68.49 7.85 -51.32
C LEU S 897 68.65 6.39 -50.86
N GLU S 898 68.52 6.20 -49.55
CA GLU S 898 68.61 4.88 -48.94
C GLU S 898 67.48 4.56 -47.97
N ARG S 899 66.79 5.55 -47.43
CA ARG S 899 65.68 5.29 -46.51
C ARG S 899 64.35 5.29 -47.25
N PRO T 30 88.20 111.05 -54.00
CA PRO T 30 88.86 110.06 -54.86
C PRO T 30 89.64 109.01 -54.07
N PHE T 31 89.12 107.78 -54.03
CA PHE T 31 89.76 106.72 -53.25
C PHE T 31 91.00 106.20 -53.97
N PRO T 32 92.13 106.07 -53.27
CA PRO T 32 93.38 105.70 -53.94
C PRO T 32 93.62 104.19 -54.02
N TRP T 33 92.59 103.40 -54.29
CA TRP T 33 92.76 101.96 -54.40
C TRP T 33 91.56 101.35 -55.09
N ASN T 34 91.82 100.34 -55.94
CA ASN T 34 90.77 99.74 -56.74
C ASN T 34 90.86 98.22 -56.79
N LYS T 35 91.54 97.59 -55.83
CA LYS T 35 91.66 96.15 -55.78
C LYS T 35 91.02 95.62 -54.51
N ILE T 36 90.44 94.41 -54.60
CA ILE T 36 89.83 93.81 -53.42
C ILE T 36 90.89 93.36 -52.43
N ARG T 37 91.99 92.81 -52.95
CA ARG T 37 93.09 92.40 -52.08
C ARG T 37 93.81 93.62 -51.52
N LEU T 38 94.41 93.43 -50.35
CA LEU T 38 95.11 94.51 -49.66
C LEU T 38 96.51 94.69 -50.26
N PRO T 39 97.12 95.86 -50.05
CA PRO T 39 98.51 96.03 -50.46
C PRO T 39 99.43 95.07 -49.72
N GLU T 40 100.38 94.51 -50.45
CA GLU T 40 101.29 93.51 -49.92
C GLU T 40 102.51 94.12 -49.23
N TYR T 41 102.68 95.43 -49.31
CA TYR T 41 103.86 96.11 -48.81
C TYR T 41 103.63 96.79 -47.47
N VAL T 42 102.48 96.57 -46.84
CA VAL T 42 102.19 97.05 -45.49
C VAL T 42 101.85 95.82 -44.64
N ILE T 43 102.76 95.45 -43.75
CA ILE T 43 102.65 94.23 -42.97
C ILE T 43 102.45 94.60 -41.51
N PRO T 44 101.40 94.11 -40.85
CA PRO T 44 101.26 94.34 -39.41
C PRO T 44 102.10 93.36 -38.61
N VAL T 45 102.46 93.78 -37.39
CA VAL T 45 103.22 92.90 -36.52
C VAL T 45 102.54 92.79 -35.16
N HIS T 46 101.79 93.80 -34.73
CA HIS T 46 101.20 93.67 -33.40
C HIS T 46 99.95 94.53 -33.25
N TYR T 47 98.82 93.91 -32.94
CA TYR T 47 97.60 94.64 -32.62
C TYR T 47 97.44 94.79 -31.11
N ASP T 48 96.96 95.96 -30.70
CA ASP T 48 96.66 96.28 -29.30
C ASP T 48 95.24 96.83 -29.29
N LEU T 49 94.29 96.01 -28.82
CA LEU T 49 92.89 96.34 -28.89
C LEU T 49 92.35 96.70 -27.52
N LEU T 50 91.57 97.78 -27.46
CA LEU T 50 90.85 98.19 -26.26
C LEU T 50 89.39 98.37 -26.66
N ILE T 51 88.52 97.51 -26.12
CA ILE T 51 87.10 97.51 -26.47
C ILE T 51 86.30 97.80 -25.21
N HIS T 52 85.36 98.74 -25.31
CA HIS T 52 84.39 99.02 -24.25
C HIS T 52 83.02 98.76 -24.87
N ALA T 53 82.43 97.63 -24.52
CA ALA T 53 81.12 97.22 -24.99
C ALA T 53 80.06 97.61 -23.96
N ASN T 54 79.05 98.13 -24.54
CA ASN T 54 77.94 98.56 -23.64
C ASN T 54 76.70 97.73 -23.97
N LEU T 55 76.36 96.79 -23.08
CA LEU T 55 75.21 95.90 -23.25
C LEU T 55 73.89 96.65 -23.09
N THR T 56 73.84 97.65 -22.21
CA THR T 56 72.59 98.39 -22.01
C THR T 56 72.21 99.20 -23.24
N THR T 57 73.16 99.97 -23.77
CA THR T 57 72.91 100.78 -24.96
C THR T 57 73.23 100.05 -26.24
N LEU T 58 73.66 98.87 -26.14
CA LEU T 58 74.04 98.08 -27.31
C LEU T 58 75.00 98.86 -28.21
N THR T 59 76.06 99.39 -27.59
CA THR T 59 77.06 100.18 -28.30
C THR T 59 78.44 99.62 -27.96
N PHE T 60 79.48 100.18 -28.58
CA PHE T 60 80.85 99.91 -28.13
C PHE T 60 81.81 100.89 -28.79
N TRP T 61 82.76 101.38 -27.99
CA TRP T 61 83.84 102.23 -28.45
CA TRP T 61 83.83 102.20 -28.53
C TRP T 61 85.16 101.45 -28.42
N GLY T 62 86.00 101.64 -29.41
CA GLY T 62 87.23 100.88 -29.51
C GLY T 62 88.43 101.74 -29.88
N THR T 63 89.59 101.28 -29.45
CA THR T 63 90.87 101.87 -29.79
C THR T 63 91.82 100.76 -30.24
N THR T 64 92.37 100.91 -31.44
CA THR T 64 93.24 99.92 -32.04
C THR T 64 94.60 100.54 -32.33
N LYS T 65 95.65 99.99 -31.71
CA LYS T 65 97.03 100.40 -31.99
C LYS T 65 97.72 99.25 -32.69
N VAL T 66 98.03 99.45 -33.97
CA VAL T 66 98.64 98.40 -34.78
C VAL T 66 100.06 98.81 -35.14
N GLU T 67 101.01 97.98 -34.73
CA GLU T 67 102.42 98.13 -35.11
C GLU T 67 102.62 97.45 -36.45
N ILE T 68 103.15 98.21 -37.41
CA ILE T 68 103.34 97.82 -38.79
C ILE T 68 104.75 98.20 -39.24
N THR T 69 105.18 97.57 -40.33
CA THR T 69 106.39 97.94 -41.05
C THR T 69 106.07 98.02 -42.55
N ALA T 70 106.87 98.80 -43.27
CA ALA T 70 106.66 99.02 -44.69
C ALA T 70 107.90 98.61 -45.47
N SER T 71 107.67 97.93 -46.60
CA SER T 71 108.74 97.51 -47.50
C SER T 71 108.92 98.41 -48.70
N GLN T 72 107.86 99.08 -49.15
CA GLN T 72 107.94 100.04 -50.22
C GLN T 72 107.59 101.43 -49.69
N PRO T 73 108.36 102.46 -50.02
CA PRO T 73 108.05 103.82 -49.52
C PRO T 73 106.66 104.26 -49.99
N THR T 74 105.78 104.54 -49.02
CA THR T 74 104.42 104.94 -49.31
C THR T 74 103.94 105.94 -48.27
N SER T 75 102.94 106.72 -48.65
CA SER T 75 102.26 107.64 -47.72
C SER T 75 100.80 107.29 -47.55
N THR T 76 100.39 106.08 -47.96
CA THR T 76 99.01 105.63 -47.88
C THR T 76 98.98 104.22 -47.31
N ILE T 77 98.18 104.02 -46.26
CA ILE T 77 98.03 102.74 -45.60
C ILE T 77 96.60 102.26 -45.80
N ILE T 78 96.43 101.12 -46.44
CA ILE T 78 95.11 100.57 -46.74
C ILE T 78 94.83 99.44 -45.76
N LEU T 79 93.64 99.45 -45.15
CA LEU T 79 93.25 98.36 -44.26
C LEU T 79 91.74 98.21 -44.30
N HIS T 80 91.23 97.22 -43.57
CA HIS T 80 89.80 96.90 -43.60
C HIS T 80 89.04 97.59 -42.48
N SER T 81 87.80 97.96 -42.77
CA SER T 81 86.88 98.52 -41.79
C SER T 81 85.48 98.45 -42.38
N HIS T 82 84.53 98.00 -41.57
CA HIS T 82 83.17 97.78 -42.05
C HIS T 82 82.18 98.15 -40.96
N HIS T 83 81.26 99.06 -41.27
CA HIS T 83 80.22 99.50 -40.34
C HIS T 83 80.82 100.05 -39.03
N LEU T 84 81.94 100.74 -39.14
CA LEU T 84 82.63 101.32 -37.99
C LEU T 84 82.82 102.82 -38.22
N GLN T 85 82.40 103.62 -37.25
CA GLN T 85 82.56 105.07 -37.31
C GLN T 85 83.94 105.46 -36.78
N ILE T 86 84.83 105.84 -37.68
CA ILE T 86 86.17 106.29 -37.30
C ILE T 86 86.09 107.74 -36.87
N SER T 87 86.64 108.06 -35.69
CA SER T 87 86.57 109.39 -35.14
C SER T 87 87.92 110.08 -34.97
N ARG T 88 89.03 109.35 -35.03
CA ARG T 88 90.34 109.91 -34.72
C ARG T 88 91.41 108.94 -35.19
N ALA T 89 92.46 109.46 -35.82
CA ALA T 89 93.50 108.61 -36.39
C ALA T 89 94.85 109.31 -36.26
N THR T 90 95.81 108.63 -35.65
CA THR T 90 97.15 109.16 -35.46
C THR T 90 98.18 108.13 -35.93
N LEU T 91 99.38 108.61 -36.23
CA LEU T 91 100.49 107.78 -36.70
C LEU T 91 101.74 108.16 -35.90
N ARG T 92 102.19 107.23 -35.07
CA ARG T 92 103.39 107.43 -34.27
C ARG T 92 104.58 106.75 -34.92
N LYS T 93 105.75 107.39 -34.83
CA LYS T 93 106.99 106.90 -35.43
C LYS T 93 107.94 106.53 -34.30
N GLY T 94 108.24 105.24 -34.18
CA GLY T 94 109.09 104.75 -33.11
C GLY T 94 108.36 103.81 -32.18
N LEU T 99 108.04 108.77 -30.55
CA LEU T 99 108.41 110.15 -30.23
C LEU T 99 107.52 111.13 -31.00
N SER T 100 107.60 111.08 -32.33
CA SER T 100 106.85 111.99 -33.18
C SER T 100 105.51 111.35 -33.56
N GLU T 101 104.43 112.11 -33.39
CA GLU T 101 103.09 111.67 -33.72
C GLU T 101 102.48 112.64 -34.72
N GLU T 102 101.87 112.11 -35.77
CA GLU T 102 101.32 112.91 -36.85
C GLU T 102 99.90 112.48 -37.17
N PRO T 103 99.02 113.41 -37.51
CA PRO T 103 97.64 113.03 -37.85
C PRO T 103 97.56 112.39 -39.22
N LEU T 104 96.56 111.52 -39.37
CA LEU T 104 96.29 110.84 -40.64
C LEU T 104 94.94 111.28 -41.17
N GLN T 105 94.84 111.42 -42.49
CA GLN T 105 93.56 111.69 -43.11
C GLN T 105 92.88 110.39 -43.50
N VAL T 106 91.57 110.33 -43.31
CA VAL T 106 90.81 109.10 -43.46
C VAL T 106 89.97 109.19 -44.72
N LEU T 107 90.12 108.19 -45.60
CA LEU T 107 89.25 108.00 -46.74
C LEU T 107 88.55 106.67 -46.61
N GLU T 108 87.30 106.60 -47.05
CA GLU T 108 86.45 105.44 -46.80
C GLU T 108 85.97 104.86 -48.13
N HIS T 109 85.93 103.53 -48.22
CA HIS T 109 85.41 102.83 -49.39
C HIS T 109 84.49 101.72 -48.91
N PRO T 110 83.18 101.96 -48.85
CA PRO T 110 82.27 100.92 -48.34
C PRO T 110 82.13 99.73 -49.26
N ARG T 111 82.31 99.91 -50.58
CA ARG T 111 82.16 98.80 -51.51
C ARG T 111 83.26 97.76 -51.30
N GLN T 112 84.49 98.21 -51.10
CA GLN T 112 85.61 97.31 -50.83
C GLN T 112 85.80 97.05 -49.35
N GLU T 113 84.95 97.62 -48.50
CA GLU T 113 85.05 97.45 -47.05
C GLU T 113 86.43 97.88 -46.54
N GLN T 114 86.92 99.02 -47.03
CA GLN T 114 88.27 99.46 -46.73
C GLN T 114 88.31 100.91 -46.26
N ILE T 115 89.41 101.25 -45.61
CA ILE T 115 89.76 102.63 -45.30
C ILE T 115 91.22 102.85 -45.68
N ALA T 116 91.50 104.08 -46.11
CA ALA T 116 92.84 104.53 -46.48
C ALA T 116 93.26 105.62 -45.52
N LEU T 117 94.46 105.48 -44.97
CA LEU T 117 95.05 106.46 -44.05
C LEU T 117 96.19 107.15 -44.77
N LEU T 118 96.09 108.47 -44.90
CA LEU T 118 97.09 109.29 -45.58
C LEU T 118 97.97 109.98 -44.57
N ALA T 119 99.30 109.80 -44.72
CA ALA T 119 100.36 110.31 -43.86
C ALA T 119 101.08 111.48 -44.51
N PRO T 120 101.41 112.54 -43.74
CA PRO T 120 102.07 113.69 -44.34
C PRO T 120 103.43 113.38 -44.95
N GLU T 121 104.27 112.62 -44.25
CA GLU T 121 105.59 112.29 -44.76
C GLU T 121 105.69 110.80 -45.11
N PRO T 122 106.29 110.47 -46.25
CA PRO T 122 106.34 109.06 -46.67
C PRO T 122 107.07 108.20 -45.65
N LEU T 123 106.53 107.00 -45.43
CA LEU T 123 107.10 106.10 -44.45
C LEU T 123 108.48 105.62 -44.90
N LEU T 124 109.40 105.50 -43.95
CA LEU T 124 110.75 105.04 -44.25
C LEU T 124 110.79 103.52 -44.15
N VAL T 125 111.37 102.88 -45.18
CA VAL T 125 111.41 101.43 -45.21
C VAL T 125 112.26 100.94 -44.05
N GLY T 126 111.81 99.86 -43.41
CA GLY T 126 112.50 99.32 -42.26
C GLY T 126 112.20 99.98 -40.95
N LEU T 127 111.34 100.96 -40.95
CA LEU T 127 111.11 101.54 -39.64
C LEU T 127 109.78 101.04 -39.10
N PRO T 128 109.68 100.79 -37.80
CA PRO T 128 108.40 100.37 -37.23
C PRO T 128 107.55 101.60 -36.91
N TYR T 129 106.30 101.56 -37.36
CA TYR T 129 105.35 102.63 -37.10
C TYR T 129 104.14 102.06 -36.38
N THR T 130 103.39 102.94 -35.71
CA THR T 130 102.22 102.53 -34.93
C THR T 130 101.03 103.38 -35.33
N VAL T 131 100.04 102.76 -35.95
CA VAL T 131 98.81 103.45 -36.32
C VAL T 131 97.80 103.29 -35.18
N VAL T 132 97.22 104.40 -34.74
CA VAL T 132 96.27 104.40 -33.63
C VAL T 132 94.95 104.95 -34.14
N ILE T 133 93.90 104.14 -34.05
CA ILE T 133 92.57 104.46 -34.58
C ILE T 133 91.56 104.38 -33.45
N HIS T 134 90.75 105.43 -33.32
CA HIS T 134 89.61 105.47 -32.40
C HIS T 134 88.33 105.33 -33.20
N TYR T 135 87.42 104.47 -32.75
CA TYR T 135 86.22 104.19 -33.53
C TYR T 135 85.08 103.83 -32.61
N ALA T 136 83.88 103.76 -33.19
CA ALA T 136 82.68 103.38 -32.46
C ALA T 136 81.79 102.54 -33.36
N GLY T 137 80.82 101.89 -32.73
CA GLY T 137 79.86 101.08 -33.46
C GLY T 137 78.88 100.47 -32.49
N ASN T 138 78.02 99.58 -33.00
CA ASN T 138 77.14 98.82 -32.13
C ASN T 138 77.16 97.34 -32.47
N LEU T 139 76.85 96.54 -31.46
CA LEU T 139 76.72 95.10 -31.60
C LEU T 139 75.78 94.74 -32.75
N SER T 140 76.29 93.94 -33.68
CA SER T 140 75.47 93.49 -34.79
C SER T 140 74.32 92.62 -34.29
N GLU T 141 73.14 92.83 -34.86
CA GLU T 141 71.98 92.01 -34.54
C GLU T 141 71.97 90.69 -35.32
N THR T 142 73.01 90.42 -36.11
CA THR T 142 73.06 89.21 -36.92
C THR T 142 73.78 88.09 -36.20
N PHE T 143 74.42 87.20 -36.96
CA PHE T 143 75.15 86.06 -36.41
C PHE T 143 76.65 86.16 -36.64
N HIS T 144 77.15 87.29 -37.13
CA HIS T 144 78.56 87.46 -37.43
C HIS T 144 79.04 88.79 -36.86
N GLY T 145 80.36 89.00 -36.90
CA GLY T 145 80.96 90.19 -36.36
C GLY T 145 81.00 90.18 -34.84
N PHE T 146 80.77 91.34 -34.23
CA PHE T 146 80.63 91.46 -32.78
C PHE T 146 79.14 91.56 -32.50
N TYR T 147 78.50 90.43 -32.23
CA TYR T 147 77.04 90.38 -32.24
C TYR T 147 76.49 90.08 -30.85
N LYS T 148 75.18 90.26 -30.73
CA LYS T 148 74.46 90.11 -29.49
C LYS T 148 73.76 88.75 -29.42
N SER T 149 73.69 88.22 -28.20
CA SER T 149 72.96 86.99 -27.93
C SER T 149 72.13 87.20 -26.67
N THR T 150 71.00 86.51 -26.60
CA THR T 150 70.11 86.61 -25.45
C THR T 150 69.76 85.21 -24.96
N TYR T 151 69.43 85.11 -23.68
CA TYR T 151 69.01 83.85 -23.11
C TYR T 151 67.95 84.07 -22.05
N ARG T 152 67.13 83.04 -21.85
CA ARG T 152 66.01 83.09 -20.91
C ARG T 152 66.38 82.39 -19.61
N THR T 153 66.18 83.08 -18.49
CA THR T 153 66.34 82.44 -17.20
C THR T 153 65.12 81.60 -16.86
N LYS T 154 65.24 80.76 -15.84
CA LYS T 154 64.13 79.93 -15.41
C LYS T 154 63.01 80.74 -14.77
N GLU T 155 63.23 82.04 -14.51
CA GLU T 155 62.20 82.93 -14.00
C GLU T 155 61.54 83.75 -15.09
N GLY T 156 61.86 83.47 -16.36
CA GLY T 156 61.28 84.19 -17.47
C GLY T 156 62.01 85.44 -17.88
N GLU T 157 62.99 85.89 -17.11
CA GLU T 157 63.73 87.10 -17.45
C GLU T 157 64.64 86.86 -18.65
N LEU T 158 64.92 87.93 -19.38
CA LEU T 158 65.78 87.90 -20.55
C LEU T 158 67.10 88.56 -20.23
N ARG T 159 68.21 87.88 -20.55
CA ARG T 159 69.54 88.39 -20.27
C ARG T 159 70.34 88.48 -21.55
N ILE T 160 71.27 89.44 -21.58
CA ILE T 160 72.00 89.82 -22.79
C ILE T 160 73.48 89.53 -22.60
N LEU T 161 74.12 89.06 -23.67
CA LEU T 161 75.57 88.90 -23.73
C LEU T 161 76.05 89.28 -25.12
N ALA T 162 77.36 89.50 -25.23
CA ALA T 162 77.98 89.88 -26.50
C ALA T 162 79.04 88.85 -26.86
N SER T 163 78.95 88.30 -28.07
CA SER T 163 79.89 87.29 -28.54
C SER T 163 80.48 87.73 -29.87
N THR T 164 81.46 86.97 -30.35
CA THR T 164 82.16 87.28 -31.59
C THR T 164 82.10 86.12 -32.55
N GLN T 165 82.21 86.44 -33.84
CA GLN T 165 82.34 85.44 -34.90
C GLN T 165 82.99 86.15 -36.08
N PHE T 166 84.30 85.92 -36.27
CA PHE T 166 85.07 86.71 -37.21
C PHE T 166 85.37 86.00 -38.53
N GLU T 167 85.34 84.67 -38.56
CA GLU T 167 85.54 83.97 -39.82
C GLU T 167 84.35 84.24 -40.74
N PRO T 168 84.57 84.59 -42.02
CA PRO T 168 85.92 84.77 -42.56
C PRO T 168 86.42 86.22 -42.58
N THR T 169 85.52 87.18 -42.85
CA THR T 169 85.88 88.58 -43.03
C THR T 169 85.06 89.47 -42.11
N ALA T 170 84.83 89.02 -40.88
CA ALA T 170 83.97 89.76 -39.95
C ALA T 170 84.73 90.45 -38.83
N ALA T 171 86.04 90.22 -38.71
CA ALA T 171 86.83 90.94 -37.71
C ALA T 171 86.84 92.44 -37.97
N ARG T 172 86.73 92.83 -39.25
CA ARG T 172 86.69 94.24 -39.62
C ARG T 172 85.46 94.95 -39.07
N MET T 173 84.39 94.22 -38.75
CA MET T 173 83.20 94.82 -38.16
C MET T 173 83.38 95.13 -36.68
N ALA T 174 84.48 94.72 -36.07
CA ALA T 174 84.73 94.93 -34.66
C ALA T 174 85.99 95.73 -34.39
N PHE T 175 87.04 95.53 -35.19
CA PHE T 175 88.23 96.35 -35.06
C PHE T 175 88.89 96.51 -36.42
N PRO T 176 89.29 97.73 -36.78
CA PRO T 176 89.96 97.92 -38.07
C PRO T 176 91.33 97.24 -38.07
N CYS T 177 91.62 96.52 -39.13
CA CYS T 177 92.81 95.69 -39.19
C CYS T 177 93.07 95.30 -40.64
N PHE T 178 94.12 94.51 -40.82
CA PHE T 178 94.42 93.89 -42.12
C PHE T 178 93.75 92.52 -42.12
N ASP T 179 92.45 92.54 -42.40
CA ASP T 179 91.57 91.38 -42.20
C ASP T 179 91.78 90.36 -43.32
N GLU T 180 92.96 89.74 -43.33
CA GLU T 180 93.27 88.65 -44.22
C GLU T 180 94.03 87.58 -43.45
N PRO T 181 93.88 86.30 -43.83
CA PRO T 181 94.57 85.23 -43.09
C PRO T 181 96.09 85.25 -43.26
N ALA T 182 96.61 85.99 -44.24
CA ALA T 182 98.06 85.99 -44.46
C ALA T 182 98.78 86.96 -43.54
N PHE T 183 98.11 88.04 -43.12
CA PHE T 183 98.73 89.03 -42.24
C PHE T 183 98.57 88.57 -40.79
N LYS T 184 99.39 87.60 -40.40
CA LYS T 184 99.38 87.12 -39.03
C LYS T 184 100.10 88.09 -38.12
N ALA T 185 99.67 88.13 -36.86
CA ALA T 185 100.24 89.04 -35.87
C ALA T 185 99.85 88.58 -34.48
N SER T 186 100.45 89.22 -33.48
CA SER T 186 100.09 89.03 -32.09
C SER T 186 99.00 90.04 -31.70
N PHE T 187 98.28 89.71 -30.62
CA PHE T 187 97.13 90.51 -30.20
C PHE T 187 97.15 90.67 -28.68
N SER T 188 97.21 91.92 -28.22
CA SER T 188 97.07 92.26 -26.81
C SER T 188 95.68 92.85 -26.59
N ILE T 189 94.82 92.13 -25.87
CA ILE T 189 93.40 92.46 -25.76
C ILE T 189 93.11 93.04 -24.38
N LYS T 190 92.32 94.11 -24.37
CA LYS T 190 91.81 94.72 -23.15
C LYS T 190 90.31 94.98 -23.35
N ILE T 191 89.50 94.47 -22.43
CA ILE T 191 88.05 94.57 -22.54
C ILE T 191 87.50 95.26 -21.30
N ARG T 192 86.56 96.19 -21.50
CA ARG T 192 85.94 96.92 -20.41
C ARG T 192 84.52 96.42 -20.20
N ARG T 193 84.13 96.25 -18.94
CA ARG T 193 82.85 95.64 -18.61
C ARG T 193 82.36 96.20 -17.28
N GLU T 194 81.08 95.98 -17.00
CA GLU T 194 80.57 96.24 -15.67
C GLU T 194 81.09 95.17 -14.70
N PRO T 195 81.08 95.46 -13.39
CA PRO T 195 81.49 94.42 -12.44
C PRO T 195 80.61 93.19 -12.53
N ARG T 196 79.32 93.36 -12.82
CA ARG T 196 78.40 92.24 -12.90
C ARG T 196 78.73 91.28 -14.03
N HIS T 197 79.67 91.62 -14.91
CA HIS T 197 79.97 90.83 -16.09
C HIS T 197 81.25 90.02 -15.93
N LEU T 198 81.48 89.15 -16.90
CA LEU T 198 82.64 88.26 -16.95
C LEU T 198 83.13 88.21 -18.38
N ALA T 199 84.42 88.45 -18.57
CA ALA T 199 85.02 88.54 -19.89
C ALA T 199 86.04 87.42 -20.08
N ILE T 200 85.94 86.73 -21.20
CA ILE T 200 86.93 85.71 -21.56
C ILE T 200 87.37 85.93 -23.00
N SER T 201 88.60 85.52 -23.31
CA SER T 201 89.16 85.77 -24.63
C SER T 201 90.11 84.63 -24.99
N ASN T 202 91.03 84.88 -25.92
CA ASN T 202 91.90 83.83 -26.43
C ASN T 202 92.88 83.37 -25.36
N MET T 203 93.49 84.30 -24.65
CA MET T 203 94.50 84.03 -23.65
C MET T 203 93.90 84.14 -22.25
N PRO T 204 94.60 83.65 -21.23
CA PRO T 204 94.13 83.84 -19.86
C PRO T 204 94.12 85.31 -19.47
N LEU T 205 93.30 85.62 -18.47
CA LEU T 205 93.21 86.97 -17.95
C LEU T 205 94.41 87.26 -17.06
N VAL T 206 95.17 88.30 -17.40
CA VAL T 206 96.37 88.64 -16.65
C VAL T 206 96.05 89.56 -15.49
N LYS T 207 95.26 90.61 -15.71
CA LYS T 207 94.93 91.47 -14.57
C LYS T 207 93.66 92.25 -14.85
N SER T 208 93.06 92.76 -13.78
CA SER T 208 91.85 93.56 -13.83
C SER T 208 92.06 94.86 -13.06
N VAL T 209 91.84 95.99 -13.73
CA VAL T 209 92.08 97.31 -13.17
C VAL T 209 90.77 98.09 -13.17
N THR T 210 90.51 98.80 -12.07
CA THR T 210 89.29 99.61 -11.96
C THR T 210 89.51 100.95 -12.64
N VAL T 211 89.53 100.92 -13.98
CA VAL T 211 89.66 102.15 -14.76
C VAL T 211 88.40 102.98 -14.62
N ALA T 212 88.57 104.31 -14.61
CA ALA T 212 87.47 105.27 -14.44
C ALA T 212 86.73 104.93 -13.14
N GLU T 213 85.40 104.92 -13.17
CA GLU T 213 84.60 104.56 -12.00
C GLU T 213 83.48 103.62 -12.42
N GLY T 214 83.35 102.50 -11.71
CA GLY T 214 82.22 101.62 -11.87
C GLY T 214 82.34 100.56 -12.95
N LEU T 215 83.42 100.57 -13.72
CA LEU T 215 83.63 99.57 -14.76
C LEU T 215 85.07 99.05 -14.70
N ILE T 216 85.21 97.73 -14.76
CA ILE T 216 86.50 97.07 -14.68
C ILE T 216 87.06 96.86 -16.08
N GLU T 217 88.39 96.87 -16.18
CA GLU T 217 89.11 96.63 -17.42
C GLU T 217 89.97 95.39 -17.26
N ASP T 218 89.79 94.42 -18.16
CA ASP T 218 90.49 93.15 -18.13
C ASP T 218 91.60 93.19 -19.17
N HIS T 219 92.83 93.05 -18.71
CA HIS T 219 94.02 92.93 -19.55
C HIS T 219 94.32 91.44 -19.69
N PHE T 220 94.24 90.92 -20.92
CA PHE T 220 94.56 89.54 -21.22
C PHE T 220 95.99 89.42 -21.72
N ASP T 221 96.53 88.21 -21.61
CA ASP T 221 97.87 87.93 -22.11
C ASP T 221 97.91 88.09 -23.63
N VAL T 222 99.12 88.18 -24.18
CA VAL T 222 99.31 88.38 -25.60
C VAL T 222 99.24 87.05 -26.32
N THR T 223 98.57 87.02 -27.47
CA THR T 223 98.42 85.80 -28.24
C THR T 223 99.69 85.52 -29.04
N VAL T 224 99.70 84.40 -29.77
CA VAL T 224 100.82 84.02 -30.60
C VAL T 224 100.58 84.52 -32.02
N LYS T 225 101.49 84.18 -32.94
CA LYS T 225 101.30 84.50 -34.35
C LYS T 225 100.08 83.77 -34.90
N MET T 226 99.00 84.49 -35.15
CA MET T 226 97.77 83.89 -35.62
C MET T 226 97.07 84.86 -36.56
N SER T 227 96.16 84.30 -37.36
CA SER T 227 95.41 85.13 -38.29
C SER T 227 94.36 85.95 -37.54
N THR T 228 93.81 86.94 -38.24
CA THR T 228 92.90 87.89 -37.59
C THR T 228 91.54 87.25 -37.30
N TYR T 229 91.11 86.28 -38.11
CA TYR T 229 89.79 85.69 -37.91
C TYR T 229 89.70 84.84 -36.66
N LEU T 230 90.81 84.59 -35.97
CA LEU T 230 90.82 83.78 -34.76
C LEU T 230 90.66 84.61 -33.50
N VAL T 231 90.59 85.94 -33.60
CA VAL T 231 90.36 86.77 -32.42
C VAL T 231 88.93 86.55 -31.93
N ALA T 232 88.76 86.52 -30.60
CA ALA T 232 87.45 86.31 -30.02
C ALA T 232 87.44 86.85 -28.61
N PHE T 233 86.24 87.26 -28.16
CA PHE T 233 86.06 87.72 -26.79
C PHE T 233 84.57 87.65 -26.47
N ILE T 234 84.27 87.37 -25.20
CA ILE T 234 82.91 87.15 -24.74
C ILE T 234 82.69 87.91 -23.43
N ILE T 235 81.61 88.68 -23.39
CA ILE T 235 81.16 89.39 -22.19
C ILE T 235 79.81 88.79 -21.81
N SER T 236 79.74 88.15 -20.65
CA SER T 236 78.50 87.48 -20.26
C SER T 236 78.47 87.36 -18.74
N ASP T 237 77.73 86.38 -18.23
CA ASP T 237 77.76 85.99 -16.83
C ASP T 237 77.76 84.46 -16.73
N PHE T 238 78.56 83.83 -17.58
CA PHE T 238 78.60 82.37 -17.67
C PHE T 238 79.14 81.75 -16.39
N GLU T 239 78.64 80.56 -16.08
CA GLU T 239 79.30 79.66 -15.16
C GLU T 239 80.20 78.73 -15.96
N SER T 240 81.18 78.13 -15.29
CA SER T 240 82.14 77.29 -15.99
C SER T 240 82.55 76.11 -15.12
N VAL T 241 83.01 75.06 -15.79
CA VAL T 241 83.64 73.90 -15.18
C VAL T 241 84.99 73.69 -15.85
N SER T 242 85.96 73.29 -15.10
CA SER T 242 87.35 73.17 -15.61
C SER T 242 87.96 71.82 -15.25
N LYS T 243 89.03 71.53 -15.95
CA LYS T 243 89.75 70.28 -15.79
C LYS T 243 91.13 70.45 -16.41
N ILE T 244 92.08 69.65 -15.94
CA ILE T 244 93.47 69.74 -16.38
C ILE T 244 93.80 68.53 -17.26
N THR T 245 94.57 68.78 -18.31
CA THR T 245 95.11 67.72 -19.14
C THR T 245 96.36 67.12 -18.49
N LYS T 246 96.83 66.00 -19.05
CA LYS T 246 98.10 65.44 -18.59
C LYS T 246 99.29 66.29 -18.99
N SER T 247 99.11 67.27 -19.88
CA SER T 247 100.16 68.18 -20.28
C SER T 247 100.07 69.55 -19.60
N GLY T 248 99.08 69.75 -18.73
CA GLY T 248 99.00 70.95 -17.95
C GLY T 248 98.18 72.08 -18.53
N VAL T 249 97.45 71.85 -19.62
CA VAL T 249 96.62 72.89 -20.21
C VAL T 249 95.32 72.97 -19.41
N LYS T 250 94.86 74.19 -19.16
CA LYS T 250 93.64 74.41 -18.37
C LYS T 250 92.44 74.41 -19.32
N VAL T 251 91.69 73.30 -19.31
CA VAL T 251 90.51 73.16 -20.16
C VAL T 251 89.27 73.50 -19.35
N SER T 252 88.47 74.43 -19.87
CA SER T 252 87.25 74.89 -19.21
C SER T 252 86.10 74.91 -20.21
N VAL T 253 84.87 74.80 -19.69
CA VAL T 253 83.67 74.86 -20.51
C VAL T 253 82.71 75.85 -19.87
N TYR T 254 82.37 76.91 -20.62
CA TYR T 254 81.47 77.95 -20.18
C TYR T 254 80.09 77.78 -20.81
N ALA T 255 79.06 78.12 -20.03
CA ALA T 255 77.69 78.08 -20.51
C ALA T 255 76.84 78.98 -19.62
N VAL T 256 75.59 79.18 -20.04
CA VAL T 256 74.64 79.99 -19.28
C VAL T 256 74.41 79.33 -17.93
N PRO T 257 74.09 80.09 -16.88
CA PRO T 257 74.04 79.49 -15.52
C PRO T 257 73.09 78.32 -15.39
N ASP T 258 71.96 78.33 -16.11
CA ASP T 258 70.97 77.27 -15.96
C ASP T 258 71.31 76.01 -16.74
N LYS T 259 72.36 76.03 -17.56
CA LYS T 259 72.73 74.89 -18.40
C LYS T 259 74.15 74.40 -18.15
N ILE T 260 74.80 74.85 -17.07
CA ILE T 260 76.19 74.47 -16.85
C ILE T 260 76.31 72.98 -16.51
N ASN T 261 75.25 72.40 -15.96
CA ASN T 261 75.27 70.98 -15.57
C ASN T 261 75.24 70.03 -16.76
N GLN T 262 75.20 70.51 -17.99
CA GLN T 262 75.20 69.66 -19.17
C GLN T 262 76.55 69.64 -19.88
N ALA T 263 77.61 70.14 -19.23
CA ALA T 263 78.92 70.30 -19.85
C ALA T 263 79.90 69.19 -19.48
N ASP T 264 79.47 68.17 -18.75
CA ASP T 264 80.41 67.17 -18.26
C ASP T 264 81.02 66.35 -19.39
N TYR T 265 80.18 65.79 -20.26
CA TYR T 265 80.70 64.99 -21.37
C TYR T 265 81.55 65.86 -22.30
N ALA T 266 81.11 67.10 -22.53
CA ALA T 266 81.89 68.02 -23.35
C ALA T 266 83.29 68.23 -22.78
N LEU T 267 83.38 68.49 -21.48
CA LEU T 267 84.67 68.73 -20.85
C LEU T 267 85.56 67.49 -20.89
N ASP T 268 84.98 66.34 -20.55
CA ASP T 268 85.77 65.10 -20.53
C ASP T 268 86.30 64.76 -21.92
N ALA T 269 85.42 64.78 -22.92
CA ALA T 269 85.84 64.51 -24.29
C ALA T 269 86.82 65.55 -24.80
N ALA T 270 86.69 66.81 -24.36
CA ALA T 270 87.63 67.84 -24.75
C ALA T 270 89.02 67.53 -24.22
N VAL T 271 89.13 67.18 -22.94
CA VAL T 271 90.43 66.84 -22.37
C VAL T 271 91.03 65.65 -23.10
N THR T 272 90.23 64.59 -23.31
CA THR T 272 90.73 63.39 -23.96
C THR T 272 91.22 63.69 -25.37
N LEU T 273 90.42 64.42 -26.15
CA LEU T 273 90.77 64.69 -27.55
C LEU T 273 91.96 65.65 -27.65
N LEU T 274 92.08 66.60 -26.73
CA LEU T 274 93.23 67.49 -26.76
C LEU T 274 94.52 66.72 -26.47
N GLU T 275 94.48 65.83 -25.47
CA GLU T 275 95.65 64.99 -25.20
C GLU T 275 95.97 64.11 -26.41
N PHE T 276 94.95 63.53 -27.03
CA PHE T 276 95.19 62.70 -28.21
C PHE T 276 95.85 63.50 -29.33
N TYR T 277 95.36 64.71 -29.58
CA TYR T 277 95.91 65.51 -30.67
C TYR T 277 97.35 65.90 -30.39
N GLU T 278 97.65 66.33 -29.15
CA GLU T 278 99.02 66.60 -28.78
C GLU T 278 99.91 65.39 -29.05
N ASP T 279 99.51 64.22 -28.54
CA ASP T 279 100.33 63.02 -28.70
C ASP T 279 100.50 62.64 -30.17
N TYR T 280 99.42 62.73 -30.95
CA TYR T 280 99.46 62.30 -32.33
C TYR T 280 100.35 63.21 -33.17
N PHE T 281 100.15 64.52 -33.07
CA PHE T 281 100.95 65.44 -33.86
C PHE T 281 102.35 65.63 -33.34
N SER T 282 102.64 65.19 -32.10
CA SER T 282 103.94 65.42 -31.48
C SER T 282 104.27 66.91 -31.41
N ILE T 283 103.23 67.72 -31.26
CA ILE T 283 103.36 69.17 -31.16
C ILE T 283 102.46 69.62 -30.02
N PRO T 284 103.03 70.10 -28.91
CA PRO T 284 102.19 70.47 -27.76
C PRO T 284 101.27 71.65 -28.08
N TYR T 285 100.18 71.71 -27.34
CA TYR T 285 99.25 72.83 -27.44
C TYR T 285 99.93 74.09 -26.93
N PRO T 286 100.08 75.14 -27.74
CA PRO T 286 100.94 76.26 -27.33
C PRO T 286 100.33 77.16 -26.27
N LEU T 287 98.99 77.27 -26.21
CA LEU T 287 98.37 78.20 -25.29
C LEU T 287 98.20 77.60 -23.90
N PRO T 288 98.14 78.43 -22.86
CA PRO T 288 97.97 77.88 -21.50
C PRO T 288 96.59 77.27 -21.25
N LYS T 289 95.54 77.86 -21.82
CA LYS T 289 94.19 77.41 -21.53
C LYS T 289 93.44 77.15 -22.84
N GLN T 290 92.45 76.27 -22.73
CA GLN T 290 91.52 75.98 -23.80
C GLN T 290 90.11 76.08 -23.23
N ASP T 291 89.28 76.89 -23.86
CA ASP T 291 87.92 77.14 -23.38
C ASP T 291 86.90 76.74 -24.45
N LEU T 292 85.77 76.21 -24.00
CA LEU T 292 84.68 75.78 -24.87
C LEU T 292 83.41 76.46 -24.37
N ALA T 293 82.94 77.47 -25.09
CA ALA T 293 81.81 78.29 -24.65
C ALA T 293 80.58 77.96 -25.48
N ALA T 294 79.45 77.76 -24.80
CA ALA T 294 78.17 77.46 -25.43
C ALA T 294 77.39 78.76 -25.62
N ILE T 295 77.34 79.24 -26.85
CA ILE T 295 76.70 80.51 -27.18
C ILE T 295 75.23 80.29 -27.50
N PRO T 296 74.30 81.04 -26.90
CA PRO T 296 72.87 80.83 -27.19
C PRO T 296 72.48 81.16 -28.62
N ASP T 297 73.12 82.15 -29.24
CA ASP T 297 72.84 82.54 -30.62
C ASP T 297 74.08 82.28 -31.45
N PHE T 298 74.04 81.23 -32.28
CA PHE T 298 75.18 80.89 -33.12
C PHE T 298 74.69 80.41 -34.47
N GLN T 299 75.42 80.80 -35.52
CA GLN T 299 75.08 80.43 -36.89
C GLN T 299 75.71 79.10 -37.28
N SER T 300 77.02 78.99 -37.14
CA SER T 300 77.72 77.76 -37.49
C SER T 300 77.43 76.67 -36.46
N GLY T 301 77.97 75.48 -36.69
CA GLY T 301 78.00 74.48 -35.64
C GLY T 301 78.94 74.87 -34.52
N ALA T 302 80.11 75.41 -34.87
CA ALA T 302 81.12 75.81 -33.89
C ALA T 302 82.09 76.76 -34.56
N MET T 303 83.12 77.17 -33.82
CA MET T 303 84.16 78.03 -34.34
C MET T 303 85.46 77.72 -33.60
N GLU T 304 86.58 77.82 -34.33
CA GLU T 304 87.87 77.34 -33.85
C GLU T 304 88.75 78.46 -33.29
N ASN T 305 88.15 79.47 -32.67
CA ASN T 305 88.94 80.57 -32.11
C ASN T 305 89.98 80.03 -31.15
N TRP T 306 91.24 80.38 -31.39
CA TRP T 306 92.37 79.81 -30.66
C TRP T 306 92.27 80.08 -29.17
N GLY T 307 92.07 79.02 -28.38
CA GLY T 307 91.94 79.13 -26.94
C GLY T 307 90.55 79.44 -26.44
N LEU T 308 89.58 79.68 -27.34
CA LEU T 308 88.22 80.01 -26.94
C LEU T 308 87.28 79.55 -28.07
N THR T 309 87.10 78.24 -28.19
CA THR T 309 86.16 77.72 -29.16
C THR T 309 84.73 78.02 -28.74
N THR T 310 83.89 78.35 -29.71
CA THR T 310 82.49 78.66 -29.47
C THR T 310 81.61 77.61 -30.14
N TYR T 311 80.45 77.35 -29.54
CA TYR T 311 79.59 76.27 -29.98
C TYR T 311 78.13 76.69 -29.91
N ARG T 312 77.29 75.93 -30.61
CA ARG T 312 75.87 75.91 -30.32
C ARG T 312 75.63 75.12 -29.04
N GLU T 313 74.66 75.56 -28.25
CA GLU T 313 74.28 74.79 -27.07
C GLU T 313 73.88 73.37 -27.46
N SER T 314 73.18 73.23 -28.59
CA SER T 314 72.82 71.91 -29.10
C SER T 314 74.05 71.10 -29.47
N ALA T 315 75.13 71.78 -29.89
CA ALA T 315 76.32 71.09 -30.35
C ALA T 315 77.35 70.88 -29.25
N LEU T 316 77.09 71.38 -28.04
CA LEU T 316 78.07 71.14 -26.99
C LEU T 316 77.48 70.49 -25.73
N LEU T 317 76.25 70.81 -25.37
CA LEU T 317 75.71 70.37 -24.09
C LEU T 317 74.97 69.05 -24.22
N PHE T 318 75.14 68.19 -23.21
CA PHE T 318 74.62 66.83 -23.23
C PHE T 318 73.84 66.57 -21.95
N ASP T 319 72.57 66.20 -22.10
CA ASP T 319 71.69 65.88 -20.98
C ASP T 319 71.42 64.38 -21.01
N ALA T 320 71.84 63.67 -19.97
CA ALA T 320 71.69 62.23 -19.94
C ALA T 320 70.22 61.80 -19.97
N GLU T 321 69.31 62.65 -19.52
CA GLU T 321 67.91 62.29 -19.43
C GLU T 321 67.14 62.51 -20.72
N LYS T 322 67.59 63.43 -21.58
CA LYS T 322 66.81 63.80 -22.76
C LYS T 322 67.59 63.84 -24.07
N SER T 323 68.92 63.96 -24.03
CA SER T 323 69.70 64.03 -25.26
C SER T 323 69.82 62.64 -25.90
N SER T 324 69.87 62.63 -27.23
CA SER T 324 69.91 61.39 -27.99
C SER T 324 71.35 60.94 -28.22
N ALA T 325 71.50 59.66 -28.55
CA ALA T 325 72.81 59.12 -28.91
C ALA T 325 73.37 59.84 -30.13
N SER T 326 72.50 60.22 -31.07
CA SER T 326 72.91 61.09 -32.17
C SER T 326 73.53 62.38 -31.64
N SER T 327 72.89 62.98 -30.62
CA SER T 327 73.41 64.22 -30.06
C SER T 327 74.77 64.00 -29.40
N LYS T 328 74.94 62.89 -28.70
CA LYS T 328 76.22 62.61 -28.05
C LYS T 328 77.33 62.41 -29.07
N LEU T 329 77.05 61.63 -30.12
CA LEU T 329 78.01 61.44 -31.20
C LEU T 329 78.35 62.78 -31.87
N GLY T 330 77.34 63.62 -32.09
CA GLY T 330 77.59 64.90 -32.72
C GLY T 330 78.46 65.81 -31.86
N ILE T 331 78.21 65.83 -30.55
CA ILE T 331 79.05 66.61 -29.65
C ILE T 331 80.49 66.13 -29.71
N THR T 332 80.69 64.81 -29.67
CA THR T 332 82.05 64.27 -29.73
C THR T 332 82.74 64.68 -31.02
N MET T 333 82.06 64.51 -32.16
CA MET T 333 82.67 64.84 -33.44
C MET T 333 82.96 66.34 -33.56
N THR T 334 82.08 67.17 -33.00
CA THR T 334 82.27 68.62 -33.09
C THR T 334 83.47 69.06 -32.25
N VAL T 335 83.57 68.55 -31.02
CA VAL T 335 84.73 68.88 -30.19
C VAL T 335 86.02 68.41 -30.86
N ALA T 336 85.99 67.21 -31.45
CA ALA T 336 87.17 66.72 -32.16
C ALA T 336 87.51 67.62 -33.34
N HIS T 337 86.50 68.09 -34.06
CA HIS T 337 86.74 68.97 -35.20
C HIS T 337 87.43 70.25 -34.76
N GLU T 338 86.94 70.89 -33.69
CA GLU T 338 87.52 72.16 -33.27
C GLU T 338 88.92 71.97 -32.69
N LEU T 339 89.13 70.90 -31.91
CA LEU T 339 90.47 70.67 -31.38
C LEU T 339 91.45 70.28 -32.49
N ALA T 340 90.97 69.67 -33.57
CA ALA T 340 91.82 69.45 -34.73
C ALA T 340 92.13 70.76 -35.44
N HIS T 341 91.14 71.66 -35.52
CA HIS T 341 91.37 72.99 -36.08
C HIS T 341 92.44 73.74 -35.31
N GLN T 342 92.56 73.47 -34.01
CA GLN T 342 93.61 74.10 -33.21
C GLN T 342 94.99 73.91 -33.83
N TRP T 343 95.19 72.84 -34.60
CA TRP T 343 96.43 72.63 -35.34
C TRP T 343 96.27 72.92 -36.83
N PHE T 344 95.27 72.32 -37.48
CA PHE T 344 95.03 72.53 -38.91
C PHE T 344 94.12 73.74 -39.05
N GLY T 345 94.74 74.92 -39.12
CA GLY T 345 93.97 76.14 -39.26
C GLY T 345 94.53 77.27 -38.42
N ASN T 346 94.87 76.96 -37.17
CA ASN T 346 95.40 77.95 -36.24
C ASN T 346 96.92 77.95 -36.22
N LEU T 347 97.53 76.79 -35.91
CA LEU T 347 98.97 76.67 -35.98
C LEU T 347 99.48 76.88 -37.40
N VAL T 348 98.93 76.12 -38.35
CA VAL T 348 99.23 76.26 -39.76
C VAL T 348 97.95 76.69 -40.46
N THR T 349 97.95 77.90 -41.00
CA THR T 349 96.77 78.46 -41.65
C THR T 349 96.99 78.53 -43.16
N MET T 350 95.91 78.36 -43.91
CA MET T 350 95.98 78.59 -45.35
C MET T 350 96.31 80.06 -45.61
N GLU T 351 96.91 80.33 -46.77
CA GLU T 351 97.30 81.70 -47.06
C GLU T 351 96.14 82.52 -47.61
N TRP T 352 95.31 81.91 -48.46
CA TRP T 352 94.14 82.59 -49.00
C TRP T 352 92.97 81.63 -49.01
N TRP T 353 91.76 82.20 -48.99
CA TRP T 353 90.53 81.42 -48.82
C TRP T 353 90.26 80.48 -50.00
N ASN T 354 91.08 80.49 -51.05
CA ASN T 354 90.91 79.50 -52.10
C ASN T 354 91.32 78.11 -51.63
N ASP T 355 92.22 78.03 -50.65
CA ASP T 355 92.66 76.77 -50.06
C ASP T 355 92.06 76.55 -48.68
N LEU T 356 90.84 77.02 -48.46
CA LEU T 356 90.13 76.78 -47.21
C LEU T 356 90.00 75.29 -46.89
N TRP T 357 90.07 74.45 -47.91
CA TRP T 357 89.98 73.01 -47.67
C TRP T 357 91.14 72.50 -46.84
N LEU T 358 92.33 73.10 -46.99
CA LEU T 358 93.47 72.73 -46.16
C LEU T 358 93.19 72.84 -44.67
N ASN T 359 92.22 73.66 -44.28
CA ASN T 359 91.73 73.70 -42.91
C ASN T 359 90.57 72.74 -42.73
N GLU T 360 89.52 72.92 -43.53
CA GLU T 360 88.24 72.30 -43.21
C GLU T 360 88.21 70.80 -43.50
N GLY T 361 88.73 70.38 -44.65
CA GLY T 361 88.77 68.96 -44.95
C GLY T 361 89.66 68.19 -43.99
N PHE T 362 90.82 68.77 -43.66
CA PHE T 362 91.71 68.13 -42.69
C PHE T 362 91.05 68.03 -41.32
N ALA T 363 90.33 69.06 -40.89
CA ALA T 363 89.63 68.98 -39.60
C ALA T 363 88.52 67.93 -39.63
N LYS T 364 87.74 67.91 -40.71
CA LYS T 364 86.66 66.93 -40.84
C LYS T 364 87.20 65.51 -40.86
N PHE T 365 88.41 65.31 -41.40
CA PHE T 365 89.01 63.99 -41.41
C PHE T 365 89.64 63.64 -40.06
N MET T 366 90.25 64.62 -39.40
CA MET T 366 90.79 64.37 -38.08
C MET T 366 89.69 64.06 -37.08
N GLU T 367 88.46 64.52 -37.34
CA GLU T 367 87.30 64.03 -36.59
C GLU T 367 87.32 62.52 -36.51
N PHE T 368 87.31 61.86 -37.67
CA PHE T 368 87.31 60.40 -37.73
C PHE T 368 88.58 59.84 -37.12
N VAL T 369 89.74 60.35 -37.56
CA VAL T 369 91.03 59.82 -37.11
C VAL T 369 91.14 59.85 -35.59
N SER T 370 90.57 60.87 -34.94
CA SER T 370 90.69 61.05 -33.50
C SER T 370 89.62 60.28 -32.74
N VAL T 371 88.36 60.36 -33.17
CA VAL T 371 87.28 59.73 -32.42
C VAL T 371 87.36 58.21 -32.52
N SER T 372 87.75 57.69 -33.69
CA SER T 372 87.89 56.24 -33.82
C SER T 372 88.90 55.65 -32.86
N VAL T 373 89.73 56.48 -32.24
CA VAL T 373 90.69 56.03 -31.24
C VAL T 373 90.25 56.40 -29.84
N THR T 374 89.78 57.63 -29.64
CA THR T 374 89.48 58.12 -28.29
C THR T 374 88.16 57.57 -27.76
N HIS T 375 87.16 57.43 -28.62
CA HIS T 375 85.84 56.92 -28.24
C HIS T 375 85.48 55.77 -29.17
N PRO T 376 86.14 54.62 -29.02
CA PRO T 376 85.90 53.51 -29.96
C PRO T 376 84.52 52.88 -29.82
N GLU T 377 83.81 53.09 -28.71
CA GLU T 377 82.46 52.56 -28.59
C GLU T 377 81.49 53.23 -29.57
N LEU T 378 81.86 54.39 -30.13
CA LEU T 378 81.01 55.05 -31.10
C LEU T 378 81.12 54.41 -32.49
N LYS T 379 82.32 53.96 -32.86
CA LYS T 379 82.57 53.32 -34.16
C LYS T 379 82.16 54.23 -35.31
N VAL T 380 82.83 55.39 -35.40
CA VAL T 380 82.48 56.39 -36.39
C VAL T 380 82.81 55.95 -37.81
N GLY T 381 83.62 54.91 -37.97
CA GLY T 381 83.86 54.35 -39.29
C GLY T 381 82.61 53.77 -39.92
N ASP T 382 81.58 53.51 -39.11
CA ASP T 382 80.31 53.04 -39.66
C ASP T 382 79.58 54.15 -40.40
N TYR T 383 79.59 55.37 -39.85
CA TYR T 383 78.78 56.46 -40.36
C TYR T 383 79.56 57.50 -41.14
N PHE T 384 80.89 57.37 -41.25
CA PHE T 384 81.68 58.45 -41.87
C PHE T 384 81.29 58.69 -43.33
N PHE T 385 81.20 57.63 -44.13
CA PHE T 385 81.19 57.77 -45.60
C PHE T 385 79.88 58.28 -46.18
N GLY T 386 78.83 58.43 -45.35
CA GLY T 386 77.70 59.22 -45.79
C GLY T 386 78.10 60.61 -46.24
N LYS T 387 79.15 61.15 -45.63
CA LYS T 387 79.74 62.41 -46.08
C LYS T 387 80.17 62.30 -47.54
N CYS T 388 80.94 61.27 -47.87
CA CYS T 388 81.40 61.09 -49.25
C CYS T 388 80.24 60.96 -50.21
N PHE T 389 79.22 60.19 -49.83
CA PHE T 389 78.07 60.00 -50.72
C PHE T 389 77.32 61.31 -50.96
N ASP T 390 76.98 62.02 -49.88
CA ASP T 390 76.26 63.28 -50.03
C ASP T 390 77.10 64.33 -50.77
N ALA T 391 78.43 64.27 -50.61
CA ALA T 391 79.28 65.18 -51.37
C ALA T 391 79.28 64.84 -52.85
N MET T 392 79.32 63.55 -53.19
CA MET T 392 79.21 63.15 -54.58
C MET T 392 77.89 63.59 -55.19
N GLU T 393 76.82 63.58 -54.39
CA GLU T 393 75.52 64.02 -54.87
C GLU T 393 75.56 65.40 -55.52
N VAL T 394 76.42 66.30 -55.03
CA VAL T 394 76.51 67.65 -55.56
C VAL T 394 77.71 67.79 -56.48
N ASP T 395 78.79 67.05 -56.19
CA ASP T 395 79.99 67.13 -57.02
C ASP T 395 79.77 66.51 -58.40
N ALA T 396 78.77 65.63 -58.54
CA ALA T 396 78.42 65.13 -59.86
C ALA T 396 77.80 66.21 -60.73
N LEU T 397 77.55 67.39 -60.18
CA LEU T 397 76.93 68.45 -60.95
C LEU T 397 77.96 69.19 -61.79
N ASN T 398 77.46 69.79 -62.86
CA ASN T 398 78.27 70.57 -63.77
C ASN T 398 78.69 71.90 -63.15
N SER T 399 77.86 72.44 -62.26
CA SER T 399 78.16 73.68 -61.55
C SER T 399 79.11 73.49 -60.38
N SER T 400 79.54 72.25 -60.12
CA SER T 400 80.52 72.01 -59.07
C SER T 400 81.85 72.68 -59.42
N HIS T 401 82.69 72.84 -58.41
CA HIS T 401 83.99 73.48 -58.53
C HIS T 401 85.07 72.54 -58.02
N PRO T 402 86.32 72.74 -58.44
CA PRO T 402 87.42 71.96 -57.87
C PRO T 402 87.61 72.27 -56.39
N VAL T 403 88.31 71.36 -55.71
CA VAL T 403 88.54 71.52 -54.28
C VAL T 403 89.26 72.83 -53.98
N SER T 404 90.18 73.23 -54.87
CA SER T 404 90.91 74.49 -54.77
C SER T 404 90.53 75.35 -55.96
N THR T 405 89.86 76.47 -55.70
CA THR T 405 89.38 77.35 -56.76
C THR T 405 89.46 78.79 -56.26
N PRO T 406 89.78 79.74 -57.14
CA PRO T 406 89.98 81.12 -56.69
C PRO T 406 88.70 81.80 -56.24
N VAL T 407 88.82 82.61 -55.19
CA VAL T 407 87.73 83.43 -54.67
C VAL T 407 88.30 84.78 -54.28
N GLU T 408 87.46 85.81 -54.34
CA GLU T 408 87.93 87.15 -54.02
C GLU T 408 87.04 87.85 -52.99
N ASN T 409 85.77 88.06 -53.32
CA ASN T 409 84.89 88.82 -52.44
C ASN T 409 84.35 87.97 -51.30
N PRO T 410 83.87 88.62 -50.22
CA PRO T 410 83.39 87.86 -49.05
C PRO T 410 82.27 86.88 -49.37
N ALA T 411 81.38 87.18 -50.32
CA ALA T 411 80.33 86.24 -50.67
C ALA T 411 80.92 84.92 -51.19
N GLN T 412 81.90 85.02 -52.10
CA GLN T 412 82.58 83.84 -52.61
C GLN T 412 83.32 83.12 -51.50
N ILE T 413 83.95 83.88 -50.59
CA ILE T 413 84.68 83.27 -49.49
C ILE T 413 83.74 82.47 -48.60
N ARG T 414 82.55 83.03 -48.32
CA ARG T 414 81.54 82.31 -47.55
C ARG T 414 81.07 81.07 -48.30
N GLU T 415 80.90 81.19 -49.62
CA GLU T 415 80.47 80.02 -50.41
C GLU T 415 81.48 78.89 -50.37
N MET T 416 82.76 79.21 -50.15
CA MET T 416 83.77 78.16 -50.10
C MET T 416 83.52 77.15 -48.98
N PHE T 417 82.76 77.50 -47.94
CA PHE T 417 82.45 76.58 -46.85
C PHE T 417 81.30 75.66 -47.27
N ASP T 418 81.56 74.81 -48.25
CA ASP T 418 80.52 73.94 -48.78
C ASP T 418 80.88 72.47 -48.61
N ASP T 419 80.02 71.61 -49.16
CA ASP T 419 80.22 70.17 -49.05
C ASP T 419 81.52 69.73 -49.67
N VAL T 420 81.99 70.42 -50.71
CA VAL T 420 83.25 70.04 -51.34
C VAL T 420 84.39 70.13 -50.33
N SER T 421 84.62 71.33 -49.81
CA SER T 421 85.80 71.58 -48.98
C SER T 421 85.82 70.72 -47.73
N TYR T 422 84.66 70.37 -47.18
CA TYR T 422 84.59 69.53 -45.99
C TYR T 422 84.60 68.06 -46.39
N ASP T 423 83.49 67.60 -46.96
CA ASP T 423 83.29 66.17 -47.21
C ASP T 423 84.27 65.64 -48.25
N LYS T 424 84.35 66.28 -49.42
CA LYS T 424 85.20 65.74 -50.48
C LYS T 424 86.67 65.78 -50.08
N GLY T 425 87.08 66.86 -49.39
CA GLY T 425 88.44 66.92 -48.88
C GLY T 425 88.75 65.82 -47.88
N ALA T 426 87.84 65.58 -46.94
CA ALA T 426 88.05 64.52 -45.97
C ALA T 426 88.06 63.15 -46.62
N CYS T 427 87.25 62.96 -47.66
CA CYS T 427 87.21 61.66 -48.32
C CYS T 427 88.47 61.40 -49.14
N ILE T 428 88.99 62.43 -49.81
CA ILE T 428 90.24 62.23 -50.54
C ILE T 428 91.40 62.06 -49.56
N LEU T 429 91.33 62.69 -48.39
CA LEU T 429 92.35 62.44 -47.37
C LEU T 429 92.28 61.02 -46.83
N ASN T 430 91.06 60.50 -46.62
CA ASN T 430 90.90 59.10 -46.26
C ASN T 430 91.47 58.18 -47.33
N MET T 431 91.20 58.50 -48.60
CA MET T 431 91.73 57.69 -49.69
C MET T 431 93.26 57.71 -49.68
N LEU T 432 93.85 58.88 -49.43
CA LEU T 432 95.31 58.98 -49.39
C LEU T 432 95.90 58.21 -48.22
N ARG T 433 95.27 58.30 -47.05
CA ARG T 433 95.77 57.58 -45.87
C ARG T 433 95.65 56.07 -46.07
N GLU T 434 94.62 55.61 -46.78
CA GLU T 434 94.48 54.18 -47.04
C GLU T 434 95.40 53.72 -48.17
N TYR T 435 95.73 54.60 -49.10
CA TYR T 435 96.67 54.26 -50.16
C TYR T 435 98.10 54.16 -49.63
N LEU T 436 98.58 55.21 -48.98
CA LEU T 436 99.86 55.15 -48.29
C LEU T 436 99.72 54.33 -47.01
N SER T 437 100.83 54.18 -46.30
CA SER T 437 100.79 53.62 -44.96
C SER T 437 100.23 54.64 -43.99
N ALA T 438 99.54 54.16 -42.96
CA ALA T 438 99.09 55.05 -41.89
C ALA T 438 100.27 55.76 -41.23
N ASP T 439 101.39 55.05 -41.05
CA ASP T 439 102.58 55.69 -40.50
C ASP T 439 103.17 56.68 -41.48
N ALA T 440 103.15 56.37 -42.77
CA ALA T 440 103.66 57.33 -43.77
C ALA T 440 102.79 58.58 -43.80
N PHE T 441 101.47 58.43 -43.73
CA PHE T 441 100.57 59.57 -43.68
C PHE T 441 100.82 60.40 -42.42
N LYS T 442 101.01 59.72 -41.28
CA LYS T 442 101.30 60.43 -40.04
C LYS T 442 102.60 61.22 -40.15
N SER T 443 103.65 60.59 -40.68
CA SER T 443 104.92 61.29 -40.85
C SER T 443 104.76 62.49 -41.77
N GLY T 444 104.01 62.34 -42.86
CA GLY T 444 103.79 63.45 -43.77
C GLY T 444 103.10 64.62 -43.10
N ILE T 445 102.01 64.36 -42.40
CA ILE T 445 101.26 65.46 -41.78
C ILE T 445 102.04 66.09 -40.63
N VAL T 446 102.81 65.28 -39.89
CA VAL T 446 103.61 65.83 -38.80
C VAL T 446 104.73 66.72 -39.36
N GLN T 447 105.41 66.25 -40.40
CA GLN T 447 106.43 67.08 -41.04
C GLN T 447 105.83 68.37 -41.58
N TYR T 448 104.63 68.28 -42.16
CA TYR T 448 103.93 69.47 -42.63
C TYR T 448 103.73 70.49 -41.52
N LEU T 449 103.12 70.05 -40.41
CA LEU T 449 102.82 70.96 -39.30
C LEU T 449 104.10 71.52 -38.69
N GLN T 450 105.12 70.68 -38.50
CA GLN T 450 106.34 71.15 -37.87
C GLN T 450 107.08 72.15 -38.74
N LYS T 451 107.12 71.91 -40.06
CA LYS T 451 107.84 72.83 -40.94
C LYS T 451 107.07 74.13 -41.14
N HIS T 452 105.74 74.10 -41.12
CA HIS T 452 104.95 75.28 -41.44
C HIS T 452 104.21 75.86 -40.24
N SER T 453 104.61 75.53 -39.02
CA SER T 453 104.01 76.13 -37.84
C SER T 453 104.09 77.65 -37.87
N TYR T 454 103.00 78.30 -37.44
CA TYR T 454 102.95 79.76 -37.33
C TYR T 454 103.18 80.43 -38.69
N LYS T 455 102.76 79.76 -39.76
CA LYS T 455 103.00 80.26 -41.11
C LYS T 455 101.74 80.17 -41.94
N ASN T 456 101.86 80.48 -43.24
CA ASN T 456 100.77 80.32 -44.19
C ASN T 456 101.26 79.39 -45.30
N THR T 457 100.34 78.58 -45.83
CA THR T 457 100.70 77.56 -46.81
C THR T 457 99.74 77.60 -47.99
N LYS T 458 100.24 77.17 -49.14
CA LYS T 458 99.41 76.92 -50.30
C LYS T 458 99.20 75.41 -50.44
N ASN T 459 98.46 75.03 -51.48
CA ASN T 459 98.14 73.62 -51.69
C ASN T 459 99.38 72.79 -51.95
N GLU T 460 100.44 73.41 -52.48
CA GLU T 460 101.60 72.65 -52.96
C GLU T 460 102.55 72.27 -51.84
N ASP T 461 102.60 73.04 -50.76
CA ASP T 461 103.50 72.69 -49.65
C ASP T 461 103.10 71.36 -49.02
N LEU T 462 101.80 71.09 -48.95
CA LEU T 462 101.33 69.82 -48.42
C LEU T 462 101.83 68.66 -49.29
N TRP T 463 101.74 68.80 -50.61
CA TRP T 463 102.24 67.75 -51.49
C TRP T 463 103.75 67.60 -51.40
N ASP T 464 104.47 68.70 -51.18
CA ASP T 464 105.90 68.60 -50.95
C ASP T 464 106.18 67.79 -49.69
N SER T 465 105.45 68.08 -48.61
CA SER T 465 105.64 67.36 -47.36
C SER T 465 105.25 65.88 -47.48
N MET T 466 104.29 65.57 -48.35
CA MET T 466 103.89 64.18 -48.54
C MET T 466 104.89 63.42 -49.40
N ALA T 467 105.44 64.08 -50.42
CA ALA T 467 106.45 63.44 -51.27
C ALA T 467 107.79 63.32 -50.56
N SER T 468 108.04 64.15 -49.56
CA SER T 468 109.25 63.99 -48.75
C SER T 468 109.24 62.71 -47.93
N ILE T 469 108.10 62.03 -47.82
CA ILE T 469 108.00 60.77 -47.12
C ILE T 469 107.70 59.61 -48.08
N GLY T 470 106.91 59.85 -49.11
CA GLY T 470 106.63 58.81 -50.08
C GLY T 470 107.72 58.61 -51.11
N GLY T 471 108.63 57.67 -50.86
CA GLY T 471 109.78 57.49 -51.72
C GLY T 471 109.97 56.08 -52.25
N GLY T 472 108.92 55.27 -52.24
CA GLY T 472 108.97 53.95 -52.84
C GLY T 472 108.44 53.94 -54.25
N GLY T 473 108.64 55.05 -54.95
CA GLY T 473 108.05 55.24 -56.26
C GLY T 473 106.66 55.81 -56.22
N VAL T 474 106.37 56.66 -55.23
CA VAL T 474 105.03 57.18 -54.99
C VAL T 474 105.09 58.69 -55.20
N ASP T 475 104.58 59.16 -56.34
CA ASP T 475 104.47 60.59 -56.61
C ASP T 475 103.10 61.07 -56.14
N VAL T 476 103.02 61.42 -54.85
CA VAL T 476 101.76 61.87 -54.27
C VAL T 476 101.29 63.16 -54.90
N LYS T 477 102.23 63.98 -55.40
CA LYS T 477 101.90 65.33 -55.82
C LYS T 477 100.98 65.34 -57.04
N THR T 478 101.34 64.58 -58.09
CA THR T 478 100.53 64.57 -59.30
C THR T 478 99.14 64.00 -59.03
N MET T 479 99.08 62.89 -58.29
CA MET T 479 97.81 62.25 -57.97
C MET T 479 96.90 63.21 -57.21
N MET T 480 97.40 63.79 -56.12
CA MET T 480 96.54 64.65 -55.33
C MET T 480 96.24 65.97 -56.03
N ASN T 481 97.09 66.42 -56.96
CA ASN T 481 96.72 67.57 -57.77
C ASN T 481 95.58 67.24 -58.72
N THR T 482 95.63 66.06 -59.34
CA THR T 482 94.50 65.64 -60.17
C THR T 482 93.22 65.51 -59.36
N TRP T 483 93.34 65.18 -58.08
CA TRP T 483 92.14 65.04 -57.25
C TRP T 483 91.65 66.35 -56.64
N THR T 484 92.52 67.34 -56.46
CA THR T 484 92.14 68.58 -55.79
C THR T 484 91.97 69.78 -56.72
N LEU T 485 92.48 69.72 -57.96
CA LEU T 485 92.46 70.88 -58.84
C LEU T 485 91.45 70.77 -59.98
N GLN T 486 90.65 69.72 -60.03
CA GLN T 486 89.58 69.62 -61.01
C GLN T 486 88.34 69.03 -60.33
N LYS T 487 87.18 69.50 -60.77
CA LYS T 487 85.92 69.13 -60.14
C LYS T 487 85.54 67.69 -60.48
N GLY T 488 84.48 67.22 -59.82
CA GLY T 488 83.90 65.94 -60.12
C GLY T 488 84.71 64.77 -59.58
N PHE T 489 84.26 63.59 -59.97
CA PHE T 489 84.85 62.33 -59.54
C PHE T 489 84.67 61.32 -60.67
N PRO T 490 85.48 60.27 -60.71
CA PRO T 490 85.40 59.35 -61.84
C PRO T 490 84.43 58.19 -61.64
N LEU T 491 83.85 57.80 -62.77
CA LEU T 491 83.17 56.53 -62.93
C LEU T 491 84.15 55.56 -63.57
N ILE T 492 84.32 54.41 -62.93
CA ILE T 492 85.23 53.36 -63.38
C ILE T 492 84.38 52.22 -63.91
N THR T 493 84.47 52.00 -65.22
CA THR T 493 83.78 50.88 -65.85
C THR T 493 84.71 49.68 -65.81
N ILE T 494 84.16 48.55 -65.36
CA ILE T 494 84.92 47.32 -65.14
C ILE T 494 84.32 46.25 -66.03
N THR T 495 85.13 45.71 -66.93
CA THR T 495 84.72 44.62 -67.81
C THR T 495 85.56 43.40 -67.48
N VAL T 496 84.91 42.25 -67.39
CA VAL T 496 85.56 40.99 -67.03
C VAL T 496 85.47 40.05 -68.22
N ARG T 497 86.61 39.56 -68.68
CA ARG T 497 86.69 38.61 -69.79
C ARG T 497 87.49 37.40 -69.30
N GLY T 498 86.83 36.53 -68.54
CA GLY T 498 87.49 35.39 -67.93
C GLY T 498 88.43 35.77 -66.82
N ARG T 499 89.72 35.82 -67.12
CA ARG T 499 90.73 36.23 -66.14
C ARG T 499 91.27 37.63 -66.42
N ASN T 500 90.82 38.29 -67.47
CA ASN T 500 91.26 39.63 -67.83
C ASN T 500 90.24 40.64 -67.31
N VAL T 501 90.72 41.70 -66.67
CA VAL T 501 89.87 42.73 -66.10
C VAL T 501 90.28 44.06 -66.73
N HIS T 502 89.40 44.61 -67.57
CA HIS T 502 89.61 45.91 -68.19
C HIS T 502 88.98 46.98 -67.32
N MET T 503 89.73 48.06 -67.08
CA MET T 503 89.30 49.18 -66.27
C MET T 503 89.36 50.45 -67.11
N LYS T 504 88.29 51.23 -67.09
CA LYS T 504 88.24 52.50 -67.80
C LYS T 504 87.73 53.58 -66.86
N GLN T 505 88.34 54.76 -66.92
CA GLN T 505 87.95 55.89 -66.07
C GLN T 505 87.36 56.99 -66.94
N GLU T 506 86.32 57.64 -66.42
CA GLU T 506 85.76 58.81 -67.09
C GLU T 506 85.19 59.74 -66.04
N HIS T 507 84.90 60.97 -66.44
CA HIS T 507 84.32 61.94 -65.53
C HIS T 507 82.82 61.70 -65.43
N TYR T 508 82.34 61.40 -64.23
CA TYR T 508 80.91 61.25 -64.00
C TYR T 508 80.30 62.63 -63.94
N MET T 509 79.45 62.96 -64.92
CA MET T 509 78.76 64.24 -64.97
C MET T 509 77.38 64.00 -65.55
N LYS T 510 76.34 64.40 -64.81
CA LYS T 510 74.97 64.25 -65.30
C LYS T 510 74.78 65.12 -66.54
N GLY T 511 74.63 64.48 -67.69
CA GLY T 511 74.57 65.16 -68.97
C GLY T 511 73.52 66.25 -69.10
N ASP T 517 82.14 64.57 -71.39
CA ASP T 517 82.35 65.43 -72.56
C ASP T 517 83.35 66.54 -72.23
N THR T 518 84.17 66.31 -71.21
CA THR T 518 85.17 67.28 -70.78
C THR T 518 86.59 66.81 -71.04
N GLY T 519 86.99 65.66 -70.51
CA GLY T 519 88.35 65.19 -70.67
C GLY T 519 89.20 65.29 -69.41
N TYR T 520 88.66 64.86 -68.28
CA TYR T 520 89.38 64.86 -67.01
C TYR T 520 90.05 63.50 -66.80
N LEU T 521 91.15 63.50 -66.05
CA LEU T 521 91.87 62.27 -65.74
C LEU T 521 92.42 62.32 -64.32
N TRP T 522 92.23 61.24 -63.57
CA TRP T 522 92.70 61.10 -62.20
C TRP T 522 93.67 59.93 -62.07
N HIS T 523 94.37 59.90 -60.93
CA HIS T 523 95.17 58.75 -60.50
C HIS T 523 94.36 58.00 -59.44
N VAL T 524 93.58 57.02 -59.88
CA VAL T 524 92.61 56.34 -59.02
C VAL T 524 93.31 55.12 -58.39
N PRO T 525 93.54 55.12 -57.07
CA PRO T 525 94.09 53.92 -56.42
C PRO T 525 93.04 52.85 -56.20
N LEU T 526 92.88 51.95 -57.17
CA LEU T 526 91.84 50.94 -57.07
C LEU T 526 92.20 49.86 -56.06
N THR T 527 91.19 49.35 -55.37
CA THR T 527 91.31 48.22 -54.47
C THR T 527 90.12 47.30 -54.70
N PHE T 528 90.35 45.99 -54.65
CA PHE T 528 89.27 45.06 -54.95
C PHE T 528 89.49 43.74 -54.23
N ILE T 529 88.40 42.99 -54.10
CA ILE T 529 88.41 41.61 -53.63
C ILE T 529 87.64 40.79 -54.66
N THR T 530 87.73 39.47 -54.53
CA THR T 530 87.08 38.57 -55.46
C THR T 530 86.16 37.61 -54.70
N SER T 531 85.42 36.82 -55.46
CA SER T 531 84.59 35.79 -54.85
C SER T 531 85.43 34.62 -54.34
N LYS T 532 86.66 34.51 -54.81
CA LYS T 532 87.58 33.45 -54.41
C LYS T 532 88.51 33.87 -53.30
N SER T 533 88.46 35.13 -52.86
CA SER T 533 89.46 35.65 -51.93
C SER T 533 88.93 36.88 -51.21
N ASP T 534 88.99 36.85 -49.89
CA ASP T 534 88.73 38.04 -49.06
C ASP T 534 89.92 38.98 -48.98
N MET T 535 91.06 38.64 -49.58
CA MET T 535 92.24 39.49 -49.54
C MET T 535 92.10 40.66 -50.50
N VAL T 536 92.49 41.85 -50.04
CA VAL T 536 92.36 43.08 -50.81
C VAL T 536 93.61 43.24 -51.68
N HIS T 537 93.43 43.25 -53.00
CA HIS T 537 94.48 43.58 -53.94
C HIS T 537 94.31 45.01 -54.42
N ARG T 538 95.43 45.66 -54.72
CA ARG T 538 95.45 47.07 -55.10
C ARG T 538 96.00 47.23 -56.52
N PHE T 539 95.73 48.40 -57.07
CA PHE T 539 96.18 48.77 -58.41
C PHE T 539 96.08 50.28 -58.56
N LEU T 540 97.14 50.90 -59.06
CA LEU T 540 97.19 52.35 -59.24
C LEU T 540 96.89 52.64 -60.71
N LEU T 541 95.67 53.10 -60.98
CA LEU T 541 95.25 53.43 -62.34
C LEU T 541 95.71 54.84 -62.66
N LYS T 542 96.76 54.95 -63.47
CA LYS T 542 97.35 56.23 -63.84
C LYS T 542 96.99 56.70 -65.23
N THR T 543 96.34 55.86 -66.04
CA THR T 543 96.04 56.17 -67.42
C THR T 543 94.53 56.19 -67.64
N LYS T 544 94.15 56.41 -68.91
CA LYS T 544 92.74 56.44 -69.26
C LYS T 544 92.10 55.07 -69.15
N THR T 545 92.70 54.06 -69.79
CA THR T 545 92.25 52.69 -69.74
C THR T 545 93.43 51.79 -69.41
N ASP T 546 93.13 50.67 -68.76
CA ASP T 546 94.19 49.70 -68.46
C ASP T 546 93.54 48.33 -68.25
N VAL T 547 94.36 47.33 -67.96
CA VAL T 547 93.90 45.96 -67.86
C VAL T 547 94.84 45.19 -66.94
N LEU T 548 94.26 44.33 -66.10
CA LEU T 548 95.03 43.44 -65.24
C LEU T 548 94.60 42.00 -65.48
N ILE T 549 95.41 41.06 -64.99
CA ILE T 549 95.22 39.64 -65.24
C ILE T 549 95.01 38.93 -63.90
N LEU T 550 93.82 38.36 -63.72
CA LEU T 550 93.52 37.56 -62.54
C LEU T 550 94.15 36.18 -62.64
N PRO T 551 94.37 35.51 -61.50
CA PRO T 551 94.86 34.13 -61.54
C PRO T 551 93.77 33.09 -61.74
N GLU T 552 92.50 33.49 -61.74
CA GLU T 552 91.39 32.55 -61.78
C GLU T 552 90.10 33.32 -62.02
N GLU T 553 89.18 32.72 -62.76
CA GLU T 553 87.87 33.30 -62.98
C GLU T 553 87.12 33.46 -61.67
N VAL T 554 86.32 34.52 -61.58
CA VAL T 554 85.61 34.85 -60.34
C VAL T 554 84.13 34.99 -60.63
N GLU T 555 83.32 34.66 -59.62
CA GLU T 555 81.87 34.82 -59.74
C GLU T 555 81.50 36.30 -59.77
N TRP T 556 82.07 37.08 -58.87
CA TRP T 556 81.85 38.52 -58.81
C TRP T 556 83.12 39.21 -58.38
N ILE T 557 83.20 40.50 -58.65
CA ILE T 557 84.34 41.32 -58.28
C ILE T 557 83.82 42.67 -57.80
N LYS T 558 84.42 43.19 -56.73
CA LYS T 558 83.96 44.41 -56.09
C LYS T 558 85.13 45.36 -55.92
N PHE T 559 85.05 46.51 -56.58
CA PHE T 559 86.08 47.54 -56.44
C PHE T 559 85.68 48.56 -55.38
N ASN T 560 86.65 49.39 -54.98
CA ASN T 560 86.46 50.42 -53.95
C ASN T 560 85.98 49.77 -52.65
N VAL T 561 86.88 48.98 -52.07
CA VAL T 561 86.55 48.19 -50.89
C VAL T 561 86.41 49.12 -49.68
N GLY T 562 85.28 49.02 -48.99
CA GLY T 562 85.08 49.81 -47.79
C GLY T 562 84.85 51.29 -48.02
N MET T 563 84.53 51.68 -49.25
CA MET T 563 84.27 53.09 -49.59
C MET T 563 85.43 54.00 -49.19
N ASN T 564 86.65 53.51 -49.37
CA ASN T 564 87.84 54.30 -49.09
C ASN T 564 88.34 55.06 -50.31
N GLY T 565 87.61 55.02 -51.42
CA GLY T 565 87.99 55.76 -52.61
C GLY T 565 86.88 56.66 -53.08
N TYR T 566 87.27 57.84 -53.56
CA TYR T 566 86.30 58.87 -53.96
C TYR T 566 86.01 58.73 -55.46
N TYR T 567 85.34 57.62 -55.79
CA TYR T 567 84.90 57.35 -57.15
C TYR T 567 83.73 56.38 -57.08
N ILE T 568 83.09 56.15 -58.22
CA ILE T 568 82.05 55.13 -58.29
C ILE T 568 82.40 54.12 -59.36
N VAL T 569 81.83 52.93 -59.23
CA VAL T 569 82.22 51.77 -60.04
C VAL T 569 80.98 51.20 -60.72
N HIS T 570 81.10 50.93 -62.02
CA HIS T 570 80.06 50.28 -62.81
C HIS T 570 80.63 48.99 -63.37
N TYR T 571 79.80 47.96 -63.45
CA TYR T 571 80.23 46.62 -63.87
C TYR T 571 79.49 46.21 -65.14
N GLU T 572 80.24 45.83 -66.16
CA GLU T 572 79.68 45.44 -67.44
C GLU T 572 79.24 43.98 -67.42
N ASP T 573 78.42 43.62 -68.41
CA ASP T 573 77.94 42.24 -68.64
C ASP T 573 77.10 41.82 -67.43
N ASP T 574 77.24 40.58 -66.95
CA ASP T 574 76.45 40.07 -65.85
C ASP T 574 77.01 40.45 -64.49
N GLY T 575 77.80 41.53 -64.40
CA GLY T 575 78.37 41.92 -63.13
C GLY T 575 77.31 42.37 -62.13
N TRP T 576 76.39 43.24 -62.57
CA TRP T 576 75.34 43.71 -61.69
C TRP T 576 74.36 42.60 -61.33
N ASP T 577 74.08 41.70 -62.27
CA ASP T 577 73.24 40.54 -61.94
C ASP T 577 73.91 39.67 -60.88
N SER T 578 75.23 39.43 -61.03
CA SER T 578 75.96 38.64 -60.04
C SER T 578 75.95 39.32 -58.68
N LEU T 579 76.15 40.64 -58.63
CA LEU T 579 76.16 41.34 -57.35
C LEU T 579 74.78 41.38 -56.72
N THR T 580 73.73 41.53 -57.54
CA THR T 580 72.37 41.45 -57.02
C THR T 580 72.08 40.07 -56.46
N GLY T 581 72.52 39.02 -57.14
CA GLY T 581 72.38 37.68 -56.60
C GLY T 581 73.13 37.50 -55.29
N LEU T 582 74.33 38.05 -55.19
CA LEU T 582 75.09 38.00 -53.95
C LEU T 582 74.32 38.66 -52.82
N LEU T 583 73.78 39.86 -53.07
CA LEU T 583 73.05 40.57 -52.03
C LEU T 583 71.78 39.84 -51.63
N LYS T 584 71.05 39.28 -52.60
CA LYS T 584 69.83 38.55 -52.29
C LYS T 584 70.10 37.21 -51.62
N GLY T 585 71.28 36.63 -51.82
CA GLY T 585 71.60 35.37 -51.19
C GLY T 585 72.23 35.52 -49.83
N THR T 586 73.47 36.01 -49.78
CA THR T 586 74.19 36.16 -48.50
C THR T 586 74.90 37.52 -48.53
N HIS T 587 74.16 38.57 -48.16
CA HIS T 587 74.74 39.91 -48.13
C HIS T 587 75.92 40.01 -47.16
N THR T 588 76.02 39.09 -46.20
CA THR T 588 77.14 39.09 -45.27
C THR T 588 78.46 38.67 -45.91
N ALA T 589 78.46 38.34 -47.21
CA ALA T 589 79.69 37.99 -47.90
C ALA T 589 80.59 39.20 -48.11
N VAL T 590 80.04 40.40 -48.09
CA VAL T 590 80.80 41.65 -48.21
C VAL T 590 80.49 42.51 -46.99
N SER T 591 81.24 43.61 -46.86
CA SER T 591 81.14 44.44 -45.68
C SER T 591 79.93 45.37 -45.78
N SER T 592 79.61 45.99 -44.63
CA SER T 592 78.50 46.93 -44.57
C SER T 592 78.72 48.09 -45.51
N ASN T 593 79.92 48.68 -45.48
CA ASN T 593 80.25 49.76 -46.40
C ASN T 593 80.19 49.29 -47.85
N ASP T 594 80.54 48.03 -48.12
CA ASP T 594 80.45 47.53 -49.49
C ASP T 594 79.00 47.46 -49.95
N ARG T 595 78.11 46.97 -49.10
CA ARG T 595 76.69 46.93 -49.45
C ARG T 595 76.12 48.34 -49.65
N ALA T 596 76.48 49.26 -48.76
CA ALA T 596 76.01 50.64 -48.90
C ALA T 596 76.51 51.27 -50.19
N SER T 597 77.79 51.05 -50.50
CA SER T 597 78.36 51.58 -51.74
C SER T 597 77.69 50.96 -52.95
N LEU T 598 77.34 49.67 -52.88
CA LEU T 598 76.63 49.05 -53.99
C LEU T 598 75.30 49.75 -54.23
N ILE T 599 74.52 49.96 -53.17
CA ILE T 599 73.23 50.64 -53.31
C ILE T 599 73.41 52.03 -53.91
N ASN T 600 74.28 52.84 -53.29
CA ASN T 600 74.46 54.22 -53.70
C ASN T 600 74.97 54.30 -55.14
N ASN T 601 75.96 53.47 -55.49
CA ASN T 601 76.50 53.49 -56.84
C ASN T 601 75.48 53.04 -57.87
N ALA T 602 74.68 52.03 -57.54
CA ALA T 602 73.63 51.60 -58.47
C ALA T 602 72.68 52.75 -58.77
N PHE T 603 72.25 53.47 -57.73
CA PHE T 603 71.30 54.55 -57.99
C PHE T 603 71.95 55.74 -58.69
N GLN T 604 73.22 56.04 -58.37
CA GLN T 604 73.91 57.10 -59.11
C GLN T 604 74.13 56.73 -60.57
N LEU T 605 74.28 55.44 -60.87
CA LEU T 605 74.38 55.01 -62.26
C LEU T 605 73.03 55.06 -62.96
N VAL T 606 71.95 54.79 -62.23
CA VAL T 606 70.62 55.03 -62.78
C VAL T 606 70.47 56.52 -63.13
N SER T 607 71.08 57.38 -62.32
CA SER T 607 70.96 58.83 -62.56
C SER T 607 71.55 59.26 -63.90
N ILE T 608 72.39 58.44 -64.52
CA ILE T 608 72.97 58.79 -65.82
C ILE T 608 72.64 57.77 -66.90
N GLY T 609 71.94 56.69 -66.55
CA GLY T 609 71.44 55.77 -67.55
C GLY T 609 72.32 54.57 -67.84
N LYS T 610 73.46 54.43 -67.17
CA LYS T 610 74.30 53.25 -67.35
C LYS T 610 73.75 52.02 -66.65
N LEU T 611 72.66 52.16 -65.90
CA LEU T 611 72.01 51.04 -65.24
C LEU T 611 70.54 51.38 -65.08
N SER T 612 69.68 50.38 -65.24
CA SER T 612 68.25 50.60 -65.23
C SER T 612 67.68 50.71 -63.81
N ILE T 613 66.67 51.57 -63.66
CA ILE T 613 65.99 51.75 -62.38
C ILE T 613 65.32 50.46 -61.94
N GLU T 614 64.89 49.63 -62.90
CA GLU T 614 64.28 48.35 -62.56
C GLU T 614 65.30 47.46 -61.85
N LYS T 615 66.51 47.36 -62.40
CA LYS T 615 67.56 46.59 -61.74
C LYS T 615 67.99 47.23 -60.43
N ALA T 616 67.95 48.56 -60.34
CA ALA T 616 68.27 49.22 -59.08
C ALA T 616 67.30 48.80 -57.98
N LEU T 617 65.99 48.82 -58.28
CA LEU T 617 65.01 48.42 -57.27
C LEU T 617 65.07 46.93 -56.98
N ASP T 618 65.32 46.11 -58.00
CA ASP T 618 65.51 44.68 -57.78
C ASP T 618 66.68 44.42 -56.83
N LEU T 619 67.78 45.16 -57.00
CA LEU T 619 68.89 45.06 -56.06
C LEU T 619 68.50 45.55 -54.67
N SER T 620 67.72 46.64 -54.61
CA SER T 620 67.29 47.19 -53.33
C SER T 620 66.44 46.19 -52.55
N LEU T 621 65.77 45.28 -53.27
CA LEU T 621 64.91 44.28 -52.61
C LEU T 621 65.65 43.46 -51.57
N TYR T 622 66.99 43.43 -51.58
CA TYR T 622 67.73 42.64 -50.61
C TYR T 622 67.65 43.21 -49.20
N LEU T 623 67.24 44.48 -49.05
CA LEU T 623 67.14 45.10 -47.74
C LEU T 623 66.05 44.48 -46.87
N LYS T 624 65.23 43.59 -47.42
CA LYS T 624 64.24 42.89 -46.61
C LYS T 624 64.88 42.09 -45.48
N HIS T 625 66.12 41.67 -45.66
CA HIS T 625 66.85 40.92 -44.64
C HIS T 625 68.08 41.66 -44.14
N GLU T 626 68.23 42.94 -44.49
CA GLU T 626 69.36 43.73 -44.03
C GLU T 626 69.13 44.25 -42.62
N THR T 627 70.21 44.32 -41.84
CA THR T 627 70.15 44.73 -40.45
C THR T 627 71.20 45.77 -40.07
N GLU T 628 72.09 46.17 -40.97
CA GLU T 628 73.20 47.04 -40.62
C GLU T 628 72.88 48.49 -40.94
N ILE T 629 73.41 49.37 -40.07
CA ILE T 629 72.99 50.77 -40.06
C ILE T 629 73.42 51.48 -41.33
N MET T 630 74.66 51.25 -41.79
CA MET T 630 75.14 51.97 -42.97
C MET T 630 74.35 51.59 -44.22
N PRO T 631 74.18 50.30 -44.57
CA PRO T 631 73.38 50.00 -45.76
C PRO T 631 71.92 50.40 -45.63
N VAL T 632 71.33 50.23 -44.44
CA VAL T 632 69.92 50.63 -44.27
C VAL T 632 69.77 52.14 -44.47
N PHE T 633 70.64 52.92 -43.83
CA PHE T 633 70.55 54.37 -43.95
C PHE T 633 70.83 54.83 -45.37
N GLN T 634 71.74 54.16 -46.08
CA GLN T 634 72.02 54.56 -47.45
C GLN T 634 70.85 54.23 -48.36
N GLY T 635 70.21 53.08 -48.16
CA GLY T 635 69.02 52.77 -48.91
C GLY T 635 67.92 53.78 -48.67
N LEU T 636 67.75 54.21 -47.41
CA LEU T 636 66.75 55.22 -47.11
C LEU T 636 67.09 56.55 -47.78
N ASN T 637 68.36 56.97 -47.70
CA ASN T 637 68.77 58.23 -48.30
C ASN T 637 68.66 58.21 -49.81
N GLU T 638 68.74 57.03 -50.42
CA GLU T 638 68.61 56.94 -51.87
C GLU T 638 67.19 56.70 -52.34
N LEU T 639 66.30 56.24 -51.47
CA LEU T 639 64.91 55.98 -51.87
C LEU T 639 63.94 57.10 -51.49
N ILE T 640 64.17 57.77 -50.35
CA ILE T 640 63.23 58.80 -49.89
C ILE T 640 63.08 59.95 -50.90
N PRO T 641 64.15 60.51 -51.48
CA PRO T 641 63.96 61.62 -52.44
C PRO T 641 63.04 61.28 -53.61
N MET T 642 62.85 60.00 -53.94
CA MET T 642 61.94 59.66 -55.02
C MET T 642 60.50 60.01 -54.65
N TYR T 643 60.01 59.50 -53.51
CA TYR T 643 58.66 59.89 -53.11
C TYR T 643 58.60 61.35 -52.68
N LYS T 644 59.74 61.95 -52.33
CA LYS T 644 59.73 63.41 -52.11
C LYS T 644 59.45 64.15 -53.42
N LEU T 645 60.03 63.70 -54.52
CA LEU T 645 59.68 64.25 -55.83
C LEU T 645 58.23 63.97 -56.17
N MET T 646 57.75 62.78 -55.82
CA MET T 646 56.36 62.42 -56.14
C MET T 646 55.36 63.29 -55.37
N GLU T 647 55.69 63.66 -54.14
CA GLU T 647 54.77 64.47 -53.34
C GLU T 647 54.51 65.83 -53.96
N LYS T 648 55.47 66.37 -54.70
CA LYS T 648 55.35 67.70 -55.30
C LYS T 648 54.47 67.72 -56.54
N ARG T 649 53.92 66.58 -56.95
CA ARG T 649 53.10 66.48 -58.14
C ARG T 649 51.81 65.75 -57.81
N ASP T 650 50.96 65.56 -58.82
CA ASP T 650 49.71 64.82 -58.68
C ASP T 650 50.00 63.35 -59.01
N MET T 651 50.45 62.61 -58.00
CA MET T 651 50.90 61.24 -58.18
C MET T 651 50.56 60.42 -56.94
N ASN T 652 49.32 60.53 -56.47
CA ASN T 652 48.94 59.96 -55.17
C ASN T 652 49.00 58.43 -55.19
N GLU T 653 48.45 57.81 -56.24
CA GLU T 653 48.40 56.35 -56.29
C GLU T 653 49.81 55.76 -56.29
N VAL T 654 50.67 56.24 -57.19
CA VAL T 654 52.01 55.68 -57.29
C VAL T 654 52.83 56.01 -56.04
N GLU T 655 52.63 57.20 -55.48
CA GLU T 655 53.35 57.57 -54.26
C GLU T 655 52.96 56.65 -53.10
N THR T 656 51.67 56.35 -52.96
CA THR T 656 51.23 55.46 -51.90
C THR T 656 51.75 54.04 -52.12
N GLN T 657 51.71 53.57 -53.37
CA GLN T 657 52.28 52.26 -53.68
C GLN T 657 53.76 52.20 -53.29
N PHE T 658 54.50 53.27 -53.59
CA PHE T 658 55.93 53.31 -53.29
C PHE T 658 56.16 53.32 -51.78
N LYS T 659 55.38 54.11 -51.03
CA LYS T 659 55.53 54.13 -49.58
C LYS T 659 55.21 52.77 -48.98
N ALA T 660 54.17 52.10 -49.49
CA ALA T 660 53.84 50.77 -48.98
C ALA T 660 54.96 49.79 -49.26
N PHE T 661 55.54 49.84 -50.47
CA PHE T 661 56.68 48.97 -50.78
C PHE T 661 57.86 49.25 -49.86
N LEU T 662 58.18 50.53 -49.65
CA LEU T 662 59.30 50.90 -48.78
C LEU T 662 59.09 50.39 -47.37
N ILE T 663 57.89 50.56 -46.82
CA ILE T 663 57.62 50.11 -45.45
C ILE T 663 57.66 48.59 -45.38
N ARG T 664 57.10 47.90 -46.38
CA ARG T 664 57.13 46.45 -46.39
C ARG T 664 58.54 45.90 -46.52
N LEU T 665 59.45 46.68 -47.11
CA LEU T 665 60.83 46.22 -47.25
C LEU T 665 61.51 46.09 -45.88
N LEU T 666 61.27 47.02 -44.97
CA LEU T 666 61.90 47.02 -43.65
C LEU T 666 60.93 46.63 -42.54
N ARG T 667 59.76 46.10 -42.88
CA ARG T 667 58.75 45.77 -41.87
C ARG T 667 59.28 44.77 -40.85
N ASP T 668 60.05 43.79 -41.30
CA ASP T 668 60.58 42.78 -40.39
C ASP T 668 61.49 43.41 -39.33
N LEU T 669 62.43 44.25 -39.76
CA LEU T 669 63.35 44.89 -38.83
C LEU T 669 62.62 45.87 -37.92
N ILE T 670 61.65 46.60 -38.47
CA ILE T 670 60.89 47.55 -37.65
C ILE T 670 60.11 46.81 -36.57
N ASP T 671 59.49 45.68 -36.93
CA ASP T 671 58.78 44.89 -35.94
C ASP T 671 59.73 44.33 -34.89
N LYS T 672 60.93 43.91 -35.31
CA LYS T 672 61.90 43.39 -34.36
C LYS T 672 62.48 44.46 -33.45
N GLN T 673 62.45 45.73 -33.88
CA GLN T 673 62.94 46.81 -33.04
C GLN T 673 62.12 46.95 -31.77
N THR T 674 62.81 47.15 -30.65
CA THR T 674 62.19 47.37 -29.35
C THR T 674 61.89 48.86 -29.15
N TRP T 675 61.17 49.15 -28.06
CA TRP T 675 60.84 50.53 -27.74
C TRP T 675 61.55 50.99 -26.46
N THR T 676 62.88 50.95 -26.46
CA THR T 676 63.68 51.30 -25.29
C THR T 676 64.94 52.01 -25.75
N ASP T 677 65.75 52.44 -24.77
CA ASP T 677 67.03 53.08 -25.04
C ASP T 677 68.20 52.11 -24.88
N GLU T 678 67.99 50.84 -25.22
CA GLU T 678 69.01 49.82 -25.06
C GLU T 678 69.93 49.78 -26.28
N GLY T 679 71.05 49.07 -26.13
CA GLY T 679 71.96 48.82 -27.23
C GLY T 679 73.02 49.89 -27.39
N SER T 680 73.90 49.65 -28.35
CA SER T 680 75.00 50.56 -28.64
C SER T 680 74.48 51.83 -29.31
N VAL T 681 75.39 52.77 -29.56
CA VAL T 681 75.02 54.03 -30.22
C VAL T 681 74.43 53.75 -31.59
N SER T 682 75.07 52.86 -32.35
CA SER T 682 74.58 52.49 -33.68
C SER T 682 73.17 51.91 -33.61
N GLU T 683 72.96 50.96 -32.70
CA GLU T 683 71.65 50.32 -32.57
C GLU T 683 70.59 51.33 -32.13
N ARG T 684 70.95 52.26 -31.25
CA ARG T 684 69.98 53.25 -30.79
C ARG T 684 69.58 54.20 -31.92
N MET T 685 70.55 54.68 -32.69
CA MET T 685 70.21 55.57 -33.80
C MET T 685 69.38 54.84 -34.84
N LEU T 686 69.73 53.57 -35.11
CA LEU T 686 68.93 52.76 -36.04
C LEU T 686 67.50 52.61 -35.56
N ARG T 687 67.32 52.30 -34.27
CA ARG T 687 65.97 52.15 -33.73
C ARG T 687 65.18 53.45 -33.84
N SER T 688 65.80 54.56 -33.47
CA SER T 688 65.12 55.85 -33.51
C SER T 688 64.65 56.15 -34.92
N GLN T 689 65.55 56.03 -35.90
CA GLN T 689 65.17 56.36 -37.28
C GLN T 689 64.13 55.39 -37.82
N LEU T 690 64.22 54.11 -37.48
CA LEU T 690 63.26 53.13 -37.99
C LEU T 690 61.87 53.39 -37.44
N LEU T 691 61.77 53.60 -36.11
CA LEU T 691 60.48 53.87 -35.51
C LEU T 691 59.89 55.17 -36.02
N LEU T 692 60.72 56.20 -36.18
CA LEU T 692 60.23 57.47 -36.73
C LEU T 692 59.68 57.28 -38.13
N LEU T 693 60.42 56.57 -38.98
CA LEU T 693 59.98 56.34 -40.36
C LEU T 693 58.66 55.58 -40.39
N ALA T 694 58.55 54.51 -39.61
CA ALA T 694 57.33 53.71 -39.61
C ALA T 694 56.15 54.52 -39.12
N CYS T 695 56.29 55.22 -37.99
CA CYS T 695 55.18 55.99 -37.48
CA CYS T 695 55.21 56.03 -37.46
C CYS T 695 54.81 57.15 -38.40
N VAL T 696 55.78 57.71 -39.13
CA VAL T 696 55.46 58.78 -40.08
C VAL T 696 54.67 58.22 -41.27
N HIS T 697 55.07 57.06 -41.77
CA HIS T 697 54.39 56.44 -42.90
C HIS T 697 53.22 55.58 -42.48
N ASN T 698 52.79 55.69 -41.22
CA ASN T 698 51.49 55.20 -40.75
C ASN T 698 51.44 53.69 -40.61
N TYR T 699 52.45 53.10 -39.98
CA TYR T 699 52.40 51.70 -39.57
C TYR T 699 51.52 51.62 -38.32
N GLN T 700 50.32 51.06 -38.46
CA GLN T 700 49.31 51.18 -37.40
C GLN T 700 49.75 50.64 -36.05
N PRO T 701 50.51 49.54 -35.94
CA PRO T 701 51.05 49.18 -34.61
C PRO T 701 51.91 50.26 -33.99
N CYS T 702 52.86 50.80 -34.76
CA CYS T 702 53.69 51.91 -34.27
CA CYS T 702 53.69 51.89 -34.25
C CYS T 702 52.83 53.09 -33.86
N VAL T 703 51.84 53.42 -34.68
CA VAL T 703 50.97 54.56 -34.40
C VAL T 703 50.20 54.35 -33.10
N GLN T 704 49.68 53.14 -32.89
CA GLN T 704 48.93 52.86 -31.67
C GLN T 704 49.83 52.97 -30.44
N ARG T 705 51.02 52.37 -30.49
CA ARG T 705 51.90 52.42 -29.33
C ARG T 705 52.40 53.84 -29.06
N ALA T 706 52.68 54.59 -30.13
CA ALA T 706 53.14 55.96 -29.94
C ALA T 706 52.03 56.85 -29.41
N GLU T 707 50.78 56.62 -29.85
CA GLU T 707 49.65 57.34 -29.28
C GLU T 707 49.47 57.00 -27.82
N GLY T 708 49.67 55.74 -27.44
CA GLY T 708 49.59 55.38 -26.03
C GLY T 708 50.65 56.09 -25.20
N TYR T 709 51.90 56.07 -25.67
CA TYR T 709 52.97 56.76 -24.96
C TYR T 709 52.70 58.26 -24.86
N PHE T 710 52.25 58.87 -25.96
CA PHE T 710 51.96 60.30 -25.95
C PHE T 710 50.78 60.63 -25.06
N ARG T 711 49.79 59.74 -24.99
CA ARG T 711 48.65 59.94 -24.10
C ARG T 711 49.11 59.93 -22.64
N LYS T 712 49.90 58.91 -22.27
CA LYS T 712 50.42 58.85 -20.90
C LYS T 712 51.28 60.08 -20.59
N TRP T 713 52.09 60.52 -21.55
CA TRP T 713 52.97 61.66 -21.31
C TRP T 713 52.16 62.95 -21.14
N LYS T 714 51.19 63.17 -22.03
CA LYS T 714 50.37 64.39 -21.95
C LYS T 714 49.54 64.40 -20.67
N GLU T 715 49.02 63.24 -20.25
CA GLU T 715 48.29 63.20 -19.00
C GLU T 715 49.22 63.38 -17.80
N SER T 716 50.49 63.00 -17.93
CA SER T 716 51.47 63.27 -16.88
C SER T 716 52.01 64.69 -16.95
N ASN T 717 51.67 65.46 -17.98
CA ASN T 717 52.08 66.86 -18.11
C ASN T 717 53.59 66.98 -18.31
N GLY T 718 54.13 66.15 -19.19
CA GLY T 718 55.55 66.14 -19.46
C GLY T 718 56.43 65.52 -18.40
N ASN T 719 55.86 65.13 -17.26
CA ASN T 719 56.68 64.61 -16.17
C ASN T 719 57.15 63.17 -16.43
N LEU T 720 56.38 62.40 -17.20
CA LEU T 720 56.75 61.03 -17.49
C LEU T 720 58.01 60.98 -18.36
N SER T 721 58.99 60.19 -17.93
CA SER T 721 60.22 60.01 -18.68
C SER T 721 60.01 58.97 -19.78
N LEU T 722 60.17 59.40 -21.05
CA LEU T 722 60.02 58.55 -22.22
C LEU T 722 61.39 58.14 -22.73
N PRO T 723 61.48 56.98 -23.40
CA PRO T 723 62.75 56.61 -24.06
C PRO T 723 63.14 57.63 -25.10
N VAL T 724 64.39 58.11 -24.98
CA VAL T 724 64.87 59.20 -25.84
C VAL T 724 64.83 58.80 -27.31
N ASP T 725 65.05 57.51 -27.61
CA ASP T 725 65.06 57.08 -29.02
C ASP T 725 63.67 57.14 -29.62
N VAL T 726 62.66 56.66 -28.88
CA VAL T 726 61.28 56.69 -29.37
C VAL T 726 60.61 58.04 -29.19
N THR T 727 61.29 58.99 -28.52
CA THR T 727 60.72 60.30 -28.30
C THR T 727 60.39 61.00 -29.63
N LEU T 728 61.27 60.85 -30.63
CA LEU T 728 61.03 61.45 -31.93
C LEU T 728 59.72 60.96 -32.53
N ALA T 729 59.54 59.64 -32.58
CA ALA T 729 58.31 59.08 -33.17
C ALA T 729 57.08 59.48 -32.35
N VAL T 730 57.20 59.48 -31.01
CA VAL T 730 56.06 59.81 -30.17
C VAL T 730 55.63 61.25 -30.41
N PHE T 731 56.60 62.17 -30.48
CA PHE T 731 56.26 63.57 -30.73
C PHE T 731 55.68 63.76 -32.14
N ALA T 732 56.26 63.10 -33.14
CA ALA T 732 55.77 63.24 -34.50
C ALA T 732 54.35 62.70 -34.63
N VAL T 733 54.01 61.65 -33.89
CA VAL T 733 52.64 61.13 -33.93
C VAL T 733 51.69 62.06 -33.18
N GLY T 734 52.10 62.50 -31.98
CA GLY T 734 51.22 63.33 -31.17
C GLY T 734 50.94 64.69 -31.76
N ALA T 735 51.85 65.21 -32.58
CA ALA T 735 51.69 66.53 -33.16
C ALA T 735 50.70 66.55 -34.33
N GLN T 736 50.03 65.43 -34.63
CA GLN T 736 49.08 65.41 -35.73
C GLN T 736 47.77 66.09 -35.37
N SER T 737 47.36 66.01 -34.11
CA SER T 737 46.16 66.68 -33.64
C SER T 737 46.49 68.07 -33.10
N THR T 738 45.49 68.95 -33.13
CA THR T 738 45.70 70.32 -32.66
C THR T 738 46.04 70.35 -31.17
N GLU T 739 45.37 69.51 -30.38
CA GLU T 739 45.60 69.48 -28.95
C GLU T 739 47.05 69.14 -28.62
N GLY T 740 47.55 68.03 -29.16
CA GLY T 740 48.93 67.65 -28.91
C GLY T 740 49.93 68.64 -29.47
N TRP T 741 49.61 69.24 -30.61
CA TRP T 741 50.48 70.28 -31.17
C TRP T 741 50.65 71.45 -30.22
N ASP T 742 49.53 71.98 -29.71
CA ASP T 742 49.60 73.09 -28.78
C ASP T 742 50.28 72.69 -27.47
N PHE T 743 50.05 71.46 -27.01
CA PHE T 743 50.71 71.00 -25.79
C PHE T 743 52.23 70.94 -25.97
N LEU T 744 52.67 70.36 -27.09
CA LEU T 744 54.09 70.29 -27.39
C LEU T 744 54.71 71.68 -27.48
N TYR T 745 54.04 72.62 -28.15
CA TYR T 745 54.60 73.97 -28.22
C TYR T 745 54.64 74.62 -26.83
N SER T 746 53.63 74.36 -26.00
CA SER T 746 53.66 74.92 -24.65
C SER T 746 54.85 74.40 -23.85
N LYS T 747 55.23 73.13 -24.08
CA LYS T 747 56.41 72.60 -23.41
C LYS T 747 57.71 73.10 -24.03
N TYR T 748 57.67 73.44 -25.33
CA TYR T 748 58.88 73.90 -26.02
C TYR T 748 59.49 75.13 -25.35
N GLN T 749 58.66 76.09 -24.97
CA GLN T 749 59.18 77.36 -24.44
C GLN T 749 60.03 77.13 -23.21
N PHE T 750 59.59 76.26 -22.30
CA PHE T 750 60.26 76.07 -21.03
C PHE T 750 61.28 74.94 -21.04
N SER T 751 61.27 74.06 -22.06
CA SER T 751 62.28 73.02 -22.13
C SER T 751 63.68 73.62 -22.24
N LEU T 752 64.67 72.91 -21.68
CA LEU T 752 66.07 73.34 -21.72
C LEU T 752 66.99 72.33 -22.40
N SER T 753 66.49 71.18 -22.83
CA SER T 753 67.29 70.21 -23.55
C SER T 753 67.21 70.49 -25.04
N SER T 754 68.38 70.59 -25.69
CA SER T 754 68.41 70.94 -27.11
C SER T 754 67.90 69.79 -27.98
N THR T 755 68.18 68.54 -27.59
CA THR T 755 67.62 67.41 -28.34
C THR T 755 66.09 67.41 -28.26
N GLU T 756 65.55 67.65 -27.07
CA GLU T 756 64.11 67.75 -26.90
C GLU T 756 63.54 68.90 -27.72
N LYS T 757 64.25 70.04 -27.73
CA LYS T 757 63.80 71.19 -28.52
C LYS T 757 63.73 70.84 -30.00
N SER T 758 64.79 70.21 -30.52
CA SER T 758 64.83 69.86 -31.94
C SER T 758 63.76 68.82 -32.28
N GLN T 759 63.52 67.87 -31.38
CA GLN T 759 62.49 66.86 -31.63
C GLN T 759 61.10 67.51 -31.63
N ILE T 760 60.87 68.48 -30.74
CA ILE T 760 59.60 69.21 -30.76
C ILE T 760 59.47 70.01 -32.06
N GLU T 761 60.57 70.62 -32.51
CA GLU T 761 60.55 71.35 -33.78
C GLU T 761 60.16 70.44 -34.94
N PHE T 762 60.77 69.26 -35.01
CA PHE T 762 60.44 68.32 -36.07
C PHE T 762 58.98 67.89 -35.99
N ALA T 763 58.50 67.61 -34.77
CA ALA T 763 57.10 67.23 -34.60
C ALA T 763 56.16 68.33 -35.07
N LEU T 764 56.44 69.58 -34.69
CA LEU T 764 55.58 70.68 -35.06
C LEU T 764 55.61 70.95 -36.56
N CYS T 765 56.76 70.72 -37.20
CA CYS T 765 56.80 70.85 -38.65
C CYS T 765 56.10 69.70 -39.35
N ARG T 766 55.99 68.54 -38.69
CA ARG T 766 55.25 67.42 -39.25
C ARG T 766 53.71 67.65 -39.28
N THR T 767 53.18 68.83 -38.97
CA THR T 767 51.74 69.03 -38.90
C THR T 767 51.17 69.32 -40.29
N GLN T 768 49.84 69.31 -40.37
CA GLN T 768 49.12 69.60 -41.61
C GLN T 768 48.50 71.00 -41.64
N ASN T 769 48.54 71.73 -40.53
CA ASN T 769 47.85 73.02 -40.44
C ASN T 769 48.70 74.10 -41.10
N LYS T 770 48.19 74.68 -42.19
CA LYS T 770 48.90 75.75 -42.87
C LYS T 770 49.12 76.94 -41.95
N GLU T 771 48.11 77.29 -41.14
CA GLU T 771 48.25 78.43 -40.25
C GLU T 771 49.31 78.17 -39.19
N LYS T 772 49.38 76.96 -38.65
CA LYS T 772 50.39 76.66 -37.64
C LYS T 772 51.78 76.62 -38.25
N LEU T 773 51.92 76.08 -39.47
CA LEU T 773 53.21 76.13 -40.16
C LEU T 773 53.65 77.57 -40.42
N GLN T 774 52.73 78.40 -40.91
CA GLN T 774 53.02 79.81 -41.15
C GLN T 774 53.41 80.51 -39.85
N TRP T 775 52.75 80.16 -38.75
CA TRP T 775 53.07 80.76 -37.46
C TRP T 775 54.45 80.34 -36.99
N LEU T 776 54.81 79.06 -37.16
CA LEU T 776 56.16 78.62 -36.87
C LEU T 776 57.18 79.40 -37.67
N LEU T 777 56.93 79.55 -38.98
CA LEU T 777 57.85 80.29 -39.83
C LEU T 777 58.01 81.74 -39.36
N ASP T 778 56.87 82.42 -39.16
CA ASP T 778 56.90 83.83 -38.78
C ASP T 778 57.62 84.02 -37.44
N GLU T 779 57.33 83.16 -36.46
CA GLU T 779 57.90 83.35 -35.13
C GLU T 779 59.39 83.02 -35.13
N SER T 780 59.79 81.98 -35.87
CA SER T 780 61.22 81.67 -35.97
C SER T 780 61.97 82.73 -36.75
N PHE T 781 61.29 83.44 -37.66
CA PHE T 781 61.91 84.58 -38.31
C PHE T 781 62.09 85.73 -37.32
N LYS T 782 61.02 86.04 -36.57
CA LYS T 782 61.09 87.14 -35.59
C LYS T 782 62.18 86.88 -34.55
N GLY T 783 62.34 85.62 -34.14
CA GLY T 783 63.41 85.26 -33.23
C GLY T 783 63.07 85.33 -31.77
N ASP T 784 61.79 85.50 -31.43
CA ASP T 784 61.38 85.59 -30.02
C ASP T 784 60.94 84.22 -29.50
N LYS T 785 59.81 83.73 -29.99
CA LYS T 785 59.30 82.45 -29.53
C LYS T 785 60.18 81.28 -29.98
N ILE T 786 60.76 81.39 -31.18
CA ILE T 786 61.75 80.43 -31.66
C ILE T 786 62.95 81.23 -32.17
N LYS T 787 64.13 80.94 -31.64
CA LYS T 787 65.32 81.70 -31.99
C LYS T 787 65.59 81.62 -33.48
N THR T 788 66.19 82.69 -34.02
CA THR T 788 66.44 82.76 -35.45
C THR T 788 67.48 81.74 -35.91
N GLN T 789 68.35 81.29 -34.99
CA GLN T 789 69.36 80.30 -35.36
C GLN T 789 68.73 78.99 -35.81
N GLU T 790 67.50 78.70 -35.37
CA GLU T 790 66.79 77.49 -35.75
C GLU T 790 65.99 77.65 -37.04
N PHE T 791 65.97 78.84 -37.63
CA PHE T 791 65.10 79.07 -38.79
C PHE T 791 65.42 78.23 -40.01
N PRO T 792 66.68 78.10 -40.46
CA PRO T 792 66.92 77.34 -41.71
C PRO T 792 66.48 75.90 -41.66
N GLN T 793 66.72 75.20 -40.55
CA GLN T 793 66.27 73.81 -40.45
C GLN T 793 64.76 73.72 -40.46
N ILE T 794 64.08 74.67 -39.81
CA ILE T 794 62.62 74.70 -39.83
C ILE T 794 62.11 74.93 -41.25
N LEU T 795 62.76 75.83 -41.98
CA LEU T 795 62.36 76.08 -43.37
C LEU T 795 62.55 74.83 -44.22
N THR T 796 63.65 74.11 -44.01
CA THR T 796 63.89 72.89 -44.77
C THR T 796 62.87 71.81 -44.42
N LEU T 797 62.55 71.66 -43.13
CA LEU T 797 61.55 70.67 -42.73
C LEU T 797 60.18 71.01 -43.27
N ILE T 798 59.83 72.30 -43.33
CA ILE T 798 58.53 72.67 -43.87
C ILE T 798 58.50 72.49 -45.39
N GLY T 799 59.63 72.74 -46.07
CA GLY T 799 59.71 72.41 -47.48
C GLY T 799 59.65 70.92 -47.73
N ARG T 800 60.06 70.12 -46.74
CA ARG T 800 59.88 68.67 -46.84
C ARG T 800 58.43 68.28 -46.61
N ASN T 801 57.76 68.99 -45.71
CA ASN T 801 56.35 68.72 -45.42
C ASN T 801 55.53 68.81 -46.70
N PRO T 802 54.70 67.81 -47.00
CA PRO T 802 53.96 67.82 -48.27
C PRO T 802 52.98 68.97 -48.41
N VAL T 803 52.61 69.63 -47.32
CA VAL T 803 51.68 70.76 -47.38
C VAL T 803 52.33 72.09 -47.06
N GLY T 804 53.64 72.13 -46.85
CA GLY T 804 54.28 73.36 -46.43
C GLY T 804 55.25 73.99 -47.43
N TYR T 805 55.62 73.23 -48.45
CA TYR T 805 56.62 73.73 -49.40
C TYR T 805 56.20 75.01 -50.15
N PRO T 806 54.92 75.21 -50.54
CA PRO T 806 54.59 76.51 -51.14
C PRO T 806 54.74 77.67 -50.17
N LEU T 807 54.35 77.45 -48.91
CA LEU T 807 54.53 78.49 -47.90
C LEU T 807 56.00 78.81 -47.71
N ALA T 808 56.85 77.78 -47.66
CA ALA T 808 58.28 78.00 -47.46
C ALA T 808 58.90 78.74 -48.64
N TRP T 809 58.57 78.30 -49.87
CA TRP T 809 59.10 78.95 -51.06
C TRP T 809 58.65 80.41 -51.14
N GLN T 810 57.37 80.68 -50.86
CA GLN T 810 56.88 82.05 -50.89
C GLN T 810 57.54 82.90 -49.80
N PHE T 811 57.75 82.33 -48.62
CA PHE T 811 58.39 83.07 -47.54
C PHE T 811 59.81 83.46 -47.92
N LEU T 812 60.56 82.51 -48.47
CA LEU T 812 61.91 82.81 -48.96
C LEU T 812 61.87 83.89 -50.03
N ARG T 813 60.95 83.77 -50.99
CA ARG T 813 60.85 84.75 -52.07
C ARG T 813 60.58 86.14 -51.53
N LYS T 814 59.62 86.27 -50.62
CA LYS T 814 59.17 87.57 -50.16
C LYS T 814 60.07 88.18 -49.10
N ASN T 815 60.90 87.38 -48.42
CA ASN T 815 61.80 87.91 -47.42
C ASN T 815 63.27 87.64 -47.75
N TRP T 816 63.59 87.45 -49.03
CA TRP T 816 64.98 87.27 -49.44
C TRP T 816 65.86 88.40 -48.92
N ASN T 817 65.37 89.63 -48.99
CA ASN T 817 66.18 90.79 -48.63
C ASN T 817 66.57 90.73 -47.15
N LYS T 818 65.58 90.57 -46.27
CA LYS T 818 65.87 90.50 -44.84
C LYS T 818 66.68 89.26 -44.49
N LEU T 819 66.42 88.14 -45.18
CA LEU T 819 67.21 86.94 -44.97
C LEU T 819 68.67 87.18 -45.35
N VAL T 820 68.90 87.87 -46.46
CA VAL T 820 70.27 88.21 -46.86
C VAL T 820 70.89 89.14 -45.82
N GLN T 821 70.11 90.11 -45.32
CA GLN T 821 70.64 91.03 -44.32
C GLN T 821 71.01 90.31 -43.02
N LYS T 822 70.32 89.21 -42.72
CA LYS T 822 70.58 88.49 -41.48
C LYS T 822 71.70 87.47 -41.63
N PHE T 823 71.77 86.74 -42.75
CA PHE T 823 72.70 85.62 -42.90
C PHE T 823 73.85 85.88 -43.86
N GLU T 824 73.90 87.04 -44.52
CA GLU T 824 74.94 87.38 -45.50
C GLU T 824 74.85 86.52 -46.76
N LEU T 825 75.36 87.06 -47.87
CA LEU T 825 75.28 86.35 -49.14
C LEU T 825 76.26 85.18 -49.19
N GLY T 826 75.84 84.11 -49.87
CA GLY T 826 76.69 82.96 -50.07
C GLY T 826 76.94 82.11 -48.85
N SER T 827 76.36 82.43 -47.70
CA SER T 827 76.57 81.60 -46.53
C SER T 827 75.94 80.22 -46.70
N SER T 828 76.48 79.26 -45.95
CA SER T 828 75.94 77.90 -45.98
C SER T 828 74.49 77.87 -45.52
N SER T 829 74.09 78.81 -44.66
CA SER T 829 72.69 78.89 -44.25
C SER T 829 71.80 79.26 -45.44
N ILE T 830 72.21 80.26 -46.21
CA ILE T 830 71.46 80.65 -47.39
C ILE T 830 71.40 79.51 -48.40
N ALA T 831 72.54 78.83 -48.60
CA ALA T 831 72.57 77.69 -49.52
C ALA T 831 71.62 76.59 -49.07
N HIS T 832 71.68 76.23 -47.78
CA HIS T 832 70.78 75.23 -47.24
C HIS T 832 69.32 75.62 -47.45
N MET T 833 68.97 76.88 -47.19
CA MET T 833 67.59 77.32 -47.38
C MET T 833 67.17 77.18 -48.84
N VAL T 834 68.00 77.66 -49.76
CA VAL T 834 67.67 77.60 -51.19
C VAL T 834 67.43 76.16 -51.61
N MET T 835 68.36 75.27 -51.24
CA MET T 835 68.21 73.87 -51.67
C MET T 835 67.00 73.23 -51.03
N GLY T 836 66.77 73.46 -49.74
CA GLY T 836 65.63 72.86 -49.07
C GLY T 836 64.30 73.33 -49.62
N THR T 837 64.26 74.56 -50.15
CA THR T 837 63.01 75.07 -50.72
C THR T 837 62.83 74.73 -52.19
N THR T 838 63.91 74.49 -52.94
CA THR T 838 63.78 74.28 -54.38
C THR T 838 64.27 72.93 -54.88
N ASN T 839 65.24 72.29 -54.22
CA ASN T 839 65.88 71.17 -54.93
C ASN T 839 65.02 69.91 -54.99
N GLN T 840 63.75 69.91 -54.57
CA GLN T 840 62.88 68.76 -54.74
C GLN T 840 61.81 68.99 -55.79
N PHE T 841 61.88 70.07 -56.55
CA PHE T 841 60.93 70.33 -57.62
C PHE T 841 61.31 69.54 -58.87
N SER T 842 60.31 69.32 -59.72
CA SER T 842 60.48 68.41 -60.86
C SER T 842 59.88 68.93 -62.17
N THR T 843 59.30 70.11 -62.20
CA THR T 843 58.61 70.60 -63.40
C THR T 843 59.33 71.79 -64.01
N ARG T 844 59.11 71.96 -65.32
CA ARG T 844 59.67 73.10 -66.03
C ARG T 844 59.12 74.42 -65.50
N THR T 845 57.86 74.42 -65.05
CA THR T 845 57.29 75.63 -64.46
C THR T 845 58.04 76.03 -63.19
N ARG T 846 58.30 75.07 -62.30
CA ARG T 846 59.06 75.37 -61.09
C ARG T 846 60.48 75.82 -61.43
N LEU T 847 61.10 75.16 -62.41
CA LEU T 847 62.43 75.58 -62.85
C LEU T 847 62.42 77.02 -63.32
N GLU T 848 61.40 77.40 -64.09
CA GLU T 848 61.30 78.77 -64.58
C GLU T 848 61.04 79.74 -63.45
N GLU T 849 60.24 79.34 -62.46
CA GLU T 849 60.06 80.16 -61.27
C GLU T 849 61.40 80.48 -60.62
N VAL T 850 62.20 79.43 -60.40
CA VAL T 850 63.51 79.60 -59.76
C VAL T 850 64.39 80.52 -60.61
N LYS T 851 64.47 80.24 -61.90
CA LYS T 851 65.28 81.05 -62.81
C LYS T 851 64.87 82.51 -62.75
N GLY T 852 63.57 82.79 -62.90
CA GLY T 852 63.11 84.17 -62.92
C GLY T 852 63.38 84.89 -61.62
N PHE T 853 63.08 84.25 -60.49
CA PHE T 853 63.29 84.90 -59.19
C PHE T 853 64.77 85.21 -58.98
N PHE T 854 65.64 84.21 -59.15
CA PHE T 854 67.04 84.43 -58.86
C PHE T 854 67.73 85.32 -59.88
N SER T 855 67.16 85.46 -61.09
CA SER T 855 67.71 86.45 -62.02
C SER T 855 67.21 87.85 -61.70
N SER T 856 65.94 87.99 -61.30
CA SER T 856 65.42 89.29 -60.89
C SER T 856 66.07 89.79 -59.62
N LEU T 857 66.64 88.90 -58.81
CA LEU T 857 67.40 89.34 -57.64
C LEU T 857 68.56 90.25 -58.04
N LYS T 858 69.10 90.08 -59.24
CA LYS T 858 70.16 90.92 -59.82
C LYS T 858 71.41 90.80 -58.95
N GLU T 859 72.02 91.90 -58.51
CA GLU T 859 73.31 91.89 -57.84
C GLU T 859 73.27 91.32 -56.43
N ASN T 860 72.13 90.85 -55.94
CA ASN T 860 71.99 90.36 -54.58
C ASN T 860 71.74 88.85 -54.52
N GLY T 861 72.45 88.08 -55.32
CA GLY T 861 72.36 86.63 -55.19
C GLY T 861 72.16 85.85 -56.46
N SER T 862 72.14 86.52 -57.61
CA SER T 862 72.00 85.80 -58.87
C SER T 862 73.24 84.95 -59.18
N GLN T 863 74.39 85.30 -58.62
CA GLN T 863 75.65 84.60 -58.88
C GLN T 863 75.96 83.56 -57.81
N LEU T 864 74.94 82.97 -57.19
CA LEU T 864 75.15 82.03 -56.11
C LEU T 864 75.36 80.61 -56.63
N ARG T 865 76.45 79.99 -56.19
CA ARG T 865 76.73 78.61 -56.57
C ARG T 865 75.60 77.69 -56.14
N CYS T 866 74.96 77.98 -55.00
CA CYS T 866 73.80 77.20 -54.60
C CYS T 866 72.64 77.38 -55.55
N VAL T 867 72.48 78.58 -56.12
CA VAL T 867 71.46 78.79 -57.14
C VAL T 867 71.75 77.93 -58.36
N GLN T 868 73.01 77.93 -58.82
CA GLN T 868 73.39 77.10 -59.96
C GLN T 868 73.15 75.62 -59.65
N GLN T 869 73.46 75.20 -58.43
CA GLN T 869 73.31 73.81 -58.03
C GLN T 869 71.85 73.39 -58.01
N THR T 870 70.98 74.25 -57.46
CA THR T 870 69.55 73.92 -57.44
C THR T 870 68.97 73.91 -58.85
N ILE T 871 69.41 74.81 -59.71
CA ILE T 871 68.91 74.82 -61.09
C ILE T 871 69.27 73.53 -61.79
N GLU T 872 70.54 73.13 -61.71
CA GLU T 872 70.94 71.89 -62.37
C GLU T 872 70.33 70.66 -61.71
N THR T 873 70.13 70.69 -60.39
CA THR T 873 69.46 69.58 -59.72
C THR T 873 68.02 69.45 -60.18
N ILE T 874 67.32 70.59 -60.37
CA ILE T 874 65.95 70.53 -60.86
C ILE T 874 65.91 70.04 -62.30
N GLU T 875 66.89 70.42 -63.11
CA GLU T 875 66.94 69.90 -64.49
C GLU T 875 67.14 68.39 -64.49
N GLU T 876 68.07 67.89 -63.67
CA GLU T 876 68.28 66.46 -63.55
C GLU T 876 67.03 65.76 -63.01
N ASN T 877 66.32 66.41 -62.10
CA ASN T 877 65.06 65.85 -61.58
C ASN T 877 64.03 65.74 -62.70
N ILE T 878 63.94 66.76 -63.54
CA ILE T 878 63.03 66.71 -64.69
C ILE T 878 63.35 65.52 -65.57
N GLY T 879 64.63 65.39 -65.93
CA GLY T 879 65.04 64.26 -66.78
C GLY T 879 64.73 62.92 -66.14
N TRP T 880 65.18 62.73 -64.90
CA TRP T 880 65.00 61.44 -64.22
C TRP T 880 63.52 61.10 -64.04
N MET T 881 62.70 62.11 -63.74
CA MET T 881 61.27 61.87 -63.53
C MET T 881 60.59 61.53 -64.84
N ASP T 882 60.91 62.26 -65.91
CA ASP T 882 60.35 61.95 -67.22
C ASP T 882 60.78 60.58 -67.71
N LYS T 883 61.96 60.12 -67.31
CA LYS T 883 62.44 58.83 -67.79
C LYS T 883 61.89 57.65 -66.98
N ASN T 884 61.82 57.79 -65.65
CA ASN T 884 61.64 56.62 -64.79
C ASN T 884 60.28 56.53 -64.11
N PHE T 885 59.42 57.55 -64.22
CA PHE T 885 58.18 57.54 -63.43
C PHE T 885 57.26 56.39 -63.85
N ASP T 886 56.92 56.31 -65.14
CA ASP T 886 56.05 55.23 -65.59
C ASP T 886 56.72 53.87 -65.42
N LYS T 887 58.03 53.79 -65.61
CA LYS T 887 58.76 52.57 -65.32
C LYS T 887 58.60 52.16 -63.87
N ILE T 888 58.69 53.13 -62.95
CA ILE T 888 58.54 52.84 -61.54
C ILE T 888 57.11 52.38 -61.24
N ARG T 889 56.12 53.00 -61.89
CA ARG T 889 54.74 52.58 -61.71
C ARG T 889 54.54 51.13 -62.16
N VAL T 890 55.05 50.80 -63.34
CA VAL T 890 54.92 49.44 -63.85
C VAL T 890 55.64 48.45 -62.95
N TRP T 891 56.84 48.82 -62.47
CA TRP T 891 57.59 47.91 -61.61
C TRP T 891 56.89 47.71 -60.28
N LEU T 892 56.24 48.75 -59.75
CA LEU T 892 55.51 48.62 -58.49
C LEU T 892 54.27 47.75 -58.67
N GLN T 893 53.55 47.91 -59.78
CA GLN T 893 52.41 47.05 -60.05
C GLN T 893 52.84 45.60 -60.23
N SER T 894 53.96 45.37 -60.90
CA SER T 894 54.46 44.00 -61.07
C SER T 894 54.93 43.42 -59.74
N GLU T 895 55.53 44.25 -58.89
CA GLU T 895 56.05 43.78 -57.60
C GLU T 895 54.93 43.49 -56.61
N LYS T 896 53.80 44.20 -56.72
CA LYS T 896 52.64 43.87 -55.89
C LYS T 896 52.17 42.45 -56.14
N LEU T 897 52.35 41.94 -57.37
CA LEU T 897 52.04 40.55 -57.70
C LEU T 897 53.17 39.62 -57.25
N GLU T 898 53.37 39.60 -55.93
CA GLU T 898 54.40 38.76 -55.33
C GLU T 898 53.93 37.92 -54.15
N ARG T 899 52.82 38.29 -53.50
CA ARG T 899 52.31 37.52 -52.38
C ARG T 899 51.22 36.54 -52.84
N PRO U 30 126.97 80.91 20.83
CA PRO U 30 126.10 81.71 21.69
C PRO U 30 125.02 82.45 20.92
N PHE U 31 123.78 82.02 21.06
CA PHE U 31 122.68 82.63 20.31
C PHE U 31 122.34 83.99 20.92
N PRO U 32 122.22 85.04 20.11
CA PRO U 32 122.03 86.39 20.67
C PRO U 32 120.58 86.79 20.88
N TRP U 33 119.75 85.87 21.37
CA TRP U 33 118.35 86.16 21.64
C TRP U 33 117.79 85.06 22.53
N ASN U 34 116.97 85.44 23.52
CA ASN U 34 116.47 84.47 24.49
C ASN U 34 115.00 84.67 24.81
N LYS U 35 114.24 85.36 23.97
CA LYS U 35 112.82 85.58 24.19
C LYS U 35 112.02 84.97 23.04
N ILE U 36 110.81 84.51 23.36
CA ILE U 36 109.98 83.88 22.33
C ILE U 36 109.48 84.91 21.33
N ARG U 37 109.13 86.11 21.79
CA ARG U 37 108.70 87.15 20.87
C ARG U 37 109.87 87.64 20.02
N LEU U 38 109.54 88.12 18.84
CA LEU U 38 110.55 88.57 17.88
C LEU U 38 111.04 89.98 18.20
N PRO U 39 112.22 90.36 17.72
CA PRO U 39 112.67 91.74 17.84
C PRO U 39 111.75 92.69 17.08
N GLU U 40 111.50 93.85 17.68
CA GLU U 40 110.57 94.83 17.16
C GLU U 40 111.20 95.78 16.16
N TYR U 41 112.51 95.73 15.96
CA TYR U 41 113.21 96.72 15.14
C TYR U 41 113.54 96.23 13.74
N VAL U 42 113.02 95.07 13.34
CA VAL U 42 113.17 94.58 11.97
C VAL U 42 111.76 94.35 11.43
N ILE U 43 111.36 95.19 10.48
CA ILE U 43 109.99 95.19 9.96
C ILE U 43 110.04 94.72 8.51
N PRO U 44 109.30 93.68 8.14
CA PRO U 44 109.20 93.29 6.73
C PRO U 44 108.19 94.12 5.97
N VAL U 45 108.39 94.18 4.65
CA VAL U 45 107.48 94.92 3.77
C VAL U 45 107.02 94.05 2.61
N HIS U 46 107.84 93.09 2.17
CA HIS U 46 107.50 92.31 0.99
C HIS U 46 108.27 90.99 0.98
N TYR U 47 107.56 89.87 0.94
CA TYR U 47 108.15 88.56 0.72
C TYR U 47 108.06 88.16 -0.75
N ASP U 48 109.11 87.49 -1.24
CA ASP U 48 109.19 86.96 -2.59
C ASP U 48 109.59 85.49 -2.45
N LEU U 49 108.62 84.59 -2.65
CA LEU U 49 108.82 83.17 -2.40
C LEU U 49 108.91 82.40 -3.71
N LEU U 50 109.88 81.49 -3.79
CA LEU U 50 110.03 80.56 -4.90
C LEU U 50 110.11 79.16 -4.30
N ILE U 51 109.09 78.34 -4.57
CA ILE U 51 108.99 77.00 -3.97
C ILE U 51 109.01 75.98 -5.10
N HIS U 52 109.83 74.94 -4.95
CA HIS U 52 109.84 73.79 -5.85
C HIS U 52 109.54 72.57 -5.00
N ALA U 53 108.31 72.08 -5.10
CA ALA U 53 107.84 70.91 -4.38
C ALA U 53 107.95 69.67 -5.26
N ASN U 54 108.39 68.59 -4.56
CA ASN U 54 108.55 67.32 -5.33
C ASN U 54 107.66 66.26 -4.68
N LEU U 55 106.57 65.90 -5.35
CA LEU U 55 105.60 64.92 -4.86
C LEU U 55 106.18 63.50 -4.92
N THR U 56 107.01 63.20 -5.91
CA THR U 56 107.56 61.85 -6.03
C THR U 56 108.54 61.56 -4.88
N THR U 57 109.47 62.46 -4.63
CA THR U 57 110.44 62.29 -3.56
C THR U 57 109.97 62.88 -2.24
N LEU U 58 108.85 63.48 -2.25
CA LEU U 58 108.31 64.12 -1.05
C LEU U 58 109.32 65.10 -0.45
N THR U 59 109.83 65.99 -1.30
CA THR U 59 110.83 66.98 -0.90
C THR U 59 110.37 68.35 -1.36
N PHE U 60 111.12 69.39 -1.00
CA PHE U 60 110.93 70.70 -1.62
C PHE U 60 112.10 71.61 -1.27
N TRP U 61 112.56 72.36 -2.27
CA TRP U 61 113.59 73.39 -2.10
CA TRP U 61 113.57 73.39 -2.03
C TRP U 61 112.96 74.77 -2.25
N GLY U 62 113.37 75.71 -1.41
CA GLY U 62 112.77 77.03 -1.40
C GLY U 62 113.78 78.15 -1.38
N THR U 63 113.36 79.29 -1.92
CA THR U 63 114.13 80.53 -1.90
C THR U 63 113.21 81.64 -1.43
N THR U 64 113.63 82.34 -0.37
CA THR U 64 112.83 83.41 0.23
C THR U 64 113.62 84.71 0.18
N LYS U 65 113.08 85.71 -0.51
CA LYS U 65 113.66 87.05 -0.54
C LYS U 65 112.73 87.99 0.22
N VAL U 66 113.16 88.45 1.39
CA VAL U 66 112.34 89.30 2.24
C VAL U 66 112.96 90.69 2.29
N GLU U 67 112.18 91.69 1.89
CA GLU U 67 112.59 93.08 2.01
C GLU U 67 112.26 93.58 3.41
N ILE U 68 113.27 94.15 4.07
CA ILE U 68 113.12 94.58 5.46
C ILE U 68 113.68 96.00 5.61
N THR U 69 113.24 96.64 6.69
CA THR U 69 113.78 97.91 7.14
C THR U 69 114.04 97.81 8.64
N ALA U 70 114.98 98.61 9.12
CA ALA U 70 115.40 98.58 10.52
C ALA U 70 115.23 99.95 11.15
N SER U 71 114.72 99.97 12.37
CA SER U 71 114.55 101.21 13.13
C SER U 71 115.67 101.45 14.13
N GLN U 72 116.30 100.39 14.63
CA GLN U 72 117.44 100.50 15.51
C GLN U 72 118.66 99.90 14.82
N PRO U 73 119.81 100.58 14.84
CA PRO U 73 121.00 100.03 14.19
C PRO U 73 121.38 98.69 14.81
N THR U 74 121.40 97.65 13.98
CA THR U 74 121.71 96.31 14.45
C THR U 74 122.47 95.55 13.38
N SER U 75 123.21 94.53 13.82
CA SER U 75 123.89 93.61 12.92
C SER U 75 123.37 92.19 13.06
N THR U 76 122.20 92.03 13.67
CA THR U 76 121.60 90.71 13.90
C THR U 76 120.13 90.77 13.50
N ILE U 77 119.73 89.84 12.63
CA ILE U 77 118.36 89.75 12.15
C ILE U 77 117.77 88.43 12.62
N ILE U 78 116.71 88.51 13.42
CA ILE U 78 116.06 87.34 14.01
C ILE U 78 114.75 87.10 13.28
N LEU U 79 114.53 85.85 12.87
CA LEU U 79 113.27 85.46 12.25
C LEU U 79 113.02 83.99 12.57
N HIS U 80 111.87 83.48 12.14
CA HIS U 80 111.44 82.13 12.48
C HIS U 80 111.84 81.13 11.41
N SER U 81 112.15 79.91 11.85
CA SER U 81 112.45 78.79 10.96
C SER U 81 112.36 77.51 11.77
N HIS U 82 111.71 76.50 11.22
CA HIS U 82 111.43 75.26 11.94
C HIS U 82 111.52 74.10 10.97
N HIS U 83 112.37 73.13 11.28
CA HIS U 83 112.55 71.91 10.46
C HIS U 83 112.90 72.25 9.01
N LEU U 84 113.72 73.29 8.82
CA LEU U 84 114.17 73.72 7.50
C LEU U 84 115.68 73.75 7.46
N GLN U 85 116.26 73.10 6.45
CA GLN U 85 117.71 73.07 6.28
C GLN U 85 118.14 74.30 5.49
N ILE U 86 118.78 75.25 6.18
CA ILE U 86 119.29 76.46 5.52
C ILE U 86 120.64 76.14 4.88
N SER U 87 120.78 76.48 3.60
CA SER U 87 121.99 76.16 2.85
C SER U 87 122.77 77.39 2.36
N ARG U 88 122.16 78.58 2.37
CA ARG U 88 122.78 79.75 1.77
C ARG U 88 122.01 80.99 2.20
N ALA U 89 122.74 82.04 2.56
CA ALA U 89 122.10 83.26 3.06
C ALA U 89 122.92 84.47 2.62
N THR U 90 122.25 85.42 1.96
CA THR U 90 122.88 86.65 1.50
C THR U 90 122.06 87.86 1.93
N LEU U 91 122.73 89.01 1.95
CA LEU U 91 122.10 90.27 2.36
C LEU U 91 122.46 91.35 1.35
N ARG U 92 121.46 91.81 0.60
CA ARG U 92 121.62 92.87 -0.38
C ARG U 92 121.14 94.20 0.21
N LYS U 93 121.82 95.28 -0.14
CA LYS U 93 121.51 96.61 0.40
C LYS U 93 120.98 97.48 -0.75
N GLY U 94 119.71 97.85 -0.70
CA GLY U 94 119.13 98.63 -1.77
C GLY U 94 118.01 97.89 -2.49
N LEU U 99 122.76 96.57 -5.13
CA LEU U 99 124.11 96.72 -5.66
C LEU U 99 125.10 95.86 -4.89
N SER U 100 125.25 96.14 -3.60
CA SER U 100 126.18 95.43 -2.75
C SER U 100 125.49 94.24 -2.09
N GLU U 101 126.12 93.07 -2.18
CA GLU U 101 125.62 91.85 -1.58
C GLU U 101 126.67 91.30 -0.63
N GLU U 102 126.24 90.92 0.58
CA GLU U 102 127.16 90.46 1.61
C GLU U 102 126.66 89.15 2.21
N PRO U 103 127.56 88.24 2.56
CA PRO U 103 127.14 86.98 3.16
C PRO U 103 126.71 87.16 4.62
N LEU U 104 125.80 86.29 5.04
CA LEU U 104 125.30 86.28 6.41
C LEU U 104 125.69 84.98 7.10
N GLN U 105 126.03 85.07 8.37
CA GLN U 105 126.27 83.86 9.17
C GLN U 105 124.99 83.42 9.84
N VAL U 106 124.77 82.12 9.89
CA VAL U 106 123.51 81.54 10.35
C VAL U 106 123.73 80.90 11.71
N LEU U 107 122.90 81.28 12.69
CA LEU U 107 122.84 80.63 13.98
C LEU U 107 121.43 80.06 14.17
N GLU U 108 121.32 78.91 14.81
CA GLU U 108 120.08 78.17 14.89
C GLU U 108 119.67 77.98 16.35
N HIS U 109 118.36 78.11 16.62
CA HIS U 109 117.81 77.86 17.95
C HIS U 109 116.54 77.03 17.78
N PRO U 110 116.63 75.71 17.92
CA PRO U 110 115.44 74.87 17.72
C PRO U 110 114.41 75.01 18.82
N ARG U 111 114.82 75.36 20.04
CA ARG U 111 113.86 75.50 21.14
C ARG U 111 112.92 76.67 20.91
N GLN U 112 113.45 77.79 20.45
CA GLN U 112 112.64 78.97 20.13
C GLN U 112 112.18 78.97 18.67
N GLU U 113 112.54 77.94 17.90
CA GLU U 113 112.16 77.85 16.48
C GLU U 113 112.63 79.08 15.70
N GLN U 114 113.86 79.51 15.95
CA GLN U 114 114.38 80.75 15.38
C GLN U 114 115.73 80.53 14.73
N ILE U 115 116.10 81.47 13.87
CA ILE U 115 117.44 81.59 13.33
C ILE U 115 117.88 83.04 13.42
N ALA U 116 119.18 83.23 13.62
CA ALA U 116 119.80 84.54 13.68
C ALA U 116 120.73 84.70 12.49
N LEU U 117 120.59 85.82 11.77
CA LEU U 117 121.43 86.13 10.62
C LEU U 117 122.35 87.27 10.99
N LEU U 118 123.66 87.02 10.92
CA LEU U 118 124.68 87.98 11.31
C LEU U 118 125.28 88.62 10.06
N ALA U 119 125.28 89.95 10.02
CA ALA U 119 125.74 90.83 8.96
C ALA U 119 127.07 91.47 9.32
N PRO U 120 128.01 91.56 8.37
CA PRO U 120 129.32 92.15 8.70
C PRO U 120 129.26 93.60 9.13
N GLU U 121 128.48 94.43 8.43
CA GLU U 121 128.36 95.84 8.73
C GLU U 121 126.98 96.18 9.27
N PRO U 122 126.89 96.98 10.32
CA PRO U 122 125.58 97.27 10.93
C PRO U 122 124.62 97.93 9.95
N LEU U 123 123.36 97.50 10.02
CA LEU U 123 122.33 98.04 9.14
C LEU U 123 122.08 99.51 9.45
N LEU U 124 121.86 100.30 8.40
CA LEU U 124 121.57 101.72 8.54
C LEU U 124 120.06 101.93 8.66
N VAL U 125 119.65 102.70 9.67
CA VAL U 125 118.23 102.93 9.91
C VAL U 125 117.62 103.69 8.73
N GLY U 126 116.39 103.31 8.36
CA GLY U 126 115.69 103.94 7.27
C GLY U 126 116.05 103.42 5.88
N LEU U 127 116.95 102.45 5.79
CA LEU U 127 117.36 101.92 4.50
C LEU U 127 116.69 100.58 4.23
N PRO U 128 116.32 100.31 2.97
CA PRO U 128 115.78 98.99 2.64
C PRO U 128 116.86 97.96 2.34
N TYR U 129 116.73 96.79 2.96
CA TYR U 129 117.64 95.68 2.72
C TYR U 129 116.83 94.48 2.28
N THR U 130 117.50 93.51 1.64
CA THR U 130 116.85 92.33 1.12
C THR U 130 117.62 91.10 1.61
N VAL U 131 117.00 90.31 2.46
CA VAL U 131 117.58 89.05 2.93
C VAL U 131 117.14 87.93 2.00
N VAL U 132 118.11 87.15 1.51
CA VAL U 132 117.84 86.07 0.57
C VAL U 132 118.31 84.76 1.21
N ILE U 133 117.37 83.84 1.40
CA ILE U 133 117.65 82.57 2.09
C ILE U 133 117.28 81.42 1.17
N HIS U 134 118.21 80.47 1.02
CA HIS U 134 117.97 79.22 0.31
C HIS U 134 117.85 78.09 1.33
N TYR U 135 116.84 77.25 1.17
CA TYR U 135 116.58 76.22 2.16
C TYR U 135 115.96 75.00 1.49
N ALA U 136 115.87 73.93 2.26
CA ALA U 136 115.26 72.69 1.80
C ALA U 136 114.48 72.05 2.94
N GLY U 137 113.64 71.09 2.57
CA GLY U 137 112.86 70.37 3.55
C GLY U 137 112.02 69.33 2.86
N ASN U 138 111.13 68.68 3.61
CA ASN U 138 110.17 67.76 3.02
C ASN U 138 108.77 68.02 3.57
N LEU U 139 107.78 67.65 2.76
CA LEU U 139 106.38 67.71 3.14
C LEU U 139 106.13 67.02 4.47
N SER U 140 105.53 67.75 5.40
CA SER U 140 105.19 67.17 6.70
C SER U 140 104.16 66.06 6.54
N GLU U 141 104.36 64.96 7.27
CA GLU U 141 103.38 63.88 7.28
C GLU U 141 102.23 64.14 8.24
N THR U 142 102.20 65.31 8.88
CA THR U 142 101.16 65.64 9.85
C THR U 142 100.01 66.38 9.17
N PHE U 143 99.33 67.24 9.93
CA PHE U 143 98.20 68.01 9.45
C PHE U 143 98.48 69.51 9.41
N HIS U 144 99.73 69.92 9.64
CA HIS U 144 100.10 71.33 9.67
C HIS U 144 101.36 71.54 8.84
N GLY U 145 101.70 72.80 8.64
CA GLY U 145 102.85 73.17 7.84
C GLY U 145 102.59 73.00 6.35
N PHE U 146 103.60 72.54 5.61
CA PHE U 146 103.46 72.18 4.21
C PHE U 146 103.37 70.66 4.16
N TYR U 147 102.14 70.14 4.18
CA TYR U 147 101.93 68.73 4.42
C TYR U 147 101.36 68.02 3.19
N LYS U 148 101.38 66.70 3.25
CA LYS U 148 100.96 65.83 2.17
C LYS U 148 99.55 65.31 2.42
N SER U 149 98.81 65.11 1.33
CA SER U 149 97.48 64.51 1.39
C SER U 149 97.39 63.49 0.25
N THR U 150 96.59 62.46 0.47
CA THR U 150 96.40 61.41 -0.53
C THR U 150 94.91 61.17 -0.73
N TYR U 151 94.57 60.68 -1.92
CA TYR U 151 93.19 60.35 -2.22
C TYR U 151 93.13 59.12 -3.11
N ARG U 152 92.01 58.41 -3.01
CA ARG U 152 91.79 57.17 -3.75
C ARG U 152 90.92 57.43 -4.96
N THR U 153 91.38 56.99 -6.13
CA THR U 153 90.55 57.04 -7.32
C THR U 153 89.57 55.89 -7.33
N LYS U 154 88.58 55.98 -8.23
CA LYS U 154 87.58 54.91 -8.33
C LYS U 154 88.16 53.61 -8.89
N GLU U 155 89.39 53.62 -9.38
CA GLU U 155 90.07 52.42 -9.83
C GLU U 155 91.00 51.84 -8.77
N GLY U 156 90.98 52.37 -7.56
CA GLY U 156 91.80 51.90 -6.48
C GLY U 156 93.19 52.51 -6.39
N GLU U 157 93.58 53.31 -7.37
CA GLU U 157 94.91 53.92 -7.33
C GLU U 157 94.97 55.02 -6.28
N LEU U 158 96.18 55.28 -5.77
CA LEU U 158 96.43 56.30 -4.76
C LEU U 158 97.15 57.46 -5.41
N ARG U 159 96.66 58.67 -5.17
CA ARG U 159 97.23 59.89 -5.73
C ARG U 159 97.62 60.84 -4.61
N ILE U 160 98.64 61.65 -4.89
CA ILE U 160 99.29 62.49 -3.89
C ILE U 160 99.10 63.96 -4.27
N LEU U 161 98.90 64.79 -3.26
CA LEU U 161 98.87 66.24 -3.41
C LEU U 161 99.55 66.87 -2.21
N ALA U 162 99.90 68.15 -2.35
CA ALA U 162 100.54 68.89 -1.28
C ALA U 162 99.71 70.11 -0.94
N SER U 163 99.39 70.26 0.36
CA SER U 163 98.56 71.37 0.83
C SER U 163 99.28 72.08 1.96
N THR U 164 98.71 73.20 2.40
CA THR U 164 99.29 74.01 3.44
C THR U 164 98.30 74.22 4.58
N GLN U 165 98.85 74.47 5.77
CA GLN U 165 98.06 74.86 6.94
C GLN U 165 99.00 75.58 7.88
N PHE U 166 98.92 76.92 7.88
CA PHE U 166 99.93 77.74 8.55
C PHE U 166 99.48 78.32 9.88
N GLU U 167 98.18 78.45 10.11
CA GLU U 167 97.72 78.93 11.41
C GLU U 167 98.03 77.88 12.47
N PRO U 168 98.60 78.26 13.61
CA PRO U 168 99.02 79.64 13.89
C PRO U 168 100.49 79.94 13.63
N THR U 169 101.39 78.98 13.89
CA THR U 169 102.83 79.18 13.81
C THR U 169 103.48 78.14 12.92
N ALA U 170 102.82 77.78 11.81
CA ALA U 170 103.30 76.73 10.93
C ALA U 170 103.88 77.23 9.62
N ALA U 171 103.76 78.53 9.33
CA ALA U 171 104.35 79.08 8.11
C ALA U 171 105.87 78.94 8.13
N ARG U 172 106.48 78.97 9.32
CA ARG U 172 107.93 78.81 9.45
C ARG U 172 108.40 77.43 9.02
N MET U 173 107.52 76.44 9.01
CA MET U 173 107.90 75.10 8.55
C MET U 173 107.94 75.00 7.03
N ALA U 174 107.54 76.05 6.32
CA ALA U 174 107.53 76.05 4.86
C ALA U 174 108.39 77.16 4.28
N PHE U 175 108.44 78.33 4.92
CA PHE U 175 109.34 79.37 4.45
C PHE U 175 109.80 80.21 5.63
N PRO U 176 111.08 80.52 5.74
CA PRO U 176 111.55 81.36 6.84
C PRO U 176 111.01 82.79 6.71
N CYS U 177 110.52 83.31 7.82
CA CYS U 177 109.82 84.59 7.82
C CYS U 177 109.73 85.10 9.24
N PHE U 178 109.10 86.26 9.38
CA PHE U 178 108.75 86.82 10.70
C PHE U 178 107.34 86.33 11.02
N ASP U 179 107.27 85.09 11.50
CA ASP U 179 106.02 84.35 11.64
C ASP U 179 105.24 84.82 12.86
N GLU U 180 104.76 86.06 12.77
CA GLU U 180 103.86 86.63 13.76
C GLU U 180 102.77 87.42 13.04
N PRO U 181 101.56 87.48 13.62
CA PRO U 181 100.46 88.18 12.94
C PRO U 181 100.65 89.69 12.85
N ALA U 182 101.58 90.27 13.61
CA ALA U 182 101.75 91.72 13.57
C ALA U 182 102.62 92.17 12.41
N PHE U 183 103.53 91.34 11.93
CA PHE U 183 104.41 91.69 10.82
C PHE U 183 103.69 91.38 9.51
N LYS U 184 102.77 92.26 9.15
CA LYS U 184 102.05 92.11 7.88
C LYS U 184 102.90 92.57 6.72
N ALA U 185 102.68 91.94 5.56
CA ALA U 185 103.46 92.25 4.37
C ALA U 185 102.73 91.68 3.15
N SER U 186 103.23 92.05 1.98
CA SER U 186 102.77 91.50 0.72
C SER U 186 103.59 90.27 0.35
N PHE U 187 103.03 89.45 -0.53
CA PHE U 187 103.63 88.16 -0.89
C PHE U 187 103.56 87.96 -2.40
N SER U 188 104.72 87.81 -3.04
CA SER U 188 104.81 87.42 -4.45
C SER U 188 105.24 85.97 -4.52
N ILE U 189 104.34 85.09 -4.97
CA ILE U 189 104.53 83.65 -4.88
C ILE U 189 104.83 83.08 -6.27
N LYS U 190 105.80 82.16 -6.32
CA LYS U 190 106.13 81.39 -7.50
C LYS U 190 106.25 79.93 -7.10
N ILE U 191 105.52 79.06 -7.79
CA ILE U 191 105.46 77.65 -7.47
C ILE U 191 105.90 76.83 -8.68
N ARG U 192 106.73 75.82 -8.45
CA ARG U 192 107.21 74.96 -9.52
C ARG U 192 106.55 73.60 -9.42
N ARG U 193 106.16 73.06 -10.56
CA ARG U 193 105.37 71.82 -10.60
C ARG U 193 105.66 71.08 -11.88
N GLU U 194 105.27 69.81 -11.91
CA GLU U 194 105.24 69.07 -13.17
C GLU U 194 104.08 69.57 -14.03
N PRO U 195 104.13 69.34 -15.34
CA PRO U 195 102.98 69.72 -16.17
C PRO U 195 101.70 69.03 -15.73
N ARG U 196 101.79 67.78 -15.28
CA ARG U 196 100.60 67.03 -14.88
C ARG U 196 99.89 67.65 -13.68
N HIS U 197 100.48 68.64 -13.03
CA HIS U 197 99.94 69.22 -11.81
C HIS U 197 99.28 70.57 -12.06
N LEU U 198 98.63 71.06 -11.02
CA LEU U 198 97.90 72.32 -11.04
C LEU U 198 98.18 73.07 -9.74
N ALA U 199 98.58 74.33 -9.86
CA ALA U 199 98.96 75.14 -8.71
C ALA U 199 97.98 76.29 -8.53
N ILE U 200 97.46 76.44 -7.32
CA ILE U 200 96.60 77.56 -6.94
C ILE U 200 97.12 78.13 -5.64
N SER U 201 96.86 79.43 -5.45
CA SER U 201 97.39 80.13 -4.28
C SER U 201 96.41 81.23 -3.90
N ASN U 202 96.90 82.23 -3.16
CA ASN U 202 96.03 83.29 -2.66
C ASN U 202 95.48 84.14 -3.80
N MET U 203 96.34 84.50 -4.74
CA MET U 203 96.02 85.37 -5.85
C MET U 203 95.81 84.55 -7.12
N PRO U 204 95.24 85.14 -8.16
CA PRO U 204 95.13 84.44 -9.45
C PRO U 204 96.49 84.17 -10.05
N LEU U 205 96.53 83.19 -10.94
CA LEU U 205 97.75 82.85 -11.65
C LEU U 205 98.01 83.90 -12.73
N VAL U 206 99.16 84.55 -12.66
CA VAL U 206 99.49 85.61 -13.62
C VAL U 206 100.16 85.02 -14.85
N LYS U 207 101.14 84.14 -14.68
CA LYS U 207 101.74 83.55 -15.87
C LYS U 207 102.43 82.22 -15.53
N SER U 208 102.67 81.44 -16.57
CA SER U 208 103.36 80.15 -16.45
C SER U 208 104.52 80.12 -17.43
N VAL U 209 105.73 79.87 -16.92
CA VAL U 209 106.95 79.86 -17.71
C VAL U 209 107.60 78.50 -17.59
N THR U 210 108.12 77.97 -18.70
CA THR U 210 108.76 76.66 -18.71
C THR U 210 110.22 76.80 -18.29
N VAL U 211 110.42 77.00 -16.99
CA VAL U 211 111.78 77.09 -16.45
C VAL U 211 112.43 75.73 -16.52
N ALA U 212 113.76 75.73 -16.74
CA ALA U 212 114.54 74.50 -16.88
C ALA U 212 113.93 73.62 -17.96
N GLU U 213 113.80 72.34 -17.70
CA GLU U 213 113.21 71.39 -18.64
C GLU U 213 112.23 70.49 -17.92
N GLY U 214 111.01 70.41 -18.44
CA GLY U 214 110.04 69.43 -18.00
C GLY U 214 109.17 69.84 -16.82
N LEU U 215 109.42 71.00 -16.23
CA LEU U 215 108.62 71.49 -15.10
C LEU U 215 108.27 72.96 -15.30
N ILE U 216 107.00 73.30 -15.07
CA ILE U 216 106.50 74.66 -15.25
C ILE U 216 106.61 75.42 -13.95
N GLU U 217 106.78 76.74 -14.07
CA GLU U 217 106.82 77.66 -12.93
C GLU U 217 105.66 78.63 -13.06
N ASP U 218 104.84 78.70 -12.02
CA ASP U 218 103.65 79.55 -11.98
C ASP U 218 103.95 80.78 -11.14
N HIS U 219 103.86 81.96 -11.77
CA HIS U 219 103.98 83.25 -11.10
C HIS U 219 102.58 83.75 -10.79
N PHE U 220 102.28 83.91 -9.50
CA PHE U 220 101.00 84.43 -9.03
C PHE U 220 101.10 85.94 -8.77
N ASP U 221 99.94 86.59 -8.77
CA ASP U 221 99.90 88.01 -8.46
C ASP U 221 100.32 88.24 -7.00
N VAL U 222 100.62 89.51 -6.69
CA VAL U 222 101.08 89.89 -5.36
C VAL U 222 99.87 90.10 -4.46
N THR U 223 99.97 89.62 -3.23
CA THR U 223 98.88 89.73 -2.26
C THR U 223 98.88 91.14 -1.66
N VAL U 224 97.90 91.38 -0.79
CA VAL U 224 97.80 92.66 -0.09
C VAL U 224 98.49 92.56 1.26
N LYS U 225 98.41 93.62 2.07
CA LYS U 225 98.95 93.60 3.42
C LYS U 225 98.19 92.57 4.27
N MET U 226 98.84 91.46 4.58
CA MET U 226 98.19 90.39 5.34
C MET U 226 99.22 89.71 6.22
N SER U 227 98.73 88.99 7.22
CA SER U 227 99.60 88.26 8.12
C SER U 227 100.18 87.04 7.43
N THR U 228 101.20 86.46 8.05
CA THR U 228 101.92 85.36 7.41
C THR U 228 101.13 84.06 7.44
N TYR U 229 100.28 83.86 8.45
CA TYR U 229 99.54 82.61 8.56
C TYR U 229 98.47 82.45 7.47
N LEU U 230 98.23 83.48 6.67
CA LEU U 230 97.22 83.43 5.62
C LEU U 230 97.79 82.98 4.27
N VAL U 231 99.11 82.75 4.19
CA VAL U 231 99.70 82.25 2.95
C VAL U 231 99.26 80.80 2.73
N ALA U 232 99.00 80.45 1.47
CA ALA U 232 98.56 79.10 1.15
C ALA U 232 98.87 78.80 -0.32
N PHE U 233 99.09 77.53 -0.61
CA PHE U 233 99.31 77.07 -1.97
C PHE U 233 99.06 75.56 -2.00
N ILE U 234 98.56 75.08 -3.14
CA ILE U 234 98.14 73.71 -3.31
C ILE U 234 98.66 73.19 -4.65
N ILE U 235 99.30 72.02 -4.63
CA ILE U 235 99.74 71.32 -5.83
C ILE U 235 98.97 70.01 -5.90
N SER U 236 98.12 69.87 -6.92
CA SER U 236 97.28 68.69 -7.04
C SER U 236 96.87 68.52 -8.50
N ASP U 237 95.75 67.83 -8.72
CA ASP U 237 95.11 67.72 -10.02
C ASP U 237 93.61 67.92 -9.88
N PHE U 238 93.22 68.91 -9.09
CA PHE U 238 91.81 69.16 -8.81
C PHE U 238 91.06 69.61 -10.05
N GLU U 239 89.78 69.25 -10.10
CA GLU U 239 88.80 69.89 -10.97
C GLU U 239 88.10 70.99 -10.19
N SER U 240 87.48 71.92 -10.91
CA SER U 240 86.86 73.06 -10.27
C SER U 240 85.58 73.47 -10.99
N VAL U 241 84.72 74.14 -10.25
CA VAL U 241 83.52 74.80 -10.77
C VAL U 241 83.57 76.25 -10.32
N SER U 242 83.15 77.13 -11.17
CA SER U 242 83.26 78.59 -10.88
C SER U 242 81.93 79.30 -11.13
N LYS U 243 81.84 80.49 -10.58
CA LYS U 243 80.66 81.34 -10.66
C LYS U 243 81.09 82.76 -10.32
N ILE U 244 80.33 83.74 -10.79
CA ILE U 244 80.64 85.15 -10.60
C ILE U 244 79.65 85.75 -9.61
N THR U 245 80.15 86.63 -8.74
CA THR U 245 79.30 87.41 -7.85
C THR U 245 78.74 88.62 -8.60
N LYS U 246 77.78 89.30 -7.96
CA LYS U 246 77.26 90.54 -8.52
C LYS U 246 78.30 91.67 -8.48
N SER U 247 79.39 91.50 -7.74
CA SER U 247 80.46 92.48 -7.68
C SER U 247 81.66 92.13 -8.55
N GLY U 248 81.62 91.02 -9.27
CA GLY U 248 82.65 90.66 -10.20
C GLY U 248 83.77 89.80 -9.66
N VAL U 249 83.65 89.28 -8.45
CA VAL U 249 84.68 88.42 -7.89
C VAL U 249 84.51 87.02 -8.44
N LYS U 250 85.62 86.37 -8.79
CA LYS U 250 85.58 85.03 -9.37
C LYS U 250 85.62 84.00 -8.25
N VAL U 251 84.47 83.39 -7.96
CA VAL U 251 84.35 82.38 -6.91
C VAL U 251 84.43 80.99 -7.56
N SER U 252 85.34 80.16 -7.06
CA SER U 252 85.54 78.82 -7.60
C SER U 252 85.63 77.82 -6.45
N VAL U 253 85.31 76.56 -6.76
CA VAL U 253 85.39 75.47 -5.78
C VAL U 253 86.17 74.31 -6.39
N TYR U 254 87.29 73.96 -5.77
CA TYR U 254 88.14 72.87 -6.20
C TYR U 254 87.94 71.62 -5.33
N ALA U 255 88.05 70.46 -5.96
CA ALA U 255 87.96 69.18 -5.27
C ALA U 255 88.63 68.12 -6.12
N VAL U 256 88.79 66.93 -5.53
CA VAL U 256 89.36 65.77 -6.21
C VAL U 256 88.46 65.42 -7.39
N PRO U 257 89.00 64.84 -8.47
CA PRO U 257 88.20 64.67 -9.69
C PRO U 257 86.92 63.87 -9.49
N ASP U 258 86.93 62.87 -8.61
CA ASP U 258 85.77 62.01 -8.43
C ASP U 258 84.68 62.62 -7.57
N LYS U 259 84.92 63.78 -6.95
CA LYS U 259 83.94 64.39 -6.04
C LYS U 259 83.55 65.81 -6.43
N ILE U 260 83.91 66.26 -7.64
CA ILE U 260 83.63 67.64 -8.00
C ILE U 260 82.13 67.89 -8.15
N ASN U 261 81.35 66.85 -8.46
CA ASN U 261 79.92 67.00 -8.65
C ASN U 261 79.16 67.26 -7.35
N GLN U 262 79.84 67.32 -6.21
CA GLN U 262 79.20 67.62 -4.93
C GLN U 262 79.44 69.05 -4.47
N ALA U 263 79.94 69.91 -5.34
CA ALA U 263 80.34 71.28 -4.97
C ALA U 263 79.30 72.34 -5.32
N ASP U 264 78.12 71.94 -5.82
CA ASP U 264 77.16 72.93 -6.30
C ASP U 264 76.60 73.79 -5.17
N TYR U 265 76.11 73.15 -4.11
CA TYR U 265 75.57 73.93 -2.99
C TYR U 265 76.66 74.77 -2.34
N ALA U 266 77.87 74.22 -2.24
CA ALA U 266 78.98 74.98 -1.69
C ALA U 266 79.22 76.25 -2.49
N LEU U 267 79.28 76.13 -3.83
CA LEU U 267 79.54 77.29 -4.67
C LEU U 267 78.41 78.30 -4.60
N ASP U 268 77.16 77.84 -4.67
CA ASP U 268 76.02 78.76 -4.64
C ASP U 268 75.96 79.52 -3.31
N ALA U 269 76.06 78.80 -2.19
CA ALA U 269 76.05 79.45 -0.89
C ALA U 269 77.25 80.35 -0.71
N ALA U 270 78.40 79.98 -1.30
CA ALA U 270 79.58 80.84 -1.21
C ALA U 270 79.33 82.17 -1.90
N VAL U 271 78.81 82.14 -3.12
CA VAL U 271 78.51 83.38 -3.84
C VAL U 271 77.52 84.22 -3.05
N THR U 272 76.43 83.59 -2.57
CA THR U 272 75.41 84.31 -1.83
C THR U 272 75.98 84.97 -0.57
N LEU U 273 76.76 84.21 0.20
CA LEU U 273 77.29 84.73 1.46
C LEU U 273 78.35 85.79 1.23
N LEU U 274 79.16 85.65 0.17
CA LEU U 274 80.14 86.69 -0.14
C LEU U 274 79.47 88.00 -0.50
N GLU U 275 78.43 87.94 -1.33
CA GLU U 275 77.68 89.15 -1.64
C GLU U 275 77.04 89.74 -0.38
N PHE U 276 76.47 88.89 0.48
CA PHE U 276 75.88 89.39 1.72
C PHE U 276 76.91 90.10 2.57
N TYR U 277 78.10 89.51 2.72
CA TYR U 277 79.12 90.12 3.58
C TYR U 277 79.59 91.44 3.00
N GLU U 278 79.82 91.50 1.68
CA GLU U 278 80.16 92.77 1.05
C GLU U 278 79.10 93.82 1.36
N ASP U 279 77.83 93.51 1.10
CA ASP U 279 76.77 94.48 1.31
C ASP U 279 76.66 94.89 2.77
N TYR U 280 76.75 93.94 3.69
CA TYR U 280 76.58 94.23 5.10
C TYR U 280 77.70 95.11 5.64
N PHE U 281 78.95 94.74 5.37
CA PHE U 281 80.08 95.51 5.89
C PHE U 281 80.31 96.79 5.11
N SER U 282 79.71 96.95 3.93
CA SER U 282 79.97 98.11 3.07
C SER U 282 81.46 98.21 2.73
N ILE U 283 82.12 97.07 2.62
CA ILE U 283 83.54 96.98 2.32
C ILE U 283 83.71 95.90 1.25
N PRO U 284 84.08 96.25 0.03
CA PRO U 284 84.19 95.25 -1.03
C PRO U 284 85.28 94.23 -0.75
N TYR U 285 85.12 93.05 -1.31
CA TYR U 285 86.15 92.02 -1.24
C TYR U 285 87.36 92.47 -2.04
N PRO U 286 88.54 92.62 -1.42
CA PRO U 286 89.64 93.29 -2.13
C PRO U 286 90.29 92.44 -3.21
N LEU U 287 90.26 91.12 -3.09
CA LEU U 287 90.95 90.26 -4.02
C LEU U 287 90.09 89.99 -5.25
N PRO U 288 90.71 89.66 -6.39
CA PRO U 288 89.90 89.35 -7.59
C PRO U 288 89.13 88.04 -7.49
N LYS U 289 89.71 87.01 -6.86
CA LYS U 289 89.09 85.70 -6.84
C LYS U 289 89.02 85.16 -5.42
N GLN U 290 88.06 84.28 -5.20
CA GLN U 290 87.87 83.54 -3.97
C GLN U 290 87.73 82.06 -4.33
N ASP U 291 88.54 81.22 -3.70
CA ASP U 291 88.56 79.79 -4.01
C ASP U 291 88.24 78.99 -2.75
N LEU U 292 87.54 77.87 -2.94
CA LEU U 292 87.15 76.98 -1.85
C LEU U 292 87.61 75.57 -2.24
N ALA U 293 88.66 75.08 -1.59
CA ALA U 293 89.26 73.80 -1.95
C ALA U 293 88.95 72.77 -0.87
N ALA U 294 88.53 71.58 -1.31
CA ALA U 294 88.22 70.46 -0.42
C ALA U 294 89.45 69.57 -0.33
N ILE U 295 90.16 69.63 0.79
CA ILE U 295 91.39 68.89 0.99
C ILE U 295 91.06 67.53 1.59
N PRO U 296 91.60 66.43 1.03
CA PRO U 296 91.27 65.10 1.57
C PRO U 296 91.78 64.88 2.98
N ASP U 297 92.92 65.46 3.34
CA ASP U 297 93.50 65.32 4.67
C ASP U 297 93.53 66.70 5.32
N PHE U 298 92.65 66.93 6.29
CA PHE U 298 92.56 68.21 6.98
C PHE U 298 92.27 68.00 8.45
N GLN U 299 92.90 68.82 9.29
CA GLN U 299 92.76 68.74 10.74
C GLN U 299 91.56 69.56 11.23
N SER U 300 91.55 70.85 10.90
CA SER U 300 90.47 71.73 11.32
C SER U 300 89.20 71.42 10.52
N GLY U 301 88.13 72.13 10.85
CA GLY U 301 86.97 72.14 9.98
C GLY U 301 87.25 72.86 8.67
N ALA U 302 87.95 73.99 8.74
CA ALA U 302 88.28 74.79 7.57
C ALA U 302 89.42 75.72 7.92
N MET U 303 89.79 76.58 6.97
CA MET U 303 90.83 77.58 7.17
C MET U 303 90.53 78.78 6.29
N GLU U 304 90.88 79.97 6.79
CA GLU U 304 90.47 81.23 6.20
C GLU U 304 91.56 81.86 5.33
N ASN U 305 92.37 81.05 4.65
CA ASN U 305 93.42 81.59 3.80
C ASN U 305 92.84 82.57 2.80
N TRP U 306 93.37 83.80 2.79
CA TRP U 306 92.81 84.88 1.98
C TRP U 306 92.83 84.52 0.51
N GLY U 307 91.64 84.34 -0.09
CA GLY U 307 91.52 83.99 -1.47
C GLY U 307 91.59 82.51 -1.79
N LEU U 308 91.86 81.66 -0.79
CA LEU U 308 91.98 80.22 -1.00
C LEU U 308 91.62 79.51 0.31
N THR U 309 90.33 79.54 0.65
CA THR U 309 89.86 78.81 1.82
C THR U 309 89.94 77.31 1.58
N THR U 310 90.34 76.58 2.62
CA THR U 310 90.46 75.12 2.58
C THR U 310 89.46 74.51 3.54
N TYR U 311 88.98 73.31 3.21
CA TYR U 311 87.91 72.68 3.95
C TYR U 311 88.17 71.18 4.09
N ARG U 312 87.45 70.57 5.02
CA ARG U 312 87.26 69.13 4.97
C ARG U 312 86.27 68.79 3.87
N GLU U 313 86.51 67.67 3.20
CA GLU U 313 85.55 67.20 2.19
C GLU U 313 84.17 67.04 2.81
N SER U 314 84.12 66.52 4.04
CA SER U 314 82.86 66.41 4.75
C SER U 314 82.25 67.77 5.04
N ALA U 315 83.08 68.80 5.19
CA ALA U 315 82.61 70.12 5.58
C ALA U 315 82.33 71.02 4.39
N LEU U 316 82.58 70.56 3.16
CA LEU U 316 82.28 71.40 2.01
C LEU U 316 81.40 70.71 0.97
N LEU U 317 81.55 69.40 0.77
CA LEU U 317 80.87 68.73 -0.33
C LEU U 317 79.52 68.19 0.13
N PHE U 318 78.52 68.31 -0.76
CA PHE U 318 77.14 67.98 -0.45
C PHE U 318 76.58 67.04 -1.52
N ASP U 319 76.12 65.88 -1.09
CA ASP U 319 75.52 64.88 -1.97
C ASP U 319 74.03 64.82 -1.67
N ALA U 320 73.20 65.18 -2.66
CA ALA U 320 71.75 65.23 -2.44
C ALA U 320 71.18 63.87 -2.10
N GLU U 321 71.83 62.79 -2.52
CA GLU U 321 71.29 61.45 -2.33
C GLU U 321 71.64 60.84 -0.98
N LYS U 322 72.75 61.28 -0.35
CA LYS U 322 73.24 60.63 0.86
C LYS U 322 73.57 61.59 2.00
N SER U 323 73.81 62.87 1.74
CA SER U 323 74.16 63.79 2.81
C SER U 323 72.93 64.16 3.62
N SER U 324 73.14 64.40 4.91
CA SER U 324 72.06 64.69 5.83
C SER U 324 71.79 66.19 5.89
N ALA U 325 70.59 66.54 6.38
CA ALA U 325 70.26 67.94 6.59
C ALA U 325 71.22 68.59 7.59
N SER U 326 71.65 67.82 8.59
CA SER U 326 72.73 68.28 9.47
C SER U 326 73.97 68.65 8.67
N SER U 327 74.34 67.81 7.70
CA SER U 327 75.52 68.08 6.89
C SER U 327 75.33 69.34 6.04
N LYS U 328 74.14 69.53 5.49
CA LYS U 328 73.88 70.73 4.68
C LYS U 328 73.96 71.99 5.52
N LEU U 329 73.33 71.97 6.71
CA LEU U 329 73.43 73.11 7.62
C LEU U 329 74.88 73.37 8.01
N GLY U 330 75.65 72.31 8.27
CA GLY U 330 77.04 72.49 8.64
C GLY U 330 77.86 73.10 7.53
N ILE U 331 77.64 72.67 6.29
CA ILE U 331 78.33 73.26 5.15
C ILE U 331 78.01 74.74 5.04
N THR U 332 76.73 75.09 5.18
CA THR U 332 76.33 76.50 5.10
C THR U 332 77.03 77.33 6.18
N MET U 333 77.00 76.84 7.42
CA MET U 333 77.61 77.58 8.52
C MET U 333 79.12 77.69 8.36
N THR U 334 79.77 76.65 7.83
CA THR U 334 81.21 76.68 7.66
C THR U 334 81.62 77.68 6.58
N VAL U 335 80.91 77.66 5.45
CA VAL U 335 81.20 78.65 4.40
C VAL U 335 80.98 80.06 4.92
N ALA U 336 79.91 80.26 5.70
CA ALA U 336 79.67 81.58 6.28
C ALA U 336 80.81 81.97 7.22
N HIS U 337 81.29 81.02 8.03
CA HIS U 337 82.37 81.30 8.96
C HIS U 337 83.62 81.76 8.22
N GLU U 338 84.01 81.05 7.16
CA GLU U 338 85.24 81.40 6.46
C GLU U 338 85.09 82.72 5.70
N LEU U 339 83.93 82.95 5.07
CA LEU U 339 83.76 84.21 4.38
C LEU U 339 83.66 85.39 5.35
N ALA U 340 83.20 85.14 6.58
CA ALA U 340 83.27 86.17 7.61
C ALA U 340 84.70 86.42 8.05
N HIS U 341 85.49 85.34 8.15
CA HIS U 341 86.91 85.50 8.46
C HIS U 341 87.62 86.34 7.42
N GLN U 342 87.15 86.30 6.18
CA GLN U 342 87.73 87.14 5.13
C GLN U 342 87.80 88.61 5.54
N TRP U 343 86.89 89.06 6.42
CA TRP U 343 86.95 90.41 6.97
C TRP U 343 87.47 90.42 8.40
N PHE U 344 86.88 89.62 9.28
CA PHE U 344 87.31 89.54 10.68
C PHE U 344 88.42 88.51 10.79
N GLY U 345 89.64 88.96 10.60
CA GLY U 345 90.79 88.08 10.67
C GLY U 345 91.83 88.38 9.62
N ASN U 346 91.37 88.58 8.39
CA ASN U 346 92.25 88.85 7.24
C ASN U 346 92.38 90.34 6.97
N LEU U 347 91.26 91.03 6.74
CA LEU U 347 91.29 92.47 6.54
C LEU U 347 91.79 93.18 7.80
N VAL U 348 91.15 92.89 8.93
CA VAL U 348 91.56 93.41 10.24
C VAL U 348 92.00 92.22 11.08
N THR U 349 93.28 92.17 11.44
CA THR U 349 93.80 91.03 12.19
C THR U 349 94.13 91.43 13.61
N MET U 350 93.95 90.49 14.55
CA MET U 350 94.42 90.73 15.90
C MET U 350 95.94 90.89 15.89
N GLU U 351 96.46 91.60 16.88
CA GLU U 351 97.90 91.84 16.89
C GLU U 351 98.67 90.68 17.50
N TRP U 352 98.14 90.07 18.55
CA TRP U 352 98.77 88.90 19.15
C TRP U 352 97.71 87.88 19.49
N TRP U 353 98.13 86.62 19.57
CA TRP U 353 97.22 85.49 19.72
C TRP U 353 96.47 85.49 21.05
N ASN U 354 96.75 86.43 21.96
CA ASN U 354 95.95 86.53 23.17
C ASN U 354 94.55 87.03 22.87
N ASP U 355 94.39 87.81 21.79
CA ASP U 355 93.09 88.30 21.36
C ASP U 355 92.57 87.55 20.14
N LEU U 356 92.86 86.24 20.05
CA LEU U 356 92.34 85.40 18.98
C LEU U 356 90.82 85.41 18.91
N TRP U 357 90.15 85.74 20.02
CA TRP U 357 88.70 85.79 20.00
C TRP U 357 88.19 86.88 19.05
N LEU U 358 88.93 87.98 18.93
CA LEU U 358 88.56 89.05 18.00
C LEU U 358 88.39 88.54 16.57
N ASN U 359 89.04 87.44 16.22
CA ASN U 359 88.80 86.75 14.95
C ASN U 359 87.72 85.69 15.09
N GLU U 360 87.93 84.75 16.02
CA GLU U 360 87.14 83.52 15.99
C GLU U 360 85.71 83.72 16.51
N GLY U 361 85.54 84.44 17.63
CA GLY U 361 84.20 84.69 18.12
C GLY U 361 83.39 85.53 17.15
N PHE U 362 84.02 86.54 16.55
CA PHE U 362 83.31 87.35 15.56
C PHE U 362 82.92 86.53 14.35
N ALA U 363 83.79 85.61 13.90
CA ALA U 363 83.42 84.77 12.77
C ALA U 363 82.27 83.81 13.13
N LYS U 364 82.34 83.19 14.32
CA LYS U 364 81.28 82.29 14.75
C LYS U 364 79.95 83.02 14.91
N PHE U 365 79.98 84.31 15.28
CA PHE U 365 78.75 85.07 15.40
C PHE U 365 78.24 85.53 14.03
N MET U 366 79.14 85.92 13.14
CA MET U 366 78.73 86.28 11.79
C MET U 366 78.14 85.08 11.06
N GLU U 367 78.54 83.87 11.44
CA GLU U 367 77.82 82.68 10.98
C GLU U 367 76.31 82.86 11.13
N PHE U 368 75.87 83.10 12.36
CA PHE U 368 74.45 83.28 12.65
C PHE U 368 73.91 84.51 11.93
N VAL U 369 74.59 85.65 12.09
CA VAL U 369 74.12 86.92 11.52
C VAL U 369 73.90 86.81 10.02
N SER U 370 74.74 86.03 9.33
CA SER U 370 74.70 85.92 7.88
C SER U 370 73.72 84.85 7.42
N VAL U 371 73.76 83.67 8.03
CA VAL U 371 72.91 82.57 7.56
C VAL U 371 71.44 82.83 7.87
N SER U 372 71.14 83.43 9.03
CA SER U 372 69.75 83.73 9.36
C SER U 372 69.11 84.67 8.33
N VAL U 373 69.90 85.32 7.49
CA VAL U 373 69.38 86.18 6.43
C VAL U 373 69.47 85.52 5.06
N THR U 374 70.62 84.89 4.76
CA THR U 374 70.85 84.35 3.42
C THR U 374 70.09 83.05 3.20
N HIS U 375 69.99 82.19 4.21
CA HIS U 375 69.31 80.90 4.11
C HIS U 375 68.30 80.81 5.25
N PRO U 376 67.21 81.59 5.18
CA PRO U 376 66.26 81.61 6.30
C PRO U 376 65.48 80.32 6.47
N GLU U 377 65.45 79.44 5.46
CA GLU U 377 64.79 78.15 5.63
C GLU U 377 65.51 77.27 6.64
N LEU U 378 66.76 77.58 6.97
CA LEU U 378 67.49 76.81 7.97
C LEU U 378 67.09 77.20 9.38
N LYS U 379 66.82 78.50 9.62
CA LYS U 379 66.43 79.02 10.93
C LYS U 379 67.48 78.67 11.99
N VAL U 380 68.69 79.19 11.78
CA VAL U 380 69.81 78.88 12.66
C VAL U 380 69.65 79.46 14.06
N GLY U 381 68.72 80.40 14.24
CA GLY U 381 68.39 80.88 15.57
C GLY U 381 67.81 79.81 16.47
N ASP U 382 67.32 78.72 15.88
CA ASP U 382 66.81 77.62 16.68
C ASP U 382 67.95 76.86 17.36
N TYR U 383 69.06 76.66 16.66
CA TYR U 383 70.14 75.80 17.14
C TYR U 383 71.38 76.55 17.63
N PHE U 384 71.40 77.88 17.53
CA PHE U 384 72.63 78.61 17.84
C PHE U 384 73.08 78.42 19.29
N PHE U 385 72.17 78.57 20.26
CA PHE U 385 72.55 78.77 21.66
C PHE U 385 73.04 77.49 22.35
N GLY U 386 72.97 76.34 21.69
CA GLY U 386 73.71 75.19 22.19
C GLY U 386 75.19 75.50 22.36
N LYS U 387 75.73 76.38 21.51
CA LYS U 387 77.09 76.86 21.70
C LYS U 387 77.27 77.50 23.07
N CYS U 388 76.38 78.44 23.42
CA CYS U 388 76.47 79.10 24.72
C CYS U 388 76.38 78.11 25.86
N PHE U 389 75.45 77.14 25.75
CA PHE U 389 75.28 76.18 26.84
C PHE U 389 76.52 75.31 27.01
N ASP U 390 77.01 74.71 25.91
CA ASP U 390 78.21 73.87 26.01
C ASP U 390 79.43 74.67 26.43
N ALA U 391 79.48 75.96 26.07
CA ALA U 391 80.57 76.81 26.52
C ALA U 391 80.50 77.07 28.02
N MET U 392 79.28 77.31 28.54
CA MET U 392 79.12 77.46 29.98
C MET U 392 79.52 76.19 30.71
N GLU U 393 79.27 75.03 30.11
CA GLU U 393 79.65 73.77 30.73
C GLU U 393 81.12 73.74 31.14
N VAL U 394 81.99 74.41 30.39
CA VAL U 394 83.42 74.40 30.69
C VAL U 394 83.84 75.71 31.36
N ASP U 395 83.17 76.83 31.02
CA ASP U 395 83.52 78.10 31.62
C ASP U 395 83.13 78.16 33.08
N ALA U 396 82.20 77.31 33.51
CA ALA U 396 81.90 77.20 34.94
C ALA U 396 83.05 76.57 35.71
N LEU U 397 84.09 76.12 35.04
CA LEU U 397 85.21 75.49 35.71
C LEU U 397 86.18 76.52 36.26
N ASN U 398 86.90 76.09 37.30
CA ASN U 398 87.90 76.92 37.94
C ASN U 398 89.16 77.04 37.09
N SER U 399 89.46 76.02 36.28
CA SER U 399 90.60 76.07 35.36
C SER U 399 90.32 76.85 34.09
N SER U 400 89.10 77.38 33.92
CA SER U 400 88.80 78.21 32.77
C SER U 400 89.62 79.50 32.80
N HIS U 401 89.69 80.15 31.65
CA HIS U 401 90.46 81.37 31.46
C HIS U 401 89.55 82.47 30.91
N PRO U 402 89.95 83.73 31.07
CA PRO U 402 89.20 84.82 30.44
C PRO U 402 89.26 84.74 28.92
N VAL U 403 88.33 85.45 28.28
CA VAL U 403 88.27 85.43 26.82
C VAL U 403 89.56 85.94 26.22
N SER U 404 90.18 86.94 26.86
CA SER U 404 91.46 87.50 26.44
C SER U 404 92.47 87.25 27.55
N THR U 405 93.47 86.41 27.26
CA THR U 405 94.47 86.02 28.25
C THR U 405 95.80 85.84 27.55
N PRO U 406 96.90 86.18 28.20
CA PRO U 406 98.21 86.15 27.53
C PRO U 406 98.68 84.73 27.23
N VAL U 407 99.31 84.59 26.05
CA VAL U 407 99.91 83.33 25.62
C VAL U 407 101.23 83.64 24.93
N GLU U 408 102.16 82.69 24.97
CA GLU U 408 103.46 82.92 24.36
C GLU U 408 103.88 81.83 23.38
N ASN U 409 104.01 80.59 23.87
CA ASN U 409 104.53 79.53 23.03
C ASN U 409 103.45 78.93 22.13
N PRO U 410 103.87 78.23 21.06
CA PRO U 410 102.88 77.69 20.10
C PRO U 410 101.85 76.77 20.73
N ALA U 411 102.22 76.00 21.76
CA ALA U 411 101.23 75.14 22.42
C ALA U 411 100.11 75.95 23.04
N GLN U 412 100.46 77.03 23.74
CA GLN U 412 99.44 77.92 24.32
C GLN U 412 98.61 78.56 23.21
N ILE U 413 99.27 78.96 22.12
CA ILE U 413 98.56 79.62 21.02
C ILE U 413 97.54 78.66 20.43
N ARG U 414 97.92 77.40 20.23
CA ARG U 414 96.97 76.40 19.74
C ARG U 414 95.86 76.16 20.74
N GLU U 415 96.18 76.15 22.04
CA GLU U 415 95.16 75.96 23.06
C GLU U 415 94.12 77.06 23.03
N MET U 416 94.51 78.26 22.57
CA MET U 416 93.56 79.37 22.53
C MET U 416 92.34 79.09 21.66
N PHE U 417 92.43 78.17 20.70
CA PHE U 417 91.30 77.83 19.84
C PHE U 417 90.36 76.85 20.55
N ASP U 418 89.71 77.34 21.61
CA ASP U 418 88.85 76.51 22.43
C ASP U 418 87.41 77.04 22.40
N ASP U 419 86.54 76.38 23.17
CA ASP U 419 85.14 76.76 23.23
C ASP U 419 84.95 78.19 23.73
N VAL U 420 85.86 78.68 24.58
CA VAL U 420 85.75 80.07 25.05
C VAL U 420 85.80 81.02 23.86
N SER U 421 86.92 80.98 23.12
CA SER U 421 87.17 81.96 22.07
C SER U 421 86.12 81.92 20.98
N TYR U 422 85.53 80.75 20.71
CA TYR U 422 84.48 80.64 19.70
C TYR U 422 83.12 80.92 20.31
N ASP U 423 82.64 79.97 21.13
CA ASP U 423 81.28 80.02 21.63
C ASP U 423 81.06 81.19 22.59
N LYS U 424 81.91 81.36 23.61
CA LYS U 424 81.68 82.41 24.59
C LYS U 424 81.83 83.79 23.95
N GLY U 425 82.80 83.93 23.04
CA GLY U 425 82.93 85.18 22.32
C GLY U 425 81.70 85.50 21.49
N ALA U 426 81.19 84.50 20.77
CA ALA U 426 79.99 84.73 19.96
C ALA U 426 78.78 85.03 20.84
N CYS U 427 78.69 84.40 22.01
CA CYS U 427 77.53 84.63 22.87
C CYS U 427 77.57 86.00 23.51
N ILE U 428 78.76 86.47 23.93
CA ILE U 428 78.83 87.83 24.48
C ILE U 428 78.65 88.86 23.36
N LEU U 429 79.06 88.53 22.13
CA LEU U 429 78.79 89.44 21.02
C LEU U 429 77.29 89.50 20.71
N ASN U 430 76.61 88.36 20.77
CA ASN U 430 75.16 88.33 20.63
C ASN U 430 74.51 89.18 21.73
N MET U 431 74.98 89.04 22.96
CA MET U 431 74.45 89.85 24.06
C MET U 431 74.65 91.33 23.80
N LEU U 432 75.82 91.72 23.28
CA LEU U 432 76.07 93.13 23.00
C LEU U 432 75.19 93.64 21.87
N ARG U 433 75.02 92.85 20.81
CA ARG U 433 74.17 93.26 19.70
C ARG U 433 72.72 93.38 20.14
N GLU U 434 72.27 92.53 21.07
CA GLU U 434 70.89 92.64 21.54
C GLU U 434 70.73 93.76 22.57
N TYR U 435 71.80 94.11 23.28
CA TYR U 435 71.75 95.22 24.21
C TYR U 435 71.69 96.56 23.47
N LEU U 436 72.66 96.80 22.58
CA LEU U 436 72.59 97.94 21.68
C LEU U 436 71.56 97.70 20.58
N SER U 437 71.39 98.70 19.71
CA SER U 437 70.60 98.50 18.51
C SER U 437 71.40 97.71 17.48
N ALA U 438 70.68 96.94 16.66
CA ALA U 438 71.34 96.25 15.55
C ALA U 438 72.00 97.23 14.60
N ASP U 439 71.34 98.37 14.34
CA ASP U 439 71.96 99.39 13.50
C ASP U 439 73.14 100.05 14.20
N ALA U 440 73.04 100.28 15.51
CA ALA U 440 74.16 100.84 16.25
C ALA U 440 75.33 99.87 16.27
N PHE U 441 75.06 98.58 16.45
CA PHE U 441 76.11 97.56 16.40
C PHE U 441 76.75 97.51 15.02
N LYS U 442 75.93 97.61 13.96
CA LYS U 442 76.48 97.65 12.61
C LYS U 442 77.36 98.87 12.42
N SER U 443 76.92 100.04 12.88
CA SER U 443 77.74 101.24 12.76
C SER U 443 79.06 101.05 13.47
N GLY U 444 79.04 100.47 14.67
CA GLY U 444 80.27 100.25 15.41
C GLY U 444 81.23 99.34 14.67
N ILE U 445 80.74 98.18 14.20
CA ILE U 445 81.64 97.23 13.55
C ILE U 445 82.11 97.76 12.19
N VAL U 446 81.26 98.50 11.47
CA VAL U 446 81.66 99.05 10.18
C VAL U 446 82.73 100.13 10.37
N GLN U 447 82.52 101.02 11.34
CA GLN U 447 83.53 102.03 11.62
C GLN U 447 84.85 101.37 12.05
N TYR U 448 84.76 100.32 12.87
CA TYR U 448 85.95 99.58 13.28
C TYR U 448 86.70 99.03 12.07
N LEU U 449 86.01 98.27 11.22
CA LEU U 449 86.66 97.66 10.08
C LEU U 449 87.21 98.70 9.11
N GLN U 450 86.46 99.77 8.86
CA GLN U 450 86.92 100.78 7.91
C GLN U 450 88.13 101.54 8.44
N LYS U 451 88.14 101.87 9.73
CA LYS U 451 89.27 102.62 10.28
C LYS U 451 90.51 101.74 10.41
N HIS U 452 90.34 100.45 10.69
CA HIS U 452 91.47 99.57 10.96
C HIS U 452 91.71 98.56 9.85
N SER U 453 91.18 98.81 8.66
CA SER U 453 91.45 97.94 7.51
C SER U 453 92.94 97.82 7.25
N TYR U 454 93.37 96.61 6.88
CA TYR U 454 94.77 96.32 6.55
C TYR U 454 95.70 96.58 7.74
N LYS U 455 95.18 96.44 8.96
CA LYS U 455 95.97 96.70 10.15
C LYS U 455 95.73 95.58 11.17
N ASN U 456 96.31 95.80 12.35
CA ASN U 456 96.19 94.91 13.49
C ASN U 456 95.55 95.67 14.64
N THR U 457 94.77 94.96 15.44
CA THR U 457 94.02 95.56 16.52
C THR U 457 94.21 94.76 17.81
N LYS U 458 94.07 95.44 18.93
CA LYS U 458 94.04 94.81 20.24
C LYS U 458 92.60 94.76 20.75
N ASN U 459 92.44 94.25 21.97
CA ASN U 459 91.12 94.08 22.56
C ASN U 459 90.38 95.40 22.73
N GLU U 460 91.12 96.50 22.91
CA GLU U 460 90.50 97.77 23.28
C GLU U 460 89.97 98.56 22.08
N ASP U 461 90.51 98.34 20.88
CA ASP U 461 90.04 99.09 19.72
C ASP U 461 88.57 98.81 19.43
N LEU U 462 88.13 97.56 19.66
CA LEU U 462 86.73 97.22 19.44
C LEU U 462 85.83 98.00 20.39
N TRP U 463 86.19 98.07 21.67
CA TRP U 463 85.37 98.81 22.62
C TRP U 463 85.41 100.31 22.35
N ASP U 464 86.54 100.83 21.87
CA ASP U 464 86.61 102.23 21.48
C ASP U 464 85.65 102.51 20.32
N SER U 465 85.66 101.63 19.32
CA SER U 465 84.75 101.80 18.17
C SER U 465 83.30 101.64 18.59
N MET U 466 83.03 100.85 19.62
CA MET U 466 81.65 100.68 20.08
C MET U 466 81.19 101.90 20.86
N ALA U 467 82.06 102.48 21.67
CA ALA U 467 81.71 103.68 22.43
C ALA U 467 81.65 104.92 21.56
N SER U 468 82.35 104.94 20.42
CA SER U 468 82.22 106.04 19.48
C SER U 468 80.85 106.09 18.81
N ILE U 469 80.06 105.02 18.92
CA ILE U 469 78.71 105.00 18.37
C ILE U 469 77.64 104.99 19.47
N GLY U 470 77.89 104.31 20.59
CA GLY U 470 76.94 104.32 21.69
C GLY U 470 77.04 105.59 22.51
N GLY U 471 76.18 106.56 22.22
CA GLY U 471 76.27 107.86 22.85
C GLY U 471 75.01 108.29 23.57
N GLY U 472 74.15 107.33 23.89
CA GLY U 472 72.98 107.62 24.70
C GLY U 472 73.23 107.32 26.17
N GLY U 473 74.49 107.47 26.58
CA GLY U 473 74.89 107.09 27.92
C GLY U 473 75.31 105.65 28.07
N VAL U 474 75.90 105.05 27.03
CA VAL U 474 76.23 103.64 27.02
C VAL U 474 77.75 103.54 26.94
N ASP U 475 78.39 103.22 28.07
CA ASP U 475 79.83 102.99 28.10
C ASP U 475 80.07 101.49 27.90
N VAL U 476 80.18 101.10 26.64
CA VAL U 476 80.39 99.70 26.27
C VAL U 476 81.71 99.18 26.84
N LYS U 477 82.66 100.07 27.10
CA LYS U 477 84.03 99.66 27.43
C LYS U 477 84.07 98.89 28.75
N THR U 478 83.48 99.44 29.80
CA THR U 478 83.53 98.79 31.11
C THR U 478 82.81 97.44 31.10
N MET U 479 81.62 97.41 30.51
CA MET U 479 80.84 96.18 30.45
C MET U 479 81.60 95.08 29.70
N MET U 480 82.07 95.40 28.49
CA MET U 480 82.75 94.37 27.72
C MET U 480 84.12 94.03 28.31
N ASN U 481 84.72 94.93 29.08
CA ASN U 481 85.93 94.57 29.80
C ASN U 481 85.64 93.57 30.91
N THR U 482 84.55 93.79 31.65
CA THR U 482 84.15 92.80 32.66
C THR U 482 83.80 91.46 32.02
N TRP U 483 83.33 91.47 30.78
CA TRP U 483 82.97 90.22 30.13
C TRP U 483 84.13 89.53 29.42
N THR U 484 85.16 90.27 29.00
CA THR U 484 86.25 89.69 28.24
C THR U 484 87.57 89.54 29.00
N LEU U 485 87.74 90.22 30.14
CA LEU U 485 89.02 90.21 30.84
C LEU U 485 89.01 89.37 32.11
N GLN U 486 87.89 88.71 32.43
CA GLN U 486 87.85 87.78 33.55
C GLN U 486 87.03 86.56 33.15
N LYS U 487 87.43 85.41 33.70
CA LYS U 487 86.81 84.15 33.34
C LYS U 487 85.40 84.03 33.94
N GLY U 488 84.71 82.97 33.53
CA GLY U 488 83.43 82.61 34.10
C GLY U 488 82.27 83.47 33.62
N PHE U 489 81.13 83.21 34.26
CA PHE U 489 79.86 83.86 33.92
C PHE U 489 79.02 83.93 35.19
N PRO U 490 78.06 84.85 35.25
CA PRO U 490 77.29 85.03 36.49
C PRO U 490 76.01 84.20 36.60
N LEU U 491 75.73 83.85 37.86
CA LEU U 491 74.42 83.38 38.29
C LEU U 491 73.66 84.57 38.88
N ILE U 492 72.44 84.78 38.39
CA ILE U 492 71.57 85.86 38.83
C ILE U 492 70.45 85.25 39.65
N THR U 493 70.45 85.54 40.94
CA THR U 493 69.39 85.10 41.84
C THR U 493 68.29 86.14 41.85
N ILE U 494 67.05 85.69 41.66
CA ILE U 494 65.89 86.56 41.51
C ILE U 494 64.90 86.24 42.62
N THR U 495 64.59 87.26 43.42
CA THR U 495 63.58 87.16 44.46
C THR U 495 62.45 88.12 44.11
N VAL U 496 61.22 87.67 44.26
CA VAL U 496 60.04 88.46 43.93
C VAL U 496 59.28 88.72 45.22
N ARG U 497 59.03 90.00 45.51
CA ARG U 497 58.34 90.40 46.73
C ARG U 497 57.11 91.23 46.37
N GLY U 498 56.05 90.55 45.95
CA GLY U 498 54.84 91.24 45.55
C GLY U 498 55.09 92.02 44.28
N ARG U 499 55.36 93.31 44.44
CA ARG U 499 55.70 94.18 43.32
C ARG U 499 57.18 94.56 43.34
N ASN U 500 57.95 94.08 44.32
CA ASN U 500 59.38 94.34 44.41
C ASN U 500 60.14 93.12 43.89
N VAL U 501 61.13 93.37 43.03
CA VAL U 501 61.96 92.31 42.45
C VAL U 501 63.41 92.62 42.79
N HIS U 502 64.00 91.80 43.66
CA HIS U 502 65.42 91.92 44.01
C HIS U 502 66.25 91.00 43.13
N MET U 503 67.36 91.54 42.61
CA MET U 503 68.27 90.80 41.76
C MET U 503 69.67 90.84 42.36
N LYS U 504 70.32 89.67 42.44
CA LYS U 504 71.68 89.55 42.94
C LYS U 504 72.53 88.77 41.95
N GLN U 505 73.77 89.19 41.75
CA GLN U 505 74.69 88.49 40.85
C GLN U 505 75.86 87.91 41.63
N GLU U 506 76.30 86.72 41.22
CA GLU U 506 77.50 86.11 41.80
C GLU U 506 78.17 85.25 40.74
N HIS U 507 79.39 84.82 41.02
CA HIS U 507 80.15 84.00 40.07
C HIS U 507 79.75 82.54 40.21
N TYR U 508 79.20 81.98 39.14
CA TYR U 508 78.84 80.56 39.09
C TYR U 508 80.08 79.69 38.83
N MET U 509 80.39 78.81 39.78
CA MET U 509 81.51 77.87 39.63
C MET U 509 81.09 76.55 40.25
N LYS U 510 81.14 75.47 39.46
CA LYS U 510 80.76 74.14 39.91
C LYS U 510 81.66 73.60 41.01
N GLY U 511 81.13 73.46 42.22
CA GLY U 511 81.89 73.02 43.37
C GLY U 511 82.58 71.69 43.18
N ASP U 517 82.96 82.83 45.53
CA ASP U 517 83.98 82.93 46.57
C ASP U 517 85.25 83.59 46.02
N THR U 518 85.09 84.36 44.94
CA THR U 518 86.19 85.08 44.31
C THR U 518 86.05 86.59 44.43
N GLY U 519 84.92 87.15 44.00
CA GLY U 519 84.71 88.58 43.99
C GLY U 519 84.73 89.21 42.61
N TYR U 520 84.07 88.58 41.65
CA TYR U 520 83.91 89.12 40.31
C TYR U 520 82.59 89.87 40.20
N LEU U 521 82.55 90.87 39.33
CA LEU U 521 81.35 91.64 39.06
C LEU U 521 81.29 92.00 37.58
N TRP U 522 80.11 91.82 36.99
CA TRP U 522 79.86 92.12 35.58
C TRP U 522 78.83 93.23 35.47
N HIS U 523 78.72 93.79 34.26
CA HIS U 523 77.61 94.65 33.87
C HIS U 523 76.67 93.78 33.06
N VAL U 524 75.71 93.16 33.73
CA VAL U 524 74.85 92.15 33.13
C VAL U 524 73.61 92.84 32.57
N PRO U 525 73.43 92.90 31.26
CA PRO U 525 72.18 93.43 30.70
C PRO U 525 71.04 92.44 30.80
N LEU U 526 70.31 92.47 31.91
CA LEU U 526 69.25 91.50 32.13
C LEU U 526 68.03 91.80 31.24
N THR U 527 67.33 90.74 30.85
CA THR U 527 66.08 90.83 30.13
C THR U 527 65.09 89.87 30.77
N PHE U 528 63.83 90.28 30.86
CA PHE U 528 62.83 89.47 31.53
C PHE U 528 61.44 89.73 30.97
N ILE U 529 60.56 88.76 31.18
CA ILE U 529 59.14 88.90 30.90
C ILE U 529 58.39 88.41 32.14
N THR U 530 57.09 88.71 32.17
CA THR U 530 56.23 88.35 33.29
C THR U 530 55.05 87.53 32.80
N SER U 531 54.24 87.07 33.75
CA SER U 531 53.02 86.36 33.40
C SER U 531 51.93 87.30 32.89
N LYS U 532 52.08 88.60 33.14
CA LYS U 532 51.10 89.60 32.70
C LYS U 532 51.46 90.24 31.38
N SER U 533 52.62 89.92 30.79
CA SER U 533 53.08 90.65 29.62
C SER U 533 54.11 89.84 28.87
N ASP U 534 53.88 89.67 27.57
CA ASP U 534 54.89 89.13 26.67
C ASP U 534 55.91 90.18 26.22
N MET U 535 55.75 91.43 26.66
CA MET U 535 56.69 92.48 26.28
C MET U 535 57.96 92.36 27.09
N VAL U 536 59.09 92.50 26.42
CA VAL U 536 60.40 92.32 27.04
C VAL U 536 60.84 93.65 27.63
N HIS U 537 61.00 93.69 28.94
CA HIS U 537 61.58 94.84 29.62
C HIS U 537 63.04 94.56 29.96
N ARG U 538 63.86 95.60 29.89
CA ARG U 538 65.30 95.47 30.05
C ARG U 538 65.78 96.29 31.25
N PHE U 539 66.97 95.97 31.72
CA PHE U 539 67.55 96.65 32.87
C PHE U 539 69.05 96.37 32.91
N LEU U 540 69.85 97.41 33.14
CA LEU U 540 71.30 97.30 33.15
C LEU U 540 71.76 97.19 34.61
N LEU U 541 72.10 95.97 35.02
CA LEU U 541 72.56 95.70 36.38
C LEU U 541 74.07 95.97 36.45
N LYS U 542 74.44 97.08 37.09
CA LYS U 542 75.84 97.47 37.17
C LYS U 542 76.48 97.18 38.52
N THR U 543 75.71 96.77 39.51
CA THR U 543 76.20 96.51 40.86
C THR U 543 75.93 95.04 41.22
N LYS U 544 76.25 94.69 42.46
CA LYS U 544 76.01 93.33 42.93
C LYS U 544 74.53 93.03 43.05
N THR U 545 73.79 93.91 43.71
CA THR U 545 72.35 93.74 43.92
C THR U 545 71.62 95.00 43.49
N ASP U 546 70.36 94.81 43.10
CA ASP U 546 69.50 95.92 42.72
C ASP U 546 68.05 95.47 42.90
N VAL U 547 67.12 96.38 42.61
CA VAL U 547 65.71 96.14 42.84
C VAL U 547 64.91 96.96 41.85
N LEU U 548 63.85 96.35 41.32
CA LEU U 548 62.91 97.03 40.44
C LEU U 548 61.49 96.86 40.99
N ILE U 549 60.57 97.66 40.44
CA ILE U 549 59.20 97.73 40.93
C ILE U 549 58.27 97.33 39.80
N LEU U 550 57.53 96.23 40.00
CA LEU U 550 56.52 95.81 39.06
C LEU U 550 55.26 96.66 39.20
N PRO U 551 54.45 96.75 38.15
CA PRO U 551 53.16 97.45 38.26
C PRO U 551 52.05 96.60 38.85
N GLU U 552 52.30 95.31 39.09
CA GLU U 552 51.27 94.37 39.52
C GLU U 552 51.94 93.07 39.91
N GLU U 553 51.38 92.41 40.93
CA GLU U 553 51.87 91.10 41.34
C GLU U 553 51.70 90.09 40.21
N VAL U 554 52.65 89.16 40.13
CA VAL U 554 52.70 88.19 39.03
C VAL U 554 52.78 86.77 39.55
N GLU U 555 52.22 85.84 38.78
CA GLU U 555 52.33 84.42 39.12
C GLU U 555 53.75 83.90 38.95
N TRP U 556 54.38 84.22 37.82
CA TRP U 556 55.74 83.78 37.57
C TRP U 556 56.49 84.85 36.78
N ILE U 557 57.81 84.74 36.81
CA ILE U 557 58.70 85.67 36.10
C ILE U 557 59.86 84.86 35.53
N LYS U 558 60.28 85.22 34.32
CA LYS U 558 61.31 84.49 33.59
C LYS U 558 62.38 85.47 33.13
N PHE U 559 63.60 85.29 33.62
CA PHE U 559 64.73 86.12 33.22
C PHE U 559 65.48 85.49 32.05
N ASN U 560 66.34 86.30 31.42
CA ASN U 560 67.15 85.89 30.28
C ASN U 560 66.27 85.34 29.15
N VAL U 561 65.46 86.25 28.60
CA VAL U 561 64.48 85.88 27.60
C VAL U 561 65.19 85.57 26.28
N GLY U 562 64.91 84.40 25.72
CA GLY U 562 65.46 84.01 24.44
C GLY U 562 66.94 83.69 24.44
N MET U 563 67.53 83.46 25.62
CA MET U 563 68.94 83.11 25.75
C MET U 563 69.85 84.11 25.03
N ASN U 564 69.52 85.39 25.14
CA ASN U 564 70.36 86.44 24.56
C ASN U 564 71.41 86.95 25.55
N GLY U 565 71.50 86.35 26.73
CA GLY U 565 72.48 86.77 27.72
C GLY U 565 73.34 85.62 28.18
N TYR U 566 74.61 85.91 28.43
CA TYR U 566 75.58 84.88 28.82
C TYR U 566 75.64 84.78 30.34
N TYR U 567 74.54 84.30 30.91
CA TYR U 567 74.44 84.08 32.35
C TYR U 567 73.38 83.02 32.60
N ILE U 568 73.29 82.59 33.86
CA ILE U 568 72.23 81.68 34.26
C ILE U 568 71.43 82.33 35.39
N VAL U 569 70.19 81.86 35.56
CA VAL U 569 69.24 82.50 36.45
C VAL U 569 68.68 81.47 37.43
N HIS U 570 68.63 81.84 38.71
CA HIS U 570 68.03 81.05 39.77
C HIS U 570 66.88 81.84 40.37
N TYR U 571 65.81 81.14 40.76
CA TYR U 571 64.60 81.77 41.26
C TYR U 571 64.35 81.33 42.69
N GLU U 572 64.18 82.29 43.59
CA GLU U 572 63.98 81.96 44.99
C GLU U 572 62.52 81.61 45.28
N ASP U 573 62.31 81.00 46.44
CA ASP U 573 60.99 80.64 46.98
C ASP U 573 60.34 79.61 46.06
N ASP U 574 59.03 79.70 45.82
CA ASP U 574 58.30 78.75 44.98
C ASP U 574 58.36 79.08 43.50
N GLY U 575 59.39 79.83 43.06
CA GLY U 575 59.49 80.18 41.66
C GLY U 575 59.71 78.96 40.78
N TRP U 576 60.62 78.07 41.20
CA TRP U 576 60.89 76.88 40.41
C TRP U 576 59.69 75.94 40.39
N ASP U 577 58.95 75.86 41.51
CA ASP U 577 57.72 75.07 41.52
C ASP U 577 56.69 75.66 40.56
N SER U 578 56.55 76.98 40.55
CA SER U 578 55.64 77.63 39.61
C SER U 578 56.03 77.34 38.17
N LEU U 579 57.33 77.38 37.88
CA LEU U 579 57.79 77.11 36.52
C LEU U 579 57.58 75.65 36.15
N THR U 580 57.75 74.73 37.11
CA THR U 580 57.44 73.33 36.84
C THR U 580 55.97 73.14 36.50
N GLY U 581 55.09 73.79 37.27
CA GLY U 581 53.67 73.73 36.95
C GLY U 581 53.35 74.32 35.59
N LEU U 582 53.99 75.45 35.25
CA LEU U 582 53.79 76.06 33.94
C LEU U 582 54.21 75.11 32.83
N LEU U 583 55.39 74.50 32.95
CA LEU U 583 55.87 73.59 31.92
C LEU U 583 54.99 72.36 31.79
N LYS U 584 54.53 71.80 32.92
CA LYS U 584 53.64 70.65 32.84
C LYS U 584 52.26 71.00 32.31
N GLY U 585 51.85 72.26 32.44
CA GLY U 585 50.55 72.68 31.94
C GLY U 585 50.52 73.13 30.50
N THR U 586 51.13 74.29 30.21
CA THR U 586 51.12 74.86 28.87
C THR U 586 52.51 75.39 28.53
N HIS U 587 53.37 74.49 28.03
CA HIS U 587 54.73 74.87 27.66
C HIS U 587 54.78 75.95 26.59
N THR U 588 53.70 76.13 25.81
CA THR U 588 53.68 77.17 24.79
C THR U 588 53.54 78.56 25.36
N ALA U 589 53.47 78.72 26.69
CA ALA U 589 53.41 80.04 27.28
C ALA U 589 54.73 80.80 27.13
N VAL U 590 55.83 80.08 26.95
CA VAL U 590 57.13 80.69 26.71
C VAL U 590 57.71 80.10 25.42
N SER U 591 58.81 80.70 24.97
CA SER U 591 59.41 80.31 23.70
C SER U 591 60.24 79.05 23.85
N SER U 592 60.60 78.47 22.70
CA SER U 592 61.42 77.26 22.68
C SER U 592 62.77 77.51 23.34
N ASN U 593 63.44 78.61 22.99
CA ASN U 593 64.71 78.94 23.60
C ASN U 593 64.58 79.18 25.09
N ASP U 594 63.44 79.75 25.52
CA ASP U 594 63.23 79.96 26.95
C ASP U 594 63.08 78.64 27.69
N ARG U 595 62.32 77.69 27.12
CA ARG U 595 62.22 76.37 27.75
C ARG U 595 63.58 75.69 27.83
N ALA U 596 64.36 75.76 26.74
CA ALA U 596 65.69 75.15 26.74
C ALA U 596 66.58 75.78 27.81
N SER U 597 66.55 77.11 27.92
CA SER U 597 67.34 77.79 28.94
C SER U 597 66.90 77.40 30.34
N LEU U 598 65.59 77.23 30.54
CA LEU U 598 65.09 76.78 31.83
C LEU U 598 65.67 75.42 32.20
N ILE U 599 65.62 74.48 31.26
CA ILE U 599 66.16 73.13 31.52
C ILE U 599 67.64 73.21 31.86
N ASN U 600 68.43 73.86 30.99
CA ASN U 600 69.87 73.91 31.18
C ASN U 600 70.24 74.59 32.50
N ASN U 601 69.60 75.73 32.80
CA ASN U 601 69.91 76.45 34.02
C ASN U 601 69.53 75.64 35.25
N ALA U 602 68.37 74.98 35.22
CA ALA U 602 67.95 74.14 36.34
C ALA U 602 68.98 73.05 36.62
N PHE U 603 69.45 72.38 35.58
CA PHE U 603 70.41 71.30 35.82
C PHE U 603 71.78 71.84 36.23
N GLN U 604 72.21 72.98 35.69
CA GLN U 604 73.47 73.56 36.16
C GLN U 604 73.37 74.00 37.62
N LEU U 605 72.19 74.39 38.08
CA LEU U 605 72.03 74.73 39.49
C LEU U 605 71.97 73.48 40.36
N VAL U 606 71.40 72.40 39.82
CA VAL U 606 71.49 71.11 40.51
C VAL U 606 72.95 70.72 40.69
N SER U 607 73.78 71.03 39.70
CA SER U 607 75.20 70.71 39.77
C SER U 607 75.92 71.38 40.94
N ILE U 608 75.33 72.42 41.52
CA ILE U 608 75.96 73.12 42.64
C ILE U 608 75.10 73.10 43.91
N GLY U 609 73.90 72.55 43.85
CA GLY U 609 73.13 72.32 45.06
C GLY U 609 72.13 73.39 45.42
N LYS U 610 71.99 74.45 44.62
CA LYS U 610 70.96 75.45 44.87
C LYS U 610 69.57 74.96 44.49
N LEU U 611 69.47 73.79 43.88
CA LEU U 611 68.20 73.21 43.47
C LEU U 611 68.38 71.69 43.47
N SER U 612 67.35 70.97 43.90
CA SER U 612 67.46 69.53 44.04
C SER U 612 67.26 68.82 42.71
N ILE U 613 67.99 67.70 42.56
CA ILE U 613 67.88 66.87 41.36
C ILE U 613 66.48 66.31 41.23
N GLU U 614 65.79 66.10 42.35
CA GLU U 614 64.42 65.62 42.30
C GLU U 614 63.51 66.65 41.64
N LYS U 615 63.64 67.92 42.04
CA LYS U 615 62.86 68.98 41.40
C LYS U 615 63.26 69.16 39.95
N ALA U 616 64.55 68.97 39.63
CA ALA U 616 64.99 69.04 38.24
C ALA U 616 64.29 67.99 37.39
N LEU U 617 64.22 66.75 37.88
CA LEU U 617 63.55 65.69 37.12
C LEU U 617 62.05 65.91 37.06
N ASP U 618 61.45 66.43 38.15
CA ASP U 618 60.04 66.81 38.09
C ASP U 618 59.78 67.83 37.00
N LEU U 619 60.67 68.82 36.86
CA LEU U 619 60.57 69.77 35.77
C LEU U 619 60.76 69.09 34.41
N SER U 620 61.70 68.15 34.34
CA SER U 620 61.97 67.45 33.09
C SER U 620 60.77 66.65 32.62
N LEU U 621 59.91 66.21 33.55
CA LEU U 621 58.74 65.42 33.20
C LEU U 621 57.85 66.10 32.16
N TYR U 622 57.98 67.42 31.97
CA TYR U 622 57.13 68.11 31.00
C TYR U 622 57.46 67.76 29.56
N LEU U 623 58.63 67.16 29.31
CA LEU U 623 59.01 66.78 27.95
C LEU U 623 58.13 65.68 27.37
N LYS U 624 57.25 65.08 28.16
CA LYS U 624 56.32 64.09 27.62
C LYS U 624 55.42 64.67 26.55
N HIS U 625 55.19 65.99 26.58
CA HIS U 625 54.37 66.67 25.58
C HIS U 625 55.17 67.71 24.80
N GLU U 626 56.50 67.72 24.95
CA GLU U 626 57.33 68.67 24.22
C GLU U 626 57.57 68.17 22.80
N THR U 627 57.64 69.12 21.85
CA THR U 627 57.78 68.79 20.45
C THR U 627 58.83 69.61 19.73
N GLU U 628 59.48 70.55 20.40
CA GLU U 628 60.39 71.47 19.73
C GLU U 628 61.84 71.02 19.86
N ILE U 629 62.60 71.29 18.79
CA ILE U 629 63.94 70.72 18.64
C ILE U 629 64.88 71.25 19.70
N MET U 630 64.84 72.56 19.97
CA MET U 630 65.77 73.12 20.94
C MET U 630 65.53 72.59 22.35
N PRO U 631 64.32 72.61 22.90
CA PRO U 631 64.14 72.04 24.25
C PRO U 631 64.38 70.54 24.29
N VAL U 632 63.97 69.80 23.26
CA VAL U 632 64.20 68.35 23.26
C VAL U 632 65.70 68.05 23.25
N PHE U 633 66.44 68.71 22.37
CA PHE U 633 67.88 68.49 22.29
C PHE U 633 68.59 68.92 23.57
N GLN U 634 68.12 70.02 24.19
CA GLN U 634 68.77 70.45 25.43
C GLN U 634 68.49 69.47 26.57
N GLY U 635 67.26 68.97 26.66
CA GLY U 635 66.98 67.93 27.64
C GLY U 635 67.82 66.69 27.42
N LEU U 636 67.99 66.29 26.16
CA LEU U 636 68.84 65.14 25.87
C LEU U 636 70.30 65.41 26.27
N ASN U 637 70.82 66.60 25.92
CA ASN U 637 72.20 66.92 26.24
C ASN U 637 72.43 67.04 27.74
N GLU U 638 71.39 67.34 28.50
CA GLU U 638 71.52 67.43 29.96
C GLU U 638 71.24 66.11 30.67
N LEU U 639 70.53 65.18 30.03
CA LEU U 639 70.21 63.91 30.65
C LEU U 639 71.15 62.77 30.28
N ILE U 640 71.65 62.77 29.03
CA ILE U 640 72.51 61.67 28.59
C ILE U 640 73.78 61.54 29.42
N PRO U 641 74.51 62.61 29.75
CA PRO U 641 75.74 62.44 30.54
C PRO U 641 75.53 61.72 31.87
N MET U 642 74.32 61.75 32.42
CA MET U 642 74.07 61.06 33.68
C MET U 642 74.19 59.54 33.51
N TYR U 643 73.43 58.97 32.57
CA TYR U 643 73.59 57.54 32.34
C TYR U 643 74.93 57.21 31.69
N LYS U 644 75.58 58.19 31.06
CA LYS U 644 76.96 57.96 30.61
C LYS U 644 77.89 57.77 31.81
N LEU U 645 77.70 58.56 32.86
CA LEU U 645 78.45 58.33 34.11
C LEU U 645 78.09 56.98 34.72
N MET U 646 76.80 56.61 34.66
CA MET U 646 76.38 55.34 35.24
C MET U 646 76.98 54.15 34.51
N GLU U 647 77.16 54.25 33.19
CA GLU U 647 77.69 53.14 32.41
C GLU U 647 79.11 52.77 32.84
N LYS U 648 79.87 53.73 33.35
CA LYS U 648 81.25 53.49 33.74
C LYS U 648 81.37 52.76 35.08
N ARG U 649 80.26 52.43 35.74
CA ARG U 649 80.28 51.83 37.06
C ARG U 649 79.38 50.60 37.08
N ASP U 650 79.30 49.98 38.25
CA ASP U 650 78.41 48.84 38.49
C ASP U 650 77.07 49.39 39.00
N MET U 651 76.22 49.77 38.06
CA MET U 651 74.94 50.40 38.36
C MET U 651 73.91 49.97 37.32
N ASN U 652 73.83 48.67 37.07
CA ASN U 652 73.02 48.19 35.96
C ASN U 652 71.53 48.45 36.19
N GLU U 653 71.04 48.18 37.39
CA GLU U 653 69.62 48.37 37.69
C GLU U 653 69.22 49.83 37.54
N VAL U 654 69.97 50.74 38.16
CA VAL U 654 69.62 52.16 38.13
C VAL U 654 69.79 52.71 36.72
N GLU U 655 70.82 52.27 36.01
CA GLU U 655 71.03 52.71 34.64
C GLU U 655 69.89 52.27 33.73
N THR U 656 69.43 51.03 33.89
CA THR U 656 68.32 50.54 33.09
C THR U 656 67.03 51.28 33.41
N GLN U 657 66.76 51.51 34.69
CA GLN U 657 65.59 52.31 35.07
C GLN U 657 65.65 53.71 34.46
N PHE U 658 66.83 54.34 34.48
CA PHE U 658 66.98 55.68 33.93
C PHE U 658 66.75 55.69 32.43
N LYS U 659 67.32 54.72 31.71
CA LYS U 659 67.12 54.64 30.27
C LYS U 659 65.66 54.40 29.93
N ALA U 660 64.98 53.52 30.69
CA ALA U 660 63.57 53.27 30.44
C ALA U 660 62.74 54.52 30.67
N PHE U 661 63.03 55.27 31.74
CA PHE U 661 62.32 56.52 31.99
C PHE U 661 62.57 57.53 30.87
N LEU U 662 63.83 57.64 30.42
CA LEU U 662 64.15 58.56 29.34
C LEU U 662 63.38 58.22 28.07
N ILE U 663 63.32 56.93 27.73
CA ILE U 663 62.60 56.53 26.52
C ILE U 663 61.10 56.78 26.68
N ARG U 664 60.55 56.46 27.84
CA ARG U 664 59.12 56.67 28.06
C ARG U 664 58.75 58.15 28.05
N LEU U 665 59.71 59.03 28.38
CA LEU U 665 59.41 60.46 28.37
C LEU U 665 59.14 60.96 26.96
N LEU U 666 59.90 60.49 25.97
CA LEU U 666 59.76 60.95 24.59
C LEU U 666 59.12 59.91 23.68
N ARG U 667 58.53 58.85 24.26
CA ARG U 667 57.95 57.78 23.45
C ARG U 667 56.85 58.31 22.53
N ASP U 668 56.03 59.25 23.00
CA ASP U 668 54.96 59.78 22.17
C ASP U 668 55.51 60.44 20.91
N LEU U 669 56.52 61.30 21.09
CA LEU U 669 57.10 61.99 19.94
C LEU U 669 57.83 61.00 19.02
N ILE U 670 58.52 60.02 19.61
CA ILE U 670 59.22 59.03 18.79
C ILE U 670 58.24 58.24 17.95
N ASP U 671 57.12 57.82 18.55
CA ASP U 671 56.10 57.10 17.79
C ASP U 671 55.48 57.97 16.72
N LYS U 672 55.26 59.26 17.02
CA LYS U 672 54.67 60.14 16.01
C LYS U 672 55.65 60.43 14.87
N GLN U 673 56.95 60.28 15.12
CA GLN U 673 57.94 60.47 14.05
C GLN U 673 57.74 59.46 12.94
N THR U 674 57.81 59.92 11.70
CA THR U 674 57.71 59.08 10.52
C THR U 674 59.09 58.55 10.13
N TRP U 675 59.10 57.64 9.15
CA TRP U 675 60.35 57.08 8.67
C TRP U 675 60.63 57.51 7.24
N THR U 676 60.72 58.82 7.02
CA THR U 676 60.93 59.40 5.70
C THR U 676 61.82 60.63 5.83
N ASP U 677 62.16 61.23 4.70
CA ASP U 677 62.96 62.45 4.65
C ASP U 677 62.12 63.71 4.49
N GLU U 678 60.91 63.73 5.06
CA GLU U 678 60.01 64.86 4.90
C GLU U 678 60.30 65.96 5.91
N GLY U 679 59.72 67.13 5.66
CA GLY U 679 59.78 68.22 6.60
C GLY U 679 60.97 69.15 6.40
N SER U 680 60.99 70.20 7.20
CA SER U 680 62.06 71.18 7.16
C SER U 680 63.34 70.61 7.74
N VAL U 681 64.42 71.40 7.69
CA VAL U 681 65.70 70.96 8.22
C VAL U 681 65.59 70.62 9.71
N SER U 682 64.89 71.48 10.47
CA SER U 682 64.69 71.24 11.90
C SER U 682 63.96 69.93 12.14
N GLU U 683 62.85 69.71 11.43
CA GLU U 683 62.06 68.50 11.62
C GLU U 683 62.86 67.26 11.22
N ARG U 684 63.68 67.37 10.16
CA ARG U 684 64.48 66.23 9.73
C ARG U 684 65.54 65.87 10.75
N MET U 685 66.24 66.88 11.29
CA MET U 685 67.24 66.59 12.31
C MET U 685 66.60 66.01 13.57
N LEU U 686 65.43 66.54 13.95
CA LEU U 686 64.71 66.00 15.11
C LEU U 686 64.34 64.53 14.89
N ARG U 687 63.82 64.22 13.71
CA ARG U 687 63.47 62.82 13.42
C ARG U 687 64.69 61.92 13.46
N SER U 688 65.78 62.36 12.84
CA SER U 688 67.00 61.54 12.80
C SER U 688 67.48 61.24 14.20
N GLN U 689 67.61 62.27 15.04
CA GLN U 689 68.13 62.04 16.39
C GLN U 689 67.15 61.23 17.24
N LEU U 690 65.85 61.44 17.07
CA LEU U 690 64.89 60.69 17.88
C LEU U 690 64.91 59.21 17.51
N LEU U 691 64.88 58.90 16.22
CA LEU U 691 64.92 57.51 15.80
C LEU U 691 66.24 56.85 16.19
N LEU U 692 67.36 57.57 16.06
CA LEU U 692 68.63 57.02 16.48
C LEU U 692 68.64 56.70 17.98
N LEU U 693 68.16 57.64 18.79
CA LEU U 693 68.11 57.43 20.24
C LEU U 693 67.24 56.23 20.60
N ALA U 694 66.05 56.15 20.01
CA ALA U 694 65.13 55.06 20.33
C ALA U 694 65.74 53.71 19.93
N CYS U 695 66.26 53.61 18.70
CA CYS U 695 66.83 52.35 18.27
CA CYS U 695 66.87 52.37 18.24
C CYS U 695 68.09 51.99 19.06
N VAL U 696 68.81 52.99 19.58
CA VAL U 696 69.98 52.70 20.41
C VAL U 696 69.54 52.16 21.77
N HIS U 697 68.50 52.74 22.36
CA HIS U 697 67.99 52.28 23.64
C HIS U 697 66.98 51.15 23.50
N ASN U 698 66.88 50.55 22.31
CA ASN U 698 66.23 49.25 22.11
C ASN U 698 64.71 49.35 22.22
N TYR U 699 64.14 50.34 21.54
CA TYR U 699 62.69 50.41 21.36
C TYR U 699 62.30 49.39 20.30
N GLN U 700 61.62 48.31 20.72
CA GLN U 700 61.45 47.15 19.85
C GLN U 700 60.76 47.45 18.53
N PRO U 701 59.75 48.33 18.44
CA PRO U 701 59.25 48.69 17.09
C PRO U 701 60.31 49.30 16.19
N CYS U 702 61.07 50.28 16.70
CA CYS U 702 62.16 50.86 15.94
CA CYS U 702 62.14 50.86 15.92
C CYS U 702 63.17 49.80 15.53
N VAL U 703 63.51 48.91 16.45
CA VAL U 703 64.48 47.86 16.16
C VAL U 703 63.98 46.96 15.04
N GLN U 704 62.71 46.58 15.09
CA GLN U 704 62.16 45.71 14.06
C GLN U 704 62.15 46.39 12.70
N ARG U 705 61.69 47.64 12.64
CA ARG U 705 61.61 48.32 11.35
C ARG U 705 63.00 48.60 10.79
N ALA U 706 63.96 48.95 11.66
CA ALA U 706 65.32 49.19 11.20
C ALA U 706 65.98 47.90 10.75
N GLU U 707 65.70 46.79 11.43
CA GLU U 707 66.20 45.50 10.97
C GLU U 707 65.63 45.15 9.61
N GLY U 708 64.34 45.43 9.39
CA GLY U 708 63.76 45.20 8.07
C GLY U 708 64.42 46.03 6.98
N TYR U 709 64.60 47.33 7.26
CA TYR U 709 65.26 48.19 6.28
C TYR U 709 66.69 47.73 6.00
N PHE U 710 67.43 47.36 7.05
CA PHE U 710 68.80 46.90 6.87
C PHE U 710 68.84 45.57 6.12
N ARG U 711 67.87 44.70 6.35
CA ARG U 711 67.81 43.44 5.62
C ARG U 711 67.60 43.69 4.14
N LYS U 712 66.62 44.53 3.80
CA LYS U 712 66.39 44.85 2.40
C LYS U 712 67.63 45.50 1.77
N TRP U 713 68.30 46.38 2.52
CA TRP U 713 69.46 47.08 1.98
C TRP U 713 70.62 46.11 1.75
N LYS U 714 70.90 45.24 2.73
CA LYS U 714 71.98 44.27 2.59
C LYS U 714 71.70 43.28 1.47
N GLU U 715 70.45 42.86 1.31
CA GLU U 715 70.12 41.98 0.19
C GLU U 715 70.21 42.71 -1.15
N SER U 716 69.97 44.02 -1.16
CA SER U 716 70.17 44.82 -2.37
C SER U 716 71.62 45.19 -2.61
N ASN U 717 72.52 44.89 -1.65
CA ASN U 717 73.96 45.14 -1.80
C ASN U 717 74.26 46.64 -1.84
N GLY U 718 73.63 47.38 -0.93
CA GLY U 718 73.81 48.81 -0.86
C GLY U 718 73.15 49.61 -1.96
N ASN U 719 72.55 48.95 -2.95
CA ASN U 719 71.96 49.67 -4.08
C ASN U 719 70.64 50.34 -3.71
N LEU U 720 69.92 49.79 -2.74
CA LEU U 720 68.65 50.37 -2.33
C LEU U 720 68.87 51.74 -1.70
N SER U 721 68.12 52.72 -2.17
CA SER U 721 68.20 54.07 -1.63
C SER U 721 67.38 54.15 -0.34
N LEU U 722 68.05 54.44 0.77
CA LEU U 722 67.41 54.56 2.07
C LEU U 722 67.17 56.02 2.42
N PRO U 723 66.16 56.30 3.25
CA PRO U 723 65.98 57.66 3.75
C PRO U 723 67.20 58.11 4.55
N VAL U 724 67.75 59.27 4.17
CA VAL U 724 68.99 59.75 4.76
C VAL U 724 68.84 59.95 6.26
N ASP U 725 67.66 60.36 6.72
CA ASP U 725 67.48 60.62 8.15
C ASP U 725 67.47 59.33 8.96
N VAL U 726 66.77 58.30 8.48
CA VAL U 726 66.74 57.02 9.18
C VAL U 726 67.96 56.17 8.91
N THR U 727 68.85 56.62 8.00
CA THR U 727 70.05 55.86 7.69
C THR U 727 70.91 55.65 8.93
N LEU U 728 71.00 56.67 9.78
CA LEU U 728 71.78 56.57 11.02
C LEU U 728 71.28 55.41 11.88
N ALA U 729 69.98 55.40 12.16
CA ALA U 729 69.41 54.34 12.99
C ALA U 729 69.55 52.97 12.32
N VAL U 730 69.33 52.90 11.01
CA VAL U 730 69.41 51.63 10.32
C VAL U 730 70.82 51.05 10.40
N PHE U 731 71.83 51.89 10.17
CA PHE U 731 73.21 51.43 10.27
C PHE U 731 73.56 51.02 11.70
N ALA U 732 73.14 51.83 12.68
CA ALA U 732 73.45 51.51 14.07
C ALA U 732 72.81 50.20 14.50
N VAL U 733 71.62 49.89 13.99
CA VAL U 733 70.97 48.63 14.31
C VAL U 733 71.67 47.48 13.60
N GLY U 734 71.95 47.64 12.30
CA GLY U 734 72.54 46.56 11.53
C GLY U 734 73.95 46.21 11.98
N ALA U 735 74.67 47.17 12.56
CA ALA U 735 76.05 46.92 13.00
C ALA U 735 76.15 46.13 14.29
N GLN U 736 75.04 45.67 14.86
CA GLN U 736 75.11 44.91 16.11
C GLN U 736 75.57 43.48 15.89
N SER U 737 75.24 42.88 14.75
CA SER U 737 75.70 41.54 14.42
C SER U 737 76.99 41.62 13.61
N THR U 738 77.79 40.55 13.69
CA THR U 738 79.07 40.52 12.98
C THR U 738 78.88 40.61 11.48
N GLU U 739 77.85 39.93 10.95
CA GLU U 739 77.61 39.94 9.50
C GLU U 739 77.37 41.36 8.99
N GLY U 740 76.42 42.06 9.60
CA GLY U 740 76.12 43.42 9.18
C GLY U 740 77.29 44.37 9.42
N TRP U 741 78.04 44.15 10.50
CA TRP U 741 79.23 44.96 10.76
C TRP U 741 80.23 44.83 9.61
N ASP U 742 80.55 43.60 9.22
CA ASP U 742 81.50 43.39 8.13
C ASP U 742 80.96 43.95 6.82
N PHE U 743 79.64 43.82 6.59
CA PHE U 743 79.05 44.37 5.36
C PHE U 743 79.19 45.89 5.32
N LEU U 744 78.87 46.55 6.43
CA LEU U 744 79.02 48.00 6.52
C LEU U 744 80.46 48.42 6.28
N TYR U 745 81.43 47.72 6.89
CA TYR U 745 82.82 48.09 6.67
C TYR U 745 83.23 47.87 5.21
N SER U 746 82.72 46.80 4.59
CA SER U 746 83.04 46.56 3.19
C SER U 746 82.52 47.69 2.31
N LYS U 747 81.35 48.23 2.64
CA LYS U 747 80.83 49.35 1.85
C LYS U 747 81.55 50.67 2.17
N TYR U 748 82.08 50.79 3.39
CA TYR U 748 82.75 52.03 3.80
C TYR U 748 83.89 52.40 2.86
N GLN U 749 84.72 51.43 2.49
CA GLN U 749 85.91 51.73 1.70
C GLN U 749 85.57 52.39 0.37
N PHE U 750 84.52 51.90 -0.29
CA PHE U 750 84.18 52.37 -1.63
C PHE U 750 83.14 53.49 -1.62
N SER U 751 82.47 53.74 -0.50
CA SER U 751 81.55 54.86 -0.43
C SER U 751 82.30 56.18 -0.66
N LEU U 752 81.60 57.14 -1.25
CA LEU U 752 82.17 58.46 -1.53
C LEU U 752 81.40 59.60 -0.88
N SER U 753 80.31 59.33 -0.18
CA SER U 753 79.57 60.35 0.54
C SER U 753 80.10 60.46 1.96
N SER U 754 80.42 61.69 2.37
CA SER U 754 81.01 61.89 3.69
C SER U 754 80.00 61.65 4.81
N THR U 755 78.74 62.01 4.59
CA THR U 755 77.71 61.70 5.58
C THR U 755 77.54 60.20 5.74
N GLU U 756 77.51 59.47 4.62
CA GLU U 756 77.44 58.01 4.69
C GLU U 756 78.66 57.44 5.41
N LYS U 757 79.84 58.01 5.15
CA LYS U 757 81.05 57.56 5.83
C LYS U 757 80.95 57.77 7.34
N SER U 758 80.48 58.94 7.76
CA SER U 758 80.36 59.24 9.17
C SER U 758 79.32 58.35 9.85
N GLN U 759 78.21 58.07 9.16
CA GLN U 759 77.19 57.20 9.73
C GLN U 759 77.70 55.77 9.87
N ILE U 760 78.47 55.31 8.88
CA ILE U 760 79.09 53.98 9.00
C ILE U 760 80.08 53.95 10.15
N GLU U 761 80.85 55.03 10.33
CA GLU U 761 81.79 55.12 11.45
C GLU U 761 81.05 55.01 12.78
N PHE U 762 79.97 55.77 12.94
CA PHE U 762 79.20 55.72 14.17
C PHE U 762 78.61 54.34 14.40
N ALA U 763 78.07 53.73 13.35
CA ALA U 763 77.52 52.38 13.47
C ALA U 763 78.58 51.38 13.94
N LEU U 764 79.77 51.43 13.33
CA LEU U 764 80.83 50.50 13.70
C LEU U 764 81.34 50.77 15.11
N CYS U 765 81.35 52.03 15.55
CA CYS U 765 81.75 52.31 16.92
C CYS U 765 80.69 51.89 17.92
N ARG U 766 79.43 51.83 17.49
CA ARG U 766 78.35 51.33 18.35
C ARG U 766 78.43 49.81 18.59
N THR U 767 79.49 49.11 18.22
CA THR U 767 79.50 47.66 18.36
C THR U 767 79.87 47.25 19.77
N GLN U 768 79.64 45.97 20.08
CA GLN U 768 80.01 45.39 21.36
C GLN U 768 81.24 44.51 21.29
N ASN U 769 81.74 44.23 20.09
CA ASN U 769 82.85 43.30 19.92
C ASN U 769 84.16 44.01 20.23
N LYS U 770 84.85 43.53 21.27
CA LYS U 770 86.12 44.11 21.67
C LYS U 770 87.13 44.07 20.54
N GLU U 771 87.14 42.97 19.77
CA GLU U 771 88.06 42.84 18.65
C GLU U 771 87.76 43.88 17.58
N LYS U 772 86.47 44.12 17.32
CA LYS U 772 86.12 45.09 16.29
C LYS U 772 86.45 46.52 16.74
N LEU U 773 86.24 46.83 18.01
CA LEU U 773 86.66 48.13 18.53
C LEU U 773 88.16 48.33 18.42
N GLN U 774 88.94 47.32 18.84
CA GLN U 774 90.39 47.41 18.75
C GLN U 774 90.86 47.55 17.31
N TRP U 775 90.22 46.82 16.38
CA TRP U 775 90.62 46.90 14.98
C TRP U 775 90.31 48.27 14.39
N LEU U 776 89.12 48.81 14.70
CA LEU U 776 88.79 50.17 14.28
C LEU U 776 89.82 51.16 14.78
N LEU U 777 90.18 51.06 16.07
CA LEU U 777 91.18 51.96 16.65
C LEU U 777 92.50 51.84 15.90
N ASP U 778 92.99 50.61 15.72
CA ASP U 778 94.30 50.40 15.09
C ASP U 778 94.33 50.96 13.67
N GLU U 779 93.27 50.69 12.89
CA GLU U 779 93.30 51.10 11.49
C GLU U 779 93.09 52.60 11.35
N SER U 780 92.22 53.19 12.18
CA SER U 780 92.05 54.63 12.13
C SER U 780 93.30 55.36 12.61
N PHE U 781 94.11 54.74 13.48
CA PHE U 781 95.41 55.32 13.80
C PHE U 781 96.37 55.21 12.63
N LYS U 782 96.47 54.02 12.04
CA LYS U 782 97.42 53.80 10.95
C LYS U 782 97.13 54.72 9.76
N GLY U 783 95.86 54.96 9.46
CA GLY U 783 95.50 55.93 8.44
C GLY U 783 95.37 55.37 7.04
N ASP U 784 95.37 54.05 6.87
CA ASP U 784 95.24 53.45 5.54
C ASP U 784 93.77 53.13 5.27
N LYS U 785 93.23 52.16 6.01
CA LYS U 785 91.85 51.75 5.81
C LYS U 785 90.87 52.84 6.27
N ILE U 786 91.22 53.58 7.32
CA ILE U 786 90.45 54.74 7.78
C ILE U 786 91.41 55.89 7.99
N LYS U 787 91.15 57.02 7.33
CA LYS U 787 92.07 58.16 7.38
C LYS U 787 92.27 58.64 8.82
N THR U 788 93.46 59.19 9.07
CA THR U 788 93.83 59.61 10.42
C THR U 788 93.06 60.83 10.89
N GLN U 789 92.56 61.65 9.96
CA GLN U 789 91.79 62.83 10.33
C GLN U 789 90.53 62.48 11.11
N GLU U 790 90.01 61.27 10.94
CA GLU U 790 88.81 60.82 11.63
C GLU U 790 89.10 60.19 13.00
N PHE U 791 90.38 60.09 13.38
CA PHE U 791 90.73 59.36 14.60
C PHE U 791 90.13 59.96 15.87
N PRO U 792 90.21 61.28 16.13
CA PRO U 792 89.69 61.78 17.41
C PRO U 792 88.22 61.51 17.63
N GLN U 793 87.39 61.68 16.59
CA GLN U 793 85.96 61.40 16.74
C GLN U 793 85.70 59.91 16.98
N ILE U 794 86.47 59.04 16.33
CA ILE U 794 86.32 57.60 16.58
C ILE U 794 86.71 57.27 18.01
N LEU U 795 87.79 57.87 18.49
CA LEU U 795 88.20 57.67 19.88
C LEU U 795 87.13 58.15 20.85
N THR U 796 86.51 59.29 20.54
CA THR U 796 85.45 59.81 21.41
C THR U 796 84.23 58.90 21.42
N LEU U 797 83.84 58.40 20.24
CA LEU U 797 82.69 57.49 20.18
C LEU U 797 82.97 56.19 20.91
N ILE U 798 84.21 55.69 20.82
CA ILE U 798 84.53 54.45 21.53
C ILE U 798 84.62 54.69 23.02
N GLY U 799 85.09 55.86 23.46
CA GLY U 799 85.05 56.21 24.86
C GLY U 799 83.63 56.39 25.38
N ARG U 800 82.70 56.76 24.49
CA ARG U 800 81.29 56.80 24.86
C ARG U 800 80.70 55.41 24.94
N ASN U 801 81.13 54.51 24.06
CA ASN U 801 80.63 53.15 24.04
C ASN U 801 80.83 52.50 25.42
N PRO U 802 79.79 51.90 26.00
CA PRO U 802 79.93 51.37 27.37
C PRO U 802 80.96 50.27 27.51
N VAL U 803 81.35 49.62 26.42
CA VAL U 803 82.35 48.55 26.46
C VAL U 803 83.67 48.95 25.83
N GLY U 804 83.81 50.20 25.39
CA GLY U 804 84.99 50.61 24.67
C GLY U 804 85.87 51.61 25.39
N TYR U 805 85.37 52.21 26.46
CA TYR U 805 86.15 53.24 27.15
C TYR U 805 87.47 52.71 27.72
N PRO U 806 87.58 51.49 28.24
CA PRO U 806 88.92 51.03 28.67
C PRO U 806 89.87 50.90 27.51
N LEU U 807 89.39 50.41 26.37
CA LEU U 807 90.24 50.32 25.18
C LEU U 807 90.69 51.70 24.74
N ALA U 808 89.79 52.69 24.77
CA ALA U 808 90.15 54.04 24.34
C ALA U 808 91.16 54.67 25.29
N TRP U 809 90.91 54.55 26.60
CA TRP U 809 91.83 55.09 27.60
C TRP U 809 93.21 54.46 27.49
N GLN U 810 93.25 53.13 27.36
CA GLN U 810 94.52 52.42 27.23
C GLN U 810 95.23 52.79 25.93
N PHE U 811 94.49 52.94 24.83
CA PHE U 811 95.10 53.28 23.55
C PHE U 811 95.71 54.68 23.62
N LEU U 812 94.98 55.64 24.17
CA LEU U 812 95.52 56.99 24.33
C LEU U 812 96.77 56.97 25.21
N ARG U 813 96.71 56.24 26.33
CA ARG U 813 97.86 56.15 27.23
C ARG U 813 99.08 55.61 26.51
N LYS U 814 98.90 54.53 25.74
CA LYS U 814 100.04 53.84 25.15
C LYS U 814 100.54 54.52 23.88
N ASN U 815 99.73 55.36 23.23
CA ASN U 815 100.17 56.03 22.01
C ASN U 815 100.15 57.55 22.12
N TRP U 816 100.25 58.10 23.34
CA TRP U 816 100.28 59.55 23.51
C TRP U 816 101.37 60.21 22.68
N ASN U 817 102.56 59.60 22.63
CA ASN U 817 103.71 60.25 21.99
C ASN U 817 103.46 60.48 20.50
N LYS U 818 103.08 59.43 19.78
CA LYS U 818 102.84 59.55 18.34
C LYS U 818 101.64 60.46 18.06
N LEU U 819 100.63 60.42 18.93
CA LEU U 819 99.49 61.31 18.75
C LEU U 819 99.90 62.77 18.85
N VAL U 820 100.76 63.10 19.82
CA VAL U 820 101.27 64.47 19.93
C VAL U 820 102.10 64.82 18.69
N GLN U 821 102.92 63.87 18.24
CA GLN U 821 103.75 64.12 17.07
C GLN U 821 102.92 64.35 15.81
N LYS U 822 101.73 63.75 15.74
CA LYS U 822 100.86 63.89 14.59
C LYS U 822 99.95 65.12 14.65
N PHE U 823 99.41 65.44 15.83
CA PHE U 823 98.39 66.47 15.98
C PHE U 823 98.88 67.75 16.64
N GLU U 824 100.16 67.86 16.99
CA GLU U 824 100.73 69.02 17.68
C GLU U 824 100.23 69.12 19.11
N LEU U 825 101.05 69.72 19.98
CA LEU U 825 100.69 69.89 21.38
C LEU U 825 99.68 71.04 21.52
N GLY U 826 98.75 70.88 22.46
CA GLY U 826 97.77 71.92 22.73
C GLY U 826 96.72 72.12 21.67
N SER U 827 96.72 71.33 20.61
CA SER U 827 95.69 71.48 19.59
C SER U 827 94.33 71.02 20.12
N SER U 828 93.29 71.56 19.48
CA SER U 828 91.93 71.17 19.85
C SER U 828 91.68 69.68 19.65
N SER U 829 92.41 69.05 18.74
CA SER U 829 92.30 67.60 18.58
C SER U 829 92.79 66.88 19.84
N ILE U 830 93.95 67.28 20.36
CA ILE U 830 94.47 66.68 21.58
C ILE U 830 93.52 66.93 22.75
N ALA U 831 93.02 68.17 22.86
CA ALA U 831 92.07 68.48 23.92
C ALA U 831 90.82 67.62 23.81
N HIS U 832 90.26 67.51 22.59
CA HIS U 832 89.09 66.68 22.34
C HIS U 832 89.33 65.24 22.77
N MET U 833 90.50 64.68 22.41
CA MET U 833 90.80 63.30 22.78
C MET U 833 90.86 63.14 24.29
N VAL U 834 91.59 64.04 24.97
CA VAL U 834 91.72 63.95 26.41
C VAL U 834 90.35 63.99 27.08
N MET U 835 89.52 64.95 26.69
CA MET U 835 88.21 65.11 27.34
C MET U 835 87.30 63.92 27.01
N GLY U 836 87.28 63.48 25.75
CA GLY U 836 86.42 62.35 25.39
C GLY U 836 86.82 61.07 26.07
N THR U 837 88.11 60.91 26.39
CA THR U 837 88.56 59.70 27.05
C THR U 837 88.48 59.75 28.57
N THR U 838 88.45 60.95 29.17
CA THR U 838 88.51 61.01 30.63
C THR U 838 87.30 61.67 31.29
N ASN U 839 86.60 62.59 30.63
CA ASN U 839 85.64 63.43 31.33
C ASN U 839 84.34 62.72 31.72
N GLN U 840 84.23 61.41 31.51
CA GLN U 840 83.07 60.65 31.98
C GLN U 840 83.40 59.76 33.17
N PHE U 841 84.57 59.92 33.77
CA PHE U 841 84.94 59.13 34.93
C PHE U 841 84.29 59.72 36.19
N SER U 842 84.15 58.86 37.21
CA SER U 842 83.39 59.23 38.39
C SER U 842 84.01 58.77 39.70
N THR U 843 85.16 58.09 39.68
CA THR U 843 85.75 57.53 40.88
C THR U 843 87.10 58.18 41.17
N ARG U 844 87.47 58.15 42.46
CA ARG U 844 88.77 58.67 42.86
C ARG U 844 89.91 57.87 42.26
N THR U 845 89.70 56.56 42.04
CA THR U 845 90.73 55.75 41.39
C THR U 845 90.99 56.26 39.97
N ARG U 846 89.93 56.51 39.21
CA ARG U 846 90.10 57.05 37.86
C ARG U 846 90.72 58.44 37.90
N LEU U 847 90.31 59.27 38.86
CA LEU U 847 90.91 60.60 38.99
C LEU U 847 92.42 60.50 39.24
N GLU U 848 92.83 59.57 40.12
CA GLU U 848 94.25 59.42 40.41
C GLU U 848 95.00 58.86 39.21
N GLU U 849 94.38 57.94 38.45
CA GLU U 849 94.97 57.48 37.21
C GLU U 849 95.26 58.64 36.27
N VAL U 850 94.25 59.49 36.06
CA VAL U 850 94.41 60.63 35.15
C VAL U 850 95.53 61.54 35.64
N LYS U 851 95.50 61.89 36.93
CA LYS U 851 96.54 62.73 37.51
C LYS U 851 97.93 62.13 37.28
N GLY U 852 98.09 60.84 37.61
CA GLY U 852 99.39 60.22 37.51
C GLY U 852 99.91 60.19 36.08
N PHE U 853 99.04 59.81 35.13
CA PHE U 853 99.46 59.77 33.74
C PHE U 853 99.89 61.14 33.25
N PHE U 854 99.03 62.14 33.42
CA PHE U 854 99.33 63.46 32.86
C PHE U 854 100.45 64.16 33.61
N SER U 855 100.74 63.77 34.86
CA SER U 855 101.91 64.32 35.53
C SER U 855 103.19 63.61 35.11
N SER U 856 103.14 62.29 34.91
CA SER U 856 104.31 61.56 34.43
C SER U 856 104.68 61.94 33.00
N LEU U 857 103.72 62.48 32.24
CA LEU U 857 104.05 63.00 30.91
C LEU U 857 105.12 64.08 30.99
N LYS U 858 105.16 64.83 32.10
CA LYS U 858 106.17 65.85 32.38
C LYS U 858 106.08 66.95 31.33
N GLU U 859 107.19 67.33 30.67
CA GLU U 859 107.21 68.49 29.78
C GLU U 859 106.45 68.26 28.48
N ASN U 860 105.81 67.11 28.30
CA ASN U 860 105.09 66.80 27.07
C ASN U 860 103.59 66.72 27.30
N GLY U 861 103.04 67.66 28.08
CA GLY U 861 101.60 67.76 28.21
C GLY U 861 101.05 67.90 29.62
N SER U 862 101.92 67.96 30.63
CA SER U 862 101.43 68.15 32.00
C SER U 862 100.84 69.54 32.21
N GLN U 863 101.23 70.51 31.38
CA GLN U 863 100.79 71.90 31.53
C GLN U 863 99.58 72.21 30.65
N LEU U 864 98.75 71.22 30.34
CA LEU U 864 97.62 71.41 29.44
C LEU U 864 96.37 71.87 30.19
N ARG U 865 95.80 72.99 29.74
CA ARG U 865 94.55 73.47 30.32
C ARG U 865 93.43 72.46 30.13
N CYS U 866 93.45 71.72 29.02
CA CYS U 866 92.44 70.67 28.84
C CYS U 866 92.62 69.56 29.87
N VAL U 867 93.87 69.25 30.23
CA VAL U 867 94.12 68.27 31.29
C VAL U 867 93.54 68.79 32.61
N GLN U 868 93.81 70.05 32.94
CA GLN U 868 93.26 70.63 34.15
C GLN U 868 91.73 70.63 34.13
N GLN U 869 91.14 70.89 32.95
CA GLN U 869 89.69 70.90 32.83
C GLN U 869 89.11 69.52 33.05
N THR U 870 89.77 68.48 32.50
CA THR U 870 89.29 67.12 32.74
C THR U 870 89.44 66.72 34.21
N ILE U 871 90.51 67.17 34.86
CA ILE U 871 90.69 66.88 36.28
C ILE U 871 89.56 67.49 37.09
N GLU U 872 89.26 68.76 36.83
CA GLU U 872 88.18 69.42 37.57
C GLU U 872 86.83 68.83 37.21
N THR U 873 86.65 68.39 35.97
CA THR U 873 85.40 67.73 35.56
C THR U 873 85.22 66.41 36.29
N ILE U 874 86.30 65.65 36.46
CA ILE U 874 86.21 64.38 37.19
C ILE U 874 85.93 64.64 38.67
N GLU U 875 86.51 65.71 39.22
CA GLU U 875 86.21 66.07 40.60
C GLU U 875 84.73 66.43 40.77
N GLU U 876 84.22 67.25 39.84
CA GLU U 876 82.81 67.60 39.86
C GLU U 876 81.91 66.38 39.67
N ASN U 877 82.35 65.44 38.83
CA ASN U 877 81.59 64.20 38.65
C ASN U 877 81.55 63.38 39.93
N ILE U 878 82.69 63.28 40.63
CA ILE U 878 82.72 62.57 41.90
C ILE U 878 81.73 63.19 42.88
N GLY U 879 81.79 64.53 43.02
CA GLY U 879 80.87 65.20 43.93
C GLY U 879 79.42 64.97 43.57
N TRP U 880 79.06 65.24 42.32
CA TRP U 880 77.67 65.14 41.89
C TRP U 880 77.15 63.71 42.01
N MET U 881 77.99 62.72 41.68
CA MET U 881 77.55 61.33 41.74
C MET U 881 77.41 60.86 43.18
N ASP U 882 78.37 61.20 44.05
CA ASP U 882 78.26 60.85 45.45
C ASP U 882 77.06 61.52 46.10
N LYS U 883 76.66 62.69 45.62
CA LYS U 883 75.54 63.39 46.25
C LYS U 883 74.19 62.91 45.73
N ASN U 884 74.05 62.66 44.43
CA ASN U 884 72.73 62.54 43.82
C ASN U 884 72.35 61.13 43.38
N PHE U 885 73.25 60.15 43.44
CA PHE U 885 72.95 58.83 42.87
C PHE U 885 71.82 58.13 43.62
N ASP U 886 71.95 57.98 44.95
CA ASP U 886 70.92 57.29 45.72
C ASP U 886 69.60 58.05 45.65
N LYS U 887 69.67 59.38 45.63
CA LYS U 887 68.49 60.20 45.41
C LYS U 887 67.83 59.86 44.09
N ILE U 888 68.64 59.66 43.03
CA ILE U 888 68.09 59.33 41.73
C ILE U 888 67.43 57.96 41.75
N ARG U 889 68.02 56.99 42.46
CA ARG U 889 67.40 55.67 42.57
C ARG U 889 66.04 55.76 43.25
N VAL U 890 65.98 56.47 44.38
CA VAL U 890 64.71 56.63 45.09
C VAL U 890 63.70 57.36 44.22
N TRP U 891 64.15 58.39 43.50
CA TRP U 891 63.23 59.15 42.66
C TRP U 891 62.73 58.30 41.49
N LEU U 892 63.57 57.41 40.96
CA LEU U 892 63.12 56.54 39.88
C LEU U 892 62.08 55.54 40.38
N GLN U 893 62.27 55.02 41.60
CA GLN U 893 61.22 54.19 42.18
C GLN U 893 59.94 54.98 42.38
N SER U 894 60.06 56.24 42.80
CA SER U 894 58.88 57.08 42.99
C SER U 894 58.17 57.34 41.66
N GLU U 895 58.95 57.51 40.57
CA GLU U 895 58.34 57.76 39.27
C GLU U 895 57.69 56.50 38.71
N LYS U 896 58.26 55.32 39.00
CA LYS U 896 57.57 54.09 38.65
C LYS U 896 56.27 53.96 39.44
N LEU U 897 56.26 54.48 40.67
CA LEU U 897 55.04 54.53 41.48
C LEU U 897 54.20 55.75 41.11
N GLU U 898 53.78 55.80 39.85
CA GLU U 898 52.96 56.91 39.35
C GLU U 898 51.73 56.49 38.56
N ARG U 899 51.69 55.27 38.01
CA ARG U 899 50.53 54.83 37.25
C ARG U 899 49.58 54.02 38.13
N PRO V 30 144.93 -0.54 35.75
CA PRO V 30 144.65 0.70 36.47
C PRO V 30 144.27 1.86 35.54
N PHE V 31 142.99 2.23 35.56
CA PHE V 31 142.52 3.29 34.68
C PHE V 31 142.99 4.64 35.20
N PRO V 32 143.54 5.51 34.34
CA PRO V 32 144.16 6.75 34.82
C PRO V 32 143.20 7.92 34.94
N TRP V 33 141.98 7.69 35.43
CA TRP V 33 141.04 8.79 35.58
C TRP V 33 139.92 8.35 36.53
N ASN V 34 139.47 9.27 37.39
CA ASN V 34 138.52 8.92 38.43
C ASN V 34 137.40 9.96 38.57
N LYS V 35 137.18 10.80 37.56
CA LYS V 35 136.11 11.79 37.58
C LYS V 35 135.15 11.53 36.43
N ILE V 36 133.87 11.87 36.64
CA ILE V 36 132.88 11.70 35.59
C ILE V 36 133.11 12.69 34.46
N ARG V 37 133.48 13.92 34.81
CA ARG V 37 133.80 14.93 33.81
C ARG V 37 135.11 14.61 33.10
N LEU V 38 135.23 15.11 31.88
CA LEU V 38 136.41 14.90 31.06
C LEU V 38 137.54 15.83 31.49
N PRO V 39 138.79 15.48 31.14
CA PRO V 39 139.90 16.40 31.40
C PRO V 39 139.74 17.71 30.66
N GLU V 40 140.09 18.80 31.33
CA GLU V 40 139.91 20.14 30.78
C GLU V 40 141.06 20.59 29.89
N TYR V 41 142.15 19.83 29.82
CA TYR V 41 143.35 20.26 29.10
C TYR V 41 143.50 19.60 27.73
N VAL V 42 142.50 18.87 27.26
CA VAL V 42 142.49 18.31 25.92
C VAL V 42 141.24 18.82 25.20
N ILE V 43 141.45 19.69 24.22
CA ILE V 43 140.37 20.37 23.50
C ILE V 43 140.36 19.87 22.07
N PRO V 44 139.23 19.38 21.56
CA PRO V 44 139.16 19.03 20.14
C PRO V 44 138.93 20.25 19.27
N VAL V 45 139.36 20.13 18.01
CA VAL V 45 139.17 21.24 17.08
C VAL V 45 138.48 20.77 15.80
N HIS V 46 138.65 19.51 15.41
CA HIS V 46 138.01 19.11 14.14
C HIS V 46 137.76 17.61 14.09
N TYR V 47 136.50 17.20 13.92
CA TYR V 47 136.18 15.80 13.72
C TYR V 47 136.00 15.49 12.23
N ASP V 48 136.48 14.31 11.84
CA ASP V 48 136.30 13.77 10.48
C ASP V 48 135.77 12.36 10.66
N LEU V 49 134.48 12.18 10.39
CA LEU V 49 133.79 10.93 10.67
C LEU V 49 133.51 10.18 9.37
N LEU V 50 133.75 8.87 9.38
CA LEU V 50 133.44 7.98 8.28
C LEU V 50 132.63 6.81 8.83
N ILE V 51 131.37 6.71 8.45
CA ILE V 51 130.47 5.68 8.96
C ILE V 51 130.00 4.82 7.80
N HIS V 52 130.08 3.49 7.97
CA HIS V 52 129.52 2.53 7.03
C HIS V 52 128.48 1.72 7.82
N ALA V 53 127.21 2.03 7.58
CA ALA V 53 126.11 1.35 8.22
C ALA V 53 125.56 0.25 7.31
N ASN V 54 125.29 -0.81 8.03
CA ASN V 54 124.77 -1.97 7.25
C ASN V 54 123.37 -2.30 7.79
N LEU V 55 122.35 -1.98 7.00
CA LEU V 55 120.95 -2.22 7.35
C LEU V 55 120.60 -3.70 7.31
N THR V 56 121.20 -4.46 6.40
CA THR V 56 120.88 -5.89 6.30
C THR V 56 121.39 -6.65 7.53
N THR V 57 122.65 -6.44 7.89
CA THR V 57 123.22 -7.11 9.05
C THR V 57 123.07 -6.31 10.33
N LEU V 58 122.47 -5.20 10.23
CA LEU V 58 122.28 -4.33 11.39
C LEU V 58 123.60 -4.10 12.11
N THR V 59 124.61 -3.70 11.35
CA THR V 59 125.95 -3.44 11.88
C THR V 59 126.42 -2.07 11.41
N PHE V 60 127.60 -1.65 11.86
CA PHE V 60 128.26 -0.49 11.26
C PHE V 60 129.69 -0.39 11.74
N TRP V 61 130.60 -0.07 10.81
CA TRP V 61 132.01 0.17 11.10
CA TRP V 61 131.98 0.20 11.17
C TRP V 61 132.30 1.66 10.93
N GLY V 62 133.13 2.22 11.80
CA GLY V 62 133.40 3.64 11.77
C GLY V 62 134.87 3.96 11.95
N THR V 63 135.26 5.11 11.40
CA THR V 63 136.60 5.67 11.56
C THR V 63 136.44 7.13 11.94
N THR V 64 137.06 7.52 13.06
CA THR V 64 136.96 8.87 13.60
C THR V 64 138.35 9.47 13.68
N LYS V 65 138.57 10.58 12.96
CA LYS V 65 139.82 11.32 13.03
C LYS V 65 139.54 12.65 13.72
N VAL V 66 140.05 12.81 14.94
CA VAL V 66 139.78 14.01 15.73
C VAL V 66 141.09 14.79 15.88
N GLU V 67 141.07 16.03 15.40
CA GLU V 67 142.16 16.97 15.60
C GLU V 67 141.95 17.68 16.94
N ILE V 68 142.99 17.61 17.78
CA ILE V 68 142.99 18.08 19.15
C ILE V 68 144.25 18.91 19.40
N THR V 69 144.20 19.70 20.48
CA THR V 69 145.36 20.40 21.01
C THR V 69 145.39 20.19 22.53
N ALA V 70 146.59 20.28 23.09
CA ALA V 70 146.80 20.06 24.52
C ALA V 70 147.42 21.29 25.15
N SER V 71 146.91 21.66 26.33
CA SER V 71 147.44 22.79 27.09
C SER V 71 148.37 22.37 28.23
N GLN V 72 148.22 21.17 28.75
CA GLN V 72 149.11 20.63 29.77
C GLN V 72 149.83 19.41 29.20
N PRO V 73 151.15 19.30 29.37
CA PRO V 73 151.86 18.12 28.84
C PRO V 73 151.33 16.84 29.46
N THR V 74 150.84 15.95 28.61
CA THR V 74 150.26 14.70 29.06
C THR V 74 150.53 13.61 28.03
N SER V 75 150.52 12.37 28.50
CA SER V 75 150.62 11.19 27.65
C SER V 75 149.36 10.34 27.69
N THR V 76 148.26 10.90 28.19
CA THR V 76 147.00 10.18 28.32
C THR V 76 145.87 11.05 27.77
N ILE V 77 145.09 10.50 26.85
CA ILE V 77 143.97 11.19 26.23
C ILE V 77 142.68 10.48 26.64
N ILE V 78 141.80 11.19 27.32
CA ILE V 78 140.54 10.64 27.81
C ILE V 78 139.41 11.19 26.94
N LEU V 79 138.54 10.28 26.49
CA LEU V 79 137.35 10.66 25.74
C LEU V 79 136.27 9.61 25.98
N HIS V 80 135.09 9.85 25.41
CA HIS V 80 133.92 9.00 25.66
C HIS V 80 133.79 7.92 24.59
N SER V 81 133.28 6.76 25.03
CA SER V 81 132.97 5.65 24.13
C SER V 81 132.08 4.67 24.89
N HIS V 82 131.01 4.22 24.25
CA HIS V 82 130.02 3.39 24.92
C HIS V 82 129.50 2.36 23.92
N HIS V 83 129.60 1.07 24.28
CA HIS V 83 129.10 -0.03 23.46
C HIS V 83 129.72 -0.02 22.06
N LEU V 84 130.99 0.35 21.97
CA LEU V 84 131.72 0.39 20.71
C LEU V 84 132.98 -0.45 20.83
N GLN V 85 133.17 -1.37 19.87
CA GLN V 85 134.35 -2.23 19.85
C GLN V 85 135.49 -1.50 19.13
N ILE V 86 136.48 -1.04 19.90
CA ILE V 86 137.64 -0.38 19.33
C ILE V 86 138.62 -1.42 18.82
N SER V 87 139.06 -1.27 17.56
CA SER V 87 139.94 -2.25 16.95
C SER V 87 141.33 -1.72 16.58
N ARG V 88 141.52 -0.39 16.57
CA ARG V 88 142.76 0.19 16.08
C ARG V 88 142.80 1.66 16.48
N ALA V 89 143.96 2.11 16.95
CA ALA V 89 144.10 3.49 17.41
C ALA V 89 145.50 3.99 17.09
N THR V 90 145.57 5.12 16.38
CA THR V 90 146.83 5.73 16.00
C THR V 90 146.82 7.21 16.38
N LEU V 91 148.01 7.78 16.50
CA LEU V 91 148.20 9.18 16.87
C LEU V 91 149.19 9.82 15.92
N ARG V 92 148.71 10.75 15.09
CA ARG V 92 149.55 11.46 14.14
C ARG V 92 149.92 12.84 14.70
N LYS V 93 151.15 13.26 14.43
CA LYS V 93 151.69 14.53 14.91
C LYS V 93 151.91 15.44 13.71
N GLY V 94 151.15 16.52 13.64
CA GLY V 94 151.24 17.44 12.52
C GLY V 94 149.95 17.52 11.72
N LEU V 99 153.16 13.74 9.76
CA LEU V 99 154.38 13.07 9.34
C LEU V 99 154.62 11.80 10.15
N SER V 100 154.79 11.97 11.47
CA SER V 100 155.06 10.87 12.37
C SER V 100 153.75 10.33 12.93
N GLU V 101 153.59 9.01 12.86
CA GLU V 101 152.41 8.33 13.39
C GLU V 101 152.85 7.29 14.41
N GLU V 102 152.17 7.26 15.55
CA GLU V 102 152.53 6.37 16.64
C GLU V 102 151.29 5.64 17.15
N PRO V 103 151.43 4.38 17.54
CA PRO V 103 150.27 3.64 18.06
C PRO V 103 149.90 4.08 19.47
N LEU V 104 148.62 3.92 19.79
CA LEU V 104 148.10 4.24 21.11
C LEU V 104 147.61 2.97 21.79
N GLN V 105 147.83 2.87 23.09
CA GLN V 105 147.28 1.76 23.85
C GLN V 105 145.91 2.15 24.40
N VAL V 106 144.97 1.21 24.39
CA VAL V 106 143.58 1.48 24.70
C VAL V 106 143.25 0.87 26.06
N LEU V 107 142.71 1.69 26.96
CA LEU V 107 142.13 1.23 28.21
C LEU V 107 140.65 1.60 28.23
N GLU V 108 139.83 0.74 28.82
CA GLU V 108 138.39 0.88 28.75
C GLU V 108 137.80 1.00 30.15
N HIS V 109 136.81 1.87 30.30
CA HIS V 109 136.10 2.04 31.57
C HIS V 109 134.61 2.08 31.27
N PRO V 110 133.91 0.94 31.38
CA PRO V 110 132.48 0.93 31.05
C PRO V 110 131.62 1.68 32.04
N ARG V 111 132.05 1.78 33.31
CA ARG V 111 131.25 2.47 34.31
C ARG V 111 131.17 3.96 34.02
N GLN V 112 132.30 4.56 33.65
CA GLN V 112 132.35 5.97 33.29
C GLN V 112 132.10 6.21 31.81
N GLU V 113 131.85 5.14 31.03
CA GLU V 113 131.62 5.24 29.60
C GLU V 113 132.77 5.95 28.89
N GLN V 114 134.00 5.58 29.26
CA GLN V 114 135.19 6.27 28.76
C GLN V 114 136.20 5.28 28.21
N ILE V 115 137.13 5.82 27.41
CA ILE V 115 138.32 5.12 26.99
C ILE V 115 139.51 6.04 27.19
N ALA V 116 140.65 5.45 27.53
CA ALA V 116 141.91 6.17 27.71
C ALA V 116 142.88 5.74 26.63
N LEU V 117 143.49 6.72 25.97
CA LEU V 117 144.46 6.46 24.91
C LEU V 117 145.84 6.86 25.42
N LEU V 118 146.76 5.91 25.45
CA LEU V 118 148.11 6.11 25.95
C LEU V 118 149.08 6.27 24.79
N ALA V 119 149.86 7.36 24.80
CA ALA V 119 150.84 7.76 23.81
C ALA V 119 152.25 7.53 24.32
N PRO V 120 153.16 7.03 23.47
CA PRO V 120 154.53 6.76 23.96
C PRO V 120 155.27 8.00 24.41
N GLU V 121 155.20 9.10 23.65
CA GLU V 121 155.89 10.33 24.00
C GLU V 121 154.90 11.41 24.38
N PRO V 122 155.17 12.16 25.46
CA PRO V 122 154.21 13.17 25.92
C PRO V 122 153.94 14.23 24.88
N LEU V 123 152.67 14.62 24.79
CA LEU V 123 152.25 15.63 23.81
C LEU V 123 152.85 16.99 24.16
N LEU V 124 153.24 17.73 23.13
CA LEU V 124 153.82 19.05 23.28
C LEU V 124 152.71 20.10 23.28
N VAL V 125 152.75 21.00 24.27
CA VAL V 125 151.71 22.02 24.38
C VAL V 125 151.76 22.95 23.18
N GLY V 126 150.57 23.34 22.70
CA GLY V 126 150.45 24.23 21.57
C GLY V 126 150.56 23.56 20.22
N LEU V 127 150.74 22.23 20.17
CA LEU V 127 150.87 21.54 18.90
C LEU V 127 149.56 20.83 18.56
N PRO V 128 149.19 20.80 17.28
CA PRO V 128 148.00 20.04 16.87
C PRO V 128 148.30 18.58 16.62
N TYR V 129 147.49 17.69 17.20
CA TYR V 129 147.63 16.26 16.98
C TYR V 129 146.32 15.71 16.44
N THR V 130 146.40 14.52 15.83
CA THR V 130 145.24 13.90 15.23
C THR V 130 145.13 12.45 15.72
N VAL V 131 144.09 12.18 16.50
CA VAL V 131 143.83 10.82 16.98
C VAL V 131 142.90 10.14 15.98
N VAL V 132 143.27 8.94 15.54
CA VAL V 132 142.51 8.18 14.55
C VAL V 132 142.08 6.86 15.18
N ILE V 133 140.78 6.63 15.27
CA ILE V 133 140.21 5.47 15.94
C ILE V 133 139.33 4.71 14.96
N HIS V 134 139.54 3.40 14.88
CA HIS V 134 138.70 2.49 14.10
C HIS V 134 137.86 1.68 15.07
N TYR V 135 136.57 1.56 14.79
CA TYR V 135 135.67 0.91 15.73
C TYR V 135 134.52 0.26 14.98
N ALA V 136 133.76 -0.55 15.70
CA ALA V 136 132.60 -1.22 15.14
C ALA V 136 131.48 -1.27 16.17
N GLY V 137 130.28 -1.58 15.69
CA GLY V 137 129.14 -1.70 16.57
C GLY V 137 127.92 -2.09 15.77
N ASN V 138 126.76 -2.10 16.41
CA ASN V 138 125.51 -2.30 15.69
C ASN V 138 124.48 -1.27 16.10
N LEU V 139 123.55 -1.02 15.18
CA LEU V 139 122.41 -0.14 15.40
C LEU V 139 121.67 -0.53 16.68
N SER V 140 121.52 0.45 17.58
CA SER V 140 120.78 0.23 18.81
C SER V 140 119.32 -0.08 18.52
N GLU V 141 118.78 -1.07 19.22
CA GLU V 141 117.35 -1.38 19.10
C GLU V 141 116.49 -0.47 19.96
N THR V 142 117.07 0.51 20.63
CA THR V 142 116.33 1.40 21.51
C THR V 142 115.88 2.66 20.78
N PHE V 143 115.74 3.76 21.51
CA PHE V 143 115.31 5.04 20.95
C PHE V 143 116.41 6.10 21.00
N HIS V 144 117.63 5.73 21.35
CA HIS V 144 118.73 6.67 21.45
C HIS V 144 119.96 6.11 20.75
N GLY V 145 120.98 6.95 20.61
CA GLY V 145 122.20 6.56 19.94
C GLY V 145 122.04 6.52 18.43
N PHE V 146 122.66 5.54 17.79
CA PHE V 146 122.49 5.28 16.36
C PHE V 146 121.53 4.09 16.27
N TYR V 147 120.25 4.37 16.15
CA TYR V 147 119.24 3.35 16.34
C TYR V 147 118.48 3.05 15.05
N LYS V 148 117.73 1.97 15.08
CA LYS V 148 116.98 1.45 13.95
C LYS V 148 115.51 1.84 14.04
N SER V 149 114.91 2.07 12.87
CA SER V 149 113.48 2.32 12.76
C SER V 149 112.92 1.50 11.62
N THR V 150 111.66 1.13 11.73
CA THR V 150 111.00 0.34 10.71
C THR V 150 109.67 0.99 10.35
N TYR V 151 109.22 0.75 9.12
CA TYR V 151 107.94 1.28 8.68
C TYR V 151 107.27 0.28 7.75
N ARG V 152 105.93 0.36 7.70
CA ARG V 152 105.12 -0.54 6.91
C ARG V 152 104.69 0.15 5.62
N THR V 153 104.92 -0.51 4.49
CA THR V 153 104.40 -0.03 3.22
C THR V 153 102.92 -0.40 3.08
N LYS V 154 102.27 0.21 2.10
CA LYS V 154 100.86 -0.07 1.86
C LYS V 154 100.62 -1.48 1.32
N GLU V 155 101.67 -2.21 0.96
CA GLU V 155 101.57 -3.59 0.54
C GLU V 155 101.87 -4.57 1.67
N GLY V 156 102.06 -4.09 2.89
CA GLY V 156 102.35 -4.92 4.03
C GLY V 156 103.81 -5.21 4.26
N GLU V 157 104.69 -4.83 3.33
CA GLU V 157 106.11 -5.09 3.50
C GLU V 157 106.69 -4.19 4.60
N LEU V 158 107.77 -4.66 5.23
CA LEU V 158 108.46 -3.95 6.29
C LEU V 158 109.79 -3.44 5.75
N ARG V 159 110.07 -2.16 5.97
CA ARG V 159 111.29 -1.53 5.51
C ARG V 159 112.05 -0.93 6.68
N ILE V 160 113.38 -0.89 6.55
CA ILE V 160 114.29 -0.55 7.64
C ILE V 160 115.02 0.74 7.29
N LEU V 161 115.25 1.57 8.31
CA LEU V 161 116.08 2.76 8.18
C LEU V 161 116.87 2.94 9.47
N ALA V 162 117.92 3.77 9.40
CA ALA V 162 118.77 4.04 10.54
C ALA V 162 118.77 5.54 10.82
N SER V 163 118.46 5.90 12.07
CA SER V 163 118.39 7.29 12.48
C SER V 163 119.27 7.51 13.70
N THR V 164 119.40 8.77 14.10
CA THR V 164 120.24 9.16 15.22
C THR V 164 119.45 9.93 16.26
N GLN V 165 119.92 9.87 17.50
CA GLN V 165 119.40 10.69 18.59
C GLN V 165 120.50 10.77 19.64
N PHE V 166 121.22 11.90 19.67
CA PHE V 166 122.44 12.00 20.45
C PHE V 166 122.28 12.77 21.76
N GLU V 167 121.28 13.64 21.86
CA GLU V 167 121.04 14.31 23.14
C GLU V 167 120.59 13.31 24.17
N PRO V 168 121.16 13.31 25.39
CA PRO V 168 122.26 14.21 25.75
C PRO V 168 123.66 13.61 25.64
N THR V 169 123.80 12.32 25.95
CA THR V 169 125.09 11.65 26.00
C THR V 169 125.10 10.39 25.14
N ALA V 170 124.46 10.46 23.97
CA ALA V 170 124.32 9.29 23.11
C ALA V 170 125.21 9.33 21.87
N ALA V 171 125.89 10.44 21.60
CA ALA V 171 126.83 10.48 20.48
C ALA V 171 127.96 9.49 20.66
N ARG V 172 128.35 9.21 21.90
CA ARG V 172 129.41 8.25 22.18
C ARG V 172 129.03 6.83 21.79
N MET V 173 127.74 6.52 21.65
CA MET V 173 127.32 5.21 21.19
C MET V 173 127.47 5.03 19.69
N ALA V 174 127.83 6.09 18.97
CA ALA V 174 127.99 6.04 17.52
C ALA V 174 129.38 6.44 17.07
N PHE V 175 130.02 7.38 17.75
CA PHE V 175 131.41 7.71 17.42
C PHE V 175 132.12 8.18 18.68
N PRO V 176 133.34 7.69 18.92
CA PRO V 176 134.09 8.16 20.10
C PRO V 176 134.51 9.61 19.93
N CYS V 177 134.32 10.39 20.99
CA CYS V 177 134.52 11.83 20.94
C CYS V 177 134.56 12.35 22.36
N PHE V 178 134.71 13.67 22.49
CA PHE V 178 134.60 14.35 23.77
C PHE V 178 133.15 14.77 23.95
N ASP V 179 132.34 13.81 24.39
CA ASP V 179 130.88 13.93 24.38
C ASP V 179 130.41 14.80 25.55
N GLU V 180 130.75 16.09 25.45
CA GLU V 180 130.24 17.11 26.35
C GLU V 180 129.88 18.35 25.55
N PRO V 181 128.88 19.11 26.00
CA PRO V 181 128.45 20.29 25.24
C PRO V 181 129.48 21.41 25.20
N ALA V 182 130.50 21.37 26.06
CA ALA V 182 131.48 22.46 26.09
C ALA V 182 132.56 22.28 25.04
N PHE V 183 132.86 21.05 24.64
CA PHE V 183 133.89 20.79 23.62
C PHE V 183 133.25 20.90 22.24
N LYS V 184 133.04 22.15 21.81
CA LYS V 184 132.50 22.40 20.49
C LYS V 184 133.59 22.23 19.43
N ALA V 185 133.18 21.83 18.24
CA ALA V 185 134.11 21.59 17.15
C ALA V 185 133.34 21.51 15.84
N SER V 186 134.07 21.47 14.74
CA SER V 186 133.50 21.25 13.42
C SER V 186 133.49 19.76 13.10
N PHE V 187 132.62 19.38 12.16
CA PHE V 187 132.39 17.98 11.82
C PHE V 187 132.33 17.82 10.31
N SER V 188 133.23 17.01 9.76
CA SER V 188 133.19 16.62 8.35
C SER V 188 132.71 15.18 8.27
N ILE V 189 131.52 14.98 7.71
CA ILE V 189 130.82 13.70 7.77
C ILE V 189 130.88 13.01 6.42
N LYS V 190 131.14 11.70 6.44
CA LYS V 190 131.10 10.84 5.28
C LYS V 190 130.32 9.58 5.64
N ILE V 191 129.29 9.27 4.85
CA ILE V 191 128.39 8.15 5.12
C ILE V 191 128.39 7.20 3.93
N ARG V 192 128.48 5.91 4.20
CA ARG V 192 128.46 4.89 3.15
C ARG V 192 127.13 4.16 3.16
N ARG V 193 126.61 3.91 1.95
CA ARG V 193 125.28 3.34 1.81
C ARG V 193 125.21 2.54 0.53
N GLU V 194 124.18 1.71 0.42
CA GLU V 194 123.85 1.08 -0.85
C GLU V 194 123.27 2.14 -1.78
N PRO V 195 123.30 1.88 -3.10
CA PRO V 195 122.66 2.84 -4.02
C PRO V 195 121.18 3.03 -3.72
N ARG V 196 120.50 1.98 -3.29
CA ARG V 196 119.06 2.06 -3.03
C ARG V 196 118.71 3.01 -1.90
N HIS V 197 119.71 3.53 -1.18
CA HIS V 197 119.47 4.34 -0.01
C HIS V 197 119.70 5.82 -0.28
N LEU V 198 119.33 6.64 0.71
CA LEU V 198 119.45 8.08 0.68
C LEU V 198 119.93 8.53 2.04
N ALA V 199 121.00 9.31 2.07
CA ALA V 199 121.63 9.75 3.31
C ALA V 199 121.54 11.27 3.42
N ILE V 200 121.09 11.75 4.57
CA ILE V 200 121.05 13.18 4.85
C ILE V 200 121.66 13.46 6.21
N SER V 201 122.21 14.65 6.38
CA SER V 201 122.93 14.98 7.61
C SER V 201 122.77 16.47 7.90
N ASN V 202 123.68 17.01 8.70
CA ASN V 202 123.56 18.39 9.16
C ASN V 202 123.74 19.37 8.01
N MET V 203 124.75 19.15 7.18
CA MET V 203 125.11 20.03 6.07
C MET V 203 124.61 19.47 4.76
N PRO V 204 124.62 20.28 3.70
CA PRO V 204 124.25 19.75 2.38
C PRO V 204 125.23 18.69 1.90
N LEU V 205 124.76 17.85 0.98
CA LEU V 205 125.60 16.82 0.38
C LEU V 205 126.53 17.47 -0.64
N VAL V 206 127.83 17.31 -0.44
CA VAL V 206 128.81 17.91 -1.33
C VAL V 206 129.12 17.01 -2.52
N LYS V 207 129.36 15.72 -2.29
CA LYS V 207 129.60 14.86 -3.44
C LYS V 207 129.36 13.40 -3.08
N SER V 208 129.20 12.58 -4.13
CA SER V 208 128.98 11.14 -4.01
C SER V 208 130.02 10.40 -4.84
N VAL V 209 130.77 9.51 -4.21
CA VAL V 209 131.84 8.78 -4.85
C VAL V 209 131.56 7.28 -4.74
N THR V 210 131.81 6.54 -5.83
CA THR V 210 131.59 5.09 -5.82
C THR V 210 132.81 4.38 -5.24
N VAL V 211 132.96 4.48 -3.92
CA VAL V 211 134.05 3.81 -3.23
C VAL V 211 133.81 2.31 -3.26
N ALA V 212 134.91 1.54 -3.32
CA ALA V 212 134.87 0.07 -3.40
C ALA V 212 133.99 -0.34 -4.57
N GLU V 213 133.12 -1.32 -4.38
CA GLU V 213 132.21 -1.76 -5.43
C GLU V 213 130.81 -1.92 -4.84
N GLY V 214 129.82 -1.29 -5.48
CA GLY V 214 128.43 -1.52 -5.17
C GLY V 214 127.86 -0.65 -4.07
N LEU V 215 128.67 0.18 -3.42
CA LEU V 215 128.18 1.07 -2.37
C LEU V 215 128.76 2.46 -2.56
N ILE V 216 127.89 3.48 -2.44
CA ILE V 216 128.27 4.88 -2.62
C ILE V 216 128.66 5.50 -1.29
N GLU V 217 129.55 6.48 -1.35
CA GLU V 217 129.99 7.24 -0.19
C GLU V 217 129.63 8.71 -0.39
N ASP V 218 128.90 9.27 0.56
CA ASP V 218 128.44 10.65 0.52
C ASP V 218 129.33 11.50 1.41
N HIS V 219 130.00 12.48 0.81
CA HIS V 219 130.78 13.48 1.52
C HIS V 219 129.89 14.70 1.71
N PHE V 220 129.61 15.03 2.97
CA PHE V 220 128.83 16.21 3.35
C PHE V 220 129.76 17.38 3.66
N ASP V 221 129.20 18.58 3.57
CA ASP V 221 129.94 19.79 3.91
C ASP V 221 130.32 19.78 5.39
N VAL V 222 131.26 20.65 5.74
CA VAL V 222 131.74 20.73 7.12
C VAL V 222 130.81 21.63 7.93
N THR V 223 130.51 21.20 9.16
CA THR V 223 129.62 21.95 10.02
C THR V 223 130.34 23.13 10.65
N VAL V 224 129.60 23.92 11.43
CA VAL V 224 130.16 25.06 12.15
C VAL V 224 130.53 24.63 13.57
N LYS V 225 130.97 25.59 14.38
CA LYS V 225 131.23 25.31 15.79
C LYS V 225 129.93 24.94 16.51
N MET V 226 129.79 23.66 16.85
CA MET V 226 128.57 23.18 17.48
C MET V 226 128.93 22.06 18.45
N SER V 227 128.00 21.80 19.37
CA SER V 227 128.22 20.74 20.34
C SER V 227 128.05 19.38 19.69
N THR V 228 128.50 18.34 20.41
CA THR V 228 128.53 17.00 19.83
C THR V 228 127.13 16.38 19.74
N TYR V 229 126.22 16.76 20.64
CA TYR V 229 124.89 16.16 20.63
C TYR V 229 124.05 16.60 19.44
N LEU V 230 124.52 17.56 18.65
CA LEU V 230 123.78 18.05 17.49
C LEU V 230 124.13 17.32 16.21
N VAL V 231 125.07 16.37 16.25
CA VAL V 231 125.39 15.59 15.05
C VAL V 231 124.22 14.66 14.75
N ALA V 232 123.93 14.48 13.46
CA ALA V 232 122.83 13.63 13.05
C ALA V 232 123.04 13.17 11.61
N PHE V 233 122.51 12.00 11.30
CA PHE V 233 122.54 11.46 9.95
C PHE V 233 121.47 10.39 9.83
N ILE V 234 120.90 10.28 8.62
CA ILE V 234 119.77 9.39 8.36
C ILE V 234 120.04 8.64 7.06
N ILE V 235 119.89 7.32 7.10
CA ILE V 235 119.97 6.44 5.94
C ILE V 235 118.60 5.81 5.78
N SER V 236 117.92 6.13 4.68
CA SER V 236 116.55 5.63 4.48
C SER V 236 116.25 5.64 2.99
N ASP V 237 114.96 5.72 2.64
CA ASP V 237 114.51 5.94 1.27
C ASP V 237 113.40 6.97 1.25
N PHE V 238 113.57 8.04 2.02
CA PHE V 238 112.55 9.07 2.17
C PHE V 238 112.31 9.83 0.87
N GLU V 239 111.07 10.26 0.69
CA GLU V 239 110.74 11.33 -0.24
C GLU V 239 110.73 12.65 0.52
N SER V 240 110.84 13.75 -0.22
CA SER V 240 110.94 15.05 0.42
C SER V 240 110.20 16.11 -0.40
N VAL V 241 109.82 17.18 0.28
CA VAL V 241 109.27 18.38 -0.32
C VAL V 241 110.10 19.56 0.17
N SER V 242 110.38 20.49 -0.75
CA SER V 242 111.27 21.62 -0.41
C SER V 242 110.63 22.97 -0.76
N LYS V 243 111.18 24.00 -0.13
CA LYS V 243 110.72 25.37 -0.33
C LYS V 243 111.84 26.30 0.09
N ILE V 244 111.83 27.51 -0.44
CA ILE V 244 112.88 28.50 -0.19
C ILE V 244 112.32 29.59 0.71
N THR V 245 113.13 30.05 1.66
CA THR V 245 112.80 31.21 2.47
C THR V 245 113.12 32.49 1.70
N LYS V 246 112.66 33.62 2.26
CA LYS V 246 113.03 34.91 1.68
C LYS V 246 114.50 35.23 1.88
N SER V 247 115.21 34.47 2.72
CA SER V 247 116.64 34.66 2.94
C SER V 247 117.50 33.65 2.18
N GLY V 248 116.89 32.74 1.43
CA GLY V 248 117.64 31.82 0.58
C GLY V 248 118.02 30.50 1.19
N VAL V 249 117.51 30.17 2.37
CA VAL V 249 117.82 28.89 3.00
C VAL V 249 116.93 27.82 2.38
N LYS V 250 117.50 26.64 2.12
CA LYS V 250 116.75 25.56 1.49
C LYS V 250 116.06 24.73 2.58
N VAL V 251 114.74 24.91 2.72
CA VAL V 251 113.95 24.19 3.70
C VAL V 251 113.30 22.98 3.04
N SER V 252 113.51 21.80 3.63
CA SER V 252 112.96 20.56 3.10
C SER V 252 112.34 19.75 4.23
N VAL V 253 111.39 18.88 3.86
CA VAL V 253 110.74 18.00 4.82
C VAL V 253 110.76 16.58 4.25
N TYR V 254 111.40 15.67 4.96
CA TYR V 254 111.52 14.27 4.58
C TYR V 254 110.57 13.40 5.38
N ALA V 255 110.04 12.37 4.72
CA ALA V 255 109.17 11.39 5.38
C ALA V 255 109.15 10.12 4.53
N VAL V 256 108.53 9.08 5.09
CA VAL V 256 108.39 7.80 4.42
C VAL V 256 107.56 8.01 3.14
N PRO V 257 107.76 7.20 2.11
CA PRO V 257 107.12 7.51 0.81
C PRO V 257 105.60 7.60 0.87
N ASP V 258 104.95 6.79 1.71
CA ASP V 258 103.49 6.76 1.74
C ASP V 258 102.88 7.91 2.52
N LYS V 259 103.68 8.72 3.20
CA LYS V 259 103.17 9.80 4.04
C LYS V 259 103.71 11.17 3.66
N ILE V 260 104.35 11.29 2.49
CA ILE V 260 104.96 12.57 2.12
C ILE V 260 103.90 13.63 1.84
N ASN V 261 102.69 13.22 1.45
CA ASN V 261 101.63 14.15 1.14
C ASN V 261 101.05 14.86 2.37
N GLN V 262 101.55 14.56 3.57
CA GLN V 262 101.08 15.21 4.79
C GLN V 262 102.06 16.27 5.31
N ALA V 263 103.04 16.66 4.50
CA ALA V 263 104.10 17.56 4.94
C ALA V 263 103.90 19.01 4.54
N ASP V 264 102.76 19.34 3.92
CA ASP V 264 102.59 20.68 3.37
C ASP V 264 102.53 21.75 4.47
N TYR V 265 101.66 21.55 5.45
CA TYR V 265 101.56 22.52 6.54
C TYR V 265 102.86 22.61 7.32
N ALA V 266 103.51 21.46 7.55
CA ALA V 266 104.78 21.46 8.24
C ALA V 266 105.80 22.32 7.50
N LEU V 267 105.92 22.14 6.18
CA LEU V 267 106.89 22.89 5.40
C LEU V 267 106.57 24.38 5.38
N ASP V 268 105.29 24.73 5.19
CA ASP V 268 104.91 26.14 5.12
C ASP V 268 105.16 26.83 6.45
N ALA V 269 104.70 26.23 7.55
CA ALA V 269 104.94 26.81 8.87
C ALA V 269 106.42 26.86 9.20
N ALA V 270 107.20 25.88 8.73
CA ALA V 270 108.64 25.91 8.95
C ALA V 270 109.28 27.11 8.27
N VAL V 271 108.93 27.34 7.01
CA VAL V 271 109.48 28.50 6.30
C VAL V 271 109.10 29.80 7.01
N THR V 272 107.81 29.92 7.36
CA THR V 272 107.34 31.13 8.03
C THR V 272 108.07 31.36 9.35
N LEU V 273 108.19 30.32 10.17
CA LEU V 273 108.80 30.47 11.48
C LEU V 273 110.31 30.71 11.38
N LEU V 274 110.97 30.11 10.38
CA LEU V 274 112.39 30.38 10.20
C LEU V 274 112.62 31.83 9.81
N GLU V 275 111.82 32.35 8.88
CA GLU V 275 111.93 33.76 8.53
C GLU V 275 111.66 34.65 9.73
N PHE V 276 110.63 34.30 10.52
CA PHE V 276 110.32 35.09 11.71
C PHE V 276 111.49 35.11 12.69
N TYR V 277 112.10 33.94 12.94
CA TYR V 277 113.18 33.88 13.91
C TYR V 277 114.40 34.65 13.42
N GLU V 278 114.74 34.53 12.14
CA GLU V 278 115.81 35.35 11.58
C GLU V 278 115.54 36.84 11.82
N ASP V 279 114.34 37.30 11.44
CA ASP V 279 114.02 38.72 11.57
C ASP V 279 114.03 39.16 13.03
N TYR V 280 113.47 38.36 13.92
CA TYR V 280 113.35 38.73 15.32
C TYR V 280 114.72 38.81 15.99
N PHE V 281 115.55 37.78 15.83
CA PHE V 281 116.85 37.77 16.47
C PHE V 281 117.87 38.65 15.76
N SER V 282 117.59 39.11 14.54
CA SER V 282 118.55 39.89 13.75
C SER V 282 119.85 39.11 13.55
N ILE V 283 119.74 37.79 13.48
CA ILE V 283 120.88 36.89 13.29
C ILE V 283 120.50 35.88 12.22
N PRO V 284 121.10 35.93 11.04
CA PRO V 284 120.68 35.01 9.97
C PRO V 284 120.97 33.55 10.33
N TYR V 285 120.21 32.66 9.72
CA TYR V 285 120.45 31.24 9.87
C TYR V 285 121.76 30.88 9.18
N PRO V 286 122.75 30.34 9.89
CA PRO V 286 124.10 30.23 9.30
C PRO V 286 124.22 29.11 8.27
N LEU V 287 123.42 28.05 8.39
CA LEU V 287 123.58 26.89 7.51
C LEU V 287 122.83 27.09 6.20
N PRO V 288 123.26 26.40 5.14
CA PRO V 288 122.58 26.56 3.84
C PRO V 288 121.18 25.98 3.81
N LYS V 289 120.96 24.84 4.47
CA LYS V 289 119.68 24.15 4.40
C LYS V 289 119.17 23.82 5.79
N GLN V 290 117.85 23.68 5.88
CA GLN V 290 117.15 23.24 7.07
C GLN V 290 116.22 22.10 6.67
N ASP V 291 116.34 20.97 7.37
CA ASP V 291 115.58 19.78 7.05
C ASP V 291 114.72 19.36 8.23
N LEU V 292 113.53 18.86 7.94
CA LEU V 292 112.59 18.38 8.95
C LEU V 292 112.20 16.97 8.56
N ALA V 293 112.72 15.97 9.28
CA ALA V 293 112.52 14.57 8.95
C ALA V 293 111.57 13.92 9.94
N ALA V 294 110.59 13.18 9.42
CA ALA V 294 109.61 12.47 10.23
C ALA V 294 110.08 11.03 10.43
N ILE V 295 110.56 10.73 11.63
CA ILE V 295 111.10 9.41 11.95
C ILE V 295 109.98 8.50 12.45
N PRO V 296 109.84 7.30 11.90
CA PRO V 296 108.76 6.41 12.37
C PRO V 296 108.91 5.97 13.82
N ASP V 297 110.14 5.80 14.29
CA ASP V 297 110.41 5.41 15.67
C ASP V 297 111.17 6.54 16.36
N PHE V 298 110.48 7.27 17.24
CA PHE V 298 111.10 8.39 17.94
C PHE V 298 110.61 8.41 19.38
N GLN V 299 111.51 8.75 20.29
CA GLN V 299 111.20 8.81 21.72
C GLN V 299 110.64 10.18 22.12
N SER V 300 111.40 11.24 21.83
CA SER V 300 110.98 12.58 22.16
C SER V 300 109.86 13.03 21.21
N GLY V 301 109.35 14.24 21.45
CA GLY V 301 108.52 14.87 20.44
C GLY V 301 109.30 15.24 19.20
N ALA V 302 110.50 15.77 19.39
CA ALA V 302 111.35 16.19 18.28
C ALA V 302 112.79 16.31 18.77
N MET V 303 113.68 16.75 17.88
CA MET V 303 115.08 16.97 18.23
C MET V 303 115.62 18.10 17.37
N GLU V 304 116.53 18.89 17.94
CA GLU V 304 116.98 20.14 17.37
C GLU V 304 118.31 20.01 16.63
N ASN V 305 118.58 18.86 16.01
CA ASN V 305 119.83 18.69 15.28
C ASN V 305 120.01 19.79 14.23
N TRP V 306 121.14 20.49 14.31
CA TRP V 306 121.38 21.66 13.47
C TRP V 306 121.34 21.30 11.99
N GLY V 307 120.34 21.81 11.28
CA GLY V 307 120.18 21.52 9.87
C GLY V 307 119.42 20.26 9.54
N LEU V 308 119.05 19.46 10.55
CA LEU V 308 118.33 18.21 10.32
C LEU V 308 117.51 17.90 11.58
N THR V 309 116.46 18.68 11.79
CA THR V 309 115.55 18.40 12.89
C THR V 309 114.77 17.12 12.62
N THR V 310 114.58 16.32 13.67
CA THR V 310 113.85 15.07 13.58
C THR V 310 112.59 15.17 14.43
N TYR V 311 111.55 14.45 14.00
CA TYR V 311 110.24 14.58 14.61
C TYR V 311 109.57 13.21 14.70
N ARG V 312 108.54 13.17 15.54
CA ARG V 312 107.55 12.10 15.43
C ARG V 312 106.65 12.38 14.22
N GLU V 313 106.26 11.30 13.54
CA GLU V 313 105.30 11.44 12.45
C GLU V 313 104.04 12.14 12.94
N SER V 314 103.59 11.79 14.15
CA SER V 314 102.44 12.44 14.76
C SER V 314 102.72 13.92 15.03
N ALA V 315 103.97 14.28 15.28
CA ALA V 315 104.32 15.64 15.64
C ALA V 315 104.72 16.50 14.44
N LEU V 316 104.76 15.93 13.24
CA LEU V 316 105.12 16.75 12.09
C LEU V 316 104.08 16.68 10.97
N LEU V 317 103.45 15.52 10.75
CA LEU V 317 102.61 15.34 9.58
C LEU V 317 101.16 15.70 9.89
N PHE V 318 100.50 16.33 8.92
CA PHE V 318 99.15 16.87 9.09
C PHE V 318 98.26 16.39 7.95
N ASP V 319 97.18 15.72 8.28
CA ASP V 319 96.20 15.22 7.33
C ASP V 319 94.92 16.03 7.48
N ALA V 320 94.56 16.77 6.42
CA ALA V 320 93.38 17.64 6.50
C ALA V 320 92.10 16.85 6.73
N GLU V 321 92.07 15.58 6.33
CA GLU V 321 90.85 14.79 6.43
C GLU V 321 90.66 14.14 7.79
N LYS V 322 91.75 13.88 8.53
CA LYS V 322 91.65 13.10 9.76
C LYS V 322 92.37 13.72 10.96
N SER V 323 93.33 14.62 10.76
CA SER V 323 94.04 15.21 11.89
C SER V 323 93.18 16.26 12.57
N SER V 324 93.36 16.39 13.88
CA SER V 324 92.58 17.31 14.69
C SER V 324 93.22 18.69 14.76
N ALA V 325 92.41 19.67 15.13
CA ALA V 325 92.92 21.02 15.35
C ALA V 325 93.97 21.02 16.46
N SER V 326 93.77 20.18 17.48
CA SER V 326 94.82 19.97 18.48
C SER V 326 96.12 19.52 17.81
N SER V 327 96.03 18.59 16.86
CA SER V 327 97.23 18.11 16.18
C SER V 327 97.90 19.21 15.37
N LYS V 328 97.10 20.05 14.70
CA LYS V 328 97.66 21.14 13.91
C LYS V 328 98.37 22.15 14.80
N LEU V 329 97.73 22.54 15.91
CA LEU V 329 98.37 23.43 16.86
C LEU V 329 99.66 22.83 17.42
N GLY V 330 99.64 21.53 17.71
CA GLY V 330 100.84 20.89 18.23
C GLY V 330 101.96 20.87 17.23
N ILE V 331 101.65 20.61 15.95
CA ILE V 331 102.66 20.64 14.91
C ILE V 331 103.28 22.04 14.82
N THR V 332 102.43 23.06 14.84
CA THR V 332 102.94 24.43 14.76
C THR V 332 103.88 24.73 15.92
N MET V 333 103.44 24.40 17.15
CA MET V 333 104.26 24.69 18.33
C MET V 333 105.57 23.90 18.31
N THR V 334 105.54 22.66 17.82
CA THR V 334 106.75 21.85 17.80
C THR V 334 107.76 22.38 16.79
N VAL V 335 107.29 22.73 15.59
CA VAL V 335 108.19 23.32 14.59
C VAL V 335 108.77 24.62 15.11
N ALA V 336 107.94 25.45 15.76
CA ALA V 336 108.45 26.69 16.35
C ALA V 336 109.49 26.41 17.41
N HIS V 337 109.26 25.39 18.24
CA HIS V 337 110.22 25.03 19.29
C HIS V 337 111.57 24.66 18.70
N GLU V 338 111.57 23.81 17.67
CA GLU V 338 112.85 23.36 17.11
C GLU V 338 113.56 24.50 16.37
N LEU V 339 112.81 25.33 15.63
CA LEU V 339 113.45 26.44 14.95
C LEU V 339 113.95 27.49 15.95
N ALA V 340 113.32 27.59 17.12
CA ALA V 340 113.86 28.43 18.17
C ALA V 340 115.13 27.83 18.76
N HIS V 341 115.16 26.50 18.92
CA HIS V 341 116.36 25.83 19.37
C HIS V 341 117.52 26.07 18.43
N GLN V 342 117.23 26.27 17.14
CA GLN V 342 118.29 26.59 16.18
C GLN V 342 119.15 27.76 16.63
N TRP V 343 118.59 28.67 17.44
CA TRP V 343 119.36 29.76 18.05
C TRP V 343 119.65 29.51 19.52
N PHE V 344 118.63 29.21 20.31
CA PHE V 344 118.79 28.94 21.74
C PHE V 344 119.08 27.46 21.91
N GLY V 345 120.37 27.12 21.83
CA GLY V 345 120.79 25.74 21.98
C GLY V 345 121.89 25.36 21.02
N ASN V 346 121.75 25.76 19.76
CA ASN V 346 122.73 25.43 18.73
C ASN V 346 123.74 26.57 18.53
N LEU V 347 123.24 27.76 18.21
CA LEU V 347 124.13 28.92 18.10
C LEU V 347 124.76 29.25 19.44
N VAL V 348 123.94 29.39 20.48
CA VAL V 348 124.40 29.62 21.84
C VAL V 348 123.97 28.42 22.66
N THR V 349 124.94 27.64 23.15
CA THR V 349 124.67 26.43 23.91
C THR V 349 125.08 26.62 25.36
N MET V 350 124.34 26.00 26.27
CA MET V 350 124.75 25.96 27.65
C MET V 350 126.08 25.22 27.78
N GLU V 351 126.82 25.53 28.85
CA GLU V 351 128.13 24.90 29.00
C GLU V 351 128.02 23.54 29.64
N TRP V 352 127.13 23.38 30.62
CA TRP V 352 126.92 22.10 31.26
C TRP V 352 125.41 21.88 31.46
N TRP V 353 125.03 20.61 31.54
CA TRP V 353 123.62 20.24 31.57
C TRP V 353 122.89 20.71 32.81
N ASN V 354 123.57 21.36 33.76
CA ASN V 354 122.87 21.95 34.90
C ASN V 354 122.03 23.15 34.49
N ASP V 355 122.45 23.84 33.43
CA ASP V 355 121.72 24.97 32.88
C ASP V 355 120.99 24.61 31.59
N LEU V 356 120.49 23.37 31.50
CA LEU V 356 119.70 22.93 30.36
C LEU V 356 118.47 23.81 30.14
N TRP V 357 118.01 24.49 31.18
CA TRP V 357 116.85 25.37 31.03
C TRP V 357 117.16 26.52 30.09
N LEU V 358 118.40 27.01 30.06
CA LEU V 358 118.79 28.07 29.14
C LEU V 358 118.50 27.71 27.68
N ASN V 359 118.43 26.42 27.37
CA ASN V 359 117.98 25.96 26.06
C ASN V 359 116.47 25.72 26.07
N GLU V 360 116.01 24.87 26.99
CA GLU V 360 114.66 24.31 26.85
C GLU V 360 113.58 25.33 27.22
N GLY V 361 113.75 26.05 28.33
CA GLY V 361 112.76 27.06 28.68
C GLY V 361 112.69 28.17 27.66
N PHE V 362 113.84 28.61 27.16
CA PHE V 362 113.84 29.64 26.13
C PHE V 362 113.16 29.16 24.86
N ALA V 363 113.38 27.90 24.47
CA ALA V 363 112.71 27.38 23.29
C ALA V 363 111.20 27.26 23.50
N LYS V 364 110.79 26.75 24.66
CA LYS V 364 109.37 26.63 24.97
C LYS V 364 108.68 27.99 25.02
N PHE V 365 109.41 29.03 25.43
CA PHE V 365 108.84 30.38 25.44
C PHE V 365 108.83 31.00 24.06
N MET V 366 109.88 30.77 23.26
CA MET V 366 109.89 31.26 21.90
C MET V 366 108.79 30.60 21.07
N GLU V 367 108.36 29.40 21.46
CA GLU V 367 107.13 28.84 20.89
C GLU V 367 106.00 29.87 20.90
N PHE V 368 105.66 30.35 22.09
CA PHE V 368 104.60 31.33 22.23
C PHE V 368 104.94 32.63 21.51
N VAL V 369 106.14 33.16 21.76
CA VAL V 369 106.55 34.44 21.19
C VAL V 369 106.47 34.43 19.66
N SER V 370 106.75 33.29 19.05
CA SER V 370 106.78 33.17 17.60
C SER V 370 105.41 32.86 17.01
N VAL V 371 104.68 31.91 17.60
CA VAL V 371 103.42 31.48 17.01
C VAL V 371 102.37 32.57 17.18
N SER V 372 102.36 33.27 18.32
CA SER V 372 101.40 34.34 18.52
C SER V 372 101.52 35.43 17.47
N VAL V 373 102.61 35.48 16.71
CA VAL V 373 102.78 36.43 15.63
C VAL V 373 102.59 35.78 14.27
N THR V 374 103.17 34.60 14.06
CA THR V 374 103.16 33.99 12.73
C THR V 374 101.81 33.35 12.41
N HIS V 375 101.15 32.74 13.38
CA HIS V 375 99.85 32.10 13.19
C HIS V 375 98.87 32.64 14.22
N PRO V 376 98.44 33.90 14.06
CA PRO V 376 97.57 34.50 15.09
C PRO V 376 96.19 33.88 15.15
N GLU V 377 95.75 33.15 14.12
CA GLU V 377 94.47 32.46 14.19
C GLU V 377 94.45 31.36 15.25
N LEU V 378 95.62 30.91 15.70
CA LEU V 378 95.67 29.90 16.75
C LEU V 378 95.44 30.51 18.12
N LYS V 379 95.95 31.72 18.36
CA LYS V 379 95.82 32.42 19.64
C LYS V 379 96.36 31.56 20.79
N VAL V 380 97.66 31.27 20.73
CA VAL V 380 98.30 30.39 21.70
C VAL V 380 98.37 31.00 23.10
N GLY V 381 98.15 32.32 23.23
CA GLY V 381 98.05 32.94 24.53
C GLY V 381 96.87 32.43 25.34
N ASP V 382 95.89 31.82 24.68
CA ASP V 382 94.77 31.25 25.41
C ASP V 382 95.18 29.99 26.17
N TYR V 383 96.02 29.15 25.56
CA TYR V 383 96.34 27.85 26.12
C TYR V 383 97.73 27.76 26.73
N PHE V 384 98.53 28.83 26.68
CA PHE V 384 99.92 28.72 27.13
C PHE V 384 100.03 28.36 28.63
N PHE V 385 99.28 29.05 29.48
CA PHE V 385 99.57 29.03 30.93
C PHE V 385 99.16 27.74 31.63
N GLY V 386 98.49 26.82 30.94
CA GLY V 386 98.37 25.47 31.47
C GLY V 386 99.72 24.87 31.79
N LYS V 387 100.76 25.24 31.02
CA LYS V 387 102.12 24.85 31.34
C LYS V 387 102.52 25.31 32.74
N CYS V 388 102.31 26.59 33.04
CA CYS V 388 102.66 27.13 34.35
C CYS V 388 101.89 26.41 35.45
N PHE V 389 100.60 26.16 35.23
CA PHE V 389 99.80 25.49 36.26
C PHE V 389 100.28 24.08 36.53
N ASP V 390 100.45 23.27 35.46
CA ASP V 390 100.91 21.91 35.63
C ASP V 390 102.33 21.85 36.19
N ALA V 391 103.15 22.86 35.89
CA ALA V 391 104.49 22.92 36.47
C ALA V 391 104.42 23.21 37.96
N MET V 392 103.54 24.14 38.37
CA MET V 392 103.35 24.40 39.79
C MET V 392 102.88 23.15 40.52
N GLU V 393 102.08 22.33 39.85
CA GLU V 393 101.59 21.09 40.47
C GLU V 393 102.72 20.24 41.03
N VAL V 394 103.90 20.26 40.39
CA VAL V 394 105.01 19.44 40.84
C VAL V 394 106.04 20.29 41.59
N ASP V 395 106.17 21.56 41.19
CA ASP V 395 107.13 22.44 41.85
C ASP V 395 106.69 22.78 43.27
N ALA V 396 105.41 22.62 43.57
CA ALA V 396 104.94 22.78 44.94
C ALA V 396 105.44 21.66 45.85
N LEU V 397 106.10 20.65 45.28
CA LEU V 397 106.57 19.54 46.08
C LEU V 397 107.89 19.88 46.75
N ASN V 398 108.14 19.19 47.86
CA ASN V 398 109.38 19.32 48.61
C ASN V 398 110.54 18.66 47.90
N SER V 399 110.27 17.61 47.12
CA SER V 399 111.30 16.93 46.35
C SER V 399 111.65 17.65 45.04
N SER V 400 110.98 18.77 44.75
CA SER V 400 111.31 19.56 43.57
C SER V 400 112.72 20.15 43.68
N HIS V 401 113.25 20.57 42.55
CA HIS V 401 114.59 21.11 42.44
C HIS V 401 114.56 22.52 41.84
N PRO V 402 115.60 23.32 42.08
CA PRO V 402 115.68 24.63 41.42
C PRO V 402 115.84 24.49 39.91
N VAL V 403 115.55 25.58 39.21
CA VAL V 403 115.63 25.59 37.75
C VAL V 403 117.04 25.24 37.29
N SER V 404 118.05 25.72 38.01
CA SER V 404 119.45 25.41 37.74
C SER V 404 120.00 24.64 38.93
N THR V 405 120.35 23.38 38.72
CA THR V 405 120.80 22.51 39.81
C THR V 405 121.85 21.56 39.26
N PRO V 406 122.85 21.21 40.06
CA PRO V 406 123.95 20.39 39.54
C PRO V 406 123.52 18.96 39.23
N VAL V 407 124.07 18.44 38.14
CA VAL V 407 123.87 17.05 37.73
C VAL V 407 125.20 16.55 37.18
N GLU V 408 125.43 15.24 37.30
CA GLU V 408 126.71 14.72 36.83
C GLU V 408 126.53 13.54 35.88
N ASN V 409 125.91 12.46 36.33
CA ASN V 409 125.80 11.26 35.51
C ASN V 409 124.67 11.37 34.49
N PRO V 410 124.71 10.54 33.44
CA PRO V 410 123.69 10.64 32.38
C PRO V 410 122.26 10.46 32.87
N ALA V 411 122.02 9.65 33.90
CA ALA V 411 120.66 9.52 34.42
C ALA V 411 120.14 10.85 34.94
N GLN V 412 120.97 11.57 35.72
CA GLN V 412 120.58 12.89 36.20
C GLN V 412 120.39 13.86 35.04
N ILE V 413 121.26 13.77 34.03
CA ILE V 413 121.17 14.66 32.89
C ILE V 413 119.85 14.44 32.16
N ARG V 414 119.47 13.17 31.97
CA ARG V 414 118.16 12.87 31.37
C ARG V 414 117.03 13.37 32.25
N GLU V 415 117.16 13.25 33.57
CA GLU V 415 116.12 13.72 34.48
C GLU V 415 115.91 15.22 34.37
N MET V 416 116.96 15.97 33.99
CA MET V 416 116.84 17.42 33.90
C MET V 416 115.79 17.86 32.88
N PHE V 417 115.44 17.01 31.92
CA PHE V 417 114.40 17.34 30.93
C PHE V 417 113.01 17.09 31.53
N ASP V 418 112.68 17.90 32.55
CA ASP V 418 111.41 17.73 33.23
C ASP V 418 110.56 19.00 33.11
N ASP V 419 109.42 18.98 33.81
CA ASP V 419 108.49 20.10 33.77
C ASP V 419 109.12 21.41 34.25
N VAL V 420 110.07 21.34 35.17
CA VAL V 420 110.72 22.57 35.65
C VAL V 420 111.41 23.28 34.50
N SER V 421 112.38 22.61 33.88
CA SER V 421 113.25 23.24 32.89
C SER V 421 112.47 23.78 31.71
N TYR V 422 111.36 23.14 31.35
CA TYR V 422 110.54 23.62 30.23
C TYR V 422 109.53 24.64 30.72
N ASP V 423 108.53 24.16 31.47
CA ASP V 423 107.39 25.00 31.84
C ASP V 423 107.79 26.13 32.77
N LYS V 424 108.48 25.83 33.88
CA LYS V 424 108.80 26.88 34.84
C LYS V 424 109.78 27.88 34.25
N GLY V 425 110.75 27.38 33.47
CA GLY V 425 111.67 28.29 32.79
C GLY V 425 110.95 29.24 31.83
N ALA V 426 110.05 28.69 31.02
CA ALA V 426 109.30 29.53 30.09
C ALA V 426 108.37 30.50 30.81
N CYS V 427 107.82 30.10 31.95
CA CYS V 427 106.90 30.98 32.67
C CYS V 427 107.66 32.11 33.35
N ILE V 428 108.84 31.82 33.92
CA ILE V 428 109.62 32.91 34.50
C ILE V 428 110.19 33.81 33.42
N LEU V 429 110.47 33.27 32.22
CA LEU V 429 110.89 34.11 31.12
C LEU V 429 109.76 35.02 30.65
N ASN V 430 108.53 34.49 30.59
CA ASN V 430 107.37 35.30 30.28
C ASN V 430 107.20 36.40 31.33
N MET V 431 107.36 36.05 32.61
CA MET V 431 107.26 37.04 33.67
C MET V 431 108.30 38.13 33.52
N LEU V 432 109.53 37.75 33.14
CA LEU V 432 110.58 38.75 32.94
C LEU V 432 110.27 39.65 31.76
N ARG V 433 109.79 39.08 30.66
CA ARG V 433 109.44 39.87 29.49
C ARG V 433 108.28 40.81 29.78
N GLU V 434 107.35 40.40 30.65
CA GLU V 434 106.23 41.27 31.01
C GLU V 434 106.62 42.31 32.05
N TYR V 435 107.62 42.01 32.89
CA TYR V 435 108.11 43.01 33.84
C TYR V 435 108.91 44.08 33.12
N LEU V 436 109.91 43.68 32.34
CA LEU V 436 110.59 44.61 31.46
C LEU V 436 109.67 44.98 30.29
N SER V 437 110.16 45.85 29.42
CA SER V 437 109.45 46.08 28.18
C SER V 437 109.68 44.90 27.24
N ALA V 438 108.68 44.61 26.40
CA ALA V 438 108.86 43.60 25.38
C ALA V 438 110.01 43.98 24.45
N ASP V 439 110.13 45.27 24.13
CA ASP V 439 111.24 45.73 23.32
C ASP V 439 112.55 45.65 24.09
N ALA V 440 112.53 45.98 25.38
CA ALA V 440 113.74 45.85 26.19
C ALA V 440 114.16 44.40 26.33
N PHE V 441 113.19 43.49 26.52
CA PHE V 441 113.50 42.07 26.57
C PHE V 441 114.07 41.58 25.24
N LYS V 442 113.51 42.06 24.12
CA LYS V 442 114.04 41.69 22.81
C LYS V 442 115.47 42.18 22.64
N SER V 443 115.74 43.43 23.02
CA SER V 443 117.10 43.95 22.93
C SER V 443 118.05 43.13 23.78
N GLY V 444 117.62 42.77 25.00
CA GLY V 444 118.46 41.96 25.87
C GLY V 444 118.81 40.62 25.26
N ILE V 445 117.80 39.90 24.76
CA ILE V 445 118.06 38.57 24.23
C ILE V 445 118.86 38.64 22.93
N VAL V 446 118.65 39.67 22.12
CA VAL V 446 119.42 39.81 20.89
C VAL V 446 120.89 40.08 21.21
N GLN V 447 121.14 41.00 22.14
CA GLN V 447 122.50 41.27 22.58
C GLN V 447 123.14 40.02 23.16
N TYR V 448 122.38 39.25 23.94
CA TYR V 448 122.84 37.98 24.49
C TYR V 448 123.32 37.03 23.40
N LEU V 449 122.45 36.78 22.41
CA LEU V 449 122.81 35.85 21.34
C LEU V 449 124.00 36.36 20.54
N GLN V 450 124.05 37.66 20.27
CA GLN V 450 125.16 38.20 19.49
C GLN V 450 126.47 38.09 20.26
N LYS V 451 126.44 38.32 21.58
CA LYS V 451 127.66 38.24 22.37
C LYS V 451 128.14 36.81 22.53
N HIS V 452 127.23 35.84 22.62
CA HIS V 452 127.64 34.47 22.93
C HIS V 452 127.44 33.49 21.78
N SER V 453 127.29 33.98 20.54
CA SER V 453 127.23 33.07 19.40
C SER V 453 128.48 32.21 19.33
N TYR V 454 128.29 30.93 18.99
CA TYR V 454 129.40 29.98 18.82
C TYR V 454 130.22 29.81 20.10
N LYS V 455 129.59 30.01 21.26
CA LYS V 455 130.27 29.88 22.54
C LYS V 455 129.38 29.08 23.48
N ASN V 456 129.79 29.00 24.74
CA ASN V 456 129.05 28.34 25.80
C ASN V 456 128.74 29.35 26.89
N THR V 457 127.61 29.19 27.56
CA THR V 457 127.15 30.15 28.56
C THR V 457 126.73 29.46 29.85
N LYS V 458 126.88 30.19 30.95
CA LYS V 458 126.33 29.82 32.24
C LYS V 458 125.11 30.68 32.53
N ASN V 459 124.52 30.47 33.71
CA ASN V 459 123.31 31.19 34.09
C ASN V 459 123.56 32.70 34.20
N GLU V 460 124.80 33.12 34.49
CA GLU V 460 125.07 34.51 34.80
C GLU V 460 125.19 35.38 33.55
N ASP V 461 125.55 34.79 32.40
CA ASP V 461 125.71 35.58 31.19
C ASP V 461 124.39 36.20 30.75
N LEU V 462 123.28 35.47 30.93
CA LEU V 462 121.97 36.01 30.59
C LEU V 462 121.63 37.22 31.46
N TRP V 463 121.88 37.13 32.76
CA TRP V 463 121.60 38.25 33.63
C TRP V 463 122.52 39.43 33.36
N ASP V 464 123.76 39.16 32.95
CA ASP V 464 124.64 40.25 32.53
C ASP V 464 124.08 40.96 31.31
N SER V 465 123.63 40.19 30.31
CA SER V 465 123.06 40.79 29.12
C SER V 465 121.75 41.51 29.41
N MET V 466 121.01 41.07 30.42
CA MET V 466 119.77 41.74 30.77
C MET V 466 120.02 43.03 31.54
N ALA V 467 121.02 43.03 32.45
CA ALA V 467 121.34 44.23 33.20
C ALA V 467 122.08 45.26 32.33
N SER V 468 122.74 44.82 31.27
CA SER V 468 123.34 45.77 30.33
C SER V 468 122.31 46.56 29.54
N ILE V 469 121.04 46.17 29.60
CA ILE V 469 119.96 46.87 28.93
C ILE V 469 119.01 47.53 29.93
N GLY V 470 118.76 46.88 31.07
CA GLY V 470 117.90 47.45 32.09
C GLY V 470 118.58 48.49 32.96
N GLY V 471 118.39 49.76 32.62
CA GLY V 471 119.08 50.83 33.32
C GLY V 471 118.13 51.87 33.88
N GLY V 472 116.86 51.53 34.04
CA GLY V 472 115.91 52.40 34.70
C GLY V 472 115.74 52.05 36.16
N GLY V 473 116.82 51.55 36.77
CA GLY V 473 116.75 51.04 38.12
C GLY V 473 116.36 49.59 38.20
N VAL V 474 116.78 48.78 37.24
CA VAL V 474 116.34 47.40 37.12
C VAL V 474 117.56 46.50 37.36
N ASP V 475 117.63 45.92 38.55
CA ASP V 475 118.67 44.95 38.91
C ASP V 475 118.13 43.55 38.62
N VAL V 476 118.30 43.11 37.36
CA VAL V 476 117.79 41.81 36.94
C VAL V 476 118.47 40.68 37.70
N LYS V 477 119.69 40.90 38.16
CA LYS V 477 120.52 39.82 38.68
C LYS V 477 119.92 39.20 39.93
N THR V 478 119.60 40.01 40.93
CA THR V 478 119.09 39.48 42.20
C THR V 478 117.74 38.80 42.01
N MET V 479 116.83 39.44 41.28
CA MET V 479 115.51 38.87 41.04
C MET V 479 115.62 37.53 40.34
N MET V 480 116.33 37.48 39.21
CA MET V 480 116.40 36.23 38.47
C MET V 480 117.24 35.18 39.20
N ASN V 481 118.14 35.60 40.10
CA ASN V 481 118.80 34.62 40.95
C ASN V 481 117.82 33.98 41.92
N THR V 482 116.95 34.80 42.52
CA THR V 482 115.91 34.24 43.38
C THR V 482 114.95 33.34 42.59
N TRP V 483 114.76 33.62 41.29
CA TRP V 483 113.82 32.81 40.53
C TRP V 483 114.43 31.55 39.95
N THR V 484 115.73 31.52 39.67
CA THR V 484 116.35 30.37 39.03
C THR V 484 117.22 29.52 39.96
N LEU V 485 117.59 30.03 41.13
CA LEU V 485 118.53 29.31 42.00
C LEU V 485 117.87 28.71 43.22
N GLN V 486 116.55 28.82 43.37
CA GLN V 486 115.83 28.14 44.44
C GLN V 486 114.51 27.58 43.91
N LYS V 487 114.12 26.44 44.46
CA LYS V 487 112.94 25.72 44.01
C LYS V 487 111.65 26.41 44.47
N GLY V 488 110.53 25.90 43.98
CA GLY V 488 109.22 26.32 44.43
C GLY V 488 108.76 27.65 43.87
N PHE V 489 107.64 28.11 44.41
CA PHE V 489 106.99 29.34 43.99
C PHE V 489 106.30 29.95 45.20
N PRO V 490 106.05 31.26 45.19
CA PRO V 490 105.47 31.90 46.38
C PRO V 490 103.96 31.97 46.39
N LEU V 491 103.44 31.88 47.61
CA LEU V 491 102.06 32.24 47.94
C LEU V 491 102.06 33.66 48.48
N ILE V 492 101.23 34.51 47.89
CA ILE V 492 101.10 35.92 48.26
C ILE V 492 99.77 36.10 48.96
N THR V 493 99.80 36.41 50.24
CA THR V 493 98.60 36.69 51.01
C THR V 493 98.30 38.17 50.91
N ILE V 494 97.04 38.48 50.60
CA ILE V 494 96.59 39.85 50.34
C ILE V 494 95.51 40.18 51.36
N THR V 495 95.75 41.20 52.17
CA THR V 495 94.79 41.70 53.14
C THR V 495 94.39 43.13 52.78
N VAL V 496 93.10 43.42 52.87
CA VAL V 496 92.57 44.73 52.52
C VAL V 496 91.98 45.34 53.79
N ARG V 497 92.46 46.53 54.16
CA ARG V 497 92.01 47.25 55.34
C ARG V 497 91.56 48.64 54.89
N GLY V 498 90.36 48.72 54.32
CA GLY V 498 89.87 49.97 53.79
C GLY V 498 90.61 50.41 52.55
N ARG V 499 91.57 51.32 52.71
CA ARG V 499 92.39 51.81 51.61
C ARG V 499 93.80 51.27 51.64
N ASN V 500 94.17 50.49 52.65
CA ASN V 500 95.49 49.90 52.77
C ASN V 500 95.46 48.45 52.30
N VAL V 501 96.44 48.06 51.50
CA VAL V 501 96.55 46.72 50.96
C VAL V 501 97.88 46.15 51.43
N HIS V 502 97.82 45.18 52.34
CA HIS V 502 99.01 44.51 52.86
C HIS V 502 99.27 43.25 52.06
N MET V 503 100.54 43.04 51.69
CA MET V 503 100.96 41.88 50.93
C MET V 503 102.05 41.16 51.71
N LYS V 504 101.92 39.84 51.83
CA LYS V 504 102.91 39.01 52.51
C LYS V 504 103.26 37.85 51.59
N GLN V 505 104.55 37.54 51.49
CA GLN V 505 104.98 36.44 50.65
C GLN V 505 105.55 35.30 51.49
N GLU V 506 105.28 34.07 51.06
CA GLU V 506 105.85 32.91 51.72
C GLU V 506 106.04 31.80 50.70
N HIS V 507 106.80 30.78 51.09
CA HIS V 507 107.05 29.65 50.21
C HIS V 507 105.88 28.68 50.30
N TYR V 508 105.25 28.42 49.16
CA TYR V 508 104.18 27.44 49.11
C TYR V 508 104.81 26.04 49.14
N MET V 509 104.51 25.28 50.18
CA MET V 509 105.02 23.93 50.33
C MET V 509 103.93 23.05 50.92
N LYS V 510 103.61 21.96 50.23
CA LYS V 510 102.63 21.01 50.72
C LYS V 510 103.14 20.38 52.00
N GLY V 511 102.52 20.72 53.13
CA GLY V 511 103.01 20.33 54.45
C GLY V 511 103.26 18.85 54.66
N ASP V 517 108.48 26.86 56.48
CA ASP V 517 109.47 26.48 57.48
C ASP V 517 110.85 26.38 56.86
N THR V 518 111.04 27.05 55.72
CA THR V 518 112.31 27.04 55.02
C THR V 518 113.02 28.39 55.07
N GLY V 519 112.36 29.45 54.61
CA GLY V 519 112.99 30.76 54.57
C GLY V 519 113.41 31.22 53.18
N TYR V 520 112.53 31.03 52.20
CA TYR V 520 112.80 31.49 50.84
C TYR V 520 112.18 32.88 50.64
N LEU V 521 112.81 33.67 49.77
CA LEU V 521 112.32 35.00 49.43
C LEU V 521 112.57 35.27 47.95
N TRP V 522 111.56 35.81 47.28
CA TRP V 522 111.64 36.16 45.87
C TRP V 522 111.47 37.66 45.69
N HIS V 523 111.82 38.15 44.50
CA HIS V 523 111.47 39.48 44.05
C HIS V 523 110.29 39.32 43.09
N VAL V 524 109.08 39.43 43.65
CA VAL V 524 107.86 39.07 42.94
C VAL V 524 107.34 40.32 42.23
N PRO V 525 107.34 40.37 40.90
CA PRO V 525 106.72 41.49 40.19
C PRO V 525 105.21 41.36 40.18
N LEU V 526 104.56 41.90 41.21
CA LEU V 526 103.12 41.77 41.35
C LEU V 526 102.38 42.65 40.34
N THR V 527 101.22 42.17 39.92
CA THR V 527 100.30 42.92 39.06
C THR V 527 98.89 42.77 39.61
N PHE V 528 98.11 43.85 39.57
CA PHE V 528 96.78 43.80 40.12
C PHE V 528 95.86 44.81 39.45
N ILE V 529 94.57 44.54 39.53
CA ILE V 529 93.51 45.46 39.14
C ILE V 529 92.50 45.51 40.28
N THR V 530 91.59 46.47 40.20
CA THR V 530 90.57 46.66 41.22
C THR V 530 89.18 46.63 40.59
N SER V 531 88.15 46.69 41.44
CA SER V 531 86.79 46.74 40.94
C SER V 531 86.45 48.10 40.34
N LYS V 532 87.24 49.13 40.66
CA LYS V 532 87.02 50.48 40.16
C LYS V 532 87.83 50.78 38.91
N SER V 533 88.68 49.85 38.47
CA SER V 533 89.63 50.17 37.41
C SER V 533 90.11 48.90 36.72
N ASP V 534 89.98 48.88 35.39
CA ASP V 534 90.60 47.86 34.56
C ASP V 534 92.07 48.12 34.28
N MET V 535 92.62 49.22 34.80
CA MET V 535 94.03 49.54 34.56
C MET V 535 94.94 48.67 35.42
N VAL V 536 96.00 48.19 34.80
CA VAL V 536 96.93 47.26 35.46
C VAL V 536 97.99 48.07 36.19
N HIS V 537 98.02 47.95 37.51
CA HIS V 537 99.07 48.51 38.34
C HIS V 537 100.06 47.44 38.77
N ARG V 538 101.32 47.83 38.92
CA ARG V 538 102.40 46.90 39.23
C ARG V 538 103.06 47.27 40.55
N PHE V 539 103.78 46.30 41.12
CA PHE V 539 104.50 46.48 42.37
C PHE V 539 105.54 45.38 42.50
N LEU V 540 106.77 45.76 42.85
CA LEU V 540 107.87 44.80 42.98
C LEU V 540 108.05 44.50 44.46
N LEU V 541 107.58 43.33 44.88
CA LEU V 541 107.69 42.90 46.28
C LEU V 541 109.05 42.25 46.48
N LYS V 542 109.96 42.95 47.15
CA LYS V 542 111.31 42.47 47.38
C LYS V 542 111.52 41.92 48.78
N THR V 543 110.57 42.11 49.68
CA THR V 543 110.68 41.69 51.07
C THR V 543 109.58 40.70 51.40
N LYS V 544 109.52 40.28 52.67
CA LYS V 544 108.47 39.34 53.07
C LYS V 544 107.11 40.02 53.11
N THR V 545 107.02 41.17 53.77
CA THR V 545 105.76 41.90 53.89
C THR V 545 105.94 43.35 53.45
N ASP V 546 104.85 43.91 52.93
CA ASP V 546 104.80 45.31 52.53
C ASP V 546 103.34 45.74 52.48
N VAL V 547 103.13 47.01 52.14
CA VAL V 547 101.79 47.59 52.13
C VAL V 547 101.77 48.75 51.15
N LEU V 548 100.67 48.87 50.41
CA LEU V 548 100.44 49.99 49.51
C LEU V 548 99.11 50.67 49.86
N ILE V 549 98.89 51.84 49.30
CA ILE V 549 97.75 52.70 49.64
C ILE V 549 96.91 52.91 48.40
N LEU V 550 95.66 52.43 48.45
CA LEU V 550 94.73 52.69 47.37
C LEU V 550 94.17 54.10 47.48
N PRO V 551 93.71 54.68 46.36
CA PRO V 551 93.07 56.00 46.41
C PRO V 551 91.61 55.97 46.80
N GLU V 552 91.02 54.79 46.98
CA GLU V 552 89.59 54.63 47.21
C GLU V 552 89.35 53.19 47.62
N GLU V 553 88.35 52.99 48.49
CA GLU V 553 87.98 51.65 48.88
C GLU V 553 87.51 50.86 47.66
N VAL V 554 87.80 49.56 47.66
CA VAL V 554 87.50 48.71 46.52
C VAL V 554 86.67 47.52 47.00
N GLU V 555 85.78 47.05 46.14
CA GLU V 555 84.98 45.89 46.47
C GLU V 555 85.84 44.62 46.46
N TRP V 556 86.65 44.46 45.42
CA TRP V 556 87.54 43.31 45.30
C TRP V 556 88.81 43.74 44.60
N ILE V 557 89.86 42.92 44.75
CA ILE V 557 91.14 43.17 44.11
C ILE V 557 91.68 41.83 43.63
N LYS V 558 92.31 41.83 42.46
CA LYS V 558 92.78 40.61 41.81
C LYS V 558 94.25 40.77 41.47
N PHE V 559 95.09 39.93 42.06
CA PHE V 559 96.52 39.97 41.80
C PHE V 559 96.90 38.99 40.69
N ASN V 560 98.11 39.14 40.17
CA ASN V 560 98.65 38.32 39.09
C ASN V 560 97.72 38.35 37.88
N VAL V 561 97.66 39.53 37.28
CA VAL V 561 96.73 39.78 36.17
C VAL V 561 97.22 39.04 34.93
N GLY V 562 96.33 38.25 34.34
CA GLY V 562 96.65 37.54 33.11
C GLY V 562 97.60 36.37 33.28
N MET V 563 97.78 35.89 34.51
CA MET V 563 98.65 34.74 34.80
C MET V 563 100.06 34.93 34.21
N ASN V 564 100.56 36.16 34.30
CA ASN V 564 101.91 36.49 33.83
C ASN V 564 102.95 36.38 34.92
N GLY V 565 102.59 35.92 36.10
CA GLY V 565 103.53 35.78 37.21
C GLY V 565 103.52 34.36 37.75
N TYR V 566 104.70 33.88 38.13
CA TYR V 566 104.85 32.51 38.61
C TYR V 566 104.69 32.47 40.13
N TYR V 567 103.46 32.72 40.56
CA TYR V 567 103.10 32.67 41.96
C TYR V 567 101.60 32.42 42.07
N ILE V 568 101.14 32.17 43.29
CA ILE V 568 99.70 32.07 43.52
C ILE V 568 99.30 33.08 44.60
N VAL V 569 98.03 33.43 44.60
CA VAL V 569 97.52 34.54 45.39
C VAL V 569 96.38 34.05 46.28
N HIS V 570 96.44 34.40 47.55
CA HIS V 570 95.38 34.12 48.52
C HIS V 570 94.86 35.44 49.07
N TYR V 571 93.55 35.49 49.33
CA TYR V 571 92.88 36.71 49.76
C TYR V 571 92.28 36.49 51.14
N GLU V 572 92.61 37.36 52.08
CA GLU V 572 92.13 37.19 53.45
C GLU V 572 90.71 37.72 53.61
N ASP V 573 90.06 37.28 54.68
CA ASP V 573 88.72 37.73 55.10
C ASP V 573 87.73 37.38 53.98
N ASP V 574 86.80 38.29 53.65
CA ASP V 574 85.79 38.04 52.64
C ASP V 574 86.27 38.32 51.21
N GLY V 575 87.58 38.27 50.98
CA GLY V 575 88.08 38.50 49.63
C GLY V 575 87.64 37.42 48.67
N TRP V 576 87.77 36.15 49.09
CA TRP V 576 87.34 35.06 48.23
C TRP V 576 85.83 35.07 48.05
N ASP V 577 85.09 35.47 49.08
CA ASP V 577 83.64 35.63 48.93
C ASP V 577 83.31 36.70 47.90
N SER V 578 84.04 37.81 47.92
CA SER V 578 83.81 38.87 46.93
C SER V 578 84.12 38.37 45.53
N LEU V 579 85.21 37.62 45.37
CA LEU V 579 85.57 37.11 44.04
C LEU V 579 84.57 36.06 43.56
N THR V 580 84.07 35.22 44.47
CA THR V 580 83.04 34.26 44.11
C THR V 580 81.75 34.96 43.68
N GLY V 581 81.36 36.01 44.40
CA GLY V 581 80.20 36.78 43.99
C GLY V 581 80.39 37.42 42.61
N LEU V 582 81.58 37.97 42.37
CA LEU V 582 81.88 38.53 41.05
C LEU V 582 81.73 37.49 39.96
N LEU V 583 82.31 36.31 40.17
CA LEU V 583 82.27 35.26 39.15
C LEU V 583 80.83 34.78 38.91
N LYS V 584 80.06 34.58 39.99
CA LYS V 584 78.68 34.13 39.81
C LYS V 584 77.78 35.23 39.24
N GLY V 585 78.15 36.50 39.38
CA GLY V 585 77.34 37.55 38.82
C GLY V 585 77.67 37.84 37.38
N THR V 586 78.87 38.38 37.12
CA THR V 586 79.30 38.72 35.76
C THR V 586 80.76 38.28 35.62
N HIS V 587 80.96 37.02 35.29
CA HIS V 587 82.31 36.49 35.14
C HIS V 587 83.10 37.19 34.03
N THR V 588 82.41 37.84 33.09
CA THR V 588 83.11 38.57 32.04
C THR V 588 83.77 39.85 32.53
N ALA V 589 83.65 40.18 33.82
CA ALA V 589 84.32 41.36 34.35
C ALA V 589 85.82 41.20 34.40
N VAL V 590 86.32 39.97 34.42
CA VAL V 590 87.76 39.68 34.36
C VAL V 590 88.00 38.75 33.19
N SER V 591 89.28 38.53 32.87
CA SER V 591 89.63 37.77 31.70
C SER V 591 89.51 36.27 31.95
N SER V 592 89.53 35.51 30.84
CA SER V 592 89.47 34.05 30.92
C SER V 592 90.65 33.49 31.70
N ASN V 593 91.86 33.96 31.39
CA ASN V 593 93.04 33.51 32.13
C ASN V 593 92.95 33.88 33.60
N ASP V 594 92.34 35.03 33.92
CA ASP V 594 92.17 35.41 35.32
C ASP V 594 91.21 34.46 36.04
N ARG V 595 90.10 34.10 35.38
CA ARG V 595 89.18 33.13 35.98
C ARG V 595 89.87 31.78 36.18
N ALA V 596 90.65 31.34 35.19
CA ALA V 596 91.38 30.09 35.32
C ALA V 596 92.36 30.14 36.49
N SER V 597 93.07 31.25 36.63
CA SER V 597 94.00 31.40 37.75
C SER V 597 93.25 31.39 39.07
N LEU V 598 92.07 32.00 39.12
CA LEU V 598 91.26 31.97 40.33
C LEU V 598 90.91 30.54 40.73
N ILE V 599 90.42 29.76 39.76
CA ILE V 599 90.06 28.37 40.02
C ILE V 599 91.28 27.58 40.52
N ASN V 600 92.37 27.64 39.75
CA ASN V 600 93.57 26.85 40.09
C ASN V 600 94.12 27.25 41.45
N ASN V 601 94.20 28.55 41.73
CA ASN V 601 94.73 29.01 43.00
C ASN V 601 93.83 28.59 44.15
N ALA V 602 92.51 28.67 43.97
CA ALA V 602 91.59 28.24 45.02
C ALA V 602 91.80 26.77 45.36
N PHE V 603 91.95 25.92 44.33
CA PHE V 603 92.10 24.49 44.62
C PHE V 603 93.48 24.18 45.19
N GLN V 604 94.52 24.86 44.72
CA GLN V 604 95.84 24.66 45.30
C GLN V 604 95.90 25.15 46.74
N LEU V 605 95.10 26.16 47.10
CA LEU V 605 95.04 26.57 48.50
C LEU V 605 94.22 25.58 49.32
N VAL V 606 93.21 24.97 48.72
CA VAL V 606 92.52 23.85 49.37
C VAL V 606 93.52 22.75 49.68
N SER V 607 94.49 22.54 48.78
CA SER V 607 95.49 21.49 48.97
C SER V 607 96.33 21.70 50.21
N ILE V 608 96.36 22.90 50.78
CA ILE V 608 97.16 23.17 51.97
C ILE V 608 96.32 23.67 53.14
N GLY V 609 95.02 23.89 52.95
CA GLY V 609 94.13 24.17 54.07
C GLY V 609 93.88 25.64 54.37
N LYS V 610 94.45 26.56 53.59
CA LYS V 610 94.18 27.98 53.79
C LYS V 610 92.80 28.39 53.28
N LEU V 611 92.09 27.48 52.61
CA LEU V 611 90.75 27.74 52.11
C LEU V 611 90.02 26.41 52.02
N SER V 612 88.73 26.42 52.34
CA SER V 612 87.97 25.19 52.40
C SER V 612 87.53 24.69 51.03
N ILE V 613 87.51 23.37 50.89
CA ILE V 613 87.05 22.73 49.66
C ILE V 613 85.60 23.09 49.38
N GLU V 614 84.81 23.34 50.42
CA GLU V 614 83.43 23.74 50.23
C GLU V 614 83.35 25.09 49.51
N LYS V 615 84.15 26.07 49.96
CA LYS V 615 84.18 27.35 49.27
C LYS V 615 84.76 27.23 47.87
N ALA V 616 85.74 26.33 47.69
CA ALA V 616 86.27 26.10 46.35
C ALA V 616 85.18 25.60 45.40
N LEU V 617 84.37 24.64 45.85
CA LEU V 617 83.30 24.12 45.00
C LEU V 617 82.20 25.14 44.80
N ASP V 618 81.91 25.95 45.82
CA ASP V 618 80.97 27.05 45.66
C ASP V 618 81.44 28.00 44.56
N LEU V 619 82.74 28.30 44.52
CA LEU V 619 83.28 29.11 43.43
C LEU V 619 83.16 28.37 42.10
N SER V 620 83.41 27.07 42.10
CA SER V 620 83.34 26.30 40.87
C SER V 620 81.94 26.29 40.28
N LEU V 621 80.92 26.44 41.12
CA LEU V 621 79.54 26.44 40.62
C LEU V 621 79.29 27.51 39.56
N TYR V 622 80.15 28.52 39.45
CA TYR V 622 79.95 29.55 38.44
C TYR V 622 80.16 29.04 37.02
N LEU V 623 80.82 27.89 36.87
CA LEU V 623 81.06 27.31 35.54
C LEU V 623 79.77 26.87 34.84
N LYS V 624 78.63 26.90 35.53
CA LYS V 624 77.36 26.58 34.88
C LYS V 624 77.06 27.54 33.74
N HIS V 625 77.62 28.75 33.78
CA HIS V 625 77.45 29.75 32.74
C HIS V 625 78.76 30.11 32.05
N GLU V 626 79.84 29.37 32.33
CA GLU V 626 81.12 29.65 31.71
C GLU V 626 81.19 29.04 30.31
N THR V 627 81.87 29.74 29.40
CA THR V 627 81.94 29.32 28.00
C THR V 627 83.35 29.39 27.40
N GLU V 628 84.36 29.83 28.13
CA GLU V 628 85.68 30.05 27.57
C GLU V 628 86.58 28.85 27.80
N ILE V 629 87.47 28.60 26.84
CA ILE V 629 88.21 27.34 26.80
C ILE V 629 89.18 27.23 27.98
N MET V 630 89.89 28.31 28.30
CA MET V 630 90.90 28.24 29.36
C MET V 630 90.29 27.97 30.74
N PRO V 631 89.27 28.72 31.20
CA PRO V 631 88.71 28.41 32.52
C PRO V 631 88.04 27.05 32.58
N VAL V 632 87.33 26.66 31.51
CA VAL V 632 86.67 25.35 31.49
C VAL V 632 87.71 24.23 31.56
N PHE V 633 88.75 24.32 30.74
CA PHE V 633 89.79 23.29 30.75
C PHE V 633 90.52 23.25 32.08
N GLN V 634 90.74 24.41 32.71
CA GLN V 634 91.43 24.40 34.00
C GLN V 634 90.53 23.81 35.09
N GLY V 635 89.24 24.13 35.07
CA GLY V 635 88.32 23.50 35.99
C GLY V 635 88.27 21.99 35.83
N LEU V 636 88.30 21.52 34.58
CA LEU V 636 88.35 20.08 34.34
C LEU V 636 89.64 19.48 34.88
N ASN V 637 90.78 20.13 34.62
CA ASN V 637 92.06 19.62 35.08
C ASN V 637 92.16 19.63 36.61
N GLU V 638 91.41 20.51 37.27
CA GLU V 638 91.43 20.57 38.73
C GLU V 638 90.37 19.69 39.39
N LEU V 639 89.31 19.30 38.66
CA LEU V 639 88.26 18.47 39.24
C LEU V 639 88.40 16.99 38.91
N ILE V 640 88.90 16.66 37.70
CA ILE V 640 88.99 15.25 37.31
C ILE V 640 89.86 14.43 38.25
N PRO V 641 91.05 14.87 38.68
CA PRO V 641 91.86 14.04 39.58
C PRO V 641 91.14 13.65 40.87
N MET V 642 90.11 14.40 41.29
CA MET V 642 89.38 14.02 42.50
C MET V 642 88.63 12.70 42.30
N TYR V 643 87.79 12.63 41.26
CA TYR V 643 87.12 11.35 41.01
C TYR V 643 88.10 10.30 40.51
N LYS V 644 89.26 10.71 39.97
CA LYS V 644 90.29 9.72 39.66
C LYS V 644 90.82 9.06 40.93
N LEU V 645 91.03 9.85 41.98
CA LEU V 645 91.40 9.27 43.28
C LEU V 645 90.27 8.42 43.84
N MET V 646 89.02 8.87 43.67
CA MET V 646 87.89 8.13 44.20
C MET V 646 87.72 6.77 43.52
N GLU V 647 88.02 6.70 42.21
CA GLU V 647 87.85 5.44 41.48
C GLU V 647 88.76 4.34 42.02
N LYS V 648 89.90 4.71 42.60
CA LYS V 648 90.87 3.74 43.10
C LYS V 648 90.46 3.13 44.43
N ARG V 649 89.31 3.50 44.98
CA ARG V 649 88.86 3.04 46.29
C ARG V 649 87.42 2.55 46.19
N ASP V 650 86.88 2.12 47.32
CA ASP V 650 85.48 1.69 47.42
C ASP V 650 84.63 2.91 47.78
N MET V 651 84.26 3.66 46.75
CA MET V 651 83.56 4.94 46.92
C MET V 651 82.58 5.15 45.77
N ASN V 652 81.77 4.13 45.48
CA ASN V 652 80.94 4.17 44.28
C ASN V 652 79.86 5.25 44.38
N GLU V 653 79.18 5.34 45.53
CA GLU V 653 78.10 6.30 45.67
C GLU V 653 78.61 7.73 45.54
N VAL V 654 79.66 8.08 46.28
CA VAL V 654 80.17 9.45 46.27
C VAL V 654 80.79 9.77 44.91
N GLU V 655 81.47 8.79 44.31
CA GLU V 655 82.06 8.98 42.99
C GLU V 655 81.00 9.25 41.94
N THR V 656 79.89 8.50 41.98
CA THR V 656 78.80 8.71 41.03
C THR V 656 78.14 10.06 41.26
N GLN V 657 77.91 10.44 42.52
CA GLN V 657 77.38 11.77 42.81
C GLN V 657 78.28 12.86 42.24
N PHE V 658 79.59 12.71 42.40
CA PHE V 658 80.53 13.71 41.89
C PHE V 658 80.49 13.78 40.37
N LYS V 659 80.48 12.63 39.70
CA LYS V 659 80.42 12.64 38.24
C LYS V 659 79.13 13.28 37.74
N ALA V 660 78.01 12.98 38.41
CA ALA V 660 76.74 13.59 38.02
C ALA V 660 76.77 15.10 38.20
N PHE V 661 77.34 15.58 39.32
CA PHE V 661 77.46 17.02 39.52
C PHE V 661 78.35 17.66 38.47
N LEU V 662 79.48 17.02 38.16
CA LEU V 662 80.40 17.56 37.17
C LEU V 662 79.72 17.68 35.81
N ILE V 663 78.98 16.65 35.41
CA ILE V 663 78.30 16.68 34.12
C ILE V 663 77.20 17.74 34.12
N ARG V 664 76.44 17.84 35.22
CA ARG V 664 75.38 18.84 35.29
C ARG V 664 75.92 20.26 35.28
N LEU V 665 77.17 20.46 35.72
CA LEU V 665 77.74 21.80 35.72
C LEU V 665 77.93 22.32 34.30
N LEU V 666 78.37 21.46 33.39
CA LEU V 666 78.63 21.85 32.01
C LEU V 666 77.58 21.33 31.03
N ARG V 667 76.46 20.81 31.54
CA ARG V 667 75.43 20.24 30.67
C ARG V 667 74.91 21.26 29.66
N ASP V 668 74.74 22.50 30.08
CA ASP V 668 74.24 23.54 29.17
C ASP V 668 75.17 23.73 27.98
N LEU V 669 76.47 23.88 28.24
CA LEU V 669 77.43 24.08 27.17
C LEU V 669 77.55 22.82 26.31
N ILE V 670 77.50 21.64 26.93
CA ILE V 670 77.59 20.40 26.16
C ILE V 670 76.41 20.28 25.21
N ASP V 671 75.21 20.61 25.69
CA ASP V 671 74.03 20.58 24.82
C ASP V 671 74.13 21.61 23.72
N LYS V 672 74.66 22.80 24.03
CA LYS V 672 74.80 23.83 23.01
C LYS V 672 75.86 23.49 21.97
N GLN V 673 76.81 22.63 22.31
CA GLN V 673 77.83 22.22 21.36
C GLN V 673 77.21 21.49 20.17
N THR V 674 77.67 21.83 18.97
CA THR V 674 77.25 21.16 17.76
C THR V 674 78.10 19.94 17.49
N TRP V 675 77.69 19.14 16.49
CA TRP V 675 78.44 17.94 16.14
C TRP V 675 79.07 18.07 14.76
N THR V 676 79.92 19.08 14.59
CA THR V 676 80.57 19.36 13.32
C THR V 676 81.99 19.86 13.59
N ASP V 677 82.73 20.12 12.51
CA ASP V 677 84.08 20.64 12.59
C ASP V 677 84.13 22.15 12.36
N GLU V 678 83.10 22.87 12.81
CA GLU V 678 83.01 24.31 12.59
C GLU V 678 83.79 25.08 13.63
N GLY V 679 84.01 26.35 13.35
CA GLY V 679 84.60 27.25 14.33
C GLY V 679 86.12 27.30 14.27
N SER V 680 86.67 28.17 15.10
CA SER V 680 88.11 28.34 15.20
C SER V 680 88.74 27.13 15.90
N VAL V 681 90.08 27.14 15.97
CA VAL V 681 90.81 26.05 16.61
C VAL V 681 90.39 25.90 18.07
N SER V 682 90.27 27.02 18.79
CA SER V 682 89.85 26.98 20.18
C SER V 682 88.48 26.33 20.34
N GLU V 683 87.51 26.77 19.54
CA GLU V 683 86.16 26.22 19.63
C GLU V 683 86.14 24.75 19.25
N ARG V 684 86.95 24.35 18.27
CA ARG V 684 86.99 22.95 17.86
C ARG V 684 87.54 22.06 18.96
N MET V 685 88.63 22.48 19.59
CA MET V 685 89.20 21.71 20.69
C MET V 685 88.25 21.65 21.88
N LEU V 686 87.57 22.77 22.17
CA LEU V 686 86.57 22.80 23.22
C LEU V 686 85.46 21.79 22.94
N ARG V 687 84.95 21.79 21.71
CA ARG V 687 83.89 20.86 21.34
C ARG V 687 84.36 19.42 21.48
N SER V 688 85.56 19.11 20.99
CA SER V 688 86.06 17.75 21.06
C SER V 688 86.14 17.28 22.50
N GLN V 689 86.76 18.08 23.37
CA GLN V 689 86.91 17.65 24.76
C GLN V 689 85.57 17.57 25.48
N LEU V 690 84.64 18.49 25.18
CA LEU V 690 83.35 18.47 25.85
C LEU V 690 82.54 17.23 25.46
N LEU V 691 82.48 16.94 24.16
CA LEU V 691 81.75 15.76 23.70
C LEU V 691 82.39 14.48 24.23
N LEU V 692 83.73 14.42 24.25
CA LEU V 692 84.40 13.25 24.79
C LEU V 692 84.06 13.06 26.26
N LEU V 693 84.12 14.14 27.05
CA LEU V 693 83.82 14.05 28.47
C LEU V 693 82.39 13.57 28.71
N ALA V 694 81.42 14.17 28.00
CA ALA V 694 80.03 13.79 28.18
C ALA V 694 79.79 12.34 27.81
N CYS V 695 80.27 11.93 26.62
CA CYS V 695 80.05 10.55 26.20
CA CYS V 695 80.10 10.55 26.17
C CYS V 695 80.79 9.56 27.10
N VAL V 696 81.88 9.98 27.74
CA VAL V 696 82.59 9.09 28.65
C VAL V 696 81.80 8.94 29.95
N HIS V 697 81.25 10.04 30.46
CA HIS V 697 80.48 10.02 31.69
C HIS V 697 79.00 9.70 31.47
N ASN V 698 78.65 9.22 30.28
CA ASN V 698 77.36 8.56 30.02
C ASN V 698 76.20 9.54 29.94
N TYR V 699 76.39 10.63 29.20
CA TYR V 699 75.29 11.51 28.83
C TYR V 699 74.50 10.85 27.71
N GLN V 700 73.29 10.37 28.02
CA GLN V 700 72.57 9.51 27.08
C GLN V 700 72.31 10.14 25.71
N PRO V 701 72.01 11.43 25.58
CA PRO V 701 71.92 12.00 24.22
C PRO V 701 73.22 11.86 23.44
N CYS V 702 74.36 12.21 24.05
CA CYS V 702 75.66 12.05 23.41
CA CYS V 702 75.63 12.06 23.38
C CYS V 702 75.90 10.60 23.03
N VAL V 703 75.59 9.68 23.96
CA VAL V 703 75.83 8.26 23.72
C VAL V 703 74.99 7.78 22.55
N GLN V 704 73.72 8.18 22.49
CA GLN V 704 72.85 7.75 21.40
C GLN V 704 73.34 8.28 20.06
N ARG V 705 73.67 9.58 19.99
CA ARG V 705 74.11 10.14 18.72
C ARG V 705 75.45 9.55 18.28
N ALA V 706 76.36 9.33 19.23
CA ALA V 706 77.65 8.74 18.90
C ALA V 706 77.50 7.29 18.47
N GLU V 707 76.58 6.55 19.09
CA GLU V 707 76.30 5.20 18.65
C GLU V 707 75.73 5.19 17.24
N GLY V 708 74.87 6.15 16.91
CA GLY V 708 74.37 6.24 15.55
C GLY V 708 75.48 6.50 14.55
N TYR V 709 76.35 7.47 14.87
CA TYR V 709 77.48 7.77 13.99
C TYR V 709 78.40 6.56 13.83
N PHE V 710 78.69 5.86 14.94
CA PHE V 710 79.56 4.70 14.88
C PHE V 710 78.91 3.54 14.13
N ARG V 711 77.59 3.38 14.25
CA ARG V 711 76.90 2.35 13.49
C ARG V 711 77.01 2.62 12.00
N LYS V 712 76.72 3.86 11.58
CA LYS V 712 76.87 4.20 10.17
C LYS V 712 78.29 4.00 9.69
N TRP V 713 79.28 4.37 10.52
CA TRP V 713 80.68 4.24 10.13
C TRP V 713 81.09 2.78 10.00
N LYS V 714 80.72 1.95 10.98
CA LYS V 714 81.08 0.54 10.93
C LYS V 714 80.39 -0.16 9.77
N GLU V 715 79.14 0.19 9.48
CA GLU V 715 78.48 -0.39 8.31
C GLU V 715 79.09 0.11 7.01
N SER V 716 79.65 1.32 7.02
CA SER V 716 80.37 1.82 5.85
C SER V 716 81.80 1.29 5.76
N ASN V 717 82.28 0.57 6.78
CA ASN V 717 83.60 -0.05 6.76
C ASN V 717 84.71 1.01 6.76
N GLY V 718 84.55 2.01 7.63
CA GLY V 718 85.51 3.10 7.73
C GLY V 718 85.50 4.09 6.60
N ASN V 719 84.70 3.86 5.54
CA ASN V 719 84.73 4.75 4.39
C ASN V 719 83.99 6.06 4.65
N LEU V 720 82.99 6.05 5.53
CA LEU V 720 82.25 7.27 5.84
C LEU V 720 83.16 8.26 6.54
N SER V 721 83.19 9.49 6.04
CA SER V 721 83.99 10.55 6.64
C SER V 721 83.25 11.13 7.84
N LEU V 722 83.86 11.01 9.02
CA LEU V 722 83.29 11.54 10.25
C LEU V 722 83.92 12.87 10.61
N PRO V 723 83.20 13.73 11.33
CA PRO V 723 83.83 14.96 11.83
C PRO V 723 84.99 14.63 12.77
N VAL V 724 86.14 15.22 12.47
CA VAL V 724 87.36 14.93 13.21
C VAL V 724 87.19 15.25 14.70
N ASP V 725 86.40 16.29 15.01
CA ASP V 725 86.23 16.69 16.40
C ASP V 725 85.42 15.66 17.18
N VAL V 726 84.33 15.17 16.60
CA VAL V 726 83.50 14.17 17.26
C VAL V 726 84.06 12.76 17.11
N THR V 727 85.13 12.59 16.32
CA THR V 727 85.71 11.26 16.13
C THR V 727 86.15 10.66 17.46
N LEU V 728 86.73 11.47 18.34
CA LEU V 728 87.17 10.98 19.64
C LEU V 728 86.01 10.36 20.42
N ALA V 729 84.91 11.10 20.55
CA ALA V 729 83.76 10.61 21.29
C ALA V 729 83.15 9.38 20.61
N VAL V 730 83.08 9.40 19.27
CA VAL V 730 82.47 8.28 18.55
C VAL V 730 83.27 7.01 18.78
N PHE V 731 84.60 7.10 18.68
CA PHE V 731 85.44 5.93 18.89
C PHE V 731 85.37 5.45 20.34
N ALA V 732 85.41 6.39 21.29
CA ALA V 732 85.36 6.01 22.70
C ALA V 732 84.04 5.33 23.04
N VAL V 733 82.95 5.73 22.40
CA VAL V 733 81.66 5.08 22.62
C VAL V 733 81.64 3.70 21.96
N GLY V 734 82.08 3.64 20.70
CA GLY V 734 82.01 2.39 19.96
C GLY V 734 82.91 1.30 20.50
N ALA V 735 83.99 1.67 21.19
CA ALA V 735 84.93 0.68 21.71
C ALA V 735 84.44 -0.02 22.98
N GLN V 736 83.21 0.25 23.42
CA GLN V 736 82.71 -0.41 24.64
C GLN V 736 82.28 -1.85 24.40
N SER V 737 81.78 -2.16 23.21
CA SER V 737 81.41 -3.52 22.87
C SER V 737 82.57 -4.25 22.20
N THR V 738 82.56 -5.58 22.33
CA THR V 738 83.65 -6.39 21.77
C THR V 738 83.72 -6.26 20.25
N GLU V 739 82.57 -6.24 19.58
CA GLU V 739 82.53 -6.14 18.13
C GLU V 739 83.19 -4.85 17.65
N GLY V 740 82.75 -3.71 18.19
CA GLY V 740 83.34 -2.43 17.79
C GLY V 740 84.80 -2.31 18.18
N TRP V 741 85.18 -2.90 19.32
CA TRP V 741 86.59 -2.90 19.72
C TRP V 741 87.44 -3.61 18.67
N ASP V 742 87.03 -4.81 18.27
CA ASP V 742 87.79 -5.55 17.26
C ASP V 742 87.79 -4.83 15.91
N PHE V 743 86.67 -4.19 15.56
CA PHE V 743 86.62 -3.45 14.30
C PHE V 743 87.60 -2.28 14.31
N LEU V 744 87.59 -1.51 15.41
CA LEU V 744 88.53 -0.39 15.54
C LEU V 744 89.97 -0.87 15.46
N TYR V 745 90.30 -1.97 16.15
CA TYR V 745 91.67 -2.45 16.07
C TYR V 745 92.02 -2.93 14.66
N SER V 746 91.08 -3.56 13.96
CA SER V 746 91.35 -4.01 12.60
C SER V 746 91.65 -2.82 11.68
N LYS V 747 90.96 -1.69 11.90
CA LYS V 747 91.25 -0.50 11.11
C LYS V 747 92.54 0.18 11.56
N TYR V 748 92.92 0.01 12.83
CA TYR V 748 94.13 0.64 13.35
C TYR V 748 95.36 0.27 12.55
N GLN V 749 95.51 -1.02 12.22
CA GLN V 749 96.72 -1.48 11.56
C GLN V 749 96.95 -0.76 10.24
N PHE V 750 95.90 -0.57 9.45
CA PHE V 750 96.02 -0.01 8.11
C PHE V 750 95.84 1.50 8.07
N SER V 751 95.32 2.12 9.13
CA SER V 751 95.22 3.57 9.15
C SER V 751 96.61 4.20 9.07
N LEU V 752 96.68 5.37 8.44
CA LEU V 752 97.94 6.10 8.30
C LEU V 752 97.91 7.50 8.90
N SER V 753 96.79 7.94 9.47
CA SER V 753 96.72 9.24 10.11
C SER V 753 97.08 9.08 11.58
N SER V 754 98.01 9.90 12.06
CA SER V 754 98.49 9.76 13.43
C SER V 754 97.43 10.17 14.45
N THR V 755 96.63 11.19 14.13
CA THR V 755 95.53 11.57 15.02
C THR V 755 94.51 10.44 15.11
N GLU V 756 94.18 9.83 13.96
CA GLU V 756 93.26 8.69 13.97
C GLU V 756 93.84 7.53 14.77
N LYS V 757 95.14 7.28 14.64
CA LYS V 757 95.79 6.22 15.39
C LYS V 757 95.68 6.48 16.89
N SER V 758 95.97 7.71 17.32
CA SER V 758 95.90 8.05 18.74
C SER V 758 94.47 7.96 19.27
N GLN V 759 93.49 8.36 18.45
CA GLN V 759 92.10 8.27 18.88
C GLN V 759 91.67 6.81 19.03
N ILE V 760 92.12 5.96 18.11
CA ILE V 760 91.84 4.52 18.25
C ILE V 760 92.50 3.96 19.50
N GLU V 761 93.73 4.41 19.78
CA GLU V 761 94.41 3.97 21.00
C GLU V 761 93.64 4.34 22.25
N PHE V 762 93.17 5.60 22.32
CA PHE V 762 92.39 6.03 23.48
C PHE V 762 91.08 5.25 23.59
N ALA V 763 90.42 5.02 22.46
CA ALA V 763 89.18 4.24 22.48
C ALA V 763 89.43 2.84 23.01
N LEU V 764 90.50 2.19 22.55
CA LEU V 764 90.79 0.82 22.98
C LEU V 764 91.19 0.78 24.45
N CYS V 765 91.86 1.82 24.95
CA CYS V 765 92.19 1.85 26.37
C CYS V 765 90.96 2.13 27.23
N ARG V 766 89.95 2.80 26.67
CA ARG V 766 88.71 3.01 27.42
C ARG V 766 87.87 1.71 27.62
N THR V 767 88.33 0.51 27.30
CA THR V 767 87.50 -0.69 27.39
C THR V 767 87.48 -1.24 28.81
N GLN V 768 86.57 -2.19 29.05
CA GLN V 768 86.44 -2.85 30.34
C GLN V 768 87.02 -4.26 30.38
N ASN V 769 87.41 -4.82 29.24
CA ASN V 769 87.86 -6.20 29.21
C ASN V 769 89.33 -6.29 29.63
N LYS V 770 89.59 -6.95 30.76
CA LYS V 770 90.96 -7.12 31.23
C LYS V 770 91.81 -7.86 30.23
N GLU V 771 91.23 -8.85 29.55
CA GLU V 771 92.00 -9.63 28.57
C GLU V 771 92.46 -8.74 27.41
N LYS V 772 91.57 -7.86 26.94
CA LYS V 772 91.94 -6.97 25.84
C LYS V 772 92.92 -5.90 26.30
N LEU V 773 92.76 -5.39 27.52
CA LEU V 773 93.73 -4.45 28.06
C LEU V 773 95.12 -5.08 28.16
N GLN V 774 95.19 -6.30 28.70
CA GLN V 774 96.47 -7.00 28.81
C GLN V 774 97.07 -7.24 27.43
N TRP V 775 96.23 -7.55 26.44
CA TRP V 775 96.72 -7.76 25.08
C TRP V 775 97.28 -6.46 24.50
N LEU V 776 96.57 -5.35 24.70
CA LEU V 776 97.07 -4.04 24.28
C LEU V 776 98.44 -3.77 24.89
N LEU V 777 98.57 -3.99 26.21
CA LEU V 777 99.85 -3.77 26.88
C LEU V 777 100.94 -4.63 26.28
N ASP V 778 100.68 -5.92 26.12
CA ASP V 778 101.69 -6.85 25.62
C ASP V 778 102.13 -6.46 24.21
N GLU V 779 101.17 -6.11 23.34
CA GLU V 779 101.53 -5.83 21.95
C GLU V 779 102.24 -4.48 21.83
N SER V 780 101.81 -3.48 22.61
CA SER V 780 102.50 -2.20 22.58
C SER V 780 103.91 -2.30 23.18
N PHE V 781 104.12 -3.25 24.09
CA PHE V 781 105.48 -3.51 24.56
C PHE V 781 106.30 -4.19 23.47
N LYS V 782 105.75 -5.23 22.85
CA LYS V 782 106.48 -5.96 21.81
C LYS V 782 106.87 -5.06 20.65
N GLY V 783 105.99 -4.14 20.26
CA GLY V 783 106.32 -3.18 19.23
C GLY V 783 105.99 -3.57 17.82
N ASP V 784 105.25 -4.67 17.61
CA ASP V 784 104.89 -5.11 16.26
C ASP V 784 103.52 -4.55 15.87
N LYS V 785 102.46 -5.04 16.51
CA LYS V 785 101.12 -4.59 16.19
C LYS V 785 100.90 -3.15 16.63
N ILE V 786 101.52 -2.73 17.73
CA ILE V 786 101.50 -1.35 18.19
C ILE V 786 102.93 -0.95 18.51
N LYS V 787 103.41 0.11 17.87
CA LYS V 787 104.80 0.52 18.01
C LYS V 787 105.16 0.88 19.44
N THR V 788 106.43 0.67 19.79
CA THR V 788 106.90 0.87 21.15
C THR V 788 106.93 2.34 21.56
N GLN V 789 107.02 3.27 20.61
CA GLN V 789 107.07 4.69 20.94
C GLN V 789 105.80 5.16 21.64
N GLU V 790 104.67 4.49 21.41
CA GLU V 790 103.40 4.85 22.02
C GLU V 790 103.16 4.18 23.36
N PHE V 791 104.09 3.36 23.85
CA PHE V 791 103.82 2.57 25.06
C PHE V 791 103.54 3.41 26.30
N PRO V 792 104.32 4.46 26.63
CA PRO V 792 104.04 5.18 27.89
C PRO V 792 102.65 5.81 27.91
N GLN V 793 102.20 6.37 26.79
CA GLN V 793 100.87 6.95 26.75
C GLN V 793 99.79 5.88 26.94
N ILE V 794 100.00 4.69 26.36
CA ILE V 794 99.04 3.60 26.54
C ILE V 794 99.02 3.14 27.99
N LEU V 795 100.20 3.04 28.61
CA LEU V 795 100.27 2.65 30.02
C LEU V 795 99.56 3.67 30.91
N THR V 796 99.74 4.95 30.61
CA THR V 796 99.07 5.98 31.41
C THR V 796 97.56 5.94 31.21
N LEU V 797 97.10 5.75 29.97
CA LEU V 797 95.66 5.66 29.74
C LEU V 797 95.07 4.43 30.42
N ILE V 798 95.80 3.32 30.43
CA ILE V 798 95.28 2.12 31.09
C ILE V 798 95.29 2.29 32.61
N GLY V 799 96.28 3.00 33.15
CA GLY V 799 96.23 3.35 34.56
C GLY V 799 95.12 4.33 34.89
N ARG V 800 94.70 5.11 33.89
CA ARG V 800 93.53 5.97 34.07
C ARG V 800 92.24 5.14 34.05
N ASN V 801 92.20 4.11 33.22
CA ASN V 801 91.02 3.26 33.12
C ASN V 801 90.67 2.71 34.51
N PRO V 802 89.41 2.83 34.94
CA PRO V 802 89.07 2.43 36.32
C PRO V 802 89.30 0.96 36.60
N VAL V 803 89.41 0.11 35.58
CA VAL V 803 89.65 -1.31 35.77
C VAL V 803 91.03 -1.75 35.30
N GLY V 804 91.88 -0.81 34.86
CA GLY V 804 93.16 -1.19 34.28
C GLY V 804 94.40 -0.82 35.06
N TYR V 805 94.26 0.04 36.07
CA TYR V 805 95.43 0.47 36.82
C TYR V 805 96.15 -0.65 37.56
N PRO V 806 95.49 -1.67 38.13
CA PRO V 806 96.27 -2.78 38.71
C PRO V 806 97.05 -3.55 37.67
N LEU V 807 96.45 -3.77 36.49
CA LEU V 807 97.19 -4.43 35.40
C LEU V 807 98.40 -3.61 35.00
N ALA V 808 98.25 -2.29 34.92
CA ALA V 808 99.37 -1.44 34.54
C ALA V 808 100.48 -1.47 35.58
N TRP V 809 100.10 -1.37 36.86
CA TRP V 809 101.07 -1.42 37.94
C TRP V 809 101.82 -2.76 37.94
N GLN V 810 101.08 -3.85 37.75
CA GLN V 810 101.70 -5.17 37.71
C GLN V 810 102.63 -5.32 36.51
N PHE V 811 102.24 -4.77 35.36
CA PHE V 811 103.08 -4.84 34.18
C PHE V 811 104.38 -4.07 34.40
N LEU V 812 104.29 -2.87 34.96
CA LEU V 812 105.49 -2.10 35.27
C LEU V 812 106.39 -2.85 36.24
N ARG V 813 105.80 -3.43 37.30
CA ARG V 813 106.59 -4.17 38.27
C ARG V 813 107.31 -5.34 37.63
N LYS V 814 106.61 -6.11 36.80
CA LYS V 814 107.17 -7.35 36.28
C LYS V 814 108.11 -7.15 35.09
N ASN V 815 108.01 -6.02 34.39
CA ASN V 815 108.91 -5.76 33.26
C ASN V 815 109.73 -4.49 33.47
N TRP V 816 109.94 -4.10 34.73
CA TRP V 816 110.75 -2.92 35.02
C TRP V 816 112.12 -2.98 34.37
N ASN V 817 112.76 -4.15 34.37
CA ASN V 817 114.13 -4.24 33.90
C ASN V 817 114.24 -3.91 32.42
N LYS V 818 113.44 -4.59 31.58
CA LYS V 818 113.49 -4.35 30.15
C LYS V 818 113.00 -2.94 29.80
N LEU V 819 112.01 -2.43 30.52
CA LEU V 819 111.54 -1.06 30.27
C LEU V 819 112.65 -0.05 30.52
N VAL V 820 113.37 -0.20 31.63
CA VAL V 820 114.49 0.70 31.90
C VAL V 820 115.59 0.55 30.88
N GLN V 821 115.90 -0.69 30.49
CA GLN V 821 116.93 -0.91 29.49
C GLN V 821 116.54 -0.32 28.14
N LYS V 822 115.24 -0.23 27.86
CA LYS V 822 114.75 0.28 26.59
C LYS V 822 114.64 1.81 26.56
N PHE V 823 114.21 2.43 27.67
CA PHE V 823 113.93 3.85 27.69
C PHE V 823 114.97 4.67 28.45
N GLU V 824 115.99 4.03 29.01
CA GLU V 824 117.04 4.67 29.82
C GLU V 824 116.47 5.19 31.14
N LEU V 825 117.33 5.26 32.16
CA LEU V 825 116.89 5.71 33.47
C LEU V 825 116.71 7.22 33.51
N GLY V 826 115.72 7.65 34.30
CA GLY V 826 115.47 9.06 34.50
C GLY V 826 114.88 9.79 33.31
N SER V 827 114.59 9.11 32.22
CA SER V 827 113.98 9.77 31.08
C SER V 827 112.57 10.23 31.40
N SER V 828 112.10 11.23 30.65
CA SER V 828 110.73 11.69 30.83
C SER V 828 109.74 10.58 30.54
N SER V 829 110.11 9.60 29.72
CA SER V 829 109.27 8.43 29.51
C SER V 829 109.13 7.61 30.79
N ILE V 830 110.26 7.35 31.46
CA ILE V 830 110.21 6.61 32.72
C ILE V 830 109.40 7.38 33.77
N ALA V 831 109.63 8.69 33.86
CA ALA V 831 108.86 9.51 34.80
C ALA V 831 107.37 9.45 34.48
N HIS V 832 107.02 9.59 33.21
CA HIS V 832 105.63 9.52 32.76
C HIS V 832 105.01 8.20 33.17
N MET V 833 105.72 7.09 32.93
CA MET V 833 105.19 5.77 33.27
C MET V 833 104.98 5.64 34.78
N VAL V 834 106.00 5.99 35.56
CA VAL V 834 105.90 5.85 37.01
C VAL V 834 104.73 6.65 37.55
N MET V 835 104.60 7.91 37.12
CA MET V 835 103.52 8.74 37.63
C MET V 835 102.16 8.24 37.16
N GLY V 836 102.05 7.85 35.88
CA GLY V 836 100.79 7.36 35.38
C GLY V 836 100.33 6.08 36.05
N THR V 837 101.27 5.27 36.52
CA THR V 837 100.89 4.05 37.22
C THR V 837 100.69 4.25 38.72
N THR V 838 101.27 5.28 39.32
CA THR V 838 101.21 5.44 40.76
C THR V 838 100.53 6.72 41.25
N ASN V 839 100.57 7.81 40.48
CA ASN V 839 100.18 9.09 41.10
C ASN V 839 98.68 9.23 41.33
N GLN V 840 97.89 8.19 41.12
CA GLN V 840 96.46 8.21 41.43
C GLN V 840 96.14 7.38 42.66
N PHE V 841 97.14 6.95 43.41
CA PHE V 841 96.96 6.16 44.62
C PHE V 841 96.54 7.05 45.78
N SER V 842 95.88 6.43 46.77
CA SER V 842 95.30 7.18 47.86
C SER V 842 95.45 6.52 49.23
N THR V 843 96.05 5.34 49.32
CA THR V 843 96.12 4.61 50.59
C THR V 843 97.55 4.46 51.07
N ARG V 844 97.69 4.30 52.39
CA ARG V 844 99.00 4.05 52.97
C ARG V 844 99.55 2.71 52.50
N THR V 845 98.68 1.73 52.26
CA THR V 845 99.12 0.44 51.73
C THR V 845 99.75 0.59 50.35
N ARG V 846 99.08 1.33 49.46
CA ARG V 846 99.67 1.58 48.14
C ARG V 846 100.96 2.38 48.25
N LEU V 847 100.99 3.36 49.16
CA LEU V 847 102.22 4.10 49.39
C LEU V 847 103.35 3.17 49.79
N GLU V 848 103.07 2.20 50.67
CA GLU V 848 104.10 1.28 51.11
C GLU V 848 104.53 0.34 49.98
N GLU V 849 103.59 -0.08 49.15
CA GLU V 849 103.94 -0.86 47.96
C GLU V 849 104.93 -0.09 47.09
N VAL V 850 104.60 1.16 46.78
CA VAL V 850 105.46 1.99 45.94
C VAL V 850 106.83 2.14 46.58
N LYS V 851 106.84 2.50 47.87
CA LYS V 851 108.09 2.68 48.61
C LYS V 851 108.95 1.42 48.53
N GLY V 852 108.37 0.27 48.86
CA GLY V 852 109.13 -0.97 48.91
C GLY V 852 109.68 -1.37 47.56
N PHE V 853 108.84 -1.31 46.53
CA PHE V 853 109.32 -1.70 45.19
C PHE V 853 110.43 -0.79 44.72
N PHE V 854 110.22 0.53 44.77
CA PHE V 854 111.22 1.44 44.26
C PHE V 854 112.48 1.49 45.13
N SER V 855 112.39 1.05 46.39
CA SER V 855 113.61 0.92 47.19
C SER V 855 114.34 -0.37 46.87
N SER V 856 113.61 -1.47 46.64
CA SER V 856 114.22 -2.73 46.25
C SER V 856 114.87 -2.64 44.89
N LEU V 857 114.46 -1.67 44.06
CA LEU V 857 115.13 -1.45 42.78
C LEU V 857 116.62 -1.19 42.96
N LYS V 858 117.01 -0.61 44.10
CA LYS V 858 118.42 -0.36 44.48
C LYS V 858 119.03 0.60 43.46
N GLU V 859 120.18 0.29 42.87
CA GLU V 859 120.89 1.23 42.01
C GLU V 859 120.20 1.44 40.67
N ASN V 860 119.04 0.81 40.43
CA ASN V 860 118.33 0.90 39.17
C ASN V 860 117.02 1.67 39.31
N GLY V 861 117.05 2.77 40.07
CA GLY V 861 115.89 3.64 40.12
C GLY V 861 115.43 4.07 41.50
N SER V 862 116.13 3.65 42.56
CA SER V 862 115.74 4.10 43.90
C SER V 862 116.04 5.58 44.11
N GLN V 863 117.01 6.13 43.37
CA GLN V 863 117.42 7.52 43.51
C GLN V 863 116.79 8.42 42.46
N LEU V 864 115.61 8.06 41.95
CA LEU V 864 114.97 8.83 40.89
C LEU V 864 114.11 9.95 41.48
N ARG V 865 114.37 11.18 41.03
CA ARG V 865 113.56 12.31 41.46
C ARG V 865 112.10 12.13 41.08
N CYS V 866 111.82 11.47 39.95
CA CYS V 866 110.42 11.19 39.60
C CYS V 866 109.80 10.20 40.58
N VAL V 867 110.60 9.24 41.07
CA VAL V 867 110.11 8.33 42.10
C VAL V 867 109.76 9.10 43.37
N GLN V 868 110.66 10.00 43.79
CA GLN V 868 110.38 10.84 44.95
C GLN V 868 109.12 11.69 44.73
N GLN V 869 108.94 12.19 43.50
CA GLN V 869 107.78 13.00 43.20
C GLN V 869 106.49 12.19 43.33
N THR V 870 106.51 10.94 42.85
CA THR V 870 105.33 10.09 43.00
C THR V 870 105.07 9.75 44.46
N ILE V 871 106.14 9.53 45.24
CA ILE V 871 105.98 9.23 46.66
C ILE V 871 105.29 10.39 47.37
N GLU V 872 105.80 11.61 47.15
CA GLU V 872 105.19 12.76 47.81
C GLU V 872 103.80 13.05 47.27
N THR V 873 103.55 12.78 45.98
CA THR V 873 102.21 12.96 45.44
C THR V 873 101.22 12.00 46.08
N ILE V 874 101.63 10.74 46.31
CA ILE V 874 100.74 9.78 46.96
C ILE V 874 100.50 10.18 48.41
N GLU V 875 101.54 10.70 49.08
CA GLU V 875 101.35 11.18 50.45
C GLU V 875 100.38 12.36 50.50
N GLU V 876 100.53 13.31 49.56
CA GLU V 876 99.61 14.44 49.47
C GLU V 876 98.19 13.96 49.18
N ASN V 877 98.05 12.91 48.35
CA ASN V 877 96.74 12.35 48.08
C ASN V 877 96.13 11.75 49.34
N ILE V 878 96.94 11.04 50.12
CA ILE V 878 96.47 10.48 51.38
C ILE V 878 95.94 11.58 52.30
N GLY V 879 96.74 12.63 52.48
CA GLY V 879 96.31 13.73 53.32
C GLY V 879 95.02 14.38 52.82
N TRP V 880 94.99 14.73 51.53
CA TRP V 880 93.83 15.42 50.97
C TRP V 880 92.57 14.57 51.06
N MET V 881 92.71 13.26 50.85
CA MET V 881 91.56 12.37 50.90
C MET V 881 91.06 12.18 52.32
N ASP V 882 91.98 11.97 53.26
CA ASP V 882 91.58 11.83 54.66
C ASP V 882 90.93 13.10 55.19
N LYS V 883 91.32 14.26 54.66
CA LYS V 883 90.76 15.51 55.17
C LYS V 883 89.42 15.87 54.52
N ASN V 884 89.30 15.72 53.20
CA ASN V 884 88.22 16.38 52.47
C ASN V 884 87.14 15.43 51.93
N PHE V 885 87.32 14.12 52.03
CA PHE V 885 86.38 13.18 51.41
C PHE V 885 84.98 13.30 52.01
N ASP V 886 84.87 13.16 53.33
CA ASP V 886 83.57 13.24 53.97
C ASP V 886 82.96 14.63 53.80
N LYS V 887 83.81 15.67 53.81
CA LYS V 887 83.33 17.01 53.49
C LYS V 887 82.73 17.05 52.10
N ILE V 888 83.35 16.39 51.13
CA ILE V 888 82.83 16.38 49.77
C ILE V 888 81.50 15.64 49.70
N ARG V 889 81.36 14.55 50.46
CA ARG V 889 80.08 13.84 50.49
C ARG V 889 78.98 14.74 51.03
N VAL V 890 79.26 15.40 52.15
CA VAL V 890 78.27 16.30 52.75
C VAL V 890 77.93 17.44 51.79
N TRP V 891 78.94 18.00 51.12
CA TRP V 891 78.69 19.11 50.21
C TRP V 891 77.88 18.67 49.00
N LEU V 892 78.10 17.44 48.51
CA LEU V 892 77.29 16.96 47.38
C LEU V 892 75.84 16.74 47.81
N GLN V 893 75.63 16.20 49.01
CA GLN V 893 74.27 16.07 49.50
C GLN V 893 73.60 17.43 49.67
N SER V 894 74.35 18.43 50.14
CA SER V 894 73.81 19.78 50.30
C SER V 894 73.53 20.42 48.95
N GLU V 895 74.39 20.17 47.95
CA GLU V 895 74.22 20.79 46.64
C GLU V 895 73.04 20.17 45.90
N LYS V 896 72.73 18.90 46.18
CA LYS V 896 71.50 18.34 45.62
C LYS V 896 70.28 19.13 46.10
N LEU V 897 70.34 19.69 47.29
CA LEU V 897 69.31 20.58 47.83
C LEU V 897 69.49 22.01 47.31
N GLU V 898 69.36 22.15 45.98
CA GLU V 898 69.51 23.45 45.34
C GLU V 898 68.39 23.81 44.38
N ARG V 899 67.63 22.85 43.87
CA ARG V 899 66.54 23.15 42.95
C ARG V 899 65.21 23.24 43.70
C1 NAG W . -124.47 -10.97 -2.19
C2 NAG W . -125.01 -9.96 -1.17
C3 NAG W . -124.38 -10.24 0.18
C4 NAG W . -124.70 -11.65 0.61
C5 NAG W . -124.19 -12.59 -0.46
C6 NAG W . -124.50 -14.03 -0.10
C7 NAG W . -125.66 -7.83 -2.13
C8 NAG W . -126.09 -6.68 -1.28
N2 NAG W . -124.72 -8.61 -1.60
O3 NAG W . -124.94 -9.33 1.13
O4 NAG W . -124.02 -11.93 1.84
O5 NAG W . -124.78 -12.29 -1.73
O6 NAG W . -125.85 -14.33 -0.45
O7 NAG W . -126.14 -8.04 -3.23
C1 NAG W . -124.95 -11.98 2.94
C2 NAG W . -124.28 -12.52 4.20
C3 NAG W . -125.28 -12.59 5.33
C4 NAG W . -125.86 -11.21 5.56
C5 NAG W . -126.50 -10.72 4.26
C6 NAG W . -127.07 -9.32 4.42
C7 NAG W . -122.46 -14.10 4.11
C8 NAG W . -122.12 -15.27 4.98
N2 NAG W . -123.75 -13.85 3.99
O3 NAG W . -124.64 -13.03 6.52
O4 NAG W . -126.84 -11.29 6.61
O5 NAG W . -125.51 -10.70 3.22
O6 NAG W . -126.00 -8.38 4.44
O7 NAG W . -121.61 -13.44 3.54
C1 BMA W . -126.38 -10.48 7.71
C2 BMA W . -127.23 -10.76 8.93
C3 BMA W . -126.81 -9.86 10.07
C4 BMA W . -125.35 -10.13 10.37
C5 BMA W . -124.56 -9.86 9.09
C6 BMA W . -123.06 -10.08 9.33
O2 BMA W . -127.04 -12.12 9.33
O3 BMA W . -127.57 -10.14 11.25
O4 BMA W . -124.90 -9.28 11.42
O5 BMA W . -125.02 -10.73 8.06
O6 BMA W . -122.67 -9.45 10.56
C1 NAG X . -125.30 -17.94 -15.21
C2 NAG X . -124.91 -19.33 -14.70
C3 NAG X . -125.73 -20.40 -15.39
C4 NAG X . -127.22 -20.13 -15.20
C5 NAG X . -127.51 -18.73 -15.70
C6 NAG X . -128.97 -18.32 -15.52
C7 NAG X . -122.85 -20.66 -14.75
C8 NAG X . -121.41 -20.69 -15.19
N2 NAG X . -123.50 -19.53 -14.96
O3 NAG X . -125.35 -21.67 -14.83
O4 NAG X . -128.05 -21.03 -15.93
O5 NAG X . -126.70 -17.77 -15.03
O6 NAG X . -129.17 -17.05 -16.12
O7 NAG X . -123.38 -21.63 -14.25
C1 NAG X . -128.50 -22.17 -15.18
C2 NAG X . -129.91 -22.50 -15.67
C3 NAG X . -130.38 -23.82 -15.08
C4 NAG X . -129.37 -24.90 -15.45
C5 NAG X . -127.99 -24.51 -14.97
C6 NAG X . -126.96 -25.56 -15.40
C7 NAG X . -132.12 -21.53 -15.31
C8 NAG X . -132.87 -20.48 -14.54
N2 NAG X . -130.79 -21.41 -15.30
O3 NAG X . -131.66 -24.17 -15.62
O4 NAG X . -129.77 -26.19 -14.98
O5 NAG X . -127.64 -23.26 -15.52
O6 NAG X . -127.04 -25.78 -16.81
O7 NAG X . -132.68 -22.42 -15.93
C1 BMA X . -129.93 -27.03 -16.14
C2 BMA X . -129.12 -28.32 -16.03
C3 BMA X . -129.14 -29.00 -17.38
C4 BMA X . -130.58 -29.27 -17.76
C5 BMA X . -131.34 -27.95 -17.78
C6 BMA X . -132.79 -28.19 -18.14
O2 BMA X . -129.70 -29.18 -15.05
O3 BMA X . -128.44 -30.26 -17.31
O4 BMA X . -130.61 -29.86 -19.05
O5 BMA X . -131.27 -27.34 -16.50
O6 BMA X . -133.60 -27.08 -17.71
C1 NAG Y . -119.65 39.17 -8.14
C2 NAG Y . -120.27 38.26 -9.20
C3 NAG Y . -119.49 38.40 -10.49
C4 NAG Y . -119.52 39.85 -10.94
C5 NAG Y . -118.94 40.70 -9.81
C6 NAG Y . -118.96 42.17 -10.20
C7 NAG Y . -121.37 36.28 -8.32
C8 NAG Y . -121.92 35.21 -9.20
N2 NAG Y . -120.26 36.88 -8.76
O3 NAG Y . -120.12 37.60 -11.49
O4 NAG Y . -118.70 40.00 -12.10
O5 NAG Y . -119.68 40.51 -8.60
O6 NAG Y . -120.27 42.70 -9.96
O7 NAG Y . -121.88 36.58 -7.26
C1 NAG Y . -119.51 40.21 -13.28
C2 NAG Y . -118.65 40.61 -14.47
C3 NAG Y . -119.53 40.85 -15.68
C4 NAG Y . -120.32 39.59 -15.97
C5 NAG Y . -121.13 39.23 -14.73
C6 NAG Y . -121.94 37.95 -14.95
C7 NAG Y . -116.60 41.86 -14.22
C8 NAG Y . -115.98 42.94 -15.04
N2 NAG Y . -117.91 41.83 -14.21
O3 NAG Y . -118.71 41.16 -16.81
O4 NAG Y . -121.17 39.82 -17.09
O5 NAG Y . -120.27 39.05 -13.62
O6 NAG Y . -121.05 36.83 -14.88
O7 NAG Y . -115.93 41.05 -13.58
C1 BMA Y . -120.77 38.94 -18.16
C2 BMA Y . -121.46 39.37 -19.45
C3 BMA Y . -121.11 38.38 -20.55
C4 BMA Y . -119.60 38.40 -20.73
C5 BMA Y . -118.97 38.00 -19.39
C6 BMA Y . -117.45 37.96 -19.50
O2 BMA Y . -120.99 40.67 -19.83
O3 BMA Y . -121.71 38.79 -21.79
O4 BMA Y . -119.21 37.47 -21.75
O5 BMA Y . -119.37 38.95 -18.40
O6 BMA Y . -117.08 37.26 -20.69
C1 NAG Z . -120.33 46.28 4.82
C2 NAG Z . -119.66 47.57 4.35
C3 NAG Z . -120.34 48.78 4.99
C4 NAG Z . -121.83 48.76 4.66
C5 NAG Z . -122.41 47.43 5.13
C6 NAG Z . -123.90 47.29 4.82
C7 NAG Z . -117.41 48.52 4.59
C8 NAG Z . -116.04 48.30 5.14
N2 NAG Z . -118.27 47.51 4.73
O3 NAG Z . -119.70 49.94 4.46
O4 NAG Z . -122.55 49.80 5.34
O5 NAG Z . -121.72 46.34 4.53
O6 NAG Z . -124.37 46.07 5.40
O7 NAG Z . -117.73 49.56 4.05
C1 NAG Z . -122.73 51.01 4.56
C2 NAG Z . -124.10 51.57 4.93
C3 NAG Z . -124.28 52.95 4.31
C4 NAG Z . -123.14 53.84 4.77
C5 NAG Z . -121.80 53.22 4.40
C6 NAG Z . -120.65 54.06 4.92
C7 NAG Z . -126.40 50.99 4.38
C8 NAG Z . -127.26 50.10 3.54
N2 NAG Z . -125.13 50.65 4.47
O3 NAG Z . -125.52 53.53 4.74
O4 NAG Z . -123.27 55.17 4.28
O5 NAG Z . -121.73 51.92 4.98
O6 NAG Z . -120.82 54.30 6.33
O7 NAG Z . -126.85 51.98 4.94
C1 BMA Z . -123.37 56.04 5.42
C2 BMA Z . -122.34 57.17 5.39
C3 BMA Z . -122.35 57.85 6.75
C4 BMA Z . -123.76 58.37 6.99
C5 BMA Z . -124.73 57.20 6.96
C6 BMA Z . -126.15 57.70 7.19
O2 BMA Z . -122.67 58.12 4.37
O3 BMA Z . -121.45 58.96 6.74
O4 BMA Z . -123.77 58.96 8.29
O5 BMA Z . -124.65 56.58 5.67
O6 BMA Z . -127.09 56.74 6.69
C1 NAG AA . -87.72 -91.43 19.53
C2 NAG AA . -87.40 -92.53 18.53
C3 NAG AA . -87.41 -91.96 17.12
C4 NAG AA . -88.77 -91.35 16.84
C5 NAG AA . -89.04 -90.29 17.90
C6 NAG AA . -90.40 -89.65 17.67
C7 NAG AA . -86.03 -94.33 19.42
C8 NAG AA . -85.51 -95.44 18.56
N2 NAG AA . -86.12 -93.14 18.83
O3 NAG AA . -87.18 -93.02 16.20
O4 NAG AA . -88.73 -90.71 15.55
O5 NAG AA . -88.99 -90.87 19.21
O6 NAG AA . -91.41 -90.49 18.22
O7 NAG AA . -86.34 -94.50 20.58
C1 NAG AA . -89.49 -91.47 14.58
C2 NAG AA . -89.65 -90.68 13.29
C3 NAG AA . -90.48 -91.49 12.32
C4 NAG AA . -89.82 -92.82 12.08
C5 NAG AA . -89.65 -93.54 13.40
C6 NAG AA . -88.94 -94.88 13.23
C7 NAG AA . -89.76 -88.27 13.25
C8 NAG AA . -90.57 -87.32 12.43
N2 NAG AA . -90.33 -89.42 13.52
O3 NAG AA . -90.59 -90.78 11.08
O4 NAG AA . -90.61 -93.59 11.16
O5 NAG AA . -88.89 -92.73 14.30
O6 NAG AA . -87.54 -94.64 13.00
O7 NAG AA . -88.64 -88.00 13.66
C1 BMA AA . -89.85 -93.80 9.96
C2 BMA AA . -90.77 -94.36 8.88
C3 BMA AA . -89.95 -94.67 7.63
C4 BMA AA . -89.30 -93.39 7.17
C5 BMA AA . -88.43 -92.86 8.31
C6 BMA AA . -87.71 -91.59 7.89
O2 BMA AA . -91.75 -93.38 8.55
O3 BMA AA . -90.80 -95.16 6.59
O4 BMA AA . -88.50 -93.63 6.01
O5 BMA AA . -89.25 -92.61 9.44
O6 BMA AA . -87.15 -91.74 6.59
C1 NAG BA . -91.88 -86.90 32.99
C2 NAG BA . -92.78 -85.76 32.53
C3 NAG BA . -94.03 -85.68 33.39
C4 NAG BA . -94.77 -87.02 33.37
C5 NAG BA . -93.79 -88.11 33.82
C6 NAG BA . -94.41 -89.50 33.80
C7 NAG BA . -92.54 -83.32 32.40
C8 NAG BA . -91.62 -82.17 32.65
N2 NAG BA . -92.03 -84.54 32.62
O3 NAG BA . -94.85 -84.63 32.87
O4 NAG BA . -95.88 -87.06 34.28
O5 NAG BA . -92.64 -88.11 32.99
O6 NAG BA . -93.45 -90.42 34.34
O7 NAG BA . -93.69 -83.16 32.04
C1 NAG BA . -97.15 -86.73 33.67
C2 NAG BA . -98.20 -87.60 34.35
C3 NAG BA . -99.59 -87.17 33.92
C4 NAG BA . -99.76 -85.69 34.23
C5 NAG BA . -98.67 -84.88 33.55
C6 NAG BA . -98.78 -83.40 33.90
C7 NAG BA . -98.85 -89.93 34.23
C8 NAG BA . -98.62 -91.22 33.49
N2 NAG BA . -97.95 -88.98 34.02
O3 NAG BA . -100.58 -87.90 34.64
O4 NAG BA . -101.07 -85.22 33.90
O5 NAG BA . -97.40 -85.36 33.97
O6 NAG BA . -98.81 -83.25 35.33
O7 NAG BA . -99.81 -89.78 34.96
C1 BMA BA . -101.66 -84.73 35.12
C2 BMA BA . -102.17 -83.30 35.00
C3 BMA BA . -102.53 -82.80 36.39
C4 BMA BA . -103.58 -83.74 36.96
C5 BMA BA . -103.02 -85.15 37.00
C6 BMA BA . -104.06 -86.11 37.56
O2 BMA BA . -103.33 -83.27 34.16
O3 BMA BA . -103.08 -81.49 36.30
O4 BMA BA . -103.88 -83.31 38.29
O5 BMA BA . -102.68 -85.56 35.69
O6 BMA BA . -103.75 -87.46 37.17
C1 NAG CA . -102.04 -75.08 11.60
C2 NAG CA . -102.87 -74.38 12.66
C3 NAG CA . -102.05 -74.29 13.94
C4 NAG CA . -101.66 -75.68 14.38
C5 NAG CA . -100.88 -76.33 13.25
C6 NAG CA . -100.46 -77.75 13.63
C7 NAG CA . -104.52 -72.82 11.82
C8 NAG CA . -105.34 -71.96 12.72
N2 NAG CA . -103.28 -73.07 12.23
O3 NAG CA . -102.87 -73.71 14.95
O4 NAG CA . -100.80 -75.59 15.54
O5 NAG CA . -101.67 -76.37 12.06
O6 NAG CA . -101.56 -78.63 13.42
O7 NAG CA . -104.95 -73.26 10.77
C1 NAG CA . -101.49 -76.01 16.72
C2 NAG CA . -100.52 -76.14 17.90
C3 NAG CA . -101.27 -76.62 19.13
C4 NAG CA . -102.38 -75.65 19.43
C5 NAG CA . -103.30 -75.54 18.22
C6 NAG CA . -104.43 -74.55 18.46
C7 NAG CA . -98.20 -76.73 17.58
C8 NAG CA . -97.27 -77.59 18.40
N2 NAG CA . -99.47 -77.10 17.61
O3 NAG CA . -100.37 -76.68 20.24
O4 NAG CA . -103.10 -76.12 20.58
O5 NAG CA . -102.54 -75.12 17.09
O6 NAG CA . -103.90 -73.22 18.38
O7 NAG CA . -97.80 -75.77 16.94
C1 BMA CA . -102.95 -75.15 21.64
C2 BMA CA . -103.45 -75.75 22.95
C3 BMA CA . -103.38 -74.70 24.04
C4 BMA CA . -101.93 -74.27 24.17
C5 BMA CA . -101.48 -73.73 22.83
C6 BMA CA . -100.04 -73.23 22.90
O2 BMA CA . -102.63 -76.85 23.31
O3 BMA CA . -103.81 -75.26 25.29
O4 BMA CA . -101.81 -73.28 25.19
O5 BMA CA . -101.60 -74.74 21.84
O6 BMA CA . -99.86 -72.45 24.09
C1 NAG DA . -100.92 -82.13 -1.38
C2 NAG DA . -99.89 -83.17 -0.91
C3 NAG DA . -100.20 -84.53 -1.54
C4 NAG DA . -101.62 -84.95 -1.18
C5 NAG DA . -102.57 -83.86 -1.63
C6 NAG DA . -104.03 -84.16 -1.28
C7 NAG DA . -97.46 -83.43 -1.21
C8 NAG DA . -96.23 -82.82 -1.79
N2 NAG DA . -98.59 -82.72 -1.33
O3 NAG DA . -99.24 -85.47 -1.04
O4 NAG DA . -102.03 -86.16 -1.84
O5 NAG DA . -102.22 -82.61 -1.05
O6 NAG DA . -104.85 -83.13 -1.85
O7 NAG DA . -97.46 -84.52 -0.66
C1 NAG DA . -101.82 -87.36 -1.05
C2 NAG DA . -102.98 -88.30 -1.40
C3 NAG DA . -102.73 -89.66 -0.78
C4 NAG DA . -101.39 -90.19 -1.27
C5 NAG DA . -100.28 -89.21 -0.93
C6 NAG DA . -98.95 -89.68 -1.48
C7 NAG DA . -105.34 -88.42 -0.80
C8 NAG DA . -106.39 -87.81 0.07
N2 NAG DA . -104.22 -87.72 -0.91
O3 NAG DA . -103.75 -90.58 -1.18
O4 NAG DA . -101.11 -91.51 -0.77
O5 NAG DA . -100.60 -87.94 -1.50
O6 NAG DA . -99.06 -89.96 -2.88
O7 NAG DA . -105.49 -89.50 -1.36
C1 BMA DA . -100.98 -92.37 -1.92
C2 BMA DA . -99.67 -93.14 -1.92
C3 BMA DA . -99.51 -93.81 -3.27
C4 BMA DA . -100.70 -94.72 -3.49
C5 BMA DA . -101.98 -93.88 -3.42
C6 BMA DA . -103.20 -94.77 -3.62
O2 BMA DA . -99.68 -94.14 -0.89
O3 BMA DA . -98.32 -94.60 -3.29
O4 BMA DA . -100.59 -95.29 -4.78
O5 BMA DA . -102.06 -93.26 -2.14
O6 BMA DA . -104.37 -94.12 -3.09
C1 NAG EA . -45.47 -119.12 21.44
C2 NAG EA . -46.41 -118.94 22.62
C3 NAG EA . -45.64 -118.37 23.80
C4 NAG EA . -44.49 -119.28 24.15
C5 NAG EA . -43.63 -119.44 22.91
C6 NAG EA . -42.45 -120.37 23.20
C7 NAG EA . -48.74 -118.59 22.02
C8 NAG EA . -49.78 -118.29 23.04
N2 NAG EA . -47.53 -118.10 22.28
O3 NAG EA . -46.52 -118.28 24.92
O4 NAG EA . -43.71 -118.67 25.19
O5 NAG EA . -44.38 -119.97 21.82
O6 NAG EA . -42.89 -121.72 23.09
O7 NAG EA . -48.98 -119.25 21.03
C1 NAG EA . -43.90 -119.37 26.44
C2 NAG EA . -42.89 -118.87 27.48
C3 NAG EA . -43.10 -119.64 28.78
C4 NAG EA . -44.53 -119.43 29.25
C5 NAG EA . -45.47 -119.91 28.15
C6 NAG EA . -46.93 -119.69 28.55
C7 NAG EA . -40.68 -118.11 26.87
C8 NAG EA . -39.36 -118.26 27.55
N2 NAG EA . -41.53 -119.10 27.05
O3 NAG EA . -42.20 -119.14 29.78
O4 NAG EA . -44.72 -120.17 30.45
O5 NAG EA . -45.22 -119.19 26.95
O6 NAG EA . -47.25 -118.30 28.45
O7 NAG EA . -40.97 -117.12 26.22
C1 BMA EA . -45.01 -119.24 31.52
C2 BMA EA . -44.94 -119.96 32.86
C3 BMA EA . -45.34 -119.00 33.96
C4 BMA EA . -44.36 -117.84 33.94
C5 BMA EA . -44.45 -117.18 32.56
C6 BMA EA . -43.52 -115.98 32.47
O2 BMA EA . -43.61 -120.41 33.08
O3 BMA EA . -45.23 -119.65 35.23
O4 BMA EA . -44.70 -116.89 34.95
O5 BMA EA . -44.10 -118.15 31.57
O6 BMA EA . -43.66 -115.18 33.65
C1 NAG FA . -42.14 -124.92 8.24
C2 NAG FA . -40.66 -125.20 8.53
C3 NAG FA . -40.24 -126.52 7.92
C4 NAG FA . -41.14 -127.64 8.44
C5 NAG FA . -42.58 -127.28 8.13
C6 NAG FA . -43.57 -128.31 8.64
C7 NAG FA . -38.56 -124.09 7.94
C8 NAG FA . -37.95 -122.91 7.23
N2 NAG FA . -39.89 -124.11 7.98
O3 NAG FA . -38.87 -126.75 8.27
O4 NAG FA . -40.88 -128.90 7.79
O5 NAG FA . -42.91 -126.03 8.70
O6 NAG FA . -44.89 -127.94 8.21
O7 NAG FA . -37.89 -124.95 8.46
C1 NAG FA . -39.96 -129.75 8.51
C2 NAG FA . -40.42 -131.18 8.29
C3 NAG FA . -39.39 -132.17 8.83
C4 NAG FA . -38.06 -131.88 8.16
C5 NAG FA . -37.65 -130.43 8.40
C6 NAG FA . -36.35 -130.11 7.67
C7 NAG FA . -42.23 -132.57 9.16
C8 NAG FA . -43.34 -132.61 10.17
N2 NAG FA . -41.71 -131.36 8.93
O3 NAG FA . -39.77 -133.51 8.53
O4 NAG FA . -37.04 -132.79 8.59
O5 NAG FA . -38.67 -129.58 7.90
O6 NAG FA . -36.46 -130.48 6.30
O7 NAG FA . -41.83 -133.57 8.60
C1 BMA FA . -36.59 -133.49 7.41
C2 BMA FA . -35.08 -133.41 7.23
C3 BMA FA . -34.73 -133.93 5.84
C4 BMA FA . -35.24 -135.35 5.75
C5 BMA FA . -36.74 -135.36 6.00
C6 BMA FA . -37.28 -136.79 5.92
O2 BMA FA . -34.42 -134.21 8.22
O3 BMA FA . -33.31 -133.94 5.67
O4 BMA FA . -34.98 -135.83 4.43
O5 BMA FA . -37.01 -134.84 7.29
O6 BMA FA . -38.53 -136.88 6.59
C1 NAG GA . -121.41 -28.58 5.83
C2 NAG GA . -121.63 -29.70 4.83
C3 NAG GA . -121.15 -29.26 3.46
C4 NAG GA . -121.87 -28.00 3.04
C5 NAG GA . -121.65 -26.94 4.11
C6 NAG GA . -122.37 -25.65 3.76
C7 NAG GA . -121.62 -31.93 5.78
C8 NAG GA . -121.70 -33.16 4.94
N2 NAG GA . -120.97 -30.91 5.24
O3 NAG GA . -121.43 -30.29 2.52
O4 NAG GA . -121.34 -27.53 1.80
O5 NAG GA . -122.10 -27.41 5.39
O6 NAG GA . -123.74 -25.77 4.14
O7 NAG GA . -122.11 -31.87 6.89
C1 NAG GA . -122.26 -27.75 0.72
C2 NAG GA . -121.79 -27.04 -0.55
C3 NAG GA . -122.80 -27.28 -1.66
C4 NAG GA . -122.96 -28.76 -1.88
C5 NAG GA . -123.39 -29.41 -0.57
C6 NAG GA . -123.53 -30.92 -0.73
C7 NAG GA . -120.52 -24.98 -0.48
C8 NAG GA . -120.57 -23.77 -1.35
N2 NAG GA . -121.68 -25.61 -0.34
O3 NAG GA . -122.34 -26.66 -2.86
O4 NAG GA . -123.92 -28.97 -2.91
O5 NAG GA . -122.43 -29.14 0.45
O6 NAG GA . -122.22 -31.51 -0.78
O7 NAG GA . -119.51 -25.38 0.07
C1 BMA GA . -123.28 -29.62 -4.03
C2 BMA GA . -124.20 -29.59 -5.24
C3 BMA GA . -123.55 -30.34 -6.39
C4 BMA GA . -122.24 -29.65 -6.71
C5 BMA GA . -121.38 -29.67 -5.45
C6 BMA GA . -120.03 -29.01 -5.71
O2 BMA GA . -124.42 -28.23 -5.63
O3 BMA GA . -124.39 -30.29 -7.54
O4 BMA GA . -121.58 -30.33 -7.77
O5 BMA GA . -122.06 -28.97 -4.40
O6 BMA GA . -119.48 -29.50 -6.94
C1 NAG HA . -123.99 -22.14 18.91
C2 NAG HA . -124.04 -20.71 18.39
C3 NAG HA . -125.12 -19.91 19.11
C4 NAG HA . -126.46 -20.62 18.94
C5 NAG HA . -126.33 -22.04 19.45
C6 NAG HA . -127.60 -22.86 19.29
C7 NAG HA . -122.46 -18.82 18.42
C8 NAG HA . -121.09 -18.37 18.83
N2 NAG HA . -122.74 -20.11 18.63
O3 NAG HA . -125.15 -18.61 18.54
O4 NAG HA . -127.52 -20.01 19.71
O5 NAG HA . -125.28 -22.72 18.76
O6 NAG HA . -127.41 -24.14 19.89
O7 NAG HA . -123.27 -18.06 17.92
C1 NAG HA . -128.29 -19.04 18.96
C2 NAG HA . -129.73 -19.15 19.47
C3 NAG HA . -130.58 -18.02 18.90
C4 NAG HA . -129.93 -16.70 19.27
C5 NAG HA . -128.50 -16.66 18.74
C6 NAG HA . -127.81 -15.36 19.16
C7 NAG HA . -131.56 -20.73 19.16
C8 NAG HA . -131.99 -21.95 18.39
N2 NAG HA . -130.26 -20.45 19.11
O3 NAG HA . -131.89 -18.07 19.47
O4 NAG HA . -130.71 -15.59 18.80
O5 NAG HA . -127.79 -17.76 19.29
O6 NAG HA . -127.93 -15.18 20.58
O7 NAG HA . -132.35 -20.04 19.78
C1 BMA HA . -131.08 -14.82 19.96
C2 BMA HA . -130.68 -13.36 19.86
C3 BMA HA . -130.88 -12.70 21.21
C4 BMA HA . -132.33 -12.87 21.61
C5 BMA HA . -132.66 -14.36 21.65
C6 BMA HA . -134.12 -14.56 22.03
O2 BMA HA . -131.51 -12.70 18.89
O3 BMA HA . -130.58 -11.30 21.12
O4 BMA HA . -132.49 -12.33 22.91
O5 BMA HA . -132.44 -14.92 20.36
O6 BMA HA . -134.56 -15.85 21.61
C1 NAG IA . -110.75 59.05 -16.31
C2 NAG IA . -110.73 60.20 -15.32
C3 NAG IA . -110.55 59.66 -13.91
C4 NAG IA . -111.66 58.68 -13.60
C5 NAG IA . -111.65 57.59 -14.66
C6 NAG IA . -112.76 56.58 -14.40
C7 NAG IA . -109.95 62.31 -16.23
C8 NAG IA . -109.75 63.52 -15.37
N2 NAG IA . -109.69 61.15 -15.63
O3 NAG IA . -110.62 60.74 -12.99
O4 NAG IA . -111.42 58.09 -12.32
O5 NAG IA . -111.80 58.15 -15.96
O6 NAG IA . -113.99 57.10 -14.92
O7 NAG IA . -110.32 62.39 -17.38
C1 NAG IA . -112.36 58.60 -11.33
C2 NAG IA . -112.26 57.79 -10.04
C3 NAG IA . -113.26 58.34 -9.04
C4 NAG IA . -112.99 59.81 -8.80
C5 NAG IA . -113.07 60.55 -10.14
C6 NAG IA . -112.75 62.03 -9.97
C7 NAG IA . -111.67 55.46 -10.00
C8 NAG IA . -112.16 54.33 -9.17
N2 NAG IA . -112.55 56.40 -10.26
O3 NAG IA . -113.13 57.64 -7.80
O4 NAG IA . -113.95 60.32 -7.87
O5 NAG IA . -112.12 59.98 -11.05
O6 NAG IA . -111.35 62.19 -9.78
O7 NAG IA . -110.53 55.52 -10.43
C1 BMA IA . -113.26 60.75 -6.68
C2 BMA IA . -114.27 61.02 -5.58
C3 BMA IA . -113.55 61.57 -4.36
C4 BMA IA . -112.55 60.51 -3.91
C5 BMA IA . -111.60 60.26 -5.07
C6 BMA IA . -110.54 59.23 -4.68
O2 BMA IA . -114.94 59.81 -5.24
O3 BMA IA . -114.49 61.79 -3.31
O4 BMA IA . -111.84 60.97 -2.77
O5 BMA IA . -112.34 59.78 -6.19
O6 BMA IA . -110.01 59.56 -3.38
C1 NAG JA . -113.73 53.49 -29.70
C2 NAG JA . -114.27 52.14 -29.22
C3 NAG JA . -115.45 51.71 -30.06
C4 NAG JA . -116.54 52.78 -30.02
C5 NAG JA . -115.92 54.10 -30.48
C6 NAG JA . -116.90 55.25 -30.45
C7 NAG JA . -113.34 49.87 -29.10
C8 NAG JA . -112.13 49.03 -29.37
N2 NAG JA . -113.20 51.18 -29.32
O3 NAG JA . -115.93 50.47 -29.52
O4 NAG JA . -117.63 52.51 -30.90
O5 NAG JA . -114.80 54.44 -29.67
O6 NAG JA . -116.27 56.40 -31.00
O7 NAG JA . -114.38 49.39 -28.71
C1 NAG JA . -118.74 51.83 -30.26
C2 NAG JA . -120.00 52.35 -30.92
C3 NAG JA . -121.21 51.54 -30.46
C4 NAG JA . -120.96 50.08 -30.78
C5 NAG JA . -119.67 49.61 -30.12
C6 NAG JA . -119.37 48.16 -30.48
C7 NAG JA . -121.30 54.41 -30.77
C8 NAG JA . -121.43 55.71 -30.04
N2 NAG JA . -120.17 53.76 -30.59
O3 NAG JA . -122.39 51.97 -31.16
O4 NAG JA . -122.08 49.26 -30.42
O5 NAG JA . -118.61 50.44 -30.56
O6 NAG JA . -119.38 48.01 -31.90
O7 NAG JA . -122.19 53.99 -31.49
C1 BMA JA . -122.53 48.62 -31.63
C2 BMA JA . -122.62 47.10 -31.50
C3 BMA JA . -122.85 46.52 -32.88
C4 BMA JA . -124.13 47.12 -33.43
C5 BMA JA . -123.99 48.63 -33.48
C6 BMA JA . -125.27 49.26 -34.01
O2 BMA JA . -123.70 46.74 -30.64
O3 BMA JA . -123.00 45.11 -32.80
O4 BMA JA . -124.31 46.62 -34.75
O5 BMA JA . -123.75 49.12 -32.17
O6 BMA JA . -125.36 50.63 -33.62
C1 NAG KA . -78.11 97.61 -19.03
C2 NAG KA . -78.98 97.18 -20.19
C3 NAG KA . -78.11 96.83 -21.39
C4 NAG KA . -77.26 98.03 -21.75
C5 NAG KA . -76.46 98.44 -20.53
C6 NAG KA . -75.60 99.65 -20.83
C7 NAG KA . -81.11 96.18 -19.55
C8 NAG KA . -82.04 95.58 -20.55
N2 NAG KA . -79.81 96.04 -19.83
O3 NAG KA . -78.94 96.50 -22.49
O4 NAG KA . -76.36 97.67 -22.81
O5 NAG KA . -77.32 98.72 -19.43
O6 NAG KA . -76.41 100.83 -20.72
O7 NAG KA . -81.50 96.74 -18.56
C1 NAG KA . -76.77 98.28 -24.06
C2 NAG KA . -75.69 98.09 -25.12
C3 NAG KA . -76.12 98.75 -26.41
C4 NAG KA . -77.44 98.16 -26.85
C5 NAG KA . -78.47 98.34 -25.74
C6 NAG KA . -79.81 97.72 -26.11
C7 NAG KA . -73.33 97.97 -24.55
C8 NAG KA . -72.12 98.50 -25.26
N2 NAG KA . -74.44 98.69 -24.70
O3 NAG KA . -75.13 98.53 -27.42
O4 NAG KA . -77.86 98.80 -28.05
O5 NAG KA . -77.99 97.73 -24.54
O6 NAG KA . -79.71 96.30 -26.01
O7 NAG KA . -73.32 96.95 -23.89
C1 BMA KA . -77.89 97.82 -29.11
C2 BMA KA . -78.06 98.53 -30.46
C3 BMA KA . -78.18 97.50 -31.55
C4 BMA KA . -76.91 96.66 -31.55
C5 BMA KA . -76.79 96.01 -30.17
C6 BMA KA . -75.56 95.12 -30.10
O2 BMA KA . -76.90 99.34 -30.70
O3 BMA KA . -78.29 98.15 -32.82
O4 BMA KA . -77.00 95.65 -32.56
O5 BMA KA . -76.71 97.04 -29.18
O6 BMA KA . -75.49 94.30 -31.29
C1 NAG LA . -76.32 104.16 -5.88
C2 NAG LA . -74.99 104.84 -6.20
C3 NAG LA . -74.94 106.23 -5.59
C4 NAG LA . -76.13 107.05 -6.09
C5 NAG LA . -77.41 106.29 -5.76
C6 NAG LA . -78.67 107.00 -6.25
C7 NAG LA . -72.65 104.37 -5.65
C8 NAG LA . -71.71 103.42 -4.95
N2 NAG LA . -73.93 104.01 -5.66
O3 NAG LA . -73.71 106.83 -5.97
O4 NAG LA . -76.23 108.33 -5.45
O5 NAG LA . -77.38 104.99 -6.34
O6 NAG LA . -79.81 106.27 -5.79
O7 NAG LA . -72.25 105.40 -6.17
C1 NAG LA . -75.61 109.41 -6.18
C2 NAG LA . -76.45 110.65 -5.94
C3 NAG LA . -75.76 111.88 -6.50
C4 NAG LA . -74.37 111.98 -5.86
C5 NAG LA . -73.59 110.71 -6.11
C6 NAG LA . -72.22 110.77 -5.41
C7 NAG LA . -78.60 111.46 -6.78
C8 NAG LA . -79.69 111.18 -7.77
N2 NAG LA . -77.75 110.45 -6.56
O3 NAG LA . -76.49 113.06 -6.19
O4 NAG LA . -73.67 113.15 -6.30
O5 NAG LA . -74.32 109.61 -5.59
O6 NAG LA . -72.41 111.10 -4.03
O7 NAG LA . -78.48 112.54 -6.22
C1 BMA LA . -73.41 113.95 -5.13
C2 BMA LA . -71.93 114.30 -4.98
C3 BMA LA . -71.73 114.90 -3.60
C4 BMA LA . -72.62 116.13 -3.50
C5 BMA LA . -74.07 115.71 -3.71
C6 BMA LA . -74.98 116.92 -3.62
O2 BMA LA . -71.54 115.25 -5.98
O3 BMA LA . -70.37 115.32 -3.45
O4 BMA LA . -72.48 116.66 -2.18
O5 BMA LA . -74.20 115.12 -5.00
O6 BMA LA . -76.23 116.65 -4.28
C1 NAG MA . -11.51 123.54 -22.53
C2 NAG MA . -12.34 123.63 -23.80
C3 NAG MA . -11.65 122.84 -24.91
C4 NAG MA . -10.26 123.40 -25.13
C5 NAG MA . -9.51 123.33 -23.80
C6 NAG MA . -8.11 123.89 -23.96
C7 NAG MA . -14.72 123.93 -23.43
C8 NAG MA . -15.71 123.91 -24.56
N2 NAG MA . -13.68 123.12 -23.58
O3 NAG MA . -12.40 122.99 -26.11
O4 NAG MA . -9.58 122.59 -26.09
O5 NAG MA . -10.20 124.06 -22.79
O6 NAG MA . -8.16 125.32 -23.88
O7 NAG MA . -14.86 124.64 -22.45
C1 NAG MA . -9.45 123.30 -27.35
C2 NAG MA . -8.53 122.54 -28.30
C3 NAG MA . -8.39 123.31 -29.59
C4 NAG MA . -9.76 123.50 -30.20
C5 NAG MA . -10.65 124.23 -29.19
C6 NAG MA . -12.06 124.42 -29.74
C7 NAG MA . -6.68 121.19 -27.50
C8 NAG MA . -5.30 120.98 -28.03
N2 NAG MA . -7.20 122.39 -27.73
O3 NAG MA . -7.56 122.57 -30.51
O4 NAG MA . -9.63 124.25 -31.42
O5 NAG MA . -10.72 123.48 -27.99
O6 NAG MA . -12.75 123.17 -29.68
O7 NAG MA . -7.28 120.33 -26.88
C1 BMA MA . -10.06 123.43 -32.52
C2 BMA MA . -9.67 124.08 -33.83
C3 BMA MA . -10.19 123.26 -34.99
C4 BMA MA . -9.59 121.88 -34.88
C5 BMA MA . -9.99 121.29 -33.54
C6 BMA MA . -9.44 119.88 -33.38
O2 BMA MA . -8.25 124.14 -33.91
O3 BMA MA . -9.79 123.84 -36.22
O4 BMA MA . -10.06 121.05 -35.94
O5 BMA MA . -9.48 122.13 -32.49
O6 BMA MA . -9.68 119.13 -34.58
C1 NAG NA . -8.00 128.35 -8.97
C2 NAG NA . -6.50 128.21 -9.13
C3 NAG NA . -5.78 129.37 -8.44
C4 NAG NA . -6.28 130.69 -9.02
C5 NAG NA . -7.80 130.74 -8.87
C6 NAG NA . -8.41 132.00 -9.46
C7 NAG NA . -4.84 126.56 -8.35
C8 NAG NA . -4.64 125.28 -7.60
N2 NAG NA . -6.10 126.95 -8.52
O3 NAG NA . -4.38 129.20 -8.66
O4 NAG NA . -5.75 131.84 -8.34
O5 NAG NA . -8.40 129.62 -9.50
O6 NAG NA . -9.80 132.01 -9.16
O7 NAG NA . -3.90 127.21 -8.78
C1 NAG NA . -4.57 132.39 -8.96
C2 NAG NA . -4.64 133.90 -8.75
C3 NAG NA . -3.33 134.55 -9.18
C4 NAG NA . -2.20 133.91 -8.39
C5 NAG NA . -2.19 132.41 -8.61
C6 NAG NA . -1.10 131.75 -7.77
C7 NAG NA . -5.90 135.72 -9.78
C8 NAG NA . -6.86 136.05 -10.88
N2 NAG NA . -5.76 134.42 -9.51
O3 NAG NA . -3.37 135.95 -8.89
O4 NAG NA . -0.94 134.52 -8.70
O5 NAG NA . -3.45 131.88 -8.23
O6 NAG NA . -1.24 132.14 -6.40
O7 NAG NA . -5.30 136.57 -9.16
C1 BMA NA . -0.42 135.07 -7.47
C2 BMA NA . 0.98 134.58 -7.15
C3 BMA NA . 1.32 135.00 -5.73
C4 BMA NA . 1.22 136.51 -5.67
C5 BMA NA . -0.20 136.93 -6.05
C6 BMA NA . -0.32 138.44 -6.00
O2 BMA NA . 1.92 135.15 -8.06
O3 BMA NA . 2.66 134.62 -5.41
O4 BMA NA . 1.47 136.91 -4.32
O5 BMA NA . -0.47 136.49 -7.38
O6 BMA NA . -1.44 138.87 -6.80
C1 NAG OA . -23.48 -124.25 27.42
C2 NAG OA . -22.71 -125.04 26.37
C3 NAG OA . -23.20 -124.65 24.98
C4 NAG OA . -24.69 -124.89 24.88
C5 NAG OA . -25.38 -124.12 25.99
C6 NAG OA . -26.89 -124.34 25.94
C7 NAG OA . -20.48 -125.73 27.05
C8 NAG OA . -19.54 -126.40 26.11
N2 NAG OA . -21.30 -124.83 26.49
O3 NAG OA . -22.53 -125.44 24.02
O4 NAG OA . -25.15 -124.42 23.61
O5 NAG OA . -24.87 -124.50 27.27
O6 NAG OA . -27.18 -125.58 26.59
O7 NAG OA . -20.51 -125.98 28.24
C1 NAG OA . -25.47 -125.52 22.74
C2 NAG OA . -26.19 -125.02 21.49
C3 NAG OA . -26.53 -126.21 20.60
C4 NAG OA . -25.26 -126.95 20.25
C5 NAG OA . -24.58 -127.39 21.53
C6 NAG OA . -23.27 -128.12 21.24
C7 NAG OA . -27.62 -123.08 21.51
C8 NAG OA . -28.91 -122.79 20.80
N2 NAG OA . -27.42 -124.36 21.82
O3 NAG OA . -27.15 -125.75 19.39
O4 NAG OA . -25.60 -128.08 19.43
O5 NAG OA . -24.31 -126.25 22.35
O6 NAG OA . -22.28 -127.16 20.86
O7 NAG OA . -26.81 -122.21 21.78
C1 BMA OA . -24.99 -127.90 18.14
C2 BMA OA . -25.55 -128.93 17.17
C3 BMA OA . -24.85 -128.80 15.83
C4 BMA OA . -25.09 -127.40 15.31
C5 BMA OA . -24.53 -126.43 16.34
C6 BMA OA . -24.70 -124.98 15.87
O2 BMA OA . -26.95 -128.68 16.98
O3 BMA OA . -25.40 -129.73 14.89
O4 BMA OA . -24.42 -127.22 14.06
O5 BMA OA . -25.21 -126.61 17.59
O6 BMA OA . -24.29 -124.87 14.50
C1 NAG PA . -27.90 -122.09 41.38
C2 NAG PA . -29.33 -121.68 41.05
C3 NAG PA . -30.30 -122.24 42.06
C4 NAG PA . -30.17 -123.76 42.11
C5 NAG PA . -28.71 -124.10 42.41
C6 NAG PA . -28.45 -125.60 42.44
C7 NAG PA . -30.50 -119.52 40.95
C8 NAG PA . -30.36 -118.03 41.09
N2 NAG PA . -29.38 -120.22 41.06
O3 NAG PA . -31.62 -121.86 41.66
O4 NAG PA . -30.95 -124.37 43.14
O5 NAG PA . -27.85 -123.51 41.44
O6 NAG PA . -27.08 -125.81 42.84
O7 NAG PA . -31.58 -120.03 40.72
C1 NAG PA . -32.25 -124.83 42.69
C2 NAG PA . -32.56 -126.09 43.49
C3 NAG PA . -34.00 -126.53 43.24
C4 NAG PA . -34.92 -125.38 43.60
C5 NAG PA . -34.55 -124.14 42.80
C6 NAG PA . -35.42 -122.95 43.20
C7 NAG PA . -31.81 -128.41 43.40
C8 NAG PA . -30.99 -129.39 42.61
N2 NAG PA . -31.62 -127.13 43.11
O3 NAG PA . -34.32 -127.66 44.07
O4 NAG PA . -36.30 -125.73 43.45
O5 NAG PA . -33.19 -123.82 43.06
O6 NAG PA . -35.38 -122.78 44.62
O7 NAG PA . -32.60 -128.77 44.25
C1 BMA PA . -36.92 -125.60 44.73
C2 BMA PA . -38.15 -124.70 44.71
C3 BMA PA . -38.57 -124.41 46.14
C4 BMA PA . -38.84 -125.74 46.82
C5 BMA PA . -37.59 -126.60 46.76
C6 BMA PA . -37.85 -127.95 47.42
O2 BMA PA . -39.22 -125.35 44.02
O3 BMA PA . -39.76 -123.63 46.15
O4 BMA PA . -39.17 -125.48 48.18
O5 BMA PA . -37.23 -126.82 45.40
O6 BMA PA . -36.90 -128.91 46.98
C1 NAG QA . -59.85 108.22 -24.81
C2 NAG QA . -59.35 109.21 -23.77
C3 NAG QA . -59.63 108.67 -22.37
C4 NAG QA . -61.11 108.42 -22.22
C5 NAG QA . -61.55 107.46 -23.32
C6 NAG QA . -63.05 107.19 -23.21
C7 NAG QA . -57.49 110.58 -24.51
C8 NAG QA . -56.78 111.52 -23.59
N2 NAG QA . -57.93 109.46 -23.94
O3 NAG QA . -59.21 109.64 -21.42
O4 NAG QA . -61.34 107.81 -20.95
O5 NAG QA . -61.24 108.00 -24.61
O6 NAG QA . -63.75 108.26 -23.83
O7 NAG QA . -57.64 110.82 -25.69
C1 NAG QA . -61.98 108.74 -20.04
C2 NAG QA . -62.45 108.03 -18.78
C3 NAG QA . -63.12 109.03 -17.86
C4 NAG QA . -62.16 110.15 -17.54
C5 NAG QA . -61.69 110.79 -18.84
C6 NAG QA . -60.69 111.90 -18.57
C7 NAG QA . -63.17 105.73 -18.78
C8 NAG QA . -64.26 105.03 -18.04
N2 NAG QA . -63.41 107.00 -19.08
O3 NAG QA . -63.52 108.38 -16.65
O4 NAG QA . -62.80 111.09 -16.68
O5 NAG QA . -61.10 109.81 -19.67
O6 NAG QA . -59.42 111.31 -18.24
O7 NAG QA . -62.13 105.18 -19.09
C1 BMA QA . -62.12 111.12 -15.42
C2 BMA QA . -62.95 111.90 -14.41
C3 BMA QA . -62.20 112.01 -13.10
C4 BMA QA . -61.95 110.59 -12.61
C5 BMA QA . -61.14 109.85 -13.67
C6 BMA QA . -60.82 108.44 -13.21
O2 BMA QA . -64.19 111.22 -14.19
O3 BMA QA . -62.98 112.70 -12.13
O4 BMA QA . -61.21 110.64 -11.37
O5 BMA QA . -61.90 109.83 -14.89
O6 BMA QA . -60.35 108.46 -11.86
C1 NAG RA . -63.84 104.82 -38.65
C2 NAG RA . -65.06 103.96 -38.28
C3 NAG RA . -66.19 104.18 -39.25
C4 NAG RA . -66.55 105.67 -39.27
C5 NAG RA . -65.30 106.47 -39.62
C6 NAG RA . -65.54 107.96 -39.63
C7 NAG RA . -65.45 101.54 -38.18
C8 NAG RA . -64.83 100.18 -38.35
N2 NAG RA . -64.63 102.57 -38.32
O3 NAG RA . -67.30 103.39 -38.83
O4 NAG RA . -67.53 105.99 -40.27
O5 NAG RA . -64.26 106.18 -38.69
O6 NAG RA . -64.34 108.61 -40.08
O7 NAG RA . -66.63 101.67 -37.91
C1 NAG RA . -68.89 106.01 -39.77
C2 NAG RA . -69.62 107.10 -40.54
C3 NAG RA . -71.11 107.05 -40.23
C4 NAG RA . -71.63 105.67 -40.58
C5 NAG RA . -70.85 104.60 -39.82
C6 NAG RA . -71.31 103.20 -40.20
C7 NAG RA . -69.67 109.54 -40.43
C8 NAG RA . -69.18 110.73 -39.66
N2 NAG RA . -69.06 108.38 -40.17
O3 NAG RA . -71.82 108.01 -41.03
O4 NAG RA . -73.04 105.55 -40.37
O5 NAG RA . -69.47 104.74 -40.12
O6 NAG RA . -71.25 103.05 -41.63
O7 NAG RA . -70.57 109.63 -41.25
C1 BMA RA . -73.64 105.23 -41.64
C2 BMA RA . -74.51 103.98 -41.59
C3 BMA RA . -74.86 103.58 -43.01
C4 BMA RA . -75.58 104.75 -43.66
C5 BMA RA . -74.67 105.97 -43.63
C6 BMA RA . -75.37 107.16 -44.26
O2 BMA RA . -75.70 104.25 -40.86
O3 BMA RA . -75.73 102.45 -43.00
O4 BMA RA . -75.85 104.40 -45.01
O5 BMA RA . -74.35 106.28 -42.28
O6 BMA RA . -74.76 108.38 -43.82
C1 NAG SA . 26.96 -123.32 23.33
C2 NAG SA . 26.24 -123.66 24.62
C3 NAG SA . 26.67 -122.70 25.71
C4 NAG SA . 28.17 -122.79 25.89
C5 NAG SA . 28.83 -122.48 24.55
C6 NAG SA . 30.34 -122.56 24.66
C7 NAG SA . 24.07 -124.72 24.31
C8 NAG SA . 23.16 -125.01 25.46
N2 NAG SA . 24.80 -123.62 24.44
O3 NAG SA . 26.04 -123.08 26.93
O4 NAG SA . 28.59 -121.80 26.85
O5 NAG SA . 28.37 -123.39 23.55
O6 NAG SA . 30.74 -123.94 24.58
O7 NAG SA . 24.13 -125.43 23.34
C1 NAG SA . 28.97 -122.42 28.09
C2 NAG SA . 29.63 -121.41 29.02
C3 NAG SA . 30.04 -122.09 30.30
C4 NAG SA . 28.82 -122.71 30.94
C5 NAG SA . 28.18 -123.69 29.96
C6 NAG SA . 26.93 -124.32 30.55
C7 NAG SA . 30.93 -119.54 28.17
C8 NAG SA . 32.18 -118.90 28.68
N2 NAG SA . 30.82 -120.84 28.41
O3 NAG SA . 30.61 -121.13 31.20
O4 NAG SA . 29.22 -123.37 32.15
O5 NAG SA . 27.85 -123.00 28.76
O6 NAG SA . 25.87 -123.35 30.52
O7 NAG SA . 30.06 -118.92 27.59
C1 BMA SA . 28.58 -122.73 33.27
C2 BMA SA . 29.20 -123.22 34.57
C3 BMA SA . 28.46 -122.60 35.74
C4 BMA SA . 28.60 -121.10 35.63
C5 BMA SA . 28.00 -120.67 34.30
C6 BMA SA . 28.05 -119.16 34.14
O2 BMA SA . 30.57 -122.82 34.61
O3 BMA SA . 29.07 -123.03 36.97
O4 BMA SA . 27.91 -120.47 36.71
O5 BMA SA . 28.71 -121.31 33.23
O6 BMA SA . 27.62 -118.53 35.34
C1 NAG TA . 31.43 -126.79 9.65
C2 NAG TA . 32.82 -126.18 9.76
C3 NAG TA . 33.84 -127.05 9.06
C4 NAG TA . 33.81 -128.46 9.64
C5 NAG TA . 32.39 -128.99 9.52
C6 NAG TA . 32.23 -130.38 10.12
C7 NAG TA . 33.83 -124.09 8.95
C8 NAG TA . 33.59 -122.81 8.20
N2 NAG TA . 32.77 -124.87 9.14
O3 NAG TA . 35.13 -126.44 9.24
O4 NAG TA . 34.66 -129.38 8.93
O5 NAG TA . 31.48 -128.11 10.18
O6 NAG TA . 30.90 -130.83 9.86
O7 NAG TA . 34.95 -124.40 9.35
C1 NAG TA . 35.98 -129.53 9.51
C2 NAG TA . 36.38 -130.98 9.30
C3 NAG TA . 37.84 -131.17 9.69
C4 NAG TA . 38.69 -130.22 8.87
C5 NAG TA . 38.23 -128.78 9.10
C6 NAG TA . 39.02 -127.81 8.24
C7 NAG TA . 35.80 -133.10 10.35
C8 NAG TA . 35.03 -133.72 11.48
N2 NAG TA . 35.51 -131.82 10.08
O3 NAG TA . 38.26 -132.52 9.39
O4 NAG TA . 40.09 -130.38 9.14
O5 NAG TA . 36.85 -128.69 8.75
O6 NAG TA . 38.98 -128.23 6.86
O7 NAG TA . 36.63 -133.72 9.71
C1 BMA TA . 40.71 -130.74 7.89
C2 BMA TA . 41.88 -129.82 7.54
C3 BMA TA . 42.30 -130.12 6.11
C4 BMA TA . 42.68 -131.60 6.04
C5 BMA TA . 41.48 -132.44 6.46
C6 BMA TA . 41.85 -133.91 6.40
O2 BMA TA . 42.99 -130.06 8.41
O3 BMA TA . 43.44 -129.34 5.76
O4 BMA TA . 43.00 -131.89 4.67
O5 BMA TA . 41.12 -132.10 7.79
O6 BMA TA . 40.95 -134.67 7.22
C1 NAG UA . 88.65 -85.46 16.07
C2 NAG UA . 88.40 -86.08 17.43
C3 NAG UA . 88.35 -84.98 18.49
C4 NAG UA . 89.64 -84.20 18.47
C5 NAG UA . 89.86 -83.66 17.07
C6 NAG UA . 91.16 -82.87 16.99
C7 NAG UA . 87.19 -88.17 17.38
C8 NAG UA . 86.74 -88.87 18.62
N2 NAG UA . 87.18 -86.85 17.44
O3 NAG UA . 88.19 -85.59 19.77
O4 NAG UA . 89.53 -83.11 19.39
O5 NAG UA . 89.87 -84.72 16.11
O6 NAG UA . 92.24 -83.79 16.82
O7 NAG UA . 87.53 -88.79 16.38
C1 NAG UA . 90.35 -83.34 20.56
C2 NAG UA . 90.43 -82.09 21.43
C3 NAG UA . 91.30 -82.36 22.63
C4 NAG UA . 90.72 -83.53 23.41
C5 NAG UA . 90.63 -84.74 22.49
C6 NAG UA . 90.02 -85.94 23.21
C7 NAG UA . 90.34 -79.87 20.48
C8 NAG UA . 91.07 -78.61 20.84
N2 NAG UA . 91.02 -80.99 20.69
O3 NAG UA . 91.33 -81.20 23.48
O4 NAG UA . 91.56 -83.79 24.54
O5 NAG UA . 89.83 -84.42 21.36
O6 NAG UA . 88.62 -85.74 23.34
O7 NAG UA . 89.21 -79.88 20.01
C1 BMA UA . 90.80 -83.57 25.75
C2 BMA UA . 91.74 -83.56 26.95
C3 BMA UA . 90.93 -83.41 28.22
C4 BMA UA . 90.18 -82.09 28.13
C5 BMA UA . 89.29 -82.14 26.89
C6 BMA UA . 88.47 -80.86 26.76
O2 BMA UA . 92.65 -82.46 26.83
O3 BMA UA . 91.80 -83.35 29.35
O4 BMA UA . 89.39 -81.90 29.30
O5 BMA UA . 90.11 -82.32 25.73
O6 BMA UA . 87.90 -80.52 28.03
C1 NAG VA . 92.68 -86.50 1.86
C2 NAG VA . 93.48 -85.21 1.82
C3 NAG VA . 94.74 -85.39 0.96
C4 NAG VA . 95.56 -86.55 1.52
C5 NAG VA . 94.69 -87.79 1.56
C6 NAG VA . 95.41 -89.00 2.14
C7 NAG VA . 93.05 -82.96 0.93
C8 NAG VA . 92.04 -82.07 0.26
N2 NAG VA . 92.64 -84.18 1.25
O3 NAG VA . 95.47 -84.16 1.00
O4 NAG VA . 96.69 -86.86 0.69
O5 NAG VA . 93.52 -87.54 2.34
O6 NAG VA . 94.54 -90.14 2.04
O7 NAG VA . 94.19 -82.57 1.19
C1 NAG VA . 97.92 -86.22 1.09
C2 NAG VA . 99.04 -87.20 0.79
C3 NAG VA . 100.40 -86.53 1.00
C4 NAG VA . 100.45 -85.30 0.10
C5 NAG VA . 99.31 -84.36 0.42
C6 NAG VA . 99.31 -83.16 -0.51
C7 NAG VA . 99.88 -89.24 1.86
C8 NAG VA . 99.73 -90.13 3.06
N2 NAG VA . 98.91 -88.35 1.67
O3 NAG VA . 101.45 -87.42 0.63
O4 NAG VA . 101.72 -84.64 0.21
O5 NAG VA . 98.08 -85.08 0.25
O6 NAG VA . 99.35 -83.60 -1.87
O7 NAG VA . 100.83 -89.32 1.11
C1 BMA VA . 102.30 -84.65 -1.12
C2 BMA VA . 102.70 -83.26 -1.60
C3 BMA VA . 103.04 -83.34 -3.08
C4 BMA VA . 104.17 -84.35 -3.23
C5 BMA VA . 103.72 -85.69 -2.70
C6 BMA VA . 104.84 -86.71 -2.83
O2 BMA VA . 103.84 -82.79 -0.88
O3 BMA VA . 103.49 -82.07 -3.55
O4 BMA VA . 104.45 -84.47 -4.63
O5 BMA VA . 103.38 -85.55 -1.31
O6 BMA VA . 104.62 -87.79 -1.92
C1 NAG WA . 57.49 112.38 -18.22
C2 NAG WA . 56.94 112.86 -19.56
C3 NAG WA . 57.26 111.84 -20.64
C4 NAG WA . 58.76 111.62 -20.71
C5 NAG WA . 59.24 111.20 -19.33
C6 NAG WA . 60.75 110.98 -19.34
C7 NAG WA . 55.02 114.32 -19.38
C8 NAG WA . 54.27 114.80 -20.59
N2 NAG WA . 55.52 113.10 -19.47
O3 NAG WA . 56.80 112.35 -21.88
O4 NAG WA . 59.03 110.58 -21.65
O5 NAG WA . 58.91 112.17 -18.35
O6 NAG WA . 61.40 112.23 -19.20
O7 NAG WA . 55.15 115.02 -18.39
C1 NAG WA . 59.61 111.13 -22.86
C2 NAG WA . 60.13 110.00 -23.76
C3 NAG WA . 60.76 110.60 -25.00
C4 NAG WA . 59.73 111.45 -25.71
C5 NAG WA . 59.23 112.53 -24.76
C6 NAG WA . 58.17 113.40 -25.41
C7 NAG WA . 60.96 107.91 -22.86
C8 NAG WA . 62.10 107.03 -23.29
N2 NAG WA . 61.13 109.21 -23.08
O3 NAG WA . 61.18 109.54 -25.87
O4 NAG WA . 60.34 112.02 -26.87
O5 NAG WA . 58.68 111.92 -23.59
O6 NAG WA . 56.95 112.67 -25.47
O7 NAG WA . 59.95 107.48 -22.35
C1 BMA WA . 59.66 111.53 -28.04
C2 BMA WA . 60.46 111.89 -29.29
C3 BMA WA . 59.70 111.45 -30.53
C4 BMA WA . 59.52 109.94 -30.43
C5 BMA WA . 58.76 109.64 -29.14
C6 BMA WA . 58.51 108.13 -29.01
O2 BMA WA . 61.72 111.23 -29.24
O3 BMA WA . 60.46 111.75 -31.69
O4 BMA WA . 58.79 109.46 -31.56
O5 BMA WA . 59.51 110.11 -28.03
O6 BMA WA . 58.03 107.61 -30.26
C1 NAG XA . 61.59 114.82 -4.21
C2 NAG XA . 62.84 113.94 -4.24
C3 NAG XA . 63.96 114.58 -3.44
C4 NAG XA . 64.25 115.97 -4.00
C5 NAG XA . 62.96 116.77 -3.98
C6 NAG XA . 63.12 118.18 -4.56
C7 NAG XA . 63.36 111.69 -3.40
C8 NAG XA . 62.81 110.47 -2.70
N2 NAG XA . 62.49 112.65 -3.65
O3 NAG XA . 65.11 113.74 -3.55
O4 NAG XA . 65.22 116.70 -3.23
O5 NAG XA . 61.94 116.11 -4.71
O6 NAG XA . 61.90 118.89 -4.38
O7 NAG XA . 64.54 111.77 -3.72
C1 NAG XA . 66.57 116.59 -3.71
C2 NAG XA . 67.24 117.93 -3.44
C3 NAG XA . 68.73 117.84 -3.73
C4 NAG XA . 69.32 116.72 -2.88
C5 NAG XA . 68.60 115.41 -3.16
C6 NAG XA . 69.12 114.30 -2.27
C7 NAG XA . 67.17 120.13 -4.49
C8 NAG XA . 66.62 120.89 -5.65
N2 NAG XA . 66.62 118.94 -4.28
O3 NAG XA . 69.39 119.05 -3.38
O4 NAG XA . 70.73 116.59 -3.04
O5 NAG XA . 67.21 115.58 -2.91
O6 NAG XA . 69.07 114.70 -0.89
O7 NAG XA . 68.05 120.57 -3.78
C1 BMA XA . 71.33 116.82 -1.75
C2 BMA XA . 72.26 115.70 -1.33
C3 BMA XA . 72.63 115.89 0.13
C4 BMA XA . 73.29 117.26 0.25
C5 BMA XA . 72.32 118.32 -0.23
C6 BMA XA . 72.96 119.69 -0.13
O2 BMA XA . 73.45 115.71 -2.13
O3 BMA XA . 73.56 114.89 0.54
O4 BMA XA . 73.58 117.47 1.64
O5 BMA XA . 71.99 118.07 -1.60
O6 BMA XA . 72.30 120.62 -0.99
C1 NAG YA . 48.03 -114.40 25.95
C2 NAG YA . 48.96 -114.66 24.78
C3 NAG YA . 48.19 -114.64 23.47
C4 NAG YA . 47.08 -115.68 23.54
C5 NAG YA . 46.21 -115.37 24.75
C6 NAG YA . 45.09 -116.39 24.87
C7 NAG YA . 51.27 -113.99 25.16
C8 NAG YA . 52.31 -114.06 24.09
N2 NAG YA . 50.04 -113.69 24.74
O3 NAG YA . 49.06 -114.97 22.41
O4 NAG YA . 46.28 -115.58 22.36
O5 NAG YA . 47.00 -115.38 25.95
O6 NAG YA . 45.60 -117.58 25.51
O7 NAG YA . 51.53 -114.17 26.33
C1 NAG YA . 46.52 -116.70 21.48
C2 NAG YA . 45.49 -116.72 20.35
C3 NAG YA . 45.75 -117.93 19.46
C4 NAG YA . 47.18 -117.87 18.93
C5 NAG YA . 48.14 -117.81 20.11
C6 NAG YA . 49.58 -117.69 19.63
C7 NAG YA . 43.25 -115.89 20.61
C8 NAG YA . 41.94 -116.38 20.07
N2 NAG YA . 44.15 -116.83 20.85
O3 NAG YA . 44.84 -117.92 18.36
O4 NAG YA . 47.42 -119.00 18.11
O5 NAG YA . 47.83 -116.68 20.92
O6 NAG YA . 49.82 -116.36 19.18
O7 NAG YA . 43.47 -114.71 20.82
C1 BMA YA . 47.67 -118.56 16.76
C2 BMA YA . 47.65 -119.76 15.82
C3 BMA YA . 48.01 -119.31 14.42
C4 BMA YA . 46.97 -118.28 13.99
C5 BMA YA . 47.02 -117.13 14.99
C6 BMA YA . 46.02 -116.04 14.60
O2 BMA YA . 46.35 -120.33 15.81
O3 BMA YA . 47.95 -120.41 13.52
O4 BMA YA . 47.27 -117.81 12.68
O5 BMA YA . 46.70 -117.63 16.29
O6 BMA YA . 46.14 -115.77 13.20
C1 NAG ZA . 44.87 -114.59 40.40
C2 NAG ZA . 43.42 -115.04 40.26
C3 NAG ZA . 43.06 -116.02 41.36
C4 NAG ZA . 44.02 -117.21 41.33
C5 NAG ZA . 45.43 -116.68 41.44
C6 NAG ZA . 46.48 -117.79 41.37
C7 NAG ZA . 41.25 -113.89 40.39
C8 NAG ZA . 40.57 -112.57 40.58
N2 NAG ZA . 42.58 -113.87 40.34
O3 NAG ZA . 41.71 -116.44 41.14
O4 NAG ZA . 43.82 -118.12 42.42
O5 NAG ZA . 45.71 -115.75 40.40
O6 NAG ZA . 47.77 -117.19 41.61
O7 NAG ZA . 40.63 -114.93 40.27
C1 NAG ZA . 42.95 -119.24 42.11
C2 NAG ZA . 43.49 -120.43 42.88
C3 NAG ZA . 42.52 -121.60 42.79
C4 NAG ZA . 41.16 -121.13 43.30
C5 NAG ZA . 40.68 -119.92 42.52
C6 NAG ZA . 39.36 -119.41 43.06
C7 NAG ZA . 45.38 -121.95 42.62
C8 NAG ZA . 46.50 -122.34 41.70
N2 NAG ZA . 44.78 -120.79 42.35
O3 NAG ZA . 42.96 -122.68 43.60
O4 NAG ZA . 40.20 -122.20 43.30
O5 NAG ZA . 41.65 -118.90 42.62
O6 NAG ZA . 39.47 -119.18 44.47
O7 NAG ZA . 45.01 -122.67 43.54
C1 BMA ZA . 39.77 -122.38 44.66
C2 BMA ZA . 38.25 -122.31 44.80
C3 BMA ZA . 37.92 -122.26 46.29
C4 BMA ZA . 38.51 -123.50 46.94
C5 BMA ZA . 40.01 -123.52 46.70
C6 BMA ZA . 40.62 -124.77 47.34
O2 BMA ZA . 37.64 -123.48 44.22
O3 BMA ZA . 36.51 -122.27 46.48
O4 BMA ZA . 38.25 -123.42 48.34
O5 BMA ZA . 40.26 -123.55 45.30
O6 BMA ZA . 41.88 -125.06 46.74
C1 NAG AB . 121.34 -25.13 3.41
C2 NAG AB . 121.58 -25.77 4.77
C3 NAG AB . 121.12 -24.83 5.87
C4 NAG AB . 121.87 -23.52 5.76
C5 NAG AB . 121.63 -22.96 4.36
C6 NAG AB . 122.37 -21.64 4.18
C7 NAG AB . 121.52 -28.20 4.76
C8 NAG AB . 121.61 -29.01 6.01
N2 NAG AB . 120.89 -27.04 4.87
O3 NAG AB . 121.41 -25.42 7.13
O4 NAG AB . 121.35 -22.60 6.72
O5 NAG AB . 122.06 -23.89 3.36
O6 NAG AB . 123.74 -21.92 3.86
O7 NAG AB . 122.01 -28.59 3.70
C1 NAG AB . 122.30 -22.40 7.80
C2 NAG AB . 121.86 -21.25 8.69
C3 NAG AB . 122.88 -21.05 9.80
C4 NAG AB . 123.03 -22.34 10.58
C5 NAG AB . 123.43 -23.46 9.62
C6 NAG AB . 123.56 -24.78 10.35
C7 NAG AB . 120.61 -19.35 7.86
C8 NAG AB . 120.67 -17.90 8.19
N2 NAG AB . 121.75 -20.02 7.95
O3 NAG AB . 122.44 -20.01 10.68
O4 NAG AB . 124.01 -22.15 11.60
O5 NAG AB . 122.45 -23.58 8.59
O6 NAG AB . 122.25 -25.29 10.63
O7 NAG AB . 119.58 -19.91 7.51
C1 BMA AB . 123.38 -22.30 12.88
C2 BMA AB . 124.32 -21.83 13.98
C3 BMA AB . 123.68 -22.06 15.33
C4 BMA AB . 122.39 -21.28 15.37
C5 BMA AB . 121.50 -21.76 14.24
C6 BMA AB . 120.16 -21.04 14.25
O2 BMA AB . 124.57 -20.43 13.81
O3 BMA AB . 124.54 -21.59 16.37
O4 BMA AB . 121.74 -21.48 16.63
O5 BMA AB . 122.17 -21.55 13.00
O6 BMA AB . 119.64 -21.01 15.58
C1 NAG BB . 123.77 -24.30 -11.17
C2 NAG BB . 123.84 -22.77 -11.24
C3 NAG BB . 124.91 -22.34 -12.22
C4 NAG BB . 126.25 -22.93 -11.82
C5 NAG BB . 126.09 -24.44 -11.72
C6 NAG BB . 127.37 -25.15 -11.28
C7 NAG BB . 122.28 -21.01 -11.98
C8 NAG BB . 120.90 -20.74 -12.51
N2 NAG BB . 122.54 -22.29 -11.68
O3 NAG BB . 124.96 -20.91 -12.21
O4 NAG BB . 127.29 -22.68 -12.76
O5 NAG BB . 125.05 -24.79 -10.82
O6 NAG BB . 127.15 -26.57 -11.34
O7 NAG BB . 123.10 -20.13 -11.83
C1 NAG BB . 128.09 -21.52 -12.46
C2 NAG BB . 129.51 -21.84 -12.91
C3 NAG BB . 130.39 -20.60 -12.83
C4 NAG BB . 129.75 -19.51 -13.67
C5 NAG BB . 128.33 -19.23 -13.20
C6 NAG BB . 127.65 -18.20 -14.07
C7 NAG BB . 131.34 -23.20 -12.04
C8 NAG BB . 131.77 -24.03 -10.87
N2 NAG BB . 130.05 -22.90 -12.08
O3 NAG BB . 131.70 -20.86 -13.34
O4 NAG BB . 130.54 -18.31 -13.69
O5 NAG BB . 127.59 -20.45 -13.27
O6 NAG BB . 127.75 -18.58 -15.45
O7 NAG BB . 132.12 -22.82 -12.88
C1 BMA BB . 130.90 -18.05 -15.05
C2 BMA BB . 130.52 -16.65 -15.52
C3 BMA BB . 130.70 -16.59 -17.02
C4 BMA BB . 132.14 -16.92 -17.34
C5 BMA BB . 132.46 -18.30 -16.81
C6 BMA BB . 133.91 -18.66 -17.10
O2 BMA BB . 131.37 -15.69 -14.89
O3 BMA BB . 130.43 -15.26 -17.48
O4 BMA BB . 132.30 -16.91 -18.76
O5 BMA BB . 132.26 -18.32 -15.40
O6 BMA BB . 134.35 -19.70 -16.22
C1 NAG CB . 8.00 122.80 -25.04
C2 NAG CB . 8.82 123.41 -23.91
C3 NAG CB . 8.18 123.05 -22.57
C4 NAG CB . 6.75 123.54 -22.55
C5 NAG CB . 6.01 122.94 -23.73
C6 NAG CB . 4.57 123.41 -23.76
C7 NAG CB . 11.17 123.73 -24.41
C8 NAG CB . 12.14 124.20 -23.39
N2 NAG CB . 10.18 122.96 -23.95
O3 NAG CB . 8.91 123.68 -21.54
O4 NAG CB . 6.13 123.11 -21.33
O5 NAG CB . 6.65 123.28 -24.96
O6 NAG CB . 4.52 124.71 -24.37
O7 NAG CB . 11.26 124.03 -25.58
C1 NAG CB . 5.94 124.21 -20.43
C2 NAG CB . 5.06 123.79 -19.25
C3 NAG CB . 4.86 124.99 -18.33
C4 NAG CB . 6.21 125.49 -17.86
C5 NAG CB . 7.05 125.86 -19.08
C6 NAG CB . 8.44 126.33 -18.68
C7 NAG CB . 3.33 122.12 -19.45
C8 NAG CB . 1.97 122.04 -18.83
N2 NAG CB . 3.76 123.36 -19.68
O3 NAG CB . 4.09 124.59 -17.19
O4 NAG CB . 6.02 126.62 -17.02
O5 NAG CB . 7.18 124.71 -19.93
O6 NAG CB . 9.23 125.21 -18.29
O7 NAG CB . 4.01 121.14 -19.71
C1 BMA CB . 6.50 126.30 -15.69
C2 BMA CB . 6.05 127.37 -14.71
C3 BMA CB . 6.63 127.08 -13.34
C4 BMA CB . 6.14 125.71 -12.91
C5 BMA CB . 6.58 124.69 -13.96
C6 BMA CB . 6.14 123.29 -13.56
O2 BMA CB . 4.63 127.35 -14.63
O3 BMA CB . 6.19 128.04 -12.40
O4 BMA CB . 6.67 125.37 -11.62
O5 BMA CB . 6.03 125.05 -15.22
O6 BMA CB . 6.43 123.06 -12.17
C1 NAG DB . 4.23 121.97 -39.33
C2 NAG DB . 2.73 121.79 -39.10
C3 NAG DB . 1.93 122.56 -40.14
C4 NAG DB . 2.33 124.02 -40.10
C5 NAG DB . 3.84 124.12 -40.31
C6 NAG DB . 4.34 125.55 -40.25
C7 NAG DB . 1.21 119.85 -39.17
C8 NAG DB . 1.11 118.37 -39.39
N2 NAG DB . 2.43 120.36 -39.19
O3 NAG DB . 0.54 122.38 -39.85
O4 NAG DB . 1.71 124.79 -41.15
O5 NAG DB . 4.52 123.36 -39.32
O6 NAG DB . 5.75 125.55 -40.55
O7 NAG DB . 0.21 120.54 -39.00
C1 NAG DB . 0.49 125.45 -40.77
C2 NAG DB . 0.46 126.78 -41.52
C3 NAG DB . -0.90 127.44 -41.33
C4 NAG DB . -1.98 126.48 -41.80
C5 NAG DB . -1.88 125.17 -41.04
C6 NAG DB . -2.91 124.17 -41.55
C7 NAG DB . 1.56 128.93 -41.26
C8 NAG DB . 2.49 129.72 -40.39
N2 NAG DB . 1.52 127.62 -41.02
O3 NAG DB . -0.98 128.64 -42.11
O4 NAG DB . -3.28 127.06 -41.71
O5 NAG DB . -0.58 124.62 -41.23
O6 NAG DB . -2.79 124.04 -42.97
O7 NAG DB . 0.91 129.45 -42.15
C1 BMA DB . -3.83 127.08 -43.04
C2 BMA DB . -5.20 126.40 -43.12
C3 BMA DB . -5.56 126.25 -44.59
C4 BMA DB . -5.57 127.63 -45.22
C5 BMA DB . -4.19 128.26 -45.05
C6 BMA DB . -4.18 129.65 -45.66
O2 BMA DB . -6.18 127.20 -42.47
O3 BMA DB . -6.87 125.68 -44.71
O4 BMA DB . -5.84 127.47 -46.61
O5 BMA DB . -3.89 128.36 -43.66
O6 BMA DB . -3.10 130.42 -45.10
C1 NAG EB . 100.55 -69.95 16.22
C2 NAG EB . 101.36 -69.76 14.95
C3 NAG EB . 100.51 -70.13 13.74
C4 NAG EB . 100.04 -71.56 13.87
C5 NAG EB . 99.27 -71.68 15.19
C6 NAG EB . 98.78 -73.11 15.38
C7 NAG EB . 103.10 -68.08 15.11
C8 NAG EB . 103.93 -67.67 13.94
N2 NAG EB . 101.84 -68.41 14.84
O3 NAG EB . 101.32 -70.02 12.58
O4 NAG EB . 99.15 -71.86 12.78
O5 NAG EB . 100.10 -71.30 16.29
O6 NAG EB . 99.85 -73.90 15.90
O7 NAG EB . 103.55 -68.11 16.24
C1 NAG EB . 99.79 -72.75 11.85
C2 NAG EB . 98.78 -73.26 10.82
C3 NAG EB . 99.47 -74.20 9.86
C4 NAG EB . 100.62 -73.49 9.19
C5 NAG EB . 101.57 -72.97 10.26
C6 NAG EB . 102.73 -72.20 9.64
C7 NAG EB . 96.44 -73.57 11.37
C8 NAG EB . 95.46 -74.62 10.95
N2 NAG EB . 97.70 -73.98 11.46
O3 NAG EB . 98.53 -74.64 8.86
O4 NAG EB . 101.27 -74.39 8.30
O5 NAG EB . 100.87 -72.11 11.16
O6 NAG EB . 102.26 -70.92 9.22
O7 NAG EB . 96.12 -72.42 11.59
C1 BMA EB . 101.13 -73.91 6.95
C2 BMA EB . 101.57 -74.99 5.97
C3 BMA EB . 101.51 -74.43 4.56
C4 BMA EB . 100.07 -74.02 4.29
C5 BMA EB . 99.69 -72.97 5.32
C6 BMA EB . 98.27 -72.47 5.09
O2 BMA EB . 100.69 -76.09 6.08
O3 BMA EB . 101.87 -75.45 3.62
O4 BMA EB . 99.97 -73.47 2.97
O5 BMA EB . 99.80 -73.53 6.63
O6 BMA EB . 98.07 -72.19 3.70
C1 NAG FB . 99.51 -71.44 30.91
C2 NAG FB . 98.43 -72.52 30.89
C3 NAG FB . 98.69 -73.55 31.99
C4 NAG FB . 100.09 -74.15 31.80
C5 NAG FB . 101.11 -73.01 31.78
C6 NAG FB . 102.53 -73.50 31.56
C7 NAG FB . 96.01 -72.52 31.30
C8 NAG FB . 94.82 -71.67 31.61
N2 NAG FB . 97.15 -71.87 31.12
O3 NAG FB . 97.68 -74.56 31.89
O4 NAG FB . 100.47 -75.03 32.87
O5 NAG FB . 100.78 -72.07 30.77
O6 NAG FB . 103.41 -72.38 31.69
O7 NAG FB . 95.93 -73.74 31.21
C1 NAG FB . 100.19 -76.42 32.61
C2 NAG FB . 101.30 -77.22 33.27
C3 NAG FB . 100.99 -78.71 33.22
C4 NAG FB . 99.64 -78.93 33.89
C5 NAG FB . 98.57 -78.09 33.22
C6 NAG FB . 97.23 -78.26 33.93
C7 NAG FB . 103.64 -77.69 32.73
C8 NAG FB . 104.70 -77.51 31.69
N2 NAG FB . 102.55 -76.93 32.58
O3 NAG FB . 101.98 -79.45 33.93
O4 NAG FB . 99.29 -80.33 33.94
O5 NAG FB . 98.96 -76.72 33.27
O6 NAG FB . 97.38 -77.98 35.33
O7 NAG FB . 103.76 -78.47 33.66
C1 BMA FB . 99.16 -80.67 35.33
C2 BMA FB . 97.81 -81.31 35.65
C3 BMA FB . 97.66 -81.41 37.16
C4 BMA FB . 98.83 -82.22 37.69
C5 BMA FB . 100.13 -81.54 37.29
C6 BMA FB . 101.32 -82.35 37.80
O2 BMA FB . 97.75 -82.63 35.08
O3 BMA FB . 96.44 -82.07 37.49
O4 BMA FB . 98.73 -82.25 39.11
O5 BMA FB . 100.21 -81.46 35.88
O6 BMA FB . 102.49 -82.02 37.06
C1 NAG GB . 120.01 43.36 -9.76
C2 NAG GB . 120.64 42.93 -8.46
C3 NAG GB . 119.91 43.57 -7.29
C4 NAG GB . 119.93 45.08 -7.44
C5 NAG GB . 119.32 45.43 -8.79
C6 NAG GB . 119.33 46.94 -8.99
C7 NAG GB . 121.75 40.78 -8.54
C8 NAG GB . 122.33 40.13 -7.32
N2 NAG GB . 120.65 41.49 -8.33
O3 NAG GB . 120.57 43.22 -6.08
O4 NAG GB . 119.14 45.66 -6.40
O5 NAG GB . 120.04 44.79 -9.85
O6 NAG GB . 120.62 47.33 -9.46
O7 NAG GB . 122.25 40.64 -9.64
C1 NAG GB . 119.98 46.31 -5.41
C2 NAG GB . 119.14 47.13 -4.44
C3 NAG GB . 120.04 47.82 -3.45
C4 NAG GB . 120.86 46.77 -2.72
C5 NAG GB . 121.65 45.95 -3.74
C6 NAG GB . 122.46 44.86 -3.06
C7 NAG GB . 117.07 48.19 -5.11
C8 NAG GB . 116.46 49.51 -4.74
N2 NAG GB . 118.39 48.15 -5.14
O3 NAG GB . 119.26 48.54 -2.49
O4 NAG GB . 121.74 47.42 -1.79
O5 NAG GB . 120.75 45.36 -4.67
O6 NAG GB . 121.58 43.80 -2.67
O7 NAG GB . 116.39 47.20 -5.37
C1 BMA GB . 121.37 47.02 -0.45
C2 BMA GB . 122.08 47.91 0.56
C3 BMA GB . 121.77 47.42 1.97
C4 BMA GB . 120.27 47.50 2.15
C5 BMA GB . 119.62 46.63 1.09
C6 BMA GB . 118.09 46.62 1.24
O2 BMA GB . 121.61 49.24 0.41
O3 BMA GB . 122.39 48.27 2.92
O4 BMA GB . 119.91 47.04 3.45
O5 BMA GB . 119.96 47.11 -0.20
O6 BMA GB . 117.76 46.44 2.63
C1 NAG HB . 120.30 44.94 -24.47
C2 NAG HB . 119.64 46.32 -24.52
C3 NAG HB . 120.28 47.19 -25.58
C4 NAG HB . 121.77 47.30 -25.32
C5 NAG HB . 122.36 45.90 -25.26
C6 NAG HB . 123.85 45.89 -24.96
C7 NAG HB . 117.36 47.10 -25.05
C8 NAG HB . 115.98 46.68 -25.44
N2 NAG HB . 118.23 46.12 -24.81
O3 NAG HB . 119.64 48.47 -25.54
O4 NAG HB . 122.47 48.01 -26.36
O5 NAG HB . 121.70 45.12 -24.27
O6 NAG HB . 124.32 44.54 -25.04
O7 NAG HB . 117.69 48.28 -24.95
C1 NAG HB . 122.65 49.41 -26.11
C2 NAG HB . 124.00 49.79 -26.70
C3 NAG HB . 124.19 51.30 -26.67
C4 NAG HB . 123.03 51.94 -27.40
C5 NAG HB . 121.70 51.51 -26.79
C6 NAG HB . 120.53 52.10 -27.57
C7 NAG HB . 126.33 49.48 -26.03
C8 NAG HB . 127.21 48.97 -24.94
N2 NAG HB . 125.05 49.13 -25.95
O3 NAG HB . 125.41 51.67 -27.31
O4 NAG HB . 123.15 53.37 -27.46
O5 NAG HB . 121.63 50.09 -26.83
O6 NAG HB . 120.66 51.78 -28.95
O7 NAG HB . 126.75 50.17 -26.95
C1 BMA HB . 123.22 53.74 -28.85
C2 BMA HB . 122.17 54.78 -29.23
C3 BMA HB . 122.15 54.90 -30.75
C4 BMA HB . 123.54 55.28 -31.22
C5 BMA HB . 124.52 54.22 -30.75
C6 BMA HB . 125.94 54.59 -31.20
O2 BMA HB . 122.52 56.05 -28.67
O3 BMA HB . 121.23 55.92 -31.15
O4 BMA HB . 123.53 55.32 -32.64
O5 BMA HB . 124.49 54.13 -29.33
O6 BMA HB . 126.90 53.89 -30.39
C1 NAG IB . 76.51 101.10 -20.23
C2 NAG IB . 77.40 101.16 -19.00
C3 NAG IB . 76.54 101.27 -17.76
C4 NAG IB . 75.66 102.50 -17.86
C5 NAG IB . 74.84 102.39 -19.13
C6 NAG IB . 73.95 103.61 -19.29
C7 NAG IB . 79.54 100.05 -19.25
C8 NAG IB . 80.51 99.91 -18.11
N2 NAG IB . 78.27 100.00 -18.92
O3 NAG IB . 77.39 101.40 -16.62
O4 NAG IB . 74.78 102.54 -16.73
O5 NAG IB . 75.69 102.27 -20.27
O6 NAG IB . 74.71 104.68 -19.85
O7 NAG IB . 79.92 100.22 -20.39
C1 NAG IB . 75.17 103.58 -15.81
C2 NAG IB . 74.09 103.78 -14.74
C3 NAG IB . 74.51 104.88 -13.80
C4 NAG IB . 75.85 104.55 -13.19
C5 NAG IB . 76.86 104.33 -14.30
C6 NAG IB . 78.23 103.93 -13.73
C7 NAG IB . 71.74 103.40 -15.18
C8 NAG IB . 70.52 104.11 -14.72
N2 NAG IB . 72.82 104.15 -15.33
O3 NAG IB . 73.53 105.04 -12.77
O4 NAG IB . 76.25 105.60 -12.32
O5 NAG IB . 76.40 103.29 -15.17
O6 NAG IB . 78.17 102.56 -13.29
O7 NAG IB . 71.76 102.20 -15.41
C1 BMA IB . 76.32 105.10 -10.97
C2 BMA IB . 76.46 106.27 -10.00
C3 BMA IB . 76.62 105.73 -8.59
C4 BMA IB . 75.38 104.91 -8.27
C5 BMA IB . 75.28 103.79 -9.29
C6 BMA IB . 74.07 102.91 -9.00
O2 BMA IB . 75.29 107.08 -10.07
O3 BMA IB . 76.71 106.81 -7.66
O4 BMA IB . 75.49 104.37 -6.95
O5 BMA IB . 75.16 104.36 -10.60
O6 BMA IB . 74.04 102.59 -7.60
C1 NAG JB . 74.48 102.16 -34.86
C2 NAG JB . 73.14 102.87 -34.79
C3 NAG JB . 73.04 103.93 -35.89
C4 NAG JB . 74.20 104.91 -35.75
C5 NAG JB . 75.51 104.11 -35.78
C6 NAG JB . 76.73 104.99 -35.62
C7 NAG JB . 70.80 102.17 -35.09
C8 NAG JB . 69.89 101.00 -35.36
N2 NAG JB . 72.09 101.88 -34.96
O3 NAG JB . 71.78 104.59 -35.74
O4 NAG JB . 74.26 105.85 -36.83
O5 NAG JB . 75.52 103.13 -34.76
O6 NAG JB . 77.90 104.17 -35.78
O7 NAG JB . 70.38 103.30 -34.99
C1 NAG JB . 73.60 107.10 -36.54
C2 NAG JB . 74.41 108.19 -37.24
C3 NAG JB . 73.68 109.52 -37.18
C4 NAG JB . 72.30 109.34 -37.79
C5 NAG JB . 71.54 108.23 -37.08
C6 NAG JB . 70.19 107.98 -37.73
C7 NAG JB . 76.53 109.32 -36.80
C8 NAG JB . 77.63 109.46 -35.81
N2 NAG JB . 75.72 108.28 -36.62
O3 NAG JB . 74.38 110.52 -37.92
O4 NAG JB . 71.56 110.56 -37.82
O5 NAG JB . 72.31 107.04 -37.15
O6 NAG JB . 70.35 107.77 -39.13
O7 NAG JB . 76.38 110.10 -37.72
C1 BMA JB . 71.26 110.85 -39.20
C2 BMA JB . 69.78 111.08 -39.45
C3 BMA JB . 69.55 111.11 -40.95
C4 BMA JB . 70.41 112.23 -41.52
C5 BMA JB . 71.87 111.97 -41.18
C6 BMA JB . 72.74 113.08 -41.74
O2 BMA JB . 69.37 112.33 -38.87
O3 BMA JB . 68.17 111.40 -41.22
O4 BMA JB . 70.24 112.23 -42.93
O5 BMA JB . 72.02 111.91 -39.77
O6 BMA JB . 73.99 113.11 -41.05
C1 NAG KB . 110.33 65.11 -8.79
C2 NAG KB . 110.28 65.79 -10.15
C3 NAG KB . 110.09 64.76 -11.24
C4 NAG KB . 111.22 63.76 -11.18
C5 NAG KB . 111.25 63.14 -9.79
C6 NAG KB . 112.38 62.14 -9.67
C7 NAG KB . 109.45 68.08 -10.09
C8 NAG KB . 109.21 68.88 -11.33
N2 NAG KB . 109.22 66.78 -10.19
O3 NAG KB . 110.11 65.41 -12.50
O4 NAG KB . 110.98 62.71 -12.15
O5 NAG KB . 111.40 64.17 -8.80
O6 NAG KB . 113.59 62.84 -9.41
O7 NAG KB . 109.83 68.59 -9.06
C1 NAG KB . 111.89 62.84 -13.26
C2 NAG KB . 111.79 61.60 -14.16
C3 NAG KB . 112.77 61.74 -15.31
C4 NAG KB . 112.47 63.01 -16.07
C5 NAG KB . 112.54 64.20 -15.12
C6 NAG KB . 112.19 65.49 -15.83
C7 NAG KB . 111.25 59.41 -13.29
C8 NAG KB . 111.77 58.05 -13.65
N2 NAG KB . 112.12 60.40 -13.43
O3 NAG KB . 112.64 60.61 -16.18
O4 NAG KB . 113.40 63.15 -17.14
O5 NAG KB . 111.62 64.00 -14.04
O6 NAG KB . 110.78 65.55 -16.04
O7 NAG KB . 110.12 59.61 -12.89
C1 BMA KB . 112.68 63.08 -18.39
C2 BMA KB . 113.68 62.94 -19.54
C3 BMA KB . 112.94 62.96 -20.87
C4 BMA KB . 111.95 61.80 -20.85
C5 BMA KB . 111.02 61.98 -19.66
C6 BMA KB . 109.98 60.86 -19.63
O2 BMA KB . 114.36 61.70 -19.41
O3 BMA KB . 113.85 62.78 -21.94
O4 BMA KB . 111.21 61.78 -22.07
O5 BMA KB . 111.78 61.98 -18.46
O6 BMA KB . 109.43 60.67 -20.94
C1 NAG LB . 113.60 65.09 5.64
C2 NAG LB . 114.16 63.67 5.69
C3 NAG LB . 115.37 63.60 6.62
C4 NAG LB . 116.43 64.60 6.15
C5 NAG LB . 115.78 65.98 6.09
C6 NAG LB . 116.74 67.05 5.60
C7 NAG LB . 113.29 61.51 6.47
C8 NAG LB . 112.09 60.80 7.06
N2 NAG LB . 113.11 62.80 6.18
O3 NAG LB . 115.87 62.26 6.58
O4 NAG LB . 117.53 64.70 7.04
O5 NAG LB . 114.64 65.97 5.24
O6 NAG LB . 116.09 68.32 5.69
O7 NAG LB . 114.33 60.94 6.27
C1 NAG LB . 118.65 63.85 6.68
C2 NAG LB . 119.91 64.61 7.08
C3 NAG LB . 121.14 63.71 6.93
C4 NAG LB . 120.92 62.47 7.78
C5 NAG LB . 119.63 61.76 7.37
C6 NAG LB . 119.37 60.55 8.26
C7 NAG LB . 121.16 66.48 6.14
C8 NAG LB . 121.25 67.41 4.96
N2 NAG LB . 120.03 65.78 6.23
O3 NAG LB . 122.31 64.38 7.40
O4 NAG LB . 122.05 61.59 7.74
O5 NAG LB . 118.56 62.67 7.50
O6 NAG LB . 119.41 60.95 9.64
O7 NAG LB . 122.07 66.37 6.94
C1 BMA LB . 122.54 61.46 9.10
C2 BMA LB . 122.65 60.01 9.55
C3 BMA LB . 122.92 60.00 11.04
C4 BMA LB . 124.19 60.78 11.30
C5 BMA LB . 124.02 62.20 10.77
C6 BMA LB . 125.30 63.00 11.00
O2 BMA LB . 123.73 59.37 8.87
O3 BMA LB . 123.10 58.66 11.50
O4 BMA LB . 124.41 60.82 12.70
O5 BMA LB . 123.75 62.15 9.37
O6 BMA LB . 125.34 64.13 10.12
C1 NAG MB . 125.27 -4.91 3.91
C2 NAG MB . 125.75 -4.36 2.57
C3 NAG MB . 125.11 -5.14 1.44
C4 NAG MB . 125.45 -6.61 1.58
C5 NAG MB . 124.97 -7.08 2.95
C6 NAG MB . 125.30 -8.54 3.15
C7 NAG MB . 126.39 -2.02 2.62
C8 NAG MB . 126.78 -1.27 1.39
N2 NAG MB . 125.46 -2.95 2.46
O3 NAG MB . 125.63 -4.66 0.21
O4 NAG MB . 124.74 -7.35 0.57
O5 NAG MB . 125.59 -6.29 3.98
O6 NAG MB . 126.67 -8.67 3.56
O7 NAG MB . 126.90 -1.79 3.70
C1 NAG MB . 125.65 -7.81 -0.45
C2 NAG MB . 124.95 -8.79 -1.39
C3 NAG MB . 125.94 -9.28 -2.43
C4 NAG MB . 126.49 -8.08 -3.18
C5 NAG MB . 127.14 -7.13 -2.19
C6 NAG MB . 127.68 -5.90 -2.90
C7 NAG MB . 123.17 -10.24 -0.64
C8 NAG MB . 122.83 -11.66 -0.99
N2 NAG MB . 124.47 -9.94 -0.67
O3 NAG MB . 125.28 -10.15 -3.35
O4 NAG MB . 127.44 -8.56 -4.16
O5 NAG MB . 126.18 -6.73 -1.21
O6 NAG MB . 126.59 -5.04 -3.25
O7 NAG MB . 122.32 -9.42 -0.35
C1 BMA MB . 126.94 -8.24 -5.47
C2 BMA MB . 127.77 -8.96 -6.52
C3 BMA MB . 127.31 -8.56 -7.90
C4 BMA MB . 125.85 -8.94 -8.03
C5 BMA MB . 125.07 -8.22 -6.93
C6 BMA MB . 123.59 -8.52 -7.02
O2 BMA MB . 127.59 -10.37 -6.35
O3 BMA MB . 128.05 -9.27 -8.89
O4 BMA MB . 125.35 -8.57 -9.32
O5 BMA MB . 125.58 -8.61 -5.66
O6 BMA MB . 123.16 -8.41 -8.38
C1 NAG NB . 126.51 -6.35 18.59
C2 NAG NB . 126.15 -7.82 18.65
C3 NAG NB . 127.00 -8.55 19.69
C4 NAG NB . 128.48 -8.35 19.36
C5 NAG NB . 128.76 -6.86 19.28
C6 NAG NB . 130.20 -6.55 18.91
C7 NAG NB . 124.12 -9.06 19.27
C8 NAG NB . 122.69 -8.93 19.73
N2 NAG NB . 124.74 -7.92 19.01
O3 NAG NB . 126.64 -9.93 19.66
O4 NAG NB . 129.35 -8.89 20.35
O5 NAG NB . 127.91 -6.24 18.32
O6 NAG NB . 130.39 -5.13 18.98
O7 NAG NB . 124.66 -10.14 19.16
C1 NAG NB . 129.80 -10.23 20.09
C2 NAG NB . 131.22 -10.33 20.63
C3 NAG NB . 131.71 -11.77 20.57
C4 NAG NB . 130.74 -12.63 21.36
C5 NAG NB . 129.33 -12.49 20.81
C6 NAG NB . 128.33 -13.29 21.62
C7 NAG NB . 133.41 -9.55 19.86
C8 NAG NB . 134.12 -8.88 18.73
N2 NAG NB . 132.07 -9.47 19.83
O3 NAG NB . 133.01 -11.88 21.16
O4 NAG NB . 131.16 -14.00 21.40
O5 NAG NB . 128.97 -11.11 20.85
O6 NAG NB . 128.46 -12.95 23.01
O7 NAG NB . 134.00 -10.14 20.74
C1 BMA NB . 131.35 -14.34 22.78
C2 BMA NB . 130.56 -15.58 23.21
C3 BMA NB . 130.62 -15.69 24.72
C4 BMA NB . 132.08 -15.78 25.12
C5 BMA NB . 132.81 -14.54 24.63
C6 BMA NB . 134.28 -14.62 25.01
O2 BMA NB . 131.13 -16.75 22.61
O3 BMA NB . 129.96 -16.88 25.15
O4 BMA NB . 132.15 -15.82 26.54
O5 BMA NB . 132.70 -14.47 23.21
O6 BMA NB . 135.05 -13.75 24.16
ZN ZN OB . -112.56 6.33 -30.13
O1 P52 PB . -112.77 5.22 -27.67
O2 P52 PB . -112.17 3.93 -29.69
C1 P52 PB . -114.85 0.46 -28.45
C2 P52 PB . -114.78 -1.03 -28.83
C3 P52 PB . -114.47 -1.97 -27.87
C4 P52 PB . -114.42 -3.31 -28.19
C5 P52 PB . -114.69 -3.72 -29.50
C6 P52 PB . -115.00 -2.78 -30.46
N1 P52 PB . -114.95 3.13 -27.95
C7 P52 PB . -115.05 -1.44 -30.12
C8 P52 PB . -113.52 1.29 -28.56
O3 P52 PB . -108.20 1.97 -27.66
C9 P52 PB . -113.65 2.58 -27.73
C10 P52 PB . -108.50 2.77 -28.50
C11 P52 PB . -110.63 3.37 -27.38
C12 P52 PB . -109.42 3.96 -28.11
N2 P52 PB . -107.99 2.65 -29.92
C13 P52 PB . -108.72 4.95 -27.18
C14 P52 PB . -107.39 5.62 -27.75
C15 P52 PB . -107.41 5.83 -29.30
C16 P52 PB . -106.08 4.93 -27.24
C17 P52 PB . -107.08 1.55 -30.40
N3 P52 PB . -111.02 -0.60 -30.64
P1 P52 PB . -112.34 3.86 -28.18
C18 P52 PB . -107.05 1.58 -31.91
C19 P52 PB . -107.42 0.15 -29.86
C20 P52 PB . -108.90 -0.40 -30.08
C21 P52 PB . -109.98 0.23 -30.65
C22 P52 PB . -109.35 -1.70 -29.72
C23 P52 PB . -110.67 -1.77 -30.08
C24 P52 PB . -108.73 -2.80 -29.11
C25 P52 PB . -111.40 -2.96 -29.84
C26 P52 PB . -109.45 -3.97 -28.87
C27 P52 PB . -110.77 -4.04 -29.23
O4 P52 PB . -107.75 0.84 -32.57
N4 P52 PB . -106.14 2.52 -32.59
S SO4 QB . -73.35 8.34 -20.74
O1 SO4 QB . -73.67 7.26 -21.68
O2 SO4 QB . -74.49 9.23 -20.62
O3 SO4 QB . -73.03 7.77 -19.44
O4 SO4 QB . -72.19 9.08 -21.25
S SO4 RB . -114.26 -9.42 -2.28
O1 SO4 RB . -115.27 -10.12 -3.07
O2 SO4 RB . -114.40 -7.98 -2.44
O3 SO4 RB . -114.42 -9.76 -0.87
O4 SO4 RB . -112.93 -9.82 -2.74
S SO4 SB . -103.27 -6.78 -10.42
O1 SO4 SB . -104.16 -6.63 -11.57
O2 SO4 SB . -103.95 -6.36 -9.20
O3 SO4 SB . -102.88 -8.18 -10.30
O4 SO4 SB . -102.09 -5.95 -10.63
S SO4 TB . -87.57 -6.88 -33.21
O1 SO4 TB . -88.27 -6.05 -34.19
O2 SO4 TB . -88.22 -6.74 -31.90
O3 SO4 TB . -87.63 -8.28 -33.62
O4 SO4 TB . -86.18 -6.45 -33.11
S SO4 UB . -85.72 28.48 -67.51
O1 SO4 UB . -86.64 28.27 -68.62
O2 SO4 UB . -86.14 29.66 -66.75
O3 SO4 UB . -85.73 27.32 -66.64
O4 SO4 UB . -84.37 28.69 -68.03
S SO4 VB . -94.15 18.33 -72.68
O1 SO4 VB . -94.73 18.90 -73.89
O2 SO4 VB . -94.58 19.09 -71.52
O3 SO4 VB . -94.58 16.94 -72.54
O4 SO4 VB . -92.69 18.39 -72.78
S SO4 WB . -87.25 -21.27 -48.28
O1 SO4 WB . -87.71 -21.64 -49.61
O2 SO4 WB . -88.37 -20.72 -47.52
O3 SO4 WB . -86.75 -22.47 -47.59
O4 SO4 WB . -86.17 -20.29 -48.37
S SO4 XB . -85.07 19.24 -39.52
O1 SO4 XB . -85.87 19.28 -40.74
O2 SO4 XB . -85.92 19.54 -38.36
O3 SO4 XB . -84.49 17.91 -39.36
O4 SO4 XB . -84.00 20.23 -39.60
S SO4 YB . -104.88 -5.40 -27.91
O1 SO4 YB . -105.11 -5.83 -29.29
O2 SO4 YB . -106.10 -4.79 -27.38
O3 SO4 YB . -104.52 -6.55 -27.09
O4 SO4 YB . -103.79 -4.43 -27.89
S SO4 ZB . -143.28 0.49 -9.75
O1 SO4 ZB . -143.37 0.69 -11.19
O2 SO4 ZB . -144.53 0.90 -9.12
O3 SO4 ZB . -143.03 -0.94 -9.47
O4 SO4 ZB . -142.17 1.27 -9.21
S SO4 AC . -113.17 -26.42 -27.85
O1 SO4 AC . -114.17 -26.15 -28.89
O2 SO4 AC . -113.80 -26.35 -26.54
O3 SO4 AC . -112.63 -27.76 -28.05
O4 SO4 AC . -112.10 -25.43 -27.94
S SO4 BC . -137.37 -3.99 -0.71
O1 SO4 BC . -138.11 -3.92 -1.98
O2 SO4 BC . -138.25 -3.59 0.39
O3 SO4 BC . -136.91 -5.36 -0.48
O4 SO4 BC . -136.23 -3.09 -0.77
S SO4 CC . -100.71 28.73 -55.27
O1 SO4 CC . -101.27 28.80 -56.62
O2 SO4 CC . -101.67 29.25 -54.30
O3 SO4 CC . -100.40 27.34 -54.97
O4 SO4 CC . -99.48 29.53 -55.21
C1 NAG DC . -110.21 -9.01 -54.54
C2 NAG DC . -110.02 -9.57 -55.94
C3 NAG DC . -111.37 -9.99 -56.51
C4 NAG DC . -112.00 -10.99 -55.56
C5 NAG DC . -112.14 -10.37 -54.17
C6 NAG DC . -112.76 -11.37 -53.21
C7 NAG DC . -109.44 -8.58 -58.10
C8 NAG DC . -108.12 -8.47 -58.81
N2 NAG DC . -109.37 -8.58 -56.77
O3 NAG DC . -111.19 -10.61 -57.78
O4 NAG DC . -113.29 -11.38 -56.05
O5 NAG DC . -110.85 -9.97 -53.70
O6 NAG DC . -113.58 -10.67 -52.28
O7 NAG DC . -110.49 -8.68 -58.70
ZN ZN EC . -113.36 20.52 20.33
O1 P52 FC . -113.02 21.43 18.06
O2 P52 FC . -112.54 22.58 20.21
C1 P52 FC . -114.61 26.43 18.78
C2 P52 FC . -114.27 27.89 19.11
C3 P52 FC . -113.70 28.70 18.14
C4 P52 FC . -113.39 30.02 18.43
C5 P52 FC . -113.66 30.53 19.69
C6 P52 FC . -114.23 29.72 20.65
N1 P52 FC . -115.03 23.71 18.26
C7 P52 FC . -114.53 28.41 20.36
C8 P52 FC . -113.46 25.38 19.03
O3 P52 FC . -108.13 24.14 18.62
C9 P52 FC . -113.67 24.14 18.16
C10 P52 FC . -108.57 23.33 19.38
C11 P52 FC . -110.72 23.13 18.11
C12 P52 FC . -109.64 22.32 18.85
N2 P52 FC . -108.14 23.27 20.83
C13 P52 FC . -108.99 21.37 17.87
C14 P52 FC . -108.11 20.20 18.51
C15 P52 FC . -108.38 20.02 20.05
C16 P52 FC . -106.59 20.36 18.20
C17 P52 FC . -107.12 24.15 21.48
N3 P52 FC . -110.64 26.92 21.21
P1 P52 FC . -112.53 22.72 18.70
C18 P52 FC . -107.30 24.11 22.98
C19 P52 FC . -107.10 25.61 21.00
C20 P52 FC . -108.50 26.38 20.97
C21 P52 FC . -109.73 25.95 21.43
C22 P52 FC . -108.71 27.69 20.45
C23 P52 FC . -110.04 27.98 20.62
C24 P52 FC . -107.87 28.64 19.86
C25 P52 FC . -110.55 29.21 20.20
C26 P52 FC . -108.37 29.86 19.44
C27 P52 FC . -109.71 30.14 19.61
O4 P52 FC . -107.91 24.96 23.55
N4 P52 FC . -106.70 22.99 23.75
S SO4 GC . -74.37 11.39 14.51
O1 SO4 GC . -74.68 12.62 15.26
O2 SO4 GC . -75.61 10.68 14.23
O3 SO4 GC . -73.70 11.75 13.27
O4 SO4 GC . -73.50 10.54 15.31
S SO4 HC . -109.97 35.88 -7.04
O1 SO4 HC . -110.99 36.76 -6.48
O2 SO4 HC . -109.89 36.07 -8.49
O3 SO4 HC . -110.32 34.49 -6.76
O4 SO4 HC . -108.67 36.18 -6.44
S SO4 IC . -100.42 31.31 1.81
O1 SO4 IC . -101.45 30.82 2.73
O2 SO4 IC . -100.35 32.77 1.91
O3 SO4 IC . -100.76 30.92 0.46
O4 SO4 IC . -99.13 30.73 2.18
S SO4 JC . -86.73 29.28 26.05
O1 SO4 JC . -87.43 28.94 27.30
O2 SO4 JC . -87.69 29.35 24.96
O3 SO4 JC . -86.07 30.57 26.20
O4 SO4 JC . -85.74 28.24 25.78
S SO4 KC . -94.34 -6.12 59.79
O1 SO4 KC . -95.16 -5.72 60.93
O2 SO4 KC . -95.18 -6.67 58.73
O3 SO4 KC . -93.64 -4.95 59.28
O4 SO4 KC . -93.36 -7.12 60.21
S SO4 LC . -101.05 5.86 64.42
O1 SO4 LC . -101.86 6.39 65.50
O2 SO4 LC . -101.86 5.02 63.55
O3 SO4 LC . -100.50 6.98 63.65
O4 SO4 LC . -99.96 5.06 64.96
S SO4 MC . -94.47 52.77 26.83
O1 SO4 MC . -95.59 53.12 27.69
O2 SO4 MC . -94.96 52.05 25.65
O3 SO4 MC . -93.78 53.99 26.42
O4 SO4 MC . -93.55 51.90 27.56
S SO4 NC . -89.35 2.81 31.95
O1 SO4 NC . -90.18 2.82 33.15
O2 SO4 NC . -90.20 2.88 30.76
O3 SO4 NC . -88.46 3.97 31.96
O4 SO4 NC . -88.56 1.58 31.92
S SO4 OC . -103.39 30.13 19.00
O1 SO4 OC . -104.21 30.29 20.19
O2 SO4 OC . -104.20 29.57 17.92
O3 SO4 OC . -102.87 31.43 18.60
O4 SO4 OC . -102.26 29.24 19.28
S SO4 PC . -139.87 31.18 -2.44
O1 SO4 PC . -139.58 32.61 -2.31
O2 SO4 PC . -140.80 30.97 -3.54
O3 SO4 PC . -140.47 30.69 -1.20
O4 SO4 PC . -138.63 30.45 -2.69
S SO4 QC . -107.87 52.40 17.96
O1 SO4 QC . -108.62 52.60 19.20
O2 SO4 QC . -108.75 51.84 16.95
O3 SO4 QC . -107.35 53.69 17.49
O4 SO4 QC . -106.76 51.50 18.22
S SO4 RC . -133.13 34.31 -10.46
O1 SO4 RC . -134.00 34.17 -9.29
O2 SO4 RC . -133.92 34.15 -11.68
O3 SO4 RC . -132.51 35.63 -10.44
O4 SO4 RC . -132.10 33.28 -10.41
S SO4 SC . -108.10 -3.23 46.16
O1 SO4 SC . -109.02 -3.25 47.28
O2 SO4 SC . -108.77 -3.65 44.94
O3 SO4 SC . -107.60 -1.87 45.98
O4 SO4 SC . -106.97 -4.12 46.44
C1 NAG TC . -110.40 35.13 45.21
C2 NAG TC . -110.23 35.67 46.62
C3 NAG TC . -111.53 36.33 47.09
C4 NAG TC . -111.90 37.41 46.09
C5 NAG TC . -112.02 36.81 44.70
C6 NAG TC . -112.38 37.90 43.69
C7 NAG TC . -110.01 34.61 48.82
C8 NAG TC . -108.80 34.27 49.64
N2 NAG TC . -109.84 34.58 47.50
O3 NAG TC . -111.36 36.91 48.38
O4 NAG TC . -113.13 38.03 46.48
O5 NAG TC . -110.78 36.19 44.33
O6 NAG TC . -113.23 37.35 42.69
O7 NAG TC . -111.08 34.90 49.33
S SO4 UC . -88.12 -7.59 51.15
O1 SO4 UC . -88.91 -7.78 52.37
O2 SO4 UC . -88.96 -7.82 49.99
O3 SO4 UC . -87.60 -6.23 51.12
O4 SO4 UC . -87.00 -8.53 51.16
ZN ZN VC . -63.38 -91.39 44.23
O1 P52 WC . -64.53 -90.87 42.13
O2 P52 WC . -65.02 -89.50 44.14
C1 P52 WC . -69.53 -89.68 43.36
C2 P52 WC . -70.56 -88.64 43.84
C3 P52 WC . -71.20 -87.82 42.93
C4 P52 WC . -72.14 -86.90 43.35
C5 P52 WC . -72.43 -86.79 44.70
C6 P52 WC . -71.80 -87.61 45.61
N1 P52 WC . -67.43 -91.40 42.60
C7 P52 WC . -70.86 -88.53 45.19
C8 P52 WC . -68.02 -89.19 43.39
O3 P52 WC . -64.52 -85.27 41.79
C9 P52 WC . -67.17 -90.01 42.40
C10 P52 WC . -63.86 -85.94 42.55
C11 P52 WC . -64.83 -88.07 41.69
C12 P52 WC . -63.53 -87.41 42.17
N2 P52 WC . -63.36 -85.39 43.87
C13 P52 WC . -62.54 -87.43 41.01
C14 P52 WC . -61.04 -87.08 41.38
C15 P52 WC . -60.72 -87.13 42.91
C16 P52 WC . -60.57 -85.72 40.73
C17 P52 WC . -63.57 -83.99 44.37
N3 P52 WC . -67.66 -85.68 45.22
P1 P52 WC . -65.32 -89.68 42.66
C18 P52 WC . -63.32 -83.95 45.86
C19 P52 WC . -64.94 -83.37 44.02
C20 P52 WC . -66.26 -84.17 44.43
C21 P52 WC . -66.36 -85.38 45.08
C22 P52 WC . -67.58 -83.73 44.17
C23 P52 WC . -68.42 -84.70 44.68
C24 P52 WC . -68.12 -82.60 43.54
C25 P52 WC . -69.82 -84.55 44.57
C26 P52 WC . -69.50 -82.45 43.44
C27 P52 WC . -70.34 -83.43 43.95
O4 P52 WC . -64.22 -84.03 46.65
N4 P52 WC . -61.93 -83.81 46.34
S SO4 XC . -38.64 -62.87 29.79
O1 SO4 XC . -39.69 -62.38 30.68
O2 SO4 XC . -38.78 -62.27 28.47
O3 SO4 XC . -38.74 -64.33 29.69
O4 SO4 XC . -37.33 -62.54 30.35
S SO4 YC . -80.14 -84.21 18.26
O1 SO4 YC . -81.32 -84.55 19.05
O2 SO4 YC . -80.50 -84.19 16.84
O3 SO4 YC . -79.08 -85.19 18.48
O4 SO4 YC . -79.65 -82.89 18.66
S SO4 ZC . -70.11 -77.53 24.45
O1 SO4 ZC . -70.41 -78.46 25.53
O2 SO4 ZC . -71.23 -76.59 24.31
O3 SO4 ZC . -69.92 -78.26 23.20
O4 SO4 ZC . -68.89 -76.79 24.77
S SO4 AD . -57.79 -63.16 45.49
O1 SO4 AD . -58.85 -62.17 45.41
O2 SO4 AD . -58.03 -64.21 44.49
O3 SO4 AD . -57.75 -63.78 46.81
O4 SO4 AD . -56.51 -62.51 45.22
S SO4 BD . -24.71 -82.23 76.46
O1 SO4 BD . -25.38 -82.24 77.76
O2 SO4 BD . -25.28 -81.19 75.62
O3 SO4 BD . -24.85 -83.52 75.80
O4 SO4 BD . -23.29 -81.94 76.68
S SO4 CD . -37.05 -81.95 83.21
O1 SO4 CD . -38.41 -81.46 82.97
O2 SO4 CD . -36.20 -80.86 83.68
O3 SO4 CD . -37.10 -83.00 84.23
O4 SO4 CD . -36.50 -82.49 81.97
S SO4 DD . -81.79 -58.47 50.01
O1 SO4 DD . -82.28 -59.10 51.23
O2 SO4 DD . -82.78 -57.53 49.51
O3 SO4 DD . -81.54 -59.50 49.00
O4 SO4 DD . -80.53 -57.76 50.28
S SO4 ED . -34.66 -77.22 49.12
O1 SO4 ED . -35.14 -75.86 48.87
O2 SO4 ED . -35.15 -78.12 48.08
O3 SO4 ED . -35.14 -77.67 50.43
O4 SO4 ED . -33.20 -77.22 49.11
S SO4 FD . -67.63 -77.88 41.86
O1 SO4 FD . -67.91 -77.75 43.29
O2 SO4 FD . -68.80 -77.49 41.08
O3 SO4 FD . -67.30 -79.28 41.56
O4 SO4 FD . -66.51 -77.03 41.49
S SO4 GD . -89.33 -112.08 28.68
O1 SO4 GD . -90.41 -111.10 28.79
O2 SO4 GD . -89.67 -113.06 27.64
O3 SO4 GD . -89.18 -112.77 29.96
O4 SO4 GD . -88.08 -111.40 28.32
S SO4 HD . -88.92 -71.41 44.00
O1 SO4 HD . -88.98 -71.62 45.44
O2 SO4 HD . -89.98 -70.48 43.60
O3 SO4 HD . -89.11 -72.68 43.31
O4 SO4 HD . -87.63 -70.84 43.65
S SO4 ID . -90.07 -105.64 19.52
O1 SO4 ID . -90.54 -106.05 20.85
O2 SO4 ID . -90.90 -104.53 19.04
O3 SO4 ID . -90.16 -106.77 18.61
O4 SO4 ID . -88.69 -105.19 19.62
S SO4 JD . -35.18 -94.44 66.77
O1 SO4 JD . -35.41 -95.08 68.06
O2 SO4 JD . -36.31 -93.55 66.46
O3 SO4 JD . -35.06 -95.46 65.72
O4 SO4 JD . -33.94 -93.66 66.82
C1 NAG KD . -70.35 -78.47 69.31
C2 NAG KD . -70.48 -77.87 70.71
C3 NAG KD . -71.56 -78.62 71.48
C4 NAG KD . -72.86 -78.55 70.69
C5 NAG KD . -72.65 -79.12 69.30
C6 NAG KD . -73.94 -79.04 68.50
C7 NAG KD . -69.07 -77.91 72.71
C8 NAG KD . -68.06 -76.93 73.22
N2 NAG KD . -69.20 -77.95 71.38
O3 NAG KD . -71.77 -78.02 72.76
O4 NAG KD . -73.89 -79.27 71.37
O5 NAG KD . -71.61 -78.40 68.63
O6 NAG KD . -74.04 -80.17 67.62
O7 NAG KD . -69.71 -78.64 73.45
S SO4 LD . -22.50 -78.54 66.32
O1 SO4 LD . -23.64 -77.65 66.36
O2 SO4 LD . -22.67 -79.50 65.25
O3 SO4 LD . -22.36 -79.22 67.60
O4 SO4 LD . -21.29 -77.75 66.07
S SO4 MD . -99.52 -28.82 -35.08
O1 SO4 MD . -100.25 -28.65 -36.33
O2 SO4 MD . -100.36 -28.39 -33.97
O3 SO4 MD . -99.16 -30.22 -34.91
O4 SO4 MD . -98.30 -28.01 -35.10
ZN ZN ND . -102.29 -55.31 -17.24
O1 P52 OD . -101.58 -56.25 -14.86
O2 P52 OD . -100.70 -57.26 -16.94
C1 P52 OD . -101.58 -61.50 -15.36
C2 P52 OD . -100.85 -62.82 -15.68
C3 P52 OD . -100.11 -63.45 -14.71
C4 P52 OD . -99.46 -64.64 -15.00
C5 P52 OD . -99.57 -65.21 -16.26
C6 P52 OD . -100.33 -64.59 -17.23
N1 P52 OD . -102.78 -59.01 -14.89
C7 P52 OD . -100.96 -63.39 -16.95
C8 P52 OD . -100.81 -60.17 -15.71
O3 P52 OD . -96.10 -57.34 -15.32
C9 P52 OD . -101.35 -59.02 -14.84
C10 P52 OD . -96.77 -56.74 -16.11
C11 P52 OD . -98.87 -57.12 -14.81
C12 P52 OD . -98.08 -56.06 -15.60
N2 P52 OD . -96.40 -56.64 -17.57
C13 P52 OD . -97.73 -54.91 -14.68
C14 P52 OD . -97.14 -53.60 -15.38
C15 P52 OD . -97.41 -53.54 -16.92
C16 P52 OD . -95.61 -53.39 -15.05
C17 P52 OD . -95.16 -57.22 -18.21
N3 P52 OD . -97.78 -60.88 -17.81
P1 P52 OD . -100.70 -57.34 -15.42
C18 P52 OD . -95.33 -57.21 -19.71
C19 P52 OD . -94.77 -58.62 -17.70
C20 P52 OD . -95.89 -59.76 -17.64
C21 P52 OD . -97.21 -59.70 -18.04
C22 P52 OD . -95.69 -61.07 -17.13
C23 P52 OD . -96.88 -61.73 -17.25
C24 P52 OD . -94.58 -61.72 -16.58
C25 P52 OD . -96.99 -63.06 -16.83
C26 P52 OD . -94.69 -63.04 -16.16
C27 P52 OD . -95.89 -63.71 -16.28
O4 P52 OD . -95.54 -58.24 -20.31
N4 P52 OD . -95.25 -55.93 -20.43
S SO4 PD . -67.45 -35.13 -11.94
O1 SO4 PD . -66.90 -34.00 -12.67
O2 SO4 PD . -68.85 -34.89 -11.66
O3 SO4 PD . -66.73 -35.30 -10.68
O4 SO4 PD . -67.30 -36.35 -12.72
S SO4 QD . -93.70 -69.17 10.27
O1 SO4 QD . -94.56 -70.19 9.68
O2 SO4 QD . -94.32 -67.86 10.11
O3 SO4 QD . -93.53 -69.45 11.70
O4 SO4 QD . -92.39 -69.17 9.62
S SO4 RD . -85.97 -61.64 1.11
O1 SO4 RD . -86.55 -61.53 -0.22
O2 SO4 RD . -87.01 -61.45 2.12
O3 SO4 RD . -85.38 -62.96 1.28
O4 SO4 RD . -84.95 -60.61 1.27
S SO4 SD . -74.34 -56.04 -23.18
O1 SO4 SD . -75.14 -55.88 -24.40
O2 SO4 SD . -74.96 -55.27 -22.10
O3 SO4 SD . -74.28 -57.46 -22.81
O4 SO4 SD . -72.98 -55.56 -23.42
S SO4 TD . -92.71 -24.56 -56.69
O1 SO4 TD . -93.27 -25.00 -57.97
O2 SO4 TD . -93.77 -24.07 -55.81
O3 SO4 TD . -92.04 -25.68 -56.04
O4 SO4 TD . -91.74 -23.49 -56.94
S SO4 UD . -95.55 -38.02 -61.54
O1 SO4 UD . -96.27 -37.90 -62.81
O2 SO4 UD . -96.47 -37.74 -60.44
O3 SO4 UD . -95.03 -39.37 -61.41
O4 SO4 UD . -94.46 -37.06 -61.51
S SO4 VD . -74.73 -80.67 -24.05
O1 SO4 VD . -75.64 -81.06 -25.13
O2 SO4 VD . -75.50 -80.45 -22.82
O3 SO4 VD . -73.76 -81.73 -23.83
O4 SO4 VD . -74.04 -79.44 -24.43
S SO4 WD . -84.90 -31.73 -29.05
O1 SO4 WD . -85.90 -31.77 -30.10
O2 SO4 WD . -85.57 -31.60 -27.75
O3 SO4 WD . -84.14 -32.97 -29.06
O4 SO4 WD . -84.00 -30.61 -29.26
S SO4 XD . -89.43 -62.03 -15.79
O1 SO4 XD . -89.87 -62.55 -17.08
O2 SO4 XD . -90.47 -61.17 -15.23
O3 SO4 XD . -89.16 -63.13 -14.88
O4 SO4 XD . -88.20 -61.25 -15.99
S SO4 YD . -124.17 -73.79 6.52
O1 SO4 YD . -124.88 -73.50 5.27
O2 SO4 YD . -125.08 -73.59 7.64
O3 SO4 YD . -123.70 -75.17 6.50
O4 SO4 YD . -123.02 -72.90 6.66
S SO4 ZD . -86.94 -84.19 -15.55
O1 SO4 ZD . -87.68 -84.85 -16.61
O2 SO4 ZD . -87.77 -84.06 -14.36
O3 SO4 ZD . -85.75 -84.98 -15.23
O4 SO4 ZD . -86.52 -82.85 -15.99
S SO4 AE . -116.12 -74.07 14.57
O1 SO4 AE . -117.11 -74.29 13.52
O2 SO4 AE . -116.78 -73.59 15.78
O3 SO4 AE . -115.44 -75.32 14.86
O4 SO4 AE . -115.15 -73.07 14.13
S SO4 BE . -104.38 -31.13 -43.00
O1 SO4 BE . -105.16 -31.37 -44.22
O2 SO4 BE . -105.28 -30.72 -41.94
O3 SO4 BE . -103.69 -32.35 -42.62
O4 SO4 BE . -103.41 -30.07 -43.26
C1 NAG CE . -95.62 -68.76 -41.96
C2 NAG CE . -95.32 -69.23 -43.37
C3 NAG CE . -96.38 -70.24 -43.80
C4 NAG CE . -96.40 -71.38 -42.80
C5 NAG CE . -96.66 -70.84 -41.41
C6 NAG CE . -96.67 -71.98 -40.39
C7 NAG CE . -95.48 -68.17 -45.57
C8 NAG CE . -94.44 -67.49 -46.41
N2 NAG CE . -95.29 -68.08 -44.26
O3 NAG CE . -96.08 -70.76 -45.10
O4 NAG CE . -97.41 -72.34 -43.16
O5 NAG CE . -95.66 -69.88 -41.06
O6 NAG CE . -97.62 -71.70 -39.36
O7 NAG CE . -96.43 -68.75 -46.06
S SO4 DE . -68.96 -68.85 -38.21
O1 SO4 DE . -68.84 -67.42 -38.47
O2 SO4 DE . -69.73 -69.06 -36.99
O3 SO4 DE . -67.63 -69.44 -38.04
O4 SO4 DE . -69.63 -69.49 -39.33
ZN ZN EE . -59.76 -104.04 -6.49
O1 P52 FE . -58.42 -104.27 -4.06
O2 P52 FE . -57.66 -104.71 -6.38
C1 P52 FE . -55.74 -108.71 -5.07
C2 P52 FE . -54.45 -109.43 -5.48
C3 P52 FE . -53.33 -109.39 -4.67
C4 P52 FE . -52.18 -110.05 -5.04
C5 P52 FE . -52.14 -110.78 -6.23
C6 P52 FE . -53.25 -110.82 -7.04
N1 P52 FE . -58.01 -107.30 -4.37
C7 P52 FE . -54.41 -110.16 -6.67
C8 P52 FE . -55.78 -107.15 -5.31
O3 P52 FE . -53.50 -101.92 -5.48
C9 P52 FE . -56.82 -106.51 -4.38
C10 P52 FE . -54.49 -102.02 -6.16
C11 P52 FE . -55.75 -103.55 -4.64
C12 P52 FE . -55.85 -102.24 -5.44
N2 P52 FE . -54.40 -101.94 -7.67
C13 P52 FE . -56.11 -101.09 -4.49
C14 P52 FE . -56.46 -99.70 -5.18
C15 P52 FE . -56.96 -99.85 -6.66
C16 P52 FE . -55.30 -98.65 -5.05
C17 P52 FE . -53.12 -101.72 -8.41
N3 P52 FE . -53.18 -106.17 -7.99
P1 P52 FE . -57.26 -104.74 -4.91
C18 P52 FE . -53.36 -101.89 -9.90
C19 P52 FE . -51.96 -102.61 -7.96
C20 P52 FE . -52.25 -104.18 -7.88
C21 P52 FE . -53.39 -104.87 -8.22
C22 P52 FE . -51.32 -105.16 -7.42
C23 P52 FE . -51.94 -106.36 -7.52
C24 P52 FE . -50.00 -105.07 -6.95
C25 P52 FE . -51.27 -107.53 -7.13
C26 P52 FE . -49.33 -106.23 -6.58
C27 P52 FE . -49.96 -107.46 -6.66
O4 P52 FE . -52.96 -102.88 -10.46
N4 P52 FE . -54.09 -100.86 -10.65
S SO4 GE . -41.95 -67.94 -5.15
O1 SO4 GE . -42.25 -66.81 -6.03
O2 SO4 GE . -43.20 -68.44 -4.57
O3 SO4 GE . -41.06 -67.51 -4.08
O4 SO4 GE . -41.30 -69.00 -5.92
S SO4 HE . -41.97 -109.51 19.14
O1 SO4 HE . -41.05 -108.75 18.30
O2 SO4 HE . -43.32 -108.94 19.03
O3 SO4 HE . -41.52 -109.44 20.53
O4 SO4 HE . -42.01 -110.90 18.70
S SO4 IE . -40.79 -99.41 9.05
O1 SO4 IE . -41.69 -99.77 7.96
O2 SO4 IE . -41.48 -99.57 10.33
O3 SO4 IE . -39.61 -100.28 9.02
O4 SO4 IE . -40.37 -98.02 8.90
S SO4 JE . -37.43 -89.53 -16.11
O1 SO4 JE . -38.21 -90.18 -17.16
O2 SO4 JE . -38.20 -89.50 -14.87
O3 SO4 JE . -36.19 -90.27 -15.90
O4 SO4 JE . -37.12 -88.16 -16.52
S SO4 KE . -73.03 -74.85 -46.38
O1 SO4 KE . -72.96 -73.52 -46.97
O2 SO4 KE . -74.25 -74.97 -45.58
O3 SO4 KE . -71.88 -75.07 -45.52
O4 SO4 KE . -73.06 -75.84 -47.46
S SO4 LE . -69.24 -88.08 -50.66
O1 SO4 LE . -70.29 -88.97 -51.17
O2 SO4 LE . -69.20 -86.87 -51.47
O3 SO4 LE . -67.95 -88.77 -50.73
O4 SO4 LE . -69.53 -87.72 -49.27
S SO4 ME . -24.03 -110.11 -17.38
O1 SO4 ME . -23.98 -108.75 -17.89
O2 SO4 ME . -24.85 -110.16 -16.16
O3 SO4 ME . -22.68 -110.56 -17.06
O4 SO4 ME . -24.61 -110.99 -18.39
S SO4 NE . -60.07 -75.18 -19.90
O1 SO4 NE . -60.90 -75.97 -20.81
O2 SO4 NE . -60.00 -73.81 -20.38
O3 SO4 NE . -58.73 -75.74 -19.88
O4 SO4 NE . -60.64 -75.21 -18.57
S SO4 OE . -45.50 -102.51 -6.91
O1 SO4 OE . -45.31 -101.11 -7.24
O2 SO4 OE . -46.69 -102.67 -6.08
O3 SO4 OE . -44.32 -102.98 -6.17
O4 SO4 OE . -45.65 -103.30 -8.12
S SO4 PE . -64.85 -130.51 18.87
O1 SO4 PE . -65.82 -130.68 17.79
O2 SO4 PE . -64.58 -129.08 19.06
O3 SO4 PE . -63.62 -131.20 18.52
O4 SO4 PE . -65.39 -131.06 20.11
S SO4 QE . -31.63 -120.19 -6.48
O1 SO4 QE . -32.56 -120.98 -7.29
O2 SO4 QE . -31.86 -118.77 -6.71
O3 SO4 QE . -30.25 -120.53 -6.85
O4 SO4 QE . -31.83 -120.50 -5.06
S SO4 RE . -57.18 -126.25 25.54
O1 SO4 RE . -57.12 -124.81 25.38
O2 SO4 RE . -58.09 -126.59 26.63
O3 SO4 RE . -55.85 -126.76 25.86
O4 SO4 RE . -57.67 -126.87 24.31
S SO4 SE . -78.23 -86.20 -31.29
O1 SO4 SE . -78.21 -84.74 -31.37
O2 SO4 SE . -79.06 -86.62 -30.17
O3 SO4 SE . -76.86 -86.69 -31.09
O4 SO4 SE . -78.76 -86.76 -32.53
C1 NAG TE . -49.90 -112.61 -32.29
C2 NAG TE . -49.56 -112.90 -33.74
C3 NAG TE . -49.93 -114.34 -34.07
C4 NAG TE . -49.19 -115.27 -33.11
C5 NAG TE . -49.54 -114.90 -31.67
C6 NAG TE . -48.80 -115.80 -30.70
C7 NAG TE . -50.54 -112.19 -35.87
C8 NAG TE . -50.16 -111.09 -36.82
N2 NAG TE . -50.28 -111.97 -34.59
O3 NAG TE . -49.54 -114.66 -35.41
O4 NAG TE . -49.54 -116.62 -33.37
O5 NAG TE . -49.20 -113.52 -31.43
O6 NAG TE . -49.62 -116.05 -29.56
O7 NAG TE . -51.05 -113.23 -36.26
S SO4 UE . -66.51 -53.16 60.75
O1 SO4 UE . -67.32 -51.98 60.44
O2 SO4 UE . -67.05 -54.32 60.02
O3 SO4 UE . -66.55 -53.42 62.18
O4 SO4 UE . -65.13 -52.94 60.32
ZN ZN VE . -104.50 -41.50 33.38
O1 P52 WE . -104.79 -40.41 31.09
O2 P52 WE . -104.59 -38.96 33.08
C1 P52 WE . -108.41 -36.68 31.98
C2 P52 WE . -108.78 -35.21 32.25
C3 P52 WE . -108.72 -34.27 31.25
C4 P52 WE . -109.06 -32.96 31.49
C5 P52 WE . -109.47 -32.57 32.75
C6 P52 WE . -109.54 -33.50 33.77
N1 P52 WE . -107.55 -39.27 31.47
C7 P52 WE . -109.20 -34.83 33.52
C8 P52 WE . -106.88 -37.03 32.07
O3 P52 WE . -101.68 -35.76 30.96
C9 P52 WE . -106.56 -38.27 31.22
C10 P52 WE . -101.59 -36.68 31.74
C11 P52 WE . -103.50 -37.91 30.69
C12 P52 WE . -102.10 -38.09 31.30
N2 P52 WE . -101.03 -36.48 33.12
C13 P52 WE . -101.16 -38.67 30.26
C14 P52 WE . -99.81 -39.30 30.83
C15 P52 WE . -99.84 -39.50 32.38
C16 P52 WE . -98.55 -38.47 30.38
C17 P52 WE . -100.49 -35.19 33.67
N3 P52 WE . -104.91 -34.40 34.00
P1 P52 WE . -104.85 -38.97 31.59
C18 P52 WE . -100.40 -35.31 35.17
C19 P52 WE . -101.26 -33.92 33.26
C20 P52 WE . -102.84 -33.89 33.46
C21 P52 WE . -103.65 -34.84 34.06
C22 P52 WE . -103.71 -32.84 33.03
C23 P52 WE . -104.97 -33.22 33.39
C24 P52 WE . -103.49 -31.64 32.36
C25 P52 WE . -106.06 -32.37 33.09
C26 P52 WE . -104.57 -30.80 32.07
C27 P52 WE . -105.84 -31.17 32.44
O4 P52 WE . -101.26 -34.85 35.88
N4 P52 WE . -99.26 -36.04 35.76
S SO4 XE . -66.50 -32.10 23.43
O1 SO4 XE . -67.27 -31.23 24.31
O2 SO4 XE . -66.30 -31.44 22.15
O3 SO4 XE . -67.24 -33.35 23.22
O4 SO4 XE . -65.21 -32.39 24.04
S SO4 YE . -111.23 -27.08 5.80
O1 SO4 YE . -112.54 -26.85 6.40
O2 SO4 YE . -111.27 -26.76 4.37
O3 SO4 YE . -110.84 -28.47 5.98
O4 SO4 YE . -110.24 -26.21 6.43
S SO4 ZE . -99.69 -26.34 13.46
O1 SO4 ZE . -100.27 -24.99 13.45
O2 SO4 ZE . -100.13 -27.07 12.28
O3 SO4 ZE . -100.14 -27.04 14.66
O4 SO4 ZE . -98.24 -26.23 13.46
S SO4 AF . -84.49 -21.03 36.17
O1 SO4 AF . -84.75 -19.59 36.26
O2 SO4 AF . -85.08 -21.54 34.94
O3 SO4 AF . -85.07 -21.73 37.30
O4 SO4 AF . -83.05 -21.25 36.16
S SO4 BF . -71.59 -54.70 70.32
O1 SO4 BF . -71.82 -53.34 70.80
O2 SO4 BF . -72.33 -54.90 69.08
O3 SO4 BF . -72.06 -55.67 71.32
O4 SO4 BF . -70.16 -54.91 70.10
S SO4 CF . -82.83 -47.85 75.72
O1 SO4 CF . -83.63 -48.88 76.38
O2 SO4 CF . -83.54 -46.57 75.80
O3 SO4 CF . -82.63 -48.21 74.32
O4 SO4 CF . -81.54 -47.74 76.38
S SO4 DF . -102.52 -4.00 38.41
O1 SO4 DF . -103.27 -4.33 39.62
O2 SO4 DF . -102.93 -2.69 37.92
O3 SO4 DF . -102.78 -5.02 37.39
O4 SO4 DF . -101.09 -3.98 38.72
S SO4 EF . -74.00 -45.85 42.78
O1 SO4 EF . -74.97 -46.17 43.82
O2 SO4 EF . -74.63 -45.92 41.47
O3 SO4 EF . -73.48 -44.50 43.01
O4 SO4 EF . -72.89 -46.80 42.84
S SO4 FF . -100.57 -27.96 31.13
O1 SO4 FF . -101.24 -27.95 32.42
O2 SO4 FF . -101.10 -26.89 30.30
O3 SO4 FF . -100.81 -29.24 30.47
O4 SO4 FF . -99.13 -27.77 31.31
S SO4 GF . -135.88 -45.30 13.61
O1 SO4 GF . -136.22 -43.90 13.88
O2 SO4 GF . -137.02 -45.95 12.96
O3 SO4 GF . -135.57 -45.99 14.85
O4 SO4 GF . -134.71 -45.34 12.72
S SO4 HF . -114.11 -10.66 31.22
O1 SO4 HF . -114.96 -10.93 32.37
O2 SO4 HF . -114.07 -9.23 30.97
O3 SO4 HF . -114.66 -11.35 30.04
O4 SO4 HF . -112.76 -11.15 31.48
S SO4 IF . -131.27 -39.34 4.90
O1 SO4 IF . -131.95 -39.50 6.17
O2 SO4 IF . -131.29 -37.94 4.50
O3 SO4 IF . -131.95 -40.14 3.88
O4 SO4 IF . -129.89 -39.78 5.03
S SO4 JF . -86.06 -59.46 58.46
O1 SO4 JF . -86.29 -58.04 58.24
O2 SO4 JF . -86.74 -60.23 57.42
O3 SO4 JF . -86.59 -59.86 59.76
O4 SO4 JF . -84.62 -59.74 58.42
C1 NAG KF . -106.18 -26.22 57.89
C2 NAG KF . -106.13 -25.61 59.30
C3 NAG KF . -107.53 -25.60 59.89
C4 NAG KF . -108.46 -24.85 58.96
C5 NAG KF . -108.42 -25.47 57.57
C6 NAG KF . -109.35 -24.71 56.63
C7 NAG KF . -105.24 -26.38 61.44
C8 NAG KF . -103.94 -26.11 62.12
N2 NAG KF . -105.21 -26.38 60.11
O3 NAG KF . -107.53 -24.96 61.16
O4 NAG KF . -109.79 -24.84 59.48
O5 NAG KF . -107.09 -25.48 57.08
O6 NAG KF . -109.94 -25.62 55.71
O7 NAG KF . -106.27 -26.60 62.06
ZN ZN LF . -87.97 65.84 -41.42
O1 P52 MF . -88.81 64.97 -39.52
O2 P52 MF . -88.96 63.51 -41.53
C1 P52 MF . -93.30 62.50 -40.72
C2 P52 MF . -94.04 61.20 -41.07
C3 P52 MF . -94.47 60.35 -40.07
C4 P52 MF . -95.13 59.19 -40.38
C5 P52 MF . -95.39 58.86 -41.70
C6 P52 MF . -94.96 59.70 -42.71
N1 P52 MF . -91.77 64.68 -39.95
C7 P52 MF . -94.29 60.87 -42.40
C8 P52 MF . -91.72 62.38 -40.70
O3 P52 MF . -86.92 59.67 -39.07
C9 P52 MF . -91.12 63.43 -39.74
C10 P52 MF . -86.70 60.48 -39.93
C11 P52 MF . -88.32 62.20 -39.11
C12 P52 MF . -86.88 61.98 -39.59
N2 P52 MF . -86.26 60.06 -41.32
C13 P52 MF . -85.93 62.36 -38.46
C14 P52 MF . -84.39 62.38 -38.81
C15 P52 MF . -84.09 62.48 -40.35
C16 P52 MF . -83.61 61.20 -38.12
C17 P52 MF . -86.04 58.64 -41.75
N3 P52 MF . -90.41 59.17 -42.49
P1 P52 MF . -89.26 63.62 -40.04
C18 P52 MF . -85.83 58.58 -43.24
C19 P52 MF . -87.17 57.68 -41.31
C20 P52 MF . -88.65 58.10 -41.69
C21 P52 MF . -89.08 59.21 -42.40
C22 P52 MF . -89.83 57.37 -41.35
C23 P52 MF . -90.89 58.07 -41.86
C24 P52 MF . -90.04 56.18 -40.65
C25 P52 MF . -92.19 57.59 -41.68
C26 P52 MF . -91.33 55.71 -40.47
C27 P52 MF . -92.41 56.41 -40.98
O4 P52 MF . -86.72 58.20 -43.96
N4 P52 MF . -84.54 58.98 -43.82
S SO4 NF . -55.95 45.56 -27.79
O1 SO4 NF . -56.82 44.86 -28.73
O2 SO4 NF . -56.31 46.97 -27.74
O3 SO4 NF . -56.09 44.98 -26.46
O4 SO4 NF . -54.56 45.42 -28.23
S SO4 OF . -101.48 54.55 -15.38
O1 SO4 OF . -102.74 54.65 -16.10
O2 SO4 OF . -101.75 54.29 -13.96
O3 SO4 OF . -100.75 55.80 -15.50
O4 SO4 OF . -100.70 53.45 -15.93
S SO4 PF . -89.93 50.69 -21.95
O1 SO4 PF . -90.26 51.24 -23.26
O2 SO4 PF . -90.93 49.70 -21.56
O3 SO4 PF . -89.90 51.77 -20.95
O4 SO4 PF . -88.62 50.06 -22.02
S SO4 QF . -74.56 40.34 -42.97
O1 SO4 QF . -74.77 41.02 -44.25
O2 SO4 QF . -74.91 41.24 -41.87
O3 SO4 QF . -75.39 39.15 -42.91
O4 SO4 QF . -73.14 39.97 -42.86
S SO4 RF . -48.90 68.25 -74.58
O1 SO4 RF . -49.51 68.40 -75.90
O2 SO4 RF . -49.48 69.21 -73.66
O3 SO4 RF . -49.14 66.90 -74.07
O4 SO4 RF . -47.46 68.47 -74.70
S SO4 SF . -60.94 64.17 -81.40
O1 SO4 SF . -61.40 65.04 -82.49
O2 SO4 SF . -61.09 64.88 -80.13
O3 SO4 SF . -61.75 62.96 -81.37
O4 SO4 SF . -59.54 63.84 -81.60
S SO4 TF . -80.10 28.56 -57.98
O1 SO4 TF . -80.45 29.07 -59.30
O2 SO4 TF . -81.07 29.04 -56.99
O3 SO4 TF . -80.13 27.10 -58.01
O4 SO4 TF . -78.77 29.02 -57.61
S SO4 UF . -96.14 29.06 -47.03
O1 SO4 UF . -96.45 29.65 -48.33
O2 SO4 UF . -97.19 28.11 -46.65
O3 SO4 UF . -96.08 30.12 -46.03
O4 SO4 UF . -94.87 28.38 -47.11
S SO4 VF . -56.68 61.16 -47.68
O1 SO4 VF . -57.39 61.76 -48.81
O2 SO4 VF . -56.85 62.01 -46.50
O3 SO4 VF . -57.26 59.85 -47.39
O4 SO4 VF . -55.27 61.04 -47.99
S SO4 WF . -88.30 51.65 -39.00
O1 SO4 WF . -88.66 52.06 -40.36
O2 SO4 WF . -89.41 50.94 -38.39
O3 SO4 WF . -87.97 52.83 -38.21
O4 SO4 WF . -87.13 50.76 -39.06
S SO4 XF . -118.47 78.25 -25.14
O1 SO4 XF . -118.17 79.06 -26.31
O2 SO4 XF . -119.44 78.95 -24.30
O3 SO4 XF . -119.03 76.98 -25.58
O4 SO4 XF . -117.25 78.01 -24.38
S SO4 YF . -106.82 39.68 -41.02
O1 SO4 YF . -107.15 39.84 -42.44
O2 SO4 YF . -107.36 40.81 -40.28
O3 SO4 YF . -107.41 38.44 -40.53
O4 SO4 YF . -105.38 39.62 -40.86
S SO4 ZF . -116.97 72.00 -16.20
O1 SO4 ZF . -117.65 72.37 -17.45
O2 SO4 ZF . -117.15 73.05 -15.22
O3 SO4 ZF . -117.53 70.74 -15.68
O4 SO4 ZF . -115.55 71.80 -16.47
S SO4 AG . -62.51 77.00 -64.34
O1 SO4 AG . -62.59 77.35 -65.75
O2 SO4 AG . -63.08 78.08 -63.54
O3 SO4 AG . -63.26 75.77 -64.09
O4 SO4 AG . -61.11 76.80 -63.96
C1 NAG BG . -91.46 51.43 -66.49
C2 NAG BG . -91.45 50.81 -67.89
C3 NAG BG . -92.72 51.23 -68.63
C4 NAG BG . -93.92 50.78 -67.81
C5 NAG BG . -93.85 51.39 -66.42
C6 NAG BG . -95.05 50.96 -65.60
C7 NAG BG . -90.15 51.26 -69.91
C8 NAG BG . -88.92 50.59 -70.45
N2 NAG BG . -90.26 51.25 -68.59
O3 NAG BG . -92.77 50.59 -69.91
O4 NAG BG . -95.13 51.19 -68.48
O5 NAG BG . -92.63 51.01 -65.78
O6 NAG BG . -95.44 52.02 -64.72
O7 NAG BG . -90.99 51.77 -70.64
S SO4 CG . -45.59 65.18 -64.65
O1 SO4 CG . -46.66 64.28 -65.09
O2 SO4 CG . -46.02 65.91 -63.45
O3 SO4 CG . -45.28 66.14 -65.70
O4 SO4 CG . -44.41 64.40 -64.34
S SO4 DG . -85.24 43.11 40.70
O1 SO4 DG . -86.01 42.87 41.92
O2 SO4 DG . -86.14 43.31 39.57
O3 SO4 DG . -84.42 44.31 40.87
O4 SO4 DG . -84.38 41.95 40.43
ZN ZN EG . -87.09 79.23 9.11
O1 P52 FG . -85.98 79.80 6.95
O2 P52 FG . -85.09 80.51 9.15
C1 P52 FG . -84.49 84.80 7.71
C2 P52 FG . -83.43 85.84 8.11
C3 P52 FG . -82.41 86.15 7.22
C4 P52 FG . -81.45 87.07 7.56
C5 P52 FG . -81.51 87.72 8.79
C6 P52 FG . -82.53 87.42 9.68
N1 P52 FG . -86.29 82.82 7.02
C7 P52 FG . -83.49 86.48 9.34
C8 P52 FG . -84.13 83.30 8.00
O3 P52 FG . -80.55 79.47 8.09
C9 P52 FG . -84.94 82.37 7.06
C10 P52 FG . -81.40 78.94 8.76
C11 P52 FG . -83.15 79.81 7.21
C12 P52 FG . -82.76 78.61 8.09
N2 P52 FG . -81.19 78.61 10.23
C13 P52 FG . -82.59 77.40 7.19
C14 P52 FG . -82.58 75.98 7.90
C15 P52 FG . -82.99 76.03 9.42
C16 P52 FG . -81.20 75.23 7.70
C17 P52 FG . -79.93 78.84 11.04
N3 P52 FG . -81.19 83.18 10.74
P1 P52 FG . -84.89 80.57 7.65
C18 P52 FG . -80.29 78.88 12.50
C19 P52 FG . -79.08 80.06 10.62
C20 P52 FG . -79.76 81.50 10.57
C21 P52 FG . -81.03 81.87 10.95
C22 P52 FG . -79.14 82.69 10.09
C23 P52 FG . -80.05 83.70 10.22
C24 P52 FG . -77.87 82.96 9.57
C25 P52 FG . -79.71 85.00 9.82
C26 P52 FG . -77.53 84.25 9.18
C27 P52 FG . -78.46 85.26 9.31
O4 P52 FG . -80.45 79.93 13.07
N4 P52 FG . -80.44 77.62 13.24
S SO4 GG . -59.35 49.62 7.18
O1 SO4 GG . -59.04 50.81 7.97
O2 SO4 GG . -60.74 49.64 6.75
O3 SO4 GG . -58.48 49.57 6.02
O4 SO4 GG . -59.13 48.43 8.02
S SO4 HG . -71.98 89.54 -17.09
O1 SO4 HG . -72.36 90.86 -16.61
O2 SO4 HG . -73.09 88.60 -16.96
O3 SO4 HG . -71.59 89.65 -18.50
O4 SO4 HG . -70.86 89.03 -16.30
S SO4 IG . -67.89 80.34 -7.23
O1 SO4 IG . -68.96 80.92 -6.43
O2 SO4 IG . -68.42 79.93 -8.53
O3 SO4 IG . -66.83 81.33 -7.43
O4 SO4 IG . -67.35 79.17 -6.55
S SO4 JG . -61.21 72.18 18.03
O1 SO4 JG . -61.82 72.16 19.35
O2 SO4 JG . -62.18 72.63 17.04
O3 SO4 JG . -60.07 73.10 18.03
O4 SO4 JG . -60.76 70.83 17.70
S SO4 KG . -90.66 47.58 49.11
O1 SO4 KG . -91.31 48.15 50.28
O2 SO4 KG . -91.59 47.50 47.99
O3 SO4 KG . -89.55 48.44 48.71
O4 SO4 KG . -90.17 46.26 49.44
S SO4 LG . -90.45 61.09 53.23
O1 SO4 LG . -91.29 61.66 54.27
O2 SO4 LG . -91.27 60.76 52.07
O3 SO4 LG . -89.42 62.05 52.85
O4 SO4 LG . -89.81 59.87 53.73
S SO4 MG . -54.39 95.82 19.19
O1 SO4 MG . -55.27 96.38 20.22
O2 SO4 MG . -55.19 95.39 18.05
O3 SO4 MG . -53.43 96.83 18.77
O4 SO4 MG . -53.67 94.67 19.74
S SO4 NG . -78.75 51.71 22.77
O1 SO4 NG . -79.43 52.33 23.91
O2 SO4 NG . -79.29 52.24 21.52
O3 SO4 NG . -77.32 52.00 22.84
O4 SO4 NG . -78.96 50.26 22.81
S SO4 OG . -72.99 81.70 9.24
O1 SO4 OG . -73.38 82.55 10.36
O2 SO4 OG . -74.12 81.52 8.34
O3 SO4 OG . -71.89 82.35 8.51
O4 SO4 OG . -72.53 80.41 9.74
S SO4 PG . -100.43 102.66 -16.22
O1 SO4 PG . -101.10 102.75 -14.93
O2 SO4 PG . -101.30 103.19 -17.26
O3 SO4 PG . -99.19 103.42 -16.18
O4 SO4 PG . -100.12 101.26 -16.51
S SO4 QG . -64.14 102.57 9.07
O1 SO4 QG . -64.70 103.12 10.30
O2 SO4 QG . -65.02 102.89 7.95
O3 SO4 QG . -62.82 103.14 8.84
O4 SO4 QG . -64.04 101.11 9.19
S SO4 RG . -91.98 100.85 -23.35
O1 SO4 RG . -92.81 101.21 -22.21
O2 SO4 RG . -92.80 100.85 -24.56
O3 SO4 RG . -90.89 101.80 -23.50
O4 SO4 RG . -91.44 99.50 -23.13
S SO4 SG . -99.35 56.64 34.54
O1 SO4 SG . -100.18 56.84 35.71
O2 SO4 SG . -100.16 56.77 33.32
O3 SO4 SG . -98.30 57.65 34.50
O4 SO4 SG . -98.76 55.31 34.58
C1 NAG TG . -79.52 90.27 34.75
C2 NAG TG . -79.25 90.65 36.21
C3 NAG TG . -80.00 91.93 36.54
C4 NAG TG . -79.57 93.01 35.57
C5 NAG TG . -79.83 92.56 34.15
C6 NAG TG . -79.39 93.63 33.17
C7 NAG TG . -79.94 89.71 38.35
C8 NAG TG . -79.24 88.76 39.29
N2 NAG TG . -79.65 89.55 37.06
O3 NAG TG . -79.69 92.35 37.87
O4 NAG TG . -80.29 94.22 35.84
O5 NAG TG . -79.12 91.34 33.89
O6 NAG TG . -80.26 93.64 32.03
O7 NAG TG . -80.72 90.55 38.75
S SO4 UG . -53.68 82.66 33.62
O1 SO4 UG . -54.27 83.25 34.81
O2 SO4 UG . -54.55 82.88 32.47
O3 SO4 UG . -52.38 83.27 33.38
O4 SO4 UG . -53.51 81.22 33.81
ZN ZN VG . -32.05 113.18 3.50
O1 P52 WG . -30.50 113.11 1.52
O2 P52 WG . -29.66 113.23 3.85
C1 P52 WG . -26.75 116.59 2.74
C2 P52 WG . -25.36 116.95 3.29
C3 P52 WG . -24.22 116.62 2.60
C4 P52 WG . -22.97 116.96 3.08
C5 P52 WG . -22.87 117.65 4.27
C6 P52 WG . -24.00 118.01 4.97
N1 P52 WG . -29.19 115.82 1.74
C7 P52 WG . -25.25 117.67 4.48
C8 P52 WG . -27.23 115.10 2.97
O3 P52 WG . -26.35 109.72 3.24
C9 P52 WG . -28.28 114.73 1.91
C10 P52 WG . -27.40 109.92 3.78
C11 P52 WG . -28.16 111.59 2.09
C12 P52 WG . -28.61 110.39 2.94
N2 P52 WG . -27.57 109.73 5.27
C13 P52 WG . -29.07 109.27 2.00
C14 P52 WG . -29.91 108.11 2.69
C15 P52 WG . -30.45 108.47 4.12
C16 P52 WG . -29.12 106.75 2.69
C17 P52 WG . -26.50 109.25 6.22
N3 P52 WG . -25.25 113.55 5.82
P1 P52 WG . -29.25 113.17 2.39
C18 P52 WG . -26.92 109.57 7.63
C19 P52 WG . -25.10 109.79 5.93
C20 P52 WG . -24.91 111.37 5.81
C21 P52 WG . -25.85 112.36 5.99
C22 P52 WG . -23.68 112.03 5.50
C23 P52 WG . -23.95 113.38 5.51
C24 P52 WG . -22.39 111.58 5.22
C25 P52 WG . -22.93 114.30 5.24
C26 P52 WG . -21.38 112.50 4.95
C27 P52 WG . -21.65 113.84 4.96
O4 P52 WG . -26.47 110.52 8.23
N4 P52 WG . -27.89 108.68 8.30
S SO4 XG . -24.60 73.45 3.22
O1 SO4 XG . -25.15 72.26 3.85
O2 SO4 XG . -25.68 74.26 2.66
O3 SO4 XG . -23.69 73.05 2.15
O4 SO4 XG . -23.87 74.24 4.21
S SO4 YG . -10.97 113.35 -20.54
O1 SO4 YG . -10.74 114.74 -20.15
O2 SO4 YG . -12.40 113.09 -20.62
O3 SO4 YG . -10.35 113.12 -21.85
O4 SO4 YG . -10.38 112.46 -19.56
S SO4 ZG . -13.53 103.93 -10.51
O1 SO4 ZG . -14.38 104.82 -9.73
O2 SO4 ZG . -13.97 103.92 -11.90
O3 SO4 ZG . -12.15 104.42 -10.46
O4 SO4 ZG . -13.60 102.58 -9.97
S SO4 AH . -15.29 93.06 15.08
O1 SO4 AH . -16.04 93.98 15.93
O2 SO4 AH . -15.58 93.34 13.68
O3 SO4 AH . -13.85 93.22 15.32
O4 SO4 AH . -15.69 91.68 15.39
S SO4 BH . -56.89 89.71 41.44
O1 SO4 BH . -57.19 90.38 42.71
O2 SO4 BH . -57.61 90.36 40.35
O3 SO4 BH . -55.46 89.81 41.18
O4 SO4 BH . -57.27 88.31 41.52
S SO4 CH . -49.79 101.02 46.32
O1 SO4 CH . -50.18 101.35 47.68
O2 SO4 CH . -50.62 101.76 45.37
O3 SO4 CH . -48.38 101.35 46.12
O4 SO4 CH . -49.98 99.59 46.10
S SO4 DH . 2.98 109.87 17.95
O1 SO4 DH . 2.42 110.84 18.89
O2 SO4 DH . 2.51 110.16 16.60
O3 SO4 DH . 4.44 109.97 17.98
O4 SO4 DH . 2.57 108.52 18.33
S SO4 EH . -41.33 86.18 16.74
O1 SO4 EH . -41.38 87.38 17.58
O2 SO4 EH . -41.71 86.51 15.37
O3 SO4 EH . -39.98 85.64 16.76
O4 SO4 EH . -42.27 85.18 17.28
S SO4 FH . -18.52 107.59 5.21
O1 SO4 FH . -18.56 108.56 6.29
O2 SO4 FH . -19.52 107.94 4.20
O3 SO4 FH . -17.19 107.60 4.60
O4 SO4 FH . -18.82 106.27 5.72
S SO4 GH . -27.37 140.12 -21.65
O1 SO4 GH . -28.16 140.43 -20.47
O2 SO4 GH . -27.70 141.05 -22.73
O3 SO4 GH . -25.95 140.23 -21.34
O4 SO4 GH . -27.67 138.75 -22.09
S SO4 HH . -0.74 120.69 7.30
O1 SO4 HH . -1.30 121.66 8.23
O2 SO4 HH . -1.09 121.06 5.93
O3 SO4 HH . 0.71 120.67 7.43
O4 SO4 HH . -1.26 119.36 7.60
S SO4 IH . -20.73 133.54 -28.22
O1 SO4 IH . -21.48 134.35 -27.28
O2 SO4 IH . -21.26 133.73 -29.57
O3 SO4 IH . -19.32 133.96 -28.21
O4 SO4 IH . -20.83 132.14 -27.86
S SO4 JH . -56.98 101.23 27.02
O1 SO4 JH . -57.59 102.02 28.10
O2 SO4 JH . -57.47 101.68 25.73
O3 SO4 JH . -55.52 101.41 27.08
O4 SO4 JH . -57.31 99.82 27.21
C1 NAG KH . -22.73 119.07 30.41
C2 NAG KH . -22.47 119.28 31.90
C3 NAG KH . -22.46 120.77 32.21
C4 NAG KH . -21.41 121.44 31.34
C5 NAG KH . -21.71 121.16 29.87
C6 NAG KH . -20.65 121.82 28.99
C7 NAG KH . -23.81 118.89 33.91
C8 NAG KH . -23.83 117.73 34.87
N2 NAG KH . -23.49 118.58 32.65
O3 NAG KH . -22.13 120.99 33.58
O4 NAG KH . -21.39 122.85 31.59
O5 NAG KH . -21.74 119.75 29.64
O6 NAG KH . -21.26 122.27 27.78
O7 NAG KH . -24.05 120.03 34.26
ZN ZN LH . -0.64 -109.46 49.05
O1 P52 MH . -2.30 -109.77 46.78
O2 P52 MH . -3.00 -108.83 48.95
C1 P52 MH . -6.72 -111.40 49.16
C2 P52 MH . -8.15 -111.11 49.65
C3 P52 MH . -9.14 -110.79 48.75
C4 P52 MH . -10.43 -110.53 49.19
C5 P52 MH . -10.72 -110.58 50.55
C6 P52 MH . -9.73 -110.90 51.46
N1 P52 MH . -4.32 -111.75 47.86
C7 P52 MH . -8.45 -111.16 51.01
C8 P52 MH . -5.85 -110.14 48.81
O3 P52 MH . -5.28 -105.02 46.77
C9 P52 MH . -4.87 -110.45 47.66
C10 P52 MH . -4.30 -105.23 47.45
C11 P52 MH . -4.10 -107.59 46.64
C12 P52 MH . -3.29 -106.32 46.99
N2 P52 MH . -4.03 -104.45 48.72
C13 P52 MH . -2.57 -105.85 45.74
C14 P52 MH . -1.47 -104.74 45.92
C15 P52 MH . -1.03 -104.47 47.41
C16 P52 MH . -1.86 -103.41 45.18
C17 P52 MH . -4.90 -103.36 49.27
N3 P52 MH . -7.24 -106.97 50.54
P1 P52 MH . -3.47 -109.19 47.56
C18 P52 MH . -4.52 -103.11 50.71
C19 P52 MH . -6.41 -103.59 49.13
C20 P52 MH . -7.00 -104.98 49.64
C21 P52 MH . -6.36 -106.01 50.30
C22 P52 MH . -8.36 -105.39 49.48
C23 P52 MH . -8.46 -106.64 50.06
C24 P52 MH . -9.48 -104.80 48.90
C25 P52 MH . -9.68 -107.32 50.06
C26 P52 MH . -10.71 -105.47 48.90
C27 P52 MH . -10.80 -106.72 49.48
O4 P52 MH . -5.17 -103.60 51.61
N4 P52 MH . -3.36 -102.27 51.04
S SO4 NH . 2.16 -72.93 32.21
O1 SO4 NH . 1.12 -73.11 33.23
O2 SO4 NH . 1.53 -72.66 30.92
O3 SO4 NH . 2.97 -74.15 32.11
O4 SO4 NH . 3.01 -71.80 32.59
S SO4 OH . -21.47 -114.34 25.34
O1 SO4 OH . -22.01 -114.77 24.05
O2 SO4 OH . -21.81 -112.94 25.58
O3 SO4 OH . -22.02 -115.18 26.39
O4 SO4 OH . -20.01 -114.47 25.32
S SO4 PH . -16.66 -102.17 30.55
O1 SO4 PH . -18.04 -101.79 30.88
O2 SO4 PH . -15.97 -101.03 29.95
O3 SO4 PH . -15.97 -102.58 31.76
O4 SO4 PH . -16.68 -103.28 29.61
S SO4 QH . -11.41 -82.99 49.91
O1 SO4 QH . -12.76 -83.54 50.01
O2 SO4 QH . -11.47 -81.57 49.62
O3 SO4 QH . -10.72 -83.20 51.18
O4 SO4 QH . -10.69 -83.69 48.85
S SO4 RH . 29.50 -78.20 76.69
O1 SO4 RH . 28.21 -78.03 77.34
O2 SO4 RH . 30.03 -76.89 76.31
O3 SO4 RH . 30.42 -78.85 77.61
O4 SO4 RH . 29.33 -79.01 75.49
S SO4 SH . 20.44 -84.74 84.85
O1 SO4 SH . 19.00 -84.80 85.07
O2 SO4 SH . 20.80 -83.37 84.46
O3 SO4 SH . 21.13 -85.10 86.07
O4 SO4 SH . 20.81 -85.65 83.77
S SO4 TH . -33.23 -91.91 57.38
O1 SO4 TH . -34.55 -91.34 57.13
O2 SO4 TH . -32.22 -90.86 57.31
O3 SO4 TH . -33.20 -92.52 58.71
O4 SO4 TH . -32.95 -92.93 56.37
S SO4 UH . 15.88 -81.86 50.91
O1 SO4 UH . 14.52 -81.36 50.76
O2 SO4 UH . 16.81 -80.92 50.30
O3 SO4 UH . 16.18 -82.02 52.33
O4 SO4 UH . 16.01 -83.16 50.24
S SO4 VH . -11.88 -100.90 47.37
O1 SO4 VH . -13.28 -101.26 47.12
O2 SO4 VH . -11.66 -99.53 46.93
O3 SO4 VH . -11.59 -101.02 48.80
O4 SO4 VH . -11.01 -101.80 46.62
S SO4 WH . -12.29 -142.40 36.03
O1 SO4 WH . -13.63 -142.07 36.49
O2 SO4 WH . -11.83 -141.38 35.09
O3 SO4 WH . -11.38 -142.45 37.19
O4 SO4 WH . -12.30 -143.70 35.37
S SO4 XH . -33.07 -107.14 52.50
O1 SO4 XH . -34.39 -106.59 52.24
O2 SO4 XH . -32.11 -106.05 52.64
O3 SO4 XH . -33.09 -107.93 53.72
O4 SO4 XH . -32.67 -107.99 51.38
S SO4 YH . -17.15 -137.65 27.37
O1 SO4 YH . -18.59 -137.44 27.38
O2 SO4 YH . -16.47 -136.37 27.15
O3 SO4 YH . -16.73 -138.20 28.66
O4 SO4 YH . -16.79 -138.58 26.30
S SO4 ZH . 26.92 -95.33 67.43
O1 SO4 ZH . 25.48 -95.19 67.32
O2 SO4 ZH . 27.58 -94.04 67.19
O3 SO4 ZH . 27.24 -95.78 68.79
O4 SO4 ZH . 27.40 -96.30 66.46
C1 NAG AI . -10.76 -101.26 74.93
C2 NAG AI . -11.05 -100.77 76.34
C3 NAG AI . -11.43 -101.94 77.22
C4 NAG AI . -12.63 -102.64 76.60
C5 NAG AI . -12.29 -103.07 75.19
C6 NAG AI . -13.49 -103.76 74.55
C7 NAG AI . -9.63 -99.91 78.15
C8 NAG AI . -9.30 -98.51 78.56
N2 NAG AI . -9.87 -100.08 76.86
O3 NAG AI . -11.79 -101.49 78.53
O4 NAG AI . -13.00 -103.77 77.39
O5 NAG AI . -11.91 -101.94 74.41
O6 NAG AI . -13.03 -104.80 73.68
O7 NAG AI . -9.67 -100.83 78.96
ZN ZN BI . -34.29 101.76 -47.41
O1 P52 CI . -35.71 101.62 -45.31
O2 P52 CI . -36.21 100.43 -47.43
C1 P52 CI . -40.60 101.73 -47.33
C2 P52 CI . -41.87 100.96 -47.76
C3 P52 CI . -42.74 100.48 -46.80
C4 P52 CI . -43.87 99.79 -47.18
C5 P52 CI . -44.15 99.60 -48.52
C6 P52 CI . -43.30 100.08 -49.48
N1 P52 CI . -38.28 102.88 -46.30
C7 P52 CI . -42.15 100.76 -49.11
C8 P52 CI . -39.31 100.84 -47.10
O3 P52 CI . -37.18 96.20 -45.13
C9 P52 CI . -38.40 101.48 -46.04
C10 P52 CI . -36.32 96.67 -45.82
C11 P52 CI . -36.78 99.00 -45.03
C12 P52 CI . -35.65 98.02 -45.39
N2 P52 CI . -35.84 96.01 -47.09
C13 P52 CI . -34.79 97.79 -44.15
C14 P52 CI . -33.42 97.04 -44.38
C15 P52 CI . -32.96 96.97 -45.88
C16 P52 CI . -33.41 95.63 -43.71
C17 P52 CI . -36.35 94.71 -47.65
N3 P52 CI . -39.81 97.31 -48.90
P1 P52 CI . -36.69 100.69 -46.01
C18 P52 CI . -35.96 94.60 -49.09
C19 P52 CI . -37.85 94.43 -47.44
C20 P52 CI . -38.90 95.53 -47.96
C21 P52 CI . -38.64 96.69 -48.67
C22 P52 CI . -40.31 95.48 -47.76
C23 P52 CI . -40.82 96.61 -48.37
C24 P52 CI . -41.16 94.57 -47.13
C25 P52 CI . -42.21 96.84 -48.34
C26 P52 CI . -42.53 94.81 -47.11
C27 P52 CI . -43.05 95.93 -47.71
O4 P52 CI . -36.72 94.92 -49.96
N4 P52 CI . -34.61 94.11 -49.44
S SO4 DI . -19.00 68.00 -31.12
O1 SO4 DI . -20.02 67.82 -32.16
O2 SO4 DI . -18.61 69.41 -31.07
O3 SO4 DI . -19.53 67.60 -29.83
O4 SO4 DI . -17.83 67.19 -31.46
S SO4 EI . -54.63 99.59 -23.15
O1 SO4 EI . -55.48 100.33 -24.07
O2 SO4 EI . -55.24 99.60 -21.81
O3 SO4 EI . -53.31 100.22 -23.08
O4 SO4 EI . -54.48 98.21 -23.60
S SO4 FI . -46.01 90.05 -28.72
O1 SO4 FI . -45.94 90.42 -30.13
O2 SO4 FI . -47.38 89.64 -28.40
O3 SO4 FI . -45.64 91.19 -27.90
O4 SO4 FI . -45.09 88.95 -28.48
S SO4 GI . -36.21 73.09 -48.48
O1 SO4 GI . -37.36 72.21 -48.60
O2 SO4 GI . -36.53 74.20 -47.59
O3 SO4 GI . -35.83 73.62 -49.79
O4 SO4 GI . -35.08 72.33 -47.93
S SO4 HI . 3.70 82.54 -75.95
O1 SO4 HI . 3.23 83.14 -77.20
O2 SO4 HI . 3.67 83.53 -74.89
O3 SO4 HI . 2.84 81.41 -75.59
O4 SO4 HI . 5.07 82.05 -76.14
S SO4 II . -7.70 84.91 -84.17
O1 SO4 II . -7.85 85.57 -85.46
O2 SO4 II . -8.93 84.20 -83.84
O3 SO4 II . -7.43 85.92 -83.15
O4 SO4 II . -6.58 83.97 -84.23
S SO4 JI . -60.02 75.16 -55.23
O1 SO4 JI . -60.11 75.78 -56.55
O2 SO4 JI . -61.35 74.79 -54.75
O3 SO4 JI . -59.43 76.11 -54.28
O4 SO4 JI . -59.18 73.97 -55.32
S SO4 KI . -9.94 81.28 -50.48
O1 SO4 KI . -10.33 81.85 -51.77
O2 SO4 KI . -11.07 80.57 -49.90
O3 SO4 KI . -9.53 82.35 -49.57
O4 SO4 KI . -8.82 80.38 -50.69
S SO4 LI . -42.04 89.78 -45.60
O1 SO4 LI . -43.43 89.45 -45.88
O2 SO4 LI . -41.96 90.45 -44.31
O3 SO4 LI . -41.53 90.66 -46.65
O4 SO4 LI . -41.25 88.56 -45.56
S SO4 MI . -55.22 128.67 -33.67
O1 SO4 MI . -56.39 127.94 -34.16
O2 SO4 MI . -55.65 129.89 -33.00
O3 SO4 MI . -54.35 129.00 -34.80
O4 SO4 MI . -54.49 127.83 -32.72
S SO4 NI . -64.03 88.84 -49.75
O1 SO4 NI . -64.01 89.42 -51.08
O2 SO4 NI . -65.32 88.19 -49.52
O3 SO4 NI . -63.82 89.89 -48.76
O4 SO4 NI . -62.96 87.84 -49.63
S SO4 OI . -58.02 123.14 -24.70
O1 SO4 OI . -59.21 122.32 -24.51
O2 SO4 OI . -58.04 124.27 -23.78
O3 SO4 OI . -58.00 123.63 -26.08
O4 SO4 OI . -56.83 122.35 -24.46
S SO4 PI . -4.90 97.73 -66.96
O1 SO4 PI . -4.90 98.41 -68.25
O2 SO4 PI . -6.06 96.84 -66.87
O3 SO4 PI . -4.97 98.71 -65.88
O4 SO4 PI . -3.67 96.94 -66.83
S SO4 QI . -56.18 101.63 -47.54
O1 SO4 QI . -57.18 101.65 -48.61
O2 SO4 QI . -56.76 102.17 -46.32
O3 SO4 QI . -55.74 100.26 -47.30
O4 SO4 QI . -55.04 102.45 -47.93
C1 NAG RI . -42.13 90.88 -73.12
C2 NAG RI . -42.29 90.33 -74.53
C3 NAG RI . -43.08 91.32 -75.37
C4 NAG RI . -44.41 91.59 -74.71
C5 NAG RI . -44.18 92.09 -73.28
C6 NAG RI . -45.51 92.36 -72.60
C7 NAG RI . -40.74 89.98 -76.40
C8 NAG RI . -39.99 88.77 -76.84
N2 NAG RI . -40.97 90.06 -75.09
O3 NAG RI . -43.31 90.79 -76.68
O4 NAG RI . -45.16 92.54 -75.46
O5 NAG RI . -43.41 91.14 -72.55
O6 NAG RI . -45.38 93.48 -71.73
O7 NAG RI . -41.12 90.84 -77.17
S SO4 SI . 3.98 78.89 -66.52
O1 SO4 SI . 2.68 78.25 -66.53
O2 SO4 SI . 4.04 79.86 -65.43
O3 SO4 SI . 4.22 79.56 -67.78
O4 SO4 SI . 5.02 77.86 -66.31
S SO4 TI . -4.99 94.44 -57.57
O1 SO4 TI . -4.55 95.42 -58.57
O2 SO4 TI . -6.44 94.26 -57.66
O3 SO4 TI . -4.65 94.93 -56.24
O4 SO4 TI . -4.32 93.17 -57.81
S SO4 UI . -27.15 -97.93 -31.82
O1 SO4 UI . -27.58 -96.59 -32.20
O2 SO4 UI . -27.71 -98.25 -30.51
O3 SO4 UI . -25.70 -98.01 -31.75
O4 SO4 UI . -27.61 -98.88 -32.82
ZN ZN VI . 3.60 -120.27 -2.04
O1 P52 WI . 4.96 -119.60 -0.19
O2 P52 WI . 5.75 -119.52 -2.53
C1 P52 WI . 9.62 -121.74 -1.48
C2 P52 WI . 11.04 -121.64 -2.07
C3 P52 WI . 12.00 -120.87 -1.43
C4 P52 WI . 13.28 -120.78 -1.95
C5 P52 WI . 13.60 -121.46 -3.11
C6 P52 WI . 12.65 -122.23 -3.74
N1 P52 WI . 7.08 -121.75 -0.44
C7 P52 WI . 11.37 -122.32 -3.22
C8 P52 WI . 8.67 -120.49 -1.72
O3 P52 WI . 7.67 -114.97 -1.97
C9 P52 WI . 7.58 -120.44 -0.63
C10 P52 WI . 6.77 -115.55 -2.50
C11 P52 WI . 6.68 -117.43 -0.85
C12 P52 WI . 5.81 -116.43 -1.65
N2 P52 WI . 6.53 -115.44 -4.00
C13 P52 WI . 5.03 -115.57 -0.67
C14 P52 WI . 3.99 -114.55 -1.31
C15 P52 WI . 3.49 -114.95 -2.75
C16 P52 WI . 4.51 -113.06 -1.27
C17 P52 WI . 7.37 -114.60 -4.93
N3 P52 WI . 9.90 -118.31 -4.67
P1 P52 WI . 6.15 -119.29 -1.08
C18 P52 WI . 7.04 -114.97 -6.36
C19 P52 WI . 8.88 -114.68 -4.66
C20 P52 WI . 9.54 -116.13 -4.60
C21 P52 WI . 8.96 -117.36 -4.82
C22 P52 WI . 10.92 -116.38 -4.31
C23 P52 WI . 11.08 -117.75 -4.36
C24 P52 WI . 12.00 -115.56 -4.00
C25 P52 WI . 12.35 -118.31 -4.11
C26 P52 WI . 13.25 -116.11 -3.76
C27 P52 WI . 13.42 -117.48 -3.81
O4 P52 WI . 7.72 -115.75 -6.97
N4 P52 WI . 5.87 -114.34 -7.01
S SO4 XI . -2.10 -80.12 -1.76
O1 SO4 XI . -3.03 -79.20 -2.41
O2 SO4 XI . -2.84 -81.24 -1.18
O3 SO4 XI . -1.38 -79.42 -0.69
O4 SO4 XI . -1.16 -80.62 -2.74
S SO4 YI . 24.16 -113.76 21.13
O1 SO4 YI . 24.47 -112.63 20.26
O2 SO4 YI . 22.72 -114.00 21.10
O3 SO4 YI . 24.58 -113.49 22.49
O4 SO4 YI . 24.86 -114.94 20.63
S SO4 ZI . 18.29 -105.57 11.42
O1 SO4 ZI . 17.64 -106.61 10.62
O2 SO4 ZI . 17.75 -104.27 11.07
O3 SO4 ZI . 19.73 -105.58 11.14
O4 SO4 ZI . 18.06 -105.84 12.83
S SO4 AJ . 12.75 -95.48 -14.22
O1 SO4 AJ . 12.19 -96.59 -14.99
O2 SO4 AJ . 12.06 -94.25 -14.56
O3 SO4 AJ . 14.18 -95.33 -14.51
O4 SO4 AJ . 12.58 -95.76 -12.80
S SO4 BJ . -28.60 -105.57 -39.42
O1 SO4 BJ . -29.53 -106.34 -40.24
O2 SO4 BJ . -28.97 -104.16 -39.46
O3 SO4 BJ . -27.25 -105.74 -39.93
O4 SO4 BJ . -28.66 -106.03 -38.04
S SO4 CJ . -18.41 -114.31 -44.54
O1 SO4 CJ . -19.29 -113.37 -45.25
O2 SO4 CJ . -18.83 -114.38 -43.15
O3 SO4 CJ . -17.03 -113.86 -44.62
O4 SO4 CJ . -18.50 -115.63 -45.16
S SO4 DJ . 35.26 -106.05 -17.17
O1 SO4 DJ . 34.52 -105.05 -17.93
O2 SO4 DJ . 34.62 -106.26 -15.88
O3 SO4 DJ . 36.63 -105.59 -16.98
O4 SO4 DJ . 35.28 -107.31 -17.92
S SO4 EJ . -14.85 -97.38 -14.70
O1 SO4 EJ . -15.14 -98.22 -15.87
O2 SO4 EJ . -16.01 -96.54 -14.42
O3 SO4 EJ . -13.71 -96.53 -15.00
O4 SO4 EJ . -14.57 -98.22 -13.54
S SO4 FJ . 14.04 -111.06 -4.40
O1 SO4 FJ . 13.43 -109.77 -4.74
O2 SO4 FJ . 13.53 -111.52 -3.11
O3 SO4 FJ . 15.48 -110.91 -4.34
O4 SO4 FJ . 13.69 -112.05 -5.42
S SO4 GJ . 17.04 -144.36 23.03
O1 SO4 GJ . 16.24 -145.17 22.11
O2 SO4 GJ . 16.49 -143.01 23.09
O3 SO4 GJ . 18.42 -144.31 22.57
O4 SO4 GJ . 17.00 -144.97 24.37
S SO4 HJ . 35.37 -117.82 -6.80
O1 SO4 HJ . 34.56 -116.69 -7.23
O2 SO4 HJ . 34.93 -118.26 -5.47
O3 SO4 HJ . 36.78 -117.42 -6.73
O4 SO4 HJ . 35.22 -118.92 -7.75
S SO4 IJ . 21.72 -135.78 28.93
O1 SO4 IJ . 21.02 -134.56 28.54
O2 SO4 IJ . 21.23 -136.23 30.22
O3 SO4 IJ . 23.15 -135.51 29.01
O4 SO4 IJ . 21.48 -136.81 27.93
S SO4 JJ . -24.60 -117.11 -24.47
O1 SO4 JJ . -25.33 -115.91 -24.85
O2 SO4 JJ . -24.95 -117.48 -23.10
O3 SO4 JJ . -23.16 -116.85 -24.55
O4 SO4 JJ . -24.94 -118.19 -25.38
C1 NAG KJ . 13.40 -122.82 -29.25
C2 NAG KJ . 13.68 -122.93 -30.74
C3 NAG KJ . 14.15 -124.33 -31.06
C4 NAG KJ . 15.38 -124.64 -30.23
C5 NAG KJ . 15.06 -124.47 -28.75
C6 NAG KJ . 16.28 -124.75 -27.91
C7 NAG KJ . 12.23 -122.99 -32.71
C8 NAG KJ . 11.80 -121.91 -33.66
N2 NAG KJ . 12.46 -122.60 -31.47
O3 NAG KJ . 14.49 -124.44 -32.45
O4 NAG KJ . 15.84 -125.96 -30.49
O5 NAG KJ . 14.58 -123.14 -28.51
O6 NAG KJ . 15.89 -125.36 -26.68
O7 NAG KJ . 12.34 -124.15 -33.08
S SO4 LJ . 23.74 -97.68 -30.92
O1 SO4 LJ . 23.60 -98.58 -32.05
O2 SO4 LJ . 22.67 -96.67 -30.99
O3 SO4 LJ . 25.04 -97.03 -30.96
O4 SO4 LJ . 23.61 -98.41 -29.66
ZN ZN MJ . 64.79 -97.35 -6.26
O1 P52 NJ . 65.80 -95.93 -4.55
O2 P52 NJ . 66.19 -95.40 -6.94
C1 P52 NJ . 70.69 -95.09 -6.32
C2 P52 NJ . 71.70 -94.20 -7.08
C3 P52 NJ . 72.23 -93.09 -6.46
C4 P52 NJ . 73.13 -92.29 -7.13
C5 P52 NJ . 73.51 -92.61 -8.43
C6 P52 NJ . 72.98 -93.73 -9.04
N1 P52 NJ . 68.74 -96.43 -4.89
C7 P52 NJ . 72.07 -94.52 -8.38
C8 P52 NJ . 69.17 -94.68 -6.48
O3 P52 NJ . 65.38 -90.65 -6.43
C9 P52 NJ . 68.38 -95.09 -5.23
C10 P52 NJ . 64.82 -91.63 -6.84
C11 P52 NJ . 65.92 -93.17 -5.18
C12 P52 NJ . 64.59 -92.84 -5.88
N2 P52 NJ . 64.31 -91.72 -8.26
C13 P52 NJ . 63.58 -92.45 -4.82
C14 P52 NJ . 62.05 -92.48 -5.26
C15 P52 NJ . 61.83 -93.19 -6.65
C16 P52 NJ . 61.42 -91.05 -5.22
C17 P52 NJ . 64.43 -90.65 -9.31
N3 P52 NJ . 68.65 -92.21 -9.31
P1 P52 NJ . 66.51 -94.99 -5.50
C18 P52 NJ . 64.23 -91.30 -10.67
C19 P52 NJ . 65.73 -89.83 -9.27
C20 P52 NJ . 67.11 -90.62 -9.25
C21 P52 NJ . 67.33 -91.98 -9.37
C22 P52 NJ . 68.40 -90.03 -9.11
C23 P52 NJ . 69.30 -91.05 -9.16
C24 P52 NJ . 68.83 -88.71 -8.96
C25 P52 NJ . 70.68 -90.76 -9.04
C26 P52 NJ . 70.19 -88.43 -8.84
C27 P52 NJ . 71.11 -89.46 -8.88
O4 P52 NJ . 65.16 -91.57 -11.37
N4 P52 NJ . 62.86 -91.56 -11.15
S SO4 OJ . 37.75 -67.50 -4.19
O1 SO4 OJ . 37.99 -66.43 -3.23
O2 SO4 OJ . 36.41 -67.35 -4.76
O3 SO4 OJ . 38.75 -67.43 -5.25
O4 SO4 OJ . 37.84 -68.79 -3.50
S SO4 PJ . 80.60 -79.05 14.55
O1 SO4 PJ . 80.15 -77.97 13.70
O2 SO4 PJ . 79.50 -80.00 14.76
O3 SO4 PJ . 81.03 -78.52 15.84
O4 SO4 PJ . 81.73 -79.73 13.92
S SO4 QJ . 70.00 -76.34 6.32
O1 SO4 QJ . 68.87 -75.62 5.74
O2 SO4 QJ . 69.78 -76.54 7.75
O3 SO4 QJ . 71.23 -75.56 6.13
O4 SO4 QJ . 70.14 -77.63 5.67
S SO4 RJ . 57.16 -72.36 -18.76
O1 SO4 RJ . 56.34 -71.43 -19.53
O2 SO4 RJ . 56.63 -72.47 -17.41
O3 SO4 RJ . 58.54 -71.88 -18.69
O4 SO4 RJ . 57.13 -73.67 -19.40
S SO4 SJ . 26.23 -105.34 -38.85
O1 SO4 SJ . 26.82 -104.01 -38.90
O2 SO4 SJ . 24.78 -105.22 -38.97
O3 SO4 SJ . 26.74 -106.14 -39.97
O4 SO4 SJ . 26.57 -105.98 -37.58
S SO4 TJ . 38.37 -107.33 -45.02
O1 SO4 TJ . 38.27 -108.33 -46.09
O2 SO4 TJ . 37.14 -106.55 -44.97
O3 SO4 TJ . 39.51 -106.45 -45.29
O4 SO4 TJ . 38.55 -108.00 -43.74
S SO4 UJ . 65.57 -69.25 -36.77
O1 SO4 UJ . 66.33 -68.05 -37.08
O2 SO4 UJ . 64.15 -68.89 -36.59
O3 SO4 UJ . 65.70 -70.20 -37.87
O4 SO4 UJ . 66.06 -69.85 -35.53
S SO4 VJ . 80.98 -68.46 -24.85
O1 SO4 VJ . 81.77 -67.24 -24.91
O2 SO4 VJ . 79.56 -68.14 -24.92
O3 SO4 VJ . 81.35 -69.33 -25.97
O4 SO4 VJ . 81.26 -69.16 -23.59
S SO4 WJ . 35.40 -89.04 -16.23
O1 SO4 WJ . 36.14 -87.79 -16.35
O2 SO4 WJ . 34.00 -88.81 -16.60
O3 SO4 WJ . 35.98 -90.04 -17.14
O4 SO4 WJ . 35.47 -89.53 -14.86
S SO4 XJ . 67.97 -83.57 -9.31
O1 SO4 XJ . 68.74 -82.35 -9.10
O2 SO4 XJ . 66.56 -83.22 -9.46
O3 SO4 XJ . 68.44 -84.25 -10.52
O4 SO4 XJ . 68.14 -84.44 -8.16
S SO4 YJ . 92.12 -108.30 16.07
O1 SO4 YJ . 91.81 -109.50 15.30
O2 SO4 YJ . 90.90 -107.54 16.33
O3 SO4 YJ . 93.07 -107.48 15.31
O4 SO4 YJ . 92.73 -108.69 17.34
S SO4 ZJ . 88.90 -77.22 -14.60
O1 SO4 ZJ . 89.87 -76.14 -14.72
O2 SO4 ZJ . 87.56 -76.70 -14.85
O3 SO4 ZJ . 89.19 -78.26 -15.59
O4 SO4 ZJ . 88.98 -77.79 -13.26
S SO4 AK . 92.12 -98.53 21.71
O1 SO4 AK . 93.07 -97.44 21.49
O2 SO4 AK . 90.76 -98.05 21.48
O3 SO4 AK . 92.41 -99.60 20.76
O4 SO4 AK . 92.25 -99.01 23.08
S SO4 BK . 37.42 -111.65 -24.71
O1 SO4 BK . 37.46 -112.53 -25.87
O2 SO4 BK . 36.12 -110.99 -24.63
O3 SO4 BK . 38.46 -110.63 -24.83
O4 SO4 BK . 37.64 -112.43 -23.50
C1 NAG CK . 71.16 -95.25 -34.39
C2 NAG CK . 71.28 -95.26 -35.91
C3 NAG CK . 72.42 -96.18 -36.32
C4 NAG CK . 73.69 -95.68 -35.65
C5 NAG CK . 73.50 -95.65 -34.15
C6 NAG CK . 74.77 -95.16 -33.47
C7 NAG CK . 69.89 -96.22 -37.70
C8 NAG CK . 68.83 -95.61 -38.56
N2 NAG CK . 70.01 -95.70 -36.48
O3 NAG CK . 72.60 -96.14 -37.74
O4 NAG CK . 74.79 -96.54 -36.01
O5 NAG CK . 72.39 -94.82 -33.81
O6 NAG CK . 74.94 -95.83 -32.22
O7 NAG CK . 70.61 -97.14 -38.09
S SO4 DK . -4.97 98.69 31.55
O1 SO4 DK . -5.47 99.63 32.55
O2 SO4 DK . -5.11 99.29 30.22
O3 SO4 DK . -3.56 98.41 31.81
O4 SO4 DK . -5.74 97.45 31.59
ZN ZN EK . 32.34 114.03 5.56
O1 P52 FK . 33.54 112.98 3.77
O2 P52 FK . 34.20 112.63 6.12
C1 P52 FK . 38.46 114.08 5.31
C2 P52 FK . 39.76 113.66 6.02
C3 P52 FK . 40.65 112.81 5.40
C4 P52 FK . 41.82 112.44 6.03
C5 P52 FK . 42.11 112.93 7.29
C6 P52 FK . 41.23 113.78 7.92
N1 P52 FK . 36.04 114.61 4.06
C7 P52 FK . 40.05 114.15 7.29
C8 P52 FK . 37.25 113.07 5.47
O3 P52 FK . 35.21 107.88 5.52
C9 P52 FK . 36.26 113.23 4.30
C10 P52 FK . 34.38 108.62 5.99
C11 P52 FK . 34.75 110.48 4.34
C12 P52 FK . 33.67 109.66 5.07
N2 P52 FK . 34.01 108.55 7.45
C13 P52 FK . 32.80 108.95 4.05
C14 P52 FK . 31.44 108.33 4.61
C15 P52 FK . 31.03 108.88 6.02
C16 P52 FK . 31.47 106.76 4.57
C17 P52 FK . 34.60 107.58 8.44
N3 P52 FK . 37.87 110.67 8.51
P1 P52 FK . 34.61 112.39 4.67
C18 P52 FK . 34.22 108.00 9.82
C19 P52 FK . 36.12 107.35 8.31
C20 P52 FK . 37.09 108.62 8.36
C21 P52 FK . 36.76 109.95 8.54
C22 P52 FK . 38.50 108.58 8.20
C23 P52 FK . 38.94 109.88 8.31
C24 P52 FK . 39.42 107.56 7.98
C25 P52 FK . 40.31 110.17 8.20
C26 P52 FK . 40.79 107.84 7.87
C27 P52 FK . 41.22 109.14 7.98
O4 P52 FK . 34.94 108.69 10.50
N4 P52 FK . 32.91 107.57 10.37
S SO4 GK . 18.62 75.72 4.06
O1 SO4 GK . 17.48 75.08 4.70
O2 SO4 GK . 18.20 76.96 3.43
O3 SO4 GK . 19.15 74.81 3.04
O4 SO4 GK . 19.66 76.00 5.04
S SO4 HK . 52.52 103.41 -16.62
O1 SO4 HK . 53.31 104.49 -16.06
O2 SO4 HK . 51.15 103.86 -16.84
O3 SO4 HK . 53.11 103.00 -17.90
O4 SO4 HK . 52.52 102.27 -15.70
S SO4 IK . 44.85 95.72 -7.18
O1 SO4 IK . 44.42 96.72 -6.20
O2 SO4 IK . 44.74 96.28 -8.52
O3 SO4 IK . 46.23 95.35 -6.92
O4 SO4 IK . 43.99 94.54 -7.09
S SO4 JK . 35.22 87.72 17.66
O1 SO4 JK . 34.79 88.72 18.63
O2 SO4 JK . 34.13 86.77 17.43
O3 SO4 JK . 36.40 87.02 18.17
O4 SO4 JK . 35.56 88.36 16.39
S SO4 KK . -5.05 106.97 39.38
O1 SO4 KK . -5.31 107.65 40.64
O2 SO4 KK . -5.35 107.86 38.27
O3 SO4 KK . -3.64 106.58 39.31
O4 SO4 KK . -5.89 105.78 39.30
S SO4 LK . 5.89 113.67 45.39
O1 SO4 LK . 5.65 114.85 46.23
O2 SO4 LK . 5.61 113.99 44.00
O3 SO4 LK . 7.27 113.25 45.55
O4 SO4 LK . 4.99 112.59 45.81
S SO4 MK . 59.19 93.13 22.58
O1 SO4 MK . 57.93 92.47 22.93
O2 SO4 MK . 59.08 93.70 21.24
O3 SO4 MK . 60.28 92.15 22.60
O4 SO4 MK . 59.47 94.19 23.54
S SO4 NK . 8.73 95.08 16.57
O1 SO4 NK . 8.47 96.02 17.66
O2 SO4 NK . 7.64 94.12 16.48
O3 SO4 NK . 9.99 94.38 16.83
O4 SO4 NK . 8.85 95.81 15.31
S SO4 OK . 40.23 102.61 8.50
O1 SO4 OK . 39.33 101.46 8.60
O2 SO4 OK . 39.81 103.45 7.39
O3 SO4 OK . 41.59 102.14 8.27
O4 SO4 OK . 40.18 103.37 9.74
S SO4 PK . 52.15 134.74 -17.91
O1 SO4 PK . 51.64 135.61 -16.86
O2 SO4 PK . 52.17 135.47 -19.18
O3 SO4 PK . 53.49 134.30 -17.57
O4 SO4 PK . 51.29 133.57 -18.05
S SO4 QK . 62.60 104.95 11.90
O1 SO4 QK . 62.41 105.99 12.91
O2 SO4 QK . 61.51 103.97 11.98
O3 SO4 QK . 63.88 104.28 12.13
O4 SO4 QK . 62.61 105.55 10.56
S SO4 RK . 55.43 125.12 -23.82
O1 SO4 RK . 54.32 124.21 -23.54
O2 SO4 RK . 55.31 125.65 -25.17
O3 SO4 RK . 56.70 124.42 -23.68
O4 SO4 RK . 55.40 126.22 -22.86
S SO4 SK . 2.78 116.47 25.48
O1 SO4 SK . 1.76 115.48 25.83
O2 SO4 SK . 2.49 117.02 24.17
O3 SO4 SK . 4.10 115.83 25.48
O4 SO4 SK . 2.77 117.53 26.48
C1 NAG TK . 40.44 114.33 33.29
C2 NAG TK . 40.62 114.38 34.80
C3 NAG TK . 41.35 115.65 35.18
C4 NAG TK . 42.67 115.69 34.44
C5 NAG TK . 42.42 115.62 32.94
C6 NAG TK . 43.75 115.65 32.19
C7 NAG TK . 39.08 114.71 36.67
C8 NAG TK . 38.39 113.73 37.57
N2 NAG TK . 39.32 114.28 35.44
O3 NAG TK . 41.61 115.68 36.59
O4 NAG TK . 43.36 116.91 34.75
O5 NAG TK . 41.71 114.40 32.64
O6 NAG TK . 43.57 116.33 30.95
O7 NAG TK . 39.41 115.82 37.06
ZN ZN UK . 61.40 -88.69 45.34
O1 P52 VK . 59.98 -89.96 43.41
O2 P52 VK . 59.00 -89.54 45.64
C1 P52 VK . 57.42 -93.66 46.07
C2 P52 VK . 56.16 -94.24 46.72
C3 P52 VK . 55.07 -94.59 45.95
C4 P52 VK . 53.93 -95.11 46.53
C5 P52 VK . 53.88 -95.29 47.90
C6 P52 VK . 54.97 -94.96 48.68
N1 P52 VK . 59.43 -92.70 44.57
C7 P52 VK . 56.11 -94.43 48.10
C8 P52 VK . 57.30 -92.17 45.55
O3 P52 VK . 54.88 -87.66 43.79
C9 P52 VK . 58.26 -91.92 44.38
C10 P52 VK . 55.87 -87.27 44.36
C11 P52 VK . 57.27 -89.11 43.43
C12 P52 VK . 57.27 -87.61 43.76
N2 P52 VK . 55.79 -86.49 45.65
C13 P52 VK . 57.44 -86.85 42.46
C14 P52 VK . 57.74 -85.28 42.58
C15 P52 VK . 58.08 -84.80 44.03
C16 P52 VK . 56.58 -84.45 41.94
C17 P52 VK . 54.51 -86.08 46.33
N3 P52 VK . 54.75 -90.32 47.82
P1 P52 VK . 58.73 -90.09 44.26
C18 P52 VK . 54.82 -85.62 47.73
C19 P52 VK . 53.39 -87.14 46.33
C20 P52 VK . 53.73 -88.59 46.90
C21 P52 VK . 54.91 -89.04 47.47
C22 P52 VK . 52.84 -89.70 46.92
C23 P52 VK . 53.52 -90.75 47.48
C24 P52 VK . 51.53 -89.88 46.48
C25 P52 VK . 52.90 -92.00 47.64
C26 P52 VK . 50.91 -91.13 46.63
C27 P52 VK . 51.60 -92.18 47.20
O4 P52 VK . 54.77 -86.39 48.67
N4 P52 VK . 55.20 -84.21 47.97
S SO4 WK . 41.42 -57.21 29.74
O1 SO4 WK . 40.52 -57.51 28.64
O2 SO4 WK . 41.52 -55.76 29.91
O3 SO4 WK . 40.90 -57.80 30.96
O4 SO4 WK . 42.74 -57.74 29.46
S SO4 XK . 44.09 -105.20 24.03
O1 SO4 XK . 43.53 -105.77 22.82
O2 SO4 XK . 43.22 -104.12 24.51
O3 SO4 XK . 44.20 -106.24 25.06
O4 SO4 XK . 45.43 -104.66 23.77
S SO4 YK . 42.11 -92.14 29.33
O1 SO4 YK . 40.92 -92.95 29.60
O2 SO4 YK . 41.74 -90.73 29.24
O3 SO4 YK . 43.08 -92.34 30.40
O4 SO4 YK . 42.69 -92.55 28.05
S SO4 ZK . 37.87 -72.87 48.30
O1 SO4 ZK . 36.71 -73.60 48.79
O2 SO4 ZK . 37.63 -71.43 48.41
O3 SO4 ZK . 39.04 -73.23 49.10
O4 SO4 ZK . 38.13 -73.22 46.90
S SO4 AL . 72.81 -45.01 69.88
O1 SO4 AL . 71.41 -45.39 69.92
O2 SO4 AL . 72.93 -43.66 69.37
O3 SO4 AL . 73.38 -45.09 71.22
O4 SO4 AL . 73.54 -45.93 68.99
S SO4 BL . 69.50 -54.66 78.97
O1 SO4 BL . 68.11 -55.06 79.15
O2 SO4 BL . 69.56 -53.22 78.77
O3 SO4 BL . 70.27 -55.04 80.14
O4 SO4 BL . 70.05 -55.33 77.80
S SO4 CL . 28.35 -74.66 66.45
O1 SO4 CL . 26.92 -74.83 66.24
O2 SO4 CL . 28.73 -73.28 66.14
O3 SO4 CL . 28.67 -74.95 67.85
O4 SO4 CL . 29.07 -75.59 65.58
S SO4 DL . 25.89 -92.11 58.27
O1 SO4 DL . 24.51 -92.55 58.18
O2 SO4 DL . 25.95 -90.65 58.16
O3 SO4 DL . 26.44 -92.52 59.56
O4 SO4 DL . 26.66 -92.72 57.19
S SO4 EL . 59.97 -56.55 46.40
O1 SO4 EL . 58.58 -57.01 46.35
O2 SO4 EL . 60.02 -55.12 46.16
O3 SO4 EL . 60.53 -56.84 47.71
O4 SO4 EL . 60.73 -57.25 45.37
S SO4 FL . 47.22 -87.69 45.57
O1 SO4 FL . 46.06 -88.43 45.09
O2 SO4 FL . 46.92 -86.26 45.57
O3 SO4 FL . 47.54 -88.12 46.94
O4 SO4 FL . 48.36 -87.95 44.70
S SO4 GL . 68.66 -122.73 32.21
O1 SO4 GL . 67.35 -123.13 32.72
O2 SO4 GL . 68.49 -121.61 31.28
O3 SO4 GL . 69.50 -122.30 33.33
O4 SO4 GL . 69.30 -123.84 31.52
S SO4 HL . 33.80 -104.64 53.08
O1 SO4 HL . 32.44 -105.13 52.86
O2 SO4 HL . 33.86 -103.21 52.78
O3 SO4 HL . 34.19 -104.86 54.47
O4 SO4 HL . 34.72 -105.36 52.20
S SO4 IL . 60.28 -122.08 24.70
O1 SO4 IL . 58.95 -122.63 24.42
O2 SO4 IL . 60.28 -120.65 24.43
O3 SO4 IL . 60.63 -122.32 26.10
O4 SO4 IL . 61.27 -122.73 23.84
S SO4 JL . 78.52 -61.69 60.70
O1 SO4 JL . 77.23 -62.32 60.91
O2 SO4 JL . 78.33 -60.25 60.48
O3 SO4 JL . 79.36 -61.88 61.88
O4 SO4 JL . 79.17 -62.27 59.52
C1 NAG KL . 51.59 -86.71 72.51
C2 NAG KL . 51.26 -86.40 73.97
C3 NAG KL . 51.69 -87.58 74.84
C4 NAG KL . 51.01 -88.84 74.34
C5 NAG KL . 51.36 -89.06 72.87
C6 NAG KL . 50.66 -90.31 72.36
C7 NAG KL . 52.16 -84.86 75.62
C8 NAG KL . 51.72 -83.48 76.05
N2 NAG KL . 51.91 -85.17 74.37
O3 NAG KL . 51.30 -87.36 76.20
O4 NAG KL . 51.43 -89.96 75.12
O5 NAG KL . 50.96 -87.92 72.10
O6 NAG KL . 51.52 -90.96 71.39
O7 NAG KL . 52.74 -85.62 76.39
ZN ZN LL . 104.18 -47.04 -16.60
O1 P52 ML . 104.21 -45.56 -15.13
O2 P52 ML . 104.04 -45.00 -17.53
C1 P52 ML . 107.84 -42.50 -17.46
C2 P52 ML . 108.21 -41.25 -18.27
C3 P52 ML . 108.16 -40.00 -17.70
C4 P52 ML . 108.50 -38.88 -18.42
C5 P52 ML . 108.91 -39.00 -19.75
C6 P52 ML . 108.95 -40.26 -20.34
N1 P52 ML . 107.00 -44.70 -16.02
C7 P52 ML . 108.62 -41.38 -19.60
C8 P52 ML . 106.30 -42.79 -17.33
O3 P52 ML . 101.07 -41.19 -16.74
C9 P52 ML . 106.02 -43.66 -16.09
C10 P52 ML . 101.03 -42.32 -17.15
C11 P52 ML . 102.95 -43.10 -15.72
C12 P52 ML . 101.55 -43.47 -16.23
N2 P52 ML . 100.50 -42.65 -18.53
C13 P52 ML . 100.62 -43.63 -15.04
C14 P52 ML . 99.28 -44.44 -15.31
C15 P52 ML . 99.26 -45.16 -16.71
C16 P52 ML . 98.02 -43.54 -15.09
C17 P52 ML . 99.96 -41.64 -19.50
N3 P52 ML . 104.34 -41.04 -20.24
P1 P52 ML . 104.29 -44.44 -16.15
C18 P52 ML . 99.87 -42.26 -20.88
C19 P52 ML . 100.72 -40.31 -19.55
C20 P52 ML . 102.29 -40.36 -19.80
C21 P52 ML . 103.08 -41.45 -20.09
C22 P52 ML . 103.17 -39.23 -19.78
C23 P52 ML . 104.43 -39.71 -20.06
C24 P52 ML . 102.97 -37.87 -19.55
C25 P52 ML . 105.51 -38.82 -20.11
C26 P52 ML . 104.05 -36.99 -19.60
C27 P52 ML . 105.32 -37.47 -19.87
O4 P52 ML . 100.72 -42.06 -21.70
N4 P52 ML . 98.72 -43.12 -21.21
S SO4 NL . 66.12 -34.19 -10.67
O1 SO4 NL . 65.87 -33.11 -9.74
O2 SO4 NL . 64.84 -34.74 -11.15
O3 SO4 NL . 66.88 -33.70 -11.82
O4 SO4 NL . 66.88 -35.25 -10.00
S SO4 OL . 111.13 -23.30 2.98
O1 SO4 OL . 111.34 -22.63 4.26
O2 SO4 OL . 110.08 -22.61 2.23
O3 SO4 OL . 112.37 -23.25 2.22
O4 SO4 OL . 110.75 -24.68 3.20
S SO4 PL . 99.64 -25.70 -4.46
O1 SO4 PL . 100.17 -24.50 -5.11
O2 SO4 PL . 98.18 -25.70 -4.54
O3 SO4 PL . 100.16 -26.88 -5.12
O4 SO4 PL . 100.04 -25.71 -3.06
S SO4 QL . 83.76 -29.68 -27.13
O1 SO4 QL . 84.32 -28.38 -27.48
O2 SO4 QL . 82.30 -29.59 -27.15
O3 SO4 QL . 84.19 -30.67 -28.10
O4 SO4 QL . 84.22 -30.05 -25.80
S SO4 RL . 70.99 -74.07 -45.05
O1 SO4 RL . 71.09 -72.62 -44.98
O2 SO4 RL . 69.59 -74.48 -45.07
O3 SO4 RL . 71.64 -74.54 -46.28
O4 SO4 RL . 71.65 -74.67 -43.90
S SO4 SL . 82.06 -70.00 -52.77
O1 SO4 SL . 82.43 -68.60 -52.97
O2 SO4 SL . 80.66 -70.20 -53.11
O3 SO4 SL . 82.90 -70.84 -53.62
O4 SO4 SL . 82.26 -70.35 -51.37
S SO4 TL . 102.45 -14.54 -35.69
O1 SO4 TL . 102.26 -13.09 -35.72
O2 SO4 TL . 101.15 -15.20 -35.74
O3 SO4 TL . 103.25 -14.96 -36.83
O4 SO4 TL . 103.13 -14.90 -34.45
S SO4 UL . 73.25 -54.63 -23.07
O1 SO4 UL . 73.08 -53.20 -23.38
O2 SO4 UL . 71.95 -55.23 -22.81
O3 SO4 UL . 73.88 -55.29 -24.21
O4 SO4 UL . 74.10 -54.76 -21.89
S SO4 VL . 99.42 -34.33 -19.85
O1 SO4 VL . 99.84 -32.95 -19.99
O2 SO4 VL . 97.97 -34.39 -19.63
O3 SO4 VL . 99.76 -35.07 -21.05
O4 SO4 VL . 100.10 -34.93 -18.69
S SO4 WL . 135.17 -43.75 2.34
O1 SO4 WL . 135.55 -42.46 1.75
O2 SO4 WL . 133.78 -43.69 2.77
O3 SO4 WL . 135.32 -44.80 1.33
O4 SO4 WL . 136.03 -44.03 3.48
S SO4 XL . 113.76 -17.78 -26.74
O1 SO4 XL . 113.92 -16.36 -27.07
O2 SO4 XL . 112.35 -18.06 -26.50
O3 SO4 XL . 114.23 -18.58 -27.87
O4 SO4 XL . 114.54 -18.09 -25.55
S SO4 YL . 130.91 -34.75 8.31
O1 SO4 YL . 131.16 -33.38 7.92
O2 SO4 YL . 129.47 -35.01 8.31
O3 SO4 YL . 131.55 -35.66 7.36
O4 SO4 YL . 131.46 -34.98 9.65
S SO4 ZL . 84.63 -73.51 -32.80
O1 SO4 ZL . 84.90 -72.08 -32.94
O2 SO4 ZL . 83.17 -73.72 -32.79
O3 SO4 ZL . 85.21 -74.23 -33.93
O4 SO4 ZL . 85.19 -74.01 -31.56
C1 NAG AM . 105.23 -42.85 -45.32
C2 NAG AM . 105.17 -42.83 -46.85
C3 NAG AM . 106.57 -43.07 -47.41
C4 NAG AM . 107.51 -42.02 -46.86
C5 NAG AM . 107.50 -42.07 -45.34
C6 NAG AM . 108.44 -41.01 -44.78
C7 NAG AM . 104.25 -44.35 -48.51
C8 NAG AM . 102.93 -44.35 -49.23
N2 NAG AM . 104.23 -43.83 -47.29
O3 NAG AM . 106.54 -42.96 -48.83
O4 NAG AM . 108.83 -42.25 -47.35
O5 NAG AM . 106.17 -41.86 -44.86
O6 NAG AM . 109.05 -41.50 -43.57
O7 NAG AM . 105.25 -44.81 -49.02
ZN ZN BM . 29.54 105.11 -45.85
O1 P52 CM . 27.83 105.65 -43.89
O2 P52 CM . 27.07 104.85 -46.11
C1 P52 CM . 23.90 108.05 -46.41
C2 P52 CM . 22.47 108.06 -46.99
C3 P52 CM . 21.38 107.87 -46.16
C4 P52 CM . 20.10 107.90 -46.68
C5 P52 CM . 19.90 108.12 -48.03
C6 P52 CM . 20.98 108.31 -48.86
N1 P52 CM . 26.28 107.96 -45.11
C7 P52 CM . 22.27 108.29 -48.34
C8 P52 CM . 24.44 106.64 -45.96
O3 P52 CM . 23.99 101.58 -44.19
C9 P52 CM . 25.49 106.80 -44.85
C10 P52 CM . 25.04 101.59 -44.78
C11 P52 CM . 25.66 103.82 -43.87
C12 P52 CM . 26.21 102.43 -44.21
N2 P52 CM . 25.24 100.80 -46.06
C13 P52 CM . 26.73 101.78 -42.95
C14 P52 CM . 27.72 100.55 -43.13
C15 P52 CM . 28.16 100.31 -44.62
C16 P52 CM . 27.13 99.24 -42.49
C17 P52 CM . 24.19 99.93 -46.72
N3 P52 CM . 22.58 103.90 -48.09
P1 P52 CM . 26.62 105.29 -44.73
C18 P52 CM . 24.60 99.66 -48.14
C19 P52 CM . 22.75 100.43 -46.63
C20 P52 CM . 22.42 101.90 -47.17
C21 P52 CM . 23.27 102.80 -47.79
C22 P52 CM . 21.15 102.54 -47.11
C23 P52 CM . 21.30 103.77 -47.69
C24 P52 CM . 19.90 102.15 -46.61
C25 P52 CM . 20.20 104.64 -47.78
C26 P52 CM . 18.81 103.01 -46.70
C27 P52 CM . 18.97 104.25 -47.28
O4 P52 CM . 24.12 100.29 -49.06
N4 P52 CM . 25.60 98.62 -48.43
S SO4 DM . 24.98 68.00 -30.67
O1 SO4 DM . 24.08 68.37 -31.75
O2 SO4 DM . 24.22 67.85 -29.43
O3 SO4 DM . 25.99 69.04 -30.50
O4 SO4 DM . 25.63 66.72 -30.99
S SO4 EM . 8.25 112.71 -23.46
O1 SO4 EM . 7.97 113.87 -24.32
O2 SO4 EM . 7.63 112.92 -22.15
O3 SO4 EM . 9.68 112.55 -23.30
O4 SO4 EM . 7.68 111.51 -24.08
S SO4 FM . 11.46 100.11 -29.04
O1 SO4 FM . 10.01 100.26 -29.22
O2 SO4 FM . 11.91 100.95 -27.94
O3 SO4 FM . 12.14 100.51 -30.27
O4 SO4 FM . 11.76 98.71 -28.75
S SO4 GM . 14.54 81.02 -48.63
O1 SO4 GM . 13.13 81.13 -48.96
O2 SO4 GM . 14.82 81.78 -47.41
O3 SO4 GM . 15.35 81.55 -49.72
O4 SO4 GM . 14.87 79.61 -48.41
S SO4 HM . 56.34 70.82 -72.75
O1 SO4 HM . 56.76 71.28 -74.08
O2 SO4 HM . 54.89 70.88 -72.65
O3 SO4 HM . 56.94 71.69 -71.74
O4 SO4 HM . 56.79 69.44 -72.56
S SO4 IM . 48.43 78.02 -81.53
O1 SO4 IM . 47.02 78.11 -81.84
O2 SO4 IM . 48.74 78.95 -80.44
O3 SO4 IM . 49.21 78.38 -82.70
O4 SO4 IM . 48.77 76.66 -81.12
S SO4 JM . 41.47 75.74 -47.68
O1 SO4 JM . 41.80 76.28 -48.99
O2 SO4 JM . 40.01 75.64 -47.54
O3 SO4 JM . 41.99 76.63 -46.64
O4 SO4 JM . 42.05 74.41 -47.52
S SO4 KM . 16.92 98.41 -45.46
O1 SO4 KM . 17.14 98.66 -46.88
O2 SO4 KM . 15.51 98.59 -45.14
O3 SO4 KM . 17.71 99.35 -44.66
O4 SO4 KM . 17.32 97.04 -45.13
S SO4 LM . 22.17 139.15 -31.72
O1 SO4 LM . 20.74 139.21 -32.03
O2 SO4 LM . 22.53 140.26 -30.86
O3 SO4 LM . 22.93 139.22 -32.96
O4 SO4 LM . 22.45 137.89 -31.04
S SO4 MM . -2.01 108.20 -51.17
O1 SO4 MM . -1.82 108.41 -52.61
O2 SO4 MM . -3.43 108.14 -50.87
O3 SO4 MM . -1.40 109.31 -50.45
O4 SO4 MM . -1.36 106.95 -50.77
S SO4 NM . 16.32 134.59 -23.97
O1 SO4 NM . 16.78 135.13 -25.24
O2 SO4 NM . 14.86 134.70 -23.89
O3 SO4 NM . 16.92 135.36 -22.88
O4 SO4 NM . 16.72 133.20 -23.86
S SO4 OM . 55.45 87.56 -63.28
O1 SO4 OM . 53.99 87.58 -63.39
O2 SO4 OM . 55.86 88.41 -62.16
O3 SO4 OM . 56.04 88.05 -64.52
O4 SO4 OM . 55.91 86.20 -63.03
C1 NAG PM . 19.85 99.82 -72.79
C2 NAG PM . 19.59 99.44 -74.24
C3 NAG PM . 19.46 100.70 -75.08
C4 NAG PM . 18.35 101.57 -74.50
C5 NAG PM . 18.66 101.88 -73.04
C6 NAG PM . 17.56 102.74 -72.45
C7 NAG PM . 20.95 98.43 -76.00
C8 NAG PM . 21.08 97.00 -76.45
N2 NAG PM . 20.66 98.58 -74.70
O3 NAG PM . 19.11 100.36 -76.42
O4 NAG PM . 18.23 102.78 -75.25
O5 NAG PM . 18.80 100.66 -72.30
O6 NAG PM . 18.12 103.64 -71.50
O7 NAG PM . 21.11 99.37 -76.75
S SO4 QM . 52.46 66.69 -62.94
O1 SO4 QM . 51.03 66.97 -62.92
O2 SO4 QM . 53.16 67.74 -62.20
O3 SO4 QM . 52.94 66.67 -64.32
O4 SO4 QM . 52.72 65.40 -62.32
ZN ZN RM . 102.34 -40.96 34.97
O1 P52 SM . 101.60 -42.45 33.53
O2 P52 SM . 100.70 -42.60 35.84
C1 P52 SM . 101.45 -47.03 36.10
C2 P52 SM . 100.66 -48.10 36.85
C3 P52 SM . 99.83 -48.97 36.17
C4 P52 SM . 99.13 -49.94 36.86
C5 P52 SM . 99.25 -50.05 38.24
C6 P52 SM . 100.09 -49.19 38.92
N1 P52 SM . 102.62 -45.10 34.55
C7 P52 SM . 100.80 -48.22 38.23
C8 P52 SM . 100.63 -45.72 35.76
O3 P52 SM . 96.07 -42.98 34.38
C9 P52 SM . 101.21 -45.02 34.52
C10 P52 SM . 96.80 -42.16 34.86
C11 P52 SM . 98.84 -43.10 33.76
C12 P52 SM . 98.12 -41.79 34.11
N2 P52 SM . 96.47 -41.48 36.17
C13 P52 SM . 97.78 -41.07 32.82
C14 P52 SM . 97.40 -39.54 32.95
C15 P52 SM . 97.64 -38.94 34.39
C16 P52 SM . 95.94 -39.27 32.46
C17 P52 SM . 95.22 -41.73 36.97
N3 P52 SM . 97.63 -45.32 38.17
P1 P52 SM . 100.66 -43.21 34.45
C18 P52 SM . 95.40 -41.20 38.38
C19 P52 SM . 94.75 -43.20 37.00
C20 P52 SM . 95.80 -44.30 37.46
C21 P52 SM . 97.11 -44.13 37.86
C22 P52 SM . 95.54 -45.70 37.55
C23 P52 SM . 96.70 -46.28 37.99
C24 P52 SM . 94.41 -46.49 37.30
C25 P52 SM . 96.75 -47.67 38.18
C26 P52 SM . 94.47 -47.86 37.49
C27 P52 SM . 95.63 -48.45 37.93
O4 P52 SM . 95.74 -41.93 39.28
N4 P52 SM . 95.17 -39.78 38.65
S SO4 TM . 68.44 -22.38 23.19
O1 SO4 TM . 67.70 -23.00 22.10
O2 SO4 TM . 67.89 -21.07 23.49
O3 SO4 TM . 68.36 -23.22 24.38
O4 SO4 TM . 69.84 -22.25 22.79
S SO4 UM . 92.66 -63.72 15.17
O1 SO4 UM . 92.35 -64.51 13.98
O2 SO4 UM . 91.42 -63.35 15.86
O3 SO4 UM . 93.50 -64.51 16.07
O4 SO4 UM . 93.37 -62.50 14.78
S SO4 VM . 85.59 -52.88 21.53
O1 SO4 VM . 84.69 -53.95 21.94
O2 SO4 VM . 84.89 -51.60 21.57
O3 SO4 VM . 86.74 -52.83 22.42
O4 SO4 VM . 86.05 -53.13 20.17
S SO4 WM . 74.74 -37.64 41.42
O1 SO4 WM . 74.22 -38.97 41.72
O2 SO4 WM . 73.61 -36.72 41.25
O3 SO4 WM . 75.59 -37.17 42.51
O4 SO4 WM . 75.52 -37.67 40.18
S SO4 XM . 95.10 3.38 60.51
O1 SO4 XM . 94.11 2.34 60.77
O2 SO4 XM . 94.42 4.64 60.23
O3 SO4 XM . 95.96 3.53 61.68
O4 SO4 XM . 95.92 3.01 59.36
S SO4 YM . 97.85 -7.12 69.41
O1 SO4 YM . 97.06 -8.26 69.86
O2 SO4 YM . 97.01 -5.94 69.31
O3 SO4 YM . 98.93 -6.89 70.37
O4 SO4 YM . 98.42 -7.42 68.10
S SO4 ZM . 69.27 -43.34 60.17
O1 SO4 ZM . 67.96 -43.97 60.07
O2 SO4 ZM . 69.20 -41.96 59.67
O3 SO4 ZM . 69.69 -43.32 61.57
O4 SO4 ZM . 70.24 -44.09 59.38
S SO4 AN . 74.72 -60.26 51.41
O1 SO4 AN . 73.81 -61.39 51.64
O2 SO4 AN . 73.94 -59.06 51.12
O3 SO4 AN . 75.54 -60.05 52.60
O4 SO4 AN . 75.59 -60.58 50.28
S SO4 BN . 86.63 -13.18 37.92
O1 SO4 BN . 85.71 -14.31 37.77
O2 SO4 BN . 85.87 -11.93 37.91
O3 SO4 BN . 87.35 -13.28 39.18
O4 SO4 BN . 87.57 -13.19 36.81
S SO4 CN . 89.81 -45.92 36.78
O1 SO4 CN . 89.18 -47.23 36.64
O2 SO4 CN . 88.80 -44.87 36.77
O3 SO4 CN . 90.53 -45.88 38.06
O4 SO4 CN . 90.74 -45.71 35.68
S SO4 DN . 122.93 -68.37 20.13
O1 SO4 DN . 122.20 -69.53 20.63
O2 SO4 DN . 122.02 -67.49 19.40
O3 SO4 DN . 123.51 -67.64 21.26
O4 SO4 DN . 124.00 -68.81 19.24
S SO4 EN . 86.42 -67.41 44.40
O1 SO4 EN . 85.46 -68.47 44.61
O2 SO4 EN . 85.74 -66.11 44.38
O3 SO4 EN . 87.40 -67.42 45.49
O4 SO4 EN . 87.12 -67.60 43.13
S SO4 FN . 114.87 -70.93 13.49
O1 SO4 FN . 113.84 -71.95 13.66
O2 SO4 FN . 114.22 -69.63 13.33
O3 SO4 FN . 115.73 -70.89 14.66
O4 SO4 FN . 115.67 -71.24 12.31
S SO4 GN . 106.62 -8.50 50.25
O1 SO4 GN . 105.71 -9.61 50.53
O2 SO4 GN . 105.83 -7.29 49.99
O3 SO4 GN . 107.49 -8.28 51.39
O4 SO4 GN . 107.42 -8.82 49.07
C1 NAG HN . 96.05 -43.30 63.32
C2 NAG HN . 95.78 -43.19 64.81
C3 NAG HN . 96.80 -44.00 65.58
C4 NAG HN . 96.74 -45.44 65.09
C5 NAG HN . 96.98 -45.49 63.59
C6 NAG HN . 96.90 -46.93 63.10
C7 NAG HN . 96.04 -41.36 66.43
C8 NAG HN . 95.07 -40.36 66.96
N2 NAG HN . 95.82 -41.78 65.18
O3 NAG HN . 96.52 -43.97 66.97
O4 NAG HN . 97.72 -46.23 65.78
O5 NAG HN . 96.00 -44.67 62.92
O6 NAG HN . 97.83 -47.10 62.03
O7 NAG HN . 96.99 -41.77 67.09
S SO4 IN . 89.75 2.67 51.36
O1 SO4 IN . 89.14 1.36 51.60
O2 SO4 IN . 88.70 3.61 50.98
O3 SO4 IN . 90.41 3.14 52.57
O4 SO4 IN . 90.73 2.57 50.29
S SO4 JN . 87.66 -22.31 -45.71
O1 SO4 JN . 87.63 -20.93 -46.15
O2 SO4 JN . 86.32 -22.73 -45.28
O3 SO4 JN . 88.11 -23.17 -46.80
O4 SO4 JN . 88.59 -22.44 -44.59
ZN ZN KN . 113.33 14.95 -28.77
O1 P52 LN . 112.88 16.97 -27.01
O2 P52 LN . 112.26 17.23 -29.40
C1 P52 LN . 114.36 21.21 -29.73
C2 P52 LN . 114.02 22.46 -30.55
C3 P52 LN . 113.44 23.55 -29.96
C4 P52 LN . 113.14 24.68 -30.70
C5 P52 LN . 113.43 24.71 -32.06
C6 P52 LN . 114.02 23.62 -32.67
N1 P52 LN . 114.74 19.12 -28.00
C7 P52 LN . 114.32 22.50 -31.91
C8 P52 LN . 113.16 20.23 -29.45
O3 P52 LN . 107.76 19.03 -28.27
C9 P52 LN . 113.37 19.48 -28.12
C10 P52 LN . 108.32 18.07 -28.73
C11 P52 LN . 110.48 18.41 -27.52
C12 P52 LN . 109.43 17.36 -27.92
N2 P52 LN . 107.94 17.56 -30.10
C13 P52 LN . 108.84 16.75 -26.65
C14 P52 LN . 107.97 15.44 -26.87
C15 P52 LN . 108.19 14.77 -28.27
C16 P52 LN . 106.45 15.69 -26.58
C17 P52 LN . 106.86 18.17 -30.97
N3 P52 LN . 110.35 20.79 -32.03
P1 P52 LN . 112.29 17.92 -28.04
C18 P52 LN . 106.94 17.56 -32.35
C19 P52 LN . 106.89 19.71 -31.03
C20 P52 LN . 108.26 20.41 -31.43
C21 P52 LN . 109.46 19.83 -31.76
C22 P52 LN . 108.46 21.82 -31.52
C23 P52 LN . 109.78 22.00 -31.88
C24 P52 LN . 107.65 22.92 -31.29
C25 P52 LN . 110.29 23.29 -32.05
C26 P52 LN . 108.16 24.21 -31.46
C27 P52 LN . 109.48 24.39 -31.84
O4 P52 LN . 107.58 18.09 -33.23
N4 P52 LN . 106.22 16.30 -32.61
S SO4 MN . 74.60 8.70 -18.74
O1 SO4 MN . 74.04 9.56 -17.71
O2 SO4 MN . 73.67 7.61 -19.04
O3 SO4 MN . 74.85 9.47 -19.94
O4 SO4 MN . 75.86 8.13 -18.26
S SO4 NN . 110.36 40.09 -9.29
O1 SO4 NN . 110.30 41.04 -8.19
O2 SO4 NN . 109.04 39.99 -9.91
O3 SO4 NN . 111.33 40.55 -10.28
O4 SO4 NN . 110.76 38.78 -8.78
S SO4 ON . 100.55 31.69 -15.22
O1 SO4 ON . 100.38 33.10 -15.58
O2 SO4 ON . 99.24 31.07 -15.05
O3 SO4 ON . 101.28 31.00 -16.28
O4 SO4 ON . 101.30 31.60 -13.98
S SO4 PN . 86.61 21.23 -36.56
O1 SO4 PN . 86.60 22.64 -36.94
O2 SO4 PN . 85.25 20.77 -36.34
O3 SO4 PN . 87.22 20.44 -37.63
O4 SO4 PN . 87.39 21.08 -35.34
S SO4 QN . 93.41 -24.63 -54.90
O1 SO4 QN . 92.95 -23.26 -55.11
O2 SO4 QN . 92.25 -25.53 -54.89
O3 SO4 QN . 94.32 -25.01 -55.97
O4 SO4 QN . 94.10 -24.71 -53.63
S SO4 RN . 100.14 -15.84 -63.17
O1 SO4 RN . 99.78 -14.44 -63.39
O2 SO4 RN . 98.93 -16.63 -62.94
O3 SO4 RN . 100.82 -16.35 -64.36
O4 SO4 RN . 101.02 -15.94 -62.02
S SO4 SN . 93.77 42.18 -46.50
O1 SO4 SN . 93.32 43.56 -46.39
O2 SO4 SN . 92.60 41.29 -46.49
O3 SO4 SN . 94.52 42.00 -47.73
O4 SO4 SN . 94.62 41.86 -45.35
S SO4 TN . 88.68 -5.96 -32.77
O1 SO4 TN . 87.78 -4.81 -32.89
O2 SO4 TN . 87.90 -7.17 -32.57
O3 SO4 TN . 89.48 -6.10 -33.99
O4 SO4 TN . 89.58 -5.76 -31.63
S SO4 UN . 102.96 24.66 -30.86
O1 SO4 UN . 102.82 26.09 -30.61
O2 SO4 UN . 101.64 24.03 -30.86
O3 SO4 UN . 103.60 24.46 -32.16
O4 SO4 UN . 103.79 24.06 -29.81
S SO4 VN . 140.86 33.78 -12.54
O1 SO4 VN . 140.29 35.00 -13.10
O2 SO4 VN . 139.82 33.05 -11.81
O3 SO4 VN . 141.36 32.94 -13.62
O4 SO4 VN . 141.95 34.11 -11.63
S SO4 WN . 107.60 45.40 -39.15
O1 SO4 WN . 107.09 46.75 -39.34
O2 SO4 WN . 106.50 44.45 -39.21
O3 SO4 WN . 108.57 45.09 -40.18
O4 SO4 WN . 108.25 45.31 -37.83
S SO4 XN . 133.48 40.26 -6.19
O1 SO4 XN . 132.86 41.57 -6.34
O2 SO4 XN . 132.45 39.22 -6.14
O3 SO4 XN . 134.37 40.01 -7.32
O4 SO4 XN . 134.25 40.23 -4.95
S SO4 YN . 107.40 -16.83 -43.61
O1 SO4 YN . 106.88 -15.46 -43.66
O2 SO4 YN . 106.29 -17.76 -43.47
O3 SO4 YN . 108.13 -17.12 -44.84
O4 SO4 YN . 108.29 -16.96 -42.46
C1 NAG ZN . 109.53 19.12 -57.20
C2 NAG ZN . 109.32 19.08 -58.71
C3 NAG ZN . 110.59 19.51 -59.42
C4 NAG ZN . 110.98 20.90 -58.93
C5 NAG ZN . 111.14 20.88 -57.42
C6 NAG ZN . 111.52 22.27 -56.92
C7 NAG ZN . 109.06 17.26 -60.33
C8 NAG ZN . 107.83 16.62 -60.91
N2 NAG ZN . 108.92 17.74 -59.09
O3 NAG ZN . 110.39 19.56 -60.84
O4 NAG ZN . 112.19 21.31 -59.55
O5 NAG ZN . 109.92 20.44 -56.80
O6 NAG ZN . 112.39 22.14 -55.80
O7 NAG ZN . 110.12 17.32 -60.93
S SO4 AO . 84.77 28.78 -55.12
O1 SO4 AO . 83.86 29.91 -55.33
O2 SO4 AO . 84.00 27.62 -54.68
O3 SO4 AO . 85.45 28.46 -56.37
O4 SO4 AO . 85.75 29.14 -54.10
ZN ZN BO . 85.77 73.74 -39.42
O1 P52 CO . 84.80 75.06 -37.72
O2 P52 CO . 83.82 74.81 -39.98
C1 P52 CO . 83.16 79.25 -40.40
C2 P52 CO . 82.06 80.05 -41.12
C3 P52 CO . 81.04 80.63 -40.38
C4 P52 CO . 80.06 81.36 -41.02
C5 P52 CO . 80.09 81.51 -42.41
C6 P52 CO . 81.11 80.93 -43.14
N1 P52 CO . 84.90 77.84 -38.83
C7 P52 CO . 82.09 80.20 -42.49
C8 P52 CO . 82.79 77.76 -40.01
O3 P52 CO . 79.34 73.86 -38.34
C9 P52 CO . 83.57 77.32 -38.76
C10 P52 CO . 80.27 73.30 -38.86
C11 P52 CO . 81.97 74.80 -37.82
C12 P52 CO . 81.66 73.34 -38.16
N2 P52 CO . 80.11 72.55 -40.16
C13 P52 CO . 81.61 72.54 -36.86
C14 P52 CO . 81.60 70.96 -37.02
C15 P52 CO . 82.00 70.46 -38.45
C16 P52 CO . 80.24 70.33 -36.54
C17 P52 CO . 78.82 72.43 -40.92
N3 P52 CO . 80.04 76.55 -42.19
P1 P52 CO . 83.64 75.44 -38.61
C18 P52 CO . 79.11 71.95 -42.33
C19 P52 CO . 77.94 73.70 -40.94
C20 P52 CO . 78.61 75.05 -41.43
C21 P52 CO . 79.91 75.27 -41.86
C22 P52 CO . 77.96 76.32 -41.52
C23 P52 CO . 78.88 77.21 -42.00
C24 P52 CO . 76.66 76.74 -41.25
C25 P52 CO . 78.51 78.55 -42.19
C26 P52 CO . 76.30 78.07 -41.44
C27 P52 CO . 77.23 78.97 -41.91
O4 P52 CO . 79.28 72.74 -43.22
N4 P52 CO . 79.19 70.51 -42.58
S SO4 DO . 59.51 46.43 -26.05
O1 SO4 DO . 59.09 47.19 -27.22
O2 SO4 DO . 58.68 46.78 -24.91
O3 SO4 DO . 60.91 46.75 -25.74
O4 SO4 DO . 59.38 45.00 -26.32
S SO4 EO . 70.65 92.65 -18.90
O1 SO4 EO . 70.35 93.24 -17.60
O2 SO4 EO . 69.51 91.82 -19.32
O3 SO4 EO . 70.88 93.68 -19.90
O4 SO4 EO . 71.85 91.82 -18.78
S SO4 FO . 66.76 80.04 -24.48
O1 SO4 FO . 65.52 80.78 -24.65
O2 SO4 FO . 66.46 78.61 -24.32
O3 SO4 FO . 67.60 80.24 -25.65
O4 SO4 FO . 67.46 80.51 -23.29
S SO4 GO . 60.12 62.64 -44.67
O1 SO4 GO . 58.95 63.43 -45.02
O2 SO4 GO . 59.69 61.48 -43.88
O3 SO4 GO . 60.78 62.16 -45.89
O4 SO4 GO . 61.06 63.45 -43.91
S SO4 HO . 90.45 29.30 -64.96
O1 SO4 HO . 89.14 29.91 -65.20
O2 SO4 HO . 91.19 30.08 -63.98
O3 SO4 HO . 91.21 29.26 -66.22
O4 SO4 HO . 90.25 27.93 -64.48
S SO4 IO . 90.19 39.82 -74.06
O1 SO4 IO . 88.95 40.60 -74.10
O2 SO4 IO . 89.87 38.40 -74.09
O3 SO4 IO . 91.02 40.16 -75.21
O4 SO4 IO . 90.91 40.14 -72.83
S SO4 JO . 52.87 84.11 -54.15
O1 SO4 JO . 53.43 84.55 -55.43
O2 SO4 JO . 51.51 84.63 -54.01
O3 SO4 JO . 53.71 84.61 -53.07
O4 SO4 JO . 52.83 82.65 -54.11
S SO4 KO . 79.08 42.39 -41.46
O1 SO4 KO . 79.65 42.60 -42.78
O2 SO4 KO . 77.85 43.18 -41.33
O3 SO4 KO . 80.03 42.82 -40.44
O4 SO4 KO . 78.76 40.98 -41.28
S SO4 LO . 72.30 75.69 -40.15
O1 SO4 LO . 72.76 75.99 -41.51
O2 SO4 LO . 71.07 76.45 -39.89
O3 SO4 LO . 73.32 76.08 -39.19
O4 SO4 LO . 72.03 74.27 -40.04
S SO4 MO . 98.23 105.66 -24.83
O1 SO4 MO . 97.20 106.29 -25.64
O2 SO4 MO . 97.66 104.51 -24.14
O3 SO4 MO . 99.33 105.23 -25.68
O4 SO4 MO . 98.73 106.62 -23.85
S SO4 NO . 62.41 94.03 -48.02
O1 SO4 NO . 63.13 94.29 -49.26
O2 SO4 NO . 61.16 94.78 -48.01
O3 SO4 NO . 63.23 94.46 -46.88
O4 SO4 NO . 62.12 92.61 -47.91
S SO4 OO . 90.06 106.63 -18.08
O1 SO4 OO . 88.81 107.35 -18.33
O2 SO4 OO . 89.76 105.25 -17.71
O3 SO4 OO . 90.88 106.64 -19.29
O4 SO4 OO . 90.78 107.29 -17.00
S SO4 PO . 98.89 43.71 -54.70
O1 SO4 PO . 97.67 44.50 -54.81
O2 SO4 PO . 98.56 42.30 -54.52
O3 SO4 PO . 99.69 43.88 -55.91
O4 SO4 PO . 99.66 44.17 -53.54
C1 NAG QO . 77.99 74.06 -67.29
C2 NAG QO . 77.71 73.86 -68.77
C3 NAG QO . 78.42 74.93 -69.58
C4 NAG QO . 77.96 76.29 -69.09
C5 NAG QO . 78.23 76.41 -67.59
C6 NAG QO . 77.76 77.77 -67.09
C7 NAG QO . 78.42 72.18 -70.42
C8 NAG QO . 77.75 70.94 -70.91
N2 NAG QO . 78.13 72.53 -69.16
O3 NAG QO . 78.09 74.82 -70.97
O4 NAG QO . 78.63 77.33 -69.80
O5 NAG QO . 77.57 75.36 -66.89
O6 NAG QO . 78.65 78.22 -66.05
O7 NAG QO . 79.18 72.84 -71.12
S SO4 RO . 45.72 88.20 34.98
O1 SO4 RO . 44.43 87.50 34.97
O2 SO4 RO . 45.84 89.00 33.76
O3 SO4 RO . 46.81 87.23 35.02
O4 SO4 RO . 45.80 89.05 36.16
ZN ZN SO . 87.96 80.50 12.43
O1 P52 TO . 88.52 79.02 10.86
O2 P52 TO . 88.62 78.35 13.25
C1 P52 TO . 92.98 77.24 12.97
C2 P52 TO . 93.76 76.18 13.77
C3 P52 TO . 94.12 74.98 13.18
C4 P52 TO . 94.83 74.05 13.90
C5 P52 TO . 95.19 74.30 15.21
C6 P52 TO . 94.83 75.49 15.81
N1 P52 TO . 91.46 78.90 11.40
C7 P52 TO . 94.12 76.43 15.09
C8 P52 TO . 91.41 77.03 12.93
O3 P52 TO . 86.91 73.90 12.51
C9 P52 TO . 90.82 77.64 11.66
C10 P52 TO . 86.54 74.96 12.94
C11 P52 TO . 88.02 76.28 11.41
C12 P52 TO . 86.61 76.21 12.01
N2 P52 TO . 86.01 75.10 14.35
C13 P52 TO . 85.61 76.04 10.88
C14 P52 TO . 84.11 76.45 11.23
C15 P52 TO . 83.94 77.09 12.66
C16 P52 TO . 83.15 75.22 11.05
C17 P52 TO . 85.87 73.96 15.33
N3 P52 TO . 90.28 74.75 15.73
P1 P52 TO . 88.95 77.93 11.83
C18 P52 TO . 85.68 74.52 16.72
C19 P52 TO . 87.02 72.93 15.31
C20 P52 TO . 88.52 73.46 15.46
C21 P52 TO . 88.95 74.77 15.65
C22 P52 TO . 89.69 72.65 15.45
C23 P52 TO . 90.75 73.50 15.62
C24 P52 TO . 89.90 71.28 15.31
C25 P52 TO . 92.06 72.99 15.64
C26 P52 TO . 91.20 70.77 15.33
C27 P52 TO . 92.26 71.62 15.50
O4 P52 TO . 86.63 74.74 17.44
N4 P52 TO . 84.32 74.82 17.20
S SO4 UO . 55.81 56.10 8.00
O1 SO4 UO . 54.44 56.18 8.49
O2 SO4 UO . 56.19 57.36 7.37
O3 SO4 UO . 55.91 55.02 7.02
O4 SO4 UO . 56.71 55.82 9.11
S SO4 VO . 101.33 60.39 -7.65
O1 SO4 VO . 100.68 59.46 -6.72
O2 SO4 VO . 100.45 61.51 -7.91
O3 SO4 VO . 101.64 59.69 -8.90
O4 SO4 VO . 102.58 60.88 -7.06
S SO4 WO . 89.79 58.65 0.45
O1 SO4 WO . 89.74 59.66 1.50
O2 SO4 WO . 88.44 58.19 0.16
O3 SO4 WO . 90.62 57.53 0.90
O4 SO4 WO . 90.38 59.22 -0.76
S SO4 XO . 75.02 57.70 23.03
O1 SO4 XO . 74.85 58.87 23.88
O2 SO4 XO . 73.82 56.88 23.10
O3 SO4 XO . 76.17 56.93 23.50
O4 SO4 XO . 75.26 58.11 21.65
S SO4 YO . 48.40 94.32 43.01
O1 SO4 YO . 46.94 94.39 42.98
O2 SO4 YO . 48.95 94.79 41.76
O3 SO4 YO . 48.81 92.94 43.23
O4 SO4 YO . 48.90 95.15 44.10
S SO4 ZO . 60.72 94.21 50.29
O1 SO4 ZO . 59.26 94.11 50.27
O2 SO4 ZO . 61.19 94.67 49.00
O3 SO4 ZO . 61.29 92.90 50.59
O4 SO4 ZO . 61.13 95.16 51.33
S SO4 AP . 81.50 51.79 41.52
O1 SO4 AP . 81.90 52.77 42.53
O2 SO4 AP . 80.09 52.00 41.19
O3 SO4 AP . 81.68 50.45 42.05
O4 SO4 AP . 82.31 51.95 40.33
S SO4 BP . 97.23 48.85 30.85
O1 SO4 BP . 95.82 49.20 30.96
O2 SO4 BP . 97.74 49.28 29.54
O3 SO4 BP . 97.39 47.41 30.99
O4 SO4 BP . 97.98 49.53 31.90
S SO4 CP . 56.62 77.22 20.09
O1 SO4 CP . 57.05 78.30 20.97
O2 SO4 CP . 55.17 77.25 19.94
O3 SO4 CP . 57.03 75.94 20.66
O4 SO4 CP . 57.24 77.38 18.77
S SO4 DP . 88.52 66.88 15.02
O1 SO4 DP . 87.11 66.53 14.98
O2 SO4 DP . 88.86 67.66 13.83
O3 SO4 DP . 89.33 65.67 15.05
O4 SO4 DP . 88.79 67.67 16.22
S SO4 EP . 117.98 86.89 -7.79
O1 SO4 EP . 117.53 87.90 -6.84
O2 SO4 EP . 116.84 86.36 -8.52
O3 SO4 EP . 118.64 85.80 -7.07
O4 SO4 EP . 118.92 87.49 -8.73
S SO4 FP . 107.20 56.32 21.62
O1 SO4 FP . 105.74 56.24 21.67
O2 SO4 FP . 107.60 56.84 20.31
O3 SO4 FP . 107.78 54.99 21.81
O4 SO4 FP . 107.69 57.22 22.67
S SO4 GP . 116.46 77.07 -13.62
O1 SO4 GP . 116.75 78.06 -12.59
O2 SO4 GP . 115.03 76.83 -13.67
O3 SO4 GP . 117.15 75.81 -13.30
O4 SO4 GP . 116.93 77.55 -14.91
S SO4 HP . 62.14 98.97 29.86
O1 SO4 HP . 62.39 99.91 30.95
O2 SO4 HP . 60.71 98.70 29.75
O3 SO4 HP . 62.86 97.73 30.10
O4 SO4 HP . 62.62 99.57 28.61
C1 NAG IP . 91.83 76.73 40.92
C2 NAG IP . 91.85 76.69 42.44
C3 NAG IP . 93.11 77.37 42.94
C4 NAG IP . 94.32 76.68 42.33
C5 NAG IP . 94.21 76.72 40.81
C6 NAG IP . 95.41 76.01 40.19
C7 NAG IP . 90.55 77.84 44.17
C8 NAG IP . 89.35 77.41 44.95
N2 NAG IP . 90.65 77.33 42.94
O3 NAG IP . 93.19 77.27 44.37
O4 NAG IP . 95.52 77.31 42.76
O5 NAG IP . 93.00 76.10 40.39
O6 NAG IP . 95.77 76.67 38.97
O7 NAG IP . 91.40 78.59 44.63
ZN ZN JP . 113.73 21.62 23.34
O1 P52 KP . 113.70 19.61 21.69
O2 P52 KP . 113.22 19.16 24.08
C1 P52 KP . 116.10 15.67 24.21
C2 P52 KP . 116.04 14.39 25.06
C3 P52 KP . 115.67 13.19 24.47
C4 P52 KP . 115.62 12.03 25.23
C5 P52 KP . 115.93 12.07 26.58
C6 P52 KP . 116.30 13.26 27.17
N1 P52 KP . 116.01 17.89 22.60
C7 P52 KP . 116.35 14.43 26.41
C8 P52 KP . 114.72 16.42 24.02
O3 P52 KP . 109.31 16.41 23.05
C9 P52 KP . 114.75 17.24 22.71
C10 P52 KP . 109.56 17.51 23.49
C11 P52 KP . 111.69 17.69 22.18
C12 P52 KP . 110.44 18.46 22.64
N2 P52 KP . 109.05 17.96 24.84
C13 P52 KP . 109.66 18.90 21.41
C14 P52 KP . 108.56 20.02 21.65
C15 P52 KP . 108.64 20.70 23.06
C16 P52 KP . 107.12 19.46 21.35
C17 P52 KP . 108.17 17.15 25.76
N3 P52 KP . 112.16 15.28 26.62
P1 P52 KP . 113.36 18.54 22.70
C18 P52 KP . 108.21 17.75 27.14
C19 P52 KP . 108.51 15.64 25.81
C20 P52 KP . 110.02 15.22 26.14
C21 P52 KP . 111.09 16.04 26.41
C22 P52 KP . 110.50 13.89 26.19
C23 P52 KP . 111.84 13.97 26.50
C24 P52 KP . 109.91 12.63 26.01
C25 P52 KP . 112.61 12.80 26.63
C26 P52 KP . 110.68 11.48 26.13
C27 P52 KP . 112.02 11.57 26.44
O4 P52 KP . 108.98 17.35 27.98
N4 P52 KP . 107.28 18.84 27.47
S SO4 LP . 74.19 19.66 15.00
O1 SO4 LP . 73.79 18.68 13.99
O2 SO4 LP . 73.05 20.51 15.33
O3 SO4 LP . 74.64 18.96 16.20
O4 SO4 LP . 75.27 20.48 14.47
S SO4 MP . 114.99 -3.57 3.74
O1 SO4 MP . 113.78 -3.76 4.53
O2 SO4 MP . 115.10 -2.16 3.37
O3 SO4 MP . 114.93 -4.38 2.54
O4 SO4 MP . 116.15 -3.94 4.55
S SO4 NP . 103.54 2.20 10.14
O1 SO4 NP . 104.17 3.08 11.12
O2 SO4 NP . 102.24 2.74 9.76
O3 SO4 NP . 103.37 0.87 10.73
O4 SO4 NP . 104.39 2.10 8.96
S SO4 OP . 89.09 10.41 31.70
O1 SO4 OP . 89.60 11.66 32.27
O2 SO4 OP . 87.63 10.43 31.70
O3 SO4 OP . 89.55 9.29 32.51
O4 SO4 OP . 89.58 10.26 30.34
S SO4 PP . 87.32 56.27 50.32
O1 SO4 PP . 87.05 54.88 50.00
O2 SO4 PP . 86.06 57.01 50.37
O3 SO4 PP . 87.98 56.36 51.63
O4 SO4 PP . 88.18 56.84 49.29
S SO4 QP . 95.35 48.99 58.86
O1 SO4 QP . 94.03 49.59 58.86
O2 SO4 QP . 95.90 49.03 57.50
O3 SO4 QP . 95.25 47.59 59.29
O4 SO4 QP . 96.24 49.72 59.75
S SO4 RP . 100.97 -9.25 41.50
O1 SO4 RP . 100.48 -10.61 41.35
O2 SO4 RP . 99.84 -8.32 41.44
O3 SO4 RP . 101.65 -9.12 42.79
O4 SO4 RP . 101.91 -8.94 40.43
S SO4 SP . 86.93 37.71 27.88
O1 SO4 SP . 85.66 38.41 27.88
O2 SO4 SP . 87.56 37.84 26.57
O3 SO4 SP . 86.71 36.29 28.19
O4 SO4 SP . 87.82 38.29 28.89
S SO4 TP . 106.02 10.12 25.95
O1 SO4 TP . 104.71 10.76 25.85
O2 SO4 TP . 106.81 10.48 24.77
O3 SO4 TP . 105.85 8.67 25.99
O4 SO4 TP . 106.70 10.58 27.15
S SO4 UP . 143.76 8.66 6.00
O1 SO4 UP . 143.82 9.50 7.19
O2 SO4 UP . 142.62 9.06 5.17
O3 SO4 UP . 143.61 7.26 6.38
O4 SO4 UP . 145.00 8.82 5.24
S SO4 VP . 114.61 -9.57 33.46
O1 SO4 VP . 114.38 -10.98 33.71
O2 SO4 VP . 113.33 -8.88 33.30
O3 SO4 VP . 115.35 -8.98 34.56
O4 SO4 VP . 115.39 -9.42 32.22
S SO4 WP . 137.31 1.41 -0.17
O1 SO4 WP . 135.95 1.94 -0.30
O2 SO4 WP . 138.00 1.58 -1.45
O3 SO4 WP . 137.25 -0.01 0.16
O4 SO4 WP . 138.02 2.13 0.87
S SO4 XP . 101.68 51.88 38.47
O1 SO4 XP . 100.33 52.40 38.34
O2 SO4 XP . 102.45 52.20 37.26
O3 SO4 XP . 101.63 50.43 38.65
O4 SO4 XP . 102.33 52.48 39.64
C1 NAG YP . 112.15 16.85 51.90
C2 NAG YP . 111.99 16.85 53.41
C3 NAG YP . 113.35 16.69 54.06
C4 NAG YP . 113.99 15.42 53.55
C5 NAG YP . 114.09 15.46 52.03
C6 NAG YP . 114.71 14.18 51.51
C7 NAG YP . 111.44 18.59 55.05
C8 NAG YP . 110.14 18.96 55.69
N2 NAG YP . 111.35 18.09 53.82
O3 NAG YP . 113.23 16.62 55.48
O4 NAG YP . 115.30 15.26 54.11
O5 NAG YP . 112.79 15.64 51.48
O6 NAG YP . 115.50 14.47 50.35
O7 NAG YP . 112.51 18.74 55.61
#